data_3JCK
#
_entry.id   3JCK
#
_cell.length_a   1.000
_cell.length_b   1.000
_cell.length_c   1.000
_cell.angle_alpha   90.00
_cell.angle_beta   90.00
_cell.angle_gamma   90.00
#
_symmetry.space_group_name_H-M   'P 1'
#
loop_
_entity.id
_entity.type
_entity.pdbx_description
1 polymer '26S proteasome regulatory subunit RPN3'
2 polymer '26S proteasome regulatory subunit RPN5'
3 polymer '26S proteasome regulatory subunit RPN6'
4 polymer '26S proteasome regulatory subunit RPN7'
5 polymer '26S proteasome regulatory subunit RPN8'
6 polymer '26S proteasome regulatory subunit RPN9'
7 polymer 'Ubiquitin carboxyl-terminal hydrolase RPN11'
8 polymer '26S proteasome regulatory subunit RPN12'
9 polymer '26S proteasome complex subunit SEM1'
10 non-polymer 'ZINC ION'
11 water water
#
loop_
_entity_poly.entity_id
_entity_poly.type
_entity_poly.pdbx_seq_one_letter_code
_entity_poly.pdbx_strand_id
1 'polypeptide(L)'
;(UNK)(UNK)(UNK)(UNK)(UNK)(UNK)(UNK)(UNK)(UNK)(UNK)(UNK)(UNK)(UNK)(UNK)(UNK)(UNK)
(UNK)(UNK)(UNK)(UNK)(UNK)(UNK)(UNK)(UNK)(UNK)(UNK)(UNK)(UNK)(UNK)(UNK)(UNK)(UNK)
(UNK)(UNK)(UNK)(UNK)(UNK)(UNK)(UNK)(UNK)(UNK)(UNK)(UNK)(UNK)(UNK)TAEINCFMHLLVQLF
LWDSKELEQLVEFNRKVVIPNLLCYYNLRSLNLINAKLWFYIYLSHETLARSSEEINSDNQNIILRSTMMKFLKIASLKH
DNETKAMLINLILRDFLNNGEVDSASDFISKLEYPHTDVSSSLEARYFFYLSKINAIQLDYSTANEYIIAAIRKAPHNSK
SLGFLQQSNKLHCCIQLLMGDIPELSFFHQSNMQKSLLPYYHLTKAVKLGDLKKFTSTITKYKQLLLKDDTYQLCVRLRS
NVIKTGIRIISLTYKKISLRDICLKLNLDSEQTVEYMVSRAIRDGVIEAKINHEDGFIETTELLNIYDSEDPQQVFDERI
KFANQLHDEYLVSMRYPEDKKTQQNEKSENGENDDDTLDGDLMDDMSDISDLDDLGFL
;
A
2 'polypeptide(L)'
;MSRDAPIKADKDYSQILKEEFPKIDSLAQNDCNSALDQLLVLEKKTRQASDLASSKEVLAKIVDLLASRNKWDDLNEQLT
LLSKKHGQLKLSIQYMIQKVMEYLKSSKSLDLNTRISVIETIRVVTENKIFVEVERARVTKDLVEIKKEEGKIDEAADIL
CELQVETYGSMEMSEKIQFILEQMELSILKGDYSQATVLSRKILKKTFKNPKYESLKLEYYNLLVKISLHKREYLEVAQY
LQEIYQTDAIKSDEAKWKPVLSHIVYFLVLSPYGNLQNDLIHKIQNDNNLKKLESQESLVKLFTTNELMRWPIVQKTYEP
VLNEDDLAFGGEANKHHWEDLQKRVIEHNLRVISEYYSRITLLRLNELLDLTESQTETYISDLVNQGIIYAKVNRPAKIV
NFEKPKNSSQLLNEWSHNVDELLEHIETIGHLITKEEIMHGLQAK
;
B
3 'polypeptide(L)'
;MSLPGSKLEEARRLVNEKQYNEAEQVYLSLLDKDSSQSSAAAGASVDDKRRNEQETSILELGQLYVTMGAKDKLREFIPH
STEYMMQFAKSKTVKVLKTLIEKFEQVPDSLDDQIFVCEKSIEFAKREKRVFLKHSLSIKLATLHYQKKQYKDSLALIND
LLREFKKLDDKPSLVDVHLLESKVYHKLRNLAKSKASLTAARTAANSIYCPTQTVAELDLMSGILHCEDKDYKTAFSYFF
ESFESYHNLTTHNSYEKACQVLKYMLLSKIMLNLIDDVKNILNAKYTKETYQSRGIDAMKAVAEAYNNRSLLDFNTALKQ
YEKELMGDELTRSHFNALYDTLLESNLCKIIEPFECVEISHISKIIGLDTQQVEGKLSQMILDKIFYGVLDQGNGWLYVY
ETPNQDATYDSALELVGQLNKVVDQLFEKASVLY
;
C
4 'polypeptide(L)'
;MVDVEEKSQEVEYVDPTVNRVPNYEVSEKAFLLTQSKVSIEQRKEAAEFVLAKIKEEEMAPYYKYLCEEYLVNNGQSDLE
HDEKSDSLNEWIKFDQELYNELCKKNESKIKELNEKIQKLEEDDEGELEQAQAWINLGEYYAQIGDKDNAEKTLGKSLSK
AISTGAKIDVMLTIARLGFFYNDQLYVKEKLEAVNSMIEKGGDWERRNRYKTYYGIHCLAVRNFKEAAKLLVDSLATFTS
IELTSYESIATYASVTGLFTLERTDLKSKVIDSPELLSLISTTAALQSISSLTISLYASDYASYFPYLLETYANVLIPCK
YLNRHADFFVREMRRKVYAQLLESYKTLSLKSMASAFGVSVAFLDNDLGKFIPNKQLNCVIDRVNGIVETNRPDNKNAQY
HLLVKQGDGLLTKLQKYGAAVRLTGSDRV
;
D
5 'polypeptide(L)'
;MSLQHEKVTIAPLVLLSALDHYERTQTKENKRCVGVILGDANSSTIRVTNSFALPFEEDEKNSDVWFLDHNYIENMNEMC
KKINAKEKLIGWYHSGPKLRASDLKINELFKKYTQNNPLLLIVDVKQQGVGLPTDAYVAIEQVKDDGTSTEKTFLHLPCT
IEAEEAEEIGVEHLLRDVRDQAAGGLSIRLTNQLKSLKGLQSKLKDVVEYLDKVINKELPINHTILGKLQDVFNLLPNLG
TPDDDEIDVENHDRINISNNLQKALTVKTNDELMVIYISNLVRSIIAFDDLIENKIQNKKIQEQRVKDKQSKVSDDSESE
SGDKEATAPLIQRKNKKN
;
E
6 'polypeptide(L)'
;MFNNHEIDTILSTLRMEADPSLHPLFEQFEKFYEEKLWFQLSESLTKFFDDAKSTPLRLRLYDNFVSKFYDKINQLSVVK
YLLASLKDSKDFDESLKYLDDLKAQFQELDSKKQRNNGSKDHGDGILLIDSEIARTYLLKNDLVKARDLLDDLEKTLDKK
DSIPLRITNSFYSTNSQYFKFKNDFNSFYYTSLLYLSTLEPSTSITLAERQQLAYDLSISALLGDKIYNFGELLHHPIME
TIVNDSNYDWLFQLLNALTVGDFDKFDSLIKVQISKIPILAQHESFLRQKICLMTLIETVFVKNIRMLSFEDISKATHLP
KDNVEHLVMRAISLGLLKGSIDQVNELVTISWVQPRIISGDQITKMKDRLVEWNDQVEKLGKKMEARGQSIWV
;
F
7 'polypeptide(L)'
;MERLQRLMMNSKVGSADTGRDDTKETVYISSIALLKMLKHGRAGVPMEVMGLMLGEFVDDYTVNVVDVFAMPQSGTGVSV
EAVDDVFQAKMMDMLKQTGRDQMVVGWYHSHPGFGCWLSSVDVNTQKSFEQLNSRAVAVVVDPIQSVKGKVVIDAFRLID
TGALINNLEPRQTTSNTGLLNKANIQALIHGLNRHYYSLNIDYHKTAKETKMLMNLHKEQWQSGLKMYDYEEKEESNLAA
TKSMVKIAEQYSKRIEEEKELTEEELKTRYVGRQDPKKHLSETADETLENNIVSVLTAGVNSVAIK
;
G
8 'polypeptide(L)'
;MPSLAELTKSLSIAFENGDYAACEKLLPPIKIELIKNNLLIPDLSIQNDIYLNDLMITKRILEVGALASIQTFNFDSFEN
YFNQLKPYYFSNNHKLSESDKKSKLISLYLLNLLSQNNTTKFHSELQYLDKHIKNLEDDSLLSYPIKLDRWLMEGSYQKA
WDLLQSGSQNISEFDSFTDILKSAIRDEIAKNTELSYDFLPLSNIKALLFFNNEKETEKFALERNWPIVNSKVYFNNQSK
EKADYEDEMMHEEDQKTNIIEKAMDYAISIENIV
;
H
9 'polypeptide(L)'
;MSTDVAAAQAQSKIDLTKKKNEEINKKSLEEDDEFEDFPIDTWANGETIKSNAVTQTNIWEENWDDVEVDDDFTNELKAE
LDRYKRENQ
;
I
#
# COMPACT_ATOMS: atom_id res chain seq x y z
N UNK A 1 12.07 66.10 59.18
CA UNK A 1 11.15 65.00 58.94
C UNK A 1 11.20 64.52 57.50
N UNK A 2 10.05 64.10 56.98
CA UNK A 2 10.00 63.53 55.64
C UNK A 2 10.43 64.53 54.57
N UNK A 3 10.33 65.83 54.86
CA UNK A 3 10.77 66.85 53.91
C UNK A 3 12.23 66.67 53.53
N UNK A 4 13.00 65.91 54.33
CA UNK A 4 14.38 65.59 53.97
C UNK A 4 14.45 64.99 52.58
N UNK A 5 13.51 64.09 52.25
CA UNK A 5 13.46 63.55 50.90
C UNK A 5 13.33 64.67 49.87
N UNK A 6 12.42 65.62 50.14
CA UNK A 6 12.31 66.79 49.29
C UNK A 6 13.63 67.54 49.18
N UNK A 7 14.38 67.61 50.28
CA UNK A 7 15.74 68.14 50.20
C UNK A 7 16.66 67.14 49.54
N UNK A 8 16.51 65.85 49.87
CA UNK A 8 17.30 64.82 49.18
C UNK A 8 16.99 64.80 47.69
N UNK A 9 15.73 64.98 47.33
CA UNK A 9 15.37 65.12 45.92
C UNK A 9 16.09 66.32 45.31
N UNK A 10 16.24 67.40 46.08
CA UNK A 10 17.00 68.55 45.61
C UNK A 10 18.48 68.22 45.44
N UNK A 11 18.99 67.23 46.16
CA UNK A 11 20.32 66.72 45.91
C UNK A 11 20.44 66.06 44.54
N UNK A 12 19.32 65.82 43.88
CA UNK A 12 19.30 65.37 42.49
C UNK A 12 19.40 66.52 41.51
N UNK A 13 19.59 67.74 42.01
CA UNK A 13 19.60 68.95 41.20
C UNK A 13 20.95 69.21 40.54
N UNK A 14 21.91 68.31 40.70
CA UNK A 14 23.25 68.55 40.18
C UNK A 14 23.27 68.80 38.69
N UNK A 15 23.14 67.75 37.86
CA UNK A 15 23.19 67.96 36.42
C UNK A 15 22.51 66.81 35.67
N UNK A 16 21.89 67.16 34.55
CA UNK A 16 21.57 66.27 33.41
C UNK A 16 20.80 65.04 33.87
N UNK A 17 21.22 63.82 33.50
CA UNK A 17 20.40 62.62 33.59
C UNK A 17 19.98 62.28 35.01
N UNK A 18 20.59 62.90 36.02
CA UNK A 18 20.10 62.75 37.37
C UNK A 18 18.60 63.00 37.43
N UNK A 19 18.14 64.06 36.73
CA UNK A 19 16.72 64.36 36.67
C UNK A 19 15.90 63.13 36.32
N UNK A 20 16.36 62.39 35.29
CA UNK A 20 15.73 61.12 34.95
C UNK A 20 15.57 60.26 36.20
N UNK A 21 16.70 59.88 36.80
CA UNK A 21 16.64 59.14 38.05
C UNK A 21 15.83 59.90 39.09
N UNK A 22 16.02 61.23 39.16
CA UNK A 22 15.26 62.03 40.12
C UNK A 22 13.77 61.80 39.94
N UNK A 23 13.32 61.68 38.69
CA UNK A 23 11.90 61.47 38.44
C UNK A 23 11.44 60.12 38.96
N UNK A 24 12.28 59.09 38.80
CA UNK A 24 11.86 57.72 39.06
C UNK A 24 11.26 57.57 40.46
N UNK A 25 12.08 57.81 41.48
CA UNK A 25 11.56 57.77 42.84
C UNK A 25 10.50 58.84 43.04
N UNK A 26 10.67 60.00 42.41
CA UNK A 26 9.65 61.04 42.47
C UNK A 26 8.31 60.54 41.94
N UNK A 27 8.33 59.44 41.20
CA UNK A 27 7.08 58.87 40.74
C UNK A 27 6.33 58.44 42.00
N UNK A 28 7.07 57.86 42.95
CA UNK A 28 6.51 57.40 44.22
C UNK A 28 6.81 58.35 45.38
N UNK A 29 7.40 59.50 45.07
CA UNK A 29 7.75 60.50 46.08
C UNK A 29 6.52 61.20 46.66
N UNK A 30 5.38 61.01 46.01
CA UNK A 30 4.12 61.63 46.40
C UNK A 30 3.30 60.81 47.39
N UNK A 31 3.88 59.75 47.93
CA UNK A 31 3.14 58.90 48.86
C UNK A 31 2.67 59.64 50.10
N UNK A 32 3.51 60.51 50.66
CA UNK A 32 3.12 61.27 51.85
C UNK A 32 3.21 62.78 51.65
N UNK A 33 2.10 63.49 51.92
CA UNK A 33 2.07 64.94 51.78
C UNK A 33 1.14 65.60 52.80
N UNK A 34 1.45 66.84 53.16
CA UNK A 34 0.64 67.60 54.12
C UNK A 34 0.63 69.08 53.75
N UNK A 35 -0.43 69.79 54.12
CA UNK A 35 -0.50 71.21 53.82
C UNK A 35 0.56 71.97 54.62
N UNK A 36 0.74 71.57 55.89
CA UNK A 36 1.85 72.12 56.66
C UNK A 36 3.19 71.77 56.03
N UNK A 37 3.31 70.56 55.46
CA UNK A 37 4.53 70.23 54.73
C UNK A 37 4.68 71.13 53.52
N UNK A 38 3.58 71.66 53.01
CA UNK A 38 3.65 72.68 51.98
C UNK A 38 4.48 73.86 52.46
N UNK A 39 4.28 74.27 53.71
CA UNK A 39 5.06 75.36 54.30
C UNK A 39 6.55 75.07 54.22
N UNK A 40 6.94 73.81 54.03
CA UNK A 40 8.32 73.47 53.78
C UNK A 40 8.90 74.31 52.66
N UNK A 41 8.24 74.30 51.51
CA UNK A 41 8.67 75.18 50.43
C UNK A 41 8.58 76.64 50.82
N UNK A 42 7.60 76.98 51.65
CA UNK A 42 7.55 78.33 52.21
C UNK A 42 8.85 78.68 52.90
N UNK A 43 9.41 77.73 53.64
CA UNK A 43 10.72 77.93 54.25
C UNK A 43 11.85 77.67 53.27
N UNK A 44 11.59 76.95 52.18
CA UNK A 44 12.62 76.69 51.19
C UNK A 44 12.86 77.90 50.29
N UNK A 45 11.98 78.89 50.32
CA UNK A 45 12.17 80.12 49.56
C UNK A 45 11.26 81.21 50.14
N THR A 46 16.45 78.82 41.80
CA THR A 46 15.37 78.31 42.64
C THR A 46 14.17 77.96 41.76
N ALA A 47 13.98 78.74 40.70
CA ALA A 47 12.83 78.56 39.82
C ALA A 47 12.80 77.17 39.21
N GLU A 48 13.95 76.69 38.73
CA GLU A 48 14.03 75.36 38.14
C GLU A 48 13.45 74.31 39.06
N ILE A 49 13.49 74.55 40.37
CA ILE A 49 12.75 73.75 41.31
C ILE A 49 11.41 74.38 41.69
N ASN A 50 11.17 75.64 41.31
CA ASN A 50 9.85 76.21 41.51
C ASN A 50 8.80 75.44 40.70
N CYS A 51 9.06 75.27 39.41
CA CYS A 51 8.15 74.47 38.60
C CYS A 51 7.95 73.09 39.23
N PHE A 52 9.03 72.49 39.70
CA PHE A 52 8.93 71.16 40.29
C PHE A 52 8.02 71.16 41.51
N MET A 53 8.18 72.14 42.40
CA MET A 53 7.30 72.17 43.55
C MET A 53 5.87 72.40 43.12
N HIS A 54 5.66 73.15 42.04
CA HIS A 54 4.31 73.23 41.50
C HIS A 54 3.80 71.85 41.09
N LEU A 55 4.67 71.05 40.47
CA LEU A 55 4.32 69.65 40.25
C LEU A 55 3.81 69.04 41.52
N LEU A 56 4.55 69.25 42.61
CA LEU A 56 4.13 68.69 43.89
C LEU A 56 2.77 69.23 44.31
N VAL A 57 2.43 70.44 43.89
CA VAL A 57 1.12 70.99 44.21
C VAL A 57 0.03 70.25 43.44
N GLN A 58 0.22 70.09 42.14
CA GLN A 58 -0.72 69.34 41.32
C GLN A 58 -0.92 67.94 41.87
N LEU A 59 0.19 67.20 41.96
CA LEU A 59 0.16 65.86 42.51
C LEU A 59 -0.60 65.84 43.81
N PHE A 60 -0.29 66.80 44.69
CA PHE A 60 -1.00 66.93 45.95
C PHE A 60 -2.51 66.98 45.73
N LEU A 61 -2.96 67.87 44.85
CA LEU A 61 -4.39 68.13 44.73
C LEU A 61 -5.09 66.96 44.05
N TRP A 62 -4.69 66.67 42.82
CA TRP A 62 -5.32 65.60 42.04
C TRP A 62 -5.44 64.32 42.85
N ASP A 63 -4.33 63.92 43.49
CA ASP A 63 -4.40 62.81 44.43
C ASP A 63 -5.36 63.10 45.56
N SER A 64 -5.29 64.31 46.12
CA SER A 64 -6.21 64.69 47.18
C SER A 64 -7.65 64.77 46.70
N LYS A 65 -7.88 64.63 45.40
CA LYS A 65 -9.15 64.52 44.65
C LYS A 65 -9.75 65.88 44.33
N GLU A 66 -9.14 66.99 44.75
CA GLU A 66 -9.72 68.30 44.49
C GLU A 66 -9.18 68.80 43.15
N LEU A 67 -10.07 68.92 42.16
CA LEU A 67 -9.68 69.33 40.83
C LEU A 67 -9.89 70.81 40.52
N GLU A 68 -10.67 71.54 41.30
CA GLU A 68 -11.04 72.91 40.94
C GLU A 68 -9.81 73.81 40.82
N GLN A 69 -9.18 74.10 41.94
CA GLN A 69 -7.98 74.91 41.90
C GLN A 69 -6.80 74.17 41.32
N LEU A 70 -6.95 72.90 40.94
CA LEU A 70 -5.88 72.26 40.19
C LEU A 70 -5.81 72.82 38.78
N VAL A 71 -6.94 72.89 38.08
CA VAL A 71 -6.95 73.49 36.75
C VAL A 71 -6.88 75.01 36.86
N GLU A 72 -7.69 75.60 37.75
CA GLU A 72 -7.57 77.02 38.05
C GLU A 72 -6.10 77.36 38.30
N PHE A 73 -5.45 76.53 39.10
CA PHE A 73 -4.02 76.63 39.34
C PHE A 73 -3.24 76.53 38.03
N ASN A 74 -3.62 75.58 37.18
CA ASN A 74 -2.91 75.40 35.92
C ASN A 74 -2.85 76.71 35.16
N ARG A 75 -3.97 77.43 35.14
CA ARG A 75 -4.00 78.67 34.41
C ARG A 75 -3.17 79.72 35.14
N LYS A 76 -3.72 80.19 36.26
CA LYS A 76 -3.18 81.38 36.91
C LYS A 76 -1.70 81.22 37.21
N VAL A 77 -1.30 80.02 37.60
CA VAL A 77 0.06 79.74 38.04
C VAL A 77 0.88 79.31 36.84
N VAL A 78 0.43 78.25 36.18
CA VAL A 78 1.25 77.62 35.15
C VAL A 78 1.63 78.62 34.06
N ILE A 79 0.71 79.52 33.71
CA ILE A 79 1.02 80.49 32.67
C ILE A 79 2.19 81.37 33.07
N PRO A 80 2.15 81.88 34.37
CA PRO A 80 3.34 82.70 34.71
C PRO A 80 4.57 81.81 34.71
N ASN A 81 4.38 80.62 35.28
CA ASN A 81 5.40 79.60 35.40
C ASN A 81 5.83 79.08 34.04
N LEU A 82 4.87 78.95 33.15
CA LEU A 82 5.12 78.43 31.81
C LEU A 82 6.13 79.28 31.05
N LEU A 83 6.04 80.60 31.17
CA LEU A 83 6.95 81.49 30.47
C LEU A 83 8.40 81.29 30.92
N CYS A 84 8.61 81.14 32.21
CA CYS A 84 9.95 80.95 32.76
C CYS A 84 10.60 79.65 32.29
N TYR A 85 9.83 78.58 32.27
CA TYR A 85 10.34 77.27 31.87
C TYR A 85 10.77 77.21 30.40
N TYR A 86 10.16 78.05 29.56
CA TYR A 86 10.49 78.05 28.15
C TYR A 86 11.97 78.34 27.92
N ASN A 87 12.52 79.26 28.69
CA ASN A 87 13.93 79.58 28.54
C ASN A 87 14.79 78.37 28.85
N LEU A 88 14.44 77.65 29.90
CA LEU A 88 15.18 76.46 30.31
C LEU A 88 14.98 75.26 29.39
N ARG A 89 16.02 74.46 29.22
CA ARG A 89 15.97 73.27 28.38
C ARG A 89 15.63 72.02 29.19
N SER A 90 16.23 71.93 30.37
CA SER A 90 16.03 70.82 31.29
C SER A 90 14.58 70.75 31.76
N LEU A 91 14.01 71.93 31.96
CA LEU A 91 12.65 72.09 32.45
C LEU A 91 11.60 71.44 31.55
N ASN A 92 11.86 71.40 30.25
CA ASN A 92 10.92 70.79 29.34
C ASN A 92 10.66 69.34 29.72
N LEU A 93 11.71 68.63 30.11
CA LEU A 93 11.53 67.24 30.51
C LEU A 93 10.65 67.15 31.75
N ILE A 94 10.89 68.04 32.70
CA ILE A 94 10.12 68.09 33.94
C ILE A 94 8.65 68.44 33.72
N ASN A 95 8.41 69.38 32.81
CA ASN A 95 7.06 69.83 32.50
C ASN A 95 6.15 68.77 31.89
N ALA A 96 6.76 67.75 31.29
CA ALA A 96 5.99 66.70 30.65
C ALA A 96 5.09 66.04 31.69
N LYS A 97 5.62 65.80 32.88
CA LYS A 97 4.80 65.22 33.94
C LYS A 97 3.72 66.24 34.19
N LEU A 98 4.14 67.50 34.16
CA LEU A 98 3.25 68.65 34.33
C LEU A 98 2.12 68.60 33.31
N TRP A 99 2.47 68.68 32.02
CA TRP A 99 1.44 68.64 30.99
C TRP A 99 0.59 67.41 31.12
N PHE A 100 1.20 66.28 31.48
CA PHE A 100 0.45 65.04 31.62
C PHE A 100 -0.74 65.23 32.54
N TYR A 101 -0.55 65.99 33.62
CA TYR A 101 -1.67 66.28 34.51
C TYR A 101 -2.52 67.43 34.00
N ILE A 102 -1.90 68.43 33.38
CA ILE A 102 -2.62 69.65 33.01
C ILE A 102 -3.88 69.31 32.24
N TYR A 103 -3.70 68.71 31.08
CA TYR A 103 -4.82 68.23 30.28
C TYR A 103 -5.78 67.41 31.12
N LEU A 104 -5.23 66.48 31.89
CA LEU A 104 -5.97 65.43 32.57
C LEU A 104 -7.19 65.94 33.30
N SER A 105 -6.97 66.67 34.40
CA SER A 105 -8.09 67.19 35.18
C SER A 105 -9.05 67.96 34.29
N HIS A 106 -8.52 68.75 33.35
CA HIS A 106 -9.38 69.46 32.43
C HIS A 106 -10.30 68.49 31.71
N GLU A 107 -9.70 67.50 31.05
CA GLU A 107 -10.50 66.42 30.50
C GLU A 107 -11.43 65.85 31.56
N THR A 108 -10.86 65.51 32.72
CA THR A 108 -11.67 64.97 33.79
C THR A 108 -12.76 65.96 34.18
N LEU A 109 -12.43 67.25 34.14
CA LEU A 109 -13.39 68.29 34.45
C LEU A 109 -14.61 68.21 33.55
N ALA A 110 -14.40 67.88 32.27
CA ALA A 110 -15.51 67.78 31.34
C ALA A 110 -16.55 66.79 31.82
N ARG A 111 -16.14 65.83 32.65
CA ARG A 111 -17.07 64.85 33.17
C ARG A 111 -17.85 65.35 34.37
N SER A 112 -17.54 66.55 34.86
CA SER A 112 -18.36 67.16 35.90
C SER A 112 -19.61 67.81 35.33
N SER A 113 -19.45 68.63 34.29
CA SER A 113 -20.55 69.42 33.75
C SER A 113 -20.22 69.81 32.32
N GLU A 114 -21.24 70.29 31.61
CA GLU A 114 -21.10 70.75 30.24
C GLU A 114 -21.20 72.28 30.21
N GLU A 115 -20.20 72.92 29.60
CA GLU A 115 -20.26 74.34 29.37
C GLU A 115 -19.38 74.68 28.17
N ILE A 116 -19.80 75.68 27.39
CA ILE A 116 -18.99 76.11 26.26
C ILE A 116 -17.76 76.88 26.71
N ASN A 117 -17.74 77.35 27.96
CA ASN A 117 -16.50 77.87 28.53
C ASN A 117 -15.42 76.81 28.51
N SER A 118 -15.81 75.54 28.71
CA SER A 118 -14.88 74.44 28.52
C SER A 118 -14.42 74.38 27.06
N ASP A 119 -15.34 74.64 26.13
CA ASP A 119 -14.97 74.67 24.73
C ASP A 119 -13.89 75.73 24.52
N ASN A 120 -14.25 77.02 24.62
CA ASN A 120 -13.28 78.08 24.36
C ASN A 120 -11.98 77.82 25.11
N GLN A 121 -12.08 77.45 26.39
CA GLN A 121 -10.92 77.11 27.17
C GLN A 121 -10.05 76.09 26.45
N ASN A 122 -10.65 75.01 25.97
CA ASN A 122 -9.84 73.94 25.40
C ASN A 122 -9.37 74.28 23.99
N ILE A 123 -10.08 75.15 23.28
CA ILE A 123 -9.51 75.72 22.06
C ILE A 123 -8.22 76.42 22.39
N ILE A 124 -8.25 77.29 23.41
CA ILE A 124 -7.02 77.92 23.87
C ILE A 124 -5.98 76.86 24.17
N LEU A 125 -6.39 75.83 24.91
CA LEU A 125 -5.52 74.74 25.33
C LEU A 125 -4.78 74.13 24.15
N ARG A 126 -5.53 73.46 23.28
CA ARG A 126 -4.95 72.88 22.07
C ARG A 126 -4.08 73.88 21.34
N SER A 127 -4.55 75.12 21.24
CA SER A 127 -3.80 76.14 20.53
C SER A 127 -2.41 76.29 21.12
N THR A 128 -2.33 76.51 22.42
CA THR A 128 -1.05 76.56 23.11
C THR A 128 -0.22 75.32 22.81
N MET A 129 -0.82 74.15 23.07
CA MET A 129 -0.11 72.89 22.94
C MET A 129 0.49 72.72 21.56
N MET A 130 -0.17 73.26 20.54
CA MET A 130 0.43 73.24 19.21
C MET A 130 1.52 74.29 19.10
N LYS A 131 1.31 75.45 19.71
CA LYS A 131 2.31 76.51 19.72
C LYS A 131 3.65 76.00 20.21
N PHE A 132 3.74 75.69 21.49
CA PHE A 132 5.03 75.22 21.99
C PHE A 132 5.25 73.76 21.70
N LEU A 133 4.30 73.10 21.04
CA LEU A 133 4.64 71.90 20.29
C LEU A 133 5.62 72.24 19.19
N LYS A 134 5.36 73.30 18.43
CA LYS A 134 6.32 73.75 17.45
C LYS A 134 7.58 74.26 18.12
N ILE A 135 7.43 75.06 19.18
CA ILE A 135 8.58 75.63 19.87
C ILE A 135 9.51 74.53 20.35
N ALA A 136 8.98 73.62 21.16
CA ALA A 136 9.76 72.50 21.64
C ALA A 136 10.26 71.64 20.49
N SER A 137 9.48 71.53 19.41
CA SER A 137 9.93 70.77 18.26
C SER A 137 11.24 71.33 17.73
N LEU A 138 11.36 72.66 17.70
CA LEU A 138 12.61 73.29 17.35
C LEU A 138 13.65 73.19 18.46
N LYS A 139 13.23 73.00 19.71
CA LYS A 139 14.17 72.85 20.80
C LYS A 139 14.70 71.43 20.95
N HIS A 140 14.12 70.47 20.24
CA HIS A 140 14.66 69.12 20.12
C HIS A 140 14.72 68.41 21.47
N ASP A 141 13.66 68.54 22.26
CA ASP A 141 13.48 67.74 23.48
C ASP A 141 12.49 66.64 23.12
N ASN A 142 12.99 65.41 22.99
CA ASN A 142 12.17 64.33 22.48
C ASN A 142 10.98 64.08 23.39
N GLU A 143 11.25 63.91 24.68
CA GLU A 143 10.25 63.39 25.59
C GLU A 143 9.06 64.32 25.69
N THR A 144 9.30 65.58 26.01
CA THR A 144 8.20 66.53 26.16
C THR A 144 7.41 66.68 24.86
N LYS A 145 8.10 66.65 23.73
CA LYS A 145 7.40 66.62 22.45
C LYS A 145 6.41 65.47 22.41
N ALA A 146 6.94 64.23 22.42
CA ALA A 146 6.09 63.05 22.29
C ALA A 146 4.91 63.12 23.24
N MET A 147 5.17 63.43 24.51
CA MET A 147 4.09 63.59 25.48
C MET A 147 3.03 64.55 24.98
N LEU A 148 3.44 65.77 24.65
CA LEU A 148 2.49 66.80 24.23
C LEU A 148 1.66 66.32 23.05
N ILE A 149 2.34 65.77 22.04
CA ILE A 149 1.67 65.19 20.89
C ILE A 149 0.59 64.23 21.34
N ASN A 150 0.95 63.33 22.24
CA ASN A 150 -0.02 62.35 22.72
C ASN A 150 -1.22 63.06 23.32
N LEU A 151 -0.98 64.11 24.10
CA LEU A 151 -2.08 64.78 24.77
C LEU A 151 -3.05 65.39 23.76
N ILE A 152 -2.53 66.06 22.73
CA ILE A 152 -3.45 66.66 21.77
C ILE A 152 -4.15 65.58 20.94
N LEU A 153 -3.48 64.48 20.61
CA LEU A 153 -4.17 63.38 19.96
C LEU A 153 -5.36 62.92 20.80
N ARG A 154 -5.09 62.59 22.06
CA ARG A 154 -6.16 62.24 22.98
C ARG A 154 -7.24 63.30 22.99
N ASP A 155 -6.88 64.56 22.75
CA ASP A 155 -7.91 65.59 22.65
C ASP A 155 -8.77 65.40 21.41
N PHE A 156 -8.12 65.17 20.26
CA PHE A 156 -8.91 64.94 19.05
C PHE A 156 -9.86 63.78 19.24
N LEU A 157 -9.47 62.77 19.98
CA LEU A 157 -10.35 61.62 20.12
C LEU A 157 -11.33 61.74 21.28
N ASN A 158 -11.09 62.63 22.24
CA ASN A 158 -12.18 63.04 23.10
C ASN A 158 -13.18 63.83 22.29
N ASN A 159 -12.68 64.60 21.34
CA ASN A 159 -13.48 65.10 20.26
C ASN A 159 -13.83 63.94 19.34
N GLY A 160 -14.51 64.26 18.26
CA GLY A 160 -14.79 63.26 17.26
C GLY A 160 -13.91 63.35 16.04
N GLU A 161 -12.82 64.10 16.10
CA GLU A 161 -12.08 64.39 14.88
C GLU A 161 -10.98 63.35 14.74
N VAL A 162 -11.18 62.42 13.80
CA VAL A 162 -10.09 61.55 13.41
C VAL A 162 -9.27 62.21 12.33
N ASP A 163 -9.94 62.83 11.36
CA ASP A 163 -9.27 63.37 10.19
C ASP A 163 -8.25 64.42 10.60
N SER A 164 -8.70 65.45 11.32
CA SER A 164 -7.80 66.50 11.76
C SER A 164 -6.57 65.93 12.43
N ALA A 165 -6.77 64.90 13.25
CA ALA A 165 -5.64 64.23 13.86
C ALA A 165 -4.83 63.47 12.82
N SER A 166 -5.49 62.91 11.81
CA SER A 166 -4.77 62.13 10.82
C SER A 166 -3.84 63.01 10.00
N ASP A 167 -4.40 64.02 9.35
CA ASP A 167 -3.60 64.98 8.59
C ASP A 167 -2.60 65.66 9.50
N PHE A 168 -2.96 65.83 10.78
CA PHE A 168 -1.99 66.27 11.77
C PHE A 168 -0.78 65.35 11.78
N ILE A 169 -1.01 64.05 11.84
CA ILE A 169 0.09 63.09 11.78
C ILE A 169 0.84 63.24 10.47
N SER A 170 0.12 63.49 9.38
CA SER A 170 0.74 63.56 8.06
C SER A 170 1.88 64.56 8.05
N LYS A 171 1.71 65.67 8.76
CA LYS A 171 2.75 66.68 8.87
C LYS A 171 3.62 66.49 10.10
N LEU A 172 3.45 65.40 10.84
CA LEU A 172 4.28 65.14 12.00
C LEU A 172 5.47 64.27 11.66
N GLU A 173 6.56 64.51 12.37
CA GLU A 173 7.63 63.54 12.53
C GLU A 173 7.78 63.25 14.02
N TYR A 174 7.87 62.00 14.35
CA TYR A 174 7.78 61.69 15.77
C TYR A 174 9.16 61.61 16.41
N PRO A 175 9.34 62.12 17.62
CA PRO A 175 10.65 62.01 18.28
C PRO A 175 10.96 60.57 18.66
N HIS A 176 11.40 59.79 17.66
CA HIS A 176 11.45 58.34 17.79
C HIS A 176 12.52 57.89 18.78
N THR A 177 13.73 58.43 18.68
CA THR A 177 14.88 57.77 19.28
C THR A 177 14.77 57.66 20.79
N ASP A 178 14.65 58.78 21.48
CA ASP A 178 14.70 58.81 22.94
C ASP A 178 13.31 59.06 23.49
N VAL A 179 12.74 58.06 24.16
CA VAL A 179 11.35 58.04 24.52
C VAL A 179 11.19 57.44 25.92
N SER A 180 9.94 57.38 26.37
CA SER A 180 9.52 56.51 27.46
C SER A 180 8.55 55.51 26.88
N SER A 181 8.89 54.22 27.02
CA SER A 181 8.12 53.17 26.37
C SER A 181 6.63 53.31 26.62
N SER A 182 6.25 53.80 27.80
CA SER A 182 4.83 54.00 28.07
C SER A 182 4.24 55.03 27.12
N LEU A 183 4.88 56.20 27.02
CA LEU A 183 4.43 57.18 26.05
C LEU A 183 4.45 56.62 24.64
N GLU A 184 5.47 55.81 24.34
CA GLU A 184 5.53 55.20 23.03
C GLU A 184 4.29 54.37 22.76
N ALA A 185 3.84 53.61 23.75
CA ALA A 185 2.67 52.77 23.55
C ALA A 185 1.39 53.59 23.57
N ARG A 186 1.36 54.72 24.27
CA ARG A 186 0.22 55.60 24.15
C ARG A 186 0.08 56.10 22.73
N TYR A 187 1.20 56.52 22.14
CA TYR A 187 1.24 56.87 20.74
C TYR A 187 0.73 55.72 19.89
N PHE A 188 1.45 54.60 19.87
CA PHE A 188 1.07 53.46 19.05
C PHE A 188 -0.38 53.08 19.23
N PHE A 189 -0.90 53.22 20.44
CA PHE A 189 -2.30 53.01 20.71
C PHE A 189 -3.16 53.95 19.88
N TYR A 190 -3.11 55.25 20.20
CA TYR A 190 -3.93 56.22 19.50
C TYR A 190 -3.78 56.09 17.99
N LEU A 191 -2.55 56.02 17.53
CA LEU A 191 -2.23 55.78 16.12
C LEU A 191 -3.03 54.62 15.57
N SER A 192 -2.78 53.41 16.09
CA SER A 192 -3.52 52.24 15.62
C SER A 192 -5.00 52.51 15.56
N LYS A 193 -5.53 53.14 16.59
CA LYS A 193 -6.95 53.39 16.68
C LYS A 193 -7.46 54.24 15.52
N ILE A 194 -7.03 55.50 15.47
CA ILE A 194 -7.52 56.38 14.41
C ILE A 194 -7.25 55.76 13.05
N ASN A 195 -6.11 55.11 12.90
CA ASN A 195 -5.82 54.43 11.66
C ASN A 195 -6.85 53.35 11.38
N ALA A 196 -7.47 52.82 12.43
CA ALA A 196 -8.52 51.83 12.22
C ALA A 196 -9.84 52.48 11.85
N ILE A 197 -10.25 53.51 12.61
CA ILE A 197 -11.56 54.10 12.37
C ILE A 197 -11.70 54.49 10.93
N GLN A 198 -10.60 54.92 10.32
CA GLN A 198 -10.57 55.26 8.92
C GLN A 198 -10.69 54.05 8.01
N LEU A 199 -10.83 52.86 8.58
CA LEU A 199 -11.20 51.65 7.88
C LEU A 199 -9.97 50.98 7.31
N ASP A 200 -8.77 51.50 7.53
CA ASP A 200 -7.57 50.75 7.23
C ASP A 200 -7.23 49.92 8.46
N TYR A 201 -7.48 48.62 8.38
CA TYR A 201 -7.21 47.74 9.50
C TYR A 201 -5.78 47.25 9.52
N SER A 202 -5.27 46.81 8.39
CA SER A 202 -4.08 45.98 8.37
C SER A 202 -2.87 46.69 8.94
N THR A 203 -2.90 48.01 8.99
CA THR A 203 -1.85 48.72 9.68
C THR A 203 -2.21 49.04 11.12
N ALA A 204 -3.46 48.84 11.52
CA ALA A 204 -3.82 49.14 12.89
C ALA A 204 -3.36 48.04 13.83
N ASN A 205 -3.59 46.78 13.45
CA ASN A 205 -3.15 45.69 14.28
C ASN A 205 -1.66 45.80 14.58
N GLU A 206 -0.90 46.37 13.64
CA GLU A 206 0.51 46.61 13.90
C GLU A 206 0.70 47.51 15.11
N TYR A 207 0.27 48.76 15.00
CA TYR A 207 0.56 49.73 16.04
C TYR A 207 -0.04 49.31 17.36
N ILE A 208 -1.17 48.61 17.35
CA ILE A 208 -1.69 48.15 18.63
C ILE A 208 -0.85 47.00 19.17
N ILE A 209 -0.39 46.11 18.30
CA ILE A 209 0.53 45.07 18.75
C ILE A 209 1.74 45.69 19.43
N ALA A 210 2.29 46.73 18.83
CA ALA A 210 3.40 47.42 19.47
C ALA A 210 2.95 48.03 20.79
N ALA A 211 1.75 48.58 20.84
CA ALA A 211 1.22 49.06 22.10
C ALA A 211 1.14 47.96 23.14
N ILE A 212 1.08 46.70 22.72
CA ILE A 212 1.20 45.61 23.67
C ILE A 212 2.66 45.37 24.03
N ARG A 213 3.54 45.32 23.03
CA ARG A 213 4.96 45.12 23.30
C ARG A 213 5.47 46.22 24.20
N LYS A 214 5.53 47.44 23.67
CA LYS A 214 6.24 48.52 24.34
C LYS A 214 5.64 48.90 25.68
N ALA A 215 4.44 48.47 25.98
CA ALA A 215 3.83 48.86 27.24
C ALA A 215 4.52 48.12 28.39
N PRO A 216 4.69 48.75 29.53
CA PRO A 216 5.17 48.06 30.72
C PRO A 216 4.01 47.26 31.33
N HIS A 217 4.31 46.54 32.40
CA HIS A 217 3.35 45.59 32.94
C HIS A 217 2.97 45.90 34.38
N ASN A 218 3.86 45.65 35.32
CA ASN A 218 3.74 45.92 36.76
C ASN A 218 2.35 45.48 37.23
N SER A 219 1.81 46.13 38.27
CA SER A 219 0.40 46.01 38.59
C SER A 219 -0.42 47.23 38.21
N LYS A 220 0.22 48.37 37.97
CA LYS A 220 -0.48 49.60 37.68
C LYS A 220 -0.79 49.74 36.21
N SER A 221 0.13 49.34 35.34
CA SER A 221 0.03 49.49 33.90
C SER A 221 -1.11 48.69 33.30
N LEU A 222 -1.83 47.91 34.10
CA LEU A 222 -2.95 47.12 33.63
C LEU A 222 -3.89 47.88 32.71
N GLY A 223 -4.57 48.89 33.25
CA GLY A 223 -5.71 49.47 32.53
C GLY A 223 -5.41 49.82 31.08
N PHE A 224 -4.18 50.21 30.79
CA PHE A 224 -3.79 50.43 29.41
C PHE A 224 -3.86 49.14 28.61
N LEU A 225 -3.39 48.05 29.19
CA LEU A 225 -3.45 46.76 28.50
C LEU A 225 -4.88 46.29 28.38
N GLN A 226 -5.64 46.38 29.46
CA GLN A 226 -7.05 46.04 29.43
C GLN A 226 -7.74 46.77 28.29
N GLN A 227 -7.54 48.08 28.23
CA GLN A 227 -8.22 48.91 27.25
C GLN A 227 -7.77 48.58 25.83
N SER A 228 -6.46 48.64 25.60
CA SER A 228 -5.91 48.31 24.30
C SER A 228 -6.50 47.00 23.85
N ASN A 229 -6.20 45.91 24.55
CA ASN A 229 -6.71 44.61 24.15
C ASN A 229 -8.20 44.64 23.86
N LYS A 230 -8.98 45.38 24.66
CA LYS A 230 -10.37 45.58 24.28
C LYS A 230 -10.48 46.13 22.87
N LEU A 231 -9.46 46.86 22.41
CA LEU A 231 -9.46 47.23 21.01
C LEU A 231 -8.90 46.11 20.13
N HIS A 232 -7.83 45.47 20.58
CA HIS A 232 -7.13 44.49 19.75
C HIS A 232 -8.08 43.40 19.30
N CYS A 233 -8.96 42.96 20.19
CA CYS A 233 -9.97 41.99 19.80
C CYS A 233 -10.81 42.53 18.66
N CYS A 234 -11.19 43.80 18.73
CA CYS A 234 -12.02 44.36 17.67
C CYS A 234 -11.30 44.30 16.34
N ILE A 235 -10.09 44.85 16.27
CA ILE A 235 -9.37 44.80 14.99
C ILE A 235 -9.23 43.37 14.50
N GLN A 236 -8.65 42.50 15.33
CA GLN A 236 -8.51 41.11 14.94
C GLN A 236 -9.79 40.56 14.41
N LEU A 237 -10.91 41.00 14.94
CA LEU A 237 -12.18 40.45 14.52
C LEU A 237 -12.62 41.02 13.19
N LEU A 238 -12.55 42.34 13.04
CA LEU A 238 -12.95 42.98 11.79
C LEU A 238 -12.12 42.47 10.63
N MET A 239 -10.82 42.37 10.84
CA MET A 239 -9.91 41.92 9.80
C MET A 239 -10.29 40.54 9.29
N GLY A 240 -11.10 39.80 10.04
CA GLY A 240 -11.55 38.49 9.66
C GLY A 240 -10.83 37.34 10.33
N ASP A 241 -10.04 37.60 11.36
CA ASP A 241 -9.26 36.55 12.02
C ASP A 241 -9.76 36.39 13.44
N ILE A 242 -10.43 35.28 13.72
CA ILE A 242 -10.94 35.07 15.07
C ILE A 242 -9.76 34.94 16.04
N PRO A 243 -9.81 35.57 17.21
CA PRO A 243 -8.77 35.33 18.21
C PRO A 243 -9.02 34.04 18.96
N GLU A 244 -7.93 33.47 19.47
CA GLU A 244 -8.03 32.22 20.20
C GLU A 244 -8.48 32.46 21.64
N LEU A 245 -9.13 31.45 22.23
CA LEU A 245 -9.65 31.56 23.58
C LEU A 245 -8.66 32.12 24.60
N SER A 246 -7.45 31.58 24.65
CA SER A 246 -6.50 32.04 25.66
C SER A 246 -6.34 33.54 25.61
N PHE A 247 -6.49 34.14 24.42
CA PHE A 247 -6.53 35.59 24.36
C PHE A 247 -7.65 36.13 25.24
N PHE A 248 -8.73 35.37 25.40
CA PHE A 248 -9.81 35.79 26.28
C PHE A 248 -9.64 35.33 27.71
N HIS A 249 -8.60 34.55 28.01
CA HIS A 249 -8.27 34.26 29.40
C HIS A 249 -6.80 34.58 29.59
N GLN A 250 -6.51 35.69 30.26
CA GLN A 250 -5.12 36.12 30.41
C GLN A 250 -4.84 36.54 31.83
N SER A 251 -5.51 37.60 32.28
CA SER A 251 -5.41 38.09 33.63
C SER A 251 -6.77 38.69 33.96
N ASN A 252 -6.79 39.55 34.99
CA ASN A 252 -8.00 40.20 35.46
C ASN A 252 -8.81 40.73 34.28
N MET A 253 -8.08 41.15 33.25
CA MET A 253 -8.68 41.73 32.05
C MET A 253 -9.78 40.86 31.48
N GLN A 254 -9.73 39.56 31.72
CA GLN A 254 -10.71 38.66 31.11
C GLN A 254 -12.12 38.96 31.56
N LYS A 255 -12.30 39.69 32.65
CA LYS A 255 -13.66 40.06 33.02
C LYS A 255 -14.21 41.11 32.08
N SER A 256 -13.34 41.97 31.56
CA SER A 256 -13.79 43.07 30.71
C SER A 256 -14.04 42.62 29.28
N LEU A 257 -13.23 41.69 28.77
CA LEU A 257 -13.38 41.28 27.38
C LEU A 257 -14.67 40.52 27.14
N LEU A 258 -15.41 40.19 28.19
CA LEU A 258 -16.60 39.35 28.07
C LEU A 258 -17.50 39.70 26.88
N PRO A 259 -17.89 40.95 26.65
CA PRO A 259 -18.75 41.21 25.49
C PRO A 259 -18.11 40.81 24.19
N TYR A 260 -16.81 41.04 24.05
CA TYR A 260 -16.10 40.56 22.88
C TYR A 260 -16.11 39.05 22.83
N TYR A 261 -16.00 38.41 23.98
CA TYR A 261 -16.14 36.96 24.02
C TYR A 261 -17.55 36.54 23.72
N HIS A 262 -18.52 37.44 23.80
CA HIS A 262 -19.83 37.15 23.27
C HIS A 262 -20.00 37.61 21.85
N LEU A 263 -19.05 38.35 21.30
CA LEU A 263 -19.12 38.66 19.89
C LEU A 263 -18.57 37.54 19.03
N THR A 264 -17.43 36.96 19.42
CA THR A 264 -16.85 35.95 18.56
C THR A 264 -17.73 34.73 18.49
N LYS A 265 -18.33 34.37 19.63
CA LYS A 265 -19.34 33.32 19.60
C LYS A 265 -20.42 33.67 18.61
N ALA A 266 -20.79 34.94 18.54
CA ALA A 266 -21.74 35.36 17.52
C ALA A 266 -21.12 35.29 16.13
N VAL A 267 -19.88 35.74 16.00
CA VAL A 267 -19.30 35.85 14.67
C VAL A 267 -18.97 34.47 14.10
N LYS A 268 -18.21 33.67 14.85
CA LYS A 268 -17.78 32.40 14.30
C LYS A 268 -18.95 31.57 13.83
N LEU A 269 -20.02 31.53 14.60
CA LEU A 269 -21.18 30.78 14.20
C LEU A 269 -21.80 31.34 12.93
N GLY A 270 -21.63 32.64 12.68
CA GLY A 270 -22.25 33.22 11.51
C GLY A 270 -23.75 33.34 11.60
N ASP A 271 -24.30 33.54 12.79
CA ASP A 271 -25.74 33.66 12.99
C ASP A 271 -26.09 35.10 13.34
N LEU A 272 -26.74 35.79 12.40
CA LEU A 272 -26.89 37.23 12.51
C LEU A 272 -27.73 37.62 13.71
N LYS A 273 -28.91 37.02 13.84
CA LYS A 273 -29.84 37.46 14.89
C LYS A 273 -29.20 37.37 16.26
N LYS A 274 -28.42 36.32 16.52
CA LYS A 274 -27.74 36.24 17.81
C LYS A 274 -26.79 37.41 17.98
N PHE A 275 -26.01 37.71 16.94
CA PHE A 275 -25.13 38.86 16.95
C PHE A 275 -25.89 40.11 17.36
N THR A 276 -26.83 40.52 16.52
CA THR A 276 -27.61 41.73 16.79
C THR A 276 -28.12 41.75 18.21
N SER A 277 -28.77 40.67 18.63
CA SER A 277 -29.29 40.59 19.99
C SER A 277 -28.20 40.91 21.01
N THR A 278 -27.01 40.35 20.80
CA THR A 278 -25.91 40.61 21.71
C THR A 278 -25.52 42.07 21.70
N ILE A 279 -25.47 42.67 20.52
CA ILE A 279 -25.12 44.08 20.43
C ILE A 279 -26.10 44.93 21.23
N THR A 280 -27.38 44.61 21.13
CA THR A 280 -28.34 45.31 21.97
C THR A 280 -28.07 45.03 23.44
N LYS A 281 -27.67 43.81 23.76
CA LYS A 281 -27.45 43.43 25.15
C LYS A 281 -26.36 44.27 25.78
N TYR A 282 -25.18 44.28 25.17
CA TYR A 282 -24.01 44.91 25.76
C TYR A 282 -23.77 46.32 25.27
N LYS A 283 -24.66 46.87 24.43
CA LYS A 283 -24.41 48.13 23.76
C LYS A 283 -23.84 49.17 24.72
N GLN A 284 -24.66 49.55 25.70
CA GLN A 284 -24.24 50.56 26.65
C GLN A 284 -22.86 50.27 27.21
N LEU A 285 -22.58 48.99 27.49
CA LEU A 285 -21.25 48.63 27.96
C LEU A 285 -20.21 48.97 26.91
N LEU A 286 -20.53 48.75 25.64
CA LEU A 286 -19.56 49.03 24.60
C LEU A 286 -19.45 50.50 24.29
N LEU A 287 -20.35 51.32 24.81
CA LEU A 287 -20.26 52.75 24.53
C LEU A 287 -19.25 53.45 25.42
N LYS A 288 -18.96 52.92 26.61
CA LYS A 288 -18.03 53.62 27.48
C LYS A 288 -16.66 53.77 26.83
N ASP A 289 -16.34 52.94 25.86
CA ASP A 289 -15.31 53.22 24.88
C ASP A 289 -15.97 53.34 23.52
N ASP A 290 -15.18 53.71 22.53
CA ASP A 290 -15.74 53.90 21.19
C ASP A 290 -15.61 52.66 20.32
N THR A 291 -15.20 51.53 20.88
CA THR A 291 -15.15 50.30 20.12
C THR A 291 -16.49 49.97 19.48
N TYR A 292 -17.57 50.54 20.00
CA TYR A 292 -18.91 50.28 19.50
C TYR A 292 -19.04 50.37 17.99
N GLN A 293 -18.89 51.57 17.44
CA GLN A 293 -19.14 51.73 16.01
C GLN A 293 -18.14 50.95 15.18
N LEU A 294 -17.00 50.56 15.75
CA LEU A 294 -16.21 49.53 15.09
C LEU A 294 -17.00 48.24 15.03
N CYS A 295 -17.48 47.78 16.18
CA CYS A 295 -18.11 46.47 16.25
C CYS A 295 -19.33 46.39 15.35
N VAL A 296 -20.09 47.47 15.23
CA VAL A 296 -21.31 47.39 14.43
C VAL A 296 -20.99 47.30 12.96
N ARG A 297 -19.70 47.39 12.61
CA ARG A 297 -19.33 47.11 11.24
C ARG A 297 -19.37 45.63 10.94
N LEU A 298 -19.29 44.78 11.95
CA LEU A 298 -19.11 43.36 11.74
C LEU A 298 -20.24 42.74 10.96
N ARG A 299 -21.40 43.39 10.90
CA ARG A 299 -22.53 42.79 10.21
C ARG A 299 -22.15 42.31 8.83
N SER A 300 -21.18 42.95 8.22
CA SER A 300 -20.63 42.40 6.99
C SER A 300 -19.92 41.09 7.28
N ASN A 301 -18.96 41.13 8.21
CA ASN A 301 -18.11 39.96 8.43
C ASN A 301 -18.94 38.76 8.85
N VAL A 302 -19.85 38.95 9.79
CA VAL A 302 -20.69 37.84 10.23
C VAL A 302 -21.29 37.14 9.03
N ILE A 303 -21.89 37.89 8.14
CA ILE A 303 -22.55 37.26 7.00
C ILE A 303 -21.52 36.58 6.11
N LYS A 304 -20.36 37.20 5.91
CA LYS A 304 -19.31 36.51 5.17
C LYS A 304 -19.08 35.14 5.77
N THR A 305 -18.94 35.08 7.08
CA THR A 305 -18.74 33.80 7.74
C THR A 305 -19.89 32.86 7.45
N GLY A 306 -21.11 33.34 7.63
CA GLY A 306 -22.26 32.51 7.33
C GLY A 306 -22.15 31.86 5.96
N ILE A 307 -21.77 32.64 4.95
CA ILE A 307 -21.67 32.10 3.61
C ILE A 307 -20.54 31.10 3.53
N ARG A 308 -19.40 31.41 4.12
CA ARG A 308 -18.27 30.51 3.97
C ARG A 308 -18.55 29.17 4.60
N ILE A 309 -19.25 29.16 5.72
CA ILE A 309 -19.58 27.90 6.36
C ILE A 309 -20.62 27.15 5.55
N ILE A 310 -21.66 27.85 5.09
CA ILE A 310 -22.62 27.18 4.24
C ILE A 310 -21.95 26.63 3.00
N SER A 311 -20.83 27.21 2.59
CA SER A 311 -20.13 26.67 1.43
C SER A 311 -19.33 25.44 1.78
N LEU A 312 -18.52 25.50 2.84
CA LEU A 312 -17.67 24.37 3.15
C LEU A 312 -18.46 23.12 3.46
N THR A 313 -19.68 23.28 3.95
CA THR A 313 -20.49 22.14 4.37
C THR A 313 -21.45 21.68 3.31
N TYR A 314 -21.43 22.26 2.14
CA TYR A 314 -22.31 21.77 1.11
C TYR A 314 -21.66 21.91 -0.25
N LYS A 315 -21.84 20.91 -1.09
CA LYS A 315 -21.37 21.03 -2.45
C LYS A 315 -22.26 21.95 -3.26
N LYS A 316 -23.56 21.72 -3.24
CA LYS A 316 -24.47 22.59 -3.95
C LYS A 316 -25.80 22.70 -3.23
N ILE A 317 -26.31 23.92 -3.11
CA ILE A 317 -27.51 24.19 -2.30
C ILE A 317 -28.48 25.05 -3.07
N SER A 318 -29.74 24.65 -3.06
CA SER A 318 -30.79 25.53 -3.57
C SER A 318 -30.81 26.82 -2.78
N LEU A 319 -30.91 27.94 -3.50
CA LEU A 319 -30.96 29.25 -2.85
C LEU A 319 -31.95 29.30 -1.70
N ARG A 320 -33.08 28.64 -1.86
CA ARG A 320 -34.09 28.57 -0.82
C ARG A 320 -33.47 28.28 0.52
N ASP A 321 -32.64 27.24 0.57
CA ASP A 321 -32.13 26.77 1.84
C ASP A 321 -31.14 27.73 2.44
N ILE A 322 -30.22 28.27 1.63
CA ILE A 322 -29.31 29.27 2.18
C ILE A 322 -30.11 30.39 2.79
N CYS A 323 -31.13 30.86 2.06
CA CYS A 323 -31.96 31.94 2.58
C CYS A 323 -32.66 31.55 3.87
N LEU A 324 -32.92 30.25 4.07
CA LEU A 324 -33.48 29.81 5.34
C LEU A 324 -32.44 29.81 6.44
N LYS A 325 -31.24 29.32 6.15
CA LYS A 325 -30.22 29.23 7.18
C LYS A 325 -29.74 30.60 7.61
N LEU A 326 -29.78 31.56 6.70
CA LEU A 326 -29.35 32.91 7.03
C LEU A 326 -30.52 33.81 7.39
N ASN A 327 -31.72 33.26 7.46
CA ASN A 327 -32.92 33.90 7.97
C ASN A 327 -33.45 34.96 7.02
N LEU A 328 -32.78 35.24 5.93
CA LEU A 328 -33.07 36.42 5.12
C LEU A 328 -34.43 36.32 4.46
N ASP A 329 -34.92 37.47 4.00
CA ASP A 329 -36.24 37.53 3.39
C ASP A 329 -36.31 36.78 2.06
N SER A 330 -35.48 37.16 1.11
CA SER A 330 -35.68 36.75 -0.27
C SER A 330 -34.44 36.06 -0.83
N GLU A 331 -34.67 35.20 -1.81
CA GLU A 331 -33.57 34.65 -2.58
C GLU A 331 -32.86 35.74 -3.34
N GLN A 332 -33.63 36.60 -3.99
CA GLN A 332 -33.04 37.72 -4.71
C GLN A 332 -32.03 38.46 -3.83
N THR A 333 -32.35 38.62 -2.54
CA THR A 333 -31.35 39.11 -1.60
C THR A 333 -30.11 38.25 -1.63
N VAL A 334 -30.30 36.94 -1.57
CA VAL A 334 -29.19 36.00 -1.47
C VAL A 334 -28.23 36.29 -2.61
N GLU A 335 -28.63 35.99 -3.84
CA GLU A 335 -27.62 35.97 -4.89
C GLU A 335 -26.90 37.30 -5.03
N TYR A 336 -27.46 38.39 -4.53
CA TYR A 336 -26.62 39.56 -4.37
C TYR A 336 -25.54 39.28 -3.33
N MET A 337 -25.93 38.74 -2.19
CA MET A 337 -24.93 38.57 -1.14
C MET A 337 -23.89 37.53 -1.52
N VAL A 338 -24.32 36.45 -2.13
CA VAL A 338 -23.38 35.40 -2.49
C VAL A 338 -22.56 35.82 -3.70
N SER A 339 -23.20 36.39 -4.70
CA SER A 339 -22.45 36.98 -5.79
C SER A 339 -21.37 37.91 -5.28
N ARG A 340 -21.65 38.60 -4.17
CA ARG A 340 -20.61 39.43 -3.57
C ARG A 340 -19.52 38.58 -2.97
N ALA A 341 -19.90 37.57 -2.19
CA ALA A 341 -18.91 36.75 -1.51
C ALA A 341 -17.93 36.14 -2.50
N ILE A 342 -18.42 35.78 -3.69
CA ILE A 342 -17.55 35.13 -4.66
C ILE A 342 -16.45 36.09 -5.11
N ARG A 343 -16.82 37.32 -5.44
CA ARG A 343 -15.85 38.28 -5.95
C ARG A 343 -14.74 38.51 -4.94
N ASP A 344 -15.02 38.34 -3.67
CA ASP A 344 -14.04 38.61 -2.63
C ASP A 344 -13.11 37.45 -2.40
N GLY A 345 -13.19 36.41 -3.21
CA GLY A 345 -12.29 35.29 -3.06
C GLY A 345 -12.58 34.44 -1.86
N VAL A 346 -13.84 34.32 -1.49
CA VAL A 346 -14.25 33.57 -0.32
C VAL A 346 -14.70 32.19 -0.73
N ILE A 347 -15.74 32.12 -1.55
CA ILE A 347 -16.40 30.85 -1.79
C ILE A 347 -15.68 30.01 -2.83
N GLU A 348 -15.24 30.62 -3.92
CA GLU A 348 -14.86 29.90 -5.13
C GLU A 348 -15.98 28.96 -5.57
N ALA A 349 -17.05 29.58 -6.04
CA ALA A 349 -18.18 28.81 -6.55
C ALA A 349 -18.58 29.27 -7.93
N LYS A 350 -19.69 28.74 -8.42
CA LYS A 350 -20.51 29.44 -9.39
C LYS A 350 -21.95 29.24 -8.94
N ILE A 351 -22.86 29.88 -9.65
CA ILE A 351 -24.27 29.91 -9.28
C ILE A 351 -25.08 29.41 -10.45
N ASN A 352 -25.96 28.47 -10.20
CA ASN A 352 -26.90 28.03 -11.24
C ASN A 352 -28.17 28.84 -11.05
N HIS A 353 -28.44 29.74 -12.01
CA HIS A 353 -29.53 30.67 -11.77
C HIS A 353 -30.90 30.05 -11.99
N GLU A 354 -31.09 29.39 -13.13
CA GLU A 354 -32.42 28.93 -13.46
C GLU A 354 -32.91 27.88 -12.48
N ASP A 355 -32.02 27.07 -11.94
CA ASP A 355 -32.38 26.22 -10.82
C ASP A 355 -32.06 26.87 -9.48
N GLY A 356 -31.32 27.97 -9.49
CA GLY A 356 -31.02 28.70 -8.29
C GLY A 356 -30.34 27.88 -7.22
N PHE A 357 -29.18 27.31 -7.53
CA PHE A 357 -28.43 26.65 -6.49
C PHE A 357 -26.96 26.94 -6.66
N ILE A 358 -26.28 27.23 -5.57
CA ILE A 358 -24.85 27.41 -5.61
C ILE A 358 -24.16 26.08 -5.77
N GLU A 359 -23.12 26.07 -6.59
CA GLU A 359 -22.27 24.90 -6.75
C GLU A 359 -20.83 25.35 -6.49
N THR A 360 -20.14 24.64 -5.61
CA THR A 360 -18.77 25.02 -5.25
C THR A 360 -17.77 24.24 -6.07
N THR A 361 -16.67 24.90 -6.42
CA THR A 361 -15.73 24.35 -7.39
C THR A 361 -14.96 23.18 -6.80
N GLU A 362 -14.60 22.23 -7.66
CA GLU A 362 -13.95 21.00 -7.24
C GLU A 362 -12.45 21.02 -7.53
N LEU A 363 -11.79 19.92 -7.21
CA LEU A 363 -10.35 19.80 -7.39
C LEU A 363 -9.94 19.21 -8.72
N LEU A 364 -10.87 18.58 -9.43
CA LEU A 364 -10.74 18.21 -10.84
C LEU A 364 -9.42 17.51 -11.19
N ASN A 365 -9.06 16.50 -10.40
CA ASN A 365 -7.99 15.58 -10.78
C ASN A 365 -6.77 16.39 -11.23
N ILE A 366 -6.29 16.09 -12.44
CA ILE A 366 -5.21 16.78 -13.14
C ILE A 366 -3.84 16.54 -12.55
N TYR A 367 -3.73 15.78 -11.47
CA TYR A 367 -2.40 15.55 -10.91
C TYR A 367 -1.48 14.90 -11.93
N ASP A 368 -2.00 13.97 -12.72
CA ASP A 368 -1.14 13.28 -13.66
C ASP A 368 -0.60 14.20 -14.74
N SER A 369 -1.07 15.43 -14.80
CA SER A 369 -0.65 16.38 -15.80
C SER A 369 0.44 17.28 -15.25
N GLU A 370 0.79 18.32 -16.00
CA GLU A 370 1.93 19.14 -15.64
C GLU A 370 1.57 20.31 -14.74
N ASP A 371 0.30 20.57 -14.50
CA ASP A 371 -0.06 21.70 -13.64
C ASP A 371 0.66 21.69 -12.31
N PRO A 372 0.78 20.56 -11.61
CA PRO A 372 1.60 20.57 -10.41
C PRO A 372 3.01 21.03 -10.65
N GLN A 373 3.55 20.87 -11.86
CA GLN A 373 4.88 21.37 -12.11
C GLN A 373 4.92 22.88 -12.00
N GLN A 374 4.06 23.56 -12.77
CA GLN A 374 3.96 25.02 -12.69
C GLN A 374 3.76 25.49 -11.26
N VAL A 375 2.77 24.91 -10.59
CA VAL A 375 2.44 25.38 -9.25
C VAL A 375 3.65 25.24 -8.33
N PHE A 376 4.15 24.02 -8.19
CA PHE A 376 5.32 23.83 -7.37
C PHE A 376 6.43 24.79 -7.76
N ASP A 377 6.57 25.09 -9.05
CA ASP A 377 7.64 25.97 -9.47
C ASP A 377 7.48 27.35 -8.88
N GLU A 378 6.30 27.95 -9.04
CA GLU A 378 6.04 29.24 -8.43
C GLU A 378 6.36 29.22 -6.94
N ARG A 379 5.81 28.23 -6.23
CA ARG A 379 6.10 28.13 -4.81
C ARG A 379 7.60 28.05 -4.54
N ILE A 380 8.32 27.32 -5.39
CA ILE A 380 9.77 27.17 -5.20
C ILE A 380 10.45 28.52 -5.28
N LYS A 381 10.30 29.18 -6.43
CA LYS A 381 10.94 30.49 -6.60
C LYS A 381 10.64 31.37 -5.41
N PHE A 382 9.36 31.49 -5.08
CA PHE A 382 8.98 32.30 -3.93
C PHE A 382 9.56 31.79 -2.63
N ALA A 383 10.09 30.57 -2.59
CA ALA A 383 10.88 30.18 -1.43
C ALA A 383 12.31 30.68 -1.56
N ASN A 384 12.87 30.58 -2.76
CA ASN A 384 14.21 31.12 -2.99
C ASN A 384 14.31 32.52 -2.48
N GLN A 385 13.63 33.48 -3.12
CA GLN A 385 14.00 34.84 -2.77
C GLN A 385 13.73 35.14 -1.31
N LEU A 386 12.94 34.33 -0.63
CA LEU A 386 12.97 34.37 0.82
C LEU A 386 14.36 34.00 1.33
N HIS A 387 14.91 32.89 0.85
CA HIS A 387 16.24 32.54 1.28
C HIS A 387 17.22 33.64 0.95
N ASP A 388 17.21 34.12 -0.29
CA ASP A 388 18.03 35.24 -0.69
C ASP A 388 17.93 36.38 0.32
N GLU A 389 16.75 36.98 0.41
CA GLU A 389 16.56 38.11 1.30
C GLU A 389 17.16 37.82 2.66
N TYR A 390 16.81 36.67 3.22
CA TYR A 390 17.33 36.40 4.54
C TYR A 390 18.84 36.27 4.56
N LEU A 391 19.50 36.09 3.40
CA LEU A 391 20.94 36.22 3.38
C LEU A 391 21.45 37.60 2.99
N VAL A 392 20.61 38.48 2.46
CA VAL A 392 21.08 39.81 2.13
C VAL A 392 21.08 40.71 3.35
N SER A 393 20.04 40.64 4.15
CA SER A 393 20.06 41.29 5.45
C SER A 393 20.99 40.59 6.42
N MET A 394 21.59 39.47 6.02
CA MET A 394 22.44 38.70 6.90
C MET A 394 23.83 39.29 7.03
N ARG A 395 24.20 40.22 6.15
CA ARG A 395 25.59 40.61 5.89
C ARG A 395 26.37 41.05 7.12
N TYR A 396 25.69 41.39 8.20
CA TYR A 396 26.26 42.28 9.20
C TYR A 396 27.54 41.81 9.91
N PRO A 397 27.80 40.52 10.15
CA PRO A 397 29.03 40.17 10.89
C PRO A 397 30.30 40.84 10.36
N ASP B 31 -11.66 -103.79 -3.94
CA ASP B 31 -10.92 -104.04 -2.70
C ASP B 31 -10.28 -102.77 -2.17
N CYS B 32 -9.72 -101.98 -3.10
CA CYS B 32 -9.00 -100.77 -2.73
C CYS B 32 -9.84 -99.84 -1.88
N ASN B 33 -11.16 -99.77 -2.14
CA ASN B 33 -12.04 -98.94 -1.33
C ASN B 33 -12.01 -99.41 0.12
N SER B 34 -12.01 -100.72 0.33
CA SER B 34 -11.83 -101.29 1.66
C SER B 34 -10.37 -101.33 2.07
N ALA B 35 -9.46 -101.52 1.11
CA ALA B 35 -8.04 -101.60 1.41
C ALA B 35 -7.43 -100.27 1.80
N LEU B 36 -8.19 -99.17 1.69
CA LEU B 36 -7.64 -97.87 2.00
C LEU B 36 -7.52 -97.64 3.51
N ASP B 37 -8.40 -98.26 4.29
CA ASP B 37 -8.50 -97.95 5.70
C ASP B 37 -7.23 -98.34 6.47
N GLN B 38 -6.81 -99.60 6.35
CA GLN B 38 -5.66 -100.06 7.11
C GLN B 38 -4.39 -99.31 6.71
N LEU B 39 -4.40 -98.66 5.55
CA LEU B 39 -3.29 -97.79 5.18
C LEU B 39 -3.44 -96.42 5.85
N LEU B 40 -4.66 -95.90 5.92
CA LEU B 40 -4.85 -94.59 6.54
C LEU B 40 -4.65 -94.63 8.05
N VAL B 41 -4.69 -95.83 8.65
CA VAL B 41 -4.62 -95.91 10.11
C VAL B 41 -3.30 -95.36 10.61
N LEU B 42 -2.18 -95.84 10.06
CA LEU B 42 -0.87 -95.43 10.56
C LEU B 42 -0.59 -93.95 10.36
N GLU B 43 -1.47 -93.23 9.66
CA GLU B 43 -1.39 -91.77 9.61
C GLU B 43 -1.60 -91.13 10.98
N LYS B 44 -1.98 -91.93 11.98
CA LYS B 44 -2.33 -91.43 13.30
C LYS B 44 -1.14 -90.81 14.04
N LYS B 45 0.05 -90.83 13.44
CA LYS B 45 1.23 -90.36 14.15
C LYS B 45 2.40 -90.29 13.19
N THR B 46 3.42 -89.51 13.58
CA THR B 46 4.60 -89.23 12.77
C THR B 46 5.83 -89.39 13.63
N ARG B 47 6.71 -90.32 13.26
CA ARG B 47 7.96 -90.53 13.98
C ARG B 47 9.18 -90.39 13.08
N GLN B 48 9.41 -91.40 12.24
CA GLN B 48 10.60 -91.44 11.41
C GLN B 48 10.27 -90.89 10.02
N ALA B 49 11.28 -90.89 9.15
CA ALA B 49 11.05 -90.55 7.74
C ALA B 49 10.22 -91.60 7.03
N SER B 50 10.05 -92.79 7.61
CA SER B 50 9.10 -93.75 7.07
C SER B 50 7.67 -93.29 7.27
N ASP B 51 7.43 -92.33 8.17
CA ASP B 51 6.11 -91.72 8.29
C ASP B 51 5.88 -90.63 7.26
N LEU B 52 6.95 -89.99 6.77
CA LEU B 52 6.81 -89.06 5.66
C LEU B 52 6.84 -89.76 4.31
N ALA B 53 7.40 -90.97 4.25
CA ALA B 53 7.24 -91.82 3.07
C ALA B 53 5.86 -92.45 3.05
N SER B 54 5.39 -92.88 4.22
CA SER B 54 3.98 -93.25 4.35
C SER B 54 3.07 -92.07 4.04
N SER B 55 3.51 -90.85 4.35
CA SER B 55 2.73 -89.67 4.00
C SER B 55 2.70 -89.49 2.49
N LYS B 56 3.85 -89.64 1.84
CA LYS B 56 3.89 -89.60 0.38
C LYS B 56 2.93 -90.63 -0.23
N GLU B 57 3.18 -91.90 0.03
CA GLU B 57 2.43 -92.96 -0.65
C GLU B 57 0.95 -92.93 -0.29
N VAL B 58 0.65 -92.88 1.02
CA VAL B 58 -0.75 -92.92 1.44
C VAL B 58 -1.48 -91.66 0.97
N LEU B 59 -0.87 -90.49 1.14
CA LEU B 59 -1.54 -89.27 0.71
C LEU B 59 -1.66 -89.17 -0.81
N ALA B 60 -0.85 -89.93 -1.56
CA ALA B 60 -1.06 -89.98 -3.00
C ALA B 60 -2.20 -90.94 -3.36
N LYS B 61 -2.26 -92.10 -2.70
CA LYS B 61 -3.31 -93.06 -3.03
C LYS B 61 -4.68 -92.54 -2.60
N ILE B 62 -4.76 -91.88 -1.46
CA ILE B 62 -6.04 -91.37 -1.00
C ILE B 62 -6.55 -90.37 -2.02
N VAL B 63 -5.65 -89.51 -2.49
CA VAL B 63 -5.99 -88.54 -3.50
C VAL B 63 -6.36 -89.26 -4.78
N ASP B 64 -5.60 -90.32 -5.07
CA ASP B 64 -5.80 -91.13 -6.28
C ASP B 64 -7.16 -91.81 -6.30
N LEU B 65 -7.60 -92.30 -5.15
CA LEU B 65 -8.89 -92.98 -5.06
C LEU B 65 -9.96 -91.99 -5.47
N LEU B 66 -9.75 -90.74 -5.07
CA LEU B 66 -10.68 -89.67 -5.37
C LEU B 66 -10.84 -89.45 -6.87
N ALA B 67 -9.72 -89.49 -7.58
CA ALA B 67 -9.69 -89.26 -9.03
C ALA B 67 -10.44 -90.24 -9.92
N SER B 68 -10.36 -91.53 -9.62
CA SER B 68 -11.01 -92.54 -10.44
C SER B 68 -12.53 -92.46 -10.55
N ARG B 69 -13.21 -92.26 -9.43
CA ARG B 69 -14.67 -92.17 -9.45
C ARG B 69 -15.24 -90.95 -8.75
N ASN B 70 -14.50 -89.84 -8.76
CA ASN B 70 -14.97 -88.64 -8.09
C ASN B 70 -15.18 -88.90 -6.60
N LYS B 71 -14.27 -89.69 -6.03
CA LYS B 71 -14.30 -90.03 -4.62
C LYS B 71 -13.59 -88.96 -3.80
N TRP B 72 -13.11 -87.95 -4.50
CA TRP B 72 -12.38 -86.83 -3.91
C TRP B 72 -13.26 -86.01 -2.96
N ASP B 73 -14.57 -86.12 -3.10
CA ASP B 73 -15.46 -85.36 -2.24
C ASP B 73 -15.14 -85.81 -0.82
N ASP B 74 -14.90 -87.10 -0.66
CA ASP B 74 -14.52 -87.65 0.63
C ASP B 74 -13.17 -87.06 1.04
N LEU B 75 -12.35 -86.94 0.00
CA LEU B 75 -11.00 -86.44 0.04
C LEU B 75 -10.96 -84.99 0.48
N ASN B 76 -11.92 -84.17 0.05
CA ASN B 76 -11.92 -82.80 0.54
C ASN B 76 -12.28 -82.94 2.02
N GLU B 77 -13.32 -83.72 2.27
CA GLU B 77 -13.83 -84.02 3.60
C GLU B 77 -12.83 -84.87 4.37
N GLN B 78 -12.22 -85.80 3.64
CA GLN B 78 -11.24 -86.68 4.24
C GLN B 78 -10.11 -85.81 4.74
N LEU B 79 -9.74 -84.82 3.93
CA LEU B 79 -8.68 -83.88 4.22
C LEU B 79 -9.01 -83.00 5.41
N THR B 80 -10.26 -82.58 5.50
CA THR B 80 -10.66 -81.76 6.62
C THR B 80 -10.50 -82.60 7.88
N LEU B 81 -10.89 -83.87 7.82
CA LEU B 81 -10.74 -84.73 8.99
C LEU B 81 -9.26 -84.85 9.29
N LEU B 82 -8.49 -85.10 8.23
CA LEU B 82 -7.04 -85.22 8.29
C LEU B 82 -6.51 -83.86 8.68
N SER B 83 -7.08 -82.80 8.07
CA SER B 83 -6.61 -81.48 8.48
C SER B 83 -7.02 -81.16 9.91
N LYS B 84 -8.16 -81.68 10.35
CA LYS B 84 -8.53 -81.57 11.76
C LYS B 84 -7.48 -82.25 12.65
N LYS B 85 -6.80 -83.27 12.11
CA LYS B 85 -5.76 -83.97 12.86
C LYS B 85 -4.55 -83.09 13.14
N HIS B 86 -4.49 -81.90 12.54
CA HIS B 86 -3.37 -80.98 12.77
C HIS B 86 -3.87 -79.68 13.39
N ILE B 93 2.52 -80.56 9.23
CA ILE B 93 3.14 -80.95 7.97
C ILE B 93 2.52 -80.17 6.82
N GLN B 94 2.76 -78.85 6.81
CA GLN B 94 2.12 -77.95 5.87
C GLN B 94 2.51 -78.30 4.43
N TYR B 95 3.81 -78.27 4.13
CA TYR B 95 4.29 -78.55 2.78
C TYR B 95 4.02 -79.97 2.34
N MET B 96 3.83 -80.90 3.28
CA MET B 96 3.28 -82.20 2.91
C MET B 96 1.87 -82.04 2.36
N ILE B 97 1.11 -81.09 2.89
CA ILE B 97 -0.27 -80.89 2.44
C ILE B 97 -0.33 -80.02 1.19
N GLN B 98 0.69 -79.22 0.92
CA GLN B 98 0.67 -78.32 -0.23
C GLN B 98 0.46 -79.11 -1.52
N LYS B 99 1.26 -80.16 -1.71
CA LYS B 99 1.14 -80.95 -2.94
C LYS B 99 -0.22 -81.65 -3.01
N VAL B 100 -0.72 -82.14 -1.87
CA VAL B 100 -1.94 -82.92 -1.94
C VAL B 100 -3.14 -82.02 -2.21
N MET B 101 -3.10 -80.78 -1.74
CA MET B 101 -4.14 -79.84 -2.13
C MET B 101 -3.91 -79.27 -3.53
N GLU B 102 -2.70 -79.42 -4.08
CA GLU B 102 -2.44 -78.95 -5.44
C GLU B 102 -3.33 -79.64 -6.46
N TYR B 103 -3.78 -80.85 -6.16
CA TYR B 103 -4.40 -81.70 -7.17
C TYR B 103 -5.76 -81.20 -7.63
N LEU B 104 -6.23 -80.10 -7.04
CA LEU B 104 -7.57 -79.58 -7.27
C LEU B 104 -7.96 -79.59 -8.74
N LYS B 105 -7.33 -78.72 -9.53
CA LYS B 105 -7.57 -78.71 -10.96
C LYS B 105 -6.52 -79.47 -11.75
N SER B 106 -5.57 -80.11 -11.08
CA SER B 106 -4.57 -80.87 -11.81
C SER B 106 -5.36 -81.95 -12.52
N SER B 107 -6.29 -82.56 -11.78
CA SER B 107 -7.17 -83.60 -12.30
C SER B 107 -8.56 -83.47 -11.67
N LYS B 108 -9.31 -82.45 -12.04
CA LYS B 108 -10.64 -82.27 -11.45
C LYS B 108 -11.78 -82.54 -12.44
N SER B 109 -12.62 -83.51 -12.11
CA SER B 109 -13.75 -83.89 -12.95
C SER B 109 -14.84 -82.84 -13.13
N LEU B 110 -15.22 -82.17 -12.04
CA LEU B 110 -16.26 -81.15 -12.11
C LEU B 110 -15.91 -79.81 -11.47
N ASP B 111 -16.16 -78.74 -12.22
CA ASP B 111 -15.89 -77.37 -11.76
C ASP B 111 -16.75 -76.95 -10.57
N LEU B 112 -18.02 -77.34 -10.58
CA LEU B 112 -18.94 -76.99 -9.50
C LEU B 112 -18.49 -77.56 -8.17
N ASN B 113 -18.03 -78.80 -8.18
CA ASN B 113 -17.57 -79.46 -6.98
C ASN B 113 -16.37 -78.74 -6.41
N THR B 114 -15.50 -78.27 -7.30
CA THR B 114 -14.29 -77.55 -6.91
C THR B 114 -14.58 -76.25 -6.16
N ARG B 115 -15.58 -75.50 -6.61
CA ARG B 115 -15.89 -74.25 -5.95
C ARG B 115 -15.96 -74.44 -4.44
N ILE B 116 -16.97 -75.19 -3.98
CA ILE B 116 -17.21 -75.26 -2.53
C ILE B 116 -16.08 -75.98 -1.81
N SER B 117 -15.48 -76.98 -2.45
CA SER B 117 -14.35 -77.67 -1.85
C SER B 117 -13.21 -76.70 -1.60
N VAL B 118 -12.79 -75.97 -2.64
CA VAL B 118 -11.69 -75.02 -2.47
C VAL B 118 -12.07 -73.96 -1.46
N ILE B 119 -13.32 -73.49 -1.49
CA ILE B 119 -13.83 -72.57 -0.48
C ILE B 119 -13.57 -73.14 0.90
N GLU B 120 -13.67 -74.46 1.04
CA GLU B 120 -13.36 -75.07 2.33
C GLU B 120 -11.86 -75.13 2.58
N THR B 121 -11.05 -75.26 1.52
CA THR B 121 -9.61 -75.35 1.73
C THR B 121 -9.04 -74.01 2.19
N ILE B 122 -9.35 -72.93 1.46
CA ILE B 122 -8.97 -71.60 1.92
C ILE B 122 -9.65 -71.30 3.24
N ARG B 123 -10.93 -71.67 3.36
CA ARG B 123 -11.69 -71.50 4.59
C ARG B 123 -10.94 -72.04 5.80
N VAL B 124 -10.32 -73.21 5.64
CA VAL B 124 -9.59 -73.80 6.74
C VAL B 124 -8.21 -73.17 6.89
N VAL B 125 -7.58 -72.75 5.78
CA VAL B 125 -6.20 -72.29 5.84
C VAL B 125 -6.08 -70.80 6.10
N THR B 126 -7.21 -70.11 6.34
CA THR B 126 -7.15 -68.67 6.64
C THR B 126 -6.31 -68.40 7.89
N GLU B 127 -6.59 -69.11 8.97
CA GLU B 127 -6.23 -68.67 10.32
C GLU B 127 -4.76 -68.27 10.43
N ASN B 128 -3.85 -69.24 10.30
CA ASN B 128 -2.48 -69.05 10.76
C ASN B 128 -1.72 -67.97 10.00
N LYS B 129 -2.24 -67.49 8.86
CA LYS B 129 -1.69 -66.34 8.15
C LYS B 129 -0.31 -66.60 7.57
N ILE B 130 0.29 -67.75 7.88
CA ILE B 130 1.58 -68.09 7.28
C ILE B 130 1.41 -68.40 5.80
N PHE B 131 0.27 -68.96 5.42
CA PHE B 131 0.03 -69.40 4.05
C PHE B 131 -0.23 -68.22 3.14
N VAL B 132 -0.69 -68.53 1.92
CA VAL B 132 -0.89 -67.60 0.81
C VAL B 132 0.48 -67.41 0.15
N GLU B 133 1.51 -68.09 0.68
CA GLU B 133 2.87 -67.96 0.18
C GLU B 133 2.91 -67.97 -1.34
N VAL B 134 2.56 -69.10 -1.94
CA VAL B 134 2.34 -69.19 -3.38
C VAL B 134 1.02 -69.90 -3.65
N GLU B 135 0.90 -71.15 -3.19
CA GLU B 135 -0.12 -72.05 -3.72
C GLU B 135 -1.54 -71.59 -3.40
N ARG B 136 -1.80 -71.16 -2.17
CA ARG B 136 -3.15 -70.70 -1.85
C ARG B 136 -3.56 -69.54 -2.75
N ALA B 137 -2.68 -68.54 -2.89
CA ALA B 137 -3.03 -67.41 -3.71
C ALA B 137 -3.33 -67.83 -5.14
N ARG B 138 -2.46 -68.68 -5.72
CA ARG B 138 -2.65 -69.11 -7.10
C ARG B 138 -3.84 -70.03 -7.27
N VAL B 139 -4.38 -70.59 -6.18
CA VAL B 139 -5.68 -71.22 -6.31
C VAL B 139 -6.80 -70.26 -5.97
N THR B 140 -6.48 -69.06 -5.48
CA THR B 140 -7.51 -68.03 -5.33
C THR B 140 -7.76 -67.30 -6.63
N LYS B 141 -6.74 -67.11 -7.46
CA LYS B 141 -6.99 -66.67 -8.83
C LYS B 141 -8.01 -67.60 -9.46
N ASP B 142 -7.56 -68.85 -9.66
CA ASP B 142 -8.37 -69.88 -10.30
C ASP B 142 -9.74 -69.98 -9.63
N LEU B 143 -9.76 -70.11 -8.31
CA LEU B 143 -11.03 -70.36 -7.63
C LEU B 143 -11.97 -69.18 -7.88
N VAL B 144 -11.50 -67.96 -7.58
CA VAL B 144 -12.38 -66.80 -7.61
C VAL B 144 -12.90 -66.55 -9.02
N GLU B 145 -11.99 -66.41 -9.99
CA GLU B 145 -12.42 -66.00 -11.32
C GLU B 145 -13.11 -67.13 -12.08
N ILE B 146 -12.52 -68.33 -12.01
CA ILE B 146 -13.07 -69.46 -12.75
C ILE B 146 -14.40 -69.93 -12.15
N LYS B 147 -14.52 -69.87 -10.82
CA LYS B 147 -15.66 -70.50 -10.17
C LYS B 147 -16.96 -69.87 -10.62
N LYS B 148 -16.95 -68.56 -10.81
CA LYS B 148 -18.15 -67.78 -11.11
C LYS B 148 -17.99 -67.01 -12.40
N GLU B 149 -16.97 -66.14 -12.50
CA GLU B 149 -16.75 -65.27 -13.65
C GLU B 149 -18.05 -64.59 -14.06
N GLU B 150 -18.88 -64.28 -13.08
CA GLU B 150 -20.14 -63.59 -13.26
C GLU B 150 -20.11 -62.28 -12.48
N GLY B 151 -21.24 -61.58 -12.49
CA GLY B 151 -21.37 -60.42 -11.62
C GLY B 151 -21.22 -60.74 -10.15
N LYS B 152 -21.28 -62.02 -9.80
CA LYS B 152 -21.02 -62.51 -8.44
C LYS B 152 -19.54 -62.40 -8.08
N ILE B 153 -18.69 -62.03 -9.04
CA ILE B 153 -17.29 -61.73 -8.78
C ILE B 153 -17.13 -60.55 -7.85
N ASP B 154 -18.20 -59.80 -7.58
CA ASP B 154 -18.16 -58.83 -6.50
C ASP B 154 -18.04 -59.55 -5.17
N GLU B 155 -18.97 -60.46 -4.92
CA GLU B 155 -18.94 -61.30 -3.72
C GLU B 155 -17.60 -62.01 -3.58
N ALA B 156 -17.17 -62.72 -4.62
CA ALA B 156 -15.89 -63.41 -4.52
C ALA B 156 -14.75 -62.42 -4.32
N ALA B 157 -14.61 -61.48 -5.25
CA ALA B 157 -13.46 -60.58 -5.25
C ALA B 157 -13.37 -59.76 -3.99
N ASP B 158 -14.45 -59.72 -3.20
CA ASP B 158 -14.38 -59.15 -1.86
C ASP B 158 -13.20 -59.72 -1.09
N ILE B 159 -12.94 -61.02 -1.24
CA ILE B 159 -11.86 -61.64 -0.46
C ILE B 159 -10.49 -61.19 -0.97
N LEU B 160 -10.33 -61.13 -2.28
CA LEU B 160 -9.03 -60.82 -2.86
C LEU B 160 -8.78 -59.33 -2.98
N CYS B 161 -9.72 -58.48 -2.53
CA CYS B 161 -9.34 -57.11 -2.21
C CYS B 161 -8.37 -57.05 -1.04
N GLU B 162 -8.16 -58.17 -0.35
CA GLU B 162 -7.18 -58.28 0.73
C GLU B 162 -6.08 -59.26 0.37
N LEU B 163 -6.42 -60.50 0.06
CA LEU B 163 -5.50 -61.64 0.16
C LEU B 163 -4.12 -61.37 -0.41
N GLN B 164 -4.00 -60.45 -1.36
CA GLN B 164 -2.68 -59.99 -1.79
C GLN B 164 -1.96 -59.15 -0.75
N VAL B 165 -2.68 -58.57 0.22
CA VAL B 165 -2.13 -57.49 1.04
C VAL B 165 -0.78 -57.85 1.64
N GLU B 166 -0.74 -58.77 2.60
CA GLU B 166 0.48 -59.05 3.33
C GLU B 166 1.26 -60.24 2.75
N THR B 167 0.82 -60.76 1.61
CA THR B 167 1.57 -61.81 0.95
C THR B 167 2.74 -61.28 0.14
N TYR B 168 3.02 -59.97 0.26
CA TYR B 168 4.00 -59.26 -0.55
C TYR B 168 5.28 -60.05 -0.81
N GLY B 169 6.05 -60.31 0.26
CA GLY B 169 7.30 -61.03 0.12
C GLY B 169 7.17 -62.53 -0.06
N SER B 170 5.97 -63.06 0.18
CA SER B 170 5.77 -64.50 0.04
C SER B 170 5.55 -64.89 -1.42
N MET B 171 4.77 -64.10 -2.15
CA MET B 171 4.51 -64.35 -3.56
C MET B 171 5.73 -63.99 -4.40
N GLU B 172 5.77 -64.53 -5.62
CA GLU B 172 6.71 -64.08 -6.63
C GLU B 172 6.00 -63.12 -7.57
N MET B 173 6.73 -62.08 -7.99
CA MET B 173 6.08 -60.91 -8.55
C MET B 173 5.29 -61.22 -9.81
N SER B 174 5.67 -62.27 -10.53
CA SER B 174 4.88 -62.68 -11.69
C SER B 174 3.44 -62.95 -11.29
N GLU B 175 3.23 -64.00 -10.50
CA GLU B 175 1.90 -64.30 -9.99
C GLU B 175 1.37 -63.16 -9.14
N LYS B 176 2.21 -62.65 -8.25
CA LYS B 176 1.81 -61.65 -7.27
C LYS B 176 1.16 -60.46 -7.97
N ILE B 177 2.00 -59.71 -8.67
CA ILE B 177 1.51 -58.60 -9.48
C ILE B 177 0.37 -59.07 -10.38
N GLN B 178 0.51 -60.28 -10.92
CA GLN B 178 -0.49 -60.81 -11.85
C GLN B 178 -1.90 -60.71 -11.29
N PHE B 179 -2.13 -61.26 -10.10
CA PHE B 179 -3.49 -61.12 -9.62
C PHE B 179 -3.72 -59.82 -8.87
N ILE B 180 -2.68 -59.00 -8.66
CA ILE B 180 -2.99 -57.60 -8.37
C ILE B 180 -3.72 -56.99 -9.55
N LEU B 181 -3.26 -57.31 -10.75
CA LEU B 181 -3.95 -56.88 -11.97
C LEU B 181 -5.35 -57.48 -12.03
N GLU B 182 -5.50 -58.74 -11.64
CA GLU B 182 -6.85 -59.28 -11.56
C GLU B 182 -7.72 -58.46 -10.61
N GLN B 183 -7.17 -58.11 -9.44
CA GLN B 183 -7.87 -57.22 -8.51
C GLN B 183 -8.30 -55.94 -9.20
N MET B 184 -7.42 -55.39 -10.03
CA MET B 184 -7.75 -54.22 -10.83
C MET B 184 -9.00 -54.46 -11.65
N GLU B 185 -8.90 -55.35 -12.64
CA GLU B 185 -9.97 -55.42 -13.61
C GLU B 185 -11.27 -55.94 -13.01
N LEU B 186 -11.19 -56.77 -11.98
CA LEU B 186 -12.41 -57.12 -11.26
C LEU B 186 -12.93 -55.95 -10.46
N SER B 187 -12.06 -54.99 -10.12
CA SER B 187 -12.52 -53.82 -9.39
C SER B 187 -13.21 -52.84 -10.32
N ILE B 188 -12.73 -52.72 -11.55
CA ILE B 188 -13.42 -51.88 -12.53
C ILE B 188 -14.73 -52.51 -12.96
N LEU B 189 -14.72 -53.82 -13.24
CA LEU B 189 -15.97 -54.48 -13.61
C LEU B 189 -16.93 -54.50 -12.44
N LYS B 190 -16.40 -54.52 -11.22
CA LYS B 190 -17.21 -54.21 -10.05
C LYS B 190 -17.84 -52.82 -10.17
N GLY B 191 -17.17 -51.92 -10.90
CA GLY B 191 -17.65 -50.55 -10.95
C GLY B 191 -17.24 -49.72 -9.77
N ASP B 192 -16.20 -50.10 -9.05
CA ASP B 192 -15.72 -49.35 -7.90
C ASP B 192 -14.24 -49.08 -8.09
N TYR B 193 -13.89 -47.79 -8.12
CA TYR B 193 -12.56 -47.33 -8.49
C TYR B 193 -11.64 -47.08 -7.31
N SER B 194 -12.18 -47.06 -6.09
CA SER B 194 -11.36 -46.75 -4.93
C SER B 194 -10.34 -47.84 -4.68
N GLN B 195 -10.78 -49.10 -4.72
CA GLN B 195 -9.88 -50.22 -4.55
C GLN B 195 -9.04 -50.48 -5.79
N ALA B 196 -9.56 -50.15 -6.97
CA ALA B 196 -8.71 -50.12 -8.13
C ALA B 196 -7.58 -49.12 -7.92
N THR B 197 -7.91 -47.97 -7.31
CA THR B 197 -6.93 -46.92 -7.12
C THR B 197 -5.87 -47.32 -6.11
N VAL B 198 -6.31 -47.70 -4.91
CA VAL B 198 -5.36 -47.98 -3.85
C VAL B 198 -4.66 -49.30 -4.10
N LEU B 199 -5.44 -50.34 -4.41
CA LEU B 199 -4.86 -51.61 -4.83
C LEU B 199 -3.93 -51.44 -6.01
N SER B 200 -4.11 -50.38 -6.80
CA SER B 200 -3.19 -50.10 -7.89
C SER B 200 -1.89 -49.52 -7.36
N ARG B 201 -1.94 -48.35 -6.73
CA ARG B 201 -0.72 -47.63 -6.39
C ARG B 201 0.21 -48.43 -5.49
N LYS B 202 -0.27 -49.50 -4.86
CA LYS B 202 0.60 -50.21 -3.92
C LYS B 202 1.77 -50.87 -4.60
N ILE B 203 1.66 -51.16 -5.90
CA ILE B 203 2.79 -51.71 -6.63
C ILE B 203 3.86 -50.63 -6.77
N LEU B 204 5.12 -51.06 -6.88
CA LEU B 204 6.25 -50.15 -6.94
C LEU B 204 6.88 -50.27 -8.31
N LYS B 205 6.98 -49.13 -9.01
CA LYS B 205 7.24 -49.12 -10.44
C LYS B 205 8.62 -49.66 -10.79
N LYS B 206 9.60 -49.52 -9.91
CA LYS B 206 10.96 -49.91 -10.25
C LYS B 206 11.06 -51.36 -10.68
N THR B 207 10.06 -52.18 -10.34
CA THR B 207 10.00 -53.55 -10.82
C THR B 207 10.03 -53.63 -12.33
N PHE B 208 9.87 -52.51 -13.01
CA PHE B 208 9.85 -52.43 -14.45
C PHE B 208 11.24 -52.26 -15.03
N LYS B 209 12.29 -52.40 -14.21
CA LYS B 209 13.61 -52.67 -14.75
C LYS B 209 13.65 -54.01 -15.48
N ASN B 210 12.86 -54.99 -15.05
CA ASN B 210 12.94 -56.34 -15.57
C ASN B 210 12.12 -56.46 -16.84
N PRO B 211 12.74 -56.74 -17.99
CA PRO B 211 11.97 -56.87 -19.23
C PRO B 211 10.77 -57.79 -19.13
N LYS B 212 10.90 -58.87 -18.36
CA LYS B 212 9.79 -59.77 -18.10
C LYS B 212 8.59 -58.98 -17.62
N TYR B 213 8.71 -58.35 -16.45
CA TYR B 213 7.61 -57.56 -15.92
C TYR B 213 7.24 -56.41 -16.85
N GLU B 214 8.20 -55.96 -17.65
CA GLU B 214 7.92 -54.89 -18.60
C GLU B 214 6.89 -55.32 -19.62
N SER B 215 6.97 -56.57 -20.07
CA SER B 215 5.93 -57.10 -20.93
C SER B 215 4.56 -56.98 -20.27
N LEU B 216 4.49 -57.29 -18.99
CA LEU B 216 3.21 -57.29 -18.31
C LEU B 216 2.63 -55.88 -18.19
N LYS B 217 3.47 -54.93 -17.75
CA LYS B 217 2.96 -53.65 -17.27
C LYS B 217 2.08 -52.94 -18.29
N LEU B 218 2.17 -53.30 -19.57
CA LEU B 218 1.24 -52.75 -20.55
C LEU B 218 -0.18 -52.84 -20.04
N GLU B 219 -0.54 -53.99 -19.48
CA GLU B 219 -1.83 -54.13 -18.81
C GLU B 219 -2.00 -53.05 -17.76
N TYR B 220 -1.02 -52.94 -16.86
CA TYR B 220 -1.09 -52.02 -15.75
C TYR B 220 -1.44 -50.62 -16.22
N TYR B 221 -0.66 -50.09 -17.16
CA TYR B 221 -0.95 -48.76 -17.64
C TYR B 221 -2.30 -48.70 -18.34
N ASN B 222 -2.59 -49.68 -19.19
CA ASN B 222 -3.87 -49.70 -19.90
C ASN B 222 -5.02 -49.47 -18.94
N LEU B 223 -4.98 -50.17 -17.80
CA LEU B 223 -5.99 -49.94 -16.81
C LEU B 223 -5.92 -48.51 -16.30
N LEU B 224 -4.74 -48.08 -15.86
CA LEU B 224 -4.60 -46.73 -15.31
C LEU B 224 -5.22 -45.70 -16.25
N VAL B 225 -5.08 -45.92 -17.55
CA VAL B 225 -5.86 -45.17 -18.52
C VAL B 225 -7.33 -45.28 -18.19
N LYS B 226 -7.87 -46.50 -18.27
CA LYS B 226 -9.32 -46.67 -18.12
C LYS B 226 -9.86 -45.95 -16.89
N ILE B 227 -9.21 -46.17 -15.74
CA ILE B 227 -9.51 -45.45 -14.53
C ILE B 227 -9.55 -43.96 -14.83
N SER B 228 -8.41 -43.42 -15.25
CA SER B 228 -8.28 -41.97 -15.35
C SER B 228 -9.33 -41.38 -16.27
N LEU B 229 -9.61 -42.06 -17.38
CA LEU B 229 -10.74 -41.68 -18.21
C LEU B 229 -12.01 -41.56 -17.38
N HIS B 230 -12.28 -42.55 -16.54
CA HIS B 230 -13.46 -42.43 -15.71
C HIS B 230 -13.38 -41.21 -14.82
N LYS B 231 -12.23 -40.97 -14.21
CA LYS B 231 -12.09 -39.80 -13.35
C LYS B 231 -12.18 -38.49 -14.11
N ARG B 232 -12.24 -38.53 -15.44
CA ARG B 232 -12.17 -37.34 -16.29
C ARG B 232 -10.86 -36.60 -16.12
N GLU B 233 -9.82 -37.25 -15.63
CA GLU B 233 -8.50 -36.66 -15.75
C GLU B 233 -8.00 -36.84 -17.17
N TYR B 234 -7.08 -35.99 -17.58
CA TYR B 234 -6.51 -36.16 -18.91
C TYR B 234 -5.00 -36.13 -18.85
N LEU B 235 -4.44 -35.01 -18.44
CA LEU B 235 -3.00 -34.87 -18.37
C LEU B 235 -2.37 -36.11 -17.77
N GLU B 236 -3.03 -36.67 -16.76
CA GLU B 236 -2.55 -37.91 -16.19
C GLU B 236 -2.57 -39.02 -17.22
N VAL B 237 -3.70 -39.16 -17.93
CA VAL B 237 -3.78 -40.15 -18.99
C VAL B 237 -2.60 -39.99 -19.92
N ALA B 238 -2.40 -38.76 -20.39
CA ALA B 238 -1.31 -38.52 -21.33
C ALA B 238 0.03 -38.90 -20.73
N GLN B 239 0.21 -38.77 -19.42
CA GLN B 239 1.47 -39.21 -18.86
C GLN B 239 1.60 -40.71 -18.94
N TYR B 240 0.50 -41.43 -18.72
CA TYR B 240 0.59 -42.88 -18.85
C TYR B 240 0.88 -43.29 -20.29
N LEU B 241 0.01 -42.87 -21.21
CA LEU B 241 0.22 -43.21 -22.61
C LEU B 241 1.62 -42.82 -23.06
N GLN B 242 2.12 -41.72 -22.54
CA GLN B 242 3.54 -41.42 -22.65
C GLN B 242 4.35 -42.62 -22.22
N GLU B 243 4.09 -43.11 -21.01
CA GLU B 243 4.97 -44.10 -20.43
C GLU B 243 4.96 -45.39 -21.22
N ILE B 244 3.77 -45.94 -21.49
CA ILE B 244 3.69 -47.10 -22.37
C ILE B 244 4.41 -46.82 -23.67
N TYR B 245 4.16 -45.64 -24.25
CA TYR B 245 4.81 -45.25 -25.50
C TYR B 245 6.32 -45.28 -25.39
N GLN B 246 6.84 -45.29 -24.16
CA GLN B 246 8.29 -45.40 -23.98
C GLN B 246 8.78 -46.83 -24.07
N THR B 247 7.91 -47.79 -24.33
CA THR B 247 8.32 -49.19 -24.30
C THR B 247 9.04 -49.57 -25.58
N ASP B 248 10.22 -50.17 -25.42
CA ASP B 248 10.99 -50.63 -26.57
C ASP B 248 10.14 -51.48 -27.50
N ALA B 249 9.39 -52.40 -26.91
CA ALA B 249 8.55 -53.30 -27.70
C ALA B 249 7.61 -52.51 -28.59
N ILE B 250 6.98 -51.45 -28.08
CA ILE B 250 6.11 -50.66 -28.92
C ILE B 250 6.79 -49.45 -29.52
N LYS B 251 7.99 -49.09 -29.07
CA LYS B 251 8.80 -48.19 -29.87
C LYS B 251 9.03 -48.78 -31.24
N SER B 252 9.44 -50.04 -31.29
CA SER B 252 9.79 -50.68 -32.54
C SER B 252 8.63 -50.64 -33.53
N ASP B 253 7.56 -51.34 -33.21
CA ASP B 253 6.58 -51.67 -34.24
C ASP B 253 5.77 -50.44 -34.63
N GLU B 254 5.85 -50.11 -35.91
CA GLU B 254 5.22 -48.91 -36.42
C GLU B 254 3.70 -49.00 -36.33
N ALA B 255 3.15 -50.20 -36.43
CA ALA B 255 1.71 -50.37 -36.26
C ALA B 255 1.29 -50.41 -34.80
N LYS B 256 2.25 -50.53 -33.89
CA LYS B 256 1.95 -50.38 -32.47
C LYS B 256 1.80 -48.91 -32.12
N TRP B 257 2.89 -48.15 -32.25
CA TRP B 257 2.93 -46.88 -31.58
C TRP B 257 2.07 -45.81 -32.22
N LYS B 258 1.55 -45.99 -33.42
CA LYS B 258 0.73 -44.90 -33.95
C LYS B 258 -0.52 -44.66 -33.12
N PRO B 259 -1.43 -45.63 -32.95
CA PRO B 259 -2.66 -45.32 -32.23
C PRO B 259 -2.44 -44.94 -30.80
N VAL B 260 -1.30 -45.24 -30.19
CA VAL B 260 -1.07 -44.68 -28.87
C VAL B 260 -0.56 -43.25 -28.99
N LEU B 261 0.33 -43.00 -29.95
CA LEU B 261 0.85 -41.66 -30.12
C LEU B 261 -0.28 -40.68 -30.36
N SER B 262 -1.19 -41.04 -31.26
CA SER B 262 -2.38 -40.24 -31.49
C SER B 262 -3.03 -39.86 -30.18
N HIS B 263 -3.47 -40.86 -29.43
CA HIS B 263 -4.11 -40.60 -28.16
C HIS B 263 -3.30 -39.65 -27.30
N ILE B 264 -1.98 -39.80 -27.30
CA ILE B 264 -1.17 -38.85 -26.56
C ILE B 264 -1.47 -37.45 -27.03
N VAL B 265 -1.56 -37.26 -28.34
CA VAL B 265 -1.96 -35.96 -28.82
C VAL B 265 -3.31 -35.61 -28.22
N TYR B 266 -4.35 -36.35 -28.58
CA TYR B 266 -5.71 -35.94 -28.25
C TYR B 266 -5.85 -35.56 -26.80
N PHE B 267 -5.17 -36.26 -25.91
CA PHE B 267 -5.32 -35.92 -24.51
C PHE B 267 -4.49 -34.71 -24.14
N LEU B 268 -3.28 -34.58 -24.66
CA LEU B 268 -2.57 -33.34 -24.41
C LEU B 268 -3.32 -32.14 -24.96
N VAL B 269 -4.21 -32.37 -25.92
CA VAL B 269 -5.12 -31.33 -26.37
C VAL B 269 -6.25 -31.10 -25.38
N LEU B 270 -6.81 -32.17 -24.84
CA LEU B 270 -7.96 -31.98 -23.96
C LEU B 270 -7.56 -31.49 -22.58
N SER B 271 -6.36 -31.81 -22.13
CA SER B 271 -5.95 -31.35 -20.83
C SER B 271 -5.99 -29.83 -20.77
N PRO B 272 -6.34 -29.25 -19.63
CA PRO B 272 -6.40 -27.81 -19.52
C PRO B 272 -5.02 -27.19 -19.51
N TYR B 273 -4.93 -26.01 -20.11
CA TYR B 273 -3.65 -25.33 -20.20
C TYR B 273 -3.00 -25.19 -18.84
N GLY B 274 -1.75 -25.58 -18.76
CA GLY B 274 -1.07 -25.52 -17.48
C GLY B 274 0.40 -25.82 -17.64
N ASN B 275 1.04 -26.00 -16.50
CA ASN B 275 2.47 -26.23 -16.44
C ASN B 275 2.91 -27.39 -17.30
N LEU B 276 2.58 -28.61 -16.88
CA LEU B 276 3.13 -29.77 -17.57
C LEU B 276 2.54 -29.93 -18.95
N GLN B 277 1.34 -29.42 -19.18
CA GLN B 277 0.82 -29.47 -20.54
C GLN B 277 1.82 -28.88 -21.52
N ASN B 278 2.31 -27.67 -21.24
CA ASN B 278 3.23 -27.08 -22.19
C ASN B 278 4.37 -28.02 -22.51
N ASP B 279 5.29 -28.22 -21.57
CA ASP B 279 6.50 -28.93 -21.92
C ASP B 279 6.21 -30.32 -22.44
N LEU B 280 5.10 -30.93 -22.03
CA LEU B 280 4.73 -32.19 -22.66
C LEU B 280 4.42 -32.01 -24.13
N ILE B 281 3.56 -31.05 -24.46
CA ILE B 281 3.28 -30.74 -25.85
C ILE B 281 4.59 -30.48 -26.56
N HIS B 282 5.23 -29.36 -26.23
CA HIS B 282 6.42 -28.95 -26.94
C HIS B 282 7.46 -30.04 -27.03
N LYS B 283 7.43 -31.03 -26.15
CA LYS B 283 8.27 -32.19 -26.38
C LYS B 283 7.71 -33.06 -27.49
N ILE B 284 6.40 -33.31 -27.47
CA ILE B 284 5.79 -34.10 -28.53
C ILE B 284 6.04 -33.44 -29.87
N GLN B 285 5.83 -32.13 -29.93
CA GLN B 285 6.05 -31.30 -31.10
C GLN B 285 7.35 -31.66 -31.78
N ASN B 286 8.38 -31.94 -31.00
CA ASN B 286 9.68 -32.19 -31.58
C ASN B 286 9.94 -33.67 -31.82
N ASP B 287 9.08 -34.56 -31.34
CA ASP B 287 9.32 -35.97 -31.58
C ASP B 287 9.24 -36.25 -33.08
N ASN B 288 10.29 -36.87 -33.60
CA ASN B 288 10.36 -37.09 -35.03
C ASN B 288 9.20 -37.93 -35.50
N ASN B 289 8.79 -38.91 -34.69
CA ASN B 289 7.75 -39.82 -35.11
C ASN B 289 6.46 -39.08 -35.42
N LEU B 290 6.16 -38.05 -34.63
CA LEU B 290 4.95 -37.28 -34.86
C LEU B 290 4.91 -36.69 -36.25
N LYS B 291 6.06 -36.59 -36.93
CA LYS B 291 6.02 -36.15 -38.32
C LYS B 291 5.24 -37.12 -39.18
N LYS B 292 5.27 -38.40 -38.84
CA LYS B 292 4.67 -39.39 -39.71
C LYS B 292 3.16 -39.24 -39.74
N LEU B 293 2.57 -38.85 -38.63
CA LEU B 293 1.17 -38.46 -38.60
C LEU B 293 1.03 -37.10 -39.28
N GLU B 294 -0.18 -36.79 -39.70
CA GLU B 294 -0.32 -35.63 -40.57
C GLU B 294 -1.37 -34.65 -40.07
N SER B 295 -2.62 -35.08 -39.98
CA SER B 295 -3.64 -34.20 -39.42
C SER B 295 -3.36 -33.94 -37.96
N GLN B 296 -3.17 -34.99 -37.19
CA GLN B 296 -2.81 -34.86 -35.79
C GLN B 296 -1.65 -33.89 -35.64
N GLU B 297 -0.63 -34.04 -36.48
CA GLU B 297 0.44 -33.05 -36.54
C GLU B 297 -0.10 -31.65 -36.63
N SER B 298 -1.03 -31.41 -37.53
CA SER B 298 -1.60 -30.08 -37.62
C SER B 298 -2.34 -29.70 -36.36
N LEU B 299 -2.85 -30.67 -35.63
CA LEU B 299 -3.57 -30.35 -34.40
C LEU B 299 -2.61 -29.85 -33.34
N VAL B 300 -1.60 -30.64 -33.03
CA VAL B 300 -0.64 -30.22 -32.03
C VAL B 300 -0.01 -28.90 -32.43
N LYS B 301 0.50 -28.82 -33.66
CA LYS B 301 1.01 -27.55 -34.14
C LYS B 301 -0.05 -26.47 -34.06
N LEU B 302 -1.32 -26.84 -34.02
CA LEU B 302 -2.36 -25.83 -33.96
C LEU B 302 -2.52 -25.30 -32.54
N PHE B 303 -2.28 -26.11 -31.53
CA PHE B 303 -2.31 -25.52 -30.20
C PHE B 303 -0.99 -25.02 -29.70
N THR B 304 0.12 -25.33 -30.37
CA THR B 304 1.36 -24.71 -29.96
C THR B 304 1.36 -23.22 -30.28
N THR B 305 1.09 -22.87 -31.53
CA THR B 305 1.19 -21.50 -31.98
C THR B 305 0.16 -20.62 -31.30
N ASN B 306 0.41 -19.32 -31.32
CA ASN B 306 -0.52 -18.37 -30.73
C ASN B 306 -1.30 -17.71 -31.84
N GLU B 307 -2.55 -18.12 -32.02
CA GLU B 307 -3.40 -17.52 -33.03
C GLU B 307 -4.84 -17.90 -32.71
N LEU B 308 -5.77 -17.19 -33.31
CA LEU B 308 -7.17 -17.46 -33.06
C LEU B 308 -7.61 -18.76 -33.72
N MET B 309 -8.42 -19.53 -32.99
CA MET B 309 -8.78 -20.88 -33.39
C MET B 309 -9.92 -20.94 -34.38
N ARG B 310 -10.97 -20.14 -34.18
CA ARG B 310 -12.16 -20.23 -35.02
C ARG B 310 -12.79 -21.61 -34.98
N TRP B 311 -13.48 -21.94 -33.89
CA TRP B 311 -14.05 -23.28 -33.66
C TRP B 311 -14.70 -23.95 -34.85
N PRO B 312 -15.62 -23.33 -35.59
CA PRO B 312 -16.28 -24.06 -36.68
C PRO B 312 -15.32 -24.72 -37.63
N ILE B 313 -14.30 -23.97 -38.07
CA ILE B 313 -13.37 -24.55 -39.02
C ILE B 313 -12.64 -25.71 -38.41
N VAL B 314 -12.34 -25.62 -37.11
CA VAL B 314 -11.71 -26.73 -36.42
C VAL B 314 -12.57 -27.97 -36.51
N GLN B 315 -13.84 -27.82 -36.11
CA GLN B 315 -14.76 -28.95 -36.11
C GLN B 315 -14.86 -29.55 -37.49
N LYS B 316 -15.03 -28.70 -38.51
CA LYS B 316 -15.11 -29.19 -39.87
C LYS B 316 -13.89 -30.02 -40.24
N THR B 317 -12.71 -29.43 -40.08
CA THR B 317 -11.50 -30.11 -40.54
C THR B 317 -11.28 -31.41 -39.79
N TYR B 318 -11.16 -31.35 -38.48
CA TYR B 318 -10.73 -32.53 -37.77
C TYR B 318 -11.86 -33.47 -37.42
N GLU B 319 -13.09 -33.13 -37.79
CA GLU B 319 -14.24 -33.96 -37.47
C GLU B 319 -14.01 -35.43 -37.83
N PRO B 320 -13.71 -35.78 -39.08
CA PRO B 320 -13.64 -37.20 -39.41
C PRO B 320 -12.57 -37.95 -38.66
N VAL B 321 -11.34 -37.43 -38.67
CA VAL B 321 -10.23 -38.18 -38.10
C VAL B 321 -10.43 -38.32 -36.60
N LEU B 322 -10.95 -37.29 -35.95
CA LEU B 322 -11.32 -37.41 -34.56
C LEU B 322 -12.31 -38.54 -34.38
N ASN B 323 -13.50 -38.39 -34.95
CA ASN B 323 -14.59 -39.31 -34.65
C ASN B 323 -14.20 -40.75 -34.88
N GLU B 324 -13.36 -41.03 -35.85
CA GLU B 324 -12.97 -42.42 -36.06
C GLU B 324 -12.33 -43.13 -34.83
N ASP B 325 -11.52 -42.43 -34.03
CA ASP B 325 -10.88 -43.06 -32.86
C ASP B 325 -11.84 -43.62 -31.77
N ASP B 326 -11.51 -44.81 -31.27
CA ASP B 326 -12.29 -45.53 -30.25
C ASP B 326 -12.47 -45.03 -28.80
N LEU B 327 -11.40 -44.58 -28.14
CA LEU B 327 -11.52 -44.10 -26.76
C LEU B 327 -11.83 -42.62 -26.55
N ALA B 328 -11.12 -41.78 -27.27
CA ALA B 328 -11.23 -40.33 -27.18
C ALA B 328 -12.49 -39.60 -27.66
N PHE B 329 -13.06 -40.06 -28.76
CA PHE B 329 -14.15 -39.36 -29.43
C PHE B 329 -15.02 -40.52 -30.09
N GLY B 330 -15.68 -41.30 -29.21
CA GLY B 330 -16.50 -42.49 -29.33
C GLY B 330 -17.87 -42.10 -29.83
N GLY B 331 -18.68 -43.10 -30.14
CA GLY B 331 -19.92 -42.76 -30.81
C GLY B 331 -20.91 -42.02 -29.95
N GLU B 332 -21.48 -42.66 -28.95
CA GLU B 332 -22.25 -41.92 -27.95
C GLU B 332 -21.57 -41.88 -26.58
N ALA B 333 -20.55 -42.68 -26.35
CA ALA B 333 -20.02 -42.75 -25.00
C ALA B 333 -19.11 -41.59 -24.70
N ASN B 334 -18.24 -41.26 -25.65
CA ASN B 334 -17.19 -40.28 -25.46
C ASN B 334 -17.55 -38.90 -25.98
N LYS B 335 -18.77 -38.73 -26.49
CA LYS B 335 -19.20 -37.43 -26.96
C LYS B 335 -18.95 -36.33 -25.93
N HIS B 336 -18.82 -36.69 -24.66
CA HIS B 336 -18.56 -35.69 -23.65
C HIS B 336 -17.20 -35.06 -23.81
N HIS B 337 -16.35 -35.62 -24.66
CA HIS B 337 -15.08 -34.96 -24.95
C HIS B 337 -15.28 -33.75 -25.84
N TRP B 338 -16.25 -33.80 -26.73
CA TRP B 338 -16.46 -32.69 -27.64
C TRP B 338 -16.91 -31.42 -26.94
N GLU B 339 -17.38 -31.51 -25.70
CA GLU B 339 -17.64 -30.28 -24.97
C GLU B 339 -16.37 -29.72 -24.38
N ASP B 340 -15.54 -30.59 -23.83
CA ASP B 340 -14.22 -30.17 -23.38
C ASP B 340 -13.49 -29.46 -24.50
N LEU B 341 -13.35 -30.12 -25.65
CA LEU B 341 -12.57 -29.54 -26.73
C LEU B 341 -13.03 -28.12 -27.00
N GLN B 342 -14.34 -27.90 -27.01
CA GLN B 342 -14.83 -26.53 -27.12
C GLN B 342 -14.30 -25.67 -25.99
N LYS B 343 -14.34 -26.16 -24.76
CA LYS B 343 -13.79 -25.37 -23.67
C LYS B 343 -12.33 -25.01 -23.95
N ARG B 344 -11.47 -26.01 -24.15
CA ARG B 344 -10.07 -25.74 -24.43
C ARG B 344 -9.89 -24.73 -25.53
N VAL B 345 -10.76 -24.76 -26.53
CA VAL B 345 -10.64 -23.78 -27.58
C VAL B 345 -10.87 -22.39 -27.02
N ILE B 346 -11.96 -22.22 -26.28
CA ILE B 346 -12.25 -20.92 -25.69
C ILE B 346 -11.08 -20.45 -24.86
N GLU B 347 -10.68 -21.26 -23.88
CA GLU B 347 -9.51 -20.94 -23.10
C GLU B 347 -8.31 -20.64 -23.95
N HIS B 348 -8.23 -21.20 -25.14
CA HIS B 348 -7.08 -20.89 -25.97
C HIS B 348 -7.16 -19.49 -26.53
N ASN B 349 -8.25 -19.16 -27.21
CA ASN B 349 -8.33 -17.83 -27.80
C ASN B 349 -8.29 -16.77 -26.73
N LEU B 350 -9.10 -16.94 -25.70
CA LEU B 350 -9.06 -16.01 -24.59
C LEU B 350 -7.70 -15.99 -23.93
N ARG B 351 -6.94 -17.06 -24.07
CA ARG B 351 -5.62 -17.02 -23.50
C ARG B 351 -4.68 -16.20 -24.35
N VAL B 352 -4.83 -16.21 -25.67
CA VAL B 352 -3.88 -15.45 -26.48
C VAL B 352 -4.25 -13.98 -26.51
N ILE B 353 -5.54 -13.67 -26.64
CA ILE B 353 -5.93 -12.26 -26.70
C ILE B 353 -5.33 -11.53 -25.52
N SER B 354 -5.31 -12.16 -24.36
CA SER B 354 -4.61 -11.61 -23.22
C SER B 354 -3.17 -11.26 -23.53
N GLU B 355 -2.58 -11.88 -24.54
CA GLU B 355 -1.21 -11.53 -24.87
C GLU B 355 -1.17 -10.21 -25.63
N TYR B 356 -1.80 -10.15 -26.79
CA TYR B 356 -1.63 -8.99 -27.65
C TYR B 356 -2.42 -7.80 -27.13
N TYR B 357 -3.73 -7.88 -27.22
CA TYR B 357 -4.59 -6.76 -26.87
C TYR B 357 -4.30 -6.22 -25.49
N SER B 358 -4.12 -4.91 -25.39
CA SER B 358 -4.03 -4.30 -24.08
C SER B 358 -5.40 -4.00 -23.49
N ARG B 359 -6.30 -3.45 -24.29
CA ARG B 359 -7.70 -3.32 -23.92
C ARG B 359 -8.54 -3.93 -25.02
N ILE B 360 -9.76 -4.32 -24.69
CA ILE B 360 -10.70 -4.70 -25.74
C ILE B 360 -12.10 -4.55 -25.21
N THR B 361 -13.05 -4.38 -26.11
CA THR B 361 -14.42 -4.10 -25.76
C THR B 361 -15.17 -5.41 -25.63
N LEU B 362 -15.93 -5.57 -24.54
CA LEU B 362 -16.59 -6.84 -24.29
C LEU B 362 -17.35 -7.32 -25.50
N LEU B 363 -17.90 -6.40 -26.27
CA LEU B 363 -18.54 -6.80 -27.51
C LEU B 363 -17.55 -7.54 -28.40
N ARG B 364 -16.54 -6.83 -28.88
CA ARG B 364 -15.60 -7.42 -29.81
C ARG B 364 -15.00 -8.71 -29.26
N LEU B 365 -14.79 -8.77 -27.96
CA LEU B 365 -14.27 -9.99 -27.39
C LEU B 365 -15.27 -11.12 -27.50
N ASN B 366 -16.54 -10.84 -27.27
CA ASN B 366 -17.57 -11.85 -27.51
C ASN B 366 -17.53 -12.32 -28.95
N GLU B 367 -17.52 -11.37 -29.88
CA GLU B 367 -17.45 -11.71 -31.28
C GLU B 367 -16.28 -12.64 -31.57
N LEU B 368 -15.11 -12.32 -31.03
CA LEU B 368 -13.94 -13.16 -31.28
C LEU B 368 -14.10 -14.53 -30.66
N LEU B 369 -14.85 -14.64 -29.58
CA LEU B 369 -15.01 -15.93 -28.95
C LEU B 369 -16.29 -16.65 -29.31
N ASP B 370 -17.18 -16.02 -30.08
CA ASP B 370 -18.47 -16.62 -30.39
C ASP B 370 -19.18 -17.05 -29.12
N LEU B 371 -19.35 -16.10 -28.21
CA LEU B 371 -19.95 -16.40 -26.93
C LEU B 371 -20.95 -15.32 -26.58
N THR B 372 -21.48 -15.39 -25.37
CA THR B 372 -22.32 -14.36 -24.82
C THR B 372 -21.65 -13.75 -23.58
N GLU B 373 -22.30 -12.74 -23.03
CA GLU B 373 -21.67 -11.95 -21.99
C GLU B 373 -21.57 -12.74 -20.70
N SER B 374 -22.68 -13.34 -20.26
CA SER B 374 -22.64 -14.22 -19.10
C SER B 374 -21.53 -15.24 -19.26
N GLN B 375 -21.53 -15.93 -20.39
CA GLN B 375 -20.44 -16.84 -20.72
C GLN B 375 -19.10 -16.15 -20.58
N THR B 376 -18.85 -15.14 -21.40
CA THR B 376 -17.54 -14.49 -21.39
C THR B 376 -17.07 -14.22 -19.98
N GLU B 377 -17.79 -13.36 -19.27
CA GLU B 377 -17.41 -13.01 -17.91
C GLU B 377 -17.21 -14.26 -17.06
N THR B 378 -17.91 -15.34 -17.38
CA THR B 378 -17.68 -16.57 -16.64
C THR B 378 -16.32 -17.16 -16.96
N TYR B 379 -15.94 -17.18 -18.25
CA TYR B 379 -14.62 -17.71 -18.60
C TYR B 379 -13.51 -16.82 -18.07
N ILE B 380 -13.61 -15.52 -18.29
CA ILE B 380 -12.62 -14.62 -17.73
C ILE B 380 -12.48 -14.87 -16.24
N SER B 381 -13.61 -14.95 -15.55
CA SER B 381 -13.59 -15.26 -14.12
C SER B 381 -12.80 -16.52 -13.86
N ASP B 382 -13.05 -17.55 -14.64
CA ASP B 382 -12.33 -18.81 -14.48
C ASP B 382 -10.84 -18.56 -14.62
N LEU B 383 -10.40 -18.27 -15.85
CA LEU B 383 -8.97 -18.13 -16.11
C LEU B 383 -8.27 -17.28 -15.06
N VAL B 384 -8.89 -16.17 -14.66
CA VAL B 384 -8.20 -15.32 -13.71
C VAL B 384 -8.14 -15.99 -12.35
N ASN B 385 -9.14 -16.80 -12.00
CA ASN B 385 -9.06 -17.51 -10.75
C ASN B 385 -7.90 -18.48 -10.73
N GLN B 386 -7.55 -19.07 -11.86
CA GLN B 386 -6.35 -19.89 -11.88
C GLN B 386 -5.09 -19.07 -12.11
N GLY B 387 -5.22 -17.76 -12.24
CA GLY B 387 -4.04 -16.96 -12.49
C GLY B 387 -3.39 -17.25 -13.81
N ILE B 388 -4.13 -17.80 -14.77
CA ILE B 388 -3.54 -18.04 -16.07
C ILE B 388 -3.34 -16.74 -16.82
N ILE B 389 -4.32 -15.86 -16.80
CA ILE B 389 -4.23 -14.58 -17.47
C ILE B 389 -4.40 -13.51 -16.42
N TYR B 390 -3.99 -12.30 -16.75
CA TYR B 390 -4.29 -11.16 -15.91
C TYR B 390 -5.19 -10.25 -16.72
N ALA B 391 -6.46 -10.24 -16.38
CA ALA B 391 -7.45 -9.48 -17.10
C ALA B 391 -8.38 -8.88 -16.08
N LYS B 392 -8.74 -7.63 -16.24
CA LYS B 392 -9.65 -7.06 -15.27
C LYS B 392 -10.73 -6.30 -16.00
N VAL B 393 -11.97 -6.68 -15.71
CA VAL B 393 -13.13 -6.27 -16.48
C VAL B 393 -13.66 -5.01 -15.85
N ASN B 394 -13.59 -3.91 -16.59
CA ASN B 394 -14.42 -2.78 -16.24
C ASN B 394 -15.79 -3.15 -16.74
N ARG B 395 -16.67 -3.43 -15.79
CA ARG B 395 -17.89 -4.20 -15.94
C ARG B 395 -19.04 -3.54 -16.66
N PRO B 396 -19.38 -2.29 -16.39
CA PRO B 396 -20.64 -1.78 -16.93
C PRO B 396 -20.59 -1.72 -18.46
N ALA B 397 -20.76 -2.92 -19.05
CA ALA B 397 -20.94 -3.14 -20.47
C ALA B 397 -19.78 -2.59 -21.29
N LYS B 398 -18.58 -2.63 -20.74
CA LYS B 398 -17.52 -1.95 -21.47
C LYS B 398 -16.24 -2.65 -21.87
N ILE B 399 -15.33 -2.90 -20.93
CA ILE B 399 -13.97 -3.06 -21.39
C ILE B 399 -13.22 -4.06 -20.55
N VAL B 400 -12.61 -5.00 -21.18
CA VAL B 400 -11.63 -5.84 -20.53
C VAL B 400 -10.29 -5.15 -20.68
N ASN B 401 -9.50 -5.19 -19.61
CA ASN B 401 -8.19 -4.55 -19.59
C ASN B 401 -7.14 -5.61 -19.28
N PHE B 402 -6.28 -5.92 -20.25
CA PHE B 402 -5.33 -7.02 -20.10
C PHE B 402 -3.92 -6.60 -19.74
N GLU B 403 -3.65 -5.33 -19.53
CA GLU B 403 -2.28 -4.95 -19.21
C GLU B 403 -2.00 -5.16 -17.74
N LYS B 404 -0.84 -5.70 -17.44
CA LYS B 404 -0.47 -5.84 -16.05
C LYS B 404 0.03 -4.48 -15.58
N PRO B 405 -0.71 -3.80 -14.71
CA PRO B 405 -0.35 -2.42 -14.41
C PRO B 405 1.00 -2.41 -13.71
N LYS B 406 1.91 -1.59 -14.23
CA LYS B 406 3.29 -1.64 -13.80
C LYS B 406 3.54 -0.39 -12.97
N ASN B 407 4.24 -0.58 -11.85
CA ASN B 407 4.55 0.54 -10.99
C ASN B 407 5.40 1.54 -11.76
N SER B 408 4.97 2.79 -11.80
CA SER B 408 5.60 3.76 -12.70
C SER B 408 7.11 3.77 -12.54
N SER B 409 7.62 3.56 -11.33
CA SER B 409 9.06 3.43 -11.16
C SER B 409 9.58 2.21 -11.88
N GLN B 410 8.76 1.17 -12.02
CA GLN B 410 9.22 0.01 -12.76
C GLN B 410 9.23 0.30 -14.25
N LEU B 411 8.26 1.07 -14.73
CA LEU B 411 8.34 1.59 -16.10
C LEU B 411 9.61 2.38 -16.31
N LEU B 412 9.98 3.18 -15.33
CA LEU B 412 11.21 3.94 -15.47
C LEU B 412 12.40 3.00 -15.57
N ASN B 413 12.62 2.18 -14.54
CA ASN B 413 13.74 1.26 -14.58
C ASN B 413 13.78 0.48 -15.87
N GLU B 414 12.63 0.30 -16.52
CA GLU B 414 12.69 -0.15 -17.90
C GLU B 414 13.37 0.89 -18.78
N TRP B 415 12.83 2.09 -18.82
CA TRP B 415 13.26 3.04 -19.84
C TRP B 415 14.71 3.44 -19.67
N SER B 416 15.22 3.47 -18.44
CA SER B 416 16.65 3.69 -18.30
C SER B 416 17.41 2.64 -19.08
N HIS B 417 17.29 1.37 -18.69
CA HIS B 417 18.05 0.32 -19.35
C HIS B 417 17.94 0.41 -20.86
N ASN B 418 16.74 0.70 -21.37
CA ASN B 418 16.68 0.97 -22.80
C ASN B 418 17.70 2.03 -23.19
N VAL B 419 17.72 3.15 -22.46
CA VAL B 419 18.65 4.22 -22.82
C VAL B 419 20.08 3.73 -22.76
N ASP B 420 20.45 3.03 -21.69
CA ASP B 420 21.84 2.66 -21.54
C ASP B 420 22.27 1.72 -22.65
N GLU B 421 21.49 0.67 -22.92
CA GLU B 421 21.88 -0.23 -23.99
C GLU B 421 21.95 0.49 -25.33
N LEU B 422 21.10 1.48 -25.52
CA LEU B 422 21.24 2.37 -26.67
C LEU B 422 22.64 2.94 -26.74
N LEU B 423 23.00 3.72 -25.72
CA LEU B 423 24.30 4.38 -25.75
C LEU B 423 25.42 3.39 -25.99
N GLU B 424 25.35 2.23 -25.35
CA GLU B 424 26.39 1.24 -25.61
C GLU B 424 26.47 0.91 -27.09
N HIS B 425 25.32 0.78 -27.74
CA HIS B 425 25.35 0.50 -29.17
C HIS B 425 26.01 1.62 -29.94
N ILE B 426 25.60 2.86 -29.72
CA ILE B 426 26.23 3.92 -30.53
C ILE B 426 27.71 3.98 -30.26
N GLU B 427 28.14 3.58 -29.06
CA GLU B 427 29.56 3.50 -28.79
C GLU B 427 30.23 2.49 -29.71
N THR B 428 29.73 1.26 -29.70
CA THR B 428 30.30 0.26 -30.60
C THR B 428 30.30 0.75 -32.04
N ILE B 429 29.20 1.32 -32.47
CA ILE B 429 29.15 1.90 -33.81
C ILE B 429 30.24 2.92 -33.98
N GLY B 430 30.65 3.55 -32.88
CA GLY B 430 31.81 4.42 -32.98
C GLY B 430 33.07 3.63 -33.27
N HIS B 431 33.42 2.67 -32.40
CA HIS B 431 34.69 1.98 -32.57
C HIS B 431 34.78 1.35 -33.94
N LEU B 432 33.74 0.63 -34.33
CA LEU B 432 33.67 0.16 -35.70
C LEU B 432 33.89 1.30 -36.66
N ILE B 433 33.06 2.33 -36.54
CA ILE B 433 32.93 3.28 -37.62
C ILE B 433 34.26 3.94 -37.90
N THR B 434 35.09 4.07 -36.86
CA THR B 434 36.51 4.33 -37.08
C THR B 434 37.15 3.19 -37.84
N LYS B 435 36.96 1.97 -37.35
CA LYS B 435 37.80 0.86 -37.79
C LYS B 435 37.70 0.62 -39.30
N GLU B 436 36.56 0.90 -39.91
CA GLU B 436 36.41 0.47 -41.30
C GLU B 436 37.26 1.30 -42.24
N GLU B 437 37.35 2.61 -42.02
CA GLU B 437 38.18 3.43 -42.88
C GLU B 437 39.61 2.91 -42.89
N ILE B 438 40.16 2.63 -41.71
CA ILE B 438 41.45 1.94 -41.64
C ILE B 438 41.41 0.68 -42.48
N MET B 439 40.45 -0.20 -42.22
CA MET B 439 40.31 -1.42 -43.00
C MET B 439 40.15 -1.13 -44.48
N HIS B 440 39.72 0.07 -44.82
CA HIS B 440 39.31 0.30 -46.18
C HIS B 440 39.72 1.70 -46.66
N GLN C 54 -43.76 -53.77 57.37
CA GLN C 54 -42.39 -53.43 57.01
C GLN C 54 -42.36 -52.33 55.93
N GLU C 55 -41.18 -52.13 55.34
CA GLU C 55 -41.02 -51.07 54.36
C GLU C 55 -41.72 -51.38 53.05
N THR C 56 -42.08 -52.64 52.82
CA THR C 56 -42.66 -53.04 51.54
C THR C 56 -44.01 -52.37 51.30
N SER C 57 -44.75 -52.02 52.35
CA SER C 57 -45.98 -51.27 52.17
C SER C 57 -45.78 -49.77 52.38
N ILE C 58 -44.55 -49.33 52.63
CA ILE C 58 -44.25 -47.93 52.88
C ILE C 58 -43.22 -47.43 51.88
N LEU C 59 -42.03 -48.04 51.87
CA LEU C 59 -41.05 -47.71 50.84
C LEU C 59 -41.62 -47.86 49.44
N GLU C 60 -42.57 -48.79 49.25
CA GLU C 60 -43.30 -48.83 47.99
C GLU C 60 -44.36 -47.74 47.88
N LEU C 61 -44.59 -46.95 48.92
CA LEU C 61 -45.43 -45.77 48.72
C LEU C 61 -44.63 -44.65 48.04
N GLY C 62 -43.44 -44.34 48.58
CA GLY C 62 -42.59 -43.37 47.94
C GLY C 62 -42.11 -43.84 46.58
N GLN C 63 -41.58 -45.06 46.52
CA GLN C 63 -41.21 -45.66 45.25
C GLN C 63 -42.41 -45.73 44.31
N LEU C 64 -43.58 -46.07 44.84
CA LEU C 64 -44.77 -46.27 44.01
C LEU C 64 -45.37 -44.95 43.55
N TYR C 65 -44.98 -43.82 44.13
CA TYR C 65 -45.38 -42.53 43.58
C TYR C 65 -44.31 -41.91 42.70
N VAL C 66 -43.17 -42.58 42.52
CA VAL C 66 -42.19 -42.12 41.54
C VAL C 66 -42.74 -42.26 40.14
N THR C 67 -43.52 -43.31 39.88
CA THR C 67 -44.18 -43.44 38.59
C THR C 67 -45.24 -42.35 38.41
N MET C 68 -45.86 -41.91 39.50
CA MET C 68 -46.85 -40.85 39.41
C MET C 68 -46.21 -39.55 38.92
N GLY C 69 -45.21 -39.07 39.64
CA GLY C 69 -44.40 -37.96 39.16
C GLY C 69 -44.78 -36.58 39.67
N ALA C 70 -45.79 -36.47 40.53
CA ALA C 70 -46.17 -35.15 41.02
C ALA C 70 -45.07 -34.60 41.90
N LYS C 71 -44.51 -33.45 41.53
CA LYS C 71 -43.18 -33.06 41.99
C LYS C 71 -43.19 -32.60 43.44
N ASP C 72 -43.96 -31.55 43.73
CA ASP C 72 -43.90 -30.89 45.04
C ASP C 72 -43.91 -31.87 46.20
N LYS C 73 -44.69 -32.95 46.10
CA LYS C 73 -44.66 -33.96 47.15
C LYS C 73 -43.43 -34.87 47.03
N LEU C 74 -43.01 -35.19 45.81
CA LEU C 74 -41.76 -35.93 45.62
C LEU C 74 -40.60 -35.20 46.30
N ARG C 75 -40.68 -33.88 46.37
CA ARG C 75 -39.77 -33.10 47.20
C ARG C 75 -39.90 -33.49 48.66
N GLU C 76 -41.09 -33.90 49.08
CA GLU C 76 -41.35 -34.24 50.47
C GLU C 76 -41.24 -35.73 50.75
N PHE C 77 -40.89 -36.54 49.74
CA PHE C 77 -40.67 -37.97 50.01
C PHE C 77 -39.30 -38.22 50.63
N ILE C 78 -38.28 -37.50 50.19
CA ILE C 78 -36.95 -37.64 50.79
C ILE C 78 -36.97 -37.28 52.28
N PRO C 79 -37.70 -36.25 52.72
CA PRO C 79 -37.94 -36.10 54.17
C PRO C 79 -38.56 -37.33 54.81
N HIS C 80 -39.31 -38.14 54.05
CA HIS C 80 -39.81 -39.39 54.60
C HIS C 80 -38.73 -40.47 54.62
N SER C 81 -37.92 -40.54 53.56
CA SER C 81 -36.80 -41.47 53.57
C SER C 81 -35.77 -41.12 54.63
N THR C 82 -35.82 -39.91 55.17
CA THR C 82 -35.15 -39.60 56.43
C THR C 82 -35.99 -40.11 57.60
N GLU C 83 -37.21 -39.58 57.72
CA GLU C 83 -38.13 -39.94 58.80
C GLU C 83 -38.29 -41.46 58.93
N TYR C 84 -38.67 -42.14 57.85
CA TYR C 84 -39.10 -43.53 57.92
C TYR C 84 -37.92 -44.50 57.83
N MET C 85 -37.16 -44.44 56.72
CA MET C 85 -36.16 -45.46 56.40
C MET C 85 -35.26 -45.81 57.59
N MET C 86 -35.08 -44.89 58.53
CA MET C 86 -34.22 -45.12 59.67
C MET C 86 -34.88 -45.88 60.80
N GLN C 87 -36.22 -46.02 60.81
CA GLN C 87 -36.85 -46.59 62.00
C GLN C 87 -36.72 -48.10 62.07
N PHE C 88 -36.50 -48.77 60.94
CA PHE C 88 -36.14 -50.19 60.99
C PHE C 88 -34.67 -50.39 61.32
N ALA C 89 -33.80 -49.59 60.72
CA ALA C 89 -32.39 -49.55 61.06
C ALA C 89 -31.96 -48.09 61.13
N LYS C 90 -31.48 -47.66 62.29
CA LYS C 90 -31.06 -46.27 62.45
C LYS C 90 -29.77 -45.96 61.70
N SER C 91 -29.14 -46.95 61.08
CA SER C 91 -27.92 -46.72 60.33
C SER C 91 -28.22 -45.84 59.12
N LYS C 92 -27.15 -45.29 58.54
CA LYS C 92 -27.26 -44.31 57.48
C LYS C 92 -28.18 -44.80 56.37
N THR C 93 -29.13 -43.95 56.01
CA THR C 93 -29.95 -44.16 54.83
C THR C 93 -29.43 -43.36 53.64
N VAL C 94 -28.30 -42.68 53.80
CA VAL C 94 -27.73 -41.85 52.74
C VAL C 94 -27.50 -42.65 51.47
N LYS C 95 -27.45 -43.98 51.57
CA LYS C 95 -27.51 -44.81 50.38
C LYS C 95 -28.91 -44.76 49.77
N VAL C 96 -29.93 -45.09 50.55
CA VAL C 96 -31.32 -44.98 50.09
C VAL C 96 -31.67 -43.52 49.83
N LEU C 97 -31.23 -42.63 50.73
CA LEU C 97 -31.45 -41.20 50.52
C LEU C 97 -30.90 -40.75 49.18
N LYS C 98 -29.60 -40.97 48.95
CA LYS C 98 -28.95 -40.51 47.72
C LYS C 98 -29.61 -41.12 46.49
N THR C 99 -29.84 -42.44 46.52
CA THR C 99 -30.45 -43.12 45.39
C THR C 99 -31.83 -42.54 45.07
N LEU C 100 -32.64 -42.28 46.10
CA LEU C 100 -33.94 -41.67 45.86
C LEU C 100 -33.82 -40.22 45.43
N ILE C 101 -32.75 -39.54 45.86
CA ILE C 101 -32.49 -38.17 45.41
C ILE C 101 -32.31 -38.14 43.91
N GLU C 102 -31.45 -39.03 43.40
CA GLU C 102 -31.29 -39.13 41.95
C GLU C 102 -32.55 -39.66 41.30
N LYS C 103 -33.35 -40.45 42.02
CA LYS C 103 -34.60 -40.97 41.47
C LYS C 103 -35.61 -39.85 41.24
N PHE C 104 -35.65 -38.86 42.14
CA PHE C 104 -36.50 -37.70 41.95
C PHE C 104 -35.87 -36.63 41.07
N GLU C 105 -34.54 -36.65 40.94
CA GLU C 105 -33.85 -35.69 40.09
C GLU C 105 -33.91 -36.10 38.63
N GLN C 106 -33.88 -37.40 38.35
CA GLN C 106 -34.08 -37.93 37.01
C GLN C 106 -35.52 -37.84 36.55
N VAL C 107 -36.43 -37.39 37.41
CA VAL C 107 -37.81 -37.09 37.01
C VAL C 107 -37.77 -36.21 35.78
N PRO C 108 -38.62 -36.45 34.78
CA PRO C 108 -38.60 -35.62 33.57
C PRO C 108 -38.63 -34.14 33.91
N ASP C 109 -37.95 -33.37 33.08
CA ASP C 109 -37.61 -31.95 33.17
C ASP C 109 -36.88 -31.61 34.47
N SER C 110 -37.24 -30.52 35.13
CA SER C 110 -36.69 -30.17 36.43
C SER C 110 -37.50 -29.02 37.00
N LEU C 111 -37.40 -28.85 38.31
CA LEU C 111 -38.17 -27.82 39.00
C LEU C 111 -37.40 -27.36 40.24
N ASP C 112 -37.83 -26.21 40.76
CA ASP C 112 -37.25 -25.66 41.98
C ASP C 112 -37.38 -26.62 43.16
N ASP C 113 -38.31 -27.56 43.08
CA ASP C 113 -38.54 -28.49 44.18
C ASP C 113 -37.32 -29.38 44.39
N GLN C 114 -36.69 -29.82 43.29
CA GLN C 114 -35.49 -30.63 43.42
C GLN C 114 -34.35 -29.85 44.05
N ILE C 115 -34.34 -28.53 43.83
CA ILE C 115 -33.42 -27.66 44.55
C ILE C 115 -33.72 -27.69 46.04
N PHE C 116 -35.01 -27.53 46.39
CA PHE C 116 -35.40 -27.38 47.78
C PHE C 116 -35.10 -28.64 48.57
N VAL C 117 -35.39 -29.81 47.99
CA VAL C 117 -35.24 -31.06 48.74
C VAL C 117 -33.78 -31.34 49.05
N CYS C 118 -32.86 -30.97 48.15
CA CYS C 118 -31.45 -31.17 48.43
C CYS C 118 -30.86 -30.06 49.29
N GLU C 119 -31.48 -28.88 49.31
CA GLU C 119 -31.12 -27.92 50.35
C GLU C 119 -31.52 -28.44 51.73
N LYS C 120 -32.71 -29.01 51.84
CA LYS C 120 -33.06 -29.74 53.04
C LYS C 120 -32.20 -30.99 53.21
N SER C 121 -31.50 -31.41 52.17
CA SER C 121 -30.48 -32.45 52.35
C SER C 121 -29.26 -31.89 53.04
N ILE C 122 -28.87 -30.66 52.72
CA ILE C 122 -27.88 -30.00 53.58
C ILE C 122 -28.41 -29.92 55.00
N GLU C 123 -29.69 -29.56 55.16
CA GLU C 123 -30.32 -29.58 56.47
C GLU C 123 -30.12 -30.92 57.16
N PHE C 124 -30.26 -32.03 56.43
CA PHE C 124 -30.08 -33.34 57.02
C PHE C 124 -28.62 -33.58 57.39
N ALA C 125 -27.71 -33.36 56.45
CA ALA C 125 -26.29 -33.62 56.68
C ALA C 125 -25.76 -32.85 57.87
N LYS C 126 -26.31 -31.66 58.14
CA LYS C 126 -25.91 -30.96 59.35
C LYS C 126 -26.81 -31.25 60.55
N ARG C 127 -27.96 -31.91 60.35
CA ARG C 127 -28.65 -32.51 61.49
C ARG C 127 -27.87 -33.71 62.01
N GLU C 128 -27.13 -34.38 61.13
CA GLU C 128 -26.13 -35.36 61.51
C GLU C 128 -24.75 -34.75 61.68
N LYS C 129 -24.58 -33.49 61.28
CA LYS C 129 -23.29 -32.79 61.34
C LYS C 129 -22.20 -33.56 60.58
N ARG C 130 -22.38 -33.56 59.26
CA ARG C 130 -21.45 -34.22 58.36
C ARG C 130 -20.97 -33.22 57.33
N VAL C 131 -19.68 -32.88 57.38
CA VAL C 131 -19.14 -32.03 56.34
C VAL C 131 -18.94 -32.81 55.04
N PHE C 132 -18.78 -34.13 55.14
CA PHE C 132 -18.60 -34.94 53.94
C PHE C 132 -19.79 -34.81 53.01
N LEU C 133 -21.00 -34.93 53.55
CA LEU C 133 -22.19 -34.79 52.73
C LEU C 133 -22.75 -33.38 52.70
N LYS C 134 -22.26 -32.46 53.53
CA LYS C 134 -22.58 -31.07 53.20
C LYS C 134 -21.81 -30.65 51.96
N HIS C 135 -20.60 -31.15 51.80
CA HIS C 135 -19.81 -30.84 50.62
C HIS C 135 -20.25 -31.66 49.40
N SER C 136 -20.54 -32.95 49.61
CA SER C 136 -21.02 -33.76 48.50
C SER C 136 -22.43 -33.35 48.09
N LEU C 137 -23.34 -33.24 49.06
CA LEU C 137 -24.63 -32.63 48.78
C LEU C 137 -24.48 -31.22 48.25
N SER C 138 -23.32 -30.58 48.44
CA SER C 138 -23.05 -29.31 47.77
C SER C 138 -22.69 -29.50 46.31
N ILE C 139 -22.05 -30.61 45.93
CA ILE C 139 -22.00 -30.97 44.52
C ILE C 139 -23.40 -31.14 43.99
N LYS C 140 -24.20 -31.97 44.68
CA LYS C 140 -25.56 -32.26 44.25
C LYS C 140 -26.33 -30.97 43.97
N LEU C 141 -26.38 -30.10 44.97
CA LEU C 141 -26.99 -28.79 44.78
C LEU C 141 -26.37 -28.07 43.59
N ALA C 142 -25.05 -27.88 43.62
CA ALA C 142 -24.36 -27.12 42.58
C ALA C 142 -24.79 -27.56 41.18
N THR C 143 -24.87 -28.87 40.96
CA THR C 143 -25.42 -29.37 39.71
C THR C 143 -26.86 -28.91 39.52
N LEU C 144 -27.69 -29.05 40.56
CA LEU C 144 -29.05 -28.56 40.49
C LEU C 144 -29.10 -27.09 40.08
N HIS C 145 -28.04 -26.36 40.40
CA HIS C 145 -27.94 -24.94 40.13
C HIS C 145 -27.20 -24.65 38.84
N TYR C 146 -26.72 -25.66 38.14
CA TYR C 146 -26.48 -25.48 36.72
C TYR C 146 -27.65 -25.97 35.87
N GLN C 147 -28.59 -26.71 36.46
CA GLN C 147 -29.72 -27.23 35.67
C GLN C 147 -30.46 -26.12 34.93
N LYS C 148 -30.58 -24.95 35.55
CA LYS C 148 -31.29 -23.82 34.97
C LYS C 148 -30.36 -22.81 34.29
N LYS C 149 -29.05 -23.07 34.26
CA LYS C 149 -28.07 -22.01 34.03
C LYS C 149 -28.30 -20.88 35.03
N GLN C 150 -28.68 -21.28 36.24
CA GLN C 150 -28.74 -20.40 37.39
C GLN C 150 -27.41 -20.35 38.12
N TYR C 151 -26.36 -20.89 37.50
CA TYR C 151 -25.07 -21.08 38.13
C TYR C 151 -24.49 -19.82 38.73
N LYS C 152 -25.08 -18.65 38.44
CA LYS C 152 -24.82 -17.49 39.28
C LYS C 152 -25.06 -17.82 40.75
N ASP C 153 -25.99 -18.75 41.02
CA ASP C 153 -26.18 -19.21 42.40
C ASP C 153 -25.13 -20.24 42.78
N SER C 154 -24.90 -21.25 41.94
CA SER C 154 -23.76 -22.12 42.18
C SER C 154 -22.44 -21.42 41.92
N LEU C 155 -22.47 -20.19 41.39
CA LEU C 155 -21.31 -19.33 41.49
C LEU C 155 -20.91 -19.14 42.95
N ALA C 156 -21.85 -18.71 43.77
CA ALA C 156 -21.57 -18.50 45.19
C ALA C 156 -21.42 -19.83 45.92
N LEU C 157 -22.28 -20.80 45.61
CA LEU C 157 -22.25 -22.06 46.33
C LEU C 157 -20.97 -22.83 46.04
N ILE C 158 -20.55 -22.83 44.78
CA ILE C 158 -19.31 -23.49 44.40
C ILE C 158 -18.10 -22.69 44.85
N ASN C 159 -18.13 -21.37 44.69
CA ASN C 159 -17.02 -20.56 45.18
C ASN C 159 -16.88 -20.65 46.70
N ASP C 160 -17.93 -21.10 47.39
CA ASP C 160 -17.79 -21.55 48.76
C ASP C 160 -17.25 -22.97 48.83
N LEU C 161 -17.61 -23.80 47.85
CA LEU C 161 -17.26 -25.21 47.87
C LEU C 161 -15.85 -25.47 47.36
N LEU C 162 -15.12 -24.41 46.98
CA LEU C 162 -13.82 -24.62 46.35
C LEU C 162 -12.80 -25.15 47.35
N ARG C 163 -12.85 -24.68 48.60
CA ARG C 163 -11.99 -25.21 49.65
C ARG C 163 -12.65 -26.35 50.43
N GLU C 164 -13.95 -26.58 50.22
CA GLU C 164 -14.63 -27.56 51.05
C GLU C 164 -14.20 -28.98 50.74
N PHE C 165 -13.81 -29.26 49.50
CA PHE C 165 -13.33 -30.59 49.17
C PHE C 165 -11.87 -30.79 49.53
N LYS C 166 -11.02 -29.82 49.26
CA LYS C 166 -9.61 -30.01 49.57
C LYS C 166 -9.28 -29.73 51.02
N LYS C 167 -10.26 -29.28 51.82
CA LYS C 167 -10.12 -29.45 53.27
C LYS C 167 -10.40 -30.89 53.64
N LEU C 168 -11.32 -31.54 52.93
CA LEU C 168 -11.54 -32.96 53.06
C LEU C 168 -10.57 -33.79 52.23
N ASP C 169 -9.89 -33.17 51.26
CA ASP C 169 -9.16 -33.89 50.21
C ASP C 169 -10.08 -34.91 49.53
N ASP C 170 -11.30 -34.49 49.21
CA ASP C 170 -12.24 -35.41 48.57
C ASP C 170 -11.97 -35.26 47.09
N LYS C 171 -11.24 -36.22 46.55
CA LYS C 171 -10.63 -36.12 45.23
C LYS C 171 -11.67 -36.19 44.10
N PRO C 172 -12.61 -37.16 44.11
CA PRO C 172 -13.58 -37.20 43.02
C PRO C 172 -14.40 -35.94 43.02
N SER C 173 -14.56 -35.36 44.21
CA SER C 173 -15.25 -34.10 44.40
C SER C 173 -14.41 -32.91 43.91
N LEU C 174 -13.08 -33.01 43.99
CA LEU C 174 -12.26 -31.99 43.34
C LEU C 174 -12.49 -31.95 41.84
N VAL C 175 -12.38 -33.08 41.15
CA VAL C 175 -12.58 -33.02 39.71
C VAL C 175 -14.05 -32.79 39.39
N ASP C 176 -14.93 -33.12 40.33
CA ASP C 176 -16.32 -32.71 40.21
C ASP C 176 -16.43 -31.19 40.13
N VAL C 177 -15.73 -30.49 41.03
CA VAL C 177 -15.66 -29.05 40.96
C VAL C 177 -15.11 -28.64 39.61
N HIS C 178 -13.81 -28.86 39.40
CA HIS C 178 -13.15 -28.26 38.24
C HIS C 178 -13.88 -28.58 36.95
N LEU C 179 -14.49 -29.76 36.87
CA LEU C 179 -15.51 -30.02 35.85
C LEU C 179 -16.59 -28.94 35.89
N LEU C 180 -17.33 -28.89 37.00
CA LEU C 180 -18.56 -28.12 37.02
C LEU C 180 -18.26 -26.64 36.97
N GLU C 181 -17.58 -26.14 38.01
CA GLU C 181 -17.02 -24.79 38.02
C GLU C 181 -16.34 -24.41 36.71
N SER C 182 -15.46 -25.28 36.20
CA SER C 182 -14.79 -24.94 34.94
C SER C 182 -15.81 -24.70 33.83
N LYS C 183 -16.89 -25.48 33.83
CA LYS C 183 -17.98 -25.21 32.89
C LYS C 183 -18.78 -23.97 33.28
N VAL C 184 -18.76 -23.60 34.56
CA VAL C 184 -19.50 -22.43 35.03
C VAL C 184 -18.86 -21.15 34.52
N TYR C 185 -17.55 -21.00 34.76
CA TYR C 185 -16.86 -19.82 34.25
C TYR C 185 -16.60 -19.95 32.76
N HIS C 186 -16.43 -21.17 32.26
CA HIS C 186 -16.38 -21.35 30.82
C HIS C 186 -17.68 -20.89 30.17
N LYS C 187 -18.79 -21.03 30.89
CA LYS C 187 -20.06 -20.51 30.43
C LYS C 187 -20.19 -19.03 30.70
N LEU C 188 -19.33 -18.49 31.56
CA LEU C 188 -19.31 -17.09 31.93
C LEU C 188 -18.42 -16.28 30.98
N ARG C 189 -17.98 -16.89 29.89
CA ARG C 189 -17.10 -16.26 28.90
C ARG C 189 -15.73 -15.95 29.49
N ASN C 190 -15.17 -16.94 30.19
CA ASN C 190 -13.73 -16.98 30.43
C ASN C 190 -13.22 -18.38 30.19
N LEU C 191 -12.34 -18.53 29.21
CA LEU C 191 -11.63 -19.78 29.02
C LEU C 191 -10.23 -19.77 29.60
N ALA C 192 -9.76 -18.63 30.11
CA ALA C 192 -8.46 -18.60 30.77
C ALA C 192 -8.50 -19.30 32.12
N LYS C 193 -9.40 -18.86 33.00
CA LYS C 193 -9.51 -19.48 34.31
C LYS C 193 -10.29 -20.78 34.25
N SER C 194 -11.24 -20.89 33.35
CA SER C 194 -11.90 -22.18 33.16
C SER C 194 -10.91 -23.21 32.64
N LYS C 195 -10.14 -22.85 31.62
CA LYS C 195 -9.09 -23.73 31.13
C LYS C 195 -8.10 -24.08 32.24
N ALA C 196 -7.67 -23.08 33.00
CA ALA C 196 -6.79 -23.35 34.13
C ALA C 196 -7.43 -24.31 35.12
N SER C 197 -8.76 -24.27 35.23
CA SER C 197 -9.44 -25.11 36.20
C SER C 197 -9.55 -26.55 35.71
N LEU C 198 -9.85 -26.77 34.44
CA LEU C 198 -9.75 -28.11 33.90
C LEU C 198 -8.32 -28.65 34.04
N THR C 199 -7.33 -27.84 33.70
CA THR C 199 -5.97 -28.27 33.90
C THR C 199 -5.64 -28.48 35.38
N ALA C 200 -6.45 -27.91 36.28
CA ALA C 200 -6.32 -28.26 37.69
C ALA C 200 -6.99 -29.58 38.00
N ALA C 201 -7.98 -29.96 37.18
CA ALA C 201 -8.60 -31.27 37.36
C ALA C 201 -7.72 -32.38 36.78
N ARG C 202 -6.97 -32.08 35.71
CA ARG C 202 -6.14 -33.10 35.08
C ARG C 202 -5.16 -33.71 36.08
N THR C 203 -4.31 -32.88 36.67
CA THR C 203 -3.41 -33.36 37.73
C THR C 203 -4.20 -34.07 38.81
N ALA C 204 -5.27 -33.45 39.30
CA ALA C 204 -6.19 -34.14 40.18
C ALA C 204 -6.61 -35.46 39.56
N ALA C 205 -7.13 -35.44 38.33
CA ALA C 205 -7.61 -36.67 37.69
C ALA C 205 -6.57 -37.78 37.75
N ASN C 206 -5.28 -37.42 37.69
CA ASN C 206 -4.25 -38.42 37.93
C ASN C 206 -4.20 -38.80 39.40
N SER C 207 -4.59 -37.87 40.28
CA SER C 207 -4.47 -38.13 41.71
C SER C 207 -5.77 -38.67 42.30
N ILE C 208 -6.78 -38.91 41.45
CA ILE C 208 -8.09 -39.36 41.87
C ILE C 208 -8.47 -40.50 40.95
N TYR C 209 -9.51 -41.24 41.30
CA TYR C 209 -10.07 -42.21 40.36
C TYR C 209 -11.59 -42.19 40.43
N CYS C 210 -12.20 -42.00 39.27
CA CYS C 210 -13.59 -41.63 39.12
C CYS C 210 -14.19 -42.38 37.95
N PRO C 211 -15.52 -42.51 37.89
CA PRO C 211 -16.14 -43.26 36.80
C PRO C 211 -15.81 -42.65 35.45
N THR C 212 -15.60 -43.54 34.47
CA THR C 212 -15.03 -43.14 33.19
C THR C 212 -15.79 -41.98 32.57
N GLN C 213 -17.10 -41.89 32.86
CA GLN C 213 -17.89 -40.75 32.41
C GLN C 213 -17.19 -39.44 32.76
N THR C 214 -16.67 -39.35 33.98
CA THR C 214 -15.97 -38.15 34.41
C THR C 214 -14.76 -37.89 33.53
N VAL C 215 -14.00 -38.93 33.20
CA VAL C 215 -12.88 -38.75 32.29
C VAL C 215 -13.36 -38.26 30.94
N ALA C 216 -14.56 -38.69 30.54
CA ALA C 216 -15.11 -38.26 29.26
C ALA C 216 -15.36 -36.76 29.28
N GLU C 217 -15.97 -36.26 30.35
CA GLU C 217 -16.09 -34.81 30.49
C GLU C 217 -14.72 -34.15 30.48
N LEU C 218 -13.78 -34.73 31.22
CA LEU C 218 -12.41 -34.22 31.25
C LEU C 218 -11.80 -34.18 29.85
N ASP C 219 -12.36 -34.94 28.92
CA ASP C 219 -11.87 -34.94 27.56
C ASP C 219 -12.63 -33.92 26.73
N LEU C 220 -13.90 -34.21 26.45
CA LEU C 220 -14.70 -33.37 25.57
C LEU C 220 -14.72 -31.92 26.02
N MET C 221 -14.58 -31.66 27.32
CA MET C 221 -14.44 -30.28 27.74
C MET C 221 -13.14 -29.68 27.24
N SER C 222 -12.07 -30.47 27.21
CA SER C 222 -10.85 -29.99 26.61
C SER C 222 -11.00 -29.84 25.10
N GLY C 223 -11.72 -30.76 24.47
CA GLY C 223 -12.09 -30.54 23.09
C GLY C 223 -12.84 -29.24 22.91
N ILE C 224 -13.66 -28.87 23.89
CA ILE C 224 -14.40 -27.62 23.82
C ILE C 224 -13.45 -26.44 23.89
N LEU C 225 -12.57 -26.43 24.89
CA LEU C 225 -11.64 -25.32 24.97
C LEU C 225 -10.78 -25.24 23.73
N HIS C 226 -10.54 -26.36 23.06
CA HIS C 226 -9.80 -26.29 21.82
C HIS C 226 -10.68 -25.92 20.64
N CYS C 227 -11.99 -25.96 20.82
CA CYS C 227 -12.85 -25.28 19.88
C CYS C 227 -12.96 -23.80 20.21
N GLU C 228 -12.50 -23.39 21.38
CA GLU C 228 -12.33 -21.98 21.68
C GLU C 228 -11.01 -21.45 21.14
N ASP C 229 -9.95 -22.26 21.19
CA ASP C 229 -8.68 -21.84 20.63
C ASP C 229 -8.56 -22.18 19.16
N LYS C 230 -9.58 -22.82 18.58
CA LYS C 230 -9.79 -23.03 17.16
C LYS C 230 -8.93 -24.15 16.59
N ASP C 231 -8.07 -24.80 17.38
CA ASP C 231 -7.41 -25.99 16.89
C ASP C 231 -8.41 -27.13 16.97
N TYR C 232 -8.79 -27.65 15.80
CA TYR C 232 -9.83 -28.66 15.71
C TYR C 232 -9.29 -30.08 15.63
N LYS C 233 -7.99 -30.24 15.38
CA LYS C 233 -7.39 -31.56 15.46
C LYS C 233 -7.21 -31.98 16.91
N THR C 234 -6.57 -31.11 17.70
CA THR C 234 -6.50 -31.35 19.14
C THR C 234 -7.90 -31.52 19.71
N ALA C 235 -8.87 -30.81 19.14
CA ALA C 235 -10.23 -30.92 19.62
C ALA C 235 -10.78 -32.32 19.37
N PHE C 236 -10.76 -32.76 18.11
CA PHE C 236 -11.32 -34.07 17.83
C PHE C 236 -10.58 -35.16 18.58
N SER C 237 -9.30 -34.94 18.88
CA SER C 237 -8.58 -35.85 19.75
C SER C 237 -9.38 -36.17 20.98
N TYR C 238 -10.01 -35.17 21.57
CA TYR C 238 -10.83 -35.39 22.74
C TYR C 238 -12.22 -35.90 22.37
N PHE C 239 -12.82 -35.32 21.32
CA PHE C 239 -14.22 -35.65 21.04
C PHE C 239 -14.41 -37.10 20.65
N PHE C 240 -13.42 -37.71 19.99
CA PHE C 240 -13.56 -39.10 19.57
C PHE C 240 -13.70 -40.02 20.78
N GLU C 241 -12.69 -40.02 21.64
CA GLU C 241 -12.71 -40.85 22.84
C GLU C 241 -13.92 -40.53 23.70
N SER C 242 -14.10 -39.24 24.03
CA SER C 242 -15.22 -38.84 24.86
C SER C 242 -16.54 -39.27 24.26
N PHE C 243 -16.60 -39.45 22.95
CA PHE C 243 -17.76 -40.09 22.35
C PHE C 243 -17.78 -41.57 22.68
N GLU C 244 -16.63 -42.23 22.61
CA GLU C 244 -16.59 -43.67 22.81
C GLU C 244 -17.05 -44.04 24.21
N SER C 245 -16.67 -43.24 25.20
CA SER C 245 -17.10 -43.50 26.56
C SER C 245 -18.62 -43.57 26.62
N TYR C 246 -19.29 -42.43 26.46
CA TYR C 246 -20.74 -42.39 26.54
C TYR C 246 -21.38 -43.38 25.58
N HIS C 247 -20.67 -43.74 24.52
CA HIS C 247 -21.09 -44.82 23.65
C HIS C 247 -21.28 -46.10 24.44
N ASN C 248 -20.17 -46.67 24.92
CA ASN C 248 -20.22 -47.99 25.54
C ASN C 248 -20.82 -47.97 26.95
N LEU C 249 -21.12 -46.79 27.49
CA LEU C 249 -21.53 -46.66 28.88
C LEU C 249 -23.06 -46.69 29.01
N THR C 250 -23.56 -46.25 30.17
CA THR C 250 -24.88 -46.60 30.69
C THR C 250 -26.01 -46.50 29.68
N THR C 251 -25.94 -45.55 28.74
CA THR C 251 -26.88 -45.50 27.62
C THR C 251 -28.29 -45.15 28.10
N HIS C 252 -28.53 -45.16 29.42
CA HIS C 252 -29.88 -44.92 29.93
C HIS C 252 -30.35 -43.53 29.48
N ASN C 253 -29.73 -42.47 30.01
CA ASN C 253 -29.83 -41.13 29.47
C ASN C 253 -28.59 -40.72 28.66
N SER C 254 -27.58 -41.59 28.58
CA SER C 254 -26.33 -41.24 27.92
C SER C 254 -26.30 -41.67 26.46
N TYR C 255 -27.40 -42.22 25.94
CA TYR C 255 -27.59 -42.21 24.50
C TYR C 255 -27.55 -40.79 23.97
N GLU C 256 -28.06 -39.84 24.78
CA GLU C 256 -28.09 -38.44 24.41
C GLU C 256 -26.76 -37.77 24.65
N LYS C 257 -26.03 -38.20 25.67
CA LYS C 257 -24.72 -37.64 25.95
C LYS C 257 -23.64 -38.23 25.07
N ALA C 258 -23.91 -39.38 24.46
CA ALA C 258 -23.17 -39.82 23.28
C ALA C 258 -23.80 -39.31 22.00
N CYS C 259 -25.02 -38.77 22.07
CA CYS C 259 -25.59 -38.05 20.95
C CYS C 259 -25.06 -36.63 20.84
N GLN C 260 -24.49 -36.11 21.93
CA GLN C 260 -24.03 -34.73 21.95
C GLN C 260 -22.68 -34.60 21.26
N VAL C 261 -21.77 -35.54 21.54
CA VAL C 261 -20.40 -35.35 21.11
C VAL C 261 -20.24 -35.59 19.62
N LEU C 262 -21.03 -36.50 19.04
CA LEU C 262 -20.96 -36.71 17.59
C LEU C 262 -21.01 -35.37 16.87
N LYS C 263 -21.84 -34.46 17.34
CA LYS C 263 -21.93 -33.13 16.78
C LYS C 263 -20.54 -32.55 16.70
N TYR C 264 -19.96 -32.26 17.86
CA TYR C 264 -18.69 -31.55 17.90
C TYR C 264 -17.60 -32.29 17.14
N MET C 265 -17.62 -33.61 17.22
CA MET C 265 -16.80 -34.41 16.33
C MET C 265 -16.96 -33.93 14.90
N LEU C 266 -18.18 -33.63 14.50
CA LEU C 266 -18.38 -33.16 13.14
C LEU C 266 -18.05 -31.69 12.98
N LEU C 267 -18.29 -30.86 14.01
CA LEU C 267 -17.84 -29.48 13.92
C LEU C 267 -16.37 -29.41 13.58
N SER C 268 -15.57 -30.27 14.21
CA SER C 268 -14.14 -30.32 13.93
C SER C 268 -13.89 -30.43 12.43
N LYS C 269 -14.50 -31.45 11.81
CA LYS C 269 -14.26 -31.70 10.40
C LYS C 269 -14.83 -30.59 9.54
N ILE C 270 -16.04 -30.15 9.85
CA ILE C 270 -16.68 -29.11 9.06
C ILE C 270 -15.82 -27.86 9.04
N MET C 271 -15.22 -27.52 10.18
CA MET C 271 -14.24 -26.45 10.20
C MET C 271 -13.02 -26.82 9.37
N LEU C 272 -12.64 -28.09 9.39
CA LEU C 272 -11.41 -28.55 8.75
C LEU C 272 -11.57 -28.86 7.28
N ASN C 273 -12.77 -28.63 6.72
CA ASN C 273 -13.03 -28.78 5.29
C ASN C 273 -13.06 -30.23 4.83
N LEU C 274 -12.78 -31.18 5.72
CA LEU C 274 -12.59 -32.57 5.31
C LEU C 274 -13.93 -33.29 5.39
N ILE C 275 -14.50 -33.58 4.22
CA ILE C 275 -15.80 -34.26 4.14
C ILE C 275 -15.66 -35.77 4.05
N ASP C 276 -14.47 -36.28 3.74
CA ASP C 276 -14.28 -37.72 3.69
C ASP C 276 -14.50 -38.34 5.05
N ASP C 277 -13.83 -37.81 6.06
CA ASP C 277 -14.03 -38.29 7.41
C ASP C 277 -15.46 -38.08 7.87
N VAL C 278 -16.19 -37.16 7.26
CA VAL C 278 -17.60 -36.97 7.57
C VAL C 278 -18.43 -38.13 7.02
N LYS C 279 -18.16 -38.50 5.77
CA LYS C 279 -18.68 -39.76 5.25
C LYS C 279 -18.37 -40.89 6.22
N ASN C 280 -17.15 -40.91 6.74
CA ASN C 280 -16.77 -41.91 7.72
C ASN C 280 -17.65 -41.82 8.96
N ILE C 281 -18.04 -40.61 9.35
CA ILE C 281 -18.84 -40.47 10.55
C ILE C 281 -20.26 -40.96 10.31
N LEU C 282 -20.77 -40.80 9.10
CA LEU C 282 -22.09 -41.35 8.84
C LEU C 282 -21.90 -42.78 8.37
N ASN C 283 -22.13 -43.70 9.29
CA ASN C 283 -22.15 -45.13 9.06
C ASN C 283 -23.16 -45.67 10.06
N ALA C 284 -23.98 -46.62 9.63
CA ALA C 284 -25.19 -46.94 10.38
C ALA C 284 -24.86 -47.37 11.81
N LYS C 285 -24.03 -48.39 11.95
CA LYS C 285 -23.89 -49.08 13.22
C LYS C 285 -23.26 -48.17 14.27
N TYR C 286 -22.19 -47.45 13.89
CA TYR C 286 -21.44 -46.64 14.84
C TYR C 286 -22.36 -45.72 15.63
N THR C 287 -23.13 -44.92 14.92
CA THR C 287 -24.04 -43.94 15.52
C THR C 287 -25.44 -44.09 14.92
N LYS C 288 -25.53 -43.96 13.60
CA LYS C 288 -26.81 -43.84 12.91
C LYS C 288 -27.83 -44.87 13.38
N GLU C 289 -27.40 -46.14 13.47
CA GLU C 289 -28.33 -47.23 13.78
C GLU C 289 -29.24 -46.85 14.94
N THR C 290 -28.64 -46.36 16.03
CA THR C 290 -29.42 -45.75 17.09
C THR C 290 -29.76 -44.30 16.79
N TYR C 291 -28.80 -43.53 16.31
CA TYR C 291 -28.80 -42.08 16.42
C TYR C 291 -29.28 -41.34 15.17
N GLN C 292 -29.79 -42.03 14.16
CA GLN C 292 -30.42 -41.32 13.06
C GLN C 292 -31.50 -40.39 13.60
N SER C 293 -31.36 -39.10 13.31
CA SER C 293 -32.08 -38.08 14.07
C SER C 293 -31.77 -36.68 13.55
N ARG C 294 -32.36 -35.67 14.19
CA ARG C 294 -32.17 -34.28 13.79
C ARG C 294 -30.71 -33.89 13.65
N GLY C 295 -29.80 -34.52 14.39
CA GLY C 295 -28.42 -34.09 14.37
C GLY C 295 -27.75 -34.27 13.02
N ILE C 296 -27.86 -35.47 12.45
CA ILE C 296 -26.94 -35.88 11.40
C ILE C 296 -27.27 -35.23 10.06
N ASP C 297 -28.54 -35.27 9.65
CA ASP C 297 -28.94 -34.64 8.39
C ASP C 297 -28.44 -33.20 8.32
N ALA C 298 -28.62 -32.47 9.41
CA ALA C 298 -28.18 -31.09 9.49
C ALA C 298 -26.71 -30.99 9.17
N MET C 299 -25.89 -31.45 10.11
CA MET C 299 -24.46 -31.17 10.04
C MET C 299 -23.84 -31.74 8.78
N LYS C 300 -24.40 -32.82 8.25
CA LYS C 300 -24.00 -33.25 6.93
C LYS C 300 -24.27 -32.14 5.93
N ALA C 301 -25.56 -31.85 5.72
CA ALA C 301 -25.96 -30.91 4.67
C ALA C 301 -25.20 -29.60 4.78
N VAL C 302 -24.98 -29.13 6.01
CA VAL C 302 -24.16 -27.96 6.23
C VAL C 302 -22.73 -28.23 5.81
N ALA C 303 -22.25 -29.46 5.99
CA ALA C 303 -20.84 -29.73 5.71
C ALA C 303 -20.58 -29.73 4.21
N GLU C 304 -21.15 -30.69 3.48
CA GLU C 304 -20.90 -30.65 2.04
C GLU C 304 -21.48 -29.39 1.44
N ALA C 305 -22.49 -28.80 2.07
CA ALA C 305 -22.94 -27.48 1.67
C ALA C 305 -21.80 -26.48 1.72
N TYR C 306 -20.92 -26.65 2.71
CA TYR C 306 -19.74 -25.80 2.77
C TYR C 306 -18.76 -26.14 1.65
N ASN C 307 -18.38 -27.41 1.54
CA ASN C 307 -17.37 -27.75 0.54
C ASN C 307 -17.82 -27.47 -0.88
N ASN C 308 -19.13 -27.37 -1.11
CA ASN C 308 -19.65 -26.91 -2.38
C ASN C 308 -19.61 -25.39 -2.49
N ARG C 309 -19.67 -24.69 -1.36
CA ARG C 309 -19.63 -23.24 -1.33
C ARG C 309 -20.80 -22.64 -2.10
N SER C 310 -21.98 -23.14 -1.82
CA SER C 310 -23.21 -22.57 -2.34
C SER C 310 -23.95 -21.96 -1.16
N LEU C 311 -23.95 -20.63 -1.10
CA LEU C 311 -24.41 -19.97 0.10
C LEU C 311 -25.91 -20.12 0.30
N LEU C 312 -26.67 -20.15 -0.80
CA LEU C 312 -28.10 -20.38 -0.66
C LEU C 312 -28.36 -21.70 0.03
N ASP C 313 -27.57 -22.72 -0.30
CA ASP C 313 -27.67 -24.01 0.37
C ASP C 313 -27.34 -23.87 1.84
N PHE C 314 -26.21 -23.25 2.14
CA PHE C 314 -25.80 -23.11 3.53
C PHE C 314 -26.88 -22.39 4.32
N ASN C 315 -27.55 -21.43 3.67
CA ASN C 315 -28.61 -20.67 4.33
C ASN C 315 -29.81 -21.56 4.61
N THR C 316 -30.29 -22.25 3.58
CA THR C 316 -31.43 -23.14 3.76
C THR C 316 -31.15 -24.16 4.85
N ALA C 317 -29.91 -24.61 4.96
CA ALA C 317 -29.54 -25.45 6.09
C ALA C 317 -29.35 -24.65 7.38
N LEU C 318 -29.32 -23.33 7.30
CA LEU C 318 -29.50 -22.50 8.48
C LEU C 318 -30.97 -22.24 8.76
N LYS C 319 -31.86 -22.72 7.89
CA LYS C 319 -33.29 -22.56 8.03
C LYS C 319 -33.96 -23.80 8.61
N GLN C 320 -33.88 -24.91 7.88
CA GLN C 320 -34.67 -26.10 8.18
C GLN C 320 -34.01 -27.04 9.18
N TYR C 321 -32.74 -26.86 9.48
CA TYR C 321 -32.09 -27.67 10.50
C TYR C 321 -31.96 -26.98 11.85
N GLU C 322 -32.37 -25.71 11.96
CA GLU C 322 -32.04 -24.94 13.16
C GLU C 322 -32.72 -25.46 14.42
N LYS C 323 -33.65 -26.42 14.30
CA LYS C 323 -34.35 -26.95 15.47
C LYS C 323 -33.39 -27.41 16.54
N GLU C 324 -32.20 -27.85 16.15
CA GLU C 324 -31.09 -28.05 17.06
C GLU C 324 -30.21 -26.80 17.13
N LEU C 325 -29.71 -26.35 15.98
CA LEU C 325 -28.75 -25.26 15.88
C LEU C 325 -29.15 -24.09 16.78
N MET C 326 -30.45 -23.77 16.83
CA MET C 326 -30.88 -22.69 17.72
C MET C 326 -30.63 -23.07 19.17
N GLY C 327 -30.81 -24.33 19.51
CA GLY C 327 -30.60 -24.78 20.87
C GLY C 327 -29.15 -24.91 21.27
N ASP C 328 -28.35 -25.55 20.43
CA ASP C 328 -26.94 -25.73 20.73
C ASP C 328 -26.20 -24.45 20.38
N GLU C 329 -25.57 -23.83 21.37
CA GLU C 329 -24.99 -22.52 21.18
C GLU C 329 -23.67 -22.60 20.43
N LEU C 330 -22.78 -23.50 20.86
CA LEU C 330 -21.45 -23.54 20.28
C LEU C 330 -21.51 -23.89 18.81
N THR C 331 -22.25 -24.95 18.48
CA THR C 331 -22.49 -25.35 17.10
C THR C 331 -22.87 -24.14 16.27
N ARG C 332 -24.03 -23.57 16.59
CA ARG C 332 -24.54 -22.44 15.84
C ARG C 332 -23.52 -21.32 15.73
N SER C 333 -22.75 -21.10 16.79
CA SER C 333 -21.70 -20.10 16.76
C SER C 333 -20.76 -20.41 15.61
N HIS C 334 -20.04 -21.52 15.72
CA HIS C 334 -19.06 -21.86 14.69
C HIS C 334 -19.67 -21.95 13.32
N PHE C 335 -20.98 -22.13 13.22
CA PHE C 335 -21.57 -22.03 11.89
C PHE C 335 -21.78 -20.60 11.47
N ASN C 336 -21.97 -19.68 12.41
CA ASN C 336 -22.04 -18.29 12.01
C ASN C 336 -20.67 -17.78 11.62
N ALA C 337 -19.65 -18.14 12.39
CA ALA C 337 -18.29 -17.85 12.00
C ALA C 337 -18.04 -18.41 10.61
N LEU C 338 -18.07 -19.74 10.52
CA LEU C 338 -17.76 -20.40 9.25
C LEU C 338 -18.57 -19.80 8.11
N TYR C 339 -19.84 -19.52 8.33
CA TYR C 339 -20.65 -18.90 7.31
C TYR C 339 -20.05 -17.58 6.86
N ASP C 340 -19.67 -16.76 7.82
CA ASP C 340 -18.97 -15.53 7.47
C ASP C 340 -17.76 -15.84 6.60
N THR C 341 -16.78 -16.53 7.16
CA THR C 341 -15.54 -16.74 6.44
C THR C 341 -15.74 -17.49 5.14
N LEU C 342 -16.92 -18.04 4.90
CA LEU C 342 -17.23 -18.51 3.57
C LEU C 342 -17.64 -17.36 2.67
N LEU C 343 -18.58 -16.54 3.15
CA LEU C 343 -19.13 -15.49 2.29
C LEU C 343 -18.05 -14.49 1.93
N GLU C 344 -17.22 -14.14 2.90
CA GLU C 344 -16.00 -13.42 2.63
C GLU C 344 -15.28 -14.00 1.41
N SER C 345 -14.87 -15.26 1.51
CA SER C 345 -14.09 -15.86 0.44
C SER C 345 -14.78 -15.71 -0.89
N ASN C 346 -16.02 -16.18 -0.98
CA ASN C 346 -16.71 -16.10 -2.27
C ASN C 346 -16.70 -14.69 -2.80
N LEU C 347 -16.85 -13.69 -1.94
CA LEU C 347 -16.74 -12.33 -2.42
C LEU C 347 -15.37 -12.08 -3.01
N CYS C 348 -14.31 -12.33 -2.23
CA CYS C 348 -12.97 -12.09 -2.74
C CYS C 348 -12.72 -12.79 -4.06
N LYS C 349 -13.41 -13.88 -4.36
CA LYS C 349 -13.26 -14.49 -5.67
C LYS C 349 -14.11 -13.84 -6.74
N ILE C 350 -15.26 -13.26 -6.37
CA ILE C 350 -16.08 -12.71 -7.43
C ILE C 350 -15.61 -11.33 -7.88
N ILE C 351 -14.92 -10.59 -7.04
CA ILE C 351 -14.59 -9.21 -7.39
C ILE C 351 -13.34 -9.11 -8.27
N GLU C 352 -12.28 -9.88 -8.00
CA GLU C 352 -10.98 -9.51 -8.56
C GLU C 352 -10.94 -9.44 -10.08
N PRO C 353 -11.64 -10.26 -10.87
CA PRO C 353 -11.70 -10.02 -12.30
C PRO C 353 -12.30 -8.69 -12.67
N PHE C 354 -12.90 -7.95 -11.74
CA PHE C 354 -13.66 -6.75 -12.06
C PHE C 354 -13.13 -5.46 -11.48
N GLU C 355 -13.38 -4.36 -12.21
CA GLU C 355 -13.52 -3.06 -11.58
C GLU C 355 -14.86 -2.49 -12.02
N CYS C 356 -15.32 -1.46 -11.33
CA CYS C 356 -16.57 -0.82 -11.69
C CYS C 356 -17.64 -1.87 -11.93
N VAL C 357 -17.79 -2.78 -10.99
CA VAL C 357 -18.77 -3.84 -11.15
C VAL C 357 -20.03 -3.45 -10.40
N GLU C 358 -21.08 -3.15 -11.15
CA GLU C 358 -22.31 -2.70 -10.54
C GLU C 358 -22.78 -3.73 -9.53
N ILE C 359 -23.05 -3.29 -8.31
CA ILE C 359 -23.07 -4.19 -7.19
C ILE C 359 -24.21 -5.18 -7.25
N SER C 360 -25.30 -4.85 -7.94
CA SER C 360 -26.36 -5.82 -8.15
C SER C 360 -25.81 -7.09 -8.74
N HIS C 361 -24.78 -6.95 -9.57
CA HIS C 361 -24.21 -8.11 -10.23
C HIS C 361 -23.54 -9.03 -9.24
N ILE C 362 -22.68 -8.48 -8.38
CA ILE C 362 -22.17 -9.29 -7.28
C ILE C 362 -23.30 -9.97 -6.57
N SER C 363 -24.40 -9.25 -6.33
CA SER C 363 -25.53 -9.89 -5.67
C SER C 363 -26.00 -11.14 -6.40
N LYS C 364 -26.58 -10.96 -7.58
CA LYS C 364 -27.21 -12.09 -8.26
C LYS C 364 -26.23 -13.21 -8.50
N ILE C 365 -24.95 -12.89 -8.68
CA ILE C 365 -23.95 -13.95 -8.83
C ILE C 365 -23.80 -14.72 -7.53
N ILE C 366 -23.50 -14.02 -6.44
CA ILE C 366 -23.40 -14.69 -5.16
C ILE C 366 -24.77 -15.16 -4.69
N GLY C 367 -25.84 -14.70 -5.32
CA GLY C 367 -27.15 -15.17 -4.96
C GLY C 367 -27.54 -14.74 -3.58
N LEU C 368 -27.56 -13.44 -3.34
CA LEU C 368 -27.88 -12.92 -2.03
C LEU C 368 -28.37 -11.49 -2.21
N ASP C 369 -29.10 -11.00 -1.21
CA ASP C 369 -29.61 -9.64 -1.32
C ASP C 369 -28.47 -8.64 -1.22
N THR C 370 -28.59 -7.56 -2.00
CA THR C 370 -27.53 -6.57 -2.04
C THR C 370 -27.24 -6.04 -0.65
N GLN C 371 -28.30 -5.62 0.05
CA GLN C 371 -28.14 -4.81 1.24
C GLN C 371 -27.14 -5.42 2.21
N GLN C 372 -27.17 -6.74 2.38
CA GLN C 372 -26.13 -7.32 3.20
C GLN C 372 -24.86 -7.65 2.44
N VAL C 373 -24.91 -7.69 1.10
CA VAL C 373 -23.65 -7.74 0.39
C VAL C 373 -22.88 -6.48 0.76
N GLU C 374 -23.30 -5.34 0.24
CA GLU C 374 -22.61 -4.10 0.55
C GLU C 374 -22.52 -3.87 2.04
N GLY C 375 -23.41 -4.46 2.81
CA GLY C 375 -23.19 -4.56 4.23
C GLY C 375 -21.87 -5.22 4.57
N LYS C 376 -21.53 -6.31 3.88
CA LYS C 376 -20.23 -6.89 4.15
C LYS C 376 -19.11 -6.15 3.42
N LEU C 377 -19.25 -5.92 2.12
CA LEU C 377 -18.20 -5.23 1.40
C LEU C 377 -17.77 -3.98 2.13
N SER C 378 -18.70 -3.31 2.81
CA SER C 378 -18.28 -2.28 3.74
C SER C 378 -17.26 -2.83 4.72
N GLN C 379 -17.61 -3.91 5.40
CA GLN C 379 -16.74 -4.46 6.42
C GLN C 379 -15.39 -4.88 5.85
N MET C 380 -15.36 -5.37 4.63
CA MET C 380 -14.10 -5.79 4.03
C MET C 380 -13.24 -4.60 3.68
N ILE C 381 -13.80 -3.63 2.96
CA ILE C 381 -13.10 -2.38 2.69
C ILE C 381 -12.48 -1.83 3.96
N LEU C 382 -13.29 -1.76 5.00
CA LEU C 382 -12.88 -1.18 6.26
C LEU C 382 -11.88 -2.04 6.99
N ASP C 383 -11.82 -3.32 6.68
CA ASP C 383 -10.85 -4.21 7.31
C ASP C 383 -9.57 -4.33 6.50
N LYS C 384 -9.39 -3.51 5.47
CA LYS C 384 -8.18 -3.49 4.67
C LYS C 384 -8.04 -4.70 3.77
N ILE C 385 -9.04 -5.59 3.74
CA ILE C 385 -8.93 -6.78 2.92
C ILE C 385 -8.57 -6.43 1.49
N PHE C 386 -9.53 -5.94 0.70
CA PHE C 386 -9.24 -5.84 -0.73
C PHE C 386 -8.98 -4.46 -1.32
N TYR C 387 -8.90 -3.39 -0.55
CA TYR C 387 -8.49 -2.12 -1.13
C TYR C 387 -9.37 -1.61 -2.27
N GLY C 388 -10.56 -1.13 -1.97
CA GLY C 388 -11.39 -0.53 -3.00
C GLY C 388 -12.36 0.43 -2.34
N VAL C 389 -13.32 0.91 -3.10
CA VAL C 389 -14.28 1.85 -2.53
C VAL C 389 -15.62 1.70 -3.23
N LEU C 390 -16.69 1.83 -2.46
CA LEU C 390 -18.05 1.70 -2.96
C LEU C 390 -18.62 3.06 -3.29
N ASP C 391 -19.21 3.16 -4.47
CA ASP C 391 -19.93 4.34 -4.91
C ASP C 391 -21.40 3.99 -4.85
N GLN C 392 -22.11 4.50 -3.86
CA GLN C 392 -23.52 4.13 -3.77
C GLN C 392 -24.37 4.99 -4.69
N GLY C 393 -23.85 6.11 -5.14
CA GLY C 393 -24.60 6.93 -6.07
C GLY C 393 -24.98 6.15 -7.30
N ASN C 394 -24.01 5.50 -7.93
CA ASN C 394 -24.26 4.75 -9.14
C ASN C 394 -24.43 3.27 -8.89
N GLY C 395 -24.37 2.83 -7.65
CA GLY C 395 -24.47 1.42 -7.36
C GLY C 395 -23.26 0.63 -7.82
N TRP C 396 -22.08 1.20 -7.68
CA TRP C 396 -20.86 0.61 -8.20
C TRP C 396 -19.90 0.24 -7.10
N LEU C 397 -19.02 -0.69 -7.43
CA LEU C 397 -17.90 -1.06 -6.59
C LEU C 397 -16.62 -0.90 -7.40
N TYR C 398 -15.71 -0.09 -6.89
CA TYR C 398 -14.38 0.01 -7.47
C TYR C 398 -13.41 -0.82 -6.66
N VAL C 399 -12.50 -1.50 -7.36
CA VAL C 399 -11.38 -2.13 -6.68
C VAL C 399 -10.10 -1.50 -7.17
N TYR C 400 -9.08 -1.62 -6.33
CA TYR C 400 -7.77 -1.09 -6.62
C TYR C 400 -6.75 -2.19 -6.43
N GLU C 401 -5.58 -2.01 -7.01
CA GLU C 401 -4.55 -3.02 -6.87
C GLU C 401 -3.80 -2.88 -5.56
N THR C 402 -3.45 -1.66 -5.19
CA THR C 402 -2.62 -1.42 -4.03
C THR C 402 -3.27 -0.33 -3.20
N PRO C 403 -2.74 0.04 -2.06
CA PRO C 403 -3.23 1.26 -1.41
C PRO C 403 -2.97 2.42 -2.34
N ASN C 404 -4.02 3.19 -2.58
CA ASN C 404 -3.89 4.27 -3.56
C ASN C 404 -3.06 5.40 -2.98
N GLN C 405 -3.21 5.65 -1.68
CA GLN C 405 -2.47 6.68 -0.98
C GLN C 405 -0.97 6.51 -1.14
N ASP C 406 -0.26 7.62 -1.14
CA ASP C 406 1.19 7.61 -1.21
C ASP C 406 1.78 7.94 0.15
N ALA C 407 2.86 7.24 0.52
CA ALA C 407 3.47 7.45 1.81
C ALA C 407 4.31 8.71 1.84
N THR C 408 5.13 8.90 0.81
CA THR C 408 5.96 10.07 0.69
C THR C 408 5.20 11.34 0.99
N TYR C 409 4.22 11.66 0.14
CA TYR C 409 3.40 12.85 0.38
C TYR C 409 2.91 12.91 1.80
N ASP C 410 2.60 11.77 2.41
CA ASP C 410 2.15 11.84 3.79
C ASP C 410 3.23 12.40 4.69
N SER C 411 4.43 11.85 4.59
CA SER C 411 5.49 12.37 5.45
C SER C 411 5.77 13.83 5.14
N ALA C 412 5.57 14.27 3.90
CA ALA C 412 5.60 15.69 3.63
C ALA C 412 4.56 16.41 4.49
N LEU C 413 3.35 15.87 4.54
CA LEU C 413 2.29 16.50 5.29
C LEU C 413 2.57 16.54 6.77
N GLU C 414 3.38 15.63 7.28
CA GLU C 414 3.78 15.77 8.68
C GLU C 414 4.83 16.84 8.83
N LEU C 415 5.82 16.83 7.94
CA LEU C 415 6.90 17.78 8.03
C LEU C 415 6.36 19.20 8.05
N VAL C 416 5.43 19.50 7.14
CA VAL C 416 4.87 20.84 7.12
C VAL C 416 4.26 21.22 8.46
N GLY C 417 3.66 20.26 9.15
CA GLY C 417 3.12 20.58 10.45
C GLY C 417 4.20 20.94 11.45
N GLN C 418 5.15 20.02 11.64
CA GLN C 418 6.21 20.26 12.61
C GLN C 418 6.89 21.60 12.35
N LEU C 419 7.27 21.84 11.10
CA LEU C 419 7.75 23.16 10.73
C LEU C 419 6.82 24.23 11.24
N ASN C 420 5.58 24.21 10.76
CA ASN C 420 4.63 25.28 11.05
C ASN C 420 4.54 25.58 12.53
N LYS C 421 4.90 24.63 13.38
CA LYS C 421 5.11 24.97 14.78
C LYS C 421 6.45 25.65 15.00
N VAL C 422 7.50 25.09 14.42
CA VAL C 422 8.87 25.58 14.67
C VAL C 422 8.99 27.03 14.27
N VAL C 423 8.30 27.44 13.22
CA VAL C 423 8.35 28.84 12.82
C VAL C 423 7.84 29.72 13.95
N ASP C 424 6.66 29.39 14.47
CA ASP C 424 6.07 30.17 15.54
C ASP C 424 7.03 30.28 16.70
N GLN C 425 7.64 29.17 17.07
CA GLN C 425 8.55 29.19 18.21
C GLN C 425 9.81 29.99 17.90
N LEU C 426 10.28 29.95 16.66
CA LEU C 426 11.37 30.84 16.26
C LEU C 426 10.98 32.28 16.52
N PHE C 427 9.89 32.71 15.89
CA PHE C 427 9.53 34.11 15.99
C PHE C 427 9.26 34.53 17.41
N GLU C 428 8.92 33.58 18.28
CA GLU C 428 8.88 33.90 19.69
C GLU C 428 10.18 34.52 20.17
N LYS C 429 11.31 34.19 19.53
CA LYS C 429 12.57 34.80 19.95
C LYS C 429 12.60 36.30 19.71
N ALA C 430 11.59 36.86 19.06
CA ALA C 430 11.55 38.30 18.84
C ALA C 430 11.77 39.04 20.15
N SER C 431 12.73 39.96 20.13
CA SER C 431 13.24 40.57 21.34
C SER C 431 14.20 41.65 20.95
N VAL D 21 -10.27 5.83 55.08
CA VAL D 21 -9.34 5.68 53.98
C VAL D 21 -9.16 6.97 53.16
N PRO D 22 -10.24 7.68 52.80
CA PRO D 22 -11.68 7.56 53.03
C PRO D 22 -12.24 6.47 52.19
N ASN D 23 -13.28 5.78 52.66
CA ASN D 23 -14.08 5.00 51.74
C ASN D 23 -14.67 5.97 50.74
N TYR D 24 -14.50 5.68 49.46
CA TYR D 24 -14.92 6.59 48.42
C TYR D 24 -16.43 6.63 48.30
N GLU D 25 -17.07 5.46 48.38
CA GLU D 25 -18.44 5.24 47.97
C GLU D 25 -19.35 6.36 48.44
N VAL D 26 -19.10 6.84 49.65
CA VAL D 26 -19.81 8.01 50.15
C VAL D 26 -19.75 9.13 49.13
N SER D 27 -18.58 9.37 48.55
CA SER D 27 -18.43 10.52 47.66
C SER D 27 -19.23 10.31 46.39
N GLU D 28 -19.08 9.16 45.76
CA GLU D 28 -19.84 8.88 44.55
C GLU D 28 -21.33 9.03 44.79
N LYS D 29 -21.83 8.47 45.89
CA LYS D 29 -23.25 8.62 46.17
C LYS D 29 -23.61 10.08 46.39
N ALA D 30 -22.72 10.83 47.04
CA ALA D 30 -22.96 12.25 47.22
C ALA D 30 -23.16 12.92 45.87
N PHE D 31 -22.18 12.78 44.99
CA PHE D 31 -22.29 13.31 43.65
C PHE D 31 -23.61 12.87 43.03
N LEU D 32 -23.96 11.61 43.19
CA LEU D 32 -25.24 11.13 42.68
C LEU D 32 -26.37 12.00 43.15
N LEU D 33 -26.36 12.36 44.43
CA LEU D 33 -27.43 13.21 44.94
C LEU D 33 -27.36 14.59 44.32
N THR D 34 -26.16 15.07 44.01
CA THR D 34 -26.03 16.40 43.41
C THR D 34 -26.78 16.46 42.09
N GLN D 35 -26.52 15.51 41.20
CA GLN D 35 -26.98 15.59 39.82
C GLN D 35 -28.51 15.55 39.75
N SER D 36 -29.05 16.35 38.85
CA SER D 36 -30.50 16.49 38.77
C SER D 36 -31.15 15.30 38.07
N LYS D 37 -30.61 14.91 36.93
CA LYS D 37 -31.33 13.99 36.03
C LYS D 37 -31.02 12.53 36.29
N VAL D 38 -30.26 12.21 37.34
CA VAL D 38 -30.15 10.82 37.73
C VAL D 38 -31.53 10.34 38.19
N SER D 39 -31.75 9.04 38.06
CA SER D 39 -32.99 8.46 38.55
C SER D 39 -33.14 8.76 40.04
N ILE D 40 -34.31 9.27 40.42
CA ILE D 40 -34.54 9.73 41.78
C ILE D 40 -34.39 8.59 42.79
N GLU D 41 -34.60 7.36 42.36
CA GLU D 41 -34.47 6.22 43.26
C GLU D 41 -33.01 6.04 43.68
N GLN D 42 -32.12 5.95 42.71
CA GLN D 42 -30.70 5.91 43.02
C GLN D 42 -30.28 7.14 43.81
N ARG D 43 -30.96 8.26 43.59
CA ARG D 43 -30.68 9.46 44.37
C ARG D 43 -31.00 9.24 45.84
N LYS D 44 -32.20 8.71 46.12
CA LYS D 44 -32.55 8.34 47.48
C LYS D 44 -31.57 7.35 48.07
N GLU D 45 -31.64 6.11 47.61
CA GLU D 45 -30.89 5.03 48.25
C GLU D 45 -29.41 5.35 48.30
N ALA D 46 -28.92 6.06 47.28
CA ALA D 46 -27.60 6.66 47.40
C ALA D 46 -27.52 7.53 48.63
N ALA D 47 -28.50 8.44 48.80
CA ALA D 47 -28.45 9.38 49.92
C ALA D 47 -28.40 8.66 51.25
N GLU D 48 -29.36 7.77 51.50
CA GLU D 48 -29.35 7.10 52.79
C GLU D 48 -28.16 6.16 52.96
N PHE D 49 -27.60 5.69 51.85
CA PHE D 49 -26.31 5.00 51.94
C PHE D 49 -25.25 5.94 52.50
N VAL D 50 -25.19 7.16 51.98
CA VAL D 50 -24.30 8.21 52.48
C VAL D 50 -24.53 8.36 53.97
N LEU D 51 -25.71 8.86 54.33
CA LEU D 51 -26.04 9.13 55.73
C LEU D 51 -25.67 7.97 56.61
N ALA D 52 -26.03 6.76 56.18
CA ALA D 52 -25.66 5.55 56.91
C ALA D 52 -24.15 5.52 57.17
N LYS D 53 -23.36 5.99 56.22
CA LYS D 53 -21.93 6.07 56.49
C LYS D 53 -21.48 7.42 57.03
N ILE D 54 -22.39 8.33 57.31
CA ILE D 54 -22.08 9.39 58.26
C ILE D 54 -22.13 8.84 59.68
N LYS D 55 -23.22 8.13 60.00
CA LYS D 55 -23.36 7.59 61.34
C LYS D 55 -22.11 6.82 61.76
N GLU D 56 -21.86 5.69 61.12
CA GLU D 56 -20.78 4.82 61.56
C GLU D 56 -19.44 5.49 61.39
N GLU D 57 -19.35 6.48 60.50
CA GLU D 57 -18.07 7.16 60.36
C GLU D 57 -17.99 8.39 61.24
N GLU D 58 -18.99 8.62 62.09
CA GLU D 58 -18.95 9.65 63.13
C GLU D 58 -18.47 10.98 62.56
N MET D 59 -18.87 11.26 61.32
CA MET D 59 -18.12 12.13 60.42
C MET D 59 -18.89 13.41 60.11
N ALA D 60 -18.22 14.55 60.26
CA ALA D 60 -18.91 15.83 60.29
C ALA D 60 -18.42 16.85 59.27
N PRO D 61 -17.11 16.97 59.00
CA PRO D 61 -16.68 17.87 57.93
C PRO D 61 -17.47 17.68 56.65
N TYR D 62 -17.87 16.45 56.33
CA TYR D 62 -18.99 16.36 55.42
C TYR D 62 -20.16 17.16 55.91
N TYR D 63 -20.80 16.74 56.98
CA TYR D 63 -22.21 17.05 57.17
C TYR D 63 -22.48 18.51 56.82
N LYS D 64 -21.57 19.41 57.22
CA LYS D 64 -21.64 20.79 56.77
C LYS D 64 -21.17 20.94 55.33
N TYR D 65 -20.08 20.26 54.96
CA TYR D 65 -19.61 20.34 53.58
C TYR D 65 -20.66 19.84 52.60
N LEU D 66 -21.10 18.60 52.79
CA LEU D 66 -22.18 18.04 51.99
C LEU D 66 -23.45 18.86 52.07
N CYS D 67 -23.91 19.20 53.27
CA CYS D 67 -25.18 19.93 53.34
C CYS D 67 -25.09 21.21 52.53
N GLU D 68 -23.96 21.91 52.66
CA GLU D 68 -23.63 23.01 51.76
C GLU D 68 -23.77 22.63 50.29
N GLU D 69 -23.30 21.43 49.93
CA GLU D 69 -23.27 21.07 48.52
C GLU D 69 -24.66 20.71 48.01
N TYR D 70 -25.45 19.98 48.80
CA TYR D 70 -26.88 19.85 48.57
C TYR D 70 -27.52 21.20 48.32
N LEU D 71 -27.13 22.20 49.13
CA LEU D 71 -27.69 23.54 48.98
C LEU D 71 -27.34 24.17 47.64
N VAL D 72 -26.22 23.79 47.05
CA VAL D 72 -25.76 24.41 45.81
C VAL D 72 -26.78 24.26 44.69
N LYS D 93 -31.72 16.19 56.11
CA LYS D 93 -31.32 17.59 55.97
C LYS D 93 -30.15 17.93 56.86
N PHE D 94 -30.15 19.15 57.36
CA PHE D 94 -29.14 19.63 58.29
C PHE D 94 -29.70 19.56 59.71
N ASP D 95 -29.12 18.69 60.54
CA ASP D 95 -29.45 18.61 61.96
C ASP D 95 -28.16 18.77 62.76
N GLN D 96 -28.05 19.89 63.46
CA GLN D 96 -26.78 20.24 64.08
C GLN D 96 -26.53 19.50 65.38
N GLU D 97 -27.57 18.92 65.98
CA GLU D 97 -27.39 18.07 67.15
C GLU D 97 -26.48 16.89 66.84
N LEU D 98 -26.94 16.04 65.92
CA LEU D 98 -26.15 14.95 65.40
C LEU D 98 -24.74 15.40 65.06
N TYR D 99 -24.66 16.50 64.30
CA TYR D 99 -23.38 17.12 64.00
C TYR D 99 -22.54 17.30 65.24
N ASN D 100 -23.14 17.88 66.28
CA ASN D 100 -22.43 18.14 67.52
C ASN D 100 -21.86 16.85 68.08
N GLU D 101 -22.70 15.84 68.20
CA GLU D 101 -22.24 14.57 68.78
C GLU D 101 -21.05 14.01 68.01
N LEU D 102 -21.20 13.90 66.68
CA LEU D 102 -20.12 13.41 65.85
C LEU D 102 -18.84 14.18 66.16
N CYS D 103 -18.93 15.50 66.17
CA CYS D 103 -17.78 16.33 66.51
C CYS D 103 -17.21 15.93 67.88
N LYS D 104 -18.10 15.68 68.84
CA LYS D 104 -17.65 15.40 70.20
C LYS D 104 -16.80 14.14 70.24
N LYS D 105 -17.37 13.03 69.77
CA LYS D 105 -16.63 11.77 69.77
C LYS D 105 -15.34 11.90 68.97
N ASN D 106 -15.38 12.66 67.89
CA ASN D 106 -14.17 12.94 67.12
C ASN D 106 -13.12 13.59 68.00
N GLU D 107 -13.52 14.64 68.73
CA GLU D 107 -12.64 15.28 69.69
C GLU D 107 -12.07 14.26 70.66
N SER D 108 -12.90 13.32 71.10
CA SER D 108 -12.44 12.28 72.01
C SER D 108 -11.27 11.51 71.41
N LYS D 109 -11.45 10.98 70.20
CA LYS D 109 -10.41 10.09 69.68
C LYS D 109 -9.19 10.86 69.20
N ILE D 110 -9.39 11.97 68.47
CA ILE D 110 -8.23 12.78 68.11
C ILE D 110 -7.43 13.12 69.35
N LYS D 111 -8.13 13.51 70.43
CA LYS D 111 -7.51 13.65 71.73
C LYS D 111 -6.67 12.44 72.07
N GLU D 112 -7.27 11.26 71.95
CA GLU D 112 -6.61 10.05 72.43
C GLU D 112 -5.33 9.78 71.63
N LEU D 113 -5.42 9.75 70.30
CA LEU D 113 -4.24 9.49 69.48
C LEU D 113 -3.17 10.53 69.75
N ASN D 114 -3.56 11.80 69.83
CA ASN D 114 -2.59 12.84 70.17
C ASN D 114 -1.87 12.50 71.47
N GLU D 115 -2.64 12.07 72.47
CA GLU D 115 -2.07 11.75 73.78
C GLU D 115 -1.11 10.57 73.67
N LYS D 116 -1.54 9.49 73.03
CA LYS D 116 -0.69 8.34 72.79
C LYS D 116 0.63 8.79 72.20
N ILE D 117 0.56 9.61 71.15
CA ILE D 117 1.76 10.23 70.61
C ILE D 117 2.58 10.84 71.74
N GLN D 118 1.94 11.69 72.54
CA GLN D 118 2.64 12.40 73.60
C GLN D 118 3.37 11.44 74.53
N LYS D 119 2.83 10.22 74.71
CA LYS D 119 3.61 9.19 75.35
C LYS D 119 4.78 8.76 74.48
N LEU D 120 4.58 8.73 73.16
CA LEU D 120 5.54 8.05 72.29
C LEU D 120 6.76 8.91 71.94
N GLU D 121 6.63 10.23 71.81
CA GLU D 121 7.84 10.97 71.47
C GLU D 121 8.88 10.89 72.57
N GLU D 122 8.44 10.68 73.82
CA GLU D 122 9.39 10.34 74.87
C GLU D 122 10.05 9.00 74.59
N ASP D 123 9.33 8.10 73.92
CA ASP D 123 9.82 6.75 73.66
C ASP D 123 10.76 6.80 72.46
N ASP D 124 12.01 6.41 72.69
CA ASP D 124 13.08 6.70 71.73
C ASP D 124 13.09 5.70 70.58
N GLU D 125 12.91 4.42 70.88
CA GLU D 125 12.90 3.41 69.82
C GLU D 125 11.68 3.54 68.92
N GLY D 126 10.70 4.35 69.30
CA GLY D 126 9.47 4.45 68.54
C GLY D 126 9.57 5.39 67.36
N GLU D 127 10.80 5.73 66.95
CA GLU D 127 11.00 6.62 65.81
C GLU D 127 10.13 6.18 64.65
N LEU D 128 10.42 4.99 64.12
CA LEU D 128 9.57 4.38 63.13
C LEU D 128 8.12 4.28 63.64
N GLU D 129 7.95 4.09 64.94
CA GLU D 129 6.61 3.87 65.50
C GLU D 129 5.84 5.16 65.73
N GLN D 130 6.47 6.21 66.28
CA GLN D 130 5.72 7.45 66.48
C GLN D 130 5.15 7.94 65.17
N ALA D 131 5.95 7.85 64.11
CA ALA D 131 5.44 8.15 62.78
C ALA D 131 4.20 7.31 62.47
N GLN D 132 4.19 6.06 62.93
CA GLN D 132 3.06 5.17 62.63
C GLN D 132 1.81 5.62 63.38
N ALA D 133 1.95 5.93 64.67
CA ALA D 133 0.82 6.48 65.41
C ALA D 133 0.32 7.75 64.74
N TRP D 134 1.25 8.56 64.22
CA TRP D 134 0.85 9.71 63.41
C TRP D 134 0.04 9.27 62.21
N ILE D 135 0.50 8.25 61.51
CA ILE D 135 -0.22 7.73 60.35
C ILE D 135 -1.64 7.37 60.75
N ASN D 136 -1.82 6.89 61.97
CA ASN D 136 -3.16 6.69 62.49
C ASN D 136 -3.82 8.00 62.86
N LEU D 137 -3.04 9.04 63.10
CA LEU D 137 -3.61 10.34 63.44
C LEU D 137 -4.18 10.99 62.18
N GLY D 138 -3.31 11.37 61.25
CA GLY D 138 -3.78 11.94 60.00
C GLY D 138 -4.71 11.00 59.26
N GLU D 139 -4.42 9.70 59.32
CA GLU D 139 -5.39 8.73 58.83
C GLU D 139 -6.73 8.94 59.50
N TYR D 140 -6.72 9.14 60.81
CA TYR D 140 -7.98 9.39 61.48
C TYR D 140 -8.63 10.66 60.97
N TYR D 141 -7.82 11.66 60.63
CA TYR D 141 -8.34 12.80 59.88
C TYR D 141 -8.97 12.36 58.57
N ALA D 142 -8.50 11.26 57.98
CA ALA D 142 -9.14 10.76 56.77
C ALA D 142 -10.50 10.18 57.10
N GLN D 143 -10.57 9.29 58.08
CA GLN D 143 -11.90 8.91 58.58
C GLN D 143 -12.71 10.13 58.94
N ILE D 144 -12.07 11.12 59.57
CA ILE D 144 -12.77 12.37 59.83
C ILE D 144 -12.71 13.28 58.63
N GLY D 145 -12.14 12.81 57.52
CA GLY D 145 -12.20 13.52 56.27
C GLY D 145 -11.86 14.99 56.35
N ASP D 146 -10.88 15.36 57.18
CA ASP D 146 -10.46 16.74 57.22
C ASP D 146 -9.13 16.87 56.50
N LYS D 147 -9.11 17.72 55.48
CA LYS D 147 -8.07 17.74 54.48
C LYS D 147 -6.76 18.30 55.04
N ASP D 148 -6.79 19.57 55.40
CA ASP D 148 -5.61 20.25 55.94
C ASP D 148 -4.96 19.46 57.07
N ASN D 149 -5.76 18.80 57.89
CA ASN D 149 -5.24 18.20 59.11
C ASN D 149 -4.43 16.95 58.81
N ALA D 150 -5.02 16.01 58.07
CA ALA D 150 -4.25 14.86 57.64
C ALA D 150 -3.06 15.29 56.80
N GLU D 151 -3.26 16.33 56.01
CA GLU D 151 -2.18 16.93 55.23
C GLU D 151 -0.98 17.20 56.13
N LYS D 152 -1.13 18.16 57.04
CA LYS D 152 -0.03 18.53 57.91
C LYS D 152 0.52 17.33 58.65
N THR D 153 -0.38 16.50 59.20
CA THR D 153 0.05 15.40 60.06
C THR D 153 0.94 14.42 59.30
N LEU D 154 0.58 14.11 58.06
CA LEU D 154 1.39 13.19 57.30
C LEU D 154 2.64 13.85 56.76
N GLY D 155 2.54 15.12 56.39
CA GLY D 155 3.70 15.84 55.92
C GLY D 155 4.80 15.83 56.95
N LYS D 156 4.50 16.31 58.16
CA LYS D 156 5.44 16.17 59.25
C LYS D 156 5.77 14.70 59.49
N SER D 157 4.82 13.81 59.23
CA SER D 157 5.07 12.39 59.48
C SER D 157 6.12 11.81 58.55
N LEU D 158 6.43 12.51 57.45
CA LEU D 158 7.53 12.04 56.59
C LEU D 158 8.87 12.16 57.30
N SER D 159 8.99 13.05 58.29
CA SER D 159 10.28 13.34 58.91
C SER D 159 10.93 12.09 59.48
N LYS D 160 10.18 11.32 60.26
CA LYS D 160 10.72 10.11 60.88
C LYS D 160 11.27 9.15 59.83
N ALA D 161 12.28 8.39 60.23
CA ALA D 161 12.83 7.34 59.38
C ALA D 161 11.76 6.28 59.16
N ILE D 162 11.48 5.97 57.90
CA ILE D 162 10.32 5.18 57.52
C ILE D 162 10.60 4.44 56.22
N SER D 163 9.75 3.47 55.91
CA SER D 163 9.85 2.71 54.68
C SER D 163 9.42 3.56 53.49
N THR D 164 9.84 3.11 52.30
CA THR D 164 9.37 3.73 51.07
C THR D 164 7.85 3.71 50.99
N GLY D 165 7.23 2.64 51.49
CA GLY D 165 5.79 2.58 51.54
C GLY D 165 5.16 3.69 52.35
N ALA D 166 5.91 4.27 53.28
CA ALA D 166 5.39 5.35 54.11
C ALA D 166 5.60 6.70 53.43
N LYS D 167 6.86 7.09 53.23
CA LYS D 167 7.16 8.34 52.54
C LYS D 167 6.51 8.42 51.16
N ILE D 168 6.16 7.28 50.58
CA ILE D 168 5.54 7.23 49.27
C ILE D 168 4.05 6.97 49.41
N ASP D 169 3.71 5.75 49.84
CA ASP D 169 2.32 5.34 49.90
C ASP D 169 1.49 6.31 50.73
N VAL D 170 2.07 6.82 51.81
CA VAL D 170 1.36 7.81 52.61
C VAL D 170 1.04 9.04 51.76
N MET D 171 2.01 9.51 50.99
CA MET D 171 1.73 10.59 50.04
C MET D 171 0.56 10.21 49.15
N LEU D 172 0.59 8.99 48.62
CA LEU D 172 -0.51 8.52 47.77
C LEU D 172 -1.84 8.73 48.47
N THR D 173 -1.89 8.44 49.76
CA THR D 173 -3.11 8.67 50.53
C THR D 173 -3.42 10.16 50.60
N ILE D 174 -2.39 10.97 50.86
CA ILE D 174 -2.58 12.41 50.94
C ILE D 174 -3.29 12.92 49.71
N ALA D 175 -2.78 12.54 48.53
CA ALA D 175 -3.44 12.91 47.29
C ALA D 175 -4.82 12.27 47.22
N ARG D 176 -4.94 11.05 47.71
CA ARG D 176 -6.22 10.35 47.63
C ARG D 176 -7.32 11.16 48.27
N LEU D 177 -6.98 11.94 49.30
CA LEU D 177 -7.88 13.01 49.71
C LEU D 177 -8.20 13.92 48.54
N GLY D 178 -7.19 14.24 47.74
CA GLY D 178 -7.43 15.05 46.57
C GLY D 178 -8.49 14.46 45.68
N PHE D 179 -8.31 13.20 45.30
CA PHE D 179 -9.35 12.51 44.54
C PHE D 179 -10.69 12.64 45.24
N PHE D 180 -10.67 12.62 46.56
CA PHE D 180 -11.92 12.60 47.30
C PHE D 180 -12.68 13.91 47.16
N TYR D 181 -11.98 15.03 47.27
CA TYR D 181 -12.68 16.30 47.29
C TYR D 181 -12.84 16.92 45.92
N ASN D 182 -12.29 16.31 44.88
CA ASN D 182 -12.33 16.86 43.53
C ASN D 182 -11.57 18.17 43.43
N ASP D 183 -10.38 18.21 44.00
CA ASP D 183 -9.44 19.28 43.72
C ASP D 183 -8.31 18.65 42.93
N GLN D 184 -8.26 18.96 41.64
CA GLN D 184 -7.33 18.26 40.76
C GLN D 184 -5.92 18.83 40.84
N LEU D 185 -5.79 20.09 41.22
CA LEU D 185 -4.46 20.65 41.42
C LEU D 185 -3.82 20.08 42.66
N TYR D 186 -4.56 20.12 43.78
CA TYR D 186 -4.12 19.54 45.04
C TYR D 186 -3.61 18.14 44.83
N VAL D 187 -4.22 17.42 43.90
CA VAL D 187 -3.66 16.15 43.45
C VAL D 187 -2.39 16.39 42.67
N LYS D 188 -2.44 17.27 41.67
CA LYS D 188 -1.37 17.43 40.71
C LYS D 188 -0.03 17.59 41.41
N GLU D 189 0.04 18.57 42.30
CA GLU D 189 1.27 18.81 43.06
C GLU D 189 1.77 17.52 43.71
N LYS D 190 0.86 16.75 44.26
CA LYS D 190 1.28 15.64 45.09
C LYS D 190 1.72 14.46 44.25
N LEU D 191 1.04 14.21 43.15
CA LEU D 191 1.58 13.23 42.21
C LEU D 191 2.90 13.68 41.64
N GLU D 192 3.20 14.98 41.69
CA GLU D 192 4.57 15.40 41.41
C GLU D 192 5.50 14.95 42.52
N ALA D 193 5.09 15.15 43.78
CA ALA D 193 5.90 14.68 44.90
C ALA D 193 6.21 13.21 44.75
N VAL D 194 5.17 12.37 44.78
CA VAL D 194 5.34 10.93 44.62
C VAL D 194 6.12 10.64 43.37
N ASN D 195 5.90 11.44 42.32
CA ASN D 195 6.68 11.26 41.11
C ASN D 195 8.16 11.29 41.42
N SER D 196 8.60 12.29 42.18
CA SER D 196 10.00 12.35 42.57
C SER D 196 10.38 11.14 43.42
N MET D 197 9.59 10.85 44.44
CA MET D 197 9.90 9.74 45.36
C MET D 197 10.11 8.44 44.60
N ILE D 198 9.38 8.25 43.50
CA ILE D 198 9.57 7.09 42.64
C ILE D 198 10.80 7.26 41.79
N GLU D 199 10.96 8.43 41.17
CA GLU D 199 12.05 8.66 40.24
C GLU D 199 13.40 8.41 40.89
N LYS D 200 13.50 8.59 42.20
CA LYS D 200 14.73 8.18 42.86
C LYS D 200 14.75 6.67 43.08
N GLY D 201 13.60 6.08 43.44
CA GLY D 201 13.55 4.66 43.71
C GLY D 201 12.19 4.26 44.22
N GLY D 202 12.11 3.04 44.71
CA GLY D 202 10.87 2.45 45.16
C GLY D 202 10.39 1.35 44.23
N ASP D 203 9.41 0.60 44.74
CA ASP D 203 8.98 -0.62 44.08
C ASP D 203 8.04 -0.31 42.93
N TRP D 204 8.11 -1.14 41.89
CA TRP D 204 7.15 -1.03 40.81
C TRP D 204 5.76 -1.42 41.28
N GLU D 205 5.68 -2.28 42.30
CA GLU D 205 4.37 -2.56 42.89
C GLU D 205 3.75 -1.29 43.47
N ARG D 206 4.57 -0.32 43.82
CA ARG D 206 4.03 1.00 44.09
C ARG D 206 3.79 1.79 42.81
N ARG D 207 4.67 1.63 41.82
CA ARG D 207 4.51 2.38 40.59
C ARG D 207 3.21 2.04 39.90
N ASN D 208 2.65 0.87 40.15
CA ASN D 208 1.41 0.49 39.50
C ASN D 208 0.24 1.25 40.09
N ARG D 209 0.09 1.22 41.41
CA ARG D 209 -0.96 2.01 42.03
C ARG D 209 -0.76 3.49 41.72
N TYR D 210 0.50 3.92 41.66
CA TYR D 210 0.82 5.24 41.15
C TYR D 210 0.11 5.47 39.84
N LYS D 211 0.49 4.70 38.83
CA LYS D 211 -0.06 4.89 37.50
C LYS D 211 -1.57 4.79 37.48
N THR D 212 -2.16 4.06 38.42
CA THR D 212 -3.61 4.10 38.49
C THR D 212 -4.09 5.46 38.96
N TYR D 213 -3.45 6.00 39.98
CA TYR D 213 -3.78 7.35 40.41
C TYR D 213 -3.65 8.30 39.25
N TYR D 214 -2.41 8.52 38.81
CA TYR D 214 -2.15 9.50 37.78
C TYR D 214 -2.99 9.28 36.55
N GLY D 215 -3.33 8.04 36.25
CA GLY D 215 -4.22 7.78 35.15
C GLY D 215 -5.61 8.33 35.41
N ILE D 216 -6.26 7.90 36.49
CA ILE D 216 -7.63 8.34 36.69
C ILE D 216 -7.67 9.84 36.88
N HIS D 217 -6.57 10.41 37.35
CA HIS D 217 -6.41 11.86 37.28
C HIS D 217 -6.49 12.33 35.84
N CYS D 218 -5.66 11.79 34.97
CA CYS D 218 -5.70 12.19 33.57
C CYS D 218 -7.10 12.16 33.05
N LEU D 219 -7.85 11.14 33.41
CA LEU D 219 -9.25 11.13 33.01
C LEU D 219 -10.02 12.26 33.67
N ALA D 220 -9.65 12.63 34.91
CA ALA D 220 -10.39 13.70 35.55
C ALA D 220 -10.29 15.02 34.80
N VAL D 221 -9.36 15.12 33.84
CA VAL D 221 -9.31 16.28 32.95
C VAL D 221 -9.68 15.76 31.55
N ARG D 222 -9.71 16.64 30.55
CA ARG D 222 -10.04 16.18 29.21
C ARG D 222 -9.05 15.17 28.69
N ASN D 223 -7.95 14.92 29.36
CA ASN D 223 -6.90 14.20 28.68
C ASN D 223 -7.22 12.73 28.82
N PHE D 224 -7.78 12.18 27.75
CA PHE D 224 -7.92 10.75 27.63
C PHE D 224 -6.67 10.13 27.08
N LYS D 225 -6.04 10.80 26.12
CA LYS D 225 -4.98 10.19 25.34
C LYS D 225 -3.93 9.56 26.24
N GLU D 226 -3.74 10.11 27.43
CA GLU D 226 -2.87 9.43 28.38
C GLU D 226 -3.59 8.28 29.07
N ALA D 227 -4.82 8.55 29.52
CA ALA D 227 -5.58 7.55 30.25
C ALA D 227 -5.75 6.29 29.44
N ALA D 228 -5.59 6.36 28.13
CA ALA D 228 -5.70 5.18 27.29
C ALA D 228 -4.73 4.14 27.78
N LYS D 229 -3.44 4.36 27.56
CA LYS D 229 -2.47 3.38 27.98
C LYS D 229 -2.47 3.22 29.50
N LEU D 230 -2.57 4.33 30.23
CA LEU D 230 -2.48 4.23 31.68
C LEU D 230 -3.51 3.24 32.23
N LEU D 231 -4.79 3.60 32.09
CA LEU D 231 -5.85 2.73 32.57
C LEU D 231 -5.79 1.37 31.91
N VAL D 232 -5.72 1.33 30.59
CA VAL D 232 -5.91 0.06 29.91
C VAL D 232 -4.86 -0.94 30.33
N ASP D 233 -3.69 -0.49 30.75
CA ASP D 233 -2.75 -1.43 31.32
C ASP D 233 -2.92 -1.59 32.82
N SER D 234 -3.64 -0.68 33.47
CA SER D 234 -3.96 -0.92 34.87
C SER D 234 -4.85 -2.13 35.06
N LEU D 235 -5.34 -2.74 33.99
CA LEU D 235 -6.15 -3.95 34.15
C LEU D 235 -5.29 -5.13 34.54
N ALA D 236 -4.04 -5.17 34.09
CA ALA D 236 -3.16 -6.27 34.44
C ALA D 236 -3.06 -6.42 35.95
N THR D 237 -2.97 -5.31 36.66
CA THR D 237 -2.95 -5.33 38.11
C THR D 237 -3.63 -4.08 38.64
N PHE D 238 -4.38 -4.24 39.71
CA PHE D 238 -5.18 -3.15 40.23
C PHE D 238 -5.30 -3.24 41.74
N THR D 239 -5.22 -2.10 42.41
CA THR D 239 -5.34 -2.00 43.86
C THR D 239 -6.59 -1.23 44.20
N SER D 240 -7.61 -1.93 44.68
CA SER D 240 -8.94 -1.34 44.84
C SER D 240 -9.05 -0.55 46.12
N ILE D 241 -8.50 -1.10 47.21
CA ILE D 241 -8.63 -0.52 48.54
C ILE D 241 -8.06 0.89 48.51
N GLU D 242 -7.20 1.15 47.52
CA GLU D 242 -6.71 2.50 47.29
C GLU D 242 -7.92 3.42 47.09
N LEU D 243 -8.59 3.31 45.95
CA LEU D 243 -9.78 4.13 45.77
C LEU D 243 -10.99 3.24 45.58
N THR D 244 -11.13 2.72 44.37
CA THR D 244 -12.42 2.36 43.81
C THR D 244 -12.46 0.88 43.44
N SER D 245 -13.68 0.42 43.19
CA SER D 245 -13.92 -0.97 42.85
C SER D 245 -13.32 -1.32 41.50
N TYR D 246 -13.13 -2.62 41.28
CA TYR D 246 -12.51 -3.08 40.06
C TYR D 246 -13.42 -2.88 38.86
N GLU D 247 -14.73 -2.94 39.06
CA GLU D 247 -15.62 -2.73 37.92
C GLU D 247 -15.74 -1.27 37.55
N SER D 248 -15.57 -0.37 38.52
CA SER D 248 -15.49 1.04 38.18
C SER D 248 -14.35 1.23 37.21
N ILE D 249 -13.13 0.98 37.68
CA ILE D 249 -11.96 1.16 36.83
C ILE D 249 -12.07 0.36 35.55
N ALA D 250 -12.82 -0.73 35.57
CA ALA D 250 -13.14 -1.38 34.32
C ALA D 250 -13.90 -0.42 33.40
N THR D 251 -14.96 0.20 33.91
CA THR D 251 -15.72 1.12 33.08
C THR D 251 -14.84 2.26 32.58
N TYR D 252 -13.90 2.71 33.40
CA TYR D 252 -13.02 3.77 32.95
C TYR D 252 -12.13 3.31 31.81
N ALA D 253 -11.39 2.23 32.02
CA ALA D 253 -10.47 1.79 30.98
C ALA D 253 -11.22 1.43 29.71
N SER D 254 -12.45 0.96 29.83
CA SER D 254 -13.22 0.66 28.65
C SER D 254 -13.74 1.92 27.97
N VAL D 255 -14.08 2.94 28.73
CA VAL D 255 -14.54 4.19 28.13
C VAL D 255 -13.41 4.89 27.42
N THR D 256 -12.32 5.15 28.12
CA THR D 256 -11.17 5.75 27.48
C THR D 256 -10.72 4.91 26.29
N GLY D 257 -10.71 3.60 26.46
CA GLY D 257 -10.34 2.72 25.37
C GLY D 257 -11.20 2.96 24.15
N LEU D 258 -12.52 2.85 24.31
CA LEU D 258 -13.42 3.13 23.20
C LEU D 258 -13.08 4.45 22.55
N PHE D 259 -12.91 5.47 23.39
CA PHE D 259 -12.67 6.83 22.92
C PHE D 259 -11.42 7.16 22.11
N THR D 260 -10.26 6.66 22.50
CA THR D 260 -9.04 6.99 21.76
C THR D 260 -8.40 5.86 20.95
N LEU D 261 -8.85 4.64 21.18
CA LEU D 261 -8.29 3.49 20.48
C LEU D 261 -8.66 3.38 19.00
N GLU D 262 -7.70 2.92 18.21
CA GLU D 262 -7.89 2.72 16.78
C GLU D 262 -8.71 1.44 16.60
N ARG D 263 -9.27 1.24 15.42
CA ARG D 263 -10.11 0.06 15.19
C ARG D 263 -9.41 -1.28 15.38
N THR D 264 -8.18 -1.43 14.90
CA THR D 264 -7.49 -2.71 15.07
C THR D 264 -6.94 -2.87 16.48
N ASP D 265 -6.58 -1.77 17.12
CA ASP D 265 -6.13 -1.82 18.50
C ASP D 265 -7.28 -1.78 19.48
N LEU D 266 -8.47 -1.37 19.04
CA LEU D 266 -9.65 -1.61 19.85
C LEU D 266 -9.92 -3.11 19.94
N LYS D 267 -9.98 -3.78 18.80
CA LYS D 267 -10.14 -5.22 18.81
C LYS D 267 -9.03 -5.88 19.61
N SER D 268 -7.80 -5.49 19.34
CA SER D 268 -6.67 -6.02 20.07
C SER D 268 -6.85 -5.89 21.58
N LYS D 269 -6.85 -4.67 22.08
CA LYS D 269 -6.64 -4.46 23.49
C LYS D 269 -7.91 -4.39 24.32
N VAL D 270 -9.09 -4.32 23.72
CA VAL D 270 -10.28 -4.16 24.54
C VAL D 270 -11.33 -5.18 24.20
N ILE D 271 -11.79 -5.18 22.95
CA ILE D 271 -12.72 -6.23 22.52
C ILE D 271 -12.19 -7.59 22.89
N ASP D 272 -10.87 -7.75 22.88
CA ASP D 272 -10.24 -8.94 23.42
C ASP D 272 -9.72 -8.56 24.80
N SER D 273 -10.41 -9.04 25.82
CA SER D 273 -10.12 -8.66 27.20
C SER D 273 -10.00 -9.88 28.09
N PRO D 274 -8.80 -10.34 28.35
CA PRO D 274 -8.62 -11.31 29.43
C PRO D 274 -9.36 -10.88 30.68
N GLU D 275 -9.59 -9.58 30.86
CA GLU D 275 -10.27 -9.04 32.02
C GLU D 275 -11.74 -8.76 31.80
N LEU D 276 -12.06 -7.78 30.94
CA LEU D 276 -13.45 -7.34 30.84
C LEU D 276 -14.39 -8.51 30.58
N LEU D 277 -13.93 -9.52 29.86
CA LEU D 277 -14.71 -10.74 29.73
C LEU D 277 -14.99 -11.34 31.09
N SER D 278 -13.99 -11.37 31.96
CA SER D 278 -14.19 -11.89 33.31
C SER D 278 -15.18 -11.06 34.12
N LEU D 279 -15.66 -9.94 33.58
CA LEU D 279 -16.60 -9.08 34.32
C LEU D 279 -17.96 -9.07 33.63
N ILE D 280 -18.09 -8.39 32.49
CA ILE D 280 -19.32 -8.33 31.72
C ILE D 280 -20.46 -7.83 32.61
N SER D 281 -21.45 -8.68 32.89
CA SER D 281 -22.67 -8.30 33.57
C SER D 281 -22.41 -7.83 35.00
N THR D 282 -21.14 -7.92 35.42
CA THR D 282 -20.76 -7.63 36.80
C THR D 282 -21.34 -6.32 37.31
N THR D 283 -21.50 -5.33 36.43
CA THR D 283 -22.09 -4.07 36.87
C THR D 283 -23.29 -3.67 36.03
N ALA D 284 -23.79 -2.46 36.28
CA ALA D 284 -24.87 -1.88 35.48
C ALA D 284 -24.36 -1.06 34.30
N ALA D 285 -23.06 -1.05 34.06
CA ALA D 285 -22.46 -0.26 32.99
C ALA D 285 -21.79 -1.14 31.95
N LEU D 286 -20.77 -1.90 32.35
CA LEU D 286 -19.96 -2.65 31.39
C LEU D 286 -20.79 -3.44 30.40
N GLN D 287 -21.96 -3.91 30.82
CA GLN D 287 -22.83 -4.56 29.83
C GLN D 287 -23.40 -3.52 28.89
N SER D 288 -23.71 -2.32 29.39
CA SER D 288 -24.22 -1.28 28.52
C SER D 288 -23.13 -0.76 27.60
N ILE D 289 -22.01 -0.33 28.17
CA ILE D 289 -20.99 0.30 27.35
C ILE D 289 -20.38 -0.72 26.40
N SER D 290 -20.17 -1.95 26.87
CA SER D 290 -19.68 -2.96 25.95
C SER D 290 -20.71 -3.23 24.87
N SER D 291 -21.98 -3.29 25.26
CA SER D 291 -23.04 -3.38 24.28
C SER D 291 -23.00 -2.23 23.30
N LEU D 292 -22.33 -1.14 23.67
CA LEU D 292 -22.07 -0.07 22.72
C LEU D 292 -20.88 -0.40 21.84
N THR D 293 -19.77 -0.79 22.44
CA THR D 293 -18.54 -0.92 21.70
C THR D 293 -18.66 -2.02 20.66
N ILE D 294 -19.25 -3.14 21.04
CA ILE D 294 -19.47 -4.19 20.06
C ILE D 294 -20.36 -3.69 18.94
N SER D 295 -21.37 -2.91 19.29
CA SER D 295 -22.20 -2.35 18.24
C SER D 295 -21.41 -1.41 17.33
N LEU D 296 -20.27 -0.91 17.81
CA LEU D 296 -19.40 -0.13 16.94
C LEU D 296 -18.54 -1.06 16.09
N TYR D 297 -17.61 -1.74 16.73
CA TYR D 297 -16.61 -2.55 16.06
C TYR D 297 -17.23 -3.45 15.03
N ALA D 298 -18.43 -3.92 15.28
CA ALA D 298 -19.07 -4.90 14.42
C ALA D 298 -19.97 -4.27 13.38
N SER D 299 -20.01 -2.95 13.30
CA SER D 299 -20.85 -2.26 12.33
C SER D 299 -22.31 -2.70 12.48
N ASP D 300 -22.89 -2.31 13.60
CA ASP D 300 -24.33 -2.36 13.77
C ASP D 300 -24.78 -0.92 13.88
N TYR D 301 -25.32 -0.37 12.81
CA TYR D 301 -25.61 1.04 12.90
C TYR D 301 -26.97 1.32 13.50
N ALA D 302 -27.95 0.49 13.20
CA ALA D 302 -29.27 0.71 13.77
C ALA D 302 -29.21 0.81 15.28
N SER D 303 -28.33 0.03 15.90
CA SER D 303 -28.31 -0.04 17.34
C SER D 303 -27.40 0.97 17.99
N TYR D 304 -26.55 1.66 17.25
CA TYR D 304 -25.48 2.43 17.87
C TYR D 304 -26.05 3.53 18.76
N PHE D 305 -26.88 4.39 18.20
CA PHE D 305 -27.40 5.50 18.99
C PHE D 305 -28.14 5.05 20.23
N PRO D 306 -29.00 4.05 20.21
CA PRO D 306 -29.65 3.67 21.47
C PRO D 306 -28.67 3.32 22.55
N TYR D 307 -27.69 2.46 22.28
CA TYR D 307 -26.70 2.16 23.30
C TYR D 307 -25.93 3.40 23.68
N LEU D 308 -25.75 4.33 22.74
CA LEU D 308 -25.03 5.55 23.05
C LEU D 308 -25.78 6.34 24.11
N LEU D 309 -27.07 6.59 23.89
CA LEU D 309 -27.89 7.25 24.88
C LEU D 309 -27.84 6.54 26.21
N GLU D 310 -27.99 5.22 26.17
CA GLU D 310 -27.93 4.43 27.39
C GLU D 310 -26.70 4.83 28.15
N THR D 311 -25.53 4.50 27.62
CA THR D 311 -24.28 4.77 28.34
C THR D 311 -24.18 6.22 28.78
N TYR D 312 -24.66 7.15 27.96
CA TYR D 312 -24.70 8.53 28.42
C TYR D 312 -25.40 8.63 29.75
N ALA D 313 -26.54 7.97 29.88
CA ALA D 313 -27.29 8.04 31.13
C ALA D 313 -26.68 7.16 32.21
N ASN D 314 -26.35 5.92 31.88
CA ASN D 314 -26.05 4.94 32.92
C ASN D 314 -24.64 5.11 33.45
N VAL D 315 -23.65 5.25 32.58
CA VAL D 315 -22.28 5.26 33.05
C VAL D 315 -21.76 6.68 33.18
N LEU D 316 -21.76 7.43 32.09
CA LEU D 316 -21.15 8.75 32.10
C LEU D 316 -21.64 9.63 33.25
N ILE D 317 -22.88 10.08 33.17
CA ILE D 317 -23.32 11.14 34.08
C ILE D 317 -23.19 10.74 35.55
N PRO D 318 -23.38 9.48 35.95
CA PRO D 318 -23.14 9.17 37.36
C PRO D 318 -21.69 9.26 37.75
N CYS D 319 -20.75 9.05 36.84
CA CYS D 319 -19.35 9.04 37.23
C CYS D 319 -18.93 10.44 37.64
N LYS D 320 -18.45 10.56 38.87
CA LYS D 320 -18.01 11.86 39.34
C LYS D 320 -16.86 12.39 38.50
N TYR D 321 -16.05 11.50 37.95
CA TYR D 321 -14.98 11.96 37.07
C TYR D 321 -15.51 12.25 35.68
N LEU D 322 -16.36 11.39 35.15
CA LEU D 322 -16.75 11.54 33.76
C LEU D 322 -17.81 12.61 33.56
N ASN D 323 -18.69 12.81 34.53
CA ASN D 323 -19.87 13.62 34.25
C ASN D 323 -19.50 14.98 33.71
N ARG D 324 -18.48 15.61 34.30
CA ARG D 324 -18.00 16.88 33.79
C ARG D 324 -17.76 16.81 32.30
N HIS D 325 -17.19 15.72 31.83
CA HIS D 325 -16.78 15.59 30.45
C HIS D 325 -17.86 15.02 29.56
N ALA D 326 -19.05 14.80 30.10
CA ALA D 326 -20.05 14.00 29.40
C ALA D 326 -20.19 14.43 27.95
N ASP D 327 -20.48 15.71 27.72
CA ASP D 327 -20.73 16.13 26.35
C ASP D 327 -19.51 15.94 25.48
N PHE D 328 -18.33 16.32 25.98
CA PHE D 328 -17.14 16.15 25.14
C PHE D 328 -16.99 14.72 24.70
N PHE D 329 -17.51 13.79 25.46
CA PHE D 329 -17.45 12.41 25.03
C PHE D 329 -18.40 12.18 23.87
N VAL D 330 -19.67 12.48 24.08
CA VAL D 330 -20.68 12.04 23.13
C VAL D 330 -20.46 12.70 21.79
N ARG D 331 -20.18 14.00 21.80
CA ARG D 331 -19.87 14.67 20.55
C ARG D 331 -18.86 13.86 19.77
N GLU D 332 -17.73 13.56 20.41
CA GLU D 332 -16.74 12.70 19.78
C GLU D 332 -17.35 11.40 19.30
N MET D 333 -18.05 10.69 20.18
CA MET D 333 -18.52 9.39 19.77
C MET D 333 -19.54 9.46 18.65
N ARG D 334 -20.15 10.61 18.39
CA ARG D 334 -20.90 10.69 17.15
C ARG D 334 -19.94 10.65 15.97
N ARG D 335 -18.98 11.54 15.95
CA ARG D 335 -18.10 11.68 14.80
C ARG D 335 -17.56 10.34 14.35
N LYS D 336 -16.98 9.59 15.28
CA LYS D 336 -16.34 8.33 14.92
C LYS D 336 -17.25 7.51 14.03
N VAL D 337 -18.47 7.30 14.45
CA VAL D 337 -19.35 6.48 13.64
C VAL D 337 -19.55 7.09 12.28
N TYR D 338 -19.95 8.35 12.22
CA TYR D 338 -20.06 8.97 10.90
C TYR D 338 -18.81 8.71 10.10
N ALA D 339 -17.66 8.98 10.71
CA ALA D 339 -16.39 8.69 10.06
C ALA D 339 -16.36 7.26 9.60
N GLN D 340 -16.45 6.33 10.55
CA GLN D 340 -16.39 4.93 10.23
C GLN D 340 -17.44 4.52 9.22
N LEU D 341 -18.54 5.23 9.12
CA LEU D 341 -19.51 4.74 8.16
C LEU D 341 -19.11 5.13 6.75
N LEU D 342 -18.50 6.28 6.59
CA LEU D 342 -18.20 6.74 5.25
C LEU D 342 -16.99 6.07 4.68
N GLU D 343 -16.05 5.69 5.54
CA GLU D 343 -14.70 5.40 5.12
C GLU D 343 -14.64 4.42 3.95
N SER D 344 -15.65 3.60 3.79
CA SER D 344 -15.68 2.64 2.72
C SER D 344 -16.43 3.15 1.50
N TYR D 345 -16.86 4.40 1.51
CA TYR D 345 -17.69 4.93 0.44
C TYR D 345 -17.06 6.18 -0.13
N LYS D 346 -17.00 6.28 -1.45
CA LYS D 346 -16.70 7.56 -2.04
C LYS D 346 -17.95 8.34 -2.35
N THR D 347 -19.10 7.70 -2.32
CA THR D 347 -20.36 8.42 -2.35
C THR D 347 -21.41 7.55 -1.71
N LEU D 348 -22.30 8.15 -0.94
CA LEU D 348 -23.47 7.40 -0.50
C LEU D 348 -24.58 8.38 -0.20
N SER D 349 -25.80 7.89 -0.25
CA SER D 349 -26.95 8.75 -0.21
C SER D 349 -27.44 8.88 1.22
N LEU D 350 -27.92 10.08 1.57
CA LEU D 350 -28.36 10.34 2.94
C LEU D 350 -29.30 9.25 3.43
N LYS D 351 -30.47 9.12 2.78
CA LYS D 351 -31.48 8.20 3.26
C LYS D 351 -30.92 6.82 3.54
N SER D 352 -29.82 6.45 2.88
CA SER D 352 -29.10 5.26 3.30
C SER D 352 -28.59 5.42 4.72
N MET D 353 -27.89 6.51 4.99
CA MET D 353 -27.38 6.74 6.34
C MET D 353 -28.51 6.88 7.33
N ALA D 354 -29.39 7.86 7.12
CA ALA D 354 -30.50 8.08 8.03
C ALA D 354 -31.24 6.78 8.29
N SER D 355 -31.53 6.04 7.22
CA SER D 355 -32.14 4.73 7.37
C SER D 355 -31.35 3.88 8.35
N ALA D 356 -30.06 3.75 8.10
CA ALA D 356 -29.17 2.96 8.96
C ALA D 356 -29.34 3.38 10.41
N PHE D 357 -28.89 4.59 10.72
CA PHE D 357 -28.98 5.08 12.09
C PHE D 357 -30.41 5.16 12.59
N GLY D 358 -31.38 5.24 11.70
CA GLY D 358 -32.74 5.33 12.14
C GLY D 358 -33.10 6.70 12.67
N VAL D 359 -32.74 7.75 11.93
CA VAL D 359 -33.18 9.11 12.18
C VAL D 359 -33.66 9.68 10.87
N SER D 360 -34.38 10.78 10.93
CA SER D 360 -34.76 11.42 9.68
C SER D 360 -33.55 12.09 9.07
N VAL D 361 -33.65 12.36 7.77
CA VAL D 361 -32.59 13.06 7.07
C VAL D 361 -32.28 14.38 7.75
N ALA D 362 -33.26 15.29 7.75
CA ALA D 362 -33.01 16.67 8.15
C ALA D 362 -32.21 16.75 9.43
N PHE D 363 -32.52 15.90 10.40
CA PHE D 363 -31.73 15.88 11.63
C PHE D 363 -30.33 15.35 11.36
N LEU D 364 -30.19 14.39 10.45
CA LEU D 364 -28.87 13.85 10.18
C LEU D 364 -27.97 14.89 9.53
N ASP D 365 -28.45 15.49 8.45
CA ASP D 365 -27.80 16.64 7.85
C ASP D 365 -27.41 17.64 8.92
N ASN D 366 -28.38 18.00 9.77
CA ASN D 366 -28.12 18.94 10.84
C ASN D 366 -26.96 18.49 11.72
N ASP D 367 -26.82 17.19 11.93
CA ASP D 367 -25.73 16.74 12.77
C ASP D 367 -24.40 16.88 12.04
N LEU D 368 -24.30 16.31 10.84
CA LEU D 368 -23.03 16.38 10.12
C LEU D 368 -22.55 17.81 9.97
N GLY D 369 -23.48 18.74 9.80
CA GLY D 369 -23.10 20.12 9.66
C GLY D 369 -22.26 20.62 10.81
N LYS D 370 -22.30 19.94 11.96
CA LYS D 370 -21.46 20.36 13.07
C LYS D 370 -20.00 20.04 12.78
N PHE D 371 -19.73 18.84 12.30
CA PHE D 371 -18.35 18.39 12.17
C PHE D 371 -17.71 18.91 10.91
N ILE D 372 -18.44 18.89 9.80
CA ILE D 372 -17.80 19.07 8.51
C ILE D 372 -16.97 20.35 8.42
N PRO D 373 -17.51 21.54 8.72
CA PRO D 373 -16.75 22.75 8.46
C PRO D 373 -15.52 22.86 9.32
N ASN D 374 -15.44 22.07 10.38
CA ASN D 374 -14.31 22.06 11.27
C ASN D 374 -13.18 21.17 10.76
N LYS D 375 -13.36 20.61 9.58
CA LYS D 375 -12.49 19.60 8.98
C LYS D 375 -12.14 18.49 9.96
N GLN D 376 -13.05 18.20 10.88
CA GLN D 376 -12.92 17.00 11.69
C GLN D 376 -13.48 15.80 10.97
N LEU D 377 -14.17 16.00 9.88
CA LEU D 377 -14.79 14.93 9.12
C LEU D 377 -14.58 15.21 7.66
N ASN D 378 -14.19 14.20 6.91
CA ASN D 378 -13.74 14.39 5.55
C ASN D 378 -14.87 14.29 4.55
N CYS D 379 -16.11 14.26 5.02
CA CYS D 379 -17.25 14.28 4.13
C CYS D 379 -17.43 15.65 3.47
N VAL D 380 -18.41 15.72 2.58
CA VAL D 380 -19.07 16.97 2.22
C VAL D 380 -20.41 16.58 1.64
N ILE D 381 -21.39 17.46 1.75
CA ILE D 381 -22.77 17.12 1.47
C ILE D 381 -23.22 17.79 0.19
N ASP D 382 -24.10 17.12 -0.53
CA ASP D 382 -24.85 17.70 -1.64
C ASP D 382 -26.32 17.55 -1.29
N ARG D 383 -26.99 18.65 -0.94
CA ARG D 383 -28.36 18.49 -0.50
C ARG D 383 -29.31 18.36 -1.67
N VAL D 384 -29.00 19.02 -2.80
CA VAL D 384 -29.87 18.96 -3.97
C VAL D 384 -30.25 17.53 -4.29
N ASN D 385 -29.26 16.65 -4.35
CA ASN D 385 -29.49 15.25 -4.63
C ASN D 385 -29.54 14.37 -3.40
N GLY D 386 -29.45 14.95 -2.20
CA GLY D 386 -29.44 14.14 -1.00
C GLY D 386 -28.26 13.20 -0.91
N ILE D 387 -27.13 13.59 -1.45
CA ILE D 387 -26.00 12.69 -1.61
C ILE D 387 -24.87 13.20 -0.75
N VAL D 388 -23.92 12.33 -0.48
CA VAL D 388 -22.80 12.61 0.40
C VAL D 388 -21.56 12.07 -0.26
N GLU D 389 -20.60 12.92 -0.58
CA GLU D 389 -19.40 12.32 -1.09
C GLU D 389 -18.26 12.62 -0.15
N THR D 390 -17.25 11.78 -0.19
CA THR D 390 -16.19 11.80 0.79
C THR D 390 -14.93 12.26 0.10
N ASN D 391 -14.38 13.38 0.56
CA ASN D 391 -13.08 13.82 0.14
C ASN D 391 -12.11 13.62 1.29
N ARG D 392 -11.23 12.64 1.16
CA ARG D 392 -10.27 12.40 2.21
C ARG D 392 -8.91 12.19 1.58
N PRO D 393 -7.86 12.51 2.29
CA PRO D 393 -6.53 12.43 1.69
C PRO D 393 -6.03 11.01 1.56
N ASP D 394 -6.39 10.33 0.48
CA ASP D 394 -5.70 9.10 0.12
C ASP D 394 -5.08 9.24 -1.27
N ASN D 395 -5.87 9.24 -2.33
CA ASN D 395 -5.32 9.29 -3.67
C ASN D 395 -4.34 10.44 -3.80
N LYS D 396 -3.22 10.18 -4.48
CA LYS D 396 -2.12 11.14 -4.50
C LYS D 396 -2.60 12.53 -4.82
N ASN D 397 -3.64 12.63 -5.64
CA ASN D 397 -4.26 13.91 -5.92
C ASN D 397 -4.54 14.66 -4.64
N ALA D 398 -5.42 14.14 -3.80
CA ALA D 398 -5.77 14.83 -2.57
C ALA D 398 -4.53 15.20 -1.78
N GLN D 399 -3.63 14.24 -1.57
CA GLN D 399 -2.41 14.54 -0.84
C GLN D 399 -1.53 15.52 -1.57
N TYR D 400 -1.88 15.87 -2.79
CA TYR D 400 -1.23 16.99 -3.46
C TYR D 400 -1.88 18.29 -3.03
N HIS D 401 -3.18 18.44 -3.34
CA HIS D 401 -3.86 19.68 -2.99
C HIS D 401 -3.65 20.08 -1.54
N LEU D 402 -3.96 19.17 -0.63
CA LEU D 402 -3.80 19.49 0.79
C LEU D 402 -2.39 19.99 1.08
N LEU D 403 -1.40 19.39 0.43
CA LEU D 403 -0.02 19.83 0.66
C LEU D 403 0.20 21.23 0.13
N VAL D 404 -0.33 21.54 -1.05
CA VAL D 404 -0.21 22.90 -1.55
C VAL D 404 -0.77 23.89 -0.55
N LYS D 405 -2.00 23.65 -0.10
CA LYS D 405 -2.63 24.58 0.84
C LYS D 405 -1.80 24.74 2.10
N GLN D 406 -1.42 23.62 2.72
CA GLN D 406 -0.63 23.73 3.95
C GLN D 406 0.68 24.46 3.70
N GLY D 407 1.30 24.21 2.55
CA GLY D 407 2.55 24.87 2.25
C GLY D 407 2.39 26.37 2.17
N ASP D 408 1.41 26.83 1.40
CA ASP D 408 1.18 28.27 1.32
C ASP D 408 0.86 28.86 2.68
N GLY D 409 0.04 28.15 3.45
CA GLY D 409 -0.24 28.59 4.79
C GLY D 409 1.01 28.75 5.63
N LEU D 410 2.05 27.95 5.35
CA LEU D 410 3.30 28.17 6.06
C LEU D 410 4.07 29.34 5.49
N LEU D 411 4.07 29.49 4.17
CA LEU D 411 4.80 30.59 3.55
C LEU D 411 4.29 31.89 4.12
N THR D 412 3.04 32.23 3.81
CA THR D 412 2.54 33.56 4.14
C THR D 412 2.88 33.95 5.57
N LYS D 413 2.76 33.00 6.49
CA LYS D 413 3.26 33.21 7.84
C LYS D 413 4.73 33.59 7.81
N LEU D 414 5.55 32.75 7.20
CA LEU D 414 6.99 32.93 7.25
C LEU D 414 7.39 34.29 6.71
N GLN D 415 6.89 34.64 5.51
CA GLN D 415 7.13 35.96 4.95
C GLN D 415 6.71 37.05 5.92
N LYS D 416 5.47 36.96 6.40
CA LYS D 416 4.92 37.94 7.32
C LYS D 416 5.91 38.25 8.43
N TYR D 417 6.22 37.27 9.27
CA TYR D 417 7.19 37.53 10.31
C TYR D 417 8.52 37.99 9.72
N GLY D 418 8.81 37.54 8.51
CA GLY D 418 10.04 37.85 7.84
C GLY D 418 10.25 39.34 7.75
N ALA D 419 9.30 40.06 7.17
CA ALA D 419 9.47 41.50 7.01
C ALA D 419 9.68 42.18 8.36
N ALA D 420 8.95 41.74 9.37
CA ALA D 420 9.09 42.31 10.71
C ALA D 420 10.55 42.22 11.17
N VAL D 421 11.11 41.01 11.15
CA VAL D 421 12.48 40.90 11.65
C VAL D 421 13.46 41.56 10.68
N ARG D 422 13.11 41.64 9.40
CA ARG D 422 13.93 42.39 8.46
C ARG D 422 14.11 43.82 8.93
N LEU D 423 13.00 44.50 9.15
CA LEU D 423 13.05 45.94 9.39
C LEU D 423 13.53 46.27 10.79
N THR D 424 13.25 45.41 11.77
CA THR D 424 13.76 45.62 13.11
C THR D 424 15.28 45.54 13.08
N LEU E 3 36.97 -19.70 -42.14
CA LEU E 3 38.27 -20.16 -41.69
C LEU E 3 38.98 -19.08 -40.90
N GLN E 4 39.60 -18.14 -41.62
CA GLN E 4 40.34 -17.09 -40.96
C GLN E 4 39.40 -16.21 -40.17
N HIS E 5 39.72 -16.01 -38.90
CA HIS E 5 38.87 -15.23 -38.03
C HIS E 5 39.67 -14.09 -37.40
N GLU E 6 38.93 -13.09 -36.91
CA GLU E 6 39.50 -11.78 -36.66
C GLU E 6 39.24 -11.33 -35.24
N LYS E 7 37.98 -11.07 -34.93
CA LYS E 7 37.57 -10.56 -33.63
C LYS E 7 37.05 -11.72 -32.80
N VAL E 8 37.44 -11.74 -31.53
CA VAL E 8 37.06 -12.82 -30.62
C VAL E 8 36.13 -12.27 -29.56
N THR E 9 35.02 -12.95 -29.37
CA THR E 9 33.99 -12.56 -28.43
C THR E 9 33.97 -13.51 -27.26
N ILE E 10 33.71 -13.01 -26.07
CA ILE E 10 33.75 -13.82 -24.86
C ILE E 10 32.59 -13.47 -23.96
N ALA E 11 31.97 -14.47 -23.39
CA ALA E 11 30.92 -14.26 -22.41
C ALA E 11 31.53 -14.20 -21.02
N PRO E 12 30.87 -13.53 -20.08
CA PRO E 12 31.46 -13.38 -18.74
C PRO E 12 31.51 -14.66 -17.95
N LEU E 13 30.73 -15.67 -18.33
CA LEU E 13 30.69 -16.87 -17.54
C LEU E 13 31.97 -17.69 -17.67
N VAL E 14 32.71 -17.57 -18.76
CA VAL E 14 34.01 -18.23 -18.77
C VAL E 14 34.94 -17.55 -17.80
N LEU E 15 34.83 -16.23 -17.66
CA LEU E 15 35.61 -15.51 -16.69
C LEU E 15 35.32 -16.04 -15.30
N LEU E 16 34.09 -15.82 -14.84
CA LEU E 16 33.75 -16.25 -13.49
C LEU E 16 34.03 -17.72 -13.27
N SER E 17 33.72 -18.54 -14.26
CA SER E 17 34.00 -19.97 -14.14
C SER E 17 35.48 -20.22 -13.87
N ALA E 18 36.34 -19.70 -14.75
CA ALA E 18 37.77 -19.92 -14.61
C ALA E 18 38.28 -19.39 -13.28
N LEU E 19 37.81 -18.23 -12.86
CA LEU E 19 38.15 -17.73 -11.54
C LEU E 19 37.85 -18.79 -10.49
N ASP E 20 36.58 -19.16 -10.37
CA ASP E 20 36.21 -20.19 -9.41
C ASP E 20 37.03 -21.45 -9.57
N HIS E 21 37.60 -21.68 -10.75
CA HIS E 21 38.53 -22.78 -10.89
C HIS E 21 39.83 -22.47 -10.14
N TYR E 22 40.33 -21.26 -10.30
CA TYR E 22 41.53 -20.84 -9.60
C TYR E 22 41.33 -20.98 -8.10
N GLU E 23 40.47 -20.16 -7.51
CA GLU E 23 40.38 -20.23 -6.05
C GLU E 23 39.72 -21.51 -5.56
N ARG E 24 39.03 -22.22 -6.43
CA ARG E 24 38.53 -23.53 -6.04
C ARG E 24 39.68 -24.49 -5.83
N THR E 25 40.67 -24.43 -6.71
CA THR E 25 41.79 -25.37 -6.69
C THR E 25 43.01 -24.83 -5.96
N GLN E 26 42.92 -23.65 -5.36
CA GLN E 26 43.97 -23.09 -4.52
C GLN E 26 45.29 -22.96 -5.24
N THR E 27 45.28 -22.85 -6.57
CA THR E 27 46.52 -22.93 -7.32
C THR E 27 47.26 -21.61 -7.22
N LYS E 28 48.45 -21.63 -6.63
CA LYS E 28 49.23 -20.43 -6.44
C LYS E 28 49.92 -20.01 -7.73
N GLU E 29 50.33 -18.75 -7.75
CA GLU E 29 50.80 -18.08 -8.97
C GLU E 29 51.94 -18.83 -9.67
N ASN E 30 52.84 -19.44 -8.90
CA ASN E 30 53.95 -20.11 -9.57
C ASN E 30 53.48 -21.29 -10.40
N LYS E 31 52.29 -21.79 -10.13
CA LYS E 31 51.61 -22.73 -10.99
C LYS E 31 50.46 -22.00 -11.68
N ARG E 32 49.71 -22.72 -12.51
CA ARG E 32 48.63 -22.13 -13.28
C ARG E 32 47.47 -23.10 -13.31
N CYS E 33 46.33 -22.61 -13.79
CA CYS E 33 45.10 -23.38 -13.91
C CYS E 33 44.80 -23.60 -15.38
N VAL E 34 44.17 -24.72 -15.72
CA VAL E 34 43.90 -25.05 -17.11
C VAL E 34 42.52 -25.70 -17.23
N GLY E 35 41.79 -25.33 -18.27
CA GLY E 35 40.52 -25.93 -18.64
C GLY E 35 40.28 -25.68 -20.11
N VAL E 36 39.11 -26.14 -20.59
CA VAL E 36 38.79 -26.01 -22.00
C VAL E 36 37.56 -25.13 -22.19
N ILE E 37 37.26 -24.85 -23.46
CA ILE E 37 36.37 -23.78 -23.88
C ILE E 37 35.42 -24.29 -24.95
N LEU E 38 34.14 -24.05 -24.76
CA LEU E 38 33.08 -24.48 -25.65
C LEU E 38 32.33 -23.25 -26.15
N GLY E 39 31.93 -23.29 -27.41
CA GLY E 39 31.37 -22.12 -28.06
C GLY E 39 31.20 -22.37 -29.54
N ASP E 40 31.25 -21.30 -30.32
CA ASP E 40 31.11 -21.37 -31.77
C ASP E 40 32.37 -20.86 -32.45
N ALA E 41 33.08 -21.77 -33.13
CA ALA E 41 34.26 -21.43 -33.90
C ALA E 41 34.01 -21.29 -35.40
N ASN E 42 32.79 -21.54 -35.87
CA ASN E 42 32.56 -21.73 -37.30
C ASN E 42 32.90 -20.49 -38.10
N SER E 43 32.26 -19.37 -37.79
CA SER E 43 32.38 -18.19 -38.64
C SER E 43 33.67 -17.45 -38.34
N SER E 44 33.80 -16.26 -38.92
CA SER E 44 35.04 -15.50 -38.88
C SER E 44 35.19 -14.69 -37.62
N THR E 45 34.25 -14.79 -36.69
CA THR E 45 34.55 -14.47 -35.31
C THR E 45 34.45 -15.75 -34.51
N ILE E 46 34.79 -15.66 -33.23
CA ILE E 46 34.76 -16.80 -32.35
C ILE E 46 33.98 -16.40 -31.12
N ARG E 47 32.81 -16.99 -30.94
CA ARG E 47 31.95 -16.69 -29.82
C ARG E 47 32.20 -17.75 -28.77
N VAL E 48 32.77 -17.36 -27.69
CA VAL E 48 32.99 -18.24 -26.56
C VAL E 48 31.82 -18.10 -25.62
N THR E 49 31.35 -19.21 -25.08
CA THR E 49 30.26 -19.14 -24.12
C THR E 49 30.61 -19.87 -22.85
N ASN E 50 30.93 -21.15 -22.91
CA ASN E 50 31.03 -21.98 -21.73
C ASN E 50 32.43 -22.57 -21.61
N SER E 51 32.76 -23.10 -20.45
CA SER E 51 34.08 -23.64 -20.19
C SER E 51 33.99 -24.69 -19.09
N PHE E 52 35.01 -25.55 -19.01
CA PHE E 52 35.08 -26.39 -17.82
C PHE E 52 36.52 -26.78 -17.52
N ALA E 53 36.76 -27.07 -16.25
CA ALA E 53 38.11 -27.20 -15.71
C ALA E 53 38.74 -28.53 -16.05
N LEU E 54 40.04 -28.50 -16.35
CA LEU E 54 40.79 -29.66 -16.81
C LEU E 54 41.93 -29.99 -15.85
N PRO E 55 41.94 -31.15 -15.21
CA PRO E 55 43.09 -31.51 -14.37
C PRO E 55 44.32 -31.83 -15.22
N PHE E 56 45.45 -31.33 -14.78
CA PHE E 56 46.69 -31.46 -15.53
C PHE E 56 47.84 -31.34 -14.55
N GLU E 57 49.02 -31.71 -15.00
CA GLU E 57 50.23 -31.56 -14.20
C GLU E 57 51.37 -31.03 -15.06
N GLU E 58 52.20 -30.21 -14.44
CA GLU E 58 53.44 -29.71 -15.01
C GLU E 58 54.60 -30.46 -14.38
N ASP E 59 55.69 -30.60 -15.11
CA ASP E 59 56.75 -31.52 -14.71
C ASP E 59 57.67 -30.73 -13.80
N GLU E 60 57.54 -30.97 -12.49
CA GLU E 60 58.26 -30.29 -11.42
C GLU E 60 58.42 -28.79 -11.71
N LYS E 61 59.60 -28.26 -11.44
CA LYS E 61 60.08 -27.03 -12.04
C LYS E 61 60.41 -27.27 -13.51
N ASN E 62 60.49 -26.18 -14.28
CA ASN E 62 60.97 -26.13 -15.66
C ASN E 62 60.51 -27.37 -16.43
N SER E 63 59.21 -27.46 -16.68
CA SER E 63 58.62 -28.70 -17.17
C SER E 63 59.17 -29.06 -18.54
N ASP E 64 59.77 -30.25 -18.62
CA ASP E 64 60.13 -30.82 -19.91
C ASP E 64 58.95 -31.53 -20.54
N VAL E 65 58.22 -32.31 -19.73
CA VAL E 65 56.99 -32.95 -20.17
C VAL E 65 55.85 -32.33 -19.37
N TRP E 66 54.65 -32.88 -19.55
CA TRP E 66 53.48 -32.44 -18.84
C TRP E 66 52.45 -33.55 -18.99
N PHE E 67 51.30 -33.38 -18.35
CA PHE E 67 50.24 -34.32 -18.63
C PHE E 67 48.89 -33.61 -18.59
N LEU E 68 48.11 -33.83 -19.65
CA LEU E 68 46.69 -33.56 -19.68
C LEU E 68 45.97 -34.89 -19.79
N ASP E 69 44.78 -34.96 -19.21
CA ASP E 69 44.00 -36.19 -19.29
C ASP E 69 43.05 -36.06 -20.46
N HIS E 70 43.32 -36.81 -21.53
CA HIS E 70 42.40 -36.79 -22.65
C HIS E 70 41.15 -37.59 -22.34
N ASN E 71 41.26 -38.60 -21.49
CA ASN E 71 40.08 -39.37 -21.13
C ASN E 71 39.13 -38.52 -20.31
N TYR E 72 39.66 -37.64 -19.47
CA TYR E 72 38.79 -36.73 -18.75
C TYR E 72 38.06 -35.82 -19.71
N ILE E 73 38.74 -35.33 -20.73
CA ILE E 73 38.12 -34.53 -21.77
C ILE E 73 37.00 -35.33 -22.40
N GLU E 74 37.34 -36.35 -23.18
CA GLU E 74 36.32 -37.04 -23.95
C GLU E 74 35.29 -37.74 -23.07
N ASN E 75 35.50 -37.78 -21.76
CA ASN E 75 34.44 -38.17 -20.83
C ASN E 75 33.54 -37.01 -20.46
N MET E 76 34.09 -35.82 -20.32
CA MET E 76 33.25 -34.68 -19.95
C MET E 76 32.50 -34.14 -21.14
N ASN E 77 33.19 -33.96 -22.26
CA ASN E 77 32.64 -33.29 -23.42
C ASN E 77 31.25 -33.82 -23.73
N GLU E 78 31.16 -35.10 -24.08
CA GLU E 78 29.84 -35.64 -24.41
C GLU E 78 28.90 -35.55 -23.24
N MET E 79 29.41 -35.39 -22.02
CA MET E 79 28.50 -35.16 -20.92
C MET E 79 28.02 -33.71 -20.89
N CYS E 80 28.69 -32.81 -21.61
CA CYS E 80 28.10 -31.52 -21.91
C CYS E 80 27.13 -31.62 -23.08
N LYS E 81 27.55 -32.30 -24.15
CA LYS E 81 26.72 -32.37 -25.33
C LYS E 81 25.32 -32.86 -25.02
N LYS E 82 25.18 -33.71 -24.01
CA LYS E 82 23.85 -34.09 -23.55
C LYS E 82 23.07 -32.91 -22.98
N ILE E 83 23.70 -31.78 -22.74
CA ILE E 83 23.02 -30.67 -22.08
C ILE E 83 22.62 -29.63 -23.10
N ASN E 84 23.59 -28.86 -23.59
CA ASN E 84 23.40 -28.02 -24.76
C ASN E 84 24.29 -28.57 -25.85
N ALA E 85 23.68 -29.13 -26.88
CA ALA E 85 24.48 -29.70 -27.94
C ALA E 85 25.17 -28.65 -28.78
N LYS E 86 24.72 -27.41 -28.73
CA LYS E 86 25.20 -26.42 -29.67
C LYS E 86 26.48 -25.76 -29.22
N GLU E 87 27.01 -26.12 -28.06
CA GLU E 87 28.29 -25.61 -27.60
C GLU E 87 29.36 -26.64 -27.94
N LYS E 88 30.22 -26.29 -28.87
CA LYS E 88 31.19 -27.22 -29.41
C LYS E 88 32.53 -26.95 -28.76
N LEU E 89 33.32 -28.00 -28.57
CA LEU E 89 34.63 -27.81 -27.99
C LEU E 89 35.48 -26.97 -28.92
N ILE E 90 36.12 -25.96 -28.36
CA ILE E 90 36.92 -25.05 -29.17
C ILE E 90 38.39 -25.17 -28.79
N GLY E 91 38.74 -24.64 -27.64
CA GLY E 91 40.12 -24.51 -27.23
C GLY E 91 40.25 -24.46 -25.73
N TRP E 92 41.45 -24.18 -25.25
CA TRP E 92 41.71 -24.30 -23.83
C TRP E 92 42.16 -22.95 -23.29
N TYR E 93 42.45 -22.92 -21.99
CA TYR E 93 42.96 -21.70 -21.40
C TYR E 93 43.83 -22.05 -20.20
N HIS E 94 44.87 -21.24 -19.98
CA HIS E 94 45.59 -21.29 -18.74
C HIS E 94 45.52 -19.91 -18.09
N SER E 95 45.24 -19.88 -16.81
CA SER E 95 45.08 -18.60 -16.13
C SER E 95 46.42 -17.96 -15.79
N GLY E 96 47.52 -18.61 -16.12
CA GLY E 96 48.83 -18.07 -15.86
C GLY E 96 49.04 -16.76 -16.58
N PRO E 97 49.49 -15.74 -15.85
CA PRO E 97 49.50 -14.38 -16.42
C PRO E 97 50.31 -14.25 -17.69
N LYS E 98 51.15 -15.23 -18.02
CA LYS E 98 51.97 -15.12 -19.22
C LYS E 98 52.27 -16.53 -19.71
N LEU E 99 52.66 -16.62 -20.98
CA LEU E 99 52.70 -17.90 -21.68
C LEU E 99 53.74 -18.83 -21.08
N ARG E 100 53.61 -20.11 -21.41
CA ARG E 100 54.54 -21.14 -21.02
C ARG E 100 55.11 -21.81 -22.27
N ALA E 101 56.20 -22.54 -22.08
CA ALA E 101 56.90 -23.13 -23.22
C ALA E 101 56.05 -24.20 -23.90
N SER E 102 55.39 -25.05 -23.11
CA SER E 102 54.63 -26.17 -23.67
C SER E 102 53.32 -25.74 -24.30
N ASP E 103 52.94 -24.48 -24.16
CA ASP E 103 51.69 -23.98 -24.70
C ASP E 103 51.57 -24.36 -26.17
N LEU E 104 52.46 -23.80 -26.98
CA LEU E 104 52.49 -24.10 -28.41
C LEU E 104 52.54 -25.59 -28.66
N LYS E 105 53.09 -26.36 -27.72
CA LYS E 105 53.13 -27.81 -27.90
C LYS E 105 51.76 -28.43 -27.70
N ILE E 106 51.03 -28.00 -26.65
CA ILE E 106 49.79 -28.69 -26.32
C ILE E 106 48.64 -28.23 -27.19
N ASN E 107 48.66 -26.97 -27.64
CA ASN E 107 47.64 -26.57 -28.60
C ASN E 107 47.60 -27.55 -29.76
N GLU E 108 48.77 -27.98 -30.20
CA GLU E 108 48.84 -29.02 -31.21
C GLU E 108 48.09 -30.27 -30.77
N LEU E 109 48.05 -30.54 -29.47
CA LEU E 109 47.24 -31.66 -29.01
C LEU E 109 45.76 -31.36 -29.19
N PHE E 110 45.30 -30.22 -28.69
CA PHE E 110 43.89 -29.88 -28.83
C PHE E 110 43.44 -29.88 -30.26
N LYS E 111 44.34 -29.74 -31.23
CA LYS E 111 43.90 -29.92 -32.60
C LYS E 111 43.31 -31.30 -32.84
N LYS E 112 43.50 -32.23 -31.91
CA LYS E 112 42.86 -33.53 -32.06
C LYS E 112 41.37 -33.44 -31.76
N TYR E 113 40.99 -32.67 -30.74
CA TYR E 113 39.62 -32.67 -30.25
C TYR E 113 38.79 -31.53 -30.78
N THR E 114 39.36 -30.64 -31.58
CA THR E 114 38.54 -29.64 -32.24
C THR E 114 38.83 -29.64 -33.73
N GLN E 115 38.31 -28.67 -34.47
CA GLN E 115 38.52 -28.65 -35.91
C GLN E 115 39.42 -27.52 -36.38
N ASN E 116 39.05 -26.26 -36.18
CA ASN E 116 39.68 -25.24 -37.02
C ASN E 116 41.03 -24.80 -36.52
N ASN E 117 41.05 -23.94 -35.52
CA ASN E 117 42.30 -23.40 -34.98
C ASN E 117 42.11 -23.24 -33.49
N PRO E 118 42.46 -24.25 -32.71
CA PRO E 118 42.13 -24.22 -31.29
C PRO E 118 42.59 -22.92 -30.65
N LEU E 119 41.66 -22.25 -29.99
CA LEU E 119 41.90 -20.91 -29.48
C LEU E 119 42.38 -20.99 -28.04
N LEU E 120 43.48 -20.31 -27.75
CA LEU E 120 44.02 -20.26 -26.41
C LEU E 120 43.95 -18.84 -25.90
N LEU E 121 43.16 -18.62 -24.86
CA LEU E 121 43.11 -17.32 -24.24
C LEU E 121 43.56 -17.46 -22.80
N ILE E 122 44.05 -16.37 -22.24
CA ILE E 122 44.64 -16.35 -20.93
C ILE E 122 43.80 -15.43 -20.07
N VAL E 123 43.17 -16.00 -19.07
CA VAL E 123 42.46 -15.21 -18.08
C VAL E 123 43.45 -14.72 -17.04
N ASP E 124 43.39 -13.44 -16.72
CA ASP E 124 44.20 -12.89 -15.64
C ASP E 124 43.39 -12.99 -14.36
N VAL E 125 43.81 -13.87 -13.47
CA VAL E 125 43.08 -14.06 -12.22
C VAL E 125 43.53 -13.07 -11.16
N LYS E 126 44.67 -12.42 -11.35
CA LYS E 126 45.15 -11.51 -10.32
C LYS E 126 44.44 -10.17 -10.40
N GLN E 127 44.04 -9.75 -11.59
CA GLN E 127 43.29 -8.51 -11.79
C GLN E 127 44.08 -7.27 -11.40
N GLN E 128 45.25 -7.45 -10.80
CA GLN E 128 45.95 -6.30 -10.23
C GLN E 128 46.29 -5.26 -11.28
N GLY E 129 46.44 -5.67 -12.54
CA GLY E 129 46.59 -4.71 -13.61
C GLY E 129 45.27 -4.04 -13.95
N VAL E 130 45.18 -3.45 -15.13
CA VAL E 130 43.97 -2.77 -15.56
C VAL E 130 43.07 -3.85 -16.15
N GLY E 131 42.02 -3.44 -16.87
CA GLY E 131 40.97 -4.36 -17.27
C GLY E 131 41.37 -5.34 -18.36
N LEU E 132 40.38 -5.90 -19.04
CA LEU E 132 40.56 -6.99 -19.99
C LEU E 132 41.48 -8.11 -19.45
N PRO E 133 41.09 -8.75 -18.36
CA PRO E 133 41.95 -9.83 -17.82
C PRO E 133 42.20 -10.95 -18.81
N THR E 134 41.40 -11.02 -19.86
CA THR E 134 41.62 -11.98 -20.92
C THR E 134 42.67 -11.48 -21.90
N ASP E 135 43.30 -12.43 -22.58
CA ASP E 135 43.96 -12.10 -23.83
C ASP E 135 43.83 -13.29 -24.76
N ALA E 136 43.46 -13.02 -26.01
CA ALA E 136 43.11 -14.08 -26.97
C ALA E 136 44.26 -14.36 -27.92
N TYR E 137 44.50 -15.64 -28.19
CA TYR E 137 45.60 -16.05 -29.04
C TYR E 137 45.19 -17.24 -29.90
N VAL E 138 45.74 -17.27 -31.10
CA VAL E 138 45.69 -18.47 -31.93
C VAL E 138 47.13 -18.80 -32.32
N ALA E 139 47.29 -19.78 -33.18
CA ALA E 139 48.62 -20.19 -33.63
C ALA E 139 48.62 -20.28 -35.14
N ILE E 140 49.44 -19.46 -35.79
CA ILE E 140 49.60 -19.47 -37.23
C ILE E 140 51.07 -19.58 -37.57
N GLU E 141 51.34 -20.03 -38.78
CA GLU E 141 52.70 -20.28 -39.21
C GLU E 141 53.42 -18.98 -39.55
N GLU E 151 57.49 -22.76 -38.20
CA GLU E 151 57.22 -21.43 -37.70
C GLU E 151 56.21 -21.48 -36.55
N LYS E 152 54.95 -21.20 -36.84
CA LYS E 152 53.86 -21.49 -35.90
C LYS E 152 53.98 -20.80 -34.55
N THR E 153 53.70 -19.51 -34.48
CA THR E 153 53.61 -18.81 -33.21
C THR E 153 52.16 -18.42 -32.92
N PHE E 154 51.96 -17.70 -31.83
CA PHE E 154 50.64 -17.28 -31.40
C PHE E 154 50.34 -15.90 -31.93
N LEU E 155 49.39 -15.81 -32.87
CA LEU E 155 48.86 -14.50 -33.21
C LEU E 155 48.01 -13.99 -32.06
N HIS E 156 48.23 -12.73 -31.71
CA HIS E 156 47.39 -12.05 -30.76
C HIS E 156 46.11 -11.60 -31.45
N LEU E 157 45.02 -11.61 -30.70
CA LEU E 157 43.72 -11.21 -31.22
C LEU E 157 43.03 -10.28 -30.25
N PRO E 158 42.15 -9.43 -30.75
CA PRO E 158 41.32 -8.61 -29.87
C PRO E 158 40.26 -9.46 -29.19
N CYS E 159 39.72 -8.92 -28.10
CA CYS E 159 38.67 -9.60 -27.37
C CYS E 159 37.59 -8.60 -27.00
N THR E 160 36.53 -9.10 -26.38
CA THR E 160 35.46 -8.28 -25.85
C THR E 160 34.72 -9.10 -24.82
N ILE E 161 33.94 -8.43 -24.00
CA ILE E 161 33.02 -9.16 -23.13
C ILE E 161 31.63 -8.82 -23.60
N GLU E 162 30.98 -9.81 -24.20
CA GLU E 162 29.70 -9.64 -24.85
C GLU E 162 28.68 -10.33 -23.98
N ALA E 163 27.85 -9.54 -23.31
CA ALA E 163 26.86 -10.12 -22.42
C ALA E 163 25.70 -10.65 -23.24
N GLU E 164 25.48 -11.95 -23.18
CA GLU E 164 24.22 -12.46 -23.67
C GLU E 164 23.14 -12.08 -22.68
N GLU E 165 21.89 -12.10 -23.16
CA GLU E 165 20.78 -11.57 -22.38
C GLU E 165 20.76 -12.10 -20.96
N ALA E 166 21.01 -13.41 -20.79
CA ALA E 166 21.03 -13.98 -19.45
C ALA E 166 22.13 -13.37 -18.61
N GLU E 167 23.29 -13.15 -19.22
CA GLU E 167 24.38 -12.52 -18.48
C GLU E 167 24.18 -11.02 -18.32
N GLU E 168 23.47 -10.38 -19.25
CA GLU E 168 23.00 -9.04 -18.99
C GLU E 168 22.23 -9.00 -17.69
N ILE E 169 21.24 -9.87 -17.57
CA ILE E 169 20.39 -9.88 -16.39
C ILE E 169 21.21 -10.19 -15.15
N GLY E 170 22.06 -11.21 -15.22
CA GLY E 170 22.82 -11.60 -14.06
C GLY E 170 23.79 -10.55 -13.60
N VAL E 171 24.69 -10.13 -14.50
CA VAL E 171 25.70 -9.14 -14.14
C VAL E 171 25.02 -7.88 -13.61
N GLU E 172 23.96 -7.43 -14.27
CA GLU E 172 23.17 -6.34 -13.74
C GLU E 172 22.78 -6.60 -12.29
N HIS E 173 21.99 -7.65 -12.07
CA HIS E 173 21.38 -7.87 -10.77
C HIS E 173 22.43 -8.02 -9.68
N LEU E 174 23.62 -8.48 -10.04
CA LEU E 174 24.69 -8.62 -9.06
C LEU E 174 25.39 -7.30 -8.80
N LEU E 175 25.52 -6.44 -9.80
CA LEU E 175 26.22 -5.18 -9.66
C LEU E 175 25.30 -4.04 -9.29
N ARG E 176 24.03 -4.34 -8.97
CA ARG E 176 23.12 -3.29 -8.50
C ARG E 176 23.77 -2.41 -7.45
N ASP E 177 24.37 -3.02 -6.42
CA ASP E 177 24.72 -2.29 -5.22
C ASP E 177 25.99 -1.46 -5.37
N VAL E 178 26.95 -1.93 -6.18
CA VAL E 178 28.25 -1.28 -6.28
C VAL E 178 28.19 0.11 -6.88
N ARG E 179 27.03 0.52 -7.39
CA ARG E 179 26.94 1.78 -8.11
C ARG E 179 27.40 2.95 -7.25
N ASP E 180 28.03 3.93 -7.91
CA ASP E 180 28.81 4.95 -7.22
C ASP E 180 27.95 6.04 -6.63
N GLN E 181 28.47 6.68 -5.58
CA GLN E 181 27.78 7.80 -4.96
C GLN E 181 27.98 9.09 -5.75
N ALA E 182 29.22 9.35 -6.21
CA ALA E 182 29.56 10.52 -7.01
C ALA E 182 29.22 11.83 -6.27
N ALA E 183 30.02 12.08 -5.23
CA ALA E 183 29.79 13.20 -4.31
C ALA E 183 30.10 14.56 -4.92
N GLY E 184 30.61 14.63 -6.15
CA GLY E 184 30.94 15.89 -6.77
C GLY E 184 29.81 16.90 -6.69
N GLY E 185 30.13 18.17 -6.49
CA GLY E 185 29.12 19.17 -6.26
C GLY E 185 28.17 19.30 -7.43
N LEU E 186 27.05 19.97 -7.17
CA LEU E 186 25.99 20.10 -8.15
C LEU E 186 26.52 20.64 -9.48
N SER E 187 27.34 21.68 -9.42
CA SER E 187 27.90 22.24 -10.64
C SER E 187 28.72 21.20 -11.38
N ILE E 188 29.44 20.37 -10.63
CA ILE E 188 30.28 19.35 -11.26
C ILE E 188 29.42 18.38 -12.05
N ARG E 189 28.39 17.83 -11.41
CA ARG E 189 27.49 16.93 -12.10
C ARG E 189 26.88 17.59 -13.32
N LEU E 190 26.20 18.72 -13.11
CA LEU E 190 25.54 19.39 -14.23
C LEU E 190 26.51 19.71 -15.34
N THR E 191 27.80 19.81 -15.02
CA THR E 191 28.81 19.98 -16.06
C THR E 191 29.03 18.66 -16.80
N ASN E 192 29.30 17.59 -16.04
CA ASN E 192 29.55 16.28 -16.62
C ASN E 192 28.50 15.94 -17.63
N GLN E 193 27.26 16.27 -17.31
CA GLN E 193 26.17 16.02 -18.22
C GLN E 193 26.43 16.70 -19.55
N LEU E 194 26.41 18.04 -19.56
CA LEU E 194 26.50 18.77 -20.83
C LEU E 194 27.69 18.30 -21.65
N LYS E 195 28.78 17.95 -20.96
CA LYS E 195 29.88 17.28 -21.65
C LYS E 195 29.37 16.04 -22.37
N SER E 196 28.63 15.20 -21.66
CA SER E 196 28.14 13.97 -22.27
C SER E 196 27.25 14.28 -23.47
N LEU E 197 26.36 15.27 -23.33
CA LEU E 197 25.48 15.60 -24.44
C LEU E 197 26.28 15.97 -25.68
N LYS E 198 27.25 16.87 -25.53
CA LYS E 198 28.07 17.23 -26.69
C LYS E 198 28.74 15.99 -27.27
N GLY E 199 29.27 15.11 -26.41
CA GLY E 199 29.86 13.89 -26.92
C GLY E 199 28.90 13.15 -27.84
N LEU E 200 27.70 12.88 -27.35
CA LEU E 200 26.70 12.22 -28.17
C LEU E 200 26.51 12.94 -29.49
N GLN E 201 26.30 14.25 -29.43
CA GLN E 201 26.15 15.05 -30.64
C GLN E 201 27.24 14.73 -31.64
N SER E 202 28.50 14.76 -31.19
CA SER E 202 29.61 14.47 -32.07
C SER E 202 29.46 13.10 -32.71
N LYS E 203 29.20 12.08 -31.90
CA LYS E 203 29.10 10.74 -32.46
C LYS E 203 27.99 10.67 -33.50
N LEU E 204 26.92 11.40 -33.28
CA LEU E 204 25.85 11.43 -34.26
C LEU E 204 26.32 12.04 -35.56
N LYS E 205 27.11 13.13 -35.50
CA LYS E 205 27.81 13.57 -36.70
C LYS E 205 28.41 12.35 -37.39
N ASP E 206 29.32 11.71 -36.65
CA ASP E 206 30.14 10.65 -37.21
C ASP E 206 29.29 9.69 -38.03
N VAL E 207 28.20 9.23 -37.43
CA VAL E 207 27.42 8.25 -38.15
C VAL E 207 26.78 8.87 -39.37
N VAL E 208 26.33 10.11 -39.27
CA VAL E 208 25.64 10.70 -40.42
C VAL E 208 26.57 10.75 -41.61
N GLU E 209 27.71 11.43 -41.48
CA GLU E 209 28.52 11.56 -42.69
C GLU E 209 29.08 10.22 -43.11
N TYR E 210 29.25 9.29 -42.18
CA TYR E 210 29.60 7.94 -42.60
C TYR E 210 28.57 7.40 -43.57
N LEU E 211 27.31 7.34 -43.14
CA LEU E 211 26.26 6.83 -43.99
C LEU E 211 26.27 7.52 -45.34
N ASP E 212 26.56 8.81 -45.34
CA ASP E 212 26.86 9.49 -46.60
C ASP E 212 27.91 8.71 -47.38
N LYS E 213 29.05 8.43 -46.75
CA LYS E 213 30.09 7.67 -47.43
C LYS E 213 29.61 6.30 -47.87
N VAL E 214 28.54 5.78 -47.28
CA VAL E 214 28.02 4.50 -47.75
C VAL E 214 27.25 4.69 -49.05
N ILE E 215 26.38 5.68 -49.10
CA ILE E 215 25.63 5.91 -50.33
C ILE E 215 26.43 6.69 -51.36
N ASN E 216 27.61 7.17 -51.02
CA ASN E 216 28.34 8.03 -51.93
C ASN E 216 29.75 7.52 -52.17
N LYS E 217 30.59 7.55 -51.12
CA LYS E 217 31.94 7.02 -51.21
C LYS E 217 31.96 5.54 -51.58
N GLU E 218 30.81 4.89 -51.49
CA GLU E 218 30.67 3.50 -51.87
C GLU E 218 31.60 2.62 -51.05
N LEU E 219 31.87 3.04 -49.81
CA LEU E 219 32.35 2.11 -48.83
C LEU E 219 31.39 0.93 -48.81
N PRO E 220 31.88 -0.29 -48.98
CA PRO E 220 30.98 -1.43 -49.09
C PRO E 220 29.99 -1.48 -47.93
N ILE E 221 28.77 -1.91 -48.23
CA ILE E 221 27.75 -2.02 -47.19
C ILE E 221 28.30 -2.87 -46.08
N ASN E 222 28.26 -2.35 -44.86
CA ASN E 222 28.64 -3.14 -43.71
C ASN E 222 27.35 -3.46 -42.97
N HIS E 223 26.92 -4.70 -43.10
CA HIS E 223 25.66 -5.09 -42.48
C HIS E 223 25.77 -5.00 -40.97
N THR E 224 26.85 -5.53 -40.43
CA THR E 224 26.99 -5.60 -38.98
C THR E 224 26.77 -4.26 -38.31
N ILE E 225 27.06 -3.18 -39.02
CA ILE E 225 26.74 -1.88 -38.45
C ILE E 225 25.26 -1.58 -38.59
N LEU E 226 24.73 -1.77 -39.79
CA LEU E 226 23.32 -1.45 -40.01
C LEU E 226 22.44 -2.15 -38.99
N GLY E 227 22.72 -3.42 -38.74
CA GLY E 227 22.03 -4.11 -37.66
C GLY E 227 22.06 -3.32 -36.38
N LYS E 228 23.22 -2.79 -36.03
CA LYS E 228 23.30 -2.08 -34.77
C LYS E 228 22.57 -0.76 -34.81
N LEU E 229 22.52 -0.09 -35.96
CA LEU E 229 21.69 1.10 -36.06
C LEU E 229 20.25 0.75 -35.79
N GLN E 230 19.74 -0.24 -36.50
CA GLN E 230 18.39 -0.73 -36.25
C GLN E 230 18.18 -0.96 -34.77
N ASP E 231 19.08 -1.71 -34.14
CA ASP E 231 18.96 -1.94 -32.72
C ASP E 231 18.97 -0.65 -31.94
N VAL E 232 19.56 0.41 -32.51
CA VAL E 232 19.46 1.68 -31.83
C VAL E 232 18.07 2.26 -31.98
N PHE E 233 17.42 2.01 -33.12
CA PHE E 233 16.06 2.50 -33.24
C PHE E 233 15.11 1.74 -32.36
N ASN E 234 15.24 0.42 -32.31
CA ASN E 234 14.35 -0.40 -31.52
C ASN E 234 14.30 0.06 -30.09
N LEU E 235 15.32 0.75 -29.63
CA LEU E 235 15.40 1.20 -28.26
C LEU E 235 14.95 2.62 -28.05
N LEU E 236 14.56 3.33 -29.09
CA LEU E 236 14.05 4.66 -28.86
C LEU E 236 12.75 4.57 -28.09
N PRO E 237 12.60 5.26 -26.98
CA PRO E 237 11.34 5.16 -26.23
C PRO E 237 10.21 5.78 -27.00
N ASN E 238 9.12 5.03 -27.12
CA ASN E 238 7.88 5.61 -27.59
C ASN E 238 7.40 6.60 -26.54
N LEU E 239 7.04 7.79 -26.98
CA LEU E 239 6.99 8.89 -26.05
C LEU E 239 6.20 10.07 -26.57
N ASN E 259 -0.82 2.20 -19.20
CA ASN E 259 0.60 2.36 -18.90
C ASN E 259 1.37 3.01 -20.02
N ASN E 260 1.16 4.30 -20.24
CA ASN E 260 2.02 5.04 -21.14
C ASN E 260 3.23 5.50 -20.36
N LEU E 261 4.40 5.38 -20.98
CA LEU E 261 5.60 5.87 -20.30
C LEU E 261 5.52 7.36 -20.07
N GLN E 262 4.81 8.08 -20.92
CA GLN E 262 4.76 9.53 -20.80
C GLN E 262 4.29 9.95 -19.41
N LYS E 263 3.04 9.64 -19.09
CA LYS E 263 2.56 10.01 -17.77
C LYS E 263 3.28 9.23 -16.68
N ALA E 264 3.81 8.06 -16.99
CA ALA E 264 4.66 7.40 -16.02
C ALA E 264 5.80 8.29 -15.60
N LEU E 265 6.29 9.10 -16.52
CA LEU E 265 7.35 10.06 -16.22
C LEU E 265 6.80 11.31 -15.55
N THR E 266 5.69 11.82 -16.06
CA THR E 266 5.10 13.01 -15.47
C THR E 266 4.86 12.84 -13.99
N VAL E 267 4.29 11.71 -13.60
CA VAL E 267 4.00 11.49 -12.19
C VAL E 267 5.27 11.56 -11.37
N LYS E 268 6.35 11.01 -11.88
CA LYS E 268 7.62 11.16 -11.19
C LYS E 268 7.94 12.63 -11.06
N THR E 269 8.20 13.31 -12.17
CA THR E 269 8.70 14.66 -12.10
C THR E 269 7.91 15.50 -11.12
N ASN E 270 6.59 15.33 -11.11
CA ASN E 270 5.81 15.92 -10.02
C ASN E 270 6.34 15.45 -8.68
N ASP E 271 6.54 14.15 -8.54
CA ASP E 271 6.89 13.61 -7.23
C ASP E 271 8.23 14.16 -6.75
N GLU E 272 9.21 14.30 -7.64
CA GLU E 272 10.45 14.93 -7.22
C GLU E 272 10.24 16.39 -6.89
N LEU E 273 9.63 17.15 -7.81
CA LEU E 273 9.44 18.56 -7.56
C LEU E 273 8.85 18.81 -6.19
N MET E 274 8.01 17.92 -5.70
CA MET E 274 7.61 18.03 -4.31
C MET E 274 8.82 18.12 -3.41
N VAL E 275 9.63 17.06 -3.39
CA VAL E 275 10.73 17.00 -2.43
C VAL E 275 11.63 18.20 -2.59
N ILE E 276 11.94 18.57 -3.83
CA ILE E 276 12.66 19.81 -4.06
C ILE E 276 12.02 20.94 -3.29
N TYR E 277 10.70 21.05 -3.41
CA TYR E 277 9.98 22.20 -2.88
C TYR E 277 10.00 22.24 -1.36
N ILE E 278 9.53 21.18 -0.71
CA ILE E 278 9.48 21.24 0.73
C ILE E 278 10.88 21.33 1.31
N SER E 279 11.86 20.75 0.62
CA SER E 279 13.24 20.95 1.02
C SER E 279 13.57 22.44 1.00
N ASN E 280 13.24 23.11 -0.10
CA ASN E 280 13.43 24.55 -0.16
C ASN E 280 12.80 25.24 1.04
N LEU E 281 11.58 24.83 1.40
CA LEU E 281 11.00 25.38 2.62
C LEU E 281 11.96 25.21 3.79
N VAL E 282 12.60 24.05 3.88
CA VAL E 282 13.47 23.83 5.03
C VAL E 282 14.65 24.76 5.01
N ARG E 283 15.28 24.96 3.85
CA ARG E 283 16.33 25.96 3.78
C ARG E 283 15.80 27.31 4.22
N SER E 284 14.69 27.74 3.62
CA SER E 284 14.17 29.07 3.92
C SER E 284 14.01 29.28 5.40
N ILE E 285 13.31 28.37 6.08
CA ILE E 285 13.11 28.54 7.51
C ILE E 285 14.44 28.57 8.25
N ILE E 286 15.40 27.74 7.84
CA ILE E 286 16.70 27.79 8.48
C ILE E 286 17.31 29.18 8.35
N ALA E 287 17.43 29.66 7.13
CA ALA E 287 18.00 30.97 6.89
C ALA E 287 17.35 32.02 7.76
N PHE E 288 16.02 32.02 7.79
CA PHE E 288 15.30 32.91 8.70
C PHE E 288 15.85 32.79 10.11
N ASP E 289 16.03 31.57 10.60
CA ASP E 289 16.63 31.40 11.91
C ASP E 289 17.96 32.15 12.01
N ASP E 290 18.81 31.97 11.02
CA ASP E 290 20.11 32.60 11.15
C ASP E 290 19.98 34.12 11.17
N LEU E 291 19.00 34.68 10.44
CA LEU E 291 18.71 36.09 10.63
C LEU E 291 18.42 36.40 12.07
N ILE E 292 17.64 35.53 12.72
CA ILE E 292 17.37 35.79 14.12
C ILE E 292 18.67 35.88 14.89
N GLU E 293 19.62 35.00 14.56
CA GLU E 293 20.88 35.02 15.29
C GLU E 293 21.69 36.28 15.01
N ASN E 294 21.74 36.73 13.76
CA ASN E 294 22.38 38.01 13.50
C ASN E 294 21.70 39.09 14.31
N LYS E 295 20.44 39.39 14.00
CA LYS E 295 19.75 40.51 14.63
C LYS E 295 19.95 40.50 16.14
N ILE E 296 19.78 39.35 16.77
CA ILE E 296 20.02 39.29 18.21
C ILE E 296 21.47 39.63 18.51
N GLN E 297 22.39 39.18 17.65
CA GLN E 297 23.80 39.41 17.88
C GLN E 297 24.16 40.89 17.80
N ASN E 298 23.78 41.54 16.70
CA ASN E 298 24.04 42.95 16.55
C ASN E 298 23.36 43.76 17.65
N LYS E 299 22.18 43.32 18.08
CA LYS E 299 21.52 44.01 19.17
C LYS E 299 22.40 44.01 20.41
N LYS E 300 22.95 42.85 20.78
CA LYS E 300 23.73 42.85 22.00
C LYS E 300 25.09 43.52 21.81
N ILE E 301 25.71 43.37 20.63
CA ILE E 301 26.98 44.04 20.40
C ILE E 301 26.81 45.55 20.45
N GLN E 302 25.97 46.08 19.55
CA GLN E 302 25.74 47.51 19.50
C GLN E 302 25.25 48.04 20.84
N GLU E 303 24.48 47.23 21.57
CA GLU E 303 24.21 47.51 22.97
C GLU E 303 25.51 47.77 23.73
N GLN E 304 26.45 46.83 23.65
CA GLN E 304 27.65 46.94 24.45
C GLN E 304 28.50 48.14 24.05
N ARG E 305 28.48 48.49 22.77
CA ARG E 305 29.29 49.61 22.29
C ARG E 305 28.95 50.90 23.01
N VAL E 306 27.76 51.00 23.59
CA VAL E 306 27.42 52.09 24.49
C VAL E 306 28.49 52.16 25.57
N LYS E 307 28.53 51.15 26.43
CA LYS E 307 29.57 51.03 27.44
C LYS E 307 29.47 49.69 28.14
N GLU F 6 47.64 -60.71 -65.01
CA GLU F 6 48.40 -59.64 -64.37
C GLU F 6 47.56 -58.40 -64.21
N ILE F 7 47.09 -58.16 -62.97
CA ILE F 7 46.34 -56.94 -62.67
C ILE F 7 47.15 -55.71 -63.05
N ASP F 8 48.47 -55.86 -63.21
CA ASP F 8 49.26 -54.85 -63.90
C ASP F 8 48.88 -54.79 -65.37
N THR F 9 48.95 -55.92 -66.06
CA THR F 9 48.62 -55.94 -67.48
C THR F 9 47.11 -55.94 -67.70
N ILE F 10 46.37 -56.70 -66.90
CA ILE F 10 44.92 -56.53 -66.87
C ILE F 10 44.60 -55.05 -66.70
N LEU F 11 45.25 -54.42 -65.74
CA LEU F 11 45.20 -52.98 -65.62
C LEU F 11 45.56 -52.29 -66.94
N SER F 12 46.43 -52.90 -67.74
CA SER F 12 46.75 -52.30 -69.03
C SER F 12 45.63 -52.47 -70.06
N THR F 13 44.78 -53.50 -69.92
CA THR F 13 43.59 -53.49 -70.78
C THR F 13 42.51 -52.60 -70.21
N LEU F 14 42.58 -52.29 -68.92
CA LEU F 14 41.88 -51.13 -68.39
C LEU F 14 42.40 -49.87 -69.06
N ARG F 15 43.67 -49.88 -69.47
CA ARG F 15 44.28 -48.75 -70.17
C ARG F 15 43.99 -48.76 -71.67
N MET F 16 43.61 -49.91 -72.22
CA MET F 16 43.32 -49.99 -73.65
C MET F 16 42.14 -49.10 -74.02
N GLU F 17 41.10 -49.12 -73.19
CA GLU F 17 39.91 -48.32 -73.45
C GLU F 17 40.02 -46.90 -72.91
N ALA F 18 41.15 -46.56 -72.30
CA ALA F 18 41.36 -45.23 -71.75
C ALA F 18 41.90 -44.30 -72.80
N ASP F 19 41.43 -43.05 -72.77
CA ASP F 19 42.04 -42.01 -73.57
C ASP F 19 43.51 -41.90 -73.15
N PRO F 20 44.45 -42.14 -74.05
CA PRO F 20 45.87 -42.12 -73.65
C PRO F 20 46.31 -40.80 -73.07
N SER F 21 45.57 -39.71 -73.33
CA SER F 21 45.85 -38.45 -72.65
C SER F 21 45.68 -38.59 -71.15
N LEU F 22 44.75 -39.44 -70.72
CA LEU F 22 44.57 -39.75 -69.33
C LEU F 22 45.48 -40.88 -68.88
N HIS F 23 46.25 -41.45 -69.80
CA HIS F 23 47.15 -42.55 -69.50
C HIS F 23 48.32 -42.19 -68.59
N PRO F 24 48.99 -41.03 -68.75
CA PRO F 24 50.24 -40.80 -68.01
C PRO F 24 50.18 -41.07 -66.52
N LEU F 25 48.97 -41.05 -65.95
CA LEU F 25 48.81 -41.35 -64.53
C LEU F 25 48.93 -42.85 -64.30
N PHE F 26 48.58 -43.65 -65.30
CA PHE F 26 48.65 -45.10 -65.17
C PHE F 26 50.05 -45.56 -64.79
N GLU F 27 51.07 -45.08 -65.49
CA GLU F 27 52.45 -45.34 -65.11
C GLU F 27 52.66 -45.03 -63.64
N GLN F 28 52.21 -43.84 -63.21
CA GLN F 28 52.17 -43.52 -61.79
C GLN F 28 51.60 -44.70 -61.01
N PHE F 29 50.35 -45.04 -61.31
CA PHE F 29 49.70 -46.16 -60.65
C PHE F 29 50.66 -47.34 -60.61
N GLU F 30 51.21 -47.68 -61.78
CA GLU F 30 52.19 -48.74 -61.89
C GLU F 30 53.25 -48.60 -60.82
N LYS F 31 54.10 -47.58 -60.96
CA LYS F 31 55.19 -47.44 -60.01
C LYS F 31 54.63 -47.33 -58.60
N PHE F 32 53.48 -46.67 -58.46
CA PHE F 32 52.88 -46.58 -57.15
C PHE F 32 52.42 -47.93 -56.67
N TYR F 33 51.65 -48.65 -57.50
CA TYR F 33 51.40 -50.05 -57.19
C TYR F 33 52.71 -50.76 -56.91
N GLU F 34 53.76 -50.41 -57.64
CA GLU F 34 55.11 -50.83 -57.31
C GLU F 34 55.52 -50.29 -55.94
N GLU F 35 55.71 -48.97 -55.84
CA GLU F 35 56.29 -48.43 -54.62
C GLU F 35 55.34 -48.52 -53.44
N LYS F 36 54.03 -48.51 -53.69
CA LYS F 36 53.04 -48.60 -52.64
C LYS F 36 53.26 -47.49 -51.61
N LEU F 37 53.40 -46.26 -52.11
CA LEU F 37 53.29 -45.08 -51.27
C LEU F 37 51.85 -44.65 -51.33
N TRP F 38 51.12 -44.90 -50.25
CA TRP F 38 49.67 -44.92 -50.37
C TRP F 38 49.12 -43.52 -50.57
N PHE F 39 49.68 -42.55 -49.86
CA PHE F 39 49.28 -41.16 -50.08
C PHE F 39 49.45 -40.75 -51.53
N GLN F 40 50.53 -41.19 -52.16
CA GLN F 40 50.78 -40.84 -53.55
C GLN F 40 49.75 -41.46 -54.46
N LEU F 41 49.44 -42.75 -54.23
CA LEU F 41 48.35 -43.38 -54.96
C LEU F 41 47.08 -42.55 -54.83
N SER F 42 46.70 -42.25 -53.58
CA SER F 42 45.50 -41.47 -53.32
C SER F 42 45.47 -40.22 -54.17
N GLU F 43 46.56 -39.45 -54.15
CA GLU F 43 46.67 -38.31 -55.07
C GLU F 43 46.36 -38.75 -56.49
N SER F 44 47.09 -39.74 -56.96
CA SER F 44 47.09 -40.17 -58.35
C SER F 44 45.70 -40.54 -58.82
N LEU F 45 45.22 -41.69 -58.36
CA LEU F 45 43.94 -42.20 -58.81
C LEU F 45 42.78 -41.38 -58.26
N THR F 46 43.03 -40.52 -57.27
CA THR F 46 42.01 -39.58 -56.85
C THR F 46 41.73 -38.57 -57.95
N LYS F 47 42.75 -37.82 -58.36
CA LYS F 47 42.53 -36.83 -59.42
C LYS F 47 42.25 -37.51 -60.75
N PHE F 48 42.99 -38.57 -61.06
CA PHE F 48 42.67 -39.41 -62.20
C PHE F 48 41.19 -39.67 -62.20
N PHE F 49 40.76 -40.43 -61.20
CA PHE F 49 39.39 -40.89 -61.08
C PHE F 49 38.42 -39.72 -61.28
N ASP F 50 38.77 -38.57 -60.71
CA ASP F 50 38.01 -37.34 -60.96
C ASP F 50 37.80 -37.14 -62.46
N ASP F 51 38.88 -37.25 -63.23
CA ASP F 51 38.76 -37.05 -64.68
C ASP F 51 38.23 -38.28 -65.41
N ALA F 52 38.37 -39.46 -64.81
CA ALA F 52 37.90 -40.72 -65.33
C ALA F 52 36.43 -40.95 -65.05
N LYS F 53 35.78 -39.96 -64.43
CA LYS F 53 34.32 -39.87 -64.51
C LYS F 53 33.86 -40.06 -65.95
N SER F 54 34.67 -39.62 -66.92
CA SER F 54 34.40 -39.89 -68.32
C SER F 54 34.41 -41.39 -68.62
N THR F 55 35.01 -42.21 -67.76
CA THR F 55 35.20 -43.62 -68.03
C THR F 55 34.42 -44.45 -67.05
N PRO F 56 33.41 -45.21 -67.47
CA PRO F 56 32.81 -46.20 -66.57
C PRO F 56 33.82 -47.25 -66.13
N LEU F 57 34.93 -47.36 -66.86
CA LEU F 57 36.01 -48.28 -66.54
C LEU F 57 36.34 -48.17 -65.06
N ARG F 58 36.29 -46.94 -64.55
CA ARG F 58 36.70 -46.67 -63.18
C ARG F 58 36.06 -47.63 -62.19
N LEU F 59 34.80 -48.03 -62.44
CA LEU F 59 34.15 -49.01 -61.59
C LEU F 59 35.07 -50.18 -61.35
N ARG F 60 35.31 -50.96 -62.40
CA ARG F 60 36.15 -52.14 -62.24
C ARG F 60 37.53 -51.75 -61.76
N LEU F 61 38.00 -50.56 -62.14
CA LEU F 61 39.25 -50.05 -61.63
C LEU F 61 39.14 -50.09 -60.12
N TYR F 62 38.22 -49.28 -59.58
CA TYR F 62 37.87 -49.38 -58.17
C TYR F 62 37.61 -50.83 -57.80
N ASP F 63 36.79 -51.52 -58.59
CA ASP F 63 36.35 -52.85 -58.23
C ASP F 63 37.48 -53.86 -58.23
N ASN F 64 38.68 -53.50 -58.66
CA ASN F 64 39.69 -54.55 -58.71
C ASN F 64 40.75 -54.37 -57.64
N PHE F 65 41.74 -53.50 -57.88
CA PHE F 65 42.78 -53.30 -56.88
C PHE F 65 42.40 -52.25 -55.84
N VAL F 66 41.69 -51.20 -56.27
CA VAL F 66 41.20 -50.22 -55.29
C VAL F 66 40.18 -50.88 -54.39
N SER F 67 39.39 -51.82 -54.92
CA SER F 67 38.63 -52.69 -54.05
C SER F 67 39.56 -53.41 -53.09
N LYS F 68 40.65 -53.98 -53.60
CA LYS F 68 41.70 -54.51 -52.75
C LYS F 68 42.18 -53.47 -51.75
N PHE F 69 42.20 -52.21 -52.16
CA PHE F 69 42.93 -51.17 -51.47
C PHE F 69 42.11 -50.35 -50.48
N TYR F 70 40.86 -50.73 -50.19
CA TYR F 70 40.13 -49.93 -49.22
C TYR F 70 40.84 -49.86 -47.87
N ASP F 71 41.87 -50.66 -47.66
CA ASP F 71 42.66 -50.60 -46.44
C ASP F 71 43.49 -49.33 -46.31
N LYS F 72 43.75 -48.62 -47.40
CA LYS F 72 44.89 -47.70 -47.47
C LYS F 72 44.63 -46.31 -46.92
N ILE F 73 43.86 -45.51 -47.65
CA ILE F 73 43.90 -44.05 -47.57
C ILE F 73 42.70 -43.48 -46.85
N ASN F 74 42.57 -42.16 -46.89
CA ASN F 74 41.43 -41.49 -46.28
C ASN F 74 40.14 -42.14 -46.73
N GLN F 75 39.24 -42.30 -45.77
CA GLN F 75 37.94 -42.88 -46.07
C GLN F 75 37.13 -41.90 -46.90
N LEU F 76 37.33 -40.60 -46.71
CA LEU F 76 36.73 -39.65 -47.63
C LEU F 76 37.26 -39.86 -49.04
N SER F 77 38.56 -40.15 -49.13
CA SER F 77 39.15 -40.44 -50.43
C SER F 77 38.48 -41.65 -51.05
N VAL F 78 38.47 -42.77 -50.33
CA VAL F 78 37.97 -44.01 -50.90
C VAL F 78 36.50 -43.85 -51.26
N VAL F 79 35.75 -43.16 -50.42
CA VAL F 79 34.32 -43.09 -50.62
C VAL F 79 33.99 -42.16 -51.78
N LYS F 80 34.78 -41.11 -51.97
CA LYS F 80 34.59 -40.27 -53.15
C LYS F 80 34.54 -41.12 -54.41
N TYR F 81 35.32 -42.20 -54.44
CA TYR F 81 35.37 -43.05 -55.62
C TYR F 81 34.02 -43.69 -55.87
N LEU F 82 33.49 -44.42 -54.88
CA LEU F 82 32.17 -44.97 -55.05
C LEU F 82 31.15 -43.90 -55.39
N LEU F 83 31.33 -42.70 -54.86
CA LEU F 83 30.41 -41.63 -55.20
C LEU F 83 30.42 -41.34 -56.69
N ALA F 84 31.53 -40.83 -57.22
CA ALA F 84 31.56 -40.44 -58.61
C ALA F 84 31.27 -41.63 -59.52
N SER F 85 31.70 -42.82 -59.10
CA SER F 85 31.43 -44.03 -59.86
C SER F 85 29.94 -44.28 -59.97
N LEU F 86 29.27 -44.42 -58.84
CA LEU F 86 27.84 -44.70 -58.78
C LEU F 86 27.00 -43.53 -59.27
N LYS F 87 27.60 -42.36 -59.45
CA LYS F 87 26.86 -41.16 -59.84
C LYS F 87 25.92 -41.44 -60.99
N ASP F 88 26.47 -41.84 -62.12
CA ASP F 88 25.67 -42.12 -63.30
C ASP F 88 24.64 -43.21 -63.02
N SER F 89 24.97 -44.17 -62.16
CA SER F 89 24.25 -45.43 -62.13
C SER F 89 22.76 -45.23 -61.93
N LYS F 90 21.98 -45.76 -62.86
CA LYS F 90 20.53 -45.79 -62.74
C LYS F 90 20.02 -47.08 -62.15
N ASP F 91 20.93 -47.99 -61.78
CA ASP F 91 20.56 -49.16 -61.00
C ASP F 91 20.79 -48.79 -59.55
N PHE F 92 19.69 -48.60 -58.83
CA PHE F 92 19.78 -48.08 -57.48
C PHE F 92 20.14 -49.17 -56.50
N ASP F 93 19.59 -50.36 -56.70
CA ASP F 93 19.92 -51.48 -55.83
C ASP F 93 21.38 -51.84 -55.96
N GLU F 94 21.98 -51.58 -57.12
CA GLU F 94 23.41 -51.80 -57.30
C GLU F 94 24.20 -50.80 -56.48
N SER F 95 23.80 -49.54 -56.53
CA SER F 95 24.39 -48.51 -55.70
C SER F 95 24.32 -48.90 -54.23
N LEU F 96 23.09 -48.98 -53.71
CA LEU F 96 22.90 -49.39 -52.32
C LEU F 96 23.72 -50.62 -52.01
N LYS F 97 23.76 -51.56 -52.93
CA LYS F 97 24.58 -52.76 -52.84
C LYS F 97 26.01 -52.37 -52.49
N TYR F 98 26.74 -51.75 -53.42
CA TYR F 98 28.11 -51.35 -53.11
C TYR F 98 28.20 -50.63 -51.78
N LEU F 99 27.20 -49.79 -51.49
CA LEU F 99 27.27 -48.93 -50.31
C LEU F 99 27.31 -49.76 -49.03
N ASP F 100 26.28 -50.57 -48.80
CA ASP F 100 26.26 -51.36 -47.59
C ASP F 100 27.40 -52.37 -47.58
N ASP F 101 27.87 -52.76 -48.77
CA ASP F 101 29.05 -53.61 -48.85
C ASP F 101 30.22 -52.94 -48.15
N LEU F 102 30.66 -51.82 -48.73
CA LEU F 102 31.74 -51.06 -48.15
C LEU F 102 31.50 -50.80 -46.67
N LYS F 103 30.25 -50.44 -46.33
CA LYS F 103 29.90 -50.24 -44.93
C LYS F 103 30.32 -51.44 -44.10
N ALA F 104 29.89 -52.63 -44.51
CA ALA F 104 30.26 -53.84 -43.78
C ALA F 104 31.77 -53.92 -43.64
N GLN F 105 32.49 -53.55 -44.69
CA GLN F 105 33.94 -53.60 -44.60
C GLN F 105 34.46 -52.67 -43.51
N PHE F 106 33.85 -51.51 -43.36
CA PHE F 106 34.28 -50.64 -42.28
C PHE F 106 33.78 -51.08 -40.92
N GLN F 107 32.67 -51.80 -40.87
CA GLN F 107 32.28 -52.44 -39.63
C GLN F 107 33.36 -53.42 -39.20
N GLU F 108 33.97 -54.10 -40.16
CA GLU F 108 35.11 -54.95 -39.86
C GLU F 108 36.29 -54.11 -39.35
N LEU F 109 36.74 -53.15 -40.15
CA LEU F 109 37.92 -52.38 -39.79
C LEU F 109 37.76 -51.76 -38.41
N ASP F 110 36.60 -51.15 -38.17
CA ASP F 110 36.34 -50.56 -36.86
C ASP F 110 36.29 -51.62 -35.78
N SER F 111 35.74 -52.79 -36.11
CA SER F 111 35.69 -53.86 -35.13
C SER F 111 37.08 -54.24 -34.66
N LYS F 112 38.07 -54.19 -35.55
CA LYS F 112 39.42 -54.50 -35.13
C LYS F 112 40.12 -53.33 -34.44
N LYS F 113 39.87 -52.10 -34.87
CA LYS F 113 40.75 -50.98 -34.55
C LYS F 113 40.07 -49.95 -33.67
N GLN F 114 40.90 -49.24 -32.90
CA GLN F 114 40.48 -48.29 -31.86
C GLN F 114 40.71 -46.85 -32.32
N ARG F 115 40.33 -45.91 -31.45
CA ARG F 115 40.36 -44.48 -31.73
C ARG F 115 41.74 -43.94 -32.11
N ASN F 116 42.63 -43.81 -31.11
CA ASN F 116 44.00 -43.40 -31.42
C ASN F 116 44.78 -44.50 -32.11
N ASN F 117 44.20 -45.69 -32.22
CA ASN F 117 44.82 -46.83 -32.87
C ASN F 117 44.51 -46.89 -34.36
N GLY F 118 43.88 -45.85 -34.90
CA GLY F 118 43.65 -45.76 -36.33
C GLY F 118 42.21 -45.85 -36.78
N SER F 119 41.27 -46.23 -35.91
CA SER F 119 39.86 -46.14 -36.26
C SER F 119 39.24 -45.04 -35.40
N LYS F 120 39.06 -43.88 -35.99
CA LYS F 120 38.48 -42.73 -35.33
C LYS F 120 37.47 -42.10 -36.27
N ASP F 121 37.99 -41.58 -37.36
CA ASP F 121 37.21 -40.94 -38.40
C ASP F 121 36.72 -41.92 -39.45
N HIS F 122 36.94 -43.23 -39.27
CA HIS F 122 36.11 -44.20 -39.98
C HIS F 122 34.65 -43.86 -39.81
N GLY F 123 34.28 -43.39 -38.62
CA GLY F 123 32.95 -42.86 -38.44
C GLY F 123 32.59 -41.86 -39.51
N ASP F 124 33.55 -41.02 -39.89
CA ASP F 124 33.26 -40.01 -40.93
C ASP F 124 32.89 -40.69 -42.24
N GLY F 125 33.76 -41.56 -42.74
CA GLY F 125 33.43 -42.30 -43.94
C GLY F 125 32.06 -42.96 -43.84
N ILE F 126 31.77 -43.57 -42.69
CA ILE F 126 30.49 -44.21 -42.49
C ILE F 126 29.36 -43.21 -42.73
N LEU F 127 29.40 -42.10 -41.99
CA LEU F 127 28.38 -41.07 -42.11
C LEU F 127 28.19 -40.66 -43.56
N LEU F 128 29.28 -40.26 -44.20
CA LEU F 128 29.21 -39.85 -45.60
C LEU F 128 28.48 -40.88 -46.45
N ILE F 129 28.89 -42.14 -46.31
CA ILE F 129 28.18 -43.24 -46.96
C ILE F 129 26.69 -43.10 -46.74
N ASP F 130 26.28 -43.15 -45.47
CA ASP F 130 24.86 -43.11 -45.15
C ASP F 130 24.16 -41.95 -45.82
N SER F 131 24.82 -40.79 -45.86
CA SER F 131 24.26 -39.63 -46.54
C SER F 131 23.95 -39.97 -47.99
N GLU F 132 24.94 -40.45 -48.73
CA GLU F 132 24.69 -40.76 -50.12
C GLU F 132 23.65 -41.85 -50.28
N ILE F 133 23.61 -42.79 -49.34
CA ILE F 133 22.55 -43.80 -49.32
C ILE F 133 21.20 -43.13 -49.34
N ALA F 134 20.97 -42.24 -48.38
CA ALA F 134 19.73 -41.48 -48.36
C ALA F 134 19.48 -40.84 -49.72
N ARG F 135 20.52 -40.23 -50.29
CA ARG F 135 20.37 -39.70 -51.65
C ARG F 135 19.79 -40.75 -52.58
N THR F 136 20.37 -41.94 -52.57
CA THR F 136 19.89 -43.01 -53.43
C THR F 136 18.41 -43.24 -53.23
N TYR F 137 17.96 -43.25 -51.98
CA TYR F 137 16.54 -43.40 -51.74
C TYR F 137 15.76 -42.27 -52.39
N LEU F 138 16.17 -41.03 -52.17
CA LEU F 138 15.45 -39.93 -52.80
C LEU F 138 15.37 -40.15 -54.31
N LEU F 139 16.39 -40.76 -54.88
CA LEU F 139 16.31 -41.14 -56.28
C LEU F 139 15.38 -42.32 -56.47
N LYS F 140 15.33 -43.19 -55.47
CA LYS F 140 14.50 -44.38 -55.50
C LYS F 140 13.06 -44.08 -55.10
N ASN F 141 12.74 -42.80 -54.88
CA ASN F 141 11.56 -42.42 -54.13
C ASN F 141 11.68 -43.06 -52.75
N ASP F 142 10.79 -43.99 -52.41
CA ASP F 142 10.90 -44.69 -51.13
C ASP F 142 11.09 -43.66 -50.02
N LEU F 143 10.38 -42.56 -50.17
CA LEU F 143 10.80 -41.31 -49.57
C LEU F 143 10.81 -41.35 -48.06
N VAL F 144 10.21 -42.38 -47.46
CA VAL F 144 10.16 -42.41 -46.00
C VAL F 144 11.50 -42.81 -45.42
N LYS F 145 12.10 -43.90 -45.90
CA LYS F 145 13.41 -44.24 -45.36
C LYS F 145 14.45 -43.19 -45.68
N ALA F 146 14.26 -42.43 -46.75
CA ALA F 146 15.04 -41.22 -46.90
C ALA F 146 14.94 -40.41 -45.62
N ARG F 147 13.71 -40.14 -45.21
CA ARG F 147 13.48 -39.26 -44.09
C ARG F 147 14.09 -39.82 -42.81
N ASP F 148 13.81 -41.07 -42.51
CA ASP F 148 14.29 -41.59 -41.23
C ASP F 148 15.79 -41.79 -41.24
N LEU F 149 16.38 -42.13 -42.39
CA LEU F 149 17.83 -42.26 -42.44
C LEU F 149 18.50 -40.90 -42.21
N LEU F 150 18.03 -39.88 -42.91
CA LEU F 150 18.58 -38.55 -42.70
C LEU F 150 18.43 -38.13 -41.25
N ASP F 151 17.25 -38.34 -40.69
CA ASP F 151 17.01 -37.88 -39.34
C ASP F 151 17.90 -38.62 -38.36
N ASP F 152 17.98 -39.94 -38.50
CA ASP F 152 18.88 -40.70 -37.64
C ASP F 152 20.30 -40.20 -37.78
N LEU F 153 20.66 -39.76 -38.97
CA LEU F 153 22.01 -39.24 -39.19
C LEU F 153 22.21 -37.92 -38.46
N GLU F 154 21.16 -37.10 -38.41
CA GLU F 154 21.33 -35.73 -37.99
C GLU F 154 21.82 -35.64 -36.56
N LYS F 155 21.33 -36.52 -35.69
CA LYS F 155 21.79 -36.55 -34.31
C LYS F 155 23.28 -36.84 -34.26
N THR F 156 23.68 -37.96 -34.85
CA THR F 156 25.09 -38.33 -34.86
C THR F 156 25.94 -37.15 -35.31
N LEU F 157 25.49 -36.46 -36.34
CA LEU F 157 26.20 -35.25 -36.74
C LEU F 157 26.26 -34.23 -35.63
N ASP F 158 25.12 -33.70 -35.18
CA ASP F 158 25.20 -32.54 -34.34
C ASP F 158 25.84 -32.82 -32.99
N LYS F 159 26.05 -34.09 -32.63
CA LYS F 159 26.86 -34.31 -31.44
C LYS F 159 28.34 -34.20 -31.75
N LYS F 160 28.78 -34.70 -32.90
CA LYS F 160 30.19 -34.55 -33.26
C LYS F 160 30.49 -33.10 -33.54
N ASP F 161 31.46 -32.55 -32.84
CA ASP F 161 31.85 -31.15 -33.06
C ASP F 161 32.79 -31.00 -34.25
N SER F 162 33.77 -31.86 -34.37
CA SER F 162 34.80 -31.75 -35.40
C SER F 162 34.56 -32.80 -36.46
N ILE F 163 34.13 -32.37 -37.64
CA ILE F 163 33.92 -33.28 -38.76
C ILE F 163 34.27 -32.55 -40.04
N PRO F 164 34.75 -33.24 -41.07
CA PRO F 164 35.12 -32.55 -42.30
C PRO F 164 33.89 -31.92 -42.93
N LEU F 165 34.14 -30.90 -43.75
CA LEU F 165 33.04 -30.21 -44.37
C LEU F 165 32.32 -31.07 -45.38
N ARG F 166 33.08 -31.90 -46.11
CA ARG F 166 32.50 -32.65 -47.21
C ARG F 166 31.24 -33.38 -46.79
N ILE F 167 31.30 -34.03 -45.62
CA ILE F 167 30.12 -34.71 -45.09
C ILE F 167 28.96 -33.75 -45.00
N THR F 168 29.20 -32.61 -44.38
CA THR F 168 28.14 -31.64 -44.18
C THR F 168 27.53 -31.19 -45.50
N ASN F 169 28.36 -30.93 -46.51
CA ASN F 169 27.83 -30.59 -47.82
C ASN F 169 26.99 -31.72 -48.39
N SER F 170 27.35 -32.98 -48.09
CA SER F 170 26.49 -34.05 -48.53
C SER F 170 25.16 -34.02 -47.80
N PHE F 171 25.20 -33.73 -46.50
CA PHE F 171 24.02 -33.80 -45.67
C PHE F 171 23.00 -32.76 -46.09
N TYR F 172 23.41 -31.49 -46.11
CA TYR F 172 22.49 -30.49 -46.60
C TYR F 172 22.18 -30.70 -48.07
N SER F 173 23.12 -31.26 -48.82
CA SER F 173 22.87 -31.56 -50.21
C SER F 173 21.63 -32.42 -50.36
N THR F 174 21.53 -33.47 -49.55
CA THR F 174 20.38 -34.35 -49.65
C THR F 174 19.14 -33.71 -49.05
N ASN F 175 19.25 -33.20 -47.82
CA ASN F 175 18.08 -32.60 -47.18
C ASN F 175 17.40 -31.58 -48.08
N SER F 176 18.20 -30.78 -48.77
CA SER F 176 17.66 -29.86 -49.75
C SER F 176 16.73 -30.59 -50.71
N GLN F 177 17.22 -31.65 -51.34
CA GLN F 177 16.41 -32.39 -52.29
C GLN F 177 15.14 -32.89 -51.61
N TYR F 178 15.28 -33.49 -50.43
CA TYR F 178 14.13 -34.07 -49.76
C TYR F 178 13.03 -33.04 -49.58
N PHE F 179 13.34 -31.93 -48.90
CA PHE F 179 12.34 -30.89 -48.74
C PHE F 179 11.84 -30.39 -50.08
N LYS F 180 12.69 -30.44 -51.09
CA LYS F 180 12.28 -29.99 -52.42
C LYS F 180 11.17 -30.88 -52.97
N PHE F 181 11.22 -32.17 -52.69
CA PHE F 181 10.08 -33.02 -53.06
C PHE F 181 8.89 -32.74 -52.15
N LYS F 182 9.11 -32.77 -50.84
CA LYS F 182 8.03 -32.54 -49.90
C LYS F 182 7.40 -31.17 -50.09
N ASN F 183 8.13 -30.22 -50.68
CA ASN F 183 7.65 -28.85 -50.86
C ASN F 183 7.32 -28.21 -49.52
N ASP F 184 8.21 -28.39 -48.56
CA ASP F 184 8.28 -27.52 -47.40
C ASP F 184 9.27 -26.43 -47.75
N PHE F 185 8.76 -25.22 -47.95
CA PHE F 185 9.63 -24.19 -48.51
C PHE F 185 10.56 -23.64 -47.46
N ASN F 186 10.06 -23.35 -46.26
CA ASN F 186 10.89 -22.88 -45.18
C ASN F 186 12.13 -23.73 -45.01
N SER F 187 11.91 -24.98 -44.63
CA SER F 187 13.00 -25.91 -44.40
C SER F 187 13.93 -25.99 -45.61
N PHE F 188 13.35 -26.05 -46.81
CA PHE F 188 14.19 -26.05 -47.99
C PHE F 188 15.14 -24.86 -47.98
N TYR F 189 14.58 -23.66 -47.85
CA TYR F 189 15.38 -22.45 -47.88
C TYR F 189 16.52 -22.52 -46.89
N TYR F 190 16.21 -22.80 -45.63
CA TYR F 190 17.28 -22.80 -44.64
C TYR F 190 18.36 -23.80 -44.99
N THR F 191 17.95 -25.05 -45.20
CA THR F 191 18.91 -26.07 -45.57
C THR F 191 19.79 -25.60 -46.71
N SER F 192 19.18 -24.99 -47.72
CA SER F 192 19.92 -24.49 -48.87
C SER F 192 21.00 -23.55 -48.39
N LEU F 193 20.61 -22.42 -47.82
CA LEU F 193 21.61 -21.42 -47.44
C LEU F 193 22.76 -22.05 -46.68
N LEU F 194 22.46 -22.97 -45.77
CA LEU F 194 23.55 -23.66 -45.09
C LEU F 194 24.43 -24.38 -46.10
N TYR F 195 23.81 -25.19 -46.95
CA TYR F 195 24.53 -25.94 -47.96
C TYR F 195 25.48 -25.06 -48.75
N LEU F 196 24.96 -23.95 -49.28
CA LEU F 196 25.80 -23.02 -50.02
C LEU F 196 26.95 -22.53 -49.17
N SER F 197 26.65 -22.03 -47.98
CA SER F 197 27.71 -21.50 -47.12
C SER F 197 28.82 -22.52 -46.93
N THR F 198 28.47 -23.79 -46.87
CA THR F 198 29.47 -24.82 -46.65
C THR F 198 30.05 -25.37 -47.93
N LEU F 199 29.60 -24.89 -49.07
CA LEU F 199 30.10 -25.40 -50.34
C LEU F 199 31.58 -25.09 -50.45
N GLU F 200 32.30 -25.93 -51.18
CA GLU F 200 33.75 -25.91 -51.18
C GLU F 200 34.28 -25.95 -52.60
N PRO F 201 35.53 -25.53 -52.83
CA PRO F 201 36.07 -25.52 -54.20
C PRO F 201 36.21 -26.91 -54.79
N SER F 202 36.57 -27.90 -53.98
CA SER F 202 36.68 -29.26 -54.49
C SER F 202 35.34 -29.82 -54.93
N THR F 203 34.25 -29.12 -54.63
CA THR F 203 32.95 -29.42 -55.19
C THR F 203 32.71 -28.45 -56.34
N SER F 204 32.78 -28.97 -57.56
CA SER F 204 32.53 -28.19 -58.76
C SER F 204 31.12 -28.46 -59.21
N ILE F 205 30.29 -27.43 -59.24
CA ILE F 205 28.89 -27.60 -59.60
C ILE F 205 28.57 -26.70 -60.77
N THR F 206 27.61 -27.15 -61.58
CA THR F 206 27.35 -26.52 -62.86
C THR F 206 26.81 -25.12 -62.67
N LEU F 207 27.23 -24.22 -63.55
CA LEU F 207 26.64 -22.89 -63.56
C LEU F 207 25.14 -22.98 -63.80
N ALA F 208 24.71 -23.89 -64.68
CA ALA F 208 23.29 -24.11 -64.85
C ALA F 208 22.65 -24.54 -63.53
N GLU F 209 23.28 -25.46 -62.81
CA GLU F 209 22.82 -25.83 -61.50
C GLU F 209 22.69 -24.60 -60.62
N ARG F 210 23.81 -23.94 -60.33
CA ARG F 210 23.80 -22.78 -59.44
C ARG F 210 22.70 -21.80 -59.82
N GLN F 211 22.52 -21.58 -61.11
CA GLN F 211 21.36 -20.81 -61.57
C GLN F 211 20.08 -21.40 -61.03
N GLN F 212 19.89 -22.70 -61.22
CA GLN F 212 18.64 -23.33 -60.79
C GLN F 212 18.45 -23.15 -59.30
N LEU F 213 19.43 -23.61 -58.52
CA LEU F 213 19.37 -23.52 -57.08
C LEU F 213 19.01 -22.11 -56.64
N ALA F 214 19.61 -21.10 -57.28
CA ALA F 214 19.21 -19.74 -56.96
C ALA F 214 17.75 -19.50 -57.29
N TYR F 215 17.26 -20.10 -58.36
CA TYR F 215 15.87 -19.90 -58.71
C TYR F 215 14.94 -20.52 -57.69
N ASP F 216 15.06 -21.83 -57.47
CA ASP F 216 14.20 -22.51 -56.51
C ASP F 216 14.31 -21.88 -55.14
N LEU F 217 15.48 -21.35 -54.83
CA LEU F 217 15.66 -20.70 -53.55
C LEU F 217 14.86 -19.42 -53.50
N SER F 218 14.91 -18.64 -54.57
CA SER F 218 14.10 -17.43 -54.66
C SER F 218 12.62 -17.74 -54.49
N ILE F 219 12.13 -18.72 -55.24
CA ILE F 219 10.73 -19.12 -55.09
C ILE F 219 10.42 -19.48 -53.65
N SER F 220 11.26 -20.32 -53.06
CA SER F 220 11.03 -20.74 -51.69
C SER F 220 10.82 -19.53 -50.80
N ALA F 221 11.79 -18.62 -50.81
CA ALA F 221 11.65 -17.42 -50.00
C ALA F 221 10.43 -16.62 -50.39
N LEU F 222 9.94 -16.78 -51.61
CA LEU F 222 8.74 -16.07 -51.96
C LEU F 222 7.51 -16.74 -51.37
N LEU F 223 7.49 -18.06 -51.38
CA LEU F 223 6.37 -18.83 -50.86
C LEU F 223 6.59 -19.28 -49.43
N GLY F 224 7.72 -18.93 -48.82
CA GLY F 224 8.00 -19.38 -47.48
C GLY F 224 7.13 -18.70 -46.46
N ASP F 225 6.54 -19.49 -45.56
CA ASP F 225 5.64 -18.91 -44.59
C ASP F 225 6.37 -17.97 -43.66
N LYS F 226 7.48 -18.42 -43.10
CA LYS F 226 8.19 -17.69 -42.06
C LYS F 226 9.36 -16.90 -42.58
N ILE F 227 9.58 -16.85 -43.89
CA ILE F 227 10.75 -16.15 -44.38
C ILE F 227 10.39 -14.71 -44.69
N TYR F 228 10.76 -13.80 -43.82
CA TYR F 228 10.49 -12.40 -44.11
C TYR F 228 11.73 -11.59 -44.39
N ASN F 229 12.92 -12.17 -44.29
CA ASN F 229 14.14 -11.43 -44.52
C ASN F 229 14.73 -11.89 -45.84
N PHE F 230 14.71 -11.01 -46.83
CA PHE F 230 15.26 -11.31 -48.13
C PHE F 230 16.65 -10.74 -48.34
N GLY F 231 17.15 -9.96 -47.40
CA GLY F 231 18.49 -9.46 -47.55
C GLY F 231 19.51 -10.57 -47.67
N GLU F 232 19.21 -11.72 -47.08
CA GLU F 232 20.13 -12.85 -47.17
C GLU F 232 20.42 -13.21 -48.60
N LEU F 233 19.38 -13.43 -49.40
CA LEU F 233 19.63 -13.86 -50.76
C LEU F 233 20.00 -12.70 -51.68
N LEU F 234 19.26 -11.60 -51.65
CA LEU F 234 19.54 -10.52 -52.59
C LEU F 234 20.99 -10.07 -52.51
N HIS F 235 21.61 -10.24 -51.34
CA HIS F 235 23.03 -10.03 -51.20
C HIS F 235 23.82 -11.32 -51.21
N HIS F 236 23.18 -12.43 -51.45
CA HIS F 236 23.94 -13.66 -51.38
C HIS F 236 24.69 -13.88 -52.69
N PRO F 237 25.94 -14.33 -52.61
CA PRO F 237 26.77 -14.40 -53.83
C PRO F 237 26.22 -15.28 -54.90
N ILE F 238 25.26 -16.15 -54.60
CA ILE F 238 24.76 -17.00 -55.65
C ILE F 238 23.81 -16.26 -56.57
N MET F 239 23.13 -15.23 -56.09
CA MET F 239 22.17 -14.56 -56.94
C MET F 239 22.85 -13.85 -58.10
N GLU F 240 24.14 -13.58 -57.99
CA GLU F 240 24.87 -12.97 -59.09
C GLU F 240 24.89 -13.85 -60.32
N THR F 241 24.56 -15.12 -60.19
CA THR F 241 24.59 -15.98 -61.36
C THR F 241 23.37 -15.80 -62.24
N ILE F 242 22.17 -15.76 -61.64
CA ILE F 242 20.96 -15.67 -62.43
C ILE F 242 20.55 -14.23 -62.66
N VAL F 243 21.32 -13.28 -62.13
CA VAL F 243 20.86 -11.90 -62.04
C VAL F 243 20.63 -11.30 -63.42
N ASN F 244 21.47 -11.64 -64.37
CA ASN F 244 21.49 -10.90 -65.62
C ASN F 244 20.41 -11.36 -66.61
N ASP F 245 20.01 -12.63 -66.55
CA ASP F 245 19.00 -13.12 -67.46
C ASP F 245 17.70 -12.33 -67.29
N SER F 246 17.20 -11.81 -68.40
CA SER F 246 15.98 -11.00 -68.35
C SER F 246 14.74 -11.86 -68.20
N ASN F 247 14.79 -13.11 -68.64
CA ASN F 247 13.67 -14.01 -68.41
C ASN F 247 13.33 -14.10 -66.94
N TYR F 248 14.32 -13.90 -66.07
CA TYR F 248 14.15 -13.85 -64.64
C TYR F 248 14.16 -12.44 -64.07
N ASP F 249 14.28 -11.40 -64.89
CA ASP F 249 14.42 -10.05 -64.34
C ASP F 249 13.18 -9.64 -63.55
N TRP F 250 12.01 -10.04 -64.03
CA TRP F 250 10.79 -9.83 -63.27
C TRP F 250 10.92 -10.35 -61.85
N LEU F 251 11.68 -11.44 -61.66
CA LEU F 251 11.78 -12.03 -60.34
C LEU F 251 12.45 -11.07 -59.38
N PHE F 252 13.58 -10.49 -59.78
CA PHE F 252 14.19 -9.50 -58.91
C PHE F 252 13.33 -8.28 -58.78
N GLN F 253 12.64 -7.89 -59.83
CA GLN F 253 11.62 -6.88 -59.67
C GLN F 253 10.71 -7.24 -58.53
N LEU F 254 10.43 -8.53 -58.37
CA LEU F 254 9.44 -8.98 -57.42
C LEU F 254 9.98 -8.93 -56.00
N LEU F 255 11.15 -9.53 -55.78
CA LEU F 255 11.71 -9.51 -54.43
C LEU F 255 12.10 -8.10 -54.02
N ASN F 256 12.87 -7.43 -54.88
CA ASN F 256 13.23 -6.03 -54.66
C ASN F 256 12.01 -5.21 -54.32
N ALA F 257 10.94 -5.38 -55.09
CA ALA F 257 9.70 -4.69 -54.79
C ALA F 257 9.20 -5.07 -53.41
N LEU F 258 9.42 -6.31 -53.02
CA LEU F 258 8.79 -6.81 -51.81
C LEU F 258 9.49 -6.30 -50.56
N THR F 259 10.80 -6.36 -50.51
CA THR F 259 11.49 -5.92 -49.31
C THR F 259 11.37 -4.42 -49.08
N VAL F 260 11.06 -3.65 -50.12
CA VAL F 260 10.81 -2.23 -49.94
C VAL F 260 9.32 -2.08 -49.79
N GLY F 261 8.61 -3.20 -49.75
CA GLY F 261 7.21 -3.25 -49.39
C GLY F 261 6.33 -2.22 -50.07
N ASP F 262 6.44 -2.14 -51.39
CA ASP F 262 5.59 -1.25 -52.15
C ASP F 262 4.38 -2.04 -52.59
N PHE F 263 3.22 -1.73 -51.99
CA PHE F 263 2.05 -2.58 -52.16
C PHE F 263 1.56 -2.58 -53.60
N ASP F 264 1.27 -1.40 -54.13
CA ASP F 264 0.64 -1.32 -55.44
C ASP F 264 1.57 -1.88 -56.51
N LYS F 265 2.84 -1.51 -56.46
CA LYS F 265 3.77 -1.92 -57.51
C LYS F 265 3.87 -3.43 -57.55
N PHE F 266 4.11 -4.05 -56.41
CA PHE F 266 4.03 -5.51 -56.32
C PHE F 266 2.74 -6.01 -56.94
N ASP F 267 1.63 -5.44 -56.49
CA ASP F 267 0.31 -5.86 -56.96
C ASP F 267 0.22 -5.82 -58.47
N SER F 268 0.92 -4.88 -59.09
CA SER F 268 1.03 -4.90 -60.54
C SER F 268 1.85 -6.09 -61.00
N LEU F 269 3.01 -6.29 -60.37
CA LEU F 269 3.94 -7.31 -60.85
C LEU F 269 3.32 -8.68 -60.89
N ILE F 270 2.54 -9.03 -59.87
CA ILE F 270 2.01 -10.38 -59.81
C ILE F 270 1.09 -10.68 -60.96
N LYS F 271 0.46 -9.65 -61.53
CA LYS F 271 -0.61 -9.89 -62.49
C LYS F 271 -0.12 -10.68 -63.70
N VAL F 272 1.09 -10.41 -64.17
CA VAL F 272 1.60 -11.09 -65.34
C VAL F 272 2.03 -12.50 -64.97
N GLN F 273 3.10 -12.61 -64.19
CA GLN F 273 3.72 -13.90 -63.92
C GLN F 273 2.76 -14.86 -63.25
N ILE F 274 1.74 -14.33 -62.57
CA ILE F 274 0.81 -15.19 -61.85
C ILE F 274 0.13 -16.15 -62.80
N SER F 275 -0.08 -15.73 -64.05
CA SER F 275 -0.56 -16.64 -65.07
C SER F 275 0.53 -17.58 -65.53
N LYS F 276 1.78 -17.12 -65.51
CA LYS F 276 2.86 -17.86 -66.15
C LYS F 276 3.21 -19.11 -65.37
N ILE F 277 3.71 -18.93 -64.15
CA ILE F 277 4.25 -20.04 -63.37
C ILE F 277 3.09 -20.66 -62.59
N PRO F 278 2.75 -21.92 -62.84
CA PRO F 278 1.61 -22.52 -62.13
C PRO F 278 1.82 -22.61 -60.64
N ILE F 279 3.06 -22.82 -60.19
CA ILE F 279 3.31 -22.85 -58.76
C ILE F 279 2.93 -21.52 -58.14
N LEU F 280 3.07 -20.44 -58.89
CA LEU F 280 2.55 -19.16 -58.41
C LEU F 280 1.04 -19.10 -58.50
N ALA F 281 0.44 -19.77 -59.48
CA ALA F 281 -1.01 -19.77 -59.57
C ALA F 281 -1.62 -20.23 -58.26
N GLN F 282 -1.15 -21.36 -57.76
CA GLN F 282 -1.45 -21.72 -56.39
C GLN F 282 -0.72 -20.77 -55.44
N HIS F 283 -1.20 -20.71 -54.21
CA HIS F 283 -0.60 -19.93 -53.13
C HIS F 283 -0.70 -18.44 -53.35
N GLU F 284 -1.64 -17.93 -54.15
CA GLU F 284 -1.76 -16.49 -54.25
C GLU F 284 -2.11 -15.88 -52.91
N SER F 285 -2.92 -16.60 -52.12
CA SER F 285 -3.27 -16.16 -50.78
C SER F 285 -2.03 -15.78 -50.00
N PHE F 286 -1.08 -16.72 -49.92
CA PHE F 286 0.18 -16.45 -49.24
C PHE F 286 0.72 -15.11 -49.67
N LEU F 287 1.04 -15.00 -50.95
CA LEU F 287 1.63 -13.77 -51.48
C LEU F 287 0.89 -12.55 -50.99
N ARG F 288 -0.44 -12.60 -50.99
CA ARG F 288 -1.18 -11.44 -50.53
C ARG F 288 -0.89 -11.15 -49.06
N GLN F 289 -1.06 -12.15 -48.21
CA GLN F 289 -0.74 -11.96 -46.79
C GLN F 289 0.65 -11.39 -46.63
N LYS F 290 1.62 -12.08 -47.21
CA LYS F 290 3.02 -11.71 -47.06
C LYS F 290 3.25 -10.26 -47.44
N ILE F 291 2.60 -9.80 -48.51
CA ILE F 291 2.70 -8.40 -48.85
C ILE F 291 2.16 -7.54 -47.73
N CYS F 292 0.90 -7.77 -47.35
CA CYS F 292 0.30 -6.94 -46.32
C CYS F 292 1.24 -6.80 -45.14
N LEU F 293 1.81 -7.91 -44.71
CA LEU F 293 2.80 -7.90 -43.66
C LEU F 293 3.94 -6.95 -43.97
N MET F 294 4.73 -7.26 -45.00
CA MET F 294 5.91 -6.45 -45.27
C MET F 294 5.57 -4.97 -45.30
N THR F 295 4.48 -4.62 -45.96
CA THR F 295 4.01 -3.24 -45.97
C THR F 295 3.89 -2.70 -44.56
N LEU F 296 3.14 -3.41 -43.74
CA LEU F 296 2.96 -3.04 -42.34
C LEU F 296 4.30 -2.80 -41.67
N ILE F 297 5.18 -3.78 -41.75
CA ILE F 297 6.49 -3.69 -41.12
C ILE F 297 7.17 -2.40 -41.49
N GLU F 298 7.15 -2.05 -42.77
CA GLU F 298 7.88 -0.87 -43.20
C GLU F 298 7.22 0.41 -42.70
N THR F 299 5.92 0.54 -42.95
CA THR F 299 5.21 1.72 -42.48
C THR F 299 5.43 1.96 -41.00
N VAL F 300 5.70 0.90 -40.25
CA VAL F 300 6.10 1.09 -38.86
C VAL F 300 7.56 1.49 -38.76
N PHE F 301 8.41 0.83 -39.55
CA PHE F 301 9.85 0.99 -39.38
C PHE F 301 10.30 2.41 -39.66
N VAL F 302 9.65 3.08 -40.61
CA VAL F 302 10.04 4.45 -40.91
C VAL F 302 9.46 5.42 -39.90
N LYS F 303 8.28 5.13 -39.37
CA LYS F 303 7.52 6.12 -38.64
C LYS F 303 8.28 6.57 -37.39
N ASN F 304 8.26 7.88 -37.15
CA ASN F 304 9.13 8.46 -36.13
C ASN F 304 8.77 7.94 -34.75
N ILE F 305 7.55 8.18 -34.33
CA ILE F 305 6.97 7.57 -33.14
C ILE F 305 6.14 6.40 -33.61
N ARG F 306 6.36 5.23 -33.02
CA ARG F 306 5.75 4.01 -33.53
C ARG F 306 4.42 3.86 -32.84
N MET F 307 3.36 4.13 -33.57
CA MET F 307 2.00 3.85 -33.16
C MET F 307 1.19 3.93 -34.43
N LEU F 308 0.03 3.29 -34.43
CA LEU F 308 -0.78 3.31 -35.64
C LEU F 308 -2.24 3.24 -35.28
N SER F 309 -3.06 3.91 -36.06
CA SER F 309 -4.47 3.60 -35.95
C SER F 309 -4.75 2.37 -36.79
N PHE F 310 -5.97 1.85 -36.71
CA PHE F 310 -6.25 0.74 -37.60
C PHE F 310 -6.49 1.23 -39.01
N GLU F 311 -7.03 2.44 -39.15
CA GLU F 311 -7.21 3.02 -40.46
C GLU F 311 -5.89 3.09 -41.20
N ASP F 312 -4.88 3.66 -40.57
CA ASP F 312 -3.59 3.82 -41.21
C ASP F 312 -3.14 2.52 -41.84
N ILE F 313 -3.19 1.44 -41.08
CA ILE F 313 -2.81 0.16 -41.64
C ILE F 313 -3.74 -0.23 -42.75
N SER F 314 -5.03 0.08 -42.60
CA SER F 314 -5.97 -0.33 -43.64
C SER F 314 -5.58 0.29 -44.98
N LYS F 315 -5.44 1.61 -44.99
CA LYS F 315 -5.12 2.31 -46.23
C LYS F 315 -3.75 1.92 -46.74
N ALA F 316 -2.79 1.73 -45.83
CA ALA F 316 -1.45 1.38 -46.24
C ALA F 316 -1.43 0.01 -46.90
N THR F 317 -2.16 -0.94 -46.33
CA THR F 317 -2.21 -2.30 -46.85
C THR F 317 -3.41 -2.55 -47.73
N HIS F 318 -4.31 -1.57 -47.86
CA HIS F 318 -5.52 -1.74 -48.67
C HIS F 318 -6.29 -2.96 -48.20
N LEU F 319 -6.29 -3.15 -46.90
CA LEU F 319 -7.01 -4.20 -46.20
C LEU F 319 -8.20 -3.60 -45.47
N PRO F 320 -9.40 -4.12 -45.67
CA PRO F 320 -10.54 -3.64 -44.89
C PRO F 320 -10.24 -3.82 -43.43
N LYS F 321 -10.65 -2.86 -42.60
CA LYS F 321 -10.24 -3.00 -41.21
C LYS F 321 -11.25 -3.79 -40.41
N ASP F 322 -11.05 -5.10 -40.43
CA ASP F 322 -11.43 -6.02 -39.39
C ASP F 322 -10.15 -6.81 -39.22
N ASN F 323 -9.73 -7.38 -40.34
CA ASN F 323 -8.52 -8.18 -40.41
C ASN F 323 -7.34 -7.48 -39.78
N VAL F 324 -7.30 -6.14 -39.84
CA VAL F 324 -6.10 -5.41 -39.43
C VAL F 324 -5.53 -5.93 -38.13
N GLU F 325 -6.38 -6.37 -37.22
CA GLU F 325 -5.87 -6.97 -36.00
C GLU F 325 -5.44 -8.41 -36.21
N HIS F 326 -6.02 -9.12 -37.17
CA HIS F 326 -5.44 -10.41 -37.53
C HIS F 326 -4.09 -10.24 -38.19
N LEU F 327 -3.94 -9.19 -38.98
CA LEU F 327 -2.67 -8.95 -39.65
C LEU F 327 -1.61 -8.61 -38.64
N VAL F 328 -1.93 -7.75 -37.69
CA VAL F 328 -0.96 -7.41 -36.65
C VAL F 328 -0.64 -8.63 -35.82
N MET F 329 -1.67 -9.32 -35.31
CA MET F 329 -1.41 -10.46 -34.46
C MET F 329 -0.56 -11.50 -35.17
N ARG F 330 -0.84 -11.73 -36.44
CA ARG F 330 -0.01 -12.68 -37.14
C ARG F 330 1.38 -12.13 -37.37
N ALA F 331 1.49 -10.83 -37.54
CA ALA F 331 2.82 -10.25 -37.67
C ALA F 331 3.63 -10.48 -36.42
N ILE F 332 2.99 -10.55 -35.26
CA ILE F 332 3.73 -10.83 -34.05
C ILE F 332 4.07 -12.31 -33.95
N SER F 333 3.10 -13.18 -34.17
CA SER F 333 3.35 -14.58 -33.88
C SER F 333 4.43 -15.18 -34.75
N LEU F 334 4.86 -14.51 -35.80
CA LEU F 334 6.02 -14.95 -36.55
C LEU F 334 7.29 -14.34 -36.02
N GLY F 335 7.20 -13.52 -34.99
CA GLY F 335 8.35 -12.87 -34.43
C GLY F 335 8.67 -11.52 -35.03
N LEU F 336 7.95 -11.09 -36.06
CA LEU F 336 8.34 -9.88 -36.76
C LEU F 336 8.22 -8.66 -35.87
N LEU F 337 7.12 -8.53 -35.15
CA LEU F 337 6.92 -7.38 -34.30
C LEU F 337 6.84 -7.83 -32.86
N LYS F 338 7.12 -6.92 -31.95
CA LYS F 338 6.60 -7.05 -30.61
C LYS F 338 5.80 -5.81 -30.30
N GLY F 339 4.84 -5.94 -29.43
CA GLY F 339 4.00 -4.82 -29.08
C GLY F 339 2.61 -5.28 -28.75
N SER F 340 1.72 -4.32 -28.59
CA SER F 340 0.39 -4.57 -28.08
C SER F 340 -0.63 -3.87 -28.95
N ILE F 341 -1.89 -4.21 -28.73
CA ILE F 341 -3.00 -3.65 -29.48
C ILE F 341 -3.98 -3.07 -28.48
N ASP F 342 -4.40 -1.84 -28.70
CA ASP F 342 -5.45 -1.23 -27.90
C ASP F 342 -6.64 -1.00 -28.81
N GLN F 343 -7.69 -1.80 -28.64
CA GLN F 343 -8.82 -1.71 -29.54
C GLN F 343 -9.66 -0.47 -29.27
N VAL F 344 -9.93 -0.21 -28.01
CA VAL F 344 -10.84 0.84 -27.61
C VAL F 344 -10.55 2.09 -28.40
N ASN F 345 -9.27 2.44 -28.50
CA ASN F 345 -8.85 3.59 -29.28
C ASN F 345 -8.31 3.20 -30.65
N GLU F 346 -8.24 1.91 -30.95
CA GLU F 346 -7.76 1.42 -32.24
C GLU F 346 -6.35 1.92 -32.53
N LEU F 347 -5.44 1.62 -31.61
CA LEU F 347 -4.03 1.93 -31.74
C LEU F 347 -3.21 0.66 -31.74
N VAL F 348 -1.98 0.77 -32.26
CA VAL F 348 -1.02 -0.32 -32.22
C VAL F 348 0.30 0.28 -31.79
N THR F 349 0.83 -0.15 -30.65
CA THR F 349 2.00 0.53 -30.10
C THR F 349 3.31 0.08 -30.72
N ILE F 350 3.47 -1.20 -31.03
CA ILE F 350 4.69 -1.70 -31.63
C ILE F 350 5.92 -1.42 -30.78
N SER F 351 6.10 -2.19 -29.72
CA SER F 351 7.33 -2.11 -28.94
C SER F 351 8.55 -2.13 -29.86
N TRP F 352 8.86 -3.24 -30.53
CA TRP F 352 9.95 -3.15 -31.48
C TRP F 352 9.79 -4.06 -32.68
N VAL F 353 10.54 -3.72 -33.71
CA VAL F 353 10.48 -4.27 -35.07
C VAL F 353 11.80 -4.93 -35.40
N GLN F 354 11.73 -6.04 -36.09
CA GLN F 354 12.87 -6.93 -36.16
C GLN F 354 13.99 -6.32 -36.99
N PRO F 355 15.23 -6.44 -36.55
CA PRO F 355 16.34 -6.07 -37.41
C PRO F 355 16.36 -6.95 -38.65
N ARG F 356 16.59 -6.34 -39.80
CA ARG F 356 16.46 -7.04 -41.06
C ARG F 356 17.44 -6.41 -42.03
N ILE F 357 18.06 -7.22 -42.88
CA ILE F 357 19.06 -6.68 -43.79
C ILE F 357 18.40 -5.66 -44.69
N ILE F 358 19.07 -4.53 -44.86
CA ILE F 358 18.52 -3.34 -45.49
C ILE F 358 19.22 -3.08 -46.80
N SER F 359 18.44 -2.83 -47.85
CA SER F 359 18.99 -2.49 -49.15
C SER F 359 19.39 -1.03 -49.17
N GLY F 360 19.72 -0.51 -50.34
CA GLY F 360 20.26 0.83 -50.45
C GLY F 360 19.29 1.93 -50.07
N ASP F 361 18.15 2.00 -50.75
CA ASP F 361 17.25 3.14 -50.58
C ASP F 361 16.77 3.23 -49.14
N GLN F 362 16.47 2.10 -48.52
CA GLN F 362 15.95 2.11 -47.16
C GLN F 362 16.93 2.74 -46.21
N ILE F 363 18.22 2.73 -46.54
CA ILE F 363 19.20 3.37 -45.66
C ILE F 363 18.96 4.86 -45.62
N THR F 364 18.68 5.47 -46.77
CA THR F 364 18.60 6.92 -46.86
C THR F 364 17.68 7.49 -45.79
N LYS F 365 16.49 6.93 -45.65
CA LYS F 365 15.58 7.41 -44.62
C LYS F 365 16.21 7.33 -43.25
N MET F 366 16.94 6.25 -42.97
CA MET F 366 17.66 6.18 -41.71
C MET F 366 18.62 7.34 -41.57
N LYS F 367 19.34 7.65 -42.65
CA LYS F 367 20.18 8.82 -42.63
C LYS F 367 19.38 10.05 -42.23
N ASP F 368 18.19 10.21 -42.80
CA ASP F 368 17.35 11.33 -42.47
C ASP F 368 17.03 11.38 -40.98
N ARG F 369 16.27 10.40 -40.50
CA ARG F 369 15.88 10.38 -39.09
C ARG F 369 17.08 10.60 -38.20
N LEU F 370 18.23 10.09 -38.60
CA LEU F 370 19.39 10.28 -37.77
C LEU F 370 19.91 11.70 -37.87
N VAL F 371 19.68 12.37 -39.00
CA VAL F 371 20.03 13.78 -39.09
C VAL F 371 19.15 14.58 -38.15
N GLU F 372 17.84 14.32 -38.18
CA GLU F 372 16.94 14.94 -37.21
C GLU F 372 17.48 14.77 -35.81
N TRP F 373 17.59 13.52 -35.38
CA TRP F 373 18.00 13.29 -34.01
C TRP F 373 19.43 13.74 -33.76
N ASN F 374 20.15 14.16 -34.79
CA ASN F 374 21.34 14.96 -34.56
C ASN F 374 21.01 16.42 -34.28
N ASP F 375 20.07 16.97 -35.03
CA ASP F 375 19.73 18.37 -34.90
C ASP F 375 19.16 18.68 -33.52
N GLN F 376 18.19 17.88 -33.09
CA GLN F 376 17.61 18.10 -31.77
C GLN F 376 18.69 18.27 -30.73
N VAL F 377 19.73 17.45 -30.81
CA VAL F 377 20.82 17.57 -29.86
C VAL F 377 21.61 18.83 -30.12
N GLU F 378 21.80 19.19 -31.39
CA GLU F 378 22.48 20.44 -31.70
C GLU F 378 21.87 21.56 -30.88
N LYS F 379 20.56 21.70 -31.00
CA LYS F 379 19.88 22.80 -30.36
C LYS F 379 19.88 22.66 -28.85
N LEU F 380 19.70 21.44 -28.34
CA LEU F 380 19.61 21.30 -26.90
C LEU F 380 20.95 21.60 -26.24
N GLY F 381 21.99 20.88 -26.65
CA GLY F 381 23.30 21.12 -26.07
C GLY F 381 23.72 22.56 -26.23
N LYS F 382 23.63 23.09 -27.45
CA LYS F 382 24.03 24.46 -27.69
C LYS F 382 23.14 25.46 -26.97
N LYS F 383 21.95 25.03 -26.57
CA LYS F 383 21.01 25.89 -25.88
C LYS F 383 21.16 25.84 -24.37
N MET F 384 21.88 24.87 -23.84
CA MET F 384 21.96 24.75 -22.40
C MET F 384 23.19 25.40 -21.78
N GLU F 385 24.12 25.91 -22.57
CA GLU F 385 25.20 26.67 -21.94
C GLU F 385 24.69 28.04 -21.53
N ALA F 386 23.99 28.70 -22.44
CA ALA F 386 23.44 30.03 -22.23
C ALA F 386 22.74 30.08 -20.87
N ARG F 387 21.63 29.36 -20.76
CA ARG F 387 21.05 29.12 -19.45
C ARG F 387 22.11 28.47 -18.56
N GLY F 388 22.18 28.91 -17.32
CA GLY F 388 23.16 28.31 -16.44
C GLY F 388 24.58 28.52 -16.89
N GLN F 389 24.85 29.59 -17.63
CA GLN F 389 26.23 29.97 -17.91
C GLN F 389 26.95 30.30 -16.63
N SER F 390 26.24 30.85 -15.64
CA SER F 390 26.83 31.17 -14.36
C SER F 390 27.24 29.93 -13.59
N ILE F 391 26.77 28.76 -13.96
CA ILE F 391 27.26 27.51 -13.38
C ILE F 391 27.95 26.74 -14.48
N TRP F 392 29.28 26.71 -14.44
CA TRP F 392 30.05 25.71 -15.14
C TRP F 392 31.35 25.50 -14.39
N VAL F 393 31.98 24.36 -14.64
CA VAL F 393 33.26 24.04 -14.04
C VAL F 393 34.15 23.36 -15.06
N LYS G 24 14.11 -15.54 8.67
CA LYS G 24 15.44 -15.47 9.23
C LYS G 24 16.38 -16.41 8.49
N GLU G 25 15.82 -17.45 7.90
CA GLU G 25 16.62 -18.40 7.15
C GLU G 25 16.91 -17.85 5.76
N THR G 26 18.05 -18.24 5.20
CA THR G 26 18.49 -17.60 3.96
C THR G 26 19.45 -18.51 3.21
N VAL G 27 19.61 -18.23 1.92
CA VAL G 27 20.60 -18.89 1.10
C VAL G 27 21.45 -17.84 0.42
N TYR G 28 22.71 -18.18 0.18
CA TYR G 28 23.63 -17.30 -0.50
C TYR G 28 24.05 -17.99 -1.78
N ILE G 29 23.80 -17.34 -2.91
CA ILE G 29 23.96 -17.95 -4.20
C ILE G 29 25.11 -17.27 -4.92
N SER G 30 26.20 -17.99 -5.10
CA SER G 30 27.38 -17.43 -5.75
C SER G 30 27.05 -17.04 -7.18
N SER G 31 27.87 -16.13 -7.71
CA SER G 31 27.59 -15.60 -9.04
C SER G 31 27.57 -16.71 -10.08
N ILE G 32 28.62 -17.53 -10.13
CA ILE G 32 28.69 -18.52 -11.19
C ILE G 32 27.46 -19.42 -11.14
N ALA G 33 26.96 -19.69 -9.94
CA ALA G 33 25.73 -20.45 -9.84
C ALA G 33 24.61 -19.73 -10.59
N LEU G 34 24.41 -18.46 -10.26
CA LEU G 34 23.28 -17.74 -10.81
C LEU G 34 23.39 -17.62 -12.34
N LEU G 35 24.59 -17.39 -12.85
CA LEU G 35 24.70 -17.22 -14.29
C LEU G 35 24.50 -18.54 -15.01
N LYS G 36 25.11 -19.61 -14.50
CA LYS G 36 24.89 -20.91 -15.13
C LYS G 36 23.41 -21.25 -15.11
N MET G 37 22.75 -20.98 -13.99
CA MET G 37 21.31 -21.09 -13.82
C MET G 37 20.58 -20.43 -14.97
N LEU G 38 20.62 -19.10 -15.00
CA LEU G 38 19.85 -18.36 -15.98
C LEU G 38 20.22 -18.75 -17.39
N LYS G 39 21.46 -19.15 -17.61
CA LYS G 39 21.85 -19.58 -18.95
C LYS G 39 21.08 -20.83 -19.34
N HIS G 40 21.16 -21.87 -18.51
CA HIS G 40 20.50 -23.11 -18.85
C HIS G 40 19.00 -22.90 -18.99
N GLY G 41 18.41 -22.15 -18.07
CA GLY G 41 16.99 -21.87 -18.17
C GLY G 41 16.64 -21.19 -19.48
N ARG G 42 17.26 -20.05 -19.76
CA ARG G 42 17.00 -19.36 -21.01
C ARG G 42 17.24 -20.25 -22.21
N ALA G 43 18.11 -21.24 -22.07
CA ALA G 43 18.42 -22.08 -23.22
C ALA G 43 17.35 -23.14 -23.44
N GLY G 44 16.66 -23.55 -22.39
CA GLY G 44 15.67 -24.60 -22.56
C GLY G 44 14.32 -24.16 -23.04
N VAL G 45 14.04 -22.86 -23.01
CA VAL G 45 12.74 -22.31 -23.38
C VAL G 45 12.33 -22.83 -24.74
N PRO G 46 11.04 -23.10 -24.94
CA PRO G 46 9.94 -23.09 -23.99
C PRO G 46 9.66 -24.45 -23.39
N MET G 47 10.67 -25.08 -22.82
CA MET G 47 10.50 -26.28 -22.04
C MET G 47 11.32 -26.12 -20.79
N GLU G 48 10.92 -26.81 -19.73
CA GLU G 48 11.51 -26.55 -18.44
C GLU G 48 12.68 -27.50 -18.18
N VAL G 49 13.74 -26.96 -17.60
CA VAL G 49 14.96 -27.68 -17.38
C VAL G 49 15.20 -27.81 -15.88
N MET G 50 16.02 -28.79 -15.51
CA MET G 50 16.28 -29.09 -14.11
C MET G 50 17.76 -29.33 -13.93
N GLY G 51 18.26 -29.07 -12.72
CA GLY G 51 19.60 -29.48 -12.38
C GLY G 51 19.80 -29.45 -10.89
N LEU G 52 21.05 -29.65 -10.47
CA LEU G 52 21.35 -29.87 -9.08
C LEU G 52 22.28 -28.79 -8.54
N MET G 53 22.27 -28.65 -7.23
CA MET G 53 22.84 -27.49 -6.56
C MET G 53 23.88 -27.97 -5.55
N LEU G 54 25.08 -27.42 -5.63
CA LEU G 54 26.20 -27.89 -4.84
C LEU G 54 26.62 -26.80 -3.86
N GLY G 55 26.74 -27.19 -2.59
CA GLY G 55 26.94 -26.20 -1.56
C GLY G 55 27.13 -26.86 -0.21
N GLU G 56 26.87 -26.08 0.83
CA GLU G 56 27.13 -26.51 2.19
C GLU G 56 26.15 -25.80 3.12
N PHE G 57 25.76 -26.48 4.19
CA PHE G 57 24.85 -25.90 5.18
C PHE G 57 25.67 -25.31 6.31
N VAL G 58 25.66 -23.99 6.43
CA VAL G 58 26.46 -23.33 7.45
C VAL G 58 25.84 -23.62 8.82
N ASP G 59 24.66 -23.09 9.06
CA ASP G 59 23.92 -23.42 10.27
C ASP G 59 22.47 -23.70 9.92
N ASP G 60 21.63 -23.89 10.94
CA ASP G 60 20.19 -23.94 10.76
C ASP G 60 19.66 -22.80 9.91
N TYR G 61 20.28 -21.63 9.96
CA TYR G 61 19.75 -20.43 9.32
C TYR G 61 20.34 -20.16 7.94
N THR G 62 21.11 -21.07 7.37
CA THR G 62 21.81 -20.73 6.14
C THR G 62 22.03 -21.95 5.25
N VAL G 63 21.92 -21.74 3.94
CA VAL G 63 22.42 -22.67 2.94
C VAL G 63 23.24 -21.88 1.94
N ASN G 64 24.44 -22.33 1.63
CA ASN G 64 25.29 -21.66 0.68
C ASN G 64 25.45 -22.51 -0.56
N VAL G 65 25.20 -21.93 -1.72
CA VAL G 65 25.25 -22.65 -2.98
C VAL G 65 26.38 -22.06 -3.81
N VAL G 66 27.48 -22.80 -3.94
CA VAL G 66 28.59 -22.32 -4.74
C VAL G 66 28.61 -22.83 -6.18
N ASP G 67 27.86 -23.89 -6.48
CA ASP G 67 28.04 -24.58 -7.76
C ASP G 67 26.69 -25.10 -8.24
N VAL G 68 26.66 -25.45 -9.52
CA VAL G 68 25.48 -26.01 -10.17
C VAL G 68 25.96 -26.88 -11.32
N PHE G 69 25.22 -27.94 -11.63
CA PHE G 69 25.41 -28.60 -12.91
C PHE G 69 24.04 -29.00 -13.44
N ALA G 70 23.98 -29.23 -14.75
CA ALA G 70 22.73 -29.28 -15.48
C ALA G 70 22.33 -30.72 -15.77
N MET G 71 21.06 -31.00 -15.62
CA MET G 71 20.57 -32.36 -15.73
C MET G 71 19.86 -32.57 -17.06
N PRO G 72 20.14 -33.64 -17.79
CA PRO G 72 19.61 -33.82 -19.13
C PRO G 72 18.08 -33.85 -19.18
N GLN G 73 17.55 -33.64 -20.37
CA GLN G 73 16.12 -33.67 -20.58
C GLN G 73 15.58 -35.08 -20.40
N SER G 74 14.28 -35.18 -20.15
CA SER G 74 13.60 -36.46 -20.09
C SER G 74 12.43 -36.41 -21.04
N GLY G 75 11.98 -37.60 -21.46
CA GLY G 75 10.77 -37.68 -22.25
C GLY G 75 9.58 -37.10 -21.53
N THR G 76 9.47 -37.40 -20.24
CA THR G 76 8.44 -36.79 -19.41
C THR G 76 8.97 -35.49 -18.86
N GLY G 77 8.13 -34.77 -18.12
CA GLY G 77 8.53 -33.50 -17.57
C GLY G 77 9.55 -33.67 -16.46
N VAL G 78 9.94 -32.54 -15.88
CA VAL G 78 10.81 -32.55 -14.72
C VAL G 78 10.14 -33.32 -13.60
N SER G 79 10.82 -34.34 -13.10
CA SER G 79 10.20 -35.25 -12.16
C SER G 79 11.28 -36.03 -11.44
N VAL G 80 10.87 -37.01 -10.64
CA VAL G 80 11.80 -37.70 -9.77
C VAL G 80 12.86 -38.42 -10.60
N GLU G 81 12.44 -39.31 -11.48
CA GLU G 81 13.37 -40.07 -12.28
C GLU G 81 14.14 -39.20 -13.26
N ALA G 82 13.67 -37.99 -13.52
CA ALA G 82 14.46 -37.08 -14.34
C ALA G 82 15.85 -36.93 -13.77
N VAL G 83 15.98 -36.95 -12.44
CA VAL G 83 17.28 -37.05 -11.82
C VAL G 83 17.95 -38.33 -12.28
N ASP G 84 19.16 -38.21 -12.79
CA ASP G 84 19.84 -39.35 -13.37
C ASP G 84 21.04 -39.71 -12.50
N ASP G 85 20.96 -40.86 -11.84
CA ASP G 85 22.03 -41.33 -10.99
C ASP G 85 23.34 -41.42 -11.75
N VAL G 86 23.33 -42.19 -12.85
CA VAL G 86 24.52 -42.40 -13.66
C VAL G 86 25.15 -41.07 -13.98
N PHE G 87 24.36 -40.19 -14.59
CA PHE G 87 24.83 -38.85 -14.89
C PHE G 87 25.35 -38.17 -13.64
N GLN G 88 24.58 -38.23 -12.56
CA GLN G 88 24.95 -37.49 -11.37
C GLN G 88 26.33 -37.87 -10.88
N ALA G 89 26.49 -39.10 -10.37
CA ALA G 89 27.79 -39.50 -9.85
C ALA G 89 28.88 -39.31 -10.90
N LYS G 90 28.55 -39.67 -12.15
CA LYS G 90 29.48 -39.45 -13.25
C LYS G 90 29.98 -38.02 -13.28
N MET G 91 29.15 -37.07 -12.87
CA MET G 91 29.59 -35.68 -12.73
C MET G 91 30.33 -35.48 -11.43
N MET G 92 29.82 -36.08 -10.35
CA MET G 92 30.42 -35.96 -9.03
C MET G 92 31.91 -36.21 -9.09
N ASP G 93 32.32 -37.43 -9.37
CA ASP G 93 33.75 -37.76 -9.37
C ASP G 93 34.54 -36.80 -10.25
N MET G 94 34.02 -36.50 -11.42
CA MET G 94 34.76 -35.64 -12.33
C MET G 94 34.87 -34.23 -11.79
N LEU G 95 34.02 -33.85 -10.84
CA LEU G 95 34.26 -32.64 -10.09
C LEU G 95 35.24 -32.88 -8.95
N LYS G 96 35.20 -34.07 -8.34
CA LYS G 96 36.18 -34.42 -7.32
C LYS G 96 37.57 -34.11 -7.80
N GLN G 97 37.89 -34.57 -9.00
CA GLN G 97 39.21 -34.33 -9.55
C GLN G 97 39.52 -32.85 -9.64
N THR G 98 38.49 -31.99 -9.62
CA THR G 98 38.67 -30.55 -9.61
C THR G 98 38.52 -29.94 -8.23
N GLY G 99 38.24 -30.75 -7.21
CA GLY G 99 38.18 -30.24 -5.86
C GLY G 99 36.90 -29.52 -5.51
N ARG G 100 35.83 -29.76 -6.26
CA ARG G 100 34.59 -29.04 -6.05
C ARG G 100 33.68 -29.73 -5.06
N ASP G 101 34.19 -30.72 -4.36
CA ASP G 101 33.37 -31.64 -3.58
C ASP G 101 32.44 -30.88 -2.65
N GLN G 102 31.15 -31.17 -2.78
CA GLN G 102 30.11 -30.51 -2.02
C GLN G 102 28.93 -31.45 -1.92
N MET G 103 28.05 -31.16 -0.99
CA MET G 103 26.78 -31.86 -0.92
C MET G 103 25.88 -31.41 -2.05
N VAL G 104 24.85 -32.19 -2.30
CA VAL G 104 23.76 -31.74 -3.17
C VAL G 104 22.75 -31.09 -2.24
N VAL G 105 22.68 -29.76 -2.28
CA VAL G 105 21.94 -29.02 -1.27
C VAL G 105 20.56 -28.61 -1.73
N GLY G 106 20.21 -28.88 -2.98
CA GLY G 106 18.96 -28.41 -3.54
C GLY G 106 18.99 -28.63 -5.04
N TRP G 107 17.90 -28.29 -5.68
CA TRP G 107 17.78 -28.59 -7.10
C TRP G 107 17.03 -27.49 -7.80
N TYR G 108 17.59 -26.99 -8.89
CA TYR G 108 16.93 -25.96 -9.62
C TYR G 108 16.04 -26.60 -10.66
N HIS G 109 15.48 -25.76 -11.50
CA HIS G 109 14.17 -26.06 -12.03
C HIS G 109 13.75 -24.80 -12.76
N SER G 110 12.75 -24.90 -13.61
CA SER G 110 12.24 -23.65 -14.16
C SER G 110 10.78 -23.81 -14.53
N HIS G 111 9.99 -22.78 -14.27
CA HIS G 111 8.57 -22.75 -14.64
C HIS G 111 8.38 -21.56 -15.59
N PRO G 112 8.82 -21.68 -16.83
CA PRO G 112 8.83 -20.52 -17.72
C PRO G 112 7.43 -19.99 -17.97
N GLY G 113 7.24 -18.70 -17.71
CA GLY G 113 5.98 -18.04 -17.92
C GLY G 113 4.98 -18.21 -16.82
N PHE G 114 5.15 -19.21 -15.96
CA PHE G 114 4.18 -19.51 -14.92
C PHE G 114 4.54 -18.92 -13.57
N GLY G 115 5.58 -18.12 -13.50
CA GLY G 115 5.98 -17.61 -12.21
C GLY G 115 6.65 -18.70 -11.39
N CYS G 116 6.88 -18.37 -10.12
CA CYS G 116 7.66 -19.23 -9.23
C CYS G 116 6.74 -19.85 -8.19
N TRP G 117 6.48 -21.14 -8.34
CA TRP G 117 5.73 -21.93 -7.38
C TRP G 117 6.01 -23.39 -7.68
N LEU G 118 5.70 -24.25 -6.74
CA LEU G 118 5.87 -25.68 -6.94
C LEU G 118 4.52 -26.30 -7.27
N SER G 119 4.45 -27.00 -8.38
CA SER G 119 3.33 -27.89 -8.55
C SER G 119 3.46 -29.04 -7.58
N SER G 120 2.35 -29.72 -7.34
CA SER G 120 2.40 -30.92 -6.51
C SER G 120 3.44 -31.89 -7.02
N VAL G 121 3.54 -32.03 -8.34
CA VAL G 121 4.57 -32.89 -8.89
C VAL G 121 5.94 -32.36 -8.55
N ASP G 122 6.10 -31.03 -8.55
CA ASP G 122 7.33 -30.47 -8.01
C ASP G 122 7.50 -30.88 -6.56
N VAL G 123 6.39 -30.95 -5.81
CA VAL G 123 6.46 -31.25 -4.38
C VAL G 123 7.01 -32.64 -4.15
N ASN G 124 6.40 -33.66 -4.75
CA ASN G 124 6.82 -35.03 -4.49
C ASN G 124 8.31 -35.18 -4.67
N THR G 125 8.83 -34.64 -5.77
CA THR G 125 10.27 -34.67 -5.99
C THR G 125 10.99 -33.95 -4.87
N GLN G 126 10.49 -32.78 -4.47
CA GLN G 126 11.11 -32.08 -3.35
C GLN G 126 11.21 -32.97 -2.13
N LYS G 127 10.20 -33.81 -1.90
CA LYS G 127 10.28 -34.79 -0.82
C LYS G 127 11.38 -35.79 -1.08
N SER G 128 11.45 -36.31 -2.30
CA SER G 128 12.56 -37.19 -2.64
C SER G 128 13.90 -36.54 -2.37
N PHE G 129 13.95 -35.22 -2.27
CA PHE G 129 15.13 -34.55 -1.76
C PHE G 129 15.05 -34.18 -0.30
N GLU G 130 13.91 -34.41 0.36
CA GLU G 130 13.87 -34.28 1.82
C GLU G 130 14.56 -35.46 2.46
N GLN G 131 14.22 -36.67 2.03
CA GLN G 131 14.75 -37.88 2.64
C GLN G 131 16.21 -38.10 2.33
N LEU G 132 16.79 -37.34 1.41
CA LEU G 132 18.24 -37.31 1.35
C LEU G 132 18.79 -36.41 2.44
N ASN G 133 18.28 -35.19 2.52
CA ASN G 133 18.70 -34.24 3.54
C ASN G 133 17.50 -33.40 3.92
N SER G 134 17.29 -33.23 5.21
CA SER G 134 16.08 -32.57 5.68
C SER G 134 16.07 -31.09 5.35
N ARG G 135 17.22 -30.48 5.11
CA ARG G 135 17.27 -29.06 4.83
C ARG G 135 17.34 -28.74 3.35
N ALA G 136 17.29 -29.74 2.48
CA ALA G 136 17.40 -29.48 1.05
C ALA G 136 16.27 -28.56 0.59
N VAL G 137 16.60 -27.71 -0.39
CA VAL G 137 15.70 -26.65 -0.79
C VAL G 137 15.35 -26.80 -2.26
N ALA G 138 14.29 -26.11 -2.66
CA ALA G 138 13.87 -26.07 -4.05
C ALA G 138 14.11 -24.67 -4.59
N VAL G 139 14.66 -24.59 -5.79
CA VAL G 139 14.90 -23.33 -6.47
C VAL G 139 14.17 -23.34 -7.79
N VAL G 140 13.24 -22.42 -7.94
CA VAL G 140 12.50 -22.22 -9.17
C VAL G 140 13.03 -20.98 -9.85
N VAL G 141 13.37 -21.11 -11.12
CA VAL G 141 13.81 -20.01 -11.95
C VAL G 141 12.77 -19.84 -13.03
N ASP G 142 12.57 -18.62 -13.49
CA ASP G 142 11.54 -18.35 -14.49
C ASP G 142 12.14 -17.57 -15.64
N PRO G 143 12.58 -18.26 -16.69
CA PRO G 143 13.43 -17.60 -17.69
C PRO G 143 12.79 -16.41 -18.38
N ILE G 144 11.56 -16.56 -18.88
CA ILE G 144 11.08 -15.58 -19.85
C ILE G 144 10.77 -14.25 -19.19
N GLN G 145 9.97 -14.25 -18.12
CA GLN G 145 9.57 -12.95 -17.61
C GLN G 145 10.62 -12.36 -16.69
N SER G 146 11.60 -13.14 -16.27
CA SER G 146 12.83 -12.57 -15.79
C SER G 146 13.48 -11.80 -16.91
N VAL G 147 13.77 -10.52 -16.67
CA VAL G 147 14.16 -9.66 -17.78
C VAL G 147 15.18 -8.66 -17.25
N LYS G 148 15.69 -7.81 -18.15
CA LYS G 148 16.85 -6.98 -17.85
C LYS G 148 16.66 -6.17 -16.57
N GLY G 149 15.43 -6.02 -16.13
CA GLY G 149 15.15 -5.43 -14.84
C GLY G 149 15.27 -6.50 -13.80
N LYS G 150 14.42 -6.45 -12.78
CA LYS G 150 14.41 -7.46 -11.74
C LYS G 150 14.42 -8.86 -12.35
N VAL G 151 15.20 -9.73 -11.76
CA VAL G 151 15.22 -11.13 -12.11
C VAL G 151 14.31 -11.87 -11.15
N VAL G 152 13.41 -12.66 -11.68
CA VAL G 152 12.52 -13.45 -10.84
C VAL G 152 13.23 -14.76 -10.50
N ILE G 153 13.28 -15.07 -9.21
CA ILE G 153 13.98 -16.23 -8.73
C ILE G 153 13.32 -16.61 -7.41
N ASP G 154 13.32 -17.89 -7.10
CA ASP G 154 12.72 -18.23 -5.82
C ASP G 154 13.34 -19.50 -5.28
N ALA G 155 13.41 -19.57 -3.96
CA ALA G 155 13.95 -20.73 -3.28
C ALA G 155 13.14 -20.94 -2.02
N PHE G 156 12.81 -22.18 -1.72
CA PHE G 156 11.92 -22.44 -0.59
C PHE G 156 11.70 -23.93 -0.44
N ARG G 157 11.04 -24.32 0.64
CA ARG G 157 10.94 -25.73 0.95
C ARG G 157 9.64 -26.04 1.66
N LEU G 158 9.28 -27.31 1.67
CA LEU G 158 7.92 -27.74 1.97
C LEU G 158 7.64 -27.70 3.46
N ILE G 159 6.49 -28.25 3.84
CA ILE G 159 6.10 -28.45 5.23
C ILE G 159 5.96 -29.94 5.54
N GLN G 186 -0.56 -14.98 -6.84
CA GLN G 186 -0.14 -15.97 -7.82
C GLN G 186 0.17 -17.33 -7.23
N ALA G 187 1.12 -17.35 -6.30
CA ALA G 187 1.57 -18.62 -5.76
C ALA G 187 0.60 -19.19 -4.73
N LEU G 188 -0.18 -18.33 -4.08
CA LEU G 188 -1.10 -18.81 -3.06
C LEU G 188 -2.17 -19.72 -3.64
N ILE G 189 -2.41 -19.67 -4.95
CA ILE G 189 -3.30 -20.62 -5.58
C ILE G 189 -2.82 -22.05 -5.32
N HIS G 190 -1.52 -22.23 -5.27
CA HIS G 190 -0.90 -23.52 -5.03
C HIS G 190 -0.59 -23.77 -3.57
N GLY G 191 -1.07 -22.90 -2.68
CA GLY G 191 -0.70 -23.04 -1.29
C GLY G 191 0.75 -22.68 -1.06
N LEU G 192 1.10 -21.43 -1.39
CA LEU G 192 2.40 -20.91 -1.03
C LEU G 192 2.73 -21.22 0.42
N ASN G 193 1.80 -20.91 1.32
CA ASN G 193 2.03 -21.18 2.73
C ASN G 193 1.46 -22.51 3.18
N ARG G 194 0.66 -23.17 2.36
CA ARG G 194 -0.02 -24.36 2.85
C ARG G 194 0.91 -25.56 2.85
N HIS G 195 1.21 -26.08 1.67
CA HIS G 195 2.05 -27.26 1.62
C HIS G 195 3.53 -26.93 1.81
N TYR G 196 3.94 -25.71 1.47
CA TYR G 196 5.35 -25.35 1.56
C TYR G 196 5.46 -23.93 2.09
N TYR G 197 6.68 -23.40 2.10
CA TYR G 197 6.91 -22.05 2.58
C TYR G 197 8.15 -21.47 1.92
N SER G 198 8.12 -20.16 1.74
CA SER G 198 9.14 -19.41 1.02
C SER G 198 10.41 -19.24 1.86
N LEU G 199 11.50 -18.94 1.16
CA LEU G 199 12.76 -18.58 1.82
C LEU G 199 13.30 -17.27 1.26
N ASN G 200 14.53 -16.93 1.63
CA ASN G 200 15.18 -15.71 1.17
C ASN G 200 16.50 -16.05 0.50
N ILE G 201 17.03 -15.07 -0.24
CA ILE G 201 18.16 -15.29 -1.14
C ILE G 201 19.10 -14.09 -1.07
N ASP G 202 20.40 -14.36 -1.13
CA ASP G 202 21.40 -13.31 -1.29
C ASP G 202 22.56 -13.88 -2.10
N TYR G 203 23.54 -13.03 -2.41
CA TYR G 203 24.58 -13.36 -3.38
C TYR G 203 25.96 -13.07 -2.80
N HIS G 204 26.76 -14.13 -2.64
CA HIS G 204 28.14 -13.94 -2.23
C HIS G 204 28.96 -13.41 -3.40
N LYS G 205 29.85 -12.47 -3.08
CA LYS G 205 30.70 -11.87 -4.10
C LYS G 205 32.10 -11.70 -3.54
N THR G 206 33.09 -12.35 -4.14
CA THR G 206 34.46 -12.07 -3.75
C THR G 206 34.87 -10.72 -4.32
N ALA G 207 35.92 -10.14 -3.74
CA ALA G 207 36.43 -8.88 -4.24
C ALA G 207 36.77 -8.99 -5.73
N LYS G 208 37.54 -10.02 -6.08
CA LYS G 208 38.04 -10.14 -7.44
C LYS G 208 36.90 -10.37 -8.42
N GLU G 209 35.95 -11.21 -8.06
CA GLU G 209 34.70 -11.41 -8.78
C GLU G 209 34.12 -10.08 -9.24
N THR G 210 33.74 -9.28 -8.25
CA THR G 210 33.25 -7.93 -8.51
C THR G 210 34.17 -7.21 -9.48
N LYS G 211 35.48 -7.27 -9.24
CA LYS G 211 36.41 -6.48 -10.05
C LYS G 211 36.36 -6.90 -11.51
N MET G 212 36.21 -8.19 -11.79
CA MET G 212 35.93 -8.59 -13.15
C MET G 212 34.64 -7.96 -13.65
N LEU G 213 33.59 -8.02 -12.84
CA LEU G 213 32.30 -7.56 -13.31
C LEU G 213 32.30 -6.08 -13.65
N MET G 214 33.14 -5.30 -12.98
CA MET G 214 33.22 -3.86 -13.22
C MET G 214 33.52 -3.57 -14.68
N ASN G 215 34.53 -4.24 -15.23
CA ASN G 215 35.04 -3.91 -16.55
C ASN G 215 34.11 -4.33 -17.68
N LEU G 216 33.02 -5.05 -17.39
CA LEU G 216 32.02 -5.38 -18.39
C LEU G 216 31.57 -4.09 -19.06
N HIS G 217 30.84 -3.26 -18.32
CA HIS G 217 30.47 -1.94 -18.79
C HIS G 217 31.58 -0.95 -18.46
N LYS G 218 32.04 -0.26 -19.48
CA LYS G 218 32.94 0.87 -19.30
C LYS G 218 32.07 2.11 -19.43
N GLU G 219 31.77 2.72 -18.30
CA GLU G 219 30.86 3.83 -18.20
C GLU G 219 31.57 5.17 -18.29
N GLN G 220 32.88 5.15 -18.51
CA GLN G 220 33.66 6.37 -18.43
C GLN G 220 33.21 7.40 -19.46
N TRP G 221 32.79 6.96 -20.65
CA TRP G 221 32.28 7.94 -21.61
C TRP G 221 30.84 8.31 -21.34
N GLN G 222 30.01 7.32 -20.98
CA GLN G 222 28.56 7.46 -20.98
C GLN G 222 28.02 8.17 -19.76
N SER G 223 28.81 8.30 -18.71
CA SER G 223 28.32 8.91 -17.48
C SER G 223 27.73 10.27 -17.77
N GLY G 224 26.74 10.64 -16.98
CA GLY G 224 26.05 11.89 -17.12
C GLY G 224 24.76 11.80 -17.90
N LEU G 225 24.62 10.80 -18.74
CA LEU G 225 23.32 10.40 -19.23
C LEU G 225 22.79 9.18 -18.50
N LYS G 226 23.48 8.71 -17.47
CA LYS G 226 23.06 7.55 -16.73
C LYS G 226 22.06 7.94 -15.65
N MET G 227 20.94 7.22 -15.58
CA MET G 227 19.95 7.42 -14.53
C MET G 227 19.97 6.23 -13.59
N TYR G 228 20.30 6.47 -12.35
CA TYR G 228 20.40 5.39 -11.41
C TYR G 228 19.02 4.87 -11.05
N ASP G 229 18.98 3.67 -10.48
CA ASP G 229 17.75 2.95 -10.22
C ASP G 229 16.73 3.81 -9.50
N TYR G 230 15.51 3.83 -10.02
CA TYR G 230 14.53 4.76 -9.49
C TYR G 230 13.94 4.29 -8.17
N GLU G 231 13.57 3.03 -8.07
CA GLU G 231 13.00 2.57 -6.81
C GLU G 231 13.93 2.95 -5.66
N GLU G 232 15.23 2.84 -5.89
CA GLU G 232 16.19 3.14 -4.85
C GLU G 232 16.10 4.60 -4.45
N LYS G 233 15.90 5.49 -5.39
CA LYS G 233 15.67 6.85 -4.97
C LYS G 233 14.26 7.10 -4.53
N GLU G 234 13.39 6.09 -4.56
CA GLU G 234 12.12 6.19 -3.85
C GLU G 234 12.32 5.93 -2.38
N GLU G 235 13.03 4.86 -2.03
CA GLU G 235 13.42 4.74 -0.62
C GLU G 235 14.24 5.95 -0.20
N SER G 236 15.07 6.47 -1.09
CA SER G 236 15.78 7.68 -0.76
C SER G 236 14.80 8.80 -0.45
N ASN G 237 14.10 9.29 -1.46
CA ASN G 237 13.26 10.46 -1.27
C ASN G 237 12.19 10.25 -0.23
N LEU G 238 11.97 9.02 0.21
CA LEU G 238 11.05 8.77 1.30
C LEU G 238 11.78 8.84 2.63
N ALA G 239 12.65 7.87 2.88
CA ALA G 239 13.35 7.79 4.15
C ALA G 239 14.02 9.11 4.50
N ALA G 240 14.48 9.85 3.50
CA ALA G 240 14.99 11.19 3.76
C ALA G 240 13.92 12.04 4.42
N THR G 241 12.73 12.07 3.84
CA THR G 241 11.68 12.92 4.38
C THR G 241 11.27 12.47 5.77
N LYS G 242 10.98 11.18 5.94
CA LYS G 242 10.69 10.68 7.27
C LYS G 242 11.74 11.12 8.26
N SER G 243 13.01 11.10 7.85
CA SER G 243 14.07 11.51 8.73
C SER G 243 13.95 12.98 9.08
N MET G 244 13.83 13.83 8.06
CA MET G 244 13.65 15.26 8.31
C MET G 244 12.55 15.49 9.31
N VAL G 245 11.46 14.75 9.18
CA VAL G 245 10.43 14.78 10.21
C VAL G 245 11.06 14.45 11.55
N LYS G 246 11.81 13.34 11.61
CA LYS G 246 12.34 12.90 12.89
C LYS G 246 13.12 13.99 13.59
N ILE G 247 13.98 14.70 12.86
CA ILE G 247 14.81 15.67 13.53
C ILE G 247 14.16 17.05 13.60
N ALA G 248 13.03 17.25 12.93
CA ALA G 248 12.29 18.49 13.08
C ALA G 248 12.05 18.80 14.54
N GLU G 249 11.30 17.95 15.22
CA GLU G 249 10.98 18.25 16.61
C GLU G 249 12.21 18.18 17.51
N GLN G 250 13.32 17.62 17.04
CA GLN G 250 14.54 17.76 17.82
C GLN G 250 15.04 19.19 17.76
N TYR G 251 15.03 19.78 16.56
CA TYR G 251 15.31 21.20 16.45
C TYR G 251 14.32 22.03 17.23
N SER G 252 13.08 21.54 17.33
CA SER G 252 12.09 22.20 18.16
C SER G 252 12.48 22.14 19.63
N LYS G 253 12.89 20.98 20.09
CA LYS G 253 13.25 20.87 21.49
C LYS G 253 14.50 21.68 21.80
N ARG G 254 15.43 21.76 20.86
CA ARG G 254 16.58 22.60 21.10
C ARG G 254 16.23 24.08 21.10
N ILE G 255 15.22 24.51 20.33
CA ILE G 255 14.92 25.93 20.42
C ILE G 255 14.15 26.25 21.70
N GLU G 256 13.28 25.37 22.18
CA GLU G 256 12.59 25.67 23.43
C GLU G 256 13.54 25.56 24.63
N GLU G 257 14.15 24.40 24.80
CA GLU G 257 15.11 24.21 25.88
C GLU G 257 16.22 25.25 25.80
N GLU G 258 16.80 25.41 24.61
CA GLU G 258 17.83 26.42 24.43
C GLU G 258 17.31 27.80 24.82
N LYS G 259 16.03 28.06 24.57
CA LYS G 259 15.47 29.33 25.02
C LYS G 259 15.63 29.49 26.52
N GLU G 260 15.10 28.55 27.30
CA GLU G 260 15.07 28.78 28.75
C GLU G 260 16.31 28.29 29.49
N LEU G 261 17.33 27.81 28.80
CA LEU G 261 18.54 27.31 29.44
C LEU G 261 19.78 27.84 28.73
N THR G 262 20.79 28.18 29.51
CA THR G 262 21.95 28.88 28.98
C THR G 262 22.75 27.99 28.03
N GLU G 263 23.59 28.64 27.21
CA GLU G 263 24.44 27.92 26.28
C GLU G 263 25.46 27.06 27.02
N GLU G 264 26.01 27.58 28.11
CA GLU G 264 26.97 26.81 28.88
C GLU G 264 26.34 25.55 29.44
N GLU G 265 25.08 25.64 29.87
CA GLU G 265 24.39 24.45 30.34
C GLU G 265 24.04 23.53 29.18
N LEU G 266 23.60 24.10 28.06
CA LEU G 266 23.18 23.29 26.91
C LEU G 266 24.33 22.47 26.37
N LYS G 267 25.50 23.08 26.21
CA LYS G 267 26.66 22.36 25.69
C LYS G 267 26.90 21.09 26.48
N THR G 268 26.88 21.20 27.82
CA THR G 268 27.07 20.03 28.65
C THR G 268 26.14 18.89 28.23
N ARG G 269 24.89 19.22 27.89
CA ARG G 269 23.95 18.19 27.49
C ARG G 269 24.24 17.63 26.10
N TYR G 270 24.30 18.51 25.09
CA TYR G 270 24.13 18.06 23.72
C TYR G 270 25.42 17.76 22.98
N VAL G 271 26.59 18.11 23.54
CA VAL G 271 27.84 17.99 22.77
C VAL G 271 28.03 16.57 22.27
N GLY G 272 27.40 15.59 22.93
CA GLY G 272 27.48 14.22 22.46
C GLY G 272 27.01 14.06 21.03
N ARG G 273 25.82 14.57 20.72
CA ARG G 273 25.27 14.43 19.38
C ARG G 273 25.37 15.77 18.64
N GLN G 274 24.95 15.78 17.38
CA GLN G 274 25.13 16.94 16.50
C GLN G 274 24.00 17.90 16.18
N ASP G 275 23.83 18.93 17.01
CA ASP G 275 23.25 20.17 16.52
C ASP G 275 22.11 19.93 15.54
N PRO G 276 20.97 19.41 16.00
CA PRO G 276 19.91 19.03 15.05
C PRO G 276 19.57 20.10 14.02
N LYS G 277 19.89 21.37 14.28
CA LYS G 277 19.75 22.32 13.20
C LYS G 277 20.69 22.00 12.05
N LYS G 278 21.78 21.28 12.31
CA LYS G 278 22.65 20.91 11.22
C LYS G 278 22.20 19.66 10.50
N HIS G 279 21.29 18.88 11.07
CA HIS G 279 20.68 17.83 10.28
C HIS G 279 19.59 18.37 9.37
N LEU G 280 18.96 19.48 9.74
CA LEU G 280 18.12 20.17 8.77
C LEU G 280 18.97 20.77 7.67
N SER G 281 19.93 21.62 8.04
CA SER G 281 20.74 22.29 7.04
C SER G 281 21.43 21.27 6.15
N GLU G 282 22.05 20.28 6.78
CA GLU G 282 22.63 19.12 6.11
C GLU G 282 21.63 18.40 5.22
N THR G 283 20.67 17.74 5.87
CA THR G 283 19.88 16.73 5.20
C THR G 283 19.02 17.32 4.09
N ALA G 284 18.64 18.60 4.22
CA ALA G 284 17.87 19.22 3.15
C ALA G 284 18.59 19.14 1.83
N ASP G 285 19.91 19.27 1.87
CA ASP G 285 20.72 19.31 0.65
C ASP G 285 20.54 18.06 -0.19
N GLU G 286 21.00 16.92 0.31
CA GLU G 286 21.06 15.70 -0.48
C GLU G 286 19.77 15.52 -1.24
N THR G 287 18.65 15.78 -0.57
CA THR G 287 17.37 15.83 -1.25
C THR G 287 17.37 16.88 -2.34
N LEU G 288 17.79 18.10 -2.02
CA LEU G 288 17.81 19.15 -3.03
C LEU G 288 18.58 18.75 -4.26
N GLU G 289 19.90 18.66 -4.14
CA GLU G 289 20.69 18.52 -5.35
C GLU G 289 20.49 17.15 -6.00
N ASN G 290 20.39 16.10 -5.19
CA ASN G 290 20.13 14.80 -5.80
C ASN G 290 18.84 14.82 -6.58
N ASN G 291 17.85 15.55 -6.09
CA ASN G 291 16.62 15.65 -6.85
C ASN G 291 16.71 16.62 -8.01
N ILE G 292 17.65 17.55 -7.99
CA ILE G 292 17.72 18.44 -9.14
C ILE G 292 18.46 17.77 -10.28
N VAL G 293 19.56 17.09 -9.99
CA VAL G 293 20.20 16.30 -11.03
C VAL G 293 19.27 15.18 -11.46
N SER G 294 18.51 14.63 -10.53
CA SER G 294 17.56 13.58 -10.90
C SER G 294 16.51 14.10 -11.86
N VAL G 295 16.01 15.32 -11.62
CA VAL G 295 15.04 15.88 -12.54
C VAL G 295 15.69 16.19 -13.88
N LEU G 296 16.79 16.94 -13.83
CA LEU G 296 17.39 17.42 -15.06
C LEU G 296 17.79 16.28 -15.97
N THR G 297 18.38 15.24 -15.37
CA THR G 297 18.83 14.10 -16.15
C THR G 297 17.70 13.51 -16.97
N ALA G 298 16.52 13.39 -16.39
CA ALA G 298 15.39 12.86 -17.13
C ALA G 298 14.90 13.86 -18.15
N GLY G 299 14.86 15.15 -17.77
CA GLY G 299 14.45 16.15 -18.74
C GLY G 299 15.31 16.15 -19.97
N VAL G 300 16.58 15.78 -19.83
CA VAL G 300 17.46 15.69 -20.97
C VAL G 300 17.29 14.38 -21.71
N ASN G 301 17.16 13.27 -21.00
CA ASN G 301 17.02 12.00 -21.69
C ASN G 301 15.75 11.97 -22.52
N SER G 302 14.69 12.58 -22.04
CA SER G 302 13.43 12.56 -22.76
C SER G 302 13.53 13.31 -24.08
N VAL G 303 14.00 14.56 -24.04
CA VAL G 303 13.98 15.38 -25.23
C VAL G 303 15.13 15.03 -26.16
N ALA G 304 16.29 14.70 -25.60
CA ALA G 304 17.45 14.41 -26.42
C ALA G 304 17.33 13.04 -27.06
N ILE G 305 16.95 12.05 -26.26
CA ILE G 305 17.04 10.69 -26.78
C ILE G 305 15.88 10.35 -27.69
N LYS G 306 14.70 10.93 -27.45
CA LYS G 306 13.52 10.55 -28.20
C LYS G 306 13.72 10.71 -29.69
N LEU H 7 -24.98 94.69 -1.68
CA LEU H 7 -24.20 93.48 -1.41
C LEU H 7 -24.88 92.59 -0.37
N THR H 8 -25.11 93.15 0.82
CA THR H 8 -25.74 92.37 1.89
C THR H 8 -27.16 91.97 1.53
N LYS H 9 -27.87 92.82 0.79
CA LYS H 9 -29.19 92.45 0.28
C LYS H 9 -29.12 91.68 -1.02
N SER H 10 -27.96 91.70 -1.69
CA SER H 10 -27.82 91.03 -2.97
C SER H 10 -28.07 89.53 -2.85
N LEU H 11 -27.50 88.90 -1.82
CA LEU H 11 -27.70 87.47 -1.63
C LEU H 11 -29.16 87.18 -1.31
N SER H 12 -29.77 87.98 -0.44
CA SER H 12 -31.20 87.89 -0.20
C SER H 12 -31.97 87.86 -1.51
N ILE H 13 -31.61 88.75 -2.43
CA ILE H 13 -32.26 88.74 -3.73
C ILE H 13 -31.87 87.52 -4.55
N ALA H 14 -30.71 86.91 -4.29
CA ALA H 14 -30.31 85.74 -5.05
C ALA H 14 -31.15 84.53 -4.67
N PHE H 15 -31.14 84.17 -3.39
CA PHE H 15 -31.84 82.96 -2.99
C PHE H 15 -33.33 83.19 -2.87
N GLU H 16 -33.74 84.33 -2.32
CA GLU H 16 -35.14 84.70 -2.38
C GLU H 16 -35.61 84.83 -3.82
N ASN H 17 -34.71 85.26 -4.70
CA ASN H 17 -35.01 85.23 -6.14
C ASN H 17 -35.45 83.84 -6.56
N GLY H 18 -34.75 82.82 -6.09
CA GLY H 18 -35.11 81.46 -6.40
C GLY H 18 -34.38 80.86 -7.57
N ASP H 19 -33.54 81.63 -8.27
CA ASP H 19 -32.69 81.08 -9.31
C ASP H 19 -31.29 80.89 -8.78
N TYR H 20 -30.78 79.67 -8.89
CA TYR H 20 -29.51 79.28 -8.29
C TYR H 20 -28.33 79.49 -9.21
N ALA H 21 -28.56 79.80 -10.48
CA ALA H 21 -27.50 80.40 -11.29
C ALA H 21 -27.37 81.89 -10.97
N ALA H 22 -28.51 82.57 -10.79
CA ALA H 22 -28.48 83.91 -10.24
C ALA H 22 -27.83 83.91 -8.87
N CYS H 23 -28.23 82.97 -8.02
CA CYS H 23 -27.49 82.73 -6.79
C CYS H 23 -26.02 82.49 -7.09
N GLU H 24 -25.75 81.53 -7.98
CA GLU H 24 -24.38 81.11 -8.28
C GLU H 24 -23.51 82.29 -8.61
N LYS H 25 -23.74 82.90 -9.77
CA LYS H 25 -22.88 83.99 -10.19
C LYS H 25 -23.06 85.23 -9.34
N LEU H 26 -24.14 85.30 -8.57
CA LEU H 26 -24.27 86.38 -7.60
C LEU H 26 -23.38 86.17 -6.38
N LEU H 27 -22.88 84.95 -6.17
CA LEU H 27 -21.98 84.72 -5.04
C LEU H 27 -20.62 85.39 -5.21
N PRO H 28 -19.90 85.21 -6.32
CA PRO H 28 -18.52 85.74 -6.42
C PRO H 28 -18.41 87.21 -6.04
N PRO H 29 -19.35 88.08 -6.46
CA PRO H 29 -19.25 89.48 -6.00
C PRO H 29 -19.45 89.62 -4.51
N ILE H 30 -20.16 88.69 -3.87
CA ILE H 30 -20.27 88.73 -2.41
C ILE H 30 -19.00 88.22 -1.77
N LYS H 31 -18.29 87.32 -2.45
CA LYS H 31 -17.10 86.69 -1.87
C LYS H 31 -16.12 87.70 -1.34
N ILE H 32 -16.08 88.91 -1.92
CA ILE H 32 -15.11 89.91 -1.49
C ILE H 32 -15.49 90.49 -0.13
N GLU H 33 -16.72 91.00 -0.01
CA GLU H 33 -17.15 91.46 1.31
C GLU H 33 -17.14 90.32 2.30
N LEU H 34 -17.22 89.09 1.82
CA LEU H 34 -16.95 87.92 2.64
C LEU H 34 -15.46 87.71 2.86
N ILE H 35 -14.60 88.39 2.11
CA ILE H 35 -13.17 88.35 2.41
C ILE H 35 -12.84 89.30 3.54
N LYS H 36 -13.29 90.55 3.44
CA LYS H 36 -13.13 91.47 4.55
C LYS H 36 -13.87 90.94 5.78
N ASN H 37 -15.19 90.87 5.67
CA ASN H 37 -16.00 90.31 6.75
C ASN H 37 -15.48 88.96 7.19
N ASN H 38 -14.93 88.17 6.25
CA ASN H 38 -14.25 86.95 6.65
C ASN H 38 -13.13 87.26 7.62
N LEU H 39 -12.33 88.28 7.31
CA LEU H 39 -11.34 88.73 8.26
C LEU H 39 -11.97 89.33 9.50
N LEU H 40 -13.28 89.50 9.53
CA LEU H 40 -13.99 89.99 10.70
C LEU H 40 -14.80 88.87 11.36
N ILE H 41 -15.92 88.47 10.76
CA ILE H 41 -16.94 87.67 11.43
C ILE H 41 -16.55 86.22 11.74
N PRO H 42 -16.13 85.40 10.77
CA PRO H 42 -16.12 83.95 10.97
C PRO H 42 -15.13 83.49 12.03
N ASP H 43 -15.32 82.21 12.41
CA ASP H 43 -14.54 81.46 13.38
C ASP H 43 -14.86 81.84 14.81
N LEU H 44 -15.67 82.88 14.99
CA LEU H 44 -16.55 83.09 16.16
C LEU H 44 -15.80 82.96 17.48
N SER H 45 -14.51 83.30 17.49
CA SER H 45 -13.71 83.13 18.70
C SER H 45 -14.17 84.06 19.82
N ILE H 46 -14.80 85.18 19.47
CA ILE H 46 -15.15 86.18 20.47
C ILE H 46 -16.22 85.69 21.43
N GLN H 47 -17.03 84.70 21.02
CA GLN H 47 -18.17 84.18 21.78
C GLN H 47 -19.00 85.32 22.38
N ASN H 48 -19.17 86.39 21.63
CA ASN H 48 -19.84 87.60 22.10
C ASN H 48 -21.35 87.50 21.88
N ASP H 49 -22.10 88.05 22.83
CA ASP H 49 -23.56 87.90 22.83
C ASP H 49 -24.23 88.87 21.86
N ILE H 50 -23.87 90.15 21.91
CA ILE H 50 -24.42 91.14 21.01
C ILE H 50 -24.02 90.84 19.58
N TYR H 51 -22.88 90.18 19.41
CA TYR H 51 -22.33 89.76 18.12
C TYR H 51 -23.25 88.82 17.37
N LEU H 52 -24.32 88.35 18.03
CA LEU H 52 -25.17 87.29 17.48
C LEU H 52 -25.57 87.55 16.03
N ASN H 53 -25.76 88.81 15.65
CA ASN H 53 -26.25 89.12 14.31
C ASN H 53 -25.27 88.64 13.23
N ASP H 54 -23.98 88.98 13.39
CA ASP H 54 -22.98 88.58 12.40
C ASP H 54 -23.04 87.10 12.12
N LEU H 55 -23.03 86.27 13.16
CA LEU H 55 -23.04 84.83 12.95
C LEU H 55 -24.39 84.37 12.39
N MET H 56 -25.48 84.94 12.90
CA MET H 56 -26.81 84.63 12.37
C MET H 56 -26.83 84.74 10.85
N ILE H 57 -26.42 85.90 10.32
CA ILE H 57 -26.44 86.10 8.88
C ILE H 57 -25.43 85.18 8.20
N THR H 58 -24.22 85.13 8.76
CA THR H 58 -23.11 84.42 8.15
C THR H 58 -23.47 82.98 7.84
N LYS H 59 -24.12 82.30 8.80
CA LYS H 59 -24.54 80.93 8.59
C LYS H 59 -25.32 80.82 7.30
N ARG H 60 -26.41 81.58 7.18
CA ARG H 60 -27.27 81.47 6.02
C ARG H 60 -26.52 81.81 4.75
N ILE H 61 -25.60 82.77 4.83
CA ILE H 61 -24.74 83.09 3.70
C ILE H 61 -24.07 81.83 3.17
N LEU H 62 -23.24 81.20 4.01
CA LEU H 62 -22.59 79.99 3.53
C LEU H 62 -23.60 78.90 3.18
N GLU H 63 -24.74 78.86 3.86
CA GLU H 63 -25.76 77.86 3.57
C GLU H 63 -26.16 77.90 2.11
N VAL H 64 -26.64 79.06 1.66
CA VAL H 64 -26.98 79.17 0.26
C VAL H 64 -25.73 79.06 -0.61
N GLY H 65 -24.56 79.32 -0.04
CA GLY H 65 -23.33 78.99 -0.74
C GLY H 65 -23.28 77.53 -1.13
N ALA H 66 -23.61 76.65 -0.19
CA ALA H 66 -23.61 75.23 -0.46
C ALA H 66 -24.78 74.83 -1.35
N LEU H 67 -25.99 75.18 -0.92
CA LEU H 67 -27.19 74.82 -1.68
C LEU H 67 -27.05 75.21 -3.13
N ALA H 68 -26.55 76.42 -3.39
CA ALA H 68 -26.23 76.82 -4.75
C ALA H 68 -25.12 75.95 -5.31
N SER H 69 -24.10 75.67 -4.50
CA SER H 69 -22.95 74.93 -4.97
C SER H 69 -23.33 73.56 -5.53
N ILE H 70 -24.43 73.00 -5.04
CA ILE H 70 -24.91 71.68 -5.45
C ILE H 70 -25.10 71.66 -6.96
N GLN H 71 -26.13 72.38 -7.41
CA GLN H 71 -26.55 72.30 -8.80
C GLN H 71 -25.43 72.69 -9.73
N THR H 72 -24.48 73.45 -9.22
CA THR H 72 -23.42 74.04 -10.00
C THR H 72 -22.17 73.19 -10.06
N PHE H 73 -22.19 71.98 -9.51
CA PHE H 73 -21.08 71.04 -9.60
C PHE H 73 -19.92 71.46 -8.73
N ASN H 74 -20.10 72.50 -7.93
CA ASN H 74 -19.11 73.15 -7.08
C ASN H 74 -18.79 72.35 -5.83
N PHE H 75 -19.13 71.06 -5.84
CA PHE H 75 -19.21 70.21 -4.64
C PHE H 75 -18.10 70.44 -3.63
N ASP H 76 -16.86 70.15 -4.01
CA ASP H 76 -15.71 70.33 -3.12
C ASP H 76 -15.76 71.68 -2.41
N SER H 77 -16.03 72.75 -3.18
CA SER H 77 -16.09 74.08 -2.64
C SER H 77 -16.98 74.15 -1.41
N PHE H 78 -18.19 73.61 -1.50
CA PHE H 78 -19.03 73.78 -0.34
C PHE H 78 -18.60 72.87 0.79
N GLU H 79 -17.93 71.76 0.48
CA GLU H 79 -17.23 71.05 1.53
C GLU H 79 -16.41 72.04 2.34
N ASN H 80 -15.62 72.84 1.64
CA ASN H 80 -14.97 74.01 2.20
C ASN H 80 -15.98 74.78 3.03
N TYR H 81 -17.03 75.29 2.37
CA TYR H 81 -18.10 75.95 3.10
C TYR H 81 -18.57 75.09 4.26
N PHE H 82 -18.85 73.82 3.99
CA PHE H 82 -19.26 72.91 5.05
C PHE H 82 -18.21 72.85 6.14
N ASN H 83 -16.95 72.66 5.73
CA ASN H 83 -15.85 72.78 6.68
C ASN H 83 -15.97 74.10 7.43
N GLN H 84 -16.10 75.19 6.67
CA GLN H 84 -16.27 76.50 7.27
C GLN H 84 -17.53 76.57 8.12
N LEU H 85 -18.57 75.83 7.73
CA LEU H 85 -19.79 75.79 8.52
C LEU H 85 -19.64 74.99 9.80
N LYS H 86 -18.62 74.15 9.88
CA LYS H 86 -18.53 73.21 11.01
C LYS H 86 -18.62 73.88 12.38
N PRO H 87 -17.92 74.98 12.66
CA PRO H 87 -18.06 75.59 13.99
C PRO H 87 -19.48 75.99 14.30
N TYR H 88 -20.30 76.24 13.29
CA TYR H 88 -21.59 76.88 13.55
C TYR H 88 -22.59 75.92 14.17
N TYR H 89 -22.80 74.77 13.55
CA TYR H 89 -23.75 73.84 14.12
C TYR H 89 -23.16 73.06 15.26
N PHE H 90 -21.84 72.87 15.26
CA PHE H 90 -21.18 72.02 16.23
C PHE H 90 -20.58 72.81 17.40
N SER H 91 -20.74 74.12 17.41
CA SER H 91 -20.61 74.86 18.66
C SER H 91 -21.93 74.76 19.39
N ASN H 92 -21.91 74.19 20.60
CA ASN H 92 -23.15 73.97 21.32
C ASN H 92 -23.87 75.29 21.59
N ASN H 93 -25.15 75.32 21.26
CA ASN H 93 -26.11 76.41 21.42
C ASN H 93 -27.45 75.89 20.93
N HIS H 94 -28.50 76.51 21.43
CA HIS H 94 -29.83 76.33 20.85
C HIS H 94 -30.06 77.29 19.69
N LYS H 95 -29.54 78.50 19.81
CA LYS H 95 -29.76 79.53 18.80
C LYS H 95 -28.85 79.35 17.59
N LEU H 96 -27.60 78.96 17.82
CA LEU H 96 -26.61 78.98 16.74
C LEU H 96 -26.76 77.81 15.80
N SER H 97 -27.10 76.63 16.31
CA SER H 97 -27.03 75.40 15.54
C SER H 97 -28.35 75.00 14.87
N GLU H 98 -29.37 75.86 14.88
CA GLU H 98 -30.73 75.40 14.64
C GLU H 98 -30.99 75.05 13.17
N SER H 99 -30.55 75.90 12.23
CA SER H 99 -31.20 75.99 10.92
C SER H 99 -31.35 74.63 10.25
N ASP H 100 -32.58 74.33 9.81
CA ASP H 100 -32.87 73.04 9.20
C ASP H 100 -32.00 72.76 7.98
N LYS H 101 -31.47 73.82 7.37
CA LYS H 101 -30.43 73.67 6.36
C LYS H 101 -29.28 72.82 6.89
N LYS H 102 -29.12 72.75 8.21
CA LYS H 102 -28.31 71.72 8.83
C LYS H 102 -28.85 70.35 8.44
N SER H 103 -30.03 70.02 8.97
CA SER H 103 -30.57 68.68 8.84
C SER H 103 -30.48 68.17 7.41
N LYS H 104 -30.81 69.02 6.44
CA LYS H 104 -30.67 68.59 5.06
C LYS H 104 -29.22 68.65 4.60
N LEU H 105 -28.46 69.63 5.09
CA LEU H 105 -27.15 69.90 4.52
C LEU H 105 -26.16 68.82 4.90
N ILE H 106 -26.07 68.51 6.20
CA ILE H 106 -25.18 67.46 6.65
C ILE H 106 -25.42 66.20 5.84
N SER H 107 -26.67 65.73 5.85
CA SER H 107 -27.01 64.53 5.10
C SER H 107 -26.53 64.64 3.67
N LEU H 108 -26.71 65.81 3.08
CA LEU H 108 -26.17 66.05 1.75
C LEU H 108 -24.67 65.79 1.72
N TYR H 109 -23.96 66.22 2.76
CA TYR H 109 -22.51 66.11 2.78
C TYR H 109 -22.06 64.66 2.86
N LEU H 110 -22.58 63.93 3.85
CA LEU H 110 -22.29 62.51 3.95
C LEU H 110 -22.52 61.86 2.61
N LEU H 111 -23.68 62.12 2.01
CA LEU H 111 -23.99 61.50 0.75
C LEU H 111 -22.95 61.86 -0.31
N ASN H 112 -22.47 63.10 -0.29
CA ASN H 112 -21.37 63.47 -1.16
C ASN H 112 -20.24 62.49 -0.99
N LEU H 113 -19.83 62.29 0.26
CA LEU H 113 -18.68 61.45 0.52
C LEU H 113 -18.88 60.06 -0.03
N LEU H 114 -20.10 59.54 0.06
CA LEU H 114 -20.36 58.25 -0.57
C LEU H 114 -20.20 58.34 -2.06
N SER H 115 -20.71 59.44 -2.65
CA SER H 115 -20.68 59.59 -4.10
C SER H 115 -19.26 59.51 -4.61
N GLN H 116 -18.31 60.05 -3.86
CA GLN H 116 -16.92 60.05 -4.28
C GLN H 116 -16.20 58.77 -3.92
N ASN H 117 -16.90 57.79 -3.35
CA ASN H 117 -16.32 56.54 -2.90
C ASN H 117 -15.24 56.74 -1.86
N ASN H 118 -15.28 57.85 -1.12
CA ASN H 118 -14.32 58.03 -0.06
C ASN H 118 -14.98 57.44 1.17
N THR H 119 -14.53 56.25 1.55
CA THR H 119 -15.12 55.61 2.70
C THR H 119 -14.47 56.10 3.98
N THR H 120 -13.14 56.22 3.93
CA THR H 120 -12.38 56.68 5.09
C THR H 120 -12.96 57.97 5.63
N LYS H 121 -13.04 58.97 4.78
CA LYS H 121 -13.58 60.26 5.21
C LYS H 121 -14.98 60.07 5.74
N PHE H 122 -15.75 59.19 5.13
CA PHE H 122 -17.15 59.03 5.52
C PHE H 122 -17.26 58.56 6.95
N HIS H 123 -16.67 57.40 7.25
CA HIS H 123 -16.76 56.87 8.60
C HIS H 123 -16.12 57.81 9.60
N SER H 124 -15.02 58.46 9.21
CA SER H 124 -14.47 59.50 10.06
C SER H 124 -15.56 60.51 10.41
N GLU H 125 -16.36 60.89 9.43
CA GLU H 125 -17.42 61.84 9.70
C GLU H 125 -18.44 61.27 10.65
N LEU H 126 -18.78 59.99 10.48
CA LEU H 126 -19.67 59.36 11.44
C LEU H 126 -19.17 59.57 12.85
N GLN H 127 -17.93 59.16 13.10
CA GLN H 127 -17.37 59.31 14.42
C GLN H 127 -17.43 60.76 14.88
N TYR H 128 -17.20 61.69 13.96
CA TYR H 128 -17.32 63.10 14.30
C TYR H 128 -18.72 63.39 14.81
N LEU H 129 -19.69 63.32 13.91
CA LEU H 129 -21.05 63.72 14.19
C LEU H 129 -21.59 63.05 15.44
N ASP H 130 -21.06 61.88 15.78
CA ASP H 130 -21.65 61.10 16.85
C ASP H 130 -21.66 61.86 18.17
N LYS H 131 -20.50 62.37 18.60
CA LYS H 131 -20.46 62.99 19.93
C LYS H 131 -21.28 64.26 19.98
N HIS H 132 -21.44 64.94 18.84
CA HIS H 132 -22.21 66.16 18.80
C HIS H 132 -23.68 65.85 18.88
N ILE H 133 -24.17 65.10 17.92
CA ILE H 133 -25.58 64.73 17.74
C ILE H 133 -25.98 63.74 18.81
N LYS H 134 -25.07 63.40 19.73
CA LYS H 134 -25.23 62.26 20.64
C LYS H 134 -26.60 62.18 21.29
N ASN H 135 -27.34 63.28 21.31
CA ASN H 135 -28.77 63.26 21.62
C ASN H 135 -29.52 62.44 20.58
N LEU H 136 -28.79 61.95 19.59
CA LEU H 136 -29.35 61.44 18.34
C LEU H 136 -30.50 60.47 18.56
N GLU H 137 -31.61 60.78 17.91
CA GLU H 137 -32.77 59.90 17.82
C GLU H 137 -32.66 59.18 16.48
N ASP H 138 -32.61 57.84 16.52
CA ASP H 138 -32.43 56.96 15.38
C ASP H 138 -31.41 57.63 14.46
N ASP H 139 -31.74 57.80 13.19
CA ASP H 139 -31.20 58.87 12.36
C ASP H 139 -32.38 59.44 11.60
N SER H 140 -32.75 60.70 11.87
CA SER H 140 -34.08 61.14 11.47
C SER H 140 -34.16 61.34 9.96
N LEU H 141 -33.56 62.41 9.46
CA LEU H 141 -33.28 62.45 8.04
C LEU H 141 -31.99 61.72 7.72
N LEU H 142 -31.04 61.78 8.64
CA LEU H 142 -29.67 61.34 8.40
C LEU H 142 -29.57 59.84 8.16
N SER H 143 -30.61 59.07 8.41
CA SER H 143 -30.55 57.66 8.10
C SER H 143 -30.41 57.43 6.61
N TYR H 144 -30.77 58.42 5.80
CA TYR H 144 -30.73 58.20 4.38
C TYR H 144 -29.30 57.90 3.95
N PRO H 145 -28.32 58.78 4.22
CA PRO H 145 -26.95 58.41 3.86
C PRO H 145 -26.41 57.25 4.67
N ILE H 146 -26.65 57.19 5.99
CA ILE H 146 -26.11 56.13 6.82
C ILE H 146 -26.56 54.79 6.28
N LYS H 147 -27.84 54.53 6.49
CA LYS H 147 -28.50 53.32 6.05
C LYS H 147 -28.10 53.02 4.62
N LEU H 148 -28.13 54.05 3.78
CA LEU H 148 -27.66 53.89 2.41
C LEU H 148 -26.26 53.29 2.37
N ASP H 149 -25.43 53.61 3.35
CA ASP H 149 -24.10 53.02 3.38
C ASP H 149 -24.14 51.60 3.92
N ARG H 150 -24.83 51.39 5.04
CA ARG H 150 -24.76 50.08 5.66
C ARG H 150 -25.23 48.99 4.71
N TRP H 151 -26.28 49.28 3.95
CA TRP H 151 -26.82 48.20 3.12
C TRP H 151 -25.87 47.80 2.02
N LEU H 152 -25.13 48.75 1.47
CA LEU H 152 -24.16 48.35 0.46
C LEU H 152 -22.87 47.83 1.07
N MET H 153 -22.60 48.17 2.33
CA MET H 153 -21.52 47.50 3.04
C MET H 153 -21.81 46.02 3.20
N GLU H 154 -22.98 45.69 3.74
CA GLU H 154 -23.34 44.28 3.86
C GLU H 154 -23.36 43.60 2.51
N GLY H 155 -23.81 44.31 1.48
CA GLY H 155 -23.95 43.73 0.17
C GLY H 155 -25.36 43.47 -0.29
N SER H 156 -26.36 43.84 0.49
CA SER H 156 -27.74 43.71 0.05
C SER H 156 -28.12 45.00 -0.63
N TYR H 157 -28.25 44.95 -1.95
CA TYR H 157 -28.46 46.18 -2.70
C TYR H 157 -29.92 46.60 -2.73
N GLN H 158 -30.82 45.64 -2.85
CA GLN H 158 -32.21 45.96 -3.10
C GLN H 158 -32.73 47.00 -2.12
N LYS H 159 -32.43 46.82 -0.83
CA LYS H 159 -32.81 47.84 0.14
C LYS H 159 -32.18 49.18 -0.21
N ALA H 160 -30.92 49.17 -0.62
CA ALA H 160 -30.26 50.42 -0.98
C ALA H 160 -31.00 51.12 -2.12
N TRP H 161 -31.17 50.41 -3.24
CA TRP H 161 -31.92 50.97 -4.34
C TRP H 161 -33.25 51.53 -3.85
N ASP H 162 -33.90 50.81 -2.94
CA ASP H 162 -35.14 51.29 -2.37
C ASP H 162 -34.95 52.65 -1.74
N LEU H 163 -33.86 52.82 -0.98
CA LEU H 163 -33.57 54.14 -0.44
C LEU H 163 -33.46 55.17 -1.55
N LEU H 164 -32.79 54.80 -2.65
CA LEU H 164 -32.71 55.73 -3.76
C LEU H 164 -34.09 56.14 -4.24
N GLN H 165 -35.07 55.23 -4.16
CA GLN H 165 -36.43 55.63 -4.43
C GLN H 165 -37.03 56.46 -3.30
N SER H 166 -36.46 56.37 -2.11
CA SER H 166 -37.01 57.03 -0.94
C SER H 166 -36.37 58.37 -0.64
N GLY H 167 -35.42 58.82 -1.46
CA GLY H 167 -34.94 60.18 -1.31
C GLY H 167 -35.87 61.23 -1.87
N SER H 168 -36.83 60.81 -2.70
CA SER H 168 -37.74 61.75 -3.37
C SER H 168 -38.71 62.40 -2.39
N GLN H 169 -38.93 61.78 -1.23
CA GLN H 169 -39.82 62.36 -0.23
C GLN H 169 -39.30 63.70 0.25
N ASN H 170 -38.01 63.75 0.58
CA ASN H 170 -37.29 64.93 1.03
C ASN H 170 -36.60 65.64 -0.11
N ILE H 171 -36.98 65.29 -1.35
CA ILE H 171 -36.13 65.41 -2.53
C ILE H 171 -35.44 66.76 -2.62
N SER H 172 -34.19 66.69 -3.04
CA SER H 172 -33.42 67.84 -3.47
C SER H 172 -32.52 67.39 -4.60
N GLU H 173 -31.59 68.25 -4.98
CA GLU H 173 -30.78 68.03 -6.18
C GLU H 173 -29.85 66.82 -6.06
N PHE H 174 -29.77 66.18 -4.91
CA PHE H 174 -29.00 64.95 -4.79
C PHE H 174 -29.49 63.88 -5.74
N ASP H 175 -30.61 64.12 -6.41
CA ASP H 175 -31.01 63.30 -7.54
C ASP H 175 -29.84 63.08 -8.48
N SER H 176 -29.10 64.16 -8.77
CA SER H 176 -27.85 64.05 -9.51
C SER H 176 -26.93 63.03 -8.86
N PHE H 177 -26.67 63.21 -7.58
CA PHE H 177 -25.95 62.21 -6.79
C PHE H 177 -26.57 60.84 -6.98
N THR H 178 -27.90 60.79 -6.93
CA THR H 178 -28.60 59.54 -7.23
C THR H 178 -28.06 58.94 -8.52
N ASP H 179 -28.10 59.72 -9.59
CA ASP H 179 -27.65 59.22 -10.87
C ASP H 179 -26.18 58.82 -10.83
N ILE H 180 -25.40 59.49 -9.99
CA ILE H 180 -24.08 59.02 -9.63
C ILE H 180 -24.20 57.66 -8.98
N LEU H 181 -24.74 57.65 -7.77
CA LEU H 181 -24.73 56.45 -6.94
C LEU H 181 -25.33 55.28 -7.70
N LYS H 182 -26.43 55.52 -8.40
CA LYS H 182 -27.07 54.49 -9.19
C LYS H 182 -26.06 53.78 -10.09
N SER H 183 -25.39 54.54 -10.94
CA SER H 183 -24.33 53.95 -11.74
C SER H 183 -23.29 53.31 -10.85
N ALA H 184 -22.91 54.01 -9.78
CA ALA H 184 -21.92 53.49 -8.85
C ALA H 184 -22.31 52.14 -8.29
N ILE H 185 -23.61 51.85 -8.22
CA ILE H 185 -24.00 50.53 -7.77
C ILE H 185 -23.91 49.51 -8.89
N ARG H 186 -24.36 49.87 -10.08
CA ARG H 186 -24.64 48.86 -11.09
C ARG H 186 -23.37 48.13 -11.49
N ASP H 187 -22.31 48.87 -11.78
CA ASP H 187 -21.02 48.26 -12.04
C ASP H 187 -20.69 47.21 -11.00
N GLU H 188 -20.89 47.55 -9.73
CA GLU H 188 -20.72 46.61 -8.64
C GLU H 188 -21.38 45.30 -8.99
N ILE H 189 -22.71 45.33 -9.10
CA ILE H 189 -23.42 44.12 -9.48
C ILE H 189 -22.77 43.51 -10.70
N ALA H 190 -22.56 44.33 -11.74
CA ALA H 190 -21.81 43.89 -12.90
C ALA H 190 -20.49 43.29 -12.47
N LYS H 191 -19.65 44.08 -11.84
CA LYS H 191 -18.36 43.59 -11.36
C LYS H 191 -18.55 42.40 -10.42
N ASN H 192 -19.64 42.38 -9.67
CA ASN H 192 -20.01 41.14 -9.01
C ASN H 192 -20.25 40.07 -10.05
N THR H 193 -21.33 40.22 -10.80
CA THR H 193 -21.85 39.11 -11.57
C THR H 193 -20.88 38.60 -12.60
N GLU H 194 -19.93 39.42 -13.05
CA GLU H 194 -18.90 38.92 -13.94
C GLU H 194 -18.32 37.62 -13.40
N LEU H 195 -17.95 37.61 -12.14
CA LEU H 195 -17.44 36.41 -11.53
C LEU H 195 -18.52 35.49 -10.99
N SER H 196 -19.75 35.99 -10.82
CA SER H 196 -20.79 35.15 -10.25
C SER H 196 -21.01 33.90 -11.08
N TYR H 197 -21.64 34.08 -12.24
CA TYR H 197 -21.88 32.95 -13.12
C TYR H 197 -22.05 33.45 -14.54
N ASP H 198 -21.56 32.66 -15.48
CA ASP H 198 -21.23 33.10 -16.84
C ASP H 198 -22.43 33.37 -17.72
N PHE H 199 -23.63 33.09 -17.24
CA PHE H 199 -24.75 32.75 -18.12
C PHE H 199 -25.99 33.49 -17.65
N LEU H 200 -26.49 34.43 -18.46
CA LEU H 200 -27.73 35.06 -18.05
C LEU H 200 -28.72 35.29 -19.19
N PRO H 201 -30.00 35.03 -18.93
CA PRO H 201 -31.03 35.54 -19.82
C PRO H 201 -31.21 37.04 -19.64
N LEU H 202 -31.51 37.72 -20.74
CA LEU H 202 -31.55 39.17 -20.74
C LEU H 202 -32.53 39.70 -19.71
N SER H 203 -33.71 39.08 -19.61
CA SER H 203 -34.69 39.50 -18.63
C SER H 203 -34.10 39.47 -17.23
N ASN H 204 -33.19 38.53 -16.97
CA ASN H 204 -32.59 38.44 -15.66
C ASN H 204 -31.59 39.56 -15.43
N ILE H 205 -30.83 39.93 -16.46
CA ILE H 205 -29.96 41.09 -16.32
C ILE H 205 -30.79 42.32 -16.00
N LYS H 206 -31.90 42.50 -16.71
CA LYS H 206 -32.81 43.59 -16.36
C LYS H 206 -33.23 43.48 -14.91
N ALA H 207 -33.50 42.26 -14.46
CA ALA H 207 -33.92 42.07 -13.07
C ALA H 207 -32.85 42.54 -12.10
N LEU H 208 -31.59 42.21 -12.38
CA LEU H 208 -30.52 42.55 -11.46
C LEU H 208 -30.23 44.03 -11.47
N LEU H 209 -29.99 44.59 -12.65
CA LEU H 209 -29.41 45.93 -12.73
C LEU H 209 -30.45 47.02 -12.55
N PHE H 210 -31.70 46.64 -12.33
CA PHE H 210 -32.78 47.58 -12.02
C PHE H 210 -33.12 48.43 -13.23
N PHE H 211 -33.05 47.83 -14.41
CA PHE H 211 -33.50 48.51 -15.61
C PHE H 211 -35.02 48.41 -15.72
N ASN H 212 -35.62 49.47 -16.25
CA ASN H 212 -36.99 49.46 -16.71
C ASN H 212 -37.06 49.19 -18.20
N ASN H 213 -35.92 48.92 -18.82
CA ASN H 213 -35.81 48.81 -20.26
C ASN H 213 -35.04 47.56 -20.62
N GLU H 214 -35.40 46.98 -21.77
CA GLU H 214 -34.67 45.85 -22.31
C GLU H 214 -33.42 46.28 -23.07
N LYS H 215 -33.47 47.41 -23.79
CA LYS H 215 -32.32 47.77 -24.62
C LYS H 215 -31.21 48.42 -23.81
N GLU H 216 -31.57 49.14 -22.75
CA GLU H 216 -30.55 49.66 -21.85
C GLU H 216 -29.59 48.57 -21.42
N THR H 217 -30.08 47.34 -21.36
CA THR H 217 -29.25 46.21 -21.02
C THR H 217 -28.05 46.12 -21.96
N GLU H 218 -28.29 45.71 -23.20
CA GLU H 218 -27.16 45.50 -24.10
C GLU H 218 -26.42 46.78 -24.39
N LYS H 219 -27.07 47.94 -24.21
CA LYS H 219 -26.28 49.16 -24.10
C LYS H 219 -25.18 48.98 -23.07
N PHE H 220 -25.60 48.63 -21.86
CA PHE H 220 -24.65 48.49 -20.75
C PHE H 220 -23.65 47.39 -21.02
N ALA H 221 -24.11 46.25 -21.55
CA ALA H 221 -23.24 45.10 -21.74
C ALA H 221 -22.19 45.37 -22.81
N LEU H 222 -22.57 46.06 -23.89
CA LEU H 222 -21.56 46.51 -24.84
C LEU H 222 -20.59 47.45 -24.15
N GLU H 223 -21.12 48.43 -23.43
CA GLU H 223 -20.26 49.28 -22.60
C GLU H 223 -19.40 48.44 -21.67
N ARG H 224 -19.90 47.27 -21.29
CA ARG H 224 -19.14 46.32 -20.49
C ARG H 224 -18.40 45.31 -21.34
N ASN H 225 -18.54 45.38 -22.66
CA ASN H 225 -17.88 44.49 -23.62
C ASN H 225 -18.38 43.06 -23.53
N TRP H 226 -19.61 42.86 -23.07
CA TRP H 226 -20.12 41.52 -22.86
C TRP H 226 -20.65 40.93 -24.16
N PRO H 227 -20.01 39.90 -24.71
CA PRO H 227 -20.57 39.24 -25.88
C PRO H 227 -21.91 38.61 -25.55
N ILE H 228 -22.91 38.92 -26.36
CA ILE H 228 -24.30 38.59 -26.08
C ILE H 228 -24.79 37.63 -27.14
N VAL H 229 -25.39 36.53 -26.72
CA VAL H 229 -26.00 35.59 -27.64
C VAL H 229 -27.50 35.62 -27.36
N ASN H 230 -28.24 36.26 -28.25
CA ASN H 230 -29.70 36.17 -28.32
C ASN H 230 -30.39 36.11 -26.96
N SER H 231 -30.32 37.20 -26.19
CA SER H 231 -30.88 37.38 -24.85
C SER H 231 -29.99 36.78 -23.78
N LYS H 232 -28.93 36.07 -24.14
CA LYS H 232 -28.24 35.19 -23.21
C LYS H 232 -26.75 35.48 -23.29
N VAL H 233 -26.18 35.93 -22.20
CA VAL H 233 -24.86 36.52 -22.21
C VAL H 233 -23.85 35.55 -21.61
N TYR H 234 -22.63 35.61 -22.13
CA TYR H 234 -21.50 34.88 -21.59
C TYR H 234 -20.48 35.88 -21.05
N PHE H 235 -19.89 35.55 -19.91
CA PHE H 235 -19.00 36.50 -19.22
C PHE H 235 -17.52 36.26 -19.46
N ASN H 236 -17.15 35.28 -20.27
CA ASN H 236 -15.73 35.11 -20.54
C ASN H 236 -15.40 35.56 -21.96
N THR H 257 7.16 27.28 -20.32
CA THR H 257 8.44 27.20 -19.62
C THR H 257 8.81 25.76 -19.33
N ASN H 258 9.79 25.27 -20.07
CA ASN H 258 10.16 23.85 -20.04
C ASN H 258 10.74 23.48 -18.68
N ILE H 259 10.70 22.18 -18.39
CA ILE H 259 11.16 21.69 -17.09
C ILE H 259 12.66 21.79 -16.97
N ILE H 260 13.39 21.48 -18.05
CA ILE H 260 14.84 21.62 -18.03
C ILE H 260 15.21 23.00 -17.53
N GLU H 261 14.62 24.01 -18.16
CA GLU H 261 14.79 25.39 -17.75
C GLU H 261 14.60 25.52 -16.24
N LYS H 262 13.48 24.99 -15.73
CA LYS H 262 13.19 25.10 -14.31
C LYS H 262 14.32 24.52 -13.48
N ALA H 263 14.83 23.37 -13.90
CA ALA H 263 15.89 22.72 -13.13
C ALA H 263 17.12 23.60 -13.06
N MET H 264 17.66 23.96 -14.23
CA MET H 264 18.85 24.81 -14.21
C MET H 264 18.59 26.07 -13.41
N ASP H 265 17.37 26.59 -13.46
CA ASP H 265 17.04 27.77 -12.69
C ASP H 265 17.24 27.50 -11.21
N TYR H 266 16.73 26.38 -10.73
CA TYR H 266 16.92 26.06 -9.32
C TYR H 266 18.39 25.97 -9.00
N ALA H 267 19.16 25.31 -9.86
CA ALA H 267 20.59 25.19 -9.65
C ALA H 267 21.25 26.56 -9.51
N ILE H 268 21.21 27.36 -10.57
CA ILE H 268 21.86 28.66 -10.58
C ILE H 268 21.39 29.51 -9.42
N SER H 269 20.15 29.31 -8.98
CA SER H 269 19.73 29.97 -7.76
C SER H 269 20.46 29.39 -6.55
N ILE H 270 20.88 28.13 -6.61
CA ILE H 270 21.52 27.56 -5.45
C ILE H 270 22.99 27.93 -5.38
N GLU H 271 23.68 27.97 -6.50
CA GLU H 271 25.13 28.07 -6.46
C GLU H 271 25.65 29.49 -6.51
N ASN H 272 24.78 30.49 -6.46
CA ASN H 272 25.24 31.86 -6.33
C ASN H 272 26.00 32.02 -5.01
N GLU I 31 11.60 54.01 35.53
CA GLU I 31 10.76 53.81 34.36
C GLU I 31 9.34 53.42 34.77
N ASP I 32 8.69 54.32 35.51
CA ASP I 32 7.36 54.04 36.02
C ASP I 32 6.51 55.30 35.88
N ASP I 33 5.33 55.15 35.26
CA ASP I 33 4.38 56.24 35.17
C ASP I 33 2.98 55.72 35.49
N GLU I 34 2.14 56.61 36.01
CA GLU I 34 0.94 56.20 36.71
C GLU I 34 -0.19 55.77 35.80
N PHE I 35 -0.20 56.19 34.54
CA PHE I 35 -1.30 55.89 33.62
C PHE I 35 -2.64 56.34 34.19
N GLU I 36 -2.62 57.41 35.01
CA GLU I 36 -3.87 57.87 35.61
C GLU I 36 -4.91 58.17 34.56
N ASP I 37 -4.48 58.41 33.33
CA ASP I 37 -5.40 58.64 32.23
C ASP I 37 -6.17 57.39 31.86
N PHE I 38 -5.53 56.23 31.94
CA PHE I 38 -6.28 55.00 31.73
C PHE I 38 -6.66 54.43 33.08
N PRO I 39 -7.90 54.61 33.53
CA PRO I 39 -8.31 53.95 34.76
C PRO I 39 -8.63 52.49 34.49
N ILE I 40 -8.31 51.65 35.47
CA ILE I 40 -8.66 50.24 35.35
C ILE I 40 -10.17 50.11 35.51
N ASP I 41 -10.76 49.25 34.68
CA ASP I 41 -12.20 49.25 34.47
C ASP I 41 -12.95 49.18 35.80
N THR I 42 -13.93 50.07 35.94
CA THR I 42 -14.81 50.07 37.10
C THR I 42 -16.12 49.39 36.71
N TRP I 43 -16.67 48.64 37.66
CA TRP I 43 -17.75 47.72 37.35
C TRP I 43 -18.98 47.99 38.20
N ALA I 44 -20.14 47.86 37.59
CA ALA I 44 -21.42 47.96 38.28
C ALA I 44 -21.88 46.64 38.88
N ASN I 45 -21.05 45.59 38.76
CA ASN I 45 -21.35 44.26 39.30
C ASN I 45 -22.63 43.67 38.71
N ASN I 58 -11.54 24.00 34.76
CA ASN I 58 -11.27 24.17 33.34
C ASN I 58 -9.78 24.13 33.07
N ILE I 59 -9.09 23.18 33.70
CA ILE I 59 -7.65 23.06 33.54
C ILE I 59 -7.29 22.91 32.08
N TRP I 60 -7.97 22.00 31.39
CA TRP I 60 -7.68 21.75 29.99
C TRP I 60 -7.92 22.98 29.14
N GLU I 61 -6.98 23.30 28.26
CA GLU I 61 -7.24 24.33 27.27
C GLU I 61 -8.42 23.89 26.41
N GLU I 62 -9.21 24.84 25.98
CA GLU I 62 -10.45 24.54 25.28
C GLU I 62 -10.35 24.85 23.81
N ASN I 63 -10.93 23.98 22.99
CA ASN I 63 -11.39 24.41 21.68
C ASN I 63 -12.64 25.24 21.90
N TRP I 64 -13.03 26.05 20.90
CA TRP I 64 -14.27 26.78 21.07
C TRP I 64 -15.40 25.78 21.23
N ASP I 65 -15.53 24.84 20.31
CA ASP I 65 -16.65 23.90 20.35
C ASP I 65 -16.74 23.19 21.69
N ASP I 66 -15.67 23.22 22.48
CA ASP I 66 -15.79 22.89 23.88
C ASP I 66 -16.84 23.78 24.52
N VAL I 67 -16.71 25.09 24.34
CA VAL I 67 -17.66 26.05 24.89
C VAL I 67 -18.80 26.35 23.95
N GLU I 68 -18.88 25.66 22.80
CA GLU I 68 -20.15 25.55 22.11
C GLU I 68 -21.20 24.99 23.06
N VAL I 69 -20.92 23.80 23.60
CA VAL I 69 -21.59 23.21 24.74
C VAL I 69 -23.10 23.42 24.58
N ASP I 70 -23.60 23.16 23.39
CA ASP I 70 -24.99 23.46 23.10
C ASP I 70 -25.96 22.46 23.73
N ASP I 71 -25.46 21.32 24.21
CA ASP I 71 -26.20 20.48 25.13
C ASP I 71 -27.40 19.82 24.46
N ASP I 72 -27.64 20.20 23.21
CA ASP I 72 -28.85 19.81 22.51
C ASP I 72 -28.93 18.29 22.35
N PHE I 73 -27.86 17.70 21.82
CA PHE I 73 -28.00 16.45 21.08
C PHE I 73 -28.60 15.36 21.95
N THR I 74 -28.08 15.19 23.17
CA THR I 74 -28.59 14.14 24.05
C THR I 74 -30.10 14.15 24.07
N ASN I 75 -30.69 15.33 24.24
CA ASN I 75 -32.12 15.42 24.37
C ASN I 75 -32.83 15.39 23.03
N GLU I 76 -32.29 16.07 22.03
CA GLU I 76 -32.98 16.09 20.74
C GLU I 76 -33.04 14.71 20.13
N LEU I 77 -31.97 13.95 20.29
CA LEU I 77 -31.84 12.64 19.70
C LEU I 77 -33.05 11.79 20.02
N LYS I 78 -33.24 11.46 21.30
CA LYS I 78 -34.28 10.52 21.70
C LYS I 78 -35.60 10.81 21.00
N ALA I 79 -36.00 12.08 20.98
CA ALA I 79 -37.21 12.44 20.26
C ALA I 79 -37.05 12.17 18.78
N GLU I 80 -35.84 12.29 18.25
CA GLU I 80 -35.68 12.00 16.83
C GLU I 80 -35.81 10.51 16.55
N LEU I 81 -35.09 9.69 17.30
CA LEU I 81 -35.18 8.25 17.16
C LEU I 81 -36.62 7.79 17.25
N ASP I 82 -37.21 7.93 18.43
CA ASP I 82 -38.55 7.36 18.60
C ASP I 82 -39.54 8.00 17.64
N ARG I 83 -39.46 9.31 17.48
CA ARG I 83 -40.33 9.97 16.50
C ARG I 83 -40.25 9.27 15.17
N TYR I 84 -39.05 8.91 14.75
CA TYR I 84 -38.90 8.17 13.51
C TYR I 84 -39.57 6.82 13.59
N LYS I 85 -39.17 5.99 14.55
CA LYS I 85 -39.61 4.60 14.47
C LYS I 85 -41.07 4.41 14.80
N ARG I 86 -41.75 5.44 15.31
CA ARG I 86 -43.20 5.35 15.41
C ARG I 86 -43.85 5.40 14.04
N GLU I 87 -43.16 5.93 13.05
CA GLU I 87 -43.70 6.12 11.73
C GLU I 87 -43.33 5.02 10.77
N ASN I 88 -42.61 4.02 11.24
CA ASN I 88 -42.09 3.00 10.35
C ASN I 88 -41.98 1.65 11.06
N UNK A 1 12.35 64.39 56.96
CA UNK A 1 11.03 63.97 56.52
C UNK A 1 10.73 64.53 55.15
N UNK A 2 9.72 65.40 55.07
CA UNK A 2 9.40 66.05 53.80
C UNK A 2 10.56 66.94 53.35
N UNK A 3 11.09 67.75 54.27
CA UNK A 3 12.28 68.54 53.97
C UNK A 3 13.42 67.65 53.53
N UNK A 4 13.51 66.43 54.06
CA UNK A 4 14.55 65.50 53.63
C UNK A 4 14.34 65.05 52.19
N UNK A 5 13.08 64.86 51.79
CA UNK A 5 12.82 64.52 50.39
C UNK A 5 13.11 65.69 49.48
N UNK A 6 12.83 66.92 49.94
CA UNK A 6 13.29 68.09 49.20
C UNK A 6 14.80 68.13 49.12
N UNK A 7 15.48 67.60 50.14
CA UNK A 7 16.92 67.46 50.07
C UNK A 7 17.33 66.40 49.05
N UNK A 8 16.47 65.40 48.85
CA UNK A 8 16.72 64.45 47.78
C UNK A 8 16.56 65.11 46.42
N UNK A 9 15.58 66.00 46.29
CA UNK A 9 15.41 66.74 45.05
C UNK A 9 16.61 67.63 44.76
N UNK A 10 16.96 68.52 45.70
CA UNK A 10 18.14 69.35 45.54
C UNK A 10 19.38 68.50 45.29
N UNK A 11 19.44 67.31 45.90
CA UNK A 11 20.53 66.41 45.62
C UNK A 11 20.45 65.89 44.19
N UNK A 12 19.27 65.89 43.60
CA UNK A 12 19.11 65.55 42.19
C UNK A 12 19.25 66.76 41.28
N UNK A 13 19.44 67.94 41.84
CA UNK A 13 19.62 69.16 41.06
C UNK A 13 20.97 69.23 40.36
N UNK A 14 21.85 68.26 40.58
CA UNK A 14 23.20 68.35 40.06
C UNK A 14 23.23 68.18 38.54
N UNK A 15 22.68 67.08 38.03
CA UNK A 15 22.89 66.70 36.64
C UNK A 15 21.56 66.28 36.01
N UNK A 16 21.60 66.11 34.68
CA UNK A 16 20.40 65.74 33.93
C UNK A 16 19.95 64.32 34.27
N UNK A 17 20.87 63.35 34.18
CA UNK A 17 20.54 62.00 34.58
C UNK A 17 20.04 61.94 36.01
N UNK A 18 20.54 62.85 36.86
CA UNK A 18 19.99 62.98 38.19
C UNK A 18 18.55 63.46 38.15
N UNK A 19 18.18 64.21 37.11
CA UNK A 19 16.79 64.61 36.96
C UNK A 19 15.93 63.46 36.44
N UNK A 20 16.50 62.58 35.63
CA UNK A 20 15.76 61.39 35.21
C UNK A 20 15.53 60.47 36.39
N UNK A 21 16.60 60.13 37.10
CA UNK A 21 16.45 59.30 38.30
C UNK A 21 15.55 59.96 39.31
N UNK A 22 15.58 61.29 39.39
CA UNK A 22 14.63 62.00 40.24
C UNK A 22 13.20 61.78 39.76
N UNK A 23 13.00 61.81 38.45
CA UNK A 23 11.67 61.53 37.90
C UNK A 23 11.21 60.15 38.33
N UNK A 24 12.12 59.17 38.32
CA UNK A 24 11.78 57.87 38.89
C UNK A 24 11.45 58.01 40.37
N UNK A 25 12.16 58.89 41.08
CA UNK A 25 11.93 59.07 42.50
C UNK A 25 10.59 59.71 42.79
N UNK A 26 9.94 60.32 41.79
CA UNK A 26 8.59 60.81 41.99
C UNK A 26 7.65 59.72 42.44
N UNK A 27 7.97 58.45 42.14
CA UNK A 27 7.16 57.34 42.63
C UNK A 27 7.21 57.26 44.15
N UNK A 28 8.41 57.28 44.72
CA UNK A 28 8.52 57.26 46.17
C UNK A 28 7.98 58.53 46.79
N UNK A 29 8.30 59.68 46.20
CA UNK A 29 7.74 60.94 46.65
C UNK A 29 6.22 60.97 46.56
N UNK A 30 5.62 60.07 45.80
CA UNK A 30 4.16 59.99 45.71
C UNK A 30 3.51 59.58 47.03
N UNK A 31 4.30 59.21 48.04
CA UNK A 31 3.73 58.83 49.33
C UNK A 31 2.88 59.97 49.87
N UNK A 32 1.81 59.60 50.58
CA UNK A 32 0.88 60.59 51.10
C UNK A 32 1.60 61.60 51.96
N UNK A 33 1.44 62.87 51.63
CA UNK A 33 2.15 63.96 52.29
C UNK A 33 1.15 64.88 52.99
N UNK A 34 1.56 65.43 54.12
CA UNK A 34 0.71 66.38 54.83
C UNK A 34 0.55 67.65 54.02
N UNK A 35 -0.59 68.31 54.22
CA UNK A 35 -0.86 69.56 53.51
C UNK A 35 0.12 70.64 53.93
N UNK A 36 0.21 70.89 55.23
CA UNK A 36 1.04 71.97 55.75
C UNK A 36 2.51 71.79 55.44
N UNK A 37 2.93 70.62 54.96
CA UNK A 37 4.33 70.40 54.64
C UNK A 37 4.83 71.44 53.65
N UNK A 38 3.96 71.94 52.77
CA UNK A 38 4.36 72.96 51.81
C UNK A 38 4.91 74.19 52.53
N UNK A 39 4.32 74.54 53.68
CA UNK A 39 4.85 75.63 54.48
C UNK A 39 6.34 75.47 54.74
N UNK A 40 6.74 74.25 55.09
CA UNK A 40 8.17 73.96 55.24
C UNK A 40 8.89 74.15 53.92
N UNK A 41 8.35 73.56 52.84
CA UNK A 41 8.89 73.85 51.52
C UNK A 41 8.72 75.32 51.16
N UNK A 42 7.79 76.02 51.81
CA UNK A 42 7.74 77.47 51.66
C UNK A 42 8.98 78.12 52.26
N UNK A 43 9.43 77.62 53.40
CA UNK A 43 10.67 78.11 54.00
C UNK A 43 11.90 77.72 53.20
N UNK A 44 11.77 76.80 52.23
CA UNK A 44 12.89 76.46 51.37
C UNK A 44 13.17 77.55 50.34
N UNK A 45 12.24 78.49 50.17
CA UNK A 45 12.46 79.63 49.28
C UNK A 45 11.60 80.80 49.75
N THR A 46 16.59 77.07 42.36
CA THR A 46 15.62 78.12 42.62
C THR A 46 14.36 77.88 41.79
N ALA A 47 14.37 78.44 40.58
CA ALA A 47 13.23 78.28 39.68
C ALA A 47 13.13 76.86 39.14
N GLU A 48 14.27 76.28 38.73
CA GLU A 48 14.29 74.93 38.20
C GLU A 48 13.59 73.96 39.12
N ILE A 49 13.71 74.19 40.43
CA ILE A 49 12.96 73.44 41.42
C ILE A 49 11.68 74.16 41.82
N ASN A 50 11.47 75.40 41.37
CA ASN A 50 10.20 76.06 41.63
C ASN A 50 9.08 75.45 40.79
N CYS A 51 9.32 75.27 39.50
CA CYS A 51 8.33 74.59 38.68
C CYS A 51 8.06 73.19 39.22
N PHE A 52 9.10 72.53 39.69
CA PHE A 52 8.91 71.22 40.32
C PHE A 52 8.10 71.34 41.60
N MET A 53 8.26 72.44 42.34
CA MET A 53 7.37 72.72 43.45
C MET A 53 5.93 72.67 42.98
N HIS A 54 5.59 73.60 42.08
CA HIS A 54 4.22 73.67 41.58
C HIS A 54 3.76 72.34 41.02
N LEU A 55 4.71 71.50 40.56
CA LEU A 55 4.39 70.12 40.26
C LEU A 55 3.95 69.39 41.52
N LEU A 56 4.65 69.61 42.62
CA LEU A 56 4.30 68.88 43.84
C LEU A 56 2.94 69.33 44.36
N VAL A 57 2.62 70.62 44.24
CA VAL A 57 1.28 71.08 44.57
C VAL A 57 0.27 70.48 43.61
N GLN A 58 0.65 70.39 42.34
CA GLN A 58 -0.19 69.85 41.28
C GLN A 58 -0.60 68.42 41.59
N LEU A 59 0.38 67.51 41.52
CA LEU A 59 0.16 66.11 41.87
C LEU A 59 -0.52 65.99 43.22
N PHE A 60 -0.06 66.78 44.19
CA PHE A 60 -0.70 66.82 45.50
C PHE A 60 -2.21 66.99 45.36
N LEU A 61 -2.62 67.95 44.55
CA LEU A 61 -4.04 68.24 44.44
C LEU A 61 -4.77 67.17 43.65
N TRP A 62 -4.10 66.58 42.64
CA TRP A 62 -4.74 65.54 41.85
C TRP A 62 -5.00 64.29 42.68
N ASP A 63 -3.98 63.80 43.38
CA ASP A 63 -4.15 62.61 44.21
C ASP A 63 -5.22 62.84 45.26
N SER A 64 -5.36 64.07 45.74
CA SER A 64 -6.45 64.40 46.65
C SER A 64 -7.79 64.42 45.92
N LYS A 65 -7.79 64.50 44.60
CA LYS A 65 -8.93 64.41 43.68
C LYS A 65 -9.74 65.70 43.56
N GLU A 66 -9.39 66.77 44.24
CA GLU A 66 -10.03 68.05 43.94
C GLU A 66 -9.62 68.53 42.56
N LEU A 67 -10.61 68.77 41.69
CA LEU A 67 -10.33 69.27 40.36
C LEU A 67 -10.08 70.78 40.37
N GLU A 68 -10.89 71.52 41.14
CA GLU A 68 -11.02 72.97 40.98
C GLU A 68 -9.68 73.68 41.02
N GLN A 69 -9.09 73.79 42.20
CA GLN A 69 -7.88 74.59 42.32
C GLN A 69 -6.73 73.99 41.53
N LEU A 70 -6.86 72.74 41.09
CA LEU A 70 -5.83 72.17 40.22
C LEU A 70 -5.92 72.77 38.83
N VAL A 71 -7.11 72.74 38.22
CA VAL A 71 -7.30 73.39 36.92
C VAL A 71 -6.96 74.86 37.03
N GLU A 72 -7.61 75.54 37.97
CA GLU A 72 -7.36 76.95 38.24
C GLU A 72 -5.87 77.22 38.28
N PHE A 73 -5.18 76.60 39.24
CA PHE A 73 -3.75 76.80 39.40
C PHE A 73 -2.99 76.52 38.12
N ASN A 74 -3.44 75.53 37.34
CA ASN A 74 -2.80 75.28 36.06
C ASN A 74 -2.85 76.51 35.19
N ARG A 75 -4.03 77.09 35.02
CA ARG A 75 -4.17 78.16 34.06
C ARG A 75 -3.67 79.50 34.61
N LYS A 76 -3.84 79.75 35.91
CA LYS A 76 -3.46 81.05 36.46
C LYS A 76 -1.99 81.14 36.79
N VAL A 77 -1.29 80.02 36.88
CA VAL A 77 0.08 80.02 37.35
C VAL A 77 0.97 79.28 36.36
N VAL A 78 0.71 77.98 36.19
CA VAL A 78 1.55 77.15 35.35
C VAL A 78 1.63 77.71 33.94
N ILE A 79 0.49 78.17 33.42
CA ILE A 79 0.48 78.74 32.08
C ILE A 79 1.24 80.06 32.08
N PRO A 80 1.05 80.96 33.05
CA PRO A 80 2.03 82.05 33.20
C PRO A 80 3.44 81.54 33.48
N ASN A 81 3.57 80.36 34.08
CA ASN A 81 4.89 79.75 34.24
C ASN A 81 5.32 79.01 32.99
N LEU A 82 4.40 78.75 32.06
CA LEU A 82 4.81 78.21 30.78
C LEU A 82 5.75 79.14 30.05
N LEU A 83 5.79 80.41 30.44
CA LEU A 83 6.88 81.27 30.03
C LEU A 83 8.18 80.90 30.73
N CYS A 84 8.15 80.90 32.07
CA CYS A 84 9.36 81.07 32.88
C CYS A 84 10.51 80.16 32.44
N TYR A 85 10.25 78.87 32.29
CA TYR A 85 11.31 77.92 31.98
C TYR A 85 11.94 78.13 30.61
N TYR A 86 11.46 79.08 29.82
CA TYR A 86 11.84 79.23 28.42
C TYR A 86 13.34 79.07 28.20
N ASN A 87 14.14 79.62 29.12
CA ASN A 87 15.59 79.40 29.04
C ASN A 87 15.95 77.97 29.40
N LEU A 88 15.25 77.40 30.37
CA LEU A 88 15.68 76.14 30.96
C LEU A 88 15.29 74.96 30.08
N ARG A 89 16.26 74.13 29.74
CA ARG A 89 16.06 73.10 28.71
C ARG A 89 15.37 71.86 29.28
N SER A 90 16.09 71.10 30.09
CA SER A 90 15.60 69.79 30.52
C SER A 90 14.37 69.90 31.42
N LEU A 91 14.07 71.09 31.94
CA LEU A 91 12.92 71.24 32.81
C LEU A 91 11.63 70.78 32.15
N ASN A 92 11.56 70.84 30.83
CA ASN A 92 10.36 70.39 30.13
C ASN A 92 9.95 69.01 30.57
N LEU A 93 10.93 68.15 30.88
CA LEU A 93 10.65 66.83 31.42
C LEU A 93 9.66 66.93 32.58
N ILE A 94 10.05 67.67 33.62
CA ILE A 94 9.10 68.02 34.68
C ILE A 94 7.81 68.55 34.09
N ASN A 95 7.92 69.57 33.24
CA ASN A 95 6.74 70.13 32.60
C ASN A 95 5.95 69.05 31.85
N ALA A 96 6.66 68.08 31.27
CA ALA A 96 6.02 66.91 30.69
C ALA A 96 4.99 66.34 31.65
N LYS A 97 5.45 65.90 32.82
CA LYS A 97 4.53 65.44 33.85
C LYS A 97 3.43 66.45 34.10
N LEU A 98 3.80 67.74 34.21
CA LEU A 98 2.82 68.81 34.27
C LEU A 98 1.74 68.63 33.23
N TRP A 99 2.14 68.66 31.95
CA TRP A 99 1.18 68.47 30.88
C TRP A 99 0.35 67.22 31.12
N PHE A 100 1.01 66.12 31.48
CA PHE A 100 0.31 64.87 31.68
C PHE A 100 -0.84 65.04 32.66
N TYR A 101 -0.63 65.85 33.70
CA TYR A 101 -1.72 66.15 34.63
C TYR A 101 -2.63 67.25 34.14
N ILE A 102 -2.07 68.27 33.46
CA ILE A 102 -2.85 69.43 33.06
C ILE A 102 -4.10 68.98 32.34
N TYR A 103 -3.91 68.46 31.12
CA TYR A 103 -5.00 67.96 30.32
C TYR A 103 -5.84 66.98 31.12
N LEU A 104 -5.19 66.21 32.00
CA LEU A 104 -5.88 65.22 32.80
C LEU A 104 -7.08 65.82 33.52
N SER A 105 -6.87 66.93 34.21
CA SER A 105 -8.02 67.56 34.85
C SER A 105 -8.84 68.34 33.84
N HIS A 106 -8.17 68.90 32.82
CA HIS A 106 -8.89 69.54 31.73
C HIS A 106 -9.95 68.61 31.18
N GLU A 107 -9.52 67.46 30.66
CA GLU A 107 -10.48 66.42 30.31
C GLU A 107 -11.44 66.16 31.45
N THR A 108 -10.91 65.97 32.66
CA THR A 108 -11.77 65.64 33.78
C THR A 108 -12.75 66.77 34.08
N LEU A 109 -12.44 67.99 33.61
CA LEU A 109 -13.43 69.06 33.61
C LEU A 109 -14.77 68.57 33.08
N ALA A 110 -14.78 68.12 31.82
CA ALA A 110 -16.02 67.66 31.21
C ALA A 110 -16.67 66.56 32.03
N ARG A 111 -15.88 65.82 32.81
CA ARG A 111 -16.43 64.74 33.61
C ARG A 111 -17.39 65.27 34.67
N SER A 112 -17.13 66.47 35.18
CA SER A 112 -17.99 67.04 36.22
C SER A 112 -19.32 67.53 35.63
N SER A 113 -19.25 68.33 34.58
CA SER A 113 -20.45 68.90 33.97
C SER A 113 -20.13 69.27 32.53
N GLU A 114 -21.18 69.53 31.76
CA GLU A 114 -21.05 69.98 30.39
C GLU A 114 -21.30 71.48 30.35
N GLU A 115 -20.23 72.24 30.13
CA GLU A 115 -20.33 73.69 29.93
C GLU A 115 -19.50 74.05 28.71
N ILE A 116 -20.17 74.53 27.67
CA ILE A 116 -19.54 74.78 26.38
C ILE A 116 -18.56 75.94 26.42
N ASN A 117 -18.56 76.74 27.47
CA ASN A 117 -17.59 77.82 27.58
C ASN A 117 -16.17 77.27 27.53
N SER A 118 -15.94 76.12 28.18
CA SER A 118 -14.64 75.48 28.14
C SER A 118 -14.15 75.28 26.71
N ASP A 119 -15.09 75.12 25.76
CA ASP A 119 -14.71 75.00 24.36
C ASP A 119 -13.71 76.07 23.97
N ASN A 120 -14.01 77.33 24.29
CA ASN A 120 -13.06 78.41 24.12
C ASN A 120 -11.71 77.98 24.68
N GLN A 121 -11.66 77.82 26.00
CA GLN A 121 -10.47 77.30 26.64
C GLN A 121 -9.96 76.06 25.95
N ASN A 122 -10.87 75.10 25.67
CA ASN A 122 -10.47 73.89 24.98
C ASN A 122 -9.71 74.25 23.72
N ILE A 123 -10.35 75.02 22.85
CA ILE A 123 -9.67 75.58 21.69
C ILE A 123 -8.35 76.19 22.12
N ILE A 124 -8.44 77.20 22.99
CA ILE A 124 -7.25 77.88 23.49
C ILE A 124 -6.23 76.85 23.93
N LEU A 125 -6.66 75.90 24.76
CA LEU A 125 -5.73 74.91 25.27
C LEU A 125 -5.03 74.22 24.12
N ARG A 126 -5.81 73.63 23.22
CA ARG A 126 -5.22 72.96 22.07
C ARG A 126 -4.22 73.87 21.38
N SER A 127 -4.63 75.11 21.13
CA SER A 127 -3.73 76.06 20.49
C SER A 127 -2.44 76.19 21.29
N THR A 128 -2.58 76.53 22.57
CA THR A 128 -1.40 76.57 23.43
C THR A 128 -0.69 75.23 23.41
N MET A 129 -1.46 74.14 23.46
CA MET A 129 -0.87 72.82 23.44
C MET A 129 -0.16 72.56 22.11
N MET A 130 -0.71 73.09 21.02
CA MET A 130 -0.03 73.02 19.75
C MET A 130 1.06 74.06 19.64
N LYS A 131 0.98 75.12 20.45
CA LYS A 131 1.82 76.29 20.25
C LYS A 131 3.31 75.96 20.28
N PHE A 132 3.85 75.80 21.48
CA PHE A 132 5.28 75.67 21.61
C PHE A 132 5.75 74.25 21.44
N LEU A 133 4.80 73.34 21.20
CA LEU A 133 5.15 72.09 20.55
C LEU A 133 6.04 72.41 19.38
N LYS A 134 5.62 73.37 18.56
CA LYS A 134 6.46 73.85 17.47
C LYS A 134 7.82 74.28 18.00
N ILE A 135 7.84 75.16 19.00
CA ILE A 135 9.11 75.54 19.63
C ILE A 135 9.82 74.31 20.17
N ALA A 136 9.07 73.44 20.85
CA ALA A 136 9.69 72.22 21.36
C ALA A 136 10.24 71.37 20.24
N SER A 137 9.62 71.44 19.06
CA SER A 137 10.13 70.67 17.92
C SER A 137 11.56 71.08 17.60
N LEU A 138 11.89 72.36 17.80
CA LEU A 138 13.25 72.84 17.59
C LEU A 138 14.12 72.71 18.82
N LYS A 139 13.54 72.43 19.99
CA LYS A 139 14.38 72.21 21.17
C LYS A 139 15.06 70.86 21.12
N HIS A 140 14.50 69.91 20.38
CA HIS A 140 15.04 68.58 20.18
C HIS A 140 15.19 67.81 21.50
N ASP A 141 14.40 68.20 22.51
CA ASP A 141 14.25 67.43 23.74
C ASP A 141 12.95 66.66 23.60
N ASN A 142 13.05 65.35 23.38
CA ASN A 142 11.97 64.64 22.74
C ASN A 142 10.87 64.23 23.70
N GLU A 143 11.23 63.74 24.89
CA GLU A 143 10.22 63.22 25.81
C GLU A 143 9.05 64.17 25.97
N THR A 144 9.34 65.44 26.25
CA THR A 144 8.27 66.40 26.49
C THR A 144 7.48 66.65 25.21
N LYS A 145 8.18 66.79 24.08
CA LYS A 145 7.52 67.00 22.81
C LYS A 145 6.53 65.89 22.52
N ALA A 146 7.06 64.66 22.36
CA ALA A 146 6.22 63.50 22.12
C ALA A 146 5.05 63.42 23.10
N MET A 147 5.31 63.69 24.37
CA MET A 147 4.22 63.79 25.34
C MET A 147 3.15 64.74 24.85
N LEU A 148 3.55 65.97 24.51
CA LEU A 148 2.58 66.94 24.01
C LEU A 148 1.81 66.39 22.83
N ILE A 149 2.51 65.71 21.92
CA ILE A 149 1.87 65.13 20.74
C ILE A 149 0.76 64.19 21.16
N ASN A 150 1.11 63.18 21.96
CA ASN A 150 0.12 62.22 22.44
C ASN A 150 -1.05 62.94 23.04
N LEU A 151 -0.78 63.83 23.98
CA LEU A 151 -1.82 64.52 24.72
C LEU A 151 -2.61 65.49 23.85
N ILE A 152 -2.16 65.74 22.62
CA ILE A 152 -3.02 66.34 21.60
C ILE A 152 -3.92 65.28 20.98
N LEU A 153 -3.33 64.16 20.59
CA LEU A 153 -4.10 63.12 19.92
C LEU A 153 -5.27 62.68 20.78
N ARG A 154 -5.07 62.59 22.08
CA ARG A 154 -6.17 62.29 22.97
C ARG A 154 -7.30 63.30 22.85
N ASP A 155 -6.95 64.56 22.56
CA ASP A 155 -7.97 65.56 22.29
C ASP A 155 -8.68 65.26 20.97
N PHE A 156 -7.90 65.10 19.90
CA PHE A 156 -8.52 64.84 18.61
C PHE A 156 -9.41 63.59 18.63
N LEU A 157 -9.26 62.71 19.60
CA LEU A 157 -10.21 61.61 19.76
C LEU A 157 -11.22 61.84 20.88
N ASN A 158 -11.12 62.93 21.63
CA ASN A 158 -12.05 63.22 22.71
C ASN A 158 -12.53 64.64 22.51
N ASN A 159 -13.82 64.79 22.20
CA ASN A 159 -14.36 66.00 21.61
C ASN A 159 -13.63 66.34 20.32
N GLY A 160 -12.96 65.35 19.75
CA GLY A 160 -12.15 65.52 18.56
C GLY A 160 -12.73 64.84 17.33
N GLU A 161 -11.94 64.93 16.27
CA GLU A 161 -12.28 64.37 14.98
C GLU A 161 -11.07 63.67 14.42
N VAL A 162 -11.28 62.47 13.88
CA VAL A 162 -10.18 61.59 13.55
C VAL A 162 -9.32 62.22 12.46
N ASP A 163 -9.95 62.78 11.43
CA ASP A 163 -9.21 63.22 10.25
C ASP A 163 -8.19 64.30 10.62
N SER A 164 -8.61 65.29 11.40
CA SER A 164 -7.69 66.35 11.78
C SER A 164 -6.48 65.78 12.48
N ALA A 165 -6.64 64.65 13.15
CA ALA A 165 -5.50 63.96 13.73
C ALA A 165 -4.70 63.23 12.66
N SER A 166 -5.36 62.72 11.62
CA SER A 166 -4.64 62.09 10.53
C SER A 166 -3.70 63.07 9.86
N ASP A 167 -4.24 64.21 9.45
CA ASP A 167 -3.41 65.30 8.94
C ASP A 167 -2.36 65.69 9.96
N PHE A 168 -2.79 65.91 11.20
CA PHE A 168 -1.89 66.36 12.25
C PHE A 168 -0.64 65.50 12.32
N ILE A 169 -0.81 64.19 12.47
CA ILE A 169 0.35 63.31 12.58
C ILE A 169 1.06 63.19 11.25
N SER A 170 0.32 63.23 10.14
CA SER A 170 0.93 62.99 8.84
C SER A 170 1.84 64.14 8.44
N LYS A 171 1.62 65.33 8.99
CA LYS A 171 2.47 66.45 8.65
C LYS A 171 3.61 66.60 9.66
N LEU A 172 3.69 65.68 10.62
CA LEU A 172 4.75 65.76 11.60
C LEU A 172 5.55 64.47 11.64
N GLU A 173 6.50 64.42 12.56
CA GLU A 173 7.36 63.27 12.77
C GLU A 173 7.47 63.01 14.27
N TYR A 174 7.61 61.75 14.64
CA TYR A 174 7.60 61.37 16.05
C TYR A 174 9.00 60.99 16.49
N PRO A 175 9.55 61.63 17.51
CA PRO A 175 10.97 61.45 17.83
C PRO A 175 11.26 60.06 18.36
N HIS A 176 12.25 59.40 17.77
CA HIS A 176 12.49 57.99 18.00
C HIS A 176 13.62 57.67 18.98
N THR A 177 14.34 58.66 19.49
CA THR A 177 15.37 58.31 20.47
C THR A 177 14.83 58.36 21.89
N ASP A 178 14.37 59.52 22.34
CA ASP A 178 13.76 59.59 23.67
C ASP A 178 12.44 58.84 23.64
N VAL A 179 12.33 57.83 24.49
CA VAL A 179 11.15 56.99 24.56
C VAL A 179 10.93 56.62 26.02
N SER A 180 9.67 56.51 26.38
CA SER A 180 9.29 55.87 27.63
C SER A 180 8.09 55.00 27.32
N SER A 181 8.20 53.70 27.62
CA SER A 181 7.29 52.68 27.14
C SER A 181 5.85 53.16 27.26
N SER A 182 5.57 53.86 28.36
CA SER A 182 4.30 54.56 28.52
C SER A 182 3.97 55.41 27.29
N LEU A 183 4.82 56.39 26.98
CA LEU A 183 4.53 57.33 25.91
C LEU A 183 4.32 56.66 24.56
N GLU A 184 5.38 56.12 23.96
CA GLU A 184 5.23 55.53 22.63
C GLU A 184 4.22 54.41 22.63
N ALA A 185 3.99 53.78 23.78
CA ALA A 185 2.86 52.87 23.89
C ALA A 185 1.56 53.61 23.60
N ARG A 186 1.32 54.72 24.30
CA ARG A 186 0.11 55.50 24.05
C ARG A 186 0.03 55.92 22.60
N TYR A 187 1.13 56.44 22.06
CA TYR A 187 1.18 56.84 20.66
C TYR A 187 0.72 55.71 19.76
N PHE A 188 1.45 54.59 19.75
CA PHE A 188 1.07 53.46 18.90
C PHE A 188 -0.38 53.06 19.10
N PHE A 189 -0.86 53.16 20.34
CA PHE A 189 -2.26 52.93 20.61
C PHE A 189 -3.14 53.84 19.76
N TYR A 190 -2.94 55.15 19.88
CA TYR A 190 -3.82 56.08 19.18
C TYR A 190 -3.69 55.93 17.67
N LEU A 191 -2.48 55.65 17.17
CA LEU A 191 -2.36 55.30 15.77
C LEU A 191 -3.33 54.18 15.42
N SER A 192 -3.11 53.02 16.03
CA SER A 192 -3.92 51.85 15.70
C SER A 192 -5.39 52.19 15.73
N LYS A 193 -5.84 52.94 16.74
CA LYS A 193 -7.24 53.27 16.80
C LYS A 193 -7.66 54.15 15.63
N ILE A 194 -6.82 55.09 15.25
CA ILE A 194 -7.17 55.99 14.14
C ILE A 194 -7.28 55.21 12.85
N ASN A 195 -6.22 54.48 12.48
CA ASN A 195 -6.28 53.67 11.28
C ASN A 195 -7.49 52.76 11.31
N ALA A 196 -7.81 52.22 12.48
CA ALA A 196 -9.02 51.43 12.63
C ALA A 196 -10.22 52.22 12.16
N ILE A 197 -10.52 53.31 12.87
CA ILE A 197 -11.70 54.11 12.58
C ILE A 197 -11.75 54.48 11.11
N GLN A 198 -10.59 54.75 10.53
CA GLN A 198 -10.53 55.18 9.14
C GLN A 198 -10.58 54.03 8.18
N LEU A 199 -10.82 52.82 8.69
CA LEU A 199 -11.20 51.66 7.92
C LEU A 199 -9.97 50.98 7.34
N ASP A 200 -8.77 51.49 7.57
CA ASP A 200 -7.56 50.76 7.25
C ASP A 200 -7.17 49.95 8.47
N TYR A 201 -7.38 48.64 8.39
CA TYR A 201 -7.08 47.73 9.48
C TYR A 201 -5.64 47.25 9.49
N SER A 202 -5.08 46.94 8.32
CA SER A 202 -3.80 46.26 8.22
C SER A 202 -2.72 46.97 9.03
N THR A 203 -2.76 48.29 9.11
CA THR A 203 -1.80 48.98 9.95
C THR A 203 -2.24 48.98 11.41
N ALA A 204 -3.54 48.95 11.67
CA ALA A 204 -4.03 49.08 13.02
C ALA A 204 -3.48 47.97 13.90
N ASN A 205 -3.69 46.71 13.50
CA ASN A 205 -3.18 45.61 14.31
C ASN A 205 -1.69 45.76 14.55
N GLU A 206 -0.96 46.31 13.59
CA GLU A 206 0.45 46.57 13.80
C GLU A 206 0.65 47.50 14.98
N TYR A 207 0.16 48.72 14.87
CA TYR A 207 0.47 49.71 15.90
C TYR A 207 -0.06 49.28 17.25
N ILE A 208 -1.18 48.55 17.29
CA ILE A 208 -1.68 48.11 18.58
C ILE A 208 -0.80 47.00 19.14
N ILE A 209 -0.35 46.08 18.28
CA ILE A 209 0.60 45.07 18.72
C ILE A 209 1.82 45.73 19.32
N ALA A 210 2.26 46.83 18.72
CA ALA A 210 3.34 47.60 19.33
C ALA A 210 2.92 48.14 20.68
N ALA A 211 1.70 48.65 20.79
CA ALA A 211 1.20 49.11 22.08
C ALA A 211 1.14 47.98 23.10
N ILE A 212 1.23 46.73 22.65
CA ILE A 212 1.29 45.60 23.55
C ILE A 212 2.74 45.35 23.93
N ARG A 213 3.59 45.08 22.94
CA ARG A 213 4.99 44.76 23.21
C ARG A 213 5.60 45.77 24.17
N LYS A 214 5.46 47.05 23.88
CA LYS A 214 6.27 48.03 24.58
C LYS A 214 5.72 48.36 25.96
N ALA A 215 4.41 48.28 26.16
CA ALA A 215 3.83 48.73 27.40
C ALA A 215 4.43 47.98 28.60
N PRO A 216 4.61 48.65 29.73
CA PRO A 216 5.12 47.98 30.93
C PRO A 216 4.07 47.07 31.54
N HIS A 217 4.54 45.93 32.06
CA HIS A 217 3.66 44.82 32.37
C HIS A 217 3.24 44.76 33.83
N ASN A 218 3.60 45.74 34.64
CA ASN A 218 3.35 45.63 36.06
C ASN A 218 1.85 45.75 36.36
N SER A 219 1.51 45.61 37.64
CA SER A 219 0.13 45.72 38.08
C SER A 219 -0.35 47.16 38.11
N LYS A 220 0.56 48.11 37.96
CA LYS A 220 0.18 49.50 37.93
C LYS A 220 -0.35 49.90 36.57
N SER A 221 0.11 49.25 35.51
CA SER A 221 -0.16 49.62 34.13
C SER A 221 -1.36 48.90 33.55
N LEU A 222 -2.10 48.16 34.36
CA LEU A 222 -3.17 47.29 33.89
C LEU A 222 -4.12 47.97 32.90
N GLY A 223 -4.84 48.98 33.36
CA GLY A 223 -5.96 49.52 32.58
C GLY A 223 -5.59 49.83 31.15
N PHE A 224 -4.36 50.28 30.91
CA PHE A 224 -3.91 50.47 29.55
C PHE A 224 -4.05 49.19 28.75
N LEU A 225 -3.32 48.15 29.14
CA LEU A 225 -3.42 46.87 28.46
C LEU A 225 -4.86 46.39 28.37
N GLN A 226 -5.67 46.70 29.37
CA GLN A 226 -7.06 46.29 29.35
C GLN A 226 -7.79 46.93 28.17
N GLN A 227 -7.76 48.26 28.11
CA GLN A 227 -8.37 48.98 27.00
C GLN A 227 -7.80 48.51 25.67
N SER A 228 -6.48 48.51 25.56
CA SER A 228 -5.79 48.07 24.38
C SER A 228 -6.36 46.76 23.87
N ASN A 229 -6.18 45.69 24.64
CA ASN A 229 -6.72 44.40 24.26
C ASN A 229 -8.18 44.51 23.84
N LYS A 230 -8.98 45.29 24.58
CA LYS A 230 -10.36 45.50 24.16
C LYS A 230 -10.43 46.02 22.74
N LEU A 231 -9.42 46.75 22.29
CA LEU A 231 -9.38 47.11 20.88
C LEU A 231 -8.88 45.95 20.03
N HIS A 232 -7.77 45.34 20.44
CA HIS A 232 -7.11 44.35 19.61
C HIS A 232 -8.06 43.26 19.19
N CYS A 233 -8.93 42.85 20.12
CA CYS A 233 -10.00 41.93 19.77
C CYS A 233 -10.81 42.46 18.59
N CYS A 234 -11.28 43.69 18.69
CA CYS A 234 -12.15 44.23 17.65
C CYS A 234 -11.44 44.28 16.31
N ILE A 235 -10.20 44.76 16.30
CA ILE A 235 -9.44 44.79 15.04
C ILE A 235 -9.39 43.40 14.44
N GLN A 236 -8.92 42.44 15.22
CA GLN A 236 -8.79 41.08 14.73
C GLN A 236 -10.10 40.58 14.14
N LEU A 237 -11.21 40.78 14.86
CA LEU A 237 -12.50 40.45 14.29
C LEU A 237 -12.69 41.09 12.93
N LEU A 238 -12.48 42.40 12.86
CA LEU A 238 -12.82 43.14 11.66
C LEU A 238 -12.07 42.62 10.45
N MET A 239 -10.79 42.31 10.59
CA MET A 239 -10.15 41.80 9.40
C MET A 239 -10.38 40.31 9.21
N GLY A 240 -11.17 39.68 10.06
CA GLY A 240 -11.63 38.31 9.85
C GLY A 240 -10.97 37.27 10.72
N ASP A 241 -9.82 37.57 11.31
CA ASP A 241 -9.13 36.59 12.14
C ASP A 241 -9.81 36.53 13.50
N ILE A 242 -9.89 35.32 14.05
CA ILE A 242 -10.62 35.08 15.30
C ILE A 242 -9.62 34.77 16.41
N PRO A 243 -9.72 35.45 17.54
CA PRO A 243 -8.75 35.29 18.63
C PRO A 243 -9.00 34.11 19.57
N GLU A 244 -8.36 32.97 19.32
CA GLU A 244 -8.61 31.77 20.12
C GLU A 244 -8.50 32.04 21.62
N LEU A 245 -9.25 31.25 22.39
CA LEU A 245 -9.64 31.62 23.75
C LEU A 245 -8.48 32.07 24.62
N SER A 246 -7.26 31.67 24.31
CA SER A 246 -6.15 32.05 25.16
C SER A 246 -6.14 33.56 25.29
N PHE A 247 -6.43 34.27 24.20
CA PHE A 247 -6.46 35.71 24.25
C PHE A 247 -7.55 36.14 25.23
N PHE A 248 -8.70 35.48 25.16
CA PHE A 248 -9.84 35.76 26.04
C PHE A 248 -9.61 35.46 27.52
N HIS A 249 -8.92 34.37 27.81
CA HIS A 249 -8.65 33.92 29.17
C HIS A 249 -7.26 34.31 29.66
N GLN A 250 -6.62 35.22 28.95
CA GLN A 250 -5.26 35.65 29.27
C GLN A 250 -5.03 36.28 30.65
N SER A 251 -5.95 37.11 31.13
CA SER A 251 -5.72 37.76 32.43
C SER A 251 -6.96 38.20 33.21
N ASN A 252 -6.75 39.15 34.10
CA ASN A 252 -7.78 39.74 34.96
C ASN A 252 -8.81 40.48 34.11
N MET A 253 -8.47 40.63 32.84
CA MET A 253 -9.28 41.32 31.84
C MET A 253 -10.49 40.51 31.44
N GLN A 254 -10.68 39.35 32.06
CA GLN A 254 -11.81 38.50 31.69
C GLN A 254 -13.09 39.31 31.82
N LYS A 255 -13.25 40.10 32.87
CA LYS A 255 -14.46 40.90 32.94
C LYS A 255 -14.53 41.91 31.81
N SER A 256 -13.39 42.45 31.40
CA SER A 256 -13.39 43.49 30.39
C SER A 256 -13.78 42.95 29.03
N LEU A 257 -13.40 41.71 28.72
CA LEU A 257 -13.57 41.18 27.38
C LEU A 257 -14.87 40.40 27.20
N LEU A 258 -15.73 40.37 28.20
CA LEU A 258 -16.97 39.61 28.09
C LEU A 258 -17.80 39.97 26.87
N PRO A 259 -18.15 41.23 26.61
CA PRO A 259 -18.97 41.49 25.43
C PRO A 259 -18.31 41.01 24.15
N TYR A 260 -17.00 41.20 24.03
CA TYR A 260 -16.28 40.70 22.87
C TYR A 260 -16.38 39.19 22.81
N TYR A 261 -16.17 38.53 23.95
CA TYR A 261 -16.30 37.08 24.00
C TYR A 261 -17.68 36.61 23.63
N HIS A 262 -18.68 37.47 23.77
CA HIS A 262 -19.99 37.15 23.27
C HIS A 262 -20.21 37.65 21.86
N LEU A 263 -19.20 38.32 21.30
CA LEU A 263 -19.22 38.64 19.87
C LEU A 263 -18.63 37.47 19.09
N THR A 264 -17.35 37.18 19.32
CA THR A 264 -16.68 36.17 18.52
C THR A 264 -17.45 34.87 18.50
N LYS A 265 -18.23 34.60 19.54
CA LYS A 265 -19.25 33.59 19.44
C LYS A 265 -20.08 33.84 18.19
N ALA A 266 -20.82 34.94 18.20
CA ALA A 266 -21.78 35.19 17.14
C ALA A 266 -21.11 35.22 15.78
N VAL A 267 -19.91 35.78 15.69
CA VAL A 267 -19.24 35.87 14.41
C VAL A 267 -18.80 34.51 13.93
N LYS A 268 -18.03 33.81 14.78
CA LYS A 268 -17.56 32.49 14.40
C LYS A 268 -18.70 31.58 13.99
N LEU A 269 -19.82 31.70 14.67
CA LEU A 269 -20.96 30.88 14.30
C LEU A 269 -21.63 31.36 13.02
N GLY A 270 -21.56 32.65 12.75
CA GLY A 270 -22.20 33.18 11.55
C GLY A 270 -23.71 33.30 11.65
N ASP A 271 -24.25 33.50 12.84
CA ASP A 271 -25.68 33.62 13.06
C ASP A 271 -26.03 35.05 13.45
N LEU A 272 -26.74 35.74 12.56
CA LEU A 272 -26.87 37.19 12.66
C LEU A 272 -27.76 37.59 13.85
N LYS A 273 -28.96 37.03 13.92
CA LYS A 273 -29.93 37.48 14.92
C LYS A 273 -29.36 37.38 16.33
N LYS A 274 -28.59 36.32 16.60
CA LYS A 274 -27.89 36.22 17.87
C LYS A 274 -26.94 37.40 18.06
N PHE A 275 -26.13 37.67 17.04
CA PHE A 275 -25.23 38.81 17.05
C PHE A 275 -25.95 40.08 17.45
N THR A 276 -26.89 40.51 16.61
CA THR A 276 -27.65 41.73 16.89
C THR A 276 -28.16 41.76 18.32
N SER A 277 -28.80 40.67 18.75
CA SER A 277 -29.28 40.61 20.12
C SER A 277 -28.16 40.93 21.11
N THR A 278 -26.98 40.35 20.88
CA THR A 278 -25.86 40.60 21.78
C THR A 278 -25.46 42.06 21.78
N ILE A 279 -25.41 42.68 20.60
CA ILE A 279 -25.08 44.09 20.53
C ILE A 279 -26.04 44.91 21.36
N THR A 280 -27.34 44.60 21.26
CA THR A 280 -28.30 45.29 22.10
C THR A 280 -28.02 45.03 23.57
N LYS A 281 -27.58 43.82 23.89
CA LYS A 281 -27.31 43.48 25.28
C LYS A 281 -26.21 44.35 25.86
N TYR A 282 -25.07 44.42 25.18
CA TYR A 282 -23.87 45.07 25.68
C TYR A 282 -23.74 46.52 25.23
N LYS A 283 -24.78 47.06 24.60
CA LYS A 283 -24.77 48.34 23.93
C LYS A 283 -24.02 49.42 24.70
N GLN A 284 -24.57 49.87 25.82
CA GLN A 284 -23.99 51.00 26.53
C GLN A 284 -22.56 50.70 26.98
N LEU A 285 -22.28 49.43 27.29
CA LEU A 285 -20.92 49.07 27.66
C LEU A 285 -19.96 49.34 26.52
N LEU A 286 -20.26 48.81 25.34
CA LEU A 286 -19.38 49.06 24.20
C LEU A 286 -19.32 50.53 23.88
N LEU A 287 -20.39 51.27 24.17
CA LEU A 287 -20.34 52.72 24.00
C LEU A 287 -19.28 53.32 24.91
N LYS A 288 -19.29 52.94 26.18
CA LYS A 288 -18.24 53.38 27.08
C LYS A 288 -16.87 53.07 26.52
N ASP A 289 -16.71 51.86 25.97
CA ASP A 289 -15.40 51.44 25.51
C ASP A 289 -14.97 52.15 24.24
N ASP A 290 -15.88 52.90 23.61
CA ASP A 290 -15.60 53.66 22.39
C ASP A 290 -15.36 52.73 21.21
N THR A 291 -15.39 51.43 21.46
CA THR A 291 -15.21 50.46 20.38
C THR A 291 -16.49 50.19 19.63
N TYR A 292 -17.62 50.63 20.16
CA TYR A 292 -18.95 50.29 19.64
C TYR A 292 -19.06 50.42 18.13
N GLN A 293 -18.48 51.46 17.56
CA GLN A 293 -18.61 51.69 16.13
C GLN A 293 -18.05 50.52 15.34
N LEU A 294 -16.84 50.09 15.68
CA LEU A 294 -16.22 48.95 15.04
C LEU A 294 -17.15 47.74 15.09
N CYS A 295 -17.46 47.30 16.31
CA CYS A 295 -18.35 46.17 16.51
C CYS A 295 -19.59 46.29 15.65
N VAL A 296 -20.12 47.50 15.47
CA VAL A 296 -21.21 47.68 14.53
C VAL A 296 -20.75 47.34 13.12
N ARG A 297 -19.53 47.76 12.75
CA ARG A 297 -19.13 47.55 11.36
C ARG A 297 -19.00 46.09 11.03
N LEU A 298 -18.63 45.25 12.00
CA LEU A 298 -18.36 43.88 11.60
C LEU A 298 -19.61 43.09 11.21
N ARG A 299 -20.79 43.69 11.31
CA ARG A 299 -22.00 42.93 11.04
C ARG A 299 -22.10 42.47 9.59
N SER A 300 -21.32 43.03 8.68
CA SER A 300 -21.23 42.39 7.38
C SER A 300 -20.27 41.22 7.43
N ASN A 301 -19.22 41.36 8.23
CA ASN A 301 -18.24 40.29 8.35
C ASN A 301 -18.89 39.02 8.88
N VAL A 302 -19.80 39.16 9.84
CA VAL A 302 -20.45 37.96 10.38
C VAL A 302 -21.19 37.24 9.27
N ILE A 303 -21.77 37.98 8.33
CA ILE A 303 -22.46 37.34 7.23
C ILE A 303 -21.47 36.65 6.31
N LYS A 304 -20.47 37.39 5.85
CA LYS A 304 -19.56 36.72 4.92
C LYS A 304 -18.83 35.58 5.60
N THR A 305 -18.94 35.44 6.92
CA THR A 305 -18.59 34.18 7.54
C THR A 305 -19.70 33.16 7.39
N GLY A 306 -20.94 33.60 7.59
CA GLY A 306 -22.06 32.70 7.42
C GLY A 306 -22.04 32.00 6.10
N ILE A 307 -21.66 32.70 5.04
CA ILE A 307 -21.67 32.08 3.73
C ILE A 307 -20.52 31.11 3.60
N ARG A 308 -19.40 31.36 4.27
CA ARG A 308 -18.31 30.40 4.23
C ARG A 308 -18.71 29.11 4.93
N ILE A 309 -19.28 29.23 6.12
CA ILE A 309 -19.72 28.04 6.84
C ILE A 309 -20.75 27.29 6.03
N ILE A 310 -21.61 28.02 5.32
CA ILE A 310 -22.61 27.37 4.46
C ILE A 310 -22.00 26.94 3.15
N SER A 311 -20.70 27.20 2.94
CA SER A 311 -20.00 26.69 1.78
C SER A 311 -19.23 25.41 2.10
N LEU A 312 -18.25 25.50 3.01
CA LEU A 312 -17.37 24.37 3.26
C LEU A 312 -18.14 23.09 3.54
N THR A 313 -19.34 23.20 4.07
CA THR A 313 -20.16 21.99 4.24
C THR A 313 -20.75 21.59 2.90
N TYR A 314 -21.68 22.37 2.41
CA TYR A 314 -22.52 21.95 1.30
C TYR A 314 -21.81 22.15 -0.03
N LYS A 315 -21.80 21.11 -0.84
CA LYS A 315 -21.27 21.22 -2.19
C LYS A 315 -22.28 21.92 -3.10
N LYS A 316 -23.52 21.50 -3.05
CA LYS A 316 -24.55 21.99 -3.96
C LYS A 316 -25.85 22.17 -3.19
N ILE A 317 -26.36 23.40 -3.08
CA ILE A 317 -27.63 23.63 -2.41
C ILE A 317 -28.44 24.68 -3.13
N SER A 318 -29.76 24.52 -3.06
CA SER A 318 -30.66 25.52 -3.61
C SER A 318 -30.69 26.76 -2.72
N LEU A 319 -31.10 27.86 -3.33
CA LEU A 319 -31.18 29.10 -2.58
C LEU A 319 -32.30 29.08 -1.56
N ARG A 320 -33.35 28.30 -1.84
CA ARG A 320 -34.44 28.15 -0.89
C ARG A 320 -33.91 27.87 0.51
N ASP A 321 -32.92 26.99 0.59
CA ASP A 321 -32.39 26.60 1.89
C ASP A 321 -31.46 27.65 2.45
N ILE A 322 -30.52 28.15 1.65
CA ILE A 322 -29.51 29.05 2.19
C ILE A 322 -30.18 30.30 2.73
N CYS A 323 -31.26 30.76 2.08
CA CYS A 323 -31.97 31.91 2.59
C CYS A 323 -32.56 31.63 3.97
N LEU A 324 -32.95 30.38 4.22
CA LEU A 324 -33.39 30.01 5.55
C LEU A 324 -32.23 30.00 6.53
N LYS A 325 -31.16 29.28 6.20
CA LYS A 325 -30.07 29.10 7.15
C LYS A 325 -29.37 30.41 7.47
N LEU A 326 -29.47 31.40 6.59
CA LEU A 326 -28.95 32.72 6.90
C LEU A 326 -30.02 33.67 7.41
N ASN A 327 -31.25 33.21 7.57
CA ASN A 327 -32.32 34.00 8.17
C ASN A 327 -32.65 35.23 7.35
N LEU A 328 -32.39 35.21 6.05
CA LEU A 328 -32.71 36.35 5.21
C LEU A 328 -34.18 36.35 4.84
N ASP A 329 -34.68 37.53 4.49
CA ASP A 329 -36.10 37.67 4.18
C ASP A 329 -36.45 37.12 2.81
N SER A 330 -35.73 37.54 1.78
CA SER A 330 -36.13 37.23 0.41
C SER A 330 -35.08 36.35 -0.26
N GLU A 331 -35.53 35.57 -1.23
CA GLU A 331 -34.62 34.72 -1.99
C GLU A 331 -33.71 35.55 -2.87
N GLN A 332 -34.24 36.62 -3.45
CA GLN A 332 -33.41 37.48 -4.30
C GLN A 332 -32.40 38.29 -3.50
N THR A 333 -32.58 38.39 -2.18
CA THR A 333 -31.56 39.01 -1.36
C THR A 333 -30.23 38.28 -1.50
N VAL A 334 -30.30 36.96 -1.59
CA VAL A 334 -29.14 36.09 -1.48
C VAL A 334 -28.10 36.45 -2.53
N GLU A 335 -28.40 36.16 -3.79
CA GLU A 335 -27.39 36.12 -4.83
C GLU A 335 -26.61 37.42 -4.97
N TYR A 336 -27.15 38.53 -4.46
CA TYR A 336 -26.29 39.68 -4.28
C TYR A 336 -25.20 39.37 -3.27
N MET A 337 -25.59 38.87 -2.10
CA MET A 337 -24.62 38.59 -1.06
C MET A 337 -23.68 37.50 -1.48
N VAL A 338 -24.21 36.47 -2.14
CA VAL A 338 -23.37 35.37 -2.58
C VAL A 338 -22.41 35.83 -3.66
N SER A 339 -22.92 36.60 -4.63
CA SER A 339 -22.04 37.15 -5.64
C SER A 339 -20.91 37.94 -5.01
N ARG A 340 -21.23 38.72 -3.98
CA ARG A 340 -20.18 39.43 -3.26
C ARG A 340 -19.14 38.46 -2.73
N ALA A 341 -19.58 37.48 -1.95
CA ALA A 341 -18.65 36.54 -1.36
C ALA A 341 -17.75 35.92 -2.41
N ILE A 342 -18.32 35.63 -3.58
CA ILE A 342 -17.50 35.05 -4.66
C ILE A 342 -16.45 36.04 -5.10
N ARG A 343 -16.87 37.27 -5.46
CA ARG A 343 -15.90 38.23 -5.95
C ARG A 343 -14.84 38.54 -4.91
N ASP A 344 -15.20 38.53 -3.64
CA ASP A 344 -14.23 38.77 -2.59
C ASP A 344 -13.27 37.61 -2.40
N GLY A 345 -13.43 36.52 -3.14
CA GLY A 345 -12.51 35.40 -3.04
C GLY A 345 -12.72 34.58 -1.80
N VAL A 346 -13.97 34.23 -1.55
CA VAL A 346 -14.35 33.47 -0.36
C VAL A 346 -14.93 32.12 -0.77
N ILE A 347 -16.04 32.14 -1.50
CA ILE A 347 -16.76 30.91 -1.78
C ILE A 347 -16.18 30.17 -2.97
N GLU A 348 -15.78 30.89 -4.00
CA GLU A 348 -15.37 30.32 -5.30
C GLU A 348 -16.33 29.23 -5.75
N ALA A 349 -17.61 29.55 -5.76
CA ALA A 349 -18.62 28.72 -6.40
C ALA A 349 -19.03 29.38 -7.70
N LYS A 350 -19.90 28.71 -8.44
CA LYS A 350 -20.52 29.30 -9.62
C LYS A 350 -22.02 29.15 -9.48
N ILE A 351 -22.72 30.27 -9.35
CA ILE A 351 -24.15 30.21 -9.13
C ILE A 351 -24.84 29.70 -10.38
N ASN A 352 -25.77 28.78 -10.21
CA ASN A 352 -26.60 28.27 -11.30
C ASN A 352 -27.96 28.92 -11.17
N HIS A 353 -28.28 29.83 -12.09
CA HIS A 353 -29.49 30.61 -11.91
C HIS A 353 -30.74 29.87 -12.35
N GLU A 354 -30.61 28.90 -13.25
CA GLU A 354 -31.79 28.24 -13.79
C GLU A 354 -32.56 27.53 -12.70
N ASP A 355 -31.89 26.71 -11.90
CA ASP A 355 -32.53 26.09 -10.75
C ASP A 355 -32.25 26.85 -9.46
N GLY A 356 -31.42 27.87 -9.51
CA GLY A 356 -31.09 28.69 -8.38
C GLY A 356 -29.95 28.15 -7.55
N PHE A 357 -29.72 26.85 -7.57
CA PHE A 357 -28.82 26.27 -6.59
C PHE A 357 -27.39 26.71 -6.84
N ILE A 358 -26.66 26.89 -5.78
CA ILE A 358 -25.26 27.24 -5.86
C ILE A 358 -24.44 25.96 -5.82
N GLU A 359 -23.37 25.94 -6.60
CA GLU A 359 -22.56 24.74 -6.75
C GLU A 359 -21.10 25.12 -6.61
N THR A 360 -20.43 24.58 -5.60
CA THR A 360 -19.06 24.97 -5.29
C THR A 360 -18.07 24.34 -6.24
N THR A 361 -17.05 25.11 -6.63
CA THR A 361 -15.99 24.60 -7.48
C THR A 361 -15.23 23.49 -6.77
N GLU A 362 -14.71 22.54 -7.55
CA GLU A 362 -14.12 21.31 -7.06
C GLU A 362 -12.68 21.20 -7.52
N LEU A 363 -11.96 20.26 -6.90
CA LEU A 363 -10.52 20.18 -7.09
C LEU A 363 -10.13 19.59 -8.43
N LEU A 364 -10.97 18.74 -9.00
CA LEU A 364 -10.87 18.30 -10.39
C LEU A 364 -9.51 17.70 -10.75
N ASN A 365 -8.93 16.93 -9.83
CA ASN A 365 -7.88 15.96 -10.15
C ASN A 365 -6.65 16.65 -10.73
N ILE A 366 -6.25 16.35 -11.98
CA ILE A 366 -5.15 16.92 -12.77
C ILE A 366 -3.76 16.57 -12.28
N TYR A 367 -3.62 15.85 -11.17
CA TYR A 367 -2.26 15.54 -10.76
C TYR A 367 -1.50 14.77 -11.81
N ASP A 368 -2.20 14.09 -12.72
CA ASP A 368 -1.51 13.38 -13.78
C ASP A 368 -0.83 14.35 -14.73
N SER A 369 -1.34 15.57 -14.85
CA SER A 369 -0.85 16.50 -15.85
C SER A 369 0.30 17.32 -15.28
N GLU A 370 0.70 18.35 -16.00
CA GLU A 370 1.89 19.12 -15.63
C GLU A 370 1.60 20.30 -14.72
N ASP A 371 0.34 20.63 -14.48
CA ASP A 371 0.02 21.74 -13.58
C ASP A 371 0.75 21.64 -12.25
N PRO A 372 0.90 20.48 -11.63
CA PRO A 372 1.76 20.41 -10.45
C PRO A 372 3.11 21.04 -10.67
N GLN A 373 3.66 20.91 -11.86
CA GLN A 373 4.99 21.46 -12.11
C GLN A 373 4.97 22.97 -11.98
N GLN A 374 4.07 23.63 -12.71
CA GLN A 374 3.97 25.09 -12.65
C GLN A 374 3.75 25.56 -11.22
N VAL A 375 2.80 24.94 -10.53
CA VAL A 375 2.49 25.38 -9.18
C VAL A 375 3.71 25.28 -8.29
N PHE A 376 4.30 24.09 -8.22
CA PHE A 376 5.50 23.97 -7.41
C PHE A 376 6.58 24.96 -7.83
N ASP A 377 6.66 25.29 -9.11
CA ASP A 377 7.60 26.32 -9.55
C ASP A 377 7.37 27.61 -8.78
N GLU A 378 6.19 28.20 -8.95
CA GLU A 378 5.87 29.43 -8.26
C GLU A 378 6.23 29.34 -6.78
N ARG A 379 5.80 28.27 -6.13
CA ARG A 379 6.10 28.12 -4.72
C ARG A 379 7.60 28.06 -4.46
N ILE A 380 8.35 27.47 -5.38
CA ILE A 380 9.79 27.33 -5.18
C ILE A 380 10.47 28.68 -5.31
N LYS A 381 10.37 29.30 -6.50
CA LYS A 381 10.96 30.61 -6.69
C LYS A 381 10.60 31.54 -5.55
N PHE A 382 9.35 31.51 -5.12
CA PHE A 382 8.99 32.30 -3.97
C PHE A 382 9.62 31.79 -2.69
N ALA A 383 10.16 30.57 -2.66
CA ALA A 383 10.95 30.19 -1.50
C ALA A 383 12.37 30.73 -1.60
N ASN A 384 12.96 30.66 -2.79
CA ASN A 384 14.30 31.21 -2.98
C ASN A 384 14.35 32.68 -2.60
N GLN A 385 13.33 33.45 -3.03
CA GLN A 385 13.29 34.85 -2.66
C GLN A 385 13.52 35.02 -1.16
N LEU A 386 12.82 34.23 -0.36
CA LEU A 386 13.07 34.26 1.07
C LEU A 386 14.49 33.87 1.39
N HIS A 387 14.99 32.80 0.77
CA HIS A 387 16.35 32.41 1.10
C HIS A 387 17.38 33.45 0.71
N ASP A 388 17.00 34.45 -0.08
CA ASP A 388 17.88 35.57 -0.37
C ASP A 388 17.70 36.67 0.66
N GLU A 389 16.48 37.20 0.73
CA GLU A 389 16.19 38.28 1.65
C GLU A 389 16.62 37.96 3.06
N TYR A 390 16.70 36.68 3.40
CA TYR A 390 17.21 36.31 4.70
C TYR A 390 18.72 36.14 4.69
N LEU A 391 19.37 36.41 3.56
CA LEU A 391 20.83 36.44 3.51
C LEU A 391 21.35 37.86 3.39
N VAL A 392 20.98 38.57 2.32
CA VAL A 392 21.58 39.87 2.03
C VAL A 392 21.48 40.81 3.22
N SER A 393 20.49 40.61 4.08
CA SER A 393 20.31 41.45 5.24
C SER A 393 20.92 40.88 6.52
N MET A 394 21.58 39.73 6.47
CA MET A 394 22.17 39.16 7.67
C MET A 394 23.68 39.33 7.80
N ARG A 395 24.34 40.01 6.84
CA ARG A 395 25.79 39.93 6.65
C ARG A 395 26.66 40.09 7.90
N TYR A 396 26.81 41.32 8.39
CA TYR A 396 27.09 41.69 9.76
C TYR A 396 28.14 40.85 10.48
N PRO A 397 29.44 41.07 10.20
CA PRO A 397 30.56 40.45 10.91
C PRO A 397 30.38 40.42 12.42
N ASP B 31 -13.12 -103.60 -0.72
CA ASP B 31 -12.57 -102.66 -1.69
C ASP B 31 -11.18 -102.24 -1.27
N CYS B 32 -10.46 -101.59 -2.19
CA CYS B 32 -9.19 -100.96 -1.85
C CYS B 32 -9.37 -99.88 -0.78
N ASN B 33 -10.61 -99.47 -0.50
CA ASN B 33 -10.87 -98.65 0.67
C ASN B 33 -10.32 -99.28 1.94
N SER B 34 -10.26 -100.61 1.98
CA SER B 34 -9.65 -101.29 3.11
C SER B 34 -8.19 -100.90 3.27
N ALA B 35 -7.38 -101.10 2.23
CA ALA B 35 -5.98 -100.71 2.28
C ALA B 35 -5.83 -99.21 2.49
N LEU B 36 -6.71 -98.42 1.85
CA LEU B 36 -6.72 -96.98 2.08
C LEU B 36 -6.87 -96.65 3.56
N ASP B 37 -7.65 -97.47 4.27
CA ASP B 37 -7.75 -97.33 5.72
C ASP B 37 -6.53 -97.91 6.42
N GLN B 38 -5.83 -98.84 5.77
CA GLN B 38 -4.72 -99.54 6.41
C GLN B 38 -3.44 -98.71 6.42
N LEU B 39 -3.24 -97.86 5.41
CA LEU B 39 -2.03 -97.04 5.39
C LEU B 39 -2.15 -95.81 6.27
N LEU B 40 -3.34 -95.22 6.35
CA LEU B 40 -3.49 -93.99 7.12
C LEU B 40 -3.30 -94.25 8.62
N VAL B 41 -3.64 -95.44 9.09
CA VAL B 41 -3.39 -95.75 10.48
C VAL B 41 -1.89 -95.98 10.71
N LEU B 42 -1.17 -96.45 9.69
CA LEU B 42 0.29 -96.47 9.78
C LEU B 42 0.83 -95.06 9.93
N GLU B 43 0.41 -94.15 9.06
CA GLU B 43 0.75 -92.74 9.20
C GLU B 43 0.31 -92.20 10.56
N LYS B 44 -1.01 -92.05 10.73
CA LYS B 44 -1.61 -91.62 11.99
C LYS B 44 -0.91 -90.35 12.48
N LYS B 45 -0.22 -90.44 13.61
CA LYS B 45 0.55 -89.29 14.10
C LYS B 45 1.71 -89.01 13.17
N THR B 46 1.85 -87.74 12.77
CA THR B 46 2.88 -87.31 11.83
C THR B 46 3.82 -86.37 12.57
N ARG B 47 5.06 -86.82 12.78
CA ARG B 47 6.03 -86.02 13.51
C ARG B 47 7.34 -85.87 12.76
N GLN B 48 8.10 -86.97 12.65
CA GLN B 48 9.43 -86.93 12.07
C GLN B 48 9.39 -87.32 10.59
N ALA B 49 10.56 -87.29 9.94
CA ALA B 49 10.66 -87.65 8.54
C ALA B 49 10.24 -89.09 8.28
N SER B 50 10.17 -89.91 9.33
CA SER B 50 9.58 -91.24 9.19
C SER B 50 8.11 -91.15 8.84
N ASP B 51 7.34 -90.41 9.65
CA ASP B 51 5.93 -90.19 9.38
C ASP B 51 5.68 -89.00 8.47
N LEU B 52 6.69 -88.18 8.20
CA LEU B 52 6.56 -87.12 7.21
C LEU B 52 6.76 -87.67 5.80
N ALA B 53 7.96 -88.18 5.52
CA ALA B 53 8.20 -88.87 4.26
C ALA B 53 7.35 -90.13 4.12
N SER B 54 6.85 -90.69 5.22
CA SER B 54 5.82 -91.72 5.13
C SER B 54 4.47 -91.11 4.78
N SER B 55 4.16 -89.96 5.38
CA SER B 55 2.96 -89.22 4.99
C SER B 55 2.97 -88.87 3.52
N LYS B 56 4.14 -88.85 2.89
CA LYS B 56 4.25 -88.76 1.44
C LYS B 56 3.50 -89.92 0.78
N GLU B 57 4.00 -91.14 0.98
CA GLU B 57 3.43 -92.30 0.29
C GLU B 57 1.99 -92.55 0.71
N VAL B 58 1.68 -92.44 2.00
CA VAL B 58 0.30 -92.64 2.43
C VAL B 58 -0.59 -91.53 1.87
N LEU B 59 -0.06 -90.32 1.78
CA LEU B 59 -0.87 -89.16 1.42
C LEU B 59 -1.18 -89.12 -0.08
N ALA B 60 -0.23 -89.54 -0.92
CA ALA B 60 -0.51 -89.58 -2.35
C ALA B 60 -1.66 -90.52 -2.65
N LYS B 61 -1.73 -91.64 -1.94
CA LYS B 61 -2.84 -92.57 -2.11
C LYS B 61 -4.08 -92.09 -1.37
N ILE B 62 -3.92 -91.21 -0.37
CA ILE B 62 -5.07 -90.48 0.13
C ILE B 62 -5.69 -89.66 -0.99
N VAL B 63 -4.86 -89.01 -1.81
CA VAL B 63 -5.34 -88.08 -2.82
C VAL B 63 -5.50 -88.74 -4.19
N ASP B 64 -5.31 -90.06 -4.29
CA ASP B 64 -5.53 -90.75 -5.55
C ASP B 64 -6.98 -90.78 -6.00
N LEU B 65 -7.90 -90.26 -5.19
CA LEU B 65 -9.34 -90.39 -5.39
C LEU B 65 -9.87 -89.60 -6.57
N LEU B 66 -9.04 -88.84 -7.27
CA LEU B 66 -9.47 -88.10 -8.46
C LEU B 66 -9.87 -88.99 -9.62
N ALA B 67 -9.65 -90.31 -9.52
CA ALA B 67 -9.89 -91.24 -10.62
C ALA B 67 -11.35 -91.36 -11.00
N SER B 68 -12.28 -90.77 -10.25
CA SER B 68 -13.69 -90.77 -10.62
C SER B 68 -14.28 -89.40 -10.30
N ARG B 69 -15.57 -89.25 -10.61
CA ARG B 69 -16.25 -87.97 -10.39
C ARG B 69 -16.78 -87.87 -8.97
N ASN B 70 -17.76 -88.71 -8.63
CA ASN B 70 -18.33 -88.70 -7.28
C ASN B 70 -17.27 -89.03 -6.23
N LYS B 71 -16.23 -89.78 -6.61
CA LYS B 71 -15.15 -90.09 -5.69
C LYS B 71 -14.36 -88.85 -5.28
N TRP B 72 -14.62 -87.70 -5.91
CA TRP B 72 -14.18 -86.43 -5.35
C TRP B 72 -14.66 -86.26 -3.93
N ASP B 73 -15.96 -86.54 -3.70
CA ASP B 73 -16.51 -86.52 -2.35
C ASP B 73 -15.69 -87.39 -1.42
N ASP B 74 -15.08 -88.46 -1.96
CA ASP B 74 -14.18 -89.28 -1.17
C ASP B 74 -13.01 -88.46 -0.64
N LEU B 75 -12.35 -87.70 -1.54
CA LEU B 75 -11.40 -86.71 -1.07
C LEU B 75 -12.02 -85.81 0.00
N ASN B 76 -13.27 -85.40 -0.20
CA ASN B 76 -13.95 -84.53 0.75
C ASN B 76 -13.94 -85.11 2.16
N GLU B 77 -14.01 -86.44 2.29
CA GLU B 77 -13.92 -86.96 3.64
C GLU B 77 -12.47 -87.03 4.11
N GLN B 78 -11.56 -87.42 3.22
CA GLN B 78 -10.15 -87.52 3.60
C GLN B 78 -9.61 -86.16 4.04
N LEU B 79 -9.80 -85.14 3.20
CA LEU B 79 -9.36 -83.79 3.55
C LEU B 79 -9.92 -83.36 4.90
N THR B 80 -11.02 -83.97 5.33
CA THR B 80 -11.60 -83.62 6.62
C THR B 80 -10.70 -84.07 7.77
N LEU B 81 -10.24 -85.32 7.72
CA LEU B 81 -9.62 -85.91 8.91
C LEU B 81 -8.23 -85.32 9.16
N LEU B 82 -7.34 -85.42 8.17
CA LEU B 82 -5.94 -85.11 8.44
C LEU B 82 -5.75 -83.62 8.71
N SER B 83 -6.57 -82.77 8.10
CA SER B 83 -6.55 -81.34 8.42
C SER B 83 -6.78 -81.14 9.91
N LYS B 84 -7.74 -81.86 10.49
CA LYS B 84 -7.88 -81.86 11.94
C LYS B 84 -6.80 -82.69 12.60
N LYS B 85 -6.36 -83.78 11.96
CA LYS B 85 -5.48 -84.73 12.62
C LYS B 85 -4.02 -84.30 12.55
N HIS B 86 -3.43 -84.41 11.37
CA HIS B 86 -1.97 -84.29 11.20
C HIS B 86 -1.24 -85.27 12.10
N ILE B 93 3.84 -79.91 8.41
CA ILE B 93 2.57 -79.22 8.25
C ILE B 93 2.48 -78.56 6.88
N GLN B 94 3.59 -77.96 6.45
CA GLN B 94 3.59 -77.19 5.22
C GLN B 94 3.66 -78.09 3.99
N TYR B 95 4.57 -79.06 3.99
CA TYR B 95 4.81 -79.88 2.81
C TYR B 95 3.57 -80.67 2.41
N MET B 96 2.90 -81.26 3.40
CA MET B 96 1.76 -82.12 3.12
C MET B 96 0.65 -81.35 2.42
N ILE B 97 0.28 -80.20 2.97
CA ILE B 97 -0.80 -79.40 2.39
C ILE B 97 -0.37 -78.80 1.06
N GLN B 98 0.90 -78.37 0.96
CA GLN B 98 1.45 -77.94 -0.32
C GLN B 98 1.20 -78.99 -1.39
N LYS B 99 1.49 -80.25 -1.06
CA LYS B 99 1.32 -81.34 -2.02
C LYS B 99 -0.15 -81.54 -2.35
N VAL B 100 -0.98 -81.76 -1.34
CA VAL B 100 -2.37 -82.11 -1.59
C VAL B 100 -3.06 -81.01 -2.40
N MET B 101 -2.73 -79.75 -2.11
CA MET B 101 -3.33 -78.64 -2.85
C MET B 101 -2.70 -78.45 -4.23
N GLU B 102 -1.44 -78.87 -4.40
CA GLU B 102 -0.92 -79.05 -5.75
C GLU B 102 -1.85 -79.97 -6.54
N TYR B 103 -2.23 -81.09 -5.94
CA TYR B 103 -3.19 -81.97 -6.61
C TYR B 103 -4.55 -81.31 -6.76
N LEU B 104 -4.93 -80.43 -5.84
CA LEU B 104 -6.11 -79.61 -6.07
C LEU B 104 -5.99 -78.83 -7.38
N LYS B 105 -4.83 -78.22 -7.60
CA LYS B 105 -4.64 -77.39 -8.80
C LYS B 105 -4.52 -78.26 -10.05
N SER B 106 -4.18 -79.53 -9.89
CA SER B 106 -4.29 -80.47 -11.01
C SER B 106 -5.69 -81.03 -11.16
N SER B 107 -6.55 -80.83 -10.18
CA SER B 107 -7.90 -81.37 -10.14
C SER B 107 -8.94 -80.42 -10.70
N LYS B 108 -8.51 -79.29 -11.27
CA LYS B 108 -9.39 -78.17 -11.59
C LYS B 108 -10.55 -78.54 -12.50
N SER B 109 -10.54 -79.73 -13.13
CA SER B 109 -11.56 -80.10 -14.10
C SER B 109 -12.95 -80.28 -13.48
N LEU B 110 -13.08 -80.21 -12.16
CA LEU B 110 -14.35 -80.42 -11.47
C LEU B 110 -14.86 -79.06 -11.00
N ASP B 111 -15.89 -78.54 -11.66
CA ASP B 111 -16.41 -77.21 -11.37
C ASP B 111 -16.88 -77.02 -9.92
N LEU B 112 -18.05 -77.59 -9.60
CA LEU B 112 -18.62 -77.39 -8.27
C LEU B 112 -17.72 -78.00 -7.21
N ASN B 113 -17.26 -79.22 -7.47
CA ASN B 113 -16.36 -79.93 -6.55
C ASN B 113 -15.19 -79.05 -6.12
N THR B 114 -14.37 -78.65 -7.09
CA THR B 114 -13.19 -77.85 -6.75
C THR B 114 -13.59 -76.52 -6.11
N ARG B 115 -14.43 -75.73 -6.78
CA ARG B 115 -14.63 -74.37 -6.28
C ARG B 115 -15.22 -74.38 -4.87
N ILE B 116 -16.18 -75.25 -4.60
CA ILE B 116 -16.67 -75.43 -3.24
C ILE B 116 -15.52 -75.84 -2.32
N SER B 117 -14.93 -77.00 -2.61
CA SER B 117 -13.89 -77.56 -1.74
C SER B 117 -12.81 -76.54 -1.41
N VAL B 118 -12.48 -75.66 -2.34
CA VAL B 118 -11.49 -74.63 -2.07
C VAL B 118 -12.12 -73.41 -1.41
N ILE B 119 -13.45 -73.29 -1.42
CA ILE B 119 -14.08 -72.38 -0.45
C ILE B 119 -13.79 -72.85 0.96
N GLU B 120 -13.95 -74.15 1.22
CA GLU B 120 -13.59 -74.60 2.56
C GLU B 120 -12.09 -74.63 2.77
N THR B 121 -11.30 -74.72 1.69
CA THR B 121 -9.86 -74.66 1.87
C THR B 121 -9.42 -73.27 2.28
N ILE B 122 -9.79 -72.25 1.49
CA ILE B 122 -9.51 -70.86 1.89
C ILE B 122 -10.03 -70.69 3.31
N ARG B 123 -11.22 -71.23 3.60
CA ARG B 123 -11.75 -71.18 4.95
C ARG B 123 -10.68 -71.59 5.96
N VAL B 124 -10.23 -72.84 5.86
CA VAL B 124 -9.36 -73.41 6.88
C VAL B 124 -8.01 -72.69 6.92
N VAL B 125 -7.32 -72.63 5.77
CA VAL B 125 -6.00 -71.99 5.76
C VAL B 125 -6.11 -70.50 5.96
N THR B 126 -7.31 -69.92 5.80
CA THR B 126 -7.51 -68.54 6.20
C THR B 126 -7.51 -68.41 7.71
N GLU B 127 -8.16 -69.33 8.42
CA GLU B 127 -7.96 -69.36 9.86
C GLU B 127 -6.50 -69.60 10.22
N ASN B 128 -5.78 -70.37 9.40
CA ASN B 128 -4.36 -70.59 9.66
C ASN B 128 -3.59 -69.27 9.62
N LYS B 129 -3.67 -68.56 8.50
CA LYS B 129 -3.20 -67.18 8.35
C LYS B 129 -1.69 -67.03 8.51
N ILE B 130 -1.00 -68.10 8.93
CA ILE B 130 0.45 -68.16 8.80
C ILE B 130 0.84 -68.81 7.49
N PHE B 131 -0.09 -69.51 6.85
CA PHE B 131 0.13 -70.21 5.60
C PHE B 131 -0.39 -69.31 4.49
N VAL B 132 0.52 -68.80 3.66
CA VAL B 132 0.28 -67.57 2.93
C VAL B 132 0.58 -67.68 1.43
N GLU B 133 1.81 -68.04 1.10
CA GLU B 133 2.43 -67.69 -0.18
C GLU B 133 1.61 -67.94 -1.45
N VAL B 134 1.44 -69.18 -1.89
CA VAL B 134 0.88 -69.37 -3.22
C VAL B 134 -0.52 -70.01 -3.16
N GLU B 135 -0.56 -71.29 -2.84
CA GLU B 135 -1.82 -72.05 -2.82
C GLU B 135 -2.84 -71.45 -1.88
N ARG B 136 -2.39 -70.81 -0.80
CA ARG B 136 -3.29 -69.97 0.00
C ARG B 136 -3.99 -68.93 -0.85
N ALA B 137 -3.33 -68.50 -1.93
CA ALA B 137 -3.80 -67.44 -2.81
C ALA B 137 -4.14 -67.97 -4.20
N ARG B 138 -3.19 -68.63 -4.87
CA ARG B 138 -3.34 -69.09 -6.25
C ARG B 138 -4.69 -69.73 -6.55
N VAL B 139 -5.01 -70.84 -5.88
CA VAL B 139 -6.26 -71.54 -6.19
C VAL B 139 -7.46 -70.66 -5.90
N THR B 140 -7.34 -69.72 -4.96
CA THR B 140 -8.44 -68.81 -4.70
C THR B 140 -8.68 -67.91 -5.90
N LYS B 141 -7.62 -67.43 -6.54
CA LYS B 141 -7.80 -66.84 -7.86
C LYS B 141 -8.42 -67.84 -8.82
N ASP B 142 -7.95 -69.09 -8.80
CA ASP B 142 -8.56 -70.10 -9.67
C ASP B 142 -10.02 -70.30 -9.31
N LEU B 143 -10.33 -70.32 -8.02
CA LEU B 143 -11.71 -70.29 -7.53
C LEU B 143 -12.52 -69.24 -8.27
N VAL B 144 -12.12 -67.98 -8.09
CA VAL B 144 -12.91 -66.87 -8.62
C VAL B 144 -12.98 -66.94 -10.14
N GLU B 145 -11.83 -67.08 -10.81
CA GLU B 145 -11.79 -67.02 -12.26
C GLU B 145 -12.59 -68.16 -12.89
N ILE B 146 -12.60 -69.33 -12.26
CA ILE B 146 -13.49 -70.38 -12.72
C ILE B 146 -14.94 -69.96 -12.54
N LYS B 147 -15.26 -69.32 -11.42
CA LYS B 147 -16.65 -69.04 -11.11
C LYS B 147 -17.14 -67.69 -11.64
N LYS B 148 -16.34 -66.98 -12.43
CA LYS B 148 -16.66 -65.58 -12.74
C LYS B 148 -18.07 -65.37 -13.25
N GLU B 149 -18.31 -65.63 -14.55
CA GLU B 149 -19.60 -65.99 -15.13
C GLU B 149 -20.81 -65.33 -14.48
N GLU B 150 -20.65 -64.12 -13.94
CA GLU B 150 -21.71 -63.33 -13.32
C GLU B 150 -21.15 -62.05 -12.73
N GLY B 151 -22.00 -61.23 -12.14
CA GLY B 151 -21.57 -60.00 -11.49
C GLY B 151 -21.54 -60.03 -9.96
N LYS B 152 -22.06 -61.10 -9.35
CA LYS B 152 -22.12 -61.19 -7.89
C LYS B 152 -20.76 -61.40 -7.24
N ILE B 153 -19.70 -61.48 -8.06
CA ILE B 153 -18.35 -61.79 -7.60
C ILE B 153 -17.85 -60.81 -6.55
N ASP B 154 -18.59 -59.71 -6.33
CA ASP B 154 -18.14 -58.63 -5.46
C ASP B 154 -17.56 -59.16 -4.14
N GLU B 155 -18.19 -60.19 -3.59
CA GLU B 155 -17.61 -60.87 -2.43
C GLU B 155 -16.23 -61.42 -2.76
N ALA B 156 -16.17 -62.36 -3.72
CA ALA B 156 -14.88 -62.86 -4.16
C ALA B 156 -13.96 -61.73 -4.57
N ALA B 157 -14.51 -60.62 -5.06
CA ALA B 157 -13.68 -59.44 -5.26
C ALA B 157 -13.06 -58.99 -3.94
N ASP B 158 -13.83 -59.08 -2.85
CA ASP B 158 -13.31 -58.69 -1.54
C ASP B 158 -12.18 -59.62 -1.11
N ILE B 159 -12.40 -60.93 -1.19
CA ILE B 159 -11.34 -61.84 -0.77
C ILE B 159 -10.09 -61.62 -1.61
N LEU B 160 -10.28 -61.39 -2.92
CA LEU B 160 -9.13 -61.08 -3.76
C LEU B 160 -8.46 -59.78 -3.34
N CYS B 161 -9.23 -58.81 -2.84
CA CYS B 161 -8.62 -57.62 -2.29
C CYS B 161 -7.74 -57.95 -1.09
N GLU B 162 -8.18 -58.90 -0.27
CA GLU B 162 -7.47 -59.16 0.98
C GLU B 162 -6.21 -59.99 0.77
N LEU B 163 -6.28 -60.99 -0.13
CA LEU B 163 -5.24 -62.02 -0.18
C LEU B 163 -3.88 -61.46 -0.59
N GLN B 164 -3.84 -60.60 -1.61
CA GLN B 164 -2.56 -60.04 -2.01
C GLN B 164 -1.99 -59.12 -0.94
N VAL B 165 -2.87 -58.41 -0.22
CA VAL B 165 -2.42 -57.62 0.91
C VAL B 165 -1.76 -58.51 1.94
N GLU B 166 -2.30 -59.71 2.15
CA GLU B 166 -1.65 -60.68 3.02
C GLU B 166 -0.28 -61.06 2.47
N THR B 167 -0.24 -61.54 1.24
CA THR B 167 0.91 -62.29 0.77
C THR B 167 2.06 -61.43 0.25
N TYR B 168 1.81 -60.18 -0.15
CA TYR B 168 2.75 -59.50 -1.04
C TYR B 168 4.15 -59.38 -0.46
N GLY B 169 4.35 -59.69 0.82
CA GLY B 169 5.68 -59.77 1.38
C GLY B 169 6.57 -60.79 0.70
N SER B 170 6.13 -62.05 0.67
CA SER B 170 6.89 -63.11 0.02
C SER B 170 6.39 -63.46 -1.37
N MET B 171 5.30 -62.84 -1.83
CA MET B 171 4.72 -63.22 -3.11
C MET B 171 5.69 -62.97 -4.25
N GLU B 172 5.71 -63.90 -5.20
CA GLU B 172 6.58 -63.77 -6.36
C GLU B 172 5.98 -62.80 -7.36
N MET B 173 6.85 -62.18 -8.14
CA MET B 173 6.50 -61.07 -9.01
C MET B 173 5.35 -61.38 -9.96
N SER B 174 5.56 -62.29 -10.90
CA SER B 174 4.57 -62.53 -11.95
C SER B 174 3.18 -62.69 -11.38
N GLU B 175 3.05 -63.48 -10.31
CA GLU B 175 1.74 -63.63 -9.70
C GLU B 175 1.40 -62.53 -8.72
N LYS B 176 2.39 -61.81 -8.19
CA LYS B 176 2.07 -60.62 -7.42
C LYS B 176 1.31 -59.64 -8.31
N ILE B 177 2.02 -59.12 -9.30
CA ILE B 177 1.42 -58.22 -10.28
C ILE B 177 0.14 -58.82 -10.83
N GLN B 178 0.21 -60.06 -11.31
CA GLN B 178 -0.93 -60.72 -11.92
C GLN B 178 -2.15 -60.66 -11.02
N PHE B 179 -1.96 -61.02 -9.74
CA PHE B 179 -3.07 -60.94 -8.80
C PHE B 179 -3.58 -59.51 -8.71
N ILE B 180 -2.70 -58.56 -8.37
CA ILE B 180 -3.13 -57.19 -8.13
C ILE B 180 -3.97 -56.70 -9.29
N LEU B 181 -3.47 -56.89 -10.51
CA LEU B 181 -4.15 -56.34 -11.68
C LEU B 181 -5.47 -57.06 -11.93
N GLU B 182 -5.52 -58.38 -11.74
CA GLU B 182 -6.81 -59.05 -11.82
C GLU B 182 -7.80 -58.42 -10.86
N GLN B 183 -7.39 -58.27 -9.60
CA GLN B 183 -8.23 -57.63 -8.59
C GLN B 183 -8.75 -56.29 -9.09
N MET B 184 -7.85 -55.48 -9.65
CA MET B 184 -8.22 -54.16 -10.13
C MET B 184 -9.29 -54.25 -11.22
N GLU B 185 -9.01 -55.02 -12.28
CA GLU B 185 -9.98 -55.14 -13.36
C GLU B 185 -11.31 -55.65 -12.85
N LEU B 186 -11.29 -56.49 -11.81
CA LEU B 186 -12.54 -56.87 -11.20
C LEU B 186 -13.17 -55.74 -10.42
N SER B 187 -12.37 -54.74 -10.04
CA SER B 187 -12.95 -53.58 -9.38
C SER B 187 -13.63 -52.65 -10.38
N ILE B 188 -13.01 -52.42 -11.54
CA ILE B 188 -13.68 -51.64 -12.58
C ILE B 188 -14.92 -52.36 -13.07
N LEU B 189 -14.81 -53.65 -13.37
CA LEU B 189 -16.00 -54.41 -13.75
C LEU B 189 -17.02 -54.40 -12.64
N LYS B 190 -16.57 -54.35 -11.39
CA LYS B 190 -17.47 -54.11 -10.28
C LYS B 190 -17.87 -52.64 -10.19
N GLY B 191 -16.96 -51.73 -10.56
CA GLY B 191 -17.24 -50.33 -10.43
C GLY B 191 -16.67 -49.66 -9.20
N ASP B 192 -15.69 -50.26 -8.55
CA ASP B 192 -15.00 -49.61 -7.43
C ASP B 192 -13.67 -49.09 -7.96
N TYR B 193 -13.59 -47.77 -8.13
CA TYR B 193 -12.39 -47.14 -8.64
C TYR B 193 -11.37 -46.90 -7.54
N SER B 194 -11.83 -46.47 -6.37
CA SER B 194 -10.94 -46.32 -5.22
C SER B 194 -10.18 -47.60 -4.94
N GLN B 195 -10.83 -48.75 -5.15
CA GLN B 195 -10.18 -50.04 -5.00
C GLN B 195 -8.95 -50.14 -5.87
N ALA B 196 -9.15 -50.24 -7.19
CA ALA B 196 -8.02 -50.31 -8.12
C ALA B 196 -7.08 -49.13 -7.97
N THR B 197 -7.54 -48.06 -7.32
CA THR B 197 -6.67 -46.92 -7.07
C THR B 197 -5.64 -47.28 -6.01
N VAL B 198 -6.11 -47.81 -4.88
CA VAL B 198 -5.21 -48.24 -3.82
C VAL B 198 -4.38 -49.43 -4.29
N LEU B 199 -5.07 -50.48 -4.73
CA LEU B 199 -4.43 -51.66 -5.30
C LEU B 199 -3.38 -51.28 -6.33
N SER B 200 -3.69 -50.29 -7.15
CA SER B 200 -2.75 -49.74 -8.11
C SER B 200 -1.53 -49.22 -7.37
N ARG B 201 -1.72 -48.19 -6.54
CA ARG B 201 -0.59 -47.56 -5.86
C ARG B 201 0.28 -48.58 -5.15
N LYS B 202 -0.28 -49.71 -4.73
CA LYS B 202 0.52 -50.71 -4.03
C LYS B 202 1.55 -51.37 -4.92
N ILE B 203 1.42 -51.27 -6.24
CA ILE B 203 2.45 -51.82 -7.10
C ILE B 203 3.72 -50.99 -6.98
N LEU B 204 4.84 -51.58 -7.39
CA LEU B 204 6.15 -50.92 -7.35
C LEU B 204 6.57 -50.66 -8.78
N LYS B 205 6.65 -49.37 -9.15
CA LYS B 205 6.85 -48.99 -10.54
C LYS B 205 8.23 -49.40 -11.04
N LYS B 206 9.23 -49.35 -10.19
CA LYS B 206 10.61 -49.55 -10.65
C LYS B 206 10.85 -50.96 -11.15
N THR B 207 10.09 -51.94 -10.67
CA THR B 207 10.32 -53.30 -11.11
C THR B 207 10.05 -53.46 -12.59
N PHE B 208 9.27 -52.55 -13.19
CA PHE B 208 9.04 -52.61 -14.62
C PHE B 208 10.30 -52.31 -15.40
N LYS B 209 11.33 -51.75 -14.76
CA LYS B 209 12.64 -51.69 -15.39
C LYS B 209 13.25 -53.06 -15.57
N ASN B 210 12.66 -54.11 -15.01
CA ASN B 210 13.02 -55.46 -15.42
C ASN B 210 12.59 -55.67 -16.87
N PRO B 211 13.50 -56.10 -17.75
CA PRO B 211 13.11 -56.42 -19.12
C PRO B 211 12.08 -57.52 -19.25
N LYS B 212 11.75 -58.25 -18.18
CA LYS B 212 10.75 -59.30 -18.29
C LYS B 212 9.31 -58.86 -17.97
N TYR B 213 9.11 -57.71 -17.35
CA TYR B 213 7.78 -57.36 -16.84
C TYR B 213 6.98 -56.45 -17.75
N GLU B 214 7.55 -56.04 -18.88
CA GLU B 214 6.86 -55.07 -19.73
C GLU B 214 5.56 -55.64 -20.28
N SER B 215 5.53 -56.95 -20.55
CA SER B 215 4.31 -57.59 -21.00
C SER B 215 3.18 -57.31 -20.03
N LEU B 216 3.48 -57.37 -18.74
CA LEU B 216 2.53 -56.95 -17.73
C LEU B 216 2.34 -55.44 -17.76
N LYS B 217 3.45 -54.71 -17.82
CA LYS B 217 3.42 -53.25 -17.75
C LYS B 217 2.38 -52.66 -18.67
N LEU B 218 2.31 -53.15 -19.90
CA LEU B 218 1.36 -52.63 -20.87
C LEU B 218 -0.04 -52.56 -20.27
N GLU B 219 -0.59 -53.71 -19.90
CA GLU B 219 -1.94 -53.69 -19.36
C GLU B 219 -1.99 -52.97 -18.02
N TYR B 220 -0.94 -53.09 -17.22
CA TYR B 220 -0.87 -52.35 -15.97
C TYR B 220 -1.21 -50.89 -16.17
N TYR B 221 -0.60 -50.26 -17.16
CA TYR B 221 -0.99 -48.88 -17.43
C TYR B 221 -2.35 -48.79 -18.10
N ASN B 222 -2.65 -49.71 -19.02
CA ASN B 222 -3.93 -49.67 -19.71
C ASN B 222 -5.08 -49.48 -18.72
N LEU B 223 -5.00 -50.14 -17.58
CA LEU B 223 -5.95 -49.86 -16.53
C LEU B 223 -5.92 -48.39 -16.14
N LEU B 224 -4.72 -47.88 -15.85
CA LEU B 224 -4.60 -46.50 -15.43
C LEU B 224 -5.23 -45.55 -16.44
N VAL B 225 -5.24 -45.95 -17.71
CA VAL B 225 -6.05 -45.24 -18.68
C VAL B 225 -7.52 -45.43 -18.38
N LYS B 226 -7.93 -46.65 -18.02
CA LYS B 226 -9.36 -46.89 -17.80
C LYS B 226 -9.88 -46.02 -16.66
N ILE B 227 -9.33 -46.22 -15.46
CA ILE B 227 -9.70 -45.37 -14.33
C ILE B 227 -9.57 -43.90 -14.69
N SER B 228 -8.40 -43.51 -15.21
CA SER B 228 -8.14 -42.09 -15.41
C SER B 228 -9.19 -41.47 -16.33
N LEU B 229 -9.59 -42.19 -17.37
CA LEU B 229 -10.72 -41.73 -18.18
C LEU B 229 -11.99 -41.63 -17.34
N HIS B 230 -12.22 -42.59 -16.46
CA HIS B 230 -13.44 -42.51 -15.65
C HIS B 230 -13.45 -41.24 -14.82
N LYS B 231 -12.36 -40.96 -14.12
CA LYS B 231 -12.26 -39.69 -13.41
C LYS B 231 -12.27 -38.51 -14.36
N ARG B 232 -12.18 -38.76 -15.66
CA ARG B 232 -12.12 -37.72 -16.69
C ARG B 232 -10.96 -36.77 -16.48
N GLU B 233 -9.94 -37.19 -15.75
CA GLU B 233 -8.71 -36.44 -15.77
C GLU B 233 -7.97 -36.82 -17.05
N TYR B 234 -7.13 -35.90 -17.52
CA TYR B 234 -6.42 -36.09 -18.76
C TYR B 234 -4.90 -36.12 -18.56
N LEU B 235 -4.31 -35.07 -18.01
CA LEU B 235 -2.86 -34.94 -18.04
C LEU B 235 -2.12 -36.23 -17.73
N GLU B 236 -2.49 -36.93 -16.66
CA GLU B 236 -1.72 -38.15 -16.44
C GLU B 236 -2.23 -39.31 -17.27
N VAL B 237 -3.38 -39.21 -17.91
CA VAL B 237 -3.66 -40.15 -19.00
C VAL B 237 -2.56 -40.04 -20.03
N ALA B 238 -2.27 -38.82 -20.44
CA ALA B 238 -1.19 -38.60 -21.39
C ALA B 238 0.15 -38.99 -20.79
N GLN B 239 0.31 -38.87 -19.48
CA GLN B 239 1.57 -39.29 -18.91
C GLN B 239 1.72 -40.80 -18.95
N TYR B 240 0.60 -41.52 -18.86
CA TYR B 240 0.67 -42.96 -18.95
C TYR B 240 0.91 -43.39 -20.38
N LEU B 241 -0.01 -43.06 -21.28
CA LEU B 241 0.19 -43.37 -22.69
C LEU B 241 1.58 -42.97 -23.13
N GLN B 242 2.05 -41.83 -22.63
CA GLN B 242 3.46 -41.50 -22.72
C GLN B 242 4.33 -42.67 -22.25
N GLU B 243 4.06 -43.14 -21.04
CA GLU B 243 4.98 -44.09 -20.43
C GLU B 243 5.03 -45.39 -21.21
N ILE B 244 3.88 -45.95 -21.54
CA ILE B 244 3.89 -47.16 -22.35
C ILE B 244 4.53 -46.87 -23.69
N TYR B 245 4.24 -45.70 -24.26
CA TYR B 245 4.88 -45.30 -25.50
C TYR B 245 6.39 -45.30 -25.38
N GLN B 246 6.92 -45.27 -24.17
CA GLN B 246 8.36 -45.36 -23.97
C GLN B 246 8.87 -46.79 -24.03
N THR B 247 7.99 -47.78 -24.25
CA THR B 247 8.41 -49.17 -24.26
C THR B 247 9.11 -49.53 -25.56
N ASP B 248 10.27 -50.15 -25.44
CA ASP B 248 11.02 -50.61 -26.62
C ASP B 248 10.14 -51.44 -27.52
N ALA B 249 9.43 -52.40 -26.93
CA ALA B 249 8.60 -53.31 -27.71
C ALA B 249 7.63 -52.56 -28.61
N ILE B 250 7.02 -51.50 -28.09
CA ILE B 250 6.12 -50.72 -28.94
C ILE B 250 6.79 -49.50 -29.55
N LYS B 251 8.01 -49.17 -29.14
CA LYS B 251 8.79 -48.24 -29.96
C LYS B 251 9.01 -48.81 -31.33
N SER B 252 9.37 -50.08 -31.39
CA SER B 252 9.70 -50.72 -32.66
C SER B 252 8.54 -50.66 -33.65
N ASP B 253 7.46 -51.37 -33.36
CA ASP B 253 6.43 -51.63 -34.36
C ASP B 253 5.58 -50.40 -34.59
N GLU B 254 5.53 -49.94 -35.84
CA GLU B 254 4.74 -48.76 -36.17
C GLU B 254 3.29 -48.94 -35.74
N ALA B 255 2.65 -50.01 -36.22
CA ALA B 255 1.23 -50.23 -35.92
C ALA B 255 0.95 -50.25 -34.42
N LYS B 256 1.98 -50.47 -33.61
CA LYS B 256 1.81 -50.30 -32.18
C LYS B 256 1.73 -48.82 -31.82
N TRP B 257 2.82 -48.08 -32.01
CA TRP B 257 2.87 -46.75 -31.41
C TRP B 257 2.02 -45.73 -32.15
N LYS B 258 1.59 -46.00 -33.37
CA LYS B 258 0.82 -44.98 -34.07
C LYS B 258 -0.43 -44.57 -33.30
N PRO B 259 -1.39 -45.47 -33.02
CA PRO B 259 -2.54 -45.02 -32.23
C PRO B 259 -2.16 -44.56 -30.85
N VAL B 260 -1.06 -45.07 -30.30
CA VAL B 260 -0.58 -44.57 -29.02
C VAL B 260 -0.30 -43.08 -29.12
N LEU B 261 0.52 -42.69 -30.09
CA LEU B 261 0.75 -41.27 -30.30
C LEU B 261 -0.57 -40.54 -30.43
N SER B 262 -1.32 -40.85 -31.50
CA SER B 262 -2.49 -40.04 -31.78
C SER B 262 -3.36 -39.87 -30.55
N HIS B 263 -3.42 -40.88 -29.70
CA HIS B 263 -4.05 -40.68 -28.40
C HIS B 263 -3.32 -39.63 -27.58
N ILE B 264 -2.00 -39.80 -27.41
CA ILE B 264 -1.24 -38.85 -26.60
C ILE B 264 -1.52 -37.43 -27.04
N VAL B 265 -1.56 -37.21 -28.35
CA VAL B 265 -1.99 -35.94 -28.88
C VAL B 265 -3.34 -35.59 -28.29
N TYR B 266 -4.36 -36.38 -28.62
CA TYR B 266 -5.73 -35.99 -28.28
C TYR B 266 -5.86 -35.60 -26.82
N PHE B 267 -5.18 -36.30 -25.93
CA PHE B 267 -5.34 -35.96 -24.54
C PHE B 267 -4.53 -34.74 -24.14
N LEU B 268 -3.32 -34.60 -24.65
CA LEU B 268 -2.63 -33.35 -24.41
C LEU B 268 -3.38 -32.16 -24.97
N VAL B 269 -4.28 -32.40 -25.92
CA VAL B 269 -5.19 -31.36 -26.36
C VAL B 269 -6.31 -31.14 -25.37
N LEU B 270 -6.89 -32.22 -24.83
CA LEU B 270 -8.05 -32.05 -23.99
C LEU B 270 -7.71 -31.55 -22.60
N SER B 271 -6.54 -31.91 -22.09
CA SER B 271 -6.13 -31.45 -20.79
C SER B 271 -6.14 -29.92 -20.72
N PRO B 272 -6.31 -29.35 -19.55
CA PRO B 272 -6.34 -27.89 -19.44
C PRO B 272 -4.96 -27.32 -19.65
N TYR B 273 -4.90 -26.12 -20.20
CA TYR B 273 -3.62 -25.43 -20.28
C TYR B 273 -3.01 -25.33 -18.91
N GLY B 274 -1.70 -25.48 -18.84
CA GLY B 274 -1.06 -25.43 -17.55
C GLY B 274 0.43 -25.63 -17.67
N ASN B 275 1.08 -25.58 -16.51
CA ASN B 275 2.51 -25.76 -16.36
C ASN B 275 3.03 -26.90 -17.19
N LEU B 276 2.61 -28.09 -16.84
CA LEU B 276 3.31 -29.29 -17.29
C LEU B 276 2.95 -29.67 -18.72
N GLN B 277 1.74 -29.35 -19.16
CA GLN B 277 1.44 -29.73 -20.53
C GLN B 277 2.25 -28.92 -21.51
N ASN B 278 2.73 -27.73 -21.14
CA ASN B 278 3.63 -27.04 -22.04
C ASN B 278 4.85 -27.90 -22.31
N ASP B 279 5.46 -28.42 -21.25
CA ASP B 279 6.51 -29.39 -21.40
C ASP B 279 6.09 -30.49 -22.37
N LEU B 280 5.09 -31.27 -22.01
CA LEU B 280 4.84 -32.48 -22.79
C LEU B 280 4.46 -32.15 -24.22
N ILE B 281 3.70 -31.09 -24.42
CA ILE B 281 3.19 -30.83 -25.76
C ILE B 281 4.29 -30.25 -26.64
N HIS B 282 5.17 -29.43 -26.07
CA HIS B 282 6.29 -28.96 -26.86
C HIS B 282 7.35 -30.03 -27.05
N LYS B 283 7.33 -31.08 -26.24
CA LYS B 283 8.24 -32.19 -26.49
C LYS B 283 7.72 -33.08 -27.60
N ILE B 284 6.43 -33.43 -27.53
CA ILE B 284 5.82 -34.18 -28.62
C ILE B 284 6.00 -33.43 -29.92
N GLN B 285 5.79 -32.12 -29.89
CA GLN B 285 6.01 -31.25 -31.03
C GLN B 285 7.33 -31.55 -31.71
N ASN B 286 8.36 -31.84 -30.93
CA ASN B 286 9.70 -32.02 -31.46
C ASN B 286 10.05 -33.47 -31.71
N ASP B 287 9.14 -34.40 -31.42
CA ASP B 287 9.42 -35.80 -31.69
C ASP B 287 9.25 -36.07 -33.18
N ASN B 288 10.33 -36.50 -33.82
CA ASN B 288 10.27 -36.73 -35.25
C ASN B 288 9.27 -37.82 -35.59
N ASN B 289 9.07 -38.78 -34.69
CA ASN B 289 8.06 -39.80 -34.93
C ASN B 289 6.72 -39.16 -35.22
N LEU B 290 6.43 -38.04 -34.56
CA LEU B 290 5.12 -37.42 -34.72
C LEU B 290 4.90 -36.99 -36.16
N LYS B 291 5.93 -36.50 -36.85
CA LYS B 291 5.67 -35.94 -38.16
C LYS B 291 5.22 -36.98 -39.17
N LYS B 292 5.30 -38.26 -38.82
CA LYS B 292 4.75 -39.28 -39.70
C LYS B 292 3.24 -39.18 -39.76
N LEU B 293 2.61 -38.80 -38.66
CA LEU B 293 1.19 -38.48 -38.65
C LEU B 293 0.97 -37.15 -39.37
N GLU B 294 -0.28 -36.89 -39.74
CA GLU B 294 -0.54 -35.75 -40.59
C GLU B 294 -1.54 -34.79 -39.96
N SER B 295 -2.78 -35.24 -39.71
CA SER B 295 -3.76 -34.37 -39.08
C SER B 295 -3.36 -34.08 -37.65
N GLN B 296 -2.93 -35.11 -36.93
CA GLN B 296 -2.45 -34.93 -35.57
C GLN B 296 -1.40 -33.84 -35.52
N GLU B 297 -0.55 -33.75 -36.54
CA GLU B 297 0.36 -32.62 -36.65
C GLU B 297 -0.38 -31.32 -36.54
N SER B 298 -1.17 -31.01 -37.56
CA SER B 298 -1.83 -29.73 -37.62
C SER B 298 -2.63 -29.45 -36.37
N LEU B 299 -3.04 -30.49 -35.66
CA LEU B 299 -3.71 -30.28 -34.38
C LEU B 299 -2.71 -29.79 -33.33
N VAL B 300 -1.65 -30.55 -33.12
CA VAL B 300 -0.64 -30.21 -32.14
C VAL B 300 -0.12 -28.81 -32.45
N LYS B 301 0.55 -28.68 -33.59
CA LYS B 301 1.02 -27.37 -34.02
C LYS B 301 -0.07 -26.34 -33.95
N LEU B 302 -1.32 -26.75 -34.09
CA LEU B 302 -2.40 -25.79 -34.02
C LEU B 302 -2.58 -25.27 -32.61
N PHE B 303 -2.30 -26.07 -31.59
CA PHE B 303 -2.31 -25.50 -30.26
C PHE B 303 -0.96 -25.00 -29.77
N THR B 304 0.13 -25.31 -30.45
CA THR B 304 1.40 -24.78 -29.99
C THR B 304 1.50 -23.29 -30.27
N THR B 305 1.03 -22.86 -31.44
CA THR B 305 1.22 -21.48 -31.85
C THR B 305 0.34 -20.56 -31.01
N ASN B 306 0.47 -19.26 -31.25
CA ASN B 306 -0.44 -18.30 -30.66
C ASN B 306 -1.18 -17.63 -31.79
N GLU B 307 -2.43 -18.03 -31.98
CA GLU B 307 -3.27 -17.41 -33.00
C GLU B 307 -4.71 -17.75 -32.69
N LEU B 308 -5.61 -16.98 -33.26
CA LEU B 308 -7.02 -17.24 -33.05
C LEU B 308 -7.46 -18.48 -33.81
N MET B 309 -8.21 -19.32 -33.12
CA MET B 309 -8.88 -20.47 -33.69
C MET B 309 -10.35 -20.13 -33.90
N ARG B 310 -10.95 -20.74 -34.91
CA ARG B 310 -12.37 -20.56 -35.14
C ARG B 310 -13.04 -21.92 -35.08
N TRP B 311 -13.92 -22.10 -34.11
CA TRP B 311 -14.47 -23.42 -33.80
C TRP B 311 -15.09 -24.13 -34.98
N PRO B 312 -15.89 -23.48 -35.84
CA PRO B 312 -16.39 -24.20 -37.01
C PRO B 312 -15.29 -24.82 -37.84
N ILE B 313 -14.25 -24.04 -38.16
CA ILE B 313 -13.19 -24.55 -39.00
C ILE B 313 -12.53 -25.74 -38.35
N VAL B 314 -12.56 -25.80 -37.02
CA VAL B 314 -11.97 -26.91 -36.32
C VAL B 314 -12.85 -28.14 -36.45
N GLN B 315 -14.17 -27.97 -36.27
CA GLN B 315 -15.07 -29.09 -36.48
C GLN B 315 -14.92 -29.65 -37.88
N LYS B 316 -15.09 -28.80 -38.89
CA LYS B 316 -14.97 -29.25 -40.27
C LYS B 316 -13.65 -29.96 -40.47
N THR B 317 -12.57 -29.33 -40.03
CA THR B 317 -11.23 -29.85 -40.23
C THR B 317 -11.06 -31.23 -39.63
N TYR B 318 -11.05 -31.33 -38.31
CA TYR B 318 -10.59 -32.55 -37.68
C TYR B 318 -11.69 -33.52 -37.35
N GLU B 319 -12.96 -33.11 -37.48
CA GLU B 319 -14.07 -34.00 -37.19
C GLU B 319 -13.93 -35.38 -37.81
N PRO B 320 -13.65 -35.52 -39.11
CA PRO B 320 -13.59 -36.87 -39.68
C PRO B 320 -12.53 -37.73 -39.04
N VAL B 321 -11.32 -37.22 -38.88
CA VAL B 321 -10.25 -38.01 -38.27
C VAL B 321 -10.62 -38.36 -36.84
N LEU B 322 -11.03 -37.36 -36.07
CA LEU B 322 -11.34 -37.58 -34.66
C LEU B 322 -12.40 -38.65 -34.49
N ASN B 323 -13.61 -38.39 -34.98
CA ASN B 323 -14.74 -39.27 -34.67
C ASN B 323 -14.43 -40.73 -34.91
N GLU B 324 -13.63 -41.03 -35.93
CA GLU B 324 -13.29 -42.41 -36.21
C GLU B 324 -12.50 -43.06 -35.08
N ASP B 325 -11.99 -42.28 -34.14
CA ASP B 325 -11.20 -42.85 -33.05
C ASP B 325 -12.10 -43.57 -32.05
N ASP B 326 -11.47 -44.47 -31.29
CA ASP B 326 -12.16 -45.26 -30.29
C ASP B 326 -12.18 -44.58 -28.92
N LEU B 327 -11.02 -44.36 -28.32
CA LEU B 327 -10.99 -43.81 -26.97
C LEU B 327 -11.38 -42.35 -26.97
N ALA B 328 -10.55 -41.51 -27.59
CA ALA B 328 -10.68 -40.07 -27.46
C ALA B 328 -12.08 -39.58 -27.79
N PHE B 329 -12.46 -39.60 -29.06
CA PHE B 329 -13.77 -39.12 -29.46
C PHE B 329 -14.56 -40.30 -30.01
N GLY B 330 -15.53 -40.74 -29.23
CA GLY B 330 -16.34 -41.90 -29.56
C GLY B 330 -17.78 -41.55 -29.88
N GLY B 331 -18.68 -42.50 -29.69
CA GLY B 331 -20.09 -42.25 -29.94
C GLY B 331 -20.99 -42.10 -28.72
N GLU B 332 -20.49 -42.44 -27.53
CA GLU B 332 -21.43 -42.53 -26.41
C GLU B 332 -21.05 -41.68 -25.21
N ALA B 333 -20.12 -42.14 -24.37
CA ALA B 333 -19.59 -41.31 -23.30
C ALA B 333 -18.49 -40.42 -23.84
N ASN B 334 -17.62 -40.99 -24.67
CA ASN B 334 -16.60 -40.23 -25.34
C ASN B 334 -17.19 -39.13 -26.20
N LYS B 335 -18.49 -39.19 -26.45
CA LYS B 335 -19.20 -38.10 -27.08
C LYS B 335 -19.21 -36.85 -26.21
N HIS B 336 -18.82 -36.94 -24.95
CA HIS B 336 -18.77 -35.73 -24.13
C HIS B 336 -17.46 -34.99 -24.27
N HIS B 337 -16.45 -35.63 -24.86
CA HIS B 337 -15.19 -34.93 -25.07
C HIS B 337 -15.38 -33.72 -25.97
N TRP B 338 -16.32 -33.80 -26.91
CA TRP B 338 -16.53 -32.69 -27.82
C TRP B 338 -16.98 -31.42 -27.11
N GLU B 339 -17.43 -31.51 -25.86
CA GLU B 339 -17.66 -30.29 -25.11
C GLU B 339 -16.38 -29.76 -24.51
N ASP B 340 -15.55 -30.64 -23.96
CA ASP B 340 -14.27 -30.23 -23.43
C ASP B 340 -13.45 -29.54 -24.50
N LEU B 341 -13.41 -30.12 -25.70
CA LEU B 341 -12.63 -29.51 -26.76
C LEU B 341 -13.08 -28.09 -26.98
N GLN B 342 -14.39 -27.86 -27.05
CA GLN B 342 -14.88 -26.49 -27.15
C GLN B 342 -14.37 -25.62 -26.02
N LYS B 343 -14.39 -26.15 -24.79
CA LYS B 343 -13.81 -25.39 -23.69
C LYS B 343 -12.38 -25.00 -24.01
N ARG B 344 -11.49 -25.99 -24.15
CA ARG B 344 -10.09 -25.71 -24.41
C ARG B 344 -9.89 -24.72 -25.54
N VAL B 345 -10.78 -24.73 -26.51
CA VAL B 345 -10.67 -23.75 -27.58
C VAL B 345 -10.93 -22.36 -27.04
N ILE B 346 -12.06 -22.18 -26.36
CA ILE B 346 -12.37 -20.87 -25.80
C ILE B 346 -11.23 -20.40 -24.91
N GLU B 347 -10.91 -21.21 -23.91
CA GLU B 347 -9.76 -20.95 -23.06
C GLU B 347 -8.52 -20.61 -23.88
N HIS B 348 -8.36 -21.20 -25.06
CA HIS B 348 -7.19 -20.89 -25.85
C HIS B 348 -7.25 -19.49 -26.39
N ASN B 349 -8.34 -19.12 -27.07
CA ASN B 349 -8.40 -17.80 -27.68
C ASN B 349 -8.37 -16.71 -26.63
N LEU B 350 -8.92 -16.96 -25.44
CA LEU B 350 -8.65 -16.03 -24.36
C LEU B 350 -7.19 -15.97 -24.02
N ARG B 351 -6.60 -17.12 -23.65
CA ARG B 351 -5.24 -17.11 -23.16
C ARG B 351 -4.32 -16.37 -24.11
N VAL B 352 -4.56 -16.48 -25.41
CA VAL B 352 -3.71 -15.80 -26.37
C VAL B 352 -4.11 -14.35 -26.52
N ILE B 353 -5.40 -14.06 -26.62
CA ILE B 353 -5.80 -12.69 -26.87
C ILE B 353 -5.42 -11.82 -25.71
N SER B 354 -5.23 -12.41 -24.54
CA SER B 354 -4.65 -11.71 -23.41
C SER B 354 -3.23 -11.27 -23.67
N GLU B 355 -2.59 -11.79 -24.70
CA GLU B 355 -1.23 -11.38 -24.98
C GLU B 355 -1.23 -10.04 -25.70
N TYR B 356 -1.81 -9.99 -26.90
CA TYR B 356 -1.61 -8.85 -27.77
C TYR B 356 -2.40 -7.64 -27.29
N TYR B 357 -3.69 -7.82 -27.06
CA TYR B 357 -4.58 -6.70 -26.79
C TYR B 357 -4.33 -6.11 -25.42
N SER B 358 -4.17 -4.79 -25.36
CA SER B 358 -4.12 -4.11 -24.07
C SER B 358 -5.51 -3.86 -23.52
N ARG B 359 -6.39 -3.30 -24.33
CA ARG B 359 -7.79 -3.12 -24.00
C ARG B 359 -8.61 -3.86 -25.04
N ILE B 360 -9.79 -4.35 -24.67
CA ILE B 360 -10.73 -4.74 -25.71
C ILE B 360 -12.14 -4.67 -25.16
N THR B 361 -13.08 -4.29 -26.02
CA THR B 361 -14.44 -4.04 -25.59
C THR B 361 -15.21 -5.35 -25.58
N LEU B 362 -15.99 -5.57 -24.51
CA LEU B 362 -16.62 -6.87 -24.34
C LEU B 362 -17.40 -7.30 -25.55
N LEU B 363 -17.92 -6.35 -26.31
CA LEU B 363 -18.57 -6.72 -27.56
C LEU B 363 -17.59 -7.48 -28.44
N ARG B 364 -16.55 -6.79 -28.89
CA ARG B 364 -15.58 -7.41 -29.80
C ARG B 364 -15.01 -8.68 -29.23
N LEU B 365 -14.81 -8.73 -27.91
CA LEU B 365 -14.28 -9.94 -27.33
C LEU B 365 -15.28 -11.08 -27.43
N ASN B 366 -16.56 -10.79 -27.23
CA ASN B 366 -17.57 -11.82 -27.47
C ASN B 366 -17.52 -12.29 -28.91
N GLU B 367 -17.44 -11.35 -29.84
CA GLU B 367 -17.41 -11.70 -31.25
C GLU B 367 -16.25 -12.63 -31.55
N LEU B 368 -15.05 -12.26 -31.08
CA LEU B 368 -13.87 -13.08 -31.36
C LEU B 368 -13.98 -14.44 -30.70
N LEU B 369 -14.56 -14.51 -29.52
CA LEU B 369 -14.75 -15.80 -28.91
C LEU B 369 -15.99 -16.50 -29.39
N ASP B 370 -16.92 -15.76 -30.00
CA ASP B 370 -18.20 -16.29 -30.43
C ASP B 370 -18.94 -16.92 -29.24
N LEU B 371 -19.37 -16.03 -28.36
CA LEU B 371 -20.09 -16.44 -27.16
C LEU B 371 -21.10 -15.37 -26.79
N THR B 372 -22.03 -15.76 -25.94
CA THR B 372 -22.84 -14.78 -25.26
C THR B 372 -22.01 -14.10 -24.17
N GLU B 373 -22.49 -12.95 -23.74
CA GLU B 373 -21.70 -12.09 -22.87
C GLU B 373 -21.44 -12.74 -21.52
N SER B 374 -22.51 -13.11 -20.82
CA SER B 374 -22.37 -13.67 -19.48
C SER B 374 -21.42 -14.87 -19.47
N GLN B 375 -21.49 -15.70 -20.51
CA GLN B 375 -20.43 -16.68 -20.71
C GLN B 375 -19.06 -16.03 -20.60
N THR B 376 -18.79 -15.07 -21.48
CA THR B 376 -17.47 -14.44 -21.49
C THR B 376 -17.03 -14.06 -20.10
N GLU B 377 -17.89 -13.38 -19.34
CA GLU B 377 -17.50 -13.06 -17.98
C GLU B 377 -17.23 -14.31 -17.17
N THR B 378 -17.93 -15.40 -17.46
CA THR B 378 -17.68 -16.62 -16.71
C THR B 378 -16.32 -17.20 -17.02
N TYR B 379 -15.95 -17.25 -18.29
CA TYR B 379 -14.63 -17.77 -18.64
C TYR B 379 -13.53 -16.87 -18.13
N ILE B 380 -13.66 -15.56 -18.32
CA ILE B 380 -12.66 -14.65 -17.78
C ILE B 380 -12.50 -14.90 -16.28
N SER B 381 -13.62 -15.01 -15.57
CA SER B 381 -13.55 -15.32 -14.15
C SER B 381 -12.77 -16.60 -13.90
N ASP B 382 -13.01 -17.62 -14.72
CA ASP B 382 -12.36 -18.90 -14.50
C ASP B 382 -10.86 -18.79 -14.69
N LEU B 383 -10.43 -18.22 -15.82
CA LEU B 383 -9.00 -18.11 -16.08
C LEU B 383 -8.31 -17.26 -15.03
N VAL B 384 -8.91 -16.13 -14.65
CA VAL B 384 -8.22 -15.26 -13.72
C VAL B 384 -8.14 -15.91 -12.34
N ASN B 385 -9.18 -16.64 -11.95
CA ASN B 385 -9.09 -17.41 -10.72
C ASN B 385 -7.95 -18.41 -10.81
N GLN B 386 -7.72 -18.98 -11.99
CA GLN B 386 -6.63 -19.91 -12.18
C GLN B 386 -5.28 -19.23 -12.18
N GLY B 387 -5.25 -17.90 -12.19
CA GLY B 387 -3.99 -17.23 -12.31
C GLY B 387 -3.34 -17.38 -13.67
N ILE B 388 -4.10 -17.79 -14.68
CA ILE B 388 -3.50 -18.01 -15.98
C ILE B 388 -3.29 -16.69 -16.72
N ILE B 389 -4.29 -15.83 -16.73
CA ILE B 389 -4.22 -14.56 -17.41
C ILE B 389 -4.43 -13.47 -16.37
N TYR B 390 -4.04 -12.25 -16.70
CA TYR B 390 -4.37 -11.11 -15.87
C TYR B 390 -5.27 -10.21 -16.68
N ALA B 391 -6.54 -10.16 -16.29
CA ALA B 391 -7.51 -9.31 -16.96
C ALA B 391 -8.32 -8.60 -15.91
N LYS B 392 -8.76 -7.40 -16.22
CA LYS B 392 -9.60 -6.65 -15.29
C LYS B 392 -10.80 -6.17 -16.09
N VAL B 393 -11.95 -6.73 -15.79
CA VAL B 393 -13.16 -6.37 -16.51
C VAL B 393 -13.66 -5.05 -15.97
N ASN B 394 -13.93 -4.11 -16.87
CA ASN B 394 -14.67 -2.92 -16.49
C ASN B 394 -16.12 -3.27 -16.73
N ARG B 395 -16.84 -3.47 -15.66
CA ARG B 395 -18.05 -4.27 -15.79
C ARG B 395 -19.17 -3.60 -16.56
N PRO B 396 -19.48 -2.32 -16.36
CA PRO B 396 -20.69 -1.80 -17.01
C PRO B 396 -20.56 -1.72 -18.52
N ALA B 397 -20.69 -2.89 -19.16
CA ALA B 397 -20.79 -3.04 -20.63
C ALA B 397 -19.61 -2.39 -21.33
N LYS B 398 -18.41 -2.74 -20.89
CA LYS B 398 -17.23 -1.97 -21.26
C LYS B 398 -16.03 -2.89 -21.29
N ILE B 399 -14.86 -2.27 -21.28
CA ILE B 399 -13.62 -2.88 -21.69
C ILE B 399 -13.14 -3.90 -20.66
N VAL B 400 -12.40 -4.87 -21.13
CA VAL B 400 -11.46 -5.60 -20.29
C VAL B 400 -10.07 -5.08 -20.57
N ASN B 401 -9.26 -5.04 -19.53
CA ASN B 401 -7.93 -4.47 -19.58
C ASN B 401 -6.92 -5.57 -19.24
N PHE B 402 -6.12 -5.97 -20.22
CA PHE B 402 -5.18 -7.06 -20.02
C PHE B 402 -3.78 -6.59 -19.67
N GLU B 403 -3.58 -5.30 -19.49
CA GLU B 403 -2.25 -4.81 -19.17
C GLU B 403 -1.98 -4.95 -17.68
N LYS B 404 -0.95 -5.70 -17.34
CA LYS B 404 -0.58 -5.81 -15.94
C LYS B 404 0.02 -4.48 -15.50
N PRO B 405 -0.61 -3.74 -14.60
CA PRO B 405 -0.14 -2.38 -14.31
C PRO B 405 1.24 -2.42 -13.67
N LYS B 406 2.16 -1.65 -14.24
CA LYS B 406 3.49 -1.53 -13.69
C LYS B 406 3.55 -0.31 -12.78
N ASN B 407 4.22 -0.46 -11.65
CA ASN B 407 4.54 0.69 -10.83
C ASN B 407 5.37 1.65 -11.66
N SER B 408 4.98 2.93 -11.66
CA SER B 408 5.61 3.87 -12.57
C SER B 408 7.12 3.84 -12.47
N SER B 409 7.66 3.60 -11.26
CA SER B 409 9.10 3.44 -11.14
C SER B 409 9.59 2.22 -11.89
N GLN B 410 8.75 1.20 -12.04
CA GLN B 410 9.15 0.04 -12.82
C GLN B 410 9.23 0.39 -14.30
N LEU B 411 8.23 1.12 -14.80
CA LEU B 411 8.32 1.65 -16.16
C LEU B 411 9.59 2.45 -16.35
N LEU B 412 9.92 3.29 -15.38
CA LEU B 412 11.17 4.01 -15.46
C LEU B 412 12.32 3.04 -15.62
N ASN B 413 12.57 2.21 -14.60
CA ASN B 413 13.73 1.33 -14.64
C ASN B 413 13.79 0.54 -15.94
N GLU B 414 12.65 0.35 -16.60
CA GLU B 414 12.72 -0.12 -17.98
C GLU B 414 13.39 0.92 -18.86
N TRP B 415 12.83 2.12 -18.89
CA TRP B 415 13.29 3.10 -19.87
C TRP B 415 14.73 3.53 -19.64
N SER B 416 15.16 3.63 -18.38
CA SER B 416 16.56 3.92 -18.13
C SER B 416 17.44 2.91 -18.85
N HIS B 417 17.17 1.62 -18.67
CA HIS B 417 17.99 0.63 -19.37
C HIS B 417 17.95 0.87 -20.86
N ASN B 418 16.76 0.97 -21.44
CA ASN B 418 16.69 1.17 -22.89
C ASN B 418 17.62 2.28 -23.34
N VAL B 419 17.58 3.42 -22.65
CA VAL B 419 18.54 4.48 -22.95
C VAL B 419 19.95 3.94 -22.86
N ASP B 420 20.24 3.19 -21.82
CA ASP B 420 21.61 2.75 -21.66
C ASP B 420 22.10 1.91 -22.82
N GLU B 421 21.41 0.80 -23.13
CA GLU B 421 21.89 -0.01 -24.24
C GLU B 421 21.93 0.79 -25.53
N LEU B 422 21.05 1.78 -25.68
CA LEU B 422 21.20 2.70 -26.79
C LEU B 422 22.61 3.26 -26.82
N LEU B 423 23.03 3.87 -25.72
CA LEU B 423 24.35 4.49 -25.70
C LEU B 423 25.44 3.48 -25.98
N GLU B 424 25.35 2.31 -25.36
CA GLU B 424 26.39 1.32 -25.61
C GLU B 424 26.48 0.99 -27.09
N HIS B 425 25.34 0.88 -27.76
CA HIS B 425 25.36 0.58 -29.19
C HIS B 425 26.02 1.69 -29.98
N ILE B 426 25.62 2.95 -29.74
CA ILE B 426 26.26 4.00 -30.55
C ILE B 426 27.75 4.03 -30.29
N GLU B 427 28.18 3.64 -29.09
CA GLU B 427 29.61 3.53 -28.83
C GLU B 427 30.25 2.51 -29.75
N THR B 428 29.72 1.29 -29.75
CA THR B 428 30.27 0.26 -30.62
C THR B 428 30.25 0.71 -32.06
N ILE B 429 29.20 1.43 -32.47
CA ILE B 429 29.18 1.97 -33.82
C ILE B 429 30.31 2.94 -34.01
N GLY B 430 30.73 3.62 -32.95
CA GLY B 430 31.87 4.49 -33.08
C GLY B 430 33.15 3.73 -33.35
N HIS B 431 33.53 2.82 -32.45
CA HIS B 431 34.73 2.04 -32.69
C HIS B 431 34.68 1.37 -34.04
N LEU B 432 33.71 0.51 -34.21
CA LEU B 432 33.59 -0.29 -35.41
C LEU B 432 33.31 0.56 -36.64
N ILE B 433 33.02 1.85 -36.46
CA ILE B 433 32.91 2.74 -37.61
C ILE B 433 34.24 3.42 -37.92
N THR B 434 35.18 3.39 -36.98
CA THR B 434 36.53 3.80 -37.32
C THR B 434 37.30 2.67 -37.98
N LYS B 435 37.07 1.44 -37.52
CA LYS B 435 37.88 0.32 -37.99
C LYS B 435 37.94 0.24 -39.51
N GLU B 436 36.81 0.41 -40.18
CA GLU B 436 36.83 0.26 -41.62
C GLU B 436 37.35 1.50 -42.32
N GLU B 437 37.39 2.64 -41.63
CA GLU B 437 38.24 3.72 -42.09
C GLU B 437 39.69 3.27 -42.14
N ILE B 438 40.14 2.57 -41.09
CA ILE B 438 41.47 1.98 -41.15
C ILE B 438 41.56 1.01 -42.33
N MET B 439 40.51 0.23 -42.58
CA MET B 439 40.47 -0.55 -43.80
C MET B 439 40.68 0.33 -45.02
N HIS B 440 39.95 1.43 -45.10
CA HIS B 440 39.90 2.21 -46.32
C HIS B 440 39.39 3.62 -46.10
N GLN C 54 -44.13 -52.77 56.18
CA GLN C 54 -42.93 -51.96 56.35
C GLN C 54 -42.80 -51.01 55.17
N GLU C 55 -42.31 -51.51 54.03
CA GLU C 55 -42.34 -50.72 52.81
C GLU C 55 -43.71 -50.76 52.15
N THR C 56 -44.42 -51.88 52.27
CA THR C 56 -45.59 -52.14 51.43
C THR C 56 -46.79 -51.26 51.76
N SER C 57 -46.89 -50.76 52.99
CA SER C 57 -48.04 -49.94 53.36
C SER C 57 -47.97 -48.55 52.73
N ILE C 58 -46.83 -47.89 52.88
CA ILE C 58 -46.70 -46.48 52.52
C ILE C 58 -45.51 -46.30 51.60
N LEU C 59 -44.31 -46.67 52.08
CA LEU C 59 -43.08 -46.49 51.33
C LEU C 59 -43.14 -47.11 49.94
N GLU C 60 -43.91 -48.18 49.77
CA GLU C 60 -44.08 -48.73 48.42
C GLU C 60 -45.00 -47.84 47.58
N LEU C 61 -46.00 -47.23 48.20
CA LEU C 61 -46.80 -46.23 47.49
C LEU C 61 -46.01 -44.94 47.27
N GLY C 62 -45.40 -44.41 48.33
CA GLY C 62 -44.54 -43.24 48.18
C GLY C 62 -43.46 -43.43 47.14
N GLN C 63 -43.01 -44.68 46.95
CA GLN C 63 -42.16 -45.02 45.81
C GLN C 63 -42.95 -45.12 44.53
N LEU C 64 -44.22 -45.52 44.59
CA LEU C 64 -45.07 -45.58 43.40
C LEU C 64 -45.32 -44.20 42.82
N TYR C 65 -45.23 -43.15 43.62
CA TYR C 65 -45.35 -41.81 43.07
C TYR C 65 -44.20 -41.47 42.12
N VAL C 66 -43.04 -42.10 42.27
CA VAL C 66 -41.99 -41.93 41.28
C VAL C 66 -42.48 -42.37 39.91
N THR C 67 -43.38 -43.35 39.86
CA THR C 67 -44.07 -43.66 38.61
C THR C 67 -45.20 -42.67 38.35
N MET C 68 -45.86 -42.17 39.40
CA MET C 68 -46.89 -41.15 39.19
C MET C 68 -46.32 -39.92 38.52
N GLY C 69 -45.23 -39.38 39.05
CA GLY C 69 -44.58 -38.27 38.40
C GLY C 69 -45.08 -36.89 38.79
N ALA C 70 -46.00 -36.80 39.73
CA ALA C 70 -46.51 -35.49 40.11
C ALA C 70 -45.44 -34.71 40.86
N LYS C 71 -45.11 -33.53 40.32
CA LYS C 71 -43.99 -32.77 40.88
C LYS C 71 -44.25 -32.36 42.32
N ASP C 72 -45.35 -31.63 42.56
CA ASP C 72 -45.71 -31.25 43.93
C ASP C 72 -45.66 -32.44 44.88
N LYS C 73 -46.12 -33.60 44.42
CA LYS C 73 -45.93 -34.82 45.21
C LYS C 73 -44.47 -35.19 45.31
N LEU C 74 -43.80 -35.39 44.17
CA LEU C 74 -42.42 -35.87 44.18
C LEU C 74 -41.48 -34.91 44.90
N ARG C 75 -41.87 -33.64 44.98
CA ARG C 75 -41.05 -32.67 45.71
C ARG C 75 -41.07 -32.97 47.20
N GLU C 76 -42.10 -33.68 47.67
CA GLU C 76 -42.34 -33.79 49.10
C GLU C 76 -41.86 -35.10 49.69
N PHE C 77 -41.34 -36.03 48.86
CA PHE C 77 -41.10 -37.38 49.37
C PHE C 77 -39.74 -37.53 50.03
N ILE C 78 -38.85 -36.55 49.86
CA ILE C 78 -37.76 -36.39 50.84
C ILE C 78 -38.31 -35.78 52.13
N PRO C 79 -39.10 -34.71 52.11
CA PRO C 79 -39.82 -34.33 53.33
C PRO C 79 -40.62 -35.48 53.93
N HIS C 80 -41.39 -36.22 53.11
CA HIS C 80 -41.99 -37.45 53.60
C HIS C 80 -40.93 -38.38 54.17
N SER C 81 -39.79 -38.51 53.47
CA SER C 81 -38.76 -39.47 53.87
C SER C 81 -38.25 -39.17 55.27
N THR C 82 -38.38 -37.92 55.71
CA THR C 82 -38.09 -37.61 57.11
C THR C 82 -39.00 -38.40 58.05
N GLU C 83 -40.30 -38.45 57.75
CA GLU C 83 -41.20 -39.25 58.56
C GLU C 83 -40.97 -40.74 58.35
N TYR C 84 -40.70 -41.16 57.12
CA TYR C 84 -40.42 -42.57 56.88
C TYR C 84 -39.26 -43.06 57.71
N MET C 85 -38.19 -42.27 57.81
CA MET C 85 -37.05 -42.64 58.65
C MET C 85 -37.49 -42.88 60.09
N MET C 86 -38.49 -42.14 60.56
CA MET C 86 -39.02 -42.35 61.90
C MET C 86 -39.85 -43.63 61.95
N GLN C 87 -40.52 -43.96 60.85
CA GLN C 87 -41.42 -45.12 60.86
C GLN C 87 -40.64 -46.43 60.77
N PHE C 88 -39.68 -46.51 59.84
CA PHE C 88 -38.99 -47.79 59.58
C PHE C 88 -37.77 -47.96 60.48
N ALA C 89 -37.37 -46.90 61.17
CA ALA C 89 -36.42 -46.88 62.30
C ALA C 89 -34.95 -46.99 61.91
N LYS C 90 -34.60 -47.34 60.67
CA LYS C 90 -33.20 -47.42 60.26
C LYS C 90 -32.71 -46.03 59.88
N SER C 91 -31.56 -45.65 60.43
CA SER C 91 -30.91 -44.39 60.09
C SER C 91 -30.13 -44.47 58.79
N LYS C 92 -29.99 -45.66 58.20
CA LYS C 92 -29.33 -45.77 56.92
C LYS C 92 -30.21 -45.29 55.77
N THR C 93 -31.48 -44.99 56.05
CA THR C 93 -32.36 -44.48 55.01
C THR C 93 -31.85 -43.17 54.42
N VAL C 94 -30.87 -42.54 55.07
CA VAL C 94 -30.24 -41.36 54.51
C VAL C 94 -29.48 -41.72 53.24
N LYS C 95 -28.95 -42.94 53.17
CA LYS C 95 -28.15 -43.34 52.02
C LYS C 95 -29.02 -43.74 50.85
N VAL C 96 -30.10 -44.51 51.11
CA VAL C 96 -31.05 -44.81 50.05
C VAL C 96 -31.84 -43.57 49.70
N LEU C 97 -31.79 -42.55 50.57
CA LEU C 97 -32.37 -41.25 50.22
C LEU C 97 -31.59 -40.60 49.08
N LYS C 98 -30.27 -40.85 49.02
CA LYS C 98 -29.50 -40.33 47.90
C LYS C 98 -29.90 -40.99 46.59
N THR C 99 -30.15 -42.30 46.62
CA THR C 99 -30.72 -42.96 45.45
C THR C 99 -32.12 -42.44 45.16
N LEU C 100 -32.84 -42.04 46.20
CA LEU C 100 -34.13 -41.38 46.01
C LEU C 100 -33.92 -40.00 45.40
N ILE C 101 -32.90 -39.27 45.86
CA ILE C 101 -32.50 -38.04 45.20
C ILE C 101 -32.29 -38.28 43.72
N GLU C 102 -31.63 -39.40 43.39
CA GLU C 102 -31.48 -39.81 41.99
C GLU C 102 -32.84 -40.01 41.33
N LYS C 103 -33.78 -40.61 42.07
CA LYS C 103 -35.12 -40.86 41.53
C LYS C 103 -35.80 -39.56 41.14
N PHE C 104 -35.67 -38.52 41.97
CA PHE C 104 -36.33 -37.27 41.62
C PHE C 104 -35.51 -36.45 40.64
N GLU C 105 -34.20 -36.71 40.54
CA GLU C 105 -33.37 -35.86 39.69
C GLU C 105 -33.22 -36.46 38.30
N GLN C 106 -33.74 -37.68 38.09
CA GLN C 106 -33.91 -38.13 36.72
C GLN C 106 -35.20 -37.59 36.11
N VAL C 107 -36.13 -37.17 36.96
CA VAL C 107 -37.35 -36.47 36.57
C VAL C 107 -36.94 -35.24 35.77
N PRO C 108 -37.75 -34.77 34.82
CA PRO C 108 -37.40 -33.58 34.05
C PRO C 108 -36.99 -32.40 34.94
N ASP C 109 -36.17 -31.53 34.36
CA ASP C 109 -35.31 -30.61 35.10
C ASP C 109 -36.07 -29.61 35.96
N SER C 110 -37.34 -29.34 35.66
CA SER C 110 -38.06 -28.31 36.39
C SER C 110 -38.13 -28.61 37.89
N LEU C 111 -38.16 -29.89 38.25
CA LEU C 111 -38.15 -30.26 39.66
C LEU C 111 -36.74 -30.21 40.22
N ASP C 112 -35.73 -30.44 39.37
CA ASP C 112 -34.35 -30.50 39.84
C ASP C 112 -33.79 -29.11 40.07
N ASP C 113 -34.54 -28.08 39.68
CA ASP C 113 -34.00 -26.73 39.62
C ASP C 113 -33.94 -26.07 40.98
N GLN C 114 -35.05 -26.11 41.73
CA GLN C 114 -35.25 -25.16 42.82
C GLN C 114 -34.42 -25.52 44.05
N ILE C 115 -33.67 -26.62 43.97
CA ILE C 115 -32.58 -27.01 44.86
C ILE C 115 -33.07 -27.15 46.29
N PHE C 116 -34.40 -27.25 46.45
CA PHE C 116 -34.98 -27.21 47.78
C PHE C 116 -34.61 -28.47 48.55
N VAL C 117 -34.62 -29.63 47.88
CA VAL C 117 -34.19 -30.87 48.51
C VAL C 117 -32.80 -30.71 49.10
N CYS C 118 -31.87 -30.07 48.36
CA CYS C 118 -30.55 -29.83 48.92
C CYS C 118 -30.66 -29.05 50.21
N GLU C 119 -31.41 -27.94 50.20
CA GLU C 119 -31.72 -27.24 51.43
C GLU C 119 -32.25 -28.21 52.47
N LYS C 120 -33.28 -28.97 52.10
CA LYS C 120 -33.85 -29.96 53.01
C LYS C 120 -32.75 -30.84 53.58
N SER C 121 -31.89 -31.36 52.70
CA SER C 121 -30.77 -32.15 53.18
C SER C 121 -29.86 -31.32 54.07
N ILE C 122 -29.45 -30.13 53.59
CA ILE C 122 -28.64 -29.24 54.41
C ILE C 122 -29.31 -29.01 55.75
N GLU C 123 -30.64 -29.06 55.78
CA GLU C 123 -31.38 -29.10 57.04
C GLU C 123 -30.97 -30.31 57.88
N PHE C 124 -31.42 -31.49 57.46
CA PHE C 124 -31.14 -32.71 58.23
C PHE C 124 -29.76 -33.28 57.95
N ALA C 125 -29.42 -33.43 56.66
CA ALA C 125 -28.28 -34.26 56.26
C ALA C 125 -26.93 -33.62 56.60
N LYS C 126 -26.91 -32.36 57.02
CA LYS C 126 -25.66 -31.79 57.52
C LYS C 126 -25.29 -32.36 58.89
N ARG C 127 -26.27 -32.91 59.61
CA ARG C 127 -26.05 -33.37 60.96
C ARG C 127 -25.34 -34.72 61.03
N GLU C 128 -25.29 -35.49 59.94
CA GLU C 128 -24.73 -36.84 59.99
C GLU C 128 -23.31 -36.82 59.43
N LYS C 129 -22.34 -36.83 60.34
CA LYS C 129 -20.90 -37.01 60.10
C LYS C 129 -20.31 -35.98 59.13
N ARG C 130 -21.17 -35.13 58.57
CA ARG C 130 -20.74 -33.91 57.86
C ARG C 130 -19.66 -34.21 56.82
N VAL C 131 -19.70 -35.40 56.23
CA VAL C 131 -18.77 -35.71 55.15
C VAL C 131 -19.54 -36.28 53.96
N PHE C 132 -20.10 -37.48 54.13
CA PHE C 132 -20.71 -38.21 53.03
C PHE C 132 -21.96 -37.53 52.49
N LEU C 133 -22.42 -36.47 53.14
CA LEU C 133 -23.59 -35.75 52.65
C LEU C 133 -23.24 -34.35 52.17
N LYS C 134 -22.98 -33.43 53.10
CA LYS C 134 -22.96 -32.01 52.74
C LYS C 134 -21.90 -31.73 51.68
N HIS C 135 -20.86 -32.55 51.60
CA HIS C 135 -19.99 -32.47 50.43
C HIS C 135 -20.76 -32.81 49.15
N SER C 136 -21.35 -34.00 49.08
CA SER C 136 -22.10 -34.35 47.89
C SER C 136 -23.35 -33.50 47.75
N LEU C 137 -23.93 -33.07 48.88
CA LEU C 137 -25.06 -32.15 48.82
C LEU C 137 -24.65 -30.86 48.15
N SER C 138 -23.40 -30.45 48.36
CA SER C 138 -22.89 -29.21 47.79
C SER C 138 -22.51 -29.37 46.32
N ILE C 139 -21.97 -30.53 45.94
CA ILE C 139 -21.59 -30.69 44.54
C ILE C 139 -22.84 -30.92 43.68
N LYS C 140 -23.76 -31.78 44.13
CA LYS C 140 -25.03 -31.91 43.44
C LYS C 140 -25.78 -30.59 43.46
N LEU C 141 -25.72 -29.89 44.58
CA LEU C 141 -26.15 -28.50 44.62
C LEU C 141 -25.66 -27.72 43.41
N ALA C 142 -24.35 -27.51 43.32
CA ALA C 142 -23.82 -26.57 42.33
C ALA C 142 -24.07 -27.06 40.90
N THR C 143 -24.10 -28.38 40.70
CA THR C 143 -24.50 -28.88 39.39
C THR C 143 -25.93 -28.46 39.08
N LEU C 144 -26.84 -28.68 40.02
CA LEU C 144 -28.23 -28.29 39.81
C LEU C 144 -28.35 -26.78 39.61
N HIS C 145 -27.37 -26.02 40.12
CA HIS C 145 -27.24 -24.63 39.69
C HIS C 145 -26.92 -24.53 38.22
N TYR C 146 -25.87 -25.21 37.76
CA TYR C 146 -25.52 -25.11 36.35
C TYR C 146 -26.67 -25.51 35.43
N GLN C 147 -27.61 -26.32 35.92
CA GLN C 147 -28.72 -26.74 35.07
C GLN C 147 -29.48 -25.56 34.47
N LYS C 148 -29.71 -24.52 35.27
CA LYS C 148 -30.61 -23.44 34.85
C LYS C 148 -29.90 -22.26 34.22
N LYS C 149 -28.58 -22.31 34.05
CA LYS C 149 -27.79 -21.11 33.81
C LYS C 149 -27.93 -20.13 34.98
N GLN C 150 -28.34 -20.64 36.13
CA GLN C 150 -28.39 -19.89 37.38
C GLN C 150 -27.10 -20.01 38.15
N TYR C 151 -26.08 -20.61 37.54
CA TYR C 151 -24.86 -21.01 38.23
C TYR C 151 -24.08 -19.84 38.82
N LYS C 152 -24.54 -18.62 38.60
CA LYS C 152 -24.14 -17.54 39.50
C LYS C 152 -24.35 -17.97 40.96
N ASP C 153 -25.41 -18.74 41.22
CA ASP C 153 -25.59 -19.33 42.53
C ASP C 153 -24.51 -20.36 42.84
N SER C 154 -23.95 -21.01 41.83
CA SER C 154 -22.75 -21.82 42.06
C SER C 154 -21.48 -21.04 41.77
N LEU C 155 -21.57 -19.83 41.25
CA LEU C 155 -20.46 -18.90 41.45
C LEU C 155 -20.25 -18.72 42.95
N ALA C 156 -21.32 -18.35 43.65
CA ALA C 156 -21.30 -18.26 45.10
C ALA C 156 -20.91 -19.59 45.74
N LEU C 157 -21.77 -20.60 45.59
CA LEU C 157 -21.64 -21.80 46.39
C LEU C 157 -20.54 -22.73 45.90
N ILE C 158 -20.07 -22.54 44.66
CA ILE C 158 -18.83 -23.17 44.25
C ILE C 158 -17.63 -22.46 44.86
N ASN C 159 -17.59 -21.13 44.73
CA ASN C 159 -16.48 -20.40 45.34
C ASN C 159 -16.43 -20.59 46.85
N ASP C 160 -17.53 -21.06 47.46
CA ASP C 160 -17.46 -21.66 48.79
C ASP C 160 -17.03 -23.12 48.71
N LEU C 161 -17.45 -23.82 47.66
CA LEU C 161 -17.22 -25.26 47.55
C LEU C 161 -15.74 -25.59 47.42
N LEU C 162 -14.90 -24.61 47.08
CA LEU C 162 -13.47 -24.80 46.93
C LEU C 162 -12.88 -25.39 48.20
N ARG C 163 -12.81 -24.59 49.25
CA ARG C 163 -12.38 -25.09 50.55
C ARG C 163 -13.49 -25.77 51.31
N GLU C 164 -14.72 -25.76 50.81
CA GLU C 164 -15.75 -26.63 51.36
C GLU C 164 -15.38 -28.09 51.16
N PHE C 165 -14.91 -28.45 49.97
CA PHE C 165 -14.34 -29.78 49.78
C PHE C 165 -12.94 -29.88 50.36
N LYS C 166 -12.10 -28.87 50.11
CA LYS C 166 -10.73 -28.97 50.58
C LYS C 166 -10.61 -28.92 52.10
N LYS C 167 -11.71 -28.70 52.83
CA LYS C 167 -11.61 -28.68 54.29
C LYS C 167 -11.71 -30.08 54.88
N LEU C 168 -12.86 -30.75 54.72
CA LEU C 168 -13.10 -32.06 55.31
C LEU C 168 -12.73 -33.19 54.36
N ASP C 169 -12.13 -32.87 53.22
CA ASP C 169 -11.42 -33.84 52.38
C ASP C 169 -12.36 -34.92 51.84
N ASP C 170 -13.18 -34.50 50.89
CA ASP C 170 -13.71 -35.41 49.89
C ASP C 170 -12.86 -35.18 48.65
N LYS C 171 -11.93 -36.11 48.40
CA LYS C 171 -11.01 -35.93 47.27
C LYS C 171 -11.69 -36.11 45.93
N PRO C 172 -12.36 -37.24 45.65
CA PRO C 172 -12.80 -37.50 44.27
C PRO C 172 -13.73 -36.46 43.69
N SER C 173 -14.30 -35.58 44.51
CA SER C 173 -15.25 -34.62 43.99
C SER C 173 -14.60 -33.43 43.30
N LEU C 174 -13.27 -33.27 43.41
CA LEU C 174 -12.63 -32.03 42.94
C LEU C 174 -12.46 -32.00 41.42
N VAL C 175 -12.14 -33.14 40.81
CA VAL C 175 -12.15 -33.17 39.35
C VAL C 175 -13.52 -32.77 38.85
N ASP C 176 -14.57 -33.17 39.55
CA ASP C 176 -15.91 -32.68 39.22
C ASP C 176 -16.04 -31.20 39.55
N VAL C 177 -15.26 -30.69 40.49
CA VAL C 177 -15.32 -29.27 40.80
C VAL C 177 -14.78 -28.45 39.65
N HIS C 178 -13.69 -28.92 39.04
CA HIS C 178 -13.15 -28.18 37.90
C HIS C 178 -13.94 -28.48 36.62
N LEU C 179 -14.59 -29.63 36.57
CA LEU C 179 -15.59 -29.92 35.55
C LEU C 179 -16.67 -28.85 35.60
N LEU C 180 -17.39 -28.83 36.71
CA LEU C 180 -18.43 -27.84 36.92
C LEU C 180 -17.88 -26.43 36.83
N GLU C 181 -16.57 -26.26 36.97
CA GLU C 181 -15.93 -25.00 36.64
C GLU C 181 -15.85 -24.81 35.13
N SER C 182 -15.82 -25.90 34.38
CA SER C 182 -15.87 -25.77 32.92
C SER C 182 -17.27 -25.39 32.48
N LYS C 183 -18.28 -26.07 33.00
CA LYS C 183 -19.62 -25.77 32.52
C LYS C 183 -20.14 -24.46 33.10
N VAL C 184 -20.02 -24.29 34.41
CA VAL C 184 -20.32 -23.02 35.06
C VAL C 184 -19.42 -21.92 34.50
N TYR C 185 -18.12 -22.01 34.78
CA TYR C 185 -17.20 -20.94 34.43
C TYR C 185 -17.08 -20.74 32.93
N HIS C 186 -16.73 -21.80 32.21
CA HIS C 186 -16.47 -21.70 30.78
C HIS C 186 -17.62 -21.06 30.03
N LYS C 187 -18.84 -21.20 30.53
CA LYS C 187 -20.00 -20.57 29.92
C LYS C 187 -20.37 -19.24 30.57
N LEU C 188 -19.62 -18.82 31.58
CA LEU C 188 -19.62 -17.42 32.01
C LEU C 188 -19.05 -16.50 30.95
N ARG C 189 -18.58 -17.05 29.84
CA ARG C 189 -18.07 -16.40 28.64
C ARG C 189 -16.62 -16.01 28.78
N ASN C 190 -16.02 -16.18 29.95
CA ASN C 190 -14.61 -15.92 30.15
C ASN C 190 -13.83 -17.24 30.16
N LEU C 191 -12.75 -17.28 29.41
CA LEU C 191 -11.90 -18.48 29.29
C LEU C 191 -10.67 -18.41 30.19
N ALA C 192 -10.49 -17.33 30.93
CA ALA C 192 -9.27 -17.07 31.69
C ALA C 192 -8.79 -18.28 32.48
N LYS C 193 -9.57 -18.71 33.46
CA LYS C 193 -9.17 -19.81 34.35
C LYS C 193 -9.74 -21.17 33.95
N SER C 194 -10.44 -21.26 32.81
CA SER C 194 -10.93 -22.56 32.36
C SER C 194 -9.77 -23.50 32.05
N LYS C 195 -8.78 -23.01 31.29
CA LYS C 195 -7.54 -23.73 31.03
C LYS C 195 -6.95 -24.31 32.31
N ALA C 196 -6.56 -23.42 33.23
CA ALA C 196 -5.97 -23.84 34.49
C ALA C 196 -6.84 -24.87 35.19
N SER C 197 -8.07 -24.49 35.54
CA SER C 197 -8.92 -25.35 36.34
C SER C 197 -9.07 -26.73 35.73
N LEU C 198 -9.35 -26.79 34.43
CA LEU C 198 -9.48 -28.10 33.81
C LEU C 198 -8.15 -28.85 33.77
N THR C 199 -7.02 -28.15 33.78
CA THR C 199 -5.77 -28.86 33.98
C THR C 199 -5.63 -29.35 35.41
N ALA C 200 -6.30 -28.72 36.37
CA ALA C 200 -6.31 -29.21 37.74
C ALA C 200 -7.21 -30.41 37.90
N ALA C 201 -8.29 -30.47 37.12
CA ALA C 201 -9.07 -31.71 37.05
C ALA C 201 -8.28 -32.81 36.35
N ARG C 202 -7.59 -32.46 35.27
CA ARG C 202 -6.74 -33.43 34.58
C ARG C 202 -5.71 -34.03 35.54
N THR C 203 -4.91 -33.18 36.17
CA THR C 203 -3.90 -33.67 37.10
C THR C 203 -4.53 -34.42 38.26
N ALA C 204 -5.61 -33.86 38.83
CA ALA C 204 -6.23 -34.49 39.99
C ALA C 204 -6.80 -35.86 39.66
N ALA C 205 -7.17 -36.09 38.39
CA ALA C 205 -7.69 -37.39 38.00
C ALA C 205 -6.66 -38.51 38.12
N ASN C 206 -5.39 -38.17 38.30
CA ASN C 206 -4.38 -39.18 38.56
C ASN C 206 -4.39 -39.63 40.02
N SER C 207 -5.02 -38.84 40.90
CA SER C 207 -5.30 -39.23 42.27
C SER C 207 -6.79 -39.46 42.47
N ILE C 208 -7.60 -38.43 42.28
CA ILE C 208 -9.05 -38.59 42.19
C ILE C 208 -9.37 -39.67 41.19
N TYR C 209 -10.20 -40.62 41.59
CA TYR C 209 -10.66 -41.69 40.71
C TYR C 209 -12.18 -41.69 40.73
N CYS C 210 -12.77 -41.37 39.60
CA CYS C 210 -14.17 -40.98 39.48
C CYS C 210 -14.83 -41.77 38.34
N PRO C 211 -16.16 -41.84 38.34
CA PRO C 211 -16.85 -42.59 37.27
C PRO C 211 -16.40 -42.15 35.89
N THR C 212 -16.09 -43.13 35.04
CA THR C 212 -15.39 -42.87 33.79
C THR C 212 -16.10 -41.83 32.92
N GLN C 213 -17.42 -41.68 33.11
CA GLN C 213 -18.12 -40.58 32.45
C GLN C 213 -17.48 -39.23 32.77
N THR C 214 -16.92 -39.11 33.97
CA THR C 214 -16.23 -37.88 34.35
C THR C 214 -14.98 -37.69 33.51
N VAL C 215 -14.19 -38.74 33.34
CA VAL C 215 -13.04 -38.67 32.45
C VAL C 215 -13.50 -38.27 31.06
N ALA C 216 -14.65 -38.80 30.64
CA ALA C 216 -15.20 -38.41 29.34
C ALA C 216 -15.50 -36.93 29.31
N GLU C 217 -15.87 -36.34 30.44
CA GLU C 217 -16.05 -34.89 30.47
C GLU C 217 -14.72 -34.16 30.49
N LEU C 218 -13.67 -34.80 31.02
CA LEU C 218 -12.35 -34.18 31.00
C LEU C 218 -11.82 -34.09 29.58
N ASP C 219 -11.83 -35.22 28.87
CA ASP C 219 -11.40 -35.24 27.48
C ASP C 219 -12.34 -34.39 26.63
N LEU C 220 -13.65 -34.56 26.81
CA LEU C 220 -14.65 -33.79 26.09
C LEU C 220 -14.37 -32.31 26.24
N MET C 221 -14.55 -31.79 27.45
CA MET C 221 -14.34 -30.37 27.69
C MET C 221 -12.94 -29.93 27.31
N SER C 222 -11.98 -30.85 27.21
CA SER C 222 -10.71 -30.49 26.61
C SER C 222 -10.91 -30.13 25.14
N GLY C 223 -11.58 -31.01 24.40
CA GLY C 223 -11.92 -30.68 23.02
C GLY C 223 -12.70 -29.39 22.90
N ILE C 224 -13.66 -29.19 23.82
CA ILE C 224 -14.53 -28.02 23.73
C ILE C 224 -13.72 -26.75 23.99
N LEU C 225 -12.92 -26.75 25.06
CA LEU C 225 -12.12 -25.57 25.33
C LEU C 225 -11.20 -25.29 24.16
N HIS C 226 -10.69 -26.33 23.52
CA HIS C 226 -9.84 -26.08 22.36
C HIS C 226 -10.63 -25.75 21.09
N CYS C 227 -11.94 -25.91 21.11
CA CYS C 227 -12.75 -25.37 20.02
C CYS C 227 -12.97 -23.88 20.18
N GLU C 228 -12.70 -23.33 21.36
CA GLU C 228 -12.55 -21.89 21.47
C GLU C 228 -11.27 -21.43 20.79
N ASP C 229 -10.37 -22.36 20.52
CA ASP C 229 -9.12 -22.15 19.83
C ASP C 229 -9.23 -22.73 18.42
N LYS C 230 -8.10 -22.72 17.70
CA LYS C 230 -7.97 -23.29 16.37
C LYS C 230 -7.59 -24.76 16.41
N ASP C 231 -7.69 -25.38 17.57
CA ASP C 231 -7.16 -26.71 17.86
C ASP C 231 -8.01 -27.82 17.26
N TYR C 232 -8.94 -27.46 16.37
CA TYR C 232 -9.91 -28.41 15.82
C TYR C 232 -9.24 -29.71 15.39
N LYS C 233 -7.99 -29.63 14.94
CA LYS C 233 -7.19 -30.84 14.75
C LYS C 233 -7.10 -31.65 16.04
N THR C 234 -6.51 -31.07 17.08
CA THR C 234 -6.42 -31.76 18.36
C THR C 234 -7.79 -31.92 18.99
N ALA C 235 -8.64 -30.91 18.84
CA ALA C 235 -9.95 -30.94 19.47
C ALA C 235 -10.66 -32.25 19.21
N PHE C 236 -10.72 -32.65 17.93
CA PHE C 236 -11.31 -33.96 17.63
C PHE C 236 -10.57 -35.07 18.35
N SER C 237 -9.24 -35.00 18.41
CA SER C 237 -8.50 -36.03 19.13
C SER C 237 -8.98 -36.14 20.56
N TYR C 238 -9.57 -35.09 21.11
CA TYR C 238 -10.29 -35.23 22.36
C TYR C 238 -11.70 -35.81 22.16
N PHE C 239 -12.42 -35.33 21.14
CA PHE C 239 -13.84 -35.66 21.04
C PHE C 239 -14.06 -37.13 20.75
N PHE C 240 -13.19 -37.74 19.95
CA PHE C 240 -13.28 -39.15 19.67
C PHE C 240 -13.23 -39.96 20.96
N GLU C 241 -12.15 -39.80 21.73
CA GLU C 241 -12.04 -40.42 23.04
C GLU C 241 -13.31 -40.19 23.86
N SER C 242 -13.74 -38.94 23.92
CA SER C 242 -14.87 -38.59 24.78
C SER C 242 -16.12 -39.38 24.39
N PHE C 243 -16.48 -39.35 23.10
CA PHE C 243 -17.69 -40.04 22.67
C PHE C 243 -17.56 -41.54 22.82
N GLU C 244 -16.40 -42.10 22.46
CA GLU C 244 -16.22 -43.54 22.58
C GLU C 244 -16.41 -43.99 24.02
N SER C 245 -15.92 -43.19 24.97
CA SER C 245 -16.13 -43.50 26.37
C SER C 245 -17.62 -43.68 26.67
N TYR C 246 -18.46 -42.86 26.06
CA TYR C 246 -19.89 -43.03 26.30
C TYR C 246 -20.47 -44.18 25.50
N HIS C 247 -19.86 -44.51 24.36
CA HIS C 247 -20.47 -45.44 23.43
C HIS C 247 -20.87 -46.75 24.10
N ASN C 248 -20.18 -47.12 25.17
CA ASN C 248 -20.38 -48.39 25.85
C ASN C 248 -21.28 -48.28 27.08
N LEU C 249 -21.78 -47.09 27.40
CA LEU C 249 -22.38 -46.83 28.70
C LEU C 249 -23.90 -46.75 28.61
N THR C 250 -24.53 -46.40 29.74
CA THR C 250 -25.97 -46.47 29.89
C THR C 250 -26.66 -45.37 29.08
N THR C 251 -27.87 -45.69 28.60
CA THR C 251 -28.61 -44.87 27.65
C THR C 251 -28.64 -43.39 28.01
N HIS C 252 -29.36 -43.04 29.09
CA HIS C 252 -29.69 -41.64 29.37
C HIS C 252 -28.46 -40.75 29.29
N ASN C 253 -27.27 -41.31 29.52
CA ASN C 253 -26.02 -40.65 29.19
C ASN C 253 -25.56 -41.02 27.79
N SER C 254 -25.31 -42.31 27.54
CA SER C 254 -24.79 -42.75 26.25
C SER C 254 -25.77 -42.52 25.12
N TYR C 255 -26.98 -42.07 25.44
CA TYR C 255 -27.85 -41.51 24.42
C TYR C 255 -27.53 -40.04 24.17
N GLU C 256 -27.91 -39.17 25.11
CA GLU C 256 -27.72 -37.74 24.94
C GLU C 256 -26.26 -37.35 25.18
N LYS C 257 -25.77 -37.60 26.39
CA LYS C 257 -24.41 -37.22 26.77
C LYS C 257 -23.36 -37.89 25.88
N ALA C 258 -23.78 -38.83 25.03
CA ALA C 258 -22.93 -39.34 23.95
C ALA C 258 -23.20 -38.62 22.64
N CYS C 259 -24.42 -38.75 22.10
CA CYS C 259 -24.73 -38.16 20.80
C CYS C 259 -24.44 -36.67 20.77
N GLN C 260 -24.35 -36.03 21.94
CA GLN C 260 -23.91 -34.64 21.98
C GLN C 260 -22.56 -34.49 21.29
N VAL C 261 -21.66 -35.45 21.50
CA VAL C 261 -20.27 -35.26 21.09
C VAL C 261 -20.13 -35.40 19.58
N LEU C 262 -20.85 -36.33 18.98
CA LEU C 262 -20.70 -36.53 17.54
C LEU C 262 -20.89 -35.22 16.77
N LYS C 263 -21.79 -34.37 17.27
CA LYS C 263 -21.89 -33.02 16.76
C LYS C 263 -20.52 -32.37 16.73
N TYR C 264 -19.80 -32.45 17.84
CA TYR C 264 -18.55 -31.73 17.95
C TYR C 264 -17.48 -32.34 17.07
N MET C 265 -17.41 -33.67 17.02
CA MET C 265 -16.49 -34.30 16.08
C MET C 265 -16.74 -33.78 14.68
N LEU C 266 -18.01 -33.62 14.32
CA LEU C 266 -18.32 -33.15 12.98
C LEU C 266 -17.93 -31.68 12.80
N LEU C 267 -18.24 -30.83 13.77
CA LEU C 267 -17.76 -29.45 13.70
C LEU C 267 -16.27 -29.42 13.44
N SER C 268 -15.53 -30.25 14.17
CA SER C 268 -14.10 -30.39 13.96
C SER C 268 -13.83 -30.65 12.49
N LYS C 269 -14.29 -31.79 11.98
CA LYS C 269 -13.97 -32.18 10.62
C LYS C 269 -14.40 -31.11 9.61
N ILE C 270 -15.68 -30.77 9.62
CA ILE C 270 -16.28 -29.79 8.73
C ILE C 270 -15.42 -28.55 8.67
N MET C 271 -15.32 -27.85 9.80
CA MET C 271 -14.58 -26.61 9.87
C MET C 271 -13.10 -26.80 9.57
N LEU C 272 -12.62 -28.04 9.60
CA LEU C 272 -11.29 -28.36 9.09
C LEU C 272 -11.26 -28.61 7.60
N ASN C 273 -12.38 -28.43 6.90
CA ASN C 273 -12.55 -28.58 5.46
C ASN C 273 -12.56 -30.02 5.00
N LEU C 274 -12.36 -30.99 5.89
CA LEU C 274 -12.21 -32.38 5.47
C LEU C 274 -13.58 -33.06 5.49
N ILE C 275 -14.11 -33.33 4.31
CA ILE C 275 -15.36 -34.06 4.17
C ILE C 275 -15.12 -35.55 4.05
N ASP C 276 -13.86 -35.96 3.92
CA ASP C 276 -13.49 -37.37 3.84
C ASP C 276 -14.11 -38.10 5.02
N ASP C 277 -13.61 -37.78 6.21
CA ASP C 277 -14.03 -38.48 7.42
C ASP C 277 -15.52 -38.27 7.71
N VAL C 278 -16.12 -37.20 7.20
CA VAL C 278 -17.52 -36.89 7.49
C VAL C 278 -18.42 -37.98 6.95
N LYS C 279 -18.20 -38.37 5.70
CA LYS C 279 -18.83 -39.59 5.19
C LYS C 279 -18.59 -40.73 6.15
N ASN C 280 -17.33 -40.92 6.54
CA ASN C 280 -16.98 -41.93 7.53
C ASN C 280 -17.82 -41.80 8.79
N ILE C 281 -18.11 -40.57 9.21
CA ILE C 281 -18.86 -40.39 10.45
C ILE C 281 -20.26 -40.92 10.30
N LEU C 282 -20.83 -40.90 9.10
CA LEU C 282 -22.14 -41.52 8.92
C LEU C 282 -21.88 -42.97 8.54
N ASN C 283 -22.10 -43.85 9.51
CA ASN C 283 -21.91 -45.29 9.37
C ASN C 283 -22.81 -45.95 10.40
N ALA C 284 -23.20 -47.19 10.11
CA ALA C 284 -24.11 -47.91 10.99
C ALA C 284 -23.58 -48.02 12.42
N LYS C 285 -22.27 -47.87 12.62
CA LYS C 285 -21.72 -47.92 13.96
C LYS C 285 -21.87 -46.58 14.67
N TYR C 286 -21.60 -45.49 13.97
CA TYR C 286 -21.61 -44.18 14.63
C TYR C 286 -23.02 -43.64 14.79
N THR C 287 -23.84 -43.76 13.76
CA THR C 287 -25.13 -43.10 13.74
C THR C 287 -26.27 -44.05 13.40
N LYS C 288 -26.20 -44.67 12.22
CA LYS C 288 -27.33 -45.41 11.67
C LYS C 288 -27.75 -46.60 12.52
N GLU C 289 -27.00 -46.95 13.57
CA GLU C 289 -27.54 -47.92 14.52
C GLU C 289 -28.83 -47.39 15.14
N THR C 290 -28.77 -46.19 15.70
CA THR C 290 -29.94 -45.48 16.19
C THR C 290 -29.92 -44.02 15.76
N TYR C 291 -28.86 -43.30 16.13
CA TYR C 291 -28.91 -41.85 16.32
C TYR C 291 -29.23 -41.05 15.07
N GLN C 292 -29.30 -41.67 13.90
CA GLN C 292 -29.95 -40.96 12.80
C GLN C 292 -31.35 -40.58 13.24
N SER C 293 -31.63 -39.29 13.25
CA SER C 293 -32.84 -38.77 13.88
C SER C 293 -32.80 -37.25 13.83
N ARG C 294 -33.96 -36.64 14.04
CA ARG C 294 -34.11 -35.18 14.07
C ARG C 294 -33.58 -34.67 12.72
N GLY C 295 -32.78 -33.62 12.71
CA GLY C 295 -32.20 -33.13 11.49
C GLY C 295 -30.75 -33.55 11.32
N ILE C 296 -30.33 -34.64 11.96
CA ILE C 296 -28.90 -34.96 12.10
C ILE C 296 -28.16 -34.89 10.78
N ASP C 297 -28.85 -35.11 9.66
CA ASP C 297 -28.23 -34.82 8.37
C ASP C 297 -27.94 -33.34 8.22
N ALA C 298 -28.39 -32.51 9.15
CA ALA C 298 -28.01 -31.10 9.20
C ALA C 298 -26.53 -30.97 9.02
N MET C 299 -25.80 -31.44 10.02
CA MET C 299 -24.40 -31.08 10.14
C MET C 299 -23.61 -31.49 8.91
N LYS C 300 -23.95 -32.62 8.32
CA LYS C 300 -23.43 -32.98 7.00
C LYS C 300 -23.82 -31.96 5.94
N ALA C 301 -25.13 -31.85 5.67
CA ALA C 301 -25.60 -31.00 4.58
C ALA C 301 -24.98 -29.62 4.65
N VAL C 302 -24.83 -29.09 5.86
CA VAL C 302 -24.04 -27.89 6.07
C VAL C 302 -22.60 -28.13 5.68
N ALA C 303 -22.05 -29.30 6.03
CA ALA C 303 -20.65 -29.58 5.72
C ALA C 303 -20.37 -29.49 4.22
N GLU C 304 -20.91 -30.41 3.42
CA GLU C 304 -20.58 -30.34 2.00
C GLU C 304 -21.17 -29.09 1.38
N ALA C 305 -22.24 -28.56 1.97
CA ALA C 305 -22.72 -27.25 1.55
C ALA C 305 -21.59 -26.23 1.59
N TYR C 306 -20.73 -26.34 2.61
CA TYR C 306 -19.52 -25.53 2.63
C TYR C 306 -18.53 -26.01 1.57
N ASN C 307 -18.24 -27.31 1.56
CA ASN C 307 -17.25 -27.81 0.60
C ASN C 307 -17.72 -27.72 -0.84
N ASN C 308 -18.99 -27.41 -1.07
CA ASN C 308 -19.46 -27.09 -2.41
C ASN C 308 -19.36 -25.62 -2.73
N ARG C 309 -19.05 -24.77 -1.75
CA ARG C 309 -19.00 -23.32 -1.90
C ARG C 309 -20.34 -22.75 -2.34
N SER C 310 -21.42 -23.48 -2.08
CA SER C 310 -22.75 -22.98 -2.38
C SER C 310 -23.24 -22.25 -1.16
N LEU C 311 -23.44 -20.95 -1.27
CA LEU C 311 -23.82 -20.22 -0.08
C LEU C 311 -25.31 -20.37 0.18
N LEU C 312 -26.12 -20.43 -0.87
CA LEU C 312 -27.56 -20.44 -0.69
C LEU C 312 -28.05 -21.73 -0.05
N ASP C 313 -27.41 -22.85 -0.36
CA ASP C 313 -27.79 -24.08 0.31
C ASP C 313 -27.16 -24.19 1.69
N PHE C 314 -26.15 -23.38 1.97
CA PHE C 314 -25.75 -23.20 3.36
C PHE C 314 -26.85 -22.48 4.11
N ASN C 315 -27.42 -21.46 3.47
CA ASN C 315 -28.51 -20.69 4.07
C ASN C 315 -29.72 -21.58 4.32
N THR C 316 -30.23 -22.20 3.26
CA THR C 316 -31.42 -23.04 3.40
C THR C 316 -31.11 -24.25 4.28
N ALA C 317 -29.96 -24.88 4.05
CA ALA C 317 -29.57 -26.04 4.85
C ALA C 317 -29.37 -25.69 6.31
N LEU C 318 -29.19 -24.41 6.66
CA LEU C 318 -29.37 -24.10 8.07
C LEU C 318 -30.85 -23.87 8.38
N LYS C 319 -31.59 -23.25 7.45
CA LYS C 319 -32.98 -22.88 7.70
C LYS C 319 -33.82 -24.07 8.17
N GLN C 320 -33.86 -25.12 7.36
CA GLN C 320 -34.71 -26.26 7.66
C GLN C 320 -34.16 -27.12 8.79
N TYR C 321 -32.88 -26.97 9.13
CA TYR C 321 -32.31 -27.68 10.27
C TYR C 321 -32.20 -26.82 11.52
N GLU C 322 -32.68 -25.56 11.46
CA GLU C 322 -32.67 -24.71 12.65
C GLU C 322 -33.31 -25.40 13.84
N LYS C 323 -34.36 -26.21 13.60
CA LYS C 323 -35.04 -26.93 14.67
C LYS C 323 -34.05 -27.69 15.54
N GLU C 324 -33.05 -28.31 14.92
CA GLU C 324 -31.98 -28.94 15.70
C GLU C 324 -30.99 -27.88 16.18
N LEU C 325 -30.82 -26.82 15.40
CA LEU C 325 -29.76 -25.88 15.66
C LEU C 325 -30.15 -24.80 16.66
N MET C 326 -31.45 -24.63 16.94
CA MET C 326 -31.89 -23.52 17.79
C MET C 326 -31.29 -23.58 19.19
N GLY C 327 -31.08 -24.77 19.72
CA GLY C 327 -30.40 -24.94 20.98
C GLY C 327 -28.95 -25.37 20.86
N ASP C 328 -28.38 -25.30 19.67
CA ASP C 328 -27.06 -25.83 19.38
C ASP C 328 -25.97 -24.77 19.49
N GLU C 329 -26.28 -23.59 20.05
CA GLU C 329 -25.50 -22.37 19.92
C GLU C 329 -23.99 -22.57 20.03
N LEU C 330 -23.57 -23.46 20.93
CA LEU C 330 -22.16 -23.79 21.06
C LEU C 330 -21.54 -24.07 19.70
N THR C 331 -22.33 -24.64 18.79
CA THR C 331 -21.94 -24.70 17.39
C THR C 331 -22.18 -23.37 16.69
N ARG C 332 -23.35 -22.77 16.92
CA ARG C 332 -23.74 -21.62 16.10
C ARG C 332 -22.70 -20.51 16.13
N SER C 333 -21.89 -20.45 17.18
CA SER C 333 -20.66 -19.68 17.08
C SER C 333 -19.89 -20.09 15.83
N HIS C 334 -19.69 -21.39 15.66
CA HIS C 334 -18.86 -21.87 14.57
C HIS C 334 -19.59 -21.91 13.24
N PHE C 335 -20.91 -22.03 13.23
CA PHE C 335 -21.58 -21.97 11.94
C PHE C 335 -21.76 -20.55 11.47
N ASN C 336 -21.95 -19.60 12.38
CA ASN C 336 -21.97 -18.22 11.95
C ASN C 336 -20.60 -17.74 11.55
N ALA C 337 -19.58 -18.14 12.31
CA ALA C 337 -18.21 -17.85 11.91
C ALA C 337 -17.95 -18.43 10.54
N LEU C 338 -17.96 -19.76 10.45
CA LEU C 338 -17.67 -20.43 9.19
C LEU C 338 -18.51 -19.87 8.06
N TYR C 339 -19.76 -19.55 8.33
CA TYR C 339 -20.60 -18.90 7.33
C TYR C 339 -19.94 -17.63 6.83
N ASP C 340 -19.55 -16.76 7.76
CA ASP C 340 -18.86 -15.56 7.37
C ASP C 340 -17.63 -15.87 6.52
N THR C 341 -16.67 -16.57 7.09
CA THR C 341 -15.42 -16.83 6.38
C THR C 341 -15.63 -17.60 5.08
N LEU C 342 -16.81 -18.14 4.87
CA LEU C 342 -17.16 -18.59 3.53
C LEU C 342 -17.55 -17.40 2.67
N LEU C 343 -18.36 -16.52 3.22
CA LEU C 343 -18.85 -15.39 2.45
C LEU C 343 -17.71 -14.51 1.96
N GLU C 344 -16.68 -14.35 2.79
CA GLU C 344 -15.50 -13.62 2.32
C GLU C 344 -14.97 -14.28 1.07
N SER C 345 -14.47 -15.51 1.19
CA SER C 345 -13.84 -16.18 0.08
C SER C 345 -14.68 -16.05 -1.18
N ASN C 346 -15.98 -16.31 -1.07
CA ASN C 346 -16.82 -16.16 -2.25
C ASN C 346 -16.76 -14.74 -2.79
N LEU C 347 -16.78 -13.74 -1.92
CA LEU C 347 -16.74 -12.37 -2.42
C LEU C 347 -15.42 -12.08 -3.10
N CYS C 348 -14.30 -12.32 -2.42
CA CYS C 348 -13.00 -12.06 -3.02
C CYS C 348 -12.90 -12.71 -4.39
N LYS C 349 -13.37 -13.95 -4.52
CA LYS C 349 -13.29 -14.58 -5.82
C LYS C 349 -14.21 -13.94 -6.83
N ILE C 350 -15.37 -13.43 -6.41
CA ILE C 350 -16.26 -12.88 -7.41
C ILE C 350 -15.82 -11.49 -7.85
N ILE C 351 -15.16 -10.73 -6.98
CA ILE C 351 -14.73 -9.39 -7.35
C ILE C 351 -13.31 -9.31 -7.85
N GLU C 352 -12.52 -10.37 -7.73
CA GLU C 352 -11.14 -10.12 -8.13
C GLU C 352 -10.98 -9.86 -9.63
N PRO C 353 -11.68 -10.54 -10.54
CA PRO C 353 -11.49 -10.24 -11.96
C PRO C 353 -12.42 -9.13 -12.42
N PHE C 354 -12.37 -8.01 -11.69
CA PHE C 354 -13.27 -6.90 -11.96
C PHE C 354 -12.66 -5.59 -11.52
N GLU C 355 -13.23 -4.53 -12.06
CA GLU C 355 -13.27 -3.21 -11.43
C GLU C 355 -14.51 -2.52 -11.97
N CYS C 356 -15.04 -1.58 -11.20
CA CYS C 356 -16.28 -0.91 -11.54
C CYS C 356 -17.39 -1.92 -11.79
N VAL C 357 -17.74 -2.65 -10.75
CA VAL C 357 -18.82 -3.62 -10.80
C VAL C 357 -20.09 -2.96 -10.28
N GLU C 358 -21.17 -3.04 -11.04
CA GLU C 358 -22.44 -2.65 -10.47
C GLU C 358 -22.81 -3.70 -9.44
N ILE C 359 -23.04 -3.25 -8.20
CA ILE C 359 -23.04 -4.18 -7.09
C ILE C 359 -24.21 -5.14 -7.18
N SER C 360 -25.28 -4.73 -7.85
CA SER C 360 -26.37 -5.65 -8.11
C SER C 360 -25.85 -6.94 -8.70
N HIS C 361 -24.86 -6.85 -9.57
CA HIS C 361 -24.33 -8.03 -10.22
C HIS C 361 -23.65 -8.95 -9.21
N ILE C 362 -22.81 -8.38 -8.36
CA ILE C 362 -22.22 -9.17 -7.29
C ILE C 362 -23.31 -9.93 -6.55
N SER C 363 -24.35 -9.22 -6.14
CA SER C 363 -25.46 -9.89 -5.47
C SER C 363 -25.99 -11.06 -6.27
N LYS C 364 -26.58 -10.75 -7.42
CA LYS C 364 -27.22 -11.74 -8.26
C LYS C 364 -26.35 -12.96 -8.50
N ILE C 365 -25.06 -12.75 -8.73
CA ILE C 365 -24.14 -13.87 -8.81
C ILE C 365 -24.15 -14.63 -7.49
N ILE C 366 -23.67 -14.00 -6.43
CA ILE C 366 -23.56 -14.71 -5.16
C ILE C 366 -24.92 -15.08 -4.62
N GLY C 367 -25.97 -14.42 -5.10
CA GLY C 367 -27.31 -14.79 -4.69
C GLY C 367 -27.63 -14.44 -3.26
N LEU C 368 -27.44 -13.18 -2.88
CA LEU C 368 -27.90 -12.69 -1.59
C LEU C 368 -28.60 -11.37 -1.80
N ASP C 369 -28.99 -10.74 -0.71
CA ASP C 369 -29.54 -9.41 -0.80
C ASP C 369 -28.43 -8.39 -0.99
N THR C 370 -28.76 -7.32 -1.70
CA THR C 370 -27.87 -6.20 -1.82
C THR C 370 -27.33 -5.77 -0.46
N GLN C 371 -28.22 -5.27 0.40
CA GLN C 371 -27.79 -4.73 1.68
C GLN C 371 -26.89 -5.69 2.45
N GLN C 372 -27.18 -6.98 2.37
CA GLN C 372 -26.25 -7.97 2.92
C GLN C 372 -24.87 -7.79 2.34
N VAL C 373 -24.79 -7.54 1.04
CA VAL C 373 -23.50 -7.38 0.41
C VAL C 373 -22.91 -6.07 0.87
N GLU C 374 -23.53 -4.94 0.51
CA GLU C 374 -23.00 -3.62 0.84
C GLU C 374 -22.50 -3.56 2.26
N GLY C 375 -23.22 -4.18 3.18
CA GLY C 375 -22.70 -4.33 4.51
C GLY C 375 -21.43 -5.16 4.55
N LYS C 376 -21.42 -6.27 3.83
CA LYS C 376 -20.25 -7.13 3.89
C LYS C 376 -19.04 -6.49 3.23
N LEU C 377 -19.16 -6.07 1.98
CA LEU C 377 -18.08 -5.34 1.34
C LEU C 377 -17.67 -4.13 2.15
N SER C 378 -18.62 -3.48 2.81
CA SER C 378 -18.24 -2.37 3.66
C SER C 378 -17.29 -2.84 4.75
N GLN C 379 -17.62 -3.95 5.41
CA GLN C 379 -16.74 -4.44 6.45
C GLN C 379 -15.40 -4.88 5.89
N MET C 380 -15.40 -5.45 4.70
CA MET C 380 -14.14 -5.89 4.11
C MET C 380 -13.23 -4.71 3.82
N ILE C 381 -13.74 -3.71 3.10
CA ILE C 381 -12.95 -2.52 2.84
C ILE C 381 -12.48 -1.90 4.14
N LEU C 382 -13.37 -1.75 5.09
CA LEU C 382 -13.01 -1.18 6.37
C LEU C 382 -11.95 -2.00 7.08
N ASP C 383 -11.82 -3.28 6.75
CA ASP C 383 -10.84 -4.16 7.35
C ASP C 383 -9.56 -4.27 6.55
N LYS C 384 -9.40 -3.44 5.50
CA LYS C 384 -8.20 -3.40 4.67
C LYS C 384 -8.05 -4.60 3.77
N ILE C 385 -9.00 -5.53 3.76
CA ILE C 385 -8.84 -6.73 2.95
C ILE C 385 -8.59 -6.40 1.49
N PHE C 386 -9.61 -5.95 0.75
CA PHE C 386 -9.41 -5.92 -0.69
C PHE C 386 -9.12 -4.56 -1.33
N TYR C 387 -8.98 -3.48 -0.57
CA TYR C 387 -8.55 -2.21 -1.17
C TYR C 387 -9.43 -1.70 -2.29
N GLY C 388 -10.63 -1.25 -1.99
CA GLY C 388 -11.48 -0.65 -2.99
C GLY C 388 -12.45 0.31 -2.32
N VAL C 389 -13.38 0.84 -3.10
CA VAL C 389 -14.31 1.80 -2.53
C VAL C 389 -15.65 1.67 -3.22
N LEU C 390 -16.71 1.79 -2.41
CA LEU C 390 -18.08 1.67 -2.89
C LEU C 390 -18.66 3.03 -3.21
N ASP C 391 -19.51 3.05 -4.22
CA ASP C 391 -20.21 4.24 -4.66
C ASP C 391 -21.69 3.89 -4.74
N GLN C 392 -22.50 4.46 -3.85
CA GLN C 392 -23.92 4.19 -3.99
C GLN C 392 -24.60 5.11 -4.97
N GLY C 393 -23.95 6.18 -5.39
CA GLY C 393 -24.55 7.01 -6.42
C GLY C 393 -24.91 6.20 -7.64
N ASN C 394 -23.94 5.47 -8.16
CA ASN C 394 -24.14 4.64 -9.33
C ASN C 394 -24.39 3.18 -9.00
N GLY C 395 -24.36 2.81 -7.72
CA GLY C 395 -24.48 1.42 -7.37
C GLY C 395 -23.27 0.61 -7.79
N TRP C 396 -22.08 1.20 -7.71
CA TRP C 396 -20.86 0.61 -8.23
C TRP C 396 -19.89 0.27 -7.12
N LEU C 397 -19.02 -0.68 -7.44
CA LEU C 397 -17.90 -1.04 -6.59
C LEU C 397 -16.62 -0.88 -7.38
N TYR C 398 -15.71 -0.05 -6.89
CA TYR C 398 -14.39 0.07 -7.48
C TYR C 398 -13.41 -0.80 -6.72
N VAL C 399 -12.53 -1.46 -7.44
CA VAL C 399 -11.45 -2.22 -6.83
C VAL C 399 -10.12 -1.63 -7.27
N TYR C 400 -9.18 -1.55 -6.34
CA TYR C 400 -7.85 -1.05 -6.63
C TYR C 400 -6.85 -2.17 -6.46
N GLU C 401 -5.72 -2.05 -7.16
CA GLU C 401 -4.73 -3.10 -7.16
C GLU C 401 -3.71 -2.95 -6.05
N THR C 402 -3.84 -1.94 -5.21
CA THR C 402 -2.80 -1.59 -4.27
C THR C 402 -3.33 -0.42 -3.44
N PRO C 403 -2.85 -0.21 -2.22
CA PRO C 403 -3.24 1.00 -1.51
C PRO C 403 -2.95 2.21 -2.37
N ASN C 404 -3.95 3.05 -2.53
CA ASN C 404 -3.85 4.20 -3.41
C ASN C 404 -3.57 5.39 -2.52
N GLN C 405 -2.33 5.84 -2.52
CA GLN C 405 -1.83 6.80 -1.54
C GLN C 405 -0.34 6.94 -1.78
N ASP C 406 0.32 7.83 -1.06
CA ASP C 406 1.77 7.84 -1.12
C ASP C 406 2.28 8.07 0.29
N ALA C 407 3.16 7.19 0.75
CA ALA C 407 3.79 7.41 2.05
C ALA C 407 4.60 8.68 2.02
N THR C 408 5.30 8.92 0.91
CA THR C 408 6.12 10.10 0.76
C THR C 408 5.33 11.36 1.04
N TYR C 409 4.25 11.56 0.28
CA TYR C 409 3.40 12.72 0.53
C TYR C 409 2.97 12.82 1.97
N ASP C 410 2.61 11.70 2.58
CA ASP C 410 2.17 11.77 3.97
C ASP C 410 3.27 12.34 4.85
N SER C 411 4.50 11.85 4.68
CA SER C 411 5.57 12.38 5.49
C SER C 411 5.84 13.84 5.17
N ALA C 412 5.56 14.27 3.94
CA ALA C 412 5.62 15.70 3.66
C ALA C 412 4.62 16.45 4.51
N LEU C 413 3.40 15.92 4.61
CA LEU C 413 2.37 16.60 5.37
C LEU C 413 2.74 16.68 6.85
N GLU C 414 3.31 15.61 7.39
CA GLU C 414 3.77 15.67 8.76
C GLU C 414 4.88 16.71 8.90
N LEU C 415 5.78 16.77 7.93
CA LEU C 415 6.89 17.70 8.01
C LEU C 415 6.37 19.13 8.08
N VAL C 416 5.51 19.51 7.15
CA VAL C 416 4.87 20.82 7.24
C VAL C 416 4.20 20.98 8.59
N GLY C 417 3.66 19.89 9.13
CA GLY C 417 3.07 19.95 10.46
C GLY C 417 4.03 20.48 11.50
N GLN C 418 5.21 19.86 11.61
CA GLN C 418 6.17 20.29 12.62
C GLN C 418 6.69 21.69 12.31
N LEU C 419 7.08 21.92 11.06
CA LEU C 419 7.60 23.23 10.68
C LEU C 419 6.68 24.34 11.13
N ASN C 420 5.38 24.20 10.83
CA ASN C 420 4.45 25.26 11.16
C ASN C 420 4.54 25.68 12.62
N LYS C 421 4.92 24.76 13.50
CA LYS C 421 5.13 25.11 14.89
C LYS C 421 6.51 25.73 15.10
N VAL C 422 7.54 25.15 14.49
CA VAL C 422 8.89 25.64 14.69
C VAL C 422 9.00 27.10 14.28
N VAL C 423 8.27 27.49 13.24
CA VAL C 423 8.28 28.89 12.83
C VAL C 423 7.74 29.76 13.96
N ASP C 424 6.61 29.35 14.54
CA ASP C 424 6.03 30.12 15.63
C ASP C 424 7.02 30.29 16.76
N GLN C 425 7.74 29.22 17.09
CA GLN C 425 8.69 29.31 18.19
C GLN C 425 9.87 30.18 17.82
N LEU C 426 10.30 30.15 16.57
CA LEU C 426 11.31 31.10 16.12
C LEU C 426 10.85 32.52 16.37
N PHE C 427 9.77 32.92 15.68
CA PHE C 427 9.30 34.29 15.78
C PHE C 427 8.95 34.68 17.21
N GLU C 428 8.77 33.70 18.08
CA GLU C 428 8.69 33.99 19.51
C GLU C 428 9.94 34.69 20.02
N LYS C 429 11.05 34.63 19.30
CA LYS C 429 12.29 35.22 19.77
C LYS C 429 12.42 36.69 19.39
N ALA C 430 11.33 37.31 18.93
CA ALA C 430 11.34 38.68 18.43
C ALA C 430 11.78 39.69 19.48
N SER C 431 11.99 39.25 20.71
CA SER C 431 12.67 40.02 21.75
C SER C 431 13.71 41.00 21.20
N VAL D 21 -9.01 4.75 51.84
CA VAL D 21 -9.69 5.56 52.84
C VAL D 21 -9.35 7.02 52.61
N PRO D 22 -10.34 7.92 52.73
CA PRO D 22 -11.74 7.72 53.11
C PRO D 22 -12.47 6.86 52.12
N ASN D 23 -13.53 6.20 52.55
CA ASN D 23 -14.24 5.32 51.63
C ASN D 23 -14.92 6.16 50.57
N TYR D 24 -14.57 5.91 49.31
CA TYR D 24 -15.06 6.71 48.21
C TYR D 24 -16.57 6.61 48.09
N GLU D 25 -17.12 5.41 48.31
CA GLU D 25 -18.53 5.16 48.08
C GLU D 25 -19.37 6.29 48.67
N VAL D 26 -18.97 6.77 49.84
CA VAL D 26 -19.52 8.01 50.37
C VAL D 26 -19.51 9.09 49.30
N SER D 27 -18.35 9.30 48.68
CA SER D 27 -18.20 10.39 47.73
C SER D 27 -19.07 10.17 46.50
N GLU D 28 -18.94 9.01 45.85
CA GLU D 28 -19.75 8.76 44.66
C GLU D 28 -21.23 8.93 44.94
N LYS D 29 -21.74 8.33 46.01
CA LYS D 29 -23.16 8.51 46.32
C LYS D 29 -23.49 9.98 46.53
N ALA D 30 -22.61 10.70 47.22
CA ALA D 30 -22.81 12.13 47.40
C ALA D 30 -23.01 12.81 46.06
N PHE D 31 -22.06 12.60 45.14
CA PHE D 31 -22.17 13.13 43.79
C PHE D 31 -23.54 12.81 43.20
N LEU D 32 -23.92 11.53 43.28
CA LEU D 32 -25.21 11.11 42.76
C LEU D 32 -26.32 12.01 43.26
N LEU D 33 -26.32 12.30 44.57
CA LEU D 33 -27.34 13.19 45.09
C LEU D 33 -27.19 14.59 44.53
N THR D 34 -25.94 15.02 44.31
CA THR D 34 -25.71 16.37 43.80
C THR D 34 -26.30 16.53 42.42
N GLN D 35 -26.45 15.44 41.68
CA GLN D 35 -26.88 15.53 40.30
C GLN D 35 -28.35 15.89 40.20
N SER D 36 -28.71 16.58 39.12
CA SER D 36 -30.08 16.78 38.71
C SER D 36 -30.57 15.69 37.78
N LYS D 37 -29.76 14.66 37.59
CA LYS D 37 -29.89 13.78 36.43
C LYS D 37 -31.28 13.17 36.29
N VAL D 38 -31.58 12.18 37.12
CA VAL D 38 -32.55 11.11 36.87
C VAL D 38 -32.49 10.17 38.06
N SER D 39 -33.37 9.17 38.06
CA SER D 39 -33.33 8.09 39.03
C SER D 39 -33.42 8.64 40.45
N ILE D 40 -34.39 9.52 40.68
CA ILE D 40 -34.60 10.09 42.00
C ILE D 40 -34.77 8.98 43.03
N GLU D 41 -35.29 7.83 42.60
CA GLU D 41 -35.26 6.63 43.41
C GLU D 41 -33.81 6.31 43.78
N GLN D 42 -33.04 5.94 42.76
CA GLN D 42 -31.63 5.66 42.95
C GLN D 42 -30.93 6.81 43.66
N ARG D 43 -31.33 8.05 43.36
CA ARG D 43 -30.65 9.20 43.92
C ARG D 43 -30.88 9.29 45.43
N LYS D 44 -32.13 9.08 45.85
CA LYS D 44 -32.42 8.92 47.28
C LYS D 44 -31.61 7.78 47.88
N GLU D 45 -31.83 6.55 47.41
CA GLU D 45 -31.15 5.40 48.00
C GLU D 45 -29.67 5.65 48.17
N ALA D 46 -29.05 6.29 47.19
CA ALA D 46 -27.70 6.81 47.38
C ALA D 46 -27.63 7.70 48.61
N ALA D 47 -28.59 8.64 48.73
CA ALA D 47 -28.54 9.57 49.84
C ALA D 47 -28.53 8.85 51.19
N GLU D 48 -29.43 7.87 51.37
CA GLU D 48 -29.44 7.17 52.65
C GLU D 48 -28.19 6.33 52.86
N PHE D 49 -27.67 5.73 51.77
CA PHE D 49 -26.36 5.10 51.87
C PHE D 49 -25.34 6.08 52.42
N VAL D 50 -25.47 7.35 52.07
CA VAL D 50 -24.59 8.37 52.65
C VAL D 50 -24.87 8.52 54.12
N LEU D 51 -26.15 8.69 54.49
CA LEU D 51 -26.52 8.86 55.89
C LEU D 51 -25.88 7.80 56.77
N ALA D 52 -25.81 6.57 56.26
CA ALA D 52 -25.16 5.50 57.01
C ALA D 52 -23.72 5.88 57.37
N LYS D 53 -22.83 5.88 56.39
CA LYS D 53 -21.42 6.09 56.69
C LYS D 53 -21.15 7.46 57.26
N ILE D 54 -22.09 8.39 57.12
CA ILE D 54 -22.13 9.56 57.97
C ILE D 54 -22.11 9.04 59.40
N LYS D 55 -23.19 8.35 59.79
CA LYS D 55 -23.41 8.02 61.18
C LYS D 55 -22.29 7.13 61.72
N GLU D 56 -22.08 5.96 61.11
CA GLU D 56 -21.07 5.08 61.69
C GLU D 56 -19.67 5.62 61.46
N GLU D 57 -19.45 6.32 60.36
CA GLU D 57 -18.12 6.91 60.19
C GLU D 57 -17.98 8.21 60.97
N GLU D 58 -19.08 8.70 61.56
CA GLU D 58 -19.07 9.88 62.40
C GLU D 58 -18.35 11.04 61.68
N MET D 59 -19.00 11.51 60.62
CA MET D 59 -18.37 12.42 59.68
C MET D 59 -18.83 13.83 60.02
N ALA D 60 -18.00 14.56 60.75
CA ALA D 60 -18.33 15.94 61.08
C ALA D 60 -18.10 16.88 59.90
N PRO D 61 -16.89 16.95 59.34
CA PRO D 61 -16.60 18.04 58.39
C PRO D 61 -17.52 18.02 57.19
N TYR D 62 -17.75 16.85 56.63
CA TYR D 62 -18.55 16.76 55.42
C TYR D 62 -20.02 17.00 55.69
N TYR D 63 -20.48 16.67 56.89
CA TYR D 63 -21.89 16.93 57.18
C TYR D 63 -22.23 18.37 56.89
N LYS D 64 -21.27 19.26 57.10
CA LYS D 64 -21.35 20.60 56.50
C LYS D 64 -21.02 20.53 55.03
N TYR D 65 -19.79 20.10 54.71
CA TYR D 65 -19.29 20.17 53.35
C TYR D 65 -20.23 19.49 52.35
N LEU D 66 -20.93 18.45 52.78
CA LEU D 66 -21.91 17.85 51.88
C LEU D 66 -23.20 18.65 51.86
N CYS D 67 -23.52 19.34 52.96
CA CYS D 67 -24.74 20.15 53.01
C CYS D 67 -24.70 21.23 51.94
N GLU D 68 -23.59 21.96 51.84
CA GLU D 68 -23.49 23.04 50.87
C GLU D 68 -23.65 22.52 49.45
N GLU D 69 -23.27 21.26 49.21
CA GLU D 69 -23.44 20.69 47.87
C GLU D 69 -24.89 20.32 47.61
N TYR D 70 -25.61 19.90 48.65
CA TYR D 70 -27.07 19.84 48.55
C TYR D 70 -27.64 21.20 48.18
N LEU D 71 -27.03 22.27 48.72
CA LEU D 71 -27.57 23.61 48.56
C LEU D 71 -27.60 24.03 47.10
N VAL D 72 -26.43 24.02 46.45
CA VAL D 72 -26.22 24.55 45.09
C VAL D 72 -27.14 25.72 44.75
N LYS D 93 -31.53 15.53 56.66
CA LYS D 93 -31.20 16.84 56.11
C LYS D 93 -30.04 17.41 56.92
N PHE D 94 -30.21 18.62 57.45
CA PHE D 94 -29.22 19.23 58.33
C PHE D 94 -29.79 19.26 59.74
N ASP D 95 -29.21 18.45 60.63
CA ASP D 95 -29.51 18.49 62.06
C ASP D 95 -28.26 18.99 62.77
N GLN D 96 -28.34 20.22 63.29
CA GLN D 96 -27.21 20.76 64.03
C GLN D 96 -26.86 19.89 65.23
N GLU D 97 -27.86 19.25 65.83
CA GLU D 97 -27.59 18.41 66.98
C GLU D 97 -26.81 17.17 66.58
N LEU D 98 -27.30 16.45 65.56
CA LEU D 98 -26.56 15.33 65.01
C LEU D 98 -25.12 15.74 64.70
N TYR D 99 -24.95 16.92 64.09
CA TYR D 99 -23.63 17.45 63.82
C TYR D 99 -22.80 17.54 65.09
N ASN D 100 -23.33 18.25 66.10
CA ASN D 100 -22.65 18.39 67.38
C ASN D 100 -22.20 17.05 67.90
N GLU D 101 -23.11 16.08 67.84
CA GLU D 101 -22.83 14.73 68.34
C GLU D 101 -21.61 14.14 67.63
N LEU D 102 -21.64 14.14 66.31
CA LEU D 102 -20.53 13.58 65.55
C LEU D 102 -19.23 14.29 65.90
N CYS D 103 -19.29 15.61 66.03
CA CYS D 103 -18.12 16.40 66.41
C CYS D 103 -17.55 15.94 67.75
N LYS D 104 -18.34 16.12 68.81
CA LYS D 104 -17.87 15.81 70.15
C LYS D 104 -17.37 14.37 70.24
N LYS D 105 -18.03 13.45 69.53
CA LYS D 105 -17.51 12.09 69.49
C LYS D 105 -16.19 12.04 68.73
N ASN D 106 -15.99 12.94 67.77
CA ASN D 106 -14.73 12.94 67.05
C ASN D 106 -13.61 13.52 67.91
N GLU D 107 -13.93 14.41 68.84
CA GLU D 107 -12.91 14.85 69.77
C GLU D 107 -12.61 13.78 70.82
N SER D 108 -13.67 13.21 71.39
CA SER D 108 -13.48 12.12 72.34
C SER D 108 -12.67 10.99 71.71
N LYS D 109 -12.87 10.75 70.42
CA LYS D 109 -12.14 9.69 69.75
C LYS D 109 -10.73 10.11 69.35
N ILE D 110 -10.55 11.37 68.97
CA ILE D 110 -9.21 11.79 68.55
C ILE D 110 -8.30 11.94 69.75
N LYS D 111 -8.87 12.18 70.93
CA LYS D 111 -8.10 12.44 72.14
C LYS D 111 -7.03 11.38 72.36
N GLU D 112 -7.40 10.11 72.23
CA GLU D 112 -6.49 9.02 72.53
C GLU D 112 -5.24 9.10 71.68
N LEU D 113 -5.41 9.11 70.36
CA LEU D 113 -4.26 9.30 69.48
C LEU D 113 -3.50 10.57 69.83
N ASN D 114 -4.24 11.64 70.14
CA ASN D 114 -3.61 12.91 70.51
C ASN D 114 -2.57 12.69 71.60
N GLU D 115 -2.93 11.90 72.61
CA GLU D 115 -2.06 11.71 73.76
C GLU D 115 -0.98 10.65 73.50
N LYS D 116 -1.37 9.58 72.80
CA LYS D 116 -0.40 8.57 72.36
C LYS D 116 0.74 9.20 71.59
N ILE D 117 0.44 10.30 70.88
CA ILE D 117 1.49 11.08 70.24
C ILE D 117 2.61 11.35 71.24
N GLN D 118 2.25 11.96 72.38
CA GLN D 118 3.23 12.29 73.39
C GLN D 118 3.84 11.03 74.01
N LYS D 119 2.98 10.05 74.30
CA LYS D 119 3.45 8.80 74.89
C LYS D 119 4.62 8.24 74.10
N LEU D 120 4.50 8.24 72.78
CA LEU D 120 5.59 7.76 71.95
C LEU D 120 6.67 8.82 71.74
N GLU D 121 6.34 10.10 71.85
CA GLU D 121 7.37 11.14 71.85
C GLU D 121 8.44 10.85 72.89
N GLU D 122 8.00 10.56 74.12
CA GLU D 122 8.95 10.17 75.15
C GLU D 122 9.62 8.85 74.86
N ASP D 123 9.15 8.12 73.85
CA ASP D 123 9.65 6.79 73.55
C ASP D 123 10.59 6.88 72.35
N ASP D 124 11.88 6.64 72.61
CA ASP D 124 12.93 6.93 71.64
C ASP D 124 12.96 5.89 70.52
N GLU D 125 12.83 4.62 70.87
CA GLU D 125 12.83 3.55 69.87
C GLU D 125 11.67 3.69 68.88
N GLY D 126 10.64 4.47 69.23
CA GLY D 126 9.47 4.59 68.40
C GLY D 126 9.62 5.44 67.16
N GLU D 127 10.83 5.90 66.85
CA GLU D 127 11.03 6.81 65.72
C GLU D 127 10.31 6.30 64.48
N LEU D 128 10.37 4.98 64.26
CA LEU D 128 9.57 4.37 63.21
C LEU D 128 8.12 4.26 63.65
N GLU D 129 7.88 3.94 64.92
CA GLU D 129 6.53 3.73 65.41
C GLU D 129 5.81 5.05 65.72
N GLN D 130 6.51 6.04 66.25
CA GLN D 130 5.90 7.34 66.51
C GLN D 130 5.21 7.87 65.25
N ALA D 131 5.98 7.94 64.16
CA ALA D 131 5.41 8.32 62.88
C ALA D 131 4.21 7.46 62.53
N GLN D 132 4.21 6.19 62.93
CA GLN D 132 3.08 5.32 62.63
C GLN D 132 1.84 5.73 63.40
N ALA D 133 1.99 6.02 64.69
CA ALA D 133 0.85 6.54 65.45
C ALA D 133 0.34 7.82 64.83
N TRP D 134 1.24 8.65 64.31
CA TRP D 134 0.81 9.83 63.58
C TRP D 134 -0.01 9.44 62.36
N ILE D 135 0.49 8.48 61.59
CA ILE D 135 -0.23 7.96 60.44
C ILE D 135 -1.64 7.54 60.84
N ASN D 136 -1.79 7.04 62.06
CA ASN D 136 -3.12 6.72 62.55
C ASN D 136 -3.90 7.98 62.90
N LEU D 137 -3.21 9.01 63.40
CA LEU D 137 -3.87 10.29 63.65
C LEU D 137 -4.45 10.86 62.37
N GLY D 138 -3.58 11.30 61.47
CA GLY D 138 -4.04 11.88 60.22
C GLY D 138 -4.91 10.93 59.44
N GLU D 139 -4.68 9.63 59.60
CA GLU D 139 -5.63 8.66 59.07
C GLU D 139 -7.01 8.89 59.67
N TYR D 140 -7.08 9.15 60.97
CA TYR D 140 -8.38 9.42 61.56
C TYR D 140 -8.96 10.71 61.01
N TYR D 141 -8.09 11.70 60.78
CA TYR D 141 -8.52 12.87 60.01
C TYR D 141 -9.15 12.44 58.70
N ALA D 142 -8.61 11.41 58.07
CA ALA D 142 -9.24 10.90 56.86
C ALA D 142 -10.55 10.21 57.15
N GLN D 143 -10.69 9.63 58.34
CA GLN D 143 -11.98 9.02 58.68
C GLN D 143 -13.03 10.10 58.76
N ILE D 144 -12.69 11.24 59.39
CA ILE D 144 -13.56 12.40 59.26
C ILE D 144 -13.27 13.18 58.00
N GLY D 145 -12.21 12.82 57.29
CA GLY D 145 -11.91 13.43 56.01
C GLY D 145 -11.63 14.91 56.07
N ASP D 146 -10.89 15.39 57.07
CA ASP D 146 -10.55 16.80 57.14
C ASP D 146 -9.20 16.96 56.45
N LYS D 147 -9.22 17.62 55.29
CA LYS D 147 -8.06 17.64 54.40
C LYS D 147 -6.83 18.24 55.10
N ASP D 148 -6.91 19.52 55.42
CA ASP D 148 -5.76 20.25 55.97
C ASP D 148 -5.16 19.53 57.16
N ASN D 149 -5.98 18.86 57.97
CA ASN D 149 -5.49 18.30 59.21
C ASN D 149 -4.59 17.10 58.95
N ALA D 150 -5.09 16.12 58.21
CA ALA D 150 -4.25 14.99 57.82
C ALA D 150 -3.08 15.45 56.99
N GLU D 151 -3.26 16.53 56.24
CA GLU D 151 -2.13 17.14 55.54
C GLU D 151 -1.04 17.52 56.52
N LYS D 152 -1.41 18.16 57.63
CA LYS D 152 -0.42 18.53 58.63
C LYS D 152 0.19 17.29 59.29
N THR D 153 -0.65 16.43 59.84
CA THR D 153 -0.17 15.26 60.58
C THR D 153 0.75 14.41 59.72
N LEU D 154 0.27 13.98 58.57
CA LEU D 154 1.04 13.10 57.70
C LEU D 154 2.23 13.83 57.13
N GLY D 155 2.03 15.08 56.69
CA GLY D 155 3.12 15.82 56.07
C GLY D 155 4.29 16.02 56.99
N LYS D 156 4.03 16.59 58.18
CA LYS D 156 5.06 16.64 59.20
C LYS D 156 5.63 15.26 59.47
N SER D 157 4.76 14.27 59.55
CA SER D 157 5.14 12.89 59.82
C SER D 157 6.10 12.33 58.80
N LEU D 158 6.19 12.92 57.61
CA LEU D 158 7.06 12.40 56.57
C LEU D 158 8.52 12.44 56.98
N SER D 159 8.91 13.42 57.79
CA SER D 159 10.33 13.64 58.08
C SER D 159 10.92 12.50 58.90
N LYS D 160 10.11 11.87 59.75
CA LYS D 160 10.60 10.84 60.64
C LYS D 160 11.06 9.62 59.85
N ALA D 161 11.85 8.77 60.50
CA ALA D 161 12.39 7.58 59.83
C ALA D 161 11.24 6.73 59.29
N ILE D 162 11.29 6.46 57.98
CA ILE D 162 10.17 5.89 57.25
C ILE D 162 10.69 5.07 56.08
N SER D 163 9.99 3.99 55.75
CA SER D 163 10.22 3.31 54.49
C SER D 163 9.74 4.15 53.32
N THR D 164 10.59 4.26 52.30
CA THR D 164 10.20 4.99 51.10
C THR D 164 8.83 4.56 50.61
N GLY D 165 8.57 3.26 50.59
CA GLY D 165 7.23 2.79 50.28
C GLY D 165 6.18 3.38 51.18
N ALA D 166 6.50 3.56 52.45
CA ALA D 166 5.52 4.10 53.39
C ALA D 166 5.24 5.57 53.12
N LYS D 167 6.28 6.38 52.97
CA LYS D 167 6.10 7.79 52.61
C LYS D 167 5.30 7.90 51.31
N ILE D 168 5.62 7.06 50.33
CA ILE D 168 4.77 6.89 49.16
C ILE D 168 3.32 6.74 49.58
N ASP D 169 3.03 5.68 50.34
CA ASP D 169 1.66 5.38 50.75
C ASP D 169 0.98 6.62 51.32
N VAL D 170 1.72 7.36 52.15
CA VAL D 170 1.21 8.57 52.77
C VAL D 170 0.78 9.55 51.70
N MET D 171 1.74 10.05 50.91
CA MET D 171 1.37 11.08 49.94
C MET D 171 0.28 10.61 49.00
N LEU D 172 0.27 9.31 48.69
CA LEU D 172 -0.85 8.75 47.96
C LEU D 172 -2.15 8.95 48.73
N THR D 173 -2.08 8.92 50.06
CA THR D 173 -3.30 9.13 50.83
C THR D 173 -3.70 10.59 50.79
N ILE D 174 -2.73 11.49 50.86
CA ILE D 174 -3.02 12.92 50.73
C ILE D 174 -3.73 13.18 49.42
N ALA D 175 -3.11 12.75 48.32
CA ALA D 175 -3.74 12.84 47.02
C ALA D 175 -5.12 12.21 47.04
N ARG D 176 -5.26 11.09 47.74
CA ARG D 176 -6.54 10.40 47.78
C ARG D 176 -7.61 11.28 48.37
N LEU D 177 -7.25 12.03 49.41
CA LEU D 177 -8.09 13.13 49.85
C LEU D 177 -8.37 14.07 48.69
N GLY D 178 -7.35 14.35 47.89
CA GLY D 178 -7.56 15.20 46.73
C GLY D 178 -8.70 14.71 45.85
N PHE D 179 -8.63 13.44 45.46
CA PHE D 179 -9.74 12.85 44.71
C PHE D 179 -11.04 13.03 45.44
N PHE D 180 -11.04 12.76 46.75
CA PHE D 180 -12.29 12.72 47.48
C PHE D 180 -12.99 14.06 47.45
N TYR D 181 -12.24 15.15 47.62
CA TYR D 181 -12.85 16.47 47.57
C TYR D 181 -13.15 16.90 46.15
N ASN D 182 -12.42 16.37 45.18
CA ASN D 182 -12.37 16.74 43.76
C ASN D 182 -11.40 17.87 43.44
N ASP D 183 -10.67 18.42 44.41
CA ASP D 183 -9.70 19.43 44.03
C ASP D 183 -8.59 18.75 43.24
N GLN D 184 -8.44 19.16 42.00
CA GLN D 184 -7.61 18.38 41.08
C GLN D 184 -6.14 18.76 41.16
N LEU D 185 -5.84 20.06 41.24
CA LEU D 185 -4.46 20.49 41.36
C LEU D 185 -3.84 19.96 42.64
N TYR D 186 -4.59 20.09 43.74
CA TYR D 186 -4.15 19.55 45.02
C TYR D 186 -3.74 18.10 44.90
N VAL D 187 -4.34 17.38 43.96
CA VAL D 187 -3.80 16.08 43.59
C VAL D 187 -2.51 16.24 42.81
N LYS D 188 -2.54 17.10 41.79
CA LYS D 188 -1.45 17.16 40.83
C LYS D 188 -0.12 17.33 41.53
N GLU D 189 0.00 18.37 42.35
CA GLU D 189 1.20 18.64 43.13
C GLU D 189 1.68 17.39 43.85
N LYS D 190 0.86 16.91 44.77
CA LYS D 190 1.23 15.79 45.62
C LYS D 190 1.73 14.63 44.78
N LEU D 191 0.93 14.23 43.79
CA LEU D 191 1.30 13.09 42.98
C LEU D 191 2.59 13.34 42.22
N GLU D 192 2.94 14.60 41.97
CA GLU D 192 4.24 14.89 41.40
C GLU D 192 5.35 14.69 42.42
N ALA D 193 5.11 15.09 43.67
CA ALA D 193 6.05 14.73 44.72
C ALA D 193 6.27 13.23 44.75
N VAL D 194 5.17 12.47 44.66
CA VAL D 194 5.27 11.03 44.59
C VAL D 194 6.07 10.61 43.37
N ASN D 195 5.94 11.37 42.29
CA ASN D 195 6.79 11.10 41.12
C ASN D 195 8.25 11.18 41.50
N SER D 196 8.62 12.21 42.26
CA SER D 196 10.01 12.31 42.71
C SER D 196 10.39 11.10 43.55
N MET D 197 9.49 10.67 44.45
CA MET D 197 9.81 9.54 45.31
C MET D 197 10.03 8.26 44.52
N ILE D 198 9.10 7.94 43.61
CA ILE D 198 9.26 6.72 42.82
C ILE D 198 10.48 6.82 41.92
N GLU D 199 10.85 8.03 41.53
CA GLU D 199 12.13 8.21 40.86
C GLU D 199 13.27 7.81 41.78
N LYS D 200 13.15 8.15 43.06
CA LYS D 200 14.02 7.61 44.10
C LYS D 200 13.50 6.28 44.63
N GLY D 201 12.36 5.84 44.10
CA GLY D 201 11.68 4.61 44.41
C GLY D 201 12.16 3.53 43.46
N GLY D 202 11.22 2.78 42.91
CA GLY D 202 11.52 1.55 42.21
C GLY D 202 10.94 0.33 42.87
N ASP D 203 10.15 0.48 43.92
CA ASP D 203 9.26 -0.60 44.32
C ASP D 203 8.21 -0.72 43.22
N TRP D 204 8.15 -1.91 42.60
CA TRP D 204 7.48 -2.03 41.31
C TRP D 204 5.97 -1.88 41.47
N GLU D 205 5.38 -2.68 42.36
CA GLU D 205 3.94 -2.62 42.58
C GLU D 205 3.50 -1.19 42.87
N ARG D 206 4.19 -0.53 43.79
CA ARG D 206 3.75 0.81 44.19
C ARG D 206 3.85 1.79 43.04
N ARG D 207 4.79 1.60 42.13
CA ARG D 207 4.83 2.47 40.97
C ARG D 207 3.67 2.17 40.03
N ASN D 208 3.22 0.92 40.00
CA ASN D 208 2.00 0.62 39.26
C ASN D 208 0.81 1.32 39.89
N ARG D 209 0.68 1.23 41.20
CA ARG D 209 -0.33 1.97 41.94
C ARG D 209 -0.31 3.44 41.56
N TYR D 210 0.89 4.03 41.59
CA TYR D 210 1.11 5.37 41.07
C TYR D 210 0.41 5.53 39.73
N LYS D 211 0.84 4.75 38.74
CA LYS D 211 0.26 4.88 37.41
C LYS D 211 -1.25 4.78 37.41
N THR D 212 -1.84 4.06 38.36
CA THR D 212 -3.29 4.06 38.43
C THR D 212 -3.82 5.40 38.91
N TYR D 213 -3.15 6.01 39.89
CA TYR D 213 -3.64 7.30 40.36
C TYR D 213 -3.41 8.39 39.33
N TYR D 214 -2.24 8.40 38.70
CA TYR D 214 -1.98 9.43 37.71
C TYR D 214 -2.84 9.21 36.47
N GLY D 215 -3.19 7.98 36.17
CA GLY D 215 -4.13 7.73 35.12
C GLY D 215 -5.50 8.27 35.45
N ILE D 216 -6.07 7.83 36.57
CA ILE D 216 -7.41 8.29 36.92
C ILE D 216 -7.44 9.80 37.03
N HIS D 217 -6.30 10.40 37.40
CA HIS D 217 -6.18 11.84 37.28
C HIS D 217 -6.30 12.29 35.83
N CYS D 218 -5.50 11.68 34.95
CA CYS D 218 -5.55 12.08 33.55
C CYS D 218 -6.96 12.03 33.02
N LEU D 219 -7.79 11.15 33.56
CA LEU D 219 -9.18 11.16 33.17
C LEU D 219 -9.97 12.23 33.92
N ALA D 220 -9.51 12.63 35.11
CA ALA D 220 -10.22 13.66 35.85
C ALA D 220 -10.30 14.95 35.04
N VAL D 221 -9.14 15.48 34.64
CA VAL D 221 -9.10 16.40 33.51
C VAL D 221 -9.45 15.60 32.26
N ARG D 222 -9.82 16.27 31.19
CA ARG D 222 -9.94 15.48 29.98
C ARG D 222 -8.58 15.54 29.31
N ASN D 223 -7.81 14.49 29.54
CA ASN D 223 -6.79 14.00 28.63
C ASN D 223 -7.11 12.52 28.58
N PHE D 224 -7.75 12.10 27.51
CA PHE D 224 -7.98 10.66 27.35
C PHE D 224 -6.77 10.01 26.70
N LYS D 225 -6.08 10.76 25.84
CA LYS D 225 -4.97 10.18 25.10
C LYS D 225 -3.95 9.56 26.03
N GLU D 226 -3.70 10.21 27.16
CA GLU D 226 -2.84 9.57 28.14
C GLU D 226 -3.61 8.55 28.95
N ALA D 227 -4.83 8.90 29.35
CA ALA D 227 -5.60 8.09 30.27
C ALA D 227 -5.69 6.64 29.79
N ALA D 228 -6.19 6.45 28.57
CA ALA D 228 -6.35 5.10 28.05
C ALA D 228 -5.04 4.33 28.11
N LYS D 229 -3.94 4.98 27.74
CA LYS D 229 -2.66 4.30 27.75
C LYS D 229 -2.29 3.86 29.15
N LEU D 230 -2.59 4.68 30.16
CA LEU D 230 -2.20 4.31 31.51
C LEU D 230 -3.12 3.23 32.07
N LEU D 231 -4.44 3.40 31.91
CA LEU D 231 -5.39 2.48 32.52
C LEU D 231 -5.36 1.14 31.84
N VAL D 232 -5.53 1.11 30.52
CA VAL D 232 -5.68 -0.15 29.81
C VAL D 232 -4.53 -1.10 30.15
N ASP D 233 -3.30 -0.60 30.06
CA ASP D 233 -2.16 -1.38 30.53
C ASP D 233 -2.33 -1.69 32.02
N SER D 234 -2.43 -0.65 32.82
CA SER D 234 -2.53 -0.82 34.26
C SER D 234 -3.81 -1.51 34.69
N LEU D 235 -4.75 -1.75 33.77
CA LEU D 235 -5.86 -2.60 34.12
C LEU D 235 -5.38 -4.00 34.50
N ALA D 236 -4.21 -4.41 34.02
CA ALA D 236 -3.64 -5.70 34.37
C ALA D 236 -3.71 -5.95 35.88
N THR D 237 -3.01 -5.14 36.65
CA THR D 237 -3.03 -5.21 38.10
C THR D 237 -3.64 -3.95 38.67
N PHE D 238 -4.52 -4.11 39.67
CA PHE D 238 -5.16 -2.96 40.26
C PHE D 238 -5.32 -3.17 41.76
N THR D 239 -5.30 -2.06 42.51
CA THR D 239 -5.49 -2.07 43.95
C THR D 239 -6.84 -1.42 44.24
N SER D 240 -7.82 -2.24 44.57
CA SER D 240 -9.16 -1.74 44.84
C SER D 240 -9.28 -1.24 46.27
N ILE D 241 -8.65 -1.96 47.20
CA ILE D 241 -8.73 -1.62 48.63
C ILE D 241 -8.43 -0.16 48.86
N GLU D 242 -7.62 0.44 48.00
CA GLU D 242 -7.10 1.76 48.29
C GLU D 242 -7.96 2.83 47.66
N LEU D 243 -8.05 2.86 46.34
CA LEU D 243 -8.69 4.01 45.71
C LEU D 243 -10.17 3.75 45.51
N THR D 244 -10.52 2.93 44.52
CA THR D 244 -11.91 2.75 44.10
C THR D 244 -12.15 1.31 43.73
N SER D 245 -13.43 0.99 43.55
CA SER D 245 -13.85 -0.33 43.13
C SER D 245 -13.13 -0.77 41.86
N TYR D 246 -12.61 -1.99 41.90
CA TYR D 246 -12.06 -2.63 40.72
C TYR D 246 -13.12 -2.90 39.66
N GLU D 247 -14.39 -2.73 40.03
CA GLU D 247 -15.47 -2.77 39.04
C GLU D 247 -15.47 -1.52 38.19
N SER D 248 -15.42 -0.36 38.83
CA SER D 248 -15.55 0.90 38.10
C SER D 248 -14.36 1.13 37.18
N ILE D 249 -13.15 0.87 37.67
CA ILE D 249 -11.99 1.11 36.82
C ILE D 249 -12.10 0.38 35.50
N ALA D 250 -12.75 -0.78 35.49
CA ALA D 250 -13.05 -1.40 34.21
C ALA D 250 -13.91 -0.49 33.36
N THR D 251 -14.88 0.18 33.97
CA THR D 251 -15.70 1.11 33.20
C THR D 251 -14.85 2.24 32.63
N TYR D 252 -13.88 2.71 33.41
CA TYR D 252 -13.05 3.81 32.93
C TYR D 252 -12.19 3.36 31.76
N ALA D 253 -11.45 2.26 31.94
CA ALA D 253 -10.60 1.80 30.86
C ALA D 253 -11.42 1.43 29.63
N SER D 254 -12.67 1.02 29.83
CA SER D 254 -13.52 0.77 28.67
C SER D 254 -13.91 2.08 28.00
N VAL D 255 -14.20 3.12 28.77
CA VAL D 255 -14.56 4.41 28.20
C VAL D 255 -13.40 4.95 27.38
N THR D 256 -12.25 5.13 28.03
CA THR D 256 -11.14 5.72 27.30
C THR D 256 -10.68 4.82 26.18
N GLY D 257 -10.74 3.51 26.38
CA GLY D 257 -10.41 2.58 25.32
C GLY D 257 -11.26 2.82 24.10
N LEU D 258 -12.57 2.81 24.28
CA LEU D 258 -13.48 3.19 23.19
C LEU D 258 -13.06 4.49 22.56
N PHE D 259 -12.86 5.51 23.38
CA PHE D 259 -12.67 6.85 22.88
C PHE D 259 -11.43 6.95 22.01
N THR D 260 -10.28 6.60 22.57
CA THR D 260 -9.01 6.88 21.91
C THR D 260 -8.64 5.86 20.84
N LEU D 261 -8.84 4.58 21.11
CA LEU D 261 -8.24 3.55 20.28
C LEU D 261 -8.84 3.51 18.89
N GLU D 262 -8.00 3.24 17.91
CA GLU D 262 -8.41 3.06 16.52
C GLU D 262 -8.95 1.66 16.27
N ARG D 263 -9.70 1.53 15.17
CA ARG D 263 -10.47 0.35 14.78
C ARG D 263 -9.71 -0.96 14.92
N THR D 264 -8.43 -0.96 14.59
CA THR D 264 -7.70 -2.22 14.65
C THR D 264 -7.30 -2.58 16.06
N ASP D 265 -6.85 -1.61 16.84
CA ASP D 265 -6.21 -1.90 18.11
C ASP D 265 -7.13 -1.75 19.31
N LEU D 266 -8.38 -1.37 19.14
CA LEU D 266 -9.28 -1.58 20.27
C LEU D 266 -9.78 -3.02 20.29
N LYS D 267 -9.89 -3.64 19.12
CA LYS D 267 -10.09 -5.09 19.07
C LYS D 267 -8.96 -5.79 19.80
N SER D 268 -7.72 -5.41 19.49
CA SER D 268 -6.56 -6.01 20.12
C SER D 268 -6.62 -5.94 21.64
N LYS D 269 -7.30 -4.94 22.18
CA LYS D 269 -7.33 -4.81 23.64
C LYS D 269 -8.74 -4.80 24.22
N VAL D 270 -9.44 -3.68 24.10
CA VAL D 270 -10.62 -3.51 24.94
C VAL D 270 -11.72 -4.48 24.58
N ILE D 271 -11.72 -5.02 23.37
CA ILE D 271 -12.62 -6.14 23.10
C ILE D 271 -12.01 -7.44 23.58
N ASP D 272 -10.72 -7.64 23.35
CA ASP D 272 -10.08 -8.92 23.60
C ASP D 272 -9.35 -9.00 24.93
N SER D 273 -9.39 -7.95 25.74
CA SER D 273 -8.66 -8.00 27.00
C SER D 273 -9.26 -9.09 27.87
N PRO D 274 -8.49 -10.13 28.19
CA PRO D 274 -9.06 -11.22 28.99
C PRO D 274 -9.62 -10.72 30.29
N GLU D 275 -8.86 -9.86 30.96
CA GLU D 275 -9.27 -9.36 32.27
C GLU D 275 -10.60 -8.62 32.17
N LEU D 276 -10.77 -7.83 31.13
CA LEU D 276 -12.06 -7.16 30.95
C LEU D 276 -13.15 -8.17 30.67
N LEU D 277 -12.86 -9.19 29.86
CA LEU D 277 -13.84 -10.22 29.58
C LEU D 277 -14.36 -10.85 30.85
N SER D 278 -13.44 -11.20 31.75
CA SER D 278 -13.83 -11.86 32.99
C SER D 278 -14.81 -11.02 33.80
N LEU D 279 -14.64 -9.71 33.77
CA LEU D 279 -15.40 -8.85 34.66
C LEU D 279 -16.75 -8.44 34.10
N ILE D 280 -17.11 -8.88 32.91
CA ILE D 280 -18.25 -8.29 32.21
C ILE D 280 -19.52 -8.66 32.92
N SER D 281 -20.65 -8.12 32.45
CA SER D 281 -21.99 -8.39 32.95
C SER D 281 -22.19 -7.87 34.37
N THR D 282 -21.16 -7.31 34.99
CA THR D 282 -21.19 -7.12 36.44
C THR D 282 -22.15 -6.01 36.85
N THR D 283 -22.25 -4.95 36.05
CA THR D 283 -23.15 -3.86 36.39
C THR D 283 -23.54 -3.11 35.13
N ALA D 284 -24.57 -2.26 35.28
CA ALA D 284 -25.15 -1.55 34.15
C ALA D 284 -24.10 -0.84 33.31
N ALA D 285 -22.99 -0.44 33.92
CA ALA D 285 -21.87 0.09 33.16
C ALA D 285 -21.47 -0.92 32.11
N LEU D 286 -20.82 -2.00 32.53
CA LEU D 286 -20.37 -2.97 31.57
C LEU D 286 -21.51 -3.74 30.94
N GLN D 287 -22.72 -3.61 31.48
CA GLN D 287 -23.88 -4.07 30.74
C GLN D 287 -24.06 -3.25 29.48
N SER D 288 -23.81 -1.95 29.56
CA SER D 288 -24.15 -1.05 28.47
C SER D 288 -22.95 -0.79 27.59
N ILE D 289 -21.94 -0.12 28.14
CA ILE D 289 -20.83 0.36 27.32
C ILE D 289 -20.20 -0.77 26.54
N SER D 290 -20.04 -1.93 27.15
CA SER D 290 -19.47 -3.05 26.42
C SER D 290 -20.30 -3.37 25.19
N SER D 291 -21.61 -3.49 25.38
CA SER D 291 -22.50 -3.66 24.25
C SER D 291 -22.35 -2.53 23.26
N LEU D 292 -21.98 -1.35 23.72
CA LEU D 292 -21.79 -0.22 22.82
C LEU D 292 -20.57 -0.43 21.95
N THR D 293 -19.42 -0.69 22.56
CA THR D 293 -18.21 -0.93 21.80
C THR D 293 -18.44 -2.04 20.80
N ILE D 294 -19.01 -3.16 21.24
CA ILE D 294 -19.22 -4.25 20.30
C ILE D 294 -20.21 -3.85 19.23
N SER D 295 -21.17 -2.99 19.56
CA SER D 295 -22.05 -2.47 18.54
C SER D 295 -21.32 -1.59 17.55
N LEU D 296 -20.16 -1.04 17.94
CA LEU D 296 -19.35 -0.25 17.02
C LEU D 296 -18.49 -1.15 16.16
N TYR D 297 -17.57 -1.86 16.79
CA TYR D 297 -16.61 -2.69 16.08
C TYR D 297 -17.30 -3.59 15.08
N ALA D 298 -18.51 -4.02 15.38
CA ALA D 298 -19.26 -4.90 14.50
C ALA D 298 -19.99 -4.14 13.41
N SER D 299 -19.83 -2.83 13.34
CA SER D 299 -20.36 -2.02 12.26
C SER D 299 -21.87 -2.00 12.25
N ASP D 300 -22.55 -2.68 13.17
CA ASP D 300 -23.98 -2.53 13.27
C ASP D 300 -24.34 -1.09 13.55
N TYR D 301 -25.08 -0.47 12.64
CA TYR D 301 -25.38 0.94 12.80
C TYR D 301 -26.80 1.22 13.28
N ALA D 302 -27.64 0.20 13.36
CA ALA D 302 -29.00 0.50 13.79
C ALA D 302 -29.07 0.72 15.27
N SER D 303 -28.25 0.00 16.02
CA SER D 303 -28.32 0.06 17.48
C SER D 303 -27.33 1.02 18.09
N TYR D 304 -26.47 1.66 17.30
CA TYR D 304 -25.40 2.45 17.90
C TYR D 304 -25.96 3.57 18.73
N PHE D 305 -26.88 4.34 18.19
CA PHE D 305 -27.42 5.47 18.95
C PHE D 305 -28.12 5.04 20.23
N PRO D 306 -29.03 4.07 20.24
CA PRO D 306 -29.66 3.72 21.51
C PRO D 306 -28.67 3.34 22.58
N TYR D 307 -27.74 2.44 22.26
CA TYR D 307 -26.71 2.11 23.23
C TYR D 307 -25.92 3.35 23.63
N LEU D 308 -25.79 4.31 22.71
CA LEU D 308 -25.09 5.54 23.06
C LEU D 308 -25.88 6.33 24.07
N LEU D 309 -27.21 6.30 23.98
CA LEU D 309 -28.02 7.02 24.95
C LEU D 309 -27.93 6.37 26.31
N GLU D 310 -28.29 5.08 26.42
CA GLU D 310 -28.30 4.55 27.77
C GLU D 310 -26.90 4.39 28.32
N THR D 311 -25.86 4.47 27.49
CA THR D 311 -24.55 4.61 28.11
C THR D 311 -24.28 6.05 28.51
N TYR D 312 -24.88 7.02 27.82
CA TYR D 312 -24.75 8.39 28.30
C TYR D 312 -25.36 8.51 29.68
N ALA D 313 -26.55 7.97 29.85
CA ALA D 313 -27.27 8.10 31.11
C ALA D 313 -26.77 7.12 32.17
N ASN D 314 -26.26 5.96 31.77
CA ASN D 314 -25.98 4.94 32.78
C ASN D 314 -24.52 4.88 33.20
N VAL D 315 -23.62 5.63 32.58
CA VAL D 315 -22.29 5.75 33.15
C VAL D 315 -21.87 7.20 33.23
N LEU D 316 -21.79 7.87 32.06
CA LEU D 316 -21.23 9.22 32.01
C LEU D 316 -21.85 10.12 33.05
N ILE D 317 -23.17 10.23 33.06
CA ILE D 317 -23.80 11.10 34.06
C ILE D 317 -23.51 10.58 35.46
N PRO D 318 -23.84 9.35 35.82
CA PRO D 318 -23.60 8.92 37.21
C PRO D 318 -22.16 8.98 37.63
N CYS D 319 -21.24 8.50 36.80
CA CYS D 319 -19.86 8.42 37.25
C CYS D 319 -19.33 9.79 37.60
N LYS D 320 -18.56 9.85 38.68
CA LYS D 320 -18.17 11.13 39.24
C LYS D 320 -17.31 11.91 38.26
N TYR D 321 -16.21 11.32 37.82
CA TYR D 321 -15.29 11.99 36.93
C TYR D 321 -15.93 12.40 35.61
N LEU D 322 -16.29 11.41 34.79
CA LEU D 322 -16.67 11.73 33.41
C LEU D 322 -17.88 12.63 33.33
N ASN D 323 -18.65 12.79 34.41
CA ASN D 323 -19.87 13.57 34.31
C ASN D 323 -19.59 14.96 33.78
N ARG D 324 -18.48 15.56 34.21
CA ARG D 324 -18.15 16.87 33.67
C ARG D 324 -17.91 16.81 32.18
N HIS D 325 -17.43 15.68 31.69
CA HIS D 325 -16.97 15.51 30.32
C HIS D 325 -18.00 14.89 29.40
N ALA D 326 -19.20 14.62 29.90
CA ALA D 326 -20.23 13.95 29.12
C ALA D 326 -20.36 14.50 27.71
N ASP D 327 -20.85 15.73 27.57
CA ASP D 327 -21.20 16.24 26.24
C ASP D 327 -20.02 16.19 25.29
N PHE D 328 -18.82 16.43 25.79
CA PHE D 328 -17.62 16.20 24.99
C PHE D 328 -17.58 14.79 24.47
N PHE D 329 -17.49 13.83 25.39
CA PHE D 329 -17.35 12.44 24.99
C PHE D 329 -18.41 12.03 23.99
N VAL D 330 -19.65 12.46 24.21
CA VAL D 330 -20.71 12.05 23.30
C VAL D 330 -20.53 12.71 21.95
N ARG D 331 -20.18 14.00 21.92
CA ARG D 331 -19.93 14.63 20.63
C ARG D 331 -18.93 13.82 19.84
N GLU D 332 -17.80 13.49 20.46
CA GLU D 332 -16.77 12.78 19.73
C GLU D 332 -17.26 11.42 19.27
N MET D 333 -17.79 10.62 20.19
CA MET D 333 -18.31 9.32 19.80
C MET D 333 -19.34 9.42 18.71
N ARG D 334 -20.06 10.53 18.65
CA ARG D 334 -20.94 10.76 17.52
C ARG D 334 -20.15 10.99 16.26
N ARG D 335 -18.93 11.53 16.37
CA ARG D 335 -18.12 11.65 15.17
C ARG D 335 -17.63 10.30 14.68
N LYS D 336 -17.05 9.50 15.59
CA LYS D 336 -16.36 8.29 15.17
C LYS D 336 -17.21 7.41 14.29
N VAL D 337 -18.51 7.41 14.48
CA VAL D 337 -19.33 6.54 13.67
C VAL D 337 -19.61 7.14 12.30
N TYR D 338 -19.87 8.44 12.23
CA TYR D 338 -19.97 9.03 10.90
C TYR D 338 -18.71 8.76 10.10
N ALA D 339 -17.56 8.94 10.75
CA ALA D 339 -16.29 8.66 10.07
C ALA D 339 -16.23 7.21 9.63
N GLN D 340 -16.46 6.29 10.56
CA GLN D 340 -16.33 4.88 10.25
C GLN D 340 -17.29 4.43 9.17
N LEU D 341 -18.46 5.04 9.09
CA LEU D 341 -19.39 4.63 8.06
C LEU D 341 -19.01 5.22 6.71
N LEU D 342 -18.63 6.49 6.69
CA LEU D 342 -18.24 7.07 5.40
C LEU D 342 -16.93 6.50 4.92
N GLU D 343 -16.20 5.78 5.77
CA GLU D 343 -14.87 5.30 5.43
C GLU D 343 -14.82 4.67 4.05
N SER D 344 -15.59 3.61 3.86
CA SER D 344 -15.48 2.76 2.69
C SER D 344 -16.30 3.26 1.52
N TYR D 345 -16.93 4.42 1.62
CA TYR D 345 -17.79 4.91 0.57
C TYR D 345 -17.19 6.11 -0.12
N LYS D 346 -17.10 6.04 -1.44
CA LYS D 346 -16.86 7.22 -2.23
C LYS D 346 -18.07 8.12 -2.27
N THR D 347 -19.26 7.55 -2.14
CA THR D 347 -20.47 8.33 -2.09
C THR D 347 -21.53 7.59 -1.32
N LEU D 348 -22.31 8.31 -0.53
CA LEU D 348 -23.51 7.76 0.10
C LEU D 348 -24.70 8.63 -0.23
N SER D 349 -25.88 8.12 0.07
CA SER D 349 -27.10 8.87 -0.08
C SER D 349 -27.73 9.00 1.30
N LEU D 350 -28.10 10.23 1.67
CA LEU D 350 -28.61 10.46 3.01
C LEU D 350 -29.76 9.53 3.35
N LYS D 351 -30.55 9.14 2.36
CA LYS D 351 -31.57 8.12 2.56
C LYS D 351 -30.97 6.91 3.25
N SER D 352 -29.90 6.36 2.65
CA SER D 352 -29.27 5.18 3.21
C SER D 352 -28.65 5.46 4.57
N MET D 353 -28.03 6.63 4.72
CA MET D 353 -27.45 7.06 6.00
C MET D 353 -28.47 6.98 7.13
N ALA D 354 -29.44 7.89 7.07
CA ALA D 354 -30.45 7.96 8.11
C ALA D 354 -31.14 6.63 8.29
N SER D 355 -31.50 5.99 7.19
CA SER D 355 -32.14 4.69 7.27
C SER D 355 -31.32 3.75 8.14
N ALA D 356 -30.01 3.74 7.93
CA ALA D 356 -29.12 2.97 8.78
C ALA D 356 -29.31 3.41 10.22
N PHE D 357 -28.96 4.65 10.53
CA PHE D 357 -29.04 5.08 11.91
C PHE D 357 -30.47 5.19 12.43
N GLY D 358 -31.46 5.16 11.56
CA GLY D 358 -32.83 5.28 12.01
C GLY D 358 -33.15 6.65 12.57
N VAL D 359 -32.87 7.69 11.80
CA VAL D 359 -33.25 9.07 12.13
C VAL D 359 -33.77 9.71 10.87
N SER D 360 -34.35 10.90 11.00
CA SER D 360 -34.73 11.61 9.80
C SER D 360 -33.50 12.11 9.08
N VAL D 361 -33.68 12.42 7.81
CA VAL D 361 -32.62 13.07 7.06
C VAL D 361 -32.27 14.39 7.73
N ALA D 362 -33.21 15.33 7.74
CA ALA D 362 -32.91 16.71 8.12
C ALA D 362 -32.13 16.78 9.42
N PHE D 363 -32.52 15.97 10.40
CA PHE D 363 -31.76 15.91 11.64
C PHE D 363 -30.33 15.43 11.38
N LEU D 364 -30.18 14.41 10.55
CA LEU D 364 -28.85 13.89 10.28
C LEU D 364 -27.97 14.93 9.62
N ASP D 365 -28.49 15.55 8.56
CA ASP D 365 -27.82 16.67 7.93
C ASP D 365 -27.38 17.69 8.97
N ASN D 366 -28.32 18.14 9.80
CA ASN D 366 -28.00 19.14 10.80
C ASN D 366 -26.93 18.66 11.75
N ASP D 367 -26.80 17.36 11.95
CA ASP D 367 -25.75 16.91 12.84
C ASP D 367 -24.40 16.92 12.13
N LEU D 368 -24.32 16.37 10.92
CA LEU D 368 -23.03 16.36 10.23
C LEU D 368 -22.52 17.77 10.01
N GLY D 369 -23.41 18.71 9.76
CA GLY D 369 -23.00 20.07 9.55
C GLY D 369 -22.22 20.66 10.69
N LYS D 370 -22.23 20.01 11.86
CA LYS D 370 -21.43 20.49 12.97
C LYS D 370 -19.98 20.06 12.82
N PHE D 371 -19.75 18.89 12.24
CA PHE D 371 -18.40 18.39 12.11
C PHE D 371 -17.75 18.95 10.86
N ILE D 372 -18.36 18.70 9.71
CA ILE D 372 -17.74 18.92 8.41
C ILE D 372 -16.96 20.22 8.30
N PRO D 373 -17.51 21.39 8.66
CA PRO D 373 -16.76 22.63 8.43
C PRO D 373 -15.55 22.75 9.32
N ASN D 374 -15.47 21.98 10.39
CA ASN D 374 -14.31 22.00 11.26
C ASN D 374 -13.17 21.15 10.73
N LYS D 375 -13.37 20.49 9.58
CA LYS D 375 -12.43 19.55 9.01
C LYS D 375 -12.20 18.34 9.90
N GLN D 376 -13.14 18.06 10.80
CA GLN D 376 -13.05 16.83 11.58
C GLN D 376 -13.55 15.63 10.80
N LEU D 377 -14.56 15.80 9.98
CA LEU D 377 -14.92 14.79 9.00
C LEU D 377 -14.40 15.18 7.63
N ASN D 378 -14.04 14.17 6.87
CA ASN D 378 -13.68 14.37 5.49
C ASN D 378 -14.90 13.97 4.69
N CYS D 379 -15.61 14.97 4.18
CA CYS D 379 -16.78 14.80 3.33
C CYS D 379 -17.36 16.17 3.07
N VAL D 380 -18.32 16.21 2.16
CA VAL D 380 -19.17 17.35 1.91
C VAL D 380 -20.56 16.80 1.62
N ILE D 381 -21.51 17.70 1.38
CA ILE D 381 -22.89 17.29 1.20
C ILE D 381 -23.46 17.96 -0.05
N ASP D 382 -24.27 17.21 -0.77
CA ASP D 382 -25.10 17.73 -1.85
C ASP D 382 -26.54 17.60 -1.39
N ARG D 383 -27.15 18.71 -1.02
CA ARG D 383 -28.54 18.67 -0.56
C ARG D 383 -29.50 18.55 -1.72
N VAL D 384 -29.13 19.06 -2.89
CA VAL D 384 -29.99 18.94 -4.06
C VAL D 384 -30.32 17.49 -4.32
N ASN D 385 -29.29 16.63 -4.35
CA ASN D 385 -29.48 15.22 -4.65
C ASN D 385 -29.53 14.34 -3.42
N GLY D 386 -29.48 14.92 -2.22
CA GLY D 386 -29.48 14.11 -1.02
C GLY D 386 -28.27 13.23 -0.90
N ILE D 387 -27.18 13.58 -1.57
CA ILE D 387 -26.03 12.72 -1.66
C ILE D 387 -24.98 13.31 -0.74
N VAL D 388 -24.09 12.46 -0.23
CA VAL D 388 -23.02 12.92 0.64
C VAL D 388 -21.72 12.34 0.10
N GLU D 389 -20.76 13.22 -0.15
CA GLU D 389 -19.57 12.89 -0.90
C GLU D 389 -18.37 12.84 0.03
N THR D 390 -17.44 11.93 -0.23
CA THR D 390 -16.29 11.76 0.64
C THR D 390 -15.02 12.23 -0.07
N ASN D 391 -14.42 13.28 0.47
CA ASN D 391 -13.20 13.88 -0.05
C ASN D 391 -11.94 13.39 0.64
N ARG D 392 -12.04 12.36 1.47
CA ARG D 392 -10.95 11.92 2.32
C ARG D 392 -9.64 11.84 1.55
N PRO D 393 -8.50 12.18 2.17
CA PRO D 393 -7.24 12.34 1.43
C PRO D 393 -6.45 11.04 1.31
N ASP D 394 -7.06 10.02 0.71
CA ASP D 394 -6.33 8.79 0.46
C ASP D 394 -5.51 8.87 -0.81
N ASN D 395 -6.09 9.38 -1.88
CA ASN D 395 -5.47 9.25 -3.19
C ASN D 395 -4.29 10.21 -3.31
N LYS D 396 -3.73 10.27 -4.50
CA LYS D 396 -2.54 11.08 -4.72
C LYS D 396 -2.93 12.55 -4.83
N ASN D 397 -3.95 12.82 -5.64
CA ASN D 397 -4.46 14.18 -5.82
C ASN D 397 -4.70 14.85 -4.49
N ALA D 398 -5.49 14.23 -3.62
CA ALA D 398 -5.79 14.85 -2.35
C ALA D 398 -4.51 15.21 -1.61
N GLN D 399 -3.60 14.25 -1.46
CA GLN D 399 -2.36 14.56 -0.77
C GLN D 399 -1.52 15.56 -1.52
N TYR D 400 -1.89 15.90 -2.74
CA TYR D 400 -1.27 17.04 -3.42
C TYR D 400 -1.90 18.34 -2.98
N HIS D 401 -3.19 18.52 -3.30
CA HIS D 401 -3.90 19.75 -2.95
C HIS D 401 -3.73 20.12 -1.49
N LEU D 402 -4.02 19.19 -0.60
CA LEU D 402 -3.83 19.47 0.82
C LEU D 402 -2.42 19.96 1.10
N LEU D 403 -1.44 19.48 0.33
CA LEU D 403 -0.08 19.91 0.56
C LEU D 403 0.19 21.32 0.04
N VAL D 404 -0.34 21.67 -1.13
CA VAL D 404 -0.09 23.03 -1.58
C VAL D 404 -0.78 24.03 -0.66
N LYS D 405 -1.96 23.68 -0.16
CA LYS D 405 -2.65 24.59 0.73
C LYS D 405 -1.91 24.72 2.06
N GLN D 406 -1.59 23.59 2.68
CA GLN D 406 -0.86 23.65 3.94
C GLN D 406 0.52 24.24 3.76
N GLY D 407 1.07 24.21 2.55
CA GLY D 407 2.38 24.79 2.32
C GLY D 407 2.29 26.30 2.24
N ASP D 408 1.33 26.79 1.46
CA ASP D 408 1.16 28.24 1.36
C ASP D 408 0.82 28.83 2.72
N GLY D 409 0.00 28.13 3.50
CA GLY D 409 -0.26 28.57 4.85
C GLY D 409 1.00 28.80 5.65
N LEU D 410 2.04 28.01 5.40
CA LEU D 410 3.30 28.23 6.09
C LEU D 410 4.08 29.38 5.46
N LEU D 411 4.05 29.46 4.13
CA LEU D 411 4.75 30.54 3.46
C LEU D 411 4.29 31.87 4.01
N THR D 412 3.03 32.22 3.80
CA THR D 412 2.55 33.55 4.15
C THR D 412 2.98 33.95 5.55
N LYS D 413 2.83 33.04 6.51
CA LYS D 413 3.33 33.27 7.85
C LYS D 413 4.81 33.64 7.81
N LEU D 414 5.62 32.79 7.18
CA LEU D 414 7.06 32.98 7.20
C LEU D 414 7.45 34.31 6.58
N GLN D 415 6.81 34.66 5.47
CA GLN D 415 7.08 35.95 4.84
C GLN D 415 6.77 37.09 5.79
N LYS D 416 5.55 37.11 6.32
CA LYS D 416 5.14 38.14 7.25
C LYS D 416 6.16 38.34 8.36
N TYR D 417 6.34 37.32 9.20
CA TYR D 417 7.33 37.43 10.27
C TYR D 417 8.66 37.85 9.73
N GLY D 418 9.00 37.38 8.54
CA GLY D 418 10.28 37.69 7.93
C GLY D 418 10.47 39.17 7.76
N ALA D 419 9.56 39.83 7.06
CA ALA D 419 9.67 41.27 6.88
C ALA D 419 9.64 41.99 8.21
N ALA D 420 8.85 41.47 9.15
CA ALA D 420 8.82 42.05 10.49
C ALA D 420 10.22 42.15 11.07
N VAL D 421 10.97 41.05 11.04
CA VAL D 421 12.31 41.08 11.61
C VAL D 421 13.26 41.84 10.69
N ARG D 422 13.02 41.82 9.38
CA ARG D 422 13.82 42.62 8.47
C ARG D 422 13.85 44.07 8.90
N LEU D 423 12.68 44.67 9.11
CA LEU D 423 12.65 46.09 9.43
C LEU D 423 13.31 46.37 10.77
N THR D 424 13.11 45.50 11.75
CA THR D 424 13.63 45.74 13.09
C THR D 424 15.16 45.76 13.06
N LEU E 3 37.12 -19.71 -42.51
CA LEU E 3 38.40 -20.21 -42.01
C LEU E 3 39.05 -19.19 -41.10
N GLN E 4 39.60 -18.14 -41.68
CA GLN E 4 40.35 -17.16 -40.91
C GLN E 4 39.40 -16.38 -40.01
N HIS E 5 39.65 -16.41 -38.72
CA HIS E 5 38.82 -15.69 -37.76
C HIS E 5 39.61 -14.55 -37.13
N GLU E 6 38.87 -13.49 -36.79
CA GLU E 6 39.44 -12.19 -36.54
C GLU E 6 39.16 -11.69 -35.14
N LYS E 7 37.89 -11.49 -34.79
CA LYS E 7 37.50 -10.98 -33.49
C LYS E 7 37.00 -12.11 -32.62
N VAL E 8 37.37 -12.08 -31.35
CA VAL E 8 36.86 -13.06 -30.40
C VAL E 8 36.01 -12.33 -29.38
N THR E 9 34.98 -13.01 -28.91
CA THR E 9 34.00 -12.45 -28.00
C THR E 9 33.77 -13.46 -26.91
N ILE E 10 33.84 -13.01 -25.66
CA ILE E 10 33.96 -13.89 -24.51
C ILE E 10 32.89 -13.53 -23.51
N ALA E 11 31.95 -14.44 -23.31
CA ALA E 11 30.93 -14.20 -22.29
C ALA E 11 31.55 -14.34 -20.91
N PRO E 12 31.07 -13.56 -19.95
CA PRO E 12 31.76 -13.53 -18.64
C PRO E 12 31.65 -14.80 -17.85
N LEU E 13 30.72 -15.69 -18.19
CA LEU E 13 30.61 -16.92 -17.43
C LEU E 13 31.87 -17.76 -17.55
N VAL E 14 32.65 -17.60 -18.60
CA VAL E 14 33.93 -18.31 -18.58
C VAL E 14 34.91 -17.58 -17.67
N LEU E 15 34.78 -16.27 -17.54
CA LEU E 15 35.62 -15.54 -16.61
C LEU E 15 35.37 -16.06 -15.21
N LEU E 16 34.16 -15.82 -14.70
CA LEU E 16 33.82 -16.29 -13.37
C LEU E 16 34.06 -17.79 -13.23
N SER E 17 33.79 -18.54 -14.27
CA SER E 17 34.04 -19.97 -14.27
C SER E 17 35.50 -20.25 -13.93
N ALA E 18 36.41 -19.83 -14.81
CA ALA E 18 37.83 -20.09 -14.62
C ALA E 18 38.30 -19.57 -13.28
N LEU E 19 37.78 -18.41 -12.85
CA LEU E 19 38.13 -17.92 -11.53
C LEU E 19 37.80 -18.95 -10.46
N ASP E 20 36.52 -19.27 -10.32
CA ASP E 20 36.11 -20.24 -9.32
C ASP E 20 36.96 -21.49 -9.39
N HIS E 21 37.25 -21.96 -10.59
CA HIS E 21 38.27 -23.00 -10.76
C HIS E 21 39.54 -22.66 -10.00
N TYR E 22 40.03 -21.44 -10.17
CA TYR E 22 41.30 -21.07 -9.57
C TYR E 22 41.22 -21.13 -8.04
N GLU E 23 40.31 -20.35 -7.45
CA GLU E 23 40.31 -20.33 -5.99
C GLU E 23 39.76 -21.59 -5.36
N ARG E 24 39.13 -22.48 -6.12
CA ARG E 24 38.88 -23.80 -5.56
C ARG E 24 40.17 -24.62 -5.54
N THR E 25 40.91 -24.59 -6.64
CA THR E 25 42.09 -25.43 -6.78
C THR E 25 43.33 -24.84 -6.15
N GLN E 26 43.24 -23.63 -5.59
CA GLN E 26 44.34 -23.03 -4.83
C GLN E 26 45.63 -23.00 -5.63
N THR E 27 45.53 -22.76 -6.93
CA THR E 27 46.66 -22.97 -7.82
C THR E 27 47.82 -22.04 -7.44
N LYS E 28 49.00 -22.64 -7.29
CA LYS E 28 50.18 -21.94 -6.80
C LYS E 28 50.55 -20.81 -7.74
N GLU E 29 51.02 -19.70 -7.16
CA GLU E 29 51.33 -18.52 -7.98
C GLU E 29 52.47 -18.80 -8.96
N ASN E 30 53.43 -19.63 -8.55
CA ASN E 30 54.45 -20.06 -9.49
C ASN E 30 53.97 -21.21 -10.35
N LYS E 31 52.74 -21.66 -10.15
CA LYS E 31 52.10 -22.68 -10.96
C LYS E 31 50.95 -22.01 -11.72
N ARG E 32 50.26 -22.77 -12.56
CA ARG E 32 49.21 -22.23 -13.39
C ARG E 32 48.11 -23.26 -13.54
N CYS E 33 46.87 -22.78 -13.58
CA CYS E 33 45.72 -23.65 -13.73
C CYS E 33 45.18 -23.55 -15.16
N VAL E 34 44.78 -24.69 -15.70
CA VAL E 34 44.36 -24.76 -17.09
C VAL E 34 43.01 -25.46 -17.15
N GLY E 35 42.22 -25.11 -18.16
CA GLY E 35 40.93 -25.72 -18.36
C GLY E 35 40.53 -25.59 -19.81
N VAL E 36 39.29 -25.98 -20.10
CA VAL E 36 38.82 -26.10 -21.47
C VAL E 36 37.55 -25.29 -21.68
N ILE E 37 37.45 -24.61 -22.82
CA ILE E 37 36.38 -23.66 -23.12
C ILE E 37 35.71 -24.03 -24.43
N LEU E 38 34.40 -23.80 -24.49
CA LEU E 38 33.50 -24.22 -25.54
C LEU E 38 32.78 -23.02 -26.16
N GLY E 39 32.22 -23.22 -27.34
CA GLY E 39 31.60 -22.10 -28.05
C GLY E 39 31.35 -22.41 -29.50
N ASP E 40 31.32 -21.35 -30.30
CA ASP E 40 31.16 -21.42 -31.74
C ASP E 40 32.39 -20.84 -32.43
N ALA E 41 33.12 -21.69 -33.14
CA ALA E 41 34.28 -21.30 -33.94
C ALA E 41 34.01 -21.17 -35.42
N ASN E 42 32.80 -21.47 -35.89
CA ASN E 42 32.58 -21.64 -37.32
C ASN E 42 32.94 -20.39 -38.10
N SER E 43 32.36 -19.25 -37.75
CA SER E 43 32.59 -18.04 -38.51
C SER E 43 33.82 -17.30 -37.98
N SER E 44 34.09 -16.13 -38.57
CA SER E 44 35.32 -15.40 -38.36
C SER E 44 35.41 -14.72 -37.00
N THR E 45 34.41 -14.82 -36.16
CA THR E 45 34.48 -14.28 -34.80
C THR E 45 34.21 -15.40 -33.82
N ILE E 46 35.22 -15.75 -33.03
CA ILE E 46 35.08 -16.87 -32.11
C ILE E 46 34.20 -16.44 -30.95
N ARG E 47 33.10 -17.15 -30.73
CA ARG E 47 32.20 -16.81 -29.63
C ARG E 47 32.35 -17.88 -28.56
N VAL E 48 32.89 -17.52 -27.41
CA VAL E 48 33.22 -18.50 -26.38
C VAL E 48 32.18 -18.38 -25.28
N THR E 49 31.28 -19.36 -25.19
CA THR E 49 30.20 -19.24 -24.22
C THR E 49 30.38 -20.06 -22.96
N ASN E 50 31.38 -20.92 -22.88
CA ASN E 50 31.40 -21.82 -21.74
C ASN E 50 32.80 -22.39 -21.54
N SER E 51 32.98 -23.11 -20.44
CA SER E 51 34.27 -23.64 -20.04
C SER E 51 34.07 -24.77 -19.05
N PHE E 52 35.11 -25.60 -18.90
CA PHE E 52 35.18 -26.46 -17.72
C PHE E 52 36.63 -26.82 -17.43
N ALA E 53 36.89 -27.09 -16.17
CA ALA E 53 38.24 -27.24 -15.63
C ALA E 53 38.88 -28.57 -16.04
N LEU E 54 40.20 -28.64 -15.87
CA LEU E 54 40.91 -29.88 -16.09
C LEU E 54 41.68 -30.31 -14.86
N PRO E 55 41.66 -31.59 -14.53
CA PRO E 55 42.77 -32.16 -13.75
C PRO E 55 43.97 -32.29 -14.66
N PHE E 56 45.12 -31.79 -14.20
CA PHE E 56 46.35 -31.90 -14.97
C PHE E 56 47.50 -31.65 -14.02
N GLU E 57 48.67 -32.07 -14.44
CA GLU E 57 49.89 -31.72 -13.71
C GLU E 57 51.01 -31.48 -14.69
N GLU E 58 51.69 -30.36 -14.52
CA GLU E 58 52.97 -30.13 -15.15
C GLU E 58 54.02 -30.07 -14.04
N ASP E 59 55.09 -30.82 -14.21
CA ASP E 59 56.19 -30.78 -13.26
C ASP E 59 56.78 -29.39 -13.17
N GLU E 60 57.21 -28.84 -14.31
CA GLU E 60 57.88 -27.55 -14.38
C GLU E 60 59.02 -27.47 -13.35
N LYS E 61 59.91 -28.46 -13.45
CA LYS E 61 61.16 -28.45 -12.73
C LYS E 61 62.23 -28.74 -13.77
N ASN E 62 62.18 -29.96 -14.32
CA ASN E 62 62.70 -30.25 -15.64
C ASN E 62 61.71 -29.88 -16.73
N SER E 63 60.53 -29.41 -16.34
CA SER E 63 59.42 -29.10 -17.23
C SER E 63 59.12 -30.25 -18.17
N ASP E 64 58.75 -29.91 -19.40
CA ASP E 64 58.31 -30.87 -20.40
C ASP E 64 57.28 -31.79 -19.74
N VAL E 65 57.28 -33.06 -20.13
CA VAL E 65 56.72 -34.18 -19.39
C VAL E 65 55.39 -33.77 -18.75
N TRP E 66 54.61 -32.98 -19.46
CA TRP E 66 53.32 -32.57 -18.93
C TRP E 66 52.30 -33.60 -19.36
N PHE E 67 51.52 -34.07 -18.41
CA PHE E 67 50.43 -34.98 -18.73
C PHE E 67 49.14 -34.20 -18.81
N LEU E 68 48.40 -34.39 -19.90
CA LEU E 68 47.12 -33.74 -20.10
C LEU E 68 46.08 -34.83 -20.32
N ASP E 69 45.10 -34.90 -19.42
CA ASP E 69 44.18 -36.01 -19.46
C ASP E 69 43.33 -35.97 -20.72
N HIS E 70 42.81 -37.13 -21.09
CA HIS E 70 42.04 -37.23 -22.32
C HIS E 70 40.70 -37.85 -22.02
N ASN E 71 40.72 -39.08 -21.49
CA ASN E 71 39.48 -39.77 -21.19
C ASN E 71 38.52 -38.89 -20.42
N TYR E 72 39.05 -37.99 -19.61
CA TYR E 72 38.27 -36.97 -18.94
C TYR E 72 37.49 -36.17 -19.97
N ILE E 73 38.20 -35.38 -20.76
CA ILE E 73 37.55 -34.50 -21.71
C ILE E 73 36.99 -35.33 -22.86
N GLU E 74 37.27 -36.62 -22.86
CA GLU E 74 36.52 -37.48 -23.73
C GLU E 74 35.19 -37.88 -23.11
N ASN E 75 35.04 -37.67 -21.80
CA ASN E 75 33.78 -37.97 -21.15
C ASN E 75 32.95 -36.72 -20.97
N MET E 76 33.38 -35.83 -20.08
CA MET E 76 32.46 -34.76 -19.74
C MET E 76 32.22 -33.84 -20.92
N ASN E 77 33.01 -33.92 -21.98
CA ASN E 77 32.59 -33.37 -23.24
C ASN E 77 31.26 -33.95 -23.67
N GLU E 78 31.18 -35.28 -23.76
CA GLU E 78 29.92 -35.85 -24.21
C GLU E 78 28.83 -35.58 -23.20
N MET E 79 29.20 -35.35 -21.94
CA MET E 79 28.19 -34.95 -20.96
C MET E 79 27.61 -33.60 -21.33
N CYS E 80 28.47 -32.59 -21.48
CA CYS E 80 27.96 -31.28 -21.84
C CYS E 80 27.39 -31.24 -23.24
N LYS E 81 27.61 -32.28 -24.04
CA LYS E 81 26.85 -32.37 -25.29
C LYS E 81 25.46 -32.91 -25.03
N LYS E 82 25.32 -33.88 -24.12
CA LYS E 82 24.00 -34.30 -23.68
C LYS E 82 23.21 -33.11 -23.16
N ILE E 83 23.89 -32.16 -22.53
CA ILE E 83 23.20 -31.02 -21.93
C ILE E 83 22.75 -30.04 -23.00
N ASN E 84 23.70 -29.33 -23.61
CA ASN E 84 23.40 -28.44 -24.71
C ASN E 84 24.01 -29.04 -25.97
N ALA E 85 23.16 -29.54 -26.85
CA ALA E 85 23.63 -30.10 -28.11
C ALA E 85 24.46 -29.09 -28.87
N LYS E 86 23.97 -27.86 -28.95
CA LYS E 86 24.64 -26.84 -29.75
C LYS E 86 25.59 -26.10 -28.83
N GLU E 87 26.87 -26.42 -28.99
CA GLU E 87 28.10 -25.87 -28.43
C GLU E 87 29.17 -26.83 -28.93
N LYS E 88 30.40 -26.36 -28.94
CA LYS E 88 31.46 -27.15 -29.53
C LYS E 88 32.71 -26.93 -28.72
N LEU E 89 33.62 -27.87 -28.84
CA LEU E 89 34.89 -27.73 -28.17
C LEU E 89 35.73 -26.69 -28.92
N ILE E 90 36.36 -25.79 -28.18
CA ILE E 90 37.05 -24.68 -28.82
C ILE E 90 38.52 -24.66 -28.44
N GLY E 91 38.82 -24.47 -27.17
CA GLY E 91 40.19 -24.24 -26.80
C GLY E 91 40.39 -24.43 -25.34
N TRP E 92 41.51 -23.95 -24.83
CA TRP E 92 41.79 -24.07 -23.41
C TRP E 92 42.15 -22.71 -22.86
N TYR E 93 41.85 -22.51 -21.58
CA TYR E 93 42.24 -21.31 -20.89
C TYR E 93 43.40 -21.62 -19.97
N HIS E 94 44.44 -20.83 -20.09
CA HIS E 94 45.67 -20.95 -19.32
C HIS E 94 45.71 -19.71 -18.45
N SER E 95 45.43 -19.86 -17.17
CA SER E 95 45.16 -18.68 -16.37
C SER E 95 46.42 -17.99 -15.89
N GLY E 96 47.58 -18.51 -16.23
CA GLY E 96 48.82 -17.88 -15.85
C GLY E 96 49.03 -16.61 -16.64
N PRO E 97 49.51 -15.56 -15.97
CA PRO E 97 49.57 -14.25 -16.61
C PRO E 97 50.40 -14.21 -17.88
N LYS E 98 51.25 -15.20 -18.10
CA LYS E 98 52.09 -15.23 -19.28
C LYS E 98 52.08 -16.64 -19.85
N LEU E 99 52.88 -16.85 -20.89
CA LEU E 99 52.83 -18.08 -21.67
C LEU E 99 53.89 -19.07 -21.20
N ARG E 100 53.55 -20.35 -21.23
CA ARG E 100 54.52 -21.38 -20.94
C ARG E 100 55.28 -21.77 -22.21
N ALA E 101 56.26 -22.65 -22.04
CA ALA E 101 57.01 -23.14 -23.18
C ALA E 101 56.27 -24.26 -23.90
N SER E 102 55.45 -25.00 -23.17
CA SER E 102 54.76 -26.16 -23.74
C SER E 102 53.47 -25.79 -24.45
N ASP E 103 53.14 -24.50 -24.52
CA ASP E 103 51.88 -24.07 -25.12
C ASP E 103 51.74 -24.59 -26.54
N LEU E 104 52.65 -24.16 -27.42
CA LEU E 104 52.67 -24.67 -28.78
C LEU E 104 52.69 -26.18 -28.84
N LYS E 105 53.16 -26.83 -27.78
CA LYS E 105 53.13 -28.29 -27.73
C LYS E 105 51.79 -28.81 -27.22
N ILE E 106 50.95 -27.94 -26.68
CA ILE E 106 49.58 -28.32 -26.35
C ILE E 106 48.66 -28.18 -27.55
N ASN E 107 48.85 -27.10 -28.31
CA ASN E 107 47.99 -26.84 -29.45
C ASN E 107 47.85 -28.07 -30.34
N GLU E 108 48.97 -28.64 -30.78
CA GLU E 108 48.86 -29.70 -31.78
C GLU E 108 48.14 -30.92 -31.21
N LEU E 109 48.10 -31.06 -29.90
CA LEU E 109 47.37 -32.16 -29.31
C LEU E 109 45.94 -31.78 -28.95
N PHE E 110 45.55 -30.52 -29.11
CA PHE E 110 44.14 -30.23 -29.27
C PHE E 110 43.67 -30.25 -30.71
N LYS E 111 44.60 -30.22 -31.67
CA LYS E 111 44.20 -30.11 -33.07
C LYS E 111 43.23 -31.19 -33.49
N LYS E 112 43.16 -32.30 -32.77
CA LYS E 112 42.25 -33.36 -33.15
C LYS E 112 40.82 -33.09 -32.69
N TYR E 113 40.63 -32.25 -31.69
CA TYR E 113 39.29 -32.04 -31.15
C TYR E 113 38.48 -31.01 -31.92
N THR E 114 39.07 -29.89 -32.31
CA THR E 114 38.28 -28.75 -32.74
C THR E 114 38.32 -28.61 -34.25
N GLN E 115 37.21 -28.13 -34.82
CA GLN E 115 37.14 -27.84 -36.25
C GLN E 115 38.31 -27.00 -36.71
N ASN E 116 38.33 -25.75 -36.29
CA ASN E 116 39.35 -24.82 -36.74
C ASN E 116 40.56 -24.93 -35.82
N ASN E 117 41.57 -24.10 -36.10
CA ASN E 117 42.70 -23.93 -35.21
C ASN E 117 42.19 -23.60 -33.81
N PRO E 118 42.55 -24.38 -32.80
CA PRO E 118 42.12 -24.07 -31.44
C PRO E 118 42.58 -22.69 -31.01
N LEU E 119 41.90 -22.17 -30.00
CA LEU E 119 42.08 -20.81 -29.56
C LEU E 119 42.36 -20.80 -28.06
N LEU E 120 43.39 -20.06 -27.67
CA LEU E 120 43.89 -20.09 -26.30
C LEU E 120 43.62 -18.77 -25.60
N LEU E 121 42.98 -18.84 -24.46
CA LEU E 121 42.75 -17.68 -23.61
C LEU E 121 43.71 -17.67 -22.44
N ILE E 122 44.11 -16.46 -22.07
CA ILE E 122 44.82 -16.23 -20.82
C ILE E 122 43.90 -15.38 -19.96
N VAL E 123 43.39 -15.96 -18.94
CA VAL E 123 42.55 -15.24 -18.00
C VAL E 123 43.42 -14.81 -16.83
N ASP E 124 43.16 -13.61 -16.31
CA ASP E 124 43.86 -13.11 -15.13
C ASP E 124 43.06 -13.48 -13.90
N VAL E 125 43.56 -14.44 -13.13
CA VAL E 125 42.90 -14.76 -11.87
C VAL E 125 43.33 -13.78 -10.79
N LYS E 126 44.52 -13.22 -10.93
CA LYS E 126 45.03 -12.33 -9.89
C LYS E 126 44.24 -11.03 -9.85
N GLN E 127 43.91 -10.48 -11.02
CA GLN E 127 43.15 -9.25 -11.14
C GLN E 127 43.83 -8.13 -10.35
N GLN E 128 44.99 -7.72 -10.86
CA GLN E 128 45.83 -6.72 -10.23
C GLN E 128 45.51 -5.31 -10.68
N GLY E 129 44.43 -5.11 -11.44
CA GLY E 129 44.05 -3.79 -11.89
C GLY E 129 44.29 -3.54 -13.37
N VAL E 130 44.77 -4.52 -14.09
CA VAL E 130 44.92 -4.39 -15.54
C VAL E 130 43.55 -4.56 -16.20
N GLY E 131 43.27 -3.73 -17.19
CA GLY E 131 42.04 -3.86 -17.94
C GLY E 131 42.04 -5.12 -18.79
N LEU E 132 40.84 -5.50 -19.24
CA LEU E 132 40.63 -6.71 -20.03
C LEU E 132 41.42 -7.88 -19.47
N PRO E 133 40.98 -8.46 -18.36
CA PRO E 133 41.76 -9.51 -17.69
C PRO E 133 42.08 -10.67 -18.60
N THR E 134 41.43 -10.76 -19.74
CA THR E 134 41.63 -11.84 -20.70
C THR E 134 42.48 -11.37 -21.86
N ASP E 135 43.26 -12.28 -22.42
CA ASP E 135 43.95 -12.01 -23.66
C ASP E 135 43.89 -13.25 -24.54
N ALA E 136 43.61 -13.06 -25.82
CA ALA E 136 43.27 -14.15 -26.74
C ALA E 136 44.35 -14.36 -27.79
N TYR E 137 44.67 -15.64 -28.04
CA TYR E 137 45.70 -15.99 -29.00
C TYR E 137 45.25 -17.16 -29.85
N VAL E 138 45.86 -17.26 -31.03
CA VAL E 138 45.73 -18.44 -31.89
C VAL E 138 47.12 -18.82 -32.35
N ALA E 139 47.21 -19.98 -32.98
CA ALA E 139 48.47 -20.49 -33.50
C ALA E 139 48.55 -20.21 -34.99
N ILE E 140 49.48 -19.36 -35.39
CA ILE E 140 49.67 -19.00 -36.78
C ILE E 140 51.08 -19.40 -37.19
N GLU E 141 51.25 -19.72 -38.46
CA GLU E 141 52.47 -20.38 -38.89
C GLU E 141 52.71 -20.25 -40.39
N GLU E 151 57.13 -22.67 -37.92
CA GLU E 151 56.81 -21.27 -37.74
C GLU E 151 55.62 -21.07 -36.81
N LYS E 152 55.39 -22.02 -35.92
CA LYS E 152 54.30 -21.91 -34.96
C LYS E 152 54.49 -20.68 -34.08
N THR E 153 53.41 -19.95 -33.86
CA THR E 153 53.40 -18.85 -32.92
C THR E 153 51.96 -18.53 -32.57
N PHE E 154 51.76 -17.46 -31.81
CA PHE E 154 50.44 -17.04 -31.38
C PHE E 154 50.15 -15.65 -31.91
N LEU E 155 49.23 -15.55 -32.85
CA LEU E 155 48.66 -14.26 -33.16
C LEU E 155 47.79 -13.80 -31.99
N HIS E 156 47.86 -12.51 -31.71
CA HIS E 156 47.10 -11.90 -30.64
C HIS E 156 45.81 -11.33 -31.22
N LEU E 157 44.70 -11.94 -30.89
CA LEU E 157 43.44 -11.39 -31.37
C LEU E 157 42.84 -10.44 -30.33
N PRO E 158 42.06 -9.47 -30.78
CA PRO E 158 41.34 -8.61 -29.85
C PRO E 158 40.12 -9.31 -29.28
N CYS E 159 39.84 -9.02 -28.02
CA CYS E 159 38.75 -9.66 -27.29
C CYS E 159 37.86 -8.62 -26.66
N THR E 160 36.55 -8.86 -26.69
CA THR E 160 35.60 -8.03 -25.98
C THR E 160 34.70 -8.91 -25.14
N ILE E 161 34.04 -8.31 -24.17
CA ILE E 161 33.09 -9.04 -23.34
C ILE E 161 31.71 -8.69 -23.83
N GLU E 162 31.08 -9.63 -24.51
CA GLU E 162 29.73 -9.45 -24.99
C GLU E 162 28.77 -9.91 -23.92
N ALA E 163 27.65 -9.21 -23.81
CA ALA E 163 26.65 -9.53 -22.82
C ALA E 163 25.52 -10.27 -23.51
N GLU E 164 25.41 -11.56 -23.24
CA GLU E 164 24.25 -12.30 -23.70
C GLU E 164 23.10 -12.07 -22.73
N GLU E 165 21.88 -12.18 -23.24
CA GLU E 165 20.71 -11.72 -22.52
C GLU E 165 20.64 -12.19 -21.08
N ALA E 166 20.43 -13.49 -20.84
CA ALA E 166 20.28 -13.98 -19.48
C ALA E 166 21.52 -13.71 -18.65
N GLU E 167 22.70 -13.97 -19.24
CA GLU E 167 23.95 -13.55 -18.63
C GLU E 167 23.89 -12.09 -18.19
N GLU E 168 23.67 -11.18 -19.13
CA GLU E 168 23.67 -9.75 -18.81
C GLU E 168 22.74 -9.44 -17.66
N ILE E 169 21.54 -10.02 -17.70
CA ILE E 169 20.59 -9.88 -16.61
C ILE E 169 21.23 -10.24 -15.29
N GLY E 170 21.86 -11.42 -15.24
CA GLY E 170 22.49 -11.84 -14.00
C GLY E 170 23.57 -10.88 -13.54
N VAL E 171 24.43 -10.46 -14.47
CA VAL E 171 25.54 -9.58 -14.10
C VAL E 171 25.02 -8.31 -13.45
N GLU E 172 24.16 -7.58 -14.16
CA GLU E 172 23.70 -6.33 -13.59
C GLU E 172 22.93 -6.56 -12.30
N HIS E 173 22.18 -7.66 -12.21
CA HIS E 173 21.45 -7.89 -10.97
C HIS E 173 22.40 -8.12 -9.81
N LEU E 174 23.60 -8.64 -10.09
CA LEU E 174 24.60 -8.78 -9.05
C LEU E 174 25.33 -7.47 -8.78
N LEU E 175 25.37 -6.55 -9.74
CA LEU E 175 26.08 -5.29 -9.57
C LEU E 175 25.17 -4.16 -9.09
N ARG E 176 23.93 -4.46 -8.71
CA ARG E 176 23.02 -3.43 -8.21
C ARG E 176 23.68 -2.54 -7.16
N ASP E 177 24.20 -3.16 -6.10
CA ASP E 177 24.60 -2.41 -4.92
C ASP E 177 25.83 -1.56 -5.18
N VAL E 178 26.80 -2.10 -5.93
CA VAL E 178 28.11 -1.47 -6.03
C VAL E 178 28.06 -0.07 -6.61
N ARG E 179 26.98 0.29 -7.29
CA ARG E 179 26.93 1.55 -8.03
C ARG E 179 27.20 2.74 -7.12
N ASP E 180 28.19 3.55 -7.51
CA ASP E 180 28.58 4.72 -6.74
C ASP E 180 27.67 5.90 -7.07
N GLN E 181 27.44 6.74 -6.07
CA GLN E 181 26.48 7.84 -6.24
C GLN E 181 27.03 8.98 -7.09
N ALA E 182 28.31 8.95 -7.45
CA ALA E 182 28.96 10.03 -8.20
C ALA E 182 28.83 11.36 -7.44
N ALA E 183 29.30 11.35 -6.21
CA ALA E 183 29.25 12.54 -5.37
C ALA E 183 30.11 13.66 -5.93
N GLY E 184 29.81 14.87 -5.51
CA GLY E 184 30.53 16.03 -5.97
C GLY E 184 29.62 17.25 -5.97
N GLY E 185 30.12 18.32 -6.58
CA GLY E 185 29.35 19.54 -6.64
C GLY E 185 28.24 19.42 -7.66
N LEU E 186 27.12 20.10 -7.37
CA LEU E 186 26.03 20.16 -8.34
C LEU E 186 26.52 20.70 -9.67
N SER E 187 27.28 21.79 -9.62
CA SER E 187 27.87 22.33 -10.84
C SER E 187 28.73 21.30 -11.53
N ILE E 188 29.45 20.49 -10.75
CA ILE E 188 30.30 19.47 -11.33
C ILE E 188 29.46 18.46 -12.10
N ARG E 189 28.42 17.94 -11.45
CA ARG E 189 27.55 16.97 -12.10
C ARG E 189 26.97 17.55 -13.39
N LEU E 190 26.33 18.72 -13.28
CA LEU E 190 25.67 19.27 -14.46
C LEU E 190 26.68 19.49 -15.57
N THR E 191 27.90 19.89 -15.22
CA THR E 191 28.96 19.99 -16.20
C THR E 191 29.18 18.65 -16.89
N ASN E 192 29.42 17.60 -16.10
CA ASN E 192 29.62 16.26 -16.64
C ASN E 192 28.53 15.93 -17.64
N GLN E 193 27.30 16.24 -17.28
CA GLN E 193 26.19 16.01 -18.19
C GLN E 193 26.41 16.71 -19.51
N LEU E 194 26.48 18.06 -19.49
CA LEU E 194 26.57 18.78 -20.75
C LEU E 194 27.70 18.24 -21.62
N LYS E 195 28.82 17.89 -21.00
CA LYS E 195 29.88 17.21 -21.71
C LYS E 195 29.35 15.97 -22.43
N SER E 196 28.61 15.14 -21.69
CA SER E 196 28.08 13.93 -22.29
C SER E 196 27.18 14.24 -23.48
N LEU E 197 26.34 15.28 -23.36
CA LEU E 197 25.46 15.64 -24.46
C LEU E 197 26.27 15.98 -25.70
N LYS E 198 27.23 16.90 -25.58
CA LYS E 198 28.04 17.24 -26.75
C LYS E 198 28.72 16.00 -27.33
N GLY E 199 29.28 15.15 -26.47
CA GLY E 199 29.85 13.91 -26.97
C GLY E 199 28.87 13.14 -27.83
N LEU E 200 27.65 12.97 -27.32
CA LEU E 200 26.62 12.28 -28.08
C LEU E 200 26.43 12.90 -29.46
N GLN E 201 26.22 14.22 -29.51
CA GLN E 201 26.09 14.88 -30.79
C GLN E 201 27.23 14.51 -31.71
N SER E 202 28.46 14.66 -31.23
CA SER E 202 29.63 14.38 -32.05
C SER E 202 29.53 12.99 -32.66
N LYS E 203 29.31 11.99 -31.81
CA LYS E 203 29.35 10.61 -32.30
C LYS E 203 28.27 10.37 -33.34
N LEU E 204 27.03 10.64 -33.01
CA LEU E 204 25.99 10.31 -33.98
C LEU E 204 26.17 11.12 -35.26
N LYS E 205 26.72 12.33 -35.16
CA LYS E 205 27.16 13.01 -36.36
C LYS E 205 28.09 12.13 -37.17
N ASP E 206 29.13 11.60 -36.52
CA ASP E 206 30.07 10.70 -37.18
C ASP E 206 29.31 9.67 -37.98
N VAL E 207 28.29 9.07 -37.34
CA VAL E 207 27.47 8.12 -38.06
C VAL E 207 26.86 8.76 -39.29
N VAL E 208 26.43 10.01 -39.18
CA VAL E 208 25.72 10.62 -40.30
C VAL E 208 26.63 10.67 -41.51
N GLU E 209 27.78 11.35 -41.38
CA GLU E 209 28.57 11.49 -42.60
C GLU E 209 29.13 10.16 -43.05
N TYR E 210 29.33 9.21 -42.12
CA TYR E 210 29.66 7.87 -42.55
C TYR E 210 28.62 7.33 -43.51
N LEU E 211 27.37 7.31 -43.06
CA LEU E 211 26.31 6.80 -43.91
C LEU E 211 26.30 7.50 -45.25
N ASP E 212 26.59 8.80 -45.25
CA ASP E 212 26.84 9.48 -46.51
C ASP E 212 27.88 8.73 -47.33
N LYS E 213 29.00 8.39 -46.70
CA LYS E 213 30.01 7.62 -47.41
C LYS E 213 29.50 6.25 -47.82
N VAL E 214 28.41 5.76 -47.24
CA VAL E 214 27.86 4.51 -47.72
C VAL E 214 27.07 4.74 -48.99
N ILE E 215 26.20 5.74 -49.00
CA ILE E 215 25.50 6.05 -50.24
C ILE E 215 26.45 6.66 -51.25
N ASN E 216 27.13 7.73 -50.85
CA ASN E 216 27.84 8.57 -51.81
C ASN E 216 29.20 8.02 -52.18
N LYS E 217 29.95 7.52 -51.19
CA LYS E 217 31.32 7.05 -51.43
C LYS E 217 31.36 5.62 -51.89
N GLU E 218 30.27 4.87 -51.71
CA GLU E 218 30.30 3.42 -51.90
C GLU E 218 31.46 2.80 -51.15
N LEU E 219 31.74 3.33 -49.97
CA LEU E 219 32.39 2.55 -48.95
C LEU E 219 31.52 1.32 -48.75
N PRO E 220 32.03 0.11 -49.00
CA PRO E 220 31.14 -1.05 -49.17
C PRO E 220 30.23 -1.24 -47.97
N ILE E 221 28.99 -1.67 -48.25
CA ILE E 221 27.99 -1.84 -47.21
C ILE E 221 28.49 -2.81 -46.18
N ASN E 222 28.50 -2.39 -44.93
CA ASN E 222 28.83 -3.27 -43.82
C ASN E 222 27.53 -3.51 -43.06
N HIS E 223 27.00 -4.72 -43.19
CA HIS E 223 25.69 -5.00 -42.65
C HIS E 223 25.67 -4.82 -41.13
N THR E 224 26.77 -5.16 -40.46
CA THR E 224 26.78 -5.15 -39.01
C THR E 224 26.37 -3.80 -38.46
N ILE E 225 27.00 -2.72 -38.94
CA ILE E 225 26.63 -1.39 -38.47
C ILE E 225 25.16 -1.16 -38.67
N LEU E 226 24.62 -1.61 -39.80
CA LEU E 226 23.20 -1.42 -40.04
C LEU E 226 22.38 -2.13 -38.98
N GLY E 227 22.73 -3.38 -38.69
CA GLY E 227 22.09 -4.07 -37.58
C GLY E 227 22.14 -3.27 -36.32
N LYS E 228 23.29 -2.67 -36.02
CA LYS E 228 23.42 -1.88 -34.81
C LYS E 228 22.49 -0.69 -34.84
N LEU E 229 22.47 0.04 -35.95
CA LEU E 229 21.61 1.21 -36.05
C LEU E 229 20.16 0.83 -35.80
N GLN E 230 19.69 -0.20 -36.49
CA GLN E 230 18.37 -0.74 -36.22
C GLN E 230 18.17 -0.96 -34.75
N ASP E 231 19.09 -1.70 -34.13
CA ASP E 231 18.97 -1.94 -32.69
C ASP E 231 18.97 -0.64 -31.91
N VAL E 232 19.48 0.43 -32.48
CA VAL E 232 19.39 1.71 -31.79
C VAL E 232 18.01 2.29 -31.95
N PHE E 233 17.37 2.07 -33.10
CA PHE E 233 16.00 2.56 -33.22
C PHE E 233 15.06 1.75 -32.35
N ASN E 234 15.24 0.43 -32.31
CA ASN E 234 14.36 -0.40 -31.52
C ASN E 234 14.31 0.05 -30.07
N LEU E 235 15.35 0.72 -29.60
CA LEU E 235 15.42 1.12 -28.22
C LEU E 235 14.97 2.55 -27.97
N LEU E 236 14.59 3.30 -29.00
CA LEU E 236 14.10 4.64 -28.74
C LEU E 236 12.83 4.55 -27.91
N PRO E 237 12.76 5.26 -26.79
CA PRO E 237 11.52 5.26 -26.00
C PRO E 237 10.36 5.77 -26.84
N ASN E 238 9.20 5.14 -26.67
CA ASN E 238 8.08 5.42 -27.54
C ASN E 238 7.61 6.86 -27.40
N LEU E 239 7.90 7.50 -26.27
CA LEU E 239 7.66 8.93 -26.10
C LEU E 239 8.17 9.39 -24.74
N ASN E 259 0.13 1.74 -20.69
CA ASN E 259 0.80 2.63 -19.75
C ASN E 259 1.84 3.45 -20.46
N ASN E 260 1.47 4.65 -20.88
CA ASN E 260 2.45 5.54 -21.48
C ASN E 260 3.63 5.72 -20.56
N LEU E 261 4.82 5.52 -21.11
CA LEU E 261 6.02 5.89 -20.39
C LEU E 261 5.89 7.32 -19.90
N GLN E 262 5.41 8.21 -20.77
CA GLN E 262 5.38 9.63 -20.43
C GLN E 262 4.51 9.90 -19.23
N LYS E 263 3.44 9.13 -19.06
CA LYS E 263 2.62 9.31 -17.88
C LYS E 263 3.43 9.01 -16.62
N ALA E 264 4.16 7.90 -16.62
CA ALA E 264 5.00 7.59 -15.47
C ALA E 264 6.00 8.70 -15.24
N LEU E 265 6.70 9.09 -16.29
CA LEU E 265 7.67 10.17 -16.20
C LEU E 265 7.07 11.40 -15.56
N THR E 266 5.88 11.79 -15.99
CA THR E 266 5.24 12.96 -15.45
C THR E 266 4.95 12.80 -13.96
N VAL E 267 4.36 11.66 -13.60
CA VAL E 267 4.03 11.45 -12.20
C VAL E 267 5.28 11.53 -11.34
N LYS E 268 6.39 10.99 -11.83
CA LYS E 268 7.64 11.18 -11.13
C LYS E 268 7.96 12.65 -11.01
N THR E 269 8.22 13.31 -12.13
CA THR E 269 8.70 14.69 -12.09
C THR E 269 7.89 15.53 -11.12
N ASN E 270 6.58 15.33 -11.09
CA ASN E 270 5.80 15.93 -10.01
C ASN E 270 6.32 15.45 -8.66
N ASP E 271 6.56 14.15 -8.52
CA ASP E 271 6.91 13.61 -7.23
C ASP E 271 8.25 14.17 -6.74
N GLU E 272 9.25 14.25 -7.61
CA GLU E 272 10.49 14.91 -7.23
C GLU E 272 10.24 16.37 -6.89
N LEU E 273 9.63 17.11 -7.81
CA LEU E 273 9.42 18.54 -7.58
C LEU E 273 8.83 18.80 -6.21
N MET E 274 7.99 17.90 -5.72
CA MET E 274 7.58 18.04 -4.34
C MET E 274 8.79 18.12 -3.43
N VAL E 275 9.61 17.08 -3.39
CA VAL E 275 10.68 17.02 -2.42
C VAL E 275 11.62 18.19 -2.59
N ILE E 276 11.87 18.58 -3.84
CA ILE E 276 12.59 19.82 -4.07
C ILE E 276 11.93 20.97 -3.34
N TYR E 277 10.60 21.04 -3.42
CA TYR E 277 9.88 22.18 -2.88
C TYR E 277 9.89 22.21 -1.36
N ILE E 278 9.42 21.15 -0.71
CA ILE E 278 9.41 21.19 0.74
C ILE E 278 10.83 21.27 1.27
N SER E 279 11.78 20.69 0.55
CA SER E 279 13.17 20.87 0.91
C SER E 279 13.53 22.35 0.91
N ASN E 280 13.13 23.06 -0.15
CA ASN E 280 13.34 24.49 -0.19
C ASN E 280 12.70 25.17 1.01
N LEU E 281 11.51 24.73 1.40
CA LEU E 281 10.91 25.29 2.61
C LEU E 281 11.85 25.15 3.79
N VAL E 282 12.39 23.95 3.99
CA VAL E 282 13.29 23.73 5.12
C VAL E 282 14.50 24.64 5.03
N ARG E 283 15.06 24.75 3.82
CA ARG E 283 16.18 25.65 3.63
C ARG E 283 15.82 27.07 4.05
N SER E 284 14.66 27.53 3.62
CA SER E 284 14.29 28.92 3.87
C SER E 284 14.08 29.17 5.35
N ILE E 285 13.34 28.29 6.02
CA ILE E 285 13.11 28.49 7.45
C ILE E 285 14.42 28.48 8.22
N ILE E 286 15.27 27.50 7.95
CA ILE E 286 16.51 27.45 8.73
C ILE E 286 17.35 28.70 8.46
N ALA E 287 17.32 29.19 7.22
CA ALA E 287 18.03 30.43 6.91
C ALA E 287 17.47 31.58 7.73
N PHE E 288 16.15 31.74 7.73
CA PHE E 288 15.49 32.72 8.57
C PHE E 288 15.99 32.65 10.01
N ASP E 289 16.07 31.45 10.55
CA ASP E 289 16.66 31.31 11.88
C ASP E 289 18.02 31.96 11.96
N ASP E 290 18.90 31.61 11.02
CA ASP E 290 20.22 32.23 11.05
C ASP E 290 20.11 33.74 11.04
N LEU E 291 19.19 34.29 10.24
CA LEU E 291 19.01 35.73 10.22
C LEU E 291 18.73 36.26 11.62
N ILE E 292 17.75 35.68 12.32
CA ILE E 292 17.45 36.26 13.62
C ILE E 292 18.63 36.06 14.55
N GLU E 293 19.44 35.03 14.32
CA GLU E 293 20.63 34.88 15.16
C GLU E 293 21.59 36.04 14.96
N ASN E 294 21.88 36.38 13.70
CA ASN E 294 22.70 37.57 13.46
C ASN E 294 22.07 38.77 14.11
N LYS E 295 20.90 39.17 13.62
CA LYS E 295 20.38 40.48 14.00
C LYS E 295 20.15 40.59 15.50
N ILE E 296 19.78 39.49 16.15
CA ILE E 296 19.80 39.47 17.62
C ILE E 296 21.22 39.70 18.13
N GLN E 297 22.20 39.08 17.50
CA GLN E 297 23.58 39.26 17.97
C GLN E 297 24.05 40.70 17.81
N ASN E 298 23.59 41.38 16.77
CA ASN E 298 23.93 42.78 16.60
C ASN E 298 23.23 43.63 17.65
N LYS E 299 21.98 43.32 17.96
CA LYS E 299 21.32 43.96 19.08
C LYS E 299 22.06 43.66 20.38
N LYS E 300 22.89 42.62 20.40
CA LYS E 300 23.75 42.37 21.55
C LYS E 300 25.01 43.22 21.52
N ILE E 301 25.62 43.37 20.36
CA ILE E 301 26.92 44.03 20.30
C ILE E 301 26.78 45.55 20.37
N GLN E 302 25.79 46.09 19.66
CA GLN E 302 25.74 47.53 19.39
C GLN E 302 25.79 48.35 20.68
N GLU E 303 24.90 48.07 21.62
CA GLU E 303 24.88 48.86 22.84
C GLU E 303 26.15 48.68 23.65
N GLN E 304 26.82 47.54 23.48
CA GLN E 304 28.12 47.38 24.10
C GLN E 304 29.17 48.27 23.42
N ARG E 305 29.08 48.41 22.10
CA ARG E 305 29.92 49.38 21.39
C ARG E 305 29.71 50.76 22.00
N VAL E 306 28.45 51.13 22.24
CA VAL E 306 28.13 52.37 22.93
C VAL E 306 28.82 52.36 24.28
N LYS E 307 28.40 51.47 25.17
CA LYS E 307 29.11 51.20 26.41
C LYS E 307 28.53 49.96 27.09
N GLU F 6 50.43 -61.04 -60.48
CA GLU F 6 49.63 -60.00 -59.83
C GLU F 6 48.43 -59.59 -60.66
N ILE F 7 47.86 -58.44 -60.30
CA ILE F 7 46.78 -57.81 -61.07
C ILE F 7 47.33 -56.98 -62.22
N ASP F 8 48.65 -56.97 -62.40
CA ASP F 8 49.27 -56.15 -63.44
C ASP F 8 48.66 -56.39 -64.81
N THR F 9 48.13 -57.59 -65.04
CA THR F 9 47.49 -57.87 -66.33
C THR F 9 46.18 -57.12 -66.45
N ILE F 10 45.33 -57.21 -65.43
CA ILE F 10 44.02 -56.56 -65.47
C ILE F 10 44.18 -55.06 -65.72
N LEU F 11 44.93 -54.39 -64.85
CA LEU F 11 45.21 -52.97 -65.06
C LEU F 11 45.87 -52.72 -66.40
N SER F 12 46.64 -53.70 -66.91
CA SER F 12 47.24 -53.56 -68.23
C SER F 12 46.18 -53.30 -69.28
N THR F 13 45.05 -53.99 -69.19
CA THR F 13 43.98 -53.84 -70.16
C THR F 13 43.32 -52.48 -70.10
N LEU F 14 43.60 -51.71 -69.05
CA LEU F 14 42.74 -50.58 -68.71
C LEU F 14 43.21 -49.26 -69.32
N ARG F 15 44.40 -49.19 -69.91
CA ARG F 15 44.72 -48.04 -70.73
C ARG F 15 43.97 -48.09 -72.06
N MET F 16 44.10 -49.19 -72.78
CA MET F 16 43.59 -49.27 -74.14
C MET F 16 42.09 -49.09 -74.22
N GLU F 17 41.41 -49.20 -73.09
CA GLU F 17 39.97 -48.98 -73.01
C GLU F 17 39.63 -47.53 -72.73
N ALA F 18 40.63 -46.65 -72.68
CA ALA F 18 40.43 -45.27 -72.26
C ALA F 18 41.30 -44.34 -73.11
N ASP F 19 41.00 -43.05 -73.00
CA ASP F 19 41.73 -42.03 -73.74
C ASP F 19 43.22 -42.09 -73.39
N PRO F 20 44.11 -41.93 -74.37
CA PRO F 20 45.55 -42.08 -74.08
C PRO F 20 46.12 -41.00 -73.20
N SER F 21 45.55 -39.80 -73.18
CA SER F 21 46.11 -38.72 -72.38
C SER F 21 46.21 -39.10 -70.92
N LEU F 22 45.28 -39.90 -70.43
CA LEU F 22 45.25 -40.35 -69.06
C LEU F 22 45.91 -41.71 -68.85
N HIS F 23 46.41 -42.33 -69.92
CA HIS F 23 47.22 -43.53 -69.74
C HIS F 23 48.45 -43.31 -68.88
N PRO F 24 49.14 -42.16 -68.93
CA PRO F 24 50.24 -41.92 -67.98
C PRO F 24 49.86 -42.14 -66.52
N LEU F 25 48.62 -41.85 -66.15
CA LEU F 25 48.19 -42.09 -64.78
C LEU F 25 48.32 -43.56 -64.44
N PHE F 26 47.86 -44.42 -65.34
CA PHE F 26 48.10 -45.85 -65.21
C PHE F 26 49.59 -46.13 -64.99
N GLU F 27 50.43 -45.47 -65.79
CA GLU F 27 51.85 -45.47 -65.53
C GLU F 27 52.11 -45.19 -64.06
N GLN F 28 51.71 -44.00 -63.60
CA GLN F 28 51.76 -43.69 -62.17
C GLN F 28 51.17 -44.83 -61.36
N PHE F 29 49.96 -45.25 -61.69
CA PHE F 29 49.38 -46.40 -61.03
C PHE F 29 50.39 -47.54 -61.01
N GLU F 30 50.75 -48.01 -62.21
CA GLU F 30 51.65 -49.15 -62.32
C GLU F 30 52.94 -48.96 -61.55
N LYS F 31 53.41 -47.72 -61.43
CA LYS F 31 54.56 -47.55 -60.57
C LYS F 31 54.11 -47.52 -59.11
N PHE F 32 53.24 -46.58 -58.76
CA PHE F 32 52.83 -46.43 -57.36
C PHE F 32 52.28 -47.74 -56.81
N TYR F 33 51.56 -48.50 -57.64
CA TYR F 33 51.11 -49.83 -57.27
C TYR F 33 52.25 -50.59 -56.63
N GLU F 34 53.30 -50.87 -57.40
CA GLU F 34 54.46 -51.54 -56.86
C GLU F 34 55.31 -50.62 -55.98
N GLU F 35 55.15 -49.30 -56.11
CA GLU F 35 55.91 -48.39 -55.26
C GLU F 35 55.32 -48.29 -53.86
N LYS F 36 54.02 -48.52 -53.72
CA LYS F 36 53.36 -48.54 -52.42
C LYS F 36 53.50 -47.21 -51.69
N LEU F 37 53.25 -46.12 -52.41
CA LEU F 37 53.12 -44.80 -51.79
C LEU F 37 51.63 -44.48 -51.72
N TRP F 38 51.04 -44.67 -50.54
CA TRP F 38 49.60 -44.75 -50.46
C TRP F 38 48.96 -43.37 -50.44
N PHE F 39 49.60 -42.40 -49.79
CA PHE F 39 49.18 -41.02 -49.96
C PHE F 39 49.33 -40.60 -51.42
N GLN F 40 50.41 -41.02 -52.06
CA GLN F 40 50.64 -40.68 -53.45
C GLN F 40 49.69 -41.45 -54.35
N LEU F 41 49.50 -42.75 -54.08
CA LEU F 41 48.43 -43.50 -54.72
C LEU F 41 47.13 -42.70 -54.68
N SER F 42 46.64 -42.45 -53.47
CA SER F 42 45.39 -41.72 -53.29
C SER F 42 45.33 -40.45 -54.11
N GLU F 43 46.46 -39.71 -54.19
CA GLU F 43 46.49 -38.56 -55.08
C GLU F 43 46.25 -38.97 -56.52
N SER F 44 47.00 -39.95 -57.01
CA SER F 44 46.89 -40.43 -58.38
C SER F 44 45.46 -40.83 -58.70
N LEU F 45 45.02 -41.89 -58.03
CA LEU F 45 43.65 -42.40 -58.19
C LEU F 45 42.66 -41.26 -58.13
N THR F 46 42.78 -40.41 -57.11
CA THR F 46 41.90 -39.25 -56.96
C THR F 46 41.80 -38.47 -58.26
N LYS F 47 42.95 -38.07 -58.79
CA LYS F 47 43.00 -37.40 -60.09
C LYS F 47 42.22 -38.19 -61.12
N PHE F 48 42.49 -39.49 -61.20
CA PHE F 48 41.94 -40.28 -62.29
C PHE F 48 40.42 -40.31 -62.22
N PHE F 49 39.86 -40.48 -61.04
CA PHE F 49 38.40 -40.47 -60.94
C PHE F 49 37.87 -39.09 -61.26
N ASP F 50 38.54 -38.05 -60.76
CA ASP F 50 38.10 -36.69 -60.98
C ASP F 50 37.92 -36.39 -62.47
N ASP F 51 38.98 -36.56 -63.25
CA ASP F 51 38.91 -36.24 -64.67
C ASP F 51 38.21 -37.33 -65.46
N ALA F 52 38.41 -38.57 -65.05
CA ALA F 52 37.97 -39.78 -65.75
C ALA F 52 36.54 -40.14 -65.45
N LYS F 53 35.80 -39.28 -64.72
CA LYS F 53 34.35 -39.46 -64.64
C LYS F 53 33.75 -39.66 -66.01
N SER F 54 34.41 -39.14 -67.05
CA SER F 54 34.07 -39.50 -68.42
C SER F 54 34.22 -40.99 -68.69
N THR F 55 34.94 -41.72 -67.85
CA THR F 55 35.22 -43.14 -68.07
C THR F 55 34.48 -43.98 -67.06
N PRO F 56 33.59 -44.88 -67.50
CA PRO F 56 32.81 -45.66 -66.52
C PRO F 56 33.62 -46.68 -65.75
N LEU F 57 34.60 -47.31 -66.40
CA LEU F 57 35.31 -48.45 -65.82
C LEU F 57 36.07 -48.10 -64.56
N ARG F 58 36.11 -46.81 -64.20
CA ARG F 58 36.54 -46.44 -62.85
C ARG F 58 35.86 -47.32 -61.82
N LEU F 59 34.57 -47.53 -62.00
CA LEU F 59 33.81 -48.53 -61.27
C LEU F 59 34.59 -49.83 -61.24
N ARG F 60 34.76 -50.45 -62.41
CA ARG F 60 35.60 -51.63 -62.55
C ARG F 60 36.94 -51.44 -61.86
N LEU F 61 37.54 -50.26 -62.01
CA LEU F 61 38.81 -49.99 -61.34
C LEU F 61 38.66 -50.11 -59.84
N TYR F 62 37.69 -49.40 -59.25
CA TYR F 62 37.37 -49.61 -57.85
C TYR F 62 37.15 -51.09 -57.59
N ASP F 63 36.49 -51.78 -58.53
CA ASP F 63 36.14 -53.16 -58.36
C ASP F 63 37.35 -54.06 -58.24
N ASN F 64 38.56 -53.55 -58.46
CA ASN F 64 39.69 -54.45 -58.54
C ASN F 64 40.79 -54.12 -57.54
N PHE F 65 41.60 -53.12 -57.85
CA PHE F 65 42.75 -52.74 -57.03
C PHE F 65 42.37 -51.78 -55.91
N VAL F 66 41.47 -50.83 -56.18
CA VAL F 66 40.93 -50.06 -55.07
C VAL F 66 40.09 -50.96 -54.19
N SER F 67 39.50 -52.00 -54.76
CA SER F 67 38.93 -53.04 -53.92
C SER F 67 40.01 -53.72 -53.09
N LYS F 68 41.24 -53.74 -53.57
CA LYS F 68 42.33 -54.20 -52.72
C LYS F 68 42.79 -53.13 -51.76
N PHE F 69 42.83 -51.88 -52.21
CA PHE F 69 43.56 -50.83 -51.54
C PHE F 69 42.71 -49.95 -50.62
N TYR F 70 41.41 -50.18 -50.55
CA TYR F 70 40.58 -49.33 -49.70
C TYR F 70 41.02 -49.42 -48.26
N ASP F 71 41.46 -50.60 -47.83
CA ASP F 71 41.89 -50.79 -46.45
C ASP F 71 43.01 -49.82 -46.08
N LYS F 72 43.89 -49.52 -47.04
CA LYS F 72 45.13 -48.82 -46.79
C LYS F 72 45.05 -47.32 -47.08
N ILE F 73 43.91 -46.83 -47.54
CA ILE F 73 43.79 -45.47 -48.04
C ILE F 73 42.70 -44.77 -47.25
N ASN F 74 42.69 -43.44 -47.31
CA ASN F 74 41.71 -42.64 -46.60
C ASN F 74 40.29 -43.14 -46.86
N GLN F 75 39.54 -43.33 -45.78
CA GLN F 75 38.13 -43.61 -45.89
C GLN F 75 37.43 -42.55 -46.72
N LEU F 76 37.64 -41.29 -46.36
CA LEU F 76 37.04 -40.18 -47.10
C LEU F 76 37.36 -40.28 -48.58
N SER F 77 38.62 -40.51 -48.90
CA SER F 77 39.05 -40.63 -50.28
C SER F 77 38.25 -41.70 -51.01
N VAL F 78 38.25 -42.92 -50.45
CA VAL F 78 37.70 -44.04 -51.18
C VAL F 78 36.19 -43.90 -51.32
N VAL F 79 35.52 -43.44 -50.27
CA VAL F 79 34.09 -43.26 -50.37
C VAL F 79 33.79 -42.15 -51.37
N LYS F 80 34.72 -41.22 -51.55
CA LYS F 80 34.56 -40.30 -52.67
C LYS F 80 34.85 -40.96 -54.00
N TYR F 81 35.59 -42.07 -54.02
CA TYR F 81 35.78 -42.81 -55.26
C TYR F 81 34.49 -43.48 -55.69
N LEU F 82 33.90 -44.29 -54.80
CA LEU F 82 32.60 -44.85 -55.11
C LEU F 82 31.61 -43.74 -55.43
N LEU F 83 31.54 -42.74 -54.56
CA LEU F 83 30.61 -41.65 -54.76
C LEU F 83 30.75 -41.08 -56.15
N ALA F 84 31.99 -40.86 -56.58
CA ALA F 84 32.23 -40.34 -57.92
C ALA F 84 31.71 -41.29 -58.98
N SER F 85 32.03 -42.58 -58.85
CA SER F 85 31.62 -43.55 -59.84
C SER F 85 30.11 -43.67 -59.92
N LEU F 86 29.42 -43.31 -58.85
CA LEU F 86 27.98 -43.56 -58.73
C LEU F 86 27.12 -42.37 -59.12
N LYS F 87 27.74 -41.26 -59.56
CA LYS F 87 26.94 -40.11 -60.00
C LYS F 87 25.87 -40.52 -61.01
N ASP F 88 26.25 -41.33 -61.99
CA ASP F 88 25.38 -41.65 -63.11
C ASP F 88 24.62 -42.95 -62.93
N SER F 89 24.79 -43.66 -61.82
CA SER F 89 24.24 -45.00 -61.75
C SER F 89 22.72 -44.94 -61.68
N LYS F 90 22.07 -45.57 -62.65
CA LYS F 90 20.62 -45.71 -62.66
C LYS F 90 20.16 -47.04 -62.11
N ASP F 91 21.08 -47.91 -61.73
CA ASP F 91 20.75 -49.11 -60.97
C ASP F 91 20.91 -48.74 -59.51
N PHE F 92 19.78 -48.58 -58.84
CA PHE F 92 19.82 -48.06 -57.48
C PHE F 92 20.12 -49.17 -56.48
N ASP F 93 19.57 -50.35 -56.72
CA ASP F 93 19.80 -51.46 -55.81
C ASP F 93 21.27 -51.85 -55.80
N GLU F 94 21.91 -51.82 -56.96
CA GLU F 94 23.33 -52.10 -56.99
C GLU F 94 24.13 -50.99 -56.33
N SER F 95 23.67 -49.75 -56.44
CA SER F 95 24.30 -48.66 -55.73
C SER F 95 24.28 -48.92 -54.23
N LEU F 96 23.07 -49.09 -53.66
CA LEU F 96 22.94 -49.47 -52.27
C LEU F 96 23.83 -50.65 -51.95
N LYS F 97 23.91 -51.61 -52.86
CA LYS F 97 24.75 -52.79 -52.69
C LYS F 97 26.19 -52.38 -52.42
N TYR F 98 26.84 -51.74 -53.40
CA TYR F 98 28.20 -51.27 -53.15
C TYR F 98 28.30 -50.53 -51.82
N LEU F 99 27.32 -49.67 -51.54
CA LEU F 99 27.35 -48.85 -50.34
C LEU F 99 27.43 -49.68 -49.08
N ASP F 100 26.36 -50.39 -48.72
CA ASP F 100 26.37 -51.13 -47.47
C ASP F 100 27.41 -52.22 -47.46
N ASP F 101 27.78 -52.74 -48.63
CA ASP F 101 28.89 -53.67 -48.71
C ASP F 101 30.13 -53.02 -48.12
N LEU F 102 30.57 -51.95 -48.78
CA LEU F 102 31.76 -51.25 -48.34
C LEU F 102 31.67 -50.85 -46.87
N LYS F 103 30.51 -50.35 -46.45
CA LYS F 103 30.31 -50.01 -45.05
C LYS F 103 30.63 -51.19 -44.16
N ALA F 104 29.96 -52.32 -44.43
CA ALA F 104 30.20 -53.54 -43.67
C ALA F 104 31.68 -53.85 -43.61
N GLN F 105 32.40 -53.59 -44.71
CA GLN F 105 33.84 -53.75 -44.67
C GLN F 105 34.48 -52.77 -43.70
N PHE F 106 33.94 -51.56 -43.59
CA PHE F 106 34.52 -50.62 -42.65
C PHE F 106 34.31 -51.06 -41.22
N GLN F 107 33.10 -51.50 -40.87
CA GLN F 107 32.89 -52.01 -39.53
C GLN F 107 33.77 -53.21 -39.26
N GLU F 108 33.99 -54.03 -40.29
CA GLU F 108 34.99 -55.09 -40.20
C GLU F 108 36.35 -54.52 -39.83
N LEU F 109 36.71 -53.37 -40.39
CA LEU F 109 37.95 -52.72 -39.95
C LEU F 109 37.81 -52.19 -38.53
N ASP F 110 36.59 -51.86 -38.13
CA ASP F 110 36.33 -51.29 -36.83
C ASP F 110 36.39 -52.33 -35.73
N SER F 111 36.43 -53.61 -36.09
CA SER F 111 36.71 -54.67 -35.14
C SER F 111 38.01 -54.41 -34.37
N LYS F 112 39.14 -54.41 -35.09
CA LYS F 112 40.43 -54.41 -34.41
C LYS F 112 40.76 -53.08 -33.76
N LYS F 113 40.27 -51.97 -34.35
CA LYS F 113 40.76 -50.66 -33.95
C LYS F 113 40.25 -50.30 -32.55
N GLN F 114 40.67 -49.13 -32.08
CA GLN F 114 40.44 -48.74 -30.69
C GLN F 114 39.99 -47.29 -30.61
N ARG F 115 39.50 -46.92 -29.43
CA ARG F 115 38.97 -45.58 -29.20
C ARG F 115 40.08 -44.54 -29.13
N ASN F 116 41.05 -44.75 -28.24
CA ASN F 116 42.08 -43.75 -28.01
C ASN F 116 43.09 -43.67 -29.15
N ASN F 117 43.05 -44.58 -30.12
CA ASN F 117 44.00 -44.50 -31.23
C ASN F 117 43.71 -43.33 -32.15
N GLY F 118 42.60 -42.62 -31.94
CA GLY F 118 42.42 -41.30 -32.52
C GLY F 118 41.82 -41.26 -33.91
N SER F 119 41.16 -42.31 -34.34
CA SER F 119 40.66 -42.39 -35.71
C SER F 119 39.23 -41.87 -35.74
N LYS F 120 39.04 -40.71 -36.34
CA LYS F 120 37.71 -40.24 -36.71
C LYS F 120 37.37 -40.57 -38.15
N ASP F 121 38.35 -41.05 -38.92
CA ASP F 121 38.18 -41.16 -40.37
C ASP F 121 37.15 -42.22 -40.73
N HIS F 122 37.24 -43.40 -40.12
CA HIS F 122 36.31 -44.48 -40.46
C HIS F 122 34.87 -44.08 -40.16
N GLY F 123 34.62 -43.55 -38.96
CA GLY F 123 33.30 -43.06 -38.65
C GLY F 123 32.81 -42.03 -39.66
N ASP F 124 33.71 -41.15 -40.09
CA ASP F 124 33.34 -40.15 -41.08
C ASP F 124 32.89 -40.80 -42.38
N GLY F 125 33.73 -41.65 -42.95
CA GLY F 125 33.35 -42.36 -44.15
C GLY F 125 32.01 -43.06 -43.98
N ILE F 126 31.78 -43.66 -42.81
CA ILE F 126 30.48 -44.24 -42.51
C ILE F 126 29.39 -43.20 -42.72
N LEU F 127 29.57 -42.02 -42.14
CA LEU F 127 28.56 -40.99 -42.23
C LEU F 127 28.26 -40.62 -43.68
N LEU F 128 29.31 -40.31 -44.45
CA LEU F 128 29.15 -40.08 -45.88
C LEU F 128 28.30 -41.15 -46.53
N ILE F 129 28.78 -42.39 -46.43
CA ILE F 129 28.09 -43.53 -47.00
C ILE F 129 26.61 -43.44 -46.69
N ASP F 130 26.30 -43.20 -45.42
CA ASP F 130 24.90 -43.13 -45.01
C ASP F 130 24.16 -42.05 -45.78
N SER F 131 24.75 -40.85 -45.83
CA SER F 131 24.10 -39.74 -46.49
C SER F 131 23.79 -40.07 -47.95
N GLU F 132 24.77 -40.61 -48.67
CA GLU F 132 24.51 -40.89 -50.07
C GLU F 132 23.52 -42.03 -50.23
N ILE F 133 23.54 -43.00 -49.31
CA ILE F 133 22.46 -43.99 -49.25
C ILE F 133 21.12 -43.28 -49.26
N ALA F 134 20.95 -42.33 -48.34
CA ALA F 134 19.72 -41.55 -48.31
C ALA F 134 19.43 -40.96 -49.68
N ARG F 135 20.41 -40.31 -50.28
CA ARG F 135 20.22 -39.77 -51.62
C ARG F 135 19.65 -40.82 -52.57
N THR F 136 20.27 -42.00 -52.57
CA THR F 136 19.80 -43.08 -53.43
C THR F 136 18.33 -43.34 -53.19
N TYR F 137 17.91 -43.37 -51.94
CA TYR F 137 16.49 -43.54 -51.68
C TYR F 137 15.68 -42.42 -52.27
N LEU F 138 16.12 -41.17 -52.10
CA LEU F 138 15.38 -40.08 -52.73
C LEU F 138 15.23 -40.32 -54.21
N LEU F 139 16.21 -40.98 -54.82
CA LEU F 139 16.07 -41.33 -56.23
C LEU F 139 15.09 -42.48 -56.41
N LYS F 140 14.95 -43.33 -55.39
CA LYS F 140 14.01 -44.44 -55.42
C LYS F 140 12.62 -44.05 -54.96
N ASN F 141 12.38 -42.77 -54.72
CA ASN F 141 11.20 -42.28 -54.01
C ASN F 141 11.24 -42.91 -52.62
N ASP F 142 10.14 -43.42 -52.10
CA ASP F 142 10.09 -43.88 -50.71
C ASP F 142 10.68 -42.80 -49.81
N LEU F 143 10.01 -41.65 -49.80
CA LEU F 143 10.55 -40.50 -49.09
C LEU F 143 10.72 -40.78 -47.61
N VAL F 144 9.99 -41.75 -47.07
CA VAL F 144 10.07 -42.00 -45.64
C VAL F 144 11.38 -42.71 -45.30
N LYS F 145 11.65 -43.81 -45.99
CA LYS F 145 12.88 -44.55 -45.71
C LYS F 145 14.10 -43.69 -45.94
N ALA F 146 13.98 -42.64 -46.73
CA ALA F 146 14.99 -41.61 -46.73
C ALA F 146 14.93 -40.83 -45.43
N ARG F 147 13.74 -40.34 -45.09
CA ARG F 147 13.59 -39.39 -43.99
C ARG F 147 14.21 -39.93 -42.71
N ASP F 148 13.80 -41.12 -42.30
CA ASP F 148 14.34 -41.67 -41.06
C ASP F 148 15.86 -41.78 -41.12
N LEU F 149 16.41 -42.14 -42.27
CA LEU F 149 17.87 -42.22 -42.39
C LEU F 149 18.50 -40.86 -42.16
N LEU F 150 17.98 -39.82 -42.83
CA LEU F 150 18.53 -38.49 -42.64
C LEU F 150 18.46 -38.06 -41.18
N ASP F 151 17.36 -38.37 -40.51
CA ASP F 151 17.25 -37.95 -39.12
C ASP F 151 18.25 -38.69 -38.24
N ASP F 152 18.26 -40.03 -38.34
CA ASP F 152 19.21 -40.82 -37.60
C ASP F 152 20.62 -40.32 -37.80
N LEU F 153 20.94 -39.87 -39.01
CA LEU F 153 22.22 -39.25 -39.25
C LEU F 153 22.34 -37.94 -38.51
N GLU F 154 21.27 -37.16 -38.48
CA GLU F 154 21.36 -35.80 -37.95
C GLU F 154 21.66 -35.81 -36.46
N LYS F 155 21.01 -36.70 -35.70
CA LYS F 155 21.33 -36.80 -34.29
C LYS F 155 22.80 -37.08 -34.07
N THR F 156 23.40 -37.90 -34.94
CA THR F 156 24.82 -38.18 -34.79
C THR F 156 25.65 -36.95 -35.11
N LEU F 157 25.41 -36.33 -36.26
CA LEU F 157 26.20 -35.17 -36.65
C LEU F 157 26.06 -34.01 -35.70
N ASP F 158 25.00 -33.96 -34.89
CA ASP F 158 24.87 -32.83 -33.98
C ASP F 158 25.86 -32.91 -32.84
N LYS F 159 26.28 -34.10 -32.46
CA LYS F 159 27.20 -34.26 -31.34
C LYS F 159 28.65 -34.36 -31.76
N LYS F 160 28.95 -34.34 -33.05
CA LYS F 160 30.33 -34.25 -33.48
C LYS F 160 30.76 -32.79 -33.41
N ASP F 161 31.79 -32.52 -32.61
CA ASP F 161 32.40 -31.20 -32.60
C ASP F 161 33.59 -31.11 -33.54
N SER F 162 33.87 -32.17 -34.28
CA SER F 162 34.87 -32.14 -35.34
C SER F 162 34.30 -32.89 -36.53
N ILE F 163 34.20 -32.21 -37.66
CA ILE F 163 33.55 -32.79 -38.82
C ILE F 163 34.25 -32.34 -40.10
N PRO F 164 34.39 -33.19 -41.10
CA PRO F 164 34.81 -32.72 -42.41
C PRO F 164 33.68 -31.98 -43.09
N LEU F 165 34.04 -30.93 -43.83
CA LEU F 165 33.02 -30.18 -44.53
C LEU F 165 32.35 -31.02 -45.61
N ARG F 166 33.08 -31.99 -46.16
CA ARG F 166 32.51 -32.88 -47.17
C ARG F 166 31.18 -33.45 -46.70
N ILE F 167 31.22 -34.09 -45.53
CA ILE F 167 30.04 -34.75 -44.98
C ILE F 167 28.90 -33.75 -44.89
N THR F 168 29.19 -32.58 -44.36
CA THR F 168 28.17 -31.57 -44.15
C THR F 168 27.52 -31.16 -45.46
N ASN F 169 28.32 -30.88 -46.48
CA ASN F 169 27.76 -30.52 -47.78
C ASN F 169 26.91 -31.65 -48.35
N SER F 170 27.31 -32.89 -48.13
CA SER F 170 26.47 -33.99 -48.55
C SER F 170 25.13 -33.97 -47.81
N PHE F 171 25.19 -33.73 -46.50
CA PHE F 171 24.02 -33.81 -45.67
C PHE F 171 23.00 -32.75 -46.05
N TYR F 172 23.41 -31.49 -46.07
CA TYR F 172 22.49 -30.45 -46.48
C TYR F 172 22.09 -30.60 -47.94
N SER F 173 22.96 -31.18 -48.76
CA SER F 173 22.57 -31.47 -50.13
C SER F 173 21.33 -32.34 -50.16
N THR F 174 21.45 -33.56 -49.62
CA THR F 174 20.33 -34.49 -49.65
C THR F 174 19.11 -33.93 -48.94
N ASN F 175 19.31 -33.19 -47.85
CA ASN F 175 18.17 -32.65 -47.13
C ASN F 175 17.41 -31.66 -47.98
N SER F 176 18.11 -30.66 -48.53
CA SER F 176 17.45 -29.73 -49.43
C SER F 176 16.69 -30.47 -50.52
N GLN F 177 17.35 -31.46 -51.11
CA GLN F 177 16.71 -32.29 -52.12
C GLN F 177 15.37 -32.81 -51.61
N TYR F 178 15.41 -33.49 -50.47
CA TYR F 178 14.20 -34.05 -49.88
C TYR F 178 13.13 -33.01 -49.69
N PHE F 179 13.51 -31.82 -49.23
CA PHE F 179 12.50 -30.82 -48.95
C PHE F 179 11.85 -30.30 -50.22
N LYS F 180 12.62 -30.12 -51.30
CA LYS F 180 11.92 -29.69 -52.49
C LYS F 180 11.10 -30.81 -53.10
N PHE F 181 11.37 -32.07 -52.74
CA PHE F 181 10.36 -33.08 -53.02
C PHE F 181 9.10 -32.85 -52.20
N LYS F 182 9.25 -32.78 -50.88
CA LYS F 182 8.09 -32.57 -50.01
C LYS F 182 7.44 -31.21 -50.22
N ASN F 183 8.18 -30.25 -50.78
CA ASN F 183 7.70 -28.89 -50.94
C ASN F 183 7.35 -28.26 -49.60
N ASP F 184 8.26 -28.43 -48.64
CA ASP F 184 8.31 -27.57 -47.47
C ASP F 184 9.28 -26.45 -47.78
N PHE F 185 8.76 -25.25 -47.98
CA PHE F 185 9.61 -24.21 -48.54
C PHE F 185 10.54 -23.63 -47.50
N ASN F 186 10.04 -23.39 -46.28
CA ASN F 186 10.88 -22.91 -45.20
C ASN F 186 12.14 -23.76 -45.06
N SER F 187 11.91 -25.02 -44.66
CA SER F 187 13.02 -25.94 -44.45
C SER F 187 13.94 -26.01 -45.66
N PHE F 188 13.36 -26.07 -46.86
CA PHE F 188 14.20 -26.07 -48.04
C PHE F 188 15.12 -24.86 -48.06
N TYR F 189 14.55 -23.68 -47.80
CA TYR F 189 15.33 -22.47 -47.83
C TYR F 189 16.49 -22.54 -46.86
N TYR F 190 16.21 -22.81 -45.60
CA TYR F 190 17.27 -22.78 -44.61
C TYR F 190 18.34 -23.82 -44.93
N THR F 191 17.92 -25.06 -45.11
CA THR F 191 18.86 -26.10 -45.50
C THR F 191 19.72 -25.65 -46.66
N SER F 192 19.11 -25.04 -47.66
CA SER F 192 19.83 -24.54 -48.81
C SER F 192 20.92 -23.60 -48.37
N LEU F 193 20.56 -22.46 -47.79
CA LEU F 193 21.58 -21.49 -47.42
C LEU F 193 22.73 -22.13 -46.65
N LEU F 194 22.40 -23.00 -45.70
CA LEU F 194 23.47 -23.68 -44.97
C LEU F 194 24.38 -24.43 -45.93
N TYR F 195 23.79 -25.32 -46.73
CA TYR F 195 24.48 -26.05 -47.77
C TYR F 195 25.40 -25.17 -48.58
N LEU F 196 24.80 -24.23 -49.30
CA LEU F 196 25.53 -23.37 -50.22
C LEU F 196 26.69 -22.69 -49.52
N SER F 197 26.44 -22.12 -48.34
CA SER F 197 27.50 -21.40 -47.64
C SER F 197 28.68 -22.30 -47.33
N THR F 198 28.44 -23.57 -47.09
CA THR F 198 29.50 -24.51 -46.76
C THR F 198 30.08 -25.18 -47.98
N LEU F 199 29.70 -24.74 -49.17
CA LEU F 199 30.06 -25.45 -50.37
C LEU F 199 31.58 -25.54 -50.51
N GLU F 200 32.03 -26.65 -51.05
CA GLU F 200 33.41 -27.08 -51.13
C GLU F 200 34.21 -26.18 -52.08
N PRO F 201 35.48 -25.94 -51.78
CA PRO F 201 36.36 -25.31 -52.79
C PRO F 201 36.41 -26.09 -54.10
N SER F 202 36.45 -27.42 -54.04
CA SER F 202 36.19 -28.20 -55.24
C SER F 202 34.69 -28.24 -55.43
N THR F 203 34.21 -27.65 -56.50
CA THR F 203 32.79 -27.44 -56.68
C THR F 203 32.26 -28.48 -57.67
N SER F 204 31.48 -29.42 -57.15
CA SER F 204 30.72 -30.30 -58.03
C SER F 204 29.59 -29.58 -58.72
N ILE F 205 29.35 -28.33 -58.37
CA ILE F 205 28.21 -27.57 -58.88
C ILE F 205 28.65 -26.78 -60.10
N THR F 206 27.80 -26.79 -61.11
CA THR F 206 28.02 -26.03 -62.32
C THR F 206 26.99 -24.91 -62.40
N LEU F 207 27.37 -23.81 -63.02
CA LEU F 207 26.45 -22.68 -63.17
C LEU F 207 25.12 -23.14 -63.76
N ALA F 208 25.14 -24.22 -64.53
CA ALA F 208 23.91 -24.87 -64.97
C ALA F 208 22.96 -25.06 -63.80
N GLU F 209 23.32 -25.95 -62.87
CA GLU F 209 22.51 -26.15 -61.68
C GLU F 209 22.41 -24.86 -60.88
N ARG F 210 23.56 -24.29 -60.54
CA ARG F 210 23.62 -23.21 -59.57
C ARG F 210 22.61 -22.12 -59.88
N GLN F 211 22.43 -21.78 -61.15
CA GLN F 211 21.30 -20.94 -61.53
C GLN F 211 20.00 -21.51 -60.99
N GLN F 212 19.74 -22.78 -61.28
CA GLN F 212 18.47 -23.37 -60.88
C GLN F 212 18.31 -23.35 -59.37
N LEU F 213 19.41 -23.51 -58.64
CA LEU F 213 19.35 -23.42 -57.19
C LEU F 213 18.90 -22.04 -56.76
N ALA F 214 19.57 -21.00 -57.26
CA ALA F 214 19.16 -19.64 -56.94
C ALA F 214 17.68 -19.43 -57.24
N TYR F 215 17.21 -19.97 -58.36
CA TYR F 215 15.81 -19.83 -58.69
C TYR F 215 14.93 -20.47 -57.63
N ASP F 216 15.21 -21.72 -57.28
CA ASP F 216 14.42 -22.41 -56.28
C ASP F 216 14.39 -21.64 -54.97
N LEU F 217 15.49 -20.99 -54.61
CA LEU F 217 15.46 -20.14 -53.44
C LEU F 217 14.49 -19.00 -53.62
N SER F 218 14.53 -18.35 -54.78
CA SER F 218 13.61 -17.25 -55.00
C SER F 218 12.16 -17.70 -54.78
N ILE F 219 11.78 -18.80 -55.40
CA ILE F 219 10.42 -19.29 -55.23
C ILE F 219 10.14 -19.61 -53.77
N SER F 220 11.09 -20.25 -53.09
CA SER F 220 10.89 -20.58 -51.69
C SER F 220 10.59 -19.32 -50.89
N ALA F 221 11.55 -18.41 -50.85
CA ALA F 221 11.39 -17.19 -50.07
C ALA F 221 10.14 -16.43 -50.45
N LEU F 222 9.67 -16.58 -51.69
CA LEU F 222 8.32 -16.11 -51.97
C LEU F 222 7.31 -16.84 -51.12
N LEU F 223 7.34 -18.16 -51.18
CA LEU F 223 6.24 -18.96 -50.68
C LEU F 223 6.45 -19.45 -49.25
N GLY F 224 7.60 -19.21 -48.65
CA GLY F 224 7.78 -19.57 -47.26
C GLY F 224 7.08 -18.57 -46.36
N ASP F 225 6.34 -19.06 -45.38
CA ASP F 225 5.66 -18.16 -44.48
C ASP F 225 6.60 -17.59 -43.43
N LYS F 226 7.61 -18.34 -43.04
CA LYS F 226 8.54 -17.90 -42.03
C LYS F 226 9.66 -17.06 -42.61
N ILE F 227 9.70 -16.88 -43.90
CA ILE F 227 10.86 -16.32 -44.57
C ILE F 227 10.60 -14.85 -44.84
N TYR F 228 11.28 -14.00 -44.10
CA TYR F 228 11.32 -12.58 -44.33
C TYR F 228 12.79 -12.23 -44.35
N ASN F 229 13.13 -10.95 -44.38
CA ASN F 229 14.53 -10.56 -44.50
C ASN F 229 15.12 -11.14 -45.78
N PHE F 230 14.57 -10.71 -46.91
CA PHE F 230 15.07 -11.20 -48.19
C PHE F 230 16.44 -10.65 -48.51
N GLY F 231 16.84 -9.55 -47.88
CA GLY F 231 18.19 -9.08 -48.06
C GLY F 231 19.20 -10.15 -47.77
N GLU F 232 18.81 -11.19 -47.04
CA GLU F 232 19.63 -12.38 -46.92
C GLU F 232 20.10 -12.85 -48.28
N LEU F 233 19.16 -13.24 -49.14
CA LEU F 233 19.55 -13.80 -50.42
C LEU F 233 19.90 -12.73 -51.44
N LEU F 234 19.18 -11.60 -51.47
CA LEU F 234 19.44 -10.61 -52.51
C LEU F 234 20.88 -10.16 -52.51
N HIS F 235 21.54 -10.19 -51.35
CA HIS F 235 22.95 -9.94 -51.25
C HIS F 235 23.76 -11.23 -51.23
N HIS F 236 23.15 -12.28 -51.42
CA HIS F 236 23.89 -13.52 -51.30
C HIS F 236 24.59 -13.85 -52.62
N PRO F 237 25.82 -14.35 -52.54
CA PRO F 237 26.66 -14.46 -53.75
C PRO F 237 26.09 -15.31 -54.85
N ILE F 238 25.07 -16.12 -54.62
CA ILE F 238 24.58 -16.91 -55.73
C ILE F 238 23.69 -16.11 -56.66
N MET F 239 22.95 -15.11 -56.15
CA MET F 239 22.07 -14.33 -57.02
C MET F 239 22.81 -13.78 -58.22
N GLU F 240 24.08 -13.44 -58.04
CA GLU F 240 24.87 -12.85 -59.11
C GLU F 240 25.01 -13.77 -60.31
N THR F 241 24.65 -15.04 -60.16
CA THR F 241 24.68 -15.94 -61.31
C THR F 241 23.46 -15.74 -62.20
N ILE F 242 22.27 -15.69 -61.61
CA ILE F 242 21.05 -15.60 -62.39
C ILE F 242 20.59 -14.17 -62.57
N VAL F 243 21.33 -13.20 -62.03
CA VAL F 243 20.85 -11.83 -61.99
C VAL F 243 20.61 -11.27 -63.38
N ASN F 244 21.46 -11.63 -64.32
CA ASN F 244 21.50 -10.91 -65.60
C ASN F 244 20.42 -11.36 -66.56
N ASP F 245 20.01 -12.63 -66.52
CA ASP F 245 19.00 -13.13 -67.45
C ASP F 245 17.71 -12.34 -67.28
N SER F 246 17.18 -11.84 -68.39
CA SER F 246 15.95 -11.06 -68.35
C SER F 246 14.71 -11.93 -68.20
N ASN F 247 14.77 -13.19 -68.62
CA ASN F 247 13.65 -14.10 -68.40
C ASN F 247 13.33 -14.20 -66.92
N TYR F 248 14.33 -14.03 -66.07
CA TYR F 248 14.17 -13.99 -64.62
C TYR F 248 14.18 -12.58 -64.04
N ASP F 249 14.31 -11.55 -64.88
CA ASP F 249 14.46 -10.19 -64.34
C ASP F 249 13.25 -9.77 -63.53
N TRP F 250 12.05 -10.03 -64.06
CA TRP F 250 10.82 -9.78 -63.32
C TRP F 250 10.93 -10.30 -61.89
N LEU F 251 11.59 -11.45 -61.74
CA LEU F 251 11.74 -12.07 -60.43
C LEU F 251 12.30 -11.08 -59.42
N PHE F 252 13.42 -10.44 -59.77
CA PHE F 252 13.97 -9.46 -58.85
C PHE F 252 13.00 -8.32 -58.64
N GLN F 253 12.32 -7.91 -59.71
CA GLN F 253 11.27 -6.91 -59.60
C GLN F 253 10.35 -7.23 -58.45
N LEU F 254 10.00 -8.51 -58.29
CA LEU F 254 9.29 -8.95 -57.11
C LEU F 254 10.05 -8.61 -55.84
N LEU F 255 11.15 -9.31 -55.61
CA LEU F 255 11.79 -9.27 -54.31
C LEU F 255 12.19 -7.86 -53.96
N ASN F 256 12.90 -7.20 -54.87
CA ASN F 256 13.30 -5.81 -54.67
C ASN F 256 12.12 -4.98 -54.21
N ALA F 257 10.99 -5.11 -54.89
CA ALA F 257 9.80 -4.37 -54.47
C ALA F 257 9.33 -4.85 -53.12
N LEU F 258 9.16 -6.16 -52.99
CA LEU F 258 8.65 -6.77 -51.77
C LEU F 258 9.37 -6.25 -50.54
N THR F 259 10.67 -6.48 -50.44
CA THR F 259 11.41 -6.05 -49.26
C THR F 259 11.18 -4.59 -48.94
N VAL F 260 11.05 -3.75 -49.98
CA VAL F 260 10.81 -2.35 -49.72
C VAL F 260 9.41 -2.15 -49.17
N GLY F 261 8.52 -3.11 -49.39
CA GLY F 261 7.16 -2.97 -48.91
C GLY F 261 6.34 -2.01 -49.74
N ASP F 262 6.43 -2.13 -51.06
CA ASP F 262 5.65 -1.30 -51.96
C ASP F 262 4.46 -2.10 -52.44
N PHE F 263 3.27 -1.74 -51.96
CA PHE F 263 2.10 -2.58 -52.15
C PHE F 263 1.68 -2.61 -53.61
N ASP F 264 1.42 -1.45 -54.19
CA ASP F 264 0.83 -1.41 -55.52
C ASP F 264 1.80 -1.93 -56.57
N LYS F 265 3.03 -1.44 -56.58
CA LYS F 265 3.97 -1.81 -57.63
C LYS F 265 4.17 -3.32 -57.66
N PHE F 266 4.16 -3.95 -56.49
CA PHE F 266 4.12 -5.39 -56.43
C PHE F 266 2.82 -5.91 -57.04
N ASP F 267 1.71 -5.31 -56.63
CA ASP F 267 0.40 -5.77 -57.07
C ASP F 267 0.29 -5.79 -58.58
N SER F 268 0.99 -4.90 -59.26
CA SER F 268 1.07 -4.97 -60.71
C SER F 268 1.74 -6.27 -61.14
N LEU F 269 2.84 -6.62 -60.47
CA LEU F 269 3.67 -7.73 -60.94
C LEU F 269 2.95 -9.06 -60.77
N ILE F 270 2.29 -9.25 -59.63
CA ILE F 270 1.66 -10.55 -59.37
C ILE F 270 0.72 -10.93 -60.51
N LYS F 271 -0.34 -10.14 -60.71
CA LYS F 271 -1.40 -10.54 -61.62
C LYS F 271 -0.84 -10.97 -62.97
N VAL F 272 0.28 -10.38 -63.38
CA VAL F 272 0.92 -10.78 -64.62
C VAL F 272 1.62 -12.12 -64.46
N GLN F 273 2.40 -12.27 -63.39
CA GLN F 273 3.27 -13.45 -63.29
C GLN F 273 2.48 -14.71 -62.95
N ILE F 274 1.49 -14.59 -62.07
CA ILE F 274 0.65 -15.74 -61.75
C ILE F 274 0.04 -16.33 -63.01
N SER F 275 -0.34 -15.48 -63.95
CA SER F 275 -0.83 -15.96 -65.23
C SER F 275 0.20 -16.80 -65.97
N LYS F 276 1.47 -16.76 -65.54
CA LYS F 276 2.53 -17.50 -66.19
C LYS F 276 2.86 -18.78 -65.43
N ILE F 277 3.36 -18.67 -64.21
CA ILE F 277 3.91 -19.79 -63.49
C ILE F 277 2.85 -20.46 -62.62
N PRO F 278 2.68 -21.77 -62.73
CA PRO F 278 1.56 -22.43 -62.03
C PRO F 278 1.64 -22.29 -60.52
N ILE F 279 2.82 -22.49 -59.96
CA ILE F 279 2.96 -22.60 -58.51
C ILE F 279 2.46 -21.33 -57.83
N LEU F 280 2.77 -20.18 -58.42
CA LEU F 280 2.25 -18.93 -57.91
C LEU F 280 0.74 -18.95 -57.86
N ALA F 281 0.11 -19.31 -58.98
CA ALA F 281 -1.34 -19.40 -59.03
C ALA F 281 -1.88 -20.35 -57.97
N GLN F 282 -1.07 -21.33 -57.57
CA GLN F 282 -1.50 -22.25 -56.55
C GLN F 282 -1.49 -21.60 -55.17
N HIS F 283 -0.42 -20.88 -54.84
CA HIS F 283 -0.24 -20.40 -53.48
C HIS F 283 -0.66 -18.95 -53.26
N GLU F 284 -1.23 -18.28 -54.26
CA GLU F 284 -1.33 -16.82 -54.29
C GLU F 284 -1.76 -16.17 -52.98
N SER F 285 -2.69 -16.80 -52.27
CA SER F 285 -3.16 -16.27 -50.99
C SER F 285 -1.99 -15.90 -50.10
N PHE F 286 -1.04 -16.83 -49.97
CA PHE F 286 0.19 -16.53 -49.25
C PHE F 286 0.74 -15.19 -49.70
N LEU F 287 1.09 -15.09 -50.98
CA LEU F 287 1.70 -13.90 -51.53
C LEU F 287 0.95 -12.65 -51.08
N ARG F 288 -0.37 -12.67 -51.16
CA ARG F 288 -1.12 -11.48 -50.74
C ARG F 288 -0.87 -11.18 -49.27
N GLN F 289 -1.13 -12.17 -48.41
CA GLN F 289 -0.97 -11.95 -46.97
C GLN F 289 0.42 -11.44 -46.66
N LYS F 290 1.42 -12.05 -47.28
CA LYS F 290 2.80 -11.65 -47.06
C LYS F 290 3.04 -10.21 -47.50
N ILE F 291 2.41 -9.79 -48.59
CA ILE F 291 2.56 -8.40 -49.01
C ILE F 291 1.99 -7.47 -47.96
N CYS F 292 0.72 -7.65 -47.61
CA CYS F 292 0.12 -6.82 -46.58
C CYS F 292 1.06 -6.72 -45.39
N LEU F 293 1.60 -7.87 -45.01
CA LEU F 293 2.51 -7.94 -43.87
C LEU F 293 3.70 -7.00 -44.06
N MET F 294 4.51 -7.26 -45.10
CA MET F 294 5.71 -6.46 -45.32
C MET F 294 5.39 -4.97 -45.39
N THR F 295 4.29 -4.60 -46.04
CA THR F 295 3.92 -3.19 -46.05
C THR F 295 3.76 -2.68 -44.64
N LEU F 296 3.04 -3.44 -43.82
CA LEU F 296 2.89 -3.08 -42.41
C LEU F 296 4.23 -2.83 -41.76
N ILE F 297 5.14 -3.80 -41.87
CA ILE F 297 6.40 -3.68 -41.15
C ILE F 297 7.19 -2.48 -41.65
N GLU F 298 7.06 -2.13 -42.92
CA GLU F 298 7.71 -0.91 -43.40
C GLU F 298 7.11 0.32 -42.76
N THR F 299 5.79 0.45 -42.90
CA THR F 299 5.06 1.59 -42.35
C THR F 299 5.47 1.84 -40.92
N VAL F 300 5.64 0.78 -40.13
CA VAL F 300 6.08 0.97 -38.75
C VAL F 300 7.56 1.30 -38.71
N PHE F 301 8.34 0.72 -39.60
CA PHE F 301 9.78 0.86 -39.50
C PHE F 301 10.22 2.30 -39.75
N VAL F 302 9.56 2.99 -40.66
CA VAL F 302 9.96 4.35 -40.99
C VAL F 302 9.43 5.33 -39.95
N LYS F 303 8.20 5.13 -39.48
CA LYS F 303 7.53 6.12 -38.67
C LYS F 303 8.30 6.37 -37.38
N ASN F 304 8.58 7.64 -37.09
CA ASN F 304 9.39 7.99 -35.94
C ASN F 304 8.79 7.48 -34.64
N ILE F 305 7.70 8.08 -34.20
CA ILE F 305 6.96 7.57 -33.06
C ILE F 305 6.13 6.40 -33.56
N ARG F 306 6.36 5.22 -33.00
CA ARG F 306 5.77 4.00 -33.53
C ARG F 306 4.43 3.81 -32.84
N MET F 307 3.36 4.11 -33.57
CA MET F 307 2.01 3.84 -33.15
C MET F 307 1.19 3.94 -34.41
N LEU F 308 0.03 3.31 -34.43
CA LEU F 308 -0.80 3.39 -35.62
C LEU F 308 -2.25 3.28 -35.24
N SER F 309 -3.10 3.96 -36.00
CA SER F 309 -4.50 3.61 -35.91
C SER F 309 -4.74 2.38 -36.77
N PHE F 310 -5.95 1.84 -36.70
CA PHE F 310 -6.22 0.75 -37.63
C PHE F 310 -6.48 1.28 -39.02
N GLU F 311 -6.92 2.53 -39.11
CA GLU F 311 -7.09 3.19 -40.40
C GLU F 311 -5.80 3.09 -41.19
N ASP F 312 -4.75 3.70 -40.66
CA ASP F 312 -3.48 3.80 -41.38
C ASP F 312 -3.07 2.47 -41.95
N ILE F 313 -3.21 1.41 -41.17
CA ILE F 313 -2.87 0.09 -41.68
C ILE F 313 -3.83 -0.30 -42.79
N SER F 314 -5.11 0.01 -42.63
CA SER F 314 -6.06 -0.35 -43.68
C SER F 314 -5.66 0.29 -45.00
N LYS F 315 -5.39 1.59 -44.97
CA LYS F 315 -4.91 2.30 -46.16
C LYS F 315 -3.66 1.66 -46.72
N ALA F 316 -2.59 1.67 -45.93
CA ALA F 316 -1.29 1.20 -46.40
C ALA F 316 -1.36 -0.21 -46.96
N THR F 317 -2.16 -1.07 -46.33
CA THR F 317 -2.26 -2.46 -46.73
C THR F 317 -3.44 -2.75 -47.63
N HIS F 318 -4.30 -1.77 -47.89
CA HIS F 318 -5.49 -1.99 -48.71
C HIS F 318 -6.30 -3.15 -48.16
N LEU F 319 -6.57 -3.09 -46.87
CA LEU F 319 -7.21 -4.17 -46.15
C LEU F 319 -8.42 -3.64 -45.40
N PRO F 320 -9.52 -4.39 -45.35
CA PRO F 320 -10.65 -3.95 -44.53
C PRO F 320 -10.25 -3.82 -43.08
N LYS F 321 -10.88 -2.85 -42.40
CA LYS F 321 -10.48 -2.54 -41.04
C LYS F 321 -10.61 -3.73 -40.10
N ASP F 322 -11.40 -4.73 -40.46
CA ASP F 322 -11.53 -5.89 -39.59
C ASP F 322 -10.21 -6.63 -39.46
N ASN F 323 -9.60 -6.99 -40.59
CA ASN F 323 -8.47 -7.90 -40.58
C ASN F 323 -7.23 -7.28 -39.99
N VAL F 324 -7.22 -5.96 -39.78
CA VAL F 324 -6.07 -5.32 -39.16
C VAL F 324 -5.69 -6.05 -37.88
N GLU F 325 -6.69 -6.49 -37.13
CA GLU F 325 -6.42 -7.29 -35.93
C GLU F 325 -5.64 -8.53 -36.28
N HIS F 326 -6.17 -9.35 -37.18
CA HIS F 326 -5.48 -10.57 -37.56
C HIS F 326 -4.15 -10.28 -38.20
N LEU F 327 -4.06 -9.19 -38.95
CA LEU F 327 -2.80 -8.90 -39.62
C LEU F 327 -1.70 -8.61 -38.62
N VAL F 328 -1.94 -7.66 -37.73
CA VAL F 328 -0.94 -7.31 -36.74
C VAL F 328 -0.65 -8.50 -35.84
N MET F 329 -1.70 -9.17 -35.37
CA MET F 329 -1.49 -10.32 -34.49
C MET F 329 -0.59 -11.36 -35.14
N ARG F 330 -0.82 -11.64 -36.41
CA ARG F 330 0.03 -12.63 -37.05
C ARG F 330 1.42 -12.08 -37.27
N ALA F 331 1.54 -10.79 -37.55
CA ALA F 331 2.85 -10.19 -37.65
C ALA F 331 3.64 -10.43 -36.38
N ILE F 332 2.97 -10.42 -35.23
CA ILE F 332 3.68 -10.69 -33.99
C ILE F 332 4.01 -12.17 -33.88
N SER F 333 3.04 -13.04 -34.14
CA SER F 333 3.27 -14.44 -33.84
C SER F 333 4.38 -15.06 -34.68
N LEU F 334 4.86 -14.38 -35.71
CA LEU F 334 6.01 -14.89 -36.46
C LEU F 334 7.32 -14.32 -35.95
N GLY F 335 7.27 -13.44 -34.96
CA GLY F 335 8.46 -12.86 -34.42
C GLY F 335 8.81 -11.49 -34.95
N LEU F 336 7.95 -10.87 -35.75
CA LEU F 336 8.32 -9.59 -36.33
C LEU F 336 8.14 -8.45 -35.37
N LEU F 337 7.04 -8.44 -34.61
CA LEU F 337 6.71 -7.30 -33.78
C LEU F 337 6.51 -7.74 -32.34
N LYS F 338 7.00 -6.93 -31.42
CA LYS F 338 6.65 -7.09 -30.02
C LYS F 338 5.50 -6.20 -29.60
N GLY F 339 4.86 -5.51 -30.54
CA GLY F 339 3.92 -4.49 -30.18
C GLY F 339 2.69 -5.06 -29.48
N SER F 340 1.73 -4.17 -29.23
CA SER F 340 0.49 -4.57 -28.60
C SER F 340 -0.64 -3.73 -29.14
N ILE F 341 -1.85 -4.23 -28.97
CA ILE F 341 -3.04 -3.62 -29.57
C ILE F 341 -3.91 -3.05 -28.47
N ASP F 342 -4.35 -1.82 -28.67
CA ASP F 342 -5.41 -1.22 -27.87
C ASP F 342 -6.60 -0.98 -28.81
N GLN F 343 -7.65 -1.78 -28.65
CA GLN F 343 -8.78 -1.66 -29.55
C GLN F 343 -9.57 -0.40 -29.28
N VAL F 344 -9.87 -0.14 -28.01
CA VAL F 344 -10.79 0.93 -27.65
C VAL F 344 -10.44 2.21 -28.39
N ASN F 345 -9.16 2.57 -28.35
CA ASN F 345 -8.69 3.77 -29.03
C ASN F 345 -8.14 3.49 -30.42
N GLU F 346 -8.24 2.24 -30.88
CA GLU F 346 -7.88 1.85 -32.23
C GLU F 346 -6.40 1.97 -32.51
N LEU F 347 -5.56 1.91 -31.49
CA LEU F 347 -4.12 2.08 -31.67
C LEU F 347 -3.42 0.74 -31.65
N VAL F 348 -2.34 0.66 -32.41
CA VAL F 348 -1.37 -0.42 -32.28
C VAL F 348 -0.03 0.21 -31.98
N THR F 349 0.53 -0.10 -30.83
CA THR F 349 1.81 0.48 -30.41
C THR F 349 2.88 -0.57 -30.54
N ILE F 350 3.80 -0.36 -31.47
CA ILE F 350 4.84 -1.32 -31.77
C ILE F 350 6.09 -0.93 -31.00
N SER F 351 6.48 -1.73 -30.04
CA SER F 351 7.69 -1.42 -29.31
C SER F 351 8.95 -1.89 -30.04
N TRP F 352 8.89 -3.00 -30.77
CA TRP F 352 10.08 -3.64 -31.28
C TRP F 352 9.84 -4.20 -32.66
N VAL F 353 10.70 -3.82 -33.61
CA VAL F 353 10.63 -4.30 -34.98
C VAL F 353 11.93 -5.02 -35.30
N GLN F 354 11.82 -6.15 -35.96
CA GLN F 354 12.95 -7.07 -36.05
C GLN F 354 14.06 -6.49 -36.91
N PRO F 355 15.31 -6.67 -36.52
CA PRO F 355 16.40 -6.30 -37.41
C PRO F 355 16.41 -7.19 -38.62
N ARG F 356 16.84 -6.64 -39.74
CA ARG F 356 16.83 -7.36 -40.99
C ARG F 356 17.80 -6.68 -41.92
N ILE F 357 18.20 -7.39 -42.97
CA ILE F 357 19.10 -6.81 -43.94
C ILE F 357 18.38 -5.70 -44.68
N ILE F 358 19.04 -4.56 -44.82
CA ILE F 358 18.46 -3.38 -45.46
C ILE F 358 19.16 -3.14 -46.78
N SER F 359 18.37 -2.93 -47.83
CA SER F 359 18.91 -2.64 -49.14
C SER F 359 19.43 -1.21 -49.16
N GLY F 360 19.84 -0.76 -50.35
CA GLY F 360 20.43 0.56 -50.46
C GLY F 360 19.48 1.67 -50.07
N ASP F 361 18.23 1.56 -50.49
CA ASP F 361 17.26 2.63 -50.29
C ASP F 361 17.10 3.02 -48.83
N GLN F 362 16.52 2.12 -48.01
CA GLN F 362 16.08 2.51 -46.68
C GLN F 362 17.19 3.18 -45.90
N ILE F 363 18.43 2.82 -46.20
CA ILE F 363 19.57 3.45 -45.54
C ILE F 363 19.42 4.97 -45.59
N THR F 364 18.95 5.49 -46.72
CA THR F 364 18.76 6.93 -46.85
C THR F 364 17.82 7.46 -45.79
N LYS F 365 16.64 6.86 -45.68
CA LYS F 365 15.69 7.32 -44.67
C LYS F 365 16.29 7.24 -43.28
N MET F 366 17.07 6.21 -43.01
CA MET F 366 17.75 6.15 -41.73
C MET F 366 18.69 7.32 -41.55
N LYS F 367 19.44 7.65 -42.61
CA LYS F 367 20.23 8.87 -42.62
C LYS F 367 19.38 10.05 -42.18
N ASP F 368 18.20 10.20 -42.78
CA ASP F 368 17.32 11.30 -42.41
C ASP F 368 17.03 11.30 -40.92
N ARG F 369 16.48 10.19 -40.42
CA ARG F 369 16.10 10.15 -39.01
C ARG F 369 17.28 10.48 -38.12
N LEU F 370 18.48 10.05 -38.50
CA LEU F 370 19.65 10.44 -37.75
C LEU F 370 20.01 11.91 -37.96
N VAL F 371 19.51 12.53 -39.03
CA VAL F 371 19.75 13.95 -39.19
C VAL F 371 18.86 14.73 -38.24
N GLU F 372 17.58 14.35 -38.16
CA GLU F 372 16.70 14.94 -37.16
C GLU F 372 17.27 14.75 -35.77
N TRP F 373 17.37 13.50 -35.34
CA TRP F 373 17.83 13.26 -33.99
C TRP F 373 19.28 13.67 -33.81
N ASN F 374 19.96 14.05 -34.88
CA ASN F 374 21.16 14.84 -34.73
C ASN F 374 20.82 16.26 -34.31
N ASP F 375 19.98 16.92 -35.09
CA ASP F 375 19.77 18.35 -34.92
C ASP F 375 19.20 18.66 -33.55
N GLN F 376 18.18 17.92 -33.15
CA GLN F 376 17.53 18.16 -31.87
C GLN F 376 18.58 18.30 -30.77
N VAL F 377 19.61 17.48 -30.82
CA VAL F 377 20.65 17.52 -29.81
C VAL F 377 21.28 18.90 -29.79
N GLU F 378 22.07 19.23 -30.82
CA GLU F 378 22.88 20.45 -30.72
C GLU F 378 22.02 21.67 -30.49
N LYS F 379 20.77 21.61 -30.91
CA LYS F 379 19.86 22.65 -30.44
C LYS F 379 19.78 22.62 -28.92
N LEU F 380 19.65 21.43 -28.34
CA LEU F 380 19.55 21.35 -26.89
C LEU F 380 20.87 21.71 -26.21
N GLY F 381 21.95 21.06 -26.61
CA GLY F 381 23.26 21.31 -26.03
C GLY F 381 23.63 22.77 -26.12
N LYS F 382 23.62 23.32 -27.33
CA LYS F 382 23.96 24.73 -27.51
C LYS F 382 22.97 25.62 -26.78
N LYS F 383 21.75 25.16 -26.58
CA LYS F 383 20.79 25.96 -25.84
C LYS F 383 21.04 25.93 -24.34
N MET F 384 21.78 24.95 -23.84
CA MET F 384 21.91 24.79 -22.41
C MET F 384 23.13 25.46 -21.80
N GLU F 385 24.08 25.97 -22.59
CA GLU F 385 25.14 26.73 -21.96
C GLU F 385 24.67 28.13 -21.60
N ALA F 386 23.99 28.78 -22.56
CA ALA F 386 23.58 30.16 -22.39
C ALA F 386 22.83 30.34 -21.09
N ARG F 387 21.75 29.60 -20.91
CA ARG F 387 21.15 29.49 -19.60
C ARG F 387 22.07 28.68 -18.70
N GLY F 388 22.17 29.08 -17.44
CA GLY F 388 23.09 28.39 -16.58
C GLY F 388 24.53 28.58 -16.96
N GLN F 389 24.84 29.64 -17.71
CA GLN F 389 26.24 29.98 -17.96
C GLN F 389 26.96 30.31 -16.67
N SER F 390 26.26 30.94 -15.73
CA SER F 390 26.85 31.27 -14.45
C SER F 390 27.27 30.03 -13.66
N ILE F 391 26.80 28.84 -14.04
CA ILE F 391 27.25 27.60 -13.45
C ILE F 391 27.95 26.81 -14.53
N TRP F 392 29.27 26.74 -14.47
CA TRP F 392 30.03 25.70 -15.15
C TRP F 392 31.32 25.51 -14.40
N VAL F 393 31.96 24.37 -14.64
CA VAL F 393 33.24 24.07 -14.03
C VAL F 393 34.17 23.42 -15.05
N LYS G 24 14.02 -15.57 8.89
CA LYS G 24 15.38 -15.45 9.38
C LYS G 24 16.32 -16.34 8.61
N GLU G 25 15.79 -17.44 8.07
CA GLU G 25 16.60 -18.35 7.29
C GLU G 25 16.83 -17.78 5.90
N THR G 26 17.99 -18.12 5.32
CA THR G 26 18.38 -17.50 4.07
C THR G 26 19.34 -18.42 3.33
N VAL G 27 19.46 -18.18 2.02
CA VAL G 27 20.44 -18.86 1.21
C VAL G 27 21.32 -17.81 0.54
N TYR G 28 22.55 -18.20 0.24
CA TYR G 28 23.50 -17.33 -0.43
C TYR G 28 23.92 -18.00 -1.71
N ILE G 29 23.57 -17.38 -2.83
CA ILE G 29 23.80 -17.98 -4.14
C ILE G 29 25.01 -17.30 -4.76
N SER G 30 26.06 -18.08 -5.00
CA SER G 30 27.25 -17.52 -5.61
C SER G 30 26.94 -17.01 -7.01
N SER G 31 27.77 -16.07 -7.48
CA SER G 31 27.51 -15.47 -8.78
C SER G 31 27.53 -16.51 -9.88
N ILE G 32 28.57 -17.34 -9.91
CA ILE G 32 28.68 -18.34 -10.96
C ILE G 32 27.44 -19.21 -11.01
N ALA G 33 26.91 -19.59 -9.84
CA ALA G 33 25.70 -20.38 -9.83
C ALA G 33 24.57 -19.63 -10.53
N LEU G 34 24.29 -18.42 -10.06
CA LEU G 34 23.15 -17.68 -10.57
C LEU G 34 23.28 -17.37 -12.04
N LEU G 35 24.49 -17.36 -12.59
CA LEU G 35 24.56 -17.26 -14.04
C LEU G 35 24.29 -18.60 -14.71
N LYS G 36 24.83 -19.68 -14.15
CA LYS G 36 24.64 -20.97 -14.78
C LYS G 36 23.20 -21.44 -14.69
N MET G 37 22.40 -20.84 -13.82
CA MET G 37 20.97 -21.11 -13.82
C MET G 37 20.31 -20.41 -15.00
N LEU G 38 20.36 -19.07 -14.99
CA LEU G 38 19.70 -18.29 -16.03
C LEU G 38 20.12 -18.73 -17.42
N LYS G 39 21.38 -19.11 -17.59
CA LYS G 39 21.81 -19.54 -18.92
C LYS G 39 21.03 -20.78 -19.34
N HIS G 40 21.07 -21.82 -18.52
CA HIS G 40 20.43 -23.08 -18.87
C HIS G 40 18.93 -22.89 -19.06
N GLY G 41 18.30 -22.18 -18.14
CA GLY G 41 16.88 -21.90 -18.26
C GLY G 41 16.54 -21.20 -19.55
N ARG G 42 17.17 -20.05 -19.80
CA ARG G 42 16.97 -19.36 -21.06
C ARG G 42 17.22 -20.27 -22.24
N ALA G 43 18.09 -21.26 -22.09
CA ALA G 43 18.41 -22.11 -23.22
C ALA G 43 17.35 -23.15 -23.48
N GLY G 44 16.60 -23.54 -22.45
CA GLY G 44 15.61 -24.59 -22.63
C GLY G 44 14.25 -24.15 -23.08
N VAL G 45 13.97 -22.85 -23.06
CA VAL G 45 12.68 -22.29 -23.41
C VAL G 45 12.22 -22.80 -24.76
N PRO G 46 10.93 -23.10 -24.93
CA PRO G 46 9.83 -23.10 -23.96
C PRO G 46 9.59 -24.46 -23.36
N MET G 47 10.63 -25.01 -22.76
CA MET G 47 10.57 -26.28 -22.06
C MET G 47 11.38 -26.11 -20.79
N GLU G 48 10.99 -26.79 -19.73
CA GLU G 48 11.60 -26.51 -18.45
C GLU G 48 12.72 -27.51 -18.18
N VAL G 49 13.80 -27.02 -17.59
CA VAL G 49 15.00 -27.79 -17.36
C VAL G 49 15.31 -27.81 -15.88
N MET G 50 16.21 -28.71 -15.49
CA MET G 50 16.50 -28.89 -14.08
C MET G 50 17.96 -29.28 -13.89
N GLY G 51 18.36 -29.39 -12.63
CA GLY G 51 19.72 -29.69 -12.28
C GLY G 51 19.92 -29.45 -10.81
N LEU G 52 21.15 -29.71 -10.36
CA LEU G 52 21.43 -29.83 -8.94
C LEU G 52 22.31 -28.69 -8.44
N MET G 53 22.13 -28.34 -7.18
CA MET G 53 22.85 -27.24 -6.57
C MET G 53 23.76 -27.75 -5.48
N LEU G 54 25.05 -27.46 -5.61
CA LEU G 54 26.09 -27.90 -4.70
C LEU G 54 26.33 -26.84 -3.64
N GLY G 55 27.41 -26.95 -2.88
CA GLY G 55 27.62 -26.13 -1.71
C GLY G 55 27.45 -26.92 -0.42
N GLU G 56 27.35 -26.19 0.68
CA GLU G 56 27.18 -26.82 1.98
C GLU G 56 26.38 -25.92 2.89
N PHE G 57 25.77 -26.55 3.90
CA PHE G 57 25.00 -25.86 4.91
C PHE G 57 25.92 -25.19 5.91
N VAL G 58 25.36 -24.24 6.66
CA VAL G 58 26.06 -23.61 7.76
C VAL G 58 25.36 -23.94 9.07
N ASP G 59 24.12 -23.49 9.22
CA ASP G 59 23.35 -23.67 10.44
C ASP G 59 21.88 -23.83 10.06
N ASP G 60 21.02 -23.71 11.07
CA ASP G 60 19.59 -23.63 10.81
C ASP G 60 19.25 -22.44 9.92
N TYR G 61 20.01 -21.36 10.05
CA TYR G 61 19.65 -20.07 9.46
C TYR G 61 20.36 -19.80 8.14
N THR G 62 21.12 -20.75 7.61
CA THR G 62 21.87 -20.46 6.41
C THR G 62 22.01 -21.70 5.54
N VAL G 63 21.89 -21.49 4.23
CA VAL G 63 22.26 -22.48 3.23
C VAL G 63 23.02 -21.76 2.12
N ASN G 64 24.26 -22.18 1.88
CA ASN G 64 25.10 -21.55 0.88
C ASN G 64 25.22 -22.47 -0.32
N VAL G 65 25.02 -21.92 -1.51
CA VAL G 65 25.14 -22.68 -2.75
C VAL G 65 26.21 -22.02 -3.61
N VAL G 66 27.32 -22.75 -3.79
CA VAL G 66 28.41 -22.24 -4.59
C VAL G 66 28.19 -22.53 -6.07
N ASP G 67 27.74 -23.74 -6.40
CA ASP G 67 27.76 -24.17 -7.79
C ASP G 67 26.46 -24.88 -8.15
N VAL G 68 26.27 -25.09 -9.44
CA VAL G 68 25.11 -25.73 -10.02
C VAL G 68 25.58 -26.57 -11.19
N PHE G 69 24.85 -27.64 -11.51
CA PHE G 69 25.08 -28.27 -12.80
C PHE G 69 23.77 -28.80 -13.35
N ALA G 70 23.79 -29.12 -14.65
CA ALA G 70 22.57 -29.31 -15.42
C ALA G 70 22.28 -30.78 -15.62
N MET G 71 21.06 -31.18 -15.32
CA MET G 71 20.79 -32.57 -15.65
C MET G 71 19.96 -32.67 -16.91
N PRO G 72 20.33 -33.53 -17.85
CA PRO G 72 19.62 -33.59 -19.13
C PRO G 72 18.18 -34.01 -18.93
N GLN G 73 17.36 -33.74 -19.93
CA GLN G 73 15.92 -33.66 -19.76
C GLN G 73 15.22 -34.86 -20.40
N SER G 74 14.39 -35.52 -19.61
CA SER G 74 13.59 -36.67 -20.01
C SER G 74 12.38 -36.24 -20.82
N GLY G 75 11.79 -37.21 -21.50
CA GLY G 75 10.51 -36.97 -22.15
C GLY G 75 9.34 -36.83 -21.21
N THR G 76 9.51 -37.18 -19.93
CA THR G 76 8.42 -37.04 -18.98
C THR G 76 8.26 -35.61 -18.50
N GLY G 77 9.35 -34.87 -18.42
CA GLY G 77 9.33 -33.61 -17.73
C GLY G 77 10.02 -33.71 -16.39
N VAL G 78 10.13 -32.55 -15.73
CA VAL G 78 10.87 -32.48 -14.48
C VAL G 78 10.20 -33.35 -13.44
N SER G 79 10.96 -34.29 -12.87
CA SER G 79 10.43 -35.28 -11.94
C SER G 79 11.60 -36.12 -11.48
N VAL G 80 11.32 -37.00 -10.52
CA VAL G 80 12.38 -37.79 -9.90
C VAL G 80 13.08 -38.66 -10.93
N GLU G 81 12.35 -39.15 -11.93
CA GLU G 81 12.97 -39.95 -12.96
C GLU G 81 13.97 -39.13 -13.75
N ALA G 82 13.69 -37.84 -13.94
CA ALA G 82 14.62 -36.99 -14.66
C ALA G 82 15.98 -36.98 -13.99
N VAL G 83 16.00 -37.03 -12.66
CA VAL G 83 17.27 -37.19 -11.98
C VAL G 83 17.86 -38.52 -12.37
N ASP G 84 19.11 -38.51 -12.81
CA ASP G 84 19.77 -39.71 -13.28
C ASP G 84 21.01 -39.94 -12.43
N ASP G 85 21.02 -41.05 -11.69
CA ASP G 85 22.15 -41.34 -10.81
C ASP G 85 23.42 -41.54 -11.61
N VAL G 86 23.31 -42.29 -12.71
CA VAL G 86 24.40 -42.53 -13.64
C VAL G 86 25.07 -41.19 -13.94
N PHE G 87 24.30 -40.31 -14.59
CA PHE G 87 24.80 -38.99 -14.92
C PHE G 87 25.34 -38.29 -13.69
N GLN G 88 24.56 -38.29 -12.61
CA GLN G 88 24.90 -37.50 -11.44
C GLN G 88 26.28 -37.86 -10.91
N ALA G 89 26.41 -39.03 -10.27
CA ALA G 89 27.70 -39.39 -9.71
C ALA G 89 28.76 -39.40 -10.78
N LYS G 90 28.40 -39.90 -11.97
CA LYS G 90 29.30 -39.93 -13.10
C LYS G 90 29.97 -38.59 -13.33
N MET G 91 29.26 -37.49 -13.08
CA MET G 91 29.97 -36.22 -13.10
C MET G 91 30.64 -35.94 -11.77
N MET G 92 29.94 -36.24 -10.68
CA MET G 92 30.38 -35.83 -9.34
C MET G 92 31.84 -36.16 -9.11
N ASP G 93 32.24 -37.40 -9.43
CA ASP G 93 33.65 -37.74 -9.37
C ASP G 93 34.48 -36.79 -10.22
N MET G 94 33.98 -36.48 -11.42
CA MET G 94 34.77 -35.69 -12.35
C MET G 94 34.89 -34.26 -11.90
N LEU G 95 34.01 -33.79 -11.01
CA LEU G 95 34.28 -32.53 -10.34
C LEU G 95 35.25 -32.73 -9.19
N LYS G 96 35.12 -33.81 -8.44
CA LYS G 96 36.05 -34.06 -7.34
C LYS G 96 37.49 -34.16 -7.82
N GLN G 97 37.71 -34.44 -9.10
CA GLN G 97 39.02 -34.18 -9.68
C GLN G 97 39.46 -32.76 -9.38
N THR G 98 38.53 -31.82 -9.54
CA THR G 98 38.80 -30.39 -9.54
C THR G 98 38.58 -29.73 -8.19
N GLY G 99 38.27 -30.50 -7.16
CA GLY G 99 38.23 -29.98 -5.82
C GLY G 99 36.87 -29.57 -5.29
N ARG G 100 35.80 -30.08 -5.86
CA ARG G 100 34.46 -29.80 -5.35
C ARG G 100 34.01 -31.01 -4.54
N ASP G 101 34.05 -30.88 -3.22
CA ASP G 101 33.65 -31.94 -2.31
C ASP G 101 32.20 -31.81 -1.87
N GLN G 102 31.54 -30.70 -2.18
CA GLN G 102 30.18 -30.49 -1.76
C GLN G 102 29.27 -31.51 -2.46
N MET G 103 28.10 -31.74 -1.88
CA MET G 103 27.14 -32.53 -2.64
C MET G 103 25.72 -32.06 -2.37
N VAL G 104 24.99 -31.85 -3.46
CA VAL G 104 23.54 -31.74 -3.54
C VAL G 104 22.95 -31.00 -2.35
N VAL G 105 23.33 -29.74 -2.19
CA VAL G 105 22.62 -28.88 -1.24
C VAL G 105 21.16 -28.79 -1.60
N GLY G 106 20.87 -28.48 -2.86
CA GLY G 106 19.52 -28.12 -3.22
C GLY G 106 19.23 -28.49 -4.65
N TRP G 107 18.04 -28.12 -5.08
CA TRP G 107 17.44 -28.63 -6.29
C TRP G 107 16.97 -27.48 -7.15
N TYR G 108 17.05 -27.68 -8.47
CA TYR G 108 17.11 -26.60 -9.42
C TYR G 108 16.19 -26.96 -10.58
N HIS G 109 15.66 -25.94 -11.24
CA HIS G 109 14.36 -26.12 -11.86
C HIS G 109 13.97 -24.81 -12.53
N SER G 110 12.97 -24.86 -13.39
CA SER G 110 12.42 -23.64 -13.97
C SER G 110 10.97 -23.86 -14.35
N HIS G 111 10.15 -22.82 -14.19
CA HIS G 111 8.75 -22.83 -14.61
C HIS G 111 8.58 -21.67 -15.58
N PRO G 112 8.97 -21.82 -16.85
CA PRO G 112 9.00 -20.67 -17.75
C PRO G 112 7.61 -20.15 -18.02
N GLY G 113 7.46 -18.83 -17.92
CA GLY G 113 6.18 -18.23 -18.20
C GLY G 113 5.14 -18.45 -17.14
N PHE G 114 5.56 -18.74 -15.92
CA PHE G 114 4.62 -18.87 -14.82
C PHE G 114 5.25 -18.24 -13.60
N GLY G 115 4.63 -18.40 -12.46
CA GLY G 115 5.19 -17.94 -11.22
C GLY G 115 6.32 -18.84 -10.76
N CYS G 116 6.76 -18.57 -9.54
CA CYS G 116 7.75 -19.39 -8.87
C CYS G 116 7.14 -20.42 -7.94
N TRP G 117 5.82 -20.52 -7.91
CA TRP G 117 5.15 -21.56 -7.16
C TRP G 117 5.62 -22.94 -7.63
N LEU G 118 5.52 -23.92 -6.73
CA LEU G 118 5.79 -25.30 -7.08
C LEU G 118 4.50 -26.01 -7.44
N SER G 119 4.59 -26.95 -8.37
CA SER G 119 3.43 -27.77 -8.65
C SER G 119 3.48 -29.04 -7.81
N SER G 120 2.53 -29.93 -8.05
CA SER G 120 2.45 -31.21 -7.37
C SER G 120 3.76 -31.98 -7.51
N VAL G 121 4.05 -32.42 -8.74
CA VAL G 121 5.25 -33.19 -8.99
C VAL G 121 6.47 -32.46 -8.46
N ASP G 122 6.48 -31.14 -8.60
CA ASP G 122 7.50 -30.33 -7.94
C ASP G 122 7.57 -30.69 -6.46
N VAL G 123 6.41 -30.85 -5.81
CA VAL G 123 6.41 -31.16 -4.38
C VAL G 123 6.93 -32.57 -4.12
N ASN G 124 6.37 -33.57 -4.79
CA ASN G 124 6.79 -34.94 -4.54
C ASN G 124 8.29 -35.09 -4.71
N THR G 125 8.82 -34.51 -5.79
CA THR G 125 10.27 -34.56 -5.98
C THR G 125 10.98 -33.85 -4.84
N GLN G 126 10.48 -32.68 -4.45
CA GLN G 126 11.05 -32.00 -3.30
C GLN G 126 11.13 -32.91 -2.09
N LYS G 127 10.12 -33.75 -1.88
CA LYS G 127 10.18 -34.72 -0.81
C LYS G 127 11.28 -35.73 -1.05
N SER G 128 11.38 -36.23 -2.29
CA SER G 128 12.48 -37.12 -2.61
C SER G 128 13.83 -36.50 -2.29
N PHE G 129 13.90 -35.17 -2.18
CA PHE G 129 15.09 -34.55 -1.62
C PHE G 129 14.96 -34.18 -0.15
N GLU G 130 13.79 -34.34 0.46
CA GLU G 130 13.69 -34.17 1.91
C GLU G 130 14.33 -35.35 2.61
N GLN G 131 13.94 -36.56 2.21
CA GLN G 131 14.43 -37.77 2.85
C GLN G 131 15.92 -37.97 2.62
N LEU G 132 16.49 -37.37 1.60
CA LEU G 132 17.93 -37.39 1.50
C LEU G 132 18.57 -36.48 2.54
N ASN G 133 18.15 -35.22 2.55
CA ASN G 133 18.65 -34.25 3.51
C ASN G 133 17.50 -33.33 3.88
N SER G 134 17.29 -33.14 5.18
CA SER G 134 16.12 -32.39 5.63
C SER G 134 16.19 -30.91 5.33
N ARG G 135 17.36 -30.38 4.99
CA ARG G 135 17.51 -28.97 4.67
C ARG G 135 17.44 -28.68 3.18
N ALA G 136 17.19 -29.68 2.34
CA ALA G 136 17.29 -29.50 0.91
C ALA G 136 16.31 -28.45 0.41
N VAL G 137 16.80 -27.58 -0.47
CA VAL G 137 16.06 -26.40 -0.89
C VAL G 137 15.65 -26.55 -2.35
N ALA G 138 14.47 -26.02 -2.67
CA ALA G 138 14.00 -25.95 -4.04
C ALA G 138 14.16 -24.53 -4.55
N VAL G 139 14.85 -24.36 -5.66
CA VAL G 139 14.88 -23.10 -6.38
C VAL G 139 14.19 -23.29 -7.71
N VAL G 140 13.38 -22.32 -8.10
CA VAL G 140 12.83 -22.29 -9.43
C VAL G 140 13.05 -20.90 -10.01
N VAL G 141 13.10 -20.84 -11.33
CA VAL G 141 13.31 -19.61 -12.05
C VAL G 141 12.27 -19.53 -13.16
N ASP G 142 12.14 -18.35 -13.74
CA ASP G 142 11.20 -18.12 -14.83
C ASP G 142 11.95 -17.41 -15.94
N PRO G 143 12.51 -18.16 -16.89
CA PRO G 143 13.34 -17.53 -17.91
C PRO G 143 12.58 -16.51 -18.73
N ILE G 144 11.27 -16.67 -18.91
CA ILE G 144 10.52 -15.74 -19.75
C ILE G 144 10.34 -14.41 -19.04
N GLN G 145 9.76 -14.44 -17.84
CA GLN G 145 9.42 -13.17 -17.21
C GLN G 145 10.63 -12.45 -16.66
N SER G 146 11.77 -13.12 -16.55
CA SER G 146 12.96 -12.40 -16.16
C SER G 146 13.35 -11.48 -17.30
N VAL G 147 13.38 -10.19 -17.00
CA VAL G 147 13.60 -9.17 -18.00
C VAL G 147 14.97 -8.59 -17.72
N LYS G 148 15.34 -7.54 -18.45
CA LYS G 148 16.64 -6.92 -18.29
C LYS G 148 16.94 -6.77 -16.80
N GLY G 149 16.21 -5.91 -16.11
CA GLY G 149 16.28 -5.87 -14.68
C GLY G 149 15.40 -6.94 -14.06
N LYS G 150 15.24 -6.82 -12.74
CA LYS G 150 14.22 -7.54 -11.97
C LYS G 150 14.16 -9.02 -12.36
N VAL G 151 15.19 -9.75 -11.96
CA VAL G 151 15.15 -11.20 -12.13
C VAL G 151 14.04 -11.75 -11.27
N VAL G 152 13.46 -12.85 -11.71
CA VAL G 152 12.45 -13.55 -10.93
C VAL G 152 13.01 -14.93 -10.61
N ILE G 153 13.17 -15.21 -9.33
CA ILE G 153 13.73 -16.48 -8.89
C ILE G 153 13.22 -16.70 -7.48
N ASP G 154 13.11 -17.96 -7.07
CA ASP G 154 12.62 -18.18 -5.74
C ASP G 154 13.21 -19.47 -5.19
N ALA G 155 13.51 -19.43 -3.90
CA ALA G 155 14.05 -20.58 -3.18
C ALA G 155 13.20 -20.79 -1.97
N PHE G 156 12.85 -22.05 -1.70
CA PHE G 156 11.94 -22.35 -0.61
C PHE G 156 11.76 -23.85 -0.54
N ARG G 157 11.10 -24.30 0.53
CA ARG G 157 10.96 -25.74 0.68
C ARG G 157 9.76 -26.08 1.52
N LEU G 158 9.36 -27.35 1.42
CA LEU G 158 8.11 -27.81 1.99
C LEU G 158 8.06 -27.52 3.48
N ILE G 159 6.84 -27.34 3.99
CA ILE G 159 6.57 -27.14 5.41
C ILE G 159 7.45 -27.98 6.32
N GLN G 186 -0.38 -14.96 -7.25
CA GLN G 186 -0.66 -16.32 -7.65
C GLN G 186 -0.42 -17.33 -6.56
N ALA G 187 0.86 -17.49 -6.20
CA ALA G 187 1.36 -18.73 -5.60
C ALA G 187 0.47 -19.23 -4.47
N LEU G 188 -0.28 -18.34 -3.82
CA LEU G 188 -1.31 -18.79 -2.90
C LEU G 188 -2.25 -19.79 -3.56
N ILE G 189 -2.44 -19.70 -4.88
CA ILE G 189 -3.29 -20.64 -5.59
C ILE G 189 -2.80 -22.06 -5.40
N HIS G 190 -1.49 -22.24 -5.28
CA HIS G 190 -0.88 -23.53 -5.03
C HIS G 190 -0.59 -23.76 -3.56
N GLY G 191 -1.04 -22.87 -2.69
CA GLY G 191 -0.73 -23.02 -1.28
C GLY G 191 0.73 -22.75 -0.98
N LEU G 192 1.18 -21.54 -1.31
CA LEU G 192 2.49 -21.09 -0.86
C LEU G 192 2.70 -21.43 0.61
N ASN G 193 1.89 -20.85 1.47
CA ASN G 193 2.04 -21.13 2.89
C ASN G 193 1.50 -22.52 3.22
N ARG G 194 0.45 -22.96 2.54
CA ARG G 194 -0.23 -24.19 2.93
C ARG G 194 0.67 -25.40 2.81
N HIS G 195 1.65 -25.37 1.91
CA HIS G 195 2.57 -26.48 1.79
C HIS G 195 4.00 -25.98 1.86
N TYR G 196 4.37 -25.13 0.93
CA TYR G 196 5.74 -24.63 0.88
C TYR G 196 5.97 -23.72 2.06
N TYR G 197 7.19 -23.20 2.15
CA TYR G 197 7.39 -21.92 2.81
C TYR G 197 8.61 -21.30 2.17
N SER G 198 8.54 -19.98 1.97
CA SER G 198 9.55 -19.27 1.23
C SER G 198 10.80 -19.09 2.07
N LEU G 199 11.93 -18.92 1.39
CA LEU G 199 13.17 -18.63 2.07
C LEU G 199 13.70 -17.28 1.61
N ASN G 200 14.58 -16.71 2.42
CA ASN G 200 15.27 -15.53 1.96
C ASN G 200 16.41 -15.94 1.03
N ILE G 201 16.79 -15.02 0.15
CA ILE G 201 17.78 -15.28 -0.89
C ILE G 201 18.68 -14.08 -1.05
N ASP G 202 19.98 -14.30 -0.96
CA ASP G 202 20.96 -13.22 -0.97
C ASP G 202 22.17 -13.64 -1.80
N TYR G 203 22.91 -12.63 -2.25
CA TYR G 203 24.03 -12.86 -3.13
C TYR G 203 25.32 -12.41 -2.47
N HIS G 204 26.43 -12.97 -2.94
CA HIS G 204 27.74 -12.60 -2.41
C HIS G 204 28.79 -12.84 -3.47
N LYS G 205 29.88 -12.10 -3.34
CA LYS G 205 30.95 -12.11 -4.33
C LYS G 205 32.27 -11.84 -3.61
N THR G 206 33.31 -12.54 -4.02
CA THR G 206 34.64 -12.13 -3.58
C THR G 206 35.03 -10.87 -4.35
N ALA G 207 35.97 -10.12 -3.79
CA ALA G 207 36.35 -8.83 -4.36
C ALA G 207 36.67 -8.95 -5.85
N LYS G 208 37.58 -9.86 -6.20
CA LYS G 208 38.13 -9.91 -7.54
C LYS G 208 37.05 -10.12 -8.59
N GLU G 209 36.03 -10.92 -8.28
CA GLU G 209 34.89 -11.12 -9.15
C GLU G 209 34.30 -9.79 -9.56
N THR G 210 33.72 -9.08 -8.59
CA THR G 210 33.15 -7.78 -8.87
C THR G 210 34.14 -6.88 -9.59
N LYS G 211 35.42 -7.01 -9.26
CA LYS G 211 36.44 -6.29 -10.03
C LYS G 211 36.35 -6.65 -11.51
N MET G 212 36.13 -7.92 -11.81
CA MET G 212 36.04 -8.33 -13.21
C MET G 212 34.74 -7.84 -13.83
N LEU G 213 33.68 -7.79 -13.04
CA LEU G 213 32.37 -7.39 -13.56
C LEU G 213 32.36 -5.91 -13.91
N MET G 214 33.03 -5.08 -13.09
CA MET G 214 33.22 -3.68 -13.43
C MET G 214 33.91 -3.49 -14.77
N ASN G 215 34.72 -4.47 -15.19
CA ASN G 215 35.44 -4.34 -16.45
C ASN G 215 34.50 -4.43 -17.64
N LEU G 216 33.50 -5.31 -17.56
CA LEU G 216 32.48 -5.47 -18.60
C LEU G 216 31.95 -4.13 -19.07
N HIS G 217 31.23 -3.45 -18.19
CA HIS G 217 30.51 -2.24 -18.53
C HIS G 217 31.35 -1.03 -18.16
N LYS G 218 31.49 -0.11 -19.09
CA LYS G 218 32.24 1.13 -18.87
C LYS G 218 31.27 2.29 -18.91
N GLU G 219 30.99 2.84 -17.74
CA GLU G 219 30.10 3.99 -17.59
C GLU G 219 30.83 5.30 -17.82
N GLN G 220 32.11 5.24 -18.19
CA GLN G 220 32.99 6.40 -18.16
C GLN G 220 32.56 7.46 -19.18
N TRP G 221 32.45 7.07 -20.46
CA TRP G 221 32.12 8.06 -21.47
C TRP G 221 30.73 8.63 -21.30
N GLN G 222 29.75 7.77 -21.04
CA GLN G 222 28.34 8.15 -21.02
C GLN G 222 27.83 8.50 -19.64
N SER G 223 28.66 8.44 -18.61
CA SER G 223 28.24 8.98 -17.32
C SER G 223 27.71 10.38 -17.52
N GLY G 224 26.59 10.68 -16.88
CA GLY G 224 25.92 11.95 -17.04
C GLY G 224 24.68 11.88 -17.91
N LEU G 225 24.59 10.91 -18.80
CA LEU G 225 23.30 10.52 -19.34
C LEU G 225 22.74 9.30 -18.65
N LYS G 226 23.39 8.83 -17.60
CA LYS G 226 23.02 7.58 -16.97
C LYS G 226 22.23 7.86 -15.70
N MET G 227 21.08 7.21 -15.56
CA MET G 227 20.17 7.41 -14.44
C MET G 227 20.22 6.22 -13.52
N TYR G 228 20.43 6.48 -12.24
CA TYR G 228 20.44 5.40 -11.28
C TYR G 228 19.04 4.82 -11.13
N ASP G 229 18.99 3.64 -10.53
CA ASP G 229 17.72 2.95 -10.29
C ASP G 229 16.74 3.86 -9.59
N TYR G 230 15.53 3.94 -10.14
CA TYR G 230 14.54 4.85 -9.56
C TYR G 230 13.91 4.27 -8.31
N GLU G 231 13.65 2.97 -8.29
CA GLU G 231 13.13 2.35 -7.09
C GLU G 231 13.92 2.80 -5.88
N GLU G 232 15.23 2.87 -6.03
CA GLU G 232 16.07 3.15 -4.88
C GLU G 232 16.03 4.63 -4.52
N LYS G 233 15.92 5.50 -5.50
CA LYS G 233 15.87 6.90 -5.14
C LYS G 233 14.49 7.34 -4.68
N GLU G 234 13.44 6.58 -5.01
CA GLU G 234 12.13 6.85 -4.41
C GLU G 234 12.06 6.33 -2.99
N GLU G 235 12.47 5.08 -2.79
CA GLU G 235 12.70 4.62 -1.44
C GLU G 235 13.53 5.62 -0.67
N SER G 236 14.47 6.26 -1.36
CA SER G 236 15.36 7.20 -0.70
C SER G 236 14.62 8.46 -0.30
N ASN G 237 14.09 9.20 -1.27
CA ASN G 237 13.37 10.42 -0.97
C ASN G 237 12.38 10.18 0.16
N LEU G 238 11.70 9.03 0.15
CA LEU G 238 10.86 8.68 1.28
C LEU G 238 11.65 8.67 2.58
N ALA G 239 12.72 7.87 2.62
CA ALA G 239 13.48 7.74 3.86
C ALA G 239 13.94 9.10 4.36
N ALA G 240 14.49 9.91 3.48
CA ALA G 240 15.00 11.22 3.88
C ALA G 240 13.88 12.08 4.43
N THR G 241 12.71 12.06 3.79
CA THR G 241 11.61 12.88 4.30
C THR G 241 11.21 12.43 5.70
N LYS G 242 11.00 11.14 5.91
CA LYS G 242 10.70 10.67 7.25
C LYS G 242 11.75 11.13 8.24
N SER G 243 13.02 11.07 7.84
CA SER G 243 14.08 11.50 8.74
C SER G 243 13.92 12.97 9.10
N MET G 244 13.85 13.83 8.09
CA MET G 244 13.66 15.26 8.33
C MET G 244 12.52 15.48 9.30
N VAL G 245 11.43 14.75 9.12
CA VAL G 245 10.36 14.80 10.11
C VAL G 245 10.93 14.52 11.48
N LYS G 246 11.66 13.41 11.62
CA LYS G 246 12.09 12.98 12.95
C LYS G 246 12.97 14.01 13.63
N ILE G 247 13.80 14.72 12.86
CA ILE G 247 14.65 15.70 13.52
C ILE G 247 14.01 17.07 13.62
N ALA G 248 12.89 17.29 12.92
CA ALA G 248 12.21 18.57 13.02
C ALA G 248 11.86 18.86 14.47
N GLU G 249 10.98 18.04 15.05
CA GLU G 249 10.57 18.30 16.42
C GLU G 249 11.75 18.23 17.37
N GLN G 250 12.83 17.59 16.97
CA GLN G 250 14.06 17.65 17.75
C GLN G 250 14.55 19.09 17.82
N TYR G 251 14.75 19.69 16.64
CA TYR G 251 15.13 21.08 16.55
C TYR G 251 14.16 21.99 17.29
N SER G 252 12.88 21.63 17.29
CA SER G 252 11.95 22.40 18.13
C SER G 252 12.29 22.22 19.59
N LYS G 253 12.69 21.02 19.99
CA LYS G 253 13.00 20.80 21.40
C LYS G 253 14.26 21.56 21.81
N ARG G 254 15.17 21.80 20.89
CA ARG G 254 16.23 22.74 21.23
C ARG G 254 15.79 24.18 21.15
N ILE G 255 14.72 24.49 20.42
CA ILE G 255 14.16 25.83 20.50
C ILE G 255 13.61 26.07 21.90
N GLU G 256 12.73 25.20 22.38
CA GLU G 256 12.17 25.36 23.71
C GLU G 256 13.23 25.21 24.78
N GLU G 257 14.22 24.37 24.54
CA GLU G 257 15.27 24.15 25.53
C GLU G 257 16.15 25.39 25.67
N GLU G 258 16.60 25.95 24.54
CA GLU G 258 17.53 27.08 24.62
C GLU G 258 16.93 28.32 25.24
N LYS G 259 15.63 28.32 25.55
CA LYS G 259 15.08 29.39 26.37
C LYS G 259 15.65 29.40 27.77
N GLU G 260 16.40 28.37 28.16
CA GLU G 260 16.76 28.20 29.57
C GLU G 260 18.25 27.96 29.79
N LEU G 261 18.73 26.81 29.37
CA LEU G 261 20.05 26.33 29.77
C LEU G 261 21.12 26.99 28.90
N THR G 262 22.04 27.69 29.55
CA THR G 262 23.10 28.41 28.84
C THR G 262 24.07 27.43 28.19
N GLU G 263 24.85 27.95 27.25
CA GLU G 263 25.68 27.13 26.37
C GLU G 263 26.57 26.18 27.16
N GLU G 264 26.87 26.48 28.42
CA GLU G 264 27.59 25.52 29.23
C GLU G 264 26.72 24.31 29.54
N GLU G 265 25.48 24.53 29.97
CA GLU G 265 24.57 23.41 30.17
C GLU G 265 24.15 22.81 28.84
N LEU G 266 23.92 23.67 27.84
CA LEU G 266 23.52 23.21 26.52
C LEU G 266 24.53 22.22 25.97
N LYS G 267 25.79 22.64 25.90
CA LYS G 267 26.84 21.72 25.46
C LYS G 267 26.94 20.54 26.41
N THR G 268 26.93 20.80 27.71
CA THR G 268 27.07 19.73 28.68
C THR G 268 26.14 18.57 28.38
N ARG G 269 24.88 18.86 28.10
CA ARG G 269 23.92 17.82 27.74
C ARG G 269 24.13 17.32 26.32
N TYR G 270 24.14 18.24 25.35
CA TYR G 270 24.04 17.85 23.94
C TYR G 270 25.36 17.46 23.30
N VAL G 271 26.46 18.14 23.66
CA VAL G 271 27.62 18.30 22.76
C VAL G 271 28.07 16.96 22.19
N GLY G 272 27.82 15.88 22.92
CA GLY G 272 28.08 14.57 22.35
C GLY G 272 27.17 14.20 21.20
N ARG G 273 26.17 15.03 20.91
CA ARG G 273 25.20 14.79 19.85
C ARG G 273 25.33 15.89 18.81
N GLN G 274 25.14 15.52 17.55
CA GLN G 274 25.09 16.52 16.50
C GLN G 274 23.96 17.50 16.78
N ASP G 275 24.20 18.76 16.47
CA ASP G 275 23.16 19.74 16.69
C ASP G 275 22.09 19.54 15.63
N PRO G 276 20.89 19.07 16.00
CA PRO G 276 19.90 18.71 14.99
C PRO G 276 19.57 19.83 14.03
N LYS G 277 19.83 21.08 14.40
CA LYS G 277 19.78 22.13 13.40
C LYS G 277 20.70 21.82 12.23
N LYS G 278 21.78 21.10 12.46
CA LYS G 278 22.70 20.79 11.39
C LYS G 278 22.24 19.59 10.57
N HIS G 279 21.61 18.61 11.20
CA HIS G 279 20.92 17.58 10.43
C HIS G 279 19.89 18.20 9.52
N LEU G 280 19.06 19.09 10.06
CA LEU G 280 18.07 19.75 9.23
C LEU G 280 18.75 20.44 8.07
N SER G 281 19.79 21.20 8.36
CA SER G 281 20.54 21.89 7.34
C SER G 281 21.02 20.94 6.26
N GLU G 282 21.98 20.07 6.57
CA GLU G 282 22.60 19.22 5.56
C GLU G 282 21.60 18.28 4.90
N THR G 283 20.85 17.53 5.71
CA THR G 283 19.89 16.58 5.18
C THR G 283 18.95 17.26 4.19
N ALA G 284 18.49 18.47 4.51
CA ALA G 284 17.76 19.20 3.51
C ALA G 284 18.64 19.66 2.38
N ASP G 285 19.95 19.74 2.61
CA ASP G 285 20.83 20.30 1.58
C ASP G 285 20.99 19.32 0.43
N GLU G 286 21.11 18.04 0.74
CA GLU G 286 21.47 17.10 -0.31
C GLU G 286 20.29 16.70 -1.18
N THR G 287 19.11 16.52 -0.59
CA THR G 287 17.97 16.08 -1.39
C THR G 287 17.66 17.08 -2.47
N LEU G 288 17.93 18.36 -2.21
CA LEU G 288 17.86 19.39 -3.23
C LEU G 288 18.60 18.96 -4.48
N GLU G 289 19.92 18.88 -4.41
CA GLU G 289 20.65 18.71 -5.66
C GLU G 289 20.53 17.30 -6.20
N ASN G 290 20.35 16.30 -5.34
CA ASN G 290 20.07 14.97 -5.89
C ASN G 290 18.82 15.01 -6.74
N ASN G 291 17.77 15.63 -6.23
CA ASN G 291 16.52 15.65 -6.98
C ASN G 291 16.61 16.57 -8.19
N ILE G 292 17.42 17.63 -8.10
CA ILE G 292 17.57 18.49 -9.25
C ILE G 292 18.31 17.78 -10.36
N VAL G 293 19.35 17.01 -10.00
CA VAL G 293 20.05 16.21 -10.97
C VAL G 293 19.11 15.20 -11.61
N SER G 294 18.30 14.53 -10.79
CA SER G 294 17.31 13.61 -11.34
C SER G 294 16.45 14.32 -12.38
N VAL G 295 15.87 15.44 -11.98
CA VAL G 295 14.94 16.15 -12.87
C VAL G 295 15.64 16.56 -14.16
N LEU G 296 16.89 16.97 -14.07
CA LEU G 296 17.62 17.37 -15.27
C LEU G 296 17.91 16.19 -16.17
N THR G 297 18.49 15.13 -15.61
CA THR G 297 18.83 13.98 -16.43
C THR G 297 17.61 13.43 -17.13
N ALA G 298 16.48 13.36 -16.43
CA ALA G 298 15.29 12.86 -17.07
C ALA G 298 14.74 13.84 -18.10
N GLY G 299 14.76 15.13 -17.77
CA GLY G 299 14.27 16.11 -18.71
C GLY G 299 15.09 16.14 -19.99
N VAL G 300 16.36 15.78 -19.88
CA VAL G 300 17.19 15.64 -21.06
C VAL G 300 16.85 14.36 -21.79
N ASN G 301 17.07 13.22 -21.14
CA ASN G 301 16.86 11.94 -21.80
C ASN G 301 15.51 11.88 -22.50
N SER G 302 14.50 12.53 -21.93
CA SER G 302 13.20 12.56 -22.58
C SER G 302 13.23 13.35 -23.89
N VAL G 303 14.23 14.21 -24.08
CA VAL G 303 14.28 15.10 -25.23
C VAL G 303 15.41 14.71 -26.17
N ALA G 304 16.66 14.78 -25.70
CA ALA G 304 17.79 14.40 -26.53
C ALA G 304 17.60 13.01 -27.11
N ILE G 305 17.23 12.04 -26.28
CA ILE G 305 17.13 10.66 -26.73
C ILE G 305 15.78 10.38 -27.38
N LYS G 306 14.91 11.37 -27.47
CA LYS G 306 13.59 11.19 -28.05
C LYS G 306 13.70 10.72 -29.49
N LEU H 7 -25.32 94.17 -1.96
CA LEU H 7 -24.28 93.35 -1.34
C LEU H 7 -24.93 92.31 -0.42
N THR H 8 -25.21 92.72 0.81
CA THR H 8 -25.95 91.88 1.76
C THR H 8 -27.31 91.50 1.19
N LYS H 9 -28.16 92.50 1.03
CA LYS H 9 -29.49 92.31 0.47
C LYS H 9 -29.43 91.77 -0.95
N SER H 10 -28.33 91.98 -1.65
CA SER H 10 -28.17 91.44 -3.00
C SER H 10 -28.31 89.92 -2.97
N LEU H 11 -27.33 89.25 -2.36
CA LEU H 11 -27.37 87.79 -2.31
C LEU H 11 -28.58 87.31 -1.52
N SER H 12 -28.96 88.07 -0.49
CA SER H 12 -30.22 87.80 0.20
C SER H 12 -31.35 87.64 -0.81
N ILE H 13 -31.36 88.48 -1.84
CA ILE H 13 -32.31 88.29 -2.93
C ILE H 13 -31.93 87.07 -3.76
N ALA H 14 -30.63 86.88 -4.01
CA ALA H 14 -30.17 85.84 -4.93
C ALA H 14 -30.72 84.48 -4.55
N PHE H 15 -30.63 84.12 -3.27
CA PHE H 15 -31.34 82.91 -2.86
C PHE H 15 -32.81 83.20 -2.60
N GLU H 16 -33.11 84.40 -2.12
CA GLU H 16 -34.50 84.77 -1.89
C GLU H 16 -35.33 84.67 -3.16
N ASN H 17 -34.84 85.28 -4.24
CA ASN H 17 -35.60 85.24 -5.48
C ASN H 17 -35.60 83.87 -6.14
N GLY H 18 -34.78 82.94 -5.64
CA GLY H 18 -34.80 81.58 -6.14
C GLY H 18 -34.11 81.37 -7.47
N ASP H 19 -32.95 81.98 -7.67
CA ASP H 19 -32.11 81.68 -8.82
C ASP H 19 -30.70 81.38 -8.32
N TYR H 20 -30.27 80.14 -8.52
CA TYR H 20 -29.04 79.64 -7.93
C TYR H 20 -27.82 80.05 -8.74
N ALA H 21 -27.94 80.06 -10.06
CA ALA H 21 -26.95 80.76 -10.87
C ALA H 21 -26.78 82.18 -10.38
N ALA H 22 -27.88 82.92 -10.25
CA ALA H 22 -27.82 84.28 -9.72
C ALA H 22 -27.17 84.31 -8.35
N CYS H 23 -27.46 83.32 -7.52
CA CYS H 23 -26.74 83.18 -6.25
C CYS H 23 -25.23 83.22 -6.51
N GLU H 24 -24.75 82.37 -7.42
CA GLU H 24 -23.34 82.39 -7.76
C GLU H 24 -22.89 83.76 -8.23
N LYS H 25 -23.76 84.47 -8.96
CA LYS H 25 -23.42 85.81 -9.41
C LYS H 25 -23.19 86.74 -8.24
N LEU H 26 -23.89 86.53 -7.13
CA LEU H 26 -23.72 87.35 -5.94
C LEU H 26 -22.77 86.73 -4.93
N LEU H 27 -22.16 85.59 -5.26
CA LEU H 27 -21.09 85.04 -4.42
C LEU H 27 -19.90 85.97 -4.28
N PRO H 28 -19.23 86.39 -5.35
CA PRO H 28 -17.95 87.10 -5.19
C PRO H 28 -18.04 88.33 -4.30
N PRO H 29 -19.02 89.22 -4.50
CA PRO H 29 -18.97 90.49 -3.74
C PRO H 29 -19.07 90.29 -2.25
N ILE H 30 -19.89 89.33 -1.79
CA ILE H 30 -20.04 89.10 -0.37
C ILE H 30 -19.09 88.04 0.15
N LYS H 31 -18.39 87.32 -0.72
CA LYS H 31 -17.34 86.44 -0.22
C LYS H 31 -16.06 87.22 0.02
N ILE H 32 -15.74 88.16 -0.87
CA ILE H 32 -14.58 89.01 -0.66
C ILE H 32 -14.89 90.11 0.34
N GLU H 33 -16.04 90.76 0.17
CA GLU H 33 -16.55 91.63 1.21
C GLU H 33 -16.80 90.85 2.49
N LEU H 34 -16.89 89.53 2.41
CA LEU H 34 -16.87 88.65 3.57
C LEU H 34 -15.46 88.15 3.86
N ILE H 35 -14.46 88.65 3.13
CA ILE H 35 -13.10 88.63 3.63
C ILE H 35 -12.88 89.82 4.56
N LYS H 36 -13.06 91.03 4.01
CA LYS H 36 -13.07 92.22 4.86
C LYS H 36 -14.05 92.08 6.02
N ASN H 37 -15.16 91.37 5.81
CA ASN H 37 -16.02 91.00 6.92
C ASN H 37 -15.45 89.79 7.66
N ASN H 38 -14.79 88.89 6.94
CA ASN H 38 -14.26 87.66 7.51
C ASN H 38 -13.25 87.93 8.61
N LEU H 39 -12.70 89.14 8.66
CA LEU H 39 -11.69 89.44 9.68
C LEU H 39 -12.23 89.24 11.09
N LEU H 40 -13.53 89.50 11.33
CA LEU H 40 -14.04 89.34 12.68
C LEU H 40 -15.30 88.48 12.73
N ILE H 41 -16.36 88.87 12.01
CA ILE H 41 -17.69 88.28 12.22
C ILE H 41 -17.71 86.75 12.20
N PRO H 42 -16.90 86.04 11.42
CA PRO H 42 -16.90 84.58 11.52
C PRO H 42 -16.15 84.06 12.73
N ASP H 43 -16.40 82.78 13.03
CA ASP H 43 -15.60 81.87 13.85
C ASP H 43 -15.91 81.94 15.34
N LEU H 44 -16.75 82.86 15.80
CA LEU H 44 -17.41 82.77 17.11
C LEU H 44 -16.44 82.76 18.29
N SER H 45 -15.43 83.61 18.25
CA SER H 45 -14.48 83.64 19.36
C SER H 45 -14.98 84.50 20.53
N ILE H 46 -15.55 85.67 20.25
CA ILE H 46 -15.80 86.66 21.31
C ILE H 46 -17.10 86.41 22.06
N GLN H 47 -18.01 85.61 21.52
CA GLN H 47 -19.25 85.23 22.20
C GLN H 47 -20.08 86.46 22.56
N ASN H 48 -20.36 87.30 21.56
CA ASN H 48 -21.07 88.56 21.73
C ASN H 48 -22.40 88.51 20.97
N ASP H 49 -23.38 89.29 21.44
CA ASP H 49 -24.75 89.15 20.97
C ASP H 49 -24.96 89.79 19.60
N ILE H 50 -24.52 91.04 19.42
CA ILE H 50 -24.49 91.60 18.07
C ILE H 50 -23.67 90.69 17.17
N TYR H 51 -22.62 90.11 17.73
CA TYR H 51 -21.83 89.12 17.02
C TYR H 51 -22.62 87.84 16.80
N LEU H 52 -23.72 87.66 17.55
CA LEU H 52 -24.65 86.58 17.24
C LEU H 52 -25.58 86.94 16.10
N ASN H 53 -25.90 88.23 15.93
CA ASN H 53 -26.55 88.66 14.71
C ASN H 53 -25.66 88.39 13.50
N ASP H 54 -24.41 88.85 13.57
CA ASP H 54 -23.43 88.53 12.54
C ASP H 54 -23.33 87.03 12.32
N LEU H 55 -23.32 86.28 13.42
CA LEU H 55 -23.34 84.83 13.35
C LEU H 55 -24.48 84.32 12.48
N MET H 56 -25.70 84.74 12.79
CA MET H 56 -26.85 84.27 12.02
C MET H 56 -26.69 84.62 10.55
N ILE H 57 -26.30 85.87 10.28
CA ILE H 57 -26.14 86.36 8.91
C ILE H 57 -25.19 85.44 8.16
N THR H 58 -23.92 85.45 8.56
CA THR H 58 -22.90 84.63 7.92
C THR H 58 -23.36 83.18 7.79
N LYS H 59 -23.95 82.66 8.86
CA LYS H 59 -24.47 81.29 8.88
C LYS H 59 -25.36 81.03 7.68
N ARG H 60 -26.37 81.87 7.48
CA ARG H 60 -27.24 81.67 6.32
C ARG H 60 -26.51 81.95 5.01
N ILE H 61 -25.51 82.83 5.05
CA ILE H 61 -24.77 83.16 3.82
C ILE H 61 -24.05 81.93 3.30
N LEU H 62 -23.19 81.32 4.12
CA LEU H 62 -22.54 80.09 3.68
C LEU H 62 -23.54 78.97 3.50
N GLU H 63 -24.69 79.03 4.18
CA GLU H 63 -25.70 78.01 4.01
C GLU H 63 -26.20 77.98 2.58
N VAL H 64 -26.72 79.11 2.09
CA VAL H 64 -27.15 79.19 0.71
C VAL H 64 -25.96 79.10 -0.23
N GLY H 65 -24.77 79.44 0.23
CA GLY H 65 -23.59 79.26 -0.60
C GLY H 65 -23.30 77.80 -0.83
N ALA H 66 -23.60 76.95 0.14
CA ALA H 66 -23.43 75.52 -0.03
C ALA H 66 -24.53 74.94 -0.92
N LEU H 67 -25.78 75.28 -0.61
CA LEU H 67 -26.89 74.82 -1.44
C LEU H 67 -26.63 75.19 -2.91
N ALA H 68 -26.42 76.48 -3.15
CA ALA H 68 -26.08 76.95 -4.48
C ALA H 68 -24.81 76.29 -4.99
N SER H 69 -23.89 75.93 -4.10
CA SER H 69 -22.68 75.25 -4.54
C SER H 69 -23.00 73.91 -5.18
N ILE H 70 -23.93 73.17 -4.58
CA ILE H 70 -24.39 71.95 -5.23
C ILE H 70 -25.10 72.28 -6.53
N GLN H 71 -25.92 73.34 -6.51
CA GLN H 71 -26.58 73.77 -7.74
C GLN H 71 -25.58 74.09 -8.84
N THR H 72 -24.36 74.46 -8.47
CA THR H 72 -23.30 74.66 -9.46
C THR H 72 -22.66 73.35 -9.89
N PHE H 73 -22.82 72.30 -9.09
CA PHE H 73 -22.35 70.95 -9.39
C PHE H 73 -20.85 70.83 -9.27
N ASN H 74 -20.14 71.88 -8.91
CA ASN H 74 -18.76 71.75 -8.49
C ASN H 74 -18.78 71.55 -6.98
N PHE H 75 -18.46 70.34 -6.54
CA PHE H 75 -18.78 69.94 -5.18
C PHE H 75 -17.66 70.14 -4.19
N ASP H 76 -16.45 70.44 -4.64
CA ASP H 76 -15.39 70.76 -3.69
C ASP H 76 -15.64 72.13 -3.07
N SER H 77 -16.17 73.05 -3.86
CA SER H 77 -16.68 74.31 -3.33
C SER H 77 -17.66 74.03 -2.20
N PHE H 78 -18.68 73.25 -2.50
CA PHE H 78 -19.62 72.81 -1.45
C PHE H 78 -18.87 72.26 -0.25
N GLU H 79 -17.81 71.50 -0.50
CA GLU H 79 -17.04 70.97 0.62
C GLU H 79 -16.37 72.08 1.41
N ASN H 80 -16.05 73.20 0.76
CA ASN H 80 -15.40 74.29 1.46
C ASN H 80 -16.41 75.12 2.23
N TYR H 81 -17.56 75.41 1.63
CA TYR H 81 -18.67 76.00 2.37
C TYR H 81 -19.00 75.16 3.59
N PHE H 82 -18.96 73.84 3.46
CA PHE H 82 -19.30 72.99 4.58
C PHE H 82 -18.19 73.00 5.63
N ASN H 83 -16.94 72.78 5.20
CA ASN H 83 -15.83 72.75 6.13
C ASN H 83 -15.76 74.04 6.94
N GLN H 84 -15.68 75.17 6.23
CA GLN H 84 -15.78 76.47 6.88
C GLN H 84 -17.02 76.54 7.75
N LEU H 85 -18.10 75.91 7.30
CA LEU H 85 -19.39 75.99 7.98
C LEU H 85 -19.45 75.12 9.23
N LYS H 86 -18.48 74.24 9.44
CA LYS H 86 -18.62 73.21 10.46
C LYS H 86 -18.84 73.78 11.85
N PRO H 87 -17.97 74.65 12.38
CA PRO H 87 -18.17 75.08 13.76
C PRO H 87 -19.52 75.74 13.98
N TYR H 88 -20.00 76.51 12.99
CA TYR H 88 -21.17 77.33 13.21
C TYR H 88 -22.39 76.49 13.59
N TYR H 89 -22.50 75.29 13.04
CA TYR H 89 -23.48 74.37 13.59
C TYR H 89 -22.92 73.62 14.79
N PHE H 90 -21.65 73.24 14.73
CA PHE H 90 -21.06 72.37 15.74
C PHE H 90 -20.70 73.12 17.01
N SER H 91 -20.33 74.39 16.91
CA SER H 91 -20.26 75.22 18.10
C SER H 91 -21.63 75.22 18.75
N ASN H 92 -21.68 74.87 20.02
CA ASN H 92 -22.96 74.62 20.67
C ASN H 92 -23.64 75.93 20.99
N ASN H 93 -24.80 76.14 20.39
CA ASN H 93 -25.77 77.12 20.84
C ASN H 93 -27.15 76.58 20.51
N HIS H 94 -28.09 76.78 21.43
CA HIS H 94 -29.47 76.49 21.10
C HIS H 94 -29.97 77.39 19.98
N LYS H 95 -29.24 78.46 19.68
CA LYS H 95 -29.54 79.29 18.53
C LYS H 95 -29.02 78.70 17.24
N LEU H 96 -27.89 77.98 17.31
CA LEU H 96 -27.22 77.54 16.09
C LEU H 96 -27.87 76.29 15.49
N SER H 97 -28.21 75.32 16.32
CA SER H 97 -28.69 74.03 15.82
C SER H 97 -30.03 74.13 15.10
N GLU H 98 -30.68 75.29 15.11
CA GLU H 98 -32.06 75.41 14.70
C GLU H 98 -32.25 75.67 13.21
N SER H 99 -31.17 75.65 12.43
CA SER H 99 -31.33 75.74 10.98
C SER H 99 -32.18 74.58 10.48
N ASP H 100 -33.26 74.92 9.76
CA ASP H 100 -34.04 73.89 9.09
C ASP H 100 -33.14 73.02 8.22
N LYS H 101 -32.21 73.65 7.52
CA LYS H 101 -31.40 72.96 6.54
C LYS H 101 -30.18 72.28 7.14
N LYS H 102 -30.02 72.32 8.45
CA LYS H 102 -28.97 71.60 9.15
C LYS H 102 -28.86 70.16 8.68
N SER H 103 -29.83 69.35 9.11
CA SER H 103 -29.87 67.94 8.75
C SER H 103 -29.73 67.75 7.26
N LYS H 104 -30.49 68.54 6.50
CA LYS H 104 -30.50 68.53 5.05
C LYS H 104 -29.09 68.60 4.48
N LEU H 105 -28.42 69.75 4.63
CA LEU H 105 -27.20 69.94 3.87
C LEU H 105 -26.07 69.11 4.42
N ILE H 106 -26.03 68.85 5.74
CA ILE H 106 -24.94 68.01 6.21
C ILE H 106 -25.10 66.60 5.66
N SER H 107 -26.34 66.13 5.59
CA SER H 107 -26.58 64.86 4.91
C SER H 107 -26.14 64.93 3.46
N LEU H 108 -26.39 66.07 2.80
CA LEU H 108 -25.92 66.23 1.44
C LEU H 108 -24.41 66.06 1.37
N TYR H 109 -23.71 66.54 2.40
CA TYR H 109 -22.27 66.31 2.49
C TYR H 109 -21.96 64.83 2.56
N LEU H 110 -22.73 64.08 3.36
CA LEU H 110 -22.50 62.65 3.45
C LEU H 110 -22.68 61.99 2.08
N LEU H 111 -23.82 62.22 1.44
CA LEU H 111 -24.05 61.66 0.12
C LEU H 111 -22.91 62.02 -0.83
N ASN H 112 -22.40 63.24 -0.72
CA ASN H 112 -21.19 63.57 -1.46
C ASN H 112 -20.10 62.56 -1.17
N LEU H 113 -19.82 62.32 0.10
CA LEU H 113 -18.71 61.46 0.46
C LEU H 113 -18.90 60.06 -0.12
N LEU H 114 -20.11 59.53 -0.08
CA LEU H 114 -20.34 58.22 -0.66
C LEU H 114 -20.14 58.27 -2.16
N SER H 115 -20.67 59.31 -2.80
CA SER H 115 -20.56 59.44 -4.25
C SER H 115 -19.12 59.37 -4.70
N GLN H 116 -18.20 59.89 -3.88
CA GLN H 116 -16.79 59.85 -4.22
C GLN H 116 -16.15 58.52 -3.88
N ASN H 117 -16.92 57.57 -3.36
CA ASN H 117 -16.40 56.29 -2.90
C ASN H 117 -15.37 56.46 -1.80
N ASN H 118 -15.44 57.54 -1.06
CA ASN H 118 -14.48 57.81 -0.02
C ASN H 118 -15.11 57.38 1.29
N THR H 119 -14.69 56.22 1.78
CA THR H 119 -15.06 55.81 3.12
C THR H 119 -14.09 56.40 4.13
N THR H 120 -12.82 56.48 3.76
CA THR H 120 -11.79 56.98 4.66
C THR H 120 -12.23 58.28 5.30
N LYS H 121 -12.85 59.16 4.53
CA LYS H 121 -13.55 60.27 5.15
C LYS H 121 -14.83 59.79 5.82
N PHE H 122 -15.69 59.13 5.04
CA PHE H 122 -17.09 59.01 5.39
C PHE H 122 -17.27 58.50 6.81
N HIS H 123 -16.64 57.38 7.13
CA HIS H 123 -16.72 56.85 8.48
C HIS H 123 -16.16 57.82 9.49
N SER H 124 -15.13 58.58 9.12
CA SER H 124 -14.54 59.50 10.07
C SER H 124 -15.50 60.61 10.43
N GLU H 125 -15.99 61.34 9.42
CA GLU H 125 -16.93 62.41 9.74
C GLU H 125 -18.16 61.85 10.41
N LEU H 126 -18.56 60.65 10.01
CA LEU H 126 -19.59 59.93 10.76
C LEU H 126 -19.26 59.90 12.24
N GLN H 127 -18.04 59.50 12.58
CA GLN H 127 -17.63 59.46 13.98
C GLN H 127 -17.81 60.83 14.63
N TYR H 128 -17.26 61.86 13.98
CA TYR H 128 -17.32 63.19 14.58
C TYR H 128 -18.76 63.59 14.86
N LEU H 129 -19.60 63.56 13.83
CA LEU H 129 -21.02 63.85 14.00
C LEU H 129 -21.60 63.07 15.16
N ASP H 130 -21.22 61.81 15.28
CA ASP H 130 -21.75 60.96 16.34
C ASP H 130 -21.41 61.51 17.71
N LYS H 131 -20.13 61.73 17.97
CA LYS H 131 -19.69 61.90 19.34
C LYS H 131 -20.18 63.19 19.99
N HIS H 132 -20.81 64.10 19.23
CA HIS H 132 -21.25 65.33 19.87
C HIS H 132 -22.73 65.59 19.61
N ILE H 133 -23.13 65.67 18.34
CA ILE H 133 -24.48 66.06 17.96
C ILE H 133 -25.53 65.35 18.81
N LYS H 134 -25.68 64.04 18.61
CA LYS H 134 -26.73 63.27 19.27
C LYS H 134 -26.69 61.85 18.73
N ASN H 135 -27.57 60.99 19.22
CA ASN H 135 -27.86 59.77 18.48
C ASN H 135 -28.30 60.14 17.08
N LEU H 136 -27.58 59.65 16.08
CA LEU H 136 -27.90 59.98 14.70
C LEU H 136 -28.73 58.90 14.03
N GLU H 137 -29.00 57.80 14.71
CA GLU H 137 -30.07 56.91 14.30
C GLU H 137 -31.43 57.44 14.73
N ASP H 138 -31.46 58.53 15.49
CA ASP H 138 -32.71 59.21 15.76
C ASP H 138 -33.36 59.57 14.44
N ASP H 139 -34.68 59.45 14.38
CA ASP H 139 -35.40 59.57 13.11
C ASP H 139 -35.11 60.90 12.43
N SER H 140 -34.60 60.81 11.21
CA SER H 140 -34.39 61.97 10.35
C SER H 140 -33.98 61.43 8.99
N LEU H 141 -33.77 62.35 8.06
CA LEU H 141 -33.08 62.00 6.84
C LEU H 141 -31.59 61.78 7.07
N LEU H 142 -31.10 62.02 8.29
CA LEU H 142 -29.72 61.68 8.61
C LEU H 142 -29.47 60.20 8.39
N SER H 143 -30.45 59.36 8.71
CA SER H 143 -30.30 57.94 8.49
C SER H 143 -30.25 57.59 7.02
N TYR H 144 -30.69 58.49 6.15
CA TYR H 144 -30.68 58.17 4.72
C TYR H 144 -29.28 57.83 4.22
N PRO H 145 -28.28 58.70 4.35
CA PRO H 145 -26.95 58.30 3.91
C PRO H 145 -26.37 57.16 4.73
N ILE H 146 -26.58 57.13 6.04
CA ILE H 146 -26.04 56.07 6.89
C ILE H 146 -26.52 54.72 6.40
N LYS H 147 -27.82 54.49 6.59
CA LYS H 147 -28.46 53.26 6.15
C LYS H 147 -28.04 52.95 4.72
N LEU H 148 -28.09 53.96 3.86
CA LEU H 148 -27.63 53.80 2.49
C LEU H 148 -26.23 53.20 2.45
N ASP H 149 -25.39 53.57 3.40
CA ASP H 149 -24.05 52.99 3.44
C ASP H 149 -24.06 51.57 3.94
N ARG H 150 -24.72 51.33 5.08
CA ARG H 150 -24.69 50.00 5.67
C ARG H 150 -25.13 48.95 4.67
N TRP H 151 -26.20 49.22 3.94
CA TRP H 151 -26.64 48.22 2.98
C TRP H 151 -25.64 48.02 1.87
N LEU H 152 -24.75 48.97 1.62
CA LEU H 152 -23.68 48.74 0.67
C LEU H 152 -22.57 47.91 1.30
N MET H 153 -22.21 48.22 2.54
CA MET H 153 -21.18 47.47 3.24
C MET H 153 -21.53 45.99 3.27
N GLU H 154 -22.71 45.66 3.84
CA GLU H 154 -23.20 44.30 3.70
C GLU H 154 -23.23 43.89 2.25
N GLY H 155 -23.66 44.81 1.39
CA GLY H 155 -23.89 44.47 0.01
C GLY H 155 -25.24 43.85 -0.23
N SER H 156 -26.26 44.22 0.53
CA SER H 156 -27.62 43.93 0.16
C SER H 156 -28.12 45.12 -0.65
N TYR H 157 -28.23 44.94 -1.95
CA TYR H 157 -28.42 46.09 -2.81
C TYR H 157 -29.87 46.49 -2.93
N GLN H 158 -30.79 45.54 -2.82
CA GLN H 158 -32.19 45.87 -3.07
C GLN H 158 -32.68 46.93 -2.10
N LYS H 159 -32.44 46.74 -0.80
CA LYS H 159 -32.82 47.76 0.16
C LYS H 159 -32.16 49.09 -0.16
N ALA H 160 -30.92 49.05 -0.63
CA ALA H 160 -30.25 50.27 -1.05
C ALA H 160 -31.06 50.98 -2.12
N TRP H 161 -31.19 50.34 -3.29
CA TRP H 161 -31.93 50.94 -4.39
C TRP H 161 -33.26 51.49 -3.91
N ASP H 162 -34.01 50.67 -3.18
CA ASP H 162 -35.26 51.10 -2.60
C ASP H 162 -35.09 52.41 -1.84
N LEU H 163 -34.04 52.49 -1.02
CA LEU H 163 -33.80 53.71 -0.28
C LEU H 163 -33.52 54.87 -1.22
N LEU H 164 -32.90 54.60 -2.38
CA LEU H 164 -32.74 55.66 -3.36
C LEU H 164 -34.08 56.11 -3.91
N GLN H 165 -35.07 55.22 -3.92
CA GLN H 165 -36.41 55.64 -4.31
C GLN H 165 -37.04 56.50 -3.22
N SER H 166 -37.01 56.01 -1.98
CA SER H 166 -37.67 56.71 -0.88
C SER H 166 -36.93 57.95 -0.42
N GLY H 167 -35.76 58.25 -0.97
CA GLY H 167 -35.00 59.39 -0.52
C GLY H 167 -35.58 60.73 -0.93
N SER H 168 -36.76 60.70 -1.53
CA SER H 168 -37.42 61.90 -2.05
C SER H 168 -38.31 62.58 -1.02
N GLN H 169 -38.26 62.15 0.24
CA GLN H 169 -38.97 62.83 1.33
C GLN H 169 -38.74 64.31 1.09
N ASN H 170 -37.54 64.78 1.42
CA ASN H 170 -37.05 65.92 0.67
C ASN H 170 -36.57 65.40 -0.67
N ILE H 171 -37.02 66.02 -1.75
CA ILE H 171 -36.60 65.65 -3.08
C ILE H 171 -35.92 66.87 -3.69
N SER H 172 -34.62 66.78 -3.89
CA SER H 172 -33.82 67.95 -4.19
C SER H 172 -32.50 67.50 -4.76
N GLU H 173 -31.57 68.46 -4.88
CA GLU H 173 -30.36 68.32 -5.69
C GLU H 173 -29.54 67.07 -5.41
N PHE H 174 -29.72 66.44 -4.23
CA PHE H 174 -29.08 65.15 -4.01
C PHE H 174 -29.48 64.14 -5.06
N ASP H 175 -30.61 64.38 -5.73
CA ASP H 175 -31.00 63.56 -6.87
C ASP H 175 -29.88 63.42 -7.88
N SER H 176 -29.14 64.51 -8.12
CA SER H 176 -27.95 64.43 -8.95
C SER H 176 -26.98 63.39 -8.39
N PHE H 177 -26.64 63.53 -7.11
CA PHE H 177 -25.91 62.46 -6.41
C PHE H 177 -26.55 61.11 -6.68
N THR H 178 -27.87 61.06 -6.61
CA THR H 178 -28.59 59.84 -6.92
C THR H 178 -28.11 59.25 -8.23
N ASP H 179 -28.15 60.04 -9.29
CA ASP H 179 -27.77 59.54 -10.60
C ASP H 179 -26.31 59.09 -10.63
N ILE H 180 -25.48 59.66 -9.77
CA ILE H 180 -24.14 59.13 -9.58
C ILE H 180 -24.21 57.73 -9.01
N LEU H 181 -24.83 57.60 -7.84
CA LEU H 181 -24.79 56.35 -7.09
C LEU H 181 -25.33 55.20 -7.92
N LYS H 182 -26.35 55.47 -8.72
CA LYS H 182 -26.90 54.49 -9.65
C LYS H 182 -25.75 53.84 -10.40
N SER H 183 -25.06 54.63 -11.21
CA SER H 183 -23.94 54.09 -11.98
C SER H 183 -22.94 53.38 -11.09
N ALA H 184 -22.77 53.87 -9.86
CA ALA H 184 -21.96 53.17 -8.87
C ALA H 184 -22.49 51.76 -8.67
N ILE H 185 -23.69 51.67 -8.08
CA ILE H 185 -24.23 50.38 -7.69
C ILE H 185 -24.35 49.46 -8.90
N ARG H 186 -24.93 49.98 -9.99
CA ARG H 186 -25.10 49.14 -11.16
C ARG H 186 -23.78 48.59 -11.66
N ASP H 187 -22.69 49.29 -11.39
CA ASP H 187 -21.39 48.70 -11.70
C ASP H 187 -21.12 47.50 -10.81
N GLU H 188 -21.18 47.71 -9.49
CA GLU H 188 -20.82 46.66 -8.54
C GLU H 188 -21.54 45.37 -8.87
N ILE H 189 -22.86 45.44 -8.97
CA ILE H 189 -23.64 44.25 -9.30
C ILE H 189 -23.05 43.58 -10.52
N ALA H 190 -22.95 44.34 -11.61
CA ALA H 190 -22.31 43.81 -12.81
C ALA H 190 -20.91 43.32 -12.49
N LYS H 191 -20.11 44.17 -11.85
CA LYS H 191 -18.76 43.77 -11.51
C LYS H 191 -18.77 42.57 -10.57
N ASN H 192 -19.79 42.45 -9.72
CA ASN H 192 -20.00 41.20 -9.04
C ASN H 192 -20.22 40.11 -10.06
N THR H 193 -21.35 40.21 -10.76
CA THR H 193 -21.88 39.07 -11.49
C THR H 193 -20.91 38.53 -12.52
N GLU H 194 -19.99 39.36 -13.01
CA GLU H 194 -18.98 38.88 -13.94
C GLU H 194 -18.38 37.58 -13.47
N LEU H 195 -18.12 37.47 -12.18
CA LEU H 195 -17.59 36.21 -11.66
C LEU H 195 -18.69 35.20 -11.42
N SER H 196 -19.81 35.61 -10.84
CA SER H 196 -20.79 34.68 -10.31
C SER H 196 -21.36 33.73 -11.35
N TYR H 197 -22.19 34.23 -12.25
CA TYR H 197 -22.99 33.38 -13.12
C TYR H 197 -22.21 33.00 -14.37
N ASP H 198 -22.89 32.30 -15.28
CA ASP H 198 -22.34 31.93 -16.58
C ASP H 198 -23.28 32.30 -17.71
N PHE H 199 -24.43 31.63 -17.80
CA PHE H 199 -25.44 31.93 -18.81
C PHE H 199 -26.53 32.73 -18.13
N LEU H 200 -26.59 34.03 -18.41
CA LEU H 200 -27.59 34.86 -17.75
C LEU H 200 -28.50 35.50 -18.79
N PRO H 201 -29.78 35.13 -18.84
CA PRO H 201 -30.70 35.77 -19.78
C PRO H 201 -30.87 37.25 -19.50
N LEU H 202 -31.13 38.00 -20.57
CA LEU H 202 -31.31 39.45 -20.43
C LEU H 202 -32.52 39.77 -19.58
N SER H 203 -33.58 38.97 -19.70
CA SER H 203 -34.75 39.14 -18.86
C SER H 203 -34.38 39.13 -17.39
N ASN H 204 -33.35 38.36 -17.04
CA ASN H 204 -32.87 38.35 -15.66
C ASN H 204 -32.01 39.56 -15.36
N ILE H 205 -31.34 40.10 -16.37
CA ILE H 205 -30.43 41.21 -16.15
C ILE H 205 -31.17 42.53 -16.00
N LYS H 206 -32.39 42.60 -16.54
CA LYS H 206 -33.32 43.65 -16.14
C LYS H 206 -33.50 43.67 -14.64
N ALA H 207 -33.81 42.51 -14.05
CA ALA H 207 -33.61 42.37 -12.62
C ALA H 207 -32.11 42.37 -12.38
N LEU H 208 -31.67 42.27 -11.13
CA LEU H 208 -30.28 42.66 -10.93
C LEU H 208 -30.17 44.11 -11.40
N LEU H 209 -29.61 44.35 -12.59
CA LEU H 209 -29.16 45.69 -12.92
C LEU H 209 -30.23 46.77 -12.83
N PHE H 210 -31.50 46.40 -12.65
CA PHE H 210 -32.58 47.36 -12.38
C PHE H 210 -32.92 48.24 -13.58
N PHE H 211 -32.76 47.71 -14.78
CA PHE H 211 -33.17 48.47 -15.95
C PHE H 211 -34.67 48.37 -16.16
N ASN H 212 -35.22 49.37 -16.85
CA ASN H 212 -36.62 49.36 -17.24
C ASN H 212 -36.84 48.81 -18.64
N ASN H 213 -35.79 48.62 -19.42
CA ASN H 213 -35.91 48.01 -20.74
C ASN H 213 -34.60 47.34 -21.09
N GLU H 214 -34.69 46.24 -21.83
CA GLU H 214 -33.50 45.51 -22.22
C GLU H 214 -32.67 46.28 -23.25
N LYS H 215 -33.25 47.27 -23.92
CA LYS H 215 -32.43 48.13 -24.76
C LYS H 215 -31.33 48.78 -23.94
N GLU H 216 -31.69 49.31 -22.77
CA GLU H 216 -30.69 49.80 -21.83
C GLU H 216 -29.72 48.70 -21.46
N THR H 217 -30.22 47.47 -21.32
CA THR H 217 -29.35 46.37 -20.96
C THR H 217 -28.24 46.20 -21.98
N GLU H 218 -28.60 45.81 -23.20
CA GLU H 218 -27.61 45.62 -24.25
C GLU H 218 -26.74 46.86 -24.45
N LYS H 219 -27.29 48.05 -24.24
CA LYS H 219 -26.43 49.22 -24.14
C LYS H 219 -25.33 48.99 -23.12
N PHE H 220 -25.73 48.62 -21.91
CA PHE H 220 -24.77 48.49 -20.81
C PHE H 220 -23.76 47.40 -21.11
N ALA H 221 -24.23 46.23 -21.56
CA ALA H 221 -23.36 45.09 -21.78
C ALA H 221 -22.39 45.34 -22.93
N LEU H 222 -22.82 46.05 -23.96
CA LEU H 222 -21.88 46.48 -24.98
C LEU H 222 -20.84 47.40 -24.38
N GLU H 223 -21.30 48.42 -23.66
CA GLU H 223 -20.39 49.28 -22.93
C GLU H 223 -19.57 48.49 -21.92
N ARG H 224 -20.12 47.36 -21.46
CA ARG H 224 -19.37 46.40 -20.67
C ARG H 224 -18.71 45.33 -21.51
N ASN H 225 -18.80 45.45 -22.84
CA ASN H 225 -18.27 44.53 -23.86
C ASN H 225 -18.52 43.07 -23.49
N TRP H 226 -19.72 42.79 -23.00
CA TRP H 226 -20.14 41.42 -22.77
C TRP H 226 -20.68 40.83 -24.07
N PRO H 227 -20.05 39.80 -24.62
CA PRO H 227 -20.63 39.17 -25.82
C PRO H 227 -22.01 38.60 -25.51
N ILE H 228 -22.98 38.97 -26.33
CA ILE H 228 -24.37 38.64 -26.10
C ILE H 228 -24.82 37.68 -27.18
N VAL H 229 -25.47 36.59 -26.77
CA VAL H 229 -25.97 35.60 -27.70
C VAL H 229 -27.41 35.27 -27.33
N ASN H 230 -28.34 35.59 -28.23
CA ASN H 230 -29.69 35.05 -28.16
C ASN H 230 -30.33 35.34 -26.80
N SER H 231 -30.22 36.58 -26.36
CA SER H 231 -30.69 37.05 -25.06
C SER H 231 -29.96 36.39 -23.90
N LYS H 232 -28.76 35.86 -24.13
CA LYS H 232 -27.93 35.31 -23.07
C LYS H 232 -26.60 36.04 -23.06
N VAL H 233 -25.95 36.02 -21.91
CA VAL H 233 -24.65 36.64 -21.76
C VAL H 233 -23.66 35.58 -21.32
N TYR H 234 -22.42 35.75 -21.78
CA TYR H 234 -21.31 34.90 -21.37
C TYR H 234 -20.32 35.75 -20.62
N PHE H 235 -19.54 35.12 -19.75
CA PHE H 235 -18.53 35.83 -18.98
C PHE H 235 -17.22 35.08 -19.14
N ASN H 236 -16.26 35.73 -19.83
CA ASN H 236 -14.90 35.25 -19.95
C ASN H 236 -14.11 36.20 -20.84
N THR H 257 7.13 27.42 -20.31
CA THR H 257 8.44 27.20 -19.69
C THR H 257 8.74 25.71 -19.53
N ASN H 258 9.83 25.28 -20.15
CA ASN H 258 10.20 23.87 -20.14
C ASN H 258 10.79 23.50 -18.78
N ILE H 259 10.72 22.20 -18.46
CA ILE H 259 11.18 21.73 -17.16
C ILE H 259 12.69 21.83 -17.06
N ILE H 260 13.41 21.49 -18.13
CA ILE H 260 14.87 21.61 -18.12
C ILE H 260 15.27 23.01 -17.68
N GLU H 261 14.69 24.00 -18.34
CA GLU H 261 14.89 25.39 -17.95
C GLU H 261 14.70 25.56 -16.46
N LYS H 262 13.59 25.04 -15.93
CA LYS H 262 13.26 25.24 -14.53
C LYS H 262 14.34 24.69 -13.62
N ALA H 263 14.72 23.44 -13.84
CA ALA H 263 15.69 22.80 -12.96
C ALA H 263 17.02 23.55 -13.03
N MET H 264 17.48 23.85 -14.23
CA MET H 264 18.70 24.66 -14.34
C MET H 264 18.57 25.93 -13.53
N ASP H 265 17.39 26.55 -13.57
CA ASP H 265 17.19 27.78 -12.82
C ASP H 265 17.35 27.54 -11.33
N TYR H 266 16.80 26.44 -10.83
CA TYR H 266 16.98 26.12 -9.43
C TYR H 266 18.47 25.99 -9.11
N ALA H 267 19.16 25.14 -9.85
CA ALA H 267 20.59 24.95 -9.64
C ALA H 267 21.32 26.29 -9.59
N ILE H 268 21.02 27.16 -10.54
CA ILE H 268 21.52 28.53 -10.50
C ILE H 268 21.31 29.12 -9.12
N SER H 269 20.05 29.23 -8.72
CA SER H 269 19.74 29.83 -7.43
C SER H 269 20.56 29.22 -6.30
N ILE H 270 20.87 27.93 -6.36
CA ILE H 270 21.64 27.36 -5.27
C ILE H 270 23.11 27.76 -5.35
N GLU H 271 23.70 27.69 -6.54
CA GLU H 271 25.15 27.77 -6.63
C GLU H 271 25.69 29.19 -6.57
N ASN H 272 24.83 30.19 -6.45
CA ASN H 272 25.28 31.57 -6.33
C ASN H 272 26.03 31.77 -5.02
N GLU I 31 11.53 54.17 35.39
CA GLU I 31 10.68 53.80 34.26
C GLU I 31 9.32 53.34 34.76
N ASP I 32 8.60 54.24 35.41
CA ASP I 32 7.30 53.91 35.96
C ASP I 32 6.42 55.16 35.95
N ASP I 33 5.14 54.97 35.68
CA ASP I 33 4.18 56.06 35.77
C ASP I 33 2.79 55.51 36.04
N GLU I 34 1.90 56.41 36.43
CA GLU I 34 0.60 56.02 36.99
C GLU I 34 -0.37 55.52 35.93
N PHE I 35 -0.23 55.97 34.68
CA PHE I 35 -1.25 55.72 33.66
C PHE I 35 -2.62 56.17 34.12
N GLU I 36 -2.68 57.23 34.92
CA GLU I 36 -3.97 57.73 35.37
C GLU I 36 -4.87 58.08 34.20
N ASP I 37 -4.28 58.39 33.06
CA ASP I 37 -5.08 58.62 31.85
C ASP I 37 -5.91 57.40 31.51
N PHE I 38 -5.37 56.21 31.74
CA PHE I 38 -6.20 55.02 31.56
C PHE I 38 -6.59 54.48 32.92
N PRO I 39 -7.82 54.71 33.36
CA PRO I 39 -8.28 54.10 34.61
C PRO I 39 -8.63 52.64 34.38
N ILE I 40 -8.36 51.82 35.39
CA ILE I 40 -8.72 50.41 35.32
C ILE I 40 -10.23 50.28 35.40
N ASP I 41 -10.79 49.35 34.63
CA ASP I 41 -12.23 49.28 34.46
C ASP I 41 -12.94 49.19 35.80
N THR I 42 -13.92 50.05 35.98
CA THR I 42 -14.80 50.00 37.15
C THR I 42 -16.07 49.27 36.76
N TRP I 43 -16.58 48.46 37.69
CA TRP I 43 -17.67 47.54 37.39
C TRP I 43 -18.87 47.78 38.28
N ALA I 44 -20.05 47.72 37.67
CA ALA I 44 -21.32 47.83 38.38
C ALA I 44 -21.79 46.51 38.95
N ASN I 45 -21.01 45.44 38.80
CA ASN I 45 -21.34 44.11 39.31
C ASN I 45 -22.65 43.57 38.73
N ASN I 58 -11.29 23.42 35.45
CA ASN I 58 -11.45 23.83 34.06
C ASN I 58 -10.11 24.10 33.39
N ILE I 59 -9.16 23.18 33.51
CA ILE I 59 -7.85 23.37 32.94
C ILE I 59 -7.78 22.57 31.64
N TRP I 60 -7.96 23.26 30.53
CA TRP I 60 -7.82 22.70 29.18
C TRP I 60 -7.61 23.89 28.26
N GLU I 61 -7.17 23.61 27.04
CA GLU I 61 -7.33 24.64 26.03
C GLU I 61 -8.79 25.01 25.88
N GLU I 62 -9.69 24.09 26.22
CA GLU I 62 -11.13 24.29 26.11
C GLU I 62 -11.48 24.77 24.70
N ASN I 63 -11.37 23.85 23.76
CA ASN I 63 -11.50 24.21 22.36
C ASN I 63 -12.82 24.92 22.12
N TRP I 64 -12.81 25.84 21.15
CA TRP I 64 -13.98 26.66 20.88
C TRP I 64 -15.24 25.82 20.83
N ASP I 65 -15.29 24.88 19.88
CA ASP I 65 -16.47 24.05 19.74
C ASP I 65 -16.88 23.42 21.07
N ASP I 66 -15.91 23.13 21.94
CA ASP I 66 -16.26 22.58 23.23
C ASP I 66 -16.95 23.63 24.10
N VAL I 67 -16.31 24.80 24.27
CA VAL I 67 -16.86 25.77 25.19
C VAL I 67 -18.19 26.32 24.68
N GLU I 68 -18.40 26.29 23.38
CA GLU I 68 -19.67 26.75 22.82
C GLU I 68 -20.36 25.53 22.22
N VAL I 69 -21.36 25.03 22.93
CA VAL I 69 -22.14 23.89 22.46
C VAL I 69 -23.51 23.98 23.11
N ASP I 70 -24.54 23.53 22.39
CA ASP I 70 -25.92 23.74 22.83
C ASP I 70 -26.44 22.63 23.72
N ASP I 71 -25.73 21.52 23.83
CA ASP I 71 -26.03 20.47 24.80
C ASP I 71 -27.43 19.89 24.62
N ASP I 72 -28.02 20.06 23.44
CA ASP I 72 -29.34 19.53 23.19
C ASP I 72 -29.28 18.07 22.81
N PHE I 73 -28.16 17.64 22.23
CA PHE I 73 -28.19 16.45 21.39
C PHE I 73 -28.64 15.24 22.17
N THR I 74 -28.30 15.16 23.45
CA THR I 74 -28.87 14.14 24.32
C THR I 74 -30.38 14.05 24.11
N ASN I 75 -31.07 15.13 24.46
CA ASN I 75 -32.53 15.10 24.46
C ASN I 75 -33.08 15.13 23.05
N GLU I 76 -32.50 15.99 22.20
CA GLU I 76 -33.00 16.12 20.84
C GLU I 76 -32.93 14.80 20.11
N LEU I 77 -31.85 14.07 20.30
CA LEU I 77 -31.66 12.80 19.61
C LEU I 77 -32.80 11.84 19.93
N LYS I 78 -32.90 11.42 21.19
CA LYS I 78 -34.00 10.53 21.57
C LYS I 78 -35.32 11.05 21.05
N ALA I 79 -35.56 12.36 21.25
CA ALA I 79 -36.74 13.00 20.71
C ALA I 79 -36.82 12.88 19.20
N GLU I 80 -35.77 12.42 18.54
CA GLU I 80 -35.83 12.07 17.13
C GLU I 80 -36.10 10.59 16.91
N LEU I 81 -35.21 9.73 17.41
CA LEU I 81 -35.35 8.29 17.25
C LEU I 81 -36.78 7.84 17.51
N ASP I 82 -37.33 8.27 18.64
CA ASP I 82 -38.72 7.96 18.95
C ASP I 82 -39.63 8.28 17.76
N ARG I 83 -39.68 9.55 17.38
CA ARG I 83 -40.57 9.98 16.31
C ARG I 83 -40.38 9.15 15.06
N TYR I 84 -39.13 8.88 14.70
CA TYR I 84 -38.87 8.06 13.53
C TYR I 84 -39.55 6.72 13.68
N LYS I 85 -39.10 5.92 14.65
CA LYS I 85 -39.54 4.53 14.69
C LYS I 85 -41.03 4.41 14.96
N ARG I 86 -41.67 5.45 15.48
CA ARG I 86 -43.13 5.39 15.57
C ARG I 86 -43.77 5.42 14.19
N GLU I 87 -43.07 5.94 13.20
CA GLU I 87 -43.63 6.15 11.87
C GLU I 87 -43.30 5.04 10.90
N ASN I 88 -42.58 4.02 11.35
CA ASN I 88 -42.09 3.01 10.43
C ASN I 88 -42.02 1.65 11.10
N UNK A 1 12.67 64.69 57.16
CA UNK A 1 11.40 64.04 56.91
C UNK A 1 10.94 64.37 55.51
N UNK A 2 9.86 65.15 55.43
CA UNK A 2 9.42 65.66 54.13
C UNK A 2 10.49 66.57 53.54
N UNK A 3 10.95 67.54 54.33
CA UNK A 3 12.08 68.35 53.91
C UNK A 3 13.25 67.48 53.48
N UNK A 4 13.41 66.31 54.11
CA UNK A 4 14.53 65.44 53.79
C UNK A 4 14.47 65.00 52.33
N UNK A 5 13.38 64.36 51.94
CA UNK A 5 13.23 63.96 50.55
C UNK A 5 13.23 65.17 49.62
N UNK A 6 12.73 66.31 50.11
CA UNK A 6 12.87 67.55 49.37
C UNK A 6 14.34 67.85 49.09
N UNK A 7 15.22 67.42 49.99
CA UNK A 7 16.64 67.51 49.78
C UNK A 7 17.21 66.31 49.06
N UNK A 8 16.43 65.23 48.93
CA UNK A 8 16.85 64.16 48.05
C UNK A 8 16.71 64.58 46.60
N UNK A 9 15.52 65.01 46.21
CA UNK A 9 15.36 65.57 44.89
C UNK A 9 16.22 66.81 44.71
N UNK A 10 16.06 67.77 45.63
CA UNK A 10 16.89 68.97 45.59
C UNK A 10 18.36 68.62 45.47
N UNK A 11 18.77 67.51 46.06
CA UNK A 11 20.11 67.00 45.81
C UNK A 11 20.24 66.54 44.37
N UNK A 12 19.19 65.97 43.81
CA UNK A 12 19.21 65.56 42.41
C UNK A 12 19.22 66.75 41.47
N UNK A 13 19.13 67.97 41.99
CA UNK A 13 19.21 69.19 41.18
C UNK A 13 20.58 69.32 40.53
N UNK A 14 21.50 68.41 40.83
CA UNK A 14 22.86 68.53 40.34
C UNK A 14 22.92 68.47 38.82
N UNK A 15 22.48 67.37 38.22
CA UNK A 15 22.79 67.07 36.82
C UNK A 15 21.57 66.46 36.12
N UNK A 16 21.69 66.30 34.80
CA UNK A 16 20.56 65.90 33.96
C UNK A 16 20.09 64.48 34.27
N UNK A 17 20.97 63.49 34.15
CA UNK A 17 20.58 62.13 34.49
C UNK A 17 20.09 62.05 35.92
N UNK A 18 20.64 62.89 36.79
CA UNK A 18 20.09 63.04 38.13
C UNK A 18 18.65 63.52 38.08
N UNK A 19 18.28 64.27 37.03
CA UNK A 19 16.88 64.61 36.87
C UNK A 19 16.07 63.41 36.36
N UNK A 20 16.68 62.57 35.53
CA UNK A 20 15.98 61.35 35.11
C UNK A 20 15.66 60.48 36.31
N UNK A 21 16.69 60.06 37.03
CA UNK A 21 16.49 59.20 38.18
C UNK A 21 15.63 59.89 39.23
N UNK A 22 15.88 61.18 39.45
CA UNK A 22 15.03 61.96 40.33
C UNK A 22 13.58 61.75 39.94
N UNK A 23 13.28 61.90 38.66
CA UNK A 23 11.93 61.69 38.20
C UNK A 23 11.46 60.28 38.53
N UNK A 24 12.33 59.30 38.36
CA UNK A 24 11.95 57.92 38.66
C UNK A 24 11.47 57.80 40.09
N UNK A 25 12.33 58.18 41.04
CA UNK A 25 11.97 58.03 42.44
C UNK A 25 10.88 59.01 42.86
N UNK A 26 10.56 59.99 42.03
CA UNK A 26 9.42 60.84 42.33
C UNK A 26 8.15 60.03 42.53
N UNK A 27 8.13 58.80 42.04
CA UNK A 27 6.99 57.93 42.27
C UNK A 27 6.72 57.75 43.76
N UNK A 28 7.77 57.68 44.57
CA UNK A 28 7.61 57.42 45.99
C UNK A 28 6.96 58.58 46.72
N UNK A 29 6.98 59.77 46.15
CA UNK A 29 6.54 60.96 46.87
C UNK A 29 5.08 60.89 47.30
N UNK A 30 4.30 59.95 46.76
CA UNK A 30 2.85 60.00 46.92
C UNK A 30 2.39 59.82 48.36
N UNK A 31 3.28 59.53 49.29
CA UNK A 31 2.85 59.28 50.65
C UNK A 31 2.68 60.54 51.48
N UNK A 32 2.89 61.73 50.90
CA UNK A 32 2.87 62.97 51.65
C UNK A 32 1.47 63.25 52.21
N UNK A 33 1.41 64.14 53.17
CA UNK A 33 0.18 64.44 53.89
C UNK A 33 -0.09 65.93 53.86
N UNK A 34 -1.13 66.32 53.12
CA UNK A 34 -1.78 67.63 53.18
C UNK A 34 -0.80 68.79 52.99
N UNK A 35 0.38 68.49 52.41
CA UNK A 35 1.34 69.47 51.93
C UNK A 35 1.54 70.62 52.91
N UNK A 36 1.30 70.39 54.19
CA UNK A 36 1.88 71.31 55.16
C UNK A 36 3.38 71.23 55.07
N UNK A 37 3.88 70.07 54.63
CA UNK A 37 5.26 69.98 54.21
C UNK A 37 5.61 71.14 53.30
N UNK A 38 4.74 71.44 52.34
CA UNK A 38 4.96 72.61 51.52
C UNK A 38 5.00 73.87 52.38
N UNK A 39 4.12 73.95 53.39
CA UNK A 39 4.18 75.08 54.29
C UNK A 39 5.55 75.20 54.94
N UNK A 40 6.28 74.09 55.02
CA UNK A 40 7.67 74.16 55.44
C UNK A 40 8.57 74.60 54.28
N UNK A 41 8.32 74.09 53.08
CA UNK A 41 9.08 74.57 51.93
C UNK A 41 8.86 76.04 51.69
N UNK A 42 7.90 76.66 52.38
CA UNK A 42 7.84 78.11 52.41
C UNK A 42 9.15 78.70 52.86
N UNK A 43 9.86 77.98 53.74
CA UNK A 43 11.19 78.38 54.16
C UNK A 43 12.27 77.92 53.19
N UNK A 44 11.91 77.16 52.15
CA UNK A 44 12.88 76.70 51.18
C UNK A 44 13.12 77.70 50.07
N UNK A 45 12.33 78.77 50.01
CA UNK A 45 12.56 79.86 49.07
C UNK A 45 11.91 81.13 49.60
N THR A 46 16.56 77.13 42.74
CA THR A 46 15.33 77.89 42.69
C THR A 46 14.48 77.42 41.54
N ALA A 47 14.86 77.86 40.34
CA ALA A 47 14.05 77.74 39.12
C ALA A 47 13.54 76.32 38.86
N GLU A 48 14.46 75.42 38.48
CA GLU A 48 14.07 74.06 38.19
C GLU A 48 13.20 73.50 39.27
N ILE A 49 13.44 73.94 40.50
CA ILE A 49 12.59 73.56 41.61
C ILE A 49 11.48 74.57 41.84
N ASN A 50 11.51 75.72 41.17
CA ASN A 50 10.30 76.55 41.18
C ASN A 50 9.19 75.87 40.41
N CYS A 51 9.45 75.55 39.14
CA CYS A 51 8.48 74.78 38.38
C CYS A 51 8.28 73.42 39.00
N PHE A 52 9.36 72.69 39.23
CA PHE A 52 9.23 71.39 39.85
C PHE A 52 8.42 71.46 41.12
N MET A 53 8.61 72.51 41.93
CA MET A 53 7.82 72.55 43.14
C MET A 53 6.35 72.73 42.79
N HIS A 54 6.04 73.67 41.89
CA HIS A 54 4.65 73.84 41.52
C HIS A 54 4.07 72.52 41.03
N LEU A 55 4.88 71.76 40.30
CA LEU A 55 4.56 70.38 39.97
C LEU A 55 4.14 69.63 41.22
N LEU A 56 4.93 69.75 42.26
CA LEU A 56 4.60 69.04 43.49
C LEU A 56 3.22 69.47 43.97
N VAL A 57 2.96 70.77 43.91
CA VAL A 57 1.66 71.27 44.33
C VAL A 57 0.56 70.62 43.51
N GLN A 58 0.75 70.61 42.20
CA GLN A 58 -0.21 70.06 41.23
C GLN A 58 -0.49 68.60 41.54
N LEU A 59 0.54 67.79 41.35
CA LEU A 59 0.50 66.36 41.63
C LEU A 59 -0.21 66.09 42.93
N PHE A 60 0.20 66.80 43.97
CA PHE A 60 -0.57 66.81 45.19
C PHE A 60 -2.04 67.02 44.90
N LEU A 61 -2.35 68.05 44.13
CA LEU A 61 -3.74 68.46 44.00
C LEU A 61 -4.56 67.42 43.28
N TRP A 62 -3.95 66.71 42.33
CA TRP A 62 -4.68 65.63 41.68
C TRP A 62 -4.86 64.48 42.65
N ASP A 63 -3.76 63.99 43.22
CA ASP A 63 -3.84 62.93 44.22
C ASP A 63 -4.77 63.35 45.34
N SER A 64 -4.84 64.64 45.60
CA SER A 64 -5.75 65.14 46.61
C SER A 64 -7.17 65.22 46.10
N LYS A 65 -7.42 64.78 44.88
CA LYS A 65 -8.75 64.66 44.28
C LYS A 65 -9.48 66.00 44.23
N GLU A 66 -8.75 67.11 44.26
CA GLU A 66 -9.37 68.42 44.21
C GLU A 66 -9.19 68.94 42.78
N LEU A 67 -10.30 69.05 42.05
CA LEU A 67 -10.23 69.44 40.65
C LEU A 67 -10.06 70.94 40.47
N GLU A 68 -10.90 71.73 41.12
CA GLU A 68 -11.05 73.13 40.78
C GLU A 68 -9.73 73.84 40.92
N GLN A 69 -9.23 73.91 42.15
CA GLN A 69 -7.98 74.61 42.37
C GLN A 69 -6.87 74.05 41.52
N LEU A 70 -6.98 72.79 41.09
CA LEU A 70 -5.93 72.21 40.28
C LEU A 70 -5.87 72.85 38.90
N VAL A 71 -6.94 72.74 38.13
CA VAL A 71 -6.98 73.41 36.84
C VAL A 71 -6.79 74.90 37.02
N GLU A 72 -7.47 75.45 38.02
CA GLU A 72 -7.33 76.84 38.37
C GLU A 72 -5.87 77.22 38.42
N PHE A 73 -5.07 76.37 39.01
CA PHE A 73 -3.67 76.66 39.17
C PHE A 73 -2.91 76.46 37.88
N ASN A 74 -3.29 75.45 37.09
CA ASN A 74 -2.72 75.31 35.76
C ASN A 74 -2.82 76.65 35.06
N ARG A 75 -3.98 77.26 35.16
CA ARG A 75 -4.31 78.45 34.40
C ARG A 75 -3.58 79.65 34.94
N LYS A 76 -3.88 80.02 36.18
CA LYS A 76 -3.34 81.26 36.72
C LYS A 76 -1.82 81.27 36.74
N VAL A 77 -1.18 80.11 36.86
CA VAL A 77 0.23 80.10 37.16
C VAL A 77 1.01 79.32 36.13
N VAL A 78 0.72 78.02 36.02
CA VAL A 78 1.54 77.15 35.19
C VAL A 78 1.63 77.71 33.79
N ILE A 79 0.53 78.24 33.29
CA ILE A 79 0.49 78.85 31.98
C ILE A 79 1.28 80.15 31.98
N PRO A 80 1.13 81.02 32.98
CA PRO A 80 2.13 82.07 33.18
C PRO A 80 3.48 81.54 33.64
N ASN A 81 3.56 80.29 34.08
CA ASN A 81 4.87 79.72 34.37
C ASN A 81 5.62 79.42 33.08
N LEU A 82 4.88 79.12 32.02
CA LEU A 82 5.49 78.81 30.75
C LEU A 82 6.57 79.83 30.44
N LEU A 83 6.16 81.09 30.30
CA LEU A 83 7.10 82.17 30.09
C LEU A 83 8.27 82.08 31.06
N CYS A 84 7.96 81.89 32.35
CA CYS A 84 9.00 81.91 33.36
C CYS A 84 10.10 80.93 33.01
N TYR A 85 9.72 79.75 32.58
CA TYR A 85 10.71 78.69 32.43
C TYR A 85 11.20 78.52 31.00
N TYR A 86 10.70 79.26 30.01
CA TYR A 86 11.13 78.92 28.66
C TYR A 86 12.64 78.91 28.52
N ASN A 87 13.34 79.52 29.46
CA ASN A 87 14.77 79.37 29.58
C ASN A 87 15.22 77.91 29.65
N LEU A 88 14.95 77.25 30.78
CA LEU A 88 15.67 76.03 31.13
C LEU A 88 15.29 74.88 30.21
N ARG A 89 16.27 74.28 29.56
CA ARG A 89 15.98 73.28 28.56
C ARG A 89 15.85 71.88 29.12
N SER A 90 16.26 71.65 30.35
CA SER A 90 16.04 70.35 30.95
C SER A 90 14.62 70.22 31.47
N LEU A 91 14.01 71.33 31.86
CA LEU A 91 12.64 71.29 32.36
C LEU A 91 11.72 70.59 31.39
N ASN A 92 12.12 70.52 30.12
CA ASN A 92 11.36 69.83 29.11
C ASN A 92 10.88 68.50 29.61
N LEU A 93 11.66 67.86 30.46
CA LEU A 93 11.30 66.53 30.90
C LEU A 93 10.20 66.59 31.94
N ILE A 94 10.36 67.42 32.99
CA ILE A 94 9.29 67.45 33.96
C ILE A 94 8.03 68.01 33.34
N ASN A 95 8.18 68.95 32.40
CA ASN A 95 7.04 69.45 31.65
C ASN A 95 6.21 68.30 31.13
N ALA A 96 6.88 67.28 30.63
CA ALA A 96 6.21 66.07 30.23
C ALA A 96 5.32 65.64 31.38
N LYS A 97 5.94 65.14 32.46
CA LYS A 97 5.13 64.75 33.61
C LYS A 97 4.34 65.91 34.17
N LEU A 98 4.65 67.13 33.75
CA LEU A 98 3.78 68.25 34.07
C LEU A 98 2.56 68.25 33.16
N TRP A 99 2.79 68.41 31.86
CA TRP A 99 1.67 68.51 30.94
C TRP A 99 0.79 67.29 31.02
N PHE A 100 1.38 66.14 31.34
CA PHE A 100 0.61 64.93 31.48
C PHE A 100 -0.60 65.15 32.36
N TYR A 101 -0.42 65.87 33.46
CA TYR A 101 -1.57 66.18 34.29
C TYR A 101 -2.39 67.31 33.70
N ILE A 102 -1.70 68.33 33.20
CA ILE A 102 -2.39 69.55 32.80
C ILE A 102 -3.57 69.22 31.93
N TYR A 103 -3.32 68.63 30.77
CA TYR A 103 -4.36 68.12 29.90
C TYR A 103 -5.35 67.37 30.77
N LEU A 104 -4.87 66.25 31.32
CA LEU A 104 -5.69 65.35 32.13
C LEU A 104 -6.53 66.09 33.13
N SER A 105 -5.98 67.15 33.71
CA SER A 105 -6.68 67.90 34.74
C SER A 105 -8.07 68.30 34.27
N HIS A 106 -8.14 68.87 33.07
CA HIS A 106 -9.37 69.48 32.60
C HIS A 106 -10.42 68.48 32.18
N GLU A 107 -10.04 67.45 31.42
CA GLU A 107 -11.04 66.55 30.88
C GLU A 107 -11.75 65.82 32.00
N THR A 108 -10.98 65.43 33.01
CA THR A 108 -11.61 64.89 34.19
C THR A 108 -12.60 65.89 34.73
N LEU A 109 -12.17 67.15 34.79
CA LEU A 109 -13.08 68.25 35.10
C LEU A 109 -14.28 68.25 34.17
N ALA A 110 -14.06 68.06 32.88
CA ALA A 110 -15.15 68.00 31.92
C ALA A 110 -16.17 66.94 32.27
N ARG A 111 -15.81 66.00 33.12
CA ARG A 111 -16.70 64.90 33.45
C ARG A 111 -17.95 65.34 34.20
N SER A 112 -18.08 66.63 34.52
CA SER A 112 -19.28 67.14 35.18
C SER A 112 -19.95 68.24 34.38
N SER A 113 -19.26 69.36 34.16
CA SER A 113 -19.85 70.53 33.53
C SER A 113 -20.37 70.23 32.14
N GLU A 114 -21.47 70.90 31.80
CA GLU A 114 -21.98 70.92 30.44
C GLU A 114 -21.29 71.98 29.58
N GLU A 115 -21.09 73.17 30.14
CA GLU A 115 -20.98 74.36 29.33
C GLU A 115 -19.62 74.53 28.67
N ILE A 116 -19.62 75.33 27.61
CA ILE A 116 -18.58 75.35 26.59
C ILE A 116 -17.55 76.44 26.84
N ASN A 117 -17.59 77.09 28.00
CA ASN A 117 -16.36 77.65 28.51
C ASN A 117 -15.28 76.60 28.44
N SER A 118 -15.68 75.35 28.65
CA SER A 118 -14.87 74.21 28.28
C SER A 118 -14.32 74.38 26.88
N ASP A 119 -15.18 74.67 25.90
CA ASP A 119 -14.74 74.78 24.52
C ASP A 119 -13.68 75.83 24.38
N ASN A 120 -14.00 77.07 24.77
CA ASN A 120 -13.01 78.14 24.70
C ASN A 120 -11.69 77.69 25.30
N GLN A 121 -11.74 77.07 26.48
CA GLN A 121 -10.54 76.49 27.04
C GLN A 121 -9.93 75.44 26.14
N ASN A 122 -10.72 74.81 25.29
CA ASN A 122 -10.15 73.79 24.42
C ASN A 122 -9.45 74.43 23.24
N ILE A 123 -10.03 75.50 22.72
CA ILE A 123 -9.38 76.25 21.68
C ILE A 123 -8.03 76.75 22.19
N ILE A 124 -8.05 77.53 23.27
CA ILE A 124 -6.80 78.05 23.78
C ILE A 124 -5.89 76.90 24.17
N LEU A 125 -6.48 75.84 24.70
CA LEU A 125 -5.78 74.69 25.23
C LEU A 125 -4.93 74.08 24.14
N ARG A 126 -5.63 73.46 23.19
CA ARG A 126 -4.98 72.92 22.01
C ARG A 126 -4.04 73.94 21.41
N SER A 127 -4.47 75.20 21.39
CA SER A 127 -3.69 76.24 20.76
C SER A 127 -2.29 76.25 21.32
N THR A 128 -2.21 76.37 22.63
CA THR A 128 -0.93 76.32 23.32
C THR A 128 -0.21 75.03 23.03
N MET A 129 -0.93 73.92 23.20
CA MET A 129 -0.31 72.61 23.11
C MET A 129 0.24 72.34 21.73
N MET A 130 -0.23 73.08 20.73
CA MET A 130 0.42 73.11 19.43
C MET A 130 1.55 74.11 19.43
N LYS A 131 1.34 75.21 20.15
CA LYS A 131 2.27 76.32 20.17
C LYS A 131 3.64 75.84 20.59
N PHE A 132 3.78 75.54 21.86
CA PHE A 132 5.10 75.14 22.28
C PHE A 132 5.34 73.68 22.00
N LEU A 133 4.39 73.01 21.36
CA LEU A 133 4.75 71.86 20.57
C LEU A 133 5.70 72.25 19.46
N LYS A 134 5.44 73.39 18.82
CA LYS A 134 6.38 73.88 17.84
C LYS A 134 7.64 74.38 18.50
N ILE A 135 7.47 75.23 19.53
CA ILE A 135 8.60 75.83 20.21
C ILE A 135 9.55 74.74 20.68
N ALA A 136 9.01 73.75 21.37
CA ALA A 136 9.79 72.58 21.70
C ALA A 136 10.23 71.83 20.46
N SER A 137 9.44 71.85 19.40
CA SER A 137 9.81 71.09 18.20
C SER A 137 11.19 71.51 17.72
N LEU A 138 11.49 72.80 17.86
CA LEU A 138 12.86 73.25 17.69
C LEU A 138 13.81 72.51 18.63
N LYS A 139 13.53 72.54 19.94
CA LYS A 139 14.49 72.08 20.94
C LYS A 139 14.82 70.61 20.82
N HIS A 140 13.95 69.82 20.20
CA HIS A 140 14.17 68.37 20.03
C HIS A 140 14.66 67.70 21.31
N ASP A 141 13.96 67.97 22.41
CA ASP A 141 13.96 67.09 23.58
C ASP A 141 12.79 66.14 23.44
N ASN A 142 13.09 64.87 23.21
CA ASN A 142 12.10 63.97 22.66
C ASN A 142 10.89 63.85 23.57
N GLU A 143 11.12 63.43 24.81
CA GLU A 143 10.04 63.06 25.71
C GLU A 143 8.96 64.15 25.74
N THR A 144 9.39 65.40 25.82
CA THR A 144 8.45 66.49 26.02
C THR A 144 7.48 66.57 24.87
N LYS A 145 8.02 66.76 23.66
CA LYS A 145 7.17 66.79 22.48
C LYS A 145 6.28 65.57 22.44
N ALA A 146 6.87 64.37 22.48
CA ALA A 146 6.08 63.16 22.34
C ALA A 146 4.85 63.24 23.24
N MET A 147 5.08 63.53 24.52
CA MET A 147 3.98 63.72 25.45
C MET A 147 2.95 64.70 24.92
N LEU A 148 3.40 65.91 24.59
CA LEU A 148 2.47 66.92 24.12
C LEU A 148 1.62 66.36 23.00
N ILE A 149 2.30 65.83 21.98
CA ILE A 149 1.66 65.26 20.81
C ILE A 149 0.53 64.36 21.26
N ASN A 150 0.85 63.45 22.17
CA ASN A 150 -0.17 62.54 22.65
C ASN A 150 -1.37 63.32 23.14
N LEU A 151 -1.14 64.25 24.08
CA LEU A 151 -2.25 64.96 24.67
C LEU A 151 -3.10 65.63 23.61
N ILE A 152 -2.47 66.08 22.53
CA ILE A 152 -3.23 66.53 21.37
C ILE A 152 -4.12 65.39 20.89
N LEU A 153 -3.51 64.26 20.55
CA LEU A 153 -4.26 63.18 19.95
C LEU A 153 -5.47 62.83 20.79
N ARG A 154 -5.30 62.74 22.10
CA ARG A 154 -6.46 62.56 22.95
C ARG A 154 -7.47 63.67 22.75
N ASP A 155 -7.00 64.92 22.74
CA ASP A 155 -7.95 66.02 22.54
C ASP A 155 -8.77 65.81 21.30
N PHE A 156 -8.13 65.41 20.21
CA PHE A 156 -8.90 65.02 19.06
C PHE A 156 -9.90 63.95 19.43
N LEU A 157 -9.45 62.76 19.77
CA LEU A 157 -10.38 61.65 19.80
C LEU A 157 -11.40 61.72 20.93
N ASN A 158 -11.33 62.71 21.80
CA ASN A 158 -12.57 63.03 22.48
C ASN A 158 -13.59 63.60 21.54
N ASN A 159 -13.15 64.05 20.37
CA ASN A 159 -14.00 64.53 19.33
C ASN A 159 -13.88 63.57 18.16
N GLY A 160 -14.62 63.84 17.12
CA GLY A 160 -14.52 62.99 15.95
C GLY A 160 -13.43 63.53 15.09
N GLU A 161 -12.51 64.25 15.70
CA GLU A 161 -11.50 64.98 14.94
C GLU A 161 -10.64 64.05 14.14
N VAL A 162 -10.85 62.74 14.27
CA VAL A 162 -9.87 61.77 13.83
C VAL A 162 -9.34 62.08 12.44
N ASP A 163 -10.19 62.55 11.55
CA ASP A 163 -9.72 62.91 10.22
C ASP A 163 -8.73 64.05 10.29
N SER A 164 -9.15 65.16 10.85
CA SER A 164 -8.27 66.26 11.20
C SER A 164 -7.16 65.83 12.14
N ALA A 165 -7.22 64.64 12.70
CA ALA A 165 -6.07 64.15 13.44
C ALA A 165 -5.03 63.58 12.50
N SER A 166 -5.47 62.85 11.49
CA SER A 166 -4.56 62.20 10.57
C SER A 166 -3.56 63.19 10.00
N ASP A 167 -4.07 64.21 9.32
CA ASP A 167 -3.21 65.25 8.76
C ASP A 167 -2.21 65.72 9.78
N PHE A 168 -2.67 65.88 11.02
CA PHE A 168 -1.82 66.26 12.12
C PHE A 168 -0.59 65.41 12.06
N ILE A 169 -0.73 64.13 12.38
CA ILE A 169 0.43 63.27 12.36
C ILE A 169 0.98 63.14 10.95
N SER A 170 0.13 63.32 9.95
CA SER A 170 0.59 63.21 8.58
C SER A 170 1.66 64.25 8.30
N LYS A 171 1.34 65.52 8.54
CA LYS A 171 2.26 66.59 8.24
C LYS A 171 3.28 66.81 9.34
N LEU A 172 3.27 65.98 10.38
CA LEU A 172 4.07 66.22 11.56
C LEU A 172 4.94 65.01 11.84
N GLU A 173 5.87 65.21 12.78
CA GLU A 173 6.87 64.22 13.11
C GLU A 173 6.87 63.93 14.62
N TYR A 174 7.22 62.69 14.95
CA TYR A 174 7.25 62.21 16.31
C TYR A 174 8.68 62.01 16.77
N PRO A 175 9.17 62.78 17.73
CA PRO A 175 10.46 62.47 18.34
C PRO A 175 10.48 61.02 18.78
N HIS A 176 11.56 60.34 18.47
CA HIS A 176 11.55 58.89 18.39
C HIS A 176 12.58 58.23 19.29
N THR A 177 13.87 58.50 19.11
CA THR A 177 14.90 57.64 19.68
C THR A 177 14.74 57.49 21.18
N ASP A 178 14.73 58.61 21.90
CA ASP A 178 14.73 58.54 23.36
C ASP A 178 13.31 58.79 23.86
N VAL A 179 12.64 57.72 24.28
CA VAL A 179 11.21 57.78 24.54
C VAL A 179 10.85 56.87 25.70
N SER A 180 10.11 57.40 26.66
CA SER A 180 9.65 56.60 27.78
C SER A 180 8.60 55.62 27.30
N SER A 181 8.81 54.35 27.63
CA SER A 181 8.05 53.26 27.02
C SER A 181 6.56 53.53 26.97
N SER A 182 6.00 54.04 28.06
CA SER A 182 4.57 54.29 28.05
C SER A 182 4.20 55.35 27.05
N LEU A 183 5.10 56.31 26.83
CA LEU A 183 4.76 57.38 25.90
C LEU A 183 4.53 56.85 24.51
N GLU A 184 5.54 56.20 23.94
CA GLU A 184 5.35 55.70 22.60
C GLU A 184 4.27 54.64 22.59
N ALA A 185 4.13 53.91 23.70
CA ALA A 185 3.01 52.98 23.76
C ALA A 185 1.71 53.70 23.49
N ARG A 186 1.40 54.71 24.30
CA ARG A 186 0.16 55.46 24.11
C ARG A 186 0.07 55.99 22.70
N TYR A 187 1.18 56.44 22.14
CA TYR A 187 1.20 56.79 20.75
C TYR A 187 0.66 55.64 19.92
N PHE A 188 1.41 54.54 19.80
CA PHE A 188 1.02 53.47 18.91
C PHE A 188 -0.40 53.04 19.14
N PHE A 189 -0.87 53.20 20.34
CA PHE A 189 -2.27 53.02 20.61
C PHE A 189 -3.11 53.95 19.77
N TYR A 190 -3.07 55.25 20.05
CA TYR A 190 -3.95 56.16 19.33
C TYR A 190 -3.76 56.02 17.83
N LEU A 191 -2.52 55.97 17.40
CA LEU A 191 -2.29 55.68 16.00
C LEU A 191 -3.11 54.49 15.54
N SER A 192 -3.05 53.39 16.27
CA SER A 192 -3.80 52.22 15.88
C SER A 192 -5.26 52.56 15.69
N LYS A 193 -5.89 53.16 16.70
CA LYS A 193 -7.30 53.49 16.51
C LYS A 193 -7.50 54.25 15.23
N ILE A 194 -6.76 55.33 15.07
CA ILE A 194 -6.99 56.20 13.93
C ILE A 194 -6.99 55.41 12.65
N ASN A 195 -6.00 54.54 12.47
CA ASN A 195 -6.09 53.69 11.30
C ASN A 195 -7.36 52.88 11.32
N ALA A 196 -7.76 52.39 12.49
CA ALA A 196 -8.94 51.54 12.53
C ALA A 196 -10.11 52.30 11.97
N ILE A 197 -10.53 53.33 12.70
CA ILE A 197 -11.78 54.00 12.39
C ILE A 197 -11.88 54.30 10.93
N GLN A 198 -10.76 54.54 10.31
CA GLN A 198 -10.72 54.93 8.93
C GLN A 198 -10.66 53.77 8.00
N LEU A 199 -10.88 52.56 8.49
CA LEU A 199 -11.03 51.41 7.64
C LEU A 199 -9.71 50.89 7.14
N ASP A 200 -8.60 51.48 7.52
CA ASP A 200 -7.36 50.75 7.32
C ASP A 200 -7.16 49.93 8.57
N TYR A 201 -7.43 48.64 8.46
CA TYR A 201 -7.16 47.73 9.56
C TYR A 201 -5.72 47.27 9.58
N SER A 202 -5.24 46.83 8.42
CA SER A 202 -3.99 46.09 8.34
C SER A 202 -2.87 46.80 9.07
N THR A 203 -2.89 48.12 9.09
CA THR A 203 -1.87 48.78 9.87
C THR A 203 -2.25 48.84 11.34
N ALA A 204 -3.54 48.88 11.65
CA ALA A 204 -3.92 49.17 13.03
C ALA A 204 -3.35 48.13 13.96
N ASN A 205 -3.58 46.86 13.66
CA ASN A 205 -3.07 45.81 14.51
C ASN A 205 -1.60 46.00 14.74
N GLU A 206 -0.88 46.56 13.78
CA GLU A 206 0.55 46.73 13.99
C GLU A 206 0.81 47.65 15.16
N TYR A 207 0.30 48.85 15.08
CA TYR A 207 0.62 49.83 16.10
C TYR A 207 0.08 49.38 17.44
N ILE A 208 -1.12 48.85 17.47
CA ILE A 208 -1.61 48.40 18.76
C ILE A 208 -0.72 47.30 19.29
N ILE A 209 -0.39 46.33 18.45
CA ILE A 209 0.55 45.29 18.86
C ILE A 209 1.78 45.90 19.48
N ALA A 210 2.28 46.99 18.92
CA ALA A 210 3.39 47.67 19.57
C ALA A 210 2.99 48.10 20.97
N ALA A 211 1.81 48.68 21.12
CA ALA A 211 1.39 49.02 22.47
C ALA A 211 1.27 47.80 23.34
N ILE A 212 1.25 46.62 22.75
CA ILE A 212 1.35 45.43 23.57
C ILE A 212 2.80 45.11 23.89
N ARG A 213 3.68 45.10 22.89
CA ARG A 213 5.09 44.86 23.16
C ARG A 213 5.59 45.87 24.18
N LYS A 214 5.25 47.13 23.98
CA LYS A 214 5.79 48.18 24.82
C LYS A 214 5.07 48.30 26.13
N ALA A 215 4.10 47.44 26.38
CA ALA A 215 3.44 47.43 27.66
C ALA A 215 4.49 47.39 28.75
N PRO A 216 4.39 48.26 29.76
CA PRO A 216 5.29 48.15 30.91
C PRO A 216 5.07 46.92 31.78
N HIS A 217 3.90 46.26 31.67
CA HIS A 217 3.59 45.07 32.45
C HIS A 217 3.55 45.39 33.93
N ASN A 218 3.16 46.61 34.24
CA ASN A 218 3.11 47.05 35.61
C ASN A 218 1.96 46.36 36.32
N SER A 219 1.85 46.62 37.60
CA SER A 219 0.66 46.24 38.34
C SER A 219 -0.44 47.24 38.13
N LYS A 220 -0.07 48.49 37.88
CA LYS A 220 -1.04 49.53 37.63
C LYS A 220 -1.22 49.86 36.16
N SER A 221 -0.45 49.25 35.28
CA SER A 221 -0.63 49.49 33.86
C SER A 221 -1.74 48.66 33.27
N LEU A 222 -2.45 47.93 34.12
CA LEU A 222 -3.56 47.11 33.67
C LEU A 222 -4.46 47.87 32.73
N GLY A 223 -5.15 48.88 33.25
CA GLY A 223 -6.23 49.51 32.49
C GLY A 223 -5.84 49.81 31.07
N PHE A 224 -4.58 50.19 30.87
CA PHE A 224 -4.10 50.34 29.51
C PHE A 224 -4.27 49.05 28.73
N LEU A 225 -3.67 47.98 29.21
CA LEU A 225 -3.76 46.72 28.48
C LEU A 225 -5.19 46.26 28.35
N GLN A 226 -6.00 46.46 29.40
CA GLN A 226 -7.41 46.21 29.25
C GLN A 226 -7.93 46.91 28.03
N GLN A 227 -7.70 48.22 27.94
CA GLN A 227 -8.29 49.00 26.88
C GLN A 227 -7.80 48.57 25.52
N SER A 228 -6.49 48.62 25.33
CA SER A 228 -5.90 48.19 24.08
C SER A 228 -6.55 46.88 23.69
N ASN A 229 -6.31 45.83 24.48
CA ASN A 229 -6.85 44.54 24.12
C ASN A 229 -8.30 44.64 23.72
N LYS A 230 -9.10 45.39 24.45
CA LYS A 230 -10.47 45.60 24.02
C LYS A 230 -10.49 46.11 22.61
N LEU A 231 -9.45 46.80 22.19
CA LEU A 231 -9.36 47.07 20.77
C LEU A 231 -8.91 45.83 20.01
N HIS A 232 -7.78 45.28 20.43
CA HIS A 232 -7.10 44.31 19.61
C HIS A 232 -8.04 43.24 19.17
N CYS A 233 -8.89 42.81 20.09
CA CYS A 233 -10.00 41.94 19.73
C CYS A 233 -10.78 42.50 18.56
N CYS A 234 -11.28 43.71 18.70
CA CYS A 234 -12.20 44.23 17.70
C CYS A 234 -11.53 44.32 16.34
N ILE A 235 -10.32 44.87 16.30
CA ILE A 235 -9.55 44.85 15.07
C ILE A 235 -9.59 43.46 14.49
N GLN A 236 -9.02 42.52 15.20
CA GLN A 236 -8.92 41.17 14.69
C GLN A 236 -10.25 40.67 14.17
N LEU A 237 -11.33 41.01 14.83
CA LEU A 237 -12.61 40.68 14.24
C LEU A 237 -12.71 41.26 12.84
N LEU A 238 -12.54 42.57 12.73
CA LEU A 238 -12.73 43.22 11.45
C LEU A 238 -11.86 42.59 10.38
N MET A 239 -10.58 42.41 10.67
CA MET A 239 -9.68 41.76 9.74
C MET A 239 -10.24 40.46 9.23
N GLY A 240 -11.15 39.85 9.97
CA GLY A 240 -11.62 38.53 9.70
C GLY A 240 -10.92 37.46 10.51
N ASP A 241 -9.72 37.73 10.98
CA ASP A 241 -8.97 36.74 11.73
C ASP A 241 -9.52 36.68 13.14
N ILE A 242 -10.05 35.53 13.52
CA ILE A 242 -10.77 35.38 14.77
C ILE A 242 -9.82 34.92 15.87
N PRO A 243 -10.00 35.30 17.12
CA PRO A 243 -9.01 34.98 18.14
C PRO A 243 -9.21 33.61 18.77
N GLU A 244 -8.50 33.38 19.87
CA GLU A 244 -8.44 32.10 20.55
C GLU A 244 -8.86 32.27 21.99
N LEU A 245 -9.41 31.22 22.59
CA LEU A 245 -9.77 31.33 23.98
C LEU A 245 -8.62 31.77 24.83
N SER A 246 -7.40 31.37 24.45
CA SER A 246 -6.23 31.89 25.13
C SER A 246 -6.33 33.39 25.25
N PHE A 247 -6.63 34.06 24.15
CA PHE A 247 -6.69 35.51 24.16
C PHE A 247 -7.70 35.99 25.18
N PHE A 248 -8.74 35.21 25.42
CA PHE A 248 -9.76 35.63 26.35
C PHE A 248 -9.53 35.16 27.77
N HIS A 249 -8.55 34.32 28.00
CA HIS A 249 -8.16 34.00 29.36
C HIS A 249 -6.69 34.34 29.52
N GLN A 250 -6.41 35.44 30.20
CA GLN A 250 -5.05 35.97 30.26
C GLN A 250 -4.71 36.47 31.66
N SER A 251 -5.47 37.45 32.13
CA SER A 251 -5.30 38.07 33.43
C SER A 251 -6.63 38.68 33.80
N ASN A 252 -6.60 39.57 34.77
CA ASN A 252 -7.76 40.22 35.36
C ASN A 252 -8.74 40.63 34.27
N MET A 253 -8.18 41.22 33.22
CA MET A 253 -8.95 41.88 32.18
C MET A 253 -10.06 41.03 31.62
N GLN A 254 -9.90 39.71 31.64
CA GLN A 254 -10.90 38.84 31.06
C GLN A 254 -12.29 39.09 31.63
N LYS A 255 -12.38 39.71 32.79
CA LYS A 255 -13.67 40.16 33.23
C LYS A 255 -14.28 41.13 32.24
N SER A 256 -13.45 41.96 31.62
CA SER A 256 -13.96 43.04 30.80
C SER A 256 -14.02 42.71 29.33
N LEU A 257 -13.61 41.53 28.93
CA LEU A 257 -13.67 41.18 27.52
C LEU A 257 -14.93 40.43 27.19
N LEU A 258 -15.84 40.26 28.14
CA LEU A 258 -17.06 39.53 27.86
C LEU A 258 -17.78 40.03 26.64
N PRO A 259 -18.10 41.30 26.49
CA PRO A 259 -18.87 41.68 25.31
C PRO A 259 -18.15 41.28 24.04
N TYR A 260 -16.86 41.55 23.97
CA TYR A 260 -16.09 41.12 22.82
C TYR A 260 -16.15 39.62 22.66
N TYR A 261 -16.12 38.90 23.77
CA TYR A 261 -16.28 37.47 23.67
C TYR A 261 -17.58 37.13 22.99
N HIS A 262 -18.69 37.42 23.66
CA HIS A 262 -20.00 37.09 23.15
C HIS A 262 -20.16 37.49 21.70
N LEU A 263 -19.51 38.57 21.30
CA LEU A 263 -19.36 38.80 19.89
C LEU A 263 -18.73 37.61 19.23
N THR A 264 -17.54 37.25 19.67
CA THR A 264 -16.79 36.29 18.90
C THR A 264 -17.54 35.00 18.79
N LYS A 265 -18.31 34.68 19.81
CA LYS A 265 -19.33 33.68 19.62
C LYS A 265 -20.07 34.03 18.35
N ALA A 266 -20.83 35.11 18.42
CA ALA A 266 -21.80 35.38 17.37
C ALA A 266 -21.17 35.33 15.99
N VAL A 267 -19.99 35.91 15.85
CA VAL A 267 -19.44 35.97 14.50
C VAL A 267 -18.88 34.62 14.10
N LYS A 268 -18.11 33.97 14.95
CA LYS A 268 -17.63 32.66 14.57
C LYS A 268 -18.76 31.78 14.10
N LEU A 269 -19.89 31.85 14.78
CA LEU A 269 -20.98 30.98 14.39
C LEU A 269 -21.57 31.39 13.07
N GLY A 270 -21.49 32.66 12.72
CA GLY A 270 -22.11 33.12 11.50
C GLY A 270 -23.62 33.28 11.59
N ASP A 271 -24.16 33.52 12.77
CA ASP A 271 -25.60 33.60 12.95
C ASP A 271 -25.99 35.02 13.36
N LEU A 272 -26.63 35.73 12.45
CA LEU A 272 -26.78 37.17 12.59
C LEU A 272 -27.63 37.52 13.81
N LYS A 273 -28.86 37.03 13.84
CA LYS A 273 -29.77 37.47 14.89
C LYS A 273 -29.14 37.37 16.27
N LYS A 274 -28.40 36.30 16.52
CA LYS A 274 -27.72 36.22 17.80
C LYS A 274 -26.80 37.41 17.99
N PHE A 275 -25.99 37.69 16.97
CA PHE A 275 -25.12 38.85 16.99
C PHE A 275 -25.91 40.05 17.43
N THR A 276 -26.82 40.48 16.55
CA THR A 276 -27.56 41.69 16.81
C THR A 276 -28.07 41.75 18.23
N SER A 277 -28.77 40.71 18.64
CA SER A 277 -29.27 40.65 20.01
C SER A 277 -28.18 41.01 20.99
N THR A 278 -27.03 40.35 20.86
CA THR A 278 -25.92 40.61 21.76
C THR A 278 -25.54 42.07 21.73
N ILE A 279 -25.43 42.64 20.54
CA ILE A 279 -25.07 44.04 20.46
C ILE A 279 -26.03 44.89 21.25
N THR A 280 -27.31 44.53 21.24
CA THR A 280 -28.22 45.26 22.11
C THR A 280 -27.88 45.01 23.56
N LYS A 281 -27.54 43.77 23.90
CA LYS A 281 -27.30 43.42 25.28
C LYS A 281 -26.20 44.30 25.88
N TYR A 282 -25.05 44.35 25.23
CA TYR A 282 -23.89 45.03 25.79
C TYR A 282 -23.75 46.46 25.29
N LYS A 283 -24.66 46.90 24.44
CA LYS A 283 -24.48 48.14 23.72
C LYS A 283 -23.94 49.22 24.61
N GLN A 284 -24.72 49.57 25.62
CA GLN A 284 -24.34 50.65 26.51
C GLN A 284 -22.91 50.52 26.94
N LEU A 285 -22.54 49.32 27.36
CA LEU A 285 -21.16 49.07 27.75
C LEU A 285 -20.21 49.46 26.63
N LEU A 286 -20.41 48.91 25.44
CA LEU A 286 -19.48 49.18 24.38
C LEU A 286 -19.39 50.67 24.12
N LEU A 287 -20.53 51.36 24.21
CA LEU A 287 -20.51 52.80 24.06
C LEU A 287 -19.54 53.41 25.04
N LYS A 288 -19.77 53.15 26.33
CA LYS A 288 -18.86 53.67 27.33
C LYS A 288 -17.44 53.34 26.97
N ASP A 289 -17.25 52.27 26.23
CA ASP A 289 -15.94 51.71 26.01
C ASP A 289 -15.31 52.20 24.73
N ASP A 290 -16.01 52.99 23.93
CA ASP A 290 -15.50 53.73 22.78
C ASP A 290 -15.46 52.87 21.52
N THR A 291 -15.74 51.59 21.58
CA THR A 291 -15.57 50.74 20.42
C THR A 291 -16.83 50.58 19.59
N TYR A 292 -17.98 51.00 20.11
CA TYR A 292 -19.25 50.54 19.61
C TYR A 292 -19.31 50.52 18.10
N GLN A 293 -18.73 51.52 17.45
CA GLN A 293 -18.83 51.59 16.00
C GLN A 293 -18.17 50.40 15.35
N LEU A 294 -16.92 50.16 15.72
CA LEU A 294 -16.20 49.06 15.10
C LEU A 294 -17.03 47.81 15.16
N CYS A 295 -17.40 47.41 16.38
CA CYS A 295 -18.26 46.26 16.54
C CYS A 295 -19.47 46.32 15.64
N VAL A 296 -20.08 47.50 15.50
CA VAL A 296 -21.22 47.60 14.60
C VAL A 296 -20.84 47.15 13.21
N ARG A 297 -19.62 47.45 12.76
CA ARG A 297 -19.29 47.09 11.41
C ARG A 297 -19.34 45.60 11.15
N LEU A 298 -19.25 44.79 12.19
CA LEU A 298 -19.05 43.37 11.96
C LEU A 298 -20.12 42.77 11.07
N ARG A 299 -21.30 43.36 11.01
CA ARG A 299 -22.39 42.69 10.30
C ARG A 299 -21.92 42.13 8.98
N SER A 300 -21.20 42.93 8.23
CA SER A 300 -20.63 42.43 7.00
C SER A 300 -19.89 41.15 7.25
N ASN A 301 -18.94 41.18 8.17
CA ASN A 301 -18.13 40.00 8.42
C ASN A 301 -19.01 38.83 8.75
N VAL A 302 -19.86 38.98 9.75
CA VAL A 302 -20.70 37.89 10.17
C VAL A 302 -21.34 37.22 8.97
N ILE A 303 -21.95 37.99 8.09
CA ILE A 303 -22.54 37.28 6.97
C ILE A 303 -21.47 36.58 6.16
N LYS A 304 -20.35 37.23 5.89
CA LYS A 304 -19.34 36.52 5.15
C LYS A 304 -19.11 35.17 5.75
N THR A 305 -18.93 35.12 7.06
CA THR A 305 -18.76 33.84 7.71
C THR A 305 -19.91 32.92 7.40
N GLY A 306 -21.13 33.39 7.63
CA GLY A 306 -22.27 32.55 7.37
C GLY A 306 -22.17 31.86 6.03
N ILE A 307 -21.78 32.63 5.01
CA ILE A 307 -21.69 32.02 3.70
C ILE A 307 -20.56 31.05 3.64
N ARG A 308 -19.42 31.39 4.19
CA ARG A 308 -18.32 30.47 4.02
C ARG A 308 -18.60 29.17 4.72
N ILE A 309 -19.34 29.20 5.80
CA ILE A 309 -19.73 27.95 6.44
C ILE A 309 -20.63 27.17 5.51
N ILE A 310 -21.70 27.82 5.06
CA ILE A 310 -22.59 27.12 4.16
C ILE A 310 -21.85 26.60 2.95
N SER A 311 -20.75 27.22 2.58
CA SER A 311 -20.00 26.68 1.47
C SER A 311 -19.21 25.45 1.90
N LEU A 312 -18.37 25.60 2.93
CA LEU A 312 -17.50 24.49 3.26
C LEU A 312 -18.27 23.24 3.54
N THR A 313 -19.51 23.35 4.00
CA THR A 313 -20.21 22.11 4.17
C THR A 313 -20.78 21.68 2.82
N TYR A 314 -21.79 22.37 2.38
CA TYR A 314 -22.57 21.93 1.25
C TYR A 314 -21.82 22.10 -0.05
N LYS A 315 -21.80 21.07 -0.86
CA LYS A 315 -21.20 21.17 -2.17
C LYS A 315 -22.12 21.85 -3.15
N LYS A 316 -23.37 21.43 -3.19
CA LYS A 316 -24.31 21.83 -4.20
C LYS A 316 -25.62 22.09 -3.49
N ILE A 317 -26.09 23.32 -3.43
CA ILE A 317 -27.18 23.62 -2.52
C ILE A 317 -28.15 24.61 -3.11
N SER A 318 -29.43 24.36 -2.93
CA SER A 318 -30.42 25.29 -3.44
C SER A 318 -30.33 26.60 -2.71
N LEU A 319 -30.84 27.63 -3.35
CA LEU A 319 -30.80 28.96 -2.75
C LEU A 319 -31.80 29.10 -1.64
N ARG A 320 -32.96 28.50 -1.82
CA ARG A 320 -34.05 28.56 -0.86
C ARG A 320 -33.45 28.37 0.50
N ASP A 321 -32.59 27.38 0.59
CA ASP A 321 -32.13 26.97 1.89
C ASP A 321 -31.09 27.91 2.42
N ILE A 322 -30.17 28.39 1.60
CA ILE A 322 -29.25 29.37 2.14
C ILE A 322 -30.06 30.49 2.75
N CYS A 323 -31.00 31.02 1.98
CA CYS A 323 -31.83 32.11 2.48
C CYS A 323 -32.45 31.75 3.80
N LEU A 324 -32.83 30.50 3.96
CA LEU A 324 -33.38 30.11 5.25
C LEU A 324 -32.30 30.09 6.32
N LYS A 325 -31.24 29.33 6.11
CA LYS A 325 -30.22 29.19 7.13
C LYS A 325 -29.63 30.52 7.51
N LEU A 326 -29.52 31.42 6.56
CA LEU A 326 -28.95 32.69 6.96
C LEU A 326 -29.99 33.63 7.54
N ASN A 327 -31.23 33.19 7.66
CA ASN A 327 -32.26 34.01 8.25
C ASN A 327 -32.40 35.30 7.44
N LEU A 328 -32.80 35.14 6.19
CA LEU A 328 -33.00 36.30 5.33
C LEU A 328 -34.39 36.29 4.73
N ASP A 329 -34.61 37.18 3.78
CA ASP A 329 -35.91 37.32 3.15
C ASP A 329 -36.05 36.66 1.80
N SER A 330 -35.31 37.15 0.82
CA SER A 330 -35.62 36.83 -0.56
C SER A 330 -34.49 36.07 -1.21
N GLU A 331 -34.82 35.40 -2.29
CA GLU A 331 -33.78 34.81 -3.10
C GLU A 331 -32.84 35.86 -3.63
N GLN A 332 -33.28 37.11 -3.74
CA GLN A 332 -32.42 38.13 -4.32
C GLN A 332 -31.38 38.60 -3.32
N THR A 333 -31.81 38.85 -2.09
CA THR A 333 -30.85 39.09 -1.02
C THR A 333 -29.74 38.08 -1.11
N VAL A 334 -30.14 36.81 -1.22
CA VAL A 334 -29.18 35.75 -1.44
C VAL A 334 -28.27 36.11 -2.60
N GLU A 335 -28.86 36.37 -3.77
CA GLU A 335 -28.05 36.51 -4.97
C GLU A 335 -26.94 37.50 -4.75
N TYR A 336 -27.29 38.66 -4.27
CA TYR A 336 -26.29 39.70 -4.14
C TYR A 336 -25.25 39.28 -3.13
N MET A 337 -25.68 38.78 -1.99
CA MET A 337 -24.70 38.49 -0.96
C MET A 337 -23.77 37.40 -1.42
N VAL A 338 -24.30 36.45 -2.17
CA VAL A 338 -23.51 35.32 -2.59
C VAL A 338 -22.57 35.72 -3.69
N SER A 339 -23.00 36.56 -4.60
CA SER A 339 -22.06 37.13 -5.54
C SER A 339 -20.94 37.81 -4.81
N ARG A 340 -21.29 38.77 -3.96
CA ARG A 340 -20.24 39.58 -3.40
C ARG A 340 -19.28 38.72 -2.60
N ALA A 341 -19.78 37.62 -2.06
CA ALA A 341 -18.87 36.61 -1.54
C ALA A 341 -17.95 36.12 -2.63
N ILE A 342 -18.50 35.62 -3.72
CA ILE A 342 -17.68 35.03 -4.78
C ILE A 342 -16.53 35.96 -5.12
N ARG A 343 -16.85 37.19 -5.48
CA ARG A 343 -15.80 38.01 -6.04
C ARG A 343 -14.73 38.34 -5.03
N ASP A 344 -14.97 38.09 -3.77
CA ASP A 344 -13.97 38.31 -2.75
C ASP A 344 -13.17 37.08 -2.45
N GLY A 345 -13.34 36.04 -3.25
CA GLY A 345 -12.50 34.86 -3.08
C GLY A 345 -12.71 34.19 -1.76
N VAL A 346 -13.91 34.27 -1.20
CA VAL A 346 -14.24 33.52 -0.01
C VAL A 346 -14.96 32.24 -0.32
N ILE A 347 -15.26 31.97 -1.58
CA ILE A 347 -16.11 30.84 -1.90
C ILE A 347 -15.53 29.99 -3.01
N GLU A 348 -15.35 30.60 -4.16
CA GLU A 348 -15.03 29.90 -5.40
C GLU A 348 -16.17 28.97 -5.81
N ALA A 349 -17.37 29.50 -5.83
CA ALA A 349 -18.49 28.78 -6.35
C ALA A 349 -18.68 29.10 -7.80
N LYS A 350 -19.78 28.66 -8.37
CA LYS A 350 -20.41 29.33 -9.50
C LYS A 350 -21.90 29.21 -9.30
N ILE A 351 -22.60 30.29 -9.39
CA ILE A 351 -24.03 30.23 -9.15
C ILE A 351 -24.72 29.69 -10.38
N ASN A 352 -25.66 28.80 -10.17
CA ASN A 352 -26.53 28.34 -11.24
C ASN A 352 -27.85 29.05 -11.10
N HIS A 353 -28.15 29.92 -12.04
CA HIS A 353 -29.37 30.68 -11.84
C HIS A 353 -30.61 29.92 -12.22
N GLU A 354 -30.50 29.02 -13.18
CA GLU A 354 -31.69 28.44 -13.77
C GLU A 354 -32.46 27.63 -12.74
N ASP A 355 -31.76 26.86 -11.94
CA ASP A 355 -32.38 26.18 -10.83
C ASP A 355 -32.16 26.90 -9.51
N GLY A 356 -31.36 27.95 -9.52
CA GLY A 356 -31.13 28.66 -8.30
C GLY A 356 -30.39 27.82 -7.29
N PHE A 357 -29.20 27.37 -7.59
CA PHE A 357 -28.43 26.73 -6.55
C PHE A 357 -26.95 26.95 -6.82
N ILE A 358 -26.15 26.52 -5.89
CA ILE A 358 -24.73 26.83 -5.89
C ILE A 358 -23.96 25.55 -6.03
N GLU A 359 -22.92 25.58 -6.85
CA GLU A 359 -21.91 24.55 -6.80
C GLU A 359 -20.64 25.16 -6.27
N THR A 360 -19.82 24.34 -5.68
CA THR A 360 -18.50 24.77 -5.27
C THR A 360 -17.48 24.13 -6.17
N THR A 361 -16.60 24.93 -6.72
CA THR A 361 -15.58 24.38 -7.58
C THR A 361 -14.77 23.36 -6.83
N GLU A 362 -14.40 22.31 -7.53
CA GLU A 362 -13.82 21.10 -6.98
C GLU A 362 -12.33 21.01 -7.29
N LEU A 363 -11.74 19.88 -6.99
CA LEU A 363 -10.30 19.76 -7.04
C LEU A 363 -9.77 19.38 -8.43
N LEU A 364 -10.63 18.91 -9.30
CA LEU A 364 -10.31 18.71 -10.70
C LEU A 364 -9.24 17.68 -10.97
N ASN A 365 -8.94 16.78 -10.04
CA ASN A 365 -8.03 15.69 -10.36
C ASN A 365 -6.72 16.25 -10.90
N ILE A 366 -6.32 15.96 -12.14
CA ILE A 366 -5.26 16.62 -12.89
C ILE A 366 -3.87 16.50 -12.30
N TYR A 367 -3.71 15.85 -11.16
CA TYR A 367 -2.34 15.62 -10.75
C TYR A 367 -1.56 14.93 -11.83
N ASP A 368 -2.24 14.20 -12.69
CA ASP A 368 -1.52 13.45 -13.69
C ASP A 368 -0.84 14.34 -14.70
N SER A 369 -1.39 15.50 -14.97
CA SER A 369 -0.88 16.36 -16.04
C SER A 369 0.21 17.25 -15.47
N GLU A 370 0.60 18.27 -16.22
CA GLU A 370 1.81 18.97 -15.80
C GLU A 370 1.54 20.14 -14.88
N ASP A 371 0.30 20.42 -14.54
CA ASP A 371 0.05 21.52 -13.63
C ASP A 371 0.83 21.42 -12.35
N PRO A 372 0.94 20.27 -11.70
CA PRO A 372 1.68 20.21 -10.46
C PRO A 372 3.05 20.77 -10.59
N GLN A 373 3.55 20.93 -11.80
CA GLN A 373 4.86 21.50 -11.98
C GLN A 373 4.80 23.01 -11.86
N GLN A 374 4.04 23.65 -12.73
CA GLN A 374 3.95 25.10 -12.72
C GLN A 374 3.74 25.61 -11.33
N VAL A 375 2.75 25.06 -10.66
CA VAL A 375 2.46 25.49 -9.31
C VAL A 375 3.70 25.48 -8.47
N PHE A 376 4.37 24.35 -8.40
CA PHE A 376 5.49 24.28 -7.50
C PHE A 376 6.53 25.34 -7.79
N ASP A 377 6.71 25.72 -9.04
CA ASP A 377 7.68 26.77 -9.32
C ASP A 377 7.34 28.02 -8.57
N GLU A 378 6.10 28.48 -8.72
CA GLU A 378 5.69 29.65 -7.99
C GLU A 378 6.08 29.50 -6.55
N ARG A 379 5.81 28.36 -5.96
CA ARG A 379 6.25 28.16 -4.60
C ARG A 379 7.76 28.06 -4.55
N ILE A 380 8.35 27.21 -5.36
CA ILE A 380 9.79 27.02 -5.31
C ILE A 380 10.51 28.35 -5.46
N LYS A 381 10.27 29.04 -6.56
CA LYS A 381 10.87 30.36 -6.71
C LYS A 381 10.59 31.22 -5.51
N PHE A 382 9.36 31.24 -5.09
CA PHE A 382 9.10 32.16 -4.01
C PHE A 382 9.66 31.70 -2.70
N ALA A 383 10.25 30.52 -2.64
CA ALA A 383 11.02 30.20 -1.45
C ALA A 383 12.41 30.81 -1.52
N ASN A 384 13.05 30.70 -2.69
CA ASN A 384 14.38 31.29 -2.80
C ASN A 384 14.36 32.74 -2.37
N GLN A 385 13.34 33.47 -2.77
CA GLN A 385 13.28 34.88 -2.44
C GLN A 385 13.57 35.03 -0.97
N LEU A 386 12.88 34.27 -0.17
CA LEU A 386 13.17 34.32 1.25
C LEU A 386 14.62 33.96 1.50
N HIS A 387 15.01 32.79 1.05
CA HIS A 387 16.38 32.40 1.29
C HIS A 387 17.37 33.33 0.64
N ASP A 388 16.95 34.13 -0.33
CA ASP A 388 17.83 35.20 -0.75
C ASP A 388 17.92 36.27 0.30
N GLU A 389 16.79 36.84 0.65
CA GLU A 389 16.84 38.06 1.41
C GLU A 389 17.39 37.81 2.78
N TYR A 390 17.02 36.71 3.38
CA TYR A 390 17.53 36.47 4.71
C TYR A 390 19.04 36.36 4.72
N LEU A 391 19.66 36.19 3.57
CA LEU A 391 21.11 36.34 3.48
C LEU A 391 21.55 37.77 3.25
N VAL A 392 20.87 38.49 2.36
CA VAL A 392 21.29 39.85 2.06
C VAL A 392 21.17 40.74 3.29
N SER A 393 20.13 40.56 4.06
CA SER A 393 19.97 41.32 5.29
C SER A 393 20.67 40.65 6.45
N MET A 394 21.54 39.68 6.20
CA MET A 394 22.15 38.90 7.27
C MET A 394 23.19 39.77 7.98
N ARG A 395 23.99 39.13 8.83
CA ARG A 395 24.83 39.81 9.82
C ARG A 395 25.76 40.83 9.20
N TYR A 396 26.15 41.80 10.01
CA TYR A 396 27.07 42.86 9.61
C TYR A 396 28.23 43.02 10.60
N PRO A 397 29.04 41.97 10.81
CA PRO A 397 30.32 42.21 11.48
C PRO A 397 31.46 42.02 10.49
N ASP B 31 -13.29 -103.51 -0.62
CA ASP B 31 -12.58 -102.52 -1.40
C ASP B 31 -11.09 -102.61 -1.09
N CYS B 32 -10.28 -102.78 -2.14
CA CYS B 32 -8.83 -102.84 -1.95
C CYS B 32 -8.31 -101.57 -1.32
N ASN B 33 -9.09 -100.49 -1.37
CA ASN B 33 -8.76 -99.25 -0.68
C ASN B 33 -8.88 -99.38 0.82
N SER B 34 -9.40 -100.49 1.33
CA SER B 34 -9.51 -100.67 2.77
C SER B 34 -8.19 -100.38 3.47
N ALA B 35 -7.08 -100.77 2.84
CA ALA B 35 -5.76 -100.49 3.40
C ALA B 35 -5.59 -99.01 3.71
N LEU B 36 -5.87 -98.13 2.74
CA LEU B 36 -5.71 -96.70 3.00
C LEU B 36 -6.57 -96.26 4.16
N ASP B 37 -7.72 -96.91 4.34
CA ASP B 37 -8.59 -96.60 5.47
C ASP B 37 -7.79 -96.55 6.76
N GLN B 38 -6.93 -97.54 6.98
CA GLN B 38 -6.06 -97.49 8.15
C GLN B 38 -4.93 -96.50 7.93
N LEU B 39 -4.26 -96.60 6.80
CA LEU B 39 -3.00 -95.89 6.60
C LEU B 39 -3.18 -94.40 6.87
N LEU B 40 -4.28 -93.83 6.42
CA LEU B 40 -4.56 -92.42 6.71
C LEU B 40 -4.92 -92.22 8.17
N VAL B 41 -5.94 -92.94 8.65
CA VAL B 41 -6.47 -92.68 9.98
C VAL B 41 -5.49 -93.04 11.08
N LEU B 42 -4.41 -93.74 10.72
CA LEU B 42 -3.36 -94.08 11.65
C LEU B 42 -2.31 -92.99 11.76
N GLU B 43 -2.58 -91.83 11.15
CA GLU B 43 -1.53 -90.87 10.83
C GLU B 43 -0.61 -90.60 12.00
N LYS B 44 -1.08 -90.78 13.23
CA LYS B 44 -0.17 -90.62 14.35
C LYS B 44 1.01 -91.58 14.24
N LYS B 45 0.78 -92.79 13.70
CA LYS B 45 1.89 -93.72 13.51
C LYS B 45 2.99 -93.11 12.68
N THR B 46 2.66 -92.11 11.87
CA THR B 46 3.59 -91.45 10.97
C THR B 46 4.52 -90.49 11.69
N ARG B 47 4.25 -90.18 12.95
CA ARG B 47 5.13 -89.29 13.72
C ARG B 47 6.52 -89.83 13.91
N GLN B 48 6.77 -91.08 13.52
CA GLN B 48 8.09 -91.68 13.63
C GLN B 48 8.88 -91.50 12.34
N ALA B 49 10.20 -91.36 12.49
CA ALA B 49 11.07 -91.12 11.34
C ALA B 49 11.01 -92.24 10.32
N SER B 50 10.87 -93.49 10.77
CA SER B 50 10.82 -94.62 9.85
C SER B 50 9.62 -94.55 8.92
N ASP B 51 8.59 -93.82 9.31
CA ASP B 51 7.39 -93.58 8.50
C ASP B 51 7.45 -92.27 7.72
N LEU B 52 8.60 -91.59 7.73
CA LEU B 52 8.69 -90.26 7.12
C LEU B 52 8.51 -90.33 5.61
N ALA B 53 8.95 -91.42 4.98
CA ALA B 53 8.58 -91.71 3.59
C ALA B 53 7.22 -92.37 3.49
N SER B 54 6.76 -93.01 4.56
CA SER B 54 5.42 -93.57 4.58
C SER B 54 4.36 -92.48 4.49
N SER B 55 4.55 -91.37 5.22
CA SER B 55 3.60 -90.27 5.14
C SER B 55 3.43 -89.79 3.71
N LYS B 56 4.55 -89.48 3.05
CA LYS B 56 4.53 -89.25 1.61
C LYS B 56 3.78 -90.37 0.89
N GLU B 57 4.17 -91.62 1.17
CA GLU B 57 3.52 -92.78 0.57
C GLU B 57 2.01 -92.72 0.74
N VAL B 58 1.55 -92.15 1.85
CA VAL B 58 0.11 -91.99 2.08
C VAL B 58 -0.48 -90.96 1.14
N LEU B 59 0.15 -89.78 1.08
CA LEU B 59 -0.58 -88.58 0.70
C LEU B 59 -0.98 -88.54 -0.78
N ALA B 60 -0.32 -89.29 -1.65
CA ALA B 60 -0.80 -89.35 -3.02
C ALA B 60 -1.93 -90.37 -3.16
N LYS B 61 -1.83 -91.49 -2.45
CA LYS B 61 -2.73 -92.61 -2.69
C LYS B 61 -4.09 -92.39 -2.04
N ILE B 62 -4.11 -91.77 -0.86
CA ILE B 62 -5.38 -91.27 -0.33
C ILE B 62 -5.95 -90.24 -1.28
N VAL B 63 -5.09 -89.57 -2.03
CA VAL B 63 -5.54 -88.74 -3.13
C VAL B 63 -5.97 -89.59 -4.32
N ASP B 64 -5.27 -90.71 -4.58
CA ASP B 64 -5.46 -91.46 -5.83
C ASP B 64 -6.92 -91.81 -6.05
N LEU B 65 -7.74 -91.70 -5.02
CA LEU B 65 -9.15 -91.99 -5.04
C LEU B 65 -9.93 -91.11 -6.02
N LEU B 66 -9.25 -90.18 -6.70
CA LEU B 66 -9.84 -89.28 -7.67
C LEU B 66 -10.80 -89.92 -8.67
N ALA B 67 -10.60 -91.19 -9.02
CA ALA B 67 -11.01 -91.72 -10.32
C ALA B 67 -12.42 -91.35 -10.75
N SER B 68 -13.36 -91.29 -9.82
CA SER B 68 -14.69 -90.81 -10.14
C SER B 68 -15.07 -89.62 -9.25
N ARG B 69 -16.31 -89.16 -9.40
CA ARG B 69 -16.73 -87.89 -8.82
C ARG B 69 -16.82 -88.00 -7.31
N ASN B 70 -17.79 -88.78 -6.82
CA ASN B 70 -17.92 -88.98 -5.38
C ASN B 70 -16.59 -89.40 -4.76
N LYS B 71 -15.85 -90.30 -5.42
CA LYS B 71 -14.58 -90.71 -4.85
C LYS B 71 -13.53 -89.61 -4.95
N TRP B 72 -13.86 -88.51 -5.64
CA TRP B 72 -13.12 -87.27 -5.42
C TRP B 72 -13.86 -86.31 -4.48
N ASP B 73 -15.06 -86.67 -4.01
CA ASP B 73 -15.56 -86.03 -2.81
C ASP B 73 -14.79 -86.50 -1.59
N ASP B 74 -13.82 -87.39 -1.81
CA ASP B 74 -12.93 -87.85 -0.75
C ASP B 74 -12.29 -86.69 0.01
N LEU B 75 -12.12 -85.54 -0.64
CA LEU B 75 -11.43 -84.43 -0.01
C LEU B 75 -12.09 -84.05 1.31
N ASN B 76 -13.41 -84.19 1.41
CA ASN B 76 -14.05 -83.99 2.70
C ASN B 76 -13.58 -85.06 3.68
N GLU B 77 -13.59 -86.32 3.25
CA GLU B 77 -13.18 -87.43 4.10
C GLU B 77 -11.78 -87.20 4.63
N GLN B 78 -10.81 -87.44 3.74
CA GLN B 78 -9.41 -87.35 4.11
C GLN B 78 -9.10 -85.97 4.69
N LEU B 79 -9.50 -84.93 3.98
CA LEU B 79 -8.97 -83.62 4.28
C LEU B 79 -9.56 -83.08 5.57
N THR B 80 -10.84 -83.36 5.82
CA THR B 80 -11.39 -82.93 7.10
C THR B 80 -10.85 -83.78 8.23
N LEU B 81 -10.43 -85.01 7.95
CA LEU B 81 -9.67 -85.73 8.97
C LEU B 81 -8.38 -85.01 9.30
N LEU B 82 -7.45 -84.94 8.34
CA LEU B 82 -6.16 -84.37 8.64
C LEU B 82 -6.22 -82.88 8.96
N SER B 83 -7.36 -82.22 8.78
CA SER B 83 -7.47 -80.84 9.22
C SER B 83 -7.26 -80.75 10.73
N LYS B 84 -8.07 -81.48 11.49
CA LYS B 84 -7.85 -81.52 12.93
C LYS B 84 -6.65 -82.38 13.29
N LYS B 85 -6.39 -83.45 12.54
CA LYS B 85 -5.16 -84.19 12.78
C LYS B 85 -3.96 -83.25 12.73
N HIS B 86 -3.70 -82.67 11.56
CA HIS B 86 -2.76 -81.55 11.45
C HIS B 86 -3.41 -80.34 10.80
N ILE B 93 3.50 -83.88 9.98
CA ILE B 93 3.44 -83.80 8.53
C ILE B 93 2.56 -82.63 8.11
N GLN B 94 2.72 -81.51 8.83
CA GLN B 94 2.08 -80.26 8.45
C GLN B 94 2.31 -79.94 6.99
N TYR B 95 3.57 -79.90 6.57
CA TYR B 95 3.91 -79.56 5.20
C TYR B 95 3.53 -80.67 4.24
N MET B 96 3.84 -81.91 4.60
CA MET B 96 3.45 -83.04 3.76
C MET B 96 1.95 -83.02 3.49
N ILE B 97 1.15 -82.68 4.49
CA ILE B 97 -0.27 -82.49 4.24
C ILE B 97 -0.50 -81.29 3.34
N GLN B 98 0.25 -80.21 3.56
CA GLN B 98 0.13 -79.09 2.65
C GLN B 98 0.48 -79.47 1.23
N LYS B 99 1.07 -80.65 1.01
CA LYS B 99 1.28 -81.14 -0.34
C LYS B 99 -0.01 -81.61 -0.95
N VAL B 100 -0.91 -82.11 -0.12
CA VAL B 100 -2.19 -82.58 -0.62
C VAL B 100 -2.90 -81.50 -1.43
N MET B 101 -3.03 -80.29 -0.88
CA MET B 101 -3.88 -79.28 -1.52
C MET B 101 -3.42 -79.00 -2.94
N GLU B 102 -2.12 -79.09 -3.20
CA GLU B 102 -1.67 -78.96 -4.58
C GLU B 102 -1.60 -80.28 -5.30
N TYR B 103 -1.81 -81.41 -4.61
CA TYR B 103 -2.20 -82.60 -5.35
C TYR B 103 -3.62 -82.44 -5.87
N LEU B 104 -4.46 -81.72 -5.13
CA LEU B 104 -5.69 -81.19 -5.69
C LEU B 104 -5.38 -80.32 -6.90
N LYS B 105 -4.65 -79.22 -6.68
CA LYS B 105 -4.46 -78.23 -7.72
C LYS B 105 -3.68 -78.76 -8.91
N SER B 106 -3.01 -79.89 -8.75
CA SER B 106 -2.28 -80.49 -9.85
C SER B 106 -3.11 -81.65 -10.39
N SER B 107 -4.00 -82.16 -9.53
CA SER B 107 -4.87 -83.27 -9.88
C SER B 107 -6.31 -82.90 -10.21
N LYS B 108 -6.61 -81.61 -10.26
CA LYS B 108 -7.99 -81.21 -10.55
C LYS B 108 -8.39 -81.67 -11.95
N SER B 109 -9.57 -82.26 -12.06
CA SER B 109 -10.06 -82.73 -13.35
C SER B 109 -11.33 -82.04 -13.82
N LEU B 110 -12.17 -81.60 -12.89
CA LEU B 110 -13.41 -80.92 -13.22
C LEU B 110 -13.54 -79.56 -12.55
N ASP B 111 -13.85 -78.54 -13.34
CA ASP B 111 -14.00 -77.19 -12.80
C ASP B 111 -15.15 -77.07 -11.80
N LEU B 112 -16.29 -77.69 -12.10
CA LEU B 112 -17.43 -77.60 -11.19
C LEU B 112 -17.17 -78.25 -9.83
N ASN B 113 -16.57 -79.44 -9.84
CA ASN B 113 -16.26 -80.13 -8.60
C ASN B 113 -15.23 -79.38 -7.77
N THR B 114 -14.20 -78.88 -8.45
CA THR B 114 -13.13 -78.14 -7.79
C THR B 114 -13.65 -76.86 -7.15
N ARG B 115 -14.51 -76.16 -7.86
CA ARG B 115 -15.05 -74.90 -7.35
C ARG B 115 -15.87 -75.15 -6.09
N ILE B 116 -16.70 -76.19 -6.11
CA ILE B 116 -17.48 -76.49 -4.93
C ILE B 116 -16.50 -76.84 -3.83
N SER B 117 -15.55 -77.69 -4.19
CA SER B 117 -14.49 -78.12 -3.28
C SER B 117 -13.58 -76.93 -3.01
N VAL B 118 -13.31 -76.19 -4.09
CA VAL B 118 -12.44 -75.03 -4.04
C VAL B 118 -12.84 -74.11 -2.90
N ILE B 119 -14.15 -73.91 -2.72
CA ILE B 119 -14.61 -73.00 -1.67
C ILE B 119 -14.08 -73.43 -0.31
N GLU B 120 -14.63 -74.53 0.22
CA GLU B 120 -14.22 -74.85 1.57
C GLU B 120 -12.77 -75.31 1.62
N THR B 121 -12.22 -75.70 0.48
CA THR B 121 -10.79 -75.99 0.46
C THR B 121 -10.00 -74.74 0.78
N ILE B 122 -10.43 -73.58 0.27
CA ILE B 122 -9.73 -72.39 0.71
C ILE B 122 -10.12 -72.06 2.12
N ARG B 123 -11.30 -72.47 2.57
CA ARG B 123 -11.58 -72.30 3.99
C ARG B 123 -10.52 -73.00 4.82
N VAL B 124 -10.27 -74.27 4.51
CA VAL B 124 -9.38 -75.08 5.33
C VAL B 124 -7.92 -74.69 5.12
N VAL B 125 -7.56 -74.18 3.95
CA VAL B 125 -6.18 -73.76 3.75
C VAL B 125 -5.95 -72.39 4.36
N THR B 126 -6.90 -71.48 4.15
CA THR B 126 -6.87 -70.17 4.79
C THR B 126 -6.99 -70.25 6.29
N GLU B 127 -7.33 -71.43 6.83
CA GLU B 127 -7.26 -71.62 8.27
C GLU B 127 -5.94 -71.14 8.83
N ASN B 128 -4.85 -71.46 8.15
CA ASN B 128 -3.52 -71.13 8.63
C ASN B 128 -3.06 -69.81 8.03
N LYS B 129 -2.62 -68.90 8.90
CA LYS B 129 -2.19 -67.57 8.50
C LYS B 129 -0.71 -67.52 8.15
N ILE B 130 0.06 -68.55 8.47
CA ILE B 130 1.51 -68.38 8.47
C ILE B 130 2.09 -68.50 7.06
N PHE B 131 1.69 -69.52 6.30
CA PHE B 131 2.33 -69.70 4.99
C PHE B 131 1.68 -68.83 3.92
N VAL B 132 0.34 -68.84 3.84
CA VAL B 132 -0.39 -68.07 2.84
C VAL B 132 0.20 -68.39 1.47
N GLU B 133 0.88 -67.43 0.88
CA GLU B 133 1.74 -67.60 -0.30
C GLU B 133 0.91 -68.17 -1.45
N VAL B 134 1.46 -69.05 -2.27
CA VAL B 134 0.86 -69.39 -3.55
C VAL B 134 -0.43 -70.15 -3.35
N GLU B 135 -0.65 -70.68 -2.15
CA GLU B 135 -1.68 -71.69 -1.97
C GLU B 135 -3.06 -71.07 -1.82
N ARG B 136 -3.34 -70.48 -0.65
CA ARG B 136 -4.64 -69.86 -0.44
C ARG B 136 -4.88 -68.73 -1.43
N ALA B 137 -3.82 -68.04 -1.85
CA ALA B 137 -3.99 -66.97 -2.83
C ALA B 137 -4.33 -67.55 -4.20
N ARG B 138 -3.52 -68.50 -4.67
CA ARG B 138 -3.78 -69.20 -5.93
C ARG B 138 -5.19 -69.74 -6.00
N VAL B 139 -5.65 -70.33 -4.91
CA VAL B 139 -6.92 -71.02 -4.95
C VAL B 139 -8.08 -70.04 -4.80
N THR B 140 -7.92 -69.00 -3.98
CA THR B 140 -8.90 -67.93 -3.99
C THR B 140 -9.10 -67.39 -5.41
N LYS B 141 -7.98 -67.16 -6.11
CA LYS B 141 -8.07 -66.79 -7.51
C LYS B 141 -8.74 -67.89 -8.33
N ASP B 142 -8.65 -69.15 -7.87
CA ASP B 142 -9.40 -70.22 -8.53
C ASP B 142 -10.90 -70.00 -8.38
N LEU B 143 -11.34 -69.75 -7.15
CA LEU B 143 -12.73 -69.40 -6.88
C LEU B 143 -13.19 -68.33 -7.85
N VAL B 144 -12.65 -67.14 -7.63
CA VAL B 144 -13.19 -65.96 -8.27
C VAL B 144 -13.02 -66.05 -9.77
N GLU B 145 -11.98 -66.76 -10.21
CA GLU B 145 -11.75 -66.98 -11.63
C GLU B 145 -12.82 -67.88 -12.24
N ILE B 146 -13.25 -68.92 -11.53
CA ILE B 146 -14.39 -69.69 -11.97
C ILE B 146 -15.72 -69.03 -11.62
N LYS B 147 -15.76 -68.22 -10.57
CA LYS B 147 -16.91 -67.41 -10.22
C LYS B 147 -17.13 -66.31 -11.25
N LYS B 148 -16.27 -66.31 -12.27
CA LYS B 148 -16.20 -65.31 -13.32
C LYS B 148 -17.57 -64.89 -13.83
N GLU B 149 -18.47 -65.83 -14.07
CA GLU B 149 -19.82 -65.46 -14.42
C GLU B 149 -20.59 -65.39 -13.11
N GLU B 150 -20.89 -64.16 -12.70
CA GLU B 150 -21.56 -63.70 -11.50
C GLU B 150 -21.57 -62.18 -11.58
N GLY B 151 -22.53 -61.58 -10.89
CA GLY B 151 -22.33 -60.21 -10.42
C GLY B 151 -21.58 -60.28 -9.12
N LYS B 152 -22.05 -61.23 -8.29
CA LYS B 152 -21.56 -61.47 -6.95
C LYS B 152 -20.11 -61.90 -6.92
N ILE B 153 -19.50 -62.15 -8.09
CA ILE B 153 -18.05 -62.33 -8.15
C ILE B 153 -17.35 -61.13 -7.54
N ASP B 154 -17.91 -59.94 -7.73
CA ASP B 154 -17.36 -58.76 -7.07
C ASP B 154 -17.28 -58.98 -5.58
N GLU B 155 -18.28 -59.68 -5.02
CA GLU B 155 -18.25 -60.11 -3.64
C GLU B 155 -16.94 -60.81 -3.32
N ALA B 156 -16.62 -61.85 -4.07
CA ALA B 156 -15.43 -62.63 -3.79
C ALA B 156 -14.19 -61.77 -3.81
N ALA B 157 -14.26 -60.61 -4.47
CA ALA B 157 -13.11 -59.73 -4.53
C ALA B 157 -12.62 -59.34 -3.15
N ASP B 158 -13.52 -59.37 -2.16
CA ASP B 158 -13.26 -58.89 -0.81
C ASP B 158 -11.96 -59.43 -0.25
N ILE B 159 -11.90 -60.75 -0.05
CA ILE B 159 -10.66 -61.34 0.44
C ILE B 159 -9.53 -61.06 -0.54
N LEU B 160 -9.83 -61.15 -1.84
CA LEU B 160 -8.89 -60.73 -2.86
C LEU B 160 -8.31 -59.37 -2.55
N CYS B 161 -9.17 -58.42 -2.18
CA CYS B 161 -8.71 -57.09 -1.84
C CYS B 161 -7.57 -57.14 -0.83
N GLU B 162 -7.67 -57.98 0.20
CA GLU B 162 -6.60 -58.08 1.18
C GLU B 162 -5.65 -59.24 0.94
N LEU B 163 -5.86 -60.07 -0.08
CA LEU B 163 -4.90 -61.15 -0.31
C LEU B 163 -3.50 -60.60 -0.48
N GLN B 164 -3.38 -59.44 -1.09
CA GLN B 164 -2.09 -58.80 -1.29
C GLN B 164 -1.70 -57.88 -0.14
N VAL B 165 -2.43 -57.87 0.97
CA VAL B 165 -1.93 -57.08 2.07
C VAL B 165 -0.79 -57.80 2.79
N GLU B 166 -0.66 -59.11 2.57
CA GLU B 166 0.44 -59.85 3.17
C GLU B 166 1.15 -60.71 2.13
N THR B 167 0.41 -61.63 1.49
CA THR B 167 1.00 -62.80 0.84
C THR B 167 2.16 -62.43 -0.06
N TYR B 168 2.22 -61.17 -0.50
CA TYR B 168 3.26 -60.64 -1.35
C TYR B 168 4.59 -60.50 -0.61
N GLY B 169 4.64 -60.86 0.67
CA GLY B 169 5.91 -60.91 1.35
C GLY B 169 6.92 -61.80 0.66
N SER B 170 6.58 -63.08 0.48
CA SER B 170 7.45 -63.94 -0.31
C SER B 170 7.14 -64.21 -1.77
N MET B 171 5.90 -64.01 -2.19
CA MET B 171 5.52 -64.75 -3.40
C MET B 171 6.09 -64.11 -4.67
N GLU B 172 6.07 -64.89 -5.74
CA GLU B 172 6.67 -64.49 -7.01
C GLU B 172 6.12 -63.14 -7.45
N MET B 173 7.04 -62.20 -7.70
CA MET B 173 6.62 -60.84 -8.01
C MET B 173 5.66 -60.84 -9.18
N SER B 174 6.10 -61.35 -10.32
CA SER B 174 5.26 -61.34 -11.51
C SER B 174 3.87 -61.85 -11.17
N GLU B 175 3.82 -62.99 -10.52
CA GLU B 175 2.55 -63.56 -10.11
C GLU B 175 1.79 -62.59 -9.22
N LYS B 176 2.49 -61.94 -8.29
CA LYS B 176 1.85 -60.94 -7.45
C LYS B 176 1.09 -59.96 -8.32
N ILE B 177 1.84 -59.32 -9.22
CA ILE B 177 1.23 -58.34 -10.10
C ILE B 177 -0.02 -58.93 -10.72
N GLN B 178 0.13 -60.12 -11.29
CA GLN B 178 -1.00 -60.76 -11.96
C GLN B 178 -2.22 -60.74 -11.07
N PHE B 179 -2.04 -61.12 -9.82
CA PHE B 179 -3.17 -61.04 -8.90
C PHE B 179 -3.67 -59.61 -8.81
N ILE B 180 -2.86 -58.74 -8.21
CA ILE B 180 -3.33 -57.40 -7.85
C ILE B 180 -3.98 -56.72 -9.03
N LEU B 181 -3.36 -56.81 -10.20
CA LEU B 181 -3.97 -56.25 -11.38
C LEU B 181 -5.32 -56.89 -11.65
N GLU B 182 -5.40 -58.21 -11.57
CA GLU B 182 -6.69 -58.82 -11.81
C GLU B 182 -7.71 -58.27 -10.84
N GLN B 183 -7.27 -57.95 -9.64
CA GLN B 183 -8.13 -57.40 -8.61
C GLN B 183 -8.64 -56.03 -9.03
N MET B 184 -7.79 -55.22 -9.64
CA MET B 184 -8.27 -53.97 -10.21
C MET B 184 -9.27 -54.22 -11.33
N GLU B 185 -8.86 -55.05 -12.29
CA GLU B 185 -9.69 -55.41 -13.43
C GLU B 185 -11.11 -55.70 -13.02
N LEU B 186 -11.26 -56.51 -11.98
CA LEU B 186 -12.58 -56.73 -11.46
C LEU B 186 -13.09 -55.51 -10.72
N SER B 187 -12.18 -54.72 -10.14
CA SER B 187 -12.60 -53.62 -9.29
C SER B 187 -13.42 -52.64 -10.09
N ILE B 188 -13.15 -52.54 -11.38
CA ILE B 188 -13.90 -51.60 -12.20
C ILE B 188 -15.25 -52.18 -12.56
N LEU B 189 -15.30 -53.48 -12.84
CA LEU B 189 -16.56 -54.13 -13.18
C LEU B 189 -17.52 -54.02 -12.02
N LYS B 190 -17.02 -54.31 -10.83
CA LYS B 190 -17.68 -53.89 -9.61
C LYS B 190 -18.10 -52.43 -9.68
N GLY B 191 -17.26 -51.59 -10.27
CA GLY B 191 -17.44 -50.16 -10.16
C GLY B 191 -16.69 -49.54 -9.01
N ASP B 192 -15.62 -50.17 -8.53
CA ASP B 192 -14.78 -49.52 -7.55
C ASP B 192 -13.46 -49.17 -8.22
N TYR B 193 -13.31 -47.89 -8.50
CA TYR B 193 -12.08 -47.30 -8.94
C TYR B 193 -11.21 -46.86 -7.78
N SER B 194 -11.79 -46.76 -6.58
CA SER B 194 -11.00 -46.45 -5.41
C SER B 194 -10.21 -47.67 -4.94
N GLN B 195 -10.85 -48.84 -4.90
CA GLN B 195 -10.10 -50.08 -4.80
C GLN B 195 -9.06 -50.17 -5.89
N ALA B 196 -9.52 -50.00 -7.12
CA ALA B 196 -8.62 -50.06 -8.26
C ALA B 196 -7.39 -49.20 -8.02
N THR B 197 -7.58 -48.01 -7.45
CA THR B 197 -6.46 -47.11 -7.31
C THR B 197 -5.58 -47.43 -6.11
N VAL B 198 -6.13 -47.95 -5.03
CA VAL B 198 -5.23 -48.30 -3.94
C VAL B 198 -4.44 -49.55 -4.31
N LEU B 199 -5.12 -50.52 -4.91
CA LEU B 199 -4.42 -51.64 -5.53
C LEU B 199 -3.39 -51.13 -6.52
N SER B 200 -3.72 -50.07 -7.23
CA SER B 200 -2.81 -49.50 -8.18
C SER B 200 -1.54 -49.12 -7.46
N ARG B 201 -1.62 -48.08 -6.64
CA ARG B 201 -0.41 -47.57 -6.03
C ARG B 201 0.29 -48.62 -5.20
N LYS B 202 -0.38 -49.71 -4.87
CA LYS B 202 0.28 -50.81 -4.18
C LYS B 202 1.55 -51.23 -4.91
N ILE B 203 1.45 -51.44 -6.21
CA ILE B 203 2.61 -51.87 -6.96
C ILE B 203 3.63 -50.73 -7.04
N LEU B 204 4.87 -51.08 -7.34
CA LEU B 204 5.96 -50.12 -7.42
C LEU B 204 6.37 -49.90 -8.87
N LYS B 205 6.21 -48.67 -9.35
CA LYS B 205 6.65 -48.33 -10.69
C LYS B 205 8.10 -48.71 -10.92
N LYS B 206 8.92 -48.62 -9.88
CA LYS B 206 10.34 -48.86 -10.03
C LYS B 206 10.62 -50.29 -10.50
N THR B 207 9.67 -51.19 -10.30
CA THR B 207 9.95 -52.61 -10.52
C THR B 207 10.19 -52.94 -11.97
N PHE B 208 9.79 -52.07 -12.88
CA PHE B 208 9.65 -52.45 -14.27
C PHE B 208 10.94 -52.32 -15.04
N LYS B 209 12.03 -52.04 -14.36
CA LYS B 209 13.35 -52.18 -14.94
C LYS B 209 13.67 -53.61 -15.34
N ASN B 210 12.86 -54.57 -14.95
CA ASN B 210 13.07 -55.95 -15.37
C ASN B 210 12.53 -56.16 -16.77
N PRO B 211 13.30 -56.78 -17.66
CA PRO B 211 12.76 -57.22 -18.95
C PRO B 211 11.58 -58.15 -18.86
N LYS B 212 11.25 -58.69 -17.68
CA LYS B 212 10.08 -59.53 -17.61
C LYS B 212 8.79 -58.73 -17.64
N TYR B 213 8.76 -57.60 -16.96
CA TYR B 213 7.48 -57.06 -16.53
C TYR B 213 6.78 -56.26 -17.60
N GLU B 214 7.35 -56.19 -18.80
CA GLU B 214 6.78 -55.34 -19.82
C GLU B 214 5.43 -55.86 -20.25
N SER B 215 5.40 -57.12 -20.67
CA SER B 215 4.23 -57.68 -21.31
C SER B 215 2.99 -57.37 -20.51
N LEU B 216 3.09 -57.47 -19.20
CA LEU B 216 1.97 -57.13 -18.36
C LEU B 216 1.88 -55.63 -18.09
N LYS B 217 3.00 -54.99 -17.73
CA LYS B 217 2.88 -53.62 -17.25
C LYS B 217 2.24 -52.76 -18.29
N LEU B 218 2.38 -53.15 -19.55
CA LEU B 218 1.53 -52.59 -20.57
C LEU B 218 0.11 -52.57 -20.09
N GLU B 219 -0.38 -53.69 -19.58
CA GLU B 219 -1.72 -53.66 -19.07
C GLU B 219 -1.80 -52.86 -17.77
N TYR B 220 -0.78 -52.99 -16.94
CA TYR B 220 -0.76 -52.23 -15.70
C TYR B 220 -1.12 -50.78 -15.96
N TYR B 221 -0.63 -50.24 -17.04
CA TYR B 221 -1.03 -48.89 -17.38
C TYR B 221 -2.39 -48.84 -18.02
N ASN B 222 -2.65 -49.74 -18.97
CA ASN B 222 -3.92 -49.69 -19.67
C ASN B 222 -5.08 -49.51 -18.72
N LEU B 223 -4.96 -50.09 -17.53
CA LEU B 223 -5.90 -49.72 -16.49
C LEU B 223 -5.88 -48.23 -16.29
N LEU B 224 -4.70 -47.71 -15.94
CA LEU B 224 -4.59 -46.34 -15.48
C LEU B 224 -5.18 -45.39 -16.48
N VAL B 225 -5.12 -45.76 -17.74
CA VAL B 225 -5.99 -45.11 -18.70
C VAL B 225 -7.40 -45.30 -18.22
N LYS B 226 -7.93 -46.51 -18.37
CA LYS B 226 -9.37 -46.70 -18.31
C LYS B 226 -9.97 -46.03 -17.08
N ILE B 227 -9.39 -46.31 -15.92
CA ILE B 227 -9.79 -45.55 -14.75
C ILE B 227 -9.72 -44.07 -15.03
N SER B 228 -8.54 -43.59 -15.42
CA SER B 228 -8.34 -42.16 -15.48
C SER B 228 -9.39 -41.51 -16.36
N LEU B 229 -9.71 -42.16 -17.47
CA LEU B 229 -10.87 -41.75 -18.24
C LEU B 229 -12.08 -41.64 -17.36
N HIS B 230 -12.34 -42.65 -16.53
CA HIS B 230 -13.54 -42.55 -15.72
C HIS B 230 -13.54 -41.27 -14.92
N LYS B 231 -12.42 -40.94 -14.29
CA LYS B 231 -12.38 -39.64 -13.66
C LYS B 231 -12.46 -38.50 -14.65
N ARG B 232 -12.43 -38.77 -15.94
CA ARG B 232 -12.45 -37.71 -16.94
C ARG B 232 -11.35 -36.72 -16.63
N GLU B 233 -10.18 -37.25 -16.43
CA GLU B 233 -9.06 -36.52 -15.90
C GLU B 233 -7.91 -36.91 -16.80
N TYR B 234 -7.37 -35.95 -17.54
CA TYR B 234 -6.67 -36.31 -18.76
C TYR B 234 -5.18 -36.34 -18.57
N LEU B 235 -4.61 -35.23 -18.20
CA LEU B 235 -3.18 -35.08 -18.30
C LEU B 235 -2.47 -36.32 -17.84
N GLU B 236 -2.95 -36.94 -16.78
CA GLU B 236 -2.45 -38.23 -16.40
C GLU B 236 -2.59 -39.22 -17.53
N VAL B 237 -3.77 -39.31 -18.10
CA VAL B 237 -3.93 -40.22 -19.22
C VAL B 237 -2.80 -40.01 -20.18
N ALA B 238 -2.51 -38.74 -20.46
CA ALA B 238 -1.42 -38.46 -21.37
C ALA B 238 -0.14 -39.03 -20.85
N GLN B 239 0.09 -38.96 -19.55
CA GLN B 239 1.36 -39.45 -19.08
C GLN B 239 1.44 -40.95 -19.23
N TYR B 240 0.45 -41.67 -18.72
CA TYR B 240 0.55 -43.11 -18.82
C TYR B 240 0.78 -43.52 -20.26
N LEU B 241 -0.05 -43.01 -21.17
CA LEU B 241 0.22 -43.29 -22.56
C LEU B 241 1.65 -42.96 -22.90
N GLN B 242 2.20 -41.95 -22.26
CA GLN B 242 3.60 -41.66 -22.48
C GLN B 242 4.44 -42.89 -22.19
N GLU B 243 4.31 -43.47 -20.99
CA GLU B 243 5.19 -44.61 -20.71
C GLU B 243 4.92 -45.76 -21.64
N ILE B 244 3.66 -46.16 -21.78
CA ILE B 244 3.43 -47.30 -22.63
C ILE B 244 3.80 -47.00 -24.05
N TYR B 245 4.15 -45.76 -24.34
CA TYR B 245 4.78 -45.41 -25.59
C TYR B 245 6.28 -45.50 -25.50
N GLN B 246 6.82 -45.68 -24.31
CA GLN B 246 8.26 -45.67 -24.14
C GLN B 246 8.91 -47.00 -24.31
N THR B 247 8.18 -48.10 -24.31
CA THR B 247 8.86 -49.37 -24.29
C THR B 247 9.41 -49.71 -25.65
N ASP B 248 10.49 -50.47 -25.65
CA ASP B 248 11.13 -50.87 -26.89
C ASP B 248 10.13 -51.55 -27.81
N ALA B 249 9.29 -52.42 -27.26
CA ALA B 249 8.35 -53.13 -28.08
C ALA B 249 7.29 -52.20 -28.64
N ILE B 250 6.83 -51.26 -27.82
CA ILE B 250 5.86 -50.33 -28.37
C ILE B 250 6.54 -49.34 -29.28
N LYS B 251 7.80 -48.99 -29.01
CA LYS B 251 8.53 -48.14 -29.93
C LYS B 251 8.66 -48.78 -31.29
N SER B 252 9.01 -50.05 -31.32
CA SER B 252 9.54 -50.65 -32.52
C SER B 252 8.56 -50.55 -33.67
N ASP B 253 7.47 -51.27 -33.62
CA ASP B 253 6.63 -51.38 -34.79
C ASP B 253 5.77 -50.14 -34.93
N GLU B 254 5.96 -49.43 -36.02
CA GLU B 254 5.05 -48.37 -36.40
C GLU B 254 3.63 -48.86 -36.45
N ALA B 255 3.43 -50.15 -36.65
CA ALA B 255 2.08 -50.67 -36.75
C ALA B 255 1.26 -50.35 -35.52
N LYS B 256 1.88 -50.33 -34.36
CA LYS B 256 1.10 -50.11 -33.16
C LYS B 256 1.29 -48.74 -32.54
N TRP B 257 2.53 -48.29 -32.31
CA TRP B 257 2.62 -47.05 -31.57
C TRP B 257 1.95 -45.88 -32.24
N LYS B 258 1.45 -45.99 -33.44
CA LYS B 258 0.71 -44.84 -33.93
C LYS B 258 -0.54 -44.61 -33.10
N PRO B 259 -1.52 -45.51 -33.05
CA PRO B 259 -2.71 -45.22 -32.27
C PRO B 259 -2.47 -44.98 -30.81
N VAL B 260 -1.31 -45.29 -30.26
CA VAL B 260 -1.10 -44.74 -28.93
C VAL B 260 -0.66 -43.31 -29.06
N LEU B 261 0.18 -43.03 -30.02
CA LEU B 261 0.68 -41.69 -30.18
C LEU B 261 -0.49 -40.76 -30.30
N SER B 262 -1.24 -40.90 -31.39
CA SER B 262 -2.28 -39.94 -31.67
C SER B 262 -3.25 -39.83 -30.53
N HIS B 263 -3.33 -40.84 -29.68
CA HIS B 263 -3.98 -40.59 -28.41
C HIS B 263 -3.22 -39.55 -27.62
N ILE B 264 -1.93 -39.78 -27.41
CA ILE B 264 -1.17 -38.85 -26.60
C ILE B 264 -1.44 -37.44 -27.05
N VAL B 265 -1.54 -37.25 -28.35
CA VAL B 265 -2.01 -35.96 -28.78
C VAL B 265 -3.35 -35.71 -28.13
N TYR B 266 -4.37 -36.45 -28.55
CA TYR B 266 -5.72 -36.07 -28.23
C TYR B 266 -5.86 -35.66 -26.79
N PHE B 267 -5.21 -36.37 -25.90
CA PHE B 267 -5.37 -35.97 -24.53
C PHE B 267 -4.59 -34.72 -24.23
N LEU B 268 -3.33 -34.66 -24.62
CA LEU B 268 -2.62 -33.42 -24.37
C LEU B 268 -3.35 -32.23 -24.92
N VAL B 269 -4.19 -32.44 -25.91
CA VAL B 269 -5.01 -31.34 -26.35
C VAL B 269 -6.22 -31.16 -25.50
N LEU B 270 -6.76 -32.22 -24.92
CA LEU B 270 -7.92 -32.01 -24.08
C LEU B 270 -7.56 -31.53 -22.71
N SER B 271 -6.40 -31.88 -22.22
CA SER B 271 -6.02 -31.43 -20.91
C SER B 271 -6.10 -29.91 -20.85
N PRO B 272 -6.48 -29.33 -19.73
CA PRO B 272 -6.53 -27.89 -19.66
C PRO B 272 -5.14 -27.33 -19.64
N TYR B 273 -5.00 -26.14 -20.21
CA TYR B 273 -3.69 -25.52 -20.26
C TYR B 273 -3.10 -25.42 -18.89
N GLY B 274 -1.79 -25.57 -18.81
CA GLY B 274 -1.14 -25.47 -17.52
C GLY B 274 0.32 -25.76 -17.66
N ASN B 275 0.99 -25.64 -16.54
CA ASN B 275 2.41 -25.93 -16.49
C ASN B 275 2.80 -27.24 -17.11
N LEU B 276 2.36 -28.32 -16.51
CA LEU B 276 2.97 -29.58 -16.83
C LEU B 276 2.64 -30.03 -18.23
N GLN B 277 1.48 -29.71 -18.77
CA GLN B 277 1.29 -30.14 -20.15
C GLN B 277 2.26 -29.43 -21.04
N ASN B 278 2.54 -28.19 -20.71
CA ASN B 278 3.06 -27.31 -21.72
C ASN B 278 4.35 -27.87 -22.26
N ASP B 279 5.24 -28.22 -21.37
CA ASP B 279 6.47 -28.80 -21.84
C ASP B 279 6.25 -30.15 -22.50
N LEU B 280 5.24 -30.92 -22.12
CA LEU B 280 5.00 -32.16 -22.85
C LEU B 280 4.65 -31.87 -24.28
N ILE B 281 3.60 -31.11 -24.47
CA ILE B 281 3.12 -30.86 -25.81
C ILE B 281 4.19 -30.19 -26.63
N HIS B 282 4.97 -29.33 -26.04
CA HIS B 282 6.10 -28.84 -26.79
C HIS B 282 7.18 -29.88 -26.95
N LYS B 283 7.18 -30.94 -26.19
CA LYS B 283 8.18 -31.95 -26.47
C LYS B 283 7.78 -32.79 -27.65
N ILE B 284 6.59 -33.36 -27.60
CA ILE B 284 6.26 -34.24 -28.70
C ILE B 284 6.10 -33.41 -29.95
N GLN B 285 5.79 -32.15 -29.79
CA GLN B 285 5.88 -31.23 -30.90
C GLN B 285 7.14 -31.49 -31.67
N ASN B 286 8.22 -31.78 -30.97
CA ASN B 286 9.45 -32.12 -31.64
C ASN B 286 9.60 -33.60 -31.86
N ASP B 287 8.82 -34.43 -31.18
CA ASP B 287 9.13 -35.84 -31.25
C ASP B 287 9.16 -36.26 -32.70
N ASN B 288 10.29 -36.82 -33.07
CA ASN B 288 10.53 -37.09 -34.46
C ASN B 288 9.36 -37.85 -35.05
N ASN B 289 9.00 -38.96 -34.41
CA ASN B 289 7.97 -39.83 -34.96
C ASN B 289 6.70 -39.07 -35.22
N LEU B 290 6.45 -38.02 -34.46
CA LEU B 290 5.17 -37.36 -34.60
C LEU B 290 4.96 -36.91 -36.02
N LYS B 291 6.01 -36.58 -36.74
CA LYS B 291 5.77 -36.03 -38.06
C LYS B 291 5.12 -37.04 -38.97
N LYS B 292 5.15 -38.32 -38.62
CA LYS B 292 4.60 -39.32 -39.51
C LYS B 292 3.10 -39.13 -39.67
N LEU B 293 2.42 -38.76 -38.59
CA LEU B 293 1.00 -38.53 -38.67
C LEU B 293 0.75 -37.23 -39.39
N GLU B 294 -0.51 -36.89 -39.62
CA GLU B 294 -0.72 -35.60 -40.25
C GLU B 294 -1.77 -34.75 -39.56
N SER B 295 -3.01 -35.16 -39.64
CA SER B 295 -4.06 -34.41 -38.97
C SER B 295 -3.61 -34.04 -37.58
N GLN B 296 -3.10 -35.03 -36.87
CA GLN B 296 -2.48 -34.78 -35.60
C GLN B 296 -1.54 -33.60 -35.68
N GLU B 297 -0.61 -33.62 -36.62
CA GLU B 297 0.30 -32.50 -36.74
C GLU B 297 -0.44 -31.21 -36.79
N SER B 298 -1.35 -31.10 -37.73
CA SER B 298 -2.02 -29.84 -37.91
C SER B 298 -2.84 -29.55 -36.67
N LEU B 299 -2.86 -30.49 -35.73
CA LEU B 299 -3.57 -30.26 -34.49
C LEU B 299 -2.63 -29.75 -33.41
N VAL B 300 -1.66 -30.56 -33.05
CA VAL B 300 -0.66 -30.17 -32.08
C VAL B 300 -0.15 -28.82 -32.46
N LYS B 301 0.52 -28.74 -33.60
CA LYS B 301 0.99 -27.45 -34.06
C LYS B 301 -0.11 -26.43 -34.02
N LEU B 302 -1.35 -26.85 -34.12
CA LEU B 302 -2.39 -25.85 -34.00
C LEU B 302 -2.51 -25.33 -32.60
N PHE B 303 -2.23 -26.14 -31.60
CA PHE B 303 -2.32 -25.52 -30.30
C PHE B 303 -1.01 -25.02 -29.76
N THR B 304 0.14 -25.33 -30.33
CA THR B 304 1.31 -24.72 -29.75
C THR B 304 1.38 -23.25 -30.13
N THR B 305 0.95 -22.90 -31.33
CA THR B 305 1.13 -21.55 -31.80
C THR B 305 0.25 -20.59 -31.05
N ASN B 306 0.36 -19.32 -31.36
CA ASN B 306 -0.43 -18.34 -30.67
C ASN B 306 -1.59 -17.79 -31.45
N GLU B 307 -1.79 -18.15 -32.68
CA GLU B 307 -2.82 -17.34 -33.30
C GLU B 307 -4.19 -17.90 -32.92
N LEU B 308 -5.25 -17.19 -33.29
CA LEU B 308 -6.62 -17.55 -32.95
C LEU B 308 -7.09 -18.76 -33.72
N MET B 309 -8.15 -19.37 -33.22
CA MET B 309 -8.77 -20.51 -33.84
C MET B 309 -10.24 -20.25 -34.01
N ARG B 310 -10.91 -21.08 -34.80
CA ARG B 310 -12.29 -20.87 -35.15
C ARG B 310 -13.06 -22.17 -35.01
N TRP B 311 -14.01 -22.21 -34.09
CA TRP B 311 -14.46 -23.54 -33.74
C TRP B 311 -15.21 -24.24 -34.86
N PRO B 312 -16.02 -23.55 -35.63
CA PRO B 312 -16.54 -24.19 -36.83
C PRO B 312 -15.44 -24.85 -37.62
N ILE B 313 -14.39 -24.10 -37.91
CA ILE B 313 -13.42 -24.62 -38.85
C ILE B 313 -12.72 -25.80 -38.25
N VAL B 314 -12.46 -25.74 -36.96
CA VAL B 314 -11.84 -26.86 -36.29
C VAL B 314 -12.72 -28.09 -36.42
N GLN B 315 -14.03 -27.92 -36.27
CA GLN B 315 -14.91 -29.02 -36.57
C GLN B 315 -14.66 -29.51 -37.99
N LYS B 316 -14.96 -28.67 -38.97
CA LYS B 316 -14.95 -29.11 -40.35
C LYS B 316 -13.72 -29.92 -40.64
N THR B 317 -12.57 -29.49 -40.13
CA THR B 317 -11.35 -30.22 -40.39
C THR B 317 -11.35 -31.55 -39.66
N TYR B 318 -11.54 -31.54 -38.36
CA TYR B 318 -11.16 -32.72 -37.61
C TYR B 318 -12.31 -33.65 -37.29
N GLU B 319 -13.53 -33.32 -37.64
CA GLU B 319 -14.63 -34.24 -37.41
C GLU B 319 -14.26 -35.61 -37.96
N PRO B 320 -14.03 -35.72 -39.25
CA PRO B 320 -13.84 -37.04 -39.79
C PRO B 320 -12.39 -37.41 -39.69
N VAL B 321 -11.81 -37.16 -38.54
CA VAL B 321 -10.54 -37.78 -38.22
C VAL B 321 -10.71 -38.29 -36.82
N LEU B 322 -10.95 -37.34 -35.93
CA LEU B 322 -11.20 -37.68 -34.55
C LEU B 322 -12.24 -38.78 -34.47
N ASN B 323 -13.39 -38.56 -35.09
CA ASN B 323 -14.49 -39.46 -34.81
C ASN B 323 -14.23 -40.87 -35.28
N GLU B 324 -13.15 -41.09 -36.00
CA GLU B 324 -12.77 -42.47 -36.24
C GLU B 324 -12.46 -43.18 -34.93
N ASP B 325 -11.76 -42.50 -34.04
CA ASP B 325 -11.02 -43.18 -33.01
C ASP B 325 -11.95 -43.75 -31.95
N ASP B 326 -11.43 -44.73 -31.21
CA ASP B 326 -12.23 -45.41 -30.21
C ASP B 326 -12.29 -44.63 -28.91
N LEU B 327 -11.14 -44.20 -28.39
CA LEU B 327 -11.13 -43.67 -27.03
C LEU B 327 -11.55 -42.22 -27.01
N ALA B 328 -10.67 -41.36 -27.50
CA ALA B 328 -10.78 -39.94 -27.19
C ALA B 328 -12.13 -39.40 -27.61
N PHE B 329 -12.45 -39.51 -28.89
CA PHE B 329 -13.74 -39.12 -29.39
C PHE B 329 -14.38 -40.38 -29.91
N GLY B 330 -15.70 -40.48 -29.80
CA GLY B 330 -16.28 -41.80 -29.85
C GLY B 330 -17.78 -41.84 -30.00
N GLY B 331 -18.32 -42.98 -29.62
CA GLY B 331 -19.65 -43.43 -29.98
C GLY B 331 -20.76 -43.01 -29.07
N GLU B 332 -20.63 -41.87 -28.42
CA GLU B 332 -21.55 -41.24 -27.46
C GLU B 332 -21.33 -41.72 -26.05
N ALA B 333 -20.43 -42.66 -25.82
CA ALA B 333 -19.83 -42.70 -24.51
C ALA B 333 -18.88 -41.54 -24.35
N ASN B 334 -18.27 -41.12 -25.46
CA ASN B 334 -17.22 -40.14 -25.47
C ASN B 334 -17.66 -38.76 -25.88
N LYS B 335 -18.93 -38.60 -26.26
CA LYS B 335 -19.38 -37.33 -26.78
C LYS B 335 -18.95 -36.18 -25.91
N HIS B 336 -18.91 -36.38 -24.60
CA HIS B 336 -18.51 -35.30 -23.71
C HIS B 336 -17.15 -34.75 -24.07
N HIS B 337 -16.25 -35.62 -24.52
CA HIS B 337 -14.94 -35.14 -24.92
C HIS B 337 -15.03 -34.00 -25.88
N TRP B 338 -16.04 -33.97 -26.71
CA TRP B 338 -16.21 -32.79 -27.53
C TRP B 338 -16.46 -31.57 -26.69
N GLU B 339 -17.39 -31.65 -25.75
CA GLU B 339 -17.74 -30.43 -25.04
C GLU B 339 -16.54 -29.88 -24.29
N ASP B 340 -15.74 -30.77 -23.70
CA ASP B 340 -14.47 -30.30 -23.21
C ASP B 340 -13.73 -29.58 -24.30
N LEU B 341 -13.53 -30.23 -25.43
CA LEU B 341 -12.63 -29.65 -26.41
C LEU B 341 -13.07 -28.25 -26.78
N GLN B 342 -14.35 -28.05 -27.02
CA GLN B 342 -14.83 -26.69 -27.15
C GLN B 342 -14.38 -25.81 -26.01
N LYS B 343 -14.45 -26.29 -24.78
CA LYS B 343 -13.91 -25.43 -23.73
C LYS B 343 -12.48 -25.07 -24.04
N ARG B 344 -11.60 -26.07 -24.18
CA ARG B 344 -10.19 -25.76 -24.42
C ARG B 344 -10.02 -24.71 -25.47
N VAL B 345 -10.81 -24.78 -26.50
CA VAL B 345 -10.65 -23.79 -27.54
C VAL B 345 -10.95 -22.43 -26.99
N ILE B 346 -12.14 -22.27 -26.43
CA ILE B 346 -12.54 -20.98 -25.89
C ILE B 346 -11.46 -20.44 -25.00
N GLU B 347 -11.09 -21.20 -23.99
CA GLU B 347 -9.93 -20.82 -23.21
C GLU B 347 -8.78 -20.36 -24.08
N HIS B 348 -8.48 -21.11 -25.11
CA HIS B 348 -7.28 -20.81 -25.86
C HIS B 348 -7.32 -19.40 -26.38
N ASN B 349 -8.27 -19.11 -27.25
CA ASN B 349 -8.31 -17.76 -27.79
C ASN B 349 -8.31 -16.76 -26.66
N LEU B 350 -9.08 -17.06 -25.63
CA LEU B 350 -9.26 -16.10 -24.58
C LEU B 350 -7.99 -15.76 -23.89
N ARG B 351 -7.03 -16.67 -23.82
CA ARG B 351 -5.78 -16.19 -23.26
C ARG B 351 -5.05 -15.41 -24.34
N VAL B 352 -5.02 -15.96 -25.55
CA VAL B 352 -4.09 -15.39 -26.51
C VAL B 352 -4.34 -13.91 -26.67
N ILE B 353 -5.60 -13.55 -26.80
CA ILE B 353 -5.93 -12.15 -26.74
C ILE B 353 -5.26 -11.49 -25.56
N SER B 354 -5.34 -12.11 -24.40
CA SER B 354 -4.58 -11.57 -23.29
C SER B 354 -3.14 -11.37 -23.65
N GLU B 355 -2.61 -12.15 -24.59
CA GLU B 355 -1.24 -11.86 -24.95
C GLU B 355 -1.11 -10.66 -25.83
N TYR B 356 -2.13 -10.30 -26.58
CA TYR B 356 -1.85 -9.15 -27.41
C TYR B 356 -2.58 -7.93 -26.92
N TYR B 357 -3.86 -7.88 -27.21
CA TYR B 357 -4.66 -6.71 -26.94
C TYR B 357 -4.41 -6.17 -25.55
N SER B 358 -4.20 -4.88 -25.45
CA SER B 358 -4.07 -4.32 -24.12
C SER B 358 -5.42 -4.01 -23.52
N ARG B 359 -6.32 -3.44 -24.31
CA ARG B 359 -7.72 -3.31 -23.92
C ARG B 359 -8.60 -3.88 -24.98
N ILE B 360 -9.77 -4.33 -24.63
CA ILE B 360 -10.65 -4.69 -25.73
C ILE B 360 -12.08 -4.46 -25.34
N THR B 361 -12.87 -4.05 -26.31
CA THR B 361 -14.23 -3.69 -26.02
C THR B 361 -15.03 -4.95 -25.93
N LEU B 362 -15.72 -5.12 -24.81
CA LEU B 362 -16.17 -6.45 -24.46
C LEU B 362 -16.93 -7.09 -25.60
N LEU B 363 -17.72 -6.30 -26.30
CA LEU B 363 -18.40 -6.84 -27.45
C LEU B 363 -17.43 -7.56 -28.37
N ARG B 364 -16.42 -6.84 -28.84
CA ARG B 364 -15.50 -7.44 -29.80
C ARG B 364 -14.94 -8.72 -29.26
N LEU B 365 -14.63 -8.73 -27.98
CA LEU B 365 -14.16 -9.96 -27.39
C LEU B 365 -15.20 -11.04 -27.50
N ASN B 366 -16.48 -10.69 -27.43
CA ASN B 366 -17.49 -11.71 -27.62
C ASN B 366 -17.43 -12.26 -29.03
N GLU B 367 -17.31 -11.40 -30.01
CA GLU B 367 -17.22 -11.92 -31.36
C GLU B 367 -16.06 -12.88 -31.47
N LEU B 368 -14.85 -12.41 -31.17
CA LEU B 368 -13.68 -13.24 -31.33
C LEU B 368 -13.86 -14.57 -30.64
N LEU B 369 -14.44 -14.56 -29.46
CA LEU B 369 -14.68 -15.85 -28.86
C LEU B 369 -15.94 -16.48 -29.39
N ASP B 370 -16.85 -15.69 -29.94
CA ASP B 370 -18.13 -16.20 -30.39
C ASP B 370 -18.86 -16.85 -29.22
N LEU B 371 -19.34 -15.98 -28.35
CA LEU B 371 -20.06 -16.42 -27.19
C LEU B 371 -21.11 -15.40 -26.84
N THR B 372 -22.05 -15.82 -26.02
CA THR B 372 -22.84 -14.82 -25.34
C THR B 372 -22.02 -14.23 -24.24
N GLU B 373 -22.44 -13.05 -23.81
CA GLU B 373 -21.59 -12.25 -22.96
C GLU B 373 -21.33 -12.91 -21.60
N SER B 374 -22.39 -13.14 -20.84
CA SER B 374 -22.19 -13.61 -19.48
C SER B 374 -21.40 -14.89 -19.43
N GLN B 375 -21.49 -15.69 -20.48
CA GLN B 375 -20.46 -16.68 -20.64
C GLN B 375 -19.11 -15.99 -20.50
N THR B 376 -18.81 -15.09 -21.42
CA THR B 376 -17.47 -14.54 -21.44
C THR B 376 -17.02 -14.20 -20.05
N GLU B 377 -17.82 -13.44 -19.35
CA GLU B 377 -17.40 -13.09 -17.99
C GLU B 377 -17.22 -14.32 -17.15
N THR B 378 -17.96 -15.39 -17.45
CA THR B 378 -17.72 -16.60 -16.70
C THR B 378 -16.36 -17.17 -17.00
N TYR B 379 -15.99 -17.22 -18.27
CA TYR B 379 -14.65 -17.71 -18.58
C TYR B 379 -13.58 -16.83 -17.98
N ILE B 380 -13.60 -15.55 -18.30
CA ILE B 380 -12.60 -14.67 -17.72
C ILE B 380 -12.49 -14.92 -16.23
N SER B 381 -13.62 -14.99 -15.54
CA SER B 381 -13.58 -15.32 -14.14
C SER B 381 -12.79 -16.58 -13.90
N ASP B 382 -13.01 -17.58 -14.73
CA ASP B 382 -12.33 -18.84 -14.49
C ASP B 382 -10.84 -18.70 -14.69
N LEU B 383 -10.42 -18.22 -15.85
CA LEU B 383 -9.00 -18.10 -16.11
C LEU B 383 -8.31 -17.28 -15.05
N VAL B 384 -8.93 -16.21 -14.59
CA VAL B 384 -8.21 -15.36 -13.66
C VAL B 384 -8.11 -16.03 -12.32
N ASN B 385 -9.18 -16.66 -11.86
CA ASN B 385 -9.06 -17.44 -10.65
C ASN B 385 -7.94 -18.43 -10.77
N GLN B 386 -7.71 -18.94 -11.98
CA GLN B 386 -6.62 -19.86 -12.19
C GLN B 386 -5.29 -19.16 -12.15
N GLY B 387 -5.29 -17.84 -12.13
CA GLY B 387 -4.01 -17.20 -12.28
C GLY B 387 -3.39 -17.39 -13.63
N ILE B 388 -4.16 -17.73 -14.65
CA ILE B 388 -3.56 -17.96 -15.95
C ILE B 388 -3.33 -16.67 -16.69
N ILE B 389 -4.30 -15.79 -16.70
CA ILE B 389 -4.20 -14.53 -17.40
C ILE B 389 -4.40 -13.46 -16.38
N TYR B 390 -4.08 -12.25 -16.73
CA TYR B 390 -4.43 -11.15 -15.87
C TYR B 390 -5.28 -10.21 -16.67
N ALA B 391 -6.56 -10.17 -16.36
CA ALA B 391 -7.49 -9.34 -17.07
C ALA B 391 -8.31 -8.62 -16.04
N LYS B 392 -8.82 -7.46 -16.39
CA LYS B 392 -9.63 -6.73 -15.43
C LYS B 392 -10.85 -6.23 -16.18
N VAL B 393 -11.98 -6.76 -15.84
CA VAL B 393 -13.18 -6.35 -16.51
C VAL B 393 -13.62 -5.05 -15.89
N ASN B 394 -13.79 -4.05 -16.72
CA ASN B 394 -14.54 -2.88 -16.29
C ASN B 394 -15.96 -3.21 -16.62
N ARG B 395 -16.71 -3.52 -15.62
CA ARG B 395 -17.96 -4.22 -15.80
C ARG B 395 -19.04 -3.45 -16.51
N PRO B 396 -19.22 -2.15 -16.27
CA PRO B 396 -20.39 -1.51 -16.84
C PRO B 396 -20.31 -1.55 -18.36
N ALA B 397 -20.43 -2.80 -18.86
CA ALA B 397 -20.83 -3.19 -20.22
C ALA B 397 -19.83 -2.78 -21.28
N LYS B 398 -18.54 -2.79 -20.96
CA LYS B 398 -17.63 -2.35 -22.00
C LYS B 398 -16.23 -2.89 -22.26
N ILE B 399 -15.39 -3.03 -21.26
CA ILE B 399 -13.97 -2.94 -21.53
C ILE B 399 -13.22 -3.93 -20.69
N VAL B 400 -12.27 -4.63 -21.28
CA VAL B 400 -11.37 -5.51 -20.56
C VAL B 400 -9.99 -4.91 -20.63
N ASN B 401 -9.22 -5.03 -19.55
CA ASN B 401 -7.87 -4.51 -19.46
C ASN B 401 -6.88 -5.64 -19.23
N PHE B 402 -6.03 -5.92 -20.20
CA PHE B 402 -5.23 -7.14 -20.11
C PHE B 402 -3.80 -6.99 -19.66
N GLU B 403 -3.31 -5.83 -19.28
CA GLU B 403 -1.89 -5.68 -19.01
C GLU B 403 -1.66 -5.50 -17.53
N LYS B 404 -0.63 -6.12 -17.02
CA LYS B 404 -0.35 -6.01 -15.62
C LYS B 404 0.17 -4.62 -15.34
N PRO B 405 -0.55 -3.78 -14.61
CA PRO B 405 -0.13 -2.40 -14.50
C PRO B 405 1.15 -2.30 -13.68
N LYS B 406 2.05 -1.46 -14.15
CA LYS B 406 3.28 -1.17 -13.46
C LYS B 406 3.15 0.12 -12.69
N ASN B 407 3.79 0.19 -11.54
CA ASN B 407 3.89 1.50 -10.91
C ASN B 407 4.84 2.32 -11.74
N SER B 408 4.80 3.63 -11.54
CA SER B 408 5.65 4.49 -12.37
C SER B 408 7.07 3.97 -12.42
N SER B 409 7.61 3.56 -11.29
CA SER B 409 9.03 3.22 -11.25
C SER B 409 9.34 2.09 -12.21
N GLN B 410 8.71 0.93 -12.04
CA GLN B 410 9.10 -0.19 -12.89
C GLN B 410 9.19 0.24 -14.33
N LEU B 411 8.20 1.01 -14.78
CA LEU B 411 8.28 1.60 -16.10
C LEU B 411 9.54 2.40 -16.27
N LEU B 412 9.92 3.15 -15.27
CA LEU B 412 11.12 3.93 -15.45
C LEU B 412 12.31 3.03 -15.64
N ASN B 413 12.64 2.23 -14.65
CA ASN B 413 13.83 1.40 -14.77
C ASN B 413 13.85 0.74 -16.13
N GLU B 414 12.69 0.34 -16.61
CA GLU B 414 12.65 -0.04 -17.99
C GLU B 414 13.30 1.01 -18.84
N TRP B 415 12.67 2.16 -18.96
CA TRP B 415 13.12 3.08 -19.97
C TRP B 415 14.54 3.55 -19.74
N SER B 416 15.01 3.53 -18.51
CA SER B 416 16.42 3.81 -18.37
C SER B 416 17.24 2.76 -19.09
N HIS B 417 17.07 1.49 -18.73
CA HIS B 417 17.92 0.50 -19.37
C HIS B 417 17.84 0.61 -20.87
N ASN B 418 16.64 0.78 -21.40
CA ASN B 418 16.60 1.01 -22.82
C ASN B 418 17.56 2.11 -23.20
N VAL B 419 17.56 3.21 -22.45
CA VAL B 419 18.48 4.28 -22.79
C VAL B 419 19.90 3.77 -22.83
N ASP B 420 20.41 3.29 -21.70
CA ASP B 420 21.84 3.06 -21.71
C ASP B 420 22.22 2.05 -22.76
N GLU B 421 21.34 1.09 -23.05
CA GLU B 421 21.61 0.25 -24.20
C GLU B 421 21.81 1.10 -25.43
N LEU B 422 20.93 2.07 -25.64
CA LEU B 422 21.12 2.92 -26.80
C LEU B 422 22.53 3.42 -26.81
N LEU B 423 22.92 4.08 -25.71
CA LEU B 423 24.24 4.69 -25.69
C LEU B 423 25.31 3.69 -26.00
N GLU B 424 25.28 2.56 -25.35
CA GLU B 424 26.38 1.67 -25.55
C GLU B 424 26.47 1.28 -27.01
N HIS B 425 25.33 1.04 -27.65
CA HIS B 425 25.39 0.67 -29.06
C HIS B 425 26.04 1.77 -29.87
N ILE B 426 25.59 3.01 -29.72
CA ILE B 426 26.21 4.03 -30.55
C ILE B 426 27.69 4.08 -30.28
N GLU B 427 28.11 3.74 -29.08
CA GLU B 427 29.55 3.65 -28.84
C GLU B 427 30.19 2.65 -29.78
N THR B 428 29.72 1.41 -29.73
CA THR B 428 30.28 0.42 -30.63
C THR B 428 30.28 0.93 -32.05
N ILE B 429 29.13 1.36 -32.51
CA ILE B 429 29.01 1.87 -33.86
C ILE B 429 30.10 2.89 -34.12
N GLY B 430 30.51 3.59 -33.08
CA GLY B 430 31.69 4.40 -33.27
C GLY B 430 32.85 3.50 -33.63
N HIS B 431 33.22 2.56 -32.77
CA HIS B 431 34.47 1.87 -33.05
C HIS B 431 34.40 1.16 -34.38
N LEU B 432 33.35 0.41 -34.60
CA LEU B 432 33.23 -0.19 -35.90
C LEU B 432 33.21 0.83 -36.99
N ILE B 433 32.89 2.07 -36.69
CA ILE B 433 32.87 3.02 -37.77
C ILE B 433 34.23 3.59 -38.04
N THR B 434 35.13 3.51 -37.09
CA THR B 434 36.52 3.86 -37.35
C THR B 434 37.25 2.73 -38.02
N LYS B 435 37.07 1.51 -37.51
CA LYS B 435 37.92 0.41 -37.92
C LYS B 435 37.98 0.28 -39.43
N GLU B 436 36.84 0.13 -40.05
CA GLU B 436 36.81 -0.09 -41.48
C GLU B 436 37.26 1.15 -42.22
N GLU B 437 37.05 2.32 -41.62
CA GLU B 437 37.61 3.52 -42.19
C GLU B 437 39.08 3.32 -42.45
N ILE B 438 39.80 2.91 -41.41
CA ILE B 438 41.17 2.45 -41.57
C ILE B 438 41.22 1.40 -42.67
N MET B 439 40.66 0.22 -42.40
CA MET B 439 40.79 -0.92 -43.29
C MET B 439 40.52 -0.52 -44.73
N HIS B 440 39.68 0.46 -44.93
CA HIS B 440 39.15 0.60 -46.24
C HIS B 440 39.24 2.04 -46.74
N GLN C 54 -43.90 -53.50 56.65
CA GLN C 54 -42.46 -53.55 56.90
C GLN C 54 -41.66 -52.65 55.98
N GLU C 55 -40.34 -52.75 56.15
CA GLU C 55 -39.43 -51.91 55.40
C GLU C 55 -39.64 -52.03 53.89
N THR C 56 -40.02 -53.21 53.40
CA THR C 56 -40.16 -53.40 51.96
C THR C 56 -41.38 -52.68 51.42
N SER C 57 -42.56 -52.99 51.96
CA SER C 57 -43.79 -52.37 51.46
C SER C 57 -43.84 -50.89 51.79
N ILE C 58 -43.15 -50.47 52.85
CA ILE C 58 -43.11 -49.06 53.19
C ILE C 58 -42.12 -48.31 52.31
N LEU C 59 -40.95 -48.90 52.02
CA LEU C 59 -40.04 -48.26 51.09
C LEU C 59 -40.58 -48.31 49.67
N GLU C 60 -41.55 -49.20 49.41
CA GLU C 60 -42.33 -49.12 48.18
C GLU C 60 -43.05 -47.80 48.02
N LEU C 61 -43.12 -46.99 49.08
CA LEU C 61 -43.62 -45.64 48.91
C LEU C 61 -42.55 -44.76 48.26
N GLY C 62 -41.30 -44.90 48.72
CA GLY C 62 -40.17 -44.18 48.14
C GLY C 62 -39.80 -44.62 46.74
N GLN C 63 -40.07 -45.87 46.39
CA GLN C 63 -40.09 -46.24 44.99
C GLN C 63 -41.39 -45.84 44.32
N LEU C 64 -42.46 -45.72 45.09
CA LEU C 64 -43.81 -45.64 44.53
C LEU C 64 -44.15 -44.25 44.04
N TYR C 65 -43.53 -43.21 44.58
CA TYR C 65 -43.83 -41.90 44.00
C TYR C 65 -42.99 -41.62 42.76
N VAL C 66 -42.04 -42.50 42.41
CA VAL C 66 -41.19 -42.25 41.26
C VAL C 66 -42.02 -42.26 39.98
N THR C 67 -43.12 -43.00 39.96
CA THR C 67 -43.95 -43.08 38.77
C THR C 67 -44.82 -41.84 38.59
N MET C 68 -45.40 -41.36 39.68
CA MET C 68 -46.41 -40.31 39.57
C MET C 68 -45.77 -38.97 39.22
N GLY C 69 -46.60 -38.08 38.71
CA GLY C 69 -46.20 -36.72 38.39
C GLY C 69 -46.66 -35.71 39.41
N ALA C 70 -46.84 -36.14 40.65
CA ALA C 70 -47.66 -35.46 41.64
C ALA C 70 -46.94 -34.34 42.37
N LYS C 71 -45.82 -33.84 41.84
CA LYS C 71 -45.10 -32.74 42.48
C LYS C 71 -44.73 -33.40 43.81
N ASP C 72 -45.08 -32.77 44.94
CA ASP C 72 -44.50 -32.95 46.26
C ASP C 72 -43.86 -34.33 46.44
N LYS C 73 -44.51 -35.36 45.88
CA LYS C 73 -44.06 -36.74 45.99
C LYS C 73 -42.55 -36.88 45.82
N LEU C 74 -41.99 -36.24 44.78
CA LEU C 74 -40.57 -36.39 44.50
C LEU C 74 -39.70 -35.70 45.55
N ARG C 75 -40.06 -34.47 45.93
CA ARG C 75 -39.26 -33.75 46.91
C ARG C 75 -39.63 -34.13 48.34
N GLU C 76 -40.91 -34.41 48.56
CA GLU C 76 -41.45 -34.65 49.90
C GLU C 76 -41.34 -36.11 50.31
N PHE C 77 -40.63 -36.95 49.53
CA PHE C 77 -40.11 -38.18 50.12
C PHE C 77 -39.42 -37.91 51.44
N ILE C 78 -38.69 -36.80 51.53
CA ILE C 78 -37.84 -36.54 52.70
C ILE C 78 -38.65 -36.53 53.98
N PRO C 79 -39.82 -35.91 54.07
CA PRO C 79 -40.65 -36.10 55.26
C PRO C 79 -40.90 -37.55 55.62
N HIS C 80 -40.90 -38.47 54.65
CA HIS C 80 -40.98 -39.87 55.01
C HIS C 80 -39.62 -40.47 55.37
N SER C 81 -38.53 -39.94 54.79
CA SER C 81 -37.20 -40.38 55.19
C SER C 81 -36.95 -40.04 56.66
N THR C 82 -37.13 -38.76 56.99
CA THR C 82 -37.14 -38.33 58.38
C THR C 82 -38.20 -39.05 59.18
N GLU C 83 -39.40 -39.18 58.62
CA GLU C 83 -40.50 -39.72 59.39
C GLU C 83 -40.42 -41.23 59.53
N TYR C 84 -39.96 -41.92 58.49
CA TYR C 84 -39.79 -43.36 58.58
C TYR C 84 -38.32 -43.75 58.47
N MET C 85 -37.65 -43.45 57.35
CA MET C 85 -36.44 -44.17 56.96
C MET C 85 -35.41 -44.28 58.06
N MET C 86 -35.44 -43.40 59.06
CA MET C 86 -34.55 -43.59 60.19
C MET C 86 -34.88 -44.86 60.98
N GLN C 87 -35.99 -45.54 60.64
CA GLN C 87 -36.47 -46.71 61.37
C GLN C 87 -35.94 -48.03 60.83
N PHE C 88 -35.04 -48.05 59.85
CA PHE C 88 -34.62 -49.37 59.42
C PHE C 88 -33.56 -49.93 60.36
N ALA C 89 -32.32 -49.51 60.16
CA ALA C 89 -31.30 -49.43 61.20
C ALA C 89 -30.95 -48.00 61.54
N LYS C 90 -31.51 -47.03 60.82
CA LYS C 90 -31.13 -45.61 60.83
C LYS C 90 -29.76 -45.35 60.21
N SER C 91 -29.02 -46.42 59.90
CA SER C 91 -27.79 -46.31 59.12
C SER C 91 -28.03 -46.51 57.62
N LYS C 92 -28.84 -47.50 57.26
CA LYS C 92 -29.34 -47.62 55.89
C LYS C 92 -29.93 -46.31 55.40
N THR C 93 -30.51 -45.55 56.31
CA THR C 93 -31.33 -44.40 55.93
C THR C 93 -30.55 -43.41 55.08
N VAL C 94 -29.29 -43.18 55.40
CA VAL C 94 -28.57 -42.09 54.78
C VAL C 94 -28.11 -42.46 53.38
N LYS C 95 -27.54 -43.65 53.22
CA LYS C 95 -26.99 -44.05 51.93
C LYS C 95 -28.09 -44.49 50.97
N VAL C 96 -29.01 -45.34 51.46
CA VAL C 96 -30.24 -45.60 50.70
C VAL C 96 -30.98 -44.30 50.45
N LEU C 97 -30.83 -43.32 51.34
CA LEU C 97 -31.41 -42.00 51.11
C LEU C 97 -30.74 -41.32 49.92
N LYS C 98 -29.42 -41.50 49.77
CA LYS C 98 -28.73 -40.98 48.59
C LYS C 98 -29.27 -41.61 47.31
N THR C 99 -29.33 -42.94 47.27
CA THR C 99 -29.79 -43.61 46.05
C THR C 99 -31.23 -43.24 45.74
N LEU C 100 -32.10 -43.25 46.75
CA LEU C 100 -33.46 -42.80 46.56
C LEU C 100 -33.49 -41.40 45.96
N ILE C 101 -32.69 -40.49 46.52
CA ILE C 101 -32.50 -39.17 45.92
C ILE C 101 -32.17 -39.29 44.44
N GLU C 102 -31.32 -40.25 44.07
CA GLU C 102 -30.97 -40.46 42.67
C GLU C 102 -32.21 -40.81 41.84
N LYS C 103 -33.04 -41.72 42.35
CA LYS C 103 -34.28 -42.04 41.66
C LYS C 103 -35.22 -40.85 41.61
N PHE C 104 -35.11 -39.96 42.57
CA PHE C 104 -35.83 -38.71 42.57
C PHE C 104 -35.13 -37.68 41.71
N GLU C 105 -33.83 -37.87 41.50
CA GLU C 105 -32.99 -36.86 40.88
C GLU C 105 -33.13 -36.85 39.36
N GLN C 106 -33.17 -38.02 38.73
CA GLN C 106 -33.37 -38.08 37.28
C GLN C 106 -34.82 -38.43 37.04
N VAL C 107 -35.59 -37.43 36.65
CA VAL C 107 -36.97 -37.54 36.21
C VAL C 107 -37.06 -36.56 35.05
N PRO C 108 -38.12 -36.57 34.25
CA PRO C 108 -38.39 -35.40 33.43
C PRO C 108 -38.28 -34.16 34.31
N ASP C 109 -37.59 -33.16 33.79
CA ASP C 109 -37.01 -32.11 34.63
C ASP C 109 -38.08 -31.32 35.36
N SER C 110 -39.36 -31.66 35.11
CA SER C 110 -40.48 -30.95 35.74
C SER C 110 -40.28 -30.79 37.24
N LEU C 111 -40.07 -31.90 37.95
CA LEU C 111 -39.77 -31.83 39.38
C LEU C 111 -38.30 -31.63 39.67
N ASP C 112 -37.43 -31.82 38.68
CA ASP C 112 -36.05 -31.40 38.87
C ASP C 112 -35.92 -29.89 38.84
N ASP C 113 -37.00 -29.19 38.54
CA ASP C 113 -37.04 -27.73 38.62
C ASP C 113 -36.90 -27.28 40.07
N GLN C 114 -37.81 -27.75 40.91
CA GLN C 114 -37.97 -27.30 42.28
C GLN C 114 -37.24 -28.18 43.28
N ILE C 115 -36.31 -29.03 42.82
CA ILE C 115 -35.59 -29.86 43.77
C ILE C 115 -35.02 -28.97 44.88
N PHE C 116 -35.52 -29.20 46.09
CA PHE C 116 -34.93 -28.71 47.33
C PHE C 116 -34.21 -29.80 48.10
N VAL C 117 -34.22 -31.04 47.59
CA VAL C 117 -33.93 -32.20 48.41
C VAL C 117 -32.48 -32.19 48.88
N CYS C 118 -31.55 -31.86 47.99
CA CYS C 118 -30.17 -31.72 48.44
C CYS C 118 -30.00 -30.55 49.38
N GLU C 119 -30.88 -29.54 49.29
CA GLU C 119 -30.82 -28.44 50.24
C GLU C 119 -31.34 -28.85 51.61
N LYS C 120 -32.30 -29.77 51.64
CA LYS C 120 -32.62 -30.45 52.89
C LYS C 120 -31.56 -31.47 53.28
N SER C 121 -30.61 -31.78 52.40
CA SER C 121 -29.43 -32.49 52.85
C SER C 121 -28.46 -31.53 53.50
N ILE C 122 -28.45 -30.27 53.06
CA ILE C 122 -27.72 -29.24 53.79
C ILE C 122 -28.29 -29.12 55.20
N GLU C 123 -29.59 -28.83 55.29
CA GLU C 123 -30.19 -28.54 56.59
C GLU C 123 -30.32 -29.79 57.43
N PHE C 124 -30.93 -30.83 56.88
CA PHE C 124 -31.11 -32.05 57.66
C PHE C 124 -29.77 -32.74 57.91
N ALA C 125 -28.90 -32.83 56.91
CA ALA C 125 -27.57 -33.35 57.19
C ALA C 125 -26.89 -32.52 58.26
N LYS C 126 -27.25 -31.25 58.39
CA LYS C 126 -26.86 -30.48 59.56
C LYS C 126 -27.73 -30.79 60.77
N ARG C 127 -28.78 -31.62 60.63
CA ARG C 127 -29.29 -32.34 61.79
C ARG C 127 -28.44 -33.55 62.12
N GLU C 128 -27.72 -34.09 61.14
CA GLU C 128 -26.70 -35.11 61.38
C GLU C 128 -25.30 -34.51 61.50
N LYS C 129 -25.15 -33.19 61.32
CA LYS C 129 -23.86 -32.55 61.10
C LYS C 129 -23.15 -33.14 59.88
N ARG C 130 -23.90 -33.74 58.97
CA ARG C 130 -23.32 -34.68 58.02
C ARG C 130 -22.72 -33.94 56.83
N VAL C 131 -21.44 -34.20 56.59
CA VAL C 131 -20.73 -33.63 55.45
C VAL C 131 -20.84 -34.51 54.20
N PHE C 132 -21.39 -35.71 54.30
CA PHE C 132 -21.55 -36.52 53.10
C PHE C 132 -22.73 -36.03 52.26
N LEU C 133 -23.85 -35.68 52.90
CA LEU C 133 -24.96 -35.09 52.17
C LEU C 133 -24.74 -33.61 51.91
N LYS C 134 -24.00 -32.94 52.79
CA LYS C 134 -23.76 -31.53 52.60
C LYS C 134 -22.73 -31.30 51.51
N HIS C 135 -21.64 -32.06 51.52
CA HIS C 135 -20.65 -31.92 50.47
C HIS C 135 -21.02 -32.69 49.21
N SER C 136 -21.48 -33.94 49.35
CA SER C 136 -21.87 -34.67 48.16
C SER C 136 -23.04 -33.98 47.47
N LEU C 137 -24.07 -33.64 48.24
CA LEU C 137 -25.23 -33.01 47.63
C LEU C 137 -25.14 -31.51 47.61
N SER C 138 -24.03 -30.93 48.06
CA SER C 138 -23.69 -29.59 47.61
C SER C 138 -23.00 -29.63 46.26
N ILE C 139 -22.19 -30.65 46.00
CA ILE C 139 -21.68 -30.86 44.65
C ILE C 139 -22.83 -31.08 43.70
N LYS C 140 -23.64 -32.10 43.98
CA LYS C 140 -24.74 -32.41 43.08
C LYS C 140 -25.81 -31.34 43.13
N LEU C 141 -26.05 -30.78 44.31
CA LEU C 141 -26.95 -29.66 44.40
C LEU C 141 -26.54 -28.57 43.42
N ALA C 142 -25.31 -28.09 43.57
CA ALA C 142 -24.79 -27.05 42.70
C ALA C 142 -24.80 -27.49 41.25
N THR C 143 -24.65 -28.78 41.00
CA THR C 143 -24.73 -29.26 39.63
C THR C 143 -26.13 -29.04 39.08
N LEU C 144 -27.15 -29.42 39.84
CA LEU C 144 -28.52 -29.28 39.37
C LEU C 144 -28.89 -27.81 39.22
N HIS C 145 -28.52 -26.99 40.21
CA HIS C 145 -28.77 -25.57 40.04
C HIS C 145 -27.83 -24.95 39.02
N TYR C 146 -26.87 -25.69 38.50
CA TYR C 146 -26.11 -25.22 37.34
C TYR C 146 -26.86 -25.50 36.07
N GLN C 147 -27.09 -26.78 35.79
CA GLN C 147 -27.69 -27.18 34.52
C GLN C 147 -29.07 -26.58 34.33
N LYS C 148 -29.65 -25.98 35.37
CA LYS C 148 -30.95 -25.33 35.24
C LYS C 148 -30.88 -23.89 35.74
N LYS C 149 -30.65 -23.71 37.04
CA LYS C 149 -30.60 -22.38 37.61
C LYS C 149 -29.36 -21.66 37.11
N GLN C 150 -29.22 -20.40 37.50
CA GLN C 150 -28.11 -19.63 36.94
C GLN C 150 -26.81 -20.21 37.44
N TYR C 151 -25.82 -20.21 36.56
CA TYR C 151 -24.54 -20.73 36.99
C TYR C 151 -23.90 -19.85 38.04
N LYS C 152 -24.41 -18.65 38.28
CA LYS C 152 -23.79 -17.85 39.32
C LYS C 152 -24.37 -18.10 40.71
N ASP C 153 -25.54 -18.74 40.82
CA ASP C 153 -26.01 -19.13 42.14
C ASP C 153 -25.28 -20.38 42.61
N SER C 154 -25.58 -21.52 42.01
CA SER C 154 -24.80 -22.72 42.26
C SER C 154 -23.32 -22.46 42.08
N LEU C 155 -22.94 -21.50 41.24
CA LEU C 155 -21.54 -21.10 41.17
C LEU C 155 -21.09 -20.47 42.47
N ALA C 156 -21.81 -19.46 42.96
CA ALA C 156 -21.44 -18.82 44.21
C ALA C 156 -21.30 -19.85 45.32
N LEU C 157 -22.27 -20.75 45.39
CA LEU C 157 -22.25 -21.94 46.24
C LEU C 157 -20.91 -22.65 46.10
N ILE C 158 -20.47 -22.82 44.85
CA ILE C 158 -19.17 -23.43 44.61
C ILE C 158 -18.04 -22.52 45.03
N ASN C 159 -18.28 -21.21 45.04
CA ASN C 159 -17.22 -20.23 45.15
C ASN C 159 -16.78 -20.07 46.60
N ASP C 160 -17.73 -20.05 47.53
CA ASP C 160 -17.38 -20.24 48.93
C ASP C 160 -17.16 -21.71 49.25
N LEU C 161 -17.65 -22.60 48.39
CA LEU C 161 -17.69 -24.02 48.66
C LEU C 161 -16.46 -24.74 48.10
N LEU C 162 -15.48 -23.98 47.61
CA LEU C 162 -14.19 -24.47 47.12
C LEU C 162 -13.44 -25.29 48.16
N ARG C 163 -12.91 -24.63 49.19
CA ARG C 163 -12.24 -25.34 50.27
C ARG C 163 -13.20 -26.22 51.04
N GLU C 164 -14.44 -25.76 51.20
CA GLU C 164 -15.46 -26.59 51.83
C GLU C 164 -15.44 -27.97 51.21
N PHE C 165 -15.33 -28.03 49.90
CA PHE C 165 -15.18 -29.30 49.19
C PHE C 165 -13.76 -29.83 49.23
N LYS C 166 -12.77 -28.98 49.48
CA LYS C 166 -11.44 -29.52 49.77
C LYS C 166 -11.43 -30.26 51.10
N LYS C 167 -12.52 -30.19 51.86
CA LYS C 167 -12.56 -30.81 53.18
C LYS C 167 -12.81 -32.31 53.08
N LEU C 168 -14.05 -32.71 52.80
CA LEU C 168 -14.47 -34.09 53.04
C LEU C 168 -13.99 -35.02 51.95
N ASP C 169 -14.53 -34.90 50.73
CA ASP C 169 -13.99 -35.70 49.65
C ASP C 169 -12.49 -35.50 49.54
N ASP C 170 -12.02 -34.26 49.69
CA ASP C 170 -10.70 -33.91 49.20
C ASP C 170 -10.78 -34.43 47.79
N LYS C 171 -9.83 -35.29 47.44
CA LYS C 171 -9.49 -35.69 46.07
C LYS C 171 -10.70 -35.75 45.12
N PRO C 172 -11.80 -36.45 45.45
CA PRO C 172 -12.93 -36.48 44.50
C PRO C 172 -13.46 -35.11 44.12
N SER C 173 -13.70 -34.25 45.11
CA SER C 173 -14.18 -32.91 44.80
C SER C 173 -13.23 -32.17 43.87
N LEU C 174 -11.92 -32.37 44.05
CA LEU C 174 -10.95 -31.66 43.22
C LEU C 174 -11.15 -31.99 41.76
N VAL C 175 -11.76 -33.15 41.51
CA VAL C 175 -12.28 -33.44 40.19
C VAL C 175 -13.65 -32.81 40.03
N ASP C 176 -14.59 -33.25 40.88
CA ASP C 176 -16.02 -33.08 40.72
C ASP C 176 -16.40 -31.66 40.31
N VAL C 177 -16.22 -30.70 41.22
CA VAL C 177 -16.62 -29.34 40.93
C VAL C 177 -15.60 -28.65 40.05
N HIS C 178 -14.36 -29.14 40.01
CA HIS C 178 -13.49 -28.67 38.96
C HIS C 178 -13.99 -29.03 37.57
N LEU C 179 -15.04 -29.84 37.50
CA LEU C 179 -15.90 -29.84 36.33
C LEU C 179 -16.74 -28.59 36.39
N LEU C 180 -17.71 -28.57 37.32
CA LEU C 180 -18.71 -27.53 37.41
C LEU C 180 -18.10 -26.18 37.19
N GLU C 181 -17.23 -25.77 38.13
CA GLU C 181 -16.51 -24.51 38.03
C GLU C 181 -15.93 -24.30 36.64
N SER C 182 -15.01 -25.15 36.23
CA SER C 182 -14.45 -24.99 34.90
C SER C 182 -15.51 -25.10 33.83
N LYS C 183 -16.54 -25.92 34.07
CA LYS C 183 -17.76 -25.83 33.28
C LYS C 183 -18.42 -24.46 33.43
N VAL C 184 -18.74 -24.09 34.67
CA VAL C 184 -19.41 -22.81 34.93
C VAL C 184 -18.68 -21.67 34.23
N TYR C 185 -17.38 -21.60 34.41
CA TYR C 185 -16.66 -20.45 33.88
C TYR C 185 -16.40 -20.56 32.40
N HIS C 186 -16.80 -21.65 31.77
CA HIS C 186 -17.03 -21.53 30.35
C HIS C 186 -18.29 -20.71 30.08
N LYS C 187 -19.41 -21.12 30.66
CA LYS C 187 -20.65 -20.42 30.36
C LYS C 187 -20.57 -18.96 30.78
N LEU C 188 -19.79 -18.65 31.81
CA LEU C 188 -19.52 -17.26 32.13
C LEU C 188 -18.78 -16.56 31.01
N ARG C 189 -18.39 -17.30 29.99
CA ARG C 189 -17.86 -16.78 28.74
C ARG C 189 -16.48 -16.19 28.93
N ASN C 190 -15.98 -16.21 30.15
CA ASN C 190 -14.58 -15.91 30.37
C ASN C 190 -13.76 -17.19 30.26
N LEU C 191 -12.90 -17.24 29.26
CA LEU C 191 -12.05 -18.38 29.09
C LEU C 191 -10.81 -18.27 29.95
N ALA C 192 -10.72 -17.21 30.74
CA ALA C 192 -9.56 -17.01 31.59
C ALA C 192 -9.48 -18.08 32.66
N LYS C 193 -10.52 -18.18 33.49
CA LYS C 193 -10.49 -19.04 34.66
C LYS C 193 -11.24 -20.34 34.44
N SER C 194 -11.78 -20.56 33.25
CA SER C 194 -12.34 -21.88 33.00
C SER C 194 -11.24 -22.88 32.64
N LYS C 195 -10.30 -22.45 31.78
CA LYS C 195 -9.26 -23.31 31.24
C LYS C 195 -8.45 -24.02 32.29
N ALA C 196 -7.57 -23.27 32.95
CA ALA C 196 -6.62 -23.88 33.88
C ALA C 196 -7.34 -24.54 35.03
N SER C 197 -8.44 -23.95 35.47
CA SER C 197 -9.29 -24.64 36.44
C SER C 197 -9.60 -26.04 35.97
N LEU C 198 -10.03 -26.17 34.72
CA LEU C 198 -10.22 -27.51 34.19
C LEU C 198 -8.90 -28.26 34.13
N THR C 199 -7.77 -27.55 34.08
CA THR C 199 -6.51 -28.28 34.01
C THR C 199 -6.19 -28.95 35.34
N ALA C 200 -6.40 -28.24 36.45
CA ALA C 200 -6.31 -28.87 37.76
C ALA C 200 -7.40 -29.89 37.94
N ALA C 201 -8.53 -29.71 37.25
CA ALA C 201 -9.52 -30.77 37.19
C ALA C 201 -8.93 -32.04 36.61
N ARG C 202 -8.07 -31.92 35.58
CA ARG C 202 -7.46 -33.13 35.02
C ARG C 202 -6.41 -33.70 35.95
N THR C 203 -5.47 -32.86 36.39
CA THR C 203 -4.42 -33.38 37.26
C THR C 203 -5.00 -34.07 38.49
N ALA C 204 -5.83 -33.35 39.26
CA ALA C 204 -6.48 -33.95 40.41
C ALA C 204 -7.48 -35.01 39.98
N ALA C 205 -7.83 -35.01 38.70
CA ALA C 205 -8.63 -36.12 38.19
C ALA C 205 -7.75 -37.30 37.84
N ASN C 206 -6.49 -37.06 37.47
CA ASN C 206 -5.55 -38.15 37.33
C ASN C 206 -5.31 -38.82 38.67
N SER C 207 -5.35 -38.01 39.73
CA SER C 207 -5.29 -38.53 41.09
C SER C 207 -6.47 -39.46 41.39
N ILE C 208 -7.68 -38.90 41.47
CA ILE C 208 -8.90 -39.70 41.65
C ILE C 208 -9.07 -40.70 40.53
N TYR C 209 -9.73 -41.81 40.82
CA TYR C 209 -10.17 -42.75 39.81
C TYR C 209 -11.69 -42.86 39.93
N CYS C 210 -12.39 -42.32 38.94
CA CYS C 210 -13.77 -41.87 39.09
C CYS C 210 -14.57 -42.41 37.91
N PRO C 211 -15.90 -42.42 38.00
CA PRO C 211 -16.69 -43.02 36.92
C PRO C 211 -16.32 -42.40 35.57
N THR C 212 -16.00 -43.29 34.64
CA THR C 212 -15.31 -42.90 33.41
C THR C 212 -16.06 -41.78 32.72
N GLN C 213 -17.36 -41.69 32.99
CA GLN C 213 -18.15 -40.54 32.57
C GLN C 213 -17.42 -39.25 32.88
N THR C 214 -16.79 -39.21 34.06
CA THR C 214 -16.00 -38.05 34.45
C THR C 214 -14.87 -37.81 33.47
N VAL C 215 -14.00 -38.82 33.29
CA VAL C 215 -12.89 -38.65 32.35
C VAL C 215 -13.41 -38.18 31.02
N ALA C 216 -14.60 -38.63 30.64
CA ALA C 216 -15.19 -38.19 29.40
C ALA C 216 -15.43 -36.69 29.42
N GLU C 217 -16.12 -36.20 30.45
CA GLU C 217 -16.29 -34.76 30.58
C GLU C 217 -14.97 -34.04 30.49
N LEU C 218 -13.94 -34.57 31.14
CA LEU C 218 -12.60 -34.02 30.98
C LEU C 218 -12.19 -34.00 29.51
N ASP C 219 -12.63 -34.98 28.75
CA ASP C 219 -12.23 -35.06 27.35
C ASP C 219 -13.04 -34.06 26.52
N LEU C 220 -14.33 -34.30 26.37
CA LEU C 220 -15.17 -33.41 25.57
C LEU C 220 -14.97 -31.96 25.97
N MET C 221 -14.75 -31.71 27.25
CA MET C 221 -14.41 -30.36 27.64
C MET C 221 -13.04 -29.97 27.14
N SER C 222 -12.11 -30.93 27.09
CA SER C 222 -10.82 -30.61 26.49
C SER C 222 -11.03 -30.15 25.05
N GLY C 223 -11.68 -30.99 24.24
CA GLY C 223 -12.06 -30.56 22.91
C GLY C 223 -12.73 -29.21 22.90
N ILE C 224 -13.61 -28.96 23.86
CA ILE C 224 -14.32 -27.69 23.89
C ILE C 224 -13.35 -26.54 23.99
N LEU C 225 -12.46 -26.58 24.96
CA LEU C 225 -11.50 -25.49 25.01
C LEU C 225 -10.73 -25.42 23.71
N HIS C 226 -10.49 -26.55 23.06
CA HIS C 226 -9.80 -26.48 21.78
C HIS C 226 -10.68 -25.85 20.71
N CYS C 227 -11.97 -25.77 20.95
CA CYS C 227 -12.87 -25.15 20.00
C CYS C 227 -13.25 -23.73 20.38
N GLU C 228 -12.83 -23.25 21.54
CA GLU C 228 -12.95 -21.82 21.76
C GLU C 228 -11.80 -21.09 21.11
N ASP C 229 -10.62 -21.67 21.22
CA ASP C 229 -9.39 -21.08 20.77
C ASP C 229 -9.10 -21.40 19.32
N LYS C 230 -10.02 -22.07 18.63
CA LYS C 230 -9.84 -22.36 17.20
C LYS C 230 -8.66 -23.30 16.98
N ASP C 231 -8.64 -24.40 17.73
CA ASP C 231 -7.80 -25.53 17.42
C ASP C 231 -8.72 -26.69 17.11
N TYR C 232 -8.90 -27.00 15.83
CA TYR C 232 -9.78 -28.09 15.44
C TYR C 232 -9.05 -29.36 15.05
N LYS C 233 -7.73 -29.32 14.99
CA LYS C 233 -6.97 -30.53 14.72
C LYS C 233 -6.78 -31.36 15.98
N THR C 234 -6.69 -30.70 17.13
CA THR C 234 -6.63 -31.42 18.39
C THR C 234 -8.02 -31.88 18.80
N ALA C 235 -8.98 -30.95 18.77
CA ALA C 235 -10.20 -31.10 19.54
C ALA C 235 -10.86 -32.45 19.31
N PHE C 236 -10.75 -32.97 18.10
CA PHE C 236 -11.40 -34.24 17.84
C PHE C 236 -10.80 -35.37 18.66
N SER C 237 -9.57 -35.23 19.13
CA SER C 237 -9.01 -36.27 19.97
C SER C 237 -9.96 -36.45 21.13
N TYR C 238 -9.98 -35.46 21.99
CA TYR C 238 -10.75 -35.53 23.21
C TYR C 238 -12.21 -35.80 22.92
N PHE C 239 -12.71 -35.23 21.83
CA PHE C 239 -14.06 -35.55 21.39
C PHE C 239 -14.24 -37.04 21.23
N PHE C 240 -13.59 -37.59 20.21
CA PHE C 240 -13.71 -39.00 19.86
C PHE C 240 -13.62 -39.89 21.09
N GLU C 241 -12.61 -39.66 21.92
CA GLU C 241 -12.51 -40.39 23.18
C GLU C 241 -13.83 -40.33 23.92
N SER C 242 -14.29 -39.11 24.20
CA SER C 242 -15.50 -38.92 24.97
C SER C 242 -16.69 -39.62 24.33
N PHE C 243 -16.83 -39.52 23.02
CA PHE C 243 -17.94 -40.19 22.37
C PHE C 243 -17.87 -41.69 22.58
N GLU C 244 -16.66 -42.25 22.58
CA GLU C 244 -16.54 -43.68 22.82
C GLU C 244 -17.01 -44.00 24.23
N SER C 245 -16.50 -43.25 25.19
CA SER C 245 -16.94 -43.41 26.56
C SER C 245 -18.45 -43.45 26.63
N TYR C 246 -19.11 -42.33 26.35
CA TYR C 246 -20.56 -42.31 26.48
C TYR C 246 -21.22 -43.33 25.58
N HIS C 247 -20.51 -43.78 24.55
CA HIS C 247 -21.04 -44.84 23.71
C HIS C 247 -21.21 -46.12 24.51
N ASN C 248 -20.14 -46.62 25.09
CA ASN C 248 -20.15 -47.92 25.76
C ASN C 248 -21.06 -47.95 26.96
N LEU C 249 -21.64 -46.81 27.34
CA LEU C 249 -22.29 -46.64 28.63
C LEU C 249 -23.77 -46.32 28.44
N THR C 250 -24.44 -46.07 29.56
CA THR C 250 -25.89 -46.27 29.64
C THR C 250 -26.66 -45.23 28.85
N THR C 251 -27.84 -45.66 28.40
CA THR C 251 -28.79 -44.81 27.68
C THR C 251 -29.74 -44.10 28.62
N HIS C 252 -29.53 -44.22 29.93
CA HIS C 252 -30.23 -43.40 30.89
C HIS C 252 -29.65 -42.01 30.97
N ASN C 253 -28.35 -41.89 30.69
CA ASN C 253 -27.60 -40.67 30.87
C ASN C 253 -26.82 -40.35 29.60
N SER C 254 -25.89 -41.24 29.22
CA SER C 254 -25.00 -41.08 28.08
C SER C 254 -25.70 -41.27 26.75
N TYR C 255 -26.98 -41.60 26.75
CA TYR C 255 -27.74 -41.66 25.50
C TYR C 255 -27.54 -40.40 24.67
N GLU C 256 -27.74 -39.23 25.26
CA GLU C 256 -27.56 -37.96 24.56
C GLU C 256 -26.12 -37.53 24.57
N LYS C 257 -25.30 -38.15 25.39
CA LYS C 257 -23.93 -37.72 25.53
C LYS C 257 -23.02 -38.46 24.56
N ALA C 258 -23.55 -39.51 23.93
CA ALA C 258 -23.08 -39.90 22.62
C ALA C 258 -23.87 -39.23 21.52
N CYS C 259 -24.97 -38.55 21.86
CA CYS C 259 -25.58 -37.66 20.87
C CYS C 259 -24.82 -36.34 20.78
N GLN C 260 -24.09 -35.96 21.82
CA GLN C 260 -23.38 -34.69 21.77
C GLN C 260 -22.08 -34.82 20.99
N VAL C 261 -21.10 -35.52 21.55
CA VAL C 261 -19.78 -35.48 20.96
C VAL C 261 -19.83 -35.94 19.52
N LEU C 262 -20.93 -36.56 19.14
CA LEU C 262 -21.37 -36.57 17.76
C LEU C 262 -21.13 -35.20 17.14
N LYS C 263 -21.91 -34.25 17.67
CA LYS C 263 -21.88 -32.88 17.20
C LYS C 263 -20.44 -32.43 17.05
N TYR C 264 -19.74 -32.39 18.17
CA TYR C 264 -18.42 -31.79 18.24
C TYR C 264 -17.46 -32.42 17.25
N MET C 265 -17.31 -33.74 17.34
CA MET C 265 -16.42 -34.42 16.40
C MET C 265 -16.71 -33.93 15.01
N LEU C 266 -17.98 -33.96 14.64
CA LEU C 266 -18.27 -33.74 13.24
C LEU C 266 -18.02 -32.28 12.89
N LEU C 267 -18.37 -31.35 13.79
CA LEU C 267 -18.13 -29.93 13.53
C LEU C 267 -16.66 -29.68 13.34
N SER C 268 -15.85 -30.13 14.29
CA SER C 268 -14.41 -30.03 14.16
C SER C 268 -13.98 -30.44 12.78
N LYS C 269 -14.47 -31.60 12.32
CA LYS C 269 -14.10 -32.01 10.99
C LYS C 269 -14.60 -31.02 9.95
N ILE C 270 -15.78 -30.44 10.16
CA ILE C 270 -16.32 -29.52 9.18
C ILE C 270 -15.39 -28.33 9.02
N MET C 271 -15.13 -27.65 10.12
CA MET C 271 -14.18 -26.54 10.13
C MET C 271 -12.89 -26.94 9.44
N LEU C 272 -12.38 -28.11 9.80
CA LEU C 272 -11.20 -28.63 9.14
C LEU C 272 -11.39 -28.77 7.65
N ASN C 273 -12.63 -28.79 7.17
CA ASN C 273 -12.92 -29.01 5.77
C ASN C 273 -12.34 -30.33 5.30
N LEU C 274 -12.50 -31.38 6.10
CA LEU C 274 -12.24 -32.74 5.64
C LEU C 274 -13.57 -33.47 5.65
N ILE C 275 -14.13 -33.64 4.46
CA ILE C 275 -15.45 -34.24 4.33
C ILE C 275 -15.40 -35.76 4.27
N ASP C 276 -14.31 -36.32 3.74
CA ASP C 276 -14.16 -37.76 3.70
C ASP C 276 -14.45 -38.34 5.07
N ASP C 277 -13.79 -37.80 6.09
CA ASP C 277 -13.99 -38.29 7.44
C ASP C 277 -15.44 -38.11 7.88
N VAL C 278 -16.16 -37.15 7.31
CA VAL C 278 -17.57 -36.97 7.64
C VAL C 278 -18.41 -38.09 7.05
N LYS C 279 -18.14 -38.43 5.79
CA LYS C 279 -18.64 -39.68 5.26
C LYS C 279 -18.37 -40.81 6.23
N ASN C 280 -17.13 -40.87 6.73
CA ASN C 280 -16.77 -41.89 7.69
C ASN C 280 -17.67 -41.81 8.91
N ILE C 281 -18.11 -40.61 9.26
CA ILE C 281 -18.95 -40.48 10.43
C ILE C 281 -20.33 -41.04 10.12
N LEU C 282 -20.79 -40.92 8.89
CA LEU C 282 -22.07 -41.53 8.55
C LEU C 282 -21.81 -42.97 8.14
N ASN C 283 -22.12 -43.87 9.06
CA ASN C 283 -21.95 -45.31 8.92
C ASN C 283 -22.92 -45.97 9.90
N ALA C 284 -23.25 -47.22 9.63
CA ALA C 284 -24.31 -47.87 10.38
C ALA C 284 -24.07 -47.86 11.89
N LYS C 285 -23.08 -48.65 12.30
CA LYS C 285 -22.77 -48.83 13.71
C LYS C 285 -22.47 -47.50 14.39
N TYR C 286 -21.91 -46.54 13.67
CA TYR C 286 -21.44 -45.32 14.31
C TYR C 286 -22.58 -44.33 14.50
N THR C 287 -23.37 -44.10 13.46
CA THR C 287 -24.53 -43.21 13.53
C THR C 287 -25.83 -43.96 13.27
N LYS C 288 -25.97 -44.57 12.10
CA LYS C 288 -27.21 -45.19 11.70
C LYS C 288 -27.60 -46.36 12.57
N GLU C 289 -26.74 -46.81 13.48
CA GLU C 289 -27.19 -47.82 14.43
C GLU C 289 -28.35 -47.27 15.25
N THR C 290 -28.27 -45.99 15.59
CA THR C 290 -29.29 -45.37 16.42
C THR C 290 -29.73 -43.97 16.01
N TYR C 291 -28.77 -43.05 15.99
CA TYR C 291 -29.08 -41.64 16.19
C TYR C 291 -29.18 -40.82 14.92
N GLN C 292 -29.14 -41.46 13.75
CA GLN C 292 -29.34 -40.74 12.51
C GLN C 292 -30.65 -39.94 12.57
N SER C 293 -30.56 -38.64 12.32
CA SER C 293 -31.72 -37.75 12.33
C SER C 293 -31.31 -36.40 11.77
N ARG C 294 -32.25 -35.46 11.76
CA ARG C 294 -32.01 -34.11 11.24
C ARG C 294 -30.78 -33.48 11.87
N GLY C 295 -30.45 -33.83 13.11
CA GLY C 295 -29.20 -33.38 13.66
C GLY C 295 -28.06 -33.80 12.77
N ILE C 296 -28.12 -35.01 12.26
CA ILE C 296 -27.01 -35.52 11.50
C ILE C 296 -26.99 -34.87 10.14
N ASP C 297 -27.90 -35.26 9.26
CA ASP C 297 -27.88 -34.68 7.92
C ASP C 297 -27.96 -33.16 7.99
N ALA C 298 -28.36 -32.62 9.13
CA ALA C 298 -28.10 -31.23 9.40
C ALA C 298 -26.63 -31.03 9.23
N MET C 299 -25.89 -31.52 10.20
CA MET C 299 -24.48 -31.19 10.28
C MET C 299 -23.77 -31.55 8.99
N LYS C 300 -24.11 -32.70 8.44
CA LYS C 300 -23.68 -33.12 7.11
C LYS C 300 -23.96 -32.04 6.09
N ALA C 301 -25.24 -31.91 5.75
CA ALA C 301 -25.66 -31.13 4.59
C ALA C 301 -25.09 -29.72 4.67
N VAL C 302 -25.07 -29.16 5.87
CA VAL C 302 -24.33 -27.93 6.08
C VAL C 302 -22.89 -28.10 5.60
N ALA C 303 -22.20 -29.11 6.11
CA ALA C 303 -20.79 -29.24 5.79
C ALA C 303 -20.57 -29.29 4.28
N GLU C 304 -21.26 -30.21 3.59
CA GLU C 304 -20.98 -30.28 2.18
C GLU C 304 -21.45 -29.04 1.45
N ALA C 305 -22.40 -28.31 2.04
CA ALA C 305 -22.69 -26.99 1.51
C ALA C 305 -21.45 -26.13 1.57
N TYR C 306 -20.65 -26.29 2.63
CA TYR C 306 -19.40 -25.58 2.70
C TYR C 306 -18.46 -26.05 1.60
N ASN C 307 -18.28 -27.37 1.47
CA ASN C 307 -17.43 -27.88 0.41
C ASN C 307 -17.84 -27.33 -0.93
N ASN C 308 -19.14 -27.26 -1.17
CA ASN C 308 -19.71 -26.85 -2.43
C ASN C 308 -19.61 -25.35 -2.64
N ARG C 309 -19.47 -24.58 -1.57
CA ARG C 309 -19.32 -23.13 -1.68
C ARG C 309 -20.56 -22.48 -2.28
N SER C 310 -21.73 -22.92 -1.85
CA SER C 310 -22.91 -22.16 -2.18
C SER C 310 -23.52 -21.69 -0.89
N LEU C 311 -24.02 -20.47 -0.89
CA LEU C 311 -24.64 -20.04 0.34
C LEU C 311 -26.14 -20.20 0.34
N LEU C 312 -26.76 -20.49 -0.79
CA LEU C 312 -28.19 -20.69 -0.73
C LEU C 312 -28.51 -22.03 -0.09
N ASP C 313 -27.70 -23.03 -0.38
CA ASP C 313 -27.81 -24.31 0.30
C ASP C 313 -27.17 -24.25 1.67
N PHE C 314 -26.16 -23.40 1.85
CA PHE C 314 -25.65 -23.28 3.19
C PHE C 314 -26.73 -22.72 4.09
N ASN C 315 -27.30 -21.61 3.69
CA ASN C 315 -28.45 -21.05 4.36
C ASN C 315 -29.52 -22.10 4.53
N THR C 316 -30.21 -22.38 3.43
CA THR C 316 -31.42 -23.19 3.48
C THR C 316 -31.14 -24.50 4.21
N ALA C 317 -30.06 -25.16 3.83
CA ALA C 317 -29.60 -26.34 4.52
C ALA C 317 -29.18 -26.06 5.95
N LEU C 318 -29.17 -24.80 6.40
CA LEU C 318 -29.41 -24.62 7.82
C LEU C 318 -30.84 -24.27 8.13
N LYS C 319 -31.65 -23.90 7.13
CA LYS C 319 -33.00 -23.42 7.44
C LYS C 319 -33.88 -24.57 7.88
N GLN C 320 -33.88 -25.66 7.12
CA GLN C 320 -34.60 -26.84 7.52
C GLN C 320 -34.06 -27.45 8.80
N TYR C 321 -32.84 -27.11 9.19
CA TYR C 321 -32.25 -27.59 10.44
C TYR C 321 -32.28 -26.58 11.56
N GLU C 322 -32.89 -25.41 11.36
CA GLU C 322 -32.77 -24.34 12.33
C GLU C 322 -33.24 -24.74 13.71
N LYS C 323 -33.90 -25.88 13.84
CA LYS C 323 -34.25 -26.41 15.14
C LYS C 323 -33.12 -27.19 15.81
N GLU C 324 -32.14 -27.67 15.04
CA GLU C 324 -30.89 -28.02 15.69
C GLU C 324 -30.04 -26.78 15.88
N LEU C 325 -30.10 -25.85 14.92
CA LEU C 325 -29.50 -24.54 15.16
C LEU C 325 -29.89 -24.04 16.53
N MET C 326 -31.19 -24.12 16.85
CA MET C 326 -31.67 -23.74 18.16
C MET C 326 -31.06 -24.61 19.25
N GLY C 327 -30.32 -25.64 18.89
CA GLY C 327 -29.67 -26.50 19.86
C GLY C 327 -28.57 -25.85 20.68
N ASP C 328 -27.52 -25.34 20.04
CA ASP C 328 -26.35 -24.93 20.79
C ASP C 328 -25.74 -23.67 20.22
N GLU C 329 -25.30 -22.80 21.12
CA GLU C 329 -24.56 -21.60 20.75
C GLU C 329 -23.17 -21.93 20.25
N LEU C 330 -22.62 -23.07 20.65
CA LEU C 330 -21.36 -23.50 20.10
C LEU C 330 -21.54 -23.85 18.64
N THR C 331 -22.46 -24.78 18.40
CA THR C 331 -22.93 -25.10 17.08
C THR C 331 -23.17 -23.80 16.35
N ARG C 332 -24.18 -23.07 16.82
CA ARG C 332 -24.63 -21.86 16.16
C ARG C 332 -23.47 -20.95 15.80
N SER C 333 -22.64 -20.67 16.79
CA SER C 333 -21.51 -19.80 16.59
C SER C 333 -20.70 -20.33 15.43
N HIS C 334 -20.04 -21.44 15.65
CA HIS C 334 -19.07 -21.89 14.68
C HIS C 334 -19.67 -22.01 13.30
N PHE C 335 -20.97 -22.21 13.20
CA PHE C 335 -21.54 -22.05 11.88
C PHE C 335 -21.67 -20.61 11.49
N ASN C 336 -21.76 -19.70 12.43
CA ASN C 336 -21.86 -18.33 11.98
C ASN C 336 -20.51 -17.80 11.58
N ALA C 337 -19.49 -18.13 12.35
CA ALA C 337 -18.15 -17.85 11.89
C ALA C 337 -18.00 -18.45 10.52
N LEU C 338 -17.96 -19.77 10.48
CA LEU C 338 -17.69 -20.45 9.22
C LEU C 338 -18.52 -19.87 8.10
N TYR C 339 -19.78 -19.56 8.39
CA TYR C 339 -20.61 -18.95 7.38
C TYR C 339 -19.96 -17.71 6.86
N ASP C 340 -19.67 -16.78 7.73
CA ASP C 340 -18.94 -15.61 7.32
C ASP C 340 -17.72 -15.96 6.47
N THR C 341 -16.75 -16.63 7.08
CA THR C 341 -15.51 -16.83 6.37
C THR C 341 -15.69 -17.64 5.12
N LEU C 342 -16.86 -18.16 4.89
CA LEU C 342 -17.18 -18.59 3.56
C LEU C 342 -17.55 -17.40 2.70
N LEU C 343 -18.33 -16.50 3.28
CA LEU C 343 -18.85 -15.39 2.50
C LEU C 343 -17.72 -14.52 1.99
N GLU C 344 -16.67 -14.35 2.77
CA GLU C 344 -15.54 -13.64 2.23
C GLU C 344 -15.08 -14.33 0.98
N SER C 345 -14.51 -15.51 1.16
CA SER C 345 -13.85 -16.20 0.08
C SER C 345 -14.69 -16.10 -1.15
N ASN C 346 -15.99 -16.31 -1.03
CA ASN C 346 -16.77 -16.20 -2.24
C ASN C 346 -16.79 -14.78 -2.75
N LEU C 347 -16.79 -13.78 -1.89
CA LEU C 347 -16.73 -12.44 -2.42
C LEU C 347 -15.39 -12.19 -3.09
N CYS C 348 -14.31 -12.31 -2.34
CA CYS C 348 -13.03 -11.98 -2.90
C CYS C 348 -12.71 -12.82 -4.10
N LYS C 349 -13.45 -13.87 -4.36
CA LYS C 349 -13.34 -14.45 -5.68
C LYS C 349 -14.20 -13.73 -6.69
N ILE C 350 -15.42 -13.37 -6.32
CA ILE C 350 -16.25 -12.85 -7.39
C ILE C 350 -15.85 -11.46 -7.78
N ILE C 351 -15.19 -10.72 -6.91
CA ILE C 351 -14.84 -9.37 -7.27
C ILE C 351 -13.46 -9.23 -7.87
N GLU C 352 -12.63 -10.25 -7.83
CA GLU C 352 -11.25 -9.97 -8.26
C GLU C 352 -11.16 -9.66 -9.75
N PRO C 353 -11.68 -10.46 -10.66
CA PRO C 353 -11.46 -10.18 -12.06
C PRO C 353 -12.19 -8.98 -12.51
N PHE C 354 -13.15 -8.50 -11.75
CA PHE C 354 -13.80 -7.25 -12.05
C PHE C 354 -13.00 -6.08 -11.58
N GLU C 355 -13.24 -4.97 -12.22
CA GLU C 355 -12.92 -3.71 -11.59
C GLU C 355 -13.98 -2.72 -12.01
N CYS C 356 -14.57 -2.03 -11.05
CA CYS C 356 -15.72 -1.15 -11.24
C CYS C 356 -16.95 -1.92 -11.69
N VAL C 357 -17.47 -2.71 -10.79
CA VAL C 357 -18.63 -3.55 -11.08
C VAL C 357 -19.82 -3.10 -10.26
N GLU C 358 -20.99 -3.10 -10.85
CA GLU C 358 -22.10 -2.66 -10.06
C GLU C 358 -22.50 -3.75 -9.08
N ILE C 359 -23.19 -3.35 -8.04
CA ILE C 359 -23.30 -4.31 -6.96
C ILE C 359 -24.39 -5.30 -7.23
N SER C 360 -25.46 -4.87 -7.88
CA SER C 360 -26.53 -5.79 -8.17
C SER C 360 -25.95 -7.07 -8.70
N HIS C 361 -24.99 -6.92 -9.59
CA HIS C 361 -24.38 -8.07 -10.20
C HIS C 361 -23.79 -9.00 -9.16
N ILE C 362 -22.87 -8.47 -8.37
CA ILE C 362 -22.28 -9.29 -7.32
C ILE C 362 -23.35 -10.01 -6.55
N SER C 363 -24.45 -9.33 -6.26
CA SER C 363 -25.53 -10.06 -5.62
C SER C 363 -25.92 -11.29 -6.41
N LYS C 364 -26.57 -11.05 -7.55
CA LYS C 364 -27.19 -12.17 -8.25
C LYS C 364 -26.19 -13.26 -8.55
N ILE C 365 -24.92 -12.92 -8.66
CA ILE C 365 -23.91 -13.97 -8.74
C ILE C 365 -23.86 -14.72 -7.43
N ILE C 366 -23.60 -14.02 -6.35
CA ILE C 366 -23.48 -14.71 -5.09
C ILE C 366 -24.85 -15.11 -4.58
N GLY C 367 -25.91 -14.50 -5.09
CA GLY C 367 -27.24 -14.88 -4.71
C GLY C 367 -27.74 -14.26 -3.43
N LEU C 368 -26.87 -13.67 -2.65
CA LEU C 368 -27.30 -13.04 -1.42
C LEU C 368 -28.01 -11.72 -1.73
N ASP C 369 -28.74 -11.20 -0.76
CA ASP C 369 -29.29 -9.86 -0.91
C ASP C 369 -28.19 -8.83 -1.01
N THR C 370 -28.48 -7.77 -1.76
CA THR C 370 -27.51 -6.70 -1.91
C THR C 370 -27.14 -6.16 -0.56
N GLN C 371 -28.07 -5.46 0.07
CA GLN C 371 -27.79 -4.75 1.29
C GLN C 371 -26.97 -5.61 2.25
N GLN C 372 -27.27 -6.89 2.29
CA GLN C 372 -26.36 -7.80 2.98
C GLN C 372 -24.96 -7.73 2.41
N VAL C 373 -24.84 -7.73 1.09
CA VAL C 373 -23.52 -7.52 0.52
C VAL C 373 -22.96 -6.20 1.04
N GLU C 374 -23.55 -5.08 0.64
CA GLU C 374 -22.96 -3.79 0.96
C GLU C 374 -22.48 -3.70 2.38
N GLY C 375 -23.24 -4.26 3.31
CA GLY C 375 -22.71 -4.41 4.64
C GLY C 375 -21.47 -5.26 4.67
N LYS C 376 -21.46 -6.32 3.87
CA LYS C 376 -20.30 -7.20 3.92
C LYS C 376 -19.10 -6.58 3.24
N LEU C 377 -19.26 -6.11 2.02
CA LEU C 377 -18.13 -5.41 1.42
C LEU C 377 -17.66 -4.36 2.38
N SER C 378 -18.54 -3.45 2.76
CA SER C 378 -18.10 -2.35 3.60
C SER C 378 -17.23 -2.86 4.72
N GLN C 379 -17.70 -3.85 5.42
CA GLN C 379 -16.82 -4.45 6.42
C GLN C 379 -15.52 -4.94 5.83
N MET C 380 -15.50 -5.38 4.59
CA MET C 380 -14.21 -5.82 4.09
C MET C 380 -13.32 -4.64 3.74
N ILE C 381 -13.84 -3.72 2.92
CA ILE C 381 -13.16 -2.52 2.47
C ILE C 381 -12.48 -1.89 3.65
N LEU C 382 -13.20 -1.83 4.73
CA LEU C 382 -12.77 -1.17 5.94
C LEU C 382 -11.88 -2.02 6.79
N ASP C 383 -11.74 -3.29 6.50
CA ASP C 383 -10.78 -4.10 7.22
C ASP C 383 -9.48 -4.17 6.50
N LYS C 384 -9.28 -3.35 5.49
CA LYS C 384 -8.04 -3.32 4.74
C LYS C 384 -7.86 -4.57 3.95
N ILE C 385 -8.80 -5.49 4.00
CA ILE C 385 -8.61 -6.71 3.26
C ILE C 385 -8.35 -6.43 1.79
N PHE C 386 -9.31 -5.95 1.01
CA PHE C 386 -8.99 -5.80 -0.40
C PHE C 386 -8.90 -4.43 -1.07
N TYR C 387 -9.04 -3.30 -0.38
CA TYR C 387 -8.85 -2.02 -1.07
C TYR C 387 -9.73 -1.60 -2.23
N GLY C 388 -10.96 -1.17 -2.02
CA GLY C 388 -11.67 -0.46 -3.06
C GLY C 388 -12.67 0.45 -2.40
N VAL C 389 -13.51 1.09 -3.20
CA VAL C 389 -14.49 1.98 -2.61
C VAL C 389 -15.82 1.74 -3.27
N LEU C 390 -16.86 1.82 -2.48
CA LEU C 390 -18.21 1.68 -2.98
C LEU C 390 -18.74 3.06 -3.28
N ASP C 391 -19.26 3.21 -4.46
CA ASP C 391 -19.99 4.37 -4.88
C ASP C 391 -21.44 3.98 -4.79
N GLN C 392 -22.13 4.45 -3.78
CA GLN C 392 -23.54 4.09 -3.76
C GLN C 392 -24.35 4.96 -4.66
N GLY C 393 -23.79 6.08 -5.09
CA GLY C 393 -24.50 6.90 -6.03
C GLY C 393 -24.90 6.10 -7.24
N ASN C 394 -23.94 5.44 -7.86
CA ASN C 394 -24.23 4.71 -9.08
C ASN C 394 -24.39 3.22 -8.86
N GLY C 395 -24.33 2.76 -7.64
CA GLY C 395 -24.47 1.34 -7.41
C GLY C 395 -23.22 0.57 -7.68
N TRP C 396 -22.07 1.22 -7.68
CA TRP C 396 -20.86 0.63 -8.19
C TRP C 396 -19.89 0.28 -7.09
N LEU C 397 -19.06 -0.69 -7.39
CA LEU C 397 -17.94 -1.05 -6.57
C LEU C 397 -16.67 -0.91 -7.36
N TYR C 398 -15.79 -0.01 -6.93
CA TYR C 398 -14.48 0.07 -7.52
C TYR C 398 -13.50 -0.77 -6.75
N VAL C 399 -12.65 -1.48 -7.45
CA VAL C 399 -11.53 -2.16 -6.82
C VAL C 399 -10.26 -1.46 -7.20
N TYR C 400 -9.29 -1.47 -6.31
CA TYR C 400 -7.97 -0.97 -6.60
C TYR C 400 -6.95 -2.07 -6.42
N GLU C 401 -5.85 -1.94 -7.15
CA GLU C 401 -4.69 -2.79 -6.94
C GLU C 401 -4.13 -2.62 -5.55
N THR C 402 -3.63 -1.43 -5.25
CA THR C 402 -2.86 -1.14 -4.06
C THR C 402 -3.34 0.19 -3.52
N PRO C 403 -3.04 0.49 -2.26
CA PRO C 403 -3.45 1.78 -1.72
C PRO C 403 -3.00 2.88 -2.63
N ASN C 404 -3.92 3.77 -3.01
CA ASN C 404 -3.45 4.89 -3.81
C ASN C 404 -2.56 5.80 -3.00
N GLN C 405 -2.84 5.93 -1.72
CA GLN C 405 -2.12 6.87 -0.87
C GLN C 405 -0.64 6.70 -0.91
N ASP C 406 0.07 7.77 -1.21
CA ASP C 406 1.50 7.70 -1.25
C ASP C 406 2.04 7.93 0.15
N ALA C 407 3.08 7.17 0.50
CA ALA C 407 3.66 7.33 1.82
C ALA C 407 4.44 8.61 1.91
N THR C 408 5.31 8.82 0.93
CA THR C 408 6.05 10.05 0.83
C THR C 408 5.20 11.25 1.13
N TYR C 409 4.25 11.51 0.25
CA TYR C 409 3.40 12.65 0.43
C TYR C 409 2.91 12.77 1.83
N ASP C 410 2.55 11.66 2.44
CA ASP C 410 2.14 11.79 3.82
C ASP C 410 3.24 12.40 4.65
N SER C 411 4.45 11.87 4.54
CA SER C 411 5.47 12.40 5.42
C SER C 411 5.77 13.84 5.10
N ALA C 412 5.57 14.27 3.86
CA ALA C 412 5.58 15.70 3.62
C ALA C 412 4.55 16.38 4.48
N LEU C 413 3.34 15.85 4.48
CA LEU C 413 2.28 16.49 5.23
C LEU C 413 2.55 16.54 6.71
N GLU C 414 3.39 15.67 7.21
CA GLU C 414 3.75 15.83 8.61
C GLU C 414 4.81 16.90 8.77
N LEU C 415 5.81 16.83 7.93
CA LEU C 415 6.90 17.78 8.00
C LEU C 415 6.35 19.19 8.06
N VAL C 416 5.47 19.51 7.14
CA VAL C 416 4.89 20.85 7.16
C VAL C 416 4.29 21.18 8.51
N GLY C 417 3.68 20.22 9.16
CA GLY C 417 3.13 20.56 10.46
C GLY C 417 4.22 20.94 11.43
N GLN C 418 5.14 20.02 11.67
CA GLN C 418 6.19 20.27 12.65
C GLN C 418 6.85 21.60 12.39
N LEU C 419 7.28 21.83 11.15
CA LEU C 419 7.77 23.14 10.79
C LEU C 419 6.85 24.21 11.31
N ASN C 420 5.63 24.21 10.81
CA ASN C 420 4.70 25.28 11.09
C ASN C 420 4.61 25.60 12.57
N LYS C 421 4.92 24.65 13.42
CA LYS C 421 5.10 24.99 14.82
C LYS C 421 6.44 25.69 15.05
N VAL C 422 7.51 25.08 14.55
CA VAL C 422 8.84 25.62 14.78
C VAL C 422 8.90 27.07 14.41
N VAL C 423 8.31 27.44 13.29
CA VAL C 423 8.31 28.83 12.92
C VAL C 423 7.76 29.69 14.04
N ASP C 424 6.64 29.26 14.60
CA ASP C 424 6.04 30.03 15.68
C ASP C 424 7.04 30.26 16.79
N GLN C 425 7.80 29.22 17.13
CA GLN C 425 8.73 29.40 18.23
C GLN C 425 9.89 30.29 17.83
N LEU C 426 10.49 30.04 16.66
CA LEU C 426 11.53 30.92 16.17
C LEU C 426 11.08 32.35 16.38
N PHE C 427 10.01 32.71 15.70
CA PHE C 427 9.60 34.09 15.75
C PHE C 427 9.31 34.54 17.16
N GLU C 428 8.84 33.65 18.00
CA GLU C 428 8.76 34.02 19.40
C GLU C 428 10.08 34.57 19.90
N LYS C 429 11.19 33.95 19.50
CA LYS C 429 12.46 34.47 20.00
C LYS C 429 12.66 35.95 19.70
N ALA C 430 12.00 36.46 18.68
CA ALA C 430 12.22 37.83 18.29
C ALA C 430 11.98 38.76 19.48
N SER C 431 13.01 39.56 19.76
CA SER C 431 13.04 40.45 20.89
C SER C 431 13.13 41.85 20.36
N VAL D 21 -10.19 5.45 54.82
CA VAL D 21 -9.08 5.29 53.92
C VAL D 21 -8.91 6.51 52.97
N PRO D 22 -9.96 7.33 52.76
CA PRO D 22 -11.36 7.45 53.12
C PRO D 22 -12.06 6.33 52.49
N ASN D 23 -13.30 6.05 52.85
CA ASN D 23 -14.06 5.10 52.07
C ASN D 23 -14.84 5.92 51.04
N TYR D 24 -14.42 5.79 49.80
CA TYR D 24 -14.75 6.80 48.81
C TYR D 24 -16.22 6.77 48.45
N GLU D 25 -16.80 5.59 48.34
CA GLU D 25 -18.07 5.41 47.64
C GLU D 25 -19.12 6.41 48.06
N VAL D 26 -19.10 6.82 49.33
CA VAL D 26 -20.08 7.78 49.81
C VAL D 26 -20.09 9.03 48.92
N SER D 27 -18.92 9.57 48.64
CA SER D 27 -18.78 10.69 47.73
C SER D 27 -19.56 10.46 46.46
N GLU D 28 -19.38 9.30 45.85
CA GLU D 28 -20.15 8.94 44.67
C GLU D 28 -21.63 9.08 44.96
N LYS D 29 -22.11 8.38 45.98
CA LYS D 29 -23.46 8.63 46.43
C LYS D 29 -23.66 10.11 46.62
N ALA D 30 -22.72 10.76 47.30
CA ALA D 30 -22.76 12.20 47.40
C ALA D 30 -22.89 12.83 46.03
N PHE D 31 -21.95 12.52 45.14
CA PHE D 31 -22.06 13.01 43.78
C PHE D 31 -23.46 12.77 43.27
N LEU D 32 -23.92 11.54 43.41
CA LEU D 32 -25.17 11.15 42.80
C LEU D 32 -26.27 12.13 43.12
N LEU D 33 -26.16 12.82 44.24
CA LEU D 33 -27.29 13.60 44.72
C LEU D 33 -27.53 14.81 43.88
N THR D 34 -26.45 15.46 43.43
CA THR D 34 -26.60 16.79 42.84
C THR D 34 -27.43 16.76 41.58
N GLN D 35 -26.99 16.03 40.57
CA GLN D 35 -27.48 16.24 39.21
C GLN D 35 -28.95 15.88 39.13
N SER D 36 -29.74 16.83 38.66
CA SER D 36 -31.17 16.62 38.50
C SER D 36 -31.49 15.52 37.51
N LYS D 37 -30.57 15.24 36.59
CA LYS D 37 -30.91 14.44 35.42
C LYS D 37 -31.59 13.13 35.75
N VAL D 38 -31.09 12.43 36.77
CA VAL D 38 -31.21 10.99 36.75
C VAL D 38 -31.68 10.47 38.09
N SER D 39 -32.70 9.62 38.04
CA SER D 39 -32.90 8.59 39.05
C SER D 39 -32.96 9.19 40.45
N ILE D 40 -33.57 10.36 40.53
CA ILE D 40 -33.75 11.03 41.80
C ILE D 40 -34.32 10.06 42.81
N GLU D 41 -35.20 9.18 42.35
CA GLU D 41 -35.64 8.07 43.15
C GLU D 41 -34.47 7.26 43.70
N GLN D 42 -33.58 6.75 42.85
CA GLN D 42 -32.59 5.83 43.38
C GLN D 42 -31.55 6.57 44.19
N ARG D 43 -31.22 7.78 43.77
CA ARG D 43 -30.23 8.52 44.53
C ARG D 43 -30.72 8.87 45.92
N LYS D 44 -32.00 8.68 46.21
CA LYS D 44 -32.41 8.69 47.60
C LYS D 44 -31.78 7.53 48.33
N GLU D 45 -31.85 6.33 47.76
CA GLU D 45 -31.16 5.20 48.35
C GLU D 45 -29.68 5.50 48.48
N ALA D 46 -29.11 6.15 47.48
CA ALA D 46 -27.76 6.66 47.64
C ALA D 46 -27.64 7.45 48.94
N ALA D 47 -28.51 8.44 49.11
CA ALA D 47 -28.46 9.29 50.30
C ALA D 47 -28.44 8.45 51.56
N GLU D 48 -29.37 7.50 51.64
CA GLU D 48 -29.43 6.62 52.79
C GLU D 48 -28.08 5.99 53.06
N PHE D 49 -27.46 5.45 52.01
CA PHE D 49 -26.08 4.99 52.15
C PHE D 49 -25.21 6.07 52.76
N VAL D 50 -25.43 7.31 52.35
CA VAL D 50 -24.59 8.39 52.83
C VAL D 50 -24.73 8.53 54.34
N LEU D 51 -25.97 8.73 54.81
CA LEU D 51 -26.19 8.80 56.25
C LEU D 51 -25.52 7.66 56.95
N ALA D 52 -25.67 6.46 56.40
CA ALA D 52 -25.01 5.29 56.96
C ALA D 52 -23.54 5.53 57.22
N LYS D 53 -22.77 5.80 56.16
CA LYS D 53 -21.35 5.98 56.39
C LYS D 53 -21.03 7.26 57.14
N ILE D 54 -21.97 8.21 57.18
CA ILE D 54 -21.82 9.34 58.08
C ILE D 54 -21.67 8.84 59.49
N LYS D 55 -22.66 8.10 59.96
CA LYS D 55 -22.66 7.71 61.35
C LYS D 55 -21.57 6.69 61.62
N GLU D 56 -21.45 5.71 60.75
CA GLU D 56 -20.41 4.70 60.93
C GLU D 56 -19.05 5.34 61.05
N GLU D 57 -18.54 5.85 59.95
CA GLU D 57 -17.32 6.64 60.01
C GLU D 57 -17.77 8.06 60.20
N GLU D 58 -17.59 8.58 61.41
CA GLU D 58 -18.25 9.81 61.79
C GLU D 58 -17.65 10.93 60.99
N MET D 59 -18.45 11.60 60.18
CA MET D 59 -17.87 12.54 59.25
C MET D 59 -18.45 13.88 59.66
N ALA D 60 -17.72 14.59 60.47
CA ALA D 60 -18.26 15.88 60.85
C ALA D 60 -17.99 16.92 59.78
N PRO D 61 -16.73 17.20 59.45
CA PRO D 61 -16.48 18.36 58.60
C PRO D 61 -17.03 18.13 57.24
N TYR D 62 -16.85 16.92 56.75
CA TYR D 62 -17.42 16.56 55.48
C TYR D 62 -18.94 16.60 55.56
N TYR D 63 -19.52 16.48 56.75
CA TYR D 63 -20.97 16.57 56.84
C TYR D 63 -21.44 17.95 56.42
N LYS D 64 -21.00 18.98 57.14
CA LYS D 64 -21.37 20.32 56.73
C LYS D 64 -20.94 20.55 55.30
N TYR D 65 -19.78 20.02 54.93
CA TYR D 65 -19.30 20.13 53.57
C TYR D 65 -20.34 19.64 52.59
N LEU D 66 -21.17 18.69 53.00
CA LEU D 66 -22.30 18.33 52.17
C LEU D 66 -23.46 19.30 52.36
N CYS D 67 -23.57 19.88 53.55
CA CYS D 67 -24.72 20.72 53.84
C CYS D 67 -24.76 21.97 52.99
N GLU D 68 -23.68 22.28 52.27
CA GLU D 68 -23.69 23.31 51.25
C GLU D 68 -24.05 22.77 49.87
N GLU D 69 -23.99 21.46 49.68
CA GLU D 69 -24.16 20.84 48.37
C GLU D 69 -25.60 20.83 47.88
N TYR D 70 -26.56 21.07 48.78
CA TYR D 70 -27.97 20.89 48.47
C TYR D 70 -28.34 21.83 47.32
N LEU D 71 -28.34 23.14 47.57
CA LEU D 71 -28.90 24.13 46.66
C LEU D 71 -27.94 24.58 45.58
N VAL D 72 -26.76 23.97 45.49
CA VAL D 72 -25.81 24.26 44.43
C VAL D 72 -25.20 25.63 44.66
N LYS D 93 -31.08 16.08 55.28
CA LYS D 93 -31.35 17.24 56.12
C LYS D 93 -30.19 17.48 57.08
N PHE D 94 -30.12 18.70 57.61
CA PHE D 94 -29.03 19.06 58.52
C PHE D 94 -29.50 19.42 59.93
N ASP D 95 -28.91 18.75 60.93
CA ASP D 95 -29.22 19.00 62.33
C ASP D 95 -27.95 19.29 63.12
N GLN D 96 -27.97 20.37 63.90
CA GLN D 96 -26.81 20.77 64.70
C GLN D 96 -26.44 19.72 65.76
N GLU D 97 -27.47 19.15 66.39
CA GLU D 97 -27.25 18.15 67.43
C GLU D 97 -26.57 16.92 66.88
N LEU D 98 -26.98 16.50 65.69
CA LEU D 98 -26.39 15.33 65.05
C LEU D 98 -24.92 15.61 64.81
N TYR D 99 -24.64 16.85 64.41
CA TYR D 99 -23.28 17.28 64.12
C TYR D 99 -22.35 17.25 65.34
N ASN D 100 -22.86 17.66 66.48
CA ASN D 100 -22.05 17.70 67.70
C ASN D 100 -21.52 16.34 68.17
N GLU D 101 -22.37 15.33 68.10
CA GLU D 101 -21.97 13.99 68.52
C GLU D 101 -20.70 13.62 67.77
N LEU D 102 -20.87 13.42 66.47
CA LEU D 102 -19.79 13.07 65.59
C LEU D 102 -18.55 13.85 65.97
N CYS D 103 -18.69 15.16 66.18
CA CYS D 103 -17.53 15.96 66.56
C CYS D 103 -16.98 15.52 67.91
N LYS D 104 -17.80 15.61 68.95
CA LYS D 104 -17.27 15.38 70.28
C LYS D 104 -16.74 13.97 70.41
N LYS D 105 -17.37 13.02 69.74
CA LYS D 105 -16.74 11.72 69.59
C LYS D 105 -15.42 11.84 68.86
N ASN D 106 -15.30 12.80 67.95
CA ASN D 106 -14.02 12.99 67.30
C ASN D 106 -13.01 13.61 68.23
N GLU D 107 -13.48 14.26 69.28
CA GLU D 107 -12.61 14.88 70.26
C GLU D 107 -12.11 13.82 71.21
N SER D 108 -13.03 12.95 71.64
CA SER D 108 -12.69 11.82 72.49
C SER D 108 -11.78 10.86 71.75
N LYS D 109 -12.15 10.56 70.51
CA LYS D 109 -11.35 9.62 69.74
C LYS D 109 -10.01 10.24 69.36
N ILE D 110 -10.05 11.43 68.79
CA ILE D 110 -8.79 12.07 68.43
C ILE D 110 -7.91 12.16 69.65
N LYS D 111 -8.54 12.35 70.81
CA LYS D 111 -7.83 12.51 72.07
C LYS D 111 -6.76 11.46 72.23
N GLU D 112 -7.07 10.24 71.82
CA GLU D 112 -6.18 9.13 72.05
C GLU D 112 -4.84 9.42 71.43
N LEU D 113 -4.77 9.40 70.09
CA LEU D 113 -3.51 9.64 69.41
C LEU D 113 -2.96 11.01 69.75
N ASN D 114 -3.84 11.97 70.08
CA ASN D 114 -3.38 13.23 70.61
C ASN D 114 -2.39 12.98 71.73
N GLU D 115 -2.77 12.09 72.65
CA GLU D 115 -1.98 11.83 73.84
C GLU D 115 -0.88 10.82 73.57
N LYS D 116 -1.13 9.89 72.66
CA LYS D 116 -0.15 8.90 72.29
C LYS D 116 1.02 9.54 71.59
N ILE D 117 0.83 10.75 71.06
CA ILE D 117 1.98 11.56 70.67
C ILE D 117 3.01 11.54 71.78
N GLN D 118 2.56 11.75 73.01
CA GLN D 118 3.45 11.59 74.15
C GLN D 118 4.21 10.28 74.09
N LYS D 119 3.51 9.23 73.68
CA LYS D 119 4.16 7.94 73.60
C LYS D 119 5.15 7.91 72.47
N LEU D 120 4.97 8.81 71.50
CA LEU D 120 5.88 8.89 70.37
C LEU D 120 7.17 9.60 70.78
N GLU D 121 7.04 10.78 71.37
CA GLU D 121 8.22 11.52 71.79
C GLU D 121 8.96 10.80 72.89
N GLU D 122 8.24 10.15 73.81
CA GLU D 122 8.96 9.29 74.74
C GLU D 122 9.48 8.05 74.04
N ASP D 123 8.93 7.72 72.87
CA ASP D 123 9.17 6.42 72.29
C ASP D 123 10.62 6.26 71.85
N ASP D 124 11.25 5.19 72.36
CA ASP D 124 12.66 4.87 72.20
C ASP D 124 13.04 4.84 70.72
N GLU D 125 12.52 3.86 70.00
CA GLU D 125 12.47 3.93 68.55
C GLU D 125 11.03 4.31 68.26
N GLY D 126 10.79 5.58 68.04
CA GLY D 126 9.53 5.95 67.43
C GLY D 126 9.84 6.35 66.03
N GLU D 127 11.12 6.60 65.77
CA GLU D 127 11.53 7.06 64.45
C GLU D 127 10.89 6.22 63.39
N LEU D 128 10.84 4.92 63.62
CA LEU D 128 9.97 4.08 62.85
C LEU D 128 8.54 4.16 63.38
N GLU D 129 8.38 4.22 64.70
CA GLU D 129 7.07 4.10 65.32
C GLU D 129 6.29 5.41 65.41
N GLN D 130 6.94 6.54 65.74
CA GLN D 130 6.18 7.75 66.03
C GLN D 130 5.14 8.01 64.97
N ALA D 131 5.60 8.30 63.76
CA ALA D 131 4.69 8.74 62.71
C ALA D 131 3.50 7.82 62.58
N GLN D 132 3.66 6.55 62.97
CA GLN D 132 2.57 5.59 62.91
C GLN D 132 1.31 6.15 63.55
N ALA D 133 1.38 6.44 64.84
CA ALA D 133 0.26 7.10 65.48
C ALA D 133 -0.14 8.33 64.69
N TRP D 134 0.85 9.18 64.37
CA TRP D 134 0.64 10.31 63.49
C TRP D 134 -0.12 9.89 62.25
N ILE D 135 0.43 8.89 61.56
CA ILE D 135 -0.27 8.29 60.44
C ILE D 135 -1.72 8.05 60.82
N ASN D 136 -1.92 7.18 61.79
CA ASN D 136 -3.26 6.92 62.29
C ASN D 136 -3.94 8.19 62.74
N LEU D 137 -3.19 9.10 63.34
CA LEU D 137 -3.73 10.41 63.66
C LEU D 137 -4.26 11.08 62.40
N GLY D 138 -3.39 11.27 61.41
CA GLY D 138 -3.80 11.97 60.21
C GLY D 138 -4.78 11.17 59.41
N GLU D 139 -4.51 9.87 59.27
CA GLU D 139 -5.53 8.97 58.74
C GLU D 139 -6.84 9.21 59.44
N TYR D 140 -6.80 9.46 60.74
CA TYR D 140 -8.04 9.67 61.45
C TYR D 140 -8.79 10.86 60.90
N TYR D 141 -8.06 11.94 60.64
CA TYR D 141 -8.63 13.04 59.86
C TYR D 141 -9.21 12.54 58.56
N ALA D 142 -8.44 11.71 57.84
CA ALA D 142 -8.97 10.98 56.71
C ALA D 142 -10.18 10.17 57.13
N GLN D 143 -10.04 9.42 58.22
CA GLN D 143 -11.21 8.81 58.84
C GLN D 143 -12.35 9.80 58.95
N ILE D 144 -12.04 11.04 59.32
CA ILE D 144 -13.07 12.06 59.42
C ILE D 144 -13.16 12.86 58.15
N GLY D 145 -12.30 12.59 57.19
CA GLY D 145 -12.36 13.32 55.95
C GLY D 145 -12.26 14.81 56.18
N ASP D 146 -11.21 15.26 56.86
CA ASP D 146 -10.90 16.69 56.95
C ASP D 146 -9.53 16.88 56.34
N LYS D 147 -9.50 17.52 55.17
CA LYS D 147 -8.32 17.48 54.32
C LYS D 147 -7.12 18.13 54.97
N ASP D 148 -7.25 19.42 55.24
CA ASP D 148 -6.13 20.23 55.71
C ASP D 148 -5.42 19.58 56.88
N ASN D 149 -6.18 18.92 57.74
CA ASN D 149 -5.62 18.45 58.99
C ASN D 149 -4.71 17.24 58.77
N ALA D 150 -5.22 16.23 58.08
CA ALA D 150 -4.37 15.07 57.80
C ALA D 150 -3.20 15.49 56.94
N GLU D 151 -3.43 16.48 56.08
CA GLU D 151 -2.32 17.11 55.41
C GLU D 151 -1.24 17.49 56.41
N LYS D 152 -1.63 18.26 57.43
CA LYS D 152 -0.73 18.64 58.49
C LYS D 152 0.01 17.42 59.01
N THR D 153 -0.74 16.58 59.71
CA THR D 153 -0.21 15.48 60.49
C THR D 153 0.71 14.60 59.68
N LEU D 154 0.18 14.08 58.59
CA LEU D 154 0.93 13.19 57.72
C LEU D 154 2.16 13.89 57.17
N GLY D 155 1.95 15.08 56.61
CA GLY D 155 3.06 15.80 56.00
C GLY D 155 4.21 15.98 56.95
N LYS D 156 3.91 16.48 58.15
CA LYS D 156 4.90 16.51 59.21
C LYS D 156 5.56 15.14 59.35
N SER D 157 4.74 14.11 59.47
CA SER D 157 5.19 12.77 59.79
C SER D 157 6.11 12.21 58.74
N LEU D 158 6.15 12.81 57.56
CA LEU D 158 6.94 12.25 56.48
C LEU D 158 8.40 12.12 56.83
N SER D 159 8.90 12.93 57.75
CA SER D 159 10.33 13.04 57.93
C SER D 159 10.91 12.03 58.92
N LYS D 160 10.10 11.19 59.55
CA LYS D 160 10.59 10.33 60.63
C LYS D 160 10.82 8.91 60.12
N ALA D 161 12.07 8.59 59.76
CA ALA D 161 12.57 7.23 59.56
C ALA D 161 11.57 6.28 58.92
N ILE D 162 11.28 6.44 57.64
CA ILE D 162 10.17 5.73 57.03
C ILE D 162 10.70 4.79 55.94
N SER D 163 9.91 3.78 55.65
CA SER D 163 10.04 3.08 54.38
C SER D 163 9.67 4.00 53.23
N THR D 164 10.57 4.11 52.25
CA THR D 164 10.24 4.83 51.03
C THR D 164 8.90 4.36 50.50
N GLY D 165 8.66 3.06 50.58
CA GLY D 165 7.32 2.56 50.36
C GLY D 165 6.28 3.32 51.17
N ALA D 166 6.47 3.36 52.49
CA ALA D 166 5.46 3.99 53.33
C ALA D 166 5.39 5.49 53.09
N LYS D 167 6.52 6.12 52.79
CA LYS D 167 6.51 7.51 52.35
C LYS D 167 5.51 7.65 51.21
N ILE D 168 5.71 6.85 50.16
CA ILE D 168 4.76 6.78 49.06
C ILE D 168 3.36 6.62 49.60
N ASP D 169 3.15 5.64 50.47
CA ASP D 169 1.81 5.30 50.92
C ASP D 169 1.11 6.55 51.42
N VAL D 170 1.79 7.29 52.27
CA VAL D 170 1.22 8.54 52.75
C VAL D 170 0.94 9.45 51.56
N MET D 171 1.95 9.66 50.72
CA MET D 171 1.81 10.55 49.58
C MET D 171 0.51 10.28 48.87
N LEU D 172 0.44 9.10 48.28
CA LEU D 172 -0.78 8.65 47.64
C LEU D 172 -1.98 8.92 48.51
N THR D 173 -1.86 8.73 49.81
CA THR D 173 -3.02 8.91 50.66
C THR D 173 -3.50 10.34 50.56
N ILE D 174 -2.60 11.27 50.83
CA ILE D 174 -2.90 12.69 50.72
C ILE D 174 -3.58 12.96 49.38
N ALA D 175 -3.02 12.40 48.32
CA ALA D 175 -3.68 12.50 47.04
C ALA D 175 -5.11 12.05 47.14
N ARG D 176 -5.32 10.85 47.70
CA ARG D 176 -6.66 10.31 47.83
C ARG D 176 -7.58 11.28 48.51
N LEU D 177 -7.05 12.08 49.41
CA LEU D 177 -7.84 13.20 49.86
C LEU D 177 -8.13 14.12 48.69
N GLY D 178 -7.15 14.29 47.82
CA GLY D 178 -7.42 15.09 46.67
C GLY D 178 -8.61 14.58 45.89
N PHE D 179 -8.51 13.33 45.45
CA PHE D 179 -9.61 12.76 44.68
C PHE D 179 -10.90 12.95 45.44
N PHE D 180 -10.90 12.59 46.71
CA PHE D 180 -12.14 12.56 47.46
C PHE D 180 -12.81 13.91 47.47
N TYR D 181 -12.09 14.93 47.93
CA TYR D 181 -12.68 16.25 47.89
C TYR D 181 -12.95 16.73 46.49
N ASN D 182 -12.28 16.15 45.50
CA ASN D 182 -12.52 16.34 44.10
C ASN D 182 -11.76 17.53 43.50
N ASP D 183 -10.94 18.27 44.25
CA ASP D 183 -10.11 19.28 43.61
C ASP D 183 -8.85 18.66 43.01
N GLN D 184 -8.64 18.92 41.74
CA GLN D 184 -7.64 18.14 41.01
C GLN D 184 -6.23 18.61 41.24
N LEU D 185 -5.97 19.91 41.10
CA LEU D 185 -4.62 20.43 41.26
C LEU D 185 -4.00 19.87 42.52
N TYR D 186 -4.78 19.93 43.60
CA TYR D 186 -4.36 19.44 44.89
C TYR D 186 -3.72 18.08 44.78
N VAL D 187 -4.21 17.26 43.85
CA VAL D 187 -3.56 16.02 43.51
C VAL D 187 -2.33 16.28 42.68
N LYS D 188 -2.53 17.09 41.66
CA LYS D 188 -1.55 17.22 40.61
C LYS D 188 -0.18 17.43 41.19
N GLU D 189 -0.06 18.46 42.01
CA GLU D 189 1.22 18.73 42.67
C GLU D 189 1.74 17.50 43.37
N LYS D 190 0.87 16.74 43.99
CA LYS D 190 1.34 15.73 44.90
C LYS D 190 1.93 14.57 44.15
N LEU D 191 1.23 14.10 43.13
CA LEU D 191 1.85 13.07 42.30
C LEU D 191 3.15 13.58 41.74
N GLU D 192 3.16 14.84 41.31
CA GLU D 192 4.41 15.43 40.91
C GLU D 192 5.45 15.34 42.01
N ALA D 193 5.03 15.21 43.27
CA ALA D 193 6.01 14.91 44.28
C ALA D 193 6.42 13.45 44.24
N VAL D 194 5.46 12.53 44.12
CA VAL D 194 5.83 11.13 44.17
C VAL D 194 6.71 10.73 43.01
N ASN D 195 6.81 11.56 41.98
CA ASN D 195 7.68 11.22 40.86
C ASN D 195 9.09 10.94 41.32
N SER D 196 9.68 11.88 42.05
CA SER D 196 11.08 11.77 42.40
C SER D 196 11.32 10.65 43.40
N MET D 197 10.37 10.44 44.30
CA MET D 197 10.55 9.43 45.32
C MET D 197 10.21 8.04 44.81
N ILE D 198 9.50 7.95 43.68
CA ILE D 198 9.39 6.67 43.00
C ILE D 198 10.63 6.44 42.16
N GLU D 199 11.19 7.51 41.59
CA GLU D 199 12.55 7.44 41.08
C GLU D 199 13.47 6.87 42.13
N LYS D 200 13.27 7.29 43.38
CA LYS D 200 14.18 6.95 44.45
C LYS D 200 13.92 5.54 44.97
N GLY D 201 12.66 5.20 45.21
CA GLY D 201 12.33 3.91 45.77
C GLY D 201 12.18 2.82 44.74
N GLY D 202 11.85 3.20 43.51
CA GLY D 202 11.79 2.22 42.44
C GLY D 202 10.88 1.06 42.73
N ASP D 203 9.97 1.18 43.69
CA ASP D 203 9.17 0.05 44.07
C ASP D 203 8.23 -0.27 42.92
N TRP D 204 8.37 -1.47 42.38
CA TRP D 204 7.69 -1.79 41.14
C TRP D 204 6.18 -1.73 41.33
N GLU D 205 5.68 -2.45 42.32
CA GLU D 205 4.25 -2.41 42.55
C GLU D 205 3.81 -0.98 42.79
N ARG D 206 4.25 -0.38 43.88
CA ARG D 206 3.75 0.94 44.23
C ARG D 206 3.85 1.89 43.07
N ARG D 207 4.87 1.73 42.23
CA ARG D 207 4.86 2.43 40.94
C ARG D 207 3.57 2.16 40.20
N ASN D 208 3.22 0.89 40.05
CA ASN D 208 2.02 0.58 39.30
C ASN D 208 0.79 1.23 39.93
N ARG D 209 0.69 1.15 41.25
CA ARG D 209 -0.38 1.85 41.92
C ARG D 209 -0.40 3.31 41.52
N TYR D 210 0.77 3.94 41.58
CA TYR D 210 0.89 5.32 41.14
C TYR D 210 0.23 5.49 39.80
N LYS D 211 0.62 4.68 38.82
CA LYS D 211 0.02 4.81 37.52
C LYS D 211 -1.48 4.68 37.55
N THR D 212 -2.02 3.85 38.42
CA THR D 212 -3.47 3.84 38.54
C THR D 212 -3.97 5.21 38.94
N TYR D 213 -3.33 5.83 39.92
CA TYR D 213 -3.74 7.17 40.24
C TYR D 213 -3.59 8.07 39.04
N TYR D 214 -2.36 8.38 38.69
CA TYR D 214 -2.09 9.41 37.72
C TYR D 214 -2.90 9.22 36.46
N GLY D 215 -3.22 7.99 36.14
CA GLY D 215 -4.22 7.79 35.11
C GLY D 215 -5.53 8.36 35.56
N ILE D 216 -6.12 7.84 36.65
CA ILE D 216 -7.48 8.26 36.97
C ILE D 216 -7.55 9.77 37.08
N HIS D 217 -6.47 10.38 37.53
CA HIS D 217 -6.35 11.81 37.40
C HIS D 217 -6.49 12.22 35.95
N CYS D 218 -5.63 11.70 35.08
CA CYS D 218 -5.66 12.14 33.69
C CYS D 218 -7.06 12.15 33.17
N LEU D 219 -7.79 11.09 33.43
CA LEU D 219 -9.16 11.09 32.99
C LEU D 219 -9.95 12.18 33.66
N ALA D 220 -9.65 12.48 34.92
CA ALA D 220 -10.43 13.51 35.56
C ALA D 220 -10.38 14.79 34.76
N VAL D 221 -9.31 15.02 34.02
CA VAL D 221 -9.27 16.15 33.11
C VAL D 221 -9.59 15.63 31.72
N ARG D 222 -9.67 16.50 30.73
CA ARG D 222 -10.02 16.06 29.39
C ARG D 222 -9.02 15.12 28.80
N ASN D 223 -7.94 14.85 29.48
CA ASN D 223 -6.83 14.30 28.76
C ASN D 223 -7.04 12.81 28.74
N PHE D 224 -7.51 12.30 27.62
CA PHE D 224 -7.82 10.89 27.52
C PHE D 224 -6.74 10.04 26.91
N LYS D 225 -5.73 10.59 26.27
CA LYS D 225 -4.92 9.64 25.53
C LYS D 225 -4.09 8.80 26.47
N GLU D 226 -3.09 9.44 27.06
CA GLU D 226 -2.31 8.78 28.07
C GLU D 226 -3.24 8.14 29.08
N ALA D 227 -4.43 8.72 29.27
CA ALA D 227 -5.39 8.09 30.15
C ALA D 227 -5.63 6.67 29.71
N ALA D 228 -6.08 6.51 28.47
CA ALA D 228 -6.32 5.17 27.95
C ALA D 228 -5.13 4.28 28.19
N LYS D 229 -3.94 4.81 27.91
CA LYS D 229 -2.78 3.96 28.08
C LYS D 229 -2.71 3.45 29.52
N LEU D 230 -2.62 4.37 30.45
CA LEU D 230 -2.35 4.01 31.84
C LEU D 230 -3.45 3.13 32.37
N LEU D 231 -4.68 3.41 32.02
CA LEU D 231 -5.76 2.61 32.56
C LEU D 231 -5.77 1.22 31.97
N VAL D 232 -5.35 1.05 30.73
CA VAL D 232 -5.25 -0.31 30.22
C VAL D 232 -4.23 -1.09 31.02
N ASP D 233 -3.03 -0.52 31.16
CA ASP D 233 -2.06 -1.16 32.03
C ASP D 233 -2.71 -1.53 33.36
N SER D 234 -3.25 -0.54 34.04
CA SER D 234 -3.85 -0.79 35.34
C SER D 234 -4.95 -1.80 35.25
N LEU D 235 -5.45 -2.05 34.06
CA LEU D 235 -6.41 -3.12 33.94
C LEU D 235 -5.71 -4.43 34.12
N ALA D 236 -4.43 -4.51 33.74
CA ALA D 236 -3.68 -5.72 34.04
C ALA D 236 -3.71 -6.03 35.53
N THR D 237 -3.24 -5.10 36.36
CA THR D 237 -3.19 -5.26 37.82
C THR D 237 -3.72 -4.01 38.46
N PHE D 238 -4.42 -4.17 39.58
CA PHE D 238 -5.12 -3.02 40.13
C PHE D 238 -5.15 -3.08 41.65
N THR D 239 -5.10 -1.89 42.26
CA THR D 239 -5.09 -1.76 43.71
C THR D 239 -6.40 -1.12 44.16
N SER D 240 -7.28 -1.94 44.71
CA SER D 240 -8.68 -1.57 44.87
C SER D 240 -8.93 -0.76 46.12
N ILE D 241 -8.29 -1.17 47.21
CA ILE D 241 -8.62 -0.80 48.57
C ILE D 241 -8.68 0.71 48.67
N GLU D 242 -8.12 1.37 47.67
CA GLU D 242 -7.86 2.77 47.76
C GLU D 242 -8.91 3.59 47.02
N LEU D 243 -8.76 3.67 45.71
CA LEU D 243 -9.49 4.68 44.95
C LEU D 243 -10.88 4.18 44.59
N THR D 244 -10.95 3.08 43.84
CA THR D 244 -12.23 2.57 43.35
C THR D 244 -12.15 1.06 43.26
N SER D 245 -13.25 0.47 42.79
CA SER D 245 -13.35 -0.96 42.58
C SER D 245 -12.68 -1.37 41.29
N TYR D 246 -12.22 -2.62 41.25
CA TYR D 246 -11.70 -3.14 39.99
C TYR D 246 -12.76 -3.00 38.92
N GLU D 247 -14.01 -3.18 39.32
CA GLU D 247 -15.11 -3.06 38.38
C GLU D 247 -15.18 -1.65 37.79
N SER D 248 -15.31 -0.65 38.64
CA SER D 248 -15.42 0.71 38.11
C SER D 248 -14.28 0.98 37.17
N ILE D 249 -13.04 0.81 37.63
CA ILE D 249 -11.98 1.22 36.76
C ILE D 249 -11.96 0.39 35.50
N ALA D 250 -12.62 -0.76 35.50
CA ALA D 250 -12.84 -1.35 34.20
C ALA D 250 -13.68 -0.42 33.37
N THR D 251 -14.81 0.05 33.91
CA THR D 251 -15.66 0.90 33.09
C THR D 251 -14.87 2.07 32.53
N TYR D 252 -13.99 2.63 33.34
CA TYR D 252 -13.10 3.65 32.80
C TYR D 252 -12.30 3.09 31.67
N ALA D 253 -11.49 2.07 31.95
CA ALA D 253 -10.50 1.65 30.98
C ALA D 253 -11.14 1.42 29.63
N SER D 254 -12.35 0.87 29.61
CA SER D 254 -13.05 0.81 28.36
C SER D 254 -13.40 2.21 27.86
N VAL D 255 -14.13 2.97 28.66
CA VAL D 255 -14.63 4.26 28.21
C VAL D 255 -13.56 5.13 27.63
N THR D 256 -12.35 4.99 28.09
CA THR D 256 -11.30 5.67 27.39
C THR D 256 -10.84 4.89 26.18
N GLY D 257 -10.92 3.56 26.26
CA GLY D 257 -10.61 2.76 25.11
C GLY D 257 -11.37 3.23 23.89
N LEU D 258 -12.69 3.38 24.01
CA LEU D 258 -13.47 3.94 22.93
C LEU D 258 -12.88 5.21 22.39
N PHE D 259 -12.30 6.04 23.22
CA PHE D 259 -11.66 7.12 22.54
C PHE D 259 -10.39 6.84 21.79
N THR D 260 -9.36 6.47 22.50
CA THR D 260 -8.16 6.85 21.79
C THR D 260 -7.67 5.79 20.83
N LEU D 261 -8.39 4.69 20.67
CA LEU D 261 -7.88 3.53 19.98
C LEU D 261 -8.47 3.39 18.60
N GLU D 262 -7.66 2.87 17.68
CA GLU D 262 -8.13 2.63 16.33
C GLU D 262 -8.99 1.38 16.27
N ARG D 263 -9.53 1.13 15.10
CA ARG D 263 -10.32 -0.05 14.82
C ARG D 263 -9.60 -1.28 15.33
N THR D 264 -8.47 -1.61 14.69
CA THR D 264 -7.81 -2.85 15.03
C THR D 264 -7.26 -2.88 16.42
N ASP D 265 -6.88 -1.74 16.97
CA ASP D 265 -6.37 -1.81 18.31
C ASP D 265 -7.46 -1.69 19.34
N LEU D 266 -8.63 -1.22 18.95
CA LEU D 266 -9.80 -1.51 19.76
C LEU D 266 -9.95 -3.01 19.87
N LYS D 267 -9.88 -3.69 18.73
CA LYS D 267 -10.00 -5.14 18.77
C LYS D 267 -8.98 -5.74 19.72
N SER D 268 -7.72 -5.49 19.45
CA SER D 268 -6.66 -6.04 20.28
C SER D 268 -6.82 -5.69 21.75
N LYS D 269 -6.56 -4.43 22.08
CA LYS D 269 -6.28 -4.07 23.46
C LYS D 269 -7.49 -4.20 24.35
N VAL D 270 -8.69 -4.11 23.82
CA VAL D 270 -9.81 -3.93 24.72
C VAL D 270 -10.86 -4.97 24.52
N ILE D 271 -11.48 -4.93 23.35
CA ILE D 271 -12.61 -5.77 23.09
C ILE D 271 -12.24 -7.23 23.26
N ASP D 272 -10.95 -7.55 23.21
CA ASP D 272 -10.42 -8.88 23.46
C ASP D 272 -9.88 -9.08 24.85
N SER D 273 -9.80 -8.05 25.65
CA SER D 273 -8.97 -8.14 26.83
C SER D 273 -9.60 -9.10 27.82
N PRO D 274 -8.84 -10.07 28.32
CA PRO D 274 -9.42 -11.06 29.21
C PRO D 274 -10.16 -10.43 30.35
N GLU D 275 -9.53 -9.46 30.97
CA GLU D 275 -10.02 -8.91 32.23
C GLU D 275 -11.42 -8.42 32.05
N LEU D 276 -11.56 -7.32 31.32
CA LEU D 276 -12.87 -6.72 31.19
C LEU D 276 -13.87 -7.73 30.68
N LEU D 277 -13.39 -8.75 30.00
CA LEU D 277 -14.30 -9.78 29.52
C LEU D 277 -14.84 -10.59 30.68
N SER D 278 -14.00 -10.83 31.68
CA SER D 278 -14.42 -11.59 32.84
C SER D 278 -15.32 -10.80 33.76
N LEU D 279 -15.13 -9.49 33.81
CA LEU D 279 -15.86 -8.68 34.76
C LEU D 279 -17.28 -8.38 34.30
N ILE D 280 -17.67 -8.90 33.15
CA ILE D 280 -18.89 -8.45 32.51
C ILE D 280 -20.10 -8.80 33.36
N SER D 281 -21.22 -8.16 33.05
CA SER D 281 -22.53 -8.36 33.64
C SER D 281 -22.58 -7.88 35.07
N THR D 282 -21.47 -7.42 35.63
CA THR D 282 -21.41 -7.10 37.03
C THR D 282 -21.89 -5.69 37.34
N THR D 283 -22.35 -4.95 36.34
CA THR D 283 -23.02 -3.69 36.60
C THR D 283 -23.90 -3.35 35.41
N ALA D 284 -24.77 -2.37 35.60
CA ALA D 284 -25.54 -1.88 34.47
C ALA D 284 -24.64 -1.23 33.44
N ALA D 285 -23.74 -0.37 33.90
CA ALA D 285 -22.85 0.35 33.00
C ALA D 285 -22.07 -0.59 32.11
N LEU D 286 -21.09 -1.25 32.70
CA LEU D 286 -20.12 -1.99 31.93
C LEU D 286 -20.80 -2.94 30.98
N GLN D 287 -21.99 -3.41 31.33
CA GLN D 287 -22.85 -4.04 30.35
C GLN D 287 -23.17 -3.08 29.23
N SER D 288 -23.74 -1.93 29.58
CA SER D 288 -24.22 -1.01 28.56
C SER D 288 -23.11 -0.69 27.59
N ILE D 289 -22.00 -0.20 28.10
CA ILE D 289 -20.95 0.20 27.19
C ILE D 289 -20.44 -0.99 26.43
N SER D 290 -20.09 -2.06 27.12
CA SER D 290 -19.52 -3.20 26.42
C SER D 290 -20.38 -3.54 25.22
N SER D 291 -21.69 -3.54 25.43
CA SER D 291 -22.61 -3.60 24.34
C SER D 291 -22.26 -2.56 23.30
N LEU D 292 -22.04 -1.33 23.75
CA LEU D 292 -21.82 -0.23 22.82
C LEU D 292 -20.61 -0.48 21.95
N THR D 293 -19.46 -0.65 22.59
CA THR D 293 -18.26 -0.90 21.83
C THR D 293 -18.50 -1.97 20.82
N ILE D 294 -19.09 -3.09 21.23
CA ILE D 294 -19.34 -4.13 20.25
C ILE D 294 -20.14 -3.56 19.10
N SER D 295 -21.20 -2.85 19.40
CA SER D 295 -21.98 -2.34 18.29
C SER D 295 -21.20 -1.38 17.43
N LEU D 296 -20.08 -0.87 17.91
CA LEU D 296 -19.21 -0.08 17.05
C LEU D 296 -18.41 -1.02 16.17
N TYR D 297 -17.50 -1.72 16.80
CA TYR D 297 -16.56 -2.57 16.10
C TYR D 297 -17.24 -3.38 15.05
N ALA D 298 -18.48 -3.72 15.29
CA ALA D 298 -19.18 -4.69 14.49
C ALA D 298 -20.06 -4.07 13.43
N SER D 299 -20.04 -2.77 13.26
CA SER D 299 -20.86 -2.19 12.22
C SER D 299 -22.32 -2.59 12.41
N ASP D 300 -22.85 -2.26 13.55
CA ASP D 300 -24.28 -2.33 13.76
C ASP D 300 -24.75 -0.91 13.82
N TYR D 301 -25.36 -0.43 12.76
CA TYR D 301 -25.67 0.97 12.88
C TYR D 301 -26.99 1.20 13.56
N ALA D 302 -28.00 0.42 13.23
CA ALA D 302 -29.30 0.67 13.80
C ALA D 302 -29.22 0.77 15.30
N SER D 303 -28.34 -0.02 15.90
CA SER D 303 -28.32 -0.07 17.35
C SER D 303 -27.44 0.96 17.98
N TYR D 304 -26.60 1.64 17.21
CA TYR D 304 -25.52 2.39 17.83
C TYR D 304 -26.06 3.47 18.72
N PHE D 305 -26.89 4.32 18.16
CA PHE D 305 -27.39 5.43 18.96
C PHE D 305 -28.04 4.96 20.24
N PRO D 306 -29.02 4.08 20.24
CA PRO D 306 -29.65 3.73 21.52
C PRO D 306 -28.65 3.36 22.57
N TYR D 307 -27.76 2.45 22.25
CA TYR D 307 -26.72 2.14 23.21
C TYR D 307 -25.97 3.38 23.60
N LEU D 308 -25.81 4.31 22.67
CA LEU D 308 -25.07 5.52 23.00
C LEU D 308 -25.83 6.33 24.02
N LEU D 309 -27.15 6.38 23.92
CA LEU D 309 -27.91 7.14 24.89
C LEU D 309 -27.82 6.50 26.25
N GLU D 310 -28.26 5.25 26.35
CA GLU D 310 -28.33 4.74 27.70
C GLU D 310 -26.96 4.56 28.29
N THR D 311 -25.91 4.54 27.47
CA THR D 311 -24.64 4.66 28.13
C THR D 311 -24.31 6.07 28.51
N TYR D 312 -24.86 7.06 27.83
CA TYR D 312 -24.71 8.41 28.31
C TYR D 312 -25.30 8.52 29.68
N ALA D 313 -26.56 8.13 29.80
CA ALA D 313 -27.25 8.23 31.06
C ALA D 313 -26.62 7.35 32.12
N ASN D 314 -26.29 6.13 31.78
CA ASN D 314 -26.03 5.16 32.83
C ASN D 314 -24.57 5.00 33.15
N VAL D 315 -23.69 5.75 32.54
CA VAL D 315 -22.30 5.67 32.91
C VAL D 315 -21.78 7.07 33.12
N LEU D 316 -21.80 7.82 32.04
CA LEU D 316 -21.26 9.16 32.04
C LEU D 316 -21.91 9.96 33.15
N ILE D 317 -23.20 10.21 33.02
CA ILE D 317 -23.87 11.08 33.99
C ILE D 317 -23.50 10.72 35.42
N PRO D 318 -23.73 9.50 35.90
CA PRO D 318 -23.40 9.23 37.29
C PRO D 318 -21.93 9.28 37.61
N CYS D 319 -21.05 9.16 36.65
CA CYS D 319 -19.67 8.96 37.05
C CYS D 319 -19.06 10.23 37.60
N LYS D 320 -18.45 10.12 38.76
CA LYS D 320 -17.91 11.28 39.43
C LYS D 320 -16.80 11.90 38.62
N TYR D 321 -15.91 11.07 38.12
CA TYR D 321 -14.81 11.61 37.35
C TYR D 321 -15.17 11.89 35.92
N LEU D 322 -16.43 11.71 35.54
CA LEU D 322 -16.83 11.99 34.18
C LEU D 322 -17.73 13.19 34.10
N ASN D 323 -18.85 13.18 34.81
CA ASN D 323 -20.02 13.91 34.35
C ASN D 323 -19.65 15.25 33.74
N ARG D 324 -18.65 15.91 34.32
CA ARG D 324 -18.12 17.11 33.70
C ARG D 324 -17.86 16.90 32.23
N HIS D 325 -17.18 15.83 31.90
CA HIS D 325 -16.76 15.60 30.54
C HIS D 325 -17.83 15.05 29.65
N ALA D 326 -19.03 14.84 30.17
CA ALA D 326 -20.05 14.11 29.44
C ALA D 326 -20.09 14.49 27.99
N ASP D 327 -20.50 15.71 27.69
CA ASP D 327 -20.71 16.07 26.30
C ASP D 327 -19.46 15.88 25.49
N PHE D 328 -18.31 16.27 26.03
CA PHE D 328 -17.12 16.15 25.19
C PHE D 328 -16.96 14.76 24.71
N PHE D 329 -17.36 13.81 25.51
CA PHE D 329 -17.35 12.44 25.06
C PHE D 329 -18.29 12.25 23.90
N VAL D 330 -19.57 12.40 24.16
CA VAL D 330 -20.55 12.00 23.18
C VAL D 330 -20.33 12.74 21.88
N ARG D 331 -20.16 14.04 21.96
CA ARG D 331 -19.96 14.82 20.77
C ARG D 331 -18.93 14.15 19.89
N GLU D 332 -17.88 13.65 20.49
CA GLU D 332 -16.88 12.96 19.72
C GLU D 332 -17.38 11.63 19.23
N MET D 333 -17.94 10.80 20.09
CA MET D 333 -18.39 9.49 19.65
C MET D 333 -19.38 9.61 18.52
N ARG D 334 -20.23 10.60 18.58
CA ARG D 334 -21.17 10.81 17.50
C ARG D 334 -20.46 11.03 16.19
N ARG D 335 -19.23 11.53 16.24
CA ARG D 335 -18.44 11.59 15.03
C ARG D 335 -17.86 10.26 14.68
N LYS D 336 -17.27 9.58 15.65
CA LYS D 336 -16.43 8.45 15.32
C LYS D 336 -17.19 7.41 14.58
N VAL D 337 -18.51 7.40 14.66
CA VAL D 337 -19.23 6.49 13.80
C VAL D 337 -19.41 7.08 12.41
N TYR D 338 -19.87 8.33 12.27
CA TYR D 338 -20.07 8.83 10.92
C TYR D 338 -18.82 8.62 10.11
N ALA D 339 -17.67 8.96 10.64
CA ALA D 339 -16.41 8.68 9.97
C ALA D 339 -16.37 7.24 9.53
N GLN D 340 -16.39 6.35 10.49
CA GLN D 340 -16.37 4.93 10.18
C GLN D 340 -17.44 4.53 9.21
N LEU D 341 -18.53 5.21 9.16
CA LEU D 341 -19.47 4.73 8.17
C LEU D 341 -19.07 5.16 6.79
N LEU D 342 -18.65 6.39 6.64
CA LEU D 342 -18.31 6.84 5.30
C LEU D 342 -17.15 6.07 4.76
N GLU D 343 -16.16 5.82 5.60
CA GLU D 343 -14.81 5.56 5.14
C GLU D 343 -14.77 4.65 3.95
N SER D 344 -15.62 3.65 3.91
CA SER D 344 -15.73 2.85 2.70
C SER D 344 -16.24 3.71 1.56
N TYR D 345 -17.42 4.27 1.72
CA TYR D 345 -18.15 4.82 0.59
C TYR D 345 -17.40 5.97 -0.03
N LYS D 346 -17.40 5.98 -1.34
CA LYS D 346 -16.95 7.14 -2.08
C LYS D 346 -18.04 8.16 -2.21
N THR D 347 -19.26 7.72 -2.48
CA THR D 347 -20.41 8.59 -2.32
C THR D 347 -21.51 7.79 -1.68
N LEU D 348 -21.92 8.20 -0.51
CA LEU D 348 -22.98 7.56 0.23
C LEU D 348 -24.22 8.38 0.02
N SER D 349 -25.39 7.78 0.07
CA SER D 349 -26.58 8.56 -0.11
C SER D 349 -27.32 8.74 1.19
N LEU D 350 -27.71 9.97 1.48
CA LEU D 350 -28.27 10.29 2.79
C LEU D 350 -29.33 9.31 3.21
N LYS D 351 -30.45 9.36 2.52
CA LYS D 351 -31.61 8.58 2.93
C LYS D 351 -31.20 7.19 3.34
N SER D 352 -30.36 6.55 2.54
CA SER D 352 -29.83 5.26 2.92
C SER D 352 -29.14 5.35 4.26
N MET D 353 -28.38 6.41 4.46
CA MET D 353 -27.55 6.50 5.65
C MET D 353 -28.37 6.73 6.88
N ALA D 354 -29.18 7.78 6.87
CA ALA D 354 -30.10 8.00 7.97
C ALA D 354 -30.87 6.73 8.25
N SER D 355 -31.41 6.13 7.21
CA SER D 355 -32.15 4.90 7.38
C SER D 355 -31.35 3.94 8.24
N ALA D 356 -30.09 3.74 7.90
CA ALA D 356 -29.21 2.94 8.73
C ALA D 356 -29.31 3.41 10.16
N PHE D 357 -28.83 4.62 10.43
CA PHE D 357 -28.89 5.10 11.79
C PHE D 357 -30.31 5.21 12.32
N GLY D 358 -31.30 5.24 11.44
CA GLY D 358 -32.66 5.41 11.89
C GLY D 358 -32.96 6.75 12.49
N VAL D 359 -32.72 7.83 11.75
CA VAL D 359 -33.18 9.17 12.08
C VAL D 359 -33.62 9.82 10.79
N SER D 360 -34.27 10.95 10.88
CA SER D 360 -34.68 11.60 9.65
C SER D 360 -33.53 12.35 9.03
N VAL D 361 -33.53 12.42 7.71
CA VAL D 361 -32.46 13.09 7.00
C VAL D 361 -32.16 14.44 7.64
N ALA D 362 -33.18 15.28 7.72
CA ALA D 362 -32.98 16.63 8.22
C ALA D 362 -32.28 16.62 9.54
N PHE D 363 -32.35 15.53 10.26
CA PHE D 363 -31.55 15.46 11.45
C PHE D 363 -30.11 15.13 11.13
N LEU D 364 -29.88 14.25 10.15
CA LEU D 364 -28.49 13.96 9.82
C LEU D 364 -27.78 15.20 9.33
N ASP D 365 -28.29 15.83 8.28
CA ASP D 365 -27.53 16.94 7.73
C ASP D 365 -27.21 17.96 8.81
N ASN D 366 -28.11 18.12 9.77
CA ASN D 366 -27.81 19.03 10.86
C ASN D 366 -26.74 18.48 11.76
N ASP D 367 -26.73 17.18 12.00
CA ASP D 367 -25.67 16.73 12.86
C ASP D 367 -24.33 16.81 12.15
N LEU D 368 -24.23 16.17 10.98
CA LEU D 368 -22.99 16.23 10.24
C LEU D 368 -22.51 17.65 10.10
N GLY D 369 -23.41 18.56 9.79
CA GLY D 369 -22.96 19.90 9.54
C GLY D 369 -22.15 20.49 10.65
N LYS D 370 -22.11 19.84 11.81
CA LYS D 370 -21.32 20.38 12.89
C LYS D 370 -19.86 20.04 12.73
N PHE D 371 -19.55 18.89 12.17
CA PHE D 371 -18.16 18.47 12.09
C PHE D 371 -17.54 19.06 10.86
N ILE D 372 -18.12 18.74 9.73
CA ILE D 372 -17.55 18.96 8.41
C ILE D 372 -16.82 20.28 8.31
N PRO D 373 -17.41 21.42 8.64
CA PRO D 373 -16.71 22.67 8.41
C PRO D 373 -15.51 22.81 9.26
N ASN D 374 -15.36 22.00 10.28
CA ASN D 374 -14.22 22.07 11.17
C ASN D 374 -13.06 21.21 10.68
N LYS D 375 -13.28 20.44 9.63
CA LYS D 375 -12.38 19.45 9.11
C LYS D 375 -12.30 18.21 9.97
N GLN D 376 -12.98 18.16 11.09
CA GLN D 376 -12.95 16.93 11.85
C GLN D 376 -13.52 15.76 11.10
N LEU D 377 -14.18 16.00 9.99
CA LEU D 377 -14.80 14.93 9.25
C LEU D 377 -14.55 15.18 7.78
N ASN D 378 -14.21 14.15 7.04
CA ASN D 378 -13.84 14.35 5.66
C ASN D 378 -15.04 13.95 4.85
N CYS D 379 -15.76 14.96 4.35
CA CYS D 379 -16.78 14.78 3.35
C CYS D 379 -17.39 16.12 3.09
N VAL D 380 -18.33 16.17 2.18
CA VAL D 380 -19.16 17.34 1.92
C VAL D 380 -20.50 16.79 1.51
N ILE D 381 -21.49 17.65 1.44
CA ILE D 381 -22.85 17.20 1.17
C ILE D 381 -23.36 17.84 -0.10
N ASP D 382 -24.06 17.07 -0.88
CA ASP D 382 -24.87 17.58 -1.98
C ASP D 382 -26.30 17.59 -1.48
N ARG D 383 -26.81 18.76 -1.17
CA ARG D 383 -28.13 18.81 -0.60
C ARG D 383 -29.17 18.55 -1.66
N VAL D 384 -28.93 19.06 -2.87
CA VAL D 384 -29.88 18.89 -3.95
C VAL D 384 -30.24 17.44 -4.14
N ASN D 385 -29.24 16.59 -4.27
CA ASN D 385 -29.47 15.19 -4.56
C ASN D 385 -29.45 14.31 -3.33
N GLY D 386 -29.27 14.89 -2.15
CA GLY D 386 -29.23 14.07 -0.96
C GLY D 386 -28.04 13.17 -0.89
N ILE D 387 -26.91 13.59 -1.42
CA ILE D 387 -25.78 12.67 -1.53
C ILE D 387 -24.70 13.18 -0.63
N VAL D 388 -23.74 12.31 -0.33
CA VAL D 388 -22.65 12.61 0.56
C VAL D 388 -21.40 12.19 -0.14
N GLU D 389 -20.57 13.13 -0.48
CA GLU D 389 -19.35 12.68 -1.11
C GLU D 389 -18.24 12.81 -0.11
N THR D 390 -17.26 11.95 -0.22
CA THR D 390 -16.18 11.95 0.74
C THR D 390 -14.91 12.50 0.12
N ASN D 391 -14.12 13.17 0.94
CA ASN D 391 -12.82 13.70 0.55
C ASN D 391 -11.77 13.00 1.37
N ARG D 392 -11.07 12.10 0.84
CA ARG D 392 -10.10 11.63 1.79
C ARG D 392 -8.70 11.83 1.28
N PRO D 393 -7.90 12.47 2.00
CA PRO D 393 -6.51 12.51 1.60
C PRO D 393 -5.92 11.13 1.61
N ASP D 394 -6.51 10.16 0.94
CA ASP D 394 -5.80 8.96 0.56
C ASP D 394 -5.39 8.99 -0.89
N ASN D 395 -5.97 9.86 -1.64
CA ASN D 395 -5.60 9.85 -3.02
C ASN D 395 -4.25 10.49 -3.17
N LYS D 396 -3.62 10.25 -4.31
CA LYS D 396 -2.41 11.01 -4.62
C LYS D 396 -2.75 12.46 -4.73
N ASN D 397 -3.72 12.78 -5.57
CA ASN D 397 -4.26 14.11 -5.68
C ASN D 397 -4.46 14.73 -4.33
N ALA D 398 -5.45 14.24 -3.61
CA ALA D 398 -5.77 14.87 -2.37
C ALA D 398 -4.52 15.18 -1.60
N GLN D 399 -3.64 14.21 -1.46
CA GLN D 399 -2.41 14.51 -0.76
C GLN D 399 -1.55 15.48 -1.51
N TYR D 400 -1.90 15.82 -2.72
CA TYR D 400 -1.25 16.94 -3.37
C TYR D 400 -1.88 18.23 -2.94
N HIS D 401 -3.15 18.44 -3.30
CA HIS D 401 -3.80 19.70 -2.97
C HIS D 401 -3.60 20.08 -1.52
N LEU D 402 -3.98 19.19 -0.62
CA LEU D 402 -3.83 19.51 0.78
C LEU D 402 -2.43 20.00 1.09
N LEU D 403 -1.45 19.40 0.45
CA LEU D 403 -0.08 19.85 0.69
C LEU D 403 0.13 21.25 0.16
N VAL D 404 -0.33 21.53 -1.05
CA VAL D 404 -0.20 22.87 -1.56
C VAL D 404 -0.74 23.87 -0.56
N LYS D 405 -1.98 23.67 -0.11
CA LYS D 405 -2.57 24.59 0.83
C LYS D 405 -1.73 24.73 2.08
N GLN D 406 -1.41 23.62 2.73
CA GLN D 406 -0.63 23.72 3.96
C GLN D 406 0.66 24.44 3.72
N GLY D 407 1.29 24.20 2.57
CA GLY D 407 2.55 24.84 2.30
C GLY D 407 2.40 26.34 2.22
N ASP D 408 1.51 26.81 1.35
CA ASP D 408 1.32 28.25 1.23
C ASP D 408 1.00 28.85 2.58
N GLY D 409 0.06 28.24 3.28
CA GLY D 409 -0.23 28.70 4.62
C GLY D 409 0.99 28.79 5.50
N LEU D 410 2.01 27.99 5.22
CA LEU D 410 3.22 28.18 5.99
C LEU D 410 4.04 29.34 5.48
N LEU D 411 4.10 29.50 4.17
CA LEU D 411 4.90 30.60 3.66
C LEU D 411 4.35 31.87 4.26
N THR D 412 3.14 32.22 3.87
CA THR D 412 2.64 33.54 4.15
C THR D 412 2.96 33.97 5.56
N LYS D 413 2.74 33.05 6.49
CA LYS D 413 3.24 33.26 7.82
C LYS D 413 4.71 33.61 7.82
N LEU D 414 5.52 32.74 7.23
CA LEU D 414 6.96 32.94 7.28
C LEU D 414 7.35 34.27 6.70
N GLN D 415 6.89 34.55 5.49
CA GLN D 415 7.18 35.83 4.85
C GLN D 415 6.87 36.98 5.77
N LYS D 416 5.63 37.04 6.24
CA LYS D 416 5.26 38.12 7.13
C LYS D 416 6.29 38.32 8.22
N TYR D 417 6.36 37.34 9.13
CA TYR D 417 7.29 37.51 10.23
C TYR D 417 8.65 37.92 9.73
N GLY D 418 9.02 37.41 8.58
CA GLY D 418 10.29 37.74 7.99
C GLY D 418 10.41 39.22 7.82
N ALA D 419 9.49 39.84 7.10
CA ALA D 419 9.59 41.27 6.88
C ALA D 419 9.67 42.01 8.20
N ALA D 420 8.91 41.55 9.19
CA ALA D 420 9.00 42.16 10.51
C ALA D 420 10.43 42.21 10.98
N VAL D 421 11.11 41.08 11.00
CA VAL D 421 12.46 41.06 11.55
C VAL D 421 13.44 41.72 10.58
N ARG D 422 13.11 41.74 9.29
CA ARG D 422 13.90 42.54 8.37
C ARG D 422 14.01 43.95 8.88
N LEU D 423 12.86 44.58 9.15
CA LEU D 423 12.88 45.99 9.51
C LEU D 423 13.59 46.20 10.83
N THR D 424 13.21 45.44 11.86
CA THR D 424 13.80 45.63 13.17
C THR D 424 15.30 45.48 13.11
N LEU E 3 36.98 -19.66 -42.28
CA LEU E 3 38.29 -20.10 -41.82
C LEU E 3 38.92 -19.05 -40.95
N GLN E 4 39.47 -18.02 -41.57
CA GLN E 4 40.25 -17.06 -40.82
C GLN E 4 39.34 -16.25 -39.92
N HIS E 5 39.60 -16.29 -38.63
CA HIS E 5 38.80 -15.51 -37.71
C HIS E 5 39.63 -14.40 -37.09
N GLU E 6 38.92 -13.32 -36.76
CA GLU E 6 39.54 -12.01 -36.61
C GLU E 6 39.32 -11.46 -35.22
N LYS E 7 38.11 -11.09 -34.87
CA LYS E 7 37.80 -10.60 -33.55
C LYS E 7 37.16 -11.69 -32.74
N VAL E 8 37.50 -11.76 -31.46
CA VAL E 8 37.06 -12.81 -30.58
C VAL E 8 36.27 -12.21 -29.45
N THR E 9 35.11 -12.77 -29.19
CA THR E 9 34.23 -12.32 -28.12
C THR E 9 34.04 -13.42 -27.11
N ILE E 10 33.65 -13.01 -25.91
CA ILE E 10 33.68 -13.90 -24.77
C ILE E 10 32.52 -13.58 -23.87
N ALA E 11 31.92 -14.56 -23.33
CA ALA E 11 30.87 -14.27 -22.37
C ALA E 11 31.47 -14.20 -20.99
N PRO E 12 30.80 -13.53 -20.05
CA PRO E 12 31.37 -13.38 -18.72
C PRO E 12 31.41 -14.67 -17.95
N LEU E 13 30.63 -15.64 -18.36
CA LEU E 13 30.62 -16.89 -17.64
C LEU E 13 31.95 -17.62 -17.77
N VAL E 14 32.65 -17.44 -18.87
CA VAL E 14 34.02 -17.97 -18.91
C VAL E 14 34.80 -17.40 -17.75
N LEU E 15 34.81 -16.09 -17.63
CA LEU E 15 35.64 -15.44 -16.65
C LEU E 15 35.31 -16.00 -15.29
N LEU E 16 34.09 -15.74 -14.83
CA LEU E 16 33.71 -16.23 -13.51
C LEU E 16 34.03 -17.70 -13.35
N SER E 17 33.77 -18.48 -14.38
CA SER E 17 34.05 -19.91 -14.32
C SER E 17 35.49 -20.15 -13.93
N ALA E 18 36.40 -19.63 -14.73
CA ALA E 18 37.81 -19.88 -14.48
C ALA E 18 38.23 -19.29 -13.16
N LEU E 19 37.69 -18.13 -12.81
CA LEU E 19 38.02 -17.58 -11.51
C LEU E 19 37.76 -18.62 -10.44
N ASP E 20 36.55 -19.13 -10.41
CA ASP E 20 36.23 -20.14 -9.43
C ASP E 20 37.14 -21.34 -9.57
N HIS E 21 37.60 -21.62 -10.78
CA HIS E 21 38.56 -22.69 -10.93
C HIS E 21 39.78 -22.41 -10.09
N TYR E 22 40.39 -21.26 -10.30
CA TYR E 22 41.58 -20.87 -9.58
C TYR E 22 41.33 -20.86 -8.10
N GLU E 23 40.58 -19.88 -7.61
CA GLU E 23 40.42 -19.74 -6.16
C GLU E 23 39.91 -21.02 -5.55
N ARG E 24 39.17 -21.80 -6.32
CA ARG E 24 38.82 -23.14 -5.89
C ARG E 24 40.06 -23.93 -5.56
N THR E 25 41.01 -23.96 -6.50
CA THR E 25 42.19 -24.77 -6.32
C THR E 25 43.42 -23.99 -5.90
N GLN E 26 43.32 -22.67 -5.77
CA GLN E 26 44.41 -21.81 -5.33
C GLN E 26 45.73 -22.26 -5.94
N THR E 27 45.78 -22.22 -7.26
CA THR E 27 46.96 -22.68 -7.95
C THR E 27 48.04 -21.61 -7.97
N LYS E 28 49.27 -22.07 -8.16
CA LYS E 28 50.47 -21.36 -7.77
C LYS E 28 51.11 -20.63 -8.95
N GLU E 29 52.27 -20.03 -8.71
CA GLU E 29 52.88 -19.16 -9.69
C GLU E 29 53.38 -19.95 -10.89
N ASN E 30 54.10 -21.02 -10.62
CA ASN E 30 54.41 -21.97 -11.67
C ASN E 30 53.30 -22.98 -11.86
N LYS E 31 52.21 -22.86 -11.14
CA LYS E 31 51.09 -23.78 -11.27
C LYS E 31 49.88 -23.02 -11.83
N ARG E 32 49.61 -23.20 -13.10
CA ARG E 32 48.65 -22.37 -13.78
C ARG E 32 47.36 -23.16 -13.92
N CYS E 33 46.25 -22.53 -13.64
CA CYS E 33 44.98 -23.21 -13.84
C CYS E 33 44.77 -23.45 -15.32
N VAL E 34 44.19 -24.59 -15.65
CA VAL E 34 44.00 -24.95 -17.04
C VAL E 34 42.67 -25.64 -17.19
N GLY E 35 41.93 -25.26 -18.23
CA GLY E 35 40.62 -25.83 -18.48
C GLY E 35 40.33 -25.72 -19.95
N VAL E 36 39.13 -26.05 -20.36
CA VAL E 36 38.81 -26.10 -21.78
C VAL E 36 37.50 -25.38 -22.06
N ILE E 37 37.42 -24.79 -23.24
CA ILE E 37 36.45 -23.75 -23.57
C ILE E 37 35.64 -24.11 -24.80
N LEU E 38 34.34 -23.86 -24.72
CA LEU E 38 33.35 -24.32 -25.67
C LEU E 38 32.71 -23.11 -26.33
N GLY E 39 32.12 -23.29 -27.50
CA GLY E 39 31.68 -22.08 -28.19
C GLY E 39 31.31 -22.37 -29.63
N ASP E 40 31.49 -21.35 -30.48
CA ASP E 40 31.29 -21.44 -31.92
C ASP E 40 32.53 -20.95 -32.63
N ALA E 41 33.14 -21.81 -33.44
CA ALA E 41 34.33 -21.43 -34.18
C ALA E 41 34.10 -21.05 -35.63
N ASN E 42 32.90 -21.24 -36.16
CA ASN E 42 32.77 -21.27 -37.60
C ASN E 42 32.87 -19.88 -38.20
N SER E 43 32.31 -18.89 -37.55
CA SER E 43 32.40 -17.52 -38.02
C SER E 43 33.81 -17.00 -37.91
N SER E 44 34.07 -15.90 -38.59
CA SER E 44 35.30 -15.16 -38.45
C SER E 44 35.46 -14.59 -37.06
N THR E 45 34.48 -14.78 -36.19
CA THR E 45 34.60 -14.31 -34.82
C THR E 45 34.35 -15.45 -33.87
N ILE E 46 35.37 -15.82 -33.09
CA ILE E 46 35.17 -16.87 -32.12
C ILE E 46 34.22 -16.35 -31.06
N ARG E 47 33.10 -17.02 -30.90
CA ARG E 47 32.19 -16.73 -29.80
C ARG E 47 32.31 -17.85 -28.81
N VAL E 48 32.76 -17.57 -27.65
CA VAL E 48 32.84 -18.63 -26.66
C VAL E 48 31.73 -18.36 -25.70
N THR E 49 31.22 -19.41 -25.09
CA THR E 49 30.25 -19.15 -24.05
C THR E 49 30.66 -19.87 -22.79
N ASN E 50 30.44 -21.17 -22.76
CA ASN E 50 30.68 -22.01 -21.61
C ASN E 50 32.11 -22.49 -21.56
N SER E 51 32.56 -22.88 -20.36
CA SER E 51 33.84 -23.54 -20.22
C SER E 51 33.79 -24.50 -19.05
N PHE E 52 34.70 -25.48 -19.06
CA PHE E 52 34.84 -26.34 -17.89
C PHE E 52 36.29 -26.73 -17.67
N ALA E 53 36.70 -26.77 -16.41
CA ALA E 53 38.10 -26.88 -16.06
C ALA E 53 38.62 -28.29 -16.28
N LEU E 54 39.95 -28.38 -16.36
CA LEU E 54 40.67 -29.54 -16.85
C LEU E 54 41.85 -29.90 -15.96
N PRO E 55 41.69 -30.80 -15.00
CA PRO E 55 42.74 -31.02 -14.03
C PRO E 55 43.96 -31.65 -14.68
N PHE E 56 45.12 -31.02 -14.47
CA PHE E 56 46.36 -31.71 -14.75
C PHE E 56 47.48 -30.97 -14.03
N GLU E 57 48.59 -31.66 -13.83
CA GLU E 57 49.79 -31.08 -13.27
C GLU E 57 50.94 -31.18 -14.27
N GLU E 58 51.83 -30.21 -14.21
CA GLU E 58 53.03 -30.23 -15.02
C GLU E 58 54.23 -30.10 -14.09
N ASP E 59 55.31 -30.77 -14.46
CA ASP E 59 56.51 -30.72 -13.64
C ASP E 59 57.30 -29.44 -13.91
N GLU E 60 57.51 -29.12 -15.18
CA GLU E 60 58.14 -27.91 -15.69
C GLU E 60 59.58 -27.70 -15.29
N LYS E 61 60.14 -28.59 -14.49
CA LYS E 61 61.57 -28.80 -14.45
C LYS E 61 61.97 -29.88 -15.42
N ASN E 62 61.03 -30.78 -15.72
CA ASN E 62 61.06 -31.55 -16.94
C ASN E 62 60.81 -30.70 -18.17
N SER E 63 60.23 -29.51 -17.99
CA SER E 63 59.68 -28.77 -19.12
C SER E 63 58.88 -29.95 -19.64
N ASP E 64 59.06 -30.28 -20.91
CA ASP E 64 58.21 -31.25 -21.58
C ASP E 64 58.01 -32.47 -20.68
N VAL E 65 57.25 -33.44 -21.15
CA VAL E 65 56.45 -34.40 -20.37
C VAL E 65 55.61 -33.79 -19.26
N TRP E 66 54.97 -32.68 -19.57
CA TRP E 66 53.73 -32.44 -18.85
C TRP E 66 52.75 -33.52 -19.25
N PHE E 67 51.70 -33.67 -18.47
CA PHE E 67 50.66 -34.57 -18.93
C PHE E 67 49.30 -33.98 -18.63
N LEU E 68 48.42 -34.04 -19.61
CA LEU E 68 47.02 -33.72 -19.43
C LEU E 68 46.18 -34.90 -19.87
N ASP E 69 45.01 -35.04 -19.28
CA ASP E 69 44.17 -36.19 -19.56
C ASP E 69 43.29 -35.92 -20.74
N HIS E 70 43.33 -36.81 -21.72
CA HIS E 70 42.30 -36.76 -22.73
C HIS E 70 41.05 -37.48 -22.25
N ASN E 71 41.21 -38.60 -21.57
CA ASN E 71 40.03 -39.36 -21.18
C ASN E 71 39.10 -38.52 -20.33
N TYR E 72 39.63 -37.65 -19.51
CA TYR E 72 38.75 -36.76 -18.77
C TYR E 72 37.97 -35.90 -19.74
N ILE E 73 38.64 -35.38 -20.76
CA ILE E 73 37.99 -34.57 -21.76
C ILE E 73 36.85 -35.34 -22.40
N GLU E 74 37.19 -36.32 -23.23
CA GLU E 74 36.15 -37.01 -23.98
C GLU E 74 35.20 -37.77 -23.08
N ASN E 75 35.52 -37.88 -21.81
CA ASN E 75 34.62 -38.39 -20.80
C ASN E 75 33.88 -37.29 -20.10
N MET E 76 34.05 -36.05 -20.52
CA MET E 76 33.28 -34.95 -20.02
C MET E 76 32.40 -34.34 -21.10
N ASN E 77 32.99 -33.78 -22.12
CA ASN E 77 32.15 -33.02 -23.00
C ASN E 77 31.09 -33.86 -23.67
N GLU E 78 31.19 -35.18 -23.65
CA GLU E 78 29.99 -35.90 -24.02
C GLU E 78 28.92 -35.65 -22.97
N MET E 79 29.33 -35.48 -21.73
CA MET E 79 28.34 -35.08 -20.75
C MET E 79 27.99 -33.63 -20.86
N CYS E 80 28.75 -32.84 -21.59
CA CYS E 80 28.23 -31.52 -21.88
C CYS E 80 27.23 -31.59 -23.02
N LYS E 81 27.60 -32.24 -24.11
CA LYS E 81 26.74 -32.28 -25.28
C LYS E 81 25.35 -32.72 -24.92
N LYS E 82 25.22 -33.67 -24.01
CA LYS E 82 23.89 -34.08 -23.61
C LYS E 82 23.11 -32.96 -22.97
N ILE E 83 23.72 -31.81 -22.72
CA ILE E 83 23.03 -30.74 -22.03
C ILE E 83 22.63 -29.64 -22.97
N ASN E 84 23.59 -28.89 -23.47
CA ASN E 84 23.37 -28.08 -24.66
C ASN E 84 24.25 -28.63 -25.75
N ALA E 85 23.64 -29.25 -26.73
CA ALA E 85 24.43 -29.80 -27.79
C ALA E 85 25.11 -28.73 -28.62
N LYS E 86 24.62 -27.52 -28.56
CA LYS E 86 25.04 -26.57 -29.58
C LYS E 86 26.34 -25.89 -29.21
N GLU E 87 26.91 -26.20 -28.06
CA GLU E 87 28.21 -25.68 -27.66
C GLU E 87 29.28 -26.72 -27.91
N LYS E 88 30.28 -26.37 -28.70
CA LYS E 88 31.24 -27.30 -29.23
C LYS E 88 32.59 -26.97 -28.63
N LEU E 89 33.51 -27.92 -28.65
CA LEU E 89 34.84 -27.62 -28.17
C LEU E 89 35.44 -26.50 -28.99
N ILE E 90 36.17 -25.64 -28.32
CA ILE E 90 36.80 -24.52 -29.01
C ILE E 90 38.28 -24.53 -28.72
N GLY E 91 38.65 -24.40 -27.47
CA GLY E 91 40.05 -24.40 -27.15
C GLY E 91 40.25 -24.15 -25.68
N TRP E 92 41.42 -24.52 -25.22
CA TRP E 92 41.70 -24.52 -23.81
C TRP E 92 42.05 -23.14 -23.33
N TYR E 93 41.93 -22.94 -22.03
CA TYR E 93 42.43 -21.73 -21.44
C TYR E 93 43.43 -22.04 -20.35
N HIS E 94 44.38 -21.14 -20.22
CA HIS E 94 45.52 -21.21 -19.34
C HIS E 94 45.47 -19.98 -18.46
N SER E 95 45.18 -20.13 -17.19
CA SER E 95 44.91 -18.91 -16.45
C SER E 95 46.18 -18.17 -16.08
N GLY E 96 47.33 -18.70 -16.45
CA GLY E 96 48.59 -18.12 -16.05
C GLY E 96 48.83 -16.80 -16.73
N PRO E 97 49.33 -15.83 -15.97
CA PRO E 97 49.39 -14.46 -16.48
C PRO E 97 50.27 -14.31 -17.68
N LYS E 98 51.11 -15.27 -17.99
CA LYS E 98 51.94 -15.13 -19.16
C LYS E 98 52.37 -16.51 -19.63
N LEU E 99 52.66 -16.61 -20.92
CA LEU E 99 52.77 -17.90 -21.57
C LEU E 99 53.88 -18.76 -20.98
N ARG E 100 53.51 -19.96 -20.54
CA ARG E 100 54.50 -20.99 -20.31
C ARG E 100 55.03 -21.53 -21.63
N ALA E 101 56.13 -22.27 -21.55
CA ALA E 101 56.79 -22.69 -22.77
C ALA E 101 55.97 -23.72 -23.53
N SER E 102 55.47 -24.74 -22.83
CA SER E 102 54.88 -25.89 -23.49
C SER E 102 53.59 -25.58 -24.24
N ASP E 103 53.06 -24.37 -24.09
CA ASP E 103 51.78 -24.00 -24.66
C ASP E 103 51.67 -24.44 -26.11
N LEU E 104 52.45 -23.78 -26.95
CA LEU E 104 52.50 -24.10 -28.36
C LEU E 104 52.66 -25.59 -28.58
N LYS E 105 53.35 -26.27 -27.69
CA LYS E 105 53.40 -27.71 -27.74
C LYS E 105 52.14 -28.36 -27.22
N ILE E 106 51.32 -27.63 -26.47
CA ILE E 106 50.07 -28.25 -26.05
C ILE E 106 49.06 -28.22 -27.16
N ASN E 107 48.87 -27.05 -27.74
CA ASN E 107 47.72 -26.84 -28.59
C ASN E 107 47.58 -27.95 -29.61
N GLU E 108 48.66 -28.25 -30.30
CA GLU E 108 48.48 -29.14 -31.43
C GLU E 108 47.98 -30.49 -31.03
N LEU E 109 47.98 -30.80 -29.74
CA LEU E 109 47.26 -31.99 -29.37
C LEU E 109 45.77 -31.71 -29.33
N PHE E 110 45.35 -30.57 -28.78
CA PHE E 110 43.94 -30.22 -28.85
C PHE E 110 43.43 -30.32 -30.25
N LYS E 111 44.19 -29.82 -31.20
CA LYS E 111 43.62 -29.61 -32.51
C LYS E 111 43.21 -30.95 -33.10
N LYS E 112 43.48 -32.00 -32.36
CA LYS E 112 42.83 -33.27 -32.55
C LYS E 112 41.36 -33.25 -32.13
N TYR E 113 40.87 -32.14 -31.58
CA TYR E 113 39.44 -32.08 -31.30
C TYR E 113 38.75 -31.03 -32.14
N THR E 114 38.90 -29.79 -31.74
CA THR E 114 38.22 -28.71 -32.41
C THR E 114 38.62 -28.68 -33.86
N GLN E 115 37.70 -28.30 -34.72
CA GLN E 115 38.01 -28.45 -36.13
C GLN E 115 38.78 -27.29 -36.70
N ASN E 116 39.15 -26.32 -35.89
CA ASN E 116 39.88 -25.17 -36.38
C ASN E 116 41.09 -24.94 -35.52
N ASN E 117 41.93 -24.05 -35.97
CA ASN E 117 43.07 -23.70 -35.15
C ASN E 117 42.50 -23.27 -33.81
N PRO E 118 42.78 -24.04 -32.77
CA PRO E 118 42.09 -23.82 -31.50
C PRO E 118 42.55 -22.52 -30.87
N LEU E 119 41.59 -21.72 -30.47
CA LEU E 119 41.88 -20.52 -29.72
C LEU E 119 42.32 -20.87 -28.31
N LEU E 120 43.47 -20.35 -27.92
CA LEU E 120 43.92 -20.41 -26.53
C LEU E 120 43.66 -19.06 -25.90
N LEU E 121 43.32 -19.08 -24.62
CA LEU E 121 42.79 -17.91 -23.97
C LEU E 121 43.47 -17.78 -22.62
N ILE E 122 44.07 -16.64 -22.36
CA ILE E 122 44.74 -16.39 -21.10
C ILE E 122 43.86 -15.50 -20.25
N VAL E 123 43.28 -16.06 -19.26
CA VAL E 123 42.56 -15.26 -18.29
C VAL E 123 43.56 -14.77 -17.27
N ASP E 124 43.46 -13.51 -16.89
CA ASP E 124 44.35 -12.93 -15.89
C ASP E 124 43.61 -12.86 -14.56
N VAL E 125 43.97 -13.76 -13.65
CA VAL E 125 43.25 -13.84 -12.40
C VAL E 125 43.76 -12.81 -11.42
N LYS E 126 45.03 -12.48 -11.49
CA LYS E 126 45.63 -11.71 -10.41
C LYS E 126 45.02 -10.33 -10.25
N GLN E 127 44.30 -9.84 -11.25
CA GLN E 127 43.56 -8.59 -11.11
C GLN E 127 44.50 -7.47 -10.67
N GLN E 128 45.31 -7.05 -11.63
CA GLN E 128 46.31 -6.00 -11.49
C GLN E 128 45.71 -4.60 -11.50
N GLY E 129 44.41 -4.48 -11.71
CA GLY E 129 43.87 -3.22 -12.16
C GLY E 129 44.00 -3.03 -13.64
N VAL E 130 44.59 -4.00 -14.33
CA VAL E 130 44.63 -4.00 -15.78
C VAL E 130 43.26 -4.41 -16.31
N GLY E 131 42.75 -3.64 -17.25
CA GLY E 131 41.52 -4.04 -17.91
C GLY E 131 41.72 -5.30 -18.71
N LEU E 132 40.61 -5.81 -19.24
CA LEU E 132 40.59 -6.98 -20.12
C LEU E 132 41.52 -8.07 -19.63
N PRO E 133 41.20 -8.70 -18.49
CA PRO E 133 42.07 -9.74 -17.96
C PRO E 133 42.30 -10.87 -18.92
N THR E 134 41.54 -10.94 -19.98
CA THR E 134 41.73 -11.91 -21.03
C THR E 134 42.79 -11.48 -22.02
N ASP E 135 43.35 -12.47 -22.70
CA ASP E 135 43.94 -12.24 -24.01
C ASP E 135 43.76 -13.47 -24.88
N ALA E 136 43.45 -13.22 -26.15
CA ALA E 136 43.12 -14.27 -27.11
C ALA E 136 44.29 -14.55 -28.02
N TYR E 137 44.50 -15.82 -28.31
CA TYR E 137 45.62 -16.22 -29.13
C TYR E 137 45.24 -17.37 -30.03
N VAL E 138 45.81 -17.37 -31.21
CA VAL E 138 45.75 -18.54 -32.07
C VAL E 138 47.18 -18.81 -32.45
N ALA E 139 47.41 -19.76 -33.34
CA ALA E 139 48.77 -20.08 -33.74
C ALA E 139 48.84 -20.23 -35.24
N ILE E 140 49.63 -19.38 -35.89
CA ILE E 140 49.88 -19.50 -37.31
C ILE E 140 51.37 -19.34 -37.56
N GLU E 141 51.84 -19.94 -38.65
CA GLU E 141 53.15 -19.64 -39.22
C GLU E 141 53.60 -18.21 -39.01
N GLU E 151 58.28 -21.13 -37.75
CA GLU E 151 56.88 -20.94 -38.07
C GLU E 151 56.03 -21.27 -36.84
N LYS E 152 54.73 -21.01 -36.95
CA LYS E 152 53.76 -21.38 -35.93
C LYS E 152 53.96 -20.74 -34.56
N THR E 153 53.64 -19.47 -34.43
CA THR E 153 53.54 -18.80 -33.15
C THR E 153 52.10 -18.42 -32.85
N PHE E 154 51.91 -17.65 -31.79
CA PHE E 154 50.59 -17.24 -31.36
C PHE E 154 50.30 -15.83 -31.84
N LEU E 155 49.39 -15.71 -32.79
CA LEU E 155 48.84 -14.40 -33.04
C LEU E 155 48.00 -13.98 -31.84
N HIS E 156 48.23 -12.76 -31.38
CA HIS E 156 47.33 -12.15 -30.44
C HIS E 156 46.16 -11.54 -31.18
N LEU E 157 44.99 -11.57 -30.55
CA LEU E 157 43.76 -11.15 -31.20
C LEU E 157 43.03 -10.10 -30.40
N PRO E 158 42.13 -9.37 -31.04
CA PRO E 158 41.20 -8.53 -30.30
C PRO E 158 40.36 -9.35 -29.36
N CYS E 159 39.69 -8.67 -28.45
CA CYS E 159 38.81 -9.34 -27.52
C CYS E 159 37.76 -8.36 -27.03
N THR E 160 36.61 -8.88 -26.59
CA THR E 160 35.51 -8.07 -26.12
C THR E 160 34.65 -8.93 -25.23
N ILE E 161 33.82 -8.32 -24.42
CA ILE E 161 32.95 -9.08 -23.55
C ILE E 161 31.53 -8.88 -24.03
N GLU E 162 30.86 -9.98 -24.35
CA GLU E 162 29.50 -9.92 -24.83
C GLU E 162 28.58 -10.43 -23.75
N ALA E 163 27.57 -9.63 -23.44
CA ALA E 163 26.62 -10.03 -22.42
C ALA E 163 25.35 -10.49 -23.08
N GLU E 164 24.97 -11.73 -22.81
CA GLU E 164 23.76 -12.29 -23.36
C GLU E 164 22.62 -11.75 -22.51
N GLU E 165 21.39 -11.96 -22.95
CA GLU E 165 20.26 -11.46 -22.20
C GLU E 165 20.36 -12.09 -20.82
N ALA E 166 20.79 -13.35 -20.81
CA ALA E 166 20.98 -14.09 -19.58
C ALA E 166 22.04 -13.48 -18.67
N GLU E 167 23.14 -12.99 -19.26
CA GLU E 167 24.19 -12.41 -18.45
C GLU E 167 24.07 -10.92 -18.31
N GLU E 168 23.51 -10.23 -19.31
CA GLU E 168 23.04 -8.88 -19.03
C GLU E 168 22.26 -8.89 -17.74
N ILE E 169 21.36 -9.85 -17.63
CA ILE E 169 20.45 -9.88 -16.51
C ILE E 169 21.19 -10.23 -15.23
N GLY E 170 22.03 -11.25 -15.28
CA GLY E 170 22.68 -11.67 -14.08
C GLY E 170 23.64 -10.62 -13.57
N VAL E 171 24.61 -10.27 -14.40
CA VAL E 171 25.60 -9.27 -14.00
C VAL E 171 24.90 -8.04 -13.47
N GLU E 172 23.99 -7.52 -14.27
CA GLU E 172 23.20 -6.37 -13.86
C GLU E 172 22.59 -6.57 -12.48
N HIS E 173 21.92 -7.68 -12.26
CA HIS E 173 21.27 -7.86 -10.97
C HIS E 173 22.27 -7.94 -9.86
N LEU E 174 23.51 -8.28 -10.17
CA LEU E 174 24.54 -8.38 -9.14
C LEU E 174 25.16 -7.03 -8.82
N LEU E 175 25.35 -6.17 -9.80
CA LEU E 175 26.19 -5.01 -9.62
C LEU E 175 25.44 -3.74 -9.30
N ARG E 176 24.12 -3.81 -9.09
CA ARG E 176 23.41 -2.57 -8.83
C ARG E 176 23.77 -2.01 -7.46
N ASP E 177 23.78 -2.85 -6.44
CA ASP E 177 24.07 -2.42 -5.09
C ASP E 177 25.37 -1.62 -5.00
N VAL E 178 26.42 -2.09 -5.65
CA VAL E 178 27.74 -1.49 -5.56
C VAL E 178 27.91 -0.41 -6.63
N ARG E 179 26.85 -0.10 -7.34
CA ARG E 179 26.93 0.97 -8.31
C ARG E 179 27.29 2.28 -7.61
N ASP E 180 28.04 3.12 -8.31
CA ASP E 180 28.71 4.25 -7.67
C ASP E 180 27.71 5.30 -7.18
N GLN E 181 28.19 6.14 -6.28
CA GLN E 181 27.38 7.20 -5.70
C GLN E 181 27.21 8.39 -6.62
N ALA E 182 28.08 8.55 -7.62
CA ALA E 182 28.16 9.77 -8.42
C ALA E 182 28.39 10.99 -7.53
N ALA E 183 29.48 10.92 -6.77
CA ALA E 183 29.85 11.87 -5.73
C ALA E 183 30.17 13.24 -6.33
N GLY E 184 30.28 14.23 -5.44
CA GLY E 184 30.73 15.55 -5.82
C GLY E 184 29.60 16.57 -5.76
N GLY E 185 29.94 17.78 -6.18
CA GLY E 185 29.04 18.91 -6.05
C GLY E 185 27.97 18.92 -7.11
N LEU E 186 27.13 19.93 -7.02
CA LEU E 186 26.06 20.04 -8.00
C LEU E 186 26.58 20.52 -9.34
N SER E 187 27.32 21.61 -9.34
CA SER E 187 27.74 22.17 -10.61
C SER E 187 28.67 21.23 -11.33
N ILE E 188 29.40 20.43 -10.58
CA ILE E 188 30.24 19.42 -11.19
C ILE E 188 29.39 18.48 -12.02
N ARG E 189 28.38 17.89 -11.40
CA ARG E 189 27.50 16.98 -12.11
C ARG E 189 26.89 17.65 -13.31
N LEU E 190 26.17 18.73 -13.07
CA LEU E 190 25.50 19.41 -14.18
C LEU E 190 26.46 19.74 -15.27
N THR E 191 27.73 19.86 -14.94
CA THR E 191 28.73 19.99 -15.98
C THR E 191 28.90 18.69 -16.73
N ASN E 192 29.17 17.61 -15.98
CA ASN E 192 29.47 16.32 -16.56
C ASN E 192 28.45 15.99 -17.62
N GLN E 193 27.19 16.14 -17.29
CA GLN E 193 26.25 15.69 -18.28
C GLN E 193 26.39 16.53 -19.53
N LEU E 194 26.57 17.83 -19.38
CA LEU E 194 26.61 18.65 -20.58
C LEU E 194 27.71 18.18 -21.50
N LYS E 195 28.83 17.81 -20.89
CA LYS E 195 29.86 17.12 -21.65
C LYS E 195 29.27 15.94 -22.39
N SER E 196 28.47 15.14 -21.70
CA SER E 196 27.94 13.94 -22.35
C SER E 196 27.08 14.31 -23.54
N LEU E 197 26.17 15.24 -23.36
CA LEU E 197 25.33 15.69 -24.45
C LEU E 197 26.16 16.03 -25.67
N LYS E 198 27.14 16.91 -25.51
CA LYS E 198 27.94 17.25 -26.69
C LYS E 198 28.61 16.02 -27.27
N GLY E 199 29.20 15.18 -26.41
CA GLY E 199 29.82 13.99 -26.91
C GLY E 199 28.88 13.24 -27.82
N LEU E 200 27.68 12.98 -27.33
CA LEU E 200 26.71 12.31 -28.16
C LEU E 200 26.53 13.01 -29.48
N GLN E 201 26.23 14.30 -29.45
CA GLN E 201 26.06 15.02 -30.70
C GLN E 201 27.18 14.72 -31.67
N SER E 202 28.41 14.80 -31.19
CA SER E 202 29.54 14.51 -32.04
C SER E 202 29.37 13.15 -32.68
N LYS E 203 29.17 12.13 -31.86
CA LYS E 203 29.08 10.80 -32.42
C LYS E 203 27.99 10.73 -33.47
N LEU E 204 26.92 11.47 -33.27
CA LEU E 204 25.89 11.47 -34.27
C LEU E 204 26.38 12.07 -35.57
N LYS E 205 27.16 13.14 -35.52
CA LYS E 205 27.85 13.58 -36.72
C LYS E 205 28.41 12.36 -37.39
N ASP E 206 29.31 11.72 -36.65
CA ASP E 206 30.10 10.62 -37.18
C ASP E 206 29.23 9.68 -37.97
N VAL E 207 28.12 9.29 -37.37
CA VAL E 207 27.34 8.30 -38.08
C VAL E 207 26.78 8.90 -39.33
N VAL E 208 26.30 10.13 -39.26
CA VAL E 208 25.62 10.64 -40.43
C VAL E 208 26.56 10.67 -41.61
N GLU E 209 27.70 11.35 -41.46
CA GLU E 209 28.50 11.50 -42.65
C GLU E 209 29.04 10.14 -43.09
N TYR E 210 29.25 9.21 -42.15
CA TYR E 210 29.58 7.89 -42.60
C TYR E 210 28.54 7.37 -43.55
N LEU E 211 27.31 7.31 -43.08
CA LEU E 211 26.24 6.80 -43.91
C LEU E 211 26.21 7.50 -45.24
N ASP E 212 26.60 8.76 -45.26
CA ASP E 212 26.84 9.41 -46.53
C ASP E 212 27.84 8.60 -47.34
N LYS E 213 28.99 8.33 -46.75
CA LYS E 213 29.99 7.57 -47.48
C LYS E 213 29.46 6.24 -47.96
N VAL E 214 28.52 5.65 -47.25
CA VAL E 214 27.95 4.40 -47.73
C VAL E 214 27.08 4.66 -48.94
N ILE E 215 26.23 5.66 -48.84
CA ILE E 215 25.60 6.13 -50.04
C ILE E 215 26.70 6.65 -50.93
N ASN E 216 26.41 6.71 -52.23
CA ASN E 216 27.39 7.12 -53.21
C ASN E 216 28.56 6.17 -53.26
N LYS E 217 28.38 4.99 -52.69
CA LYS E 217 29.29 3.87 -52.82
C LYS E 217 30.75 4.24 -52.69
N GLU E 218 31.08 5.10 -51.73
CA GLU E 218 32.46 5.22 -51.31
C GLU E 218 32.88 4.02 -50.48
N LEU E 219 32.18 3.76 -49.45
CA LEU E 219 32.41 2.60 -48.60
C LEU E 219 31.42 1.52 -48.96
N PRO E 220 31.90 0.29 -49.15
CA PRO E 220 31.13 -0.63 -50.00
C PRO E 220 29.75 -0.92 -49.47
N ILE E 221 29.68 -1.35 -48.22
CA ILE E 221 28.49 -1.49 -47.39
C ILE E 221 28.96 -2.23 -46.16
N ASN E 222 28.27 -2.10 -45.05
CA ASN E 222 28.54 -3.00 -43.96
C ASN E 222 27.22 -3.35 -43.32
N HIS E 223 26.86 -4.62 -43.37
CA HIS E 223 25.61 -4.99 -42.75
C HIS E 223 25.67 -4.75 -41.26
N THR E 224 26.63 -5.35 -40.60
CA THR E 224 26.61 -5.42 -39.14
C THR E 224 26.27 -4.07 -38.57
N ILE E 225 26.94 -3.04 -39.04
CA ILE E 225 26.67 -1.74 -38.47
C ILE E 225 25.23 -1.34 -38.73
N LEU E 226 24.72 -1.62 -39.91
CA LEU E 226 23.31 -1.37 -40.13
C LEU E 226 22.50 -2.08 -39.06
N GLY E 227 22.84 -3.33 -38.80
CA GLY E 227 22.19 -4.06 -37.73
C GLY E 227 22.17 -3.23 -36.48
N LYS E 228 23.32 -2.77 -36.05
CA LYS E 228 23.35 -2.08 -34.78
C LYS E 228 22.59 -0.77 -34.83
N LEU E 229 22.51 -0.13 -35.97
CA LEU E 229 21.67 1.04 -36.05
C LEU E 229 20.26 0.66 -35.75
N GLN E 230 19.72 -0.29 -36.51
CA GLN E 230 18.38 -0.74 -36.26
C GLN E 230 18.18 -0.98 -34.79
N ASP E 231 19.07 -1.75 -34.18
CA ASP E 231 18.92 -1.95 -32.76
C ASP E 231 18.98 -0.65 -32.02
N VAL E 232 19.55 0.37 -32.61
CA VAL E 232 19.46 1.63 -31.90
C VAL E 232 18.09 2.22 -32.07
N PHE E 233 17.41 1.97 -33.16
CA PHE E 233 16.07 2.50 -33.24
C PHE E 233 15.15 1.73 -32.34
N ASN E 234 15.29 0.41 -32.30
CA ASN E 234 14.38 -0.38 -31.51
C ASN E 234 14.33 0.07 -30.10
N LEU E 235 15.33 0.81 -29.66
CA LEU E 235 15.39 1.27 -28.30
C LEU E 235 14.86 2.67 -28.10
N LEU E 236 14.48 3.35 -29.13
CA LEU E 236 13.95 4.67 -28.90
C LEU E 236 12.64 4.52 -28.15
N PRO E 237 12.42 5.31 -27.11
CA PRO E 237 11.14 5.27 -26.41
C PRO E 237 10.07 6.03 -27.16
N ASN E 238 8.83 5.58 -26.98
CA ASN E 238 7.68 6.35 -27.42
C ASN E 238 7.34 7.37 -26.36
N LEU E 239 7.01 8.57 -26.78
CA LEU E 239 6.74 9.61 -25.80
C LEU E 239 5.54 10.44 -26.25
N ASN E 259 -0.95 2.35 -19.17
CA ASN E 259 0.48 2.45 -18.94
C ASN E 259 1.28 3.10 -20.02
N ASN E 260 0.98 4.34 -20.38
CA ASN E 260 1.94 5.03 -21.21
C ASN E 260 3.12 5.36 -20.35
N LEU E 261 4.29 5.36 -20.95
CA LEU E 261 5.46 5.78 -20.19
C LEU E 261 5.26 7.19 -19.71
N GLN E 262 4.95 8.08 -20.64
CA GLN E 262 5.11 9.49 -20.36
C GLN E 262 4.35 9.88 -19.13
N LYS E 263 3.21 9.26 -18.87
CA LYS E 263 2.58 9.53 -17.60
C LYS E 263 3.44 9.04 -16.45
N ALA E 264 4.09 7.90 -16.58
CA ALA E 264 4.98 7.53 -15.50
C ALA E 264 5.99 8.62 -15.30
N LEU E 265 6.52 9.11 -16.38
CA LEU E 265 7.50 10.18 -16.29
C LEU E 265 6.96 11.38 -15.56
N THR E 266 6.00 12.08 -16.15
CA THR E 266 5.59 13.32 -15.55
C THR E 266 5.06 13.11 -14.16
N VAL E 267 4.62 11.91 -13.84
CA VAL E 267 4.22 11.66 -12.47
C VAL E 267 5.42 11.64 -11.56
N LYS E 268 6.50 10.97 -11.95
CA LYS E 268 7.71 11.14 -11.18
C LYS E 268 8.02 12.61 -11.03
N THR E 269 8.26 13.28 -12.15
CA THR E 269 8.71 14.65 -12.08
C THR E 269 7.89 15.45 -11.10
N ASN E 270 6.58 15.29 -11.09
CA ASN E 270 5.83 15.91 -10.02
C ASN E 270 6.34 15.42 -8.69
N ASP E 271 6.61 14.14 -8.59
CA ASP E 271 6.94 13.61 -7.29
C ASP E 271 8.26 14.15 -6.80
N GLU E 272 9.25 14.29 -7.67
CA GLU E 272 10.45 14.98 -7.23
C GLU E 272 10.15 16.40 -6.84
N LEU E 273 9.62 17.17 -7.79
CA LEU E 273 9.46 18.59 -7.53
C LEU E 273 8.84 18.82 -6.18
N MET E 274 8.01 17.90 -5.74
CA MET E 274 7.59 18.03 -4.35
C MET E 274 8.80 18.10 -3.46
N VAL E 275 9.65 17.07 -3.49
CA VAL E 275 10.67 17.03 -2.48
C VAL E 275 11.62 18.18 -2.65
N ILE E 276 11.90 18.53 -3.89
CA ILE E 276 12.64 19.77 -4.11
C ILE E 276 12.00 20.89 -3.32
N TYR E 277 10.68 20.98 -3.40
CA TYR E 277 10.00 22.15 -2.90
C TYR E 277 9.97 22.19 -1.39
N ILE E 278 9.43 21.17 -0.76
CA ILE E 278 9.42 21.29 0.68
C ILE E 278 10.83 21.31 1.21
N SER E 279 11.77 20.75 0.46
CA SER E 279 13.15 20.95 0.80
C SER E 279 13.50 22.42 0.77
N ASN E 280 13.02 23.15 -0.23
CA ASN E 280 13.20 24.58 -0.16
C ASN E 280 12.61 25.13 1.11
N LEU E 281 11.45 24.67 1.52
CA LEU E 281 10.93 25.22 2.76
C LEU E 281 11.96 25.08 3.86
N VAL E 282 12.26 23.83 4.23
CA VAL E 282 13.16 23.62 5.36
C VAL E 282 14.41 24.44 5.21
N ARG E 283 14.87 24.60 3.97
CA ARG E 283 16.04 25.42 3.74
C ARG E 283 15.76 26.85 4.14
N SER E 284 14.74 27.45 3.56
CA SER E 284 14.48 28.84 3.81
C SER E 284 14.26 29.09 5.28
N ILE E 285 13.31 28.40 5.87
CA ILE E 285 13.07 28.62 7.29
C ILE E 285 14.36 28.55 8.09
N ILE E 286 15.17 27.52 7.86
CA ILE E 286 16.35 27.46 8.72
C ILE E 286 17.22 28.69 8.50
N ALA E 287 17.31 29.17 7.26
CA ALA E 287 18.04 30.40 7.01
C ALA E 287 17.49 31.54 7.84
N PHE E 288 16.20 31.78 7.71
CA PHE E 288 15.53 32.76 8.54
C PHE E 288 15.93 32.64 9.99
N ASP E 289 16.02 31.42 10.50
CA ASP E 289 16.54 31.27 11.84
C ASP E 289 17.85 32.00 11.98
N ASP E 290 18.80 31.66 11.14
CA ASP E 290 20.07 32.34 11.30
C ASP E 290 19.84 33.84 11.32
N LEU E 291 19.07 34.35 10.37
CA LEU E 291 18.83 35.80 10.33
C LEU E 291 18.46 36.33 11.69
N ILE E 292 17.53 35.67 12.39
CA ILE E 292 17.21 36.26 13.68
C ILE E 292 18.41 36.13 14.58
N GLU E 293 19.23 35.13 14.37
CA GLU E 293 20.38 35.02 15.26
C GLU E 293 21.35 36.17 15.06
N ASN E 294 21.69 36.44 13.81
CA ASN E 294 22.64 37.50 13.55
C ASN E 294 22.09 38.82 13.96
N LYS E 295 20.83 39.08 13.70
CA LYS E 295 20.39 40.37 14.17
C LYS E 295 20.20 40.40 15.67
N ILE E 296 20.07 39.27 16.33
CA ILE E 296 19.91 39.36 17.77
C ILE E 296 21.26 39.59 18.45
N GLN E 297 22.28 38.80 18.14
CA GLN E 297 23.53 39.04 18.84
C GLN E 297 24.25 40.24 18.24
N ASN E 298 24.12 40.39 16.94
CA ASN E 298 24.52 41.61 16.28
C ASN E 298 23.78 42.82 16.83
N LYS E 299 22.65 42.61 17.49
CA LYS E 299 22.13 43.68 18.32
C LYS E 299 22.79 43.69 19.68
N LYS E 300 23.27 42.55 20.15
CA LYS E 300 23.91 42.56 21.46
C LYS E 300 25.30 43.16 21.40
N ILE E 301 25.85 43.43 20.22
CA ILE E 301 27.11 44.15 20.21
C ILE E 301 26.91 45.66 20.33
N GLN E 302 25.83 46.20 19.76
CA GLN E 302 25.64 47.65 19.73
C GLN E 302 25.85 48.29 21.10
N GLU E 303 25.30 47.67 22.15
CA GLU E 303 25.52 48.16 23.49
C GLU E 303 27.01 48.21 23.80
N GLN E 304 27.71 47.13 23.46
CA GLN E 304 29.14 47.07 23.69
C GLN E 304 29.86 48.22 23.00
N ARG E 305 29.43 48.58 21.78
CA ARG E 305 29.94 49.80 21.18
C ARG E 305 29.66 50.98 22.09
N VAL E 306 28.39 51.18 22.45
CA VAL E 306 28.01 52.32 23.27
C VAL E 306 28.63 52.21 24.66
N LYS E 307 28.39 51.10 25.33
CA LYS E 307 29.06 50.83 26.60
C LYS E 307 28.74 49.42 27.08
N GLU F 6 46.97 -60.56 -62.33
CA GLU F 6 47.84 -59.60 -61.66
C GLU F 6 47.33 -58.17 -61.85
N ILE F 7 47.64 -57.32 -60.86
CA ILE F 7 47.43 -55.89 -60.99
C ILE F 7 48.05 -55.36 -62.27
N ASP F 8 49.11 -56.01 -62.73
CA ASP F 8 49.71 -55.63 -63.99
C ASP F 8 48.85 -56.09 -65.16
N THR F 9 48.12 -57.17 -64.99
CA THR F 9 47.18 -57.62 -66.02
C THR F 9 45.97 -56.70 -66.07
N ILE F 10 45.29 -56.59 -64.93
CA ILE F 10 44.10 -55.76 -64.85
C ILE F 10 44.45 -54.34 -65.22
N LEU F 11 45.33 -53.74 -64.44
CA LEU F 11 45.85 -52.40 -64.73
C LEU F 11 46.30 -52.27 -66.17
N SER F 12 46.93 -53.32 -66.70
CA SER F 12 47.42 -53.27 -68.07
C SER F 12 46.28 -53.01 -69.02
N THR F 13 45.28 -53.88 -69.03
CA THR F 13 44.15 -53.64 -69.92
C THR F 13 43.41 -52.37 -69.57
N LEU F 14 43.50 -51.91 -68.33
CA LEU F 14 42.91 -50.65 -67.93
C LEU F 14 43.50 -49.50 -68.72
N ARG F 15 44.78 -49.21 -68.49
CA ARG F 15 45.44 -48.15 -69.25
C ARG F 15 45.29 -48.37 -70.75
N MET F 16 45.16 -49.63 -71.15
CA MET F 16 45.09 -49.92 -72.56
C MET F 16 43.77 -49.45 -73.18
N GLU F 17 42.66 -49.91 -72.62
CA GLU F 17 41.45 -50.06 -73.43
C GLU F 17 40.73 -48.72 -73.65
N ALA F 18 40.12 -48.17 -72.61
CA ALA F 18 39.10 -47.15 -72.76
C ALA F 18 39.59 -45.92 -73.53
N ASP F 19 40.43 -45.10 -72.92
CA ASP F 19 40.92 -43.96 -73.64
C ASP F 19 42.40 -43.78 -73.35
N PRO F 20 43.19 -43.51 -74.39
CA PRO F 20 44.61 -43.21 -74.16
C PRO F 20 44.87 -41.85 -73.53
N SER F 21 44.14 -40.81 -73.95
CA SER F 21 44.53 -39.45 -73.60
C SER F 21 44.75 -39.29 -72.10
N LEU F 22 44.05 -40.08 -71.30
CA LEU F 22 44.22 -40.06 -69.86
C LEU F 22 45.12 -41.17 -69.36
N HIS F 23 45.68 -41.98 -70.25
CA HIS F 23 46.48 -43.13 -69.81
C HIS F 23 47.72 -42.78 -68.99
N PRO F 24 48.42 -41.65 -69.19
CA PRO F 24 49.67 -41.45 -68.44
C PRO F 24 49.50 -41.57 -66.93
N LEU F 25 48.31 -41.29 -66.42
CA LEU F 25 48.07 -41.47 -64.99
C LEU F 25 48.42 -42.88 -64.54
N PHE F 26 48.05 -43.86 -65.34
CA PHE F 26 48.32 -45.25 -64.99
C PHE F 26 49.76 -45.45 -64.63
N GLU F 27 50.64 -44.73 -65.30
CA GLU F 27 52.05 -44.81 -65.00
C GLU F 27 52.28 -44.55 -63.51
N GLN F 28 51.85 -43.37 -63.06
CA GLN F 28 51.89 -43.09 -61.64
C GLN F 28 51.33 -44.27 -60.85
N PHE F 29 50.13 -44.72 -61.23
CA PHE F 29 49.53 -45.85 -60.56
C PHE F 29 50.48 -47.03 -60.59
N GLU F 30 50.78 -47.52 -61.79
CA GLU F 30 51.63 -48.69 -61.89
C GLU F 30 52.96 -48.43 -61.24
N LYS F 31 53.38 -47.17 -61.22
CA LYS F 31 54.58 -46.85 -60.48
C LYS F 31 54.31 -46.92 -58.99
N PHE F 32 53.33 -46.13 -58.54
CA PHE F 32 53.08 -46.04 -57.11
C PHE F 32 52.50 -47.33 -56.58
N TYR F 33 51.74 -48.05 -57.39
CA TYR F 33 51.35 -49.40 -56.99
C TYR F 33 52.56 -50.16 -56.52
N GLU F 34 53.56 -50.26 -57.40
CA GLU F 34 54.81 -50.89 -57.02
C GLU F 34 55.46 -50.12 -55.89
N GLU F 35 55.39 -48.79 -55.96
CA GLU F 35 56.05 -47.95 -54.98
C GLU F 35 55.27 -47.83 -53.69
N LYS F 36 54.03 -48.31 -53.63
CA LYS F 36 53.38 -48.58 -52.37
C LYS F 36 53.08 -47.33 -51.58
N LEU F 37 53.32 -46.12 -52.10
CA LEU F 37 53.08 -44.91 -51.33
C LEU F 37 51.63 -44.52 -51.54
N TRP F 38 50.80 -44.80 -50.55
CA TRP F 38 49.38 -44.77 -50.86
C TRP F 38 48.77 -43.41 -50.62
N PHE F 39 49.49 -42.51 -49.96
CA PHE F 39 49.15 -41.12 -50.14
C PHE F 39 49.25 -40.79 -51.62
N GLN F 40 50.44 -41.02 -52.18
CA GLN F 40 50.67 -40.71 -53.57
C GLN F 40 49.64 -41.38 -54.46
N LEU F 41 49.48 -42.69 -54.30
CA LEU F 41 48.41 -43.38 -54.99
C LEU F 41 47.12 -42.61 -54.83
N SER F 42 46.80 -42.26 -53.58
CA SER F 42 45.50 -41.71 -53.28
C SER F 42 45.20 -40.51 -54.15
N GLU F 43 46.13 -39.57 -54.25
CA GLU F 43 45.76 -38.46 -55.12
C GLU F 43 45.85 -38.84 -56.59
N SER F 44 46.72 -39.77 -56.95
CA SER F 44 46.73 -40.22 -58.33
C SER F 44 45.32 -40.66 -58.71
N LEU F 45 44.88 -41.72 -58.03
CA LEU F 45 43.54 -42.25 -58.16
C LEU F 45 42.51 -41.15 -58.15
N THR F 46 42.66 -40.22 -57.21
CA THR F 46 41.78 -39.08 -57.03
C THR F 46 41.53 -38.40 -58.36
N LYS F 47 42.60 -37.80 -58.87
CA LYS F 47 42.55 -37.17 -60.18
C LYS F 47 41.91 -38.10 -61.19
N PHE F 48 42.32 -39.36 -61.16
CA PHE F 48 41.84 -40.27 -62.19
C PHE F 48 40.34 -40.36 -62.21
N PHE F 49 39.70 -40.59 -61.06
CA PHE F 49 38.25 -40.64 -61.07
C PHE F 49 37.66 -39.29 -61.40
N ASP F 50 38.31 -38.23 -60.94
CA ASP F 50 37.83 -36.90 -61.24
C ASP F 50 37.59 -36.74 -62.73
N ASP F 51 38.62 -37.00 -63.53
CA ASP F 51 38.52 -36.79 -64.97
C ASP F 51 37.87 -37.96 -65.70
N ALA F 52 38.07 -39.17 -65.19
CA ALA F 52 37.58 -40.42 -65.72
C ALA F 52 36.14 -40.67 -65.30
N LYS F 53 35.52 -39.68 -64.66
CA LYS F 53 34.08 -39.70 -64.42
C LYS F 53 33.33 -40.08 -65.68
N SER F 54 33.89 -39.79 -66.85
CA SER F 54 33.43 -40.44 -68.07
C SER F 54 33.64 -41.95 -68.00
N THR F 55 34.84 -42.36 -67.65
CA THR F 55 35.27 -43.71 -67.91
C THR F 55 34.63 -44.67 -66.94
N PRO F 56 34.01 -45.74 -67.42
CA PRO F 56 33.50 -46.76 -66.50
C PRO F 56 34.60 -47.41 -65.68
N LEU F 57 35.82 -47.50 -66.23
CA LEU F 57 36.95 -48.07 -65.52
C LEU F 57 37.26 -47.33 -64.24
N ARG F 58 36.60 -46.21 -64.01
CA ARG F 58 36.49 -45.68 -62.67
C ARG F 58 35.79 -46.68 -61.78
N LEU F 59 34.54 -47.01 -62.13
CA LEU F 59 33.84 -48.08 -61.45
C LEU F 59 34.66 -49.35 -61.43
N ARG F 60 35.19 -49.71 -62.59
CA ARG F 60 35.76 -51.03 -62.75
C ARG F 60 37.07 -51.14 -62.01
N LEU F 61 37.97 -50.20 -62.25
CA LEU F 61 39.20 -50.11 -61.49
C LEU F 61 38.91 -50.16 -60.01
N TYR F 62 37.98 -49.33 -59.55
CA TYR F 62 37.59 -49.36 -58.16
C TYR F 62 37.32 -50.79 -57.73
N ASP F 63 36.33 -51.39 -58.37
CA ASP F 63 35.92 -52.76 -58.08
C ASP F 63 37.11 -53.70 -58.04
N ASN F 64 38.00 -53.58 -59.00
CA ASN F 64 39.13 -54.47 -59.17
C ASN F 64 40.25 -54.15 -58.19
N PHE F 65 40.67 -52.90 -58.15
CA PHE F 65 42.01 -52.55 -57.71
C PHE F 65 42.00 -51.82 -56.37
N VAL F 66 41.52 -50.58 -56.31
CA VAL F 66 41.52 -49.88 -55.04
C VAL F 66 40.64 -50.62 -54.06
N SER F 67 39.70 -51.40 -54.58
CA SER F 67 39.05 -52.40 -53.75
C SER F 67 40.05 -53.32 -53.08
N LYS F 68 41.28 -53.39 -53.57
CA LYS F 68 42.31 -54.02 -52.75
C LYS F 68 42.86 -53.03 -51.75
N PHE F 69 42.95 -51.77 -52.14
CA PHE F 69 43.70 -50.77 -51.42
C PHE F 69 42.85 -49.84 -50.56
N TYR F 70 41.54 -50.04 -50.52
CA TYR F 70 40.74 -49.29 -49.56
C TYR F 70 41.35 -49.42 -48.17
N ASP F 71 41.87 -50.60 -47.87
CA ASP F 71 42.38 -50.93 -46.54
C ASP F 71 43.25 -49.82 -45.98
N LYS F 72 44.08 -49.23 -46.83
CA LYS F 72 45.10 -48.28 -46.47
C LYS F 72 44.63 -46.86 -46.65
N ILE F 73 44.19 -46.54 -47.87
CA ILE F 73 43.95 -45.16 -48.26
C ILE F 73 42.90 -44.50 -47.37
N ASN F 74 42.91 -43.17 -47.35
CA ASN F 74 41.97 -42.39 -46.55
C ASN F 74 40.55 -42.86 -46.74
N GLN F 75 39.89 -43.10 -45.62
CA GLN F 75 38.48 -43.43 -45.57
C GLN F 75 37.71 -42.49 -46.47
N LEU F 76 37.66 -41.22 -46.06
CA LEU F 76 36.88 -40.23 -46.80
C LEU F 76 37.26 -40.25 -48.27
N SER F 77 38.55 -40.22 -48.56
CA SER F 77 39.00 -40.34 -49.94
C SER F 77 38.30 -41.52 -50.59
N VAL F 78 38.56 -42.71 -50.06
CA VAL F 78 38.09 -43.97 -50.60
C VAL F 78 36.64 -43.80 -51.00
N VAL F 79 35.88 -43.26 -50.07
CA VAL F 79 34.46 -43.09 -50.34
C VAL F 79 34.28 -42.19 -51.54
N LYS F 80 34.87 -41.00 -51.51
CA LYS F 80 34.70 -40.10 -52.64
C LYS F 80 34.99 -40.80 -53.94
N TYR F 81 35.95 -41.72 -53.94
CA TYR F 81 36.15 -42.57 -55.11
C TYR F 81 34.86 -43.32 -55.43
N LEU F 82 34.39 -44.11 -54.48
CA LEU F 82 33.21 -44.91 -54.78
C LEU F 82 32.10 -44.05 -55.30
N LEU F 83 31.87 -42.92 -54.66
CA LEU F 83 30.75 -42.07 -55.02
C LEU F 83 30.92 -41.54 -56.42
N ALA F 84 32.10 -40.99 -56.72
CA ALA F 84 32.35 -40.47 -58.04
C ALA F 84 31.95 -41.49 -59.09
N SER F 85 32.29 -42.75 -58.85
CA SER F 85 31.82 -43.82 -59.70
C SER F 85 30.31 -43.81 -59.82
N LEU F 86 29.63 -43.43 -58.75
CA LEU F 86 28.19 -43.66 -58.64
C LEU F 86 27.33 -42.49 -59.08
N LYS F 87 27.93 -41.31 -59.31
CA LYS F 87 27.11 -40.16 -59.68
C LYS F 87 26.24 -40.47 -60.88
N ASP F 88 26.64 -41.45 -61.67
CA ASP F 88 25.93 -41.91 -62.85
C ASP F 88 24.85 -42.93 -62.61
N SER F 89 25.00 -43.76 -61.59
CA SER F 89 24.38 -45.06 -61.70
C SER F 89 22.86 -44.99 -61.61
N LYS F 90 22.19 -45.53 -62.62
CA LYS F 90 20.75 -45.58 -62.68
C LYS F 90 20.21 -46.90 -62.18
N ASP F 91 21.08 -47.83 -61.81
CA ASP F 91 20.67 -49.01 -61.07
C ASP F 91 20.86 -48.68 -59.60
N PHE F 92 19.75 -48.47 -58.93
CA PHE F 92 19.81 -47.97 -57.58
C PHE F 92 20.19 -49.08 -56.62
N ASP F 93 19.55 -50.23 -56.77
CA ASP F 93 19.90 -51.35 -55.92
C ASP F 93 21.36 -51.70 -56.05
N GLU F 94 21.92 -51.52 -57.24
CA GLU F 94 23.34 -51.76 -57.42
C GLU F 94 24.14 -50.80 -56.57
N SER F 95 23.84 -49.52 -56.68
CA SER F 95 24.46 -48.54 -55.82
C SER F 95 24.39 -48.96 -54.36
N LEU F 96 23.17 -49.23 -53.89
CA LEU F 96 22.98 -49.68 -52.53
C LEU F 96 23.93 -50.81 -52.21
N LYS F 97 23.88 -51.86 -53.02
CA LYS F 97 24.65 -53.05 -52.72
C LYS F 97 26.13 -52.76 -52.77
N TYR F 98 26.57 -51.72 -53.45
CA TYR F 98 27.93 -51.30 -53.18
C TYR F 98 28.01 -50.69 -51.80
N LEU F 99 27.15 -49.73 -51.52
CA LEU F 99 27.33 -48.86 -50.38
C LEU F 99 27.30 -49.64 -49.09
N ASP F 100 26.20 -50.33 -48.85
CA ASP F 100 26.10 -51.19 -47.68
C ASP F 100 27.33 -52.07 -47.55
N ASP F 101 27.84 -52.56 -48.67
CA ASP F 101 28.90 -53.54 -48.59
C ASP F 101 30.20 -52.90 -48.17
N LEU F 102 30.62 -51.88 -48.91
CA LEU F 102 31.78 -51.11 -48.47
C LEU F 102 31.66 -50.72 -47.02
N LYS F 103 30.46 -50.29 -46.63
CA LYS F 103 30.21 -50.02 -45.23
C LYS F 103 30.62 -51.20 -44.39
N ALA F 104 30.03 -52.36 -44.69
CA ALA F 104 30.30 -53.56 -43.93
C ALA F 104 31.79 -53.79 -43.80
N GLN F 105 32.50 -53.61 -44.90
CA GLN F 105 33.95 -53.60 -44.84
C GLN F 105 34.41 -52.68 -43.71
N PHE F 106 33.87 -51.49 -43.68
CA PHE F 106 34.35 -50.57 -42.67
C PHE F 106 33.86 -50.92 -41.30
N GLN F 107 32.82 -51.74 -41.20
CA GLN F 107 32.46 -52.27 -39.90
C GLN F 107 33.53 -53.22 -39.42
N GLU F 108 33.97 -54.10 -40.32
CA GLU F 108 35.09 -54.95 -40.00
C GLU F 108 36.27 -54.11 -39.52
N LEU F 109 36.70 -53.15 -40.35
CA LEU F 109 37.81 -52.32 -39.91
C LEU F 109 37.50 -51.66 -38.59
N ASP F 110 36.24 -51.32 -38.37
CA ASP F 110 35.88 -50.70 -37.11
C ASP F 110 35.98 -51.67 -35.96
N SER F 111 36.10 -52.98 -36.22
CA SER F 111 36.17 -53.90 -35.10
C SER F 111 37.32 -53.65 -34.14
N LYS F 112 38.53 -54.08 -34.52
CA LYS F 112 39.61 -54.16 -33.54
C LYS F 112 40.57 -52.98 -33.54
N LYS F 113 40.56 -52.17 -34.59
CA LYS F 113 41.65 -51.24 -34.82
C LYS F 113 41.35 -49.82 -34.39
N GLN F 114 40.13 -49.57 -33.93
CA GLN F 114 39.69 -48.21 -33.73
C GLN F 114 40.02 -47.68 -32.34
N ARG F 115 40.46 -48.55 -31.42
CA ARG F 115 40.78 -48.12 -30.07
C ARG F 115 42.18 -47.52 -30.00
N ASN F 116 43.10 -48.09 -30.76
CA ASN F 116 44.48 -47.66 -30.72
C ASN F 116 44.62 -46.26 -31.28
N ASN F 117 44.14 -46.05 -32.50
CA ASN F 117 44.06 -44.73 -33.08
C ASN F 117 43.21 -43.81 -32.22
N GLY F 118 42.04 -44.31 -31.80
CA GLY F 118 40.96 -43.50 -31.27
C GLY F 118 39.80 -43.38 -32.21
N SER F 119 39.99 -43.72 -33.49
CA SER F 119 38.97 -43.71 -34.55
C SER F 119 38.48 -42.29 -34.77
N LYS F 120 37.17 -42.07 -34.83
CA LYS F 120 36.49 -40.78 -34.96
C LYS F 120 36.84 -40.04 -36.23
N ASP F 121 37.80 -40.58 -36.99
CA ASP F 121 38.03 -40.25 -38.38
C ASP F 121 37.86 -41.46 -39.28
N HIS F 122 37.70 -42.65 -38.72
CA HIS F 122 37.29 -43.84 -39.46
C HIS F 122 35.80 -44.11 -39.32
N GLY F 123 35.12 -43.42 -38.42
CA GLY F 123 33.71 -43.66 -38.23
C GLY F 123 32.90 -42.75 -39.11
N ASP F 124 33.48 -41.64 -39.52
CA ASP F 124 32.76 -40.68 -40.32
C ASP F 124 32.72 -41.07 -41.78
N GLY F 125 33.76 -41.73 -42.28
CA GLY F 125 33.64 -42.29 -43.60
C GLY F 125 32.36 -43.06 -43.76
N ILE F 126 31.89 -43.66 -42.68
CA ILE F 126 30.55 -44.24 -42.66
C ILE F 126 29.52 -43.20 -43.04
N LEU F 127 29.64 -42.02 -42.45
CA LEU F 127 28.56 -41.06 -42.56
C LEU F 127 28.29 -40.72 -44.00
N LEU F 128 29.31 -40.28 -44.73
CA LEU F 128 29.15 -40.00 -46.16
C LEU F 128 28.35 -41.09 -46.82
N ILE F 129 28.79 -42.32 -46.60
CA ILE F 129 28.06 -43.46 -47.13
C ILE F 129 26.58 -43.28 -46.82
N ASP F 130 26.28 -43.02 -45.57
CA ASP F 130 24.89 -42.98 -45.16
C ASP F 130 24.15 -41.90 -45.91
N SER F 131 24.76 -40.73 -46.02
CA SER F 131 24.13 -39.63 -46.73
C SER F 131 23.78 -40.04 -48.14
N GLU F 132 24.76 -40.49 -48.90
CA GLU F 132 24.47 -40.77 -50.28
C GLU F 132 23.47 -41.90 -50.39
N ILE F 133 23.53 -42.85 -49.46
CA ILE F 133 22.48 -43.86 -49.37
C ILE F 133 21.12 -43.19 -49.36
N ALA F 134 20.92 -42.28 -48.43
CA ALA F 134 19.68 -41.53 -48.39
C ALA F 134 19.38 -40.96 -49.75
N ARG F 135 20.36 -40.29 -50.34
CA ARG F 135 20.15 -39.76 -51.69
C ARG F 135 19.56 -40.83 -52.60
N THR F 136 20.20 -41.99 -52.63
CA THR F 136 19.71 -43.07 -53.45
C THR F 136 18.26 -43.31 -53.22
N TYR F 137 17.83 -43.34 -51.97
CA TYR F 137 16.42 -43.50 -51.74
C TYR F 137 15.64 -42.36 -52.36
N LEU F 138 16.09 -41.14 -52.18
CA LEU F 138 15.36 -40.06 -52.81
C LEU F 138 15.23 -40.30 -54.29
N LEU F 139 16.13 -41.06 -54.86
CA LEU F 139 15.98 -41.40 -56.25
C LEU F 139 14.97 -42.53 -56.42
N LYS F 140 14.92 -43.42 -55.45
CA LYS F 140 13.98 -44.52 -55.44
C LYS F 140 12.62 -44.11 -54.92
N ASN F 141 12.42 -42.84 -54.63
CA ASN F 141 11.28 -42.35 -53.86
C ASN F 141 11.39 -43.03 -52.50
N ASP F 142 10.33 -43.60 -51.95
CA ASP F 142 10.32 -43.92 -50.53
C ASP F 142 10.86 -42.73 -49.76
N LEU F 143 10.14 -41.63 -49.88
CA LEU F 143 10.58 -40.45 -49.16
C LEU F 143 10.73 -40.75 -47.70
N VAL F 144 10.01 -41.76 -47.20
CA VAL F 144 10.05 -42.03 -45.78
C VAL F 144 11.38 -42.65 -45.38
N LYS F 145 11.74 -43.75 -46.01
CA LYS F 145 12.92 -44.38 -45.45
C LYS F 145 14.17 -43.62 -45.81
N ALA F 146 14.06 -42.61 -46.63
CA ALA F 146 15.03 -41.54 -46.55
C ALA F 146 14.87 -40.81 -45.24
N ARG F 147 13.67 -40.28 -45.03
CA ARG F 147 13.46 -39.31 -43.98
C ARG F 147 14.06 -39.78 -42.68
N ASP F 148 13.81 -41.02 -42.32
CA ASP F 148 14.42 -41.51 -41.09
C ASP F 148 15.93 -41.46 -41.17
N LEU F 149 16.51 -42.04 -42.22
CA LEU F 149 17.96 -42.09 -42.35
C LEU F 149 18.58 -40.73 -42.14
N LEU F 150 17.94 -39.71 -42.68
CA LEU F 150 18.45 -38.38 -42.43
C LEU F 150 18.26 -37.98 -40.99
N ASP F 151 17.19 -38.42 -40.37
CA ASP F 151 17.09 -38.09 -38.96
C ASP F 151 18.23 -38.69 -38.19
N ASP F 152 18.23 -40.01 -38.03
CA ASP F 152 19.21 -40.61 -37.15
C ASP F 152 20.62 -40.28 -37.60
N LEU F 153 20.80 -39.91 -38.85
CA LEU F 153 22.06 -39.29 -39.20
C LEU F 153 22.22 -37.97 -38.49
N GLU F 154 21.17 -37.15 -38.48
CA GLU F 154 21.32 -35.80 -37.99
C GLU F 154 21.67 -35.78 -36.54
N LYS F 155 21.03 -36.64 -35.74
CA LYS F 155 21.41 -36.68 -34.33
C LYS F 155 22.89 -36.94 -34.17
N THR F 156 23.41 -37.91 -34.89
CA THR F 156 24.83 -38.19 -34.78
C THR F 156 25.65 -36.96 -35.11
N LEU F 157 25.39 -36.38 -36.27
CA LEU F 157 26.16 -35.23 -36.70
C LEU F 157 26.05 -34.06 -35.76
N ASP F 158 25.03 -33.98 -34.91
CA ASP F 158 24.98 -32.83 -34.04
C ASP F 158 25.92 -32.95 -32.88
N LYS F 159 26.33 -34.15 -32.53
CA LYS F 159 27.25 -34.31 -31.43
C LYS F 159 28.69 -34.09 -31.86
N LYS F 160 29.06 -34.61 -33.02
CA LYS F 160 30.44 -34.48 -33.45
C LYS F 160 30.83 -33.03 -33.52
N ASP F 161 31.92 -32.68 -32.83
CA ASP F 161 32.46 -31.34 -32.96
C ASP F 161 33.23 -31.19 -34.25
N SER F 162 34.20 -32.04 -34.47
CA SER F 162 35.00 -32.01 -35.68
C SER F 162 34.30 -32.88 -36.71
N ILE F 163 34.03 -32.33 -37.87
CA ILE F 163 33.59 -33.16 -38.97
C ILE F 163 34.43 -32.77 -40.17
N PRO F 164 34.81 -33.70 -41.02
CA PRO F 164 35.38 -33.31 -42.29
C PRO F 164 34.31 -32.56 -43.05
N LEU F 165 34.68 -31.40 -43.55
CA LEU F 165 33.70 -30.49 -44.11
C LEU F 165 32.81 -31.16 -45.13
N ARG F 166 33.37 -32.09 -45.88
CA ARG F 166 32.66 -32.70 -46.99
C ARG F 166 31.28 -33.11 -46.58
N ILE F 167 31.19 -33.71 -45.41
CA ILE F 167 29.97 -34.43 -45.07
C ILE F 167 28.80 -33.48 -45.08
N THR F 168 28.90 -32.43 -44.28
CA THR F 168 27.78 -31.51 -44.18
C THR F 168 27.33 -31.05 -45.53
N ASN F 169 28.24 -30.91 -46.49
CA ASN F 169 27.81 -30.65 -47.85
C ASN F 169 26.94 -31.78 -48.37
N SER F 170 27.31 -33.01 -48.06
CA SER F 170 26.41 -34.09 -48.45
C SER F 170 25.07 -33.95 -47.76
N PHE F 171 25.11 -33.64 -46.49
CA PHE F 171 23.93 -33.73 -45.67
C PHE F 171 22.91 -32.70 -46.08
N TYR F 172 23.33 -31.46 -46.16
CA TYR F 172 22.40 -30.49 -46.66
C TYR F 172 22.10 -30.69 -48.12
N SER F 173 23.00 -31.32 -48.87
CA SER F 173 22.66 -31.60 -50.25
C SER F 173 21.39 -32.41 -50.33
N THR F 174 21.42 -33.59 -49.72
CA THR F 174 20.25 -34.44 -49.70
C THR F 174 19.07 -33.71 -49.09
N ASN F 175 19.21 -33.26 -47.85
CA ASN F 175 18.08 -32.64 -47.17
C ASN F 175 17.40 -31.61 -48.04
N SER F 176 18.18 -30.77 -48.68
CA SER F 176 17.62 -29.86 -49.64
C SER F 176 16.75 -30.63 -50.63
N GLN F 177 17.32 -31.62 -51.30
CA GLN F 177 16.53 -32.33 -52.28
C GLN F 177 15.23 -32.81 -51.67
N TYR F 178 15.35 -33.54 -50.56
CA TYR F 178 14.17 -34.07 -49.91
C TYR F 178 13.11 -33.02 -49.75
N PHE F 179 13.49 -31.83 -49.32
CA PHE F 179 12.48 -30.83 -49.09
C PHE F 179 11.85 -30.36 -50.38
N LYS F 180 12.64 -30.12 -51.41
CA LYS F 180 11.90 -29.69 -52.57
C LYS F 180 11.07 -30.82 -53.17
N PHE F 181 11.26 -32.06 -52.73
CA PHE F 181 10.23 -33.03 -53.02
C PHE F 181 9.00 -32.78 -52.20
N LYS F 182 9.16 -32.75 -50.88
CA LYS F 182 8.04 -32.52 -50.00
C LYS F 182 7.41 -31.15 -50.23
N ASN F 183 8.19 -30.22 -50.74
CA ASN F 183 7.74 -28.84 -50.89
C ASN F 183 7.32 -28.26 -49.54
N ASP F 184 8.19 -28.43 -48.57
CA ASP F 184 8.21 -27.53 -47.43
C ASP F 184 9.20 -26.46 -47.76
N PHE F 185 8.71 -25.27 -48.02
CA PHE F 185 9.61 -24.27 -48.54
C PHE F 185 10.56 -23.78 -47.47
N ASN F 186 10.02 -23.38 -46.32
CA ASN F 186 10.83 -22.87 -45.23
C ASN F 186 12.08 -23.71 -45.03
N SER F 187 11.84 -24.93 -44.61
CA SER F 187 12.93 -25.87 -44.40
C SER F 187 13.85 -25.92 -45.60
N PHE F 188 13.28 -25.99 -46.79
CA PHE F 188 14.16 -26.02 -47.95
C PHE F 188 15.10 -24.84 -47.92
N TYR F 189 14.54 -23.65 -47.87
CA TYR F 189 15.35 -22.45 -47.90
C TYR F 189 16.48 -22.54 -46.92
N TYR F 190 16.17 -22.80 -45.66
CA TYR F 190 17.22 -22.80 -44.66
C TYR F 190 18.32 -23.76 -45.02
N THR F 191 17.95 -25.00 -45.25
CA THR F 191 18.93 -25.99 -45.59
C THR F 191 19.82 -25.49 -46.69
N SER F 192 19.21 -24.97 -47.75
CA SER F 192 19.98 -24.44 -48.85
C SER F 192 21.03 -23.52 -48.32
N LEU F 193 20.63 -22.38 -47.78
CA LEU F 193 21.62 -21.38 -47.45
C LEU F 193 22.78 -22.00 -46.71
N LEU F 194 22.51 -22.89 -45.76
CA LEU F 194 23.63 -23.55 -45.12
C LEU F 194 24.51 -24.22 -46.17
N TYR F 195 23.89 -25.13 -46.92
CA TYR F 195 24.59 -25.90 -47.92
C TYR F 195 25.48 -25.03 -48.77
N LEU F 196 24.92 -23.95 -49.31
CA LEU F 196 25.73 -23.06 -50.11
C LEU F 196 26.93 -22.58 -49.35
N SER F 197 26.70 -21.99 -48.19
CA SER F 197 27.81 -21.45 -47.45
C SER F 197 28.90 -22.48 -47.26
N THR F 198 28.57 -23.75 -47.30
CA THR F 198 29.56 -24.78 -47.02
C THR F 198 30.25 -25.36 -48.22
N LEU F 199 30.00 -24.84 -49.41
CA LEU F 199 30.60 -25.45 -50.58
C LEU F 199 32.11 -25.48 -50.52
N GLU F 200 32.67 -26.57 -50.99
CA GLU F 200 34.08 -26.75 -51.20
C GLU F 200 34.51 -26.13 -52.51
N PRO F 201 35.78 -25.79 -52.65
CA PRO F 201 36.33 -25.56 -53.99
C PRO F 201 36.33 -26.81 -54.84
N SER F 202 36.26 -27.98 -54.21
CA SER F 202 36.30 -29.22 -54.97
C SER F 202 35.04 -29.44 -55.77
N THR F 203 33.96 -28.74 -55.46
CA THR F 203 32.71 -29.00 -56.14
C THR F 203 32.80 -28.63 -57.61
N SER F 204 32.15 -29.43 -58.44
CA SER F 204 32.03 -29.17 -59.86
C SER F 204 30.72 -28.49 -60.24
N ILE F 205 29.90 -28.12 -59.24
CA ILE F 205 28.59 -27.57 -59.54
C ILE F 205 28.71 -26.46 -60.57
N THR F 206 27.89 -26.52 -61.60
CA THR F 206 28.01 -25.63 -62.74
C THR F 206 27.04 -24.49 -62.58
N LEU F 207 27.06 -23.56 -63.54
CA LEU F 207 26.03 -22.56 -63.46
C LEU F 207 24.69 -23.09 -63.90
N ALA F 208 24.65 -24.25 -64.53
CA ALA F 208 23.37 -24.87 -64.76
C ALA F 208 22.67 -25.00 -63.42
N GLU F 209 23.24 -25.79 -62.53
CA GLU F 209 22.68 -25.91 -61.20
C GLU F 209 22.60 -24.54 -60.58
N ARG F 210 23.75 -23.96 -60.24
CA ARG F 210 23.79 -22.80 -59.37
C ARG F 210 22.75 -21.78 -59.77
N GLN F 211 22.62 -21.55 -61.08
CA GLN F 211 21.46 -20.82 -61.56
C GLN F 211 20.18 -21.45 -61.07
N GLN F 212 20.00 -22.73 -61.36
CA GLN F 212 18.74 -23.35 -60.98
C GLN F 212 18.48 -23.19 -59.51
N LEU F 213 19.49 -23.42 -58.70
CA LEU F 213 19.33 -23.32 -57.27
C LEU F 213 18.81 -21.96 -56.89
N ALA F 214 19.55 -20.91 -57.23
CA ALA F 214 19.12 -19.58 -56.87
C ALA F 214 17.68 -19.36 -57.28
N TYR F 215 17.29 -19.94 -58.39
CA TYR F 215 15.88 -19.83 -58.74
C TYR F 215 15.01 -20.45 -57.66
N ASP F 216 15.28 -21.70 -57.32
CA ASP F 216 14.44 -22.37 -56.34
C ASP F 216 14.39 -21.62 -55.02
N LEU F 217 15.49 -20.98 -54.62
CA LEU F 217 15.37 -20.14 -53.46
C LEU F 217 14.37 -19.05 -53.70
N SER F 218 14.46 -18.40 -54.85
CA SER F 218 13.54 -17.31 -55.09
C SER F 218 12.12 -17.75 -54.87
N ILE F 219 11.73 -18.87 -55.45
CA ILE F 219 10.34 -19.21 -55.22
C ILE F 219 10.11 -19.58 -53.76
N SER F 220 11.09 -20.19 -53.11
CA SER F 220 10.87 -20.56 -51.72
C SER F 220 10.55 -19.31 -50.95
N ALA F 221 11.53 -18.43 -50.86
CA ALA F 221 11.35 -17.22 -50.11
C ALA F 221 10.15 -16.44 -50.55
N LEU F 222 9.63 -16.68 -51.74
CA LEU F 222 8.29 -16.20 -51.96
C LEU F 222 7.31 -16.92 -51.09
N LEU F 223 7.36 -18.23 -51.09
CA LEU F 223 6.28 -19.02 -50.57
C LEU F 223 6.50 -19.48 -49.15
N GLY F 224 7.66 -19.21 -48.58
CA GLY F 224 7.87 -19.58 -47.20
C GLY F 224 7.12 -18.64 -46.31
N ASP F 225 6.37 -19.17 -45.38
CA ASP F 225 5.57 -18.26 -44.57
C ASP F 225 6.42 -17.54 -43.57
N LYS F 226 7.48 -18.17 -43.11
CA LYS F 226 8.28 -17.62 -42.05
C LYS F 226 9.51 -16.91 -42.55
N ILE F 227 9.63 -16.69 -43.84
CA ILE F 227 10.82 -16.08 -44.39
C ILE F 227 10.52 -14.62 -44.66
N TYR F 228 10.99 -13.75 -43.81
CA TYR F 228 10.80 -12.34 -44.06
C TYR F 228 12.07 -11.55 -44.34
N ASN F 229 13.23 -12.14 -44.23
CA ASN F 229 14.44 -11.36 -44.42
C ASN F 229 14.98 -11.73 -45.78
N PHE F 230 14.73 -10.88 -46.76
CA PHE F 230 15.17 -11.21 -48.10
C PHE F 230 16.58 -10.78 -48.36
N GLY F 231 16.95 -9.59 -47.91
CA GLY F 231 18.27 -9.13 -48.15
C GLY F 231 19.29 -10.18 -47.79
N GLU F 232 18.93 -11.06 -46.87
CA GLU F 232 19.72 -12.26 -46.67
C GLU F 232 19.99 -12.95 -47.99
N LEU F 233 18.95 -13.13 -48.79
CA LEU F 233 19.14 -13.78 -50.07
C LEU F 233 19.67 -12.83 -51.13
N LEU F 234 19.06 -11.66 -51.28
CA LEU F 234 19.38 -10.81 -52.40
C LEU F 234 20.84 -10.42 -52.43
N HIS F 235 21.51 -10.42 -51.31
CA HIS F 235 22.93 -10.19 -51.28
C HIS F 235 23.71 -11.47 -51.28
N HIS F 236 23.09 -12.51 -51.51
CA HIS F 236 23.86 -13.72 -51.39
C HIS F 236 24.54 -14.03 -52.72
N PRO F 237 25.82 -14.35 -52.71
CA PRO F 237 26.59 -14.41 -53.96
C PRO F 237 25.97 -15.29 -55.00
N ILE F 238 25.24 -16.30 -54.59
CA ILE F 238 24.60 -17.16 -55.56
C ILE F 238 23.71 -16.35 -56.50
N MET F 239 23.05 -15.32 -55.98
CA MET F 239 22.14 -14.58 -56.82
C MET F 239 22.85 -14.00 -58.02
N GLU F 240 24.12 -13.67 -57.88
CA GLU F 240 24.82 -13.05 -58.99
C GLU F 240 24.75 -13.87 -60.25
N THR F 241 24.44 -15.14 -60.16
CA THR F 241 24.45 -15.91 -61.38
C THR F 241 23.20 -15.67 -62.19
N ILE F 242 22.06 -15.52 -61.53
CA ILE F 242 20.83 -15.32 -62.27
C ILE F 242 20.59 -13.88 -62.66
N VAL F 243 21.19 -12.94 -61.95
CA VAL F 243 20.70 -11.58 -61.91
C VAL F 243 20.46 -10.99 -63.28
N ASN F 244 21.18 -11.46 -64.29
CA ASN F 244 21.25 -10.75 -65.55
C ASN F 244 20.21 -11.16 -66.58
N ASP F 245 19.54 -12.28 -66.43
CA ASP F 245 18.84 -12.91 -67.55
C ASP F 245 17.36 -12.55 -67.50
N SER F 246 16.88 -11.87 -68.54
CA SER F 246 15.58 -11.20 -68.46
C SER F 246 14.46 -12.17 -68.17
N ASN F 247 14.60 -13.43 -68.56
CA ASN F 247 13.59 -14.41 -68.24
C ASN F 247 13.38 -14.51 -66.74
N TYR F 248 14.42 -14.23 -65.97
CA TYR F 248 14.33 -14.17 -64.53
C TYR F 248 14.25 -12.75 -64.00
N ASP F 249 14.32 -11.73 -64.84
CA ASP F 249 14.59 -10.41 -64.30
C ASP F 249 13.35 -9.71 -63.77
N TRP F 250 12.17 -10.12 -64.19
CA TRP F 250 10.97 -9.80 -63.43
C TRP F 250 11.13 -10.25 -61.99
N LEU F 251 11.77 -11.40 -61.82
CA LEU F 251 11.83 -12.05 -60.52
C LEU F 251 12.48 -11.16 -59.49
N PHE F 252 13.68 -10.66 -59.78
CA PHE F 252 14.25 -9.71 -58.85
C PHE F 252 13.36 -8.51 -58.77
N GLN F 253 12.86 -8.09 -59.91
CA GLN F 253 11.92 -6.99 -59.95
C GLN F 253 10.89 -7.18 -58.87
N LEU F 254 10.57 -8.43 -58.59
CA LEU F 254 9.61 -8.81 -57.58
C LEU F 254 10.21 -8.63 -56.20
N LEU F 255 11.22 -9.43 -55.87
CA LEU F 255 11.73 -9.40 -54.50
C LEU F 255 12.14 -8.01 -54.09
N ASN F 256 12.92 -7.36 -54.93
CA ASN F 256 13.34 -5.99 -54.69
C ASN F 256 12.17 -5.14 -54.26
N ALA F 257 11.10 -5.22 -55.03
CA ALA F 257 9.97 -4.35 -54.75
C ALA F 257 9.24 -4.82 -53.52
N LEU F 258 9.25 -6.11 -53.28
CA LEU F 258 8.65 -6.64 -52.07
C LEU F 258 9.27 -5.99 -50.84
N THR F 259 10.51 -6.35 -50.56
CA THR F 259 11.09 -6.06 -49.24
C THR F 259 11.02 -4.60 -48.90
N VAL F 260 11.01 -3.71 -49.88
CA VAL F 260 10.81 -2.32 -49.53
C VAL F 260 9.39 -2.05 -49.08
N GLY F 261 8.49 -2.98 -49.31
CA GLY F 261 7.13 -2.76 -48.89
C GLY F 261 6.30 -1.86 -49.78
N ASP F 262 6.50 -1.94 -51.09
CA ASP F 262 5.65 -1.19 -52.02
C ASP F 262 4.48 -2.06 -52.40
N PHE F 263 3.30 -1.68 -51.93
CA PHE F 263 2.13 -2.53 -52.14
C PHE F 263 1.78 -2.62 -53.61
N ASP F 264 1.55 -1.48 -54.25
CA ASP F 264 1.09 -1.47 -55.63
C ASP F 264 2.02 -2.20 -56.56
N LYS F 265 3.20 -1.64 -56.75
CA LYS F 265 4.12 -2.22 -57.71
C LYS F 265 4.17 -3.72 -57.56
N PHE F 266 4.34 -4.18 -56.32
CA PHE F 266 4.24 -5.60 -56.07
C PHE F 266 2.98 -6.17 -56.68
N ASP F 267 1.88 -5.46 -56.50
CA ASP F 267 0.63 -5.96 -57.03
C ASP F 267 0.68 -6.09 -58.54
N SER F 268 1.23 -5.10 -59.23
CA SER F 268 1.39 -5.21 -60.67
C SER F 268 2.06 -6.51 -61.03
N LEU F 269 3.23 -6.76 -60.42
CA LEU F 269 3.97 -7.95 -60.81
C LEU F 269 3.14 -9.18 -60.55
N ILE F 270 2.42 -9.19 -59.44
CA ILE F 270 1.47 -10.27 -59.21
C ILE F 270 0.64 -10.45 -60.45
N LYS F 271 0.01 -9.37 -60.90
CA LYS F 271 -0.88 -9.41 -62.03
C LYS F 271 -0.27 -10.16 -63.19
N VAL F 272 0.83 -9.64 -63.72
CA VAL F 272 1.35 -10.24 -64.94
C VAL F 272 1.84 -11.65 -64.69
N GLN F 273 2.80 -11.80 -63.79
CA GLN F 273 3.47 -13.09 -63.70
C GLN F 273 2.59 -14.18 -63.15
N ILE F 274 1.55 -13.83 -62.41
CA ILE F 274 0.76 -14.83 -61.72
C ILE F 274 0.21 -15.85 -62.71
N SER F 275 -0.07 -15.41 -63.94
CA SER F 275 -0.52 -16.34 -64.94
C SER F 275 0.57 -17.30 -65.33
N LYS F 276 1.82 -16.86 -65.27
CA LYS F 276 2.85 -17.51 -66.05
C LYS F 276 3.19 -18.87 -65.47
N ILE F 277 3.86 -18.89 -64.33
CA ILE F 277 4.23 -20.17 -63.76
C ILE F 277 3.10 -20.60 -62.84
N PRO F 278 2.79 -21.88 -62.77
CA PRO F 278 1.62 -22.29 -61.99
C PRO F 278 1.77 -21.94 -60.52
N ILE F 279 2.91 -22.31 -59.95
CA ILE F 279 3.02 -22.47 -58.51
C ILE F 279 2.55 -21.22 -57.81
N LEU F 280 2.87 -20.07 -58.38
CA LEU F 280 2.33 -18.84 -57.86
C LEU F 280 0.82 -18.92 -57.77
N ALA F 281 0.19 -19.17 -58.89
CA ALA F 281 -1.27 -19.24 -58.91
C ALA F 281 -1.78 -20.31 -57.97
N GLN F 282 -0.95 -21.26 -57.60
CA GLN F 282 -1.37 -22.23 -56.61
C GLN F 282 -1.42 -21.62 -55.21
N HIS F 283 -0.41 -20.84 -54.84
CA HIS F 283 -0.35 -20.40 -53.47
C HIS F 283 -0.82 -18.96 -53.23
N GLU F 284 -1.32 -18.28 -54.27
CA GLU F 284 -1.34 -16.82 -54.28
C GLU F 284 -1.74 -16.18 -52.96
N SER F 285 -2.69 -16.81 -52.28
CA SER F 285 -3.17 -16.28 -51.01
C SER F 285 -2.00 -15.85 -50.15
N PHE F 286 -1.03 -16.74 -49.98
CA PHE F 286 0.15 -16.40 -49.22
C PHE F 286 0.63 -15.06 -49.66
N LEU F 287 1.06 -14.99 -50.92
CA LEU F 287 1.66 -13.80 -51.47
C LEU F 287 0.89 -12.59 -51.03
N ARG F 288 -0.43 -12.71 -51.02
CA ARG F 288 -1.19 -11.57 -50.55
C ARG F 288 -0.88 -11.27 -49.10
N GLN F 289 -1.05 -12.26 -48.23
CA GLN F 289 -0.72 -12.03 -46.84
C GLN F 289 0.67 -11.45 -46.73
N LYS F 290 1.63 -12.16 -47.31
CA LYS F 290 3.02 -11.85 -47.11
C LYS F 290 3.28 -10.39 -47.42
N ILE F 291 2.82 -9.92 -48.57
CA ILE F 291 3.06 -8.51 -48.84
C ILE F 291 2.35 -7.65 -47.81
N CYS F 292 1.08 -7.94 -47.52
CA CYS F 292 0.39 -7.09 -46.57
C CYS F 292 1.27 -6.84 -45.37
N LEU F 293 1.79 -7.92 -44.81
CA LEU F 293 2.77 -7.81 -43.77
C LEU F 293 3.88 -6.85 -44.13
N MET F 294 4.70 -7.22 -45.11
CA MET F 294 5.91 -6.44 -45.36
C MET F 294 5.62 -4.95 -45.38
N THR F 295 4.55 -4.56 -46.06
CA THR F 295 4.15 -3.17 -46.03
C THR F 295 4.01 -2.71 -44.60
N LEU F 296 3.18 -3.41 -43.85
CA LEU F 296 2.94 -3.06 -42.46
C LEU F 296 4.24 -2.81 -41.74
N ILE F 297 5.15 -3.76 -41.85
CA ILE F 297 6.45 -3.59 -41.23
C ILE F 297 7.05 -2.27 -41.62
N GLU F 298 7.11 -1.98 -42.92
CA GLU F 298 7.75 -0.76 -43.33
C GLU F 298 7.13 0.45 -42.69
N THR F 299 5.84 0.64 -42.95
CA THR F 299 5.15 1.81 -42.43
C THR F 299 5.41 1.99 -40.97
N VAL F 300 5.67 0.90 -40.25
CA VAL F 300 6.06 1.05 -38.87
C VAL F 300 7.52 1.41 -38.76
N PHE F 301 8.33 0.88 -39.64
CA PHE F 301 9.76 0.95 -39.43
C PHE F 301 10.26 2.35 -39.65
N VAL F 302 9.66 3.06 -40.59
CA VAL F 302 10.10 4.42 -40.83
C VAL F 302 9.52 5.37 -39.80
N LYS F 303 8.33 5.08 -39.30
CA LYS F 303 7.58 6.08 -38.57
C LYS F 303 8.36 6.54 -37.36
N ASN F 304 8.20 7.82 -37.03
CA ASN F 304 9.05 8.42 -36.01
C ASN F 304 8.69 7.90 -34.65
N ILE F 305 7.45 8.08 -34.26
CA ILE F 305 6.89 7.48 -33.07
C ILE F 305 6.04 6.33 -33.54
N ARG F 306 6.32 5.15 -33.03
CA ARG F 306 5.70 3.95 -33.57
C ARG F 306 4.39 3.79 -32.86
N MET F 307 3.31 4.07 -33.57
CA MET F 307 1.97 3.80 -33.12
C MET F 307 1.14 3.91 -34.38
N LEU F 308 -0.01 3.27 -34.41
CA LEU F 308 -0.82 3.39 -35.61
C LEU F 308 -2.28 3.36 -35.24
N SER F 309 -3.08 4.15 -35.92
CA SER F 309 -4.47 3.77 -35.79
C SER F 309 -4.68 2.55 -36.67
N PHE F 310 -5.86 1.93 -36.61
CA PHE F 310 -6.01 0.79 -37.49
C PHE F 310 -6.14 1.27 -38.90
N GLU F 311 -7.02 2.23 -39.13
CA GLU F 311 -7.31 2.64 -40.49
C GLU F 311 -6.06 3.01 -41.23
N ASP F 312 -5.07 3.56 -40.54
CA ASP F 312 -3.79 3.80 -41.17
C ASP F 312 -3.29 2.54 -41.84
N ILE F 313 -3.22 1.47 -41.08
CA ILE F 313 -2.82 0.22 -41.66
C ILE F 313 -3.75 -0.13 -42.80
N SER F 314 -5.04 0.10 -42.61
CA SER F 314 -5.95 -0.32 -43.66
C SER F 314 -5.55 0.30 -44.97
N LYS F 315 -5.42 1.61 -44.99
CA LYS F 315 -5.06 2.33 -46.21
C LYS F 315 -3.73 1.85 -46.72
N ALA F 316 -2.77 1.67 -45.82
CA ALA F 316 -1.44 1.28 -46.27
C ALA F 316 -1.45 -0.08 -46.92
N THR F 317 -2.17 -1.02 -46.34
CA THR F 317 -2.26 -2.38 -46.83
C THR F 317 -3.51 -2.65 -47.63
N HIS F 318 -4.43 -1.69 -47.70
CA HIS F 318 -5.66 -1.87 -48.45
C HIS F 318 -6.40 -3.09 -47.95
N LEU F 319 -6.66 -3.07 -46.65
CA LEU F 319 -7.38 -4.15 -45.98
C LEU F 319 -8.59 -3.61 -45.26
N PRO F 320 -9.66 -4.37 -45.23
CA PRO F 320 -10.79 -3.98 -44.40
C PRO F 320 -10.37 -3.99 -42.95
N LYS F 321 -11.05 -3.20 -42.14
CA LYS F 321 -10.67 -3.21 -40.74
C LYS F 321 -10.95 -4.54 -40.06
N ASP F 322 -11.65 -5.47 -40.68
CA ASP F 322 -11.71 -6.78 -40.07
C ASP F 322 -10.31 -7.32 -39.87
N ASN F 323 -9.47 -7.17 -40.87
CA ASN F 323 -8.22 -7.90 -40.88
C ASN F 323 -7.07 -7.11 -40.35
N VAL F 324 -7.26 -5.88 -39.93
CA VAL F 324 -6.09 -5.23 -39.39
C VAL F 324 -5.62 -5.95 -38.15
N GLU F 325 -6.54 -6.42 -37.32
CA GLU F 325 -6.06 -7.01 -36.10
C GLU F 325 -5.63 -8.46 -36.26
N HIS F 326 -6.26 -9.22 -37.13
CA HIS F 326 -5.65 -10.48 -37.51
C HIS F 326 -4.29 -10.25 -38.10
N LEU F 327 -4.15 -9.17 -38.84
CA LEU F 327 -2.91 -8.98 -39.53
C LEU F 327 -1.81 -8.74 -38.54
N VAL F 328 -1.97 -7.72 -37.72
CA VAL F 328 -0.97 -7.42 -36.73
C VAL F 328 -0.71 -8.65 -35.86
N MET F 329 -1.77 -9.25 -35.31
CA MET F 329 -1.52 -10.38 -34.44
C MET F 329 -0.69 -11.42 -35.14
N ARG F 330 -0.92 -11.60 -36.41
CA ARG F 330 -0.09 -12.58 -37.06
C ARG F 330 1.31 -12.07 -37.23
N ALA F 331 1.47 -10.79 -37.52
CA ALA F 331 2.80 -10.27 -37.69
C ALA F 331 3.60 -10.47 -36.45
N ILE F 332 2.96 -10.55 -35.29
CA ILE F 332 3.72 -10.85 -34.10
C ILE F 332 4.04 -12.32 -34.03
N SER F 333 3.05 -13.16 -34.23
CA SER F 333 3.36 -14.54 -33.90
C SER F 333 4.42 -15.15 -34.79
N LEU F 334 4.82 -14.50 -35.87
CA LEU F 334 5.97 -14.99 -36.58
C LEU F 334 7.24 -14.44 -36.02
N GLY F 335 7.14 -13.49 -35.13
CA GLY F 335 8.32 -12.90 -34.55
C GLY F 335 8.60 -11.50 -35.02
N LEU F 336 7.96 -11.03 -36.07
CA LEU F 336 8.37 -9.74 -36.59
C LEU F 336 8.23 -8.62 -35.57
N LEU F 337 7.04 -8.19 -35.31
CA LEU F 337 6.85 -7.14 -34.35
C LEU F 337 6.83 -7.71 -32.97
N LYS F 338 7.24 -6.95 -32.00
CA LYS F 338 6.70 -7.11 -30.68
C LYS F 338 5.92 -5.85 -30.36
N GLY F 339 4.92 -6.00 -29.54
CA GLY F 339 4.12 -4.88 -29.14
C GLY F 339 2.71 -5.33 -28.88
N SER F 340 1.82 -4.36 -28.78
CA SER F 340 0.50 -4.62 -28.26
C SER F 340 -0.54 -3.88 -29.06
N ILE F 341 -1.80 -4.21 -28.79
CA ILE F 341 -2.92 -3.66 -29.50
C ILE F 341 -3.86 -3.06 -28.49
N ASP F 342 -4.38 -1.89 -28.78
CA ASP F 342 -5.42 -1.31 -27.97
C ASP F 342 -6.63 -1.07 -28.85
N GLN F 343 -7.66 -1.88 -28.67
CA GLN F 343 -8.81 -1.76 -29.55
C GLN F 343 -9.60 -0.52 -29.26
N VAL F 344 -9.88 -0.30 -28.01
CA VAL F 344 -10.80 0.75 -27.61
C VAL F 344 -10.52 2.01 -28.38
N ASN F 345 -9.26 2.38 -28.50
CA ASN F 345 -8.87 3.52 -29.31
C ASN F 345 -8.35 3.13 -30.68
N GLU F 346 -8.26 1.84 -30.95
CA GLU F 346 -7.85 1.36 -32.27
C GLU F 346 -6.45 1.85 -32.61
N LEU F 347 -5.56 1.79 -31.62
CA LEU F 347 -4.14 2.02 -31.82
C LEU F 347 -3.41 0.69 -31.78
N VAL F 348 -2.32 0.62 -32.51
CA VAL F 348 -1.36 -0.43 -32.32
C VAL F 348 -0.04 0.23 -32.02
N THR F 349 0.54 -0.08 -30.89
CA THR F 349 1.77 0.57 -30.46
C THR F 349 2.89 -0.43 -30.51
N ILE F 350 3.78 -0.29 -31.47
CA ILE F 350 4.80 -1.28 -31.74
C ILE F 350 6.04 -0.94 -30.97
N SER F 351 6.41 -1.76 -30.03
CA SER F 351 7.65 -1.47 -29.35
C SER F 351 8.86 -2.00 -30.08
N TRP F 352 8.76 -3.03 -30.91
CA TRP F 352 9.99 -3.68 -31.35
C TRP F 352 9.84 -4.18 -32.76
N VAL F 353 10.78 -3.85 -33.63
CA VAL F 353 10.72 -4.30 -35.01
C VAL F 353 12.04 -4.92 -35.38
N GLN F 354 11.99 -5.96 -36.14
CA GLN F 354 13.10 -6.89 -36.20
C GLN F 354 14.25 -6.30 -37.00
N PRO F 355 15.46 -6.75 -36.76
CA PRO F 355 16.54 -6.33 -37.65
C PRO F 355 16.42 -7.06 -38.96
N ARG F 356 16.74 -6.38 -40.04
CA ARG F 356 16.62 -6.98 -41.35
C ARG F 356 17.73 -6.43 -42.23
N ILE F 357 18.24 -7.26 -43.12
CA ILE F 357 19.12 -6.72 -44.12
C ILE F 357 18.33 -5.70 -44.89
N ILE F 358 18.94 -4.56 -45.18
CA ILE F 358 18.26 -3.46 -45.86
C ILE F 358 19.14 -2.93 -46.98
N SER F 359 18.51 -2.64 -48.10
CA SER F 359 19.20 -2.12 -49.27
C SER F 359 19.41 -0.63 -49.09
N GLY F 360 19.83 0.05 -50.14
CA GLY F 360 20.26 1.42 -49.97
C GLY F 360 19.20 2.40 -49.54
N ASP F 361 18.18 2.57 -50.36
CA ASP F 361 17.22 3.65 -50.11
C ASP F 361 16.71 3.64 -48.69
N GLN F 362 16.47 2.44 -48.14
CA GLN F 362 16.20 2.40 -46.71
C GLN F 362 17.30 3.11 -45.96
N ILE F 363 18.53 2.72 -46.22
CA ILE F 363 19.62 3.34 -45.51
C ILE F 363 19.46 4.84 -45.59
N THR F 364 19.06 5.32 -46.75
CA THR F 364 18.87 6.75 -46.89
C THR F 364 17.90 7.28 -45.85
N LYS F 365 16.70 6.73 -45.82
CA LYS F 365 15.74 7.24 -44.84
C LYS F 365 16.32 7.22 -43.46
N MET F 366 17.06 6.17 -43.12
CA MET F 366 17.71 6.16 -41.82
C MET F 366 18.63 7.34 -41.69
N LYS F 367 19.37 7.65 -42.74
CA LYS F 367 20.21 8.82 -42.69
C LYS F 367 19.38 10.01 -42.27
N ASP F 368 18.22 10.15 -42.87
CA ASP F 368 17.36 11.26 -42.49
C ASP F 368 17.07 11.24 -41.00
N ARG F 369 16.28 10.26 -40.55
CA ARG F 369 15.85 10.27 -39.16
C ARG F 369 17.04 10.50 -38.25
N LEU F 370 18.17 10.00 -38.66
CA LEU F 370 19.33 10.22 -37.85
C LEU F 370 19.84 11.65 -38.00
N VAL F 371 19.42 12.33 -39.05
CA VAL F 371 19.77 13.74 -39.09
C VAL F 371 18.88 14.53 -38.16
N GLU F 372 17.60 14.24 -38.15
CA GLU F 372 16.74 14.90 -37.16
C GLU F 372 17.29 14.71 -35.78
N TRP F 373 17.35 13.46 -35.34
CA TRP F 373 17.83 13.26 -34.00
C TRP F 373 19.26 13.67 -33.87
N ASN F 374 19.93 13.94 -34.97
CA ASN F 374 21.10 14.74 -34.78
C ASN F 374 20.68 16.11 -34.26
N ASP F 375 20.09 16.91 -35.14
CA ASP F 375 19.92 18.33 -34.91
C ASP F 375 19.36 18.63 -33.54
N GLN F 376 18.32 17.88 -33.17
CA GLN F 376 17.65 18.14 -31.91
C GLN F 376 18.65 18.36 -30.81
N VAL F 377 19.70 17.54 -30.81
CA VAL F 377 20.71 17.70 -29.79
C VAL F 377 21.35 19.07 -29.88
N GLU F 378 21.99 19.34 -31.03
CA GLU F 378 22.79 20.54 -31.20
C GLU F 378 22.06 21.69 -30.60
N LYS F 379 20.81 21.80 -30.98
CA LYS F 379 19.97 22.81 -30.36
C LYS F 379 20.00 22.67 -28.85
N LEU F 380 19.87 21.44 -28.36
CA LEU F 380 19.76 21.30 -26.92
C LEU F 380 21.08 21.59 -26.21
N GLY F 381 22.20 21.09 -26.73
CA GLY F 381 23.47 21.38 -26.11
C GLY F 381 23.72 22.85 -26.00
N LYS F 382 23.66 23.56 -27.13
CA LYS F 382 23.88 24.99 -27.12
C LYS F 382 22.94 25.65 -26.13
N LYS F 383 21.67 25.55 -26.48
CA LYS F 383 20.63 26.24 -25.73
C LYS F 383 20.77 26.01 -24.25
N MET F 384 21.21 24.84 -23.84
CA MET F 384 21.42 24.65 -22.42
C MET F 384 22.64 25.41 -21.95
N GLU F 385 23.79 25.17 -22.55
CA GLU F 385 25.00 25.73 -21.98
C GLU F 385 24.91 27.23 -21.87
N ALA F 386 24.17 27.87 -22.78
CA ALA F 386 23.89 29.29 -22.64
C ALA F 386 23.25 29.58 -21.30
N ARG F 387 22.15 28.88 -21.01
CA ARG F 387 21.60 28.96 -19.68
C ARG F 387 22.63 28.45 -18.70
N GLY F 388 22.50 28.86 -17.46
CA GLY F 388 23.35 28.31 -16.44
C GLY F 388 24.80 28.60 -16.72
N GLN F 389 25.04 29.51 -17.67
CA GLN F 389 26.40 29.94 -17.93
C GLN F 389 27.09 30.35 -16.65
N SER F 390 26.34 30.95 -15.74
CA SER F 390 26.85 31.22 -14.41
C SER F 390 27.20 29.98 -13.62
N ILE F 391 26.78 28.81 -14.07
CA ILE F 391 27.26 27.57 -13.50
C ILE F 391 28.00 26.84 -14.59
N TRP F 392 29.32 26.81 -14.50
CA TRP F 392 30.06 25.76 -15.18
C TRP F 392 31.32 25.53 -14.40
N VAL F 393 31.95 24.41 -14.67
CA VAL F 393 33.23 24.06 -14.07
C VAL F 393 34.10 23.37 -15.09
N LYS G 24 14.51 -15.19 9.13
CA LYS G 24 15.83 -15.35 9.71
C LYS G 24 16.56 -16.47 8.98
N GLU G 25 15.95 -17.01 7.94
CA GLU G 25 16.60 -18.05 7.15
C GLU G 25 16.89 -17.54 5.76
N THR G 26 17.99 -18.01 5.20
CA THR G 26 18.44 -17.44 3.94
C THR G 26 19.34 -18.41 3.21
N VAL G 27 19.46 -18.22 1.90
CA VAL G 27 20.47 -18.92 1.14
C VAL G 27 21.31 -17.88 0.45
N TYR G 28 22.47 -18.30 0.00
CA TYR G 28 23.38 -17.40 -0.67
C TYR G 28 23.85 -18.06 -1.94
N ILE G 29 23.61 -17.42 -3.07
CA ILE G 29 23.78 -18.05 -4.35
C ILE G 29 24.91 -17.34 -5.03
N SER G 30 26.06 -18.00 -5.08
CA SER G 30 27.25 -17.43 -5.68
C SER G 30 26.95 -16.99 -7.10
N SER G 31 27.52 -15.85 -7.47
CA SER G 31 27.26 -15.29 -8.78
C SER G 31 27.41 -16.34 -9.87
N ILE G 32 28.50 -17.09 -9.83
CA ILE G 32 28.69 -18.13 -10.83
C ILE G 32 27.46 -18.99 -10.98
N ALA G 33 26.95 -19.51 -9.87
CA ALA G 33 25.79 -20.36 -9.95
C ALA G 33 24.71 -19.67 -10.73
N LEU G 34 24.22 -18.57 -10.17
CA LEU G 34 23.05 -17.90 -10.69
C LEU G 34 23.20 -17.60 -12.16
N LEU G 35 24.40 -17.26 -12.62
CA LEU G 35 24.54 -17.15 -14.05
C LEU G 35 24.31 -18.47 -14.73
N LYS G 36 24.78 -19.56 -14.14
CA LYS G 36 24.61 -20.80 -14.87
C LYS G 36 23.14 -21.21 -14.91
N MET G 37 22.40 -20.95 -13.83
CA MET G 37 20.97 -21.20 -13.94
C MET G 37 20.38 -20.38 -15.06
N LEU G 38 20.41 -19.06 -14.94
CA LEU G 38 19.74 -18.24 -15.94
C LEU G 38 20.15 -18.65 -17.34
N LYS G 39 21.38 -19.07 -17.51
CA LYS G 39 21.76 -19.54 -18.83
C LYS G 39 20.94 -20.77 -19.18
N HIS G 40 21.01 -21.80 -18.36
CA HIS G 40 20.41 -23.06 -18.76
C HIS G 40 18.92 -22.92 -18.97
N GLY G 41 18.28 -22.12 -18.15
CA GLY G 41 16.87 -21.90 -18.35
C GLY G 41 16.63 -21.17 -19.64
N ARG G 42 17.15 -19.97 -19.81
CA ARG G 42 16.89 -19.25 -21.04
C ARG G 42 17.30 -20.06 -22.25
N ALA G 43 18.12 -21.07 -22.08
CA ALA G 43 18.43 -21.88 -23.22
C ALA G 43 17.32 -22.86 -23.50
N GLY G 44 16.81 -23.50 -22.47
CA GLY G 44 15.86 -24.57 -22.71
C GLY G 44 14.47 -24.13 -23.05
N VAL G 45 14.19 -22.83 -23.00
CA VAL G 45 12.87 -22.30 -23.28
C VAL G 45 12.40 -22.86 -24.57
N PRO G 46 11.12 -23.17 -24.67
CA PRO G 46 10.07 -23.15 -23.68
C PRO G 46 9.81 -24.49 -23.10
N MET G 47 10.76 -25.08 -22.40
CA MET G 47 10.50 -26.34 -21.75
C MET G 47 11.16 -26.34 -20.38
N GLU G 48 10.59 -27.11 -19.47
CA GLU G 48 11.13 -27.22 -18.14
C GLU G 48 12.56 -27.67 -18.19
N VAL G 49 13.36 -27.20 -17.25
CA VAL G 49 14.76 -27.53 -17.23
C VAL G 49 15.18 -27.71 -15.78
N MET G 50 16.06 -28.67 -15.51
CA MET G 50 16.41 -28.88 -14.12
C MET G 50 17.86 -29.26 -13.97
N GLY G 51 18.28 -29.34 -12.72
CA GLY G 51 19.64 -29.67 -12.38
C GLY G 51 19.85 -29.43 -10.91
N LEU G 52 21.05 -29.73 -10.46
CA LEU G 52 21.31 -29.91 -9.04
C LEU G 52 22.28 -28.84 -8.57
N MET G 53 22.12 -28.39 -7.35
CA MET G 53 22.94 -27.28 -6.90
C MET G 53 23.71 -27.67 -5.64
N LEU G 54 24.97 -27.29 -5.63
CA LEU G 54 26.00 -27.79 -4.73
C LEU G 54 26.49 -26.71 -3.79
N GLY G 55 26.83 -27.13 -2.59
CA GLY G 55 27.20 -26.17 -1.57
C GLY G 55 27.26 -26.83 -0.22
N GLU G 56 27.02 -26.03 0.81
CA GLU G 56 27.00 -26.58 2.15
C GLU G 56 25.99 -25.85 3.01
N PHE G 57 25.32 -26.63 3.84
CA PHE G 57 24.57 -26.09 4.96
C PHE G 57 25.57 -25.60 5.99
N VAL G 58 25.48 -24.33 6.35
CA VAL G 58 26.25 -23.84 7.49
C VAL G 58 25.57 -24.25 8.78
N ASP G 59 24.35 -23.78 9.01
CA ASP G 59 23.65 -24.00 10.26
C ASP G 59 22.17 -24.15 9.97
N ASP G 60 21.37 -24.06 11.01
CA ASP G 60 19.93 -23.91 10.86
C ASP G 60 19.56 -22.62 10.13
N TYR G 61 20.38 -21.58 10.24
CA TYR G 61 20.00 -20.25 9.76
C TYR G 61 20.56 -19.88 8.39
N THR G 62 21.22 -20.79 7.69
CA THR G 62 21.59 -20.46 6.32
C THR G 62 21.89 -21.71 5.52
N VAL G 63 21.90 -21.53 4.20
CA VAL G 63 22.41 -22.50 3.23
C VAL G 63 23.22 -21.76 2.19
N ASN G 64 24.38 -22.30 1.84
CA ASN G 64 25.19 -21.67 0.84
C ASN G 64 25.26 -22.53 -0.40
N VAL G 65 25.00 -21.92 -1.55
CA VAL G 65 25.09 -22.60 -2.83
C VAL G 65 26.23 -21.97 -3.60
N VAL G 66 27.31 -22.72 -3.72
CA VAL G 66 28.43 -22.22 -4.50
C VAL G 66 28.21 -22.48 -5.97
N ASP G 67 27.70 -23.65 -6.32
CA ASP G 67 27.77 -24.05 -7.71
C ASP G 67 26.47 -24.72 -8.12
N VAL G 68 26.35 -24.96 -9.42
CA VAL G 68 25.17 -25.58 -10.00
C VAL G 68 25.62 -26.52 -11.09
N PHE G 69 24.77 -27.48 -11.36
CA PHE G 69 25.11 -28.71 -12.03
C PHE G 69 23.93 -29.07 -12.92
N ALA G 70 24.14 -29.23 -14.21
CA ALA G 70 23.02 -29.28 -15.13
C ALA G 70 22.53 -30.69 -15.38
N MET G 71 21.21 -30.89 -15.41
CA MET G 71 20.77 -32.26 -15.64
C MET G 71 19.98 -32.37 -16.93
N PRO G 72 20.15 -33.42 -17.70
CA PRO G 72 19.64 -33.47 -19.06
C PRO G 72 18.15 -33.77 -19.15
N GLN G 73 17.62 -33.52 -20.34
CA GLN G 73 16.18 -33.49 -20.55
C GLN G 73 15.55 -34.85 -20.40
N SER G 74 14.24 -34.82 -20.19
CA SER G 74 13.42 -36.01 -20.02
C SER G 74 12.24 -35.97 -20.97
N GLY G 75 11.56 -37.08 -21.09
CA GLY G 75 10.31 -37.09 -21.80
C GLY G 75 9.18 -36.89 -20.82
N THR G 76 9.50 -37.04 -19.54
CA THR G 76 8.53 -36.89 -18.47
C THR G 76 8.47 -35.48 -17.95
N GLY G 77 9.14 -34.56 -18.59
CA GLY G 77 9.16 -33.33 -17.87
C GLY G 77 10.09 -33.47 -16.69
N VAL G 78 9.88 -32.62 -15.69
CA VAL G 78 10.76 -32.54 -14.54
C VAL G 78 10.20 -33.41 -13.41
N SER G 79 10.92 -34.47 -13.09
CA SER G 79 10.48 -35.37 -12.04
C SER G 79 11.66 -36.21 -11.62
N VAL G 80 11.42 -37.08 -10.64
CA VAL G 80 12.52 -37.82 -10.03
C VAL G 80 13.25 -38.63 -11.08
N GLU G 81 12.52 -39.20 -12.02
CA GLU G 81 13.16 -39.93 -13.09
C GLU G 81 14.16 -39.05 -13.81
N ALA G 82 13.79 -37.79 -14.03
CA ALA G 82 14.72 -36.88 -14.68
C ALA G 82 16.04 -36.86 -13.93
N VAL G 83 15.99 -36.78 -12.61
CA VAL G 83 17.21 -36.96 -11.86
C VAL G 83 17.79 -38.29 -12.25
N ASP G 84 19.06 -38.30 -12.61
CA ASP G 84 19.64 -39.48 -13.19
C ASP G 84 20.88 -39.80 -12.38
N ASP G 85 20.81 -40.92 -11.67
CA ASP G 85 21.92 -41.35 -10.84
C ASP G 85 23.22 -41.37 -11.62
N VAL G 86 23.21 -42.06 -12.76
CA VAL G 86 24.37 -42.23 -13.61
C VAL G 86 25.00 -40.88 -13.76
N PHE G 87 24.31 -40.05 -14.53
CA PHE G 87 24.84 -38.75 -14.87
C PHE G 87 25.39 -38.09 -13.63
N GLN G 88 24.59 -38.05 -12.59
CA GLN G 88 24.96 -37.37 -11.38
C GLN G 88 26.33 -37.84 -10.94
N ALA G 89 26.38 -39.07 -10.44
CA ALA G 89 27.61 -39.54 -9.87
C ALA G 89 28.78 -39.28 -10.79
N LYS G 90 28.58 -39.46 -12.10
CA LYS G 90 29.69 -39.24 -13.01
C LYS G 90 30.23 -37.83 -12.86
N MET G 91 29.36 -36.85 -13.06
CA MET G 91 29.85 -35.49 -12.97
C MET G 91 30.29 -35.16 -11.57
N MET G 92 29.72 -35.84 -10.58
CA MET G 92 30.22 -35.68 -9.23
C MET G 92 31.70 -35.97 -9.20
N ASP G 93 32.10 -37.15 -9.68
CA ASP G 93 33.51 -37.50 -9.76
C ASP G 93 34.29 -36.43 -10.47
N MET G 94 33.85 -36.11 -11.67
CA MET G 94 34.70 -35.23 -12.43
C MET G 94 34.78 -33.86 -11.82
N LEU G 95 33.90 -33.54 -10.89
CA LEU G 95 34.17 -32.38 -10.07
C LEU G 95 35.15 -32.73 -8.97
N LYS G 96 34.99 -33.90 -8.37
CA LYS G 96 35.86 -34.35 -7.29
C LYS G 96 37.30 -34.12 -7.67
N GLN G 97 37.67 -34.56 -8.85
CA GLN G 97 39.06 -34.42 -9.25
C GLN G 97 39.47 -32.96 -9.25
N THR G 98 38.52 -32.07 -9.44
CA THR G 98 38.78 -30.65 -9.59
C THR G 98 38.53 -29.84 -8.33
N GLY G 99 38.07 -30.45 -7.28
CA GLY G 99 37.98 -29.78 -6.01
C GLY G 99 36.57 -29.45 -5.58
N ARG G 100 35.60 -29.55 -6.46
CA ARG G 100 34.26 -29.14 -6.06
C ARG G 100 33.62 -30.36 -5.46
N ASP G 101 33.54 -30.37 -4.14
CA ASP G 101 33.04 -31.53 -3.42
C ASP G 101 32.02 -31.02 -2.44
N GLN G 102 30.76 -31.33 -2.67
CA GLN G 102 29.74 -30.76 -1.83
C GLN G 102 28.63 -31.77 -1.65
N MET G 103 27.77 -31.48 -0.71
CA MET G 103 26.50 -32.14 -0.71
C MET G 103 25.73 -31.71 -1.93
N VAL G 104 24.69 -32.44 -2.25
CA VAL G 104 23.73 -31.94 -3.21
C VAL G 104 22.76 -31.12 -2.39
N VAL G 105 22.86 -29.82 -2.51
CA VAL G 105 22.15 -28.96 -1.57
C VAL G 105 20.72 -28.73 -1.98
N GLY G 106 20.49 -28.51 -3.26
CA GLY G 106 19.14 -28.28 -3.71
C GLY G 106 19.02 -28.62 -5.17
N TRP G 107 17.88 -28.30 -5.74
CA TRP G 107 17.67 -28.67 -7.12
C TRP G 107 16.83 -27.59 -7.76
N TYR G 108 17.16 -27.21 -8.96
CA TYR G 108 16.51 -26.06 -9.57
C TYR G 108 15.90 -26.53 -10.88
N HIS G 109 14.62 -26.28 -11.05
CA HIS G 109 13.98 -26.48 -12.32
C HIS G 109 13.18 -25.24 -12.59
N SER G 110 12.97 -24.90 -13.84
CA SER G 110 12.44 -23.59 -14.17
C SER G 110 11.05 -23.69 -14.75
N HIS G 111 10.10 -23.03 -14.12
CA HIS G 111 8.75 -22.97 -14.66
C HIS G 111 8.76 -21.73 -15.52
N PRO G 112 8.84 -21.83 -16.85
CA PRO G 112 8.91 -20.62 -17.66
C PRO G 112 7.53 -20.04 -17.84
N GLY G 113 7.48 -18.74 -18.00
CA GLY G 113 6.23 -18.09 -18.31
C GLY G 113 5.20 -18.23 -17.24
N PHE G 114 5.61 -18.73 -16.09
CA PHE G 114 4.71 -18.98 -14.99
C PHE G 114 5.26 -18.31 -13.76
N GLY G 115 4.67 -18.59 -12.62
CA GLY G 115 5.21 -18.07 -11.40
C GLY G 115 6.37 -18.91 -10.92
N CYS G 116 6.76 -18.64 -9.69
CA CYS G 116 7.74 -19.42 -8.97
C CYS G 116 7.14 -20.41 -8.00
N TRP G 117 5.83 -20.51 -7.96
CA TRP G 117 5.17 -21.50 -7.14
C TRP G 117 5.62 -22.89 -7.52
N LEU G 118 5.41 -23.85 -6.65
CA LEU G 118 5.68 -25.23 -7.03
C LEU G 118 4.39 -25.96 -7.28
N SER G 119 4.39 -26.82 -8.27
CA SER G 119 3.27 -27.70 -8.42
C SER G 119 3.51 -28.96 -7.63
N SER G 120 2.53 -29.86 -7.69
CA SER G 120 2.61 -31.15 -7.05
C SER G 120 3.91 -31.85 -7.32
N VAL G 121 4.07 -32.31 -8.55
CA VAL G 121 5.23 -33.13 -8.86
C VAL G 121 6.48 -32.43 -8.39
N ASP G 122 6.50 -31.11 -8.54
CA ASP G 122 7.54 -30.33 -7.90
C ASP G 122 7.62 -30.69 -6.42
N VAL G 123 6.48 -30.89 -5.77
CA VAL G 123 6.51 -31.26 -4.35
C VAL G 123 7.11 -32.64 -4.16
N ASN G 124 6.55 -33.65 -4.82
CA ASN G 124 7.01 -35.00 -4.50
C ASN G 124 8.49 -35.10 -4.70
N THR G 125 8.97 -34.61 -5.84
CA THR G 125 10.40 -34.53 -6.04
C THR G 125 11.06 -33.88 -4.86
N GLN G 126 10.55 -32.72 -4.46
CA GLN G 126 11.12 -32.05 -3.30
C GLN G 126 11.30 -33.02 -2.15
N LYS G 127 10.27 -33.81 -1.86
CA LYS G 127 10.37 -34.79 -0.78
C LYS G 127 11.49 -35.77 -1.02
N SER G 128 11.52 -36.38 -2.19
CA SER G 128 12.65 -37.26 -2.46
C SER G 128 13.96 -36.53 -2.25
N PHE G 129 13.94 -35.21 -2.18
CA PHE G 129 15.08 -34.46 -1.68
C PHE G 129 14.95 -34.03 -0.23
N GLU G 130 13.89 -34.41 0.47
CA GLU G 130 13.93 -34.31 1.93
C GLU G 130 14.68 -35.48 2.52
N GLN G 131 14.41 -36.67 2.01
CA GLN G 131 14.95 -37.88 2.58
C GLN G 131 16.34 -38.16 2.09
N LEU G 132 16.89 -37.30 1.24
CA LEU G 132 18.32 -37.24 1.20
C LEU G 132 18.84 -36.36 2.33
N ASN G 133 18.27 -35.18 2.46
CA ASN G 133 18.62 -34.31 3.57
C ASN G 133 17.44 -33.45 3.92
N SER G 134 17.20 -33.31 5.22
CA SER G 134 16.10 -32.48 5.68
C SER G 134 16.33 -31.02 5.45
N ARG G 135 17.58 -30.62 5.33
CA ARG G 135 17.92 -29.21 5.24
C ARG G 135 17.86 -28.68 3.81
N ALA G 136 17.63 -29.55 2.82
CA ALA G 136 17.70 -29.19 1.42
C ALA G 136 16.51 -28.32 1.00
N VAL G 137 16.64 -27.65 -0.15
CA VAL G 137 15.67 -26.67 -0.59
C VAL G 137 15.33 -26.88 -2.05
N ALA G 138 14.40 -26.06 -2.53
CA ALA G 138 14.01 -26.04 -3.92
C ALA G 138 14.14 -24.64 -4.46
N VAL G 139 14.75 -24.52 -5.62
CA VAL G 139 14.94 -23.25 -6.30
C VAL G 139 14.27 -23.35 -7.64
N VAL G 140 13.33 -22.47 -7.93
CA VAL G 140 12.85 -22.36 -9.29
C VAL G 140 13.16 -20.97 -9.80
N VAL G 141 13.70 -20.92 -10.97
CA VAL G 141 13.94 -19.71 -11.69
C VAL G 141 12.99 -19.72 -12.86
N ASP G 142 12.60 -18.56 -13.30
CA ASP G 142 11.71 -18.44 -14.44
C ASP G 142 12.37 -17.70 -15.59
N PRO G 143 12.73 -18.37 -16.67
CA PRO G 143 13.53 -17.69 -17.67
C PRO G 143 12.82 -16.56 -18.32
N ILE G 144 11.55 -16.74 -18.67
CA ILE G 144 10.91 -15.78 -19.56
C ILE G 144 10.67 -14.50 -18.83
N GLN G 145 9.77 -14.55 -17.86
CA GLN G 145 9.34 -13.36 -17.17
C GLN G 145 10.49 -12.59 -16.57
N SER G 146 11.59 -13.26 -16.24
CA SER G 146 12.77 -12.57 -15.78
C SER G 146 13.34 -11.77 -16.93
N VAL G 147 13.46 -10.48 -16.73
CA VAL G 147 13.82 -9.56 -17.78
C VAL G 147 14.93 -8.68 -17.25
N LYS G 148 15.40 -7.74 -18.09
CA LYS G 148 16.75 -7.23 -17.90
C LYS G 148 16.87 -6.55 -16.56
N GLY G 149 15.79 -6.50 -15.83
CA GLY G 149 15.87 -6.16 -14.42
C GLY G 149 14.85 -6.98 -13.66
N LYS G 150 15.02 -6.97 -12.35
CA LYS G 150 14.15 -7.71 -11.45
C LYS G 150 13.97 -9.14 -11.92
N VAL G 151 15.07 -9.88 -11.78
CA VAL G 151 15.06 -11.28 -12.12
C VAL G 151 14.09 -11.96 -11.20
N VAL G 152 13.60 -13.11 -11.63
CA VAL G 152 12.61 -13.81 -10.86
C VAL G 152 13.26 -15.11 -10.44
N ILE G 153 13.45 -15.28 -9.15
CA ILE G 153 13.92 -16.54 -8.61
C ILE G 153 13.23 -16.75 -7.30
N ASP G 154 13.05 -18.00 -6.93
CA ASP G 154 12.49 -18.24 -5.63
C ASP G 154 13.04 -19.54 -5.12
N ALA G 155 13.32 -19.58 -3.83
CA ALA G 155 13.89 -20.75 -3.21
C ALA G 155 13.11 -20.98 -1.94
N PHE G 156 12.72 -22.20 -1.69
CA PHE G 156 11.90 -22.44 -0.52
C PHE G 156 11.74 -23.92 -0.32
N ARG G 157 11.00 -24.26 0.73
CA ARG G 157 11.04 -25.61 1.25
C ARG G 157 9.63 -26.10 1.51
N LEU G 158 9.47 -27.40 1.37
CA LEU G 158 8.25 -28.02 1.85
C LEU G 158 8.07 -27.74 3.32
N ILE G 159 6.82 -27.71 3.78
CA ILE G 159 6.51 -27.86 5.20
C ILE G 159 6.79 -29.27 5.70
N GLN G 186 -0.18 -14.83 -6.78
CA GLN G 186 -0.54 -16.02 -7.52
C GLN G 186 -0.31 -17.28 -6.76
N ALA G 187 0.93 -17.45 -6.27
CA ALA G 187 1.36 -18.74 -5.73
C ALA G 187 0.43 -19.24 -4.65
N LEU G 188 -0.41 -18.38 -4.11
CA LEU G 188 -1.43 -18.75 -3.15
C LEU G 188 -2.14 -20.01 -3.58
N ILE G 189 -2.78 -19.97 -4.75
CA ILE G 189 -3.61 -21.06 -5.22
C ILE G 189 -2.88 -22.37 -5.28
N HIS G 190 -1.57 -22.33 -5.16
CA HIS G 190 -0.73 -23.50 -5.02
C HIS G 190 -0.36 -23.79 -3.59
N GLY G 191 -0.92 -23.06 -2.65
CA GLY G 191 -0.54 -23.28 -1.28
C GLY G 191 0.87 -22.81 -1.04
N LEU G 192 1.12 -21.54 -1.32
CA LEU G 192 2.40 -20.96 -0.95
C LEU G 192 2.73 -21.29 0.47
N ASN G 193 1.85 -20.96 1.38
CA ASN G 193 2.06 -21.35 2.76
C ASN G 193 1.53 -22.73 3.05
N ARG G 194 0.45 -23.13 2.41
CA ARG G 194 -0.23 -24.33 2.84
C ARG G 194 0.67 -25.54 2.80
N HIS G 195 0.97 -26.05 1.62
CA HIS G 195 1.74 -27.29 1.62
C HIS G 195 3.20 -27.03 1.88
N TYR G 196 3.76 -26.03 1.22
CA TYR G 196 5.14 -25.65 1.41
C TYR G 196 5.20 -24.24 1.91
N TYR G 197 6.40 -23.70 1.98
CA TYR G 197 6.56 -22.39 2.53
C TYR G 197 7.78 -21.73 1.92
N SER G 198 7.66 -20.42 1.73
CA SER G 198 8.70 -19.66 1.08
C SER G 198 9.90 -19.52 2.00
N LEU G 199 10.96 -18.92 1.46
CA LEU G 199 12.09 -18.44 2.25
C LEU G 199 12.89 -17.50 1.38
N ASN G 200 14.10 -17.15 1.83
CA ASN G 200 14.76 -15.94 1.35
C ASN G 200 16.14 -16.20 0.77
N ILE G 201 16.64 -15.24 -0.02
CA ILE G 201 17.78 -15.42 -0.92
C ILE G 201 18.70 -14.19 -0.92
N ASP G 202 20.00 -14.44 -1.07
CA ASP G 202 20.95 -13.39 -1.40
C ASP G 202 22.24 -14.03 -1.90
N TYR G 203 23.14 -13.17 -2.38
CA TYR G 203 24.25 -13.53 -3.25
C TYR G 203 25.59 -13.16 -2.63
N HIS G 204 26.64 -13.76 -3.17
CA HIS G 204 27.98 -13.52 -2.71
C HIS G 204 28.95 -13.29 -3.85
N LYS G 205 30.01 -12.57 -3.53
CA LYS G 205 31.05 -12.17 -4.44
C LYS G 205 32.28 -11.95 -3.61
N THR G 206 33.44 -12.23 -4.18
CA THR G 206 34.62 -11.76 -3.50
C THR G 206 34.92 -10.39 -4.05
N ALA G 207 36.06 -9.84 -3.67
CA ALA G 207 36.51 -8.63 -4.33
C ALA G 207 36.70 -8.87 -5.81
N LYS G 208 37.24 -10.04 -6.16
CA LYS G 208 37.89 -10.19 -7.45
C LYS G 208 36.87 -10.21 -8.58
N GLU G 209 35.84 -11.04 -8.43
CA GLU G 209 34.73 -11.08 -9.35
C GLU G 209 34.30 -9.67 -9.64
N THR G 210 33.72 -9.06 -8.63
CA THR G 210 33.18 -7.72 -8.70
C THR G 210 34.13 -6.81 -9.45
N LYS G 211 35.43 -6.99 -9.24
CA LYS G 211 36.37 -6.22 -10.05
C LYS G 211 36.25 -6.58 -11.51
N MET G 212 36.13 -7.86 -11.82
CA MET G 212 36.01 -8.25 -13.22
C MET G 212 34.71 -7.73 -13.80
N LEU G 213 33.66 -7.78 -13.01
CA LEU G 213 32.32 -7.46 -13.48
C LEU G 213 32.20 -5.97 -13.76
N MET G 214 32.55 -5.15 -12.77
CA MET G 214 32.71 -3.74 -13.00
C MET G 214 33.72 -3.47 -14.10
N ASN G 215 34.57 -4.45 -14.43
CA ASN G 215 35.51 -4.23 -15.51
C ASN G 215 34.86 -4.39 -16.87
N LEU G 216 33.92 -5.34 -17.00
CA LEU G 216 33.06 -5.44 -18.18
C LEU G 216 32.56 -4.09 -18.65
N HIS G 217 31.74 -3.48 -17.83
CA HIS G 217 30.90 -2.37 -18.24
C HIS G 217 31.56 -1.08 -17.81
N LYS G 218 31.87 -0.24 -18.77
CA LYS G 218 32.55 1.03 -18.53
C LYS G 218 31.62 2.17 -18.90
N GLU G 219 31.10 2.83 -17.87
CA GLU G 219 30.15 3.92 -17.98
C GLU G 219 30.82 5.24 -18.25
N GLN G 220 32.13 5.21 -18.47
CA GLN G 220 32.95 6.40 -18.37
C GLN G 220 32.57 7.46 -19.41
N TRP G 221 32.40 7.04 -20.66
CA TRP G 221 32.12 8.02 -21.70
C TRP G 221 30.82 8.78 -21.45
N GLN G 222 29.74 8.06 -21.21
CA GLN G 222 28.39 8.58 -21.08
C GLN G 222 27.97 8.87 -19.65
N SER G 223 28.88 8.80 -18.70
CA SER G 223 28.52 8.71 -17.31
C SER G 223 27.56 9.81 -16.88
N GLY G 224 27.28 10.74 -17.77
CA GLY G 224 26.34 11.78 -17.40
C GLY G 224 24.98 11.69 -18.01
N LEU G 225 24.78 10.77 -18.94
CA LEU G 225 23.43 10.47 -19.37
C LEU G 225 22.87 9.30 -18.64
N LYS G 226 23.56 8.81 -17.65
CA LYS G 226 23.17 7.57 -17.01
C LYS G 226 22.38 7.93 -15.79
N MET G 227 21.08 7.70 -15.84
CA MET G 227 20.21 7.98 -14.72
C MET G 227 20.00 6.69 -13.96
N TYR G 228 20.03 6.79 -12.64
CA TYR G 228 20.27 5.60 -11.87
C TYR G 228 19.00 4.77 -11.72
N ASP G 229 19.08 3.77 -10.86
CA ASP G 229 17.89 3.04 -10.50
C ASP G 229 16.93 3.97 -9.80
N TYR G 230 15.65 3.73 -9.98
CA TYR G 230 14.66 4.57 -9.35
C TYR G 230 14.23 4.06 -8.00
N GLU G 231 13.67 2.86 -7.97
CA GLU G 231 13.15 2.35 -6.72
C GLU G 231 14.06 2.69 -5.58
N GLU G 232 15.36 2.68 -5.81
CA GLU G 232 16.26 3.08 -4.75
C GLU G 232 16.06 4.54 -4.39
N LYS G 233 15.78 5.38 -5.36
CA LYS G 233 15.68 6.76 -4.98
C LYS G 233 14.28 7.21 -4.67
N GLU G 234 13.28 6.41 -4.95
CA GLU G 234 11.99 6.67 -4.31
C GLU G 234 12.00 6.17 -2.89
N GLU G 235 12.58 5.00 -2.71
CA GLU G 235 12.96 4.54 -1.39
C GLU G 235 13.60 5.69 -0.65
N SER G 236 14.59 6.31 -1.28
CA SER G 236 15.33 7.35 -0.60
C SER G 236 14.47 8.55 -0.31
N ASN G 237 13.95 9.17 -1.36
CA ASN G 237 13.21 10.40 -1.15
C ASN G 237 12.12 10.19 -0.16
N LEU G 238 11.74 8.96 0.11
CA LEU G 238 10.93 8.74 1.29
C LEU G 238 11.78 8.79 2.54
N ALA G 239 12.83 7.98 2.58
CA ALA G 239 13.55 7.82 3.83
C ALA G 239 14.01 9.17 4.35
N ALA G 240 14.57 9.98 3.47
CA ALA G 240 15.05 11.29 3.90
C ALA G 240 13.91 12.08 4.50
N THR G 241 12.76 12.08 3.87
CA THR G 241 11.68 12.90 4.38
C THR G 241 11.27 12.44 5.76
N LYS G 242 10.98 11.14 5.92
CA LYS G 242 10.67 10.68 7.25
C LYS G 242 11.71 11.13 8.23
N SER G 243 12.97 11.12 7.82
CA SER G 243 14.00 11.58 8.73
C SER G 243 13.80 13.04 9.08
N MET G 244 13.78 13.91 8.07
CA MET G 244 13.59 15.33 8.33
C MET G 244 12.48 15.53 9.30
N VAL G 245 11.40 14.76 9.15
CA VAL G 245 10.42 14.77 10.21
C VAL G 245 11.09 14.48 11.52
N LYS G 246 11.82 13.37 11.60
CA LYS G 246 12.37 12.95 12.87
C LYS G 246 13.17 14.04 13.53
N ILE G 247 13.90 14.82 12.75
CA ILE G 247 14.76 15.79 13.40
C ILE G 247 14.15 17.17 13.43
N ALA G 248 12.97 17.35 12.85
CA ALA G 248 12.29 18.61 13.07
C ALA G 248 12.10 18.74 14.56
N GLU G 249 11.24 17.92 15.12
CA GLU G 249 10.90 18.12 16.52
C GLU G 249 12.11 17.94 17.41
N GLN G 250 13.15 17.27 16.94
CA GLN G 250 14.43 17.42 17.62
C GLN G 250 14.77 18.88 17.70
N TYR G 251 14.80 19.54 16.56
CA TYR G 251 15.17 20.95 16.50
C TYR G 251 14.20 21.86 17.21
N SER G 252 12.95 21.45 17.35
CA SER G 252 12.06 22.21 18.21
C SER G 252 12.44 22.03 19.65
N LYS G 253 12.64 20.79 20.07
CA LYS G 253 12.93 20.60 21.48
C LYS G 253 14.26 21.20 21.85
N ARG G 254 15.20 21.28 20.93
CA ARG G 254 16.32 22.15 21.23
C ARG G 254 15.82 23.58 21.35
N ILE G 255 15.20 24.10 20.28
CA ILE G 255 14.86 25.52 20.27
C ILE G 255 13.95 25.90 21.42
N GLU G 256 13.33 24.94 22.08
CA GLU G 256 12.53 25.36 23.21
C GLU G 256 13.32 25.47 24.50
N GLU G 257 14.53 24.96 24.54
CA GLU G 257 15.28 24.96 25.78
C GLU G 257 16.24 26.13 25.92
N GLU G 258 16.51 26.85 24.84
CA GLU G 258 17.33 28.04 24.97
C GLU G 258 16.65 29.09 25.80
N LYS G 259 15.36 28.89 26.07
CA LYS G 259 14.66 29.62 27.11
C LYS G 259 15.32 29.45 28.45
N GLU G 260 16.25 28.51 28.61
CA GLU G 260 16.66 28.21 29.97
C GLU G 260 18.15 28.28 30.26
N LEU G 261 18.90 27.25 29.88
CA LEU G 261 20.24 27.11 30.42
C LEU G 261 21.16 28.18 29.83
N THR G 262 22.30 28.42 30.49
CA THR G 262 23.29 29.31 29.90
C THR G 262 24.07 28.57 28.82
N GLU G 263 24.58 29.34 27.87
CA GLU G 263 25.09 28.77 26.62
C GLU G 263 26.00 27.58 26.86
N GLU G 264 26.87 27.68 27.85
CA GLU G 264 27.82 26.62 28.11
C GLU G 264 27.17 25.46 28.86
N GLU G 265 26.13 25.76 29.62
CA GLU G 265 25.36 24.70 30.26
C GLU G 265 24.52 23.96 29.23
N LEU G 266 23.86 24.72 28.36
CA LEU G 266 23.25 24.19 27.16
C LEU G 266 24.21 23.24 26.45
N LYS G 267 25.32 23.77 25.95
CA LYS G 267 26.33 22.98 25.28
C LYS G 267 26.78 21.81 26.12
N THR G 268 26.73 21.97 27.44
CA THR G 268 27.07 20.87 28.32
C THR G 268 26.14 19.70 28.09
N ARG G 269 24.83 19.94 28.23
CA ARG G 269 23.87 18.86 28.00
C ARG G 269 23.92 18.33 26.58
N TYR G 270 24.10 19.23 25.61
CA TYR G 270 23.71 18.96 24.23
C TYR G 270 24.69 18.12 23.43
N VAL G 271 25.87 17.84 23.97
CA VAL G 271 26.96 17.32 23.17
C VAL G 271 26.58 16.03 22.44
N GLY G 272 25.65 15.27 22.98
CA GLY G 272 25.43 13.90 22.54
C GLY G 272 24.91 13.70 21.14
N ARG G 273 23.77 14.29 20.85
CA ARG G 273 23.18 14.20 19.53
C ARG G 273 23.84 15.19 18.57
N GLN G 274 23.78 14.87 17.29
CA GLN G 274 24.11 15.88 16.30
C GLN G 274 23.27 17.12 16.53
N ASP G 275 23.89 18.28 16.34
CA ASP G 275 23.13 19.50 16.53
C ASP G 275 21.99 19.58 15.54
N PRO G 276 20.75 19.43 16.01
CA PRO G 276 19.62 19.23 15.10
C PRO G 276 19.56 20.27 14.02
N LYS G 277 19.82 21.51 14.38
CA LYS G 277 19.94 22.58 13.41
C LYS G 277 20.76 22.13 12.22
N LYS G 278 21.80 21.37 12.48
CA LYS G 278 22.66 20.94 11.39
C LYS G 278 22.17 19.70 10.67
N HIS G 279 21.34 18.88 11.29
CA HIS G 279 20.71 17.85 10.47
C HIS G 279 19.72 18.45 9.51
N LEU G 280 18.88 19.36 9.96
CA LEU G 280 18.00 19.99 8.98
C LEU G 280 18.84 20.58 7.87
N SER G 281 19.71 21.52 8.23
CA SER G 281 20.43 22.23 7.18
C SER G 281 21.17 21.25 6.29
N GLU G 282 21.71 20.22 6.91
CA GLU G 282 22.34 19.10 6.22
C GLU G 282 21.42 18.43 5.22
N THR G 283 20.47 17.63 5.70
CA THR G 283 19.84 16.68 4.81
C THR G 283 18.91 17.38 3.85
N ALA G 284 18.56 18.62 4.14
CA ALA G 284 17.81 19.36 3.14
C ALA G 284 18.53 19.29 1.81
N ASP G 285 19.84 19.35 1.85
CA ASP G 285 20.65 19.33 0.65
C ASP G 285 20.41 18.08 -0.17
N GLU G 286 20.90 16.96 0.34
CA GLU G 286 21.01 15.74 -0.44
C GLU G 286 19.74 15.56 -1.22
N THR G 287 18.63 15.82 -0.55
CA THR G 287 17.36 15.86 -1.23
C THR G 287 17.38 16.91 -2.33
N LEU G 288 17.70 18.14 -1.99
CA LEU G 288 17.69 19.18 -3.00
C LEU G 288 18.47 18.79 -4.21
N GLU G 289 19.79 18.69 -4.08
CA GLU G 289 20.58 18.55 -5.28
C GLU G 289 20.35 17.21 -5.94
N ASN G 290 20.35 16.12 -5.18
CA ASN G 290 20.11 14.85 -5.83
C ASN G 290 18.83 14.91 -6.63
N ASN G 291 17.84 15.60 -6.11
CA ASN G 291 16.61 15.64 -6.85
C ASN G 291 16.71 16.60 -8.03
N ILE G 292 17.56 17.60 -7.97
CA ILE G 292 17.63 18.47 -9.12
C ILE G 292 18.37 17.77 -10.23
N VAL G 293 19.53 17.21 -9.91
CA VAL G 293 20.28 16.51 -10.93
C VAL G 293 19.46 15.36 -11.50
N SER G 294 18.70 14.69 -10.65
CA SER G 294 17.84 13.64 -11.17
C SER G 294 16.84 14.21 -12.17
N VAL G 295 16.10 15.22 -11.76
CA VAL G 295 15.11 15.81 -12.65
C VAL G 295 15.75 16.19 -13.96
N LEU G 296 16.80 16.99 -13.88
CA LEU G 296 17.44 17.47 -15.08
C LEU G 296 17.82 16.31 -15.97
N THR G 297 18.44 15.32 -15.36
CA THR G 297 18.82 14.12 -16.08
C THR G 297 17.68 13.58 -16.89
N ALA G 298 16.49 13.56 -16.31
CA ALA G 298 15.42 12.98 -17.08
C ALA G 298 14.93 13.91 -18.16
N GLY G 299 14.91 15.21 -17.92
CA GLY G 299 14.48 16.11 -18.98
C GLY G 299 15.39 16.01 -20.19
N VAL G 300 16.70 16.04 -19.93
CA VAL G 300 17.66 15.80 -20.98
C VAL G 300 17.35 14.50 -21.70
N ASN G 301 17.22 13.43 -20.95
CA ASN G 301 17.14 12.13 -21.59
C ASN G 301 15.88 12.00 -22.42
N SER G 302 14.77 12.49 -21.91
CA SER G 302 13.55 12.40 -22.69
C SER G 302 13.64 13.23 -23.94
N VAL G 303 14.18 14.44 -23.83
CA VAL G 303 14.15 15.34 -24.97
C VAL G 303 15.20 14.97 -26.00
N ALA G 304 16.43 14.80 -25.55
CA ALA G 304 17.50 14.46 -26.46
C ALA G 304 17.28 13.11 -27.08
N ILE G 305 17.01 12.11 -26.25
CA ILE G 305 17.09 10.76 -26.77
C ILE G 305 15.92 10.45 -27.66
N LYS G 306 14.80 11.12 -27.49
CA LYS G 306 13.59 10.66 -28.15
C LYS G 306 13.74 10.66 -29.65
N LEU H 7 -25.19 93.43 -2.42
CA LEU H 7 -24.54 92.27 -1.83
C LEU H 7 -25.39 91.68 -0.73
N THR H 8 -25.52 92.45 0.35
CA THR H 8 -26.07 91.93 1.60
C THR H 8 -27.46 91.35 1.38
N LYS H 9 -28.39 92.18 0.93
CA LYS H 9 -29.71 91.68 0.57
C LYS H 9 -29.72 91.07 -0.81
N SER H 10 -28.75 91.44 -1.65
CA SER H 10 -28.62 90.86 -2.98
C SER H 10 -28.64 89.35 -2.89
N LEU H 11 -27.82 88.80 -2.00
CA LEU H 11 -27.72 87.37 -1.79
C LEU H 11 -29.10 86.76 -1.65
N SER H 12 -29.76 87.03 -0.52
CA SER H 12 -31.03 86.39 -0.25
C SER H 12 -32.06 86.71 -1.31
N ILE H 13 -31.85 87.76 -2.10
CA ILE H 13 -32.66 87.93 -3.30
C ILE H 13 -32.38 86.81 -4.28
N ALA H 14 -31.10 86.62 -4.63
CA ALA H 14 -30.75 85.66 -5.67
C ALA H 14 -31.10 84.25 -5.26
N PHE H 15 -30.70 83.85 -4.05
CA PHE H 15 -31.09 82.55 -3.58
C PHE H 15 -32.60 82.41 -3.51
N GLU H 16 -33.29 83.50 -3.22
CA GLU H 16 -34.73 83.46 -3.35
C GLU H 16 -35.15 83.65 -4.80
N ASN H 17 -34.39 84.41 -5.57
CA ASN H 17 -34.63 84.48 -7.02
C ASN H 17 -34.74 83.08 -7.59
N GLY H 18 -33.75 82.25 -7.33
CA GLY H 18 -33.59 81.04 -8.09
C GLY H 18 -32.54 81.14 -9.17
N ASP H 19 -31.85 82.27 -9.28
CA ASP H 19 -30.67 82.34 -10.12
C ASP H 19 -29.45 82.07 -9.26
N TYR H 20 -28.83 80.93 -9.48
CA TYR H 20 -27.67 80.47 -8.75
C TYR H 20 -26.36 80.86 -9.43
N ALA H 21 -26.44 81.31 -10.68
CA ALA H 21 -25.37 82.14 -11.20
C ALA H 21 -25.43 83.53 -10.59
N ALA H 22 -26.63 83.97 -10.21
CA ALA H 22 -26.73 85.20 -9.44
C ALA H 22 -26.08 85.00 -8.08
N CYS H 23 -26.41 83.90 -7.41
CA CYS H 23 -25.74 83.57 -6.16
C CYS H 23 -24.23 83.49 -6.38
N GLU H 24 -23.81 82.93 -7.50
CA GLU H 24 -22.39 82.97 -7.86
C GLU H 24 -21.85 84.38 -7.86
N LYS H 25 -22.54 85.30 -8.55
CA LYS H 25 -21.98 86.64 -8.69
C LYS H 25 -22.18 87.52 -7.47
N LEU H 26 -22.94 87.04 -6.51
CA LEU H 26 -23.00 87.65 -5.20
C LEU H 26 -21.99 87.02 -4.25
N LEU H 27 -21.43 85.88 -4.64
CA LEU H 27 -20.49 85.18 -3.77
C LEU H 27 -19.21 85.97 -3.49
N PRO H 28 -18.39 86.31 -4.49
CA PRO H 28 -17.04 86.75 -4.16
C PRO H 28 -17.02 88.03 -3.35
N PRO H 29 -17.71 89.11 -3.75
CA PRO H 29 -17.50 90.38 -3.04
C PRO H 29 -17.97 90.37 -1.60
N ILE H 30 -19.16 89.86 -1.31
CA ILE H 30 -19.56 89.87 0.09
C ILE H 30 -18.83 88.77 0.83
N LYS H 31 -18.45 87.71 0.12
CA LYS H 31 -17.54 86.74 0.69
C LYS H 31 -16.28 87.43 1.19
N ILE H 32 -15.86 88.46 0.46
CA ILE H 32 -14.69 89.23 0.85
C ILE H 32 -15.05 90.29 1.90
N GLU H 33 -16.31 90.73 1.95
CA GLU H 33 -16.75 91.56 3.06
C GLU H 33 -16.65 90.79 4.37
N LEU H 34 -16.95 89.50 4.31
CA LEU H 34 -16.60 88.61 5.41
C LEU H 34 -15.10 88.51 5.54
N ILE H 35 -14.39 88.39 4.43
CA ILE H 35 -12.94 88.19 4.48
C ILE H 35 -12.27 89.27 5.32
N LYS H 36 -12.48 90.52 4.94
CA LYS H 36 -11.99 91.63 5.73
C LYS H 36 -12.47 91.51 7.17
N ASN H 37 -13.71 91.11 7.36
CA ASN H 37 -14.30 91.00 8.68
C ASN H 37 -14.22 89.57 9.22
N ASN H 38 -13.51 88.68 8.54
CA ASN H 38 -13.34 87.31 9.04
C ASN H 38 -12.93 87.29 10.50
N LEU H 39 -11.96 88.12 10.87
CA LEU H 39 -11.58 88.21 12.27
C LEU H 39 -12.72 88.74 13.13
N LEU H 40 -13.82 89.18 12.51
CA LEU H 40 -14.93 89.74 13.23
C LEU H 40 -16.16 88.84 13.12
N ILE H 41 -16.80 88.87 11.95
CA ILE H 41 -18.12 88.27 11.75
C ILE H 41 -18.17 86.73 11.73
N PRO H 42 -17.19 85.98 11.20
CA PRO H 42 -17.25 84.53 11.37
C PRO H 42 -16.56 84.02 12.63
N ASP H 43 -16.66 82.71 12.86
CA ASP H 43 -15.81 81.87 13.69
C ASP H 43 -16.12 81.95 15.18
N LEU H 44 -17.00 82.83 15.63
CA LEU H 44 -17.72 82.69 16.90
C LEU H 44 -16.84 82.74 18.16
N SER H 45 -15.62 83.29 18.11
CA SER H 45 -14.79 83.23 19.31
C SER H 45 -15.14 84.31 20.33
N ILE H 46 -15.58 85.49 19.86
CA ILE H 46 -15.76 86.65 20.73
C ILE H 46 -16.99 86.49 21.61
N GLN H 47 -17.01 87.29 22.69
CA GLN H 47 -17.98 87.10 23.75
C GLN H 47 -19.22 87.98 23.61
N ASN H 48 -19.22 88.94 22.69
CA ASN H 48 -20.37 89.84 22.60
C ASN H 48 -21.60 89.10 22.08
N ASP H 49 -22.68 89.15 22.85
CA ASP H 49 -23.88 88.38 22.55
C ASP H 49 -24.77 89.06 21.53
N ILE H 50 -24.56 90.36 21.32
CA ILE H 50 -25.26 91.12 20.31
C ILE H 50 -24.90 90.62 18.92
N TYR H 51 -23.75 89.99 18.81
CA TYR H 51 -23.09 89.59 17.59
C TYR H 51 -23.76 88.42 16.91
N LEU H 52 -24.73 87.80 17.58
CA LEU H 52 -25.54 86.75 16.99
C LEU H 52 -26.15 87.19 15.67
N ASN H 53 -26.32 88.49 15.47
CA ASN H 53 -26.72 89.01 14.18
C ASN H 53 -25.73 88.55 13.12
N ASP H 54 -24.51 89.07 13.19
CA ASP H 54 -23.46 88.66 12.27
C ASP H 54 -23.41 87.15 12.13
N LEU H 55 -23.51 86.46 13.25
CA LEU H 55 -23.42 85.02 13.23
C LEU H 55 -24.47 84.44 12.32
N MET H 56 -25.73 84.53 12.75
CA MET H 56 -26.81 83.87 12.01
C MET H 56 -26.77 84.27 10.55
N ILE H 57 -26.56 85.56 10.29
CA ILE H 57 -26.53 86.08 8.93
C ILE H 57 -25.49 85.32 8.13
N THR H 58 -24.23 85.57 8.46
CA THR H 58 -23.12 84.99 7.73
C THR H 58 -23.28 83.49 7.57
N LYS H 59 -23.73 82.84 8.63
CA LYS H 59 -24.08 81.43 8.58
C LYS H 59 -24.98 81.15 7.39
N ARG H 60 -26.09 81.89 7.28
CA ARG H 60 -26.99 81.68 6.17
C ARG H 60 -26.31 81.94 4.84
N ILE H 61 -25.52 83.01 4.80
CA ILE H 61 -24.76 83.32 3.59
C ILE H 61 -23.99 82.10 3.12
N LEU H 62 -23.31 81.43 4.04
CA LEU H 62 -22.64 80.20 3.63
C LEU H 62 -23.64 79.15 3.20
N GLU H 63 -24.70 78.95 3.97
CA GLU H 63 -25.66 77.90 3.66
C GLU H 63 -26.04 77.95 2.20
N VAL H 64 -26.49 79.12 1.75
CA VAL H 64 -26.74 79.28 0.34
C VAL H 64 -25.46 79.26 -0.46
N GLY H 65 -24.31 79.41 0.20
CA GLY H 65 -23.06 79.09 -0.46
C GLY H 65 -23.03 77.65 -0.91
N ALA H 66 -23.34 76.74 0.00
CA ALA H 66 -23.36 75.34 -0.34
C ALA H 66 -24.44 75.04 -1.37
N LEU H 67 -25.69 75.31 -1.02
CA LEU H 67 -26.79 75.00 -1.91
C LEU H 67 -26.55 75.61 -3.27
N ALA H 68 -26.09 76.86 -3.28
CA ALA H 68 -25.64 77.49 -4.50
C ALA H 68 -24.67 76.58 -5.23
N SER H 69 -23.72 76.00 -4.51
CA SER H 69 -22.59 75.35 -5.15
C SER H 69 -22.92 73.94 -5.66
N ILE H 70 -23.80 73.22 -4.98
CA ILE H 70 -24.29 71.98 -5.53
C ILE H 70 -25.20 72.24 -6.71
N GLN H 71 -25.99 73.30 -6.64
CA GLN H 71 -26.66 73.75 -7.85
C GLN H 71 -25.63 74.14 -8.90
N THR H 72 -24.45 74.53 -8.45
CA THR H 72 -23.33 74.83 -9.32
C THR H 72 -22.58 73.57 -9.68
N PHE H 73 -22.52 72.62 -8.76
CA PHE H 73 -22.03 71.27 -8.95
C PHE H 73 -20.52 71.18 -8.81
N ASN H 74 -19.81 72.26 -8.56
CA ASN H 74 -18.42 72.14 -8.16
C ASN H 74 -18.38 71.80 -6.68
N PHE H 75 -17.88 70.62 -6.36
CA PHE H 75 -18.15 70.09 -5.03
C PHE H 75 -17.15 70.53 -3.98
N ASP H 76 -15.88 70.70 -4.36
CA ASP H 76 -14.91 71.22 -3.41
C ASP H 76 -15.40 72.52 -2.80
N SER H 77 -16.17 73.29 -3.57
CA SER H 77 -16.79 74.51 -3.10
C SER H 77 -17.45 74.27 -1.76
N PHE H 78 -18.57 73.55 -1.77
CA PHE H 78 -19.28 73.42 -0.53
C PHE H 78 -18.67 72.38 0.38
N GLU H 79 -17.68 71.64 -0.10
CA GLU H 79 -16.79 71.02 0.86
C GLU H 79 -16.21 72.10 1.76
N ASN H 80 -15.55 73.06 1.15
CA ASN H 80 -14.97 74.16 1.90
C ASN H 80 -16.04 74.89 2.68
N TYR H 81 -17.19 75.14 2.06
CA TYR H 81 -18.23 75.88 2.75
C TYR H 81 -18.71 75.12 3.96
N PHE H 82 -19.00 73.84 3.76
CA PHE H 82 -19.38 73.01 4.89
C PHE H 82 -18.34 73.10 5.97
N ASN H 83 -17.08 72.96 5.58
CA ASN H 83 -16.00 73.12 6.54
C ASN H 83 -16.16 74.43 7.29
N GLN H 84 -16.55 75.48 6.58
CA GLN H 84 -16.77 76.75 7.26
C GLN H 84 -17.89 76.60 8.26
N LEU H 85 -18.88 75.76 7.96
CA LEU H 85 -20.05 75.69 8.80
C LEU H 85 -19.81 74.86 10.04
N LYS H 86 -18.87 73.94 9.95
CA LYS H 86 -18.61 73.06 11.08
C LYS H 86 -18.46 73.82 12.38
N PRO H 87 -17.78 74.95 12.45
CA PRO H 87 -17.78 75.73 13.68
C PRO H 87 -19.16 76.12 14.12
N TYR H 88 -20.18 75.99 13.28
CA TYR H 88 -21.44 76.63 13.64
C TYR H 88 -22.45 75.68 14.23
N TYR H 89 -22.92 74.73 13.45
CA TYR H 89 -23.84 73.77 14.01
C TYR H 89 -23.21 73.05 15.18
N PHE H 90 -21.92 72.77 15.09
CA PHE H 90 -21.22 71.98 16.10
C PHE H 90 -20.66 72.84 17.21
N SER H 91 -20.63 74.16 17.03
CA SER H 91 -20.72 75.00 18.20
C SER H 91 -22.10 74.80 18.76
N ASN H 92 -22.19 74.40 20.02
CA ASN H 92 -23.47 74.02 20.58
C ASN H 92 -24.11 75.24 21.23
N ASN H 93 -25.15 75.74 20.57
CA ASN H 93 -26.07 76.72 21.09
C ASN H 93 -27.45 76.30 20.62
N HIS H 94 -28.41 76.42 21.52
CA HIS H 94 -29.79 76.30 21.08
C HIS H 94 -30.11 77.36 20.03
N LYS H 95 -29.29 78.39 19.94
CA LYS H 95 -29.42 79.40 18.91
C LYS H 95 -28.81 78.94 17.59
N LEU H 96 -27.63 78.34 17.66
CA LEU H 96 -26.85 78.05 16.47
C LEU H 96 -27.05 76.64 15.94
N SER H 97 -27.99 75.89 16.50
CA SER H 97 -28.43 74.65 15.91
C SER H 97 -29.69 74.78 15.07
N GLU H 98 -30.23 75.98 14.93
CA GLU H 98 -31.64 76.08 14.56
C GLU H 98 -31.91 75.94 13.07
N SER H 99 -30.88 75.88 12.23
CA SER H 99 -31.14 75.89 10.80
C SER H 99 -31.92 74.67 10.39
N ASP H 100 -33.06 74.88 9.76
CA ASP H 100 -33.79 73.78 9.16
C ASP H 100 -32.86 72.95 8.29
N LYS H 101 -32.19 73.62 7.36
CA LYS H 101 -31.41 72.95 6.35
C LYS H 101 -30.15 72.34 6.92
N LYS H 102 -29.86 72.56 8.19
CA LYS H 102 -28.75 71.90 8.84
C LYS H 102 -28.71 70.43 8.47
N SER H 103 -29.67 69.68 9.00
CA SER H 103 -29.71 68.25 8.79
C SER H 103 -29.53 67.91 7.32
N LYS H 104 -30.32 68.58 6.50
CA LYS H 104 -30.30 68.39 5.06
C LYS H 104 -28.88 68.51 4.52
N LEU H 105 -28.35 69.73 4.51
CA LEU H 105 -27.04 69.97 3.94
C LEU H 105 -26.01 68.99 4.49
N ILE H 106 -26.09 68.68 5.78
CA ILE H 106 -25.19 67.67 6.34
C ILE H 106 -25.28 66.42 5.48
N SER H 107 -26.49 65.90 5.37
CA SER H 107 -26.66 64.69 4.61
C SER H 107 -26.13 64.85 3.20
N LEU H 108 -26.37 66.00 2.59
CA LEU H 108 -25.81 66.27 1.27
C LEU H 108 -24.32 66.05 1.28
N TYR H 109 -23.66 66.51 2.34
CA TYR H 109 -22.24 66.28 2.49
C TYR H 109 -21.94 64.80 2.48
N LEU H 110 -22.73 64.03 3.21
CA LEU H 110 -22.46 62.61 3.27
C LEU H 110 -22.58 61.99 1.89
N LEU H 111 -23.75 62.10 1.28
CA LEU H 111 -23.91 61.48 -0.03
C LEU H 111 -22.84 61.94 -0.98
N ASN H 112 -22.38 63.17 -0.83
CA ASN H 112 -21.16 63.51 -1.53
C ASN H 112 -20.11 62.46 -1.23
N LEU H 113 -19.84 62.25 0.05
CA LEU H 113 -18.72 61.39 0.41
C LEU H 113 -18.88 60.01 -0.17
N LEU H 114 -20.09 59.47 -0.12
CA LEU H 114 -20.27 58.16 -0.71
C LEU H 114 -20.00 58.23 -2.19
N SER H 115 -20.61 59.21 -2.85
CA SER H 115 -20.49 59.37 -4.28
C SER H 115 -19.04 59.33 -4.69
N GLN H 116 -18.17 59.84 -3.85
CA GLN H 116 -16.75 59.82 -4.16
C GLN H 116 -16.12 58.49 -3.86
N ASN H 117 -16.90 57.52 -3.38
CA ASN H 117 -16.36 56.27 -2.89
C ASN H 117 -15.38 56.47 -1.77
N ASN H 118 -15.55 57.53 -1.02
CA ASN H 118 -14.58 57.80 0.01
C ASN H 118 -15.19 57.26 1.28
N THR H 119 -14.76 56.06 1.64
CA THR H 119 -15.18 55.52 2.91
C THR H 119 -14.44 56.23 4.00
N THR H 120 -13.12 56.26 3.89
CA THR H 120 -12.25 56.70 4.94
C THR H 120 -12.80 57.94 5.62
N LYS H 121 -12.90 59.01 4.86
CA LYS H 121 -13.66 60.14 5.33
C LYS H 121 -14.96 59.66 5.91
N PHE H 122 -15.81 59.10 5.06
CA PHE H 122 -17.22 58.99 5.39
C PHE H 122 -17.40 58.47 6.80
N HIS H 123 -16.75 57.36 7.10
CA HIS H 123 -16.79 56.84 8.46
C HIS H 123 -16.19 57.83 9.43
N SER H 124 -15.12 58.51 9.03
CA SER H 124 -14.56 59.47 9.98
C SER H 124 -15.61 60.49 10.35
N GLU H 125 -16.02 61.31 9.39
CA GLU H 125 -16.95 62.36 9.75
C GLU H 125 -18.15 61.78 10.42
N LEU H 126 -18.55 60.59 10.01
CA LEU H 126 -19.57 59.89 10.75
C LEU H 126 -19.26 59.90 12.24
N GLN H 127 -18.04 59.51 12.60
CA GLN H 127 -17.67 59.55 14.01
C GLN H 127 -17.81 60.95 14.56
N TYR H 128 -17.43 61.92 13.77
CA TYR H 128 -17.50 63.29 14.23
C TYR H 128 -18.91 63.60 14.69
N LEU H 129 -19.80 63.65 13.72
CA LEU H 129 -21.20 63.95 13.90
C LEU H 129 -21.73 63.17 15.08
N ASP H 130 -21.85 61.85 14.88
CA ASP H 130 -22.56 61.07 15.86
C ASP H 130 -21.96 61.20 17.23
N LYS H 131 -20.70 61.62 17.31
CA LYS H 131 -20.25 61.90 18.66
C LYS H 131 -20.97 63.14 19.17
N HIS H 132 -20.74 64.30 18.59
CA HIS H 132 -21.31 65.45 19.27
C HIS H 132 -22.70 65.83 18.80
N ILE H 133 -23.34 65.02 17.98
CA ILE H 133 -24.79 65.12 17.79
C ILE H 133 -25.42 63.87 18.38
N LYS H 134 -26.23 64.06 19.41
CA LYS H 134 -26.48 62.99 20.35
C LYS H 134 -27.17 61.79 19.73
N ASN H 135 -27.95 61.99 18.67
CA ASN H 135 -28.59 60.84 18.02
C ASN H 135 -28.53 61.01 16.52
N LEU H 136 -27.79 60.14 15.84
CA LEU H 136 -27.82 60.14 14.39
C LEU H 136 -28.63 59.01 13.78
N GLU H 137 -29.09 58.07 14.58
CA GLU H 137 -29.97 57.04 14.04
C GLU H 137 -31.42 57.40 14.25
N ASP H 138 -31.68 58.60 14.74
CA ASP H 138 -33.04 59.06 14.97
C ASP H 138 -33.58 59.78 13.73
N ASP H 139 -33.07 60.97 13.47
CA ASP H 139 -33.62 61.75 12.37
C ASP H 139 -33.40 61.03 11.05
N SER H 140 -34.48 60.98 10.26
CA SER H 140 -34.50 60.20 9.04
C SER H 140 -33.37 60.59 8.12
N LEU H 141 -33.51 61.76 7.53
CA LEU H 141 -32.65 62.16 6.43
C LEU H 141 -31.18 62.13 6.80
N LEU H 142 -30.87 62.09 8.08
CA LEU H 142 -29.50 61.80 8.45
C LEU H 142 -29.20 60.32 8.33
N SER H 143 -30.12 59.46 8.75
CA SER H 143 -29.89 58.04 8.57
C SER H 143 -29.88 57.66 7.11
N TYR H 144 -30.49 58.47 6.28
CA TYR H 144 -30.64 58.17 4.87
C TYR H 144 -29.30 57.81 4.26
N PRO H 145 -28.32 58.71 4.27
CA PRO H 145 -27.01 58.30 3.77
C PRO H 145 -26.44 57.14 4.53
N ILE H 146 -26.61 57.09 5.84
CA ILE H 146 -26.08 55.98 6.61
C ILE H 146 -26.66 54.71 6.05
N LYS H 147 -27.96 54.52 6.26
CA LYS H 147 -28.56 53.27 5.85
C LYS H 147 -28.12 52.91 4.46
N LEU H 148 -28.07 53.91 3.59
CA LEU H 148 -27.51 53.66 2.28
C LEU H 148 -26.17 52.98 2.41
N ASP H 149 -25.32 53.53 3.25
CA ASP H 149 -23.98 52.98 3.38
C ASP H 149 -24.03 51.56 3.89
N ARG H 150 -24.62 51.35 5.06
CA ARG H 150 -24.58 50.01 5.64
C ARG H 150 -25.04 49.01 4.63
N TRP H 151 -26.22 49.24 4.08
CA TRP H 151 -26.81 48.23 3.22
C TRP H 151 -25.95 47.94 2.02
N LEU H 152 -25.30 48.96 1.46
CA LEU H 152 -24.51 48.58 0.31
C LEU H 152 -23.21 47.93 0.75
N MET H 153 -22.67 48.35 1.87
CA MET H 153 -21.45 47.74 2.34
C MET H 153 -21.70 46.32 2.77
N GLU H 154 -22.70 46.13 3.65
CA GLU H 154 -23.21 44.80 3.91
C GLU H 154 -23.65 44.12 2.63
N GLY H 155 -24.02 44.88 1.62
CA GLY H 155 -24.43 44.29 0.36
C GLY H 155 -25.84 43.77 0.27
N SER H 156 -26.83 44.54 0.65
CA SER H 156 -28.19 44.27 0.23
C SER H 156 -28.52 45.39 -0.74
N TYR H 157 -28.51 45.08 -2.02
CA TYR H 157 -28.67 46.20 -2.92
C TYR H 157 -30.12 46.58 -3.06
N GLN H 158 -31.00 45.59 -3.02
CA GLN H 158 -32.40 45.92 -3.21
C GLN H 158 -32.84 46.96 -2.21
N LYS H 159 -32.54 46.75 -0.93
CA LYS H 159 -32.77 47.82 0.03
C LYS H 159 -32.17 49.11 -0.44
N ALA H 160 -31.01 49.05 -1.09
CA ALA H 160 -30.37 50.29 -1.50
C ALA H 160 -31.25 51.05 -2.47
N TRP H 161 -31.56 50.45 -3.61
CA TRP H 161 -32.46 51.11 -4.54
C TRP H 161 -33.69 51.60 -3.83
N ASP H 162 -34.16 50.82 -2.86
CA ASP H 162 -35.28 51.30 -2.08
C ASP H 162 -34.97 52.64 -1.46
N LEU H 163 -33.77 52.80 -0.92
CA LEU H 163 -33.46 54.13 -0.43
C LEU H 163 -33.36 55.13 -1.55
N LEU H 164 -33.02 54.70 -2.75
CA LEU H 164 -32.96 55.67 -3.83
C LEU H 164 -34.34 56.17 -4.18
N GLN H 165 -35.35 55.35 -3.95
CA GLN H 165 -36.70 55.84 -4.14
C GLN H 165 -37.10 56.72 -2.96
N SER H 166 -37.09 56.13 -1.77
CA SER H 166 -37.50 56.85 -0.57
C SER H 166 -36.83 58.22 -0.44
N GLY H 167 -35.59 58.35 -0.89
CA GLY H 167 -34.87 59.60 -0.77
C GLY H 167 -35.54 60.75 -1.48
N SER H 168 -36.47 60.46 -2.37
CA SER H 168 -37.36 61.45 -2.96
C SER H 168 -38.21 62.17 -1.93
N GLN H 169 -38.20 61.67 -0.69
CA GLN H 169 -38.85 62.30 0.45
C GLN H 169 -38.64 63.81 0.49
N ASN H 170 -37.41 64.23 0.39
CA ASN H 170 -37.07 65.58 -0.05
C ASN H 170 -36.52 65.45 -1.45
N ILE H 171 -37.26 65.92 -2.44
CA ILE H 171 -36.68 66.01 -3.76
C ILE H 171 -35.71 67.17 -3.75
N SER H 172 -34.44 66.87 -3.99
CA SER H 172 -33.47 67.93 -4.17
C SER H 172 -32.21 67.35 -4.77
N GLU H 173 -31.27 68.24 -5.05
CA GLU H 173 -30.21 68.05 -6.03
C GLU H 173 -29.39 66.79 -5.85
N PHE H 174 -29.47 66.16 -4.68
CA PHE H 174 -28.81 64.87 -4.54
C PHE H 174 -29.38 63.87 -5.51
N ASP H 175 -30.49 64.26 -6.16
CA ASP H 175 -30.97 63.55 -7.33
C ASP H 175 -29.83 63.28 -8.28
N SER H 176 -29.07 64.33 -8.59
CA SER H 176 -27.80 64.18 -9.30
C SER H 176 -26.91 63.17 -8.60
N PHE H 177 -26.66 63.37 -7.31
CA PHE H 177 -25.99 62.34 -6.53
C PHE H 177 -26.64 61.00 -6.78
N THR H 178 -27.96 60.97 -6.72
CA THR H 178 -28.68 59.76 -7.05
C THR H 178 -28.17 59.14 -8.33
N ASP H 179 -28.15 59.93 -9.38
CA ASP H 179 -27.77 59.39 -10.67
C ASP H 179 -26.30 59.02 -10.69
N ILE H 180 -25.51 59.60 -9.81
CA ILE H 180 -24.17 59.09 -9.56
C ILE H 180 -24.26 57.68 -9.00
N LEU H 181 -24.89 57.57 -7.84
CA LEU H 181 -24.77 56.35 -7.05
C LEU H 181 -25.24 55.16 -7.85
N LYS H 182 -26.34 55.33 -8.56
CA LYS H 182 -26.87 54.26 -9.38
C LYS H 182 -25.80 53.73 -10.30
N SER H 183 -25.22 54.61 -11.09
CA SER H 183 -24.14 54.18 -11.96
C SER H 183 -23.04 53.50 -11.17
N ALA H 184 -22.81 53.97 -9.94
CA ALA H 184 -21.91 53.28 -9.04
C ALA H 184 -22.41 51.88 -8.72
N ILE H 185 -23.60 51.79 -8.15
CA ILE H 185 -24.09 50.49 -7.73
C ILE H 185 -24.20 49.57 -8.92
N ARG H 186 -24.71 50.07 -10.03
CA ARG H 186 -24.90 49.15 -11.13
C ARG H 186 -23.57 48.59 -11.57
N ASP H 187 -22.47 49.27 -11.30
CA ASP H 187 -21.20 48.67 -11.62
C ASP H 187 -20.89 47.50 -10.71
N GLU H 188 -21.12 47.68 -9.42
CA GLU H 188 -20.81 46.63 -8.47
C GLU H 188 -21.41 45.33 -8.92
N ILE H 189 -22.71 45.34 -9.11
CA ILE H 189 -23.37 44.11 -9.51
C ILE H 189 -22.67 43.55 -10.72
N ALA H 190 -22.40 44.42 -11.69
CA ALA H 190 -21.56 44.05 -12.81
C ALA H 190 -20.29 43.38 -12.31
N LYS H 191 -19.40 44.14 -11.68
CA LYS H 191 -18.20 43.53 -11.15
C LYS H 191 -18.52 42.32 -10.32
N ASN H 192 -19.61 42.36 -9.58
CA ASN H 192 -20.01 41.13 -8.94
C ASN H 192 -20.24 40.10 -10.01
N THR H 193 -21.33 40.25 -10.73
CA THR H 193 -21.85 39.10 -11.44
C THR H 193 -20.93 38.63 -12.51
N GLU H 194 -20.01 39.47 -12.98
CA GLU H 194 -19.02 38.98 -13.91
C GLU H 194 -18.45 37.67 -13.46
N LEU H 195 -18.16 37.56 -12.17
CA LEU H 195 -17.67 36.29 -11.68
C LEU H 195 -18.81 35.32 -11.40
N SER H 196 -19.90 35.79 -10.83
CA SER H 196 -20.88 34.87 -10.27
C SER H 196 -21.40 33.86 -11.25
N TYR H 197 -22.20 34.30 -12.19
CA TYR H 197 -22.99 33.40 -13.01
C TYR H 197 -22.24 33.03 -14.29
N ASP H 198 -22.96 32.41 -15.22
CA ASP H 198 -22.48 32.14 -16.57
C ASP H 198 -23.48 32.57 -17.64
N PHE H 199 -24.64 31.93 -17.66
CA PHE H 199 -25.66 32.22 -18.64
C PHE H 199 -26.72 33.07 -18.01
N LEU H 200 -26.79 34.33 -18.40
CA LEU H 200 -27.91 35.14 -17.94
C LEU H 200 -28.82 35.61 -19.05
N PRO H 201 -30.05 35.15 -19.04
CA PRO H 201 -31.08 35.73 -19.89
C PRO H 201 -31.18 37.23 -19.67
N LEU H 202 -31.20 37.95 -20.78
CA LEU H 202 -31.38 39.40 -20.74
C LEU H 202 -32.50 39.79 -19.82
N SER H 203 -33.57 39.01 -19.81
CA SER H 203 -34.65 39.24 -18.86
C SER H 203 -34.09 39.34 -17.44
N ASN H 204 -33.33 38.33 -17.04
CA ASN H 204 -32.81 38.30 -15.69
C ASN H 204 -31.82 39.41 -15.45
N ILE H 205 -31.13 39.83 -16.48
CA ILE H 205 -30.12 40.84 -16.26
C ILE H 205 -30.77 42.18 -16.04
N LYS H 206 -31.81 42.48 -16.81
CA LYS H 206 -32.69 43.56 -16.42
C LYS H 206 -33.11 43.39 -14.98
N ALA H 207 -33.53 42.18 -14.62
CA ALA H 207 -34.03 41.94 -13.28
C ALA H 207 -33.02 42.42 -12.24
N LEU H 208 -31.78 42.00 -12.35
CA LEU H 208 -30.75 42.47 -11.43
C LEU H 208 -30.61 43.97 -11.55
N LEU H 209 -30.05 44.40 -12.66
CA LEU H 209 -29.45 45.72 -12.76
C LEU H 209 -30.46 46.83 -12.65
N PHE H 210 -31.74 46.51 -12.60
CA PHE H 210 -32.84 47.39 -12.28
C PHE H 210 -33.41 48.13 -13.47
N PHE H 211 -32.89 47.92 -14.68
CA PHE H 211 -33.40 48.64 -15.83
C PHE H 211 -34.90 48.46 -15.95
N ASN H 212 -35.56 49.48 -16.51
CA ASN H 212 -36.98 49.41 -16.82
C ASN H 212 -37.26 48.97 -18.25
N ASN H 213 -36.24 48.91 -19.08
CA ASN H 213 -36.33 48.28 -20.39
C ASN H 213 -35.06 47.47 -20.58
N GLU H 214 -35.07 46.60 -21.56
CA GLU H 214 -33.86 45.86 -21.88
C GLU H 214 -32.99 46.55 -22.92
N LYS H 215 -33.51 47.59 -23.57
CA LYS H 215 -32.74 48.22 -24.64
C LYS H 215 -31.53 48.94 -24.09
N GLU H 216 -31.61 49.40 -22.85
CA GLU H 216 -30.44 49.96 -22.20
C GLU H 216 -29.36 48.90 -22.12
N THR H 217 -29.80 47.68 -21.90
CA THR H 217 -28.95 46.67 -21.31
C THR H 217 -27.80 46.33 -22.24
N GLU H 218 -28.12 45.95 -23.48
CA GLU H 218 -27.09 45.68 -24.46
C GLU H 218 -26.12 46.83 -24.52
N LYS H 219 -26.66 48.05 -24.50
CA LYS H 219 -25.87 49.26 -24.38
C LYS H 219 -24.86 49.00 -23.29
N PHE H 220 -25.39 48.94 -22.08
CA PHE H 220 -24.60 48.63 -20.91
C PHE H 220 -23.70 47.44 -21.20
N ALA H 221 -24.30 46.36 -21.69
CA ALA H 221 -23.56 45.11 -21.91
C ALA H 221 -22.41 45.32 -22.88
N LEU H 222 -22.65 46.06 -23.96
CA LEU H 222 -21.56 46.39 -24.86
C LEU H 222 -20.54 47.24 -24.13
N GLU H 223 -21.02 48.31 -23.52
CA GLU H 223 -20.18 49.14 -22.70
C GLU H 223 -19.52 48.32 -21.63
N ARG H 224 -20.16 47.23 -21.23
CA ARG H 224 -19.56 46.22 -20.38
C ARG H 224 -18.83 45.15 -21.15
N ASN H 225 -18.83 45.22 -22.48
CA ASN H 225 -18.01 44.37 -23.34
C ASN H 225 -18.50 42.94 -23.37
N TRP H 226 -19.78 42.72 -23.11
CA TRP H 226 -20.28 41.37 -22.90
C TRP H 226 -20.79 40.80 -24.22
N PRO H 227 -20.18 39.76 -24.75
CA PRO H 227 -20.75 39.10 -25.92
C PRO H 227 -22.12 38.53 -25.61
N ILE H 228 -23.08 38.84 -26.44
CA ILE H 228 -24.48 38.50 -26.23
C ILE H 228 -24.84 37.35 -27.13
N VAL H 229 -25.67 36.43 -26.64
CA VAL H 229 -26.33 35.44 -27.49
C VAL H 229 -27.80 35.49 -27.14
N ASN H 230 -28.61 35.95 -28.09
CA ASN H 230 -30.02 36.14 -27.82
C ASN H 230 -30.18 37.00 -26.58
N SER H 231 -31.13 36.60 -25.73
CA SER H 231 -31.27 37.20 -24.41
C SER H 231 -30.18 36.72 -23.47
N LYS H 232 -29.64 35.54 -23.74
CA LYS H 232 -28.69 34.93 -22.84
C LYS H 232 -27.33 35.60 -23.02
N VAL H 233 -26.49 35.49 -22.00
CA VAL H 233 -25.22 36.18 -22.02
C VAL H 233 -24.13 35.21 -21.57
N TYR H 234 -22.89 35.59 -21.82
CA TYR H 234 -21.73 34.86 -21.40
C TYR H 234 -20.85 35.74 -20.53
N PHE H 235 -19.94 35.10 -19.81
CA PHE H 235 -18.92 35.83 -19.09
C PHE H 235 -17.60 35.12 -19.27
N ASN H 236 -16.64 35.82 -19.89
CA ASN H 236 -15.24 35.41 -19.96
C ASN H 236 -14.47 36.34 -20.88
N THR H 257 7.14 27.40 -20.37
CA THR H 257 8.40 27.28 -19.66
C THR H 257 8.77 25.84 -19.37
N ASN H 258 9.71 25.34 -20.15
CA ASN H 258 10.10 23.94 -20.12
C ASN H 258 10.69 23.57 -18.77
N ILE H 259 10.67 22.27 -18.48
CA ILE H 259 11.16 21.80 -17.19
C ILE H 259 12.67 21.92 -17.10
N ILE H 260 13.40 21.49 -18.13
CA ILE H 260 14.84 21.57 -18.09
C ILE H 260 15.26 22.95 -17.61
N GLU H 261 14.69 23.95 -18.25
CA GLU H 261 14.90 25.32 -17.85
C GLU H 261 14.72 25.43 -16.35
N LYS H 262 13.55 25.01 -15.86
CA LYS H 262 13.25 25.14 -14.44
C LYS H 262 14.36 24.57 -13.61
N ALA H 263 14.80 23.36 -13.95
CA ALA H 263 15.83 22.71 -13.15
C ALA H 263 17.04 23.59 -13.08
N MET H 264 17.62 23.92 -14.24
CA MET H 264 18.82 24.73 -14.17
C MET H 264 18.56 25.96 -13.33
N ASP H 265 17.40 26.56 -13.47
CA ASP H 265 17.11 27.75 -12.69
C ASP H 265 17.29 27.48 -11.22
N TYR H 266 16.69 26.40 -10.72
CA TYR H 266 16.87 26.11 -9.32
C TYR H 266 18.34 26.01 -9.01
N ALA H 267 19.06 25.22 -9.79
CA ALA H 267 20.49 25.07 -9.58
C ALA H 267 21.18 26.42 -9.43
N ILE H 268 21.24 27.16 -10.53
CA ILE H 268 21.98 28.40 -10.61
C ILE H 268 21.56 29.29 -9.47
N SER H 269 20.34 29.13 -9.00
CA SER H 269 19.99 29.84 -7.79
C SER H 269 20.65 29.22 -6.58
N ILE H 270 21.02 27.95 -6.63
CA ILE H 270 21.73 27.45 -5.46
C ILE H 270 23.18 27.85 -5.51
N GLU H 271 23.79 27.77 -6.68
CA GLU H 271 25.24 27.82 -6.71
C GLU H 271 25.78 29.22 -6.59
N ASN H 272 24.94 30.23 -6.51
CA ASN H 272 25.39 31.60 -6.34
C ASN H 272 26.10 31.77 -4.99
N GLU I 31 11.84 54.08 35.44
CA GLU I 31 10.90 53.80 34.36
C GLU I 31 9.61 53.30 34.93
N ASP I 32 8.89 54.20 35.60
CA ASP I 32 7.63 53.83 36.22
C ASP I 32 6.65 54.97 36.05
N ASP I 33 5.44 54.65 35.60
CA ASP I 33 4.36 55.61 35.60
C ASP I 33 3.04 54.86 35.73
N GLU I 34 2.07 55.55 36.29
CA GLU I 34 0.83 54.94 36.73
C GLU I 34 -0.29 55.08 35.73
N PHE I 35 -0.05 55.69 34.58
CA PHE I 35 -1.06 55.79 33.55
C PHE I 35 -2.33 56.39 34.12
N GLU I 36 -2.19 57.56 34.73
CA GLU I 36 -3.38 58.26 35.20
C GLU I 36 -4.45 58.27 34.12
N ASP I 37 -4.00 58.46 32.89
CA ASP I 37 -4.91 58.58 31.76
C ASP I 37 -5.79 57.35 31.62
N PHE I 38 -5.23 56.17 31.77
CA PHE I 38 -6.08 55.02 31.60
C PHE I 38 -6.50 54.49 32.95
N PRO I 39 -7.71 54.77 33.39
CA PRO I 39 -8.18 54.21 34.65
C PRO I 39 -8.50 52.74 34.47
N ILE I 40 -8.14 51.94 35.45
CA ILE I 40 -8.42 50.52 35.37
C ILE I 40 -9.92 50.29 35.44
N ASP I 41 -10.36 49.20 34.81
CA ASP I 41 -11.77 49.04 34.50
C ASP I 41 -12.63 49.17 35.73
N THR I 42 -13.83 49.65 35.51
CA THR I 42 -14.79 49.97 36.54
C THR I 42 -16.06 49.17 36.31
N TRP I 43 -16.90 49.09 37.34
CA TRP I 43 -18.02 48.17 37.25
C TRP I 43 -19.26 48.72 37.93
N ALA I 44 -20.41 48.35 37.39
CA ALA I 44 -21.68 48.45 38.06
C ALA I 44 -22.10 47.15 38.72
N ASN I 45 -21.23 46.14 38.68
CA ASN I 45 -21.48 44.82 39.30
C ASN I 45 -22.67 44.09 38.69
N ASN I 58 -11.64 24.03 34.66
CA ASN I 58 -11.59 24.51 33.28
C ASN I 58 -10.14 24.61 32.85
N ILE I 59 -9.41 23.52 33.04
CA ILE I 59 -8.01 23.51 32.67
C ILE I 59 -7.74 23.40 31.18
N TRP I 60 -8.59 22.68 30.47
CA TRP I 60 -8.11 22.01 29.28
C TRP I 60 -8.14 22.92 28.06
N GLU I 61 -9.22 23.62 27.92
CA GLU I 61 -9.67 24.00 26.59
C GLU I 61 -8.95 25.12 25.88
N GLU I 62 -8.21 24.76 24.85
CA GLU I 62 -8.02 25.73 23.78
C GLU I 62 -9.11 25.65 22.73
N ASN I 63 -9.86 24.56 22.68
CA ASN I 63 -10.77 24.38 21.57
C ASN I 63 -11.95 25.32 21.77
N TRP I 64 -12.71 25.53 20.71
CA TRP I 64 -13.84 26.44 20.80
C TRP I 64 -15.16 25.70 21.01
N ASP I 65 -15.56 24.87 20.06
CA ASP I 65 -16.85 24.17 20.21
C ASP I 65 -16.96 23.48 21.54
N ASP I 66 -15.83 23.08 22.13
CA ASP I 66 -15.86 22.55 23.47
C ASP I 66 -16.54 23.50 24.42
N VAL I 67 -16.19 24.78 24.34
CA VAL I 67 -16.83 25.71 25.28
C VAL I 67 -18.19 26.12 24.76
N GLU I 68 -18.32 26.35 23.46
CA GLU I 68 -19.59 26.78 22.92
C GLU I 68 -20.22 25.56 22.28
N VAL I 69 -21.21 25.00 22.95
CA VAL I 69 -21.97 23.89 22.43
C VAL I 69 -23.35 23.97 23.05
N ASP I 70 -24.36 23.55 22.29
CA ASP I 70 -25.73 23.66 22.76
C ASP I 70 -26.14 22.49 23.62
N ASP I 71 -25.19 21.61 23.92
CA ASP I 71 -25.18 20.75 25.09
C ASP I 71 -26.36 19.82 25.32
N ASP I 72 -27.30 19.80 24.39
CA ASP I 72 -27.96 18.50 24.32
C ASP I 72 -27.78 18.06 22.89
N PHE I 73 -27.04 17.01 22.68
CA PHE I 73 -27.38 16.23 21.53
C PHE I 73 -28.47 15.26 21.86
N THR I 74 -28.64 14.96 23.13
CA THR I 74 -29.46 13.84 23.50
C THR I 74 -30.90 14.18 23.23
N ASN I 75 -31.44 15.05 24.07
CA ASN I 75 -32.88 15.14 24.23
C ASN I 75 -33.57 15.10 22.89
N GLU I 76 -33.24 16.06 22.04
CA GLU I 76 -33.81 16.09 20.70
C GLU I 76 -33.43 14.86 19.91
N LEU I 77 -32.25 14.30 20.14
CA LEU I 77 -31.98 13.02 19.49
C LEU I 77 -33.05 12.02 19.87
N LYS I 78 -33.20 11.77 21.16
CA LYS I 78 -34.17 10.80 21.62
C LYS I 78 -35.50 11.02 20.95
N ALA I 79 -36.02 12.24 21.02
CA ALA I 79 -37.23 12.53 20.29
C ALA I 79 -37.09 12.16 18.83
N GLU I 80 -35.87 12.20 18.30
CA GLU I 80 -35.78 11.91 16.89
C GLU I 80 -35.81 10.43 16.60
N LEU I 81 -35.06 9.66 17.34
CA LEU I 81 -35.11 8.21 17.20
C LEU I 81 -36.55 7.78 17.26
N ASP I 82 -37.17 7.92 18.43
CA ASP I 82 -38.49 7.36 18.57
C ASP I 82 -39.43 7.99 17.56
N ARG I 83 -39.40 9.32 17.44
CA ARG I 83 -40.28 9.99 16.51
C ARG I 83 -40.25 9.29 15.17
N TYR I 84 -39.06 8.95 14.72
CA TYR I 84 -38.94 8.19 13.50
C TYR I 84 -39.65 6.86 13.65
N LYS I 85 -39.21 6.05 14.61
CA LYS I 85 -39.62 4.66 14.49
C LYS I 85 -41.08 4.45 14.80
N ARG I 86 -41.79 5.46 15.29
CA ARG I 86 -43.23 5.36 15.38
C ARG I 86 -43.87 5.38 14.00
N GLU I 87 -43.16 5.92 13.03
CA GLU I 87 -43.71 6.16 11.72
C GLU I 87 -43.37 5.05 10.76
N ASN I 88 -42.70 4.02 11.24
CA ASN I 88 -42.12 3.05 10.34
C ASN I 88 -42.01 1.69 11.01
N UNK A 1 10.00 63.02 57.01
CA UNK A 1 10.13 64.46 56.95
C UNK A 1 10.31 64.90 55.51
N UNK A 2 10.48 66.21 55.31
CA UNK A 2 10.74 66.76 53.99
C UNK A 2 12.11 66.39 53.47
N UNK A 3 12.90 65.67 54.27
CA UNK A 3 14.27 65.33 53.90
C UNK A 3 14.35 64.75 52.50
N UNK A 4 13.33 64.01 52.08
CA UNK A 4 13.32 63.49 50.72
C UNK A 4 13.22 64.61 49.69
N UNK A 5 12.60 65.73 50.07
CA UNK A 5 12.48 66.84 49.13
C UNK A 5 13.78 67.61 49.01
N UNK A 6 14.48 67.80 50.11
CA UNK A 6 15.78 68.45 50.05
C UNK A 6 16.81 67.54 49.39
N UNK A 7 16.73 66.25 49.67
CA UNK A 7 17.62 65.28 49.02
C UNK A 7 17.37 65.25 47.52
N UNK A 8 16.15 64.93 47.13
CA UNK A 8 15.79 64.92 45.72
C UNK A 8 16.20 66.22 45.05
N UNK A 9 15.82 67.36 45.65
CA UNK A 9 16.20 68.66 45.13
C UNK A 9 17.70 68.76 44.93
N UNK A 10 18.47 68.21 45.86
CA UNK A 10 19.91 68.25 45.74
C UNK A 10 20.38 67.43 44.55
N UNK A 11 20.02 66.15 44.53
CA UNK A 11 20.53 65.25 43.51
C UNK A 11 20.14 65.71 42.11
N UNK A 12 18.84 65.84 41.86
CA UNK A 12 18.38 66.23 40.53
C UNK A 12 19.00 67.55 40.08
N UNK A 13 19.37 68.42 41.02
CA UNK A 13 19.99 69.69 40.65
C UNK A 13 21.40 69.52 40.12
N UNK A 14 21.97 68.33 40.21
CA UNK A 14 23.35 68.14 39.77
C UNK A 14 23.48 68.01 38.25
N UNK A 15 22.65 67.16 37.63
CA UNK A 15 22.89 66.78 36.24
C UNK A 15 21.58 66.30 35.62
N UNK A 16 21.60 66.15 34.29
CA UNK A 16 20.42 65.72 33.56
C UNK A 16 19.97 64.34 34.00
N UNK A 17 20.86 63.34 33.87
CA UNK A 17 20.52 61.98 34.29
C UNK A 17 20.08 61.95 35.74
N UNK A 18 20.62 62.86 36.56
CA UNK A 18 20.10 63.00 37.92
C UNK A 18 18.62 63.39 37.88
N UNK A 19 18.23 64.25 36.95
CA UNK A 19 16.83 64.58 36.82
C UNK A 19 16.02 63.38 36.35
N UNK A 20 16.61 62.53 35.52
CA UNK A 20 15.92 61.30 35.14
C UNK A 20 15.67 60.42 36.35
N UNK A 21 16.71 60.15 37.12
CA UNK A 21 16.59 59.24 38.25
C UNK A 21 15.64 59.80 39.29
N UNK A 22 15.86 61.05 39.70
CA UNK A 22 14.93 61.68 40.64
C UNK A 22 13.51 61.63 40.10
N UNK A 23 13.37 61.87 38.80
CA UNK A 23 12.06 61.75 38.19
C UNK A 23 11.44 60.38 38.44
N UNK A 24 12.23 59.33 38.30
CA UNK A 24 11.74 58.01 38.67
C UNK A 24 11.34 57.99 40.13
N UNK A 25 12.14 58.65 40.98
CA UNK A 25 11.87 58.64 42.41
C UNK A 25 10.63 59.43 42.79
N UNK A 26 10.06 60.19 41.86
CA UNK A 26 8.78 60.83 42.14
C UNK A 26 7.75 59.82 42.60
N UNK A 27 7.89 58.56 42.14
CA UNK A 27 7.00 57.50 42.60
C UNK A 27 7.00 57.41 44.12
N UNK A 28 8.17 57.26 44.72
CA UNK A 28 8.25 57.20 46.18
C UNK A 28 7.88 58.55 46.78
N UNK A 29 8.25 59.63 46.11
CA UNK A 29 7.84 60.95 46.57
C UNK A 29 6.34 61.12 46.59
N UNK A 30 5.59 60.17 46.04
CA UNK A 30 4.14 60.25 46.06
C UNK A 30 3.52 59.76 47.36
N UNK A 31 4.33 59.39 48.36
CA UNK A 31 3.84 58.62 49.49
C UNK A 31 2.66 59.29 50.18
N UNK A 32 2.93 60.33 50.95
CA UNK A 32 1.88 61.21 51.42
C UNK A 32 2.51 62.57 51.69
N UNK A 33 1.76 63.62 51.43
CA UNK A 33 2.23 64.98 51.65
C UNK A 33 1.35 65.62 52.71
N UNK A 34 1.59 66.91 52.94
CA UNK A 34 0.89 67.63 53.98
C UNK A 34 0.93 69.11 53.66
N UNK A 35 0.11 69.87 54.39
CA UNK A 35 0.24 71.32 54.35
C UNK A 35 1.63 71.75 54.75
N UNK A 36 2.45 70.82 55.27
CA UNK A 36 3.84 71.10 55.55
C UNK A 36 4.53 71.76 54.36
N UNK A 37 4.13 71.37 53.15
CA UNK A 37 4.71 71.98 51.95
C UNK A 37 4.72 73.50 52.06
N UNK A 38 3.63 74.07 52.58
CA UNK A 38 3.56 75.49 52.87
C UNK A 38 4.75 75.93 53.70
N UNK A 39 4.83 75.43 54.93
CA UNK A 39 6.01 75.67 55.73
C UNK A 39 7.27 75.16 55.04
N UNK A 40 7.14 74.10 54.24
CA UNK A 40 8.29 73.62 53.48
C UNK A 40 8.60 74.52 52.28
N UNK A 41 7.61 75.27 51.80
CA UNK A 41 7.93 76.37 50.90
C UNK A 41 8.73 77.45 51.59
N UNK A 42 8.71 77.46 52.93
CA UNK A 42 9.65 78.26 53.69
C UNK A 42 11.08 77.93 53.31
N UNK A 43 11.31 76.77 52.69
CA UNK A 43 12.63 76.46 52.16
C UNK A 43 13.05 77.49 51.11
N UNK A 44 12.17 77.76 50.14
CA UNK A 44 12.46 78.83 49.19
C UNK A 44 11.99 80.20 49.66
N UNK A 45 11.08 80.26 50.62
CA UNK A 45 10.53 81.51 51.14
C UNK A 45 9.53 81.23 52.25
N THR A 46 16.44 78.81 41.82
CA THR A 46 15.37 78.30 42.65
C THR A 46 14.19 77.92 41.77
N ALA A 47 14.05 78.67 40.67
CA ALA A 47 12.90 78.53 39.79
C ALA A 47 12.78 77.11 39.24
N GLU A 48 13.91 76.56 38.75
CA GLU A 48 13.89 75.21 38.20
C GLU A 48 13.24 74.23 39.15
N ILE A 49 13.25 74.54 40.43
CA ILE A 49 12.44 73.81 41.40
C ILE A 49 11.18 74.58 41.76
N ASN A 50 11.00 75.81 41.29
CA ASN A 50 9.70 76.46 41.46
C ASN A 50 8.65 75.73 40.66
N CYS A 51 8.91 75.53 39.36
CA CYS A 51 8.01 74.72 38.56
C CYS A 51 7.82 73.36 39.21
N PHE A 52 8.92 72.68 39.49
CA PHE A 52 8.86 71.35 40.06
C PHE A 52 7.98 71.31 41.30
N MET A 53 8.17 72.24 42.22
CA MET A 53 7.36 72.21 43.42
C MET A 53 5.89 72.37 43.05
N HIS A 54 5.57 73.38 42.23
CA HIS A 54 4.18 73.55 41.83
C HIS A 54 3.62 72.26 41.26
N LEU A 55 4.45 71.53 40.51
CA LEU A 55 4.11 70.17 40.12
C LEU A 55 3.68 69.36 41.33
N LEU A 56 4.44 69.46 42.42
CA LEU A 56 4.04 68.71 43.60
C LEU A 56 2.68 69.19 44.11
N VAL A 57 2.40 70.48 43.99
CA VAL A 57 1.08 70.97 44.37
C VAL A 57 0.01 70.29 43.53
N GLN A 58 0.26 70.16 42.23
CA GLN A 58 -0.67 69.44 41.37
C GLN A 58 -0.91 68.05 41.90
N LEU A 59 0.17 67.26 42.01
CA LEU A 59 0.05 65.90 42.49
C LEU A 59 -0.80 65.85 43.72
N PHE A 60 -0.52 66.76 44.65
CA PHE A 60 -1.27 66.90 45.88
C PHE A 60 -2.76 67.01 45.60
N LEU A 61 -3.15 67.97 44.77
CA LEU A 61 -4.58 68.22 44.57
C LEU A 61 -5.24 67.07 43.83
N TRP A 62 -4.62 66.63 42.73
CA TRP A 62 -5.22 65.60 41.91
C TRP A 62 -5.41 64.32 42.69
N ASP A 63 -4.34 63.85 43.33
CA ASP A 63 -4.45 62.72 44.23
C ASP A 63 -5.51 62.97 45.28
N SER A 64 -5.67 64.21 45.69
CA SER A 64 -6.72 64.57 46.62
C SER A 64 -8.07 64.64 45.94
N LYS A 65 -8.08 64.69 44.61
CA LYS A 65 -9.27 64.98 43.81
C LYS A 65 -9.81 66.38 44.09
N GLU A 66 -8.91 67.34 44.08
CA GLU A 66 -9.27 68.75 43.95
C GLU A 66 -8.99 69.21 42.52
N LEU A 67 -9.91 70.03 41.99
CA LEU A 67 -9.96 70.30 40.56
C LEU A 67 -9.84 71.79 40.28
N GLU A 68 -10.87 72.56 40.60
CA GLU A 68 -10.92 73.98 40.29
C GLU A 68 -9.77 74.74 40.92
N GLN A 69 -9.21 74.23 42.01
CA GLN A 69 -7.95 74.78 42.47
C GLN A 69 -6.80 74.21 41.66
N LEU A 70 -6.90 72.94 41.27
CA LEU A 70 -5.91 72.39 40.34
C LEU A 70 -6.07 73.01 38.96
N VAL A 71 -7.28 73.02 38.44
CA VAL A 71 -7.55 73.64 37.15
C VAL A 71 -7.11 75.08 37.21
N GLU A 72 -7.84 75.86 38.03
CA GLU A 72 -7.55 77.28 38.20
C GLU A 72 -6.07 77.50 38.41
N PHE A 73 -5.41 76.56 39.07
CA PHE A 73 -3.99 76.69 39.30
C PHE A 73 -3.23 76.56 38.00
N ASN A 74 -3.54 75.52 37.22
CA ASN A 74 -2.94 75.36 35.91
C ASN A 74 -3.04 76.66 35.15
N ARG A 75 -4.26 77.21 35.13
CA ARG A 75 -4.54 78.40 34.35
C ARG A 75 -3.68 79.56 34.83
N LYS A 76 -3.78 79.89 36.10
CA LYS A 76 -3.25 81.14 36.59
C LYS A 76 -1.78 81.08 36.94
N VAL A 77 -1.18 79.90 36.96
CA VAL A 77 0.15 79.78 37.52
C VAL A 77 1.11 79.23 36.49
N VAL A 78 1.03 77.94 36.22
CA VAL A 78 2.01 77.31 35.36
C VAL A 78 1.94 77.88 33.96
N ILE A 79 0.75 78.32 33.55
CA ILE A 79 0.58 78.88 32.22
C ILE A 79 1.29 80.23 32.15
N PRO A 80 1.15 81.12 33.13
CA PRO A 80 2.11 82.22 33.22
C PRO A 80 3.54 81.74 33.42
N ASN A 81 3.73 80.57 34.03
CA ASN A 81 5.06 79.99 34.15
C ASN A 81 5.48 79.26 32.90
N LEU A 82 4.57 79.09 31.94
CA LEU A 82 4.94 78.48 30.69
C LEU A 82 5.92 79.33 29.90
N LEU A 83 6.02 80.62 30.22
CA LEU A 83 7.08 81.44 29.65
C LEU A 83 8.38 81.30 30.43
N CYS A 84 8.30 80.89 31.70
CA CYS A 84 9.48 80.92 32.54
C CYS A 84 10.55 79.94 32.07
N TYR A 85 10.20 78.98 31.23
CA TYR A 85 11.12 77.88 30.96
C TYR A 85 12.33 78.20 30.12
N TYR A 86 12.13 79.07 29.13
CA TYR A 86 12.98 78.93 27.96
C TYR A 86 14.45 79.09 28.29
N ASN A 87 14.77 79.96 29.24
CA ASN A 87 16.14 79.99 29.76
C ASN A 87 16.55 78.61 30.24
N LEU A 88 15.70 77.98 31.05
CA LEU A 88 15.97 76.64 31.52
C LEU A 88 15.67 75.63 30.42
N ARG A 89 16.63 74.75 30.16
CA ARG A 89 16.54 73.77 29.09
C ARG A 89 15.81 72.52 29.56
N SER A 90 16.43 71.78 30.45
CA SER A 90 15.99 70.42 30.73
C SER A 90 14.79 70.35 31.65
N LEU A 91 14.27 71.50 32.12
CA LEU A 91 12.98 71.45 32.79
C LEU A 91 11.94 70.75 31.95
N ASN A 92 12.10 70.81 30.63
CA ASN A 92 11.12 70.25 29.73
C ASN A 92 10.76 68.84 30.17
N LEU A 93 11.77 68.01 30.40
CA LEU A 93 11.50 66.66 30.86
C LEU A 93 10.60 66.65 32.07
N ILE A 94 10.77 67.62 32.97
CA ILE A 94 9.87 67.73 34.11
C ILE A 94 8.47 68.07 33.65
N ASN A 95 8.33 69.19 32.95
CA ASN A 95 7.01 69.69 32.63
C ASN A 95 6.23 68.73 31.75
N ALA A 96 6.88 67.73 31.17
CA ALA A 96 6.13 66.65 30.54
C ALA A 96 5.07 66.16 31.49
N LYS A 97 5.48 65.78 32.70
CA LYS A 97 4.52 65.44 33.73
C LYS A 97 3.55 66.57 33.97
N LEU A 98 4.04 67.81 33.95
CA LEU A 98 3.21 68.96 34.28
C LEU A 98 2.00 69.03 33.36
N TRP A 99 2.24 69.21 32.07
CA TRP A 99 1.18 69.13 31.07
C TRP A 99 0.34 67.90 31.31
N PHE A 100 1.02 66.76 31.46
CA PHE A 100 0.35 65.49 31.57
C PHE A 100 -0.76 65.55 32.61
N TYR A 101 -0.55 66.32 33.66
CA TYR A 101 -1.65 66.59 34.56
C TYR A 101 -2.56 67.71 34.08
N ILE A 102 -2.00 68.72 33.41
CA ILE A 102 -2.81 69.85 32.97
C ILE A 102 -4.02 69.29 32.25
N TYR A 103 -3.74 68.65 31.13
CA TYR A 103 -4.73 68.05 30.26
C TYR A 103 -5.70 67.23 31.09
N LEU A 104 -5.17 66.15 31.67
CA LEU A 104 -5.99 65.16 32.37
C LEU A 104 -6.96 65.81 33.32
N SER A 105 -6.44 66.70 34.16
CA SER A 105 -7.28 67.50 35.04
C SER A 105 -8.40 68.13 34.26
N HIS A 106 -8.06 68.78 33.16
CA HIS A 106 -9.09 69.47 32.39
C HIS A 106 -10.20 68.52 31.97
N GLU A 107 -9.85 67.43 31.28
CA GLU A 107 -10.92 66.61 30.73
C GLU A 107 -11.72 65.96 31.81
N THR A 108 -11.06 65.56 32.89
CA THR A 108 -11.83 65.04 34.01
C THR A 108 -12.83 66.08 34.46
N LEU A 109 -12.42 67.35 34.44
CA LEU A 109 -13.34 68.42 34.75
C LEU A 109 -14.47 68.48 33.73
N ALA A 110 -14.17 68.22 32.46
CA ALA A 110 -15.24 68.10 31.48
C ALA A 110 -16.19 66.99 31.85
N ARG A 111 -15.68 65.96 32.50
CA ARG A 111 -16.54 64.92 33.04
C ARG A 111 -17.30 65.39 34.26
N SER A 112 -16.92 66.53 34.82
CA SER A 112 -17.74 67.11 35.88
C SER A 112 -18.96 67.85 35.33
N SER A 113 -18.79 68.62 34.26
CA SER A 113 -19.86 69.47 33.75
C SER A 113 -19.58 69.78 32.29
N GLU A 114 -20.60 70.31 31.61
CA GLU A 114 -20.56 70.58 30.18
C GLU A 114 -20.86 72.05 29.91
N GLU A 115 -19.87 72.80 29.42
CA GLU A 115 -20.17 74.09 28.82
C GLU A 115 -19.10 74.48 27.81
N ILE A 116 -19.53 75.18 26.77
CA ILE A 116 -18.70 75.60 25.65
C ILE A 116 -17.59 76.56 26.04
N ASN A 117 -17.64 77.12 27.26
CA ASN A 117 -16.56 77.98 27.70
C ASN A 117 -15.22 77.24 27.60
N SER A 118 -15.19 76.01 28.10
CA SER A 118 -14.04 75.14 27.91
C SER A 118 -13.60 75.13 26.46
N ASP A 119 -14.57 74.97 25.55
CA ASP A 119 -14.27 74.99 24.12
C ASP A 119 -13.34 76.13 23.79
N ASN A 120 -13.68 77.33 24.25
CA ASN A 120 -12.80 78.48 24.12
C ASN A 120 -11.40 78.10 24.53
N GLN A 121 -11.20 77.90 25.83
CA GLN A 121 -9.88 77.49 26.29
C GLN A 121 -9.45 76.19 25.66
N ASN A 122 -10.39 75.31 25.33
CA ASN A 122 -10.03 74.07 24.64
C ASN A 122 -9.34 74.40 23.33
N ILE A 123 -9.93 75.30 22.56
CA ILE A 123 -9.21 75.91 21.45
C ILE A 123 -7.83 76.34 21.94
N ILE A 124 -7.83 77.28 22.88
CA ILE A 124 -6.59 77.73 23.50
C ILE A 124 -5.76 76.52 23.88
N LEU A 125 -6.40 75.54 24.52
CA LEU A 125 -5.74 74.31 24.90
C LEU A 125 -4.95 73.78 23.73
N ARG A 126 -5.66 73.35 22.67
CA ARG A 126 -4.96 72.88 21.49
C ARG A 126 -3.91 73.90 21.08
N SER A 127 -4.33 75.16 20.97
CA SER A 127 -3.44 76.26 20.67
C SER A 127 -2.20 76.10 21.51
N THR A 128 -2.38 76.26 22.82
CA THR A 128 -1.26 76.09 23.74
C THR A 128 -0.54 74.79 23.47
N MET A 129 -1.29 73.69 23.43
CA MET A 129 -0.71 72.39 23.10
C MET A 129 0.11 72.48 21.82
N MET A 130 -0.54 72.89 20.74
CA MET A 130 0.18 73.03 19.49
C MET A 130 1.32 74.01 19.65
N LYS A 131 1.05 75.09 20.38
CA LYS A 131 1.99 76.18 20.54
C LYS A 131 3.35 75.65 20.90
N PHE A 132 3.50 75.18 22.12
CA PHE A 132 4.85 74.82 22.54
C PHE A 132 5.39 73.66 21.76
N LEU A 133 4.52 72.84 21.18
CA LEU A 133 5.05 71.79 20.32
C LEU A 133 5.86 72.40 19.20
N LYS A 134 5.26 73.32 18.45
CA LYS A 134 6.02 74.09 17.50
C LYS A 134 7.24 74.68 18.17
N ILE A 135 7.05 75.28 19.35
CA ILE A 135 8.18 75.78 20.12
C ILE A 135 9.17 74.65 20.38
N ALA A 136 8.69 73.59 21.03
CA ALA A 136 9.57 72.48 21.30
C ALA A 136 9.93 71.72 20.04
N SER A 137 9.33 72.06 18.90
CA SER A 137 9.84 71.47 17.68
C SER A 137 11.28 71.86 17.46
N LEU A 138 11.68 73.05 17.93
CA LEU A 138 13.06 73.48 17.75
C LEU A 138 13.97 72.87 18.81
N LYS A 139 13.71 73.18 20.08
CA LYS A 139 14.46 72.56 21.17
C LYS A 139 14.18 71.08 21.14
N HIS A 140 15.21 70.27 21.00
CA HIS A 140 14.93 68.84 20.80
C HIS A 140 14.97 68.17 22.16
N ASP A 141 13.79 67.91 22.70
CA ASP A 141 13.58 67.05 23.87
C ASP A 141 12.53 66.06 23.43
N ASN A 142 12.94 64.82 23.26
CA ASN A 142 12.11 63.88 22.53
C ASN A 142 10.87 63.54 23.32
N GLU A 143 11.05 63.11 24.57
CA GLU A 143 9.95 62.60 25.35
C GLU A 143 8.87 63.65 25.58
N THR A 144 9.25 64.91 25.66
CA THR A 144 8.25 65.92 25.96
C THR A 144 7.47 66.33 24.73
N LYS A 145 8.14 66.49 23.60
CA LYS A 145 7.43 66.55 22.34
C LYS A 145 6.40 65.44 22.31
N ALA A 146 6.90 64.20 22.31
CA ALA A 146 6.03 63.04 22.20
C ALA A 146 4.84 63.16 23.13
N MET A 147 5.10 63.44 24.40
CA MET A 147 4.04 63.67 25.37
C MET A 147 2.99 64.63 24.87
N LEU A 148 3.38 65.90 24.68
CA LEU A 148 2.40 66.89 24.30
C LEU A 148 1.61 66.45 23.09
N ILE A 149 2.33 65.90 22.09
CA ILE A 149 1.68 65.33 20.92
C ILE A 149 0.56 64.42 21.34
N ASN A 150 0.86 63.50 22.25
CA ASN A 150 -0.14 62.57 22.71
C ASN A 150 -1.33 63.33 23.26
N LEU A 151 -1.09 64.37 24.06
CA LEU A 151 -2.22 65.11 24.59
C LEU A 151 -3.07 65.69 23.48
N ILE A 152 -2.44 66.10 22.38
CA ILE A 152 -3.22 66.54 21.23
C ILE A 152 -4.10 65.40 20.73
N LEU A 153 -3.46 64.29 20.34
CA LEU A 153 -4.21 63.19 19.76
C LEU A 153 -5.38 62.82 20.63
N ARG A 154 -5.11 62.54 21.90
CA ARG A 154 -6.16 62.25 22.85
C ARG A 154 -7.22 63.33 22.85
N ASP A 155 -6.84 64.59 22.61
CA ASP A 155 -7.85 65.62 22.54
C ASP A 155 -8.72 65.47 21.32
N PHE A 156 -8.11 65.31 20.16
CA PHE A 156 -8.89 65.07 18.95
C PHE A 156 -9.90 63.97 19.16
N LEU A 157 -9.46 62.84 19.71
CA LEU A 157 -10.40 61.73 19.85
C LEU A 157 -11.41 62.00 20.95
N ASN A 158 -11.03 62.75 21.97
CA ASN A 158 -12.03 63.19 22.92
C ASN A 158 -13.07 64.04 22.23
N ASN A 159 -12.68 64.75 21.18
CA ASN A 159 -13.60 65.45 20.31
C ASN A 159 -13.94 64.66 19.06
N GLY A 160 -13.36 63.48 18.90
CA GLY A 160 -13.71 62.66 17.78
C GLY A 160 -13.44 63.28 16.44
N GLU A 161 -12.44 64.16 16.35
CA GLU A 161 -12.03 64.66 15.05
C GLU A 161 -10.91 63.74 14.60
N VAL A 162 -11.23 62.87 13.66
CA VAL A 162 -10.25 61.88 13.27
C VAL A 162 -9.32 62.41 12.20
N ASP A 163 -9.87 63.09 11.20
CA ASP A 163 -9.03 63.63 10.15
C ASP A 163 -8.06 64.65 10.72
N SER A 164 -8.59 65.60 11.48
CA SER A 164 -7.75 66.64 12.03
C SER A 164 -6.57 66.05 12.79
N ALA A 165 -6.70 64.81 13.23
CA ALA A 165 -5.53 64.07 13.67
C ALA A 165 -4.81 63.42 12.50
N SER A 166 -5.54 63.05 11.45
CA SER A 166 -4.92 62.32 10.35
C SER A 166 -3.84 63.17 9.71
N ASP A 167 -4.24 64.34 9.21
CA ASP A 167 -3.27 65.30 8.70
C ASP A 167 -2.23 65.62 9.76
N PHE A 168 -2.70 65.85 10.99
CA PHE A 168 -1.82 66.27 12.07
C PHE A 168 -0.61 65.38 12.14
N ILE A 169 -0.83 64.08 12.32
CA ILE A 169 0.30 63.17 12.41
C ILE A 169 0.97 63.03 11.06
N SER A 170 0.22 63.19 9.97
CA SER A 170 0.81 62.94 8.67
C SER A 170 1.75 64.07 8.29
N LYS A 171 1.31 65.31 8.47
CA LYS A 171 2.15 66.45 8.13
C LYS A 171 3.18 66.74 9.20
N LEU A 172 3.20 65.96 10.27
CA LEU A 172 4.10 66.17 11.39
C LEU A 172 4.88 64.90 11.64
N GLU A 173 5.89 65.02 12.49
CA GLU A 173 6.81 63.93 12.70
C GLU A 173 7.21 63.90 14.17
N TYR A 174 7.26 62.71 14.74
CA TYR A 174 7.41 62.18 16.09
C TYR A 174 8.88 61.94 16.41
N PRO A 175 9.36 62.31 17.59
CA PRO A 175 10.80 62.27 17.85
C PRO A 175 11.43 60.89 17.68
N HIS A 176 10.66 59.81 17.80
CA HIS A 176 11.17 58.44 17.67
C HIS A 176 12.29 58.32 18.70
N THR A 177 13.51 57.96 18.30
CA THR A 177 14.34 56.93 18.91
C THR A 177 14.30 56.88 20.42
N ASP A 178 14.91 57.85 21.09
CA ASP A 178 15.09 57.77 22.54
C ASP A 178 13.90 58.42 23.22
N VAL A 179 13.02 57.60 23.79
CA VAL A 179 11.76 58.09 24.33
C VAL A 179 11.19 57.05 25.27
N SER A 180 10.30 57.49 26.16
CA SER A 180 9.80 56.64 27.24
C SER A 180 8.75 55.68 26.70
N SER A 181 9.00 54.39 26.91
CA SER A 181 8.19 53.34 26.30
C SER A 181 6.72 53.45 26.68
N SER A 182 6.38 54.13 27.76
CA SER A 182 4.98 54.16 28.13
C SER A 182 4.24 55.08 27.18
N LEU A 183 4.51 56.38 27.29
CA LEU A 183 3.83 57.35 26.43
C LEU A 183 4.08 57.05 24.97
N GLU A 184 5.24 56.50 24.64
CA GLU A 184 5.46 55.96 23.32
C GLU A 184 4.42 54.92 22.97
N ALA A 185 4.23 53.94 23.85
CA ALA A 185 3.22 52.94 23.57
C ALA A 185 1.85 53.56 23.45
N ARG A 186 1.59 54.64 24.19
CA ARG A 186 0.32 55.33 24.06
C ARG A 186 0.16 55.88 22.64
N TYR A 187 1.20 56.51 22.12
CA TYR A 187 1.21 56.85 20.72
C TYR A 187 0.82 55.65 19.86
N PHE A 188 1.65 54.60 19.88
CA PHE A 188 1.39 53.46 19.00
C PHE A 188 0.00 52.89 19.21
N PHE A 189 -0.61 53.20 20.33
CA PHE A 189 -2.01 52.88 20.53
C PHE A 189 -2.90 53.77 19.68
N TYR A 190 -2.75 55.09 19.83
CA TYR A 190 -3.66 55.99 19.12
C TYR A 190 -3.54 55.83 17.62
N LEU A 191 -2.33 55.61 17.12
CA LEU A 191 -2.26 55.24 15.71
C LEU A 191 -3.28 54.17 15.39
N SER A 192 -3.04 52.98 15.93
CA SER A 192 -3.88 51.85 15.62
C SER A 192 -5.34 52.22 15.69
N LYS A 193 -5.72 53.01 16.69
CA LYS A 193 -7.12 53.35 16.78
C LYS A 193 -7.57 54.14 15.57
N ILE A 194 -6.92 55.27 15.30
CA ILE A 194 -7.46 56.12 14.24
C ILE A 194 -7.35 55.44 12.89
N ASN A 195 -6.26 54.72 12.63
CA ASN A 195 -6.26 53.89 11.44
C ASN A 195 -7.47 53.00 11.41
N ALA A 196 -7.80 52.40 12.53
CA ALA A 196 -8.96 51.52 12.54
C ALA A 196 -10.18 52.29 12.10
N ILE A 197 -10.67 53.18 12.96
CA ILE A 197 -11.99 53.75 12.75
C ILE A 197 -12.13 54.32 11.37
N GLN A 198 -11.03 54.77 10.78
CA GLN A 198 -11.09 55.27 9.42
C GLN A 198 -10.85 54.18 8.41
N LEU A 199 -10.92 52.92 8.84
CA LEU A 199 -11.24 51.80 7.99
C LEU A 199 -10.02 51.17 7.35
N ASP A 200 -8.82 51.67 7.61
CA ASP A 200 -7.63 50.88 7.30
C ASP A 200 -7.31 50.02 8.52
N TYR A 201 -7.53 48.72 8.38
CA TYR A 201 -7.25 47.80 9.49
C TYR A 201 -5.79 47.37 9.51
N SER A 202 -5.25 47.00 8.35
CA SER A 202 -3.95 46.34 8.30
C SER A 202 -2.93 47.09 9.14
N THR A 203 -2.89 48.40 9.00
CA THR A 203 -1.96 49.15 9.82
C THR A 203 -2.37 49.19 11.27
N ALA A 204 -3.60 48.83 11.62
CA ALA A 204 -3.92 48.92 13.03
C ALA A 204 -3.19 47.86 13.82
N ASN A 205 -3.01 46.69 13.22
CA ASN A 205 -2.34 45.60 13.89
C ASN A 205 -1.05 46.07 14.52
N GLU A 206 -0.05 46.32 13.70
CA GLU A 206 1.28 46.46 14.25
C GLU A 206 1.34 47.59 15.25
N TYR A 207 0.48 48.59 15.13
CA TYR A 207 0.54 49.67 16.09
C TYR A 207 -0.01 49.23 17.43
N ILE A 208 -1.20 48.65 17.43
CA ILE A 208 -1.72 48.21 18.71
C ILE A 208 -0.83 47.14 19.29
N ILE A 209 -0.36 46.22 18.45
CA ILE A 209 0.58 45.21 18.89
C ILE A 209 1.78 45.85 19.56
N ALA A 210 2.28 46.92 18.98
CA ALA A 210 3.36 47.66 19.63
C ALA A 210 2.91 48.12 21.01
N ALA A 211 1.73 48.72 21.09
CA ALA A 211 1.22 49.12 22.39
C ALA A 211 1.06 47.94 23.32
N ILE A 212 1.18 46.73 22.81
CA ILE A 212 1.26 45.59 23.70
C ILE A 212 2.71 45.36 24.09
N ARG A 213 3.55 45.01 23.11
CA ARG A 213 4.91 44.64 23.47
C ARG A 213 5.61 45.78 24.18
N LYS A 214 5.38 47.00 23.72
CA LYS A 214 6.00 48.20 24.28
C LYS A 214 5.62 48.56 25.72
N ALA A 215 4.35 48.38 26.05
CA ALA A 215 3.84 48.75 27.37
C ALA A 215 4.42 48.01 28.54
N PRO A 216 4.61 48.77 29.64
CA PRO A 216 5.15 48.25 30.91
C PRO A 216 4.13 47.36 31.61
N HIS A 217 4.63 46.30 32.21
CA HIS A 217 3.77 45.27 32.79
C HIS A 217 3.47 45.50 34.24
N ASN A 218 3.83 46.67 34.77
CA ASN A 218 3.44 47.04 36.11
C ASN A 218 1.97 46.77 36.35
N SER A 219 1.69 46.27 37.55
CA SER A 219 0.33 45.90 37.92
C SER A 219 -0.63 47.07 37.93
N LYS A 220 -0.14 48.29 37.79
CA LYS A 220 -1.04 49.43 37.67
C LYS A 220 -1.28 49.85 36.24
N SER A 221 -0.63 49.22 35.27
CA SER A 221 -0.88 49.54 33.88
C SER A 221 -2.09 48.83 33.31
N LEU A 222 -2.77 48.02 34.12
CA LEU A 222 -3.78 47.10 33.58
C LEU A 222 -4.70 47.80 32.61
N GLY A 223 -5.33 48.89 33.05
CA GLY A 223 -6.34 49.52 32.21
C GLY A 223 -5.86 49.71 30.80
N PHE A 224 -4.64 50.20 30.65
CA PHE A 224 -4.10 50.41 29.31
C PHE A 224 -4.14 49.14 28.51
N LEU A 225 -3.48 48.10 29.00
CA LEU A 225 -3.63 46.80 28.36
C LEU A 225 -5.09 46.39 28.33
N GLN A 226 -5.76 46.53 29.47
CA GLN A 226 -7.16 46.19 29.53
C GLN A 226 -7.94 46.96 28.49
N GLN A 227 -7.46 48.14 28.11
CA GLN A 227 -8.09 48.86 27.01
C GLN A 227 -7.62 48.38 25.66
N SER A 228 -6.33 48.18 25.49
CA SER A 228 -5.84 47.77 24.19
C SER A 228 -6.53 46.53 23.71
N ASN A 229 -6.72 45.58 24.60
CA ASN A 229 -7.44 44.38 24.23
C ASN A 229 -8.86 44.70 23.83
N LYS A 230 -9.54 45.56 24.59
CA LYS A 230 -10.87 46.04 24.25
C LYS A 230 -10.83 46.39 22.79
N LEU A 231 -9.72 46.97 22.39
CA LEU A 231 -9.47 47.28 21.00
C LEU A 231 -9.00 46.05 20.25
N HIS A 232 -7.88 45.49 20.66
CA HIS A 232 -7.19 44.54 19.82
C HIS A 232 -8.08 43.40 19.36
N CYS A 233 -9.06 43.02 20.17
CA CYS A 233 -10.04 42.03 19.73
C CYS A 233 -10.64 42.46 18.40
N CYS A 234 -11.35 43.58 18.43
CA CYS A 234 -12.09 44.10 17.29
C CYS A 234 -11.31 44.02 16.00
N ILE A 235 -10.22 44.76 15.92
CA ILE A 235 -9.41 44.75 14.71
C ILE A 235 -9.20 43.34 14.22
N GLN A 236 -8.74 42.47 15.11
CA GLN A 236 -8.56 41.08 14.74
C GLN A 236 -9.78 40.54 14.05
N LEU A 237 -10.90 40.50 14.76
CA LEU A 237 -12.07 39.92 14.11
C LEU A 237 -12.55 40.77 12.95
N LEU A 238 -12.26 42.06 12.94
CA LEU A 238 -12.64 42.87 11.79
C LEU A 238 -11.97 42.36 10.53
N MET A 239 -10.66 42.16 10.58
CA MET A 239 -9.99 41.55 9.45
C MET A 239 -10.54 40.18 9.12
N GLY A 240 -11.34 39.61 10.00
CA GLY A 240 -11.85 38.29 9.83
C GLY A 240 -11.11 37.24 10.64
N ASP A 241 -9.87 37.52 11.01
CA ASP A 241 -9.13 36.58 11.82
C ASP A 241 -9.75 36.53 13.20
N ILE A 242 -10.16 35.35 13.63
CA ILE A 242 -10.76 35.22 14.95
C ILE A 242 -9.65 34.97 15.96
N PRO A 243 -9.73 35.51 17.15
CA PRO A 243 -8.69 35.23 18.15
C PRO A 243 -8.94 33.86 18.79
N GLU A 244 -8.05 33.51 19.69
CA GLU A 244 -8.05 32.23 20.35
C GLU A 244 -8.52 32.37 21.79
N LEU A 245 -9.21 31.34 22.27
CA LEU A 245 -9.79 31.41 23.59
C LEU A 245 -8.76 31.79 24.62
N SER A 246 -7.53 31.33 24.43
CA SER A 246 -6.42 31.80 25.24
C SER A 246 -6.46 33.30 25.35
N PHE A 247 -6.60 33.98 24.22
CA PHE A 247 -6.57 35.42 24.23
C PHE A 247 -7.71 36.03 25.01
N PHE A 248 -8.74 35.27 25.35
CA PHE A 248 -9.67 35.84 26.30
C PHE A 248 -9.41 35.38 27.71
N HIS A 249 -8.55 34.39 27.89
CA HIS A 249 -8.24 33.94 29.24
C HIS A 249 -6.90 34.41 29.77
N GLN A 250 -6.15 35.22 29.05
CA GLN A 250 -4.72 35.29 29.32
C GLN A 250 -4.33 36.21 30.47
N SER A 251 -5.28 36.81 31.17
CA SER A 251 -4.99 37.46 32.45
C SER A 251 -6.30 37.80 33.13
N ASN A 252 -6.20 38.54 34.23
CA ASN A 252 -7.37 39.01 34.96
C ASN A 252 -8.23 39.97 34.16
N MET A 253 -7.80 40.35 32.97
CA MET A 253 -8.58 41.23 32.12
C MET A 253 -9.91 40.63 31.71
N GLN A 254 -10.14 39.35 32.00
CA GLN A 254 -11.18 38.58 31.37
C GLN A 254 -12.54 39.26 31.42
N LYS A 255 -12.95 39.73 32.59
CA LYS A 255 -14.31 40.22 32.65
C LYS A 255 -14.48 41.45 31.77
N SER A 256 -13.44 42.26 31.66
CA SER A 256 -13.47 43.37 30.73
C SER A 256 -13.77 42.91 29.30
N LEU A 257 -13.17 41.81 28.88
CA LEU A 257 -13.37 41.36 27.51
C LEU A 257 -14.67 40.62 27.32
N LEU A 258 -15.46 40.45 28.37
CA LEU A 258 -16.62 39.59 28.24
C LEU A 258 -17.52 39.91 27.06
N PRO A 259 -17.99 41.15 26.86
CA PRO A 259 -18.90 41.35 25.73
C PRO A 259 -18.25 41.04 24.40
N TYR A 260 -16.99 41.45 24.21
CA TYR A 260 -16.26 41.09 23.00
C TYR A 260 -16.30 39.58 22.80
N TYR A 261 -16.08 38.84 23.87
CA TYR A 261 -16.22 37.40 23.81
C TYR A 261 -17.58 37.01 23.25
N HIS A 262 -18.64 37.53 23.83
CA HIS A 262 -19.93 37.18 23.32
C HIS A 262 -20.14 37.66 21.91
N LEU A 263 -19.27 38.51 21.40
CA LEU A 263 -19.32 38.81 19.99
C LEU A 263 -18.73 37.68 19.19
N THR A 264 -17.55 37.22 19.59
CA THR A 264 -16.84 36.28 18.74
C THR A 264 -17.69 35.07 18.50
N LYS A 265 -18.37 34.62 19.52
CA LYS A 265 -19.36 33.58 19.37
C LYS A 265 -20.24 33.91 18.20
N ALA A 266 -21.05 34.96 18.34
CA ALA A 266 -21.94 35.35 17.26
C ALA A 266 -21.21 35.40 15.93
N VAL A 267 -19.98 35.87 15.91
CA VAL A 267 -19.33 35.95 14.61
C VAL A 267 -18.84 34.58 14.19
N LYS A 268 -18.16 33.88 15.07
CA LYS A 268 -17.51 32.65 14.66
C LYS A 268 -18.53 31.67 14.11
N LEU A 269 -19.76 31.77 14.57
CA LEU A 269 -20.80 30.87 14.13
C LEU A 269 -21.57 31.38 12.94
N GLY A 270 -21.40 32.64 12.57
CA GLY A 270 -22.11 33.16 11.43
C GLY A 270 -23.61 33.28 11.61
N ASP A 271 -24.08 33.46 12.84
CA ASP A 271 -25.51 33.54 13.11
C ASP A 271 -25.86 34.94 13.60
N LEU A 272 -26.57 35.68 12.77
CA LEU A 272 -26.76 37.10 13.00
C LEU A 272 -27.71 37.36 14.16
N LYS A 273 -28.82 36.61 14.21
CA LYS A 273 -29.80 36.80 15.26
C LYS A 273 -29.17 36.85 16.63
N LYS A 274 -28.16 36.01 16.88
CA LYS A 274 -27.35 36.18 18.06
C LYS A 274 -26.74 37.56 18.08
N PHE A 275 -26.02 37.88 17.03
CA PHE A 275 -25.19 39.07 16.98
C PHE A 275 -26.00 40.27 17.43
N THR A 276 -26.98 40.67 16.63
CA THR A 276 -27.72 41.89 16.91
C THR A 276 -28.14 41.96 18.36
N SER A 277 -28.76 40.90 18.86
CA SER A 277 -29.13 40.88 20.28
C SER A 277 -27.93 41.20 21.15
N THR A 278 -26.85 40.47 20.93
CA THR A 278 -25.68 40.61 21.77
C THR A 278 -25.19 42.04 21.79
N ILE A 279 -25.11 42.66 20.61
CA ILE A 279 -24.68 44.03 20.61
C ILE A 279 -25.72 44.92 21.22
N THR A 280 -26.96 44.46 21.36
CA THR A 280 -27.91 45.27 22.10
C THR A 280 -27.63 45.24 23.59
N LYS A 281 -27.60 44.04 24.17
CA LYS A 281 -27.50 43.96 25.62
C LYS A 281 -26.24 44.63 26.14
N TYR A 282 -25.16 44.55 25.38
CA TYR A 282 -23.91 45.15 25.79
C TYR A 282 -23.73 46.56 25.30
N LYS A 283 -24.63 47.03 24.44
CA LYS A 283 -24.40 48.25 23.70
C LYS A 283 -23.83 49.33 24.58
N GLN A 284 -24.46 49.52 25.73
CA GLN A 284 -24.00 50.57 26.62
C GLN A 284 -22.53 50.43 26.93
N LEU A 285 -22.11 49.20 27.22
CA LEU A 285 -20.71 48.96 27.56
C LEU A 285 -19.82 49.41 26.43
N LEU A 286 -20.05 48.87 25.24
CA LEU A 286 -19.17 49.15 24.12
C LEU A 286 -19.14 50.64 23.85
N LEU A 287 -20.28 51.30 24.00
CA LEU A 287 -20.31 52.74 23.91
C LEU A 287 -19.32 53.35 24.88
N LYS A 288 -19.43 52.98 26.16
CA LYS A 288 -18.50 53.52 27.13
C LYS A 288 -17.07 53.29 26.71
N ASP A 289 -16.82 52.19 26.01
CA ASP A 289 -15.47 51.93 25.55
C ASP A 289 -15.13 52.63 24.24
N ASP A 290 -16.14 53.16 23.56
CA ASP A 290 -16.10 53.89 22.29
C ASP A 290 -15.71 53.01 21.13
N THR A 291 -15.48 51.73 21.35
CA THR A 291 -15.26 50.78 20.27
C THR A 291 -16.53 50.45 19.52
N TYR A 292 -17.68 50.84 20.04
CA TYR A 292 -18.95 50.45 19.48
C TYR A 292 -19.00 50.59 17.98
N GLN A 293 -18.55 51.74 17.46
CA GLN A 293 -18.69 51.99 16.03
C GLN A 293 -17.96 50.94 15.23
N LEU A 294 -16.78 50.54 15.70
CA LEU A 294 -16.11 49.42 15.06
C LEU A 294 -17.01 48.22 15.00
N CYS A 295 -17.54 47.81 16.15
CA CYS A 295 -18.17 46.51 16.24
C CYS A 295 -19.40 46.40 15.34
N VAL A 296 -20.16 47.48 15.20
CA VAL A 296 -21.28 47.45 14.28
C VAL A 296 -20.86 46.92 12.93
N ARG A 297 -19.71 47.37 12.43
CA ARG A 297 -19.27 46.98 11.12
C ARG A 297 -19.29 45.49 10.93
N LEU A 298 -19.13 44.74 12.00
CA LEU A 298 -19.05 43.29 11.89
C LEU A 298 -20.24 42.73 11.16
N ARG A 299 -21.34 43.45 11.05
CA ARG A 299 -22.47 42.88 10.34
C ARG A 299 -22.04 42.37 9.00
N SER A 300 -21.12 43.05 8.34
CA SER A 300 -20.62 42.50 7.09
C SER A 300 -19.95 41.16 7.34
N ASN A 301 -18.91 41.17 8.18
CA ASN A 301 -18.11 39.98 8.40
C ASN A 301 -18.97 38.78 8.71
N VAL A 302 -19.92 38.95 9.63
CA VAL A 302 -20.76 37.83 10.02
C VAL A 302 -21.31 37.13 8.80
N ILE A 303 -21.96 37.86 7.92
CA ILE A 303 -22.56 37.17 6.79
C ILE A 303 -21.49 36.49 5.96
N LYS A 304 -20.35 37.14 5.77
CA LYS A 304 -19.28 36.44 5.08
C LYS A 304 -19.06 35.11 5.73
N THR A 305 -18.83 35.10 7.04
CA THR A 305 -18.70 33.83 7.71
C THR A 305 -19.90 32.96 7.44
N GLY A 306 -21.08 33.52 7.63
CA GLY A 306 -22.28 32.76 7.41
C GLY A 306 -22.28 32.03 6.09
N ILE A 307 -21.70 32.62 5.06
CA ILE A 307 -21.67 31.94 3.77
C ILE A 307 -20.56 30.91 3.74
N ARG A 308 -19.38 31.28 4.19
CA ARG A 308 -18.25 30.38 4.07
C ARG A 308 -18.59 29.01 4.62
N ILE A 309 -19.30 28.99 5.74
CA ILE A 309 -19.68 27.73 6.33
C ILE A 309 -20.69 27.01 5.45
N ILE A 310 -21.77 27.70 5.11
CA ILE A 310 -22.68 27.16 4.13
C ILE A 310 -21.97 26.91 2.83
N SER A 311 -20.73 27.37 2.70
CA SER A 311 -19.89 26.80 1.66
C SER A 311 -19.25 25.50 2.10
N LEU A 312 -18.33 25.57 3.05
CA LEU A 312 -17.46 24.42 3.29
C LEU A 312 -18.24 23.15 3.52
N THR A 313 -19.38 23.23 4.17
CA THR A 313 -20.16 22.02 4.33
C THR A 313 -20.70 21.56 3.01
N TYR A 314 -21.49 22.40 2.39
CA TYR A 314 -22.33 21.92 1.35
C TYR A 314 -21.62 21.92 0.01
N LYS A 315 -22.31 21.44 -1.01
CA LYS A 315 -21.74 21.37 -2.33
C LYS A 315 -22.70 22.05 -3.27
N LYS A 316 -23.93 21.58 -3.32
CA LYS A 316 -24.95 22.16 -4.16
C LYS A 316 -26.11 22.50 -3.26
N ILE A 317 -26.44 23.78 -3.10
CA ILE A 317 -27.56 24.15 -2.25
C ILE A 317 -28.55 24.97 -3.05
N SER A 318 -29.80 24.55 -3.03
CA SER A 318 -30.82 25.44 -3.54
C SER A 318 -30.79 26.70 -2.74
N LEU A 319 -30.53 27.82 -3.41
CA LEU A 319 -30.16 29.02 -2.70
C LEU A 319 -31.26 29.48 -1.76
N ARG A 320 -32.48 29.04 -2.01
CA ARG A 320 -33.52 29.17 -1.02
C ARG A 320 -33.03 28.79 0.35
N ASP A 321 -32.42 27.62 0.44
CA ASP A 321 -32.08 27.11 1.75
C ASP A 321 -31.01 27.95 2.38
N ILE A 322 -30.08 28.47 1.58
CA ILE A 322 -29.17 29.44 2.14
C ILE A 322 -29.97 30.55 2.78
N CYS A 323 -30.99 31.02 2.06
CA CYS A 323 -31.81 32.09 2.60
C CYS A 323 -32.44 31.70 3.91
N LEU A 324 -32.83 30.44 4.08
CA LEU A 324 -33.29 29.99 5.39
C LEU A 324 -32.18 30.02 6.42
N LYS A 325 -31.10 29.31 6.15
CA LYS A 325 -30.06 29.17 7.15
C LYS A 325 -29.45 30.49 7.52
N LEU A 326 -29.52 31.47 6.64
CA LEU A 326 -29.01 32.78 6.96
C LEU A 326 -30.09 33.71 7.46
N ASN A 327 -31.32 33.21 7.60
CA ASN A 327 -32.37 33.99 8.23
C ASN A 327 -32.67 35.25 7.44
N LEU A 328 -32.40 35.25 6.15
CA LEU A 328 -32.58 36.44 5.35
C LEU A 328 -33.96 36.42 4.69
N ASP A 329 -34.15 37.27 3.69
CA ASP A 329 -35.46 37.47 3.07
C ASP A 329 -35.76 36.51 1.91
N SER A 330 -35.10 36.70 0.78
CA SER A 330 -35.56 36.06 -0.44
C SER A 330 -34.39 35.52 -1.25
N GLU A 331 -34.75 34.74 -2.26
CA GLU A 331 -33.83 34.27 -3.27
C GLU A 331 -33.04 35.46 -3.79
N GLN A 332 -33.73 36.36 -4.49
CA GLN A 332 -33.08 37.56 -4.98
C GLN A 332 -32.36 38.34 -3.90
N THR A 333 -32.85 38.28 -2.66
CA THR A 333 -32.15 38.95 -1.57
C THR A 333 -30.72 38.49 -1.51
N VAL A 334 -30.52 37.19 -1.55
CA VAL A 334 -29.16 36.70 -1.38
C VAL A 334 -28.39 36.81 -2.68
N GLU A 335 -29.05 36.52 -3.81
CA GLU A 335 -28.30 36.15 -4.99
C GLU A 335 -27.13 37.08 -5.24
N TYR A 336 -27.31 38.37 -5.04
CA TYR A 336 -26.14 39.20 -5.17
C TYR A 336 -25.41 39.38 -3.86
N MET A 337 -25.98 38.95 -2.75
CA MET A 337 -25.15 38.74 -1.58
C MET A 337 -24.05 37.74 -1.88
N VAL A 338 -24.45 36.54 -2.29
CA VAL A 338 -23.46 35.51 -2.55
C VAL A 338 -22.59 35.88 -3.72
N SER A 339 -23.16 36.55 -4.72
CA SER A 339 -22.30 37.12 -5.74
C SER A 339 -21.17 37.88 -5.10
N ARG A 340 -21.49 38.79 -4.19
CA ARG A 340 -20.43 39.59 -3.63
C ARG A 340 -19.49 38.74 -2.82
N ALA A 341 -19.99 37.65 -2.26
CA ALA A 341 -19.12 36.74 -1.54
C ALA A 341 -18.05 36.19 -2.46
N ILE A 342 -18.46 35.65 -3.62
CA ILE A 342 -17.44 34.99 -4.40
C ILE A 342 -16.55 35.98 -5.10
N ARG A 343 -17.00 37.20 -5.34
CA ARG A 343 -16.07 38.16 -5.91
C ARG A 343 -14.94 38.44 -4.95
N ASP A 344 -15.26 38.53 -3.67
CA ASP A 344 -14.26 38.87 -2.70
C ASP A 344 -13.24 37.78 -2.50
N GLY A 345 -13.39 36.64 -3.16
CA GLY A 345 -12.42 35.58 -3.05
C GLY A 345 -12.66 34.65 -1.91
N VAL A 346 -13.89 34.53 -1.45
CA VAL A 346 -14.23 33.71 -0.31
C VAL A 346 -14.60 32.32 -0.76
N ILE A 347 -15.63 32.21 -1.58
CA ILE A 347 -16.25 30.91 -1.78
C ILE A 347 -15.51 30.07 -2.81
N GLU A 348 -15.08 30.67 -3.91
CA GLU A 348 -14.75 29.93 -5.12
C GLU A 348 -15.88 28.97 -5.47
N ALA A 349 -16.98 29.54 -5.91
CA ALA A 349 -18.15 28.79 -6.27
C ALA A 349 -18.53 29.11 -7.68
N LYS A 350 -19.70 28.64 -8.05
CA LYS A 350 -20.40 29.26 -9.16
C LYS A 350 -21.87 29.08 -8.90
N ILE A 351 -22.65 30.00 -9.42
CA ILE A 351 -24.09 30.04 -9.17
C ILE A 351 -24.80 29.53 -10.41
N ASN A 352 -25.74 28.63 -10.21
CA ASN A 352 -26.63 28.19 -11.26
C ASN A 352 -27.94 28.93 -11.06
N HIS A 353 -28.24 29.86 -11.96
CA HIS A 353 -29.37 30.74 -11.70
C HIS A 353 -30.69 30.03 -11.89
N GLU A 354 -30.92 29.50 -13.08
CA GLU A 354 -32.27 29.12 -13.46
C GLU A 354 -32.75 27.92 -12.66
N ASP A 355 -31.83 27.13 -12.13
CA ASP A 355 -32.20 26.09 -11.19
C ASP A 355 -32.03 26.55 -9.76
N GLY A 356 -31.53 27.76 -9.57
CA GLY A 356 -31.45 28.36 -8.28
C GLY A 356 -30.64 27.57 -7.29
N PHE A 357 -29.37 27.31 -7.56
CA PHE A 357 -28.57 26.73 -6.50
C PHE A 357 -27.12 27.11 -6.69
N ILE A 358 -26.32 26.72 -5.74
CA ILE A 358 -24.91 27.09 -5.71
C ILE A 358 -24.13 25.81 -5.74
N GLU A 359 -22.98 25.82 -6.39
CA GLU A 359 -22.09 24.69 -6.23
C GLU A 359 -20.66 25.19 -6.22
N THR A 360 -19.91 24.74 -5.23
CA THR A 360 -18.54 25.16 -5.12
C THR A 360 -17.70 24.47 -6.18
N THR A 361 -16.56 25.06 -6.49
CA THR A 361 -15.71 24.51 -7.50
C THR A 361 -14.97 23.29 -6.97
N GLU A 362 -14.47 22.48 -7.89
CA GLU A 362 -14.07 21.13 -7.58
C GLU A 362 -12.55 21.01 -7.46
N LEU A 363 -12.09 19.81 -7.15
CA LEU A 363 -10.65 19.60 -7.01
C LEU A 363 -9.97 19.34 -8.34
N LEU A 364 -10.68 18.72 -9.27
CA LEU A 364 -10.39 18.73 -10.70
C LEU A 364 -9.39 17.66 -11.13
N ASN A 365 -8.88 16.81 -10.23
CA ASN A 365 -7.88 15.80 -10.57
C ASN A 365 -6.64 16.50 -11.07
N ILE A 366 -6.24 16.31 -12.33
CA ILE A 366 -5.00 16.83 -12.91
C ILE A 366 -3.82 16.66 -11.97
N TYR A 367 -3.65 15.48 -11.41
CA TYR A 367 -2.32 15.32 -10.88
C TYR A 367 -1.35 14.92 -11.95
N ASP A 368 -1.75 14.02 -12.84
CA ASP A 368 -0.83 13.63 -13.88
C ASP A 368 -0.69 14.68 -14.96
N SER A 369 -1.53 15.70 -14.96
CA SER A 369 -1.33 16.80 -15.88
C SER A 369 -0.08 17.56 -15.50
N GLU A 370 0.41 18.38 -16.41
CA GLU A 370 1.62 19.12 -16.12
C GLU A 370 1.48 20.07 -14.95
N ASP A 371 0.25 20.40 -14.56
CA ASP A 371 0.04 21.50 -13.63
C ASP A 371 0.85 21.41 -12.37
N PRO A 372 0.95 20.26 -11.69
CA PRO A 372 1.70 20.21 -10.44
C PRO A 372 3.07 20.78 -10.57
N GLN A 373 3.57 20.91 -11.78
CA GLN A 373 4.89 21.50 -11.96
C GLN A 373 4.83 23.01 -11.84
N GLN A 374 4.07 23.64 -12.72
CA GLN A 374 3.97 25.09 -12.71
C GLN A 374 3.74 25.62 -11.32
N VAL A 375 2.75 25.06 -10.65
CA VAL A 375 2.45 25.50 -9.30
C VAL A 375 3.69 25.49 -8.45
N PHE A 376 4.35 24.35 -8.38
CA PHE A 376 5.49 24.27 -7.49
C PHE A 376 6.53 25.33 -7.80
N ASP A 377 6.70 25.69 -9.06
CA ASP A 377 7.66 26.75 -9.35
C ASP A 377 7.31 28.01 -8.61
N GLU A 378 6.08 28.47 -8.78
CA GLU A 378 5.64 29.65 -8.05
C GLU A 378 6.01 29.51 -6.61
N ARG A 379 5.77 28.34 -6.03
CA ARG A 379 6.20 28.14 -4.67
C ARG A 379 7.71 28.06 -4.58
N ILE A 380 8.32 27.19 -5.39
CA ILE A 380 9.77 27.02 -5.30
C ILE A 380 10.48 28.34 -5.47
N LYS A 381 10.24 29.02 -6.58
CA LYS A 381 10.84 30.34 -6.76
C LYS A 381 10.58 31.21 -5.56
N PHE A 382 9.33 31.26 -5.11
CA PHE A 382 9.04 32.18 -4.04
C PHE A 382 9.69 31.76 -2.74
N ALA A 383 10.25 30.57 -2.65
CA ALA A 383 11.03 30.27 -1.47
C ALA A 383 12.42 30.84 -1.59
N ASN A 384 13.03 30.69 -2.77
CA ASN A 384 14.41 31.10 -2.94
C ASN A 384 14.66 32.49 -2.38
N GLN A 385 13.99 33.49 -2.92
CA GLN A 385 14.39 34.82 -2.51
C GLN A 385 14.13 35.06 -1.05
N LEU A 386 13.19 34.35 -0.43
CA LEU A 386 13.14 34.43 1.01
C LEU A 386 14.50 34.13 1.59
N HIS A 387 15.03 32.97 1.24
CA HIS A 387 16.41 32.66 1.55
C HIS A 387 17.31 33.83 1.17
N ASP A 388 17.19 34.31 -0.06
CA ASP A 388 17.96 35.48 -0.45
C ASP A 388 17.71 36.64 0.49
N GLU A 389 16.45 36.97 0.70
CA GLU A 389 16.17 38.10 1.55
C GLU A 389 16.63 37.87 2.96
N TYR A 390 16.92 36.64 3.32
CA TYR A 390 17.44 36.43 4.65
C TYR A 390 18.94 36.29 4.65
N LEU A 391 19.58 36.31 3.50
CA LEU A 391 21.03 36.43 3.46
C LEU A 391 21.52 37.86 3.30
N VAL A 392 20.67 38.76 2.80
CA VAL A 392 21.11 40.14 2.62
C VAL A 392 21.20 40.83 3.98
N SER A 393 20.22 40.57 4.82
CA SER A 393 20.27 41.02 6.19
C SER A 393 21.34 40.24 6.94
N MET A 394 21.96 39.30 6.26
CA MET A 394 23.12 38.63 6.82
C MET A 394 24.39 39.43 6.67
N ARG A 395 24.28 40.66 6.18
CA ARG A 395 25.43 41.57 6.13
C ARG A 395 26.17 41.66 7.47
N TYR A 396 25.46 41.43 8.57
CA TYR A 396 25.90 41.91 9.87
C TYR A 396 27.32 41.55 10.30
N PRO A 397 27.87 40.35 10.03
CA PRO A 397 29.17 40.07 10.66
C PRO A 397 30.31 40.99 10.24
N ASP B 31 -10.15 -103.11 -2.11
CA ASP B 31 -8.85 -102.68 -2.58
C ASP B 31 -8.45 -101.39 -1.88
N CYS B 32 -8.82 -100.27 -2.49
CA CYS B 32 -8.59 -98.97 -1.87
C CYS B 32 -9.38 -98.85 -0.57
N ASN B 33 -10.58 -99.44 -0.53
CA ASN B 33 -11.38 -99.40 0.69
C ASN B 33 -10.84 -100.35 1.73
N SER B 34 -10.14 -101.40 1.31
CA SER B 34 -9.45 -102.27 2.26
C SER B 34 -8.11 -101.68 2.69
N ALA B 35 -7.35 -101.12 1.74
CA ALA B 35 -6.04 -100.60 2.05
C ALA B 35 -6.09 -99.28 2.80
N LEU B 36 -7.18 -98.52 2.67
CA LEU B 36 -7.28 -97.25 3.38
C LEU B 36 -7.19 -97.45 4.88
N ASP B 37 -7.56 -98.64 5.36
CA ASP B 37 -7.37 -98.97 6.77
C ASP B 37 -5.90 -98.90 7.13
N GLN B 38 -5.09 -99.72 6.46
CA GLN B 38 -3.65 -99.71 6.66
C GLN B 38 -3.11 -98.29 6.55
N LEU B 39 -3.42 -97.60 5.45
CA LEU B 39 -2.95 -96.24 5.24
C LEU B 39 -3.27 -95.32 6.41
N LEU B 40 -4.55 -95.02 6.62
CA LEU B 40 -4.89 -94.01 7.63
C LEU B 40 -4.36 -94.39 9.00
N VAL B 41 -4.20 -95.69 9.27
CA VAL B 41 -3.62 -96.07 10.56
C VAL B 41 -2.10 -95.92 10.57
N LEU B 42 -1.46 -95.91 9.41
CA LEU B 42 0.00 -95.76 9.33
C LEU B 42 0.43 -94.40 9.87
N GLU B 43 -0.55 -93.55 10.21
CA GLU B 43 -0.32 -92.31 10.94
C GLU B 43 0.26 -92.64 12.31
N LYS B 44 0.34 -93.94 12.63
CA LYS B 44 0.80 -94.41 13.92
C LYS B 44 2.14 -93.82 14.32
N LYS B 45 2.90 -93.29 13.37
CA LYS B 45 4.08 -92.52 13.70
C LYS B 45 3.65 -91.06 13.79
N THR B 46 3.56 -90.55 15.02
CA THR B 46 2.99 -89.24 15.30
C THR B 46 4.00 -88.12 15.12
N ARG B 47 5.27 -88.39 15.41
CA ARG B 47 6.30 -87.38 15.28
C ARG B 47 6.34 -86.86 13.85
N GLN B 48 6.72 -85.59 13.72
CA GLN B 48 6.60 -84.93 12.43
C GLN B 48 7.49 -85.58 11.39
N ALA B 49 8.63 -86.16 11.79
CA ALA B 49 9.60 -86.67 10.83
C ALA B 49 9.02 -87.80 9.98
N SER B 50 8.57 -88.87 10.65
CA SER B 50 8.06 -90.04 9.96
C SER B 50 6.72 -89.77 9.28
N ASP B 51 6.02 -88.70 9.67
CA ASP B 51 4.82 -88.29 8.96
C ASP B 51 5.16 -87.51 7.69
N LEU B 52 6.13 -86.60 7.78
CA LEU B 52 6.64 -85.90 6.61
C LEU B 52 7.10 -86.92 5.58
N ALA B 53 8.18 -87.63 5.89
CA ALA B 53 8.74 -88.56 4.92
C ALA B 53 7.77 -89.68 4.60
N SER B 54 7.26 -90.34 5.64
CA SER B 54 6.45 -91.55 5.45
C SER B 54 5.06 -91.25 4.91
N SER B 55 4.65 -89.99 4.83
CA SER B 55 3.31 -89.65 4.36
C SER B 55 3.23 -89.47 2.85
N LYS B 56 4.32 -89.71 2.11
CA LYS B 56 4.24 -89.65 0.66
C LYS B 56 3.17 -90.56 0.11
N GLU B 57 3.06 -91.78 0.65
CA GLU B 57 2.17 -92.77 0.06
C GLU B 57 0.69 -92.39 0.19
N VAL B 58 0.36 -91.43 1.06
CA VAL B 58 -1.02 -91.06 1.35
C VAL B 58 -1.77 -90.56 0.13
N LEU B 59 -1.41 -89.37 -0.35
CA LEU B 59 -2.24 -88.67 -1.33
C LEU B 59 -2.33 -89.44 -2.64
N ALA B 60 -1.19 -89.78 -3.23
CA ALA B 60 -1.18 -90.40 -4.56
C ALA B 60 -2.13 -91.58 -4.61
N LYS B 61 -2.27 -92.32 -3.52
CA LYS B 61 -3.28 -93.37 -3.49
C LYS B 61 -4.66 -92.80 -3.26
N ILE B 62 -4.81 -91.91 -2.27
CA ILE B 62 -6.16 -91.41 -1.99
C ILE B 62 -6.58 -90.30 -2.96
N VAL B 63 -5.63 -89.66 -3.65
CA VAL B 63 -6.05 -88.76 -4.70
C VAL B 63 -6.45 -89.53 -5.95
N ASP B 64 -6.19 -90.85 -5.98
CA ASP B 64 -6.77 -91.66 -7.04
C ASP B 64 -8.28 -91.69 -6.95
N LEU B 65 -8.83 -91.36 -5.78
CA LEU B 65 -10.28 -91.26 -5.63
C LEU B 65 -10.85 -90.08 -6.39
N LEU B 66 -10.02 -89.27 -7.03
CA LEU B 66 -10.55 -88.32 -8.02
C LEU B 66 -10.71 -88.96 -9.39
N ALA B 67 -10.49 -90.28 -9.51
CA ALA B 67 -10.90 -91.03 -10.68
C ALA B 67 -12.41 -91.21 -10.76
N SER B 68 -13.15 -90.78 -9.74
CA SER B 68 -14.59 -90.68 -9.81
C SER B 68 -15.03 -89.47 -8.99
N ARG B 69 -16.06 -88.77 -9.49
CA ARG B 69 -16.42 -87.48 -8.92
C ARG B 69 -16.92 -87.61 -7.49
N ASN B 70 -17.96 -88.42 -7.28
CA ASN B 70 -18.72 -88.44 -6.03
C ASN B 70 -17.81 -88.64 -4.83
N LYS B 71 -16.62 -89.16 -5.06
CA LYS B 71 -15.66 -89.47 -4.01
C LYS B 71 -15.26 -88.20 -3.28
N TRP B 72 -15.76 -87.04 -3.73
CA TRP B 72 -15.64 -85.80 -2.97
C TRP B 72 -15.98 -86.05 -1.50
N ASP B 73 -17.02 -86.85 -1.29
CA ASP B 73 -17.72 -86.94 -0.02
C ASP B 73 -16.76 -86.95 1.16
N ASP B 74 -15.99 -88.02 1.30
CA ASP B 74 -15.00 -88.09 2.36
C ASP B 74 -13.76 -87.29 2.00
N LEU B 75 -13.34 -87.33 0.74
CA LEU B 75 -12.02 -86.84 0.35
C LEU B 75 -11.74 -85.47 0.90
N ASN B 76 -12.41 -84.44 0.37
CA ASN B 76 -12.24 -83.10 0.91
C ASN B 76 -12.34 -83.13 2.43
N GLU B 77 -13.41 -83.72 2.95
CA GLU B 77 -13.57 -83.81 4.39
C GLU B 77 -12.40 -84.58 5.00
N GLN B 78 -12.11 -85.78 4.50
CA GLN B 78 -10.98 -86.49 5.08
C GLN B 78 -9.71 -85.69 4.90
N LEU B 79 -9.61 -84.96 3.80
CA LEU B 79 -8.43 -84.17 3.57
C LEU B 79 -8.48 -82.83 4.27
N THR B 80 -9.64 -82.42 4.79
CA THR B 80 -9.56 -81.48 5.89
C THR B 80 -9.35 -82.22 7.21
N LEU B 81 -9.92 -83.43 7.33
CA LEU B 81 -9.76 -84.26 8.52
C LEU B 81 -8.29 -84.46 8.85
N LEU B 82 -7.59 -85.21 8.00
CA LEU B 82 -6.16 -85.38 8.17
C LEU B 82 -5.44 -84.05 8.29
N SER B 83 -5.99 -82.99 7.69
CA SER B 83 -5.35 -81.69 7.79
C SER B 83 -5.48 -81.15 9.20
N LYS B 84 -6.67 -81.24 9.77
CA LYS B 84 -6.90 -80.65 11.08
C LYS B 84 -6.17 -81.42 12.16
N LYS B 85 -6.18 -82.76 12.10
CA LYS B 85 -5.60 -83.55 13.18
C LYS B 85 -4.08 -83.53 13.16
N HIS B 86 -3.47 -83.80 12.00
CA HIS B 86 -2.02 -83.87 11.90
C HIS B 86 -1.51 -83.14 10.67
N ILE B 93 -0.83 -80.16 7.08
CA ILE B 93 -0.56 -80.68 5.74
C ILE B 93 0.32 -79.74 4.95
N GLN B 94 1.01 -78.83 5.66
CA GLN B 94 1.89 -77.89 4.99
C GLN B 94 2.88 -78.60 4.08
N TYR B 95 3.19 -79.86 4.37
CA TYR B 95 3.97 -80.65 3.44
C TYR B 95 3.12 -81.28 2.35
N MET B 96 1.86 -81.61 2.64
CA MET B 96 0.96 -82.13 1.62
C MET B 96 0.02 -81.07 1.05
N ILE B 97 0.06 -79.84 1.55
CA ILE B 97 -0.82 -78.80 1.00
C ILE B 97 -0.47 -78.52 -0.46
N GLN B 98 0.83 -78.50 -0.77
CA GLN B 98 1.26 -78.21 -2.13
C GLN B 98 0.73 -79.28 -3.07
N LYS B 99 0.92 -80.54 -2.70
CA LYS B 99 0.44 -81.65 -3.52
C LYS B 99 -1.07 -81.60 -3.68
N VAL B 100 -1.79 -81.43 -2.58
CA VAL B 100 -3.24 -81.25 -2.64
C VAL B 100 -3.62 -80.20 -3.69
N MET B 101 -3.20 -78.96 -3.45
CA MET B 101 -3.53 -77.87 -4.37
C MET B 101 -3.17 -78.21 -5.81
N GLU B 102 -2.00 -78.81 -6.02
CA GLU B 102 -1.62 -79.20 -7.37
C GLU B 102 -2.60 -80.23 -7.93
N TYR B 103 -3.21 -81.02 -7.05
CA TYR B 103 -4.20 -82.01 -7.48
C TYR B 103 -5.56 -81.39 -7.72
N LEU B 104 -5.83 -80.21 -7.15
CA LEU B 104 -7.09 -79.53 -7.42
C LEU B 104 -7.32 -79.40 -8.91
N LYS B 105 -6.46 -78.62 -9.56
CA LYS B 105 -6.51 -78.54 -11.03
C LYS B 105 -6.02 -79.85 -11.65
N SER B 106 -4.81 -80.28 -11.29
CA SER B 106 -4.15 -81.33 -12.06
C SER B 106 -4.95 -82.61 -12.09
N SER B 107 -5.83 -82.77 -11.09
CA SER B 107 -6.70 -83.93 -10.97
C SER B 107 -8.05 -83.68 -11.63
N LYS B 108 -8.22 -82.50 -12.22
CA LYS B 108 -9.44 -82.21 -12.97
C LYS B 108 -10.72 -82.48 -12.16
N SER B 109 -10.76 -81.97 -10.94
CA SER B 109 -11.94 -82.17 -10.10
C SER B 109 -13.12 -81.39 -10.68
N LEU B 110 -14.33 -81.83 -10.28
CA LEU B 110 -15.60 -81.24 -10.72
C LEU B 110 -15.85 -79.84 -10.19
N ASP B 111 -16.38 -78.97 -11.09
CA ASP B 111 -16.62 -77.58 -10.78
C ASP B 111 -17.61 -77.31 -9.64
N LEU B 112 -18.70 -78.09 -9.50
CA LEU B 112 -19.67 -77.82 -8.44
C LEU B 112 -19.15 -78.01 -7.02
N ASN B 113 -18.51 -79.16 -6.77
CA ASN B 113 -17.95 -79.34 -5.44
C ASN B 113 -16.35 -78.91 -5.52
N THR B 114 -15.68 -78.71 -6.71
CA THR B 114 -14.20 -78.32 -6.70
C THR B 114 -14.20 -77.03 -5.96
N ARG B 115 -14.70 -76.00 -6.64
CA ARG B 115 -14.54 -74.64 -6.18
C ARG B 115 -15.02 -74.62 -4.75
N ILE B 116 -16.12 -75.33 -4.48
CA ILE B 116 -16.64 -75.39 -3.12
C ILE B 116 -15.63 -76.12 -2.23
N SER B 117 -15.15 -77.28 -2.69
CA SER B 117 -14.08 -77.96 -1.98
C SER B 117 -12.91 -77.03 -1.74
N VAL B 118 -12.61 -76.19 -2.72
CA VAL B 118 -11.73 -75.06 -2.49
C VAL B 118 -12.27 -74.28 -1.30
N ILE B 119 -13.43 -73.63 -1.46
CA ILE B 119 -13.80 -72.56 -0.54
C ILE B 119 -13.77 -73.04 0.91
N GLU B 120 -14.16 -74.28 1.15
CA GLU B 120 -14.03 -74.75 2.54
C GLU B 120 -12.61 -75.16 2.88
N THR B 121 -11.85 -75.72 1.94
CA THR B 121 -10.47 -76.08 2.29
C THR B 121 -9.65 -74.84 2.58
N ILE B 122 -9.64 -73.90 1.65
CA ILE B 122 -8.97 -72.62 1.85
C ILE B 122 -9.59 -71.90 3.04
N ARG B 123 -10.89 -72.10 3.27
CA ARG B 123 -11.51 -71.59 4.48
C ARG B 123 -10.84 -72.16 5.72
N VAL B 124 -10.34 -73.39 5.62
CA VAL B 124 -9.51 -73.90 6.70
C VAL B 124 -8.11 -73.30 6.67
N VAL B 125 -7.64 -72.86 5.50
CA VAL B 125 -6.27 -72.39 5.39
C VAL B 125 -6.12 -70.90 5.70
N THR B 126 -7.23 -70.17 5.85
CA THR B 126 -7.17 -68.71 5.85
C THR B 126 -6.33 -68.17 7.00
N GLU B 127 -6.45 -68.75 8.20
CA GLU B 127 -5.70 -68.27 9.34
C GLU B 127 -4.19 -68.34 9.10
N ASN B 128 -3.67 -69.55 8.93
CA ASN B 128 -2.23 -69.77 8.98
C ASN B 128 -1.56 -68.83 7.98
N LYS B 129 -0.54 -68.13 8.45
CA LYS B 129 -0.23 -66.82 7.89
C LYS B 129 0.60 -66.86 6.61
N ILE B 130 1.45 -67.87 6.43
CA ILE B 130 2.63 -67.62 5.61
C ILE B 130 2.61 -68.27 4.22
N PHE B 131 3.02 -69.53 4.13
CA PHE B 131 3.14 -70.19 2.82
C PHE B 131 1.80 -70.71 2.35
N VAL B 132 1.09 -71.34 3.28
CA VAL B 132 -0.27 -71.80 3.09
C VAL B 132 -1.13 -70.62 2.64
N GLU B 133 -0.65 -69.40 2.93
CA GLU B 133 -1.32 -68.19 2.44
C GLU B 133 -1.00 -67.95 0.98
N VAL B 134 0.22 -68.24 0.53
CA VAL B 134 0.47 -68.28 -0.92
C VAL B 134 -0.52 -69.22 -1.57
N GLU B 135 -0.80 -70.34 -0.93
CA GLU B 135 -1.81 -71.26 -1.44
C GLU B 135 -3.19 -70.62 -1.42
N ARG B 136 -3.52 -69.92 -0.34
CA ARG B 136 -4.72 -69.08 -0.32
C ARG B 136 -4.76 -68.12 -1.49
N ALA B 137 -3.60 -67.71 -1.99
CA ALA B 137 -3.59 -66.75 -3.08
C ALA B 137 -3.86 -67.42 -4.41
N ARG B 138 -3.26 -68.58 -4.66
CA ARG B 138 -3.50 -69.21 -5.96
C ARG B 138 -4.88 -69.84 -6.03
N VAL B 139 -5.40 -70.28 -4.89
CA VAL B 139 -6.82 -70.56 -4.82
C VAL B 139 -7.64 -69.29 -4.83
N THR B 140 -7.04 -68.14 -4.52
CA THR B 140 -7.76 -66.89 -4.67
C THR B 140 -8.04 -66.60 -6.14
N LYS B 141 -7.03 -66.80 -7.00
CA LYS B 141 -7.35 -66.86 -8.42
C LYS B 141 -8.25 -68.05 -8.76
N ASP B 142 -8.27 -69.12 -7.96
CA ASP B 142 -9.26 -70.15 -8.21
C ASP B 142 -10.66 -69.58 -8.04
N LEU B 143 -10.88 -68.72 -7.04
CA LEU B 143 -12.16 -68.07 -7.04
C LEU B 143 -12.24 -66.89 -7.99
N VAL B 144 -11.16 -66.55 -8.69
CA VAL B 144 -11.38 -65.82 -9.93
C VAL B 144 -11.97 -66.75 -10.98
N GLU B 145 -11.61 -68.03 -10.91
CA GLU B 145 -12.12 -69.02 -11.85
C GLU B 145 -13.49 -69.55 -11.47
N ILE B 146 -14.04 -69.17 -10.32
CA ILE B 146 -15.34 -69.71 -9.92
C ILE B 146 -16.48 -68.91 -10.56
N LYS B 147 -16.74 -67.70 -10.06
CA LYS B 147 -17.98 -67.00 -10.37
C LYS B 147 -17.92 -66.39 -11.75
N LYS B 148 -16.84 -65.70 -12.08
CA LYS B 148 -16.58 -65.29 -13.45
C LYS B 148 -17.93 -64.74 -13.83
N GLU B 149 -18.44 -65.21 -14.97
CA GLU B 149 -19.58 -64.63 -15.66
C GLU B 149 -20.65 -64.13 -14.70
N GLU B 150 -20.72 -64.69 -13.49
CA GLU B 150 -21.53 -64.10 -12.44
C GLU B 150 -20.76 -62.96 -11.78
N GLY B 151 -21.31 -61.76 -11.87
CA GLY B 151 -20.75 -60.60 -11.20
C GLY B 151 -20.90 -60.62 -9.70
N LYS B 152 -21.51 -61.67 -9.14
CA LYS B 152 -21.50 -61.82 -7.69
C LYS B 152 -20.11 -62.01 -7.15
N ILE B 153 -19.11 -62.19 -8.02
CA ILE B 153 -17.72 -62.17 -7.64
C ILE B 153 -17.32 -60.85 -7.04
N ASP B 154 -18.19 -59.83 -7.16
CA ASP B 154 -18.04 -58.63 -6.35
C ASP B 154 -17.76 -59.04 -4.91
N GLU B 155 -18.55 -59.97 -4.39
CA GLU B 155 -18.30 -60.52 -3.07
C GLU B 155 -16.88 -61.05 -2.98
N ALA B 156 -16.54 -62.02 -3.84
CA ALA B 156 -15.19 -62.56 -3.84
C ALA B 156 -14.18 -61.46 -4.10
N ALA B 157 -14.60 -60.36 -4.71
CA ALA B 157 -13.72 -59.21 -4.86
C ALA B 157 -13.06 -58.86 -3.55
N ASP B 158 -13.84 -58.83 -2.47
CA ASP B 158 -13.30 -58.60 -1.14
C ASP B 158 -12.19 -59.60 -0.84
N ILE B 159 -12.48 -60.89 -1.02
CA ILE B 159 -11.43 -61.90 -1.00
C ILE B 159 -10.30 -61.49 -1.93
N LEU B 160 -10.65 -61.25 -3.19
CA LEU B 160 -9.67 -60.83 -4.17
C LEU B 160 -8.89 -59.61 -3.74
N CYS B 161 -9.44 -58.79 -2.84
CA CYS B 161 -8.69 -57.63 -2.37
C CYS B 161 -7.47 -58.04 -1.56
N GLU B 162 -7.62 -59.01 -0.66
CA GLU B 162 -6.63 -59.22 0.39
C GLU B 162 -5.45 -60.09 -0.03
N LEU B 163 -5.54 -60.80 -1.15
CA LEU B 163 -4.65 -61.93 -1.38
C LEU B 163 -3.18 -61.53 -1.25
N GLN B 164 -2.80 -60.38 -1.80
CA GLN B 164 -1.40 -59.98 -1.86
C GLN B 164 -1.00 -59.05 -0.72
N VAL B 165 -1.95 -58.66 0.12
CA VAL B 165 -1.68 -57.67 1.16
C VAL B 165 -0.47 -58.07 2.00
N GLU B 166 -0.49 -59.27 2.54
CA GLU B 166 0.62 -59.74 3.35
C GLU B 166 1.76 -60.31 2.51
N THR B 167 1.52 -60.59 1.24
CA THR B 167 2.46 -61.39 0.47
C THR B 167 3.63 -60.58 -0.05
N TYR B 168 3.73 -59.29 0.33
CA TYR B 168 4.71 -58.41 -0.29
C TYR B 168 6.09 -59.06 -0.38
N GLY B 169 6.53 -59.73 0.68
CA GLY B 169 7.78 -60.47 0.67
C GLY B 169 7.58 -61.98 0.62
N SER B 170 6.40 -62.41 0.21
CA SER B 170 6.01 -63.81 0.25
C SER B 170 6.02 -64.46 -1.13
N MET B 171 5.20 -63.99 -2.04
CA MET B 171 4.98 -64.67 -3.31
C MET B 171 6.00 -64.19 -4.34
N GLU B 172 5.78 -64.55 -5.61
CA GLU B 172 6.68 -64.20 -6.69
C GLU B 172 6.06 -63.12 -7.55
N MET B 173 6.81 -62.04 -7.77
CA MET B 173 6.23 -60.79 -8.25
C MET B 173 5.47 -61.02 -9.55
N SER B 174 6.10 -61.69 -10.51
CA SER B 174 5.46 -61.90 -11.80
C SER B 174 4.03 -62.39 -11.64
N GLU B 175 3.80 -63.31 -10.72
CA GLU B 175 2.43 -63.66 -10.42
C GLU B 175 1.77 -62.62 -9.54
N LYS B 176 2.45 -62.18 -8.49
CA LYS B 176 1.86 -61.28 -7.51
C LYS B 176 1.09 -60.16 -8.21
N ILE B 177 1.85 -59.34 -8.91
CA ILE B 177 1.25 -58.17 -9.52
C ILE B 177 0.16 -58.63 -10.45
N GLN B 178 0.34 -59.80 -11.06
CA GLN B 178 -0.67 -60.39 -11.93
C GLN B 178 -1.96 -60.62 -11.18
N PHE B 179 -1.87 -60.96 -9.90
CA PHE B 179 -3.06 -60.92 -9.06
C PHE B 179 -3.62 -59.51 -9.02
N ILE B 180 -2.77 -58.53 -8.70
CA ILE B 180 -3.29 -57.18 -8.55
C ILE B 180 -4.02 -56.75 -9.81
N LEU B 181 -3.64 -57.33 -10.95
CA LEU B 181 -4.23 -56.95 -12.22
C LEU B 181 -5.72 -57.20 -12.19
N GLU B 182 -6.14 -58.46 -12.17
CA GLU B 182 -7.58 -58.69 -12.14
C GLU B 182 -8.21 -58.20 -10.85
N GLN B 183 -7.42 -57.95 -9.80
CA GLN B 183 -7.95 -57.17 -8.70
C GLN B 183 -8.50 -55.84 -9.21
N MET B 184 -7.69 -55.12 -9.99
CA MET B 184 -8.19 -53.94 -10.67
C MET B 184 -9.40 -54.28 -11.51
N GLU B 185 -9.17 -55.11 -12.53
CA GLU B 185 -10.13 -55.41 -13.57
C GLU B 185 -11.52 -55.63 -12.99
N LEU B 186 -11.59 -56.50 -12.00
CA LEU B 186 -12.85 -56.79 -11.37
C LEU B 186 -13.29 -55.66 -10.46
N SER B 187 -12.35 -54.88 -9.93
CA SER B 187 -12.76 -53.72 -9.15
C SER B 187 -13.51 -52.72 -10.01
N ILE B 188 -13.13 -52.61 -11.28
CA ILE B 188 -13.83 -51.72 -12.18
C ILE B 188 -15.15 -52.32 -12.60
N LEU B 189 -15.13 -53.57 -13.06
CA LEU B 189 -16.37 -54.18 -13.50
C LEU B 189 -17.39 -54.19 -12.38
N LYS B 190 -16.92 -54.32 -11.16
CA LYS B 190 -17.74 -54.03 -10.00
C LYS B 190 -18.12 -52.57 -9.93
N GLY B 191 -17.23 -51.68 -10.35
CA GLY B 191 -17.46 -50.26 -10.20
C GLY B 191 -16.75 -49.58 -9.06
N ASP B 192 -15.72 -50.20 -8.49
CA ASP B 192 -14.90 -49.51 -7.51
C ASP B 192 -13.58 -49.20 -8.20
N TYR B 193 -13.40 -47.94 -8.56
CA TYR B 193 -12.14 -47.46 -9.05
C TYR B 193 -11.20 -47.09 -7.91
N SER B 194 -11.75 -46.59 -6.81
CA SER B 194 -10.91 -46.23 -5.67
C SER B 194 -10.16 -47.44 -5.14
N GLN B 195 -10.79 -48.61 -5.20
CA GLN B 195 -10.11 -49.87 -4.93
C GLN B 195 -8.87 -50.00 -5.77
N ALA B 196 -9.06 -50.19 -7.08
CA ALA B 196 -7.95 -50.32 -7.99
C ALA B 196 -6.99 -49.15 -7.90
N THR B 197 -7.43 -48.06 -7.29
CA THR B 197 -6.51 -46.97 -6.97
C THR B 197 -5.56 -47.40 -5.87
N VAL B 198 -6.11 -47.99 -4.83
CA VAL B 198 -5.27 -48.52 -3.76
C VAL B 198 -4.39 -49.64 -4.30
N LEU B 199 -5.04 -50.66 -4.84
CA LEU B 199 -4.38 -51.80 -5.47
C LEU B 199 -3.39 -51.34 -6.52
N SER B 200 -3.61 -50.16 -7.06
CA SER B 200 -2.70 -49.59 -8.02
C SER B 200 -1.47 -49.15 -7.26
N ARG B 201 -1.64 -48.13 -6.43
CA ARG B 201 -0.51 -47.53 -5.77
C ARG B 201 0.33 -48.54 -5.01
N LYS B 202 -0.20 -49.71 -4.68
CA LYS B 202 0.63 -50.61 -3.89
C LYS B 202 1.85 -51.09 -4.68
N ILE B 203 1.73 -51.25 -5.99
CA ILE B 203 2.87 -51.70 -6.78
C ILE B 203 3.87 -50.56 -6.93
N LEU B 204 5.15 -50.92 -6.95
CA LEU B 204 6.23 -49.98 -7.20
C LEU B 204 6.53 -49.95 -8.69
N LYS B 205 6.76 -48.75 -9.23
CA LYS B 205 6.98 -48.62 -10.67
C LYS B 205 8.33 -49.16 -11.07
N LYS B 206 9.36 -48.94 -10.25
CA LYS B 206 10.68 -49.45 -10.59
C LYS B 206 10.70 -50.95 -10.73
N THR B 207 9.63 -51.63 -10.30
CA THR B 207 9.45 -53.00 -10.70
C THR B 207 9.69 -53.14 -12.18
N PHE B 208 9.17 -52.20 -12.95
CA PHE B 208 9.24 -52.26 -14.39
C PHE B 208 10.54 -51.71 -14.94
N LYS B 209 11.44 -51.26 -14.09
CA LYS B 209 12.78 -50.92 -14.58
C LYS B 209 13.34 -52.09 -15.38
N ASN B 210 13.56 -53.21 -14.72
CA ASN B 210 14.03 -54.43 -15.37
C ASN B 210 13.12 -54.78 -16.53
N PRO B 211 13.65 -55.35 -17.59
CA PRO B 211 12.80 -55.80 -18.70
C PRO B 211 12.29 -57.22 -18.52
N LYS B 212 11.77 -57.49 -17.34
CA LYS B 212 11.01 -58.70 -17.14
C LYS B 212 9.54 -58.55 -17.50
N TYR B 213 8.97 -57.40 -17.16
CA TYR B 213 7.54 -57.24 -16.91
C TYR B 213 6.77 -56.65 -18.08
N GLU B 214 7.41 -56.47 -19.22
CA GLU B 214 6.91 -55.55 -20.24
C GLU B 214 5.41 -55.69 -20.48
N SER B 215 4.92 -56.91 -20.63
CA SER B 215 3.48 -57.10 -20.80
C SER B 215 2.73 -56.58 -19.59
N LEU B 216 3.22 -56.93 -18.41
CA LEU B 216 2.57 -56.47 -17.19
C LEU B 216 2.62 -54.96 -17.07
N LYS B 217 3.74 -54.37 -17.47
CA LYS B 217 3.77 -52.92 -17.60
C LYS B 217 2.63 -52.45 -18.47
N LEU B 218 2.54 -53.02 -19.67
CA LEU B 218 1.56 -52.60 -20.64
C LEU B 218 0.16 -52.58 -20.05
N GLU B 219 -0.30 -53.71 -19.54
CA GLU B 219 -1.66 -53.69 -19.05
C GLU B 219 -1.78 -52.87 -17.79
N TYR B 220 -0.78 -52.97 -16.92
CA TYR B 220 -0.75 -52.17 -15.71
C TYR B 220 -1.05 -50.72 -16.00
N TYR B 221 -0.55 -50.19 -17.11
CA TYR B 221 -0.96 -48.85 -17.45
C TYR B 221 -2.34 -48.83 -18.08
N ASN B 222 -2.60 -49.72 -19.03
CA ASN B 222 -3.86 -49.67 -19.75
C ASN B 222 -5.02 -49.48 -18.81
N LEU B 223 -4.95 -50.12 -17.65
CA LEU B 223 -5.91 -49.80 -16.60
C LEU B 223 -5.88 -48.31 -16.32
N LEU B 224 -4.74 -47.81 -15.87
CA LEU B 224 -4.65 -46.43 -15.42
C LEU B 224 -5.21 -45.47 -16.45
N VAL B 225 -5.13 -45.85 -17.72
CA VAL B 225 -5.93 -45.17 -18.72
C VAL B 225 -7.40 -45.30 -18.37
N LYS B 226 -7.89 -46.53 -18.25
CA LYS B 226 -9.32 -46.72 -18.08
C LYS B 226 -9.85 -45.98 -16.86
N ILE B 227 -9.20 -46.21 -15.72
CA ILE B 227 -9.49 -45.44 -14.53
C ILE B 227 -9.54 -43.97 -14.88
N SER B 228 -8.40 -43.44 -15.30
CA SER B 228 -8.26 -42.01 -15.42
C SER B 228 -9.35 -41.42 -16.29
N LEU B 229 -9.66 -42.06 -17.40
CA LEU B 229 -10.82 -41.69 -18.19
C LEU B 229 -12.04 -41.59 -17.33
N HIS B 230 -12.29 -42.62 -16.52
CA HIS B 230 -13.51 -42.57 -15.72
C HIS B 230 -13.58 -41.33 -14.86
N LYS B 231 -12.44 -40.76 -14.51
CA LYS B 231 -12.47 -39.53 -13.74
C LYS B 231 -12.55 -38.29 -14.61
N ARG B 232 -12.73 -38.45 -15.91
CA ARG B 232 -12.72 -37.30 -16.80
C ARG B 232 -11.41 -36.54 -16.68
N GLU B 233 -10.33 -37.24 -16.37
CA GLU B 233 -9.14 -36.58 -15.88
C GLU B 233 -7.99 -37.00 -16.79
N TYR B 234 -7.43 -36.05 -17.52
CA TYR B 234 -6.72 -36.35 -18.76
C TYR B 234 -5.20 -36.39 -18.59
N LEU B 235 -4.62 -35.28 -18.15
CA LEU B 235 -3.19 -35.14 -18.26
C LEU B 235 -2.45 -36.40 -17.83
N GLU B 236 -3.02 -37.13 -16.87
CA GLU B 236 -2.49 -38.43 -16.53
C GLU B 236 -2.78 -39.44 -17.62
N VAL B 237 -3.95 -39.37 -18.22
CA VAL B 237 -4.16 -40.22 -19.38
C VAL B 237 -2.98 -40.07 -20.31
N ALA B 238 -2.55 -38.85 -20.51
CA ALA B 238 -1.34 -38.65 -21.29
C ALA B 238 -0.19 -39.39 -20.63
N GLN B 239 0.25 -38.88 -19.48
CA GLN B 239 1.53 -39.31 -18.95
C GLN B 239 1.66 -40.81 -18.97
N TYR B 240 0.59 -41.50 -18.64
CA TYR B 240 0.60 -42.95 -18.79
C TYR B 240 0.81 -43.32 -20.24
N LEU B 241 -0.05 -42.81 -21.12
CA LEU B 241 0.06 -43.20 -22.51
C LEU B 241 1.49 -43.07 -23.00
N GLN B 242 2.13 -41.95 -22.75
CA GLN B 242 3.50 -41.87 -23.22
C GLN B 242 4.35 -42.88 -22.48
N GLU B 243 3.99 -43.19 -21.24
CA GLU B 243 4.82 -44.13 -20.52
C GLU B 243 4.82 -45.48 -21.19
N ILE B 244 3.65 -45.97 -21.61
CA ILE B 244 3.63 -47.03 -22.60
C ILE B 244 4.62 -46.71 -23.69
N TYR B 245 4.34 -45.62 -24.40
CA TYR B 245 4.96 -45.32 -25.67
C TYR B 245 6.47 -45.38 -25.59
N GLN B 246 7.03 -45.33 -24.40
CA GLN B 246 8.47 -45.41 -24.24
C GLN B 246 8.95 -46.82 -24.00
N THR B 247 8.06 -47.81 -24.08
CA THR B 247 8.49 -49.19 -24.07
C THR B 247 9.16 -49.55 -25.38
N ASP B 248 10.19 -50.39 -25.29
CA ASP B 248 10.95 -50.77 -26.48
C ASP B 248 10.04 -51.41 -27.51
N ALA B 249 9.29 -52.42 -27.09
CA ALA B 249 8.40 -53.10 -28.02
C ALA B 249 7.38 -52.15 -28.61
N ILE B 250 6.78 -51.29 -27.78
CA ILE B 250 5.68 -50.47 -28.29
C ILE B 250 6.20 -49.44 -29.28
N LYS B 251 7.36 -48.87 -29.03
CA LYS B 251 7.90 -47.90 -29.97
C LYS B 251 8.51 -48.57 -31.18
N SER B 252 8.84 -49.85 -31.07
CA SER B 252 9.39 -50.57 -32.21
C SER B 252 8.43 -50.52 -33.40
N ASP B 253 7.25 -51.11 -33.24
CA ASP B 253 6.39 -51.40 -34.36
C ASP B 253 5.49 -50.22 -34.69
N GLU B 254 5.41 -49.90 -35.96
CA GLU B 254 4.51 -48.86 -36.45
C GLU B 254 3.11 -49.02 -35.90
N ALA B 255 2.44 -50.08 -36.34
CA ALA B 255 1.04 -50.31 -35.96
C ALA B 255 0.86 -50.34 -34.47
N LYS B 256 1.93 -50.56 -33.72
CA LYS B 256 1.82 -50.40 -32.30
C LYS B 256 1.68 -48.93 -31.97
N TRP B 257 2.73 -48.15 -32.17
CA TRP B 257 2.70 -46.85 -31.52
C TRP B 257 1.90 -45.80 -32.23
N LYS B 258 1.49 -46.00 -33.48
CA LYS B 258 0.73 -44.90 -34.07
C LYS B 258 -0.51 -44.56 -33.26
N PRO B 259 -1.44 -45.47 -33.05
CA PRO B 259 -2.59 -45.11 -32.21
C PRO B 259 -2.15 -44.59 -30.86
N VAL B 260 -1.08 -45.13 -30.30
CA VAL B 260 -0.62 -44.64 -29.01
C VAL B 260 -0.37 -43.15 -29.08
N LEU B 261 0.44 -42.72 -30.04
CA LEU B 261 0.60 -41.29 -30.22
C LEU B 261 -0.74 -40.63 -30.32
N SER B 262 -1.52 -41.04 -31.31
CA SER B 262 -2.72 -40.29 -31.63
C SER B 262 -3.52 -39.99 -30.39
N HIS B 263 -3.59 -40.96 -29.50
CA HIS B 263 -4.17 -40.66 -28.21
C HIS B 263 -3.35 -39.59 -27.49
N ILE B 264 -2.03 -39.80 -27.38
CA ILE B 264 -1.23 -38.88 -26.59
C ILE B 264 -1.50 -37.46 -27.02
N VAL B 265 -1.57 -37.22 -28.31
CA VAL B 265 -2.01 -35.93 -28.76
C VAL B 265 -3.34 -35.65 -28.11
N TYR B 266 -4.36 -36.41 -28.50
CA TYR B 266 -5.73 -36.02 -28.17
C TYR B 266 -5.86 -35.62 -26.73
N PHE B 267 -5.20 -36.32 -25.83
CA PHE B 267 -5.38 -35.92 -24.46
C PHE B 267 -4.55 -34.70 -24.13
N LEU B 268 -3.33 -34.62 -24.61
CA LEU B 268 -2.62 -33.38 -24.38
C LEU B 268 -3.36 -32.19 -24.93
N VAL B 269 -4.27 -32.41 -25.87
CA VAL B 269 -5.14 -31.33 -26.29
C VAL B 269 -6.31 -31.14 -25.36
N LEU B 270 -6.83 -32.21 -24.78
CA LEU B 270 -8.01 -32.04 -23.95
C LEU B 270 -7.67 -31.53 -22.57
N SER B 271 -6.56 -31.92 -22.03
CA SER B 271 -6.12 -31.41 -20.75
C SER B 271 -6.12 -29.90 -20.74
N PRO B 272 -6.32 -29.28 -19.60
CA PRO B 272 -6.34 -27.83 -19.55
C PRO B 272 -4.93 -27.27 -19.55
N TYR B 273 -4.83 -26.03 -20.00
CA TYR B 273 -3.53 -25.38 -20.06
C TYR B 273 -2.87 -25.38 -18.70
N GLY B 274 -1.55 -25.44 -18.70
CA GLY B 274 -0.78 -25.53 -17.48
C GLY B 274 0.62 -25.96 -17.84
N ASN B 275 1.53 -25.85 -16.89
CA ASN B 275 2.92 -26.04 -17.26
C ASN B 275 3.18 -27.46 -17.71
N LEU B 276 2.75 -28.41 -16.90
CA LEU B 276 3.19 -29.76 -17.16
C LEU B 276 2.55 -30.28 -18.43
N GLN B 277 1.34 -29.84 -18.73
CA GLN B 277 0.87 -29.96 -20.09
C GLN B 277 1.93 -29.44 -21.01
N ASN B 278 2.12 -28.15 -20.88
CA ASN B 278 2.83 -27.36 -21.85
C ASN B 278 4.09 -28.07 -22.29
N ASP B 279 5.06 -28.20 -21.41
CA ASP B 279 6.32 -28.77 -21.85
C ASP B 279 6.15 -30.14 -22.46
N LEU B 280 5.18 -30.93 -22.03
CA LEU B 280 4.93 -32.18 -22.74
C LEU B 280 4.53 -31.90 -24.17
N ILE B 281 3.62 -30.97 -24.37
CA ILE B 281 3.12 -30.77 -25.71
C ILE B 281 4.23 -30.25 -26.59
N HIS B 282 5.10 -29.41 -26.04
CA HIS B 282 6.22 -28.96 -26.83
C HIS B 282 7.28 -30.02 -26.99
N LYS B 283 7.27 -31.06 -26.18
CA LYS B 283 8.19 -32.14 -26.47
C LYS B 283 7.66 -32.99 -27.60
N ILE B 284 6.39 -33.36 -27.51
CA ILE B 284 5.78 -34.13 -28.57
C ILE B 284 5.97 -33.43 -29.88
N GLN B 285 5.78 -32.12 -29.86
CA GLN B 285 5.98 -31.28 -31.02
C GLN B 285 7.25 -31.65 -31.74
N ASN B 286 8.29 -31.97 -30.99
CA ASN B 286 9.56 -32.24 -31.62
C ASN B 286 9.78 -33.70 -31.91
N ASP B 287 8.99 -34.60 -31.33
CA ASP B 287 9.27 -36.00 -31.55
C ASP B 287 9.15 -36.32 -33.03
N ASN B 288 10.22 -36.87 -33.58
CA ASN B 288 10.25 -37.11 -35.01
C ASN B 288 9.05 -37.93 -35.42
N ASN B 289 8.84 -39.04 -34.72
CA ASN B 289 7.78 -39.96 -35.12
C ASN B 289 6.51 -39.21 -35.40
N LEU B 290 6.22 -38.21 -34.59
CA LEU B 290 5.02 -37.44 -34.79
C LEU B 290 4.95 -36.84 -36.18
N LYS B 291 6.08 -36.57 -36.82
CA LYS B 291 5.87 -35.99 -38.12
C LYS B 291 5.34 -36.99 -39.11
N LYS B 292 5.38 -38.27 -38.79
CA LYS B 292 4.85 -39.26 -39.70
C LYS B 292 3.34 -39.28 -39.71
N LEU B 293 2.71 -38.91 -38.61
CA LEU B 293 1.28 -38.66 -38.61
C LEU B 293 1.02 -37.34 -39.31
N GLU B 294 -0.22 -37.12 -39.72
CA GLU B 294 -0.47 -35.86 -40.39
C GLU B 294 -1.64 -35.09 -39.82
N SER B 295 -2.83 -35.63 -40.01
CA SER B 295 -4.03 -34.94 -39.54
C SER B 295 -3.83 -34.43 -38.13
N GLN B 296 -3.17 -35.23 -37.30
CA GLN B 296 -2.84 -34.81 -35.97
C GLN B 296 -1.98 -33.55 -35.99
N GLU B 297 -1.10 -33.40 -36.97
CA GLU B 297 -0.18 -32.29 -36.93
C GLU B 297 -0.87 -30.97 -36.81
N SER B 298 -1.65 -30.61 -37.82
CA SER B 298 -2.23 -29.29 -37.75
C SER B 298 -2.98 -29.12 -36.44
N LEU B 299 -3.28 -30.21 -35.76
CA LEU B 299 -3.85 -30.10 -34.42
C LEU B 299 -2.78 -29.71 -33.41
N VAL B 300 -1.80 -30.58 -33.20
CA VAL B 300 -0.80 -30.28 -32.19
C VAL B 300 -0.16 -28.93 -32.47
N LYS B 301 0.46 -28.80 -33.63
CA LYS B 301 0.95 -27.50 -34.04
C LYS B 301 -0.12 -26.45 -33.97
N LEU B 302 -1.38 -26.84 -34.07
CA LEU B 302 -2.41 -25.83 -33.98
C LEU B 302 -2.52 -25.28 -32.57
N PHE B 303 -2.25 -26.09 -31.57
CA PHE B 303 -2.33 -25.48 -30.25
C PHE B 303 -1.02 -24.97 -29.71
N THR B 304 0.11 -25.28 -30.29
CA THR B 304 1.32 -24.72 -29.73
C THR B 304 1.65 -23.39 -30.35
N THR B 305 0.76 -22.86 -31.18
CA THR B 305 1.01 -21.65 -31.95
C THR B 305 0.00 -20.59 -31.56
N ASN B 306 0.45 -19.38 -31.30
CA ASN B 306 -0.46 -18.39 -30.73
C ASN B 306 -1.12 -17.62 -31.85
N GLU B 307 -2.37 -17.95 -32.10
CA GLU B 307 -3.24 -17.27 -33.05
C GLU B 307 -4.65 -17.63 -32.66
N LEU B 308 -5.61 -16.89 -33.15
CA LEU B 308 -6.95 -17.28 -32.80
C LEU B 308 -7.40 -18.42 -33.69
N MET B 309 -8.33 -19.20 -33.19
CA MET B 309 -8.87 -20.35 -33.88
C MET B 309 -10.35 -20.16 -34.04
N ARG B 310 -10.95 -20.98 -34.88
CA ARG B 310 -12.37 -20.85 -35.20
C ARG B 310 -13.05 -22.18 -34.97
N TRP B 311 -13.92 -22.23 -33.99
CA TRP B 311 -14.55 -23.51 -33.65
C TRP B 311 -15.21 -24.19 -34.84
N PRO B 312 -15.97 -23.50 -35.68
CA PRO B 312 -16.49 -24.18 -36.86
C PRO B 312 -15.41 -24.84 -37.66
N ILE B 313 -14.35 -24.10 -37.96
CA ILE B 313 -13.41 -24.62 -38.95
C ILE B 313 -12.63 -25.76 -38.35
N VAL B 314 -12.27 -25.64 -37.08
CA VAL B 314 -11.68 -26.77 -36.38
C VAL B 314 -12.57 -27.98 -36.53
N GLN B 315 -13.86 -27.79 -36.30
CA GLN B 315 -14.79 -28.91 -36.31
C GLN B 315 -14.87 -29.54 -37.68
N LYS B 316 -15.01 -28.72 -38.71
CA LYS B 316 -15.01 -29.23 -40.07
C LYS B 316 -13.79 -30.11 -40.28
N THR B 317 -12.62 -29.54 -40.02
CA THR B 317 -11.40 -30.20 -40.41
C THR B 317 -11.20 -31.50 -39.66
N TYR B 318 -11.18 -31.45 -38.34
CA TYR B 318 -10.75 -32.67 -37.68
C TYR B 318 -11.89 -33.59 -37.34
N GLU B 319 -13.13 -33.13 -37.50
CA GLU B 319 -14.26 -34.00 -37.23
C GLU B 319 -14.09 -35.41 -37.78
N PRO B 320 -13.79 -35.62 -39.06
CA PRO B 320 -13.71 -36.99 -39.54
C PRO B 320 -12.63 -37.78 -38.85
N VAL B 321 -11.42 -37.25 -38.84
CA VAL B 321 -10.30 -38.00 -38.29
C VAL B 321 -10.58 -38.39 -36.87
N LEU B 322 -10.96 -37.41 -36.06
CA LEU B 322 -11.27 -37.68 -34.68
C LEU B 322 -12.34 -38.76 -34.59
N ASN B 323 -13.56 -38.42 -35.01
CA ASN B 323 -14.68 -39.30 -34.72
C ASN B 323 -14.43 -40.71 -35.18
N GLU B 324 -13.66 -40.89 -36.25
CA GLU B 324 -13.31 -42.26 -36.61
C GLU B 324 -12.59 -42.97 -35.48
N ASP B 325 -11.89 -42.24 -34.63
CA ASP B 325 -11.21 -42.93 -33.53
C ASP B 325 -12.22 -43.37 -32.49
N ASP B 326 -11.80 -44.31 -31.66
CA ASP B 326 -12.64 -44.93 -30.64
C ASP B 326 -12.45 -44.32 -29.26
N LEU B 327 -11.25 -44.45 -28.71
CA LEU B 327 -10.99 -44.07 -27.34
C LEU B 327 -11.33 -42.60 -27.13
N ALA B 328 -10.53 -41.73 -27.73
CA ALA B 328 -10.60 -40.31 -27.46
C ALA B 328 -11.96 -39.70 -27.76
N PHE B 329 -12.32 -39.58 -29.02
CA PHE B 329 -13.62 -39.06 -29.38
C PHE B 329 -14.36 -40.23 -30.01
N GLY B 330 -15.29 -40.80 -29.26
CA GLY B 330 -15.82 -42.10 -29.56
C GLY B 330 -17.26 -42.07 -30.02
N GLY B 331 -17.89 -43.24 -29.94
CA GLY B 331 -19.24 -43.41 -30.43
C GLY B 331 -20.23 -42.60 -29.65
N GLU B 332 -20.33 -42.81 -28.35
CA GLU B 332 -21.33 -42.01 -27.66
C GLU B 332 -20.85 -41.38 -26.37
N ALA B 333 -20.57 -42.17 -25.34
CA ALA B 333 -20.14 -41.58 -24.08
C ALA B 333 -18.96 -40.65 -24.28
N ASN B 334 -18.03 -41.05 -25.13
CA ASN B 334 -16.88 -40.22 -25.39
C ASN B 334 -17.25 -38.90 -26.01
N LYS B 335 -18.49 -38.74 -26.45
CA LYS B 335 -18.92 -37.44 -26.91
C LYS B 335 -18.66 -36.36 -25.88
N HIS B 336 -18.62 -36.72 -24.60
CA HIS B 336 -18.34 -35.71 -23.60
C HIS B 336 -16.98 -35.08 -23.85
N HIS B 337 -15.98 -35.88 -24.19
CA HIS B 337 -14.74 -35.32 -24.68
C HIS B 337 -15.02 -34.29 -25.73
N TRP B 338 -15.62 -34.72 -26.82
CA TRP B 338 -15.87 -33.83 -27.93
C TRP B 338 -16.60 -32.59 -27.49
N GLU B 339 -17.29 -32.67 -26.37
CA GLU B 339 -17.90 -31.50 -25.77
C GLU B 339 -16.84 -30.48 -25.41
N ASP B 340 -16.10 -30.81 -24.38
CA ASP B 340 -15.27 -29.82 -23.72
C ASP B 340 -14.07 -29.41 -24.54
N LEU B 341 -13.80 -30.09 -25.64
CA LEU B 341 -12.78 -29.54 -26.50
C LEU B 341 -13.14 -28.11 -26.82
N GLN B 342 -14.42 -27.86 -27.06
CA GLN B 342 -14.87 -26.49 -27.18
C GLN B 342 -14.36 -25.63 -26.04
N LYS B 343 -14.51 -26.07 -24.80
CA LYS B 343 -13.88 -25.38 -23.70
C LYS B 343 -12.44 -25.07 -24.01
N ARG B 344 -11.61 -26.10 -24.16
CA ARG B 344 -10.19 -25.84 -24.37
C ARG B 344 -9.93 -24.88 -25.49
N VAL B 345 -10.88 -24.71 -26.37
CA VAL B 345 -10.62 -23.83 -27.48
C VAL B 345 -10.70 -22.40 -27.02
N ILE B 346 -11.75 -22.02 -26.32
CA ILE B 346 -11.90 -20.61 -26.06
C ILE B 346 -10.94 -20.16 -24.98
N GLU B 347 -10.81 -20.93 -23.93
CA GLU B 347 -9.78 -20.64 -22.96
C GLU B 347 -8.42 -20.77 -23.61
N HIS B 348 -8.39 -21.15 -24.87
CA HIS B 348 -7.21 -20.90 -25.68
C HIS B 348 -7.22 -19.49 -26.26
N ASN B 349 -8.17 -19.20 -27.14
CA ASN B 349 -8.20 -17.87 -27.74
C ASN B 349 -8.12 -16.82 -26.68
N LEU B 350 -8.85 -17.01 -25.61
CA LEU B 350 -8.80 -16.04 -24.54
C LEU B 350 -7.39 -15.92 -24.01
N ARG B 351 -6.79 -17.04 -23.63
CA ARG B 351 -5.42 -17.00 -23.14
C ARG B 351 -4.52 -16.30 -24.11
N VAL B 352 -4.87 -16.31 -25.38
CA VAL B 352 -4.04 -15.66 -26.38
C VAL B 352 -4.33 -14.18 -26.49
N ILE B 353 -5.59 -13.78 -26.43
CA ILE B 353 -5.86 -12.38 -26.61
C ILE B 353 -5.20 -11.57 -25.52
N SER B 354 -5.18 -12.11 -24.31
CA SER B 354 -4.47 -11.43 -23.25
C SER B 354 -3.05 -11.13 -23.65
N GLU B 355 -2.46 -11.97 -24.48
CA GLU B 355 -1.09 -11.75 -24.89
C GLU B 355 -0.93 -10.59 -25.84
N TYR B 356 -1.97 -10.19 -26.55
CA TYR B 356 -1.76 -9.11 -27.46
C TYR B 356 -2.53 -7.89 -27.02
N TYR B 357 -3.82 -7.91 -27.25
CA TYR B 357 -4.66 -6.78 -26.96
C TYR B 357 -4.38 -6.25 -25.58
N SER B 358 -4.13 -4.97 -25.47
CA SER B 358 -3.96 -4.42 -24.14
C SER B 358 -5.30 -4.09 -23.53
N ARG B 359 -6.24 -3.61 -24.33
CA ARG B 359 -7.55 -3.24 -23.85
C ARG B 359 -8.57 -3.57 -24.92
N ILE B 360 -9.66 -4.25 -24.58
CA ILE B 360 -10.57 -4.62 -25.64
C ILE B 360 -12.01 -4.59 -25.15
N THR B 361 -12.92 -4.20 -26.03
CA THR B 361 -14.29 -3.93 -25.65
C THR B 361 -15.09 -5.20 -25.63
N LEU B 362 -15.86 -5.40 -24.56
CA LEU B 362 -16.47 -6.71 -24.34
C LEU B 362 -17.15 -7.23 -25.56
N LEU B 363 -17.80 -6.36 -26.32
CA LEU B 363 -18.43 -6.84 -27.53
C LEU B 363 -17.43 -7.57 -28.41
N ARG B 364 -16.45 -6.83 -28.92
CA ARG B 364 -15.51 -7.44 -29.85
C ARG B 364 -14.94 -8.72 -29.31
N LEU B 365 -14.64 -8.73 -28.02
CA LEU B 365 -14.17 -9.95 -27.41
C LEU B 365 -15.20 -11.05 -27.53
N ASN B 366 -16.48 -10.70 -27.45
CA ASN B 366 -17.49 -11.73 -27.65
C ASN B 366 -17.44 -12.27 -29.07
N GLU B 367 -17.32 -11.39 -30.05
CA GLU B 367 -17.22 -11.89 -31.41
C GLU B 367 -16.06 -12.85 -31.53
N LEU B 368 -14.86 -12.38 -31.21
CA LEU B 368 -13.67 -13.21 -31.37
C LEU B 368 -13.84 -14.54 -30.69
N LEU B 369 -14.42 -14.53 -29.50
CA LEU B 369 -14.67 -15.81 -28.89
C LEU B 369 -15.93 -16.46 -29.39
N ASP B 370 -16.85 -15.67 -29.95
CA ASP B 370 -18.14 -16.21 -30.37
C ASP B 370 -18.85 -16.86 -29.17
N LEU B 371 -19.34 -15.97 -28.31
CA LEU B 371 -20.06 -16.40 -27.14
C LEU B 371 -21.09 -15.35 -26.80
N THR B 372 -22.05 -15.74 -25.96
CA THR B 372 -22.82 -14.73 -25.28
C THR B 372 -22.00 -14.13 -24.17
N GLU B 373 -22.40 -12.95 -23.74
CA GLU B 373 -21.63 -12.17 -22.80
C GLU B 373 -21.38 -12.90 -21.48
N SER B 374 -22.45 -13.14 -20.74
CA SER B 374 -22.31 -13.78 -19.43
C SER B 374 -21.41 -14.99 -19.49
N GLN B 375 -21.51 -15.76 -20.56
CA GLN B 375 -20.50 -16.77 -20.79
C GLN B 375 -19.12 -16.16 -20.69
N THR B 376 -18.85 -15.13 -21.48
CA THR B 376 -17.51 -14.57 -21.47
C THR B 376 -17.07 -14.33 -20.04
N GLU B 377 -17.73 -13.39 -19.38
CA GLU B 377 -17.27 -13.02 -18.06
C GLU B 377 -17.20 -14.22 -17.13
N THR B 378 -17.92 -15.28 -17.44
CA THR B 378 -17.70 -16.51 -16.71
C THR B 378 -16.33 -17.09 -17.02
N TYR B 379 -15.96 -17.13 -18.30
CA TYR B 379 -14.64 -17.66 -18.62
C TYR B 379 -13.54 -16.78 -18.09
N ILE B 380 -13.63 -15.48 -18.31
CA ILE B 380 -12.63 -14.62 -17.72
C ILE B 380 -12.50 -14.90 -16.24
N SER B 381 -13.64 -14.98 -15.55
CA SER B 381 -13.60 -15.32 -14.14
C SER B 381 -12.80 -16.57 -13.91
N ASP B 382 -13.01 -17.59 -14.72
CA ASP B 382 -12.34 -18.86 -14.50
C ASP B 382 -10.85 -18.71 -14.69
N LEU B 383 -10.43 -18.23 -15.85
CA LEU B 383 -9.01 -18.10 -16.12
C LEU B 383 -8.31 -17.28 -15.06
N VAL B 384 -8.93 -16.20 -14.61
CA VAL B 384 -8.21 -15.34 -13.68
C VAL B 384 -8.13 -16.00 -12.32
N ASN B 385 -9.20 -16.65 -11.89
CA ASN B 385 -9.08 -17.44 -10.67
C ASN B 385 -7.95 -18.43 -10.79
N GLN B 386 -7.73 -18.97 -11.98
CA GLN B 386 -6.64 -19.89 -12.19
C GLN B 386 -5.30 -19.20 -12.16
N GLY B 387 -5.29 -17.89 -12.14
CA GLY B 387 -4.01 -17.26 -12.26
C GLY B 387 -3.39 -17.36 -13.64
N ILE B 388 -4.14 -17.78 -14.65
CA ILE B 388 -3.54 -17.96 -15.96
C ILE B 388 -3.33 -16.63 -16.64
N ILE B 389 -4.36 -15.81 -16.73
CA ILE B 389 -4.21 -14.55 -17.43
C ILE B 389 -4.32 -13.47 -16.39
N TYR B 390 -4.29 -12.22 -16.81
CA TYR B 390 -4.61 -11.13 -15.92
C TYR B 390 -5.47 -10.15 -16.67
N ALA B 391 -6.69 -9.95 -16.21
CA ALA B 391 -7.63 -9.11 -16.91
C ALA B 391 -8.43 -8.32 -15.89
N LYS B 392 -9.08 -7.27 -16.36
CA LYS B 392 -9.94 -6.48 -15.49
C LYS B 392 -11.15 -6.04 -16.28
N VAL B 393 -12.26 -6.28 -15.78
CA VAL B 393 -13.48 -5.98 -16.51
C VAL B 393 -14.06 -4.70 -15.96
N ASN B 394 -14.72 -3.93 -16.81
CA ASN B 394 -15.67 -2.93 -16.33
C ASN B 394 -17.07 -3.43 -16.64
N ARG B 395 -17.74 -3.98 -15.65
CA ARG B 395 -19.05 -4.52 -15.98
C ARG B 395 -19.98 -3.39 -16.41
N PRO B 396 -19.74 -2.12 -16.06
CA PRO B 396 -20.37 -1.05 -16.82
C PRO B 396 -20.35 -1.28 -18.32
N ALA B 397 -19.83 -2.45 -18.70
CA ALA B 397 -20.20 -3.15 -19.93
C ALA B 397 -19.43 -2.60 -21.09
N LYS B 398 -18.17 -2.39 -20.83
CA LYS B 398 -17.36 -1.84 -21.87
C LYS B 398 -16.16 -2.74 -22.12
N ILE B 399 -15.17 -2.62 -21.28
CA ILE B 399 -13.82 -2.93 -21.72
C ILE B 399 -13.18 -3.83 -20.70
N VAL B 400 -12.24 -4.62 -21.18
CA VAL B 400 -11.40 -5.44 -20.35
C VAL B 400 -9.97 -5.23 -20.80
N ASN B 401 -9.10 -4.81 -19.90
CA ASN B 401 -7.71 -4.57 -20.24
C ASN B 401 -6.80 -5.55 -19.55
N PHE B 402 -5.87 -6.11 -20.31
CA PHE B 402 -5.17 -7.32 -19.93
C PHE B 402 -3.76 -7.12 -19.42
N GLU B 403 -3.25 -5.91 -19.30
CA GLU B 403 -1.85 -5.71 -18.98
C GLU B 403 -1.67 -5.51 -17.49
N LYS B 404 -0.65 -6.11 -16.94
CA LYS B 404 -0.40 -5.95 -15.53
C LYS B 404 0.13 -4.54 -15.30
N PRO B 405 -0.58 -3.68 -14.60
CA PRO B 405 -0.12 -2.31 -14.48
C PRO B 405 1.20 -2.28 -13.75
N LYS B 406 2.19 -1.64 -14.35
CA LYS B 406 3.50 -1.56 -13.74
C LYS B 406 3.55 -0.37 -12.83
N ASN B 407 4.28 -0.54 -11.74
CA ASN B 407 4.57 0.58 -10.86
C ASN B 407 5.42 1.57 -11.62
N SER B 408 4.97 2.82 -11.71
CA SER B 408 5.58 3.74 -12.66
C SER B 408 7.09 3.80 -12.48
N SER B 409 7.58 3.57 -11.28
CA SER B 409 8.98 3.23 -11.11
C SER B 409 9.37 2.17 -12.13
N GLN B 410 8.82 0.98 -11.99
CA GLN B 410 9.21 -0.12 -12.85
C GLN B 410 9.25 0.28 -14.31
N LEU B 411 8.27 1.06 -14.74
CA LEU B 411 8.33 1.64 -16.08
C LEU B 411 9.60 2.46 -16.25
N LEU B 412 9.93 3.26 -15.26
CA LEU B 412 11.10 4.08 -15.41
C LEU B 412 12.33 3.21 -15.59
N ASN B 413 12.62 2.34 -14.62
CA ASN B 413 13.80 1.50 -14.75
C ASN B 413 13.83 0.81 -16.10
N GLU B 414 12.67 0.46 -16.61
CA GLU B 414 12.67 -0.01 -17.98
C GLU B 414 13.34 1.01 -18.86
N TRP B 415 12.73 2.16 -19.00
CA TRP B 415 13.26 3.12 -19.95
C TRP B 415 14.67 3.55 -19.63
N SER B 416 15.11 3.42 -18.40
CA SER B 416 16.51 3.51 -18.12
C SER B 416 17.26 2.55 -19.00
N HIS B 417 17.14 1.26 -18.70
CA HIS B 417 18.01 0.32 -19.38
C HIS B 417 17.91 0.45 -20.87
N ASN B 418 16.73 0.77 -21.39
CA ASN B 418 16.68 1.04 -22.81
C ASN B 418 17.67 2.13 -23.18
N VAL B 419 17.53 3.30 -22.56
CA VAL B 419 18.44 4.40 -22.88
C VAL B 419 19.88 3.92 -22.81
N ASP B 420 20.21 3.24 -21.73
CA ASP B 420 21.58 2.81 -21.66
C ASP B 420 22.02 1.98 -22.84
N GLU B 421 21.43 0.81 -23.02
CA GLU B 421 21.88 -0.08 -24.08
C GLU B 421 21.92 0.65 -25.41
N LEU B 422 21.06 1.64 -25.58
CA LEU B 422 21.20 2.54 -26.73
C LEU B 422 22.62 3.05 -26.74
N LEU B 423 22.97 3.81 -25.70
CA LEU B 423 24.28 4.43 -25.70
C LEU B 423 25.38 3.42 -25.97
N GLU B 424 25.33 2.29 -25.30
CA GLU B 424 26.37 1.32 -25.55
C GLU B 424 26.47 0.98 -27.03
N HIS B 425 25.33 0.86 -27.70
CA HIS B 425 25.38 0.57 -29.12
C HIS B 425 26.04 1.68 -29.89
N ILE B 426 25.60 2.92 -29.71
CA ILE B 426 26.22 3.96 -30.54
C ILE B 426 27.71 4.01 -30.30
N GLU B 427 28.14 3.64 -29.09
CA GLU B 427 29.58 3.54 -28.86
C GLU B 427 30.20 2.53 -29.82
N THR B 428 29.71 1.30 -29.78
CA THR B 428 30.26 0.29 -30.66
C THR B 428 30.24 0.77 -32.09
N ILE B 429 29.13 1.35 -32.52
CA ILE B 429 29.06 1.88 -33.87
C ILE B 429 30.19 2.85 -34.10
N GLY B 430 30.58 3.57 -33.06
CA GLY B 430 31.75 4.41 -33.21
C GLY B 430 32.93 3.56 -33.57
N HIS B 431 33.29 2.60 -32.74
CA HIS B 431 34.54 1.90 -33.01
C HIS B 431 34.48 1.19 -34.35
N LEU B 432 33.49 0.35 -34.52
CA LEU B 432 33.39 -0.34 -35.79
C LEU B 432 33.23 0.61 -36.94
N ILE B 433 32.96 1.89 -36.70
CA ILE B 433 32.90 2.81 -37.80
C ILE B 433 34.22 3.51 -38.02
N THR B 434 35.13 3.40 -37.08
CA THR B 434 36.51 3.78 -37.37
C THR B 434 37.25 2.66 -38.06
N LYS B 435 37.06 1.43 -37.60
CA LYS B 435 37.88 0.33 -38.07
C LYS B 435 37.90 0.23 -39.59
N GLU B 436 36.73 0.15 -40.19
CA GLU B 436 36.68 -0.01 -41.63
C GLU B 436 37.13 1.25 -42.34
N GLU B 437 37.17 2.37 -41.64
CA GLU B 437 37.86 3.52 -42.18
C GLU B 437 39.34 3.21 -42.30
N ILE B 438 39.91 2.62 -41.27
CA ILE B 438 41.27 2.10 -41.37
C ILE B 438 41.39 1.16 -42.55
N MET B 439 40.41 0.29 -42.75
CA MET B 439 40.40 -0.51 -43.98
C MET B 439 40.60 0.40 -45.19
N HIS B 440 39.95 1.55 -45.19
CA HIS B 440 39.87 2.33 -46.41
C HIS B 440 39.31 3.72 -46.21
N GLN C 54 -39.84 -55.56 58.67
CA GLN C 54 -41.17 -55.23 58.17
C GLN C 54 -41.14 -53.93 57.38
N GLU C 55 -39.95 -53.33 57.32
CA GLU C 55 -39.75 -52.09 56.58
C GLU C 55 -39.41 -52.33 55.12
N THR C 56 -39.14 -53.58 54.74
CA THR C 56 -38.53 -53.86 53.43
C THR C 56 -39.48 -53.49 52.29
N SER C 57 -40.70 -54.03 52.30
CA SER C 57 -41.69 -53.61 51.31
C SER C 57 -42.06 -52.14 51.48
N ILE C 58 -41.72 -51.55 52.63
CA ILE C 58 -41.91 -50.12 52.81
C ILE C 58 -40.91 -49.34 51.96
N LEU C 59 -39.72 -49.90 51.74
CA LEU C 59 -38.83 -49.39 50.70
C LEU C 59 -39.49 -49.41 49.34
N GLU C 60 -40.49 -50.28 49.15
CA GLU C 60 -41.35 -50.23 47.97
C GLU C 60 -41.88 -48.81 47.75
N LEU C 61 -42.30 -48.14 48.82
CA LEU C 61 -42.80 -46.77 48.70
C LEU C 61 -41.76 -45.87 48.04
N GLY C 62 -40.49 -46.10 48.32
CA GLY C 62 -39.44 -45.30 47.71
C GLY C 62 -39.50 -45.34 46.18
N GLN C 63 -39.82 -46.50 45.63
CA GLN C 63 -40.12 -46.58 44.21
C GLN C 63 -41.57 -46.21 43.92
N LEU C 64 -42.49 -46.53 44.83
CA LEU C 64 -43.90 -46.71 44.47
C LEU C 64 -44.54 -45.43 43.93
N TYR C 65 -44.12 -44.27 44.42
CA TYR C 65 -44.73 -43.04 43.93
C TYR C 65 -43.96 -42.39 42.79
N VAL C 66 -42.77 -42.88 42.47
CA VAL C 66 -41.95 -42.27 41.43
C VAL C 66 -42.58 -42.42 40.06
N THR C 67 -43.48 -43.38 39.88
CA THR C 67 -44.18 -43.48 38.60
C THR C 67 -45.18 -42.35 38.43
N MET C 68 -45.67 -41.78 39.54
CA MET C 68 -46.68 -40.74 39.45
C MET C 68 -46.15 -39.51 38.72
N GLY C 69 -45.08 -38.93 39.24
CA GLY C 69 -44.50 -37.74 38.65
C GLY C 69 -44.90 -36.44 39.30
N ALA C 70 -46.03 -36.42 40.01
CA ALA C 70 -46.51 -35.18 40.62
C ALA C 70 -45.45 -34.63 41.58
N LYS C 71 -45.07 -33.38 41.37
CA LYS C 71 -43.89 -32.84 42.06
C LYS C 71 -44.16 -32.66 43.55
N ASP C 72 -45.35 -32.17 43.91
CA ASP C 72 -45.57 -31.65 45.26
C ASP C 72 -45.39 -32.73 46.32
N LYS C 73 -45.87 -33.94 46.06
CA LYS C 73 -45.56 -35.05 46.96
C LYS C 73 -44.16 -35.59 46.70
N LEU C 74 -43.80 -35.82 45.44
CA LEU C 74 -42.42 -36.20 45.15
C LEU C 74 -41.42 -35.16 45.63
N ARG C 75 -41.86 -33.91 45.81
CA ARG C 75 -41.06 -32.91 46.49
C ARG C 75 -40.74 -33.36 47.91
N GLU C 76 -41.77 -33.47 48.73
CA GLU C 76 -41.59 -33.68 50.16
C GLU C 76 -41.39 -35.12 50.54
N PHE C 77 -41.28 -36.04 49.59
CA PHE C 77 -40.82 -37.39 49.91
C PHE C 77 -39.38 -37.39 50.39
N ILE C 78 -38.60 -36.36 50.06
CA ILE C 78 -37.21 -36.27 50.51
C ILE C 78 -37.18 -36.02 52.01
N PRO C 79 -37.93 -35.04 52.54
CA PRO C 79 -38.13 -35.03 54.00
C PRO C 79 -38.97 -36.19 54.47
N HIS C 80 -39.92 -36.64 53.67
CA HIS C 80 -40.61 -37.88 54.01
C HIS C 80 -39.71 -39.09 53.83
N SER C 81 -38.46 -38.93 53.38
CA SER C 81 -37.49 -39.96 53.67
C SER C 81 -37.11 -39.95 55.14
N THR C 82 -37.19 -38.78 55.79
CA THR C 82 -36.92 -38.67 57.22
C THR C 82 -38.13 -39.02 58.08
N GLU C 83 -39.33 -38.55 57.70
CA GLU C 83 -40.54 -39.00 58.36
C GLU C 83 -40.81 -40.46 58.02
N TYR C 84 -40.58 -40.82 56.77
CA TYR C 84 -40.43 -42.22 56.39
C TYR C 84 -39.51 -42.89 57.41
N MET C 85 -38.36 -42.27 57.67
CA MET C 85 -37.37 -42.87 58.57
C MET C 85 -37.93 -43.01 59.98
N MET C 86 -38.84 -42.14 60.40
CA MET C 86 -39.45 -42.36 61.71
C MET C 86 -40.38 -43.57 61.67
N GLN C 87 -41.08 -43.77 60.56
CA GLN C 87 -41.85 -45.01 60.45
C GLN C 87 -41.09 -46.13 59.74
N PHE C 88 -39.96 -45.83 59.10
CA PHE C 88 -39.13 -46.88 58.49
C PHE C 88 -38.22 -47.55 59.50
N ALA C 89 -37.73 -46.79 60.48
CA ALA C 89 -36.93 -47.30 61.59
C ALA C 89 -35.64 -47.96 61.09
N LYS C 90 -34.73 -47.11 60.64
CA LYS C 90 -33.38 -47.51 60.25
C LYS C 90 -32.65 -46.25 59.82
N SER C 91 -31.32 -46.28 59.89
CA SER C 91 -30.51 -45.11 59.57
C SER C 91 -29.98 -45.13 58.14
N LYS C 92 -30.22 -46.19 57.39
CA LYS C 92 -29.71 -46.26 56.02
C LYS C 92 -30.48 -45.34 55.09
N THR C 93 -31.70 -44.93 55.45
CA THR C 93 -32.55 -44.21 54.51
C THR C 93 -31.84 -43.00 53.93
N VAL C 94 -31.13 -42.25 54.79
CA VAL C 94 -30.40 -41.08 54.32
C VAL C 94 -29.53 -41.44 53.12
N LYS C 95 -28.73 -42.49 53.26
CA LYS C 95 -27.89 -42.95 52.15
C LYS C 95 -28.75 -43.38 50.98
N VAL C 96 -29.78 -44.18 51.24
CA VAL C 96 -30.74 -44.53 50.19
C VAL C 96 -31.38 -43.28 49.62
N LEU C 97 -31.63 -42.29 50.48
CA LEU C 97 -32.15 -41.01 50.01
C LEU C 97 -31.35 -40.49 48.85
N LYS C 98 -30.02 -40.65 48.91
CA LYS C 98 -29.14 -40.23 47.82
C LYS C 98 -29.65 -40.75 46.49
N THR C 99 -29.79 -42.07 46.39
CA THR C 99 -30.35 -42.66 45.17
C THR C 99 -31.78 -42.20 44.97
N LEU C 100 -32.56 -42.22 46.05
CA LEU C 100 -33.91 -41.65 46.00
C LEU C 100 -33.86 -40.23 45.46
N ILE C 101 -32.85 -39.45 45.87
CA ILE C 101 -32.66 -38.11 45.31
C ILE C 101 -32.57 -38.20 43.81
N GLU C 102 -31.62 -38.99 43.31
CA GLU C 102 -31.52 -39.19 41.87
C GLU C 102 -32.77 -39.86 41.31
N LYS C 103 -33.48 -40.63 42.13
CA LYS C 103 -34.72 -41.22 41.67
C LYS C 103 -35.78 -40.15 41.42
N PHE C 104 -35.74 -39.04 42.15
CA PHE C 104 -36.53 -37.86 41.78
C PHE C 104 -35.77 -36.90 40.89
N GLU C 105 -34.48 -37.11 40.70
CA GLU C 105 -33.63 -36.16 40.00
C GLU C 105 -33.57 -36.42 38.51
N GLN C 106 -34.15 -37.52 38.04
CA GLN C 106 -34.39 -37.73 36.60
C GLN C 106 -35.76 -37.27 36.15
N VAL C 107 -36.62 -36.83 37.06
CA VAL C 107 -37.85 -36.14 36.68
C VAL C 107 -37.42 -34.99 35.79
N PRO C 108 -38.23 -34.56 34.82
CA PRO C 108 -37.91 -33.34 34.09
C PRO C 108 -37.52 -32.20 35.01
N ASP C 109 -36.58 -31.39 34.54
CA ASP C 109 -35.68 -30.66 35.41
C ASP C 109 -36.37 -29.63 36.29
N SER C 110 -37.57 -29.19 35.93
CA SER C 110 -38.25 -28.15 36.70
C SER C 110 -38.35 -28.52 38.18
N LEU C 111 -38.40 -29.82 38.48
CA LEU C 111 -38.35 -30.28 39.87
C LEU C 111 -36.93 -30.30 40.41
N ASP C 112 -35.97 -30.71 39.59
CA ASP C 112 -34.70 -31.23 40.09
C ASP C 112 -33.87 -30.16 40.81
N ASP C 113 -33.54 -29.08 40.11
CA ASP C 113 -32.34 -28.32 40.41
C ASP C 113 -32.53 -27.25 41.49
N GLN C 114 -33.74 -27.03 41.97
CA GLN C 114 -33.95 -26.03 43.00
C GLN C 114 -33.22 -26.42 44.28
N ILE C 115 -32.93 -25.42 45.12
CA ILE C 115 -31.91 -25.59 46.15
C ILE C 115 -32.40 -26.52 47.26
N PHE C 116 -33.67 -26.38 47.65
CA PHE C 116 -34.15 -26.97 48.90
C PHE C 116 -34.11 -28.49 48.91
N VAL C 117 -34.16 -29.13 47.74
CA VAL C 117 -33.88 -30.57 47.67
C VAL C 117 -32.60 -30.87 48.42
N CYS C 118 -31.49 -30.27 47.97
CA CYS C 118 -30.24 -30.38 48.68
C CYS C 118 -30.32 -29.77 50.08
N GLU C 119 -31.15 -28.74 50.28
CA GLU C 119 -31.16 -28.10 51.59
C GLU C 119 -31.60 -29.06 52.68
N LYS C 120 -32.57 -29.93 52.39
CA LYS C 120 -32.92 -30.96 53.35
C LYS C 120 -31.70 -31.81 53.70
N SER C 121 -30.79 -32.00 52.74
CA SER C 121 -29.51 -32.62 53.00
C SER C 121 -28.58 -31.70 53.78
N ILE C 122 -28.80 -30.40 53.72
CA ILE C 122 -27.94 -29.46 54.44
C ILE C 122 -28.28 -29.50 55.92
N GLU C 123 -29.51 -29.15 56.27
CA GLU C 123 -29.94 -29.27 57.66
C GLU C 123 -29.83 -30.71 58.15
N PHE C 124 -30.53 -31.63 57.50
CA PHE C 124 -30.65 -32.98 58.02
C PHE C 124 -29.37 -33.80 57.79
N ALA C 125 -28.87 -33.81 56.54
CA ALA C 125 -27.64 -34.55 56.30
C ALA C 125 -26.41 -33.85 56.85
N LYS C 126 -26.55 -32.60 57.29
CA LYS C 126 -25.53 -32.01 58.15
C LYS C 126 -25.73 -32.41 59.60
N ARG C 127 -26.94 -32.82 59.96
CA ARG C 127 -27.17 -33.37 61.30
C ARG C 127 -26.66 -34.80 61.42
N GLU C 128 -27.34 -35.73 60.74
CA GLU C 128 -27.16 -37.16 61.03
C GLU C 128 -25.75 -37.60 60.72
N LYS C 129 -25.31 -37.43 59.48
CA LYS C 129 -23.99 -37.89 59.09
C LYS C 129 -23.05 -36.68 59.02
N ARG C 130 -21.78 -36.94 58.80
CA ARG C 130 -20.76 -35.91 58.64
C ARG C 130 -21.06 -35.17 57.34
N VAL C 131 -20.42 -34.01 57.20
CA VAL C 131 -20.63 -33.13 56.06
C VAL C 131 -20.46 -33.88 54.74
N PHE C 132 -19.87 -35.08 54.76
CA PHE C 132 -19.64 -35.79 53.50
C PHE C 132 -20.91 -35.84 52.66
N LEU C 133 -22.05 -36.15 53.28
CA LEU C 133 -23.30 -36.10 52.54
C LEU C 133 -23.68 -34.66 52.19
N LYS C 134 -23.57 -33.74 53.14
CA LYS C 134 -24.01 -32.38 52.85
C LYS C 134 -23.30 -31.82 51.64
N HIS C 135 -21.97 -31.75 51.69
CA HIS C 135 -21.22 -31.10 50.62
C HIS C 135 -21.13 -31.98 49.39
N SER C 136 -21.23 -33.30 49.56
CA SER C 136 -21.39 -34.14 48.39
C SER C 136 -22.60 -33.68 47.60
N LEU C 137 -23.75 -33.56 48.27
CA LEU C 137 -24.93 -33.01 47.62
C LEU C 137 -24.83 -31.51 47.38
N SER C 138 -23.77 -30.86 47.87
CA SER C 138 -23.49 -29.52 47.38
C SER C 138 -22.89 -29.58 45.99
N ILE C 139 -22.01 -30.56 45.74
CA ILE C 139 -21.58 -30.82 44.38
C ILE C 139 -22.77 -31.20 43.52
N LYS C 140 -23.61 -32.10 44.03
CA LYS C 140 -24.73 -32.58 43.23
C LYS C 140 -25.67 -31.43 42.89
N LEU C 141 -26.12 -30.72 43.91
CA LEU C 141 -27.05 -29.62 43.69
C LEU C 141 -26.42 -28.55 42.83
N ALA C 142 -25.26 -28.04 43.24
CA ALA C 142 -24.58 -27.00 42.48
C ALA C 142 -24.46 -27.40 41.02
N THR C 143 -24.03 -28.63 40.77
CA THR C 143 -24.12 -29.21 39.44
C THR C 143 -25.50 -28.99 38.85
N LEU C 144 -26.54 -29.17 39.66
CA LEU C 144 -27.88 -28.94 39.14
C LEU C 144 -28.12 -27.46 38.83
N HIS C 145 -27.38 -26.57 39.50
CA HIS C 145 -27.58 -25.16 39.20
C HIS C 145 -26.85 -24.75 37.92
N TYR C 146 -25.66 -25.28 37.68
CA TYR C 146 -25.14 -25.16 36.33
C TYR C 146 -26.08 -25.79 35.33
N GLN C 147 -26.82 -26.81 35.76
CA GLN C 147 -27.89 -27.35 34.93
C GLN C 147 -29.11 -26.44 34.89
N LYS C 148 -29.24 -25.52 35.85
CA LYS C 148 -30.28 -24.51 35.74
C LYS C 148 -30.03 -23.53 34.61
N LYS C 149 -28.77 -23.35 34.21
CA LYS C 149 -28.29 -22.21 33.43
C LYS C 149 -28.33 -20.96 34.31
N GLN C 150 -28.92 -21.07 35.51
CA GLN C 150 -28.63 -20.10 36.55
C GLN C 150 -27.26 -20.45 37.10
N TYR C 151 -26.28 -19.61 36.82
CA TYR C 151 -24.91 -19.91 37.20
C TYR C 151 -24.56 -19.31 38.53
N LYS C 152 -25.43 -18.44 39.04
CA LYS C 152 -25.15 -17.69 40.26
C LYS C 152 -25.38 -18.51 41.51
N ASP C 153 -26.33 -19.44 41.49
CA ASP C 153 -26.46 -20.38 42.59
C ASP C 153 -25.14 -21.12 42.73
N SER C 154 -24.86 -22.01 41.79
CA SER C 154 -23.60 -22.74 41.79
C SER C 154 -22.38 -21.82 41.67
N LEU C 155 -22.57 -20.54 41.33
CA LEU C 155 -21.48 -19.60 41.48
C LEU C 155 -21.04 -19.60 42.92
N ALA C 156 -21.91 -19.15 43.83
CA ALA C 156 -21.53 -19.03 45.22
C ALA C 156 -21.41 -20.40 45.88
N LEU C 157 -22.25 -21.35 45.47
CA LEU C 157 -22.16 -22.72 45.97
C LEU C 157 -20.78 -23.30 45.70
N ILE C 158 -20.36 -23.29 44.44
CA ILE C 158 -19.06 -23.83 44.08
C ILE C 158 -17.94 -23.01 44.70
N ASN C 159 -18.02 -21.70 44.56
CA ASN C 159 -17.03 -20.83 45.18
C ASN C 159 -16.94 -21.09 46.67
N ASP C 160 -17.97 -21.71 47.24
CA ASP C 160 -17.95 -22.29 48.58
C ASP C 160 -17.63 -23.77 48.56
N LEU C 161 -17.37 -24.35 47.39
CA LEU C 161 -16.75 -25.66 47.36
C LEU C 161 -15.24 -25.54 47.22
N LEU C 162 -14.74 -24.33 47.02
CA LEU C 162 -13.31 -24.06 47.10
C LEU C 162 -12.78 -24.41 48.48
N ARG C 163 -13.40 -23.81 49.51
CA ARG C 163 -13.04 -24.07 50.90
C ARG C 163 -13.00 -25.55 51.21
N GLU C 164 -14.10 -26.25 50.95
CA GLU C 164 -14.18 -27.68 51.17
C GLU C 164 -13.35 -28.38 50.11
N PHE C 165 -13.25 -29.69 50.25
CA PHE C 165 -12.62 -30.53 49.24
C PHE C 165 -11.14 -30.26 49.14
N LYS C 166 -10.71 -29.16 49.74
CA LYS C 166 -9.31 -28.85 49.84
C LYS C 166 -8.82 -29.94 50.79
N LYS C 167 -9.61 -30.16 51.85
CA LYS C 167 -9.35 -31.16 52.87
C LYS C 167 -10.50 -32.17 53.04
N LEU C 168 -11.74 -31.73 52.81
CA LEU C 168 -12.94 -32.57 53.03
C LEU C 168 -13.31 -33.80 52.17
N ASP C 169 -13.27 -33.67 50.85
CA ASP C 169 -13.60 -34.80 49.96
C ASP C 169 -12.40 -34.92 49.06
N ASP C 170 -11.84 -33.76 48.81
CA ASP C 170 -10.63 -33.54 48.03
C ASP C 170 -10.71 -34.11 46.61
N LYS C 171 -9.77 -34.97 46.23
CA LYS C 171 -9.74 -35.51 44.87
C LYS C 171 -10.97 -36.31 44.45
N PRO C 172 -11.50 -37.19 45.38
CA PRO C 172 -12.69 -37.92 44.90
C PRO C 172 -13.82 -36.95 44.55
N SER C 173 -14.05 -35.96 45.41
CA SER C 173 -15.08 -34.97 45.18
C SER C 173 -14.47 -33.69 44.62
N LEU C 174 -13.14 -33.70 44.44
CA LEU C 174 -12.42 -32.54 43.94
C LEU C 174 -12.47 -32.44 42.42
N VAL C 175 -12.27 -33.56 41.74
CA VAL C 175 -12.14 -33.54 40.29
C VAL C 175 -13.43 -33.04 39.67
N ASP C 176 -14.56 -33.59 40.12
CA ASP C 176 -15.85 -33.19 39.59
C ASP C 176 -16.08 -31.69 39.75
N VAL C 177 -15.55 -31.10 40.83
CA VAL C 177 -15.72 -29.67 41.04
C VAL C 177 -15.07 -28.87 39.93
N HIS C 178 -13.78 -29.02 39.76
CA HIS C 178 -13.06 -28.23 38.76
C HIS C 178 -13.67 -28.39 37.38
N LEU C 179 -14.18 -29.59 37.09
CA LEU C 179 -15.03 -29.77 35.93
C LEU C 179 -16.22 -28.83 35.97
N LEU C 180 -17.15 -29.09 36.90
CA LEU C 180 -18.39 -28.33 37.00
C LEU C 180 -18.13 -26.85 36.90
N GLU C 181 -17.48 -26.32 37.93
CA GLU C 181 -17.04 -24.93 38.01
C GLU C 181 -16.38 -24.43 36.74
N SER C 182 -15.38 -25.15 36.25
CA SER C 182 -14.72 -24.74 35.03
C SER C 182 -15.72 -24.58 33.89
N LYS C 183 -16.80 -25.35 33.91
CA LYS C 183 -17.83 -25.18 32.90
C LYS C 183 -18.78 -24.05 33.22
N VAL C 184 -19.06 -23.82 34.50
CA VAL C 184 -19.82 -22.64 34.88
C VAL C 184 -19.14 -21.39 34.35
N TYR C 185 -17.86 -21.21 34.72
CA TYR C 185 -17.09 -20.08 34.22
C TYR C 185 -16.81 -20.20 32.74
N HIS C 186 -16.94 -21.37 32.15
CA HIS C 186 -17.06 -21.35 30.71
C HIS C 186 -18.29 -20.54 30.29
N LYS C 187 -19.47 -21.08 30.58
CA LYS C 187 -20.69 -20.40 30.16
C LYS C 187 -20.82 -19.02 30.76
N LEU C 188 -20.13 -18.77 31.86
CA LEU C 188 -20.02 -17.40 32.35
C LEU C 188 -19.13 -16.55 31.47
N ARG C 189 -18.55 -17.12 30.40
CA ARG C 189 -17.95 -16.44 29.27
C ARG C 189 -16.51 -16.04 29.56
N ASN C 190 -16.05 -16.10 30.79
CA ASN C 190 -14.65 -15.81 31.08
C ASN C 190 -13.86 -17.11 31.01
N LEU C 191 -13.04 -17.22 29.97
CA LEU C 191 -12.22 -18.40 29.74
C LEU C 191 -10.83 -18.23 30.31
N ALA C 192 -10.60 -17.18 31.07
CA ALA C 192 -9.34 -17.06 31.81
C ALA C 192 -9.19 -18.18 32.81
N LYS C 193 -10.10 -18.28 33.76
CA LYS C 193 -10.05 -19.34 34.76
C LYS C 193 -10.97 -20.51 34.46
N SER C 194 -11.78 -20.44 33.41
CA SER C 194 -12.57 -21.61 33.06
C SER C 194 -11.64 -22.75 32.63
N LYS C 195 -10.73 -22.48 31.70
CA LYS C 195 -9.77 -23.48 31.23
C LYS C 195 -8.95 -24.08 32.36
N ALA C 196 -8.03 -23.30 32.91
CA ALA C 196 -7.16 -23.82 33.96
C ALA C 196 -7.98 -24.41 35.10
N SER C 197 -9.11 -23.78 35.42
CA SER C 197 -10.01 -24.35 36.41
C SER C 197 -10.54 -25.70 35.96
N LEU C 198 -10.43 -26.02 34.69
CA LEU C 198 -10.56 -27.42 34.31
C LEU C 198 -9.26 -28.17 34.58
N THR C 199 -8.12 -27.55 34.23
CA THR C 199 -6.87 -28.30 34.30
C THR C 199 -6.61 -28.82 35.70
N ALA C 200 -7.12 -28.11 36.71
CA ALA C 200 -7.13 -28.66 38.06
C ALA C 200 -7.84 -30.00 38.09
N ALA C 201 -8.96 -30.10 37.37
CA ALA C 201 -9.60 -31.40 37.25
C ALA C 201 -8.72 -32.38 36.48
N ARG C 202 -8.01 -31.91 35.46
CA ARG C 202 -7.11 -32.83 34.74
C ARG C 202 -6.15 -33.51 35.68
N THR C 203 -5.20 -32.75 36.20
CA THR C 203 -4.22 -33.34 37.09
C THR C 203 -4.89 -33.99 38.30
N ALA C 204 -6.13 -33.60 38.60
CA ALA C 204 -6.79 -33.98 39.83
C ALA C 204 -7.07 -35.47 39.92
N ALA C 205 -6.78 -36.25 38.89
CA ALA C 205 -6.83 -37.71 39.01
C ALA C 205 -5.41 -38.25 38.87
N ASN C 206 -4.83 -38.61 40.01
CA ASN C 206 -3.54 -39.30 40.07
C ASN C 206 -3.71 -40.81 39.94
N SER C 207 -4.64 -41.37 40.72
CA SER C 207 -5.12 -42.73 40.57
C SER C 207 -6.63 -42.63 40.60
N ILE C 208 -7.28 -43.24 39.61
CA ILE C 208 -8.58 -42.77 39.16
C ILE C 208 -9.52 -42.67 40.35
N TYR C 209 -10.04 -41.47 40.58
CA TYR C 209 -10.92 -41.18 41.69
C TYR C 209 -12.39 -41.24 41.32
N CYS C 210 -12.73 -41.31 40.04
CA CYS C 210 -14.07 -40.95 39.60
C CYS C 210 -14.53 -41.82 38.44
N PRO C 211 -15.85 -42.00 38.29
CA PRO C 211 -16.36 -42.88 37.23
C PRO C 211 -15.98 -42.37 35.85
N THR C 212 -15.79 -43.32 34.93
CA THR C 212 -15.38 -42.97 33.57
C THR C 212 -16.27 -41.89 32.98
N GLN C 213 -17.55 -41.88 33.36
CA GLN C 213 -18.44 -40.77 33.01
C GLN C 213 -17.79 -39.43 33.28
N THR C 214 -16.98 -39.35 34.33
CA THR C 214 -16.25 -38.13 34.60
C THR C 214 -15.16 -37.90 33.58
N VAL C 215 -14.27 -38.89 33.41
CA VAL C 215 -13.14 -38.73 32.50
C VAL C 215 -13.63 -38.29 31.14
N ALA C 216 -14.82 -38.73 30.74
CA ALA C 216 -15.36 -38.32 29.46
C ALA C 216 -15.50 -36.81 29.39
N GLU C 217 -16.25 -36.22 30.32
CA GLU C 217 -16.36 -34.77 30.37
C GLU C 217 -14.99 -34.14 30.42
N LEU C 218 -14.12 -34.64 31.30
CA LEU C 218 -12.79 -34.11 31.47
C LEU C 218 -11.94 -34.25 30.22
N ASP C 219 -12.42 -34.99 29.23
CA ASP C 219 -11.75 -35.06 27.93
C ASP C 219 -12.51 -34.21 26.91
N LEU C 220 -13.66 -34.68 26.45
CA LEU C 220 -14.40 -33.99 25.39
C LEU C 220 -14.57 -32.52 25.70
N MET C 221 -14.86 -32.21 26.96
CA MET C 221 -15.02 -30.81 27.33
C MET C 221 -13.70 -30.08 27.20
N SER C 222 -12.59 -30.81 27.34
CA SER C 222 -11.32 -30.25 26.97
C SER C 222 -11.21 -30.15 25.45
N GLY C 223 -12.02 -30.90 24.71
CA GLY C 223 -12.21 -30.57 23.32
C GLY C 223 -12.88 -29.22 23.18
N ILE C 224 -13.95 -28.99 23.94
CA ILE C 224 -14.65 -27.72 23.88
C ILE C 224 -13.69 -26.58 24.14
N LEU C 225 -12.82 -26.71 25.14
CA LEU C 225 -11.95 -25.59 25.41
C LEU C 225 -11.16 -25.22 24.18
N HIS C 226 -10.82 -26.18 23.35
CA HIS C 226 -10.14 -25.89 22.10
C HIS C 226 -11.08 -25.61 20.95
N CYS C 227 -12.38 -25.71 21.19
CA CYS C 227 -13.31 -25.16 20.21
C CYS C 227 -13.28 -23.65 20.22
N GLU C 228 -12.81 -23.04 21.29
CA GLU C 228 -12.40 -21.64 21.23
C GLU C 228 -10.96 -21.49 20.79
N ASP C 229 -10.30 -22.60 20.52
CA ASP C 229 -9.02 -22.58 19.86
C ASP C 229 -9.20 -22.93 18.39
N LYS C 230 -8.09 -22.97 17.67
CA LYS C 230 -8.14 -23.32 16.27
C LYS C 230 -7.71 -24.75 15.99
N ASP C 231 -7.28 -25.50 17.00
CA ASP C 231 -6.82 -26.84 16.74
C ASP C 231 -7.99 -27.79 16.88
N TYR C 232 -8.40 -28.36 15.74
CA TYR C 232 -9.46 -29.33 15.70
C TYR C 232 -8.95 -30.76 15.66
N LYS C 233 -7.63 -30.93 15.55
CA LYS C 233 -7.03 -32.22 15.88
C LYS C 233 -6.97 -32.39 17.38
N THR C 234 -6.42 -31.39 18.07
CA THR C 234 -6.53 -31.40 19.52
C THR C 234 -7.98 -31.49 19.93
N ALA C 235 -8.85 -30.75 19.24
CA ALA C 235 -10.25 -30.76 19.61
C ALA C 235 -10.82 -32.15 19.45
N PHE C 236 -10.61 -32.77 18.29
CA PHE C 236 -11.25 -34.06 18.04
C PHE C 236 -10.65 -35.15 18.91
N SER C 237 -9.39 -34.96 19.31
CA SER C 237 -8.74 -35.90 20.21
C SER C 237 -9.64 -36.21 21.38
N TYR C 238 -10.17 -35.17 22.01
CA TYR C 238 -10.82 -35.33 23.29
C TYR C 238 -12.18 -36.02 23.13
N PHE C 239 -13.04 -35.45 22.30
CA PHE C 239 -14.41 -35.93 22.21
C PHE C 239 -14.59 -37.10 21.27
N PHE C 240 -13.60 -37.47 20.47
CA PHE C 240 -13.63 -38.81 19.91
C PHE C 240 -13.61 -39.84 21.02
N GLU C 241 -12.55 -39.79 21.83
CA GLU C 241 -12.40 -40.67 22.96
C GLU C 241 -13.66 -40.67 23.80
N SER C 242 -14.07 -39.50 24.27
CA SER C 242 -15.19 -39.47 25.19
C SER C 242 -16.48 -39.90 24.53
N PHE C 243 -16.65 -39.59 23.25
CA PHE C 243 -17.78 -40.16 22.53
C PHE C 243 -17.80 -41.67 22.69
N GLU C 244 -16.66 -42.31 22.38
CA GLU C 244 -16.58 -43.75 22.53
C GLU C 244 -16.96 -44.15 23.94
N SER C 245 -16.38 -43.45 24.92
CA SER C 245 -16.65 -43.73 26.31
C SER C 245 -18.13 -43.80 26.59
N TYR C 246 -18.89 -42.81 26.13
CA TYR C 246 -20.32 -42.89 26.33
C TYR C 246 -20.93 -44.03 25.53
N HIS C 247 -20.39 -44.31 24.35
CA HIS C 247 -21.00 -45.31 23.48
C HIS C 247 -21.09 -46.67 24.18
N ASN C 248 -20.08 -47.01 24.96
CA ASN C 248 -19.95 -48.34 25.52
C ASN C 248 -20.67 -48.47 26.85
N LEU C 249 -21.40 -47.45 27.27
CA LEU C 249 -21.59 -47.27 28.70
C LEU C 249 -22.88 -46.52 28.98
N THR C 250 -23.37 -46.71 30.21
CA THR C 250 -24.45 -45.95 30.84
C THR C 250 -25.63 -45.63 29.93
N THR C 251 -26.44 -46.66 29.65
CA THR C 251 -27.61 -46.48 28.81
C THR C 251 -28.46 -45.31 29.28
N HIS C 252 -28.52 -45.10 30.60
CA HIS C 252 -29.41 -44.10 31.18
C HIS C 252 -28.91 -42.68 31.01
N ASN C 253 -27.70 -42.51 30.48
CA ASN C 253 -27.05 -41.22 30.38
C ASN C 253 -26.61 -40.99 28.94
N SER C 254 -25.88 -41.95 28.39
CA SER C 254 -25.12 -41.78 27.16
C SER C 254 -25.98 -41.78 25.91
N TYR C 255 -27.29 -41.84 26.04
CA TYR C 255 -28.15 -41.47 24.93
C TYR C 255 -27.80 -40.08 24.43
N GLU C 256 -27.99 -39.07 25.28
CA GLU C 256 -27.76 -37.68 24.90
C GLU C 256 -26.29 -37.34 24.95
N LYS C 257 -25.57 -37.90 25.89
CA LYS C 257 -24.18 -37.52 26.07
C LYS C 257 -23.23 -38.34 25.21
N ALA C 258 -23.70 -39.47 24.70
CA ALA C 258 -23.07 -40.07 23.55
C ALA C 258 -23.54 -39.41 22.26
N CYS C 259 -24.79 -38.93 22.25
CA CYS C 259 -25.26 -38.18 21.10
C CYS C 259 -24.43 -36.94 20.83
N GLN C 260 -24.61 -35.90 21.65
CA GLN C 260 -24.18 -34.56 21.27
C GLN C 260 -22.69 -34.50 20.96
N VAL C 261 -21.91 -35.45 21.43
CA VAL C 261 -20.49 -35.37 21.14
C VAL C 261 -20.23 -35.57 19.67
N LEU C 262 -21.04 -36.40 19.02
CA LEU C 262 -20.93 -36.52 17.56
C LEU C 262 -20.91 -35.15 16.91
N LYS C 263 -21.79 -34.27 17.39
CA LYS C 263 -21.90 -32.95 16.82
C LYS C 263 -20.56 -32.28 16.78
N TYR C 264 -19.81 -32.42 17.85
CA TYR C 264 -18.54 -31.73 17.93
C TYR C 264 -17.48 -32.47 17.17
N MET C 265 -17.57 -33.79 17.15
CA MET C 265 -16.64 -34.60 16.38
C MET C 265 -16.68 -34.14 14.93
N LEU C 266 -17.77 -34.49 14.27
CA LEU C 266 -17.88 -34.13 12.87
C LEU C 266 -18.01 -32.64 12.68
N LEU C 267 -18.22 -31.88 13.75
CA LEU C 267 -18.23 -30.42 13.62
C LEU C 267 -16.82 -29.90 13.42
N SER C 268 -15.94 -30.23 14.35
CA SER C 268 -14.52 -29.97 14.16
C SER C 268 -14.09 -30.42 12.78
N LYS C 269 -14.49 -31.63 12.41
CA LYS C 269 -14.18 -32.11 11.08
C LYS C 269 -14.75 -31.19 10.01
N ILE C 270 -15.98 -30.72 10.22
CA ILE C 270 -16.62 -29.85 9.23
C ILE C 270 -15.75 -28.64 8.98
N MET C 271 -15.46 -27.88 10.03
CA MET C 271 -14.76 -26.64 9.80
C MET C 271 -13.30 -26.88 9.45
N LEU C 272 -12.78 -28.08 9.72
CA LEU C 272 -11.51 -28.48 9.15
C LEU C 272 -11.53 -28.58 7.64
N ASN C 273 -12.72 -28.54 7.03
CA ASN C 273 -12.92 -28.71 5.60
C ASN C 273 -12.63 -30.13 5.13
N LEU C 274 -12.19 -31.03 6.00
CA LEU C 274 -11.90 -32.38 5.55
C LEU C 274 -13.20 -33.16 5.59
N ILE C 275 -13.75 -33.41 4.40
CA ILE C 275 -15.00 -34.13 4.28
C ILE C 275 -14.75 -35.61 4.12
N ASP C 276 -13.50 -36.01 3.92
CA ASP C 276 -13.14 -37.41 3.89
C ASP C 276 -13.65 -38.03 5.16
N ASP C 277 -13.00 -37.63 6.26
CA ASP C 277 -13.31 -38.19 7.56
C ASP C 277 -14.77 -37.95 7.94
N VAL C 278 -15.39 -36.91 7.39
CA VAL C 278 -16.80 -36.67 7.67
C VAL C 278 -17.65 -37.76 7.04
N LYS C 279 -17.43 -38.02 5.75
CA LYS C 279 -18.00 -39.19 5.12
C LYS C 279 -17.79 -40.42 5.99
N ASN C 280 -16.56 -40.57 6.50
CA ASN C 280 -16.29 -41.67 7.42
C ASN C 280 -17.25 -41.64 8.58
N ILE C 281 -17.56 -40.45 9.08
CA ILE C 281 -18.41 -40.35 10.25
C ILE C 281 -19.83 -40.71 9.93
N LEU C 282 -20.30 -40.49 8.71
CA LEU C 282 -21.68 -40.89 8.49
C LEU C 282 -21.66 -42.35 8.10
N ASN C 283 -21.85 -43.20 9.09
CA ASN C 283 -22.28 -44.57 8.91
C ASN C 283 -23.25 -44.82 10.05
N ALA C 284 -24.52 -45.03 9.70
CA ALA C 284 -25.56 -44.98 10.71
C ALA C 284 -25.25 -45.96 11.84
N LYS C 285 -24.64 -47.09 11.50
CA LYS C 285 -24.56 -48.23 12.41
C LYS C 285 -23.54 -48.03 13.51
N TYR C 286 -22.75 -46.96 13.44
CA TYR C 286 -21.84 -46.68 14.54
C TYR C 286 -22.62 -46.13 15.71
N THR C 287 -23.21 -44.96 15.51
CA THR C 287 -24.09 -44.32 16.47
C THR C 287 -25.48 -44.08 15.90
N LYS C 288 -25.57 -43.36 14.78
CA LYS C 288 -26.85 -42.86 14.29
C LYS C 288 -27.88 -43.97 14.09
N GLU C 289 -27.44 -45.22 13.92
CA GLU C 289 -28.39 -46.30 13.65
C GLU C 289 -29.55 -46.28 14.62
N THR C 290 -29.25 -46.02 15.89
CA THR C 290 -30.25 -45.67 16.89
C THR C 290 -30.58 -44.19 16.90
N TYR C 291 -29.61 -43.34 16.55
CA TYR C 291 -29.68 -41.89 16.71
C TYR C 291 -30.12 -41.17 15.44
N GLN C 292 -30.72 -41.88 14.49
CA GLN C 292 -31.19 -41.28 13.25
C GLN C 292 -31.96 -40.00 13.56
N SER C 293 -31.53 -38.88 12.97
CA SER C 293 -32.26 -37.63 13.18
C SER C 293 -31.87 -36.63 12.09
N ARG C 294 -32.73 -35.61 11.95
CA ARG C 294 -32.46 -34.44 11.14
C ARG C 294 -31.15 -33.75 11.51
N GLY C 295 -30.60 -34.00 12.69
CA GLY C 295 -29.36 -33.35 13.07
C GLY C 295 -28.19 -33.84 12.26
N ILE C 296 -28.21 -35.10 11.85
CA ILE C 296 -27.10 -35.60 11.05
C ILE C 296 -27.18 -35.07 9.64
N ASP C 297 -28.32 -35.21 8.99
CA ASP C 297 -28.51 -34.53 7.72
C ASP C 297 -28.28 -33.04 7.85
N ALA C 298 -28.47 -32.50 9.05
CA ALA C 298 -28.10 -31.12 9.29
C ALA C 298 -26.62 -31.00 8.99
N MET C 299 -25.79 -31.58 9.85
CA MET C 299 -24.38 -31.22 9.79
C MET C 299 -23.73 -31.73 8.53
N LYS C 300 -24.25 -32.79 7.93
CA LYS C 300 -23.79 -33.20 6.61
C LYS C 300 -24.15 -32.17 5.57
N ALA C 301 -25.45 -31.86 5.46
CA ALA C 301 -25.90 -30.90 4.46
C ALA C 301 -25.12 -29.60 4.57
N VAL C 302 -24.85 -29.18 5.80
CA VAL C 302 -24.08 -27.97 6.01
C VAL C 302 -22.65 -28.16 5.52
N ALA C 303 -21.99 -29.22 5.97
CA ALA C 303 -20.61 -29.43 5.56
C ALA C 303 -20.48 -29.45 4.04
N GLU C 304 -21.33 -30.24 3.38
CA GLU C 304 -21.35 -30.25 1.93
C GLU C 304 -21.59 -28.87 1.38
N ALA C 305 -22.39 -28.06 2.07
CA ALA C 305 -22.53 -26.68 1.63
C ALA C 305 -21.19 -25.98 1.67
N TYR C 306 -20.38 -26.26 2.69
CA TYR C 306 -19.09 -25.60 2.79
C TYR C 306 -18.16 -26.05 1.68
N ASN C 307 -18.12 -27.34 1.39
CA ASN C 307 -17.27 -27.79 0.29
C ASN C 307 -17.77 -27.23 -1.02
N ASN C 308 -19.08 -27.26 -1.22
CA ASN C 308 -19.72 -26.80 -2.43
C ASN C 308 -19.69 -25.28 -2.52
N ARG C 309 -19.82 -24.60 -1.40
CA ARG C 309 -19.77 -23.14 -1.35
C ARG C 309 -20.90 -22.52 -2.16
N SER C 310 -22.10 -22.99 -1.93
CA SER C 310 -23.28 -22.30 -2.42
C SER C 310 -24.02 -21.79 -1.21
N LEU C 311 -24.00 -20.48 -1.02
CA LEU C 311 -24.53 -19.94 0.20
C LEU C 311 -26.01 -20.17 0.33
N LEU C 312 -26.73 -20.33 -0.78
CA LEU C 312 -28.13 -20.66 -0.64
C LEU C 312 -28.30 -22.02 0.03
N ASP C 313 -27.36 -22.94 -0.20
CA ASP C 313 -27.36 -24.18 0.53
C ASP C 313 -27.19 -23.90 2.01
N PHE C 314 -26.10 -23.23 2.35
CA PHE C 314 -25.76 -23.04 3.74
C PHE C 314 -26.93 -22.37 4.46
N ASN C 315 -27.43 -21.29 3.87
CA ASN C 315 -28.57 -20.57 4.39
C ASN C 315 -29.77 -21.47 4.56
N THR C 316 -30.14 -22.17 3.50
CA THR C 316 -31.37 -22.94 3.54
C THR C 316 -31.31 -24.01 4.60
N ALA C 317 -30.25 -24.83 4.57
CA ALA C 317 -30.07 -25.84 5.60
C ALA C 317 -30.14 -25.21 6.99
N LEU C 318 -29.38 -24.14 7.22
CA LEU C 318 -29.43 -23.54 8.55
C LEU C 318 -30.80 -22.95 8.85
N LYS C 319 -31.67 -22.80 7.86
CA LYS C 319 -33.06 -22.47 8.16
C LYS C 319 -33.85 -23.71 8.59
N GLN C 320 -33.72 -24.80 7.84
CA GLN C 320 -34.55 -25.96 8.07
C GLN C 320 -33.92 -26.97 9.02
N TYR C 321 -32.68 -26.77 9.42
CA TYR C 321 -32.14 -27.47 10.57
C TYR C 321 -32.11 -26.61 11.82
N GLU C 322 -32.58 -25.37 11.73
CA GLU C 322 -32.36 -24.39 12.79
C GLU C 322 -32.76 -24.92 14.15
N LYS C 323 -33.79 -25.75 14.20
CA LYS C 323 -34.25 -26.31 15.46
C LYS C 323 -33.22 -27.23 16.11
N GLU C 324 -32.20 -27.68 15.38
CA GLU C 324 -31.05 -28.26 16.06
C GLU C 324 -30.27 -27.18 16.77
N LEU C 325 -29.89 -26.14 16.03
CA LEU C 325 -29.02 -25.13 16.60
C LEU C 325 -29.68 -24.40 17.74
N MET C 326 -31.01 -24.40 17.79
CA MET C 326 -31.73 -23.59 18.78
C MET C 326 -31.23 -23.87 20.19
N GLY C 327 -31.01 -25.14 20.52
CA GLY C 327 -30.46 -25.46 21.82
C GLY C 327 -28.95 -25.20 21.89
N ASP C 328 -28.19 -25.77 20.95
CA ASP C 328 -26.74 -25.80 21.08
C ASP C 328 -26.18 -24.50 20.54
N GLU C 329 -25.53 -23.72 21.41
CA GLU C 329 -24.97 -22.47 20.93
C GLU C 329 -23.69 -22.69 20.16
N LEU C 330 -22.73 -23.42 20.74
CA LEU C 330 -21.41 -23.52 20.12
C LEU C 330 -21.52 -23.91 18.66
N THR C 331 -22.37 -24.88 18.37
CA THR C 331 -22.69 -25.21 17.00
C THR C 331 -23.04 -23.95 16.23
N ARG C 332 -24.04 -23.22 16.73
CA ARG C 332 -24.45 -21.98 16.10
C ARG C 332 -23.27 -21.07 15.84
N SER C 333 -22.47 -20.84 16.86
CA SER C 333 -21.30 -19.98 16.75
C SER C 333 -20.52 -20.41 15.53
N HIS C 334 -19.88 -21.56 15.61
CA HIS C 334 -18.98 -21.93 14.53
C HIS C 334 -19.68 -21.96 13.19
N PHE C 335 -20.99 -22.05 13.17
CA PHE C 335 -21.61 -21.92 11.87
C PHE C 335 -21.76 -20.48 11.46
N ASN C 336 -21.85 -19.56 12.40
CA ASN C 336 -21.91 -18.19 11.96
C ASN C 336 -20.53 -17.70 11.58
N ALA C 337 -19.52 -18.11 12.34
CA ALA C 337 -18.16 -17.84 11.92
C ALA C 337 -17.96 -18.39 10.53
N LEU C 338 -17.90 -19.73 10.45
CA LEU C 338 -17.59 -20.33 9.17
C LEU C 338 -18.50 -19.85 8.08
N TYR C 339 -19.74 -19.50 8.41
CA TYR C 339 -20.60 -18.93 7.40
C TYR C 339 -20.01 -17.65 6.87
N ASP C 340 -19.61 -16.76 7.77
CA ASP C 340 -18.92 -15.57 7.34
C ASP C 340 -17.71 -15.90 6.49
N THR C 341 -16.73 -16.58 7.08
CA THR C 341 -15.49 -16.79 6.36
C THR C 341 -15.68 -17.62 5.13
N LEU C 342 -16.85 -18.15 4.93
CA LEU C 342 -17.18 -18.60 3.60
C LEU C 342 -17.61 -17.42 2.75
N LEU C 343 -18.41 -16.53 3.33
CA LEU C 343 -18.98 -15.47 2.55
C LEU C 343 -17.91 -14.62 1.91
N GLU C 344 -16.94 -14.17 2.70
CA GLU C 344 -15.93 -13.33 2.07
C GLU C 344 -15.21 -14.12 0.99
N SER C 345 -14.69 -15.28 1.32
CA SER C 345 -13.91 -16.03 0.38
C SER C 345 -14.65 -16.27 -0.90
N ASN C 346 -15.97 -16.25 -0.89
CA ASN C 346 -16.64 -16.19 -2.18
C ASN C 346 -16.63 -14.80 -2.74
N LEU C 347 -16.72 -13.77 -1.89
CA LEU C 347 -16.70 -12.43 -2.44
C LEU C 347 -15.40 -12.16 -3.17
N CYS C 348 -14.27 -12.29 -2.48
CA CYS C 348 -13.01 -11.98 -3.11
C CYS C 348 -12.90 -12.65 -4.46
N LYS C 349 -13.33 -13.89 -4.56
CA LYS C 349 -13.30 -14.54 -5.85
C LYS C 349 -14.23 -13.87 -6.84
N ILE C 350 -15.38 -13.36 -6.38
CA ILE C 350 -16.25 -12.84 -7.41
C ILE C 350 -15.83 -11.46 -7.85
N ILE C 351 -15.14 -10.70 -7.00
CA ILE C 351 -14.74 -9.36 -7.38
C ILE C 351 -13.33 -9.28 -7.91
N GLU C 352 -12.52 -10.31 -7.82
CA GLU C 352 -11.13 -10.10 -8.22
C GLU C 352 -11.00 -9.77 -9.70
N PRO C 353 -11.62 -10.46 -10.62
CA PRO C 353 -11.45 -10.12 -12.03
C PRO C 353 -12.43 -9.07 -12.45
N PHE C 354 -12.48 -8.00 -11.69
CA PHE C 354 -13.26 -6.80 -11.99
C PHE C 354 -12.64 -5.58 -11.35
N GLU C 355 -12.77 -4.46 -12.03
CA GLU C 355 -12.89 -3.25 -11.25
C GLU C 355 -14.13 -2.56 -11.76
N CYS C 356 -14.69 -1.69 -10.95
CA CYS C 356 -15.94 -1.06 -11.30
C CYS C 356 -17.01 -2.11 -11.52
N VAL C 357 -16.86 -3.29 -10.94
CA VAL C 357 -17.91 -4.27 -11.04
C VAL C 357 -19.17 -3.65 -10.54
N GLU C 358 -20.24 -3.88 -11.22
CA GLU C 358 -21.46 -3.27 -10.77
C GLU C 358 -21.99 -4.08 -9.61
N ILE C 359 -22.72 -3.46 -8.70
CA ILE C 359 -22.99 -4.16 -7.45
C ILE C 359 -24.11 -5.17 -7.62
N SER C 360 -25.18 -4.78 -8.30
CA SER C 360 -26.26 -5.72 -8.49
C SER C 360 -25.72 -7.03 -8.98
N HIS C 361 -24.66 -6.98 -9.76
CA HIS C 361 -24.10 -8.17 -10.33
C HIS C 361 -23.54 -9.07 -9.28
N ILE C 362 -22.68 -8.54 -8.41
CA ILE C 362 -22.24 -9.37 -7.28
C ILE C 362 -23.44 -9.97 -6.59
N SER C 363 -24.46 -9.14 -6.36
CA SER C 363 -25.62 -9.63 -5.62
C SER C 363 -26.20 -10.87 -6.27
N LYS C 364 -26.53 -10.77 -7.56
CA LYS C 364 -27.12 -11.90 -8.27
C LYS C 364 -26.19 -13.09 -8.23
N ILE C 365 -24.94 -12.89 -8.64
CA ILE C 365 -24.02 -14.01 -8.74
C ILE C 365 -23.94 -14.74 -7.40
N ILE C 366 -23.54 -14.02 -6.36
CA ILE C 366 -23.46 -14.69 -5.08
C ILE C 366 -24.84 -15.02 -4.58
N GLY C 367 -25.87 -14.39 -5.13
CA GLY C 367 -27.22 -14.75 -4.76
C GLY C 367 -27.59 -14.37 -3.34
N LEU C 368 -27.51 -13.10 -3.00
CA LEU C 368 -27.98 -12.61 -1.72
C LEU C 368 -28.66 -11.27 -1.93
N ASP C 369 -29.05 -10.64 -0.84
CA ASP C 369 -29.50 -9.28 -0.95
C ASP C 369 -28.30 -8.36 -1.14
N THR C 370 -28.52 -7.29 -1.88
CA THR C 370 -27.52 -6.24 -1.94
C THR C 370 -27.14 -5.90 -0.52
N GLN C 371 -28.09 -5.35 0.23
CA GLN C 371 -27.81 -4.85 1.57
C GLN C 371 -26.95 -5.80 2.39
N GLN C 372 -27.25 -7.09 2.32
CA GLN C 372 -26.35 -8.07 2.90
C GLN C 372 -24.95 -7.88 2.38
N VAL C 373 -24.80 -7.79 1.06
CA VAL C 373 -23.49 -7.52 0.51
C VAL C 373 -22.96 -6.23 1.09
N GLU C 374 -23.52 -5.09 0.67
CA GLU C 374 -22.94 -3.80 1.00
C GLU C 374 -22.50 -3.71 2.44
N GLY C 375 -23.28 -4.29 3.35
CA GLY C 375 -22.79 -4.42 4.70
C GLY C 375 -21.53 -5.26 4.78
N LYS C 376 -21.51 -6.38 4.06
CA LYS C 376 -20.34 -7.23 4.14
C LYS C 376 -19.19 -6.65 3.36
N LEU C 377 -19.45 -6.28 2.14
CA LEU C 377 -18.43 -5.73 1.29
C LEU C 377 -17.83 -4.49 1.92
N SER C 378 -18.64 -3.74 2.64
CA SER C 378 -18.12 -2.57 3.34
C SER C 378 -17.26 -2.96 4.51
N GLN C 379 -17.81 -3.77 5.40
CA GLN C 379 -16.98 -4.29 6.48
C GLN C 379 -15.69 -4.87 5.97
N MET C 380 -15.68 -5.37 4.77
CA MET C 380 -14.48 -5.99 4.26
C MET C 380 -13.50 -4.95 3.74
N ILE C 381 -13.98 -3.89 3.10
CA ILE C 381 -13.09 -2.78 2.80
C ILE C 381 -12.47 -2.25 4.06
N LEU C 382 -13.33 -1.87 5.00
CA LEU C 382 -12.90 -1.24 6.23
C LEU C 382 -11.88 -2.05 6.99
N ASP C 383 -11.74 -3.32 6.69
CA ASP C 383 -10.71 -4.12 7.32
C ASP C 383 -9.44 -4.19 6.51
N LYS C 384 -9.34 -3.38 5.47
CA LYS C 384 -8.18 -3.41 4.58
C LYS C 384 -7.97 -4.79 4.01
N ILE C 385 -9.05 -5.44 3.61
CA ILE C 385 -8.88 -6.68 2.87
C ILE C 385 -8.67 -6.39 1.39
N PHE C 386 -9.68 -5.93 0.67
CA PHE C 386 -9.46 -5.82 -0.77
C PHE C 386 -9.17 -4.45 -1.36
N TYR C 387 -9.02 -3.39 -0.59
CA TYR C 387 -8.59 -2.12 -1.18
C TYR C 387 -9.44 -1.58 -2.32
N GLY C 388 -10.65 -1.14 -2.05
CA GLY C 388 -11.44 -0.48 -3.06
C GLY C 388 -12.49 0.37 -2.39
N VAL C 389 -13.39 0.90 -3.18
CA VAL C 389 -14.34 1.80 -2.56
C VAL C 389 -15.66 1.74 -3.28
N LEU C 390 -16.74 1.87 -2.52
CA LEU C 390 -18.09 1.73 -3.03
C LEU C 390 -18.67 3.08 -3.35
N ASP C 391 -19.22 3.19 -4.52
CA ASP C 391 -19.93 4.36 -4.98
C ASP C 391 -21.41 4.07 -4.85
N GLN C 392 -22.04 4.70 -3.87
CA GLN C 392 -23.44 4.42 -3.63
C GLN C 392 -24.32 5.04 -4.68
N GLY C 393 -23.88 6.15 -5.27
CA GLY C 393 -24.73 6.84 -6.21
C GLY C 393 -25.02 6.00 -7.42
N ASN C 394 -24.03 5.31 -7.93
CA ASN C 394 -24.20 4.49 -9.10
C ASN C 394 -24.42 3.03 -8.76
N GLY C 395 -24.38 2.68 -7.48
CA GLY C 395 -24.39 1.28 -7.15
C GLY C 395 -23.19 0.57 -7.70
N TRP C 396 -22.02 1.17 -7.59
CA TRP C 396 -20.81 0.61 -8.14
C TRP C 396 -19.84 0.23 -7.07
N LEU C 397 -18.98 -0.70 -7.42
CA LEU C 397 -17.87 -1.09 -6.58
C LEU C 397 -16.58 -0.94 -7.36
N TYR C 398 -15.70 -0.07 -6.91
CA TYR C 398 -14.38 0.05 -7.50
C TYR C 398 -13.41 -0.82 -6.75
N VAL C 399 -12.53 -1.49 -7.46
CA VAL C 399 -11.44 -2.22 -6.84
C VAL C 399 -10.12 -1.65 -7.28
N TYR C 400 -9.25 -1.38 -6.33
CA TYR C 400 -7.91 -0.90 -6.58
C TYR C 400 -6.93 -2.04 -6.40
N GLU C 401 -5.83 -1.97 -7.12
CA GLU C 401 -4.84 -3.02 -7.02
C GLU C 401 -3.98 -2.88 -5.80
N THR C 402 -3.84 -1.67 -5.29
CA THR C 402 -2.82 -1.40 -4.29
C THR C 402 -3.34 -0.28 -3.42
N PRO C 403 -2.96 -0.24 -2.16
CA PRO C 403 -3.28 0.94 -1.38
C PRO C 403 -2.87 2.16 -2.15
N ASN C 404 -3.78 3.07 -2.30
CA ASN C 404 -3.63 4.16 -3.24
C ASN C 404 -3.41 5.41 -2.41
N GLN C 405 -2.18 5.87 -2.39
CA GLN C 405 -1.75 6.86 -1.42
C GLN C 405 -0.27 7.01 -1.62
N ASP C 406 0.39 7.92 -0.93
CA ASP C 406 1.83 7.93 -1.02
C ASP C 406 2.39 8.11 0.37
N ALA C 407 3.22 7.16 0.79
CA ALA C 407 3.92 7.34 2.05
C ALA C 407 4.66 8.66 2.02
N THR C 408 5.44 8.86 0.97
CA THR C 408 6.16 10.10 0.77
C THR C 408 5.28 11.30 1.05
N TYR C 409 4.30 11.53 0.20
CA TYR C 409 3.43 12.67 0.40
C TYR C 409 2.95 12.78 1.81
N ASP C 410 2.63 11.67 2.44
CA ASP C 410 2.19 11.79 3.82
C ASP C 410 3.27 12.43 4.66
N SER C 411 4.48 11.91 4.59
CA SER C 411 5.50 12.44 5.46
C SER C 411 5.80 13.89 5.12
N ALA C 412 5.59 14.29 3.87
CA ALA C 412 5.58 15.73 3.61
C ALA C 412 4.55 16.41 4.48
N LEU C 413 3.34 15.87 4.48
CA LEU C 413 2.27 16.51 5.22
C LEU C 413 2.53 16.55 6.70
N GLU C 414 3.38 15.68 7.22
CA GLU C 414 3.74 15.83 8.62
C GLU C 414 4.80 16.91 8.78
N LEU C 415 5.80 16.85 7.93
CA LEU C 415 6.90 17.80 8.01
C LEU C 415 6.36 19.21 8.06
N VAL C 416 5.46 19.53 7.14
CA VAL C 416 4.88 20.87 7.15
C VAL C 416 4.30 21.20 8.51
N GLY C 417 3.67 20.24 9.17
CA GLY C 417 3.15 20.55 10.47
C GLY C 417 4.22 20.93 11.46
N GLN C 418 5.18 20.02 11.67
CA GLN C 418 6.22 20.28 12.64
C GLN C 418 6.89 21.61 12.38
N LEU C 419 7.29 21.85 11.13
CA LEU C 419 7.78 23.17 10.76
C LEU C 419 6.87 24.24 11.31
N ASN C 420 5.63 24.22 10.83
CA ASN C 420 4.70 25.28 11.17
C ASN C 420 4.61 25.53 12.66
N LYS C 421 5.00 24.57 13.48
CA LYS C 421 5.17 24.92 14.89
C LYS C 421 6.50 25.63 15.12
N VAL C 422 7.56 25.10 14.53
CA VAL C 422 8.88 25.68 14.72
C VAL C 422 8.85 27.16 14.41
N VAL C 423 8.29 27.51 13.26
CA VAL C 423 8.27 28.90 12.88
C VAL C 423 7.66 29.76 13.98
N ASP C 424 6.59 29.28 14.58
CA ASP C 424 6.00 30.02 15.68
C ASP C 424 7.01 30.23 16.79
N GLN C 425 7.78 29.19 17.09
CA GLN C 425 8.72 29.34 18.19
C GLN C 425 9.90 30.21 17.82
N LEU C 426 10.38 30.13 16.59
CA LEU C 426 11.40 31.07 16.14
C LEU C 426 10.88 32.47 16.39
N PHE C 427 9.81 32.82 15.69
CA PHE C 427 9.35 34.19 15.73
C PHE C 427 8.97 34.62 17.12
N GLU C 428 8.76 33.67 18.02
CA GLU C 428 8.67 34.01 19.43
C GLU C 428 9.92 34.74 19.93
N LYS C 429 11.03 34.65 19.23
CA LYS C 429 12.25 35.24 19.72
C LYS C 429 12.37 36.70 19.38
N ALA C 430 11.28 37.34 18.94
CA ALA C 430 11.28 38.72 18.48
C ALA C 430 11.75 39.72 19.53
N SER C 431 12.00 39.28 20.77
CA SER C 431 12.80 40.03 21.73
C SER C 431 13.74 41.06 21.11
N VAL D 21 -8.03 4.69 55.39
CA VAL D 21 -8.26 4.88 53.97
C VAL D 21 -9.56 5.63 53.77
N PRO D 22 -9.49 6.80 53.15
CA PRO D 22 -10.71 7.59 52.96
C PRO D 22 -11.72 6.80 52.17
N ASN D 23 -12.98 6.95 52.51
CA ASN D 23 -14.00 6.03 52.03
C ASN D 23 -14.77 6.67 50.88
N TYR D 24 -14.55 6.17 49.68
CA TYR D 24 -14.98 6.91 48.51
C TYR D 24 -16.47 6.78 48.25
N GLU D 25 -16.98 5.55 48.26
CA GLU D 25 -18.37 5.31 47.84
C GLU D 25 -19.30 6.31 48.49
N VAL D 26 -18.95 6.72 49.70
CA VAL D 26 -19.50 7.90 50.32
C VAL D 26 -19.51 8.99 49.28
N SER D 27 -18.31 9.37 48.83
CA SER D 27 -18.19 10.47 47.89
C SER D 27 -18.98 10.22 46.62
N GLU D 28 -18.80 9.05 46.01
CA GLU D 28 -19.56 8.77 44.80
C GLU D 28 -21.03 9.08 44.98
N LYS D 29 -21.70 8.36 45.88
CA LYS D 29 -23.12 8.62 46.04
C LYS D 29 -23.37 10.08 46.34
N ALA D 30 -22.52 10.68 47.16
CA ALA D 30 -22.62 12.10 47.43
C ALA D 30 -22.76 12.86 46.14
N PHE D 31 -21.90 12.57 45.17
CA PHE D 31 -22.06 13.17 43.86
C PHE D 31 -23.44 12.84 43.31
N LEU D 32 -23.84 11.58 43.39
CA LEU D 32 -25.10 11.18 42.80
C LEU D 32 -26.22 12.10 43.26
N LEU D 33 -26.13 12.58 44.49
CA LEU D 33 -27.21 13.40 45.04
C LEU D 33 -27.42 14.65 44.22
N THR D 34 -26.33 15.37 43.94
CA THR D 34 -26.38 16.66 43.28
C THR D 34 -27.18 16.58 42.00
N GLN D 35 -26.60 15.86 41.04
CA GLN D 35 -27.02 15.94 39.66
C GLN D 35 -28.50 15.64 39.50
N SER D 36 -29.19 16.46 38.73
CA SER D 36 -30.61 16.25 38.53
C SER D 36 -30.92 15.18 37.50
N LYS D 37 -29.97 14.87 36.62
CA LYS D 37 -30.26 13.96 35.53
C LYS D 37 -30.52 12.55 36.03
N VAL D 38 -29.82 12.13 37.07
CA VAL D 38 -29.95 10.76 37.52
C VAL D 38 -31.35 10.51 38.03
N SER D 39 -31.72 9.24 38.09
CA SER D 39 -33.04 8.91 38.59
C SER D 39 -33.17 9.41 40.01
N ILE D 40 -34.18 10.24 40.25
CA ILE D 40 -34.40 10.77 41.58
C ILE D 40 -34.57 9.64 42.58
N GLU D 41 -35.20 8.56 42.13
CA GLU D 41 -35.35 7.42 43.00
C GLU D 41 -33.99 6.92 43.44
N GLN D 42 -33.13 6.57 42.49
CA GLN D 42 -31.77 6.15 42.82
C GLN D 42 -31.11 7.12 43.77
N ARG D 43 -31.31 8.42 43.55
CA ARG D 43 -30.73 9.43 44.42
C ARG D 43 -31.15 9.22 45.86
N LYS D 44 -32.45 9.26 46.08
CA LYS D 44 -32.99 9.05 47.41
C LYS D 44 -32.77 7.63 47.91
N GLU D 45 -32.24 6.74 47.06
CA GLU D 45 -31.74 5.45 47.50
C GLU D 45 -30.34 5.56 48.07
N ALA D 46 -29.50 6.33 47.39
CA ALA D 46 -28.12 6.48 47.82
C ALA D 46 -28.02 7.27 49.11
N ALA D 47 -28.93 8.23 49.30
CA ALA D 47 -28.83 9.11 50.45
C ALA D 47 -28.60 8.32 51.72
N GLU D 48 -29.40 7.29 51.94
CA GLU D 48 -29.30 6.48 53.15
C GLU D 48 -27.91 5.89 53.31
N PHE D 49 -27.34 5.39 52.22
CA PHE D 49 -25.96 4.93 52.24
C PHE D 49 -25.04 6.02 52.77
N VAL D 50 -25.21 7.22 52.21
CA VAL D 50 -24.42 8.38 52.63
C VAL D 50 -24.58 8.58 54.12
N LEU D 51 -25.76 9.02 54.52
CA LEU D 51 -26.06 9.33 55.91
C LEU D 51 -25.56 8.25 56.83
N ALA D 52 -25.69 7.00 56.41
CA ALA D 52 -25.15 5.89 57.15
C ALA D 52 -23.68 6.11 57.42
N LYS D 53 -22.84 6.02 56.39
CA LYS D 53 -21.42 6.11 56.73
C LYS D 53 -21.02 7.48 57.22
N ILE D 54 -21.90 8.47 57.14
CA ILE D 54 -21.78 9.60 58.04
C ILE D 54 -21.79 9.11 59.47
N LYS D 55 -22.88 8.44 59.84
CA LYS D 55 -23.10 8.13 61.25
C LYS D 55 -22.00 7.22 61.78
N GLU D 56 -21.76 6.10 61.11
CA GLU D 56 -20.70 5.25 61.64
C GLU D 56 -19.33 5.81 61.32
N GLU D 57 -19.09 6.23 60.09
CA GLU D 57 -17.74 6.66 59.76
C GLU D 57 -17.41 7.99 60.39
N GLU D 58 -18.42 8.76 60.78
CA GLU D 58 -18.22 10.03 61.49
C GLU D 58 -17.36 10.98 60.65
N MET D 59 -18.01 11.47 59.60
CA MET D 59 -17.41 12.32 58.59
C MET D 59 -17.61 13.81 58.87
N ALA D 60 -18.05 14.16 60.08
CA ALA D 60 -18.70 15.45 60.35
C ALA D 60 -18.14 16.66 59.61
N PRO D 61 -16.82 16.89 59.56
CA PRO D 61 -16.37 18.02 58.74
C PRO D 61 -16.87 17.88 57.33
N TYR D 62 -16.67 16.69 56.79
CA TYR D 62 -17.19 16.37 55.48
C TYR D 62 -18.71 16.37 55.48
N TYR D 63 -19.33 16.15 56.65
CA TYR D 63 -20.78 16.25 56.72
C TYR D 63 -21.24 17.65 56.41
N LYS D 64 -20.77 18.62 57.19
CA LYS D 64 -21.04 20.01 56.90
C LYS D 64 -20.76 20.32 55.43
N TYR D 65 -19.62 19.83 54.96
CA TYR D 65 -19.24 20.06 53.58
C TYR D 65 -20.31 19.57 52.62
N LEU D 66 -20.92 18.42 52.90
CA LEU D 66 -22.00 17.96 52.05
C LEU D 66 -23.22 18.85 52.20
N CYS D 67 -23.46 19.33 53.42
CA CYS D 67 -24.47 20.36 53.60
C CYS D 67 -24.20 21.55 52.72
N GLU D 68 -22.97 21.74 52.25
CA GLU D 68 -22.71 22.74 51.23
C GLU D 68 -23.02 22.22 49.84
N GLU D 69 -22.62 20.99 49.52
CA GLU D 69 -22.80 20.57 48.14
C GLU D 69 -24.24 20.21 47.82
N TYR D 70 -25.07 19.96 48.83
CA TYR D 70 -26.51 19.88 48.61
C TYR D 70 -27.03 21.14 47.91
N LEU D 71 -26.39 22.27 48.18
CA LEU D 71 -27.04 23.57 48.03
C LEU D 71 -27.25 23.95 46.58
N VAL D 72 -26.18 23.95 45.80
CA VAL D 72 -26.20 24.45 44.42
C VAL D 72 -26.66 25.90 44.41
N LYS D 93 -29.54 17.01 53.37
CA LYS D 93 -30.22 17.70 54.46
C LYS D 93 -29.26 17.94 55.62
N PHE D 94 -29.64 18.80 56.57
CA PHE D 94 -28.77 19.13 57.70
C PHE D 94 -29.57 19.20 58.98
N ASP D 95 -29.18 18.39 59.96
CA ASP D 95 -29.63 18.54 61.34
C ASP D 95 -28.48 19.12 62.15
N GLN D 96 -28.64 20.37 62.57
CA GLN D 96 -27.60 20.99 63.38
C GLN D 96 -27.33 20.17 64.64
N GLU D 97 -28.38 19.66 65.26
CA GLU D 97 -28.17 18.79 66.40
C GLU D 97 -27.28 17.63 65.99
N LEU D 98 -27.79 16.78 65.10
CA LEU D 98 -27.09 15.59 64.68
C LEU D 98 -25.64 15.95 64.41
N TYR D 99 -25.45 17.09 63.74
CA TYR D 99 -24.12 17.64 63.60
C TYR D 99 -23.42 17.74 64.94
N ASN D 100 -24.13 18.17 65.98
CA ASN D 100 -23.50 18.38 67.27
C ASN D 100 -23.07 17.05 67.87
N GLU D 101 -23.93 16.04 67.80
CA GLU D 101 -23.50 14.70 68.15
C GLU D 101 -22.19 14.39 67.45
N LEU D 102 -22.16 14.63 66.15
CA LEU D 102 -20.96 14.33 65.39
C LEU D 102 -19.76 15.06 65.99
N CYS D 103 -19.93 16.33 66.33
CA CYS D 103 -18.90 17.07 67.03
C CYS D 103 -18.40 16.26 68.19
N LYS D 104 -19.23 16.11 69.22
CA LYS D 104 -18.73 15.49 70.44
C LYS D 104 -18.12 14.14 70.18
N LYS D 105 -18.62 13.41 69.18
CA LYS D 105 -18.03 12.12 68.88
C LYS D 105 -16.61 12.26 68.41
N ASN D 106 -16.38 13.07 67.38
CA ASN D 106 -15.01 13.29 66.94
C ASN D 106 -14.16 13.95 68.00
N GLU D 107 -14.77 14.66 68.94
CA GLU D 107 -14.02 15.21 70.04
C GLU D 107 -13.49 14.09 70.92
N SER D 108 -14.39 13.20 71.33
CA SER D 108 -14.04 12.15 72.26
C SER D 108 -13.08 11.15 71.62
N LYS D 109 -13.35 10.77 70.38
CA LYS D 109 -12.48 9.82 69.73
C LYS D 109 -11.18 10.48 69.31
N ILE D 110 -11.25 11.70 68.77
CA ILE D 110 -10.03 12.39 68.41
C ILE D 110 -9.15 12.46 69.64
N LYS D 111 -9.77 12.58 70.81
CA LYS D 111 -9.05 12.66 72.07
C LYS D 111 -8.09 11.50 72.24
N GLU D 112 -8.51 10.30 71.85
CA GLU D 112 -7.72 9.13 72.18
C GLU D 112 -6.39 9.13 71.44
N LEU D 113 -6.43 9.23 70.12
CA LEU D 113 -5.18 9.43 69.40
C LEU D 113 -4.50 10.71 69.80
N ASN D 114 -5.22 11.65 70.41
CA ASN D 114 -4.52 12.75 71.04
C ASN D 114 -3.71 12.23 72.22
N GLU D 115 -4.18 11.18 72.87
CA GLU D 115 -3.48 10.70 74.04
C GLU D 115 -2.31 9.80 73.65
N LYS D 116 -2.47 9.03 72.58
CA LYS D 116 -1.34 8.29 72.04
C LYS D 116 -0.34 9.25 71.42
N ILE D 117 -0.83 10.35 70.87
CA ILE D 117 0.02 11.50 70.62
C ILE D 117 0.81 11.83 71.88
N GLN D 118 0.12 11.90 73.02
CA GLN D 118 0.85 12.16 74.25
C GLN D 118 1.88 11.06 74.48
N LYS D 119 1.56 9.84 74.08
CA LYS D 119 2.47 8.72 74.20
C LYS D 119 3.65 8.82 73.25
N LEU D 120 3.57 9.67 72.22
CA LEU D 120 4.67 9.76 71.26
C LEU D 120 6.00 9.92 71.96
N GLU D 121 6.01 10.62 73.10
CA GLU D 121 7.26 10.73 73.83
C GLU D 121 7.51 9.47 74.64
N GLU D 122 6.44 8.88 75.18
CA GLU D 122 6.55 7.55 75.76
C GLU D 122 7.05 6.56 74.74
N ASP D 123 6.68 6.77 73.47
CA ASP D 123 7.16 5.89 72.40
C ASP D 123 8.67 5.97 72.34
N ASP D 124 9.31 4.81 72.48
CA ASP D 124 10.73 4.78 72.83
C ASP D 124 11.57 5.42 71.74
N GLU D 125 11.41 4.95 70.52
CA GLU D 125 12.23 5.35 69.40
C GLU D 125 11.48 6.48 68.72
N GLY D 126 11.99 7.71 68.89
CA GLY D 126 11.23 8.89 68.54
C GLY D 126 10.86 8.94 67.08
N GLU D 127 11.70 8.37 66.22
CA GLU D 127 11.53 8.56 64.79
C GLU D 127 10.52 7.59 64.18
N LEU D 128 10.48 6.36 64.65
CA LEU D 128 9.75 5.36 63.90
C LEU D 128 8.28 5.31 64.29
N GLU D 129 7.99 4.94 65.52
CA GLU D 129 6.61 4.63 65.87
C GLU D 129 5.79 5.88 66.13
N GLN D 130 6.41 6.96 66.58
CA GLN D 130 5.72 8.25 66.59
C GLN D 130 5.12 8.54 65.22
N ALA D 131 5.93 8.39 64.17
CA ALA D 131 5.41 8.51 62.83
C ALA D 131 4.20 7.60 62.64
N GLN D 132 4.21 6.43 63.29
CA GLN D 132 3.17 5.45 63.05
C GLN D 132 1.85 5.88 63.66
N ALA D 133 1.87 6.23 64.94
CA ALA D 133 0.65 6.73 65.56
C ALA D 133 0.16 7.96 64.84
N TRP D 134 1.09 8.80 64.39
CA TRP D 134 0.72 9.89 63.49
C TRP D 134 -0.11 9.40 62.34
N ILE D 135 0.44 8.42 61.61
CA ILE D 135 -0.25 7.82 60.48
C ILE D 135 -1.63 7.37 60.88
N ASN D 136 -1.79 6.93 62.13
CA ASN D 136 -3.09 6.48 62.58
C ASN D 136 -4.01 7.66 62.86
N LEU D 137 -3.46 8.80 63.25
CA LEU D 137 -4.26 10.01 63.27
C LEU D 137 -4.68 10.38 61.87
N GLY D 138 -3.76 10.25 60.92
CA GLY D 138 -3.98 10.56 59.52
C GLY D 138 -5.17 9.81 59.02
N GLU D 139 -5.09 8.49 59.17
CA GLU D 139 -6.26 7.68 58.97
C GLU D 139 -7.45 8.23 59.72
N TYR D 140 -7.27 8.70 60.95
CA TYR D 140 -8.45 9.06 61.71
C TYR D 140 -9.23 10.18 61.05
N TYR D 141 -8.67 11.39 61.01
CA TYR D 141 -9.45 12.43 60.35
C TYR D 141 -9.71 12.09 58.89
N ALA D 142 -8.98 11.15 58.32
CA ALA D 142 -9.47 10.56 57.09
C ALA D 142 -10.74 9.77 57.33
N GLN D 143 -11.03 9.38 58.57
CA GLN D 143 -12.37 8.88 58.87
C GLN D 143 -13.34 10.02 59.06
N ILE D 144 -12.87 11.18 59.50
CA ILE D 144 -13.78 12.31 59.47
C ILE D 144 -13.72 12.98 58.13
N GLY D 145 -12.74 12.64 57.30
CA GLY D 145 -12.65 13.26 56.01
C GLY D 145 -12.49 14.76 56.11
N ASP D 146 -11.47 15.21 56.83
CA ASP D 146 -11.09 16.62 56.88
C ASP D 146 -9.67 16.71 56.35
N LYS D 147 -9.52 17.31 55.18
CA LYS D 147 -8.25 17.19 54.46
C LYS D 147 -7.16 18.04 55.07
N ASP D 148 -7.52 19.23 55.55
CA ASP D 148 -6.54 20.15 56.11
C ASP D 148 -5.67 19.46 57.14
N ASN D 149 -6.23 18.51 57.86
CA ASN D 149 -5.58 17.97 59.02
C ASN D 149 -4.57 16.88 58.68
N ALA D 150 -4.46 16.50 57.41
CA ALA D 150 -3.59 15.41 57.01
C ALA D 150 -2.19 15.89 56.69
N GLU D 151 -2.10 16.77 55.71
CA GLU D 151 -0.86 17.39 55.30
C GLU D 151 -0.06 17.85 56.52
N LYS D 152 -0.74 18.47 57.47
CA LYS D 152 -0.07 18.83 58.71
C LYS D 152 0.40 17.59 59.46
N THR D 153 -0.53 16.70 59.80
CA THR D 153 -0.18 15.52 60.59
C THR D 153 0.74 14.60 59.78
N LEU D 154 0.30 14.22 58.60
CA LEU D 154 1.01 13.20 57.85
C LEU D 154 2.25 13.75 57.17
N GLY D 155 2.20 14.98 56.71
CA GLY D 155 3.28 15.51 55.90
C GLY D 155 4.60 15.49 56.64
N LYS D 156 4.62 16.13 57.81
CA LYS D 156 5.75 16.03 58.71
C LYS D 156 6.20 14.59 58.88
N SER D 157 5.24 13.68 59.03
CA SER D 157 5.54 12.28 59.27
C SER D 157 6.50 11.73 58.24
N LEU D 158 6.49 12.31 57.02
CA LEU D 158 7.40 11.88 55.97
C LEU D 158 8.85 11.84 56.45
N SER D 159 9.31 12.92 57.06
CA SER D 159 10.75 13.14 57.20
C SER D 159 11.44 12.10 58.09
N LYS D 160 10.69 11.23 58.76
CA LYS D 160 11.23 10.38 59.81
C LYS D 160 11.65 9.01 59.29
N ALA D 161 11.86 8.08 60.21
CA ALA D 161 12.43 6.76 59.94
C ALA D 161 11.57 5.91 59.02
N ILE D 162 10.39 6.41 58.65
CA ILE D 162 9.53 5.72 57.70
C ILE D 162 10.33 5.32 56.47
N SER D 163 9.99 4.17 55.89
CA SER D 163 10.59 3.73 54.64
C SER D 163 9.93 4.39 53.44
N THR D 164 10.71 4.49 52.36
CA THR D 164 10.25 5.17 51.14
C THR D 164 8.90 4.66 50.69
N GLY D 165 8.69 3.34 50.75
CA GLY D 165 7.38 2.81 50.44
C GLY D 165 6.28 3.52 51.20
N ALA D 166 6.42 3.58 52.52
CA ALA D 166 5.35 4.17 53.32
C ALA D 166 5.25 5.67 53.11
N LYS D 167 6.38 6.34 52.86
CA LYS D 167 6.35 7.74 52.45
C LYS D 167 5.40 7.90 51.27
N ILE D 168 5.66 7.11 50.22
CA ILE D 168 4.76 7.05 49.08
C ILE D 168 3.34 6.87 49.56
N ASP D 169 3.10 5.82 50.33
CA ASP D 169 1.76 5.47 50.76
C ASP D 169 1.04 6.68 51.31
N VAL D 170 1.69 7.39 52.21
CA VAL D 170 1.11 8.60 52.77
C VAL D 170 0.76 9.57 51.66
N MET D 171 1.75 9.94 50.86
CA MET D 171 1.50 10.90 49.79
C MET D 171 0.28 10.51 49.00
N LEU D 172 0.24 9.25 48.58
CA LEU D 172 -0.92 8.73 47.87
C LEU D 172 -2.18 9.00 48.66
N THR D 173 -2.11 8.92 49.98
CA THR D 173 -3.32 9.10 50.75
C THR D 173 -3.77 10.55 50.70
N ILE D 174 -2.81 11.46 50.86
CA ILE D 174 -3.10 12.88 50.68
C ILE D 174 -3.80 13.08 49.35
N ALA D 175 -3.23 12.50 48.30
CA ALA D 175 -3.89 12.53 47.01
C ALA D 175 -5.32 12.04 47.12
N ARG D 176 -5.52 10.89 47.76
CA ARG D 176 -6.85 10.33 47.88
C ARG D 176 -7.80 11.34 48.46
N LEU D 177 -7.31 12.17 49.38
CA LEU D 177 -8.10 13.32 49.77
C LEU D 177 -8.34 14.21 48.57
N GLY D 178 -7.34 14.35 47.72
CA GLY D 178 -7.53 15.15 46.54
C GLY D 178 -8.70 14.65 45.70
N PHE D 179 -8.64 13.40 45.29
CA PHE D 179 -9.75 12.85 44.53
C PHE D 179 -11.03 13.03 45.31
N PHE D 180 -10.96 12.78 46.60
CA PHE D 180 -12.17 12.70 47.39
C PHE D 180 -12.92 14.01 47.38
N TYR D 181 -12.21 15.12 47.38
CA TYR D 181 -12.86 16.41 47.33
C TYR D 181 -12.96 16.98 45.94
N ASN D 182 -12.39 16.30 44.94
CA ASN D 182 -12.38 16.81 43.58
C ASN D 182 -11.60 18.13 43.49
N ASP D 183 -10.42 18.16 44.06
CA ASP D 183 -9.48 19.23 43.78
C ASP D 183 -8.34 18.63 42.97
N GLN D 184 -8.28 19.00 41.71
CA GLN D 184 -7.42 18.27 40.80
C GLN D 184 -5.97 18.70 40.91
N LEU D 185 -5.73 19.99 41.01
CA LEU D 185 -4.37 20.47 41.21
C LEU D 185 -3.80 19.87 42.46
N TYR D 186 -4.52 20.03 43.57
CA TYR D 186 -4.10 19.55 44.87
C TYR D 186 -3.66 18.10 44.80
N VAL D 187 -4.21 17.35 43.86
CA VAL D 187 -3.63 16.07 43.51
C VAL D 187 -2.33 16.29 42.75
N LYS D 188 -2.42 17.06 41.67
CA LYS D 188 -1.35 17.08 40.68
C LYS D 188 -0.01 17.27 41.34
N GLU D 189 0.07 18.28 42.20
CA GLU D 189 1.31 18.52 42.92
C GLU D 189 1.75 17.31 43.72
N LYS D 190 0.80 16.64 44.39
CA LYS D 190 1.19 15.48 45.16
C LYS D 190 1.82 14.46 44.25
N LEU D 191 1.11 14.10 43.19
CA LEU D 191 1.68 13.12 42.27
C LEU D 191 3.02 13.58 41.75
N GLU D 192 3.29 14.87 41.78
CA GLU D 192 4.66 15.29 41.56
C GLU D 192 5.55 14.81 42.69
N ALA D 193 5.10 15.00 43.93
CA ALA D 193 5.89 14.53 45.06
C ALA D 193 6.22 13.06 44.90
N VAL D 194 5.29 12.28 44.39
CA VAL D 194 5.61 10.87 44.23
C VAL D 194 6.49 10.69 43.02
N ASN D 195 6.31 11.50 41.99
CA ASN D 195 7.28 11.50 40.90
C ASN D 195 8.68 11.63 41.42
N SER D 196 8.84 12.35 42.51
CA SER D 196 10.14 12.47 43.14
C SER D 196 10.46 11.27 44.01
N MET D 197 9.47 10.73 44.72
CA MET D 197 9.76 9.64 45.65
C MET D 197 10.02 8.33 44.95
N ILE D 198 9.64 8.22 43.69
CA ILE D 198 9.57 6.94 43.02
C ILE D 198 10.95 6.48 42.57
N GLU D 199 11.54 7.19 41.62
CA GLU D 199 12.69 6.72 40.88
C GLU D 199 13.79 6.17 41.78
N LYS D 200 13.83 6.63 43.02
CA LYS D 200 14.58 5.95 44.05
C LYS D 200 14.06 4.53 44.25
N GLY D 201 12.86 4.39 44.80
CA GLY D 201 12.28 3.08 45.01
C GLY D 201 11.92 2.43 43.70
N GLY D 202 12.50 1.28 43.42
CA GLY D 202 12.30 0.66 42.12
C GLY D 202 11.17 -0.34 42.12
N ASP D 203 10.33 -0.29 43.16
CA ASP D 203 9.29 -1.31 43.30
C ASP D 203 8.15 -0.97 42.37
N TRP D 204 7.92 -1.85 41.40
CA TRP D 204 6.80 -1.63 40.52
C TRP D 204 5.48 -1.97 41.17
N GLU D 205 5.49 -2.66 42.30
CA GLU D 205 4.24 -3.05 42.93
C GLU D 205 3.39 -1.83 43.26
N ARG D 206 3.93 -0.92 44.05
CA ARG D 206 3.19 0.29 44.33
C ARG D 206 3.29 1.29 43.19
N ARG D 207 4.39 1.24 42.44
CA ARG D 207 4.51 2.12 41.29
C ARG D 207 3.31 1.96 40.37
N ASN D 208 2.84 0.74 40.20
CA ASN D 208 1.65 0.54 39.42
C ASN D 208 0.44 1.19 40.07
N ARG D 209 0.39 1.20 41.39
CA ARG D 209 -0.64 2.02 42.04
C ARG D 209 -0.51 3.45 41.58
N TYR D 210 0.71 3.99 41.62
CA TYR D 210 0.93 5.34 41.14
C TYR D 210 0.32 5.53 39.77
N LYS D 211 0.68 4.66 38.82
CA LYS D 211 0.08 4.74 37.50
C LYS D 211 -1.42 4.80 37.60
N THR D 212 -2.02 3.99 38.45
CA THR D 212 -3.46 3.98 38.50
C THR D 212 -4.00 5.32 38.98
N TYR D 213 -3.31 5.95 39.92
CA TYR D 213 -3.67 7.31 40.24
C TYR D 213 -3.55 8.18 39.01
N TYR D 214 -2.31 8.43 38.62
CA TYR D 214 -2.03 9.48 37.65
C TYR D 214 -2.88 9.32 36.43
N GLY D 215 -3.24 8.09 36.09
CA GLY D 215 -4.25 7.87 35.10
C GLY D 215 -5.60 8.36 35.58
N ILE D 216 -6.09 7.83 36.70
CA ILE D 216 -7.46 8.20 37.08
C ILE D 216 -7.58 9.69 37.26
N HIS D 217 -6.50 10.34 37.69
CA HIS D 217 -6.44 11.78 37.56
C HIS D 217 -6.47 12.17 36.10
N CYS D 218 -5.54 11.62 35.32
CA CYS D 218 -5.36 12.07 33.95
C CYS D 218 -6.67 12.12 33.22
N LEU D 219 -7.61 11.28 33.62
CA LEU D 219 -8.92 11.34 33.03
C LEU D 219 -9.75 12.44 33.65
N ALA D 220 -9.70 12.61 34.96
CA ALA D 220 -10.58 13.58 35.61
C ALA D 220 -10.45 14.92 34.93
N VAL D 221 -9.25 15.49 34.99
CA VAL D 221 -8.82 16.43 34.00
C VAL D 221 -9.06 15.83 32.65
N ARG D 222 -9.70 16.54 31.75
CA ARG D 222 -10.21 15.81 30.61
C ARG D 222 -9.08 15.71 29.63
N ASN D 223 -8.32 14.64 29.79
CA ASN D 223 -7.29 14.23 28.87
C ASN D 223 -7.43 12.73 28.79
N PHE D 224 -7.97 12.23 27.71
CA PHE D 224 -8.06 10.79 27.59
C PHE D 224 -6.80 10.20 27.01
N LYS D 225 -6.19 10.93 26.07
CA LYS D 225 -5.14 10.35 25.26
C LYS D 225 -4.09 9.68 26.12
N GLU D 226 -3.74 10.30 27.22
CA GLU D 226 -2.82 9.62 28.10
C GLU D 226 -3.54 8.57 28.91
N ALA D 227 -4.76 8.91 29.34
CA ALA D 227 -5.52 8.05 30.22
C ALA D 227 -5.51 6.63 29.71
N ALA D 228 -6.08 6.40 28.53
CA ALA D 228 -6.21 5.06 28.00
C ALA D 228 -4.92 4.29 28.14
N LYS D 229 -3.83 4.94 27.75
CA LYS D 229 -2.56 4.24 27.80
C LYS D 229 -2.21 3.85 29.22
N LEU D 230 -2.53 4.68 30.19
CA LEU D 230 -2.20 4.29 31.56
C LEU D 230 -3.13 3.20 32.05
N LEU D 231 -4.43 3.44 31.97
CA LEU D 231 -5.39 2.56 32.60
C LEU D 231 -5.37 1.18 31.97
N VAL D 232 -5.55 1.13 30.65
CA VAL D 232 -5.74 -0.14 29.98
C VAL D 232 -4.73 -1.15 30.46
N ASP D 233 -3.49 -0.71 30.64
CA ASP D 233 -2.51 -1.61 31.20
C ASP D 233 -2.71 -1.79 32.70
N SER D 234 -2.97 -0.69 33.41
CA SER D 234 -3.23 -0.84 34.84
C SER D 234 -4.35 -1.82 35.08
N LEU D 235 -5.19 -2.03 34.09
CA LEU D 235 -6.27 -2.98 34.27
C LEU D 235 -5.75 -4.39 34.45
N ALA D 236 -4.50 -4.65 34.05
CA ALA D 236 -3.88 -5.93 34.39
C ALA D 236 -3.85 -6.14 35.89
N THR D 237 -3.23 -5.22 36.61
CA THR D 237 -3.06 -5.31 38.06
C THR D 237 -3.64 -4.06 38.69
N PHE D 238 -4.54 -4.25 39.64
CA PHE D 238 -5.26 -3.12 40.21
C PHE D 238 -5.40 -3.30 41.71
N THR D 239 -5.24 -2.20 42.44
CA THR D 239 -5.33 -2.19 43.90
C THR D 239 -6.50 -1.32 44.32
N SER D 240 -7.57 -1.97 44.77
CA SER D 240 -8.84 -1.28 44.94
C SER D 240 -8.91 -0.52 46.25
N ILE D 241 -8.59 -1.20 47.36
CA ILE D 241 -8.71 -0.61 48.68
C ILE D 241 -7.99 0.70 48.72
N GLU D 242 -6.92 0.81 47.95
CA GLU D 242 -6.26 2.07 47.67
C GLU D 242 -7.31 3.12 47.34
N LEU D 243 -7.92 2.99 46.18
CA LEU D 243 -8.81 4.06 45.74
C LEU D 243 -10.21 3.59 45.52
N THR D 244 -10.47 2.92 44.40
CA THR D 244 -11.83 2.66 43.96
C THR D 244 -11.97 1.19 43.57
N SER D 245 -13.16 0.84 43.13
CA SER D 245 -13.54 -0.53 42.84
C SER D 245 -12.95 -1.03 41.53
N TYR D 246 -12.98 -2.35 41.35
CA TYR D 246 -12.43 -2.92 40.13
C TYR D 246 -13.37 -2.72 38.96
N GLU D 247 -14.68 -2.85 39.19
CA GLU D 247 -15.57 -2.71 38.05
C GLU D 247 -15.68 -1.26 37.63
N SER D 248 -15.55 -0.34 38.58
CA SER D 248 -15.50 1.05 38.19
C SER D 248 -14.34 1.29 37.25
N ILE D 249 -13.14 1.00 37.73
CA ILE D 249 -11.98 1.22 36.87
C ILE D 249 -12.11 0.48 35.56
N ALA D 250 -12.74 -0.67 35.56
CA ALA D 250 -13.02 -1.30 34.29
C ALA D 250 -13.83 -0.37 33.41
N THR D 251 -14.93 0.17 33.93
CA THR D 251 -15.73 1.07 33.09
C THR D 251 -14.88 2.20 32.56
N TYR D 252 -13.95 2.69 33.36
CA TYR D 252 -13.04 3.69 32.82
C TYR D 252 -12.28 3.13 31.64
N ALA D 253 -11.36 2.21 31.89
CA ALA D 253 -10.45 1.81 30.84
C ALA D 253 -11.21 1.36 29.61
N SER D 254 -12.42 0.86 29.78
CA SER D 254 -13.24 0.56 28.62
C SER D 254 -13.71 1.83 27.95
N VAL D 255 -14.09 2.84 28.72
CA VAL D 255 -14.54 4.09 28.11
C VAL D 255 -13.39 4.78 27.39
N THR D 256 -12.32 5.03 28.10
CA THR D 256 -11.22 5.72 27.46
C THR D 256 -10.69 4.92 26.29
N GLY D 257 -10.64 3.61 26.44
CA GLY D 257 -10.25 2.76 25.35
C GLY D 257 -11.11 3.00 24.14
N LEU D 258 -12.42 2.86 24.31
CA LEU D 258 -13.35 3.13 23.22
C LEU D 258 -13.03 4.45 22.57
N PHE D 259 -12.91 5.48 23.38
CA PHE D 259 -12.70 6.81 22.90
C PHE D 259 -11.48 6.85 22.00
N THR D 260 -10.30 6.66 22.58
CA THR D 260 -9.08 7.02 21.87
C THR D 260 -8.64 5.99 20.84
N LEU D 261 -8.89 4.71 21.05
CA LEU D 261 -8.17 3.69 20.32
C LEU D 261 -8.60 3.60 18.87
N GLU D 262 -7.66 3.18 18.03
CA GLU D 262 -7.95 2.81 16.66
C GLU D 262 -8.69 1.48 16.60
N ARG D 263 -9.46 1.30 15.53
CA ARG D 263 -10.26 0.09 15.36
C ARG D 263 -9.47 -1.17 15.61
N THR D 264 -8.37 -1.34 14.89
CA THR D 264 -7.61 -2.56 15.05
C THR D 264 -7.15 -2.77 16.47
N ASP D 265 -6.69 -1.70 17.10
CA ASP D 265 -6.25 -1.83 18.47
C ASP D 265 -7.39 -1.73 19.45
N LEU D 266 -8.56 -1.29 19.01
CA LEU D 266 -9.74 -1.54 19.81
C LEU D 266 -9.95 -3.03 19.96
N LYS D 267 -9.99 -3.74 18.84
CA LYS D 267 -10.13 -5.19 18.91
C LYS D 267 -9.05 -5.77 19.78
N SER D 268 -7.81 -5.53 19.39
CA SER D 268 -6.67 -6.05 20.13
C SER D 268 -6.77 -5.82 21.61
N LYS D 269 -6.70 -4.56 22.03
CA LYS D 269 -6.43 -4.26 23.42
C LYS D 269 -7.66 -4.30 24.30
N VAL D 270 -8.86 -4.27 23.75
CA VAL D 270 -10.00 -4.06 24.62
C VAL D 270 -11.05 -5.13 24.44
N ILE D 271 -11.62 -5.21 23.24
CA ILE D 271 -12.58 -6.28 23.00
C ILE D 271 -11.98 -7.63 23.33
N ASP D 272 -10.68 -7.77 23.16
CA ASP D 272 -10.02 -9.05 23.35
C ASP D 272 -9.38 -9.18 24.71
N SER D 273 -9.43 -8.17 25.54
CA SER D 273 -8.73 -8.24 26.80
C SER D 273 -9.44 -9.25 27.70
N PRO D 274 -8.73 -10.23 28.25
CA PRO D 274 -9.38 -11.22 29.09
C PRO D 274 -10.18 -10.63 30.21
N GLU D 275 -9.70 -9.53 30.79
CA GLU D 275 -10.34 -9.00 31.98
C GLU D 275 -11.77 -8.62 31.70
N LEU D 276 -11.97 -7.71 30.74
CA LEU D 276 -13.31 -7.21 30.50
C LEU D 276 -14.29 -8.36 30.33
N LEU D 277 -13.83 -9.44 29.72
CA LEU D 277 -14.62 -10.66 29.75
C LEU D 277 -14.83 -11.10 31.19
N SER D 278 -13.73 -11.24 31.93
CA SER D 278 -13.78 -11.79 33.28
C SER D 278 -14.80 -11.05 34.13
N LEU D 279 -15.07 -9.81 33.83
CA LEU D 279 -16.08 -9.08 34.56
C LEU D 279 -17.45 -9.18 33.93
N ILE D 280 -17.54 -9.67 32.68
CA ILE D 280 -18.78 -9.74 31.92
C ILE D 280 -19.57 -8.47 32.14
N SER D 281 -20.81 -8.59 32.57
CA SER D 281 -21.56 -7.46 33.09
C SER D 281 -21.56 -7.59 34.61
N THR D 282 -20.73 -6.78 35.27
CA THR D 282 -20.87 -6.69 36.71
C THR D 282 -22.02 -5.77 37.05
N THR D 283 -22.17 -4.67 36.32
CA THR D 283 -23.20 -3.70 36.61
C THR D 283 -23.70 -3.08 35.32
N ALA D 284 -24.88 -2.45 35.43
CA ALA D 284 -25.60 -1.99 34.24
C ALA D 284 -24.73 -1.12 33.36
N ALA D 285 -23.89 -0.29 33.96
CA ALA D 285 -22.99 0.53 33.17
C ALA D 285 -22.15 -0.34 32.27
N LEU D 286 -21.19 -1.04 32.87
CA LEU D 286 -20.21 -1.79 32.12
C LEU D 286 -20.90 -2.67 31.09
N GLN D 287 -22.03 -3.23 31.45
CA GLN D 287 -22.81 -3.99 30.48
C GLN D 287 -23.19 -3.11 29.31
N SER D 288 -23.79 -1.97 29.59
CA SER D 288 -24.25 -1.10 28.53
C SER D 288 -23.12 -0.75 27.61
N ILE D 289 -22.04 -0.22 28.15
CA ILE D 289 -21.02 0.30 27.28
C ILE D 289 -20.37 -0.84 26.52
N SER D 290 -20.09 -1.95 27.19
CA SER D 290 -19.51 -3.08 26.47
C SER D 290 -20.37 -3.40 25.27
N SER D 291 -21.68 -3.46 25.49
CA SER D 291 -22.60 -3.57 24.39
C SER D 291 -22.33 -2.50 23.36
N LEU D 292 -21.95 -1.31 23.81
CA LEU D 292 -21.77 -0.22 22.87
C LEU D 292 -20.56 -0.43 21.99
N THR D 293 -19.41 -0.66 22.60
CA THR D 293 -18.23 -0.93 21.81
C THR D 293 -18.52 -2.02 20.81
N ILE D 294 -19.03 -3.15 21.26
CA ILE D 294 -19.23 -4.23 20.32
C ILE D 294 -20.25 -3.85 19.28
N SER D 295 -21.13 -2.93 19.60
CA SER D 295 -22.00 -2.42 18.57
C SER D 295 -21.26 -1.55 17.58
N LEU D 296 -20.12 -0.99 17.98
CA LEU D 296 -19.32 -0.19 17.07
C LEU D 296 -18.48 -1.10 16.18
N TYR D 297 -17.55 -1.80 16.80
CA TYR D 297 -16.57 -2.58 16.09
C TYR D 297 -17.20 -3.45 15.05
N ALA D 298 -18.45 -3.81 15.27
CA ALA D 298 -19.12 -4.79 14.44
C ALA D 298 -20.00 -4.16 13.39
N SER D 299 -20.01 -2.85 13.27
CA SER D 299 -20.87 -2.22 12.29
C SER D 299 -22.32 -2.65 12.51
N ASP D 300 -22.88 -2.20 13.60
CA ASP D 300 -24.31 -2.28 13.80
C ASP D 300 -24.79 -0.85 13.85
N TYR D 301 -25.37 -0.37 12.77
CA TYR D 301 -25.66 1.05 12.84
C TYR D 301 -26.98 1.32 13.49
N ALA D 302 -28.00 0.54 13.16
CA ALA D 302 -29.29 0.77 13.77
C ALA D 302 -29.16 0.80 15.29
N SER D 303 -28.26 0.01 15.83
CA SER D 303 -28.20 -0.14 17.26
C SER D 303 -27.32 0.89 17.95
N TYR D 304 -26.51 1.63 17.20
CA TYR D 304 -25.48 2.41 17.85
C TYR D 304 -26.07 3.48 18.73
N PHE D 305 -26.87 4.35 18.15
CA PHE D 305 -27.39 5.46 18.92
C PHE D 305 -28.11 5.05 20.19
N PRO D 306 -28.95 4.04 20.21
CA PRO D 306 -29.58 3.70 21.49
C PRO D 306 -28.59 3.34 22.54
N TYR D 307 -27.66 2.46 22.23
CA TYR D 307 -26.66 2.10 23.22
C TYR D 307 -25.87 3.32 23.63
N LEU D 308 -25.48 4.15 22.67
CA LEU D 308 -24.79 5.40 22.98
C LEU D 308 -25.57 6.17 24.02
N LEU D 309 -26.86 6.26 23.83
CA LEU D 309 -27.66 7.15 24.63
C LEU D 309 -27.80 6.61 26.04
N GLU D 310 -28.20 5.35 26.14
CA GLU D 310 -28.33 4.75 27.45
C GLU D 310 -27.02 4.68 28.19
N THR D 311 -25.90 4.68 27.48
CA THR D 311 -24.64 4.79 28.19
C THR D 311 -24.40 6.20 28.67
N TYR D 312 -24.69 7.17 27.84
CA TYR D 312 -24.64 8.54 28.33
C TYR D 312 -25.36 8.64 29.64
N ALA D 313 -26.58 8.12 29.68
CA ALA D 313 -27.37 8.19 30.90
C ALA D 313 -26.74 7.35 32.01
N ASN D 314 -26.35 6.13 31.72
CA ASN D 314 -26.13 5.17 32.77
C ASN D 314 -24.69 4.97 33.18
N VAL D 315 -23.75 5.63 32.54
CA VAL D 315 -22.40 5.61 33.08
C VAL D 315 -21.87 7.03 33.16
N LEU D 316 -21.82 7.72 32.02
CA LEU D 316 -21.26 9.05 32.00
C LEU D 316 -21.92 9.96 33.03
N ILE D 317 -23.23 10.11 32.95
CA ILE D 317 -23.89 11.02 33.88
C ILE D 317 -23.56 10.66 35.32
N PRO D 318 -23.87 9.47 35.82
CA PRO D 318 -23.59 9.22 37.23
C PRO D 318 -22.12 9.27 37.58
N CYS D 319 -21.24 8.80 36.72
CA CYS D 319 -19.86 8.65 37.14
C CYS D 319 -19.28 9.96 37.58
N LYS D 320 -18.53 9.92 38.68
CA LYS D 320 -18.06 11.14 39.29
C LYS D 320 -17.15 11.90 38.35
N TYR D 321 -16.06 11.26 37.94
CA TYR D 321 -15.13 11.94 37.05
C TYR D 321 -15.78 12.26 35.73
N LEU D 322 -16.27 11.25 35.04
CA LEU D 322 -16.72 11.45 33.67
C LEU D 322 -17.81 12.48 33.55
N ASN D 323 -18.58 12.74 34.59
CA ASN D 323 -19.78 13.54 34.38
C ASN D 323 -19.44 14.86 33.71
N ARG D 324 -18.43 15.54 34.22
CA ARG D 324 -18.08 16.84 33.65
C ARG D 324 -17.92 16.77 32.15
N HIS D 325 -17.34 15.71 31.65
CA HIS D 325 -16.95 15.66 30.26
C HIS D 325 -18.00 15.03 29.38
N ALA D 326 -19.17 14.73 29.94
CA ALA D 326 -20.17 14.00 29.19
C ALA D 326 -20.31 14.50 27.78
N ASP D 327 -20.82 15.71 27.60
CA ASP D 327 -21.10 16.18 26.25
C ASP D 327 -19.89 15.99 25.36
N PHE D 328 -18.73 16.39 25.84
CA PHE D 328 -17.52 16.22 25.04
C PHE D 328 -17.47 14.84 24.46
N PHE D 329 -17.40 13.87 25.35
CA PHE D 329 -17.31 12.48 24.93
C PHE D 329 -18.31 12.18 23.85
N VAL D 330 -19.57 12.49 24.09
CA VAL D 330 -20.57 12.05 23.15
C VAL D 330 -20.34 12.71 21.81
N ARG D 331 -20.04 14.00 21.81
CA ARG D 331 -19.75 14.66 20.56
C ARG D 331 -18.76 13.83 19.78
N GLU D 332 -17.64 13.52 20.41
CA GLU D 332 -16.65 12.66 19.78
C GLU D 332 -17.24 11.37 19.28
N MET D 333 -17.93 10.64 20.14
CA MET D 333 -18.45 9.36 19.68
C MET D 333 -19.41 9.55 18.54
N ARG D 334 -20.24 10.59 18.63
CA ARG D 334 -21.14 10.85 17.54
C ARG D 334 -20.41 11.09 16.25
N ARG D 335 -19.15 11.49 16.32
CA ARG D 335 -18.36 11.55 15.12
C ARG D 335 -17.84 10.20 14.70
N LYS D 336 -17.25 9.45 15.63
CA LYS D 336 -16.48 8.30 15.19
C LYS D 336 -17.29 7.35 14.39
N VAL D 337 -18.60 7.39 14.50
CA VAL D 337 -19.36 6.52 13.63
C VAL D 337 -19.52 7.13 12.26
N TYR D 338 -19.96 8.38 12.17
CA TYR D 338 -20.09 8.97 10.84
C TYR D 338 -18.85 8.70 10.03
N ALA D 339 -17.69 9.02 10.60
CA ALA D 339 -16.43 8.71 9.96
C ALA D 339 -16.39 7.27 9.52
N GLN D 340 -16.44 6.38 10.49
CA GLN D 340 -16.41 4.96 10.18
C GLN D 340 -17.47 4.55 9.20
N LEU D 341 -18.57 5.23 9.15
CA LEU D 341 -19.51 4.76 8.16
C LEU D 341 -19.10 5.16 6.78
N LEU D 342 -18.62 6.38 6.62
CA LEU D 342 -18.29 6.82 5.29
C LEU D 342 -17.10 6.06 4.76
N GLU D 343 -16.13 5.82 5.61
CA GLU D 343 -14.77 5.56 5.18
C GLU D 343 -14.67 4.65 3.99
N SER D 344 -15.52 3.65 3.92
CA SER D 344 -15.47 2.74 2.81
C SER D 344 -16.31 3.20 1.64
N TYR D 345 -16.85 4.41 1.67
CA TYR D 345 -17.70 4.89 0.60
C TYR D 345 -17.11 6.09 -0.10
N LYS D 346 -17.22 6.09 -1.40
CA LYS D 346 -16.98 7.26 -2.21
C LYS D 346 -18.18 8.15 -2.28
N THR D 347 -19.38 7.62 -2.10
CA THR D 347 -20.58 8.41 -2.01
C THR D 347 -21.56 7.72 -1.10
N LEU D 348 -22.56 8.46 -0.65
CA LEU D 348 -23.72 7.85 -0.02
C LEU D 348 -24.95 8.68 -0.31
N SER D 349 -26.10 8.08 -0.18
CA SER D 349 -27.31 8.84 -0.22
C SER D 349 -27.77 8.98 1.21
N LEU D 350 -28.11 10.19 1.63
CA LEU D 350 -28.46 10.41 3.01
C LEU D 350 -29.46 9.36 3.47
N LYS D 351 -30.58 9.28 2.77
CA LYS D 351 -31.64 8.37 3.14
C LYS D 351 -31.11 7.00 3.50
N SER D 352 -30.14 6.51 2.73
CA SER D 352 -29.48 5.28 3.11
C SER D 352 -28.86 5.41 4.49
N MET D 353 -28.11 6.47 4.72
CA MET D 353 -27.52 6.67 6.04
C MET D 353 -28.55 6.76 7.14
N ALA D 354 -29.33 7.83 7.13
CA ALA D 354 -30.32 8.02 8.16
C ALA D 354 -31.10 6.74 8.37
N SER D 355 -31.50 6.11 7.29
CA SER D 355 -32.15 4.81 7.41
C SER D 355 -31.35 3.90 8.31
N ALA D 356 -30.07 3.73 8.00
CA ALA D 356 -29.20 2.92 8.83
C ALA D 356 -29.33 3.36 10.28
N PHE D 357 -28.88 4.56 10.58
CA PHE D 357 -28.97 5.04 11.95
C PHE D 357 -30.41 5.13 12.43
N GLY D 358 -31.38 5.11 11.54
CA GLY D 358 -32.75 5.21 11.97
C GLY D 358 -33.05 6.56 12.58
N VAL D 359 -32.78 7.63 11.85
CA VAL D 359 -33.16 8.98 12.24
C VAL D 359 -33.65 9.69 11.00
N SER D 360 -34.23 10.86 11.17
CA SER D 360 -34.65 11.59 9.99
C SER D 360 -33.44 12.02 9.20
N VAL D 361 -33.66 12.35 7.94
CA VAL D 361 -32.63 13.02 7.18
C VAL D 361 -32.29 14.36 7.84
N ALA D 362 -33.23 15.30 7.79
CA ALA D 362 -32.92 16.68 8.15
C ALA D 362 -32.16 16.76 9.44
N PHE D 363 -32.57 15.98 10.44
CA PHE D 363 -31.77 15.89 11.64
C PHE D 363 -30.38 15.39 11.35
N LEU D 364 -30.25 14.41 10.46
CA LEU D 364 -28.92 13.89 10.17
C LEU D 364 -28.06 14.92 9.49
N ASP D 365 -28.60 15.58 8.48
CA ASP D 365 -27.93 16.70 7.87
C ASP D 365 -27.42 17.66 8.93
N ASN D 366 -28.30 18.07 9.84
CA ASN D 366 -27.86 19.00 10.88
C ASN D 366 -26.74 18.41 11.71
N ASP D 367 -26.78 17.12 11.98
CA ASP D 367 -25.74 16.64 12.85
C ASP D 367 -24.43 16.41 12.14
N LEU D 368 -24.44 16.25 10.83
CA LEU D 368 -23.14 16.24 10.17
C LEU D 368 -22.61 17.65 10.07
N GLY D 369 -23.48 18.60 9.78
CA GLY D 369 -23.00 19.94 9.55
C GLY D 369 -22.16 20.48 10.69
N LYS D 370 -22.16 19.82 11.84
CA LYS D 370 -21.29 20.27 12.91
C LYS D 370 -19.84 20.11 12.53
N PHE D 371 -19.47 18.93 12.05
CA PHE D 371 -18.07 18.60 11.98
C PHE D 371 -17.42 18.97 10.68
N ILE D 372 -18.21 19.22 9.65
CA ILE D 372 -17.60 19.41 8.35
C ILE D 372 -16.79 20.69 8.35
N PRO D 373 -17.34 21.83 8.76
CA PRO D 373 -16.52 23.02 8.73
C PRO D 373 -15.33 22.88 9.61
N ASN D 374 -15.46 22.09 10.66
CA ASN D 374 -14.39 21.91 11.61
C ASN D 374 -13.38 20.90 11.14
N LYS D 375 -13.63 20.25 10.01
CA LYS D 375 -12.71 19.41 9.29
C LYS D 375 -12.59 18.02 9.86
N GLN D 376 -13.35 17.65 10.88
CA GLN D 376 -13.19 16.29 11.37
C GLN D 376 -13.64 15.24 10.37
N LEU D 377 -14.71 15.46 9.61
CA LEU D 377 -15.28 14.31 8.91
C LEU D 377 -14.57 13.92 7.64
N ASN D 378 -14.05 14.87 6.87
CA ASN D 378 -13.65 14.58 5.51
C ASN D 378 -14.86 14.07 4.72
N CYS D 379 -15.76 14.99 4.44
CA CYS D 379 -16.73 14.81 3.38
C CYS D 379 -17.35 16.16 3.11
N VAL D 380 -18.34 16.17 2.23
CA VAL D 380 -19.16 17.32 1.93
C VAL D 380 -20.47 16.75 1.45
N ILE D 381 -21.51 17.55 1.35
CA ILE D 381 -22.78 17.03 0.88
C ILE D 381 -23.46 17.97 -0.08
N ASP D 382 -24.37 17.42 -0.88
CA ASP D 382 -25.23 18.24 -1.70
C ASP D 382 -26.68 17.91 -1.36
N ARG D 383 -27.38 18.90 -0.82
CA ARG D 383 -28.74 18.67 -0.40
C ARG D 383 -29.66 18.59 -1.60
N VAL D 384 -29.22 19.09 -2.74
CA VAL D 384 -30.00 18.96 -3.96
C VAL D 384 -30.32 17.50 -4.22
N ASN D 385 -29.30 16.66 -4.30
CA ASN D 385 -29.47 15.26 -4.57
C ASN D 385 -29.43 14.39 -3.33
N GLY D 386 -29.29 14.99 -2.15
CA GLY D 386 -29.20 14.21 -0.95
C GLY D 386 -27.99 13.33 -0.86
N ILE D 387 -26.88 13.73 -1.46
CA ILE D 387 -25.79 12.79 -1.58
C ILE D 387 -24.65 13.30 -0.72
N VAL D 388 -23.80 12.38 -0.28
CA VAL D 388 -22.70 12.65 0.60
C VAL D 388 -21.46 12.24 -0.13
N GLU D 389 -20.66 13.18 -0.53
CA GLU D 389 -19.46 12.75 -1.19
C GLU D 389 -18.31 12.80 -0.21
N THR D 390 -17.41 11.86 -0.35
CA THR D 390 -16.32 11.67 0.57
C THR D 390 -15.02 12.13 -0.06
N ASN D 391 -14.42 13.15 0.50
CA ASN D 391 -13.18 13.72 0.00
C ASN D 391 -11.93 13.28 0.74
N ARG D 392 -12.03 12.30 1.61
CA ARG D 392 -10.90 11.91 2.44
C ARG D 392 -9.63 11.81 1.60
N PRO D 393 -8.54 12.15 2.11
CA PRO D 393 -7.36 12.27 1.25
C PRO D 393 -6.48 11.03 1.19
N ASP D 394 -6.98 9.97 0.59
CA ASP D 394 -6.15 8.82 0.28
C ASP D 394 -5.40 8.97 -1.03
N ASN D 395 -6.09 9.33 -2.10
CA ASN D 395 -5.49 9.31 -3.40
C ASN D 395 -4.38 10.34 -3.47
N LYS D 396 -3.54 10.23 -4.49
CA LYS D 396 -2.38 11.12 -4.47
C LYS D 396 -2.79 12.53 -4.79
N ASN D 397 -3.79 12.72 -5.63
CA ASN D 397 -4.37 14.04 -5.81
C ASN D 397 -4.59 14.73 -4.50
N ALA D 398 -5.50 14.21 -3.69
CA ALA D 398 -5.79 14.87 -2.44
C ALA D 398 -4.52 15.21 -1.69
N GLN D 399 -3.65 14.23 -1.52
CA GLN D 399 -2.42 14.53 -0.80
C GLN D 399 -1.54 15.51 -1.52
N TYR D 400 -1.90 15.88 -2.73
CA TYR D 400 -1.26 17.01 -3.38
C TYR D 400 -1.91 18.30 -2.94
N HIS D 401 -3.19 18.49 -3.29
CA HIS D 401 -3.89 19.72 -2.95
C HIS D 401 -3.70 20.09 -1.49
N LEU D 402 -4.04 19.18 -0.59
CA LEU D 402 -3.85 19.46 0.82
C LEU D 402 -2.45 19.97 1.09
N LEU D 403 -1.48 19.49 0.34
CA LEU D 403 -0.13 19.94 0.58
C LEU D 403 0.11 21.35 0.06
N VAL D 404 -0.38 21.69 -1.13
CA VAL D 404 -0.13 23.04 -1.57
C VAL D 404 -0.78 24.02 -0.62
N LYS D 405 -1.98 23.70 -0.14
CA LYS D 405 -2.62 24.60 0.82
C LYS D 405 -1.78 24.71 2.07
N GLN D 406 -1.52 23.58 2.72
CA GLN D 406 -0.79 23.66 3.97
C GLN D 406 0.60 24.22 3.79
N GLY D 407 1.11 24.23 2.58
CA GLY D 407 2.42 24.81 2.35
C GLY D 407 2.34 26.30 2.27
N ASP D 408 1.40 26.80 1.48
CA ASP D 408 1.27 28.25 1.36
C ASP D 408 0.91 28.86 2.70
N GLY D 409 0.03 28.20 3.44
CA GLY D 409 -0.24 28.64 4.78
C GLY D 409 1.02 28.83 5.59
N LEU D 410 2.04 28.03 5.34
CA LEU D 410 3.28 28.21 6.07
C LEU D 410 4.09 29.35 5.50
N LEU D 411 4.09 29.49 4.18
CA LEU D 411 4.84 30.58 3.60
C LEU D 411 4.34 31.87 4.22
N THR D 412 3.12 32.24 3.89
CA THR D 412 2.65 33.57 4.21
C THR D 412 3.02 33.98 5.62
N LYS D 413 2.80 33.08 6.56
CA LYS D 413 3.30 33.28 7.89
C LYS D 413 4.78 33.63 7.88
N LEU D 414 5.57 32.73 7.31
CA LEU D 414 7.01 32.93 7.32
C LEU D 414 7.39 34.26 6.72
N GLN D 415 6.74 34.64 5.64
CA GLN D 415 7.07 35.90 4.99
C GLN D 415 6.83 37.06 5.93
N LYS D 416 5.60 37.21 6.41
CA LYS D 416 5.32 38.42 7.17
C LYS D 416 6.22 38.51 8.38
N TYR D 417 6.39 37.40 9.10
CA TYR D 417 7.41 37.42 10.14
C TYR D 417 8.73 37.91 9.56
N GLY D 418 8.99 37.52 8.33
CA GLY D 418 10.19 37.93 7.65
C GLY D 418 10.31 39.42 7.62
N ALA D 419 9.31 40.11 7.08
CA ALA D 419 9.39 41.57 7.00
C ALA D 419 9.58 42.17 8.37
N ALA D 420 8.87 41.64 9.36
CA ALA D 420 9.01 42.13 10.71
C ALA D 420 10.47 42.16 11.14
N VAL D 421 11.14 41.03 11.06
CA VAL D 421 12.50 41.01 11.57
C VAL D 421 13.45 41.69 10.61
N ARG D 422 13.15 41.70 9.32
CA ARG D 422 13.94 42.49 8.38
C ARG D 422 14.04 43.93 8.83
N LEU D 423 12.89 44.53 9.15
CA LEU D 423 12.91 45.96 9.49
C LEU D 423 13.61 46.19 10.82
N THR D 424 13.23 45.43 11.85
CA THR D 424 13.84 45.59 13.15
C THR D 424 15.34 45.39 13.05
N LEU E 3 37.01 -19.62 -42.23
CA LEU E 3 38.31 -20.06 -41.79
C LEU E 3 38.98 -19.02 -40.91
N GLN E 4 39.52 -17.99 -41.54
CA GLN E 4 40.30 -17.02 -40.80
C GLN E 4 39.39 -16.21 -39.91
N HIS E 5 39.65 -16.23 -38.61
CA HIS E 5 38.85 -15.49 -37.67
C HIS E 5 39.66 -14.40 -37.00
N GLU E 6 38.94 -13.37 -36.55
CA GLU E 6 39.53 -12.06 -36.36
C GLU E 6 39.25 -11.50 -34.98
N LYS E 7 37.98 -11.28 -34.70
CA LYS E 7 37.51 -10.66 -33.48
C LYS E 7 36.95 -11.73 -32.56
N VAL E 8 37.13 -11.55 -31.26
CA VAL E 8 36.75 -12.56 -30.29
C VAL E 8 35.79 -11.98 -29.27
N THR E 9 34.87 -12.81 -28.83
CA THR E 9 33.84 -12.42 -27.89
C THR E 9 33.83 -13.40 -26.75
N ILE E 10 33.60 -12.93 -25.54
CA ILE E 10 33.59 -13.80 -24.38
C ILE E 10 32.28 -13.63 -23.66
N ALA E 11 31.80 -14.67 -23.12
CA ALA E 11 30.73 -14.43 -22.17
C ALA E 11 31.32 -14.29 -20.80
N PRO E 12 30.62 -13.63 -19.87
CA PRO E 12 31.16 -13.47 -18.53
C PRO E 12 31.34 -14.77 -17.83
N LEU E 13 30.57 -15.77 -18.24
CA LEU E 13 30.60 -17.05 -17.57
C LEU E 13 31.94 -17.73 -17.74
N VAL E 14 32.64 -17.48 -18.83
CA VAL E 14 34.00 -18.00 -18.91
C VAL E 14 34.83 -17.43 -17.79
N LEU E 15 34.81 -16.12 -17.63
CA LEU E 15 35.63 -15.46 -16.65
C LEU E 15 35.33 -16.03 -15.29
N LEU E 16 34.12 -15.77 -14.81
CA LEU E 16 33.75 -16.27 -13.49
C LEU E 16 34.04 -17.74 -13.34
N SER E 17 33.72 -18.52 -14.35
CA SER E 17 34.02 -19.93 -14.36
C SER E 17 35.46 -20.17 -13.98
N ALA E 18 36.37 -19.72 -14.83
CA ALA E 18 37.79 -19.99 -14.61
C ALA E 18 38.24 -19.46 -13.27
N LEU E 19 37.71 -18.32 -12.85
CA LEU E 19 38.07 -17.80 -11.54
C LEU E 19 37.77 -18.84 -10.47
N ASP E 20 36.51 -19.18 -10.32
CA ASP E 20 36.14 -20.17 -9.33
C ASP E 20 36.92 -21.44 -9.50
N HIS E 21 37.31 -21.77 -10.72
CA HIS E 21 38.25 -22.85 -10.90
C HIS E 21 39.51 -22.58 -10.11
N TYR E 22 40.06 -21.39 -10.25
CA TYR E 22 41.30 -21.06 -9.59
C TYR E 22 41.12 -21.23 -8.09
N GLU E 23 40.36 -20.34 -7.46
CA GLU E 23 40.37 -20.36 -6.01
C GLU E 23 39.65 -21.55 -5.43
N ARG E 24 38.84 -22.24 -6.22
CA ARG E 24 38.42 -23.57 -5.81
C ARG E 24 39.63 -24.47 -5.66
N THR E 25 40.55 -24.38 -6.59
CA THR E 25 41.68 -25.29 -6.61
C THR E 25 42.89 -24.75 -5.89
N GLN E 26 42.78 -23.60 -5.22
CA GLN E 26 43.83 -23.06 -4.38
C GLN E 26 45.12 -22.89 -5.14
N THR E 27 45.04 -22.80 -6.45
CA THR E 27 46.21 -23.13 -7.25
C THR E 27 47.33 -22.14 -6.97
N LYS E 28 48.47 -22.69 -6.58
CA LYS E 28 49.63 -21.88 -6.22
C LYS E 28 50.15 -21.19 -7.47
N GLU E 29 50.26 -19.86 -7.39
CA GLU E 29 50.37 -19.01 -8.57
C GLU E 29 51.42 -19.51 -9.56
N ASN E 30 52.59 -19.93 -9.05
CA ASN E 30 53.64 -20.35 -9.96
C ASN E 30 53.24 -21.59 -10.74
N LYS E 31 52.17 -22.24 -10.32
CA LYS E 31 51.50 -23.26 -11.11
C LYS E 31 50.19 -22.66 -11.63
N ARG E 32 49.78 -23.09 -12.80
CA ARG E 32 48.75 -22.40 -13.54
C ARG E 32 47.50 -23.26 -13.58
N CYS E 33 46.35 -22.62 -13.76
CA CYS E 33 45.10 -23.34 -13.95
C CYS E 33 44.85 -23.51 -15.43
N VAL E 34 44.28 -24.65 -15.78
CA VAL E 34 44.03 -24.97 -17.18
C VAL E 34 42.67 -25.61 -17.30
N GLY E 35 41.94 -25.27 -18.35
CA GLY E 35 40.62 -25.80 -18.57
C GLY E 35 40.27 -25.74 -20.03
N VAL E 36 39.02 -26.06 -20.34
CA VAL E 36 38.61 -26.22 -21.73
C VAL E 36 37.47 -25.27 -22.05
N ILE E 37 37.44 -24.83 -23.30
CA ILE E 37 36.59 -23.74 -23.78
C ILE E 37 35.70 -24.22 -24.90
N LEU E 38 34.40 -23.99 -24.74
CA LEU E 38 33.38 -24.38 -25.69
C LEU E 38 32.70 -23.14 -26.25
N GLY E 39 32.10 -23.26 -27.42
CA GLY E 39 31.62 -22.09 -28.11
C GLY E 39 31.30 -22.37 -29.56
N ASP E 40 31.43 -21.34 -30.39
CA ASP E 40 31.23 -21.43 -31.83
C ASP E 40 32.46 -20.93 -32.55
N ALA E 41 33.12 -21.80 -33.29
CA ALA E 41 34.29 -21.43 -34.08
C ALA E 41 34.01 -21.21 -35.56
N ASN E 42 32.80 -21.49 -36.04
CA ASN E 42 32.60 -21.61 -37.48
C ASN E 42 32.91 -20.31 -38.21
N SER E 43 32.32 -19.22 -37.75
CA SER E 43 32.46 -17.94 -38.43
C SER E 43 33.85 -17.38 -38.16
N SER E 44 34.07 -16.15 -38.61
CA SER E 44 35.34 -15.48 -38.46
C SER E 44 35.43 -14.69 -37.17
N THR E 45 34.45 -14.80 -36.30
CA THR E 45 34.56 -14.23 -34.96
C THR E 45 34.19 -15.31 -33.97
N ILE E 46 35.16 -15.75 -33.18
CA ILE E 46 34.94 -16.87 -32.30
C ILE E 46 34.10 -16.40 -31.12
N ARG E 47 32.93 -17.00 -30.96
CA ARG E 47 32.07 -16.71 -29.84
C ARG E 47 32.26 -17.81 -28.81
N VAL E 48 32.54 -17.43 -27.58
CA VAL E 48 32.94 -18.37 -26.56
C VAL E 48 32.00 -18.22 -25.39
N THR E 49 31.23 -19.25 -25.10
CA THR E 49 30.20 -19.08 -24.11
C THR E 49 30.62 -19.64 -22.76
N ASN E 50 30.82 -20.96 -22.62
CA ASN E 50 31.28 -21.43 -21.33
C ASN E 50 32.51 -22.30 -21.39
N SER E 51 32.89 -22.84 -20.24
CA SER E 51 34.15 -23.55 -20.05
C SER E 51 33.95 -24.63 -19.01
N PHE E 52 34.91 -25.55 -18.93
CA PHE E 52 34.97 -26.42 -17.76
C PHE E 52 36.41 -26.82 -17.48
N ALA E 53 36.74 -26.89 -16.19
CA ALA E 53 38.13 -27.03 -15.77
C ALA E 53 38.71 -28.38 -16.12
N LEU E 54 40.04 -28.44 -16.17
CA LEU E 54 40.77 -29.57 -16.73
C LEU E 54 41.93 -29.99 -15.83
N PRO E 55 41.72 -30.96 -14.96
CA PRO E 55 42.82 -31.43 -14.11
C PRO E 55 43.95 -32.01 -14.94
N PHE E 56 45.17 -31.67 -14.56
CA PHE E 56 46.37 -32.03 -15.29
C PHE E 56 47.53 -31.54 -14.44
N GLU E 57 48.75 -31.87 -14.86
CA GLU E 57 49.90 -31.40 -14.11
C GLU E 57 51.11 -31.25 -15.01
N GLU E 58 51.90 -30.20 -14.75
CA GLU E 58 53.16 -29.99 -15.43
C GLU E 58 54.29 -30.27 -14.46
N ASP E 59 55.42 -30.74 -14.98
CA ASP E 59 56.57 -31.01 -14.13
C ASP E 59 57.49 -29.80 -14.20
N GLU E 60 57.58 -29.09 -13.08
CA GLU E 60 58.34 -27.85 -12.99
C GLU E 60 59.83 -28.07 -13.21
N LYS E 61 60.29 -29.31 -13.27
CA LYS E 61 61.66 -29.56 -13.63
C LYS E 61 61.91 -29.18 -15.08
N ASN E 62 63.18 -29.05 -15.42
CA ASN E 62 63.58 -28.88 -16.81
C ASN E 62 63.12 -30.10 -17.62
N SER E 63 62.93 -29.87 -18.92
CA SER E 63 62.29 -30.79 -19.86
C SER E 63 60.79 -30.84 -19.61
N ASP E 64 60.39 -30.27 -18.48
CA ASP E 64 59.03 -29.84 -18.17
C ASP E 64 57.99 -30.73 -18.85
N VAL E 65 58.02 -32.00 -18.47
CA VAL E 65 57.00 -32.90 -18.97
C VAL E 65 55.67 -32.45 -18.41
N TRP E 66 54.70 -32.24 -19.29
CA TRP E 66 53.35 -31.94 -18.89
C TRP E 66 52.49 -33.16 -19.20
N PHE E 67 51.41 -33.31 -18.47
CA PHE E 67 50.44 -34.30 -18.84
C PHE E 67 49.05 -33.80 -18.55
N LEU E 68 48.15 -34.09 -19.47
CA LEU E 68 46.72 -33.89 -19.29
C LEU E 68 46.01 -35.15 -19.75
N ASP E 69 44.85 -35.41 -19.17
CA ASP E 69 44.17 -36.68 -19.35
C ASP E 69 43.06 -36.51 -20.36
N HIS E 70 43.29 -37.03 -21.56
CA HIS E 70 42.30 -36.86 -22.60
C HIS E 70 41.02 -37.59 -22.25
N ASN E 71 41.12 -38.66 -21.49
CA ASN E 71 39.92 -39.42 -21.16
C ASN E 71 38.96 -38.55 -20.38
N TYR E 72 39.48 -37.70 -19.52
CA TYR E 72 38.63 -36.75 -18.84
C TYR E 72 37.97 -35.83 -19.84
N ILE E 73 38.74 -35.39 -20.84
CA ILE E 73 38.16 -34.51 -21.85
C ILE E 73 36.98 -35.18 -22.52
N GLU E 74 37.15 -36.41 -23.01
CA GLU E 74 36.01 -37.06 -23.64
C GLU E 74 34.87 -37.21 -22.66
N ASN E 75 35.16 -37.89 -21.55
CA ASN E 75 34.15 -38.24 -20.57
C ASN E 75 33.32 -37.05 -20.16
N MET E 76 33.93 -35.89 -20.06
CA MET E 76 33.14 -34.70 -19.78
C MET E 76 32.41 -34.23 -21.02
N ASN E 77 33.14 -34.15 -22.12
CA ASN E 77 32.60 -33.55 -23.32
C ASN E 77 31.27 -34.14 -23.68
N GLU E 78 31.14 -35.46 -23.65
CA GLU E 78 29.86 -35.97 -24.13
C GLU E 78 28.76 -35.63 -23.16
N MET E 79 29.08 -35.48 -21.87
CA MET E 79 28.07 -34.91 -20.97
C MET E 79 27.65 -33.54 -21.46
N CYS E 80 28.62 -32.65 -21.59
CA CYS E 80 28.27 -31.28 -21.93
C CYS E 80 27.55 -31.21 -23.25
N LYS E 81 27.74 -32.20 -24.12
CA LYS E 81 26.91 -32.27 -25.29
C LYS E 81 25.49 -32.67 -24.92
N LYS E 82 25.33 -33.72 -24.13
CA LYS E 82 24.00 -34.12 -23.72
C LYS E 82 23.21 -32.96 -23.13
N ILE E 83 23.89 -31.97 -22.57
CA ILE E 83 23.15 -30.89 -21.94
C ILE E 83 22.72 -29.83 -22.92
N ASN E 84 23.65 -29.02 -23.39
CA ASN E 84 23.41 -28.19 -24.56
C ASN E 84 24.25 -28.74 -25.70
N ALA E 85 23.60 -29.02 -26.81
CA ALA E 85 24.34 -29.64 -27.88
C ALA E 85 25.13 -28.62 -28.69
N LYS E 86 24.76 -27.35 -28.64
CA LYS E 86 25.29 -26.43 -29.62
C LYS E 86 26.56 -25.75 -29.17
N GLU E 87 27.08 -26.13 -28.02
CA GLU E 87 28.36 -25.62 -27.55
C GLU E 87 29.42 -26.67 -27.87
N LYS E 88 30.34 -26.34 -28.74
CA LYS E 88 31.28 -27.27 -29.29
C LYS E 88 32.64 -26.96 -28.70
N LEU E 89 33.51 -27.95 -28.64
CA LEU E 89 34.86 -27.69 -28.19
C LEU E 89 35.48 -26.58 -29.01
N ILE E 90 36.03 -25.60 -28.33
CA ILE E 90 36.75 -24.55 -29.02
C ILE E 90 38.23 -24.74 -28.77
N GLY E 91 38.66 -24.44 -27.56
CA GLY E 91 40.07 -24.47 -27.25
C GLY E 91 40.27 -24.20 -25.79
N TRP E 92 41.48 -24.44 -25.34
CA TRP E 92 41.71 -24.53 -23.92
C TRP E 92 42.02 -23.16 -23.36
N TYR E 93 42.21 -23.09 -22.06
CA TYR E 93 42.62 -21.82 -21.47
C TYR E 93 43.58 -22.05 -20.33
N HIS E 94 44.52 -21.14 -20.24
CA HIS E 94 45.65 -21.16 -19.33
C HIS E 94 45.53 -19.95 -18.43
N SER E 95 45.19 -20.16 -17.16
CA SER E 95 44.93 -18.95 -16.39
C SER E 95 46.18 -18.19 -16.05
N GLY E 96 47.35 -18.70 -16.40
CA GLY E 96 48.59 -18.10 -15.99
C GLY E 96 48.85 -16.77 -16.67
N PRO E 97 49.26 -15.77 -15.89
CA PRO E 97 49.25 -14.39 -16.40
C PRO E 97 50.04 -14.22 -17.68
N LYS E 98 51.12 -14.95 -17.83
CA LYS E 98 51.90 -14.91 -19.05
C LYS E 98 52.19 -16.33 -19.49
N LEU E 99 52.61 -16.46 -20.74
CA LEU E 99 52.67 -17.77 -21.37
C LEU E 99 53.70 -18.65 -20.69
N ARG E 100 53.58 -19.94 -20.94
CA ARG E 100 54.59 -20.92 -20.56
C ARG E 100 55.14 -21.56 -21.81
N ALA E 101 56.30 -22.19 -21.67
CA ALA E 101 57.00 -22.72 -22.83
C ALA E 101 56.18 -23.79 -23.52
N SER E 102 55.70 -24.76 -22.74
CA SER E 102 54.99 -25.89 -23.31
C SER E 102 53.66 -25.49 -23.94
N ASP E 103 53.22 -24.25 -23.76
CA ASP E 103 51.90 -23.86 -24.25
C ASP E 103 51.78 -24.17 -25.72
N LEU E 104 52.67 -23.60 -26.53
CA LEU E 104 52.65 -23.87 -27.95
C LEU E 104 52.72 -25.36 -28.25
N LYS E 105 53.27 -26.15 -27.33
CA LYS E 105 53.39 -27.57 -27.60
C LYS E 105 52.07 -28.28 -27.37
N ILE E 106 51.40 -28.01 -26.26
CA ILE E 106 50.14 -28.67 -25.99
C ILE E 106 49.03 -28.13 -26.86
N ASN E 107 49.26 -26.97 -27.47
CA ASN E 107 48.28 -26.44 -28.38
C ASN E 107 47.89 -27.49 -29.40
N GLU E 108 48.85 -27.99 -30.15
CA GLU E 108 48.55 -28.91 -31.23
C GLU E 108 47.90 -30.18 -30.75
N LEU E 109 47.97 -30.44 -29.44
CA LEU E 109 47.23 -31.56 -28.92
C LEU E 109 45.75 -31.41 -29.24
N PHE E 110 45.15 -30.31 -28.81
CA PHE E 110 43.73 -30.09 -29.02
C PHE E 110 43.31 -30.18 -30.46
N LYS E 111 44.22 -29.97 -31.39
CA LYS E 111 43.84 -30.05 -32.79
C LYS E 111 43.17 -31.36 -33.10
N LYS E 112 43.33 -32.36 -32.26
CA LYS E 112 42.64 -33.61 -32.50
C LYS E 112 41.17 -33.52 -32.12
N TYR E 113 40.81 -32.59 -31.22
CA TYR E 113 39.43 -32.54 -30.76
C TYR E 113 38.61 -31.43 -31.38
N THR E 114 39.16 -30.59 -32.23
CA THR E 114 38.36 -29.43 -32.58
C THR E 114 38.67 -28.92 -33.97
N GLN E 115 37.69 -28.26 -34.56
CA GLN E 115 37.88 -27.75 -35.90
C GLN E 115 38.68 -26.45 -35.89
N ASN E 116 39.28 -26.18 -37.03
CA ASN E 116 39.96 -24.91 -37.30
C ASN E 116 41.08 -24.75 -36.29
N ASN E 117 41.27 -23.63 -35.79
CA ASN E 117 42.44 -23.51 -34.96
C ASN E 117 42.01 -23.55 -33.51
N PRO E 118 42.64 -24.39 -32.71
CA PRO E 118 42.42 -24.29 -31.28
C PRO E 118 42.68 -22.87 -30.82
N LEU E 119 41.73 -22.30 -30.14
CA LEU E 119 41.82 -20.92 -29.69
C LEU E 119 42.20 -20.93 -28.23
N LEU E 120 43.39 -20.42 -27.92
CA LEU E 120 43.83 -20.35 -26.54
C LEU E 120 43.63 -18.94 -26.05
N LEU E 121 43.26 -18.80 -24.79
CA LEU E 121 43.19 -17.47 -24.23
C LEU E 121 43.54 -17.56 -22.77
N ILE E 122 44.14 -16.50 -22.26
CA ILE E 122 44.63 -16.47 -20.89
C ILE E 122 43.81 -15.49 -20.09
N VAL E 123 43.24 -15.97 -19.04
CA VAL E 123 42.53 -15.15 -18.09
C VAL E 123 43.49 -14.68 -17.00
N ASP E 124 43.28 -13.45 -16.52
CA ASP E 124 43.96 -12.99 -15.31
C ASP E 124 43.19 -13.47 -14.11
N VAL E 125 43.84 -14.30 -13.29
CA VAL E 125 43.27 -14.62 -11.99
C VAL E 125 43.54 -13.51 -11.01
N LYS E 126 44.76 -13.01 -10.98
CA LYS E 126 45.16 -12.13 -9.90
C LYS E 126 44.43 -10.81 -9.93
N GLN E 127 43.68 -10.53 -11.00
CA GLN E 127 42.88 -9.33 -11.09
C GLN E 127 43.73 -8.10 -10.77
N GLN E 128 44.85 -8.00 -11.47
CA GLN E 128 45.73 -6.86 -11.31
C GLN E 128 45.07 -5.60 -11.86
N GLY E 129 45.64 -4.46 -11.48
CA GLY E 129 44.98 -3.17 -11.70
C GLY E 129 44.52 -2.94 -13.13
N VAL E 130 45.19 -3.54 -14.11
CA VAL E 130 44.87 -3.29 -15.50
C VAL E 130 43.70 -4.16 -15.93
N GLY E 131 42.85 -3.61 -16.79
CA GLY E 131 41.67 -4.31 -17.28
C GLY E 131 42.01 -5.33 -18.35
N LEU E 132 40.96 -5.82 -18.99
CA LEU E 132 41.07 -6.89 -19.98
C LEU E 132 41.79 -8.08 -19.40
N PRO E 133 41.21 -8.78 -18.42
CA PRO E 133 41.91 -9.89 -17.78
C PRO E 133 42.35 -10.96 -18.74
N THR E 134 41.91 -10.90 -19.98
CA THR E 134 42.06 -11.97 -20.94
C THR E 134 42.93 -11.54 -22.10
N ASP E 135 43.49 -12.52 -22.79
CA ASP E 135 44.02 -12.30 -24.12
C ASP E 135 43.85 -13.53 -24.98
N ALA E 136 43.52 -13.30 -26.24
CA ALA E 136 43.22 -14.35 -27.19
C ALA E 136 44.41 -14.61 -28.11
N TYR E 137 44.59 -15.86 -28.47
CA TYR E 137 45.75 -16.28 -29.23
C TYR E 137 45.41 -17.47 -30.11
N VAL E 138 45.97 -17.46 -31.31
CA VAL E 138 45.90 -18.63 -32.17
C VAL E 138 47.32 -18.96 -32.57
N ALA E 139 47.48 -19.95 -33.45
CA ALA E 139 48.81 -20.36 -33.89
C ALA E 139 48.92 -20.12 -35.39
N ILE E 140 49.94 -19.38 -35.81
CA ILE E 140 50.12 -19.00 -37.19
C ILE E 140 51.61 -19.05 -37.55
N GLU E 141 51.91 -19.39 -38.80
CA GLU E 141 53.24 -19.16 -39.35
C GLU E 141 53.55 -17.67 -39.39
N GLU E 151 56.99 -21.89 -38.46
CA GLU E 151 57.32 -21.62 -37.07
C GLU E 151 56.12 -21.76 -36.12
N LYS E 152 54.99 -21.16 -36.51
CA LYS E 152 53.72 -21.26 -35.79
C LYS E 152 53.85 -20.72 -34.36
N THR E 153 53.89 -19.40 -34.28
CA THR E 153 53.71 -18.70 -33.02
C THR E 153 52.23 -18.46 -32.72
N PHE E 154 51.96 -17.60 -31.76
CA PHE E 154 50.61 -17.24 -31.38
C PHE E 154 50.28 -15.84 -31.86
N LEU E 155 49.39 -15.72 -32.83
CA LEU E 155 48.83 -14.42 -33.09
C LEU E 155 47.98 -14.00 -31.91
N HIS E 156 48.18 -12.77 -31.47
CA HIS E 156 47.28 -12.16 -30.50
C HIS E 156 46.07 -11.59 -31.20
N LEU E 157 44.92 -11.67 -30.55
CA LEU E 157 43.66 -11.20 -31.10
C LEU E 157 42.93 -10.32 -30.10
N PRO E 158 42.04 -9.48 -30.58
CA PRO E 158 41.21 -8.69 -29.67
C PRO E 158 40.08 -9.52 -29.11
N CYS E 159 39.72 -9.25 -27.86
CA CYS E 159 38.67 -10.00 -27.18
C CYS E 159 37.77 -9.03 -26.44
N THR E 160 36.51 -8.96 -26.82
CA THR E 160 35.55 -8.11 -26.15
C THR E 160 34.63 -8.95 -25.28
N ILE E 161 34.82 -8.87 -23.97
CA ILE E 161 33.83 -9.46 -23.09
C ILE E 161 32.49 -8.82 -23.36
N GLU E 162 31.46 -9.64 -23.51
CA GLU E 162 30.13 -9.10 -23.65
C GLU E 162 29.13 -10.15 -23.19
N ALA E 163 27.93 -9.69 -22.89
CA ALA E 163 26.89 -10.55 -22.32
C ALA E 163 25.64 -10.46 -23.17
N GLU E 164 25.06 -11.60 -23.46
CA GLU E 164 23.72 -11.69 -24.01
C GLU E 164 22.73 -11.84 -22.85
N GLU E 165 21.51 -12.25 -23.16
CA GLU E 165 20.36 -12.06 -22.28
C GLU E 165 20.63 -12.39 -20.83
N ALA E 166 20.66 -13.69 -20.54
CA ALA E 166 20.72 -14.15 -19.15
C ALA E 166 21.96 -13.62 -18.46
N GLU E 167 23.01 -13.41 -19.24
CA GLU E 167 24.29 -13.05 -18.66
C GLU E 167 24.29 -11.59 -18.23
N GLU E 168 23.82 -10.69 -19.09
CA GLU E 168 23.74 -9.31 -18.67
C GLU E 168 22.68 -9.11 -17.62
N ILE E 169 21.62 -9.90 -17.67
CA ILE E 169 20.63 -9.86 -16.60
C ILE E 169 21.29 -10.20 -15.27
N GLY E 170 22.03 -11.30 -15.25
CA GLY E 170 22.71 -11.67 -14.03
C GLY E 170 23.65 -10.59 -13.56
N VAL E 171 24.59 -10.19 -14.43
CA VAL E 171 25.60 -9.23 -14.05
C VAL E 171 24.95 -8.00 -13.44
N GLU E 172 24.04 -7.38 -14.18
CA GLU E 172 23.46 -6.17 -13.63
C GLU E 172 22.72 -6.45 -12.34
N HIS E 173 22.15 -7.65 -12.18
CA HIS E 173 21.51 -7.90 -10.91
C HIS E 173 22.52 -8.03 -9.79
N LEU E 174 23.76 -8.36 -10.11
CA LEU E 174 24.81 -8.45 -9.11
C LEU E 174 25.68 -7.19 -9.00
N LEU E 175 25.57 -6.26 -9.94
CA LEU E 175 26.23 -4.98 -9.85
C LEU E 175 25.32 -3.94 -9.24
N ARG E 176 24.16 -4.34 -8.73
CA ARG E 176 23.26 -3.45 -8.04
C ARG E 176 23.95 -2.55 -7.03
N ASP E 177 24.44 -3.15 -5.96
CA ASP E 177 24.78 -2.39 -4.77
C ASP E 177 26.09 -1.66 -4.91
N VAL E 178 27.05 -2.26 -5.61
CA VAL E 178 28.39 -1.73 -5.73
C VAL E 178 28.41 -0.68 -6.82
N ARG E 179 27.24 -0.37 -7.37
CA ARG E 179 27.14 0.76 -8.29
C ARG E 179 27.55 2.05 -7.57
N ASP E 180 28.41 2.83 -8.22
CA ASP E 180 29.05 3.97 -7.59
C ASP E 180 28.02 5.06 -7.27
N GLN E 181 28.39 5.93 -6.32
CA GLN E 181 27.48 6.98 -5.88
C GLN E 181 27.35 8.08 -6.92
N ALA E 182 28.36 8.25 -7.77
CA ALA E 182 28.50 9.46 -8.59
C ALA E 182 28.57 10.70 -7.69
N ALA E 183 29.50 10.69 -6.75
CA ALA E 183 29.64 11.77 -5.78
C ALA E 183 30.17 13.03 -6.45
N GLY E 184 30.01 14.14 -5.76
CA GLY E 184 30.56 15.40 -6.22
C GLY E 184 29.67 16.54 -5.76
N GLY E 185 29.87 17.70 -6.40
CA GLY E 185 29.04 18.85 -6.16
C GLY E 185 28.05 19.02 -7.29
N LEU E 186 27.09 19.92 -7.07
CA LEU E 186 26.01 20.08 -8.03
C LEU E 186 26.54 20.56 -9.37
N SER E 187 27.29 21.66 -9.37
CA SER E 187 27.75 22.22 -10.63
C SER E 187 28.66 21.25 -11.34
N ILE E 188 29.38 20.44 -10.57
CA ILE E 188 30.24 19.43 -11.18
C ILE E 188 29.39 18.47 -12.01
N ARG E 189 28.40 17.88 -11.38
CA ARG E 189 27.51 16.96 -12.09
C ARG E 189 26.90 17.63 -13.30
N LEU E 190 26.20 18.73 -13.09
CA LEU E 190 25.54 19.40 -14.19
C LEU E 190 26.51 19.72 -15.29
N THR E 191 27.79 19.83 -14.96
CA THR E 191 28.78 19.99 -15.99
C THR E 191 29.00 18.68 -16.75
N ASN E 192 29.30 17.61 -16.00
CA ASN E 192 29.56 16.31 -16.60
C ASN E 192 28.50 15.98 -17.62
N GLN E 193 27.28 16.31 -17.29
CA GLN E 193 26.21 16.06 -18.21
C GLN E 193 26.47 16.76 -19.53
N LEU E 194 26.42 18.08 -19.53
CA LEU E 194 26.48 18.81 -20.78
C LEU E 194 27.65 18.34 -21.62
N LYS E 195 28.77 18.04 -20.95
CA LYS E 195 29.86 17.38 -21.64
C LYS E 195 29.35 16.14 -22.36
N SER E 196 28.59 15.31 -21.65
CA SER E 196 28.15 14.07 -22.24
C SER E 196 27.24 14.32 -23.43
N LEU E 197 26.35 15.31 -23.33
CA LEU E 197 25.46 15.58 -24.45
C LEU E 197 26.26 15.95 -25.68
N LYS E 198 27.20 16.89 -25.53
CA LYS E 198 28.05 17.23 -26.67
C LYS E 198 28.69 16.00 -27.25
N GLY E 199 29.28 15.16 -26.39
CA GLY E 199 29.85 13.93 -26.88
C GLY E 199 28.90 13.19 -27.77
N LEU E 200 27.67 13.03 -27.31
CA LEU E 200 26.69 12.32 -28.11
C LEU E 200 26.53 12.95 -29.47
N GLN E 201 26.22 14.25 -29.50
CA GLN E 201 26.06 14.91 -30.79
C GLN E 201 27.22 14.60 -31.70
N SER E 202 28.42 14.75 -31.18
CA SER E 202 29.60 14.44 -31.96
C SER E 202 29.50 13.07 -32.58
N LYS E 203 29.21 12.07 -31.76
CA LYS E 203 29.28 10.71 -32.27
C LYS E 203 28.27 10.48 -33.37
N LEU E 204 27.00 10.67 -33.06
CA LEU E 204 26.04 10.35 -34.10
C LEU E 204 26.27 11.21 -35.31
N LYS E 205 26.79 12.41 -35.11
CA LYS E 205 27.29 13.17 -36.24
C LYS E 205 28.18 12.30 -37.08
N ASP E 206 29.19 11.68 -36.46
CA ASP E 206 30.07 10.78 -37.20
C ASP E 206 29.25 9.80 -38.02
N VAL E 207 28.20 9.27 -37.42
CA VAL E 207 27.45 8.26 -38.14
C VAL E 207 26.90 8.84 -39.42
N VAL E 208 26.35 10.04 -39.36
CA VAL E 208 25.60 10.54 -40.51
C VAL E 208 26.49 10.53 -41.74
N GLU E 209 27.56 11.31 -41.71
CA GLU E 209 28.36 11.44 -42.91
C GLU E 209 29.00 10.10 -43.25
N TYR E 210 29.23 9.24 -42.27
CA TYR E 210 29.59 7.89 -42.66
C TYR E 210 28.58 7.34 -43.65
N LEU E 211 27.32 7.32 -43.23
CA LEU E 211 26.29 6.76 -44.08
C LEU E 211 26.30 7.39 -45.44
N ASP E 212 26.61 8.68 -45.49
CA ASP E 212 26.88 9.30 -46.77
C ASP E 212 27.94 8.50 -47.53
N LYS E 213 29.08 8.30 -46.90
CA LYS E 213 30.13 7.52 -47.53
C LYS E 213 29.66 6.15 -47.93
N VAL E 214 28.57 5.67 -47.35
CA VAL E 214 28.03 4.40 -47.81
C VAL E 214 27.26 4.60 -49.10
N ILE E 215 26.47 5.66 -49.19
CA ILE E 215 25.75 5.90 -50.42
C ILE E 215 26.53 6.74 -51.40
N ASN E 216 27.70 7.21 -51.03
CA ASN E 216 28.42 8.11 -51.90
C ASN E 216 29.83 7.65 -52.15
N LYS E 217 30.70 7.73 -51.14
CA LYS E 217 32.07 7.25 -51.27
C LYS E 217 32.12 5.75 -51.47
N GLU E 218 30.97 5.11 -51.40
CA GLU E 218 30.84 3.72 -51.74
C GLU E 218 31.81 2.87 -50.93
N LEU E 219 32.06 3.26 -49.69
CA LEU E 219 32.57 2.31 -48.74
C LEU E 219 31.70 1.07 -48.82
N PRO E 220 32.27 -0.11 -48.99
CA PRO E 220 31.43 -1.29 -49.14
C PRO E 220 30.46 -1.35 -47.99
N ILE E 221 29.19 -1.50 -48.31
CA ILE E 221 28.19 -1.60 -47.26
C ILE E 221 28.52 -2.81 -46.41
N ASN E 222 28.76 -2.58 -45.13
CA ASN E 222 28.77 -3.69 -44.22
C ASN E 222 27.40 -3.73 -43.59
N HIS E 223 26.94 -4.94 -43.33
CA HIS E 223 25.63 -5.04 -42.74
C HIS E 223 25.68 -4.77 -41.26
N THR E 224 26.72 -5.29 -40.60
CA THR E 224 26.74 -5.31 -39.15
C THR E 224 26.37 -3.96 -38.59
N ILE E 225 27.01 -2.91 -39.09
CA ILE E 225 26.71 -1.59 -38.56
C ILE E 225 25.23 -1.30 -38.72
N LEU E 226 24.67 -1.62 -39.87
CA LEU E 226 23.25 -1.41 -40.05
C LEU E 226 22.46 -2.12 -38.98
N GLY E 227 22.81 -3.39 -38.75
CA GLY E 227 22.20 -4.10 -37.64
C GLY E 227 22.25 -3.29 -36.37
N LYS E 228 23.42 -2.75 -36.04
CA LYS E 228 23.53 -1.99 -34.82
C LYS E 228 22.58 -0.82 -34.82
N LEU E 229 22.48 -0.13 -35.94
CA LEU E 229 21.61 1.03 -36.00
C LEU E 229 20.19 0.61 -35.71
N GLN E 230 19.69 -0.33 -36.49
CA GLN E 230 18.33 -0.82 -36.25
C GLN E 230 18.14 -1.08 -34.77
N ASP E 231 19.06 -1.81 -34.18
CA ASP E 231 18.94 -2.00 -32.74
C ASP E 231 18.99 -0.69 -32.00
N VAL E 232 19.50 0.37 -32.61
CA VAL E 232 19.43 1.62 -31.90
C VAL E 232 18.06 2.22 -32.04
N PHE E 233 17.38 2.00 -33.15
CA PHE E 233 16.03 2.52 -33.22
C PHE E 233 15.11 1.74 -32.33
N ASN E 234 15.25 0.42 -32.31
CA ASN E 234 14.36 -0.39 -31.52
C ASN E 234 14.31 0.07 -30.09
N LEU E 235 15.33 0.76 -29.64
CA LEU E 235 15.40 1.21 -28.28
C LEU E 235 14.94 2.62 -28.06
N LEU E 236 14.55 3.33 -29.09
CA LEU E 236 14.08 4.67 -28.82
C LEU E 236 12.83 4.59 -27.98
N PRO E 237 12.78 5.27 -26.84
CA PRO E 237 11.55 5.31 -26.07
C PRO E 237 10.45 5.99 -26.86
N ASN E 238 9.25 5.54 -26.65
CA ASN E 238 8.08 6.00 -27.37
C ASN E 238 7.34 6.96 -26.47
N LEU E 239 7.37 8.23 -26.80
CA LEU E 239 6.93 9.26 -25.88
C LEU E 239 5.67 9.95 -26.36
N ASN E 259 -1.47 2.99 -19.07
CA ASN E 259 -0.12 2.63 -18.66
C ASN E 259 0.91 3.10 -19.67
N ASN E 260 0.76 4.34 -20.13
CA ASN E 260 1.74 4.93 -21.00
C ASN E 260 2.98 5.27 -20.21
N LEU E 261 4.08 5.45 -20.91
CA LEU E 261 5.26 5.94 -20.23
C LEU E 261 5.09 7.39 -19.86
N GLN E 262 4.80 8.23 -20.83
CA GLN E 262 4.99 9.65 -20.59
C GLN E 262 4.19 10.11 -19.40
N LYS E 263 3.02 9.54 -19.17
CA LYS E 263 2.31 9.88 -17.97
C LYS E 263 2.76 9.06 -16.78
N ALA E 264 3.78 8.23 -16.93
CA ALA E 264 4.52 7.79 -15.75
C ALA E 264 5.54 8.84 -15.40
N LEU E 265 6.46 9.07 -16.32
CA LEU E 265 7.49 10.08 -16.14
C LEU E 265 6.95 11.37 -15.60
N THR E 266 5.86 11.84 -16.16
CA THR E 266 5.21 13.02 -15.62
C THR E 266 4.98 12.89 -14.13
N VAL E 267 4.33 11.83 -13.72
CA VAL E 267 3.97 11.72 -12.32
C VAL E 267 5.20 11.64 -11.49
N LYS E 268 6.25 11.01 -11.99
CA LYS E 268 7.47 10.99 -11.22
C LYS E 268 7.96 12.40 -11.01
N THR E 269 8.21 13.09 -12.11
CA THR E 269 8.72 14.46 -12.03
C THR E 269 7.95 15.29 -11.05
N ASN E 270 6.63 15.20 -11.07
CA ASN E 270 5.89 15.89 -10.02
C ASN E 270 6.35 15.40 -8.67
N ASP E 271 6.56 14.10 -8.55
CA ASP E 271 6.91 13.57 -7.24
C ASP E 271 8.23 14.13 -6.76
N GLU E 272 9.20 14.28 -7.65
CA GLU E 272 10.43 14.96 -7.21
C GLU E 272 10.14 16.39 -6.84
N LEU E 273 9.60 17.16 -7.79
CA LEU E 273 9.44 18.58 -7.54
C LEU E 273 8.84 18.83 -6.19
N MET E 274 7.97 17.95 -5.74
CA MET E 274 7.57 18.05 -4.35
C MET E 274 8.80 18.13 -3.47
N VAL E 275 9.60 17.07 -3.44
CA VAL E 275 10.64 17.00 -2.44
C VAL E 275 11.59 18.16 -2.60
N ILE E 276 11.87 18.53 -3.84
CA ILE E 276 12.60 19.77 -4.04
C ILE E 276 11.95 20.89 -3.27
N TYR E 277 10.64 20.99 -3.38
CA TYR E 277 9.95 22.16 -2.86
C TYR E 277 9.91 22.19 -1.35
N ILE E 278 9.40 21.14 -0.73
CA ILE E 278 9.37 21.20 0.72
C ILE E 278 10.78 21.27 1.25
N SER E 279 11.73 20.71 0.53
CA SER E 279 13.11 20.89 0.90
C SER E 279 13.46 22.35 0.94
N ASN E 280 13.14 23.07 -0.14
CA ASN E 280 13.34 24.51 -0.13
C ASN E 280 12.73 25.14 1.09
N LEU E 281 11.51 24.74 1.44
CA LEU E 281 10.95 25.27 2.69
C LEU E 281 11.93 25.10 3.82
N VAL E 282 12.42 23.89 4.03
CA VAL E 282 13.29 23.65 5.17
C VAL E 282 14.50 24.55 5.10
N ARG E 283 15.06 24.72 3.91
CA ARG E 283 16.24 25.54 3.80
C ARG E 283 15.91 26.99 4.10
N SER E 284 14.79 27.48 3.60
CA SER E 284 14.43 28.85 3.86
C SER E 284 14.24 29.09 5.35
N ILE E 285 13.34 28.34 5.97
CA ILE E 285 13.10 28.55 7.39
C ILE E 285 14.40 28.48 8.18
N ILE E 286 15.23 27.47 7.95
CA ILE E 286 16.44 27.42 8.75
C ILE E 286 17.27 28.67 8.53
N ALA E 287 17.30 29.17 7.29
CA ALA E 287 18.02 30.41 7.03
C ALA E 287 17.48 31.54 7.86
N PHE E 288 16.19 31.81 7.75
CA PHE E 288 15.50 32.80 8.53
C PHE E 288 15.88 32.70 10.00
N ASP E 289 15.94 31.48 10.52
CA ASP E 289 16.50 31.33 11.85
C ASP E 289 17.81 32.06 11.96
N ASP E 290 18.80 31.61 11.21
CA ASP E 290 20.09 32.23 11.39
C ASP E 290 19.97 33.75 11.33
N LEU E 291 19.13 34.26 10.42
CA LEU E 291 18.91 35.69 10.36
C LEU E 291 18.57 36.25 11.72
N ILE E 292 17.62 35.62 12.43
CA ILE E 292 17.35 36.21 13.72
C ILE E 292 18.57 36.09 14.59
N GLU E 293 19.43 35.09 14.36
CA GLU E 293 20.65 35.04 15.17
C GLU E 293 21.54 36.25 14.92
N ASN E 294 21.72 36.64 13.66
CA ASN E 294 22.39 37.90 13.42
C ASN E 294 21.72 38.98 14.24
N LYS E 295 20.52 39.36 13.84
CA LYS E 295 20.01 40.61 14.38
C LYS E 295 19.94 40.60 15.90
N ILE E 296 19.66 39.46 16.52
CA ILE E 296 19.80 39.47 17.97
C ILE E 296 21.24 39.75 18.34
N GLN E 297 22.19 39.28 17.55
CA GLN E 297 23.57 39.58 17.88
C GLN E 297 23.87 41.06 17.68
N ASN E 298 23.30 41.67 16.64
CA ASN E 298 23.29 43.12 16.48
C ASN E 298 22.95 43.81 17.77
N LYS E 299 21.70 43.64 18.20
CA LYS E 299 21.28 44.31 19.43
C LYS E 299 22.26 44.02 20.55
N LYS E 300 22.79 42.81 20.59
CA LYS E 300 23.77 42.50 21.61
C LYS E 300 24.97 43.43 21.58
N ILE E 301 25.85 43.31 20.60
CA ILE E 301 27.10 44.04 20.73
C ILE E 301 26.90 45.52 20.41
N GLN E 302 26.13 45.80 19.36
CA GLN E 302 25.75 47.17 19.05
C GLN E 302 25.24 47.89 20.28
N GLU E 303 24.42 47.20 21.06
CA GLU E 303 24.14 47.63 22.42
C GLU E 303 25.42 47.83 23.21
N GLN E 304 26.31 46.82 23.17
CA GLN E 304 27.43 46.78 24.10
C GLN E 304 28.37 47.96 23.95
N ARG E 305 28.29 48.70 22.84
CA ARG E 305 29.08 49.93 22.78
C ARG E 305 28.78 50.86 23.94
N VAL E 306 27.61 50.73 24.58
CA VAL E 306 27.37 51.47 25.81
C VAL E 306 28.35 51.05 26.88
N LYS E 307 28.94 49.86 26.73
CA LYS E 307 30.02 49.37 27.60
C LYS E 307 29.53 49.00 28.98
N GLU F 6 46.87 -61.28 -63.34
CA GLU F 6 47.14 -60.54 -62.11
C GLU F 6 46.70 -59.09 -62.28
N ILE F 7 46.55 -58.39 -61.15
CA ILE F 7 46.31 -56.96 -61.16
C ILE F 7 47.43 -56.19 -61.85
N ASP F 8 48.56 -56.83 -62.08
CA ASP F 8 49.52 -56.30 -63.05
C ASP F 8 48.98 -56.45 -64.45
N THR F 9 48.43 -57.62 -64.75
CA THR F 9 47.86 -57.90 -66.05
C THR F 9 46.46 -57.31 -66.18
N ILE F 10 45.66 -57.42 -65.13
CA ILE F 10 44.36 -56.76 -65.13
C ILE F 10 44.56 -55.25 -65.15
N LEU F 11 45.53 -54.77 -64.38
CA LEU F 11 46.05 -53.42 -64.57
C LEU F 11 46.32 -53.14 -66.04
N SER F 12 46.97 -54.08 -66.72
CA SER F 12 47.32 -53.86 -68.11
C SER F 12 46.06 -53.72 -68.96
N THR F 13 45.07 -54.57 -68.69
CA THR F 13 43.79 -54.47 -69.36
C THR F 13 43.21 -53.08 -69.19
N LEU F 14 43.30 -52.55 -67.97
CA LEU F 14 42.89 -51.19 -67.70
C LEU F 14 43.65 -50.21 -68.58
N ARG F 15 44.98 -50.33 -68.57
CA ARG F 15 45.84 -49.45 -69.35
C ARG F 15 45.39 -49.36 -70.79
N MET F 16 45.15 -50.52 -71.40
CA MET F 16 44.79 -50.56 -72.81
C MET F 16 43.39 -50.01 -73.04
N GLU F 17 42.43 -50.50 -72.26
CA GLU F 17 41.06 -50.00 -72.37
C GLU F 17 40.98 -48.52 -72.05
N ALA F 18 42.02 -47.95 -71.47
CA ALA F 18 42.04 -46.55 -71.06
C ALA F 18 42.41 -45.64 -72.23
N ASP F 19 41.67 -44.56 -72.40
CA ASP F 19 41.84 -43.71 -73.54
C ASP F 19 43.20 -43.01 -73.54
N PRO F 20 43.63 -42.48 -74.70
CA PRO F 20 44.97 -41.89 -74.79
C PRO F 20 45.24 -40.78 -73.78
N SER F 21 44.29 -39.84 -73.63
CA SER F 21 44.52 -38.69 -72.77
C SER F 21 44.90 -39.10 -71.35
N LEU F 22 44.60 -40.33 -70.99
CA LEU F 22 44.74 -40.81 -69.64
C LEU F 22 46.06 -41.52 -69.40
N HIS F 23 46.95 -41.52 -70.38
CA HIS F 23 48.17 -42.29 -70.26
C HIS F 23 48.95 -42.03 -68.97
N PRO F 24 49.44 -40.81 -68.72
CA PRO F 24 50.47 -40.65 -67.66
C PRO F 24 50.01 -41.15 -66.32
N LEU F 25 48.72 -41.03 -66.05
CA LEU F 25 48.15 -41.40 -64.76
C LEU F 25 48.69 -42.74 -64.30
N PHE F 26 48.42 -43.78 -65.07
CA PHE F 26 48.75 -45.13 -64.68
C PHE F 26 50.17 -45.24 -64.17
N GLU F 27 51.09 -44.51 -64.81
CA GLU F 27 52.49 -44.60 -64.42
C GLU F 27 52.71 -44.03 -63.03
N GLN F 28 52.13 -42.86 -62.77
CA GLN F 28 51.97 -42.36 -61.41
C GLN F 28 51.48 -43.48 -60.52
N PHE F 29 50.43 -44.16 -60.96
CA PHE F 29 50.01 -45.39 -60.31
C PHE F 29 51.15 -46.38 -60.30
N GLU F 30 51.55 -46.83 -61.49
CA GLU F 30 52.49 -47.94 -61.63
C GLU F 30 53.60 -47.81 -60.59
N LYS F 31 54.44 -46.80 -60.80
CA LYS F 31 55.52 -46.52 -59.87
C LYS F 31 55.02 -46.49 -58.45
N PHE F 32 54.16 -45.51 -58.13
CA PHE F 32 53.67 -45.44 -56.76
C PHE F 32 53.00 -46.74 -56.36
N TYR F 33 52.26 -47.36 -57.28
CA TYR F 33 51.75 -48.70 -57.01
C TYR F 33 52.89 -49.58 -56.50
N GLU F 34 53.88 -49.78 -57.36
CA GLU F 34 55.09 -50.46 -56.92
C GLU F 34 55.68 -49.80 -55.69
N GLU F 35 55.74 -48.46 -55.68
CA GLU F 35 56.29 -47.77 -54.53
C GLU F 35 55.48 -47.98 -53.28
N LYS F 36 54.21 -48.36 -53.44
CA LYS F 36 53.30 -48.49 -52.30
C LYS F 36 53.27 -47.20 -51.49
N LEU F 37 53.23 -46.06 -52.18
CA LEU F 37 53.11 -44.76 -51.52
C LEU F 37 51.65 -44.34 -51.62
N TRP F 38 50.95 -44.52 -50.51
CA TRP F 38 49.50 -44.55 -50.57
C TRP F 38 48.91 -43.16 -50.56
N PHE F 39 49.62 -42.19 -50.02
CA PHE F 39 49.16 -40.82 -50.12
C PHE F 39 49.20 -40.34 -51.56
N GLN F 40 50.32 -40.61 -52.22
CA GLN F 40 50.44 -40.20 -53.61
C GLN F 40 49.62 -41.10 -54.52
N LEU F 41 49.51 -42.38 -54.16
CA LEU F 41 48.46 -43.20 -54.76
C LEU F 41 47.14 -42.48 -54.71
N SER F 42 46.73 -42.03 -53.52
CA SER F 42 45.45 -41.37 -53.35
C SER F 42 45.32 -40.20 -54.30
N GLU F 43 46.37 -39.40 -54.39
CA GLU F 43 46.32 -38.27 -55.30
C GLU F 43 46.11 -38.75 -56.73
N SER F 44 46.84 -39.80 -57.12
CA SER F 44 46.67 -40.39 -58.44
C SER F 44 45.23 -40.82 -58.65
N LEU F 45 44.80 -41.85 -57.92
CA LEU F 45 43.47 -42.43 -58.00
C LEU F 45 42.41 -41.36 -58.05
N THR F 46 42.60 -40.33 -57.24
CA THR F 46 41.83 -39.12 -57.38
C THR F 46 41.83 -38.66 -58.82
N LYS F 47 43.03 -38.51 -59.39
CA LYS F 47 43.11 -38.04 -60.76
C LYS F 47 42.41 -38.98 -61.71
N PHE F 48 42.46 -40.29 -61.43
CA PHE F 48 41.59 -41.21 -62.15
C PHE F 48 40.18 -40.66 -62.16
N PHE F 49 39.52 -40.70 -61.02
CA PHE F 49 38.08 -40.54 -61.11
C PHE F 49 37.67 -39.12 -61.42
N ASP F 50 38.62 -38.20 -61.43
CA ASP F 50 38.33 -36.81 -61.72
C ASP F 50 37.65 -36.66 -63.09
N ASP F 51 38.34 -36.85 -64.21
CA ASP F 51 37.63 -36.96 -65.49
C ASP F 51 37.36 -38.39 -65.93
N ALA F 52 37.99 -39.37 -65.30
CA ALA F 52 37.56 -40.75 -65.50
C ALA F 52 36.15 -40.98 -64.96
N LYS F 53 35.59 -39.96 -64.31
CA LYS F 53 34.14 -39.84 -64.12
C LYS F 53 33.44 -40.17 -65.42
N SER F 54 34.03 -39.72 -66.54
CA SER F 54 33.54 -40.13 -67.85
C SER F 54 33.69 -41.62 -68.03
N THR F 55 34.76 -42.19 -67.51
CA THR F 55 35.17 -43.54 -67.87
C THR F 55 34.54 -44.51 -66.89
N PRO F 56 33.52 -45.26 -67.29
CA PRO F 56 32.91 -46.21 -66.35
C PRO F 56 33.89 -47.25 -65.86
N LEU F 57 35.00 -47.41 -66.60
CA LEU F 57 36.01 -48.39 -66.26
C LEU F 57 36.37 -48.32 -64.79
N ARG F 58 36.33 -47.10 -64.24
CA ARG F 58 36.78 -46.88 -62.87
C ARG F 58 36.13 -47.83 -61.89
N LEU F 59 34.90 -48.27 -62.17
CA LEU F 59 34.26 -49.28 -61.34
C LEU F 59 35.25 -50.39 -61.01
N ARG F 60 35.67 -51.10 -62.05
CA ARG F 60 36.61 -52.18 -61.86
C ARG F 60 38.00 -51.68 -61.52
N LEU F 61 38.33 -50.45 -61.88
CA LEU F 61 39.48 -49.81 -61.27
C LEU F 61 39.29 -49.80 -59.76
N TYR F 62 38.15 -49.27 -59.32
CA TYR F 62 37.72 -49.44 -57.94
C TYR F 62 37.71 -50.91 -57.57
N ASP F 63 37.29 -51.77 -58.49
CA ASP F 63 37.25 -53.19 -58.25
C ASP F 63 38.58 -53.86 -58.58
N ASN F 64 39.59 -53.10 -58.98
CA ASN F 64 40.90 -53.70 -59.04
C ASN F 64 41.73 -53.24 -57.85
N PHE F 65 42.31 -52.04 -57.96
CA PHE F 65 43.23 -51.63 -56.92
C PHE F 65 42.50 -51.05 -55.72
N VAL F 66 41.45 -50.26 -55.96
CA VAL F 66 40.74 -49.75 -54.81
C VAL F 66 40.01 -50.89 -54.12
N SER F 67 39.60 -51.90 -54.88
CA SER F 67 39.19 -53.14 -54.23
C SER F 67 40.35 -53.72 -53.44
N LYS F 68 41.57 -53.62 -53.96
CA LYS F 68 42.73 -54.05 -53.19
C LYS F 68 43.01 -53.08 -52.06
N PHE F 69 43.22 -51.81 -52.39
CA PHE F 69 43.92 -50.88 -51.53
C PHE F 69 42.99 -49.99 -50.72
N TYR F 70 41.68 -50.23 -50.78
CA TYR F 70 40.75 -49.37 -50.08
C TYR F 70 41.12 -49.24 -48.61
N ASP F 71 41.29 -50.36 -47.92
CA ASP F 71 41.33 -50.34 -46.46
C ASP F 71 42.61 -49.72 -45.96
N LYS F 72 43.66 -49.82 -46.74
CA LYS F 72 44.99 -49.35 -46.40
C LYS F 72 45.24 -47.91 -46.81
N ILE F 73 44.23 -47.23 -47.32
CA ILE F 73 44.31 -45.83 -47.70
C ILE F 73 43.10 -45.12 -47.10
N ASN F 74 43.12 -43.78 -47.17
CA ASN F 74 42.09 -42.96 -46.55
C ASN F 74 40.68 -43.44 -46.89
N GLN F 75 39.83 -43.44 -45.88
CA GLN F 75 38.44 -43.79 -46.09
C GLN F 75 37.69 -42.65 -46.77
N LEU F 76 37.93 -41.42 -46.36
CA LEU F 76 37.31 -40.29 -47.06
C LEU F 76 37.59 -40.38 -48.55
N SER F 77 38.85 -40.60 -48.88
CA SER F 77 39.25 -40.88 -50.25
C SER F 77 38.39 -41.98 -50.82
N VAL F 78 38.51 -43.19 -50.27
CA VAL F 78 37.87 -44.32 -50.92
C VAL F 78 36.40 -44.04 -51.14
N VAL F 79 35.80 -43.27 -50.24
CA VAL F 79 34.39 -43.00 -50.39
C VAL F 79 34.15 -42.08 -51.56
N LYS F 80 34.83 -40.94 -51.60
CA LYS F 80 34.63 -40.04 -52.74
C LYS F 80 34.85 -40.79 -54.04
N TYR F 81 35.79 -41.73 -54.03
CA TYR F 81 36.01 -42.63 -55.14
C TYR F 81 34.71 -43.34 -55.47
N LEU F 82 34.27 -44.19 -54.56
CA LEU F 82 33.09 -44.99 -54.82
C LEU F 82 31.94 -44.12 -55.30
N LEU F 83 31.84 -42.91 -54.77
CA LEU F 83 30.71 -42.07 -55.08
C LEU F 83 30.80 -41.56 -56.51
N ALA F 84 31.92 -40.97 -56.86
CA ALA F 84 32.11 -40.55 -58.25
C ALA F 84 31.87 -41.73 -59.17
N SER F 85 32.37 -42.90 -58.79
CA SER F 85 32.11 -44.11 -59.54
C SER F 85 30.62 -44.38 -59.64
N LEU F 86 29.87 -43.96 -58.64
CA LEU F 86 28.43 -44.12 -58.61
C LEU F 86 27.70 -42.87 -59.05
N LYS F 87 28.44 -41.81 -59.43
CA LYS F 87 27.80 -40.54 -59.73
C LYS F 87 26.59 -40.72 -60.63
N ASP F 88 26.70 -41.60 -61.59
CA ASP F 88 25.56 -42.08 -62.35
C ASP F 88 25.39 -43.56 -62.06
N SER F 89 24.23 -43.93 -61.54
CA SER F 89 23.70 -45.27 -61.73
C SER F 89 22.19 -45.15 -61.81
N LYS F 90 21.59 -45.76 -62.82
CA LYS F 90 20.15 -45.91 -62.86
C LYS F 90 19.71 -47.26 -62.34
N ASP F 91 20.67 -48.11 -61.98
CA ASP F 91 20.39 -49.24 -61.11
C ASP F 91 20.67 -48.77 -59.71
N PHE F 92 19.61 -48.55 -58.96
CA PHE F 92 19.75 -48.04 -57.62
C PHE F 92 20.11 -49.15 -56.66
N ASP F 93 19.48 -50.30 -56.83
CA ASP F 93 19.77 -51.42 -55.95
C ASP F 93 21.23 -51.80 -56.00
N GLU F 94 21.86 -51.64 -57.16
CA GLU F 94 23.29 -51.87 -57.23
C GLU F 94 24.04 -50.79 -56.50
N SER F 95 23.52 -49.57 -56.52
CA SER F 95 24.15 -48.50 -55.76
C SER F 95 24.12 -48.82 -54.28
N LEU F 96 22.92 -49.00 -53.74
CA LEU F 96 22.77 -49.45 -52.36
C LEU F 96 23.67 -50.63 -52.09
N LYS F 97 23.72 -51.56 -53.04
CA LYS F 97 24.59 -52.72 -52.95
C LYS F 97 26.00 -52.26 -52.63
N TYR F 98 26.70 -51.67 -53.60
CA TYR F 98 28.07 -51.25 -53.32
C TYR F 98 28.16 -50.51 -52.00
N LEU F 99 27.16 -49.71 -51.70
CA LEU F 99 27.25 -48.80 -50.56
C LEU F 99 27.31 -49.57 -49.25
N ASP F 100 26.30 -50.38 -48.97
CA ASP F 100 26.39 -51.16 -47.74
C ASP F 100 27.50 -52.18 -47.81
N ASP F 101 27.92 -52.55 -49.02
CA ASP F 101 29.05 -53.43 -49.17
C ASP F 101 30.24 -52.81 -48.49
N LEU F 102 30.74 -51.74 -49.11
CA LEU F 102 31.85 -50.99 -48.54
C LEU F 102 31.62 -50.68 -47.08
N LYS F 103 30.40 -50.33 -46.74
CA LYS F 103 30.03 -50.06 -45.36
C LYS F 103 30.47 -51.20 -44.49
N ALA F 104 29.77 -52.33 -44.63
CA ALA F 104 30.06 -53.50 -43.80
C ALA F 104 31.54 -53.84 -43.84
N GLN F 105 32.17 -53.61 -44.98
CA GLN F 105 33.62 -53.67 -45.03
C GLN F 105 34.22 -52.85 -43.90
N PHE F 106 33.78 -51.61 -43.76
CA PHE F 106 34.31 -50.83 -42.66
C PHE F 106 33.87 -51.38 -41.33
N GLN F 107 32.58 -51.70 -41.19
CA GLN F 107 32.10 -52.23 -39.93
C GLN F 107 33.05 -53.28 -39.40
N GLU F 108 33.49 -54.16 -40.28
CA GLU F 108 34.63 -55.01 -39.98
C GLU F 108 35.84 -54.18 -39.59
N LEU F 109 36.26 -53.26 -40.46
CA LEU F 109 37.52 -52.56 -40.27
C LEU F 109 37.60 -51.88 -38.92
N ASP F 110 36.83 -50.80 -38.78
CA ASP F 110 36.77 -50.05 -37.54
C ASP F 110 36.35 -50.91 -36.36
N SER F 111 35.53 -51.93 -36.61
CA SER F 111 34.97 -52.76 -35.55
C SER F 111 36.04 -53.12 -34.54
N LYS F 112 37.02 -53.89 -34.99
CA LYS F 112 38.16 -54.17 -34.13
C LYS F 112 39.14 -53.00 -34.11
N LYS F 113 39.30 -52.29 -35.23
CA LYS F 113 40.52 -51.51 -35.41
C LYS F 113 40.53 -50.17 -34.70
N GLN F 114 39.38 -49.51 -34.52
CA GLN F 114 39.43 -48.27 -33.75
C GLN F 114 39.94 -48.51 -32.33
N ARG F 115 39.62 -49.67 -31.76
CA ARG F 115 40.22 -50.04 -30.49
C ARG F 115 41.64 -50.56 -30.68
N ASN F 116 41.89 -51.27 -31.79
CA ASN F 116 43.23 -51.80 -32.03
C ASN F 116 44.28 -50.70 -31.99
N ASN F 117 44.00 -49.57 -32.64
CA ASN F 117 44.86 -48.39 -32.49
C ASN F 117 44.53 -47.52 -31.27
N GLY F 118 43.25 -47.25 -31.02
CA GLY F 118 42.88 -46.18 -30.11
C GLY F 118 42.86 -44.79 -30.74
N SER F 119 43.24 -44.68 -32.01
CA SER F 119 43.33 -43.45 -32.79
C SER F 119 41.95 -42.96 -33.23
N LYS F 120 41.94 -41.70 -33.71
CA LYS F 120 40.73 -40.94 -34.03
C LYS F 120 39.84 -41.67 -35.02
N ASP F 121 38.53 -41.41 -34.91
CA ASP F 121 37.52 -42.13 -35.67
C ASP F 121 37.72 -41.97 -37.17
N HIS F 122 37.76 -43.10 -37.87
CA HIS F 122 37.66 -43.13 -39.32
C HIS F 122 36.27 -43.52 -39.81
N GLY F 123 35.30 -43.68 -38.92
CA GLY F 123 33.96 -43.99 -39.38
C GLY F 123 33.27 -42.85 -40.11
N ASP F 124 33.99 -41.77 -40.39
CA ASP F 124 33.39 -40.64 -41.09
C ASP F 124 32.84 -41.05 -42.43
N GLY F 125 33.61 -41.79 -43.20
CA GLY F 125 33.09 -42.31 -44.45
C GLY F 125 31.76 -42.98 -44.25
N ILE F 126 31.61 -43.70 -43.14
CA ILE F 126 30.36 -44.27 -42.71
C ILE F 126 29.25 -43.26 -42.89
N LEU F 127 29.37 -42.16 -42.15
CA LEU F 127 28.42 -41.07 -42.27
C LEU F 127 28.20 -40.71 -43.73
N LEU F 128 29.28 -40.41 -44.46
CA LEU F 128 29.15 -40.13 -45.87
C LEU F 128 28.29 -41.19 -46.55
N ILE F 129 28.68 -42.44 -46.39
CA ILE F 129 27.94 -43.56 -46.91
C ILE F 129 26.47 -43.30 -46.64
N ASP F 130 26.10 -43.27 -45.36
CA ASP F 130 24.71 -43.12 -45.00
C ASP F 130 24.08 -41.98 -45.78
N SER F 131 24.71 -40.82 -45.73
CA SER F 131 24.14 -39.66 -46.37
C SER F 131 23.77 -39.98 -47.81
N GLU F 132 24.74 -40.46 -48.57
CA GLU F 132 24.48 -40.65 -49.98
C GLU F 132 23.49 -41.77 -50.19
N ILE F 133 23.54 -42.81 -49.36
CA ILE F 133 22.58 -43.88 -49.60
C ILE F 133 21.19 -43.34 -49.36
N ALA F 134 21.06 -42.39 -48.42
CA ALA F 134 19.81 -41.66 -48.31
C ALA F 134 19.44 -41.07 -49.64
N ARG F 135 20.35 -40.29 -50.22
CA ARG F 135 20.13 -39.77 -51.55
C ARG F 135 19.63 -40.87 -52.47
N THR F 136 20.28 -42.02 -52.43
CA THR F 136 19.88 -43.11 -53.30
C THR F 136 18.40 -43.40 -53.15
N TYR F 137 17.96 -43.67 -51.93
CA TYR F 137 16.54 -43.82 -51.72
C TYR F 137 15.83 -42.60 -52.24
N LEU F 138 16.23 -41.44 -51.79
CA LEU F 138 15.55 -40.24 -52.22
C LEU F 138 15.54 -40.16 -53.73
N LEU F 139 16.58 -40.69 -54.37
CA LEU F 139 16.63 -40.64 -55.81
C LEU F 139 15.61 -41.58 -56.43
N LYS F 140 15.44 -42.74 -55.85
CA LYS F 140 14.32 -43.60 -56.18
C LYS F 140 13.09 -43.27 -55.35
N ASN F 141 13.12 -42.13 -54.66
CA ASN F 141 12.07 -41.62 -53.76
C ASN F 141 11.93 -42.59 -52.58
N ASP F 142 10.78 -43.17 -52.31
CA ASP F 142 10.56 -43.77 -50.99
C ASP F 142 10.87 -42.74 -49.93
N LEU F 143 10.23 -41.57 -50.05
CA LEU F 143 10.62 -40.43 -49.24
C LEU F 143 10.63 -40.75 -47.77
N VAL F 144 9.85 -41.74 -47.34
CA VAL F 144 9.79 -42.04 -45.92
C VAL F 144 11.10 -42.62 -45.42
N LYS F 145 11.60 -43.65 -46.09
CA LYS F 145 12.79 -44.25 -45.54
C LYS F 145 13.99 -43.35 -45.76
N ALA F 146 13.96 -42.54 -46.80
CA ALA F 146 14.92 -41.46 -46.87
C ALA F 146 14.88 -40.68 -45.56
N ARG F 147 13.69 -40.19 -45.22
CA ARG F 147 13.53 -39.36 -44.05
C ARG F 147 14.15 -40.01 -42.84
N ASP F 148 13.61 -41.15 -42.44
CA ASP F 148 14.16 -41.74 -41.25
C ASP F 148 15.58 -42.22 -41.41
N LEU F 149 16.16 -42.15 -42.60
CA LEU F 149 17.60 -42.27 -42.68
C LEU F 149 18.32 -40.97 -42.39
N LEU F 150 17.72 -39.84 -42.69
CA LEU F 150 18.40 -38.58 -42.47
C LEU F 150 18.32 -38.15 -41.03
N ASP F 151 17.20 -38.41 -40.39
CA ASP F 151 17.06 -38.06 -38.99
C ASP F 151 18.25 -38.51 -38.14
N ASP F 152 18.35 -39.81 -37.90
CA ASP F 152 19.36 -40.34 -37.00
C ASP F 152 20.73 -39.83 -37.38
N LEU F 153 21.01 -39.82 -38.68
CA LEU F 153 22.23 -39.18 -39.14
C LEU F 153 22.36 -37.79 -38.55
N GLU F 154 21.27 -37.05 -38.52
CA GLU F 154 21.36 -35.70 -38.01
C GLU F 154 21.70 -35.69 -36.54
N LYS F 155 21.06 -36.56 -35.77
CA LYS F 155 21.42 -36.65 -34.35
C LYS F 155 22.90 -36.92 -34.19
N THR F 156 23.42 -37.88 -34.94
CA THR F 156 24.83 -38.19 -34.81
C THR F 156 25.68 -36.97 -35.10
N LEU F 157 25.45 -36.35 -36.25
CA LEU F 157 26.24 -35.20 -36.65
C LEU F 157 26.11 -34.05 -35.69
N ASP F 158 25.05 -33.98 -34.89
CA ASP F 158 24.94 -32.81 -34.02
C ASP F 158 25.85 -32.91 -32.83
N LYS F 159 26.19 -34.11 -32.40
CA LYS F 159 27.02 -34.25 -31.23
C LYS F 159 28.49 -34.40 -31.57
N LYS F 160 28.82 -34.45 -32.85
CA LYS F 160 30.20 -34.59 -33.25
C LYS F 160 30.73 -33.24 -33.64
N ASP F 161 31.96 -32.96 -33.22
CA ASP F 161 32.53 -31.63 -33.39
C ASP F 161 33.39 -31.56 -34.63
N SER F 162 34.53 -32.24 -34.60
CA SER F 162 35.40 -32.22 -35.75
C SER F 162 34.70 -32.92 -36.90
N ILE F 163 34.53 -32.21 -38.00
CA ILE F 163 33.83 -32.75 -39.16
C ILE F 163 34.56 -32.33 -40.41
N PRO F 164 34.77 -33.21 -41.37
CA PRO F 164 35.13 -32.74 -42.70
C PRO F 164 33.94 -32.07 -43.33
N LEU F 165 34.16 -30.87 -43.84
CA LEU F 165 33.07 -30.16 -44.46
C LEU F 165 32.37 -31.00 -45.49
N ARG F 166 33.12 -31.86 -46.18
CA ARG F 166 32.54 -32.66 -47.23
C ARG F 166 31.25 -33.31 -46.77
N ILE F 167 31.29 -33.91 -45.60
CA ILE F 167 30.13 -34.62 -45.11
C ILE F 167 28.95 -33.68 -45.02
N THR F 168 29.04 -32.73 -44.10
CA THR F 168 27.91 -31.88 -43.84
C THR F 168 27.40 -31.24 -45.12
N ASN F 169 28.29 -31.04 -46.07
CA ASN F 169 27.86 -30.63 -47.40
C ASN F 169 26.94 -31.65 -48.02
N SER F 170 27.35 -32.90 -48.05
CA SER F 170 26.45 -33.94 -48.55
C SER F 170 25.14 -33.90 -47.81
N PHE F 171 25.20 -33.68 -46.51
CA PHE F 171 24.01 -33.77 -45.69
C PHE F 171 23.01 -32.72 -46.09
N TYR F 172 23.41 -31.46 -46.12
CA TYR F 172 22.46 -30.47 -46.57
C TYR F 172 22.10 -30.66 -48.03
N SER F 173 22.95 -31.30 -48.81
CA SER F 173 22.58 -31.56 -50.19
C SER F 173 21.33 -32.41 -50.25
N THR F 174 21.41 -33.59 -49.66
CA THR F 174 20.26 -34.48 -49.65
C THR F 174 19.07 -33.81 -49.01
N ASN F 175 19.24 -33.29 -47.79
CA ASN F 175 18.11 -32.66 -47.12
C ASN F 175 17.41 -31.66 -48.01
N SER F 176 18.18 -30.75 -48.62
CA SER F 176 17.61 -29.84 -49.57
C SER F 176 16.72 -30.57 -50.56
N GLN F 177 17.27 -31.62 -51.17
CA GLN F 177 16.48 -32.36 -52.14
C GLN F 177 15.17 -32.80 -51.53
N TYR F 178 15.26 -33.55 -50.44
CA TYR F 178 14.08 -34.08 -49.80
C TYR F 178 13.04 -33.02 -49.60
N PHE F 179 13.45 -31.83 -49.20
CA PHE F 179 12.45 -30.81 -48.96
C PHE F 179 11.82 -30.32 -50.24
N LYS F 180 12.61 -30.11 -51.29
CA LYS F 180 11.87 -29.64 -52.45
C LYS F 180 11.03 -30.74 -53.05
N PHE F 181 11.22 -32.00 -52.67
CA PHE F 181 10.19 -32.98 -52.99
C PHE F 181 8.96 -32.75 -52.15
N LYS F 182 9.12 -32.75 -50.82
CA LYS F 182 8.00 -32.51 -49.94
C LYS F 182 7.37 -31.15 -50.18
N ASN F 183 8.12 -30.21 -50.73
CA ASN F 183 7.67 -28.84 -50.89
C ASN F 183 7.30 -28.23 -49.55
N ASP F 184 8.18 -28.42 -48.58
CA ASP F 184 8.22 -27.53 -47.42
C ASP F 184 9.22 -26.45 -47.76
N PHE F 185 8.72 -25.26 -48.01
CA PHE F 185 9.60 -24.25 -48.54
C PHE F 185 10.55 -23.75 -47.48
N ASN F 186 10.02 -23.36 -46.32
CA ASN F 186 10.83 -22.86 -45.23
C ASN F 186 12.07 -23.71 -45.02
N SER F 187 11.84 -24.94 -44.60
CA SER F 187 12.93 -25.88 -44.39
C SER F 187 13.85 -25.93 -45.58
N PHE F 188 13.29 -25.99 -46.79
CA PHE F 188 14.16 -26.02 -47.95
C PHE F 188 15.10 -24.83 -47.93
N TYR F 189 14.53 -23.64 -47.87
CA TYR F 189 15.34 -22.44 -47.89
C TYR F 189 16.48 -22.53 -46.91
N TYR F 190 16.16 -22.80 -45.64
CA TYR F 190 17.23 -22.79 -44.65
C TYR F 190 18.30 -23.78 -45.00
N THR F 191 17.90 -25.03 -45.19
CA THR F 191 18.87 -26.05 -45.52
C THR F 191 19.76 -25.58 -46.63
N SER F 192 19.17 -25.06 -47.71
CA SER F 192 19.98 -24.65 -48.83
C SER F 192 21.02 -23.65 -48.40
N LEU F 193 20.59 -22.52 -47.83
CA LEU F 193 21.57 -21.50 -47.47
C LEU F 193 22.74 -22.10 -46.73
N LEU F 194 22.46 -22.96 -45.76
CA LEU F 194 23.58 -23.64 -45.11
C LEU F 194 24.44 -24.32 -46.15
N TYR F 195 23.82 -25.18 -46.94
CA TYR F 195 24.51 -25.92 -47.98
C TYR F 195 25.39 -25.06 -48.83
N LEU F 196 24.95 -23.85 -49.16
CA LEU F 196 25.78 -23.00 -49.97
C LEU F 196 26.98 -22.53 -49.20
N SER F 197 26.75 -21.92 -48.04
CA SER F 197 27.87 -21.40 -47.29
C SER F 197 28.93 -22.46 -47.07
N THR F 198 28.52 -23.72 -47.01
CA THR F 198 29.47 -24.79 -46.75
C THR F 198 30.07 -25.35 -48.01
N LEU F 199 29.77 -24.78 -49.15
CA LEU F 199 30.03 -25.47 -50.40
C LEU F 199 31.53 -25.59 -50.63
N GLU F 200 31.91 -26.62 -51.36
CA GLU F 200 33.29 -27.07 -51.37
C GLU F 200 34.08 -26.42 -52.50
N PRO F 201 35.31 -25.99 -52.25
CA PRO F 201 36.21 -25.62 -53.36
C PRO F 201 36.36 -26.72 -54.39
N SER F 202 36.29 -27.98 -54.00
CA SER F 202 35.99 -29.01 -54.98
C SER F 202 34.52 -28.86 -55.30
N THR F 203 34.21 -28.54 -56.54
CA THR F 203 32.88 -28.04 -56.85
C THR F 203 32.32 -28.84 -58.02
N SER F 204 31.29 -29.61 -57.73
CA SER F 204 30.48 -30.23 -58.77
C SER F 204 29.41 -29.29 -59.27
N ILE F 205 29.39 -28.05 -58.78
CA ILE F 205 28.32 -27.14 -59.13
C ILE F 205 28.65 -26.53 -60.48
N THR F 206 27.83 -26.83 -61.47
CA THR F 206 27.89 -26.08 -62.70
C THR F 206 27.17 -24.77 -62.47
N LEU F 207 27.54 -23.77 -63.25
CA LEU F 207 26.66 -22.63 -63.33
C LEU F 207 25.27 -23.09 -63.74
N ALA F 208 25.21 -24.14 -64.55
CA ALA F 208 23.92 -24.67 -65.00
C ALA F 208 23.07 -25.09 -63.82
N GLU F 209 23.64 -25.80 -62.87
CA GLU F 209 22.87 -26.19 -61.69
C GLU F 209 22.65 -25.00 -60.80
N ARG F 210 23.74 -24.35 -60.42
CA ARG F 210 23.69 -23.27 -59.45
C ARG F 210 22.58 -22.29 -59.76
N GLN F 211 22.53 -21.82 -61.00
CA GLN F 211 21.46 -20.93 -61.40
C GLN F 211 20.11 -21.51 -61.04
N GLN F 212 19.91 -22.79 -61.31
CA GLN F 212 18.64 -23.40 -60.96
C GLN F 212 18.40 -23.33 -59.47
N LEU F 213 19.47 -23.50 -58.71
CA LEU F 213 19.33 -23.40 -57.27
C LEU F 213 18.80 -22.04 -56.88
N ALA F 214 19.55 -20.98 -57.23
CA ALA F 214 19.12 -19.64 -56.85
C ALA F 214 17.68 -19.41 -57.26
N TYR F 215 17.27 -19.97 -58.38
CA TYR F 215 15.87 -19.86 -58.74
C TYR F 215 15.00 -20.47 -57.66
N ASP F 216 15.28 -21.73 -57.31
CA ASP F 216 14.43 -22.38 -56.32
C ASP F 216 14.39 -21.62 -55.01
N LEU F 217 15.49 -20.99 -54.61
CA LEU F 217 15.40 -20.14 -53.44
C LEU F 217 14.40 -19.04 -53.68
N SER F 218 14.47 -18.42 -54.84
CA SER F 218 13.57 -17.31 -55.09
C SER F 218 12.12 -17.74 -54.90
N ILE F 219 11.75 -18.88 -55.46
CA ILE F 219 10.35 -19.22 -55.26
C ILE F 219 10.09 -19.58 -53.81
N SER F 220 11.06 -20.16 -53.12
CA SER F 220 10.85 -20.44 -51.70
C SER F 220 10.55 -19.16 -50.97
N ALA F 221 11.51 -18.27 -50.93
CA ALA F 221 11.40 -17.02 -50.19
C ALA F 221 10.29 -16.16 -50.74
N LEU F 222 9.68 -16.59 -51.82
CA LEU F 222 8.32 -16.12 -52.03
C LEU F 222 7.37 -16.88 -51.14
N LEU F 223 7.26 -18.17 -51.36
CA LEU F 223 6.19 -18.95 -50.79
C LEU F 223 6.46 -19.38 -49.37
N GLY F 224 7.62 -19.05 -48.81
CA GLY F 224 7.92 -19.51 -47.47
C GLY F 224 7.12 -18.74 -46.46
N ASP F 225 6.53 -19.46 -45.52
CA ASP F 225 5.66 -18.80 -44.57
C ASP F 225 6.43 -17.89 -43.65
N LYS F 226 7.51 -18.38 -43.11
CA LYS F 226 8.21 -17.68 -42.05
C LYS F 226 9.43 -16.93 -42.53
N ILE F 227 9.73 -16.95 -43.81
CA ILE F 227 10.98 -16.36 -44.29
C ILE F 227 10.72 -14.97 -44.80
N TYR F 228 11.31 -14.02 -44.09
CA TYR F 228 11.33 -12.61 -44.40
C TYR F 228 12.81 -12.27 -44.39
N ASN F 229 13.16 -11.00 -44.42
CA ASN F 229 14.57 -10.63 -44.45
C ASN F 229 15.22 -11.23 -45.69
N PHE F 230 14.78 -10.73 -46.83
CA PHE F 230 15.31 -11.20 -48.09
C PHE F 230 16.74 -10.77 -48.33
N GLY F 231 17.27 -9.92 -47.48
CA GLY F 231 18.64 -9.52 -47.65
C GLY F 231 19.52 -10.71 -47.80
N GLU F 232 19.51 -11.64 -46.85
CA GLU F 232 20.50 -12.71 -46.93
C GLU F 232 20.31 -13.56 -48.16
N LEU F 233 19.24 -13.34 -48.91
CA LEU F 233 19.16 -13.88 -50.25
C LEU F 233 19.66 -12.87 -51.27
N LEU F 234 18.98 -11.74 -51.40
CA LEU F 234 19.32 -10.79 -52.46
C LEU F 234 20.78 -10.41 -52.48
N HIS F 235 21.43 -10.40 -51.32
CA HIS F 235 22.85 -10.14 -51.26
C HIS F 235 23.66 -11.41 -51.26
N HIS F 236 23.06 -12.50 -51.47
CA HIS F 236 23.85 -13.70 -51.37
C HIS F 236 24.58 -13.97 -52.68
N PRO F 237 25.85 -14.35 -52.61
CA PRO F 237 26.67 -14.40 -53.83
C PRO F 237 26.13 -15.31 -54.89
N ILE F 238 25.20 -16.18 -54.56
CA ILE F 238 24.67 -17.03 -55.61
C ILE F 238 23.67 -16.28 -56.46
N MET F 239 22.84 -15.42 -55.86
CA MET F 239 21.91 -14.66 -56.68
C MET F 239 22.63 -13.88 -57.75
N GLU F 240 23.90 -13.57 -57.52
CA GLU F 240 24.68 -12.81 -58.47
C GLU F 240 24.84 -13.52 -59.81
N THR F 241 24.57 -14.81 -59.87
CA THR F 241 24.72 -15.49 -61.15
C THR F 241 23.63 -15.06 -62.10
N ILE F 242 22.38 -15.09 -61.65
CA ILE F 242 21.25 -14.93 -62.56
C ILE F 242 20.65 -13.55 -62.54
N VAL F 243 21.21 -12.64 -61.76
CA VAL F 243 20.68 -11.28 -61.75
C VAL F 243 20.64 -10.70 -63.15
N ASN F 244 21.51 -11.19 -64.03
CA ASN F 244 21.70 -10.57 -65.34
C ASN F 244 20.63 -11.01 -66.34
N ASP F 245 20.29 -12.29 -66.36
CA ASP F 245 19.33 -12.77 -67.35
C ASP F 245 17.97 -12.13 -67.13
N SER F 246 17.35 -11.72 -68.23
CA SER F 246 16.09 -10.98 -68.17
C SER F 246 14.89 -11.89 -67.92
N ASN F 247 14.92 -13.11 -68.45
CA ASN F 247 13.82 -14.03 -68.24
C ASN F 247 13.48 -14.16 -66.76
N TYR F 248 14.47 -13.93 -65.91
CA TYR F 248 14.29 -13.90 -64.48
C TYR F 248 14.23 -12.49 -63.92
N ASP F 249 14.32 -11.46 -64.75
CA ASP F 249 14.44 -10.11 -64.20
C ASP F 249 13.21 -9.70 -63.41
N TRP F 250 12.03 -10.04 -63.92
CA TRP F 250 10.80 -9.84 -63.17
C TRP F 250 10.91 -10.40 -61.76
N LEU F 251 11.62 -11.50 -61.60
CA LEU F 251 11.70 -12.12 -60.29
C LEU F 251 12.41 -11.18 -59.31
N PHE F 252 13.60 -10.73 -59.66
CA PHE F 252 14.24 -9.69 -58.88
C PHE F 252 13.34 -8.49 -58.69
N GLN F 253 12.50 -8.21 -59.68
CA GLN F 253 11.53 -7.15 -59.46
C GLN F 253 10.62 -7.50 -58.31
N LEU F 254 10.28 -8.77 -58.16
CA LEU F 254 9.44 -9.17 -57.05
C LEU F 254 10.15 -8.98 -55.73
N LEU F 255 11.29 -9.62 -55.56
CA LEU F 255 11.91 -9.56 -54.25
C LEU F 255 12.24 -8.13 -53.88
N ASN F 256 12.86 -7.41 -54.81
CA ASN F 256 13.08 -6.00 -54.64
C ASN F 256 11.81 -5.28 -54.26
N ALA F 257 10.68 -5.73 -54.81
CA ALA F 257 9.42 -5.07 -54.51
C ALA F 257 9.03 -5.29 -53.07
N LEU F 258 9.16 -6.53 -52.60
CA LEU F 258 8.91 -6.83 -51.20
C LEU F 258 9.74 -5.96 -50.29
N THR F 259 11.03 -6.24 -50.22
CA THR F 259 11.80 -5.67 -49.12
C THR F 259 11.63 -4.17 -48.98
N VAL F 260 11.19 -3.48 -50.02
CA VAL F 260 10.79 -2.08 -49.88
C VAL F 260 9.30 -1.94 -49.73
N GLY F 261 8.56 -3.03 -49.68
CA GLY F 261 7.15 -3.01 -49.34
C GLY F 261 6.28 -2.00 -50.03
N ASP F 262 6.37 -1.93 -51.35
CA ASP F 262 5.38 -1.24 -52.14
C ASP F 262 4.48 -2.30 -52.74
N PHE F 263 3.27 -2.43 -52.21
CA PHE F 263 2.38 -3.45 -52.71
C PHE F 263 1.48 -2.91 -53.79
N ASP F 264 1.54 -1.62 -54.05
CA ASP F 264 0.95 -1.13 -55.28
C ASP F 264 1.74 -1.65 -56.46
N LYS F 265 3.04 -1.37 -56.47
CA LYS F 265 3.89 -1.90 -57.51
C LYS F 265 3.89 -3.42 -57.48
N PHE F 266 4.24 -3.99 -56.33
CA PHE F 266 4.18 -5.43 -56.18
C PHE F 266 2.87 -5.98 -56.71
N ASP F 267 1.78 -5.33 -56.31
CA ASP F 267 0.46 -5.70 -56.80
C ASP F 267 0.41 -5.71 -58.30
N SER F 268 1.00 -4.71 -58.95
CA SER F 268 1.05 -4.75 -60.40
C SER F 268 1.75 -6.00 -60.87
N LEU F 269 2.89 -6.32 -60.27
CA LEU F 269 3.69 -7.43 -60.76
C LEU F 269 2.94 -8.74 -60.69
N ILE F 270 2.38 -9.05 -59.53
CA ILE F 270 1.88 -10.39 -59.29
C ILE F 270 0.89 -10.83 -60.36
N LYS F 271 0.02 -9.91 -60.77
CA LYS F 271 -1.07 -10.28 -61.66
C LYS F 271 -0.57 -10.82 -62.99
N VAL F 272 0.63 -10.45 -63.40
CA VAL F 272 1.12 -10.88 -64.71
C VAL F 272 1.70 -12.28 -64.62
N GLN F 273 2.87 -12.38 -63.99
CA GLN F 273 3.55 -13.66 -63.87
C GLN F 273 2.69 -14.71 -63.20
N ILE F 274 1.72 -14.30 -62.39
CA ILE F 274 0.89 -15.25 -61.68
C ILE F 274 0.26 -16.23 -62.65
N SER F 275 -0.03 -15.77 -63.87
CA SER F 275 -0.45 -16.69 -64.91
C SER F 275 0.71 -17.58 -65.33
N LYS F 276 1.87 -16.97 -65.54
CA LYS F 276 2.97 -17.64 -66.21
C LYS F 276 3.40 -18.89 -65.46
N ILE F 277 3.44 -18.82 -64.15
CA ILE F 277 4.02 -19.88 -63.35
C ILE F 277 2.96 -20.49 -62.45
N PRO F 278 2.65 -21.77 -62.61
CA PRO F 278 1.54 -22.36 -61.85
C PRO F 278 1.77 -22.25 -60.35
N ILE F 279 2.97 -22.63 -59.92
CA ILE F 279 3.28 -22.71 -58.52
C ILE F 279 3.03 -21.39 -57.84
N LEU F 280 3.04 -20.30 -58.59
CA LEU F 280 2.56 -19.06 -58.03
C LEU F 280 1.05 -19.09 -57.83
N ALA F 281 0.33 -19.40 -58.90
CA ALA F 281 -1.12 -19.31 -58.88
C ALA F 281 -1.74 -20.24 -57.87
N GLN F 282 -0.98 -21.19 -57.34
CA GLN F 282 -1.53 -22.08 -56.34
C GLN F 282 -1.58 -21.43 -54.97
N HIS F 283 -0.53 -20.72 -54.58
CA HIS F 283 -0.42 -20.11 -53.28
C HIS F 283 -0.79 -18.62 -53.31
N GLU F 284 -1.27 -18.14 -54.45
CA GLU F 284 -1.34 -16.71 -54.70
C GLU F 284 -1.92 -15.93 -53.52
N SER F 285 -3.07 -16.35 -53.03
CA SER F 285 -3.68 -15.66 -51.89
C SER F 285 -2.68 -15.53 -50.77
N PHE F 286 -2.06 -16.65 -50.40
CA PHE F 286 -1.03 -16.61 -49.40
C PHE F 286 -0.06 -15.49 -49.68
N LEU F 287 0.43 -15.42 -50.92
CA LEU F 287 1.31 -14.33 -51.28
C LEU F 287 0.72 -13.00 -50.86
N ARG F 288 -0.57 -12.83 -51.10
CA ARG F 288 -1.16 -11.55 -50.70
C ARG F 288 -0.96 -11.33 -49.22
N GLN F 289 -1.17 -12.36 -48.41
CA GLN F 289 -0.95 -12.18 -46.99
C GLN F 289 0.46 -11.68 -46.74
N LYS F 290 1.44 -12.35 -47.32
CA LYS F 290 2.83 -11.96 -47.09
C LYS F 290 3.05 -10.50 -47.42
N ILE F 291 2.58 -10.06 -48.57
CA ILE F 291 2.90 -8.69 -48.94
C ILE F 291 2.19 -7.70 -48.05
N CYS F 292 0.91 -7.92 -47.75
CA CYS F 292 0.24 -7.04 -46.79
C CYS F 292 1.13 -6.88 -45.59
N LEU F 293 1.67 -7.99 -45.14
CA LEU F 293 2.46 -8.00 -43.93
C LEU F 293 3.69 -7.11 -44.07
N MET F 294 4.50 -7.36 -45.11
CA MET F 294 5.70 -6.55 -45.29
C MET F 294 5.35 -5.08 -45.35
N THR F 295 4.29 -4.73 -46.06
CA THR F 295 3.90 -3.34 -46.10
C THR F 295 3.78 -2.80 -44.70
N LEU F 296 2.99 -3.49 -43.89
CA LEU F 296 2.83 -3.10 -42.50
C LEU F 296 4.16 -2.86 -41.84
N ILE F 297 5.03 -3.86 -41.90
CA ILE F 297 6.26 -3.80 -41.14
C ILE F 297 7.05 -2.56 -41.53
N GLU F 298 7.04 -2.19 -42.80
CA GLU F 298 7.82 -1.03 -43.18
C GLU F 298 7.18 0.25 -42.70
N THR F 299 5.90 0.44 -43.03
CA THR F 299 5.23 1.66 -42.62
C THR F 299 5.42 1.90 -41.15
N VAL F 300 5.61 0.84 -40.37
CA VAL F 300 5.99 1.04 -38.99
C VAL F 300 7.47 1.38 -38.89
N PHE F 301 8.29 0.73 -39.70
CA PHE F 301 9.72 0.85 -39.50
C PHE F 301 10.20 2.27 -39.70
N VAL F 302 9.59 2.98 -40.64
CA VAL F 302 10.05 4.33 -40.90
C VAL F 302 9.50 5.30 -39.87
N LYS F 303 8.32 5.03 -39.33
CA LYS F 303 7.58 6.04 -38.60
C LYS F 303 8.38 6.51 -37.40
N ASN F 304 8.16 7.75 -37.00
CA ASN F 304 8.98 8.35 -35.97
C ASN F 304 8.61 7.84 -34.59
N ILE F 305 7.34 7.96 -34.26
CA ILE F 305 6.81 7.49 -32.98
C ILE F 305 5.91 6.32 -33.32
N ARG F 306 6.34 5.12 -32.99
CA ARG F 306 5.71 3.95 -33.55
C ARG F 306 4.39 3.77 -32.85
N MET F 307 3.32 4.03 -33.58
CA MET F 307 1.97 3.78 -33.13
C MET F 307 1.15 3.90 -34.39
N LEU F 308 -0.01 3.27 -34.42
CA LEU F 308 -0.84 3.40 -35.61
C LEU F 308 -2.29 3.34 -35.24
N SER F 309 -3.12 4.12 -35.90
CA SER F 309 -4.50 3.74 -35.80
C SER F 309 -4.70 2.53 -36.67
N PHE F 310 -5.88 1.92 -36.62
CA PHE F 310 -6.05 0.78 -37.50
C PHE F 310 -6.20 1.25 -38.93
N GLU F 311 -7.05 2.24 -39.14
CA GLU F 311 -7.33 2.69 -40.49
C GLU F 311 -6.06 3.11 -41.20
N ASP F 312 -5.08 3.62 -40.47
CA ASP F 312 -3.78 3.85 -41.08
C ASP F 312 -3.28 2.61 -41.77
N ILE F 313 -3.30 1.50 -41.06
CA ILE F 313 -2.88 0.26 -41.67
C ILE F 313 -3.80 -0.09 -42.81
N SER F 314 -5.09 0.13 -42.64
CA SER F 314 -6.01 -0.28 -43.68
C SER F 314 -5.63 0.38 -44.99
N LYS F 315 -5.61 1.71 -44.98
CA LYS F 315 -5.26 2.47 -46.16
C LYS F 315 -3.87 2.12 -46.63
N ALA F 316 -2.98 1.81 -45.69
CA ALA F 316 -1.61 1.55 -46.08
C ALA F 316 -1.49 0.23 -46.82
N THR F 317 -2.16 -0.80 -46.36
CA THR F 317 -2.12 -2.11 -46.98
C THR F 317 -3.33 -2.42 -47.84
N HIS F 318 -4.32 -1.52 -47.90
CA HIS F 318 -5.56 -1.77 -48.61
C HIS F 318 -6.20 -3.05 -48.07
N LEU F 319 -6.65 -2.95 -46.83
CA LEU F 319 -7.21 -4.06 -46.13
C LEU F 319 -8.43 -3.58 -45.34
N PRO F 320 -9.50 -4.36 -45.30
CA PRO F 320 -10.63 -3.96 -44.48
C PRO F 320 -10.26 -4.01 -43.01
N LYS F 321 -10.96 -3.21 -42.21
CA LYS F 321 -10.64 -3.21 -40.80
C LYS F 321 -10.97 -4.52 -40.11
N ASP F 322 -11.70 -5.43 -40.75
CA ASP F 322 -11.85 -6.73 -40.14
C ASP F 322 -10.49 -7.30 -39.82
N ASN F 323 -9.59 -7.26 -40.79
CA ASN F 323 -8.39 -8.06 -40.67
C ASN F 323 -7.32 -7.36 -39.86
N VAL F 324 -7.27 -6.03 -39.89
CA VAL F 324 -6.07 -5.35 -39.43
C VAL F 324 -5.57 -5.91 -38.12
N GLU F 325 -6.46 -6.37 -37.26
CA GLU F 325 -5.97 -6.96 -36.04
C GLU F 325 -5.54 -8.41 -36.23
N HIS F 326 -6.13 -9.15 -37.17
CA HIS F 326 -5.53 -10.42 -37.53
C HIS F 326 -4.18 -10.20 -38.16
N LEU F 327 -4.05 -9.15 -38.93
CA LEU F 327 -2.80 -8.92 -39.61
C LEU F 327 -1.72 -8.65 -38.61
N VAL F 328 -1.95 -7.70 -37.73
CA VAL F 328 -0.95 -7.38 -36.72
C VAL F 328 -0.68 -8.60 -35.86
N MET F 329 -1.72 -9.24 -35.33
CA MET F 329 -1.47 -10.36 -34.44
C MET F 329 -0.63 -11.40 -35.13
N ARG F 330 -0.86 -11.63 -36.39
CA ARG F 330 -0.03 -12.60 -37.04
C ARG F 330 1.37 -12.08 -37.23
N ALA F 331 1.49 -10.80 -37.55
CA ALA F 331 2.82 -10.24 -37.68
C ALA F 331 3.62 -10.47 -36.44
N ILE F 332 2.97 -10.54 -35.29
CA ILE F 332 3.73 -10.85 -34.08
C ILE F 332 4.05 -12.32 -34.01
N SER F 333 3.07 -13.19 -34.21
CA SER F 333 3.34 -14.58 -33.91
C SER F 333 4.46 -15.14 -34.76
N LEU F 334 4.67 -14.64 -35.96
CA LEU F 334 5.84 -15.09 -36.69
C LEU F 334 7.10 -14.55 -36.08
N GLY F 335 6.98 -13.55 -35.25
CA GLY F 335 8.13 -12.95 -34.63
C GLY F 335 8.48 -11.59 -35.14
N LEU F 336 7.88 -11.13 -36.22
CA LEU F 336 8.35 -9.88 -36.80
C LEU F 336 8.26 -8.72 -35.83
N LEU F 337 7.09 -8.21 -35.61
CA LEU F 337 6.98 -7.11 -34.68
C LEU F 337 7.15 -7.62 -33.26
N LYS F 338 7.01 -6.70 -32.32
CA LYS F 338 6.59 -7.00 -30.95
C LYS F 338 5.88 -5.78 -30.45
N GLY F 339 4.90 -6.00 -29.61
CA GLY F 339 4.12 -4.90 -29.12
C GLY F 339 2.70 -5.34 -28.85
N SER F 340 1.82 -4.38 -28.73
CA SER F 340 0.49 -4.63 -28.20
C SER F 340 -0.54 -3.90 -29.04
N ILE F 341 -1.79 -4.22 -28.78
CA ILE F 341 -2.92 -3.66 -29.49
C ILE F 341 -3.87 -3.07 -28.48
N ASP F 342 -4.38 -1.90 -28.76
CA ASP F 342 -5.43 -1.29 -27.95
C ASP F 342 -6.62 -1.06 -28.84
N GLN F 343 -7.66 -1.86 -28.65
CA GLN F 343 -8.81 -1.75 -29.54
C GLN F 343 -9.60 -0.51 -29.26
N VAL F 344 -9.89 -0.27 -28.00
CA VAL F 344 -10.81 0.78 -27.61
C VAL F 344 -10.53 2.04 -28.40
N ASN F 345 -9.26 2.41 -28.50
CA ASN F 345 -8.86 3.53 -29.32
C ASN F 345 -8.35 3.14 -30.68
N GLU F 346 -8.28 1.86 -30.97
CA GLU F 346 -7.87 1.36 -32.26
C GLU F 346 -6.46 1.84 -32.61
N LEU F 347 -5.58 1.79 -31.62
CA LEU F 347 -4.16 2.01 -31.81
C LEU F 347 -3.42 0.70 -31.76
N VAL F 348 -2.34 0.62 -32.51
CA VAL F 348 -1.36 -0.44 -32.32
C VAL F 348 -0.04 0.24 -32.02
N THR F 349 0.52 -0.06 -30.86
CA THR F 349 1.76 0.58 -30.44
C THR F 349 2.86 -0.44 -30.49
N ILE F 350 3.74 -0.32 -31.46
CA ILE F 350 4.79 -1.28 -31.71
C ILE F 350 6.00 -0.89 -30.89
N SER F 351 6.45 -1.77 -30.05
CA SER F 351 7.67 -1.48 -29.34
C SER F 351 8.92 -2.07 -29.96
N TRP F 352 8.81 -2.98 -30.92
CA TRP F 352 10.01 -3.67 -31.34
C TRP F 352 9.84 -4.14 -32.77
N VAL F 353 10.90 -4.08 -33.56
CA VAL F 353 10.82 -4.51 -34.95
C VAL F 353 12.07 -5.26 -35.33
N GLN F 354 11.88 -6.44 -35.89
CA GLN F 354 12.96 -7.36 -36.20
C GLN F 354 14.05 -6.63 -36.97
N PRO F 355 15.31 -6.80 -36.63
CA PRO F 355 16.37 -6.28 -37.49
C PRO F 355 16.41 -7.12 -38.74
N ARG F 356 16.60 -6.47 -39.87
CA ARG F 356 16.59 -7.24 -41.10
C ARG F 356 17.46 -6.52 -42.11
N ILE F 357 18.09 -7.29 -43.00
CA ILE F 357 19.00 -6.68 -43.94
C ILE F 357 18.26 -5.67 -44.77
N ILE F 358 18.87 -4.52 -44.99
CA ILE F 358 18.25 -3.41 -45.67
C ILE F 358 19.15 -2.90 -46.79
N SER F 359 18.54 -2.30 -47.78
CA SER F 359 19.26 -1.79 -48.95
C SER F 359 19.24 -0.27 -48.97
N GLY F 360 19.88 0.27 -49.99
CA GLY F 360 20.22 1.68 -50.01
C GLY F 360 19.05 2.60 -49.80
N ASP F 361 18.04 2.48 -50.66
CA ASP F 361 16.89 3.35 -50.52
C ASP F 361 16.36 3.32 -49.11
N GLN F 362 16.36 2.14 -48.50
CA GLN F 362 15.96 2.06 -47.10
C GLN F 362 16.96 2.78 -46.23
N ILE F 363 18.24 2.72 -46.57
CA ILE F 363 19.22 3.35 -45.71
C ILE F 363 18.98 4.85 -45.64
N THR F 364 18.69 5.46 -46.78
CA THR F 364 18.61 6.91 -46.84
C THR F 364 17.74 7.46 -45.74
N LYS F 365 16.50 6.97 -45.64
CA LYS F 365 15.61 7.45 -44.61
C LYS F 365 16.26 7.36 -43.24
N MET F 366 17.00 6.28 -42.99
CA MET F 366 17.71 6.21 -41.73
C MET F 366 18.68 7.35 -41.61
N LYS F 367 19.40 7.65 -42.69
CA LYS F 367 20.25 8.82 -42.66
C LYS F 367 19.46 10.02 -42.20
N ASP F 368 18.28 10.21 -42.77
CA ASP F 368 17.43 11.30 -42.33
C ASP F 368 17.21 11.27 -40.83
N ARG F 369 16.51 10.25 -40.35
CA ARG F 369 16.13 10.24 -38.95
C ARG F 369 17.31 10.49 -38.06
N LEU F 370 18.47 10.02 -38.47
CA LEU F 370 19.66 10.38 -37.73
C LEU F 370 19.98 11.85 -37.88
N VAL F 371 19.64 12.45 -39.01
CA VAL F 371 19.89 13.88 -39.13
C VAL F 371 19.04 14.64 -38.14
N GLU F 372 17.74 14.38 -38.14
CA GLU F 372 16.87 15.01 -37.17
C GLU F 372 17.42 14.83 -35.78
N TRP F 373 17.68 13.60 -35.41
CA TRP F 373 18.09 13.42 -34.05
C TRP F 373 19.50 13.89 -33.81
N ASN F 374 20.19 14.36 -34.84
CA ASN F 374 21.40 15.13 -34.61
C ASN F 374 21.08 16.58 -34.31
N ASP F 375 20.16 17.13 -35.08
CA ASP F 375 19.80 18.52 -34.91
C ASP F 375 19.25 18.75 -33.51
N GLN F 376 18.21 17.99 -33.17
CA GLN F 376 17.54 18.17 -31.89
C GLN F 376 18.56 18.33 -30.80
N VAL F 377 19.56 17.47 -30.82
CA VAL F 377 20.62 17.56 -29.85
C VAL F 377 21.26 18.92 -29.96
N GLU F 378 21.99 19.13 -31.06
CA GLU F 378 22.90 20.27 -31.12
C GLU F 378 22.20 21.53 -30.65
N LYS F 379 20.95 21.69 -31.04
CA LYS F 379 20.12 22.74 -30.45
C LYS F 379 20.14 22.63 -28.94
N LEU F 380 19.83 21.46 -28.42
CA LEU F 380 19.72 21.33 -26.98
C LEU F 380 21.06 21.59 -26.30
N GLY F 381 22.15 21.10 -26.86
CA GLY F 381 23.45 21.35 -26.27
C GLY F 381 23.74 22.83 -26.15
N LYS F 382 23.64 23.56 -27.26
CA LYS F 382 23.90 24.99 -27.21
C LYS F 382 22.96 25.68 -26.22
N LYS F 383 21.67 25.53 -26.46
CA LYS F 383 20.67 26.21 -25.66
C LYS F 383 20.88 25.97 -24.18
N MET F 384 21.37 24.80 -23.82
CA MET F 384 21.67 24.60 -22.42
C MET F 384 22.99 25.21 -22.02
N GLU F 385 23.94 25.33 -22.95
CA GLU F 385 25.14 26.06 -22.63
C GLU F 385 24.79 27.44 -22.14
N ALA F 386 24.06 28.18 -22.97
CA ALA F 386 23.86 29.60 -22.75
C ALA F 386 23.24 29.85 -21.39
N ARG F 387 22.05 29.31 -21.17
CA ARG F 387 21.49 29.36 -19.84
C ARG F 387 22.40 28.61 -18.89
N GLY F 388 22.33 28.98 -17.62
CA GLY F 388 23.21 28.32 -16.69
C GLY F 388 24.66 28.52 -17.02
N GLN F 389 24.99 29.54 -17.81
CA GLN F 389 26.37 29.91 -18.01
C GLN F 389 27.05 30.23 -16.69
N SER F 390 26.31 30.89 -15.80
CA SER F 390 26.83 31.23 -14.49
C SER F 390 27.19 30.00 -13.67
N ILE F 391 26.76 28.82 -14.07
CA ILE F 391 27.23 27.59 -13.47
C ILE F 391 27.95 26.82 -14.56
N TRP F 392 29.27 26.79 -14.49
CA TRP F 392 30.03 25.75 -15.16
C TRP F 392 31.31 25.54 -14.39
N VAL F 393 31.95 24.40 -14.66
CA VAL F 393 33.22 24.08 -14.05
C VAL F 393 34.11 23.39 -15.08
N LYS G 24 14.60 -15.86 9.79
CA LYS G 24 16.02 -15.94 10.08
C LYS G 24 16.78 -16.74 9.04
N GLU G 25 16.10 -17.27 8.05
CA GLU G 25 16.72 -18.26 7.19
C GLU G 25 16.98 -17.70 5.79
N THR G 26 18.07 -18.14 5.18
CA THR G 26 18.52 -17.53 3.94
C THR G 26 19.44 -18.48 3.19
N VAL G 27 19.62 -18.19 1.90
CA VAL G 27 20.61 -18.87 1.09
C VAL G 27 21.45 -17.82 0.40
N TYR G 28 22.70 -18.18 0.13
CA TYR G 28 23.62 -17.31 -0.57
C TYR G 28 24.01 -17.99 -1.85
N ILE G 29 23.67 -17.38 -2.97
CA ILE G 29 23.80 -18.03 -4.26
C ILE G 29 24.94 -17.37 -4.98
N SER G 30 26.06 -18.09 -5.10
CA SER G 30 27.23 -17.53 -5.73
C SER G 30 26.92 -17.06 -7.14
N SER G 31 27.59 -15.99 -7.53
CA SER G 31 27.33 -15.40 -8.84
C SER G 31 27.45 -16.44 -9.93
N ILE G 32 28.53 -17.22 -9.91
CA ILE G 32 28.70 -18.26 -10.91
C ILE G 32 27.46 -19.13 -11.02
N ALA G 33 26.95 -19.57 -9.88
CA ALA G 33 25.75 -20.38 -9.90
C ALA G 33 24.68 -19.66 -10.67
N LEU G 34 24.27 -18.51 -10.17
CA LEU G 34 23.17 -17.76 -10.73
C LEU G 34 23.31 -17.64 -12.24
N LEU G 35 24.49 -17.31 -12.73
CA LEU G 35 24.62 -17.19 -14.17
C LEU G 35 24.36 -18.51 -14.85
N LYS G 36 24.81 -19.62 -14.27
CA LYS G 36 24.58 -20.87 -14.96
C LYS G 36 23.11 -21.23 -14.94
N MET G 37 22.42 -20.96 -13.84
CA MET G 37 20.98 -21.09 -13.78
C MET G 37 20.38 -20.41 -14.98
N LEU G 38 20.45 -19.08 -14.97
CA LEU G 38 19.77 -18.30 -15.98
C LEU G 38 20.16 -18.72 -17.36
N LYS G 39 21.41 -19.09 -17.55
CA LYS G 39 21.79 -19.53 -18.88
C LYS G 39 21.01 -20.76 -19.27
N HIS G 40 21.11 -21.82 -18.47
CA HIS G 40 20.47 -23.06 -18.84
C HIS G 40 18.97 -22.89 -19.02
N GLY G 41 18.34 -22.18 -18.11
CA GLY G 41 16.93 -21.94 -18.24
C GLY G 41 16.61 -21.23 -19.54
N ARG G 42 17.20 -20.06 -19.75
CA ARG G 42 16.97 -19.35 -21.01
C ARG G 42 17.22 -20.23 -22.20
N ALA G 43 18.08 -21.22 -22.06
CA ALA G 43 18.42 -22.03 -23.21
C ALA G 43 17.38 -23.09 -23.48
N GLY G 44 16.67 -23.53 -22.46
CA GLY G 44 15.71 -24.60 -22.69
C GLY G 44 14.33 -24.17 -23.10
N VAL G 45 14.05 -22.87 -23.06
CA VAL G 45 12.75 -22.32 -23.39
C VAL G 45 12.30 -22.86 -24.72
N PRO G 46 11.01 -23.12 -24.87
CA PRO G 46 9.93 -23.11 -23.91
C PRO G 46 9.64 -24.46 -23.37
N MET G 47 10.65 -25.14 -22.89
CA MET G 47 10.46 -26.34 -22.09
C MET G 47 11.29 -26.14 -20.85
N GLU G 48 10.97 -26.86 -19.80
CA GLU G 48 11.59 -26.59 -18.52
C GLU G 48 12.72 -27.54 -18.25
N VAL G 49 13.77 -27.02 -17.63
CA VAL G 49 14.97 -27.79 -17.39
C VAL G 49 15.24 -27.84 -15.90
N MET G 50 16.11 -28.76 -15.52
CA MET G 50 16.36 -29.06 -14.12
C MET G 50 17.83 -29.33 -13.92
N GLY G 51 18.32 -29.08 -12.71
CA GLY G 51 19.65 -29.53 -12.37
C GLY G 51 19.86 -29.43 -10.88
N LEU G 52 21.10 -29.57 -10.46
CA LEU G 52 21.38 -29.76 -9.05
C LEU G 52 22.28 -28.67 -8.50
N MET G 53 22.29 -28.58 -7.18
CA MET G 53 22.84 -27.43 -6.50
C MET G 53 23.86 -27.90 -5.47
N LEU G 54 25.08 -27.41 -5.57
CA LEU G 54 26.17 -27.90 -4.76
C LEU G 54 26.64 -26.82 -3.80
N GLY G 55 26.75 -27.18 -2.53
CA GLY G 55 27.03 -26.21 -1.52
C GLY G 55 27.18 -26.87 -0.18
N GLU G 56 27.00 -26.06 0.87
CA GLU G 56 27.16 -26.51 2.23
C GLU G 56 26.19 -25.78 3.14
N PHE G 57 25.81 -26.43 4.22
CA PHE G 57 24.92 -25.82 5.20
C PHE G 57 25.79 -25.21 6.27
N VAL G 58 25.75 -23.89 6.39
CA VAL G 58 26.60 -23.21 7.37
C VAL G 58 25.88 -23.12 8.70
N ASP G 59 24.90 -22.23 8.80
CA ASP G 59 24.04 -22.17 9.97
C ASP G 59 22.94 -23.21 9.82
N ASP G 60 22.11 -23.32 10.83
CA ASP G 60 20.80 -23.94 10.67
C ASP G 60 19.81 -22.97 10.10
N TYR G 61 20.21 -21.70 9.94
CA TYR G 61 19.48 -20.69 9.22
C TYR G 61 20.01 -20.44 7.81
N THR G 62 20.93 -21.26 7.32
CA THR G 62 21.66 -20.84 6.14
C THR G 62 21.98 -22.02 5.24
N VAL G 63 21.87 -21.79 3.92
CA VAL G 63 22.39 -22.69 2.91
C VAL G 63 23.23 -21.88 1.94
N ASN G 64 24.43 -22.34 1.67
CA ASN G 64 25.28 -21.65 0.71
C ASN G 64 25.43 -22.51 -0.52
N VAL G 65 25.24 -21.90 -1.69
CA VAL G 65 25.27 -22.61 -2.95
C VAL G 65 26.38 -22.02 -3.78
N VAL G 66 27.45 -22.78 -3.98
CA VAL G 66 28.62 -22.26 -4.66
C VAL G 66 28.64 -22.57 -6.14
N ASP G 67 27.78 -23.43 -6.63
CA ASP G 67 27.70 -23.65 -8.06
C ASP G 67 26.46 -24.47 -8.34
N VAL G 68 26.32 -24.89 -9.59
CA VAL G 68 25.14 -25.56 -10.07
C VAL G 68 25.59 -26.61 -11.06
N PHE G 69 24.70 -27.56 -11.28
CA PHE G 69 25.02 -28.82 -11.90
C PHE G 69 23.91 -29.11 -12.89
N ALA G 70 24.24 -29.21 -14.17
CA ALA G 70 23.24 -29.05 -15.21
C ALA G 70 22.69 -30.40 -15.65
N MET G 71 21.49 -30.64 -15.34
CA MET G 71 21.04 -32.01 -15.51
C MET G 71 20.42 -32.24 -16.88
N PRO G 72 20.57 -33.43 -17.46
CA PRO G 72 19.91 -33.74 -18.72
C PRO G 72 18.41 -33.72 -18.55
N GLN G 73 17.71 -33.70 -19.66
CA GLN G 73 16.26 -33.70 -19.60
C GLN G 73 15.71 -34.68 -20.61
N SER G 74 14.62 -35.33 -20.25
CA SER G 74 13.92 -36.12 -21.24
C SER G 74 12.52 -36.44 -20.76
N GLY G 75 11.77 -37.04 -21.66
CA GLY G 75 10.61 -37.84 -21.32
C GLY G 75 9.54 -37.08 -20.58
N THR G 76 9.29 -37.56 -19.38
CA THR G 76 8.19 -37.10 -18.56
C THR G 76 8.22 -35.61 -18.31
N GLY G 77 9.36 -34.97 -18.44
CA GLY G 77 9.49 -33.67 -17.90
C GLY G 77 10.17 -33.74 -16.55
N VAL G 78 10.03 -32.67 -15.79
CA VAL G 78 10.83 -32.52 -14.57
C VAL G 78 10.22 -33.36 -13.46
N SER G 79 10.96 -34.35 -13.01
CA SER G 79 10.47 -35.29 -12.01
C SER G 79 11.64 -36.12 -11.54
N VAL G 80 11.35 -37.03 -10.61
CA VAL G 80 12.43 -37.77 -9.97
C VAL G 80 13.16 -38.63 -11.00
N GLU G 81 12.43 -39.16 -11.97
CA GLU G 81 13.09 -39.93 -13.02
C GLU G 81 14.08 -39.07 -13.76
N ALA G 82 13.77 -37.79 -13.94
CA ALA G 82 14.70 -36.92 -14.63
C ALA G 82 16.04 -36.91 -13.92
N VAL G 83 16.03 -36.89 -12.59
CA VAL G 83 17.29 -37.07 -11.89
C VAL G 83 17.85 -38.42 -12.30
N ASP G 84 19.12 -38.43 -12.66
CA ASP G 84 19.68 -39.62 -13.28
C ASP G 84 20.95 -40.00 -12.53
N ASP G 85 20.92 -41.17 -11.91
CA ASP G 85 22.07 -41.60 -11.14
C ASP G 85 23.23 -41.96 -12.05
N VAL G 86 22.92 -42.52 -13.22
CA VAL G 86 23.95 -42.71 -14.21
C VAL G 86 24.73 -41.42 -14.40
N PHE G 87 23.99 -40.36 -14.68
CA PHE G 87 24.63 -39.08 -14.93
C PHE G 87 25.28 -38.54 -13.67
N GLN G 88 24.49 -38.39 -12.61
CA GLN G 88 24.90 -37.57 -11.49
C GLN G 88 26.29 -37.89 -10.97
N ALA G 89 26.43 -39.00 -10.27
CA ALA G 89 27.71 -39.34 -9.67
C ALA G 89 28.79 -39.29 -10.73
N LYS G 90 28.49 -39.87 -11.89
CA LYS G 90 29.44 -39.91 -12.98
C LYS G 90 29.98 -38.53 -13.31
N MET G 91 29.21 -37.50 -13.03
CA MET G 91 29.82 -36.18 -13.01
C MET G 91 30.57 -35.96 -11.72
N MET G 92 29.90 -36.25 -10.61
CA MET G 92 30.37 -35.79 -9.31
C MET G 92 31.84 -36.08 -9.12
N ASP G 93 32.25 -37.32 -9.39
CA ASP G 93 33.66 -37.65 -9.36
C ASP G 93 34.47 -36.67 -10.21
N MET G 94 34.01 -36.41 -11.42
CA MET G 94 34.79 -35.53 -12.25
C MET G 94 34.80 -34.12 -11.73
N LEU G 95 33.93 -33.80 -10.79
CA LEU G 95 34.18 -32.59 -10.05
C LEU G 95 35.20 -32.81 -8.94
N LYS G 96 35.18 -33.98 -8.32
CA LYS G 96 36.21 -34.30 -7.33
C LYS G 96 37.58 -34.02 -7.88
N GLN G 97 37.83 -34.40 -9.12
CA GLN G 97 39.11 -34.11 -9.73
C GLN G 97 39.45 -32.64 -9.62
N THR G 98 38.43 -31.78 -9.58
CA THR G 98 38.60 -30.35 -9.61
C THR G 98 38.58 -29.71 -8.23
N GLY G 99 38.52 -30.51 -7.20
CA GLY G 99 38.45 -29.94 -5.89
C GLY G 99 37.06 -29.53 -5.50
N ARG G 100 36.06 -29.92 -6.26
CA ARG G 100 34.70 -29.62 -5.88
C ARG G 100 34.20 -30.80 -5.06
N ASP G 101 34.08 -30.58 -3.76
CA ASP G 101 33.71 -31.62 -2.82
C ASP G 101 32.26 -31.57 -2.42
N GLN G 102 31.51 -30.63 -2.95
CA GLN G 102 30.27 -30.21 -2.32
C GLN G 102 29.23 -31.32 -2.32
N MET G 103 28.21 -31.14 -1.51
CA MET G 103 27.12 -32.09 -1.45
C MET G 103 25.86 -31.43 -2.01
N VAL G 104 24.93 -32.27 -2.46
CA VAL G 104 23.80 -31.75 -3.21
C VAL G 104 22.86 -31.10 -2.22
N VAL G 105 22.73 -29.77 -2.29
CA VAL G 105 22.00 -29.04 -1.27
C VAL G 105 20.60 -28.66 -1.72
N GLY G 106 20.24 -28.97 -2.94
CA GLY G 106 18.99 -28.50 -3.50
C GLY G 106 19.03 -28.65 -5.00
N TRP G 107 17.92 -28.32 -5.62
CA TRP G 107 17.76 -28.64 -7.02
C TRP G 107 16.98 -27.53 -7.68
N TYR G 108 17.39 -27.16 -8.87
CA TYR G 108 16.72 -26.09 -9.54
C TYR G 108 15.92 -26.70 -10.67
N HIS G 109 15.39 -25.83 -11.51
CA HIS G 109 14.08 -26.13 -12.04
C HIS G 109 13.69 -24.86 -12.75
N SER G 110 12.72 -24.92 -13.64
CA SER G 110 12.25 -23.63 -14.12
C SER G 110 10.82 -23.74 -14.59
N HIS G 111 10.00 -22.75 -14.27
CA HIS G 111 8.60 -22.75 -14.64
C HIS G 111 8.43 -21.58 -15.59
N PRO G 112 8.74 -21.76 -16.88
CA PRO G 112 8.78 -20.63 -17.80
C PRO G 112 7.43 -19.95 -17.88
N GLY G 113 7.46 -18.63 -18.02
CA GLY G 113 6.25 -17.91 -18.32
C GLY G 113 5.18 -18.10 -17.26
N PHE G 114 5.60 -18.59 -16.11
CA PHE G 114 4.70 -18.84 -15.01
C PHE G 114 5.27 -18.17 -13.79
N GLY G 115 4.61 -18.37 -12.67
CA GLY G 115 5.17 -17.85 -11.46
C GLY G 115 6.32 -18.72 -11.01
N CYS G 116 6.74 -18.47 -9.78
CA CYS G 116 7.73 -19.25 -9.10
C CYS G 116 7.15 -20.31 -8.19
N TRP G 117 5.86 -20.56 -8.24
CA TRP G 117 5.27 -21.46 -7.27
C TRP G 117 5.82 -22.86 -7.45
N LEU G 118 5.37 -23.81 -6.66
CA LEU G 118 5.67 -25.21 -6.94
C LEU G 118 4.39 -25.96 -7.21
N SER G 119 4.45 -26.83 -8.19
CA SER G 119 3.29 -27.66 -8.47
C SER G 119 3.39 -28.96 -7.70
N SER G 120 2.42 -29.83 -7.93
CA SER G 120 2.39 -31.14 -7.29
C SER G 120 3.71 -31.86 -7.47
N VAL G 121 3.95 -32.34 -8.69
CA VAL G 121 5.13 -33.15 -8.91
C VAL G 121 6.35 -32.43 -8.40
N ASP G 122 6.32 -31.10 -8.43
CA ASP G 122 7.38 -30.34 -7.80
C ASP G 122 7.51 -30.75 -6.34
N VAL G 123 6.41 -30.90 -5.61
CA VAL G 123 6.57 -31.30 -4.21
C VAL G 123 6.92 -32.77 -4.12
N ASN G 124 6.17 -33.63 -4.82
CA ASN G 124 6.40 -35.06 -4.69
C ASN G 124 7.85 -35.39 -4.92
N THR G 125 8.51 -34.62 -5.76
CA THR G 125 9.95 -34.74 -5.88
C THR G 125 10.65 -34.10 -4.70
N GLN G 126 10.16 -32.93 -4.29
CA GLN G 126 10.83 -32.22 -3.21
C GLN G 126 11.04 -33.14 -2.02
N LYS G 127 10.00 -33.87 -1.63
CA LYS G 127 10.14 -34.87 -0.57
C LYS G 127 11.30 -35.80 -0.85
N SER G 128 11.33 -36.39 -2.04
CA SER G 128 12.47 -37.24 -2.33
C SER G 128 13.78 -36.51 -2.24
N PHE G 129 13.76 -35.19 -2.17
CA PHE G 129 14.94 -34.44 -1.74
C PHE G 129 14.89 -34.01 -0.28
N GLU G 130 13.86 -34.39 0.47
CA GLU G 130 13.97 -34.25 1.92
C GLU G 130 14.79 -35.39 2.50
N GLN G 131 14.55 -36.59 2.00
CA GLN G 131 15.05 -37.79 2.63
C GLN G 131 16.47 -38.11 2.26
N LEU G 132 17.11 -37.31 1.43
CA LEU G 132 18.56 -37.33 1.53
C LEU G 132 19.07 -36.37 2.59
N ASN G 133 18.52 -35.16 2.63
CA ASN G 133 18.98 -34.17 3.58
C ASN G 133 17.78 -33.37 4.02
N SER G 134 17.66 -33.16 5.32
CA SER G 134 16.43 -32.61 5.87
C SER G 134 16.14 -31.25 5.27
N ARG G 135 17.07 -30.31 5.39
CA ARG G 135 16.77 -28.93 5.08
C ARG G 135 17.15 -28.51 3.67
N ALA G 136 17.49 -29.45 2.80
CA ALA G 136 17.70 -29.12 1.39
C ALA G 136 16.48 -28.47 0.79
N VAL G 137 16.70 -27.61 -0.21
CA VAL G 137 15.69 -26.64 -0.62
C VAL G 137 15.37 -26.83 -2.09
N ALA G 138 14.29 -26.20 -2.52
CA ALA G 138 13.94 -26.14 -3.92
C ALA G 138 14.22 -24.76 -4.47
N VAL G 139 14.69 -24.68 -5.70
CA VAL G 139 14.96 -23.41 -6.35
C VAL G 139 14.25 -23.38 -7.68
N VAL G 140 13.44 -22.36 -7.88
CA VAL G 140 12.71 -22.15 -9.12
C VAL G 140 13.17 -20.87 -9.77
N VAL G 141 13.55 -20.96 -11.03
CA VAL G 141 13.89 -19.82 -11.84
C VAL G 141 12.82 -19.73 -12.90
N ASP G 142 12.68 -18.55 -13.48
CA ASP G 142 11.68 -18.34 -14.53
C ASP G 142 12.28 -17.57 -15.69
N PRO G 143 12.80 -18.27 -16.68
CA PRO G 143 13.55 -17.61 -17.74
C PRO G 143 12.72 -16.76 -18.66
N ILE G 144 11.41 -16.92 -18.73
CA ILE G 144 10.65 -16.10 -19.66
C ILE G 144 10.69 -14.65 -19.25
N GLN G 145 10.22 -14.34 -18.06
CA GLN G 145 10.30 -12.97 -17.58
C GLN G 145 11.43 -12.94 -16.58
N SER G 146 12.62 -12.71 -17.10
CA SER G 146 13.73 -12.24 -16.31
C SER G 146 14.16 -10.88 -16.79
N VAL G 147 13.37 -10.24 -17.63
CA VAL G 147 13.97 -9.30 -18.57
C VAL G 147 14.72 -8.20 -17.85
N LYS G 148 16.00 -8.06 -18.19
CA LYS G 148 16.81 -6.88 -18.02
C LYS G 148 16.55 -6.25 -16.67
N GLY G 149 16.30 -7.08 -15.71
CA GLY G 149 16.20 -6.67 -14.33
C GLY G 149 15.12 -7.48 -13.70
N LYS G 150 14.82 -7.14 -12.45
CA LYS G 150 13.74 -7.81 -11.72
C LYS G 150 13.82 -9.31 -11.91
N VAL G 151 15.03 -9.84 -11.79
CA VAL G 151 15.24 -11.27 -11.95
C VAL G 151 14.31 -11.99 -11.02
N VAL G 152 13.51 -12.88 -11.56
CA VAL G 152 12.57 -13.63 -10.75
C VAL G 152 13.18 -14.99 -10.48
N ILE G 153 12.99 -15.47 -9.26
CA ILE G 153 13.72 -16.62 -8.74
C ILE G 153 13.24 -16.80 -7.32
N ASP G 154 13.36 -18.00 -6.76
CA ASP G 154 13.15 -18.12 -5.32
C ASP G 154 13.40 -19.54 -4.86
N ALA G 155 13.38 -19.71 -3.55
CA ALA G 155 13.75 -20.95 -2.92
C ALA G 155 12.67 -21.33 -1.92
N PHE G 156 12.35 -22.61 -1.86
CA PHE G 156 11.19 -23.09 -1.14
C PHE G 156 11.58 -24.22 -0.21
N ARG G 157 10.72 -24.45 0.77
CA ARG G 157 10.82 -25.63 1.62
C ARG G 157 9.46 -26.23 1.89
N LEU G 158 9.45 -27.52 2.11
CA LEU G 158 8.24 -28.24 2.45
C LEU G 158 7.71 -27.87 3.82
N ILE G 159 6.46 -28.27 4.05
CA ILE G 159 5.90 -28.40 5.38
C ILE G 159 5.52 -29.83 5.69
N GLN G 186 -0.29 -14.75 -6.80
CA GLN G 186 -1.03 -15.88 -7.34
C GLN G 186 -0.42 -17.15 -6.84
N ALA G 187 0.75 -17.03 -6.23
CA ALA G 187 1.43 -18.22 -5.77
C ALA G 187 0.59 -18.95 -4.73
N LEU G 188 -0.21 -18.21 -3.97
CA LEU G 188 -1.06 -18.82 -2.98
C LEU G 188 -2.05 -19.78 -3.59
N ILE G 189 -2.24 -19.73 -4.91
CA ILE G 189 -3.14 -20.67 -5.55
C ILE G 189 -2.63 -22.09 -5.35
N HIS G 190 -1.33 -22.25 -5.21
CA HIS G 190 -0.75 -23.54 -4.88
C HIS G 190 -0.12 -23.38 -3.51
N GLY G 191 -0.78 -23.90 -2.48
CA GLY G 191 -0.11 -24.29 -1.26
C GLY G 191 1.01 -23.38 -0.79
N LEU G 192 0.87 -22.08 -1.00
CA LEU G 192 2.06 -21.24 -0.91
C LEU G 192 2.56 -21.21 0.51
N ASN G 193 1.68 -20.99 1.46
CA ASN G 193 2.02 -21.28 2.83
C ASN G 193 1.49 -22.62 3.29
N ARG G 194 0.69 -23.30 2.48
CA ARG G 194 0.04 -24.49 2.99
C ARG G 194 1.01 -25.67 2.89
N HIS G 195 1.24 -26.17 1.70
CA HIS G 195 2.09 -27.34 1.60
C HIS G 195 3.54 -26.98 1.76
N TYR G 196 3.96 -25.79 1.33
CA TYR G 196 5.34 -25.38 1.41
C TYR G 196 5.39 -23.92 1.80
N TYR G 197 6.59 -23.34 1.77
CA TYR G 197 6.75 -21.95 2.16
C TYR G 197 8.04 -21.40 1.58
N SER G 198 8.05 -20.08 1.45
CA SER G 198 9.14 -19.36 0.80
C SER G 198 10.38 -19.28 1.67
N LEU G 199 11.50 -18.98 1.04
CA LEU G 199 12.73 -18.60 1.75
C LEU G 199 13.25 -17.28 1.25
N ASN G 200 14.46 -16.93 1.65
CA ASN G 200 15.12 -15.73 1.18
C ASN G 200 16.44 -16.06 0.49
N ILE G 201 16.92 -15.11 -0.29
CA ILE G 201 18.05 -15.33 -1.18
C ILE G 201 18.95 -14.10 -1.17
N ASP G 202 20.25 -14.31 -0.98
CA ASP G 202 21.23 -13.24 -1.05
C ASP G 202 22.39 -13.71 -1.89
N TYR G 203 23.28 -12.79 -2.23
CA TYR G 203 24.28 -13.04 -3.25
C TYR G 203 25.69 -12.83 -2.72
N HIS G 204 26.46 -13.91 -2.66
CA HIS G 204 27.85 -13.84 -2.29
C HIS G 204 28.72 -13.36 -3.44
N LYS G 205 29.75 -12.61 -3.09
CA LYS G 205 30.77 -12.18 -4.02
C LYS G 205 32.06 -11.95 -3.25
N THR G 206 33.18 -12.05 -3.94
CA THR G 206 34.44 -11.63 -3.38
C THR G 206 34.83 -10.32 -4.02
N ALA G 207 35.97 -9.78 -3.59
CA ALA G 207 36.50 -8.61 -4.26
C ALA G 207 36.79 -8.90 -5.73
N LYS G 208 37.45 -10.03 -5.97
CA LYS G 208 38.09 -10.27 -7.24
C LYS G 208 37.08 -10.28 -8.38
N GLU G 209 36.07 -11.13 -8.28
CA GLU G 209 35.18 -11.29 -9.42
C GLU G 209 34.32 -10.05 -9.61
N THR G 210 33.89 -9.42 -8.54
CA THR G 210 33.27 -8.11 -8.71
C THR G 210 34.15 -7.23 -9.58
N LYS G 211 35.45 -7.23 -9.29
CA LYS G 211 36.35 -6.49 -10.16
C LYS G 211 36.34 -7.04 -11.59
N MET G 212 36.09 -8.33 -11.75
CA MET G 212 35.89 -8.84 -13.10
C MET G 212 34.71 -8.12 -13.74
N LEU G 213 33.67 -7.87 -12.96
CA LEU G 213 32.38 -7.46 -13.50
C LEU G 213 32.36 -5.98 -13.86
N MET G 214 33.01 -5.16 -13.04
CA MET G 214 33.13 -3.75 -13.36
C MET G 214 33.74 -3.52 -14.73
N ASN G 215 34.43 -4.53 -15.26
CA ASN G 215 35.10 -4.37 -16.55
C ASN G 215 34.10 -4.32 -17.68
N LEU G 216 33.02 -5.10 -17.59
CA LEU G 216 32.04 -5.22 -18.66
C LEU G 216 31.58 -3.86 -19.14
N HIS G 217 30.75 -3.20 -18.32
CA HIS G 217 30.30 -1.86 -18.68
C HIS G 217 31.35 -0.85 -18.26
N LYS G 218 31.76 -0.06 -19.23
CA LYS G 218 32.56 1.12 -19.00
C LYS G 218 31.62 2.32 -19.16
N GLU G 219 31.26 2.91 -18.04
CA GLU G 219 30.36 4.05 -18.02
C GLU G 219 31.10 5.36 -18.21
N GLN G 220 32.40 5.26 -18.47
CA GLN G 220 33.26 6.43 -18.42
C GLN G 220 32.88 7.46 -19.47
N TRP G 221 32.52 7.01 -20.67
CA TRP G 221 32.17 7.97 -21.69
C TRP G 221 30.82 8.64 -21.43
N GLN G 222 29.80 7.82 -21.17
CA GLN G 222 28.42 8.28 -21.10
C GLN G 222 27.92 8.54 -19.68
N SER G 223 28.71 8.29 -18.66
CA SER G 223 28.30 8.72 -17.34
C SER G 223 27.88 10.18 -17.44
N GLY G 224 26.77 10.49 -16.83
CA GLY G 224 26.14 11.77 -16.99
C GLY G 224 24.92 11.73 -17.87
N LEU G 225 24.78 10.74 -18.72
CA LEU G 225 23.46 10.44 -19.26
C LEU G 225 22.80 9.27 -18.56
N LYS G 226 23.36 8.75 -17.49
CA LYS G 226 22.76 7.59 -16.90
C LYS G 226 21.95 7.96 -15.67
N MET G 227 20.85 7.26 -15.48
CA MET G 227 19.94 7.48 -14.37
C MET G 227 19.98 6.27 -13.46
N TYR G 228 20.32 6.50 -12.21
CA TYR G 228 20.38 5.37 -11.32
C TYR G 228 18.99 4.85 -11.05
N ASP G 229 18.94 3.64 -10.51
CA ASP G 229 17.68 2.94 -10.28
C ASP G 229 16.70 3.81 -9.53
N TYR G 230 15.50 3.95 -10.09
CA TYR G 230 14.55 4.84 -9.45
C TYR G 230 13.99 4.23 -8.19
N GLU G 231 13.75 2.94 -8.21
CA GLU G 231 13.18 2.30 -7.05
C GLU G 231 13.89 2.75 -5.79
N GLU G 232 15.22 2.76 -5.82
CA GLU G 232 15.91 3.15 -4.61
C GLU G 232 16.04 4.66 -4.48
N LYS G 233 15.82 5.39 -5.55
CA LYS G 233 15.53 6.80 -5.31
C LYS G 233 14.32 6.92 -4.43
N GLU G 234 13.16 6.59 -4.98
CA GLU G 234 11.90 6.76 -4.24
C GLU G 234 12.00 6.20 -2.85
N GLU G 235 12.67 5.08 -2.71
CA GLU G 235 13.15 4.71 -1.40
C GLU G 235 13.74 5.91 -0.69
N SER G 236 14.82 6.45 -1.24
CA SER G 236 15.50 7.54 -0.56
C SER G 236 14.56 8.69 -0.29
N ASN G 237 14.04 9.30 -1.36
CA ASN G 237 13.23 10.49 -1.18
C ASN G 237 12.12 10.24 -0.19
N LEU G 238 11.82 8.99 0.13
CA LEU G 238 10.99 8.75 1.29
C LEU G 238 11.82 8.83 2.56
N ALA G 239 12.77 7.92 2.72
CA ALA G 239 13.47 7.79 3.99
C ALA G 239 14.01 9.13 4.45
N ALA G 240 14.56 9.91 3.53
CA ALA G 240 15.04 11.22 3.88
C ALA G 240 13.93 12.06 4.49
N THR G 241 12.76 12.06 3.87
CA THR G 241 11.69 12.89 4.39
C THR G 241 11.27 12.43 5.78
N LYS G 242 11.05 11.13 5.96
CA LYS G 242 10.71 10.67 7.30
C LYS G 242 11.73 11.16 8.30
N SER G 243 13.01 11.05 7.95
CA SER G 243 14.03 11.57 8.85
C SER G 243 13.78 13.03 9.14
N MET G 244 13.74 13.85 8.10
CA MET G 244 13.54 15.27 8.29
C MET G 244 12.37 15.54 9.21
N VAL G 245 11.37 14.68 9.18
CA VAL G 245 10.38 14.77 10.24
C VAL G 245 11.06 14.58 11.58
N LYS G 246 11.79 13.49 11.72
CA LYS G 246 12.43 13.19 12.99
C LYS G 246 13.21 14.39 13.49
N ILE G 247 14.31 14.71 12.81
CA ILE G 247 15.19 15.75 13.32
C ILE G 247 14.63 17.14 13.13
N ALA G 248 13.58 17.30 12.35
CA ALA G 248 12.94 18.60 12.29
C ALA G 248 12.18 18.86 13.57
N GLU G 249 11.22 18.00 13.87
CA GLU G 249 10.63 18.03 15.20
C GLU G 249 11.71 18.11 16.26
N GLN G 250 12.78 17.37 16.07
CA GLN G 250 13.83 17.34 17.09
C GLN G 250 14.37 18.73 17.32
N TYR G 251 14.64 19.45 16.24
CA TYR G 251 15.06 20.83 16.32
C TYR G 251 14.00 21.68 17.00
N SER G 252 12.73 21.45 16.69
CA SER G 252 11.67 22.08 17.44
C SER G 252 11.87 21.87 18.92
N LYS G 253 12.31 20.69 19.29
CA LYS G 253 12.47 20.38 20.69
C LYS G 253 13.66 21.11 21.27
N ARG G 254 14.82 20.96 20.65
CA ARG G 254 16.01 21.54 21.24
C ARG G 254 15.92 23.05 21.27
N ILE G 255 15.09 23.66 20.42
CA ILE G 255 15.07 25.11 20.39
C ILE G 255 14.06 25.71 21.35
N GLU G 256 13.37 24.92 22.14
CA GLU G 256 12.55 25.54 23.17
C GLU G 256 13.27 25.69 24.49
N GLU G 257 14.42 25.08 24.65
CA GLU G 257 15.13 25.10 25.91
C GLU G 257 16.24 26.13 25.95
N GLU G 258 16.49 26.84 24.87
CA GLU G 258 17.47 27.92 24.90
C GLU G 258 17.05 29.02 25.86
N LYS G 259 15.78 29.19 26.08
CA LYS G 259 15.37 30.03 27.18
C LYS G 259 15.66 29.39 28.53
N GLU G 260 16.23 28.19 28.57
CA GLU G 260 16.61 27.65 29.87
C GLU G 260 18.12 27.53 30.02
N LEU G 261 18.70 26.50 29.40
CA LEU G 261 20.10 26.16 29.62
C LEU G 261 21.00 26.98 28.72
N THR G 262 22.03 27.58 29.32
CA THR G 262 22.85 28.51 28.58
C THR G 262 23.67 27.76 27.53
N GLU G 263 24.46 28.53 26.77
CA GLU G 263 25.33 27.95 25.77
C GLU G 263 26.17 26.86 26.38
N GLU G 264 26.61 27.07 27.62
CA GLU G 264 27.43 26.08 28.30
C GLU G 264 26.61 24.92 28.82
N GLU G 265 25.39 25.19 29.28
CA GLU G 265 24.56 24.16 29.89
C GLU G 265 23.89 23.27 28.85
N LEU G 266 23.30 23.87 27.83
CA LEU G 266 22.87 23.10 26.66
C LEU G 266 24.07 22.41 26.04
N LYS G 267 25.19 23.14 25.97
CA LYS G 267 26.43 22.60 25.46
C LYS G 267 26.82 21.32 26.18
N THR G 268 26.56 21.26 27.48
CA THR G 268 26.84 20.05 28.23
C THR G 268 26.08 18.86 27.64
N ARG G 269 24.75 18.91 27.72
CA ARG G 269 23.95 17.78 27.27
C ARG G 269 24.25 17.42 25.83
N TYR G 270 24.23 18.40 24.94
CA TYR G 270 24.20 18.13 23.52
C TYR G 270 25.57 18.07 22.87
N VAL G 271 26.63 18.44 23.56
CA VAL G 271 27.92 18.58 22.87
C VAL G 271 28.33 17.24 22.27
N GLY G 272 28.02 16.15 22.96
CA GLY G 272 28.18 14.86 22.36
C GLY G 272 27.04 14.48 21.46
N ARG G 273 25.87 15.06 21.68
CA ARG G 273 24.72 14.84 20.84
C ARG G 273 24.89 15.56 19.51
N GLN G 274 23.94 15.34 18.62
CA GLN G 274 24.08 15.78 17.25
C GLN G 274 23.18 16.99 17.04
N ASP G 275 23.77 18.09 16.62
CA ASP G 275 23.02 19.33 16.55
C ASP G 275 21.89 19.19 15.53
N PRO G 276 20.64 19.16 15.98
CA PRO G 276 19.54 19.04 15.04
C PRO G 276 19.55 20.15 14.01
N LYS G 277 19.77 21.38 14.44
CA LYS G 277 19.79 22.47 13.48
C LYS G 277 20.75 22.21 12.35
N LYS G 278 21.75 21.38 12.55
CA LYS G 278 22.64 21.05 11.45
C LYS G 278 22.21 19.80 10.69
N HIS G 279 21.34 19.00 11.27
CA HIS G 279 20.79 17.90 10.49
C HIS G 279 19.72 18.36 9.54
N LEU G 280 18.94 19.37 9.91
CA LEU G 280 17.98 19.83 8.94
C LEU G 280 18.74 20.25 7.71
N SER G 281 19.45 21.37 7.80
CA SER G 281 20.22 21.88 6.68
C SER G 281 21.09 20.80 6.08
N GLU G 282 21.55 19.87 6.90
CA GLU G 282 22.22 18.68 6.40
C GLU G 282 21.40 17.89 5.40
N THR G 283 20.37 17.18 5.83
CA THR G 283 19.71 16.26 4.90
C THR G 283 19.06 17.04 3.77
N ALA G 284 18.50 18.19 4.08
CA ALA G 284 17.97 19.03 3.02
C ALA G 284 19.03 19.27 1.98
N ASP G 285 20.20 19.71 2.43
CA ASP G 285 21.11 20.38 1.53
C ASP G 285 21.42 19.51 0.32
N GLU G 286 21.68 18.23 0.54
CA GLU G 286 21.87 17.39 -0.63
C GLU G 286 20.54 16.90 -1.17
N THR G 287 19.57 16.74 -0.29
CA THR G 287 18.30 16.19 -0.70
C THR G 287 17.73 16.94 -1.86
N LEU G 288 17.94 18.24 -1.92
CA LEU G 288 17.63 18.96 -3.13
C LEU G 288 18.36 18.40 -4.32
N GLU G 289 19.65 18.69 -4.41
CA GLU G 289 20.26 18.61 -5.72
C GLU G 289 20.39 17.18 -6.20
N ASN G 290 20.32 16.20 -5.32
CA ASN G 290 20.08 14.88 -5.87
C ASN G 290 18.84 14.91 -6.73
N ASN G 291 17.80 15.57 -6.24
CA ASN G 291 16.58 15.61 -7.00
C ASN G 291 16.66 16.60 -8.14
N ILE G 292 17.47 17.64 -8.01
CA ILE G 292 17.57 18.53 -9.16
C ILE G 292 18.30 17.82 -10.28
N VAL G 293 19.33 17.08 -9.94
CA VAL G 293 20.01 16.28 -10.94
C VAL G 293 19.04 15.30 -11.57
N SER G 294 18.32 14.55 -10.75
CA SER G 294 17.37 13.59 -11.29
C SER G 294 16.47 14.25 -12.31
N VAL G 295 15.78 15.30 -11.88
CA VAL G 295 14.87 16.02 -12.77
C VAL G 295 15.58 16.38 -14.05
N LEU G 296 16.79 16.92 -13.93
CA LEU G 296 17.44 17.43 -15.11
C LEU G 296 17.76 16.31 -16.07
N THR G 297 18.44 15.27 -15.57
CA THR G 297 18.82 14.16 -16.42
C THR G 297 17.63 13.55 -17.10
N ALA G 298 16.48 13.52 -16.43
CA ALA G 298 15.34 12.94 -17.11
C ALA G 298 14.82 13.87 -18.19
N GLY G 299 14.84 15.18 -17.95
CA GLY G 299 14.44 16.08 -19.01
C GLY G 299 15.33 15.94 -20.21
N VAL G 300 16.64 15.84 -19.98
CA VAL G 300 17.58 15.69 -21.05
C VAL G 300 17.38 14.38 -21.77
N ASN G 301 17.13 13.30 -21.05
CA ASN G 301 16.96 12.03 -21.73
C ASN G 301 15.69 12.04 -22.54
N SER G 302 14.65 12.68 -22.05
CA SER G 302 13.38 12.67 -22.75
C SER G 302 13.46 13.48 -24.03
N VAL G 303 13.98 14.70 -23.96
CA VAL G 303 13.99 15.50 -25.17
C VAL G 303 15.15 15.12 -26.08
N ALA G 304 16.27 14.73 -25.48
CA ALA G 304 17.45 14.35 -26.25
C ALA G 304 17.20 13.09 -27.03
N ILE G 305 16.82 12.02 -26.35
CA ILE G 305 16.70 10.76 -27.04
C ILE G 305 15.42 10.70 -27.83
N LYS G 306 14.32 11.08 -27.20
CA LYS G 306 13.02 11.34 -27.85
C LYS G 306 12.65 10.53 -29.09
N LEU H 7 -22.95 95.22 0.14
CA LEU H 7 -23.56 94.08 -0.54
C LEU H 7 -24.22 93.15 0.46
N THR H 8 -24.50 93.66 1.66
CA THR H 8 -24.95 92.80 2.75
C THR H 8 -26.23 92.07 2.39
N LYS H 9 -27.18 92.74 1.78
CA LYS H 9 -28.43 92.10 1.46
C LYS H 9 -28.39 91.36 0.12
N SER H 10 -27.38 91.64 -0.71
CA SER H 10 -27.39 91.20 -2.10
C SER H 10 -27.63 89.70 -2.24
N LEU H 11 -26.85 88.88 -1.52
CA LEU H 11 -27.04 87.43 -1.60
C LEU H 11 -28.45 87.04 -1.22
N SER H 12 -28.82 87.29 0.04
CA SER H 12 -30.13 86.86 0.53
C SER H 12 -31.23 87.24 -0.44
N ILE H 13 -31.10 88.42 -1.03
CA ILE H 13 -31.91 88.76 -2.19
C ILE H 13 -31.81 87.64 -3.22
N ALA H 14 -30.58 87.30 -3.63
CA ALA H 14 -30.41 86.39 -4.75
C ALA H 14 -31.04 85.04 -4.50
N PHE H 15 -30.88 84.50 -3.29
CA PHE H 15 -31.47 83.19 -3.04
C PHE H 15 -32.97 83.26 -2.83
N GLU H 16 -33.45 84.34 -2.22
CA GLU H 16 -34.88 84.59 -2.25
C GLU H 16 -35.38 84.62 -3.69
N ASN H 17 -34.53 85.04 -4.63
CA ASN H 17 -34.94 85.13 -6.02
C ASN H 17 -35.20 83.75 -6.60
N GLY H 18 -34.55 82.73 -6.06
CA GLY H 18 -34.88 81.39 -6.46
C GLY H 18 -34.24 80.93 -7.76
N ASP H 19 -33.25 81.66 -8.28
CA ASP H 19 -32.43 81.11 -9.35
C ASP H 19 -30.99 81.01 -8.88
N TYR H 20 -30.46 79.79 -8.92
CA TYR H 20 -29.25 79.42 -8.21
C TYR H 20 -27.98 79.81 -8.97
N ALA H 21 -28.03 79.79 -10.29
CA ALA H 21 -27.01 80.53 -11.05
C ALA H 21 -27.03 82.00 -10.66
N ALA H 22 -28.20 82.64 -10.80
CA ALA H 22 -28.34 84.01 -10.34
C ALA H 22 -27.91 84.15 -8.89
N CYS H 23 -28.28 83.19 -8.05
CA CYS H 23 -27.75 83.16 -6.70
C CYS H 23 -26.23 83.18 -6.70
N GLU H 24 -25.60 82.59 -7.72
CA GLU H 24 -24.15 82.55 -7.78
C GLU H 24 -23.53 83.86 -8.23
N LYS H 25 -24.24 84.61 -9.07
CA LYS H 25 -23.63 85.76 -9.75
C LYS H 25 -23.00 86.75 -8.79
N LEU H 26 -23.52 86.87 -7.58
CA LEU H 26 -22.99 87.82 -6.62
C LEU H 26 -22.07 87.20 -5.57
N LEU H 27 -21.86 85.90 -5.59
CA LEU H 27 -21.12 85.30 -4.48
C LEU H 27 -19.66 85.73 -4.41
N PRO H 28 -18.89 85.78 -5.51
CA PRO H 28 -17.46 86.04 -5.37
C PRO H 28 -17.18 87.36 -4.69
N PRO H 29 -17.78 88.49 -5.12
CA PRO H 29 -17.45 89.77 -4.47
C PRO H 29 -18.02 89.91 -3.07
N ILE H 30 -19.07 89.19 -2.73
CA ILE H 30 -19.62 89.32 -1.38
C ILE H 30 -18.81 88.52 -0.39
N LYS H 31 -18.36 87.32 -0.77
CA LYS H 31 -17.43 86.59 0.08
C LYS H 31 -16.11 87.33 0.18
N ILE H 32 -15.70 87.96 -0.92
CA ILE H 32 -14.46 88.72 -0.88
C ILE H 32 -14.67 89.84 0.13
N GLU H 33 -15.81 90.52 0.02
CA GLU H 33 -16.17 91.58 0.95
C GLU H 33 -16.37 90.91 2.29
N LEU H 34 -17.01 89.75 2.20
CA LEU H 34 -17.34 88.92 3.34
C LEU H 34 -16.09 88.43 4.05
N ILE H 35 -15.04 88.17 3.30
CA ILE H 35 -13.82 87.65 3.87
C ILE H 35 -13.28 88.59 4.96
N LYS H 36 -13.27 89.89 4.70
CA LYS H 36 -12.82 90.80 5.74
C LYS H 36 -13.82 90.64 6.87
N ASN H 37 -15.09 90.71 6.48
CA ASN H 37 -16.21 90.54 7.40
C ASN H 37 -16.22 89.10 7.87
N ASN H 38 -15.91 88.22 6.92
CA ASN H 38 -15.89 86.79 7.10
C ASN H 38 -14.86 86.30 8.12
N LEU H 39 -13.70 86.93 8.15
CA LEU H 39 -12.63 86.51 9.06
C LEU H 39 -13.03 86.59 10.53
N LEU H 40 -13.72 87.66 10.90
CA LEU H 40 -14.17 87.86 12.27
C LEU H 40 -15.18 86.81 12.76
N ILE H 41 -16.07 86.41 11.86
CA ILE H 41 -17.16 85.47 12.14
C ILE H 41 -16.82 84.03 12.57
N PRO H 42 -15.73 83.41 11.95
CA PRO H 42 -15.51 82.01 12.37
C PRO H 42 -15.15 81.75 13.83
N ASP H 43 -14.31 82.57 14.44
CA ASP H 43 -13.92 82.31 15.83
C ASP H 43 -15.06 82.34 16.85
N LEU H 44 -15.91 83.35 16.78
CA LEU H 44 -17.02 83.47 17.73
C LEU H 44 -16.49 83.41 19.15
N SER H 45 -15.31 84.00 19.37
CA SER H 45 -14.68 84.00 20.69
C SER H 45 -15.40 84.79 21.79
N ILE H 46 -15.92 85.97 21.44
CA ILE H 46 -16.60 86.84 22.39
C ILE H 46 -17.90 86.34 23.03
N GLN H 47 -18.77 85.73 22.23
CA GLN H 47 -20.05 85.23 22.73
C GLN H 47 -20.97 86.41 23.01
N ASN H 48 -20.60 87.59 22.49
CA ASN H 48 -21.38 88.80 22.68
C ASN H 48 -22.71 88.81 21.92
N ASP H 49 -23.71 89.45 22.52
CA ASP H 49 -25.04 89.56 21.93
C ASP H 49 -24.99 90.32 20.61
N ILE H 50 -24.15 91.35 20.56
CA ILE H 50 -24.04 92.16 19.36
C ILE H 50 -23.58 91.30 18.19
N TYR H 51 -22.65 90.39 18.45
CA TYR H 51 -22.17 89.51 17.40
C TYR H 51 -23.34 88.66 16.93
N LEU H 52 -24.14 88.19 17.88
CA LEU H 52 -25.30 87.37 17.57
C LEU H 52 -25.79 87.68 16.17
N ASN H 53 -25.69 88.95 15.77
CA ASN H 53 -26.09 89.30 14.42
C ASN H 53 -25.10 88.78 13.39
N ASP H 54 -23.80 88.94 13.64
CA ASP H 54 -22.82 88.39 12.70
C ASP H 54 -22.97 86.88 12.55
N LEU H 55 -23.20 86.17 13.65
CA LEU H 55 -23.38 84.73 13.54
C LEU H 55 -24.62 84.40 12.73
N MET H 56 -25.75 85.01 13.08
CA MET H 56 -26.98 84.75 12.35
C MET H 56 -26.78 84.98 10.86
N ILE H 57 -26.50 86.23 10.49
CA ILE H 57 -26.35 86.60 9.09
C ILE H 57 -25.37 85.66 8.41
N THR H 58 -24.16 85.57 8.97
CA THR H 58 -23.09 84.78 8.37
C THR H 58 -23.58 83.39 8.03
N LYS H 59 -24.13 82.71 9.02
CA LYS H 59 -24.67 81.38 8.85
C LYS H 59 -25.64 81.34 7.68
N ARG H 60 -26.62 82.26 7.69
CA ARG H 60 -27.58 82.35 6.59
C ARG H 60 -26.88 82.47 5.25
N ILE H 61 -25.75 83.15 5.22
CA ILE H 61 -25.03 83.33 3.98
C ILE H 61 -24.42 82.01 3.52
N LEU H 62 -23.62 81.40 4.39
CA LEU H 62 -22.88 80.23 3.97
C LEU H 62 -23.82 79.12 3.56
N GLU H 63 -24.95 78.98 4.24
CA GLU H 63 -25.88 77.91 3.89
C GLU H 63 -26.19 77.91 2.41
N VAL H 64 -26.69 79.04 1.92
CA VAL H 64 -26.96 79.13 0.50
C VAL H 64 -25.66 79.09 -0.29
N GLY H 65 -24.55 79.46 0.32
CA GLY H 65 -23.29 79.29 -0.36
C GLY H 65 -23.09 77.84 -0.78
N ALA H 66 -23.18 76.96 0.20
CA ALA H 66 -23.09 75.53 -0.04
C ALA H 66 -24.16 75.05 -1.00
N LEU H 67 -25.41 75.07 -0.54
CA LEU H 67 -26.50 74.52 -1.32
C LEU H 67 -26.44 75.02 -2.76
N ALA H 68 -26.24 76.31 -2.90
CA ALA H 68 -25.90 76.89 -4.20
C ALA H 68 -24.78 76.13 -4.86
N SER H 69 -23.75 75.75 -4.09
CA SER H 69 -22.61 75.09 -4.70
C SER H 69 -22.98 73.72 -5.24
N ILE H 70 -23.88 73.02 -4.54
CA ILE H 70 -24.48 71.82 -5.15
C ILE H 70 -25.06 72.18 -6.49
N GLN H 71 -25.83 73.25 -6.53
CA GLN H 71 -26.43 73.68 -7.77
C GLN H 71 -25.39 74.14 -8.79
N THR H 72 -24.15 74.38 -8.35
CA THR H 72 -23.07 74.61 -9.28
C THR H 72 -22.53 73.30 -9.82
N PHE H 73 -22.58 72.26 -9.00
CA PHE H 73 -22.22 70.90 -9.35
C PHE H 73 -20.71 70.71 -9.30
N ASN H 74 -19.94 71.74 -8.97
CA ASN H 74 -18.57 71.55 -8.53
C ASN H 74 -18.60 71.43 -7.01
N PHE H 75 -18.37 70.22 -6.52
CA PHE H 75 -18.72 69.94 -5.13
C PHE H 75 -17.58 70.17 -4.18
N ASP H 76 -16.37 70.42 -4.69
CA ASP H 76 -15.30 70.86 -3.81
C ASP H 76 -15.66 72.19 -3.17
N SER H 77 -16.13 73.13 -3.98
CA SER H 77 -16.64 74.39 -3.46
C SER H 77 -17.60 74.13 -2.33
N PHE H 78 -18.62 73.31 -2.59
CA PHE H 78 -19.53 72.89 -1.55
C PHE H 78 -18.74 72.54 -0.30
N GLU H 79 -17.91 71.51 -0.41
CA GLU H 79 -17.18 70.99 0.72
C GLU H 79 -16.46 72.09 1.48
N ASN H 80 -15.99 73.11 0.78
CA ASN H 80 -15.34 74.21 1.46
C ASN H 80 -16.36 75.03 2.24
N TYR H 81 -17.48 75.37 1.59
CA TYR H 81 -18.58 75.99 2.33
C TYR H 81 -18.91 75.21 3.58
N PHE H 82 -18.88 73.89 3.49
CA PHE H 82 -19.26 73.08 4.63
C PHE H 82 -18.20 73.14 5.70
N ASN H 83 -16.96 72.85 5.34
CA ASN H 83 -15.88 72.85 6.31
C ASN H 83 -15.87 74.16 7.06
N GLN H 84 -15.78 75.26 6.32
CA GLN H 84 -15.93 76.58 6.89
C GLN H 84 -17.16 76.65 7.79
N LEU H 85 -18.26 76.08 7.32
CA LEU H 85 -19.54 76.17 8.00
C LEU H 85 -19.56 75.38 9.30
N LYS H 86 -18.61 74.50 9.50
CA LYS H 86 -18.79 73.42 10.46
C LYS H 86 -18.96 73.90 11.89
N PRO H 87 -18.16 74.83 12.41
CA PRO H 87 -18.35 75.21 13.82
C PRO H 87 -19.76 75.58 14.14
N TYR H 88 -20.40 76.38 13.30
CA TYR H 88 -21.66 77.01 13.68
C TYR H 88 -22.71 75.99 14.03
N TYR H 89 -22.73 74.85 13.33
CA TYR H 89 -23.62 73.80 13.78
C TYR H 89 -23.01 72.99 14.89
N PHE H 90 -21.70 72.78 14.87
CA PHE H 90 -21.13 71.94 15.91
C PHE H 90 -20.58 72.74 17.08
N SER H 91 -20.80 74.04 17.06
CA SER H 91 -20.68 74.82 18.28
C SER H 91 -21.89 74.58 19.17
N ASN H 92 -21.71 74.91 20.44
CA ASN H 92 -22.82 75.11 21.36
C ASN H 92 -23.37 76.50 21.09
N ASN H 93 -24.12 77.07 22.04
CA ASN H 93 -24.94 78.27 21.83
C ASN H 93 -25.87 78.02 20.64
N HIS H 94 -26.59 76.92 20.76
CA HIS H 94 -27.30 76.25 19.69
C HIS H 94 -28.23 77.18 18.94
N LYS H 95 -28.44 78.38 19.48
CA LYS H 95 -29.12 79.44 18.74
C LYS H 95 -28.58 79.54 17.33
N LEU H 96 -27.30 79.26 17.14
CA LEU H 96 -26.78 78.92 15.83
C LEU H 96 -27.34 77.59 15.41
N SER H 97 -26.87 76.55 16.10
CA SER H 97 -26.98 75.20 15.59
C SER H 97 -28.41 74.67 15.60
N GLU H 98 -29.38 75.41 16.12
CA GLU H 98 -30.77 74.95 16.08
C GLU H 98 -31.42 75.08 14.71
N SER H 99 -30.77 75.73 13.75
CA SER H 99 -31.45 75.99 12.48
C SER H 99 -31.77 74.69 11.77
N ASP H 100 -33.05 74.51 11.42
CA ASP H 100 -33.48 73.29 10.78
C ASP H 100 -32.71 73.03 9.49
N LYS H 101 -32.40 74.10 8.76
CA LYS H 101 -31.90 74.01 7.40
C LYS H 101 -30.65 73.16 7.30
N LYS H 102 -30.02 72.83 8.42
CA LYS H 102 -28.80 72.04 8.41
C LYS H 102 -29.05 70.60 8.04
N SER H 103 -30.20 70.05 8.43
CA SER H 103 -30.37 68.61 8.47
C SER H 103 -30.03 68.02 7.12
N LYS H 104 -30.92 68.26 6.16
CA LYS H 104 -30.63 67.86 4.80
C LYS H 104 -29.25 68.32 4.39
N LEU H 105 -28.92 69.57 4.71
CA LEU H 105 -27.61 70.10 4.43
C LEU H 105 -26.51 69.14 4.88
N ILE H 106 -26.52 68.80 6.16
CA ILE H 106 -25.52 67.87 6.68
C ILE H 106 -25.45 66.64 5.79
N SER H 107 -26.60 66.04 5.54
CA SER H 107 -26.61 64.81 4.79
C SER H 107 -26.20 65.03 3.35
N LEU H 108 -26.50 66.20 2.79
CA LEU H 108 -26.00 66.51 1.47
C LEU H 108 -24.50 66.30 1.42
N TYR H 109 -23.84 66.57 2.53
CA TYR H 109 -22.41 66.35 2.62
C TYR H 109 -22.09 64.88 2.45
N LEU H 110 -22.75 64.04 3.22
CA LEU H 110 -22.37 62.64 3.30
C LEU H 110 -22.38 61.99 1.93
N LEU H 111 -23.44 62.20 1.16
CA LEU H 111 -23.53 61.52 -0.12
C LEU H 111 -22.34 61.83 -0.99
N ASN H 112 -21.84 63.06 -0.89
CA ASN H 112 -20.64 63.44 -1.60
C ASN H 112 -19.64 62.33 -1.42
N LEU H 113 -19.26 62.14 -0.16
CA LEU H 113 -18.30 61.12 0.23
C LEU H 113 -18.65 59.78 -0.38
N LEU H 114 -19.91 59.38 -0.27
CA LEU H 114 -20.28 58.12 -0.85
C LEU H 114 -20.13 58.17 -2.36
N SER H 115 -20.74 59.18 -2.98
CA SER H 115 -20.58 59.36 -4.41
C SER H 115 -19.11 59.31 -4.79
N GLN H 116 -18.27 59.92 -3.98
CA GLN H 116 -16.85 59.93 -4.28
C GLN H 116 -16.17 58.64 -3.89
N ASN H 117 -16.90 57.68 -3.35
CA ASN H 117 -16.35 56.43 -2.86
C ASN H 117 -15.34 56.64 -1.74
N ASN H 118 -15.43 57.76 -1.05
CA ASN H 118 -14.52 57.97 0.06
C ASN H 118 -15.23 57.42 1.28
N THR H 119 -14.84 56.23 1.68
CA THR H 119 -15.25 55.76 2.98
C THR H 119 -14.34 56.31 4.04
N THR H 120 -13.04 56.29 3.73
CA THR H 120 -12.02 56.64 4.69
C THR H 120 -12.39 57.90 5.42
N LYS H 121 -12.85 58.90 4.70
CA LYS H 121 -13.46 60.00 5.42
C LYS H 121 -14.79 59.57 5.99
N PHE H 122 -15.66 59.04 5.13
CA PHE H 122 -17.08 58.99 5.44
C PHE H 122 -17.31 58.55 6.87
N HIS H 123 -16.69 57.44 7.22
CA HIS H 123 -16.82 56.94 8.58
C HIS H 123 -16.33 57.98 9.56
N SER H 124 -15.10 58.45 9.39
CA SER H 124 -14.56 59.42 10.31
C SER H 124 -15.55 60.53 10.58
N GLU H 125 -16.24 60.98 9.53
CA GLU H 125 -17.29 61.94 9.82
C GLU H 125 -18.39 61.32 10.65
N LEU H 126 -18.72 60.06 10.40
CA LEU H 126 -19.74 59.43 11.23
C LEU H 126 -19.40 59.61 12.69
N GLN H 127 -18.19 59.22 13.10
CA GLN H 127 -17.84 59.41 14.50
C GLN H 127 -17.90 60.86 14.89
N TYR H 128 -17.47 61.74 14.00
CA TYR H 128 -17.51 63.16 14.28
C TYR H 128 -18.90 63.55 14.77
N LEU H 129 -19.83 63.49 13.84
CA LEU H 129 -21.22 63.82 14.13
C LEU H 129 -21.70 63.09 15.36
N ASP H 130 -21.34 61.81 15.45
CA ASP H 130 -21.84 60.97 16.52
C ASP H 130 -21.49 61.56 17.87
N LYS H 131 -20.29 62.10 18.00
CA LYS H 131 -19.99 62.79 19.24
C LYS H 131 -20.78 64.07 19.34
N HIS H 132 -20.75 64.89 18.29
CA HIS H 132 -21.38 66.20 18.40
C HIS H 132 -22.89 66.08 18.46
N ILE H 133 -23.48 65.44 17.46
CA ILE H 133 -24.93 65.32 17.42
C ILE H 133 -25.39 64.29 18.42
N LYS H 134 -26.50 64.59 19.10
CA LYS H 134 -26.97 63.72 20.16
C LYS H 134 -27.21 62.32 19.66
N ASN H 135 -28.05 62.17 18.65
CA ASN H 135 -28.35 60.83 18.14
C ASN H 135 -28.40 60.87 16.62
N LEU H 136 -27.48 60.16 15.99
CA LEU H 136 -27.54 60.00 14.54
C LEU H 136 -28.45 58.84 14.16
N GLU H 137 -28.41 57.75 14.92
CA GLU H 137 -29.37 56.68 14.69
C GLU H 137 -30.79 57.20 14.77
N ASP H 138 -30.96 58.34 15.45
CA ASP H 138 -32.24 59.01 15.51
C ASP H 138 -32.72 59.31 14.10
N ASP H 139 -34.03 59.28 13.92
CA ASP H 139 -34.60 59.44 12.59
C ASP H 139 -34.37 60.84 12.04
N SER H 140 -33.97 60.89 10.77
CA SER H 140 -33.86 62.15 10.05
C SER H 140 -33.35 61.86 8.66
N LEU H 141 -33.24 62.92 7.86
CA LEU H 141 -32.54 62.83 6.60
C LEU H 141 -31.16 62.20 6.79
N LEU H 142 -30.44 62.62 7.84
CA LEU H 142 -29.12 62.08 8.08
C LEU H 142 -29.12 60.55 8.18
N SER H 143 -30.26 59.94 8.50
CA SER H 143 -30.31 58.48 8.49
C SER H 143 -30.16 57.94 7.08
N TYR H 144 -30.68 58.67 6.11
CA TYR H 144 -30.72 58.28 4.71
C TYR H 144 -29.33 57.85 4.22
N PRO H 145 -28.32 58.69 4.31
CA PRO H 145 -27.00 58.24 3.85
C PRO H 145 -26.45 57.11 4.69
N ILE H 146 -26.64 57.13 6.00
CA ILE H 146 -26.20 56.02 6.85
C ILE H 146 -26.76 54.75 6.28
N LYS H 147 -28.09 54.66 6.38
CA LYS H 147 -28.80 53.47 5.97
C LYS H 147 -28.23 53.01 4.65
N LEU H 148 -28.16 53.95 3.72
CA LEU H 148 -27.59 53.65 2.42
C LEU H 148 -26.27 52.95 2.56
N ASP H 149 -25.40 53.48 3.39
CA ASP H 149 -24.08 52.91 3.50
C ASP H 149 -24.13 51.50 4.05
N ARG H 150 -24.74 51.32 5.21
CA ARG H 150 -24.76 50.00 5.81
C ARG H 150 -25.24 48.98 4.80
N TRP H 151 -26.27 49.31 4.05
CA TRP H 151 -26.72 48.34 3.08
C TRP H 151 -25.69 48.15 1.98
N LEU H 152 -24.87 49.16 1.71
CA LEU H 152 -23.81 48.93 0.75
C LEU H 152 -22.82 47.93 1.29
N MET H 153 -22.25 48.21 2.46
CA MET H 153 -21.22 47.32 2.98
C MET H 153 -21.74 45.91 3.10
N GLU H 154 -22.90 45.73 3.72
CA GLU H 154 -23.40 44.37 3.90
C GLU H 154 -23.52 43.65 2.58
N GLY H 155 -23.93 44.37 1.55
CA GLY H 155 -24.13 43.75 0.25
C GLY H 155 -25.56 43.61 -0.17
N SER H 156 -26.51 44.08 0.62
CA SER H 156 -27.90 44.01 0.22
C SER H 156 -28.18 45.26 -0.59
N TYR H 157 -28.34 45.10 -1.89
CA TYR H 157 -28.57 46.26 -2.72
C TYR H 157 -30.02 46.64 -2.80
N GLN H 158 -30.91 45.66 -2.76
CA GLN H 158 -32.31 45.99 -2.96
C GLN H 158 -32.78 47.01 -1.95
N LYS H 159 -32.49 46.79 -0.67
CA LYS H 159 -32.81 47.82 0.29
C LYS H 159 -32.17 49.12 -0.09
N ALA H 160 -30.92 49.08 -0.50
CA ALA H 160 -30.28 50.28 -1.00
C ALA H 160 -31.11 50.86 -2.13
N TRP H 161 -31.12 50.18 -3.28
CA TRP H 161 -31.72 50.76 -4.47
C TRP H 161 -33.08 51.35 -4.15
N ASP H 162 -33.85 50.64 -3.34
CA ASP H 162 -35.07 51.19 -2.79
C ASP H 162 -34.81 52.54 -2.15
N LEU H 163 -33.88 52.57 -1.21
CA LEU H 163 -33.61 53.80 -0.51
C LEU H 163 -33.23 54.91 -1.48
N LEU H 164 -32.67 54.55 -2.64
CA LEU H 164 -32.55 55.55 -3.68
C LEU H 164 -33.90 55.93 -4.23
N GLN H 165 -34.82 54.98 -4.29
CA GLN H 165 -36.18 55.36 -4.63
C GLN H 165 -36.85 56.12 -3.51
N SER H 166 -36.18 56.31 -2.37
CA SER H 166 -36.78 57.18 -1.39
C SER H 166 -36.69 58.62 -1.89
N GLY H 167 -35.52 59.24 -1.83
CA GLY H 167 -35.49 60.64 -2.21
C GLY H 167 -36.46 61.37 -1.30
N SER H 168 -37.52 61.92 -1.89
CA SER H 168 -38.74 62.18 -1.14
C SER H 168 -38.34 63.10 0.00
N GLN H 169 -38.56 62.65 1.24
CA GLN H 169 -38.25 63.48 2.39
C GLN H 169 -36.99 64.29 2.13
N ASN H 170 -36.11 63.81 1.26
CA ASN H 170 -35.07 64.59 0.64
C ASN H 170 -35.57 65.02 -0.74
N ILE H 171 -35.72 66.32 -0.96
CA ILE H 171 -35.90 66.85 -2.30
C ILE H 171 -34.89 67.96 -2.50
N SER H 172 -34.08 67.83 -3.54
CA SER H 172 -32.99 68.74 -3.80
C SER H 172 -32.22 68.29 -5.03
N GLU H 173 -31.22 69.07 -5.42
CA GLU H 173 -30.32 68.69 -6.49
C GLU H 173 -29.51 67.45 -6.13
N PHE H 174 -29.67 66.96 -4.89
CA PHE H 174 -29.03 65.72 -4.50
C PHE H 174 -29.42 64.59 -5.43
N ASP H 175 -30.49 64.81 -6.18
CA ASP H 175 -30.91 63.86 -7.19
C ASP H 175 -29.75 63.51 -8.11
N SER H 176 -28.91 64.50 -8.40
CA SER H 176 -27.72 64.25 -9.20
C SER H 176 -26.82 63.23 -8.54
N PHE H 177 -26.55 63.40 -7.24
CA PHE H 177 -25.87 62.35 -6.50
C PHE H 177 -26.56 61.02 -6.72
N THR H 178 -27.88 61.03 -6.65
CA THR H 178 -28.66 59.85 -6.97
C THR H 178 -28.17 59.25 -8.27
N ASP H 179 -28.16 60.05 -9.32
CA ASP H 179 -27.76 59.54 -10.61
C ASP H 179 -26.30 59.16 -10.64
N ILE H 180 -25.50 59.74 -9.76
CA ILE H 180 -24.15 59.24 -9.53
C ILE H 180 -24.22 57.82 -8.98
N LEU H 181 -24.90 57.67 -7.85
CA LEU H 181 -24.79 56.44 -7.09
C LEU H 181 -25.20 55.24 -7.90
N LYS H 182 -26.32 55.35 -8.59
CA LYS H 182 -26.84 54.22 -9.34
C LYS H 182 -25.83 53.70 -10.32
N SER H 183 -24.92 54.55 -10.77
CA SER H 183 -23.80 54.02 -11.52
C SER H 183 -23.09 52.98 -10.68
N ALA H 184 -22.44 53.44 -9.62
CA ALA H 184 -21.63 52.55 -8.77
C ALA H 184 -22.37 51.28 -8.44
N ILE H 185 -23.62 51.40 -8.00
CA ILE H 185 -24.38 50.21 -7.66
C ILE H 185 -24.43 49.29 -8.86
N ARG H 186 -24.96 49.79 -9.97
CA ARG H 186 -25.00 48.97 -11.16
C ARG H 186 -23.60 48.53 -11.55
N ASP H 187 -22.60 49.33 -11.24
CA ASP H 187 -21.24 48.85 -11.46
C ASP H 187 -20.99 47.60 -10.66
N GLU H 188 -21.14 47.71 -9.34
CA GLU H 188 -20.80 46.61 -8.45
C GLU H 188 -21.47 45.35 -8.89
N ILE H 189 -22.79 45.40 -9.03
CA ILE H 189 -23.51 44.20 -9.42
C ILE H 189 -22.86 43.61 -10.65
N ALA H 190 -22.70 44.42 -11.69
CA ALA H 190 -21.99 43.93 -12.85
C ALA H 190 -20.62 43.42 -12.46
N LYS H 191 -19.86 44.28 -11.79
CA LYS H 191 -18.53 43.87 -11.33
C LYS H 191 -18.63 42.63 -10.46
N ASN H 192 -19.70 42.51 -9.68
CA ASN H 192 -19.98 41.24 -9.04
C ASN H 192 -20.17 40.19 -10.10
N THR H 193 -21.28 40.29 -10.82
CA THR H 193 -21.79 39.13 -11.52
C THR H 193 -20.87 38.67 -12.61
N GLU H 194 -19.93 39.50 -13.05
CA GLU H 194 -18.90 39.00 -13.95
C GLU H 194 -18.34 37.70 -13.45
N LEU H 195 -17.95 37.66 -12.19
CA LEU H 195 -17.44 36.44 -11.61
C LEU H 195 -18.54 35.52 -11.13
N SER H 196 -19.77 36.00 -11.01
CA SER H 196 -20.76 35.17 -10.35
C SER H 196 -21.20 34.01 -11.22
N TYR H 197 -21.92 34.29 -12.30
CA TYR H 197 -22.57 33.16 -12.92
C TYR H 197 -21.99 32.55 -14.17
N ASP H 198 -22.24 33.25 -15.27
CA ASP H 198 -22.32 32.53 -16.54
C ASP H 198 -23.11 33.36 -17.53
N PHE H 199 -23.46 32.74 -18.64
CA PHE H 199 -24.59 33.23 -19.39
C PHE H 199 -25.77 33.47 -18.45
N LEU H 200 -26.50 34.55 -18.68
CA LEU H 200 -27.81 34.69 -18.08
C LEU H 200 -28.78 35.17 -19.13
N PRO H 201 -30.04 34.78 -19.03
CA PRO H 201 -31.03 35.36 -19.92
C PRO H 201 -31.13 36.85 -19.66
N LEU H 202 -31.25 37.60 -20.75
CA LEU H 202 -31.38 39.04 -20.67
C LEU H 202 -32.43 39.45 -19.65
N SER H 203 -33.48 38.64 -19.54
CA SER H 203 -34.52 38.88 -18.56
C SER H 203 -33.95 39.11 -17.17
N ASN H 204 -33.17 38.14 -16.69
CA ASN H 204 -32.62 38.25 -15.36
C ASN H 204 -31.71 39.43 -15.24
N ILE H 205 -31.06 39.81 -16.33
CA ILE H 205 -30.06 40.86 -16.22
C ILE H 205 -30.75 42.19 -16.03
N LYS H 206 -31.83 42.42 -16.77
CA LYS H 206 -32.72 43.50 -16.39
C LYS H 206 -33.09 43.39 -14.92
N ALA H 207 -33.52 42.20 -14.51
CA ALA H 207 -34.00 42.02 -13.15
C ALA H 207 -33.00 42.53 -12.13
N LEU H 208 -31.75 42.07 -12.23
CA LEU H 208 -30.69 42.52 -11.34
C LEU H 208 -30.51 44.01 -11.48
N LEU H 209 -29.97 44.41 -12.63
CA LEU H 209 -29.39 45.74 -12.76
C LEU H 209 -30.41 46.83 -12.61
N PHE H 210 -31.69 46.48 -12.51
CA PHE H 210 -32.83 47.32 -12.20
C PHE H 210 -33.39 48.02 -13.41
N PHE H 211 -32.82 47.81 -14.59
CA PHE H 211 -33.30 48.48 -15.79
C PHE H 211 -34.79 48.26 -15.97
N ASN H 212 -35.46 49.32 -16.42
CA ASN H 212 -36.82 49.24 -16.91
C ASN H 212 -36.86 48.99 -18.41
N ASN H 213 -35.71 49.06 -19.05
CA ASN H 213 -35.56 48.92 -20.48
C ASN H 213 -34.81 47.64 -20.78
N GLU H 214 -34.52 47.43 -22.05
CA GLU H 214 -33.95 46.20 -22.57
C GLU H 214 -32.77 46.57 -23.44
N LYS H 215 -33.02 47.33 -24.49
CA LYS H 215 -31.93 47.90 -25.27
C LYS H 215 -30.93 48.59 -24.37
N GLU H 216 -31.41 49.26 -23.32
CA GLU H 216 -30.51 49.81 -22.32
C GLU H 216 -29.52 48.76 -21.85
N THR H 217 -30.04 47.59 -21.50
CA THR H 217 -29.16 46.54 -21.03
C THR H 217 -28.07 46.27 -22.03
N GLU H 218 -28.48 45.98 -23.26
CA GLU H 218 -27.56 45.71 -24.36
C GLU H 218 -26.49 46.79 -24.44
N LYS H 219 -26.91 48.05 -24.37
CA LYS H 219 -25.97 49.15 -24.29
C LYS H 219 -24.96 48.87 -23.21
N PHE H 220 -25.45 48.61 -22.00
CA PHE H 220 -24.59 48.45 -20.85
C PHE H 220 -23.56 47.35 -21.10
N ALA H 221 -24.03 46.19 -21.55
CA ALA H 221 -23.16 45.04 -21.71
C ALA H 221 -22.12 45.28 -22.80
N LEU H 222 -22.50 45.95 -23.88
CA LEU H 222 -21.50 46.37 -24.85
C LEU H 222 -20.46 47.24 -24.19
N GLU H 223 -20.93 48.32 -23.57
CA GLU H 223 -20.06 49.17 -22.78
C GLU H 223 -19.36 48.38 -21.69
N ARG H 224 -19.92 47.24 -21.32
CA ARG H 224 -19.24 46.28 -20.47
C ARG H 224 -18.46 45.25 -21.25
N ASN H 225 -18.50 45.32 -22.58
CA ASN H 225 -17.77 44.43 -23.48
C ASN H 225 -18.30 43.02 -23.47
N TRP H 226 -19.57 42.85 -23.11
CA TRP H 226 -20.11 41.52 -22.87
C TRP H 226 -20.64 40.93 -24.16
N PRO H 227 -20.00 39.91 -24.73
CA PRO H 227 -20.58 39.25 -25.90
C PRO H 227 -21.92 38.64 -25.55
N ILE H 228 -22.92 38.96 -26.34
CA ILE H 228 -24.30 38.64 -26.04
C ILE H 228 -24.78 37.64 -27.08
N VAL H 229 -25.29 36.51 -26.61
CA VAL H 229 -25.91 35.52 -27.49
C VAL H 229 -27.39 35.57 -27.21
N ASN H 230 -28.16 36.12 -28.13
CA ASN H 230 -29.62 36.02 -28.15
C ASN H 230 -30.24 36.08 -26.76
N SER H 231 -30.11 37.24 -26.11
CA SER H 231 -30.62 37.50 -24.78
C SER H 231 -29.92 36.70 -23.70
N LYS H 232 -28.72 36.20 -23.97
CA LYS H 232 -27.93 35.50 -22.95
C LYS H 232 -26.50 35.94 -23.09
N VAL H 233 -25.93 36.46 -22.02
CA VAL H 233 -24.59 37.00 -22.07
C VAL H 233 -23.66 36.02 -21.39
N TYR H 234 -22.86 35.33 -22.18
CA TYR H 234 -21.79 34.56 -21.59
C TYR H 234 -20.77 35.49 -20.97
N PHE H 235 -19.99 34.94 -20.06
CA PHE H 235 -18.92 35.68 -19.41
C PHE H 235 -17.59 35.04 -19.74
N ASN H 236 -16.53 35.83 -19.57
CA ASN H 236 -15.21 35.54 -20.11
C ASN H 236 -15.25 35.61 -21.62
N THR H 257 7.13 27.41 -20.35
CA THR H 257 8.41 27.27 -19.66
C THR H 257 8.76 25.82 -19.42
N ASN H 258 9.75 25.34 -20.15
CA ASN H 258 10.13 23.94 -20.12
C ASN H 258 10.71 23.56 -18.77
N ILE H 259 10.69 22.25 -18.50
CA ILE H 259 11.17 21.76 -17.20
C ILE H 259 12.67 21.86 -17.09
N ILE H 260 13.39 21.47 -18.14
CA ILE H 260 14.84 21.57 -18.10
C ILE H 260 15.25 22.95 -17.63
N GLU H 261 14.67 23.95 -18.27
CA GLU H 261 14.87 25.32 -17.87
C GLU H 261 14.71 25.45 -16.37
N LYS H 262 13.55 25.03 -15.86
CA LYS H 262 13.26 25.15 -14.45
C LYS H 262 14.38 24.57 -13.61
N ALA H 263 14.79 23.36 -13.94
CA ALA H 263 15.82 22.70 -13.16
C ALA H 263 17.06 23.55 -13.12
N MET H 264 17.61 23.88 -14.28
CA MET H 264 18.82 24.69 -14.26
C MET H 264 18.60 25.95 -13.45
N ASP H 265 17.41 26.51 -13.51
CA ASP H 265 17.16 27.72 -12.76
C ASP H 265 17.34 27.48 -11.27
N TYR H 266 16.79 26.40 -10.76
CA TYR H 266 17.00 26.11 -9.36
C TYR H 266 18.47 25.93 -9.07
N ALA H 267 19.16 25.21 -9.95
CA ALA H 267 20.58 25.00 -9.76
C ALA H 267 21.33 26.32 -9.64
N ILE H 268 21.08 27.22 -10.57
CA ILE H 268 21.61 28.56 -10.52
C ILE H 268 21.37 29.11 -9.13
N SER H 269 20.10 29.37 -8.84
CA SER H 269 19.77 30.07 -7.61
C SER H 269 20.44 29.46 -6.41
N ILE H 270 20.66 28.14 -6.43
CA ILE H 270 21.30 27.56 -5.26
C ILE H 270 22.81 27.65 -5.31
N GLU H 271 23.40 27.81 -6.48
CA GLU H 271 24.85 27.81 -6.60
C GLU H 271 25.47 29.19 -6.55
N ASN H 272 24.70 30.24 -6.32
CA ASN H 272 25.26 31.58 -6.23
C ASN H 272 26.02 31.76 -4.92
N GLU I 31 11.76 54.16 35.42
CA GLU I 31 10.83 53.84 34.34
C GLU I 31 9.52 53.36 34.92
N ASP I 32 8.80 54.26 35.57
CA ASP I 32 7.53 53.90 36.19
C ASP I 32 6.55 55.04 36.02
N ASP I 33 5.35 54.71 35.56
CA ASP I 33 4.24 55.65 35.56
C ASP I 33 2.95 54.88 35.69
N GLU I 34 1.95 55.53 36.26
CA GLU I 34 0.72 54.87 36.67
C GLU I 34 -0.41 55.03 35.68
N PHE I 35 -0.20 55.68 34.55
CA PHE I 35 -1.19 55.72 33.48
C PHE I 35 -2.52 56.24 34.02
N GLU I 36 -2.48 57.33 34.76
CA GLU I 36 -3.73 57.89 35.28
C GLU I 36 -4.74 58.08 34.18
N ASP I 37 -4.25 58.34 32.97
CA ASP I 37 -5.11 58.51 31.82
C ASP I 37 -5.90 57.26 31.50
N PHE I 38 -5.44 56.10 31.95
CA PHE I 38 -6.12 54.84 31.68
C PHE I 38 -6.59 54.26 33.01
N PRO I 39 -7.72 54.72 33.51
CA PRO I 39 -8.28 54.15 34.73
C PRO I 39 -8.72 52.72 34.49
N ILE I 40 -8.35 51.84 35.42
CA ILE I 40 -8.69 50.43 35.28
C ILE I 40 -10.19 50.26 35.45
N ASP I 41 -10.76 49.34 34.69
CA ASP I 41 -12.20 49.30 34.48
C ASP I 41 -12.96 49.32 35.78
N THR I 42 -14.03 50.10 35.82
CA THR I 42 -14.88 50.21 36.97
C THR I 42 -16.30 49.77 36.61
N TRP I 43 -16.96 49.14 37.55
CA TRP I 43 -18.10 48.29 37.25
C TRP I 43 -19.36 48.75 37.95
N ALA I 44 -20.49 48.33 37.40
CA ALA I 44 -21.78 48.41 38.08
C ALA I 44 -22.15 47.10 38.76
N ASN I 45 -21.27 46.10 38.70
CA ASN I 45 -21.50 44.78 39.32
C ASN I 45 -22.70 44.05 38.73
N ASN I 58 -12.33 24.30 32.44
CA ASN I 58 -11.42 24.81 33.43
C ASN I 58 -9.99 24.78 32.92
N ILE I 59 -9.38 23.60 33.03
CA ILE I 59 -7.93 23.47 32.95
C ILE I 59 -7.47 23.13 31.53
N TRP I 60 -8.36 23.17 30.55
CA TRP I 60 -7.97 22.73 29.22
C TRP I 60 -7.93 23.92 28.28
N GLU I 61 -7.45 23.70 27.07
CA GLU I 61 -7.57 24.77 26.09
C GLU I 61 -9.01 25.10 25.84
N GLU I 62 -9.90 24.14 26.09
CA GLU I 62 -11.34 24.34 25.96
C GLU I 62 -11.67 24.81 24.55
N ASN I 63 -11.51 23.89 23.61
CA ASN I 63 -11.53 24.26 22.20
C ASN I 63 -12.83 24.97 21.86
N TRP I 64 -12.72 25.92 20.95
CA TRP I 64 -13.85 26.80 20.68
C TRP I 64 -15.13 25.98 20.56
N ASP I 65 -15.08 24.95 19.73
CA ASP I 65 -16.24 24.10 19.52
C ASP I 65 -16.70 23.39 20.79
N ASP I 66 -15.85 23.21 21.78
CA ASP I 66 -16.39 22.64 22.99
C ASP I 66 -17.06 23.69 23.83
N VAL I 67 -16.67 24.94 23.68
CA VAL I 67 -17.37 26.02 24.35
C VAL I 67 -18.79 26.12 23.84
N GLU I 68 -18.98 25.94 22.54
CA GLU I 68 -20.33 25.87 22.00
C GLU I 68 -20.73 24.41 21.97
N VAL I 69 -21.62 24.03 22.86
CA VAL I 69 -22.38 22.81 22.71
C VAL I 69 -23.69 23.04 23.44
N ASP I 70 -24.78 22.58 22.86
CA ASP I 70 -26.06 22.87 23.46
C ASP I 70 -26.59 21.74 24.32
N ASP I 71 -25.90 20.60 24.34
CA ASP I 71 -26.25 19.46 25.18
C ASP I 71 -27.64 18.93 24.86
N ASP I 72 -28.34 19.64 23.99
CA ASP I 72 -29.62 19.17 23.50
C ASP I 72 -29.49 17.79 22.93
N PHE I 73 -28.37 17.54 22.25
CA PHE I 73 -28.30 16.44 21.31
C PHE I 73 -28.78 15.15 21.93
N THR I 74 -28.50 14.96 23.21
CA THR I 74 -29.17 13.92 23.96
C THR I 74 -30.66 13.97 23.69
N ASN I 75 -31.29 15.00 24.21
CA ASN I 75 -32.74 15.05 24.21
C ASN I 75 -33.29 15.09 22.79
N GLU I 76 -32.80 16.04 22.01
CA GLU I 76 -33.21 16.16 20.63
C GLU I 76 -33.11 14.82 19.93
N LEU I 77 -31.97 14.18 20.08
CA LEU I 77 -31.74 12.86 19.53
C LEU I 77 -32.92 11.97 19.86
N LYS I 78 -33.09 11.70 21.15
CA LYS I 78 -34.11 10.73 21.54
C LYS I 78 -35.42 11.02 20.86
N ALA I 79 -35.83 12.28 20.87
CA ALA I 79 -37.02 12.65 20.14
C ALA I 79 -36.95 12.20 18.69
N GLU I 80 -35.75 12.24 18.10
CA GLU I 80 -35.71 11.83 16.69
C GLU I 80 -35.79 10.32 16.55
N LEU I 81 -35.03 9.59 17.35
CA LEU I 81 -35.10 8.15 17.25
C LEU I 81 -36.55 7.72 17.32
N ASP I 82 -37.18 7.96 18.46
CA ASP I 82 -38.52 7.42 18.63
C ASP I 82 -39.46 8.01 17.58
N ARG I 83 -39.46 9.33 17.44
CA ARG I 83 -40.42 9.92 16.51
C ARG I 83 -40.30 9.30 15.15
N TYR I 84 -39.11 8.79 14.82
CA TYR I 84 -38.97 8.06 13.59
C TYR I 84 -39.64 6.72 13.69
N LYS I 85 -39.25 5.93 14.69
CA LYS I 85 -39.68 4.54 14.61
C LYS I 85 -41.16 4.37 14.90
N ARG I 86 -41.82 5.39 15.45
CA ARG I 86 -43.27 5.37 15.53
C ARG I 86 -43.90 5.42 14.16
N GLU I 87 -43.17 5.93 13.18
CA GLU I 87 -43.69 6.16 11.84
C GLU I 87 -43.37 5.03 10.89
N ASN I 88 -42.76 3.97 11.38
CA ASN I 88 -42.29 2.93 10.50
C ASN I 88 -42.37 1.57 11.19
N UNK A 1 9.20 63.95 57.37
CA UNK A 1 10.40 64.71 57.02
C UNK A 1 10.44 65.03 55.55
N UNK A 2 10.60 66.31 55.25
CA UNK A 2 10.81 66.78 53.89
C UNK A 2 12.16 66.37 53.34
N UNK A 3 12.96 65.68 54.16
CA UNK A 3 14.33 65.35 53.78
C UNK A 3 14.41 64.71 52.41
N UNK A 4 13.35 64.03 51.98
CA UNK A 4 13.33 63.49 50.63
C UNK A 4 13.21 64.61 49.59
N UNK A 5 12.61 65.73 49.97
CA UNK A 5 12.50 66.85 49.03
C UNK A 5 13.79 67.65 48.95
N UNK A 6 14.48 67.80 50.09
CA UNK A 6 15.78 68.44 50.05
C UNK A 6 16.80 67.54 49.39
N UNK A 7 16.74 66.25 49.66
CA UNK A 7 17.62 65.29 49.01
C UNK A 7 17.38 65.27 47.50
N UNK A 8 16.16 64.94 47.10
CA UNK A 8 15.82 64.94 45.69
C UNK A 8 16.23 66.24 45.03
N UNK A 9 15.83 67.36 45.63
CA UNK A 9 16.21 68.67 45.12
C UNK A 9 17.71 68.77 44.92
N UNK A 10 18.48 68.24 45.87
CA UNK A 10 19.93 68.26 45.74
C UNK A 10 20.36 67.47 44.52
N UNK A 11 20.01 66.18 44.50
CA UNK A 11 20.53 65.29 43.47
C UNK A 11 20.15 65.76 42.09
N UNK A 12 18.85 65.87 41.81
CA UNK A 12 18.40 66.30 40.49
C UNK A 12 19.05 67.60 40.07
N UNK A 13 19.36 68.48 41.01
CA UNK A 13 20.00 69.75 40.67
C UNK A 13 21.41 69.57 40.13
N UNK A 14 21.97 68.37 40.20
CA UNK A 14 23.35 68.19 39.77
C UNK A 14 23.46 68.05 38.25
N UNK A 15 22.65 67.19 37.63
CA UNK A 15 22.90 66.79 36.25
C UNK A 15 21.61 66.31 35.62
N UNK A 16 21.66 66.14 34.28
CA UNK A 16 20.49 65.71 33.54
C UNK A 16 20.01 64.33 34.01
N UNK A 17 20.87 63.32 33.89
CA UNK A 17 20.51 61.98 34.34
C UNK A 17 20.06 61.99 35.79
N UNK A 18 20.62 62.89 36.59
CA UNK A 18 20.11 63.09 37.94
C UNK A 18 18.64 63.46 37.91
N UNK A 19 18.24 64.28 36.92
CA UNK A 19 16.83 64.58 36.77
C UNK A 19 16.06 63.35 36.32
N UNK A 20 16.68 62.49 35.50
CA UNK A 20 16.00 61.26 35.10
C UNK A 20 15.68 60.41 36.31
N UNK A 21 16.70 60.06 37.09
CA UNK A 21 16.49 59.16 38.21
C UNK A 21 15.63 59.80 39.28
N UNK A 22 15.96 61.04 39.64
CA UNK A 22 15.13 61.75 40.61
C UNK A 22 13.69 61.75 40.14
N UNK A 23 13.47 61.90 38.84
CA UNK A 23 12.13 61.79 38.31
C UNK A 23 11.57 60.40 38.59
N UNK A 24 12.39 59.37 38.42
CA UNK A 24 11.90 58.01 38.63
C UNK A 24 11.38 57.84 40.04
N UNK A 25 12.23 58.09 41.04
CA UNK A 25 11.81 57.90 42.42
C UNK A 25 10.74 58.90 42.82
N UNK A 26 10.61 60.00 42.07
CA UNK A 26 9.57 60.96 42.37
C UNK A 26 8.19 60.31 42.37
N UNK A 27 8.05 59.14 41.73
CA UNK A 27 6.77 58.44 41.77
C UNK A 27 6.39 58.08 43.20
N UNK A 28 7.24 57.29 43.86
CA UNK A 28 6.89 56.85 45.20
C UNK A 28 7.12 57.96 46.21
N UNK A 29 8.28 58.61 46.13
CA UNK A 29 8.54 59.75 47.01
C UNK A 29 7.36 60.70 46.99
N UNK A 30 6.93 61.08 45.80
CA UNK A 30 5.78 61.94 45.66
C UNK A 30 4.54 61.31 46.28
N UNK A 31 4.17 60.12 45.79
CA UNK A 31 2.88 59.55 46.15
C UNK A 31 2.77 59.25 47.64
N UNK A 32 3.87 59.36 48.38
CA UNK A 32 3.91 58.92 49.77
C UNK A 32 2.75 59.42 50.62
N UNK A 33 2.71 60.72 50.92
CA UNK A 33 1.84 61.22 51.97
C UNK A 33 1.56 62.71 51.74
N UNK A 34 0.59 63.22 52.49
CA UNK A 34 0.15 64.60 52.34
C UNK A 34 1.28 65.58 52.66
N UNK A 35 1.14 66.79 52.13
CA UNK A 35 2.19 67.80 52.20
C UNK A 35 1.89 68.89 53.21
N UNK A 36 1.01 69.82 52.83
CA UNK A 36 0.61 70.93 53.70
C UNK A 36 1.83 71.59 54.33
N UNK A 37 2.92 71.63 53.59
CA UNK A 37 4.20 71.95 54.18
C UNK A 37 4.44 73.44 54.09
N UNK A 38 4.34 74.12 55.23
CA UNK A 38 4.77 75.51 55.33
C UNK A 38 6.28 75.61 55.32
N UNK A 39 6.96 74.52 55.65
CA UNK A 39 8.41 74.51 55.63
C UNK A 39 8.94 74.33 54.22
N UNK A 40 8.34 73.43 53.45
CA UNK A 40 8.67 73.42 52.03
C UNK A 40 8.29 74.75 51.40
N UNK A 41 7.29 75.42 51.97
CA UNK A 41 7.08 76.82 51.64
C UNK A 41 8.30 77.64 52.03
N UNK A 42 8.93 77.30 53.14
CA UNK A 42 10.10 78.02 53.59
C UNK A 42 11.37 77.62 52.85
N UNK A 43 11.27 76.69 51.90
CA UNK A 43 12.43 76.30 51.12
C UNK A 43 12.98 77.48 50.33
N UNK A 44 12.15 78.08 49.48
CA UNK A 44 12.52 79.34 48.86
C UNK A 44 12.20 80.53 49.75
N UNK A 45 11.04 80.51 50.41
CA UNK A 45 10.62 81.60 51.28
C UNK A 45 9.47 81.16 52.19
N THR A 46 16.24 78.65 42.11
CA THR A 46 15.24 77.78 42.69
C THR A 46 14.22 77.37 41.64
N ALA A 47 14.54 77.75 40.40
CA ALA A 47 13.57 77.71 39.29
C ALA A 47 12.99 76.34 38.98
N GLU A 48 13.77 75.47 38.34
CA GLU A 48 13.24 74.16 37.96
C GLU A 48 12.70 73.45 39.18
N ILE A 49 13.20 73.83 40.35
CA ILE A 49 12.59 73.40 41.57
C ILE A 49 11.38 74.23 41.93
N ASN A 50 11.28 75.48 41.46
CA ASN A 50 10.03 76.22 41.64
C ASN A 50 8.88 75.53 40.91
N CYS A 51 9.01 75.37 39.60
CA CYS A 51 7.99 74.66 38.86
C CYS A 51 7.81 73.27 39.42
N PHE A 52 8.92 72.59 39.70
CA PHE A 52 8.79 71.29 40.32
C PHE A 52 7.96 71.35 41.59
N MET A 53 8.07 72.46 42.32
CA MET A 53 7.20 72.66 43.47
C MET A 53 5.78 72.52 42.99
N HIS A 54 5.34 73.51 42.20
CA HIS A 54 3.93 73.57 41.86
C HIS A 54 3.46 72.25 41.30
N LEU A 55 4.34 71.56 40.58
CA LEU A 55 4.13 70.16 40.26
C LEU A 55 3.74 69.38 41.49
N LEU A 56 4.52 69.50 42.55
CA LEU A 56 4.18 68.78 43.76
C LEU A 56 2.82 69.21 44.27
N VAL A 57 2.51 70.50 44.15
CA VAL A 57 1.21 70.99 44.61
C VAL A 57 0.08 70.28 43.89
N GLN A 58 0.20 70.14 42.58
CA GLN A 58 -0.91 69.58 41.84
C GLN A 58 -0.97 68.06 41.99
N LEU A 59 0.19 67.40 42.02
CA LEU A 59 0.17 66.00 42.39
C LEU A 59 -0.64 65.81 43.65
N PHE A 60 -0.29 66.60 44.65
CA PHE A 60 -0.99 66.67 45.93
C PHE A 60 -2.49 66.74 45.70
N LEU A 61 -2.94 67.84 45.13
CA LEU A 61 -4.36 68.08 45.03
C LEU A 61 -5.03 66.97 44.25
N TRP A 62 -4.54 66.71 43.05
CA TRP A 62 -5.12 65.65 42.21
C TRP A 62 -5.00 64.37 43.01
N ASP A 63 -3.84 64.17 43.63
CA ASP A 63 -3.66 63.03 44.51
C ASP A 63 -4.66 63.25 45.64
N SER A 64 -4.79 64.52 46.02
CA SER A 64 -5.68 64.99 47.06
C SER A 64 -7.12 64.73 46.65
N LYS A 65 -7.35 64.63 45.34
CA LYS A 65 -8.66 64.37 44.75
C LYS A 65 -9.49 65.64 44.45
N GLU A 66 -8.89 66.81 44.50
CA GLU A 66 -9.61 68.02 44.11
C GLU A 66 -9.08 68.51 42.77
N LEU A 67 -9.94 68.49 41.76
CA LEU A 67 -9.55 68.93 40.42
C LEU A 67 -9.87 70.39 40.14
N GLU A 68 -10.58 71.03 41.06
CA GLU A 68 -10.96 72.42 40.87
C GLU A 68 -9.76 73.35 40.79
N GLN A 69 -8.76 73.10 41.63
CA GLN A 69 -7.57 73.92 41.64
C GLN A 69 -6.43 73.26 40.90
N LEU A 70 -6.61 72.03 40.48
CA LEU A 70 -5.80 71.49 39.41
C LEU A 70 -5.79 72.51 38.30
N VAL A 71 -6.93 72.64 37.61
CA VAL A 71 -6.99 73.50 36.44
C VAL A 71 -6.84 74.95 36.84
N GLU A 72 -7.66 75.37 37.80
CA GLU A 72 -7.63 76.74 38.28
C GLU A 72 -6.20 77.15 38.49
N PHE A 73 -5.43 76.28 39.11
CA PHE A 73 -4.03 76.56 39.33
C PHE A 73 -3.24 76.50 38.04
N ASN A 74 -3.61 75.59 37.14
CA ASN A 74 -2.88 75.46 35.89
C ASN A 74 -2.84 76.79 35.18
N ARG A 75 -4.01 77.40 35.02
CA ARG A 75 -4.11 78.62 34.27
C ARG A 75 -3.77 79.85 35.10
N LYS A 76 -3.85 79.77 36.43
CA LYS A 76 -3.35 80.87 37.23
C LYS A 76 -1.88 81.11 36.94
N VAL A 77 -1.08 80.07 37.03
CA VAL A 77 0.36 80.20 36.98
C VAL A 77 0.95 79.24 35.96
N VAL A 78 0.66 77.95 36.13
CA VAL A 78 1.31 76.93 35.32
C VAL A 78 1.23 77.25 33.85
N ILE A 79 0.17 77.92 33.43
CA ILE A 79 0.15 78.53 32.12
C ILE A 79 0.99 79.82 32.06
N PRO A 80 0.77 80.82 32.90
CA PRO A 80 1.70 81.95 32.89
C PRO A 80 3.13 81.57 33.23
N ASN A 81 3.34 80.77 34.29
CA ASN A 81 4.65 80.13 34.47
C ASN A 81 5.06 79.38 33.23
N LEU A 82 4.12 78.66 32.65
CA LEU A 82 4.40 77.90 31.44
C LEU A 82 5.02 78.81 30.41
N LEU A 83 4.69 80.09 30.48
CA LEU A 83 5.37 81.12 29.70
C LEU A 83 6.69 81.54 30.36
N CYS A 84 6.80 81.45 31.68
CA CYS A 84 7.93 82.10 32.34
C CYS A 84 9.24 81.40 32.02
N TYR A 85 9.30 80.10 32.28
CA TYR A 85 10.57 79.44 32.58
C TYR A 85 11.52 79.27 31.40
N TYR A 86 11.11 79.60 30.17
CA TYR A 86 11.66 78.90 29.01
C TYR A 86 13.18 78.78 29.01
N ASN A 87 13.89 79.68 29.67
CA ASN A 87 15.35 79.64 29.63
C ASN A 87 15.92 78.29 30.02
N LEU A 88 15.18 77.49 30.78
CA LEU A 88 15.68 76.21 31.24
C LEU A 88 15.26 75.13 30.24
N ARG A 89 16.22 74.63 29.48
CA ARG A 89 15.90 73.74 28.37
C ARG A 89 15.75 72.29 28.80
N SER A 90 16.60 71.82 29.70
CA SER A 90 16.38 70.47 30.20
C SER A 90 15.15 70.40 31.09
N LEU A 91 14.71 71.56 31.59
CA LEU A 91 13.48 71.63 32.38
C LEU A 91 12.28 71.04 31.65
N ASN A 92 12.30 71.07 30.32
CA ASN A 92 11.12 70.71 29.54
C ASN A 92 10.62 69.32 29.87
N LEU A 93 11.43 68.50 30.50
CA LEU A 93 11.10 67.11 30.75
C LEU A 93 10.07 67.01 31.86
N ILE A 94 10.50 67.38 33.06
CA ILE A 94 9.55 67.60 34.14
C ILE A 94 8.37 68.42 33.66
N ASN A 95 8.63 69.41 32.82
CA ASN A 95 7.52 70.12 32.19
C ASN A 95 6.55 69.13 31.55
N ALA A 96 7.06 68.17 30.78
CA ALA A 96 6.18 67.18 30.18
C ALA A 96 5.31 66.56 31.25
N LYS A 97 5.93 66.16 32.36
CA LYS A 97 5.12 65.67 33.48
C LYS A 97 4.08 66.69 33.93
N LEU A 98 4.35 67.98 33.76
CA LEU A 98 3.30 68.96 33.99
C LEU A 98 2.15 68.74 33.03
N TRP A 99 2.46 68.79 31.74
CA TRP A 99 1.43 68.70 30.72
C TRP A 99 0.50 67.55 31.00
N PHE A 100 1.08 66.40 31.31
CA PHE A 100 0.29 65.20 31.54
C PHE A 100 -0.87 65.51 32.47
N TYR A 101 -0.56 66.12 33.61
CA TYR A 101 -1.62 66.51 34.51
C TYR A 101 -2.38 67.73 34.05
N ILE A 102 -1.82 68.52 33.16
CA ILE A 102 -2.58 69.66 32.69
C ILE A 102 -3.82 69.09 32.03
N TYR A 103 -3.60 68.38 30.93
CA TYR A 103 -4.73 67.84 30.17
C TYR A 103 -5.59 66.99 31.07
N LEU A 104 -4.96 66.07 31.81
CA LEU A 104 -5.70 65.21 32.71
C LEU A 104 -6.65 66.02 33.55
N SER A 105 -6.12 67.07 34.16
CA SER A 105 -6.90 67.98 34.98
C SER A 105 -8.11 68.47 34.23
N HIS A 106 -7.88 69.07 33.07
CA HIS A 106 -9.00 69.68 32.38
C HIS A 106 -10.05 68.66 32.01
N GLU A 107 -9.66 67.68 31.22
CA GLU A 107 -10.61 66.67 30.75
C GLU A 107 -11.41 66.12 31.92
N THR A 108 -10.70 65.62 32.92
CA THR A 108 -11.34 65.14 34.13
C THR A 108 -12.31 66.17 34.67
N LEU A 109 -12.01 67.45 34.49
CA LEU A 109 -12.95 68.47 34.92
C LEU A 109 -14.18 68.49 34.02
N ALA A 110 -13.95 68.39 32.71
CA ALA A 110 -15.05 68.36 31.75
C ALA A 110 -15.97 67.18 31.98
N ARG A 111 -15.52 66.21 32.76
CA ARG A 111 -16.36 65.04 33.02
C ARG A 111 -17.74 65.44 33.50
N SER A 112 -17.81 66.42 34.41
CA SER A 112 -19.11 66.87 34.91
C SER A 112 -19.65 68.11 34.21
N SER A 113 -18.88 68.72 33.32
CA SER A 113 -19.15 70.08 32.87
C SER A 113 -20.04 70.08 31.64
N GLU A 114 -21.17 70.78 31.74
CA GLU A 114 -21.92 71.12 30.54
C GLU A 114 -21.34 72.34 29.84
N GLU A 115 -20.90 73.32 30.61
CA GLU A 115 -20.68 74.65 30.07
C GLU A 115 -19.54 74.67 29.05
N ILE A 116 -19.77 75.37 27.96
CA ILE A 116 -18.84 75.43 26.83
C ILE A 116 -17.94 76.64 26.95
N ASN A 117 -18.03 77.36 28.07
CA ASN A 117 -16.90 78.20 28.44
C ASN A 117 -15.66 77.35 28.56
N SER A 118 -15.85 76.13 29.08
CA SER A 118 -14.86 75.09 28.94
C SER A 118 -14.43 74.90 27.51
N ASP A 119 -15.30 75.18 26.54
CA ASP A 119 -14.98 74.94 25.15
C ASP A 119 -14.09 76.03 24.59
N ASN A 120 -14.37 77.29 24.91
CA ASN A 120 -13.40 78.34 24.67
C ASN A 120 -12.06 77.96 25.28
N GLN A 121 -12.09 77.58 26.55
CA GLN A 121 -10.90 77.05 27.18
C GLN A 121 -10.27 75.96 26.35
N ASN A 122 -11.09 75.11 25.74
CA ASN A 122 -10.56 73.99 24.97
C ASN A 122 -9.82 74.49 23.75
N ILE A 123 -10.41 75.48 23.07
CA ILE A 123 -9.69 76.17 22.02
C ILE A 123 -8.32 76.59 22.54
N ILE A 124 -8.31 77.14 23.75
CA ILE A 124 -7.04 77.50 24.35
C ILE A 124 -6.19 76.27 24.55
N LEU A 125 -6.82 75.11 24.69
CA LEU A 125 -6.04 73.93 25.04
C LEU A 125 -5.34 73.37 23.83
N ARG A 126 -6.05 73.23 22.71
CA ARG A 126 -5.35 72.84 21.51
C ARG A 126 -4.41 73.93 21.06
N SER A 127 -4.74 75.17 21.37
CA SER A 127 -3.99 76.31 20.87
C SER A 127 -2.68 76.34 21.60
N THR A 128 -2.77 76.61 22.89
CA THR A 128 -1.64 76.52 23.79
C THR A 128 -0.88 75.24 23.57
N MET A 129 -1.60 74.17 23.24
CA MET A 129 -0.98 72.87 23.18
C MET A 129 -0.06 72.79 21.99
N MET A 130 -0.58 73.11 20.81
CA MET A 130 0.28 73.26 19.66
C MET A 130 1.27 74.38 19.82
N LYS A 131 1.07 75.25 20.80
CA LYS A 131 1.99 76.35 20.94
C LYS A 131 3.37 75.86 21.25
N PHE A 132 3.50 74.64 21.75
CA PHE A 132 4.81 74.13 22.06
C PHE A 132 5.39 73.24 20.98
N LEU A 133 4.62 72.92 19.95
CA LEU A 133 5.19 72.15 18.86
C LEU A 133 6.39 72.88 18.31
N LYS A 134 6.18 74.15 17.97
CA LYS A 134 7.24 75.00 17.48
C LYS A 134 8.33 75.17 18.53
N ILE A 135 7.94 75.42 19.77
CA ILE A 135 8.91 75.63 20.84
C ILE A 135 9.85 74.46 20.92
N ALA A 136 9.28 73.28 21.14
CA ALA A 136 10.07 72.08 21.31
C ALA A 136 10.47 71.44 20.00
N SER A 137 9.98 71.94 18.87
CA SER A 137 10.42 71.40 17.59
C SER A 137 11.94 71.41 17.50
N LEU A 138 12.54 72.52 17.90
CA LEU A 138 13.98 72.71 17.80
C LEU A 138 14.75 72.07 18.95
N LYS A 139 14.14 71.89 20.11
CA LYS A 139 14.90 71.50 21.29
C LYS A 139 15.43 70.09 21.16
N HIS A 140 14.56 69.15 20.80
CA HIS A 140 14.87 67.73 20.66
C HIS A 140 15.16 67.07 22.01
N ASP A 141 14.42 67.46 23.06
CA ASP A 141 14.18 66.57 24.20
C ASP A 141 12.75 66.06 24.03
N ASN A 142 12.63 64.81 23.66
CA ASN A 142 11.48 64.38 22.91
C ASN A 142 10.46 63.62 23.74
N GLU A 143 10.71 63.35 25.01
CA GLU A 143 9.57 62.94 25.81
C GLU A 143 8.67 64.12 26.07
N THR A 144 9.24 65.30 26.18
CA THR A 144 8.45 66.51 26.25
C THR A 144 7.58 66.61 25.02
N LYS A 145 8.24 66.81 23.90
CA LYS A 145 7.54 66.98 22.63
C LYS A 145 6.55 65.84 22.40
N ALA A 146 7.05 64.61 22.43
CA ALA A 146 6.21 63.43 22.22
C ALA A 146 4.98 63.48 23.10
N MET A 147 5.20 63.61 24.40
CA MET A 147 4.10 63.74 25.35
C MET A 147 3.08 64.76 24.88
N LEU A 148 3.55 65.96 24.54
CA LEU A 148 2.66 66.95 23.97
C LEU A 148 1.83 66.34 22.87
N ILE A 149 2.51 65.73 21.90
CA ILE A 149 1.85 65.18 20.73
C ILE A 149 0.71 64.29 21.15
N ASN A 150 1.02 63.30 21.98
CA ASN A 150 0.01 62.38 22.45
C ASN A 150 -1.17 63.15 22.98
N LEU A 151 -0.88 64.05 23.91
CA LEU A 151 -1.93 64.79 24.58
C LEU A 151 -2.84 65.47 23.58
N ILE A 152 -2.26 65.96 22.48
CA ILE A 152 -3.07 66.48 21.39
C ILE A 152 -3.97 65.39 20.86
N LEU A 153 -3.38 64.26 20.49
CA LEU A 153 -4.15 63.18 19.89
C LEU A 153 -5.35 62.85 20.74
N ARG A 154 -5.15 62.68 22.03
CA ARG A 154 -6.30 62.54 22.91
C ARG A 154 -7.27 63.67 22.71
N ASP A 155 -6.78 64.91 22.65
CA ASP A 155 -7.72 66.01 22.48
C ASP A 155 -8.59 65.80 21.26
N PHE A 156 -8.02 65.32 20.18
CA PHE A 156 -8.90 64.97 19.10
C PHE A 156 -9.85 63.88 19.56
N LEU A 157 -9.37 62.65 19.71
CA LEU A 157 -10.29 61.53 19.81
C LEU A 157 -11.35 61.73 20.89
N ASN A 158 -11.02 62.45 21.96
CA ASN A 158 -12.06 62.88 22.87
C ASN A 158 -13.12 63.65 22.13
N ASN A 159 -12.70 64.57 21.27
CA ASN A 159 -13.64 65.28 20.43
C ASN A 159 -13.33 64.91 18.98
N GLY A 160 -14.02 63.92 18.47
CA GLY A 160 -14.19 63.72 17.04
C GLY A 160 -12.97 63.87 16.17
N GLU A 161 -13.22 64.41 14.98
CA GLU A 161 -12.22 65.03 14.10
C GLU A 161 -10.98 64.19 13.96
N VAL A 162 -11.17 62.87 14.01
CA VAL A 162 -10.06 61.96 13.87
C VAL A 162 -9.31 62.19 12.58
N ASP A 163 -9.93 62.84 11.61
CA ASP A 163 -9.17 63.27 10.46
C ASP A 163 -8.15 64.32 10.85
N SER A 164 -8.59 65.37 11.53
CA SER A 164 -7.70 66.45 11.89
C SER A 164 -6.51 65.91 12.63
N ALA A 165 -6.71 64.81 13.33
CA ALA A 165 -5.57 64.09 13.85
C ALA A 165 -4.85 63.34 12.74
N SER A 166 -5.58 62.88 11.73
CA SER A 166 -4.92 62.12 10.67
C SER A 166 -3.88 62.96 9.97
N ASP A 167 -4.31 64.08 9.38
CA ASP A 167 -3.35 65.00 8.77
C ASP A 167 -2.41 65.55 9.81
N PHE A 168 -2.94 65.84 11.00
CA PHE A 168 -2.10 66.38 12.06
C PHE A 168 -0.83 65.60 12.19
N ILE A 169 -0.95 64.29 12.44
CA ILE A 169 0.25 63.48 12.50
C ILE A 169 0.85 63.33 11.13
N SER A 170 0.03 63.38 10.09
CA SER A 170 0.51 63.06 8.75
C SER A 170 1.68 63.94 8.38
N LYS A 171 1.47 65.26 8.46
CA LYS A 171 2.57 66.17 8.27
C LYS A 171 3.61 66.00 9.38
N LEU A 172 3.16 65.88 10.62
CA LEU A 172 4.07 65.93 11.75
C LEU A 172 4.92 64.68 11.82
N GLU A 173 5.98 64.77 12.61
CA GLU A 173 6.89 63.65 12.84
C GLU A 173 7.00 63.41 14.34
N TYR A 174 7.29 62.16 14.71
CA TYR A 174 7.34 61.75 16.11
C TYR A 174 8.75 61.33 16.51
N PRO A 175 9.43 62.11 17.34
CA PRO A 175 10.86 61.85 17.57
C PRO A 175 11.12 60.57 18.34
N HIS A 176 12.12 59.83 17.85
CA HIS A 176 12.41 58.47 18.31
C HIS A 176 13.58 58.34 19.28
N THR A 177 14.33 59.39 19.60
CA THR A 177 15.45 59.20 20.51
C THR A 177 15.04 59.16 21.95
N ASP A 178 13.85 59.66 22.25
CA ASP A 178 13.39 59.84 23.61
C ASP A 178 12.16 58.97 23.79
N VAL A 179 12.29 57.94 24.60
CA VAL A 179 11.24 56.96 24.77
C VAL A 179 10.88 56.89 26.23
N SER A 180 9.67 57.24 26.53
CA SER A 180 9.01 56.65 27.68
C SER A 180 8.09 55.61 27.06
N SER A 181 8.48 54.34 27.21
CA SER A 181 7.78 53.28 26.52
C SER A 181 6.30 53.36 26.80
N SER A 182 5.92 53.91 27.94
CA SER A 182 4.52 54.25 28.14
C SER A 182 4.07 55.28 27.12
N LEU A 183 4.77 56.41 27.04
CA LEU A 183 4.39 57.43 26.08
C LEU A 183 4.37 56.87 24.67
N GLU A 184 5.38 56.10 24.32
CA GLU A 184 5.41 55.46 23.03
C GLU A 184 4.17 54.63 22.81
N ALA A 185 3.94 53.66 23.67
CA ALA A 185 2.83 52.76 23.44
C ALA A 185 1.51 53.49 23.45
N ARG A 186 1.42 54.60 24.18
CA ARG A 186 0.22 55.41 24.08
C ARG A 186 0.08 55.97 22.68
N TYR A 187 1.17 56.46 22.13
CA TYR A 187 1.14 56.89 20.74
C TYR A 187 0.68 55.75 19.84
N PHE A 188 1.40 54.62 19.83
CA PHE A 188 1.04 53.51 18.96
C PHE A 188 -0.40 53.13 19.15
N PHE A 189 -0.87 53.21 20.37
CA PHE A 189 -2.27 53.00 20.64
C PHE A 189 -3.12 53.93 19.80
N TYR A 190 -2.93 55.24 19.96
CA TYR A 190 -3.83 56.15 19.28
C TYR A 190 -3.72 56.02 17.77
N LEU A 191 -2.52 55.78 17.26
CA LEU A 191 -2.46 55.40 15.86
C LEU A 191 -3.45 54.31 15.56
N SER A 192 -3.15 53.13 16.07
CA SER A 192 -3.93 51.97 15.69
C SER A 192 -5.41 52.25 15.80
N LYS A 193 -5.80 52.96 16.84
CA LYS A 193 -7.17 53.42 16.93
C LYS A 193 -7.58 54.12 15.65
N ILE A 194 -6.80 55.11 15.27
CA ILE A 194 -7.18 55.93 14.13
C ILE A 194 -7.28 55.08 12.87
N ASN A 195 -6.16 54.46 12.49
CA ASN A 195 -6.21 53.65 11.29
C ASN A 195 -7.39 52.71 11.30
N ALA A 196 -7.77 52.23 12.48
CA ALA A 196 -9.01 51.49 12.53
C ALA A 196 -10.11 52.36 11.98
N ILE A 197 -10.45 53.43 12.71
CA ILE A 197 -11.60 54.21 12.28
C ILE A 197 -11.46 54.64 10.85
N GLN A 198 -10.23 54.90 10.42
CA GLN A 198 -10.03 55.23 9.03
C GLN A 198 -10.44 54.10 8.12
N LEU A 199 -10.81 52.96 8.67
CA LEU A 199 -11.16 51.82 7.86
C LEU A 199 -9.93 51.35 7.10
N ASP A 200 -8.80 51.45 7.74
CA ASP A 200 -7.67 50.61 7.43
C ASP A 200 -7.47 49.68 8.62
N TYR A 201 -7.86 48.42 8.47
CA TYR A 201 -7.70 47.49 9.57
C TYR A 201 -6.27 46.98 9.65
N SER A 202 -5.75 46.51 8.54
CA SER A 202 -4.36 46.11 8.50
C SER A 202 -3.52 47.29 8.97
N THR A 203 -2.40 46.98 9.58
CA THR A 203 -1.48 48.03 10.00
C THR A 203 -2.10 48.86 11.10
N ALA A 204 -3.39 48.73 11.30
CA ALA A 204 -3.93 49.19 12.55
C ALA A 204 -3.66 48.17 13.63
N ASN A 205 -3.65 46.90 13.27
CA ASN A 205 -3.20 45.92 14.23
C ASN A 205 -1.77 46.15 14.61
N GLU A 206 -0.97 46.73 13.73
CA GLU A 206 0.43 46.81 14.04
C GLU A 206 0.68 47.70 15.24
N TYR A 207 0.26 48.94 15.14
CA TYR A 207 0.61 49.87 16.20
C TYR A 207 0.07 49.41 17.52
N ILE A 208 -1.13 48.81 17.51
CA ILE A 208 -1.65 48.31 18.77
C ILE A 208 -0.79 47.16 19.26
N ILE A 209 -0.42 46.26 18.37
CA ILE A 209 0.47 45.18 18.78
C ILE A 209 1.68 45.74 19.48
N ALA A 210 2.23 46.82 18.94
CA ALA A 210 3.37 47.43 19.61
C ALA A 210 2.97 47.98 20.98
N ALA A 211 1.80 48.59 21.06
CA ALA A 211 1.33 49.01 22.37
C ALA A 211 1.18 47.83 23.30
N ILE A 212 1.15 46.62 22.77
CA ILE A 212 1.25 45.48 23.65
C ILE A 212 2.71 45.18 23.96
N ARG A 213 3.58 45.20 22.95
CA ARG A 213 4.98 45.00 23.24
C ARG A 213 5.47 46.04 24.22
N LYS A 214 5.34 47.30 23.84
CA LYS A 214 6.04 48.35 24.57
C LYS A 214 5.44 48.65 25.92
N ALA A 215 4.27 48.13 26.23
CA ALA A 215 3.66 48.50 27.46
C ALA A 215 4.44 47.88 28.61
N PRO A 216 4.63 48.62 29.70
CA PRO A 216 5.20 48.04 30.91
C PRO A 216 4.14 47.27 31.69
N HIS A 217 4.59 46.26 32.41
CA HIS A 217 3.71 45.27 33.02
C HIS A 217 3.37 45.57 34.47
N ASN A 218 3.67 46.77 34.94
CA ASN A 218 3.27 47.20 36.25
C ASN A 218 1.82 46.87 36.52
N SER A 219 1.55 46.44 37.75
CA SER A 219 0.19 46.28 38.23
C SER A 219 -0.62 47.54 38.09
N LYS A 220 0.04 48.68 37.93
CA LYS A 220 -0.68 49.91 37.69
C LYS A 220 -1.09 50.02 36.24
N SER A 221 -0.30 49.44 35.34
CA SER A 221 -0.47 49.57 33.91
C SER A 221 -1.69 48.86 33.38
N LEU A 222 -2.43 48.20 34.26
CA LEU A 222 -3.48 47.29 33.83
C LEU A 222 -4.41 47.93 32.82
N GLY A 223 -5.05 49.03 33.21
CA GLY A 223 -6.13 49.56 32.38
C GLY A 223 -5.73 49.75 30.94
N PHE A 224 -4.50 50.22 30.73
CA PHE A 224 -4.02 50.36 29.37
C PHE A 224 -4.06 49.03 28.64
N LEU A 225 -3.64 47.97 29.28
CA LEU A 225 -3.66 46.70 28.57
C LEU A 225 -5.07 46.17 28.47
N GLN A 226 -5.94 46.50 29.41
CA GLN A 226 -7.33 46.19 29.23
C GLN A 226 -7.77 46.77 27.91
N GLN A 227 -7.76 48.10 27.81
CA GLN A 227 -8.18 48.79 26.61
C GLN A 227 -7.55 48.24 25.36
N SER A 228 -6.26 48.47 25.24
CA SER A 228 -5.50 48.03 24.10
C SER A 228 -5.81 46.59 23.75
N ASN A 229 -6.10 45.76 24.73
CA ASN A 229 -6.62 44.45 24.39
C ASN A 229 -7.96 44.57 23.70
N LYS A 230 -8.89 45.33 24.26
CA LYS A 230 -10.20 45.40 23.65
C LYS A 230 -10.06 45.76 22.20
N LEU A 231 -9.33 46.81 21.93
CA LEU A 231 -9.14 47.18 20.55
C LEU A 231 -8.59 46.01 19.80
N HIS A 232 -7.53 45.41 20.33
CA HIS A 232 -6.88 44.34 19.60
C HIS A 232 -7.88 43.32 19.17
N CYS A 233 -8.77 42.95 20.07
CA CYS A 233 -9.86 42.06 19.73
C CYS A 233 -10.64 42.59 18.56
N CYS A 234 -11.26 43.75 18.73
CA CYS A 234 -12.20 44.22 17.72
C CYS A 234 -11.56 44.20 16.35
N ILE A 235 -10.36 44.74 16.24
CA ILE A 235 -9.62 44.67 15.00
C ILE A 235 -9.52 43.23 14.54
N GLN A 236 -8.97 42.37 15.38
CA GLN A 236 -8.78 40.99 15.01
C GLN A 236 -10.03 40.43 14.39
N LEU A 237 -11.18 40.77 14.94
CA LEU A 237 -12.42 40.41 14.29
C LEU A 237 -12.49 41.00 12.90
N LEU A 238 -12.32 42.30 12.81
CA LEU A 238 -12.63 43.01 11.58
C LEU A 238 -11.91 42.40 10.39
N MET A 239 -10.60 42.24 10.51
CA MET A 239 -9.86 41.61 9.43
C MET A 239 -10.42 40.26 9.07
N GLY A 240 -11.22 39.67 9.93
CA GLY A 240 -11.75 38.35 9.71
C GLY A 240 -11.09 37.30 10.53
N ASP A 241 -9.97 37.59 11.16
CA ASP A 241 -9.27 36.60 11.93
C ASP A 241 -10.02 36.30 13.22
N ILE A 242 -9.67 35.19 13.82
CA ILE A 242 -10.28 34.70 15.06
C ILE A 242 -9.30 34.87 16.20
N PRO A 243 -9.70 35.44 17.31
CA PRO A 243 -8.90 35.33 18.52
C PRO A 243 -9.11 33.98 19.16
N GLU A 244 -8.23 33.63 20.08
CA GLU A 244 -8.23 32.31 20.67
C GLU A 244 -8.66 32.39 22.12
N LEU A 245 -9.27 31.32 22.61
CA LEU A 245 -9.72 31.35 23.99
C LEU A 245 -8.59 31.68 24.94
N SER A 246 -7.36 31.55 24.51
CA SER A 246 -6.24 31.98 25.33
C SER A 246 -6.49 33.35 25.91
N PHE A 247 -6.44 34.40 25.08
CA PHE A 247 -6.41 35.68 25.74
C PHE A 247 -7.78 36.18 26.09
N PHE A 248 -8.82 35.56 25.58
CA PHE A 248 -10.11 35.75 26.22
C PHE A 248 -10.09 35.30 27.66
N HIS A 249 -9.21 34.37 27.99
CA HIS A 249 -8.99 34.00 29.38
C HIS A 249 -7.77 34.67 29.98
N GLN A 250 -7.14 35.59 29.27
CA GLN A 250 -5.93 36.21 29.77
C GLN A 250 -6.16 36.88 31.12
N SER A 251 -5.35 36.48 32.10
CA SER A 251 -5.11 37.17 33.37
C SER A 251 -6.37 37.79 33.93
N ASN A 252 -6.27 39.08 34.24
CA ASN A 252 -7.35 39.84 34.85
C ASN A 252 -8.37 40.31 33.83
N MET A 253 -8.12 40.08 32.56
CA MET A 253 -8.92 40.66 31.50
C MET A 253 -10.39 40.30 31.68
N GLN A 254 -10.71 39.06 31.33
CA GLN A 254 -11.89 38.39 31.84
C GLN A 254 -13.10 39.28 31.70
N LYS A 255 -13.64 39.69 32.85
CA LYS A 255 -14.91 40.40 32.87
C LYS A 255 -14.85 41.67 32.05
N SER A 256 -13.65 42.12 31.67
CA SER A 256 -13.55 43.25 30.76
C SER A 256 -13.83 42.82 29.33
N LEU A 257 -13.23 41.71 28.89
CA LEU A 257 -13.35 41.33 27.50
C LEU A 257 -14.62 40.60 27.19
N LEU A 258 -15.28 40.02 28.17
CA LEU A 258 -16.34 39.08 27.86
C LEU A 258 -17.38 39.62 26.89
N PRO A 259 -17.76 40.90 26.86
CA PRO A 259 -18.72 41.30 25.84
C PRO A 259 -18.24 40.95 24.45
N TYR A 260 -16.99 41.32 24.14
CA TYR A 260 -16.36 40.84 22.92
C TYR A 260 -16.52 39.35 22.82
N TYR A 261 -16.21 38.66 23.89
CA TYR A 261 -16.31 37.21 23.88
C TYR A 261 -17.68 36.73 23.54
N HIS A 262 -18.69 37.54 23.73
CA HIS A 262 -19.98 37.16 23.21
C HIS A 262 -20.13 37.56 21.77
N LEU A 263 -19.37 38.53 21.32
CA LEU A 263 -19.31 38.76 19.89
C LEU A 263 -18.73 37.56 19.20
N THR A 264 -17.53 37.17 19.57
CA THR A 264 -16.81 36.21 18.77
C THR A 264 -17.60 34.94 18.65
N LYS A 265 -18.21 34.53 19.75
CA LYS A 265 -19.22 33.50 19.63
C LYS A 265 -20.25 33.91 18.61
N ALA A 266 -20.70 35.15 18.67
CA ALA A 266 -21.74 35.46 17.71
C ALA A 266 -21.23 35.57 16.29
N VAL A 267 -19.95 35.44 16.04
CA VAL A 267 -19.40 35.57 14.70
C VAL A 267 -18.97 34.25 14.16
N LYS A 268 -17.97 33.65 14.78
CA LYS A 268 -17.41 32.43 14.22
C LYS A 268 -18.49 31.41 13.95
N LEU A 269 -19.64 31.55 14.58
CA LEU A 269 -20.80 30.76 14.23
C LEU A 269 -21.51 31.29 13.00
N GLY A 270 -21.44 32.59 12.74
CA GLY A 270 -22.08 33.12 11.57
C GLY A 270 -23.58 33.25 11.64
N ASP A 271 -24.14 33.49 12.82
CA ASP A 271 -25.58 33.58 13.00
C ASP A 271 -25.97 35.00 13.40
N LEU A 272 -26.61 35.70 12.48
CA LEU A 272 -26.77 37.15 12.62
C LEU A 272 -27.62 37.49 13.83
N LYS A 273 -28.86 37.02 13.84
CA LYS A 273 -29.78 37.44 14.89
C LYS A 273 -29.16 37.33 16.27
N LYS A 274 -28.41 36.27 16.52
CA LYS A 274 -27.72 36.19 17.79
C LYS A 274 -26.81 37.38 17.98
N PHE A 275 -26.01 37.67 16.97
CA PHE A 275 -25.15 38.83 17.00
C PHE A 275 -25.95 40.04 17.43
N THR A 276 -26.84 40.47 16.55
CA THR A 276 -27.61 41.68 16.80
C THR A 276 -28.14 41.73 18.22
N SER A 277 -28.83 40.67 18.63
CA SER A 277 -29.32 40.62 19.99
C SER A 277 -28.22 40.97 20.97
N THR A 278 -27.06 40.33 20.79
CA THR A 278 -25.96 40.58 21.70
C THR A 278 -25.56 42.04 21.70
N ILE A 279 -25.31 42.59 20.52
CA ILE A 279 -24.86 43.96 20.51
C ILE A 279 -25.91 44.90 21.04
N THR A 280 -27.14 44.43 21.22
CA THR A 280 -28.01 45.21 22.07
C THR A 280 -27.69 44.98 23.53
N LYS A 281 -27.55 43.73 23.92
CA LYS A 281 -27.34 43.38 25.31
C LYS A 281 -26.25 44.24 25.94
N TYR A 282 -25.12 44.34 25.27
CA TYR A 282 -23.97 45.03 25.81
C TYR A 282 -23.83 46.45 25.31
N LYS A 283 -24.74 46.88 24.45
CA LYS A 283 -24.54 48.10 23.69
C LYS A 283 -24.00 49.20 24.55
N GLN A 284 -24.52 49.30 25.75
CA GLN A 284 -24.02 50.32 26.64
C GLN A 284 -22.55 50.09 26.92
N LEU A 285 -22.20 48.87 27.31
CA LEU A 285 -20.84 48.58 27.70
C LEU A 285 -19.87 49.01 26.61
N LEU A 286 -20.08 48.48 25.41
CA LEU A 286 -19.23 48.85 24.32
C LEU A 286 -19.27 50.33 24.11
N LEU A 287 -20.39 50.93 24.44
CA LEU A 287 -20.57 52.30 24.06
C LEU A 287 -19.71 53.18 24.95
N LYS A 288 -19.59 52.81 26.22
CA LYS A 288 -18.71 53.56 27.10
C LYS A 288 -17.29 53.48 26.61
N ASP A 289 -16.90 52.34 26.07
CA ASP A 289 -15.67 52.26 25.34
C ASP A 289 -15.85 52.89 23.97
N ASP A 290 -14.75 53.20 23.34
CA ASP A 290 -14.82 53.79 22.01
C ASP A 290 -14.96 52.72 20.92
N THR A 291 -15.04 51.45 21.30
CA THR A 291 -15.00 50.36 20.35
C THR A 291 -16.23 50.35 19.47
N TYR A 292 -17.38 50.51 20.10
CA TYR A 292 -18.67 50.18 19.50
C TYR A 292 -18.80 50.56 18.05
N GLN A 293 -18.30 51.73 17.70
CA GLN A 293 -18.38 52.14 16.32
C GLN A 293 -17.70 51.14 15.42
N LEU A 294 -16.63 50.53 15.88
CA LEU A 294 -16.05 49.45 15.11
C LEU A 294 -17.00 48.27 15.08
N CYS A 295 -17.32 47.74 16.25
CA CYS A 295 -18.05 46.48 16.33
C CYS A 295 -19.27 46.47 15.46
N VAL A 296 -20.01 47.57 15.43
CA VAL A 296 -21.18 47.63 14.56
C VAL A 296 -20.87 47.16 13.15
N ARG A 297 -19.66 47.41 12.68
CA ARG A 297 -19.34 47.04 11.32
C ARG A 297 -19.38 45.55 11.09
N LEU A 298 -19.23 44.74 12.13
CA LEU A 298 -19.03 43.32 11.93
C LEU A 298 -20.11 42.73 11.06
N ARG A 299 -21.30 43.32 11.04
CA ARG A 299 -22.40 42.68 10.34
C ARG A 299 -21.96 42.17 9.00
N SER A 300 -21.19 42.96 8.27
CA SER A 300 -20.64 42.45 7.03
C SER A 300 -19.94 41.13 7.27
N ASN A 301 -19.02 41.10 8.21
CA ASN A 301 -18.24 39.89 8.43
C ASN A 301 -19.14 38.73 8.76
N VAL A 302 -19.96 38.90 9.77
CA VAL A 302 -20.85 37.83 10.16
C VAL A 302 -21.53 37.25 8.96
N ILE A 303 -22.00 38.07 8.04
CA ILE A 303 -22.55 37.36 6.92
C ILE A 303 -21.46 36.69 6.12
N LYS A 304 -20.26 37.24 6.07
CA LYS A 304 -19.23 36.52 5.35
C LYS A 304 -19.14 35.10 5.87
N THR A 305 -18.74 34.94 7.12
CA THR A 305 -18.56 33.57 7.59
C THR A 305 -19.85 32.81 7.41
N GLY A 306 -20.96 33.46 7.67
CA GLY A 306 -22.23 32.83 7.46
C GLY A 306 -22.28 32.14 6.11
N ILE A 307 -21.68 32.72 5.09
CA ILE A 307 -21.66 32.06 3.81
C ILE A 307 -20.53 31.05 3.74
N ARG A 308 -19.35 31.43 4.21
CA ARG A 308 -18.22 30.54 4.03
C ARG A 308 -18.54 29.17 4.56
N ILE A 309 -19.25 29.11 5.66
CA ILE A 309 -19.60 27.83 6.23
C ILE A 309 -20.57 27.09 5.34
N ILE A 310 -21.66 27.76 4.97
CA ILE A 310 -22.59 27.13 4.07
C ILE A 310 -21.90 26.66 2.82
N SER A 311 -20.76 27.22 2.48
CA SER A 311 -20.02 26.61 1.39
C SER A 311 -19.27 25.39 1.86
N LEU A 312 -18.47 25.52 2.91
CA LEU A 312 -17.59 24.41 3.22
C LEU A 312 -18.36 23.16 3.53
N THR A 313 -19.57 23.27 4.04
CA THR A 313 -20.27 22.06 4.36
C THR A 313 -20.90 21.46 3.12
N TYR A 314 -21.36 22.30 2.24
CA TYR A 314 -22.26 21.85 1.19
C TYR A 314 -21.59 21.98 -0.16
N LYS A 315 -22.11 21.27 -1.13
CA LYS A 315 -21.59 21.52 -2.46
C LYS A 315 -22.64 22.08 -3.40
N LYS A 316 -23.80 21.49 -3.50
CA LYS A 316 -24.91 22.10 -4.22
C LYS A 316 -25.99 22.46 -3.24
N ILE A 317 -26.32 23.73 -3.10
CA ILE A 317 -27.47 24.11 -2.30
C ILE A 317 -28.45 24.86 -3.15
N SER A 318 -29.71 24.45 -3.10
CA SER A 318 -30.74 25.30 -3.65
C SER A 318 -30.67 26.65 -3.00
N LEU A 319 -30.95 27.69 -3.76
CA LEU A 319 -31.08 28.96 -3.08
C LEU A 319 -32.52 29.06 -2.66
N ARG A 320 -32.78 28.51 -1.51
CA ARG A 320 -33.82 28.93 -0.61
C ARG A 320 -33.04 28.75 0.64
N ASP A 321 -32.67 27.50 0.82
CA ASP A 321 -32.12 27.04 2.08
C ASP A 321 -31.02 27.94 2.56
N ILE A 322 -30.26 28.53 1.65
CA ILE A 322 -29.30 29.47 2.18
C ILE A 322 -30.04 30.57 2.92
N CYS A 323 -31.24 30.95 2.46
CA CYS A 323 -32.03 31.87 3.25
C CYS A 323 -32.26 31.27 4.61
N LEU A 324 -33.07 30.20 4.63
CA LEU A 324 -33.49 29.62 5.89
C LEU A 324 -32.33 29.44 6.84
N LYS A 325 -31.16 29.16 6.33
CA LYS A 325 -30.02 29.02 7.21
C LYS A 325 -29.46 30.36 7.61
N LEU A 326 -29.56 31.34 6.75
CA LEU A 326 -29.02 32.64 7.07
C LEU A 326 -30.07 33.59 7.58
N ASN A 327 -31.32 33.16 7.65
CA ASN A 327 -32.37 34.00 8.20
C ASN A 327 -32.48 35.29 7.40
N LEU A 328 -32.90 35.15 6.15
CA LEU A 328 -33.15 36.29 5.29
C LEU A 328 -34.56 36.19 4.73
N ASP A 329 -34.91 37.16 3.90
CA ASP A 329 -36.26 37.19 3.35
C ASP A 329 -36.43 36.30 2.13
N SER A 330 -35.51 36.38 1.17
CA SER A 330 -35.90 36.06 -0.18
C SER A 330 -34.76 35.47 -0.98
N GLU A 331 -35.14 34.63 -1.94
CA GLU A 331 -34.19 34.05 -2.87
C GLU A 331 -33.32 35.14 -3.46
N GLN A 332 -33.97 36.12 -4.06
CA GLN A 332 -33.26 37.16 -4.78
C GLN A 332 -32.50 38.10 -3.87
N THR A 333 -32.71 38.04 -2.56
CA THR A 333 -31.83 38.78 -1.67
C THR A 333 -30.43 38.23 -1.74
N VAL A 334 -30.35 36.91 -1.76
CA VAL A 334 -29.12 36.18 -1.53
C VAL A 334 -28.09 36.59 -2.56
N GLU A 335 -28.32 36.18 -3.79
CA GLU A 335 -27.28 36.13 -4.78
C GLU A 335 -26.58 37.46 -4.94
N TYR A 336 -27.20 38.54 -4.48
CA TYR A 336 -26.39 39.71 -4.28
C TYR A 336 -25.32 39.42 -3.26
N MET A 337 -25.72 38.89 -2.10
CA MET A 337 -24.74 38.63 -1.06
C MET A 337 -23.79 37.55 -1.51
N VAL A 338 -24.31 36.52 -2.15
CA VAL A 338 -23.44 35.42 -2.49
C VAL A 338 -22.46 35.82 -3.55
N SER A 339 -22.95 36.33 -4.67
CA SER A 339 -22.07 36.84 -5.69
C SER A 339 -21.02 37.74 -5.06
N ARG A 340 -21.45 38.59 -4.14
CA ARG A 340 -20.50 39.42 -3.45
C ARG A 340 -19.38 38.62 -2.85
N ALA A 341 -19.71 37.60 -2.06
CA ALA A 341 -18.68 36.79 -1.47
C ALA A 341 -17.76 36.22 -2.53
N ILE A 342 -18.33 35.70 -3.60
CA ILE A 342 -17.52 35.10 -4.65
C ILE A 342 -16.47 36.09 -5.11
N ARG A 343 -16.88 37.27 -5.51
CA ARG A 343 -15.90 38.23 -6.00
C ARG A 343 -14.89 38.55 -4.93
N ASP A 344 -15.32 38.59 -3.69
CA ASP A 344 -14.37 38.88 -2.64
C ASP A 344 -13.41 37.76 -2.39
N GLY A 345 -13.50 36.66 -3.12
CA GLY A 345 -12.51 35.61 -2.99
C GLY A 345 -12.73 34.70 -1.83
N VAL A 346 -13.97 34.40 -1.53
CA VAL A 346 -14.35 33.60 -0.38
C VAL A 346 -14.85 32.23 -0.80
N ILE A 347 -15.91 32.18 -1.57
CA ILE A 347 -16.59 30.94 -1.84
C ILE A 347 -15.98 30.18 -3.01
N GLU A 348 -15.50 30.87 -4.01
CA GLU A 348 -15.08 30.29 -5.29
C GLU A 348 -16.04 29.18 -5.71
N ALA A 349 -17.27 29.58 -5.93
CA ALA A 349 -18.29 28.65 -6.36
C ALA A 349 -19.21 29.34 -7.35
N LYS A 350 -19.39 28.76 -8.51
CA LYS A 350 -20.26 29.40 -9.45
C LYS A 350 -21.69 29.26 -9.00
N ILE A 351 -22.56 30.09 -9.55
CA ILE A 351 -23.98 30.07 -9.24
C ILE A 351 -24.73 29.57 -10.44
N ASN A 352 -25.65 28.67 -10.22
CA ASN A 352 -26.57 28.24 -11.26
C ASN A 352 -27.85 29.03 -11.09
N HIS A 353 -28.15 29.90 -12.05
CA HIS A 353 -29.18 30.87 -11.78
C HIS A 353 -30.57 30.27 -11.76
N GLU A 354 -30.94 29.64 -12.85
CA GLU A 354 -32.35 29.30 -13.03
C GLU A 354 -32.78 28.16 -12.14
N ASP A 355 -31.85 27.35 -11.67
CA ASP A 355 -32.21 26.27 -10.76
C ASP A 355 -31.89 26.58 -9.31
N GLY A 356 -31.30 27.73 -9.01
CA GLY A 356 -31.03 28.11 -7.65
C GLY A 356 -29.92 27.38 -6.96
N PHE A 357 -29.15 26.55 -7.64
CA PHE A 357 -28.05 25.89 -6.98
C PHE A 357 -27.00 26.91 -6.61
N ILE A 358 -26.12 26.52 -5.72
CA ILE A 358 -24.79 27.05 -5.75
C ILE A 358 -23.89 25.87 -5.97
N GLU A 359 -23.32 25.74 -7.15
CA GLU A 359 -22.32 24.71 -7.28
C GLU A 359 -21.11 25.14 -6.51
N THR A 360 -20.09 24.32 -6.43
CA THR A 360 -18.86 24.86 -5.88
C THR A 360 -17.69 24.15 -6.52
N THR A 361 -16.66 24.92 -6.84
CA THR A 361 -15.60 24.41 -7.67
C THR A 361 -14.87 23.30 -6.95
N GLU A 362 -14.34 22.36 -7.72
CA GLU A 362 -13.86 21.11 -7.17
C GLU A 362 -12.35 21.06 -7.15
N LEU A 363 -11.82 19.90 -6.76
CA LEU A 363 -10.40 19.70 -6.78
C LEU A 363 -9.88 19.47 -8.19
N LEU A 364 -10.73 19.03 -9.10
CA LEU A 364 -10.46 19.01 -10.52
C LEU A 364 -9.49 17.91 -10.90
N ASN A 365 -8.99 17.13 -9.93
CA ASN A 365 -8.06 16.04 -10.22
C ASN A 365 -6.81 16.67 -10.84
N ILE A 366 -6.34 16.18 -11.98
CA ILE A 366 -5.23 16.69 -12.79
C ILE A 366 -3.84 16.32 -12.31
N TYR A 367 -3.69 15.68 -11.16
CA TYR A 367 -2.33 15.45 -10.72
C TYR A 367 -1.53 14.70 -11.77
N ASP A 368 -2.19 13.88 -12.56
CA ASP A 368 -1.52 13.31 -13.70
C ASP A 368 -1.06 14.40 -14.64
N SER A 369 -1.90 15.38 -14.89
CA SER A 369 -1.54 16.39 -15.85
C SER A 369 -0.36 17.18 -15.36
N GLU A 370 0.28 17.88 -16.25
CA GLU A 370 1.63 18.29 -15.99
C GLU A 370 1.70 19.58 -15.19
N ASP A 371 0.58 20.27 -15.05
CA ASP A 371 0.63 21.58 -14.43
C ASP A 371 1.15 21.64 -13.00
N PRO A 372 1.05 20.61 -12.15
CA PRO A 372 1.58 20.81 -10.82
C PRO A 372 2.99 21.25 -10.87
N GLN A 373 3.70 20.95 -11.95
CA GLN A 373 5.04 21.49 -12.05
C GLN A 373 5.01 23.00 -11.96
N GLN A 374 4.26 23.63 -12.85
CA GLN A 374 4.04 25.06 -12.84
C GLN A 374 3.77 25.59 -11.47
N VAL A 375 3.02 24.83 -10.70
CA VAL A 375 2.65 25.33 -9.39
C VAL A 375 3.88 25.44 -8.53
N PHE A 376 4.58 24.35 -8.36
CA PHE A 376 5.65 24.34 -7.41
C PHE A 376 6.68 25.42 -7.70
N ASP A 377 6.92 25.71 -8.97
CA ASP A 377 7.88 26.75 -9.31
C ASP A 377 7.61 28.00 -8.52
N GLU A 378 6.38 28.49 -8.59
CA GLU A 378 6.00 29.62 -7.78
C GLU A 378 6.40 29.36 -6.36
N ARG A 379 5.77 28.37 -5.75
CA ARG A 379 6.10 28.00 -4.40
C ARG A 379 7.59 27.70 -4.25
N ILE A 380 8.26 27.28 -5.31
CA ILE A 380 9.70 27.11 -5.22
C ILE A 380 10.41 28.44 -5.37
N LYS A 381 10.11 29.17 -6.44
CA LYS A 381 10.81 30.42 -6.64
C LYS A 381 10.57 31.34 -5.46
N PHE A 382 9.32 31.46 -5.09
CA PHE A 382 9.03 32.31 -3.96
C PHE A 382 9.60 31.77 -2.66
N ALA A 383 10.18 30.58 -2.65
CA ALA A 383 10.95 30.17 -1.50
C ALA A 383 12.33 30.76 -1.53
N ASN A 384 13.02 30.63 -2.67
CA ASN A 384 14.34 31.24 -2.76
C ASN A 384 14.31 32.67 -2.34
N GLN A 385 13.26 33.39 -2.73
CA GLN A 385 13.21 34.81 -2.45
C GLN A 385 13.49 35.02 -1.00
N LEU A 386 12.83 34.23 -0.17
CA LEU A 386 13.13 34.36 1.24
C LEU A 386 14.59 34.06 1.48
N HIS A 387 15.01 32.88 1.11
CA HIS A 387 16.40 32.55 1.31
C HIS A 387 17.34 33.49 0.58
N ASP A 388 16.83 34.30 -0.33
CA ASP A 388 17.65 35.43 -0.76
C ASP A 388 17.49 36.58 0.21
N GLU A 389 16.30 37.14 0.27
CA GLU A 389 16.11 38.35 1.03
C GLU A 389 16.49 38.16 2.47
N TYR A 390 16.72 36.94 2.91
CA TYR A 390 17.28 36.86 4.25
C TYR A 390 18.78 37.06 4.23
N LEU A 391 19.49 36.29 3.40
CA LEU A 391 20.94 36.37 3.40
C LEU A 391 21.43 37.78 3.17
N VAL A 392 20.77 38.52 2.31
CA VAL A 392 21.19 39.90 2.08
C VAL A 392 20.99 40.73 3.34
N SER A 393 19.80 40.65 3.94
CA SER A 393 19.58 41.31 5.20
C SER A 393 20.42 40.66 6.28
N MET A 394 21.13 39.60 5.90
CA MET A 394 22.15 39.03 6.76
C MET A 394 23.33 39.92 6.93
N ARG A 395 23.31 41.13 6.37
CA ARG A 395 24.44 42.03 6.18
C ARG A 395 25.42 42.05 7.34
N TYR A 396 24.94 41.65 8.48
CA TYR A 396 25.49 41.83 9.80
C TYR A 396 26.99 41.60 9.98
N PRO A 397 27.54 40.44 9.59
CA PRO A 397 28.82 40.07 10.20
C PRO A 397 29.97 40.97 9.81
N ASP B 31 -12.09 -104.79 -3.26
CA ASP B 31 -12.20 -103.52 -2.54
C ASP B 31 -10.83 -102.98 -2.17
N CYS B 32 -10.27 -102.16 -3.06
CA CYS B 32 -8.96 -101.58 -2.81
C CYS B 32 -8.94 -100.67 -1.60
N ASN B 33 -10.10 -100.39 -1.00
CA ASN B 33 -10.17 -99.46 0.13
C ASN B 33 -9.33 -99.90 1.32
N SER B 34 -8.82 -101.13 1.34
CA SER B 34 -8.09 -101.61 2.50
C SER B 34 -7.03 -100.61 2.95
N ALA B 35 -6.20 -100.15 2.01
CA ALA B 35 -5.07 -99.30 2.35
C ALA B 35 -5.48 -97.96 2.93
N LEU B 36 -6.78 -97.64 2.97
CA LEU B 36 -7.19 -96.44 3.70
C LEU B 36 -6.74 -96.53 5.15
N ASP B 37 -6.79 -97.74 5.72
CA ASP B 37 -6.27 -97.97 7.06
C ASP B 37 -4.83 -97.51 7.18
N GLN B 38 -4.06 -97.60 6.09
CA GLN B 38 -2.67 -97.18 6.11
C GLN B 38 -2.52 -95.75 6.56
N LEU B 39 -3.53 -94.91 6.32
CA LEU B 39 -3.47 -93.54 6.83
C LEU B 39 -3.27 -93.53 8.33
N LEU B 40 -4.03 -94.35 9.04
CA LEU B 40 -3.83 -94.53 10.46
C LEU B 40 -2.37 -94.85 10.74
N VAL B 41 -1.81 -95.80 9.99
CA VAL B 41 -0.42 -96.19 10.17
C VAL B 41 0.49 -94.99 10.05
N LEU B 42 0.19 -94.08 9.12
CA LEU B 42 0.96 -92.85 8.99
C LEU B 42 0.72 -91.94 10.19
N GLU B 43 -0.54 -91.82 10.60
CA GLU B 43 -0.89 -91.33 11.93
C GLU B 43 -0.01 -91.98 12.96
N LYS B 44 0.16 -93.30 12.85
CA LYS B 44 1.05 -94.03 13.74
C LYS B 44 2.51 -93.77 13.41
N LYS B 45 2.83 -93.68 12.12
CA LYS B 45 4.22 -93.57 11.68
C LYS B 45 4.71 -92.13 11.75
N THR B 46 3.88 -91.26 12.31
CA THR B 46 4.24 -89.86 12.55
C THR B 46 5.56 -89.71 13.32
N ARG B 47 6.00 -90.76 14.02
CA ARG B 47 7.34 -90.74 14.61
C ARG B 47 8.41 -90.72 13.52
N GLN B 48 8.10 -91.26 12.34
CA GLN B 48 8.95 -91.14 11.16
C GLN B 48 8.21 -90.43 10.04
N ALA B 49 7.08 -90.97 9.58
CA ALA B 49 6.42 -90.49 8.37
C ALA B 49 6.18 -88.98 8.36
N SER B 50 6.16 -88.33 9.52
CA SER B 50 6.27 -86.88 9.52
C SER B 50 7.54 -86.44 8.82
N ASP B 51 8.64 -87.13 9.09
CA ASP B 51 9.95 -86.83 8.52
C ASP B 51 10.15 -87.51 7.18
N LEU B 52 9.12 -88.16 6.65
CA LEU B 52 9.27 -88.99 5.47
C LEU B 52 8.19 -88.66 4.45
N ALA B 53 8.48 -89.01 3.20
CA ALA B 53 7.61 -88.78 2.06
C ALA B 53 6.75 -89.99 1.71
N SER B 54 6.90 -91.11 2.43
CA SER B 54 6.09 -92.28 2.15
C SER B 54 4.62 -91.99 2.44
N SER B 55 4.35 -91.21 3.49
CA SER B 55 2.99 -90.75 3.74
C SER B 55 2.44 -90.04 2.53
N LYS B 56 3.30 -89.33 1.83
CA LYS B 56 2.87 -88.62 0.64
C LYS B 56 2.57 -89.55 -0.52
N GLU B 57 3.00 -90.82 -0.46
CA GLU B 57 2.73 -91.73 -1.56
C GLU B 57 1.32 -92.32 -1.49
N VAL B 58 0.87 -92.74 -0.31
CA VAL B 58 -0.50 -93.21 -0.18
C VAL B 58 -1.46 -92.03 -0.13
N LEU B 59 -1.08 -90.95 0.54
CA LEU B 59 -1.84 -89.73 0.37
C LEU B 59 -1.83 -89.27 -1.08
N ALA B 60 -0.84 -89.71 -1.87
CA ALA B 60 -0.80 -89.40 -3.28
C ALA B 60 -1.74 -90.27 -4.08
N LYS B 61 -1.87 -91.54 -3.72
CA LYS B 61 -2.80 -92.39 -4.44
C LYS B 61 -4.24 -92.08 -4.06
N ILE B 62 -4.48 -91.63 -2.83
CA ILE B 62 -5.85 -91.24 -2.52
C ILE B 62 -6.16 -89.94 -3.22
N VAL B 63 -5.18 -89.03 -3.36
CA VAL B 63 -5.43 -87.87 -4.20
C VAL B 63 -5.32 -88.24 -5.67
N ASP B 64 -5.09 -89.52 -5.96
CA ASP B 64 -5.34 -90.12 -7.26
C ASP B 64 -6.72 -90.78 -7.34
N LEU B 65 -7.53 -90.63 -6.30
CA LEU B 65 -8.92 -91.08 -6.29
C LEU B 65 -9.85 -90.02 -6.91
N LEU B 66 -9.26 -88.98 -7.49
CA LEU B 66 -9.94 -88.10 -8.45
C LEU B 66 -10.46 -88.85 -9.66
N ALA B 67 -10.09 -90.13 -9.81
CA ALA B 67 -10.48 -90.94 -10.97
C ALA B 67 -11.98 -91.10 -11.10
N SER B 68 -12.76 -90.75 -10.09
CA SER B 68 -14.18 -90.50 -10.27
C SER B 68 -14.58 -89.35 -9.35
N ARG B 69 -15.32 -88.39 -9.90
CA ARG B 69 -15.66 -87.16 -9.20
C ARG B 69 -16.30 -87.44 -7.85
N ASN B 70 -17.49 -88.04 -7.84
CA ASN B 70 -18.14 -88.35 -6.57
C ASN B 70 -17.30 -89.29 -5.72
N LYS B 71 -16.50 -90.17 -6.35
CA LYS B 71 -15.57 -90.99 -5.59
C LYS B 71 -14.57 -90.11 -4.85
N TRP B 72 -13.86 -89.26 -5.60
CA TRP B 72 -13.05 -88.25 -4.95
C TRP B 72 -13.82 -87.48 -3.90
N ASP B 73 -15.15 -87.45 -4.01
CA ASP B 73 -15.98 -86.71 -3.08
C ASP B 73 -15.70 -87.07 -1.63
N ASP B 74 -15.03 -88.19 -1.36
CA ASP B 74 -14.72 -88.53 0.04
C ASP B 74 -13.49 -87.81 0.59
N LEU B 75 -12.57 -87.42 -0.29
CA LEU B 75 -11.21 -87.12 0.13
C LEU B 75 -11.12 -85.80 0.87
N ASN B 76 -11.89 -84.79 0.44
CA ASN B 76 -12.05 -83.61 1.27
C ASN B 76 -12.45 -84.02 2.67
N GLU B 77 -13.43 -84.91 2.77
CA GLU B 77 -13.75 -85.58 4.03
C GLU B 77 -12.51 -86.22 4.64
N GLN B 78 -11.80 -87.03 3.85
CA GLN B 78 -10.49 -87.49 4.28
C GLN B 78 -9.66 -86.31 4.76
N LEU B 79 -9.58 -85.26 3.94
CA LEU B 79 -8.90 -84.04 4.35
C LEU B 79 -9.36 -83.60 5.73
N THR B 80 -10.68 -83.51 5.92
CA THR B 80 -11.19 -83.01 7.20
C THR B 80 -10.53 -83.72 8.36
N LEU B 81 -10.35 -85.04 8.24
CA LEU B 81 -9.65 -85.79 9.26
C LEU B 81 -8.26 -85.19 9.50
N LEU B 82 -7.40 -85.26 8.48
CA LEU B 82 -6.08 -84.67 8.60
C LEU B 82 -6.11 -83.17 8.87
N SER B 83 -7.26 -82.50 8.74
CA SER B 83 -7.31 -81.11 9.18
C SER B 83 -7.04 -81.01 10.66
N LYS B 84 -7.75 -81.81 11.46
CA LYS B 84 -7.63 -81.78 12.91
C LYS B 84 -6.62 -82.78 13.43
N LYS B 85 -5.91 -83.46 12.54
CA LYS B 85 -4.89 -84.41 12.98
C LYS B 85 -3.57 -83.75 13.34
N HIS B 86 -3.48 -82.43 13.26
CA HIS B 86 -2.27 -81.76 13.70
C HIS B 86 -2.24 -81.68 15.23
N ILE B 93 4.60 -81.16 11.84
CA ILE B 93 3.92 -81.99 10.84
C ILE B 93 3.01 -81.14 9.96
N GLN B 94 3.19 -79.82 10.06
CA GLN B 94 2.38 -78.90 9.27
C GLN B 94 2.80 -78.89 7.81
N TYR B 95 4.10 -78.95 7.54
CA TYR B 95 4.59 -78.99 6.16
C TYR B 95 4.19 -80.29 5.46
N MET B 96 3.84 -81.32 6.21
CA MET B 96 3.15 -82.47 5.62
C MET B 96 1.92 -82.00 4.89
N ILE B 97 1.02 -81.34 5.63
CA ILE B 97 -0.21 -80.82 5.04
C ILE B 97 0.12 -79.84 3.94
N GLN B 98 1.20 -79.07 4.11
CA GLN B 98 1.69 -78.23 3.03
C GLN B 98 1.81 -79.04 1.75
N LYS B 99 2.73 -80.00 1.72
CA LYS B 99 3.01 -80.63 0.44
C LYS B 99 1.87 -81.55 -0.01
N VAL B 100 1.00 -82.01 0.90
CA VAL B 100 -0.11 -82.82 0.42
C VAL B 100 -1.18 -81.92 -0.19
N MET B 101 -1.44 -80.76 0.41
CA MET B 101 -2.34 -79.83 -0.24
C MET B 101 -1.75 -79.37 -1.55
N GLU B 102 -0.43 -79.44 -1.69
CA GLU B 102 0.19 -79.20 -2.98
C GLU B 102 -0.17 -80.30 -3.97
N TYR B 103 -0.07 -81.55 -3.53
CA TYR B 103 -0.57 -82.67 -4.33
C TYR B 103 -2.03 -82.46 -4.71
N LEU B 104 -2.75 -81.77 -3.83
CA LEU B 104 -4.16 -81.47 -4.01
C LEU B 104 -4.41 -80.55 -5.21
N LYS B 105 -3.57 -79.54 -5.37
CA LYS B 105 -3.73 -78.60 -6.47
C LYS B 105 -3.58 -79.26 -7.83
N SER B 106 -2.53 -80.08 -7.98
CA SER B 106 -2.33 -80.78 -9.24
C SER B 106 -3.48 -81.78 -9.36
N SER B 107 -3.76 -82.39 -8.21
CA SER B 107 -4.82 -83.37 -8.06
C SER B 107 -6.19 -82.75 -8.30
N LYS B 108 -6.35 -81.52 -7.83
CA LYS B 108 -7.62 -80.81 -7.94
C LYS B 108 -7.86 -80.14 -9.28
N SER B 109 -8.05 -80.95 -10.31
CA SER B 109 -8.33 -80.47 -11.65
C SER B 109 -9.72 -79.83 -11.76
N LEU B 110 -10.70 -80.43 -11.10
CA LEU B 110 -12.09 -79.97 -11.15
C LEU B 110 -12.38 -78.63 -10.47
N ASP B 111 -13.09 -77.77 -11.19
CA ASP B 111 -13.46 -76.44 -10.72
C ASP B 111 -14.46 -76.39 -9.56
N LEU B 112 -15.50 -77.22 -9.63
CA LEU B 112 -16.55 -77.25 -8.61
C LEU B 112 -16.10 -77.72 -7.24
N ASN B 113 -15.28 -78.77 -7.21
CA ASN B 113 -14.79 -79.32 -5.96
C ASN B 113 -13.92 -78.37 -5.16
N THR B 114 -13.05 -77.63 -5.86
CA THR B 114 -12.15 -76.69 -5.20
C THR B 114 -12.82 -75.56 -4.45
N ARG B 115 -13.84 -74.95 -5.03
CA ARG B 115 -14.52 -73.85 -4.35
C ARG B 115 -15.14 -74.39 -3.08
N ILE B 116 -15.80 -75.54 -3.21
CA ILE B 116 -16.42 -76.21 -2.08
C ILE B 116 -15.37 -76.69 -1.10
N SER B 117 -14.28 -77.21 -1.66
CA SER B 117 -13.18 -77.76 -0.88
C SER B 117 -12.08 -76.74 -0.74
N VAL B 118 -11.86 -75.95 -1.79
CA VAL B 118 -10.95 -74.81 -1.68
C VAL B 118 -11.41 -73.90 -0.56
N ILE B 119 -12.70 -73.54 -0.60
CA ILE B 119 -13.28 -72.73 0.46
C ILE B 119 -12.91 -73.33 1.82
N GLU B 120 -13.37 -74.55 2.08
CA GLU B 120 -13.12 -75.14 3.38
C GLU B 120 -11.64 -75.11 3.73
N THR B 121 -10.78 -75.35 2.73
CA THR B 121 -9.35 -75.35 2.97
C THR B 121 -8.89 -74.00 3.46
N ILE B 122 -9.13 -72.95 2.68
CA ILE B 122 -8.64 -71.63 3.07
C ILE B 122 -9.26 -71.21 4.40
N ARG B 123 -10.53 -71.54 4.60
CA ARG B 123 -11.17 -71.32 5.90
C ARG B 123 -10.38 -71.99 7.00
N VAL B 124 -9.77 -73.15 6.71
CA VAL B 124 -8.85 -73.78 7.65
C VAL B 124 -7.54 -73.00 7.68
N VAL B 125 -7.20 -72.33 6.58
CA VAL B 125 -5.91 -71.65 6.47
C VAL B 125 -5.96 -70.27 7.09
N THR B 126 -7.10 -69.86 7.67
CA THR B 126 -7.15 -68.59 8.38
C THR B 126 -6.23 -68.60 9.59
N GLU B 127 -6.29 -69.66 10.39
CA GLU B 127 -5.57 -69.73 11.66
C GLU B 127 -4.04 -69.66 11.50
N ASN B 128 -3.50 -69.68 10.26
CA ASN B 128 -2.07 -69.44 10.05
C ASN B 128 -1.87 -68.67 8.75
N LYS B 129 -0.92 -67.73 8.78
CA LYS B 129 -0.72 -66.80 7.68
C LYS B 129 0.15 -67.38 6.58
N ILE B 130 1.22 -68.06 6.99
CA ILE B 130 2.24 -68.47 6.03
C ILE B 130 1.82 -69.75 5.31
N PHE B 131 0.65 -70.28 5.63
CA PHE B 131 0.02 -71.21 4.71
C PHE B 131 -0.79 -70.46 3.65
N VAL B 132 -1.50 -69.41 4.07
CA VAL B 132 -2.18 -68.52 3.11
C VAL B 132 -1.21 -68.08 2.05
N GLU B 133 0.07 -67.95 2.43
CA GLU B 133 1.03 -67.14 1.71
C GLU B 133 1.00 -67.24 0.19
N VAL B 134 1.46 -68.35 -0.38
CA VAL B 134 1.06 -68.76 -1.70
C VAL B 134 -0.14 -69.68 -1.64
N GLU B 135 -0.27 -70.47 -0.56
CA GLU B 135 -1.14 -71.64 -0.62
C GLU B 135 -2.58 -71.23 -0.85
N ARG B 136 -3.11 -70.34 -0.02
CA ARG B 136 -4.42 -69.79 -0.28
C ARG B 136 -4.41 -68.89 -1.51
N ALA B 137 -3.22 -68.41 -1.91
CA ALA B 137 -3.17 -67.40 -2.95
C ALA B 137 -3.36 -67.97 -4.34
N ARG B 138 -2.78 -69.14 -4.60
CA ARG B 138 -2.94 -69.78 -5.90
C ARG B 138 -4.40 -70.16 -6.09
N VAL B 139 -4.98 -70.70 -5.02
CA VAL B 139 -6.37 -71.15 -4.99
C VAL B 139 -7.41 -70.05 -5.14
N THR B 140 -7.17 -68.91 -4.51
CA THR B 140 -8.11 -67.78 -4.53
C THR B 140 -8.36 -67.25 -5.93
N LYS B 141 -7.34 -67.19 -6.74
CA LYS B 141 -7.49 -66.70 -8.10
C LYS B 141 -8.42 -67.64 -8.88
N ASP B 142 -8.29 -68.91 -8.60
CA ASP B 142 -9.10 -69.92 -9.26
C ASP B 142 -10.60 -69.73 -9.04
N LEU B 143 -10.98 -69.32 -7.84
CA LEU B 143 -12.40 -69.10 -7.54
C LEU B 143 -12.91 -68.01 -8.48
N VAL B 144 -12.08 -66.99 -8.67
CA VAL B 144 -12.38 -65.88 -9.57
C VAL B 144 -12.79 -66.37 -10.95
N GLU B 145 -12.20 -67.46 -11.41
CA GLU B 145 -12.40 -67.89 -12.79
C GLU B 145 -13.85 -68.29 -13.05
N ILE B 146 -14.42 -69.15 -12.21
CA ILE B 146 -15.80 -69.59 -12.41
C ILE B 146 -16.82 -68.80 -11.60
N LYS B 147 -16.38 -67.98 -10.64
CA LYS B 147 -17.26 -66.99 -10.04
C LYS B 147 -17.36 -65.75 -10.91
N LYS B 148 -16.73 -65.81 -12.09
CA LYS B 148 -16.77 -64.74 -13.07
C LYS B 148 -18.19 -64.25 -13.31
N GLU B 149 -19.18 -65.11 -13.09
CA GLU B 149 -20.53 -64.87 -13.54
C GLU B 149 -21.05 -63.51 -13.08
N GLU B 150 -21.64 -62.78 -14.01
CA GLU B 150 -22.30 -61.48 -13.77
C GLU B 150 -21.28 -60.52 -13.17
N GLY B 151 -21.69 -59.69 -12.22
CA GLY B 151 -20.81 -59.02 -11.30
C GLY B 151 -20.92 -59.53 -9.87
N LYS B 152 -21.56 -60.67 -9.65
CA LYS B 152 -21.81 -61.17 -8.30
C LYS B 152 -20.53 -61.53 -7.57
N ILE B 153 -19.40 -61.57 -8.26
CA ILE B 153 -18.14 -61.98 -7.68
C ILE B 153 -17.64 -61.00 -6.63
N ASP B 154 -18.30 -59.85 -6.48
CA ASP B 154 -17.76 -58.70 -5.75
C ASP B 154 -17.08 -59.10 -4.44
N GLU B 155 -17.78 -59.90 -3.63
CA GLU B 155 -17.18 -60.40 -2.41
C GLU B 155 -15.89 -61.15 -2.72
N ALA B 156 -15.95 -62.13 -3.62
CA ALA B 156 -14.74 -62.83 -3.98
C ALA B 156 -13.69 -61.86 -4.50
N ALA B 157 -14.10 -60.68 -4.96
CA ALA B 157 -13.11 -59.70 -5.40
C ALA B 157 -12.36 -59.14 -4.20
N ASP B 158 -13.08 -58.72 -3.16
CA ASP B 158 -12.35 -58.24 -1.98
C ASP B 158 -11.47 -59.36 -1.44
N ILE B 159 -12.00 -60.58 -1.45
CA ILE B 159 -11.19 -61.77 -1.19
C ILE B 159 -9.89 -61.69 -1.97
N LEU B 160 -9.99 -61.43 -3.27
CA LEU B 160 -8.80 -61.42 -4.10
C LEU B 160 -7.82 -60.37 -3.63
N CYS B 161 -8.29 -59.13 -3.44
CA CYS B 161 -7.37 -58.03 -3.21
C CYS B 161 -6.65 -58.18 -1.86
N GLU B 162 -7.41 -58.24 -0.78
CA GLU B 162 -6.74 -58.29 0.52
C GLU B 162 -6.07 -59.63 0.74
N LEU B 163 -6.67 -60.69 0.22
CA LEU B 163 -6.02 -62.00 0.23
C LEU B 163 -4.67 -61.94 -0.46
N GLN B 164 -4.53 -61.06 -1.45
CA GLN B 164 -3.25 -60.89 -2.10
C GLN B 164 -2.32 -59.99 -1.29
N VAL B 165 -2.87 -59.06 -0.50
CA VAL B 165 -2.04 -58.28 0.40
C VAL B 165 -1.34 -59.20 1.39
N GLU B 166 -2.11 -60.12 1.99
CA GLU B 166 -1.55 -61.07 2.94
C GLU B 166 -0.42 -61.91 2.33
N THR B 167 -0.50 -62.15 1.03
CA THR B 167 0.30 -63.11 0.30
C THR B 167 1.79 -62.81 0.30
N TYR B 168 2.20 -61.57 0.64
CA TYR B 168 3.48 -61.04 0.19
C TYR B 168 4.63 -62.03 0.28
N GLY B 169 4.75 -62.73 1.39
CA GLY B 169 6.06 -63.21 1.79
C GLY B 169 6.83 -64.04 0.80
N SER B 170 6.29 -65.18 0.39
CA SER B 170 6.98 -66.08 -0.52
C SER B 170 6.51 -65.98 -1.96
N MET B 171 5.50 -65.16 -2.26
CA MET B 171 4.96 -65.16 -3.61
C MET B 171 5.88 -64.44 -4.58
N GLU B 172 6.04 -65.04 -5.77
CA GLU B 172 6.84 -64.44 -6.81
C GLU B 172 6.30 -63.07 -7.15
N MET B 173 7.17 -62.07 -7.16
CA MET B 173 6.73 -60.71 -7.43
C MET B 173 5.91 -60.68 -8.70
N SER B 174 6.48 -61.18 -9.79
CA SER B 174 5.74 -61.21 -11.04
C SER B 174 4.36 -61.81 -10.85
N GLU B 175 4.26 -62.89 -10.10
CA GLU B 175 2.94 -63.45 -9.84
C GLU B 175 2.05 -62.42 -9.16
N LYS B 176 2.39 -62.04 -7.93
CA LYS B 176 1.48 -61.19 -7.18
C LYS B 176 1.03 -60.03 -8.01
N ILE B 177 1.97 -59.41 -8.72
CA ILE B 177 1.65 -58.39 -9.70
C ILE B 177 0.52 -58.90 -10.56
N GLN B 178 0.81 -59.87 -11.42
CA GLN B 178 -0.16 -60.26 -12.44
C GLN B 178 -1.49 -60.64 -11.84
N PHE B 179 -1.53 -60.95 -10.56
CA PHE B 179 -2.80 -61.17 -9.89
C PHE B 179 -3.50 -59.84 -9.64
N ILE B 180 -2.87 -58.99 -8.83
CA ILE B 180 -3.53 -57.75 -8.46
C ILE B 180 -4.00 -57.01 -9.69
N LEU B 181 -3.33 -57.21 -10.81
CA LEU B 181 -3.85 -56.76 -12.07
C LEU B 181 -5.31 -57.17 -12.21
N GLU B 182 -5.53 -58.48 -12.28
CA GLU B 182 -6.89 -58.98 -12.40
C GLU B 182 -7.78 -58.40 -11.32
N GLN B 183 -7.25 -58.30 -10.11
CA GLN B 183 -8.06 -57.86 -8.99
C GLN B 183 -8.58 -56.46 -9.20
N MET B 184 -7.72 -55.59 -9.71
CA MET B 184 -8.15 -54.26 -10.11
C MET B 184 -9.24 -54.35 -11.16
N GLU B 185 -8.96 -55.03 -12.27
CA GLU B 185 -9.93 -55.06 -13.36
C GLU B 185 -11.31 -55.48 -12.86
N LEU B 186 -11.35 -56.43 -11.96
CA LEU B 186 -12.61 -56.74 -11.31
C LEU B 186 -13.09 -55.54 -10.52
N SER B 187 -12.17 -54.82 -9.88
CA SER B 187 -12.57 -53.71 -9.04
C SER B 187 -13.34 -52.68 -9.85
N ILE B 188 -13.00 -52.54 -11.13
CA ILE B 188 -13.78 -51.63 -11.97
C ILE B 188 -15.05 -52.30 -12.44
N LEU B 189 -15.01 -53.59 -12.74
CA LEU B 189 -16.19 -54.23 -13.31
C LEU B 189 -17.39 -54.11 -12.39
N LYS B 190 -17.16 -54.06 -11.09
CA LYS B 190 -18.23 -53.68 -10.19
C LYS B 190 -18.34 -52.18 -10.03
N GLY B 191 -17.41 -51.41 -10.58
CA GLY B 191 -17.42 -49.99 -10.39
C GLY B 191 -16.80 -49.49 -9.11
N ASP B 192 -15.76 -50.16 -8.61
CA ASP B 192 -14.96 -49.54 -7.56
C ASP B 192 -13.64 -49.14 -8.21
N TYR B 193 -13.52 -47.86 -8.44
CA TYR B 193 -12.29 -47.28 -8.95
C TYR B 193 -11.34 -47.11 -7.78
N SER B 194 -11.81 -46.50 -6.70
CA SER B 194 -10.96 -46.20 -5.57
C SER B 194 -10.17 -47.43 -5.13
N GLN B 195 -10.81 -48.58 -5.15
CA GLN B 195 -10.13 -49.83 -4.81
C GLN B 195 -8.92 -50.05 -5.68
N ALA B 196 -9.18 -50.39 -6.94
CA ALA B 196 -8.11 -50.62 -7.89
C ALA B 196 -7.16 -49.45 -7.94
N THR B 197 -7.60 -48.29 -7.47
CA THR B 197 -6.72 -47.15 -7.36
C THR B 197 -5.65 -47.41 -6.32
N VAL B 198 -6.06 -47.91 -5.16
CA VAL B 198 -5.08 -48.23 -4.15
C VAL B 198 -4.30 -49.48 -4.55
N LEU B 199 -5.04 -50.50 -4.98
CA LEU B 199 -4.45 -51.72 -5.49
C LEU B 199 -3.36 -51.42 -6.49
N SER B 200 -3.59 -50.37 -7.29
CA SER B 200 -2.52 -49.83 -8.11
C SER B 200 -1.42 -49.29 -7.23
N ARG B 201 -1.75 -48.31 -6.39
CA ARG B 201 -0.71 -47.55 -5.70
C ARG B 201 0.33 -48.47 -5.11
N LYS B 202 -0.11 -49.59 -4.54
CA LYS B 202 0.85 -50.45 -3.85
C LYS B 202 1.90 -51.03 -4.78
N ILE B 203 1.66 -51.03 -6.09
CA ILE B 203 2.60 -51.65 -7.01
C ILE B 203 3.83 -50.75 -7.04
N LEU B 204 4.87 -51.15 -7.76
CA LEU B 204 6.10 -50.39 -7.74
C LEU B 204 6.65 -50.32 -9.15
N LYS B 205 6.96 -49.10 -9.59
CA LYS B 205 7.26 -48.89 -11.00
C LYS B 205 8.60 -49.47 -11.38
N LYS B 206 9.62 -49.19 -10.59
CA LYS B 206 10.95 -49.70 -10.88
C LYS B 206 10.95 -51.20 -11.01
N THR B 207 9.95 -51.90 -10.50
CA THR B 207 9.78 -53.26 -10.91
C THR B 207 9.70 -53.31 -12.42
N PHE B 208 8.70 -52.62 -12.97
CA PHE B 208 8.55 -52.59 -14.42
C PHE B 208 9.78 -52.04 -15.09
N LYS B 209 10.67 -51.39 -14.35
CA LYS B 209 11.94 -50.99 -14.92
C LYS B 209 12.67 -52.20 -15.48
N ASN B 210 12.58 -53.34 -14.81
CA ASN B 210 12.99 -54.60 -15.39
C ASN B 210 12.29 -54.82 -16.72
N PRO B 211 13.03 -55.04 -17.81
CA PRO B 211 12.39 -55.37 -19.08
C PRO B 211 11.57 -56.65 -19.05
N LYS B 212 11.75 -57.48 -18.04
CA LYS B 212 11.05 -58.75 -18.05
C LYS B 212 9.57 -58.59 -17.72
N TYR B 213 9.20 -57.49 -17.08
CA TYR B 213 7.81 -57.20 -16.77
C TYR B 213 7.14 -56.43 -17.88
N GLU B 214 7.84 -56.23 -18.99
CA GLU B 214 7.34 -55.39 -20.06
C GLU B 214 5.95 -55.81 -20.46
N SER B 215 5.80 -57.08 -20.81
CA SER B 215 4.51 -57.59 -21.26
C SER B 215 3.40 -57.26 -20.28
N LEU B 216 3.74 -57.11 -19.02
CA LEU B 216 2.72 -56.79 -18.04
C LEU B 216 2.33 -55.33 -18.10
N LYS B 217 3.31 -54.44 -18.08
CA LYS B 217 2.96 -53.06 -17.76
C LYS B 217 1.99 -52.50 -18.76
N LEU B 218 2.10 -52.90 -20.01
CA LEU B 218 1.12 -52.52 -21.02
C LEU B 218 -0.24 -52.76 -20.42
N GLU B 219 -0.54 -54.04 -20.24
CA GLU B 219 -1.75 -54.46 -19.58
C GLU B 219 -1.98 -53.58 -18.38
N TYR B 220 -0.96 -53.50 -17.53
CA TYR B 220 -1.02 -52.67 -16.35
C TYR B 220 -1.46 -51.26 -16.63
N TYR B 221 -0.65 -50.50 -17.35
CA TYR B 221 -1.01 -49.10 -17.51
C TYR B 221 -2.32 -48.96 -18.24
N ASN B 222 -2.70 -49.94 -19.05
CA ASN B 222 -3.95 -49.80 -19.76
C ASN B 222 -5.07 -49.50 -18.79
N LEU B 223 -5.05 -50.10 -17.63
CA LEU B 223 -6.12 -49.80 -16.69
C LEU B 223 -5.99 -48.38 -16.21
N LEU B 224 -4.77 -47.97 -15.89
CA LEU B 224 -4.54 -46.61 -15.48
C LEU B 224 -5.06 -45.62 -16.48
N VAL B 225 -5.31 -46.06 -17.71
CA VAL B 225 -6.03 -45.22 -18.65
C VAL B 225 -7.51 -45.21 -18.32
N LYS B 226 -8.13 -46.38 -18.43
CA LYS B 226 -9.57 -46.49 -18.27
C LYS B 226 -10.01 -45.82 -16.99
N ILE B 227 -9.42 -46.21 -15.88
CA ILE B 227 -9.78 -45.58 -14.62
C ILE B 227 -9.72 -44.08 -14.76
N SER B 228 -8.61 -43.57 -15.28
CA SER B 228 -8.41 -42.15 -15.39
C SER B 228 -9.48 -41.52 -16.26
N LEU B 229 -9.82 -42.15 -17.38
CA LEU B 229 -10.94 -41.67 -18.15
C LEU B 229 -12.13 -41.46 -17.27
N HIS B 230 -12.47 -42.48 -16.50
CA HIS B 230 -13.61 -42.36 -15.62
C HIS B 230 -13.50 -41.12 -14.75
N LYS B 231 -12.32 -40.86 -14.22
CA LYS B 231 -12.23 -39.65 -13.43
C LYS B 231 -12.08 -38.39 -14.25
N ARG B 232 -12.11 -38.49 -15.58
CA ARG B 232 -12.00 -37.32 -16.43
C ARG B 232 -10.68 -36.60 -16.27
N GLU B 233 -9.65 -37.25 -15.77
CA GLU B 233 -8.34 -36.65 -15.77
C GLU B 233 -7.77 -36.67 -17.18
N TYR B 234 -6.73 -35.90 -17.40
CA TYR B 234 -6.09 -36.10 -18.69
C TYR B 234 -4.59 -36.17 -18.55
N LEU B 235 -3.97 -35.12 -18.06
CA LEU B 235 -2.53 -35.05 -17.99
C LEU B 235 -1.96 -36.38 -17.55
N GLU B 236 -2.67 -37.03 -16.65
CA GLU B 236 -2.31 -38.39 -16.30
C GLU B 236 -2.49 -39.29 -17.50
N VAL B 237 -3.70 -39.30 -18.04
CA VAL B 237 -3.99 -40.21 -19.14
C VAL B 237 -2.87 -40.15 -20.15
N ALA B 238 -2.48 -38.94 -20.50
CA ALA B 238 -1.29 -38.75 -21.28
C ALA B 238 -0.17 -39.50 -20.58
N GLN B 239 0.24 -38.99 -19.44
CA GLN B 239 1.51 -39.41 -18.89
C GLN B 239 1.62 -40.90 -18.73
N TYR B 240 0.52 -41.63 -18.79
CA TYR B 240 0.65 -43.07 -18.89
C TYR B 240 0.86 -43.50 -20.33
N LEU B 241 0.01 -42.99 -21.23
CA LEU B 241 0.23 -43.33 -22.62
C LEU B 241 1.66 -43.04 -22.98
N GLN B 242 2.25 -42.13 -22.25
CA GLN B 242 3.66 -41.89 -22.31
C GLN B 242 4.43 -43.18 -22.21
N GLU B 243 4.47 -43.78 -21.02
CA GLU B 243 5.38 -44.91 -20.84
C GLU B 243 4.99 -46.04 -21.77
N ILE B 244 3.70 -46.32 -21.86
CA ILE B 244 3.37 -47.41 -22.75
C ILE B 244 3.71 -47.08 -24.18
N TYR B 245 4.08 -45.83 -24.43
CA TYR B 245 4.75 -45.46 -25.66
C TYR B 245 6.25 -45.47 -25.53
N GLN B 246 6.77 -45.59 -24.33
CA GLN B 246 8.20 -45.48 -24.09
C GLN B 246 8.88 -46.82 -24.13
N THR B 247 8.17 -47.87 -24.47
CA THR B 247 8.71 -49.22 -24.47
C THR B 247 9.35 -49.55 -25.80
N ASP B 248 10.54 -50.13 -25.73
CA ASP B 248 11.20 -50.63 -26.92
C ASP B 248 10.26 -51.47 -27.75
N ALA B 249 9.50 -52.33 -27.10
CA ALA B 249 8.56 -53.15 -27.84
C ALA B 249 7.47 -52.32 -28.46
N ILE B 250 6.97 -51.31 -27.74
CA ILE B 250 5.85 -50.55 -28.31
C ILE B 250 6.35 -49.59 -29.36
N LYS B 251 7.48 -48.93 -29.11
CA LYS B 251 7.95 -47.97 -30.09
C LYS B 251 8.59 -48.67 -31.26
N SER B 252 8.95 -49.94 -31.10
CA SER B 252 9.52 -50.68 -32.19
C SER B 252 8.57 -50.70 -33.37
N ASP B 253 7.49 -51.46 -33.26
CA ASP B 253 6.48 -51.49 -34.31
C ASP B 253 5.89 -50.12 -34.49
N GLU B 254 5.78 -49.71 -35.74
CA GLU B 254 4.91 -48.59 -36.05
C GLU B 254 3.49 -48.88 -35.60
N ALA B 255 2.86 -49.87 -36.21
CA ALA B 255 1.42 -50.05 -36.03
C ALA B 255 1.05 -50.26 -34.59
N LYS B 256 2.02 -50.51 -33.73
CA LYS B 256 1.78 -50.37 -32.31
C LYS B 256 1.71 -48.90 -31.94
N TRP B 257 2.84 -48.18 -32.00
CA TRP B 257 2.81 -46.87 -31.38
C TRP B 257 1.91 -45.89 -32.09
N LYS B 258 1.62 -46.08 -33.34
CA LYS B 258 0.90 -45.01 -34.03
C LYS B 258 -0.42 -44.70 -33.35
N PRO B 259 -1.36 -45.63 -33.22
CA PRO B 259 -2.55 -45.33 -32.42
C PRO B 259 -2.24 -44.98 -30.98
N VAL B 260 -1.04 -45.19 -30.50
CA VAL B 260 -0.78 -44.77 -29.15
C VAL B 260 -0.61 -43.28 -29.14
N LEU B 261 0.48 -42.81 -29.71
CA LEU B 261 0.76 -41.39 -29.58
C LEU B 261 -0.39 -40.61 -30.15
N SER B 262 -0.93 -41.05 -31.27
CA SER B 262 -2.04 -40.31 -31.82
C SER B 262 -3.18 -40.21 -30.86
N HIS B 263 -3.17 -40.97 -29.78
CA HIS B 263 -3.94 -40.56 -28.62
C HIS B 263 -3.23 -39.49 -27.83
N ILE B 264 -1.95 -39.74 -27.55
CA ILE B 264 -1.24 -38.83 -26.67
C ILE B 264 -1.49 -37.40 -27.06
N VAL B 265 -1.53 -37.15 -28.35
CA VAL B 265 -2.00 -35.87 -28.79
C VAL B 265 -3.33 -35.62 -28.13
N TYR B 266 -4.34 -36.37 -28.53
CA TYR B 266 -5.71 -36.01 -28.19
C TYR B 266 -5.85 -35.63 -26.76
N PHE B 267 -5.19 -36.35 -25.88
CA PHE B 267 -5.34 -35.99 -24.50
C PHE B 267 -4.58 -34.74 -24.19
N LEU B 268 -3.33 -34.65 -24.61
CA LEU B 268 -2.63 -33.40 -24.37
C LEU B 268 -3.37 -32.21 -24.90
N VAL B 269 -4.23 -32.41 -25.88
CA VAL B 269 -5.07 -31.33 -26.30
C VAL B 269 -6.27 -31.16 -25.42
N LEU B 270 -6.77 -32.22 -24.81
CA LEU B 270 -7.94 -32.02 -23.98
C LEU B 270 -7.59 -31.47 -22.63
N SER B 271 -6.42 -31.78 -22.12
CA SER B 271 -6.07 -31.26 -20.82
C SER B 271 -6.09 -29.74 -20.84
N PRO B 272 -6.32 -29.11 -19.70
CA PRO B 272 -6.26 -27.66 -19.63
C PRO B 272 -4.83 -27.15 -19.60
N TYR B 273 -4.68 -25.87 -19.91
CA TYR B 273 -3.41 -25.31 -20.31
C TYR B 273 -2.30 -25.34 -19.27
N GLY B 274 -2.56 -25.78 -18.08
CA GLY B 274 -1.60 -25.53 -17.03
C GLY B 274 -0.22 -26.02 -17.37
N ASN B 275 0.72 -25.57 -16.57
CA ASN B 275 2.14 -25.80 -16.77
C ASN B 275 2.52 -27.17 -17.28
N LEU B 276 2.35 -28.19 -16.47
CA LEU B 276 2.97 -29.47 -16.80
C LEU B 276 2.60 -29.95 -18.19
N GLN B 277 1.42 -29.61 -18.70
CA GLN B 277 1.18 -30.08 -20.06
C GLN B 277 2.16 -29.44 -20.99
N ASN B 278 2.54 -28.22 -20.69
CA ASN B 278 3.07 -27.39 -21.74
C ASN B 278 4.31 -28.04 -22.31
N ASP B 279 5.30 -28.22 -21.47
CA ASP B 279 6.50 -28.86 -21.93
C ASP B 279 6.25 -30.22 -22.53
N LEU B 280 5.23 -30.94 -22.07
CA LEU B 280 4.91 -32.19 -22.77
C LEU B 280 4.54 -31.92 -24.19
N ILE B 281 3.66 -30.97 -24.40
CA ILE B 281 3.12 -30.79 -25.72
C ILE B 281 4.20 -30.29 -26.64
N HIS B 282 5.13 -29.50 -26.13
CA HIS B 282 6.21 -29.11 -27.00
C HIS B 282 7.18 -30.23 -27.24
N LYS B 283 7.40 -31.08 -26.25
CA LYS B 283 8.28 -32.21 -26.50
C LYS B 283 7.72 -33.07 -27.60
N ILE B 284 6.44 -33.41 -27.50
CA ILE B 284 5.80 -34.14 -28.59
C ILE B 284 6.03 -33.41 -29.89
N GLN B 285 5.71 -32.14 -29.89
CA GLN B 285 5.93 -31.28 -31.04
C GLN B 285 7.27 -31.56 -31.67
N ASN B 286 8.28 -31.79 -30.86
CA ASN B 286 9.60 -31.98 -31.42
C ASN B 286 9.95 -33.43 -31.65
N ASP B 287 9.08 -34.36 -31.30
CA ASP B 287 9.38 -35.73 -31.65
C ASP B 287 9.38 -35.86 -33.16
N ASN B 288 10.25 -36.74 -33.64
CA ASN B 288 10.25 -37.04 -35.06
C ASN B 288 9.05 -37.86 -35.42
N ASN B 289 8.84 -38.95 -34.68
CA ASN B 289 7.86 -39.93 -35.07
C ASN B 289 6.56 -39.26 -35.39
N LEU B 290 6.23 -38.23 -34.65
CA LEU B 290 5.00 -37.54 -34.89
C LEU B 290 4.90 -37.08 -36.32
N LYS B 291 5.99 -36.61 -36.91
CA LYS B 291 5.86 -36.10 -38.25
C LYS B 291 5.20 -37.09 -39.17
N LYS B 292 5.28 -38.37 -38.85
CA LYS B 292 4.73 -39.37 -39.72
C LYS B 292 3.22 -39.31 -39.78
N LEU B 293 2.58 -38.73 -38.79
CA LEU B 293 1.12 -38.68 -38.71
C LEU B 293 0.69 -37.32 -39.15
N GLU B 294 0.15 -37.21 -40.34
CA GLU B 294 0.10 -35.86 -40.87
C GLU B 294 -1.06 -35.06 -40.29
N SER B 295 -2.22 -35.66 -40.17
CA SER B 295 -3.38 -34.91 -39.75
C SER B 295 -3.29 -34.40 -38.33
N GLN B 296 -2.38 -34.94 -37.54
CA GLN B 296 -2.35 -34.54 -36.16
C GLN B 296 -1.61 -33.22 -35.98
N GLU B 297 -0.41 -33.08 -36.52
CA GLU B 297 0.25 -31.80 -36.35
C GLU B 297 -0.65 -30.70 -36.81
N SER B 298 -1.49 -31.01 -37.76
CA SER B 298 -2.50 -30.02 -38.04
C SER B 298 -3.21 -29.63 -36.79
N LEU B 299 -3.12 -30.45 -35.73
CA LEU B 299 -3.73 -30.17 -34.45
C LEU B 299 -2.70 -29.68 -33.44
N VAL B 300 -1.72 -30.51 -33.13
CA VAL B 300 -0.72 -30.10 -32.17
C VAL B 300 -0.22 -28.71 -32.52
N LYS B 301 0.26 -28.56 -33.74
CA LYS B 301 0.61 -27.24 -34.19
C LYS B 301 -0.57 -26.29 -34.22
N LEU B 302 -1.80 -26.76 -34.05
CA LEU B 302 -2.80 -25.75 -33.73
C LEU B 302 -2.56 -25.21 -32.35
N PHE B 303 -2.24 -26.06 -31.41
CA PHE B 303 -2.27 -25.50 -30.08
C PHE B 303 -0.93 -25.02 -29.57
N THR B 304 0.18 -25.31 -30.21
CA THR B 304 1.37 -24.62 -29.75
C THR B 304 1.31 -23.15 -30.15
N THR B 305 1.04 -22.89 -31.42
CA THR B 305 1.15 -21.55 -31.96
C THR B 305 0.08 -20.66 -31.40
N ASN B 306 0.31 -19.36 -31.47
CA ASN B 306 -0.49 -18.40 -30.74
C ASN B 306 -1.62 -17.79 -31.53
N GLU B 307 -1.76 -18.10 -32.80
CA GLU B 307 -2.82 -17.43 -33.52
C GLU B 307 -4.17 -17.98 -33.06
N LEU B 308 -5.23 -17.24 -33.37
CA LEU B 308 -6.58 -17.61 -32.96
C LEU B 308 -7.06 -18.84 -33.70
N MET B 309 -8.04 -19.50 -33.11
CA MET B 309 -8.72 -20.64 -33.69
C MET B 309 -10.15 -20.23 -33.91
N ARG B 310 -10.85 -20.91 -34.80
CA ARG B 310 -12.27 -20.64 -34.98
C ARG B 310 -13.03 -21.95 -34.95
N TRP B 311 -13.91 -22.09 -33.98
CA TRP B 311 -14.49 -23.40 -33.68
C TRP B 311 -15.10 -24.10 -34.88
N PRO B 312 -15.91 -23.45 -35.72
CA PRO B 312 -16.41 -24.16 -36.87
C PRO B 312 -15.33 -24.81 -37.67
N ILE B 313 -14.29 -24.05 -38.01
CA ILE B 313 -13.32 -24.59 -38.94
C ILE B 313 -12.62 -25.77 -38.30
N VAL B 314 -12.39 -25.69 -37.01
CA VAL B 314 -11.76 -26.79 -36.32
C VAL B 314 -12.62 -28.02 -36.42
N GLN B 315 -13.89 -27.86 -36.06
CA GLN B 315 -14.81 -28.97 -36.07
C GLN B 315 -14.87 -29.61 -37.44
N LYS B 316 -15.07 -28.78 -38.45
CA LYS B 316 -15.09 -29.27 -39.81
C LYS B 316 -13.86 -30.09 -40.11
N THR B 317 -12.69 -29.50 -39.92
CA THR B 317 -11.47 -30.16 -40.38
C THR B 317 -11.21 -31.44 -39.63
N TYR B 318 -11.11 -31.39 -38.32
CA TYR B 318 -10.63 -32.61 -37.69
C TYR B 318 -11.74 -33.55 -37.33
N GLU B 319 -12.99 -33.10 -37.40
CA GLU B 319 -14.10 -33.99 -37.13
C GLU B 319 -13.92 -35.38 -37.75
N PRO B 320 -13.64 -35.50 -39.05
CA PRO B 320 -13.56 -36.84 -39.62
C PRO B 320 -12.50 -37.69 -38.98
N VAL B 321 -11.28 -37.19 -38.85
CA VAL B 321 -10.26 -38.07 -38.31
C VAL B 321 -10.55 -38.39 -36.86
N LEU B 322 -10.94 -37.38 -36.09
CA LEU B 322 -11.18 -37.61 -34.68
C LEU B 322 -12.24 -38.65 -34.48
N ASN B 323 -13.48 -38.26 -34.74
CA ASN B 323 -14.62 -38.98 -34.19
C ASN B 323 -14.50 -40.46 -34.49
N GLU B 324 -13.82 -40.81 -35.58
CA GLU B 324 -13.63 -42.20 -35.90
C GLU B 324 -12.86 -42.94 -34.82
N ASP B 325 -12.17 -42.23 -33.93
CA ASP B 325 -11.32 -42.96 -33.01
C ASP B 325 -12.12 -43.54 -31.85
N ASP B 326 -11.56 -44.60 -31.26
CA ASP B 326 -12.27 -45.34 -30.24
C ASP B 326 -12.29 -44.63 -28.89
N LEU B 327 -11.11 -44.29 -28.37
CA LEU B 327 -11.07 -43.73 -27.02
C LEU B 327 -11.49 -42.27 -27.04
N ALA B 328 -10.67 -41.45 -27.66
CA ALA B 328 -10.76 -40.02 -27.48
C ALA B 328 -12.14 -39.52 -27.81
N PHE B 329 -12.52 -39.55 -29.08
CA PHE B 329 -13.83 -39.04 -29.46
C PHE B 329 -14.62 -40.20 -30.05
N GLY B 330 -15.60 -40.67 -29.28
CA GLY B 330 -16.38 -41.86 -29.60
C GLY B 330 -17.82 -41.55 -29.95
N GLY B 331 -18.71 -42.49 -29.70
CA GLY B 331 -20.12 -42.25 -29.94
C GLY B 331 -20.98 -42.05 -28.71
N GLU B 332 -20.45 -42.31 -27.53
CA GLU B 332 -21.38 -42.46 -26.42
C GLU B 332 -21.06 -41.61 -25.20
N ALA B 333 -20.15 -42.06 -24.35
CA ALA B 333 -19.60 -41.26 -23.28
C ALA B 333 -18.46 -40.41 -23.81
N ASN B 334 -17.68 -41.00 -24.71
CA ASN B 334 -16.67 -40.24 -25.38
C ASN B 334 -17.26 -39.08 -26.13
N LYS B 335 -18.54 -39.17 -26.47
CA LYS B 335 -19.22 -38.03 -27.03
C LYS B 335 -18.92 -36.77 -26.24
N HIS B 336 -18.90 -36.88 -24.92
CA HIS B 336 -18.81 -35.71 -24.10
C HIS B 336 -17.47 -35.02 -24.25
N HIS B 337 -16.46 -35.69 -24.79
CA HIS B 337 -15.22 -34.98 -25.06
C HIS B 337 -15.50 -33.78 -25.91
N TRP B 338 -16.22 -33.95 -26.99
CA TRP B 338 -16.48 -32.83 -27.87
C TRP B 338 -17.04 -31.64 -27.14
N GLU B 339 -17.52 -31.85 -25.93
CA GLU B 339 -17.99 -30.76 -25.14
C GLU B 339 -16.80 -29.97 -24.67
N ASP B 340 -15.99 -30.55 -23.80
CA ASP B 340 -14.96 -29.74 -23.20
C ASP B 340 -13.87 -29.40 -24.18
N LEU B 341 -13.73 -30.13 -25.27
CA LEU B 341 -12.79 -29.66 -26.25
C LEU B 341 -13.14 -28.26 -26.67
N GLN B 342 -14.40 -28.02 -26.95
CA GLN B 342 -14.83 -26.64 -27.14
C GLN B 342 -14.33 -25.76 -26.02
N LYS B 343 -14.50 -26.18 -24.78
CA LYS B 343 -13.96 -25.38 -23.70
C LYS B 343 -12.53 -25.01 -23.97
N ARG B 344 -11.65 -25.99 -24.17
CA ARG B 344 -10.25 -25.64 -24.39
C ARG B 344 -10.11 -24.55 -25.40
N VAL B 345 -10.80 -24.69 -26.50
CA VAL B 345 -10.64 -23.75 -27.57
C VAL B 345 -10.88 -22.34 -27.06
N ILE B 346 -12.01 -22.14 -26.42
CA ILE B 346 -12.29 -20.88 -25.75
C ILE B 346 -11.13 -20.50 -24.88
N GLU B 347 -10.87 -21.32 -23.89
CA GLU B 347 -9.81 -21.12 -22.93
C GLU B 347 -8.50 -20.84 -23.65
N HIS B 348 -8.47 -21.08 -24.93
CA HIS B 348 -7.28 -20.76 -25.70
C HIS B 348 -7.33 -19.36 -26.27
N ASN B 349 -8.28 -19.09 -27.15
CA ASN B 349 -8.33 -17.76 -27.75
C ASN B 349 -8.38 -16.73 -26.66
N LEU B 350 -9.33 -16.88 -25.76
CA LEU B 350 -9.45 -15.95 -24.67
C LEU B 350 -8.16 -15.72 -23.98
N ARG B 351 -7.32 -16.72 -23.92
CA ARG B 351 -6.06 -16.44 -23.30
C ARG B 351 -5.17 -15.66 -24.19
N VAL B 352 -4.98 -16.16 -25.40
CA VAL B 352 -4.06 -15.56 -26.35
C VAL B 352 -4.33 -14.09 -26.55
N ILE B 353 -5.58 -13.68 -26.54
CA ILE B 353 -5.85 -12.27 -26.67
C ILE B 353 -5.18 -11.52 -25.56
N SER B 354 -5.27 -12.04 -24.36
CA SER B 354 -4.50 -11.50 -23.26
C SER B 354 -3.07 -11.20 -23.66
N GLU B 355 -2.50 -12.04 -24.49
CA GLU B 355 -1.13 -11.79 -24.91
C GLU B 355 -1.00 -10.63 -25.85
N TYR B 356 -2.06 -10.18 -26.51
CA TYR B 356 -1.81 -9.05 -27.37
C TYR B 356 -2.59 -7.85 -26.90
N TYR B 357 -3.86 -7.85 -27.19
CA TYR B 357 -4.69 -6.69 -26.94
C TYR B 357 -4.46 -6.14 -25.55
N SER B 358 -4.23 -4.86 -25.45
CA SER B 358 -4.09 -4.31 -24.11
C SER B 358 -5.43 -3.98 -23.51
N ARG B 359 -6.34 -3.43 -24.30
CA ARG B 359 -7.74 -3.32 -23.91
C ARG B 359 -8.59 -3.95 -24.99
N ILE B 360 -9.80 -4.34 -24.68
CA ILE B 360 -10.68 -4.68 -25.76
C ILE B 360 -12.11 -4.46 -25.37
N THR B 361 -12.92 -4.08 -26.33
CA THR B 361 -14.28 -3.71 -26.05
C THR B 361 -15.07 -4.97 -25.86
N LEU B 362 -15.78 -5.06 -24.76
CA LEU B 362 -16.25 -6.36 -24.32
C LEU B 362 -17.04 -7.03 -25.41
N LEU B 363 -17.76 -6.25 -26.18
CA LEU B 363 -18.39 -6.78 -27.37
C LEU B 363 -17.38 -7.56 -28.20
N ARG B 364 -16.37 -6.88 -28.73
CA ARG B 364 -15.60 -7.56 -29.74
C ARG B 364 -14.90 -8.75 -29.17
N LEU B 365 -14.68 -8.75 -27.88
CA LEU B 365 -14.20 -9.97 -27.26
C LEU B 365 -15.24 -11.06 -27.37
N ASN B 366 -16.51 -10.72 -27.22
CA ASN B 366 -17.54 -11.74 -27.44
C ASN B 366 -17.47 -12.25 -28.85
N GLU B 367 -17.45 -11.35 -29.82
CA GLU B 367 -17.36 -11.78 -31.20
C GLU B 367 -16.21 -12.74 -31.40
N LEU B 368 -15.00 -12.32 -31.05
CA LEU B 368 -13.83 -13.15 -31.26
C LEU B 368 -13.98 -14.51 -30.62
N LEU B 369 -14.52 -14.55 -29.44
CA LEU B 369 -14.72 -15.86 -28.88
C LEU B 369 -15.97 -16.49 -29.41
N ASP B 370 -16.88 -15.69 -29.95
CA ASP B 370 -18.16 -16.19 -30.39
C ASP B 370 -18.89 -16.85 -29.22
N LEU B 371 -19.36 -15.99 -28.34
CA LEU B 371 -20.07 -16.42 -27.18
C LEU B 371 -21.11 -15.39 -26.83
N THR B 372 -22.07 -15.81 -26.01
CA THR B 372 -22.84 -14.80 -25.32
C THR B 372 -22.01 -14.23 -24.20
N GLU B 373 -22.42 -13.06 -23.76
CA GLU B 373 -21.59 -12.27 -22.87
C GLU B 373 -21.40 -12.96 -21.52
N SER B 374 -22.49 -13.21 -20.81
CA SER B 374 -22.41 -13.78 -19.48
C SER B 374 -21.46 -14.95 -19.43
N GLN B 375 -21.49 -15.78 -20.44
CA GLN B 375 -20.41 -16.72 -20.62
C GLN B 375 -19.10 -15.99 -20.49
N THR B 376 -18.82 -15.08 -21.40
CA THR B 376 -17.49 -14.51 -21.43
C THR B 376 -17.03 -14.16 -20.05
N GLU B 377 -17.84 -13.41 -19.32
CA GLU B 377 -17.42 -13.07 -17.98
C GLU B 377 -17.23 -14.30 -17.13
N THR B 378 -17.94 -15.37 -17.44
CA THR B 378 -17.72 -16.58 -16.69
C THR B 378 -16.35 -17.16 -17.00
N TYR B 379 -15.98 -17.22 -18.28
CA TYR B 379 -14.65 -17.71 -18.58
C TYR B 379 -13.59 -16.83 -17.99
N ILE B 380 -13.61 -15.55 -18.30
CA ILE B 380 -12.62 -14.66 -17.72
C ILE B 380 -12.50 -14.92 -16.24
N SER B 381 -13.63 -14.99 -15.55
CA SER B 381 -13.58 -15.32 -14.14
C SER B 381 -12.79 -16.58 -13.90
N ASP B 382 -13.01 -17.59 -14.72
CA ASP B 382 -12.32 -18.85 -14.50
C ASP B 382 -10.83 -18.71 -14.69
N LEU B 383 -10.42 -18.23 -15.86
CA LEU B 383 -9.00 -18.10 -16.11
C LEU B 383 -8.31 -17.28 -15.06
N VAL B 384 -8.94 -16.21 -14.60
CA VAL B 384 -8.21 -15.37 -13.68
C VAL B 384 -8.11 -16.02 -12.32
N ASN B 385 -9.18 -16.65 -11.87
CA ASN B 385 -9.04 -17.43 -10.65
C ASN B 385 -7.92 -18.42 -10.79
N GLN B 386 -7.73 -18.97 -11.98
CA GLN B 386 -6.65 -19.89 -12.19
C GLN B 386 -5.31 -19.20 -12.15
N GLY B 387 -5.29 -17.88 -12.17
CA GLY B 387 -4.02 -17.25 -12.32
C GLY B 387 -3.40 -17.42 -13.68
N ILE B 388 -4.19 -17.75 -14.69
CA ILE B 388 -3.58 -17.94 -16.00
C ILE B 388 -3.33 -16.61 -16.68
N ILE B 389 -4.31 -15.75 -16.71
CA ILE B 389 -4.20 -14.50 -17.42
C ILE B 389 -4.41 -13.42 -16.40
N TYR B 390 -4.08 -12.21 -16.74
CA TYR B 390 -4.43 -11.11 -15.87
C TYR B 390 -5.29 -10.18 -16.68
N ALA B 391 -6.56 -10.14 -16.37
CA ALA B 391 -7.51 -9.33 -17.09
C ALA B 391 -8.33 -8.60 -16.05
N LYS B 392 -8.83 -7.45 -16.40
CA LYS B 392 -9.63 -6.72 -15.43
C LYS B 392 -10.84 -6.21 -16.17
N VAL B 393 -11.99 -6.75 -15.84
CA VAL B 393 -13.19 -6.36 -16.52
C VAL B 393 -13.63 -5.05 -15.93
N ASN B 394 -13.76 -4.04 -16.75
CA ASN B 394 -14.48 -2.86 -16.32
C ASN B 394 -15.91 -3.15 -16.65
N ARG B 395 -16.70 -3.40 -15.66
CA ARG B 395 -17.89 -4.15 -16.01
C ARG B 395 -18.90 -3.39 -16.83
N PRO B 396 -19.20 -2.13 -16.54
CA PRO B 396 -20.44 -1.58 -17.08
C PRO B 396 -20.42 -1.56 -18.61
N ALA B 397 -20.60 -2.76 -19.20
CA ALA B 397 -20.73 -2.99 -20.64
C ALA B 397 -19.55 -2.43 -21.42
N LYS B 398 -18.35 -2.81 -21.01
CA LYS B 398 -17.20 -2.04 -21.36
C LYS B 398 -15.99 -2.92 -21.40
N ILE B 399 -14.84 -2.27 -21.42
CA ILE B 399 -13.62 -2.86 -21.85
C ILE B 399 -13.10 -3.85 -20.84
N VAL B 400 -12.42 -4.81 -21.32
CA VAL B 400 -11.54 -5.67 -20.58
C VAL B 400 -10.17 -5.05 -20.67
N ASN B 401 -9.40 -5.17 -19.61
CA ASN B 401 -8.11 -4.50 -19.54
C ASN B 401 -7.02 -5.49 -19.20
N PHE B 402 -6.12 -5.80 -20.14
CA PHE B 402 -5.31 -7.02 -20.04
C PHE B 402 -3.88 -6.89 -19.56
N GLU B 403 -3.36 -5.73 -19.19
CA GLU B 403 -1.93 -5.65 -18.90
C GLU B 403 -1.70 -5.42 -17.43
N LYS B 404 -0.67 -6.06 -16.91
CA LYS B 404 -0.45 -5.93 -15.50
C LYS B 404 0.12 -4.58 -15.21
N PRO B 405 -0.58 -3.71 -14.50
CA PRO B 405 -0.13 -2.34 -14.37
C PRO B 405 1.18 -2.29 -13.62
N LYS B 406 2.11 -1.52 -14.13
CA LYS B 406 3.39 -1.30 -13.48
C LYS B 406 3.34 0.06 -12.82
N ASN B 407 3.85 0.15 -11.59
CA ASN B 407 3.84 1.50 -11.06
C ASN B 407 4.93 2.28 -11.74
N SER B 408 4.83 3.60 -11.68
CA SER B 408 5.67 4.42 -12.52
C SER B 408 7.12 4.01 -12.45
N SER B 409 7.58 3.58 -11.28
CA SER B 409 8.96 3.14 -11.15
C SER B 409 9.30 2.07 -12.16
N GLN B 410 8.71 0.89 -12.02
CA GLN B 410 9.13 -0.22 -12.86
C GLN B 410 9.21 0.22 -14.30
N LEU B 411 8.25 1.01 -14.74
CA LEU B 411 8.33 1.61 -16.07
C LEU B 411 9.60 2.41 -16.25
N LEU B 412 9.95 3.19 -15.26
CA LEU B 412 11.13 3.99 -15.43
C LEU B 412 12.34 3.11 -15.60
N ASN B 413 12.64 2.27 -14.63
CA ASN B 413 13.82 1.43 -14.76
C ASN B 413 13.84 0.76 -16.10
N GLU B 414 12.68 0.39 -16.59
CA GLU B 414 12.65 -0.04 -17.96
C GLU B 414 13.35 0.98 -18.80
N TRP B 415 12.79 2.18 -18.86
CA TRP B 415 13.29 3.10 -19.85
C TRP B 415 14.72 3.48 -19.63
N SER B 416 15.24 3.38 -18.42
CA SER B 416 16.67 3.43 -18.31
C SER B 416 17.33 2.37 -19.15
N HIS B 417 17.19 1.12 -18.73
CA HIS B 417 18.02 0.10 -19.35
C HIS B 417 17.92 0.19 -20.85
N ASN B 418 16.72 0.45 -21.37
CA ASN B 418 16.67 0.78 -22.78
C ASN B 418 17.70 1.84 -23.10
N VAL B 419 17.67 2.96 -22.40
CA VAL B 419 18.59 4.04 -22.73
C VAL B 419 20.03 3.54 -22.77
N ASP B 420 20.48 2.90 -21.72
CA ASP B 420 21.90 2.59 -21.74
C ASP B 420 22.22 1.65 -22.86
N GLU B 421 21.54 0.51 -22.90
CA GLU B 421 21.86 -0.48 -23.91
C GLU B 421 21.82 0.15 -25.28
N LEU B 422 21.16 1.29 -25.41
CA LEU B 422 21.31 2.11 -26.59
C LEU B 422 22.72 2.69 -26.65
N LEU B 423 23.11 3.40 -25.60
CA LEU B 423 24.37 4.12 -25.71
C LEU B 423 25.50 3.20 -26.03
N GLU B 424 25.56 2.03 -25.41
CA GLU B 424 26.68 1.19 -25.80
C GLU B 424 26.64 0.88 -27.27
N HIS B 425 25.47 0.89 -27.88
CA HIS B 425 25.47 0.63 -29.31
C HIS B 425 26.04 1.80 -30.07
N ILE B 426 25.63 3.01 -29.76
CA ILE B 426 26.23 4.07 -30.56
C ILE B 426 27.73 4.09 -30.35
N GLU B 427 28.18 3.66 -29.18
CA GLU B 427 29.61 3.55 -28.97
C GLU B 427 30.23 2.56 -29.94
N THR B 428 29.77 1.32 -29.89
CA THR B 428 30.31 0.31 -30.76
C THR B 428 30.23 0.75 -32.20
N ILE B 429 29.18 1.46 -32.56
CA ILE B 429 29.16 1.99 -33.90
C ILE B 429 30.29 2.97 -34.07
N GLY B 430 30.71 3.61 -33.00
CA GLY B 430 31.86 4.45 -33.20
C GLY B 430 33.06 3.60 -33.55
N HIS B 431 33.49 2.72 -32.65
CA HIS B 431 34.73 2.03 -32.94
C HIS B 431 34.61 1.27 -34.24
N LEU B 432 33.58 0.48 -34.32
CA LEU B 432 33.32 -0.26 -35.51
C LEU B 432 33.28 0.64 -36.72
N ILE B 433 33.02 1.93 -36.53
CA ILE B 433 32.95 2.76 -37.70
C ILE B 433 34.27 3.43 -38.01
N THR B 434 35.21 3.37 -37.10
CA THR B 434 36.57 3.75 -37.45
C THR B 434 37.29 2.61 -38.13
N LYS B 435 37.11 1.40 -37.61
CA LYS B 435 37.94 0.29 -38.05
C LYS B 435 38.02 0.19 -39.55
N GLU B 436 36.92 0.41 -40.23
CA GLU B 436 36.90 0.21 -41.66
C GLU B 436 37.30 1.45 -42.43
N GLU B 437 37.34 2.60 -41.78
CA GLU B 437 38.24 3.63 -42.26
C GLU B 437 39.64 3.08 -42.36
N ILE B 438 40.11 2.47 -41.29
CA ILE B 438 41.43 1.84 -41.35
C ILE B 438 41.49 0.85 -42.49
N MET B 439 40.43 0.08 -42.71
CA MET B 439 40.36 -0.67 -43.96
C MET B 439 40.63 0.25 -45.14
N HIS B 440 40.04 1.43 -45.11
CA HIS B 440 39.96 2.21 -46.33
C HIS B 440 39.39 3.61 -46.16
N GLN C 54 -39.79 -52.19 59.12
CA GLN C 54 -41.01 -52.40 58.35
C GLN C 54 -40.74 -52.54 56.84
N GLU C 55 -39.53 -52.18 56.42
CA GLU C 55 -38.95 -52.51 55.11
C GLU C 55 -39.97 -52.20 54.02
N THR C 56 -40.30 -53.15 53.13
CA THR C 56 -41.09 -52.90 51.93
C THR C 56 -42.53 -52.49 52.21
N SER C 57 -42.98 -52.58 53.47
CA SER C 57 -44.26 -51.98 53.82
C SER C 57 -44.27 -50.49 53.47
N ILE C 58 -43.13 -49.84 53.65
CA ILE C 58 -43.03 -48.39 53.49
C ILE C 58 -41.89 -48.03 52.54
N LEU C 59 -40.69 -48.53 52.82
CA LEU C 59 -39.53 -48.30 51.95
C LEU C 59 -39.80 -48.60 50.47
N GLU C 60 -40.49 -49.71 50.18
CA GLU C 60 -40.97 -49.98 48.82
C GLU C 60 -41.65 -48.77 48.21
N LEU C 61 -42.50 -48.13 49.01
CA LEU C 61 -43.24 -46.95 48.57
C LEU C 61 -42.34 -45.92 47.91
N GLY C 62 -41.08 -45.84 48.33
CA GLY C 62 -40.15 -44.93 47.67
C GLY C 62 -40.13 -45.10 46.17
N GLN C 63 -39.89 -46.33 45.71
CA GLN C 63 -39.99 -46.61 44.29
C GLN C 63 -41.40 -46.42 43.77
N LEU C 64 -42.41 -46.71 44.60
CA LEU C 64 -43.80 -46.49 44.18
C LEU C 64 -44.14 -45.01 44.25
N TYR C 65 -43.23 -44.20 44.77
CA TYR C 65 -43.43 -42.76 44.73
C TYR C 65 -42.79 -42.10 43.51
N VAL C 66 -41.98 -42.83 42.75
CA VAL C 66 -41.24 -42.20 41.67
C VAL C 66 -41.99 -42.31 40.34
N THR C 67 -43.06 -43.10 40.29
CA THR C 67 -43.81 -43.22 39.04
C THR C 67 -44.63 -41.97 38.78
N MET C 68 -45.13 -41.36 39.85
CA MET C 68 -46.01 -40.21 39.70
C MET C 68 -45.28 -38.92 40.05
N GLY C 69 -44.96 -38.74 41.34
CA GLY C 69 -43.98 -37.78 41.79
C GLY C 69 -44.18 -36.34 41.37
N ALA C 70 -45.31 -35.73 41.76
CA ALA C 70 -45.64 -34.37 41.36
C ALA C 70 -45.54 -33.44 42.56
N LYS C 71 -44.55 -32.53 42.53
CA LYS C 71 -44.37 -31.44 43.48
C LYS C 71 -44.49 -31.97 44.91
N ASP C 72 -45.35 -31.35 45.73
CA ASP C 72 -45.46 -31.68 47.15
C ASP C 72 -45.59 -33.18 47.39
N LYS C 73 -45.94 -33.96 46.36
CA LYS C 73 -45.73 -35.39 46.44
C LYS C 73 -44.26 -35.70 46.75
N LEU C 74 -43.35 -35.33 45.83
CA LEU C 74 -41.93 -35.50 46.12
C LEU C 74 -41.55 -34.82 47.43
N ARG C 75 -41.85 -33.54 47.56
CA ARG C 75 -41.35 -32.83 48.72
C ARG C 75 -42.02 -33.24 50.02
N GLU C 76 -43.04 -34.10 49.97
CA GLU C 76 -43.39 -34.88 51.15
C GLU C 76 -42.75 -36.25 51.14
N PHE C 77 -42.18 -36.67 50.00
CA PHE C 77 -41.43 -37.92 49.97
C PHE C 77 -40.06 -37.73 50.58
N ILE C 78 -39.59 -36.49 50.65
CA ILE C 78 -38.34 -36.13 51.30
C ILE C 78 -38.45 -36.26 52.82
N PRO C 79 -39.40 -35.57 53.47
CA PRO C 79 -39.51 -35.74 54.93
C PRO C 79 -39.87 -37.15 55.32
N HIS C 80 -40.89 -37.74 54.69
CA HIS C 80 -41.30 -39.10 55.07
C HIS C 80 -40.20 -40.09 54.75
N SER C 81 -39.38 -39.81 53.73
CA SER C 81 -38.13 -40.51 53.58
C SER C 81 -37.43 -40.46 54.93
N THR C 82 -36.98 -39.28 55.30
CA THR C 82 -36.14 -39.15 56.49
C THR C 82 -36.80 -39.74 57.74
N GLU C 83 -38.13 -39.67 57.83
CA GLU C 83 -38.84 -40.12 59.02
C GLU C 83 -38.87 -41.64 59.11
N TYR C 84 -39.40 -42.29 58.07
CA TYR C 84 -39.35 -43.74 58.08
C TYR C 84 -37.92 -44.23 58.17
N MET C 85 -36.97 -43.45 57.64
CA MET C 85 -35.55 -43.76 57.85
C MET C 85 -35.22 -43.75 59.34
N MET C 86 -35.74 -42.75 60.07
CA MET C 86 -35.63 -42.76 61.52
C MET C 86 -36.30 -43.96 62.15
N GLN C 87 -37.22 -44.61 61.42
CA GLN C 87 -37.96 -45.76 61.96
C GLN C 87 -37.21 -47.08 61.78
N PHE C 88 -37.06 -47.54 60.53
CA PHE C 88 -36.72 -48.94 60.35
C PHE C 88 -35.24 -49.22 60.60
N ALA C 89 -34.34 -48.34 60.16
CA ALA C 89 -32.92 -48.51 60.49
C ALA C 89 -32.26 -47.21 60.91
N LYS C 90 -32.20 -46.26 59.97
CA LYS C 90 -31.51 -44.97 59.99
C LYS C 90 -30.00 -45.09 59.80
N SER C 91 -29.45 -46.30 59.86
CA SER C 91 -28.06 -46.47 59.45
C SER C 91 -27.97 -46.61 57.93
N LYS C 92 -28.49 -47.73 57.40
CA LYS C 92 -28.47 -47.94 55.96
C LYS C 92 -29.08 -46.79 55.20
N THR C 93 -29.92 -45.99 55.86
CA THR C 93 -30.61 -44.91 55.19
C THR C 93 -29.65 -43.89 54.61
N VAL C 94 -28.43 -43.81 55.16
CA VAL C 94 -27.40 -42.94 54.60
C VAL C 94 -27.23 -43.20 53.11
N LYS C 95 -27.38 -44.46 52.71
CA LYS C 95 -27.30 -44.81 51.30
C LYS C 95 -28.63 -44.58 50.58
N VAL C 96 -29.74 -44.92 51.23
CA VAL C 96 -31.02 -45.01 50.50
C VAL C 96 -31.44 -43.64 50.00
N LEU C 97 -31.40 -42.64 50.88
CA LEU C 97 -31.58 -41.25 50.47
C LEU C 97 -30.68 -40.91 49.30
N LYS C 98 -29.40 -41.30 49.42
CA LYS C 98 -28.41 -41.10 48.37
C LYS C 98 -28.89 -41.67 47.05
N THR C 99 -29.63 -42.77 47.09
CA THR C 99 -30.24 -43.34 45.88
C THR C 99 -31.55 -42.64 45.51
N LEU C 100 -32.33 -42.18 46.50
CA LEU C 100 -33.58 -41.49 46.24
C LEU C 100 -33.40 -40.37 45.23
N ILE C 101 -32.50 -39.44 45.54
CA ILE C 101 -32.17 -38.34 44.63
C ILE C 101 -31.82 -38.87 43.24
N GLU C 102 -31.11 -40.00 43.20
CA GLU C 102 -30.77 -40.64 41.93
C GLU C 102 -32.03 -41.10 41.21
N LYS C 103 -32.92 -41.78 41.94
CA LYS C 103 -34.21 -42.11 41.35
C LYS C 103 -35.08 -40.87 41.20
N PHE C 104 -34.70 -39.80 41.91
CA PHE C 104 -35.42 -38.53 41.85
C PHE C 104 -34.64 -37.56 40.97
N GLU C 105 -33.49 -38.01 40.48
CA GLU C 105 -32.63 -37.16 39.65
C GLU C 105 -33.30 -36.74 38.35
N GLN C 106 -34.00 -37.67 37.71
CA GLN C 106 -34.67 -37.34 36.46
C GLN C 106 -36.19 -37.37 36.52
N VAL C 107 -36.78 -36.22 36.24
CA VAL C 107 -38.22 -36.05 36.19
C VAL C 107 -38.46 -35.37 34.85
N PRO C 108 -39.46 -35.88 34.06
CA PRO C 108 -39.61 -35.20 32.76
C PRO C 108 -40.00 -33.72 32.81
N ASP C 109 -40.97 -33.34 33.64
CA ASP C 109 -41.38 -31.94 33.68
C ASP C 109 -41.44 -31.14 34.99
N SER C 110 -41.30 -31.77 36.15
CA SER C 110 -41.41 -30.99 37.39
C SER C 110 -40.20 -30.86 38.34
N LEU C 111 -39.62 -31.98 38.76
CA LEU C 111 -38.50 -31.96 39.69
C LEU C 111 -37.22 -31.30 39.18
N ASP C 112 -36.91 -31.52 37.91
CA ASP C 112 -35.69 -30.96 37.32
C ASP C 112 -35.66 -29.43 37.32
N ASP C 113 -36.79 -28.79 37.04
CA ASP C 113 -36.82 -27.34 37.00
C ASP C 113 -36.47 -26.73 38.36
N GLN C 114 -37.05 -27.28 39.43
CA GLN C 114 -36.77 -26.79 40.77
C GLN C 114 -36.53 -27.97 41.71
N ILE C 115 -35.45 -27.91 42.49
CA ILE C 115 -35.16 -29.00 43.42
C ILE C 115 -34.79 -28.53 44.83
N PHE C 116 -35.37 -29.18 45.83
CA PHE C 116 -35.06 -28.87 47.22
C PHE C 116 -34.57 -30.09 47.99
N VAL C 117 -34.57 -31.27 47.36
CA VAL C 117 -34.39 -32.52 48.11
C VAL C 117 -32.98 -32.62 48.66
N CYS C 118 -31.98 -32.18 47.90
CA CYS C 118 -30.62 -32.18 48.41
C CYS C 118 -30.40 -31.02 49.37
N GLU C 119 -31.15 -29.93 49.20
CA GLU C 119 -31.03 -28.79 50.09
C GLU C 119 -31.69 -29.04 51.43
N LYS C 120 -32.88 -29.65 51.42
CA LYS C 120 -33.53 -30.02 52.67
C LYS C 120 -32.83 -31.18 53.35
N SER C 121 -32.30 -32.12 52.55
CA SER C 121 -31.47 -33.17 53.14
C SER C 121 -30.26 -32.57 53.84
N ILE C 122 -29.79 -31.41 53.37
CA ILE C 122 -28.74 -30.72 54.11
C ILE C 122 -29.31 -29.98 55.31
N GLU C 123 -30.56 -29.52 55.23
CA GLU C 123 -31.19 -28.96 56.42
C GLU C 123 -31.19 -29.99 57.54
N PHE C 124 -31.81 -31.15 57.29
CA PHE C 124 -31.77 -32.24 58.24
C PHE C 124 -30.34 -32.58 58.62
N ALA C 125 -29.48 -32.77 57.62
CA ALA C 125 -28.11 -33.22 57.85
C ALA C 125 -27.39 -32.36 58.87
N LYS C 126 -27.79 -31.10 59.01
CA LYS C 126 -27.27 -30.26 60.09
C LYS C 126 -27.70 -30.78 61.46
N ARG C 127 -28.60 -31.76 61.51
CA ARG C 127 -28.81 -32.55 62.73
C ARG C 127 -27.74 -33.61 62.88
N GLU C 128 -27.47 -34.36 61.80
CA GLU C 128 -26.59 -35.51 61.91
C GLU C 128 -25.53 -35.62 60.80
N LYS C 129 -25.96 -35.97 59.58
CA LYS C 129 -25.12 -36.60 58.56
C LYS C 129 -24.39 -35.61 57.66
N ARG C 130 -24.47 -34.31 57.97
CA ARG C 130 -23.96 -33.29 57.06
C ARG C 130 -22.54 -33.55 56.60
N VAL C 131 -21.71 -34.24 57.41
CA VAL C 131 -20.32 -34.45 57.05
C VAL C 131 -20.20 -35.04 55.65
N PHE C 132 -21.07 -35.99 55.32
CA PHE C 132 -21.15 -36.46 53.94
C PHE C 132 -22.03 -35.55 53.09
N LEU C 133 -23.21 -35.19 53.61
CA LEU C 133 -24.21 -34.54 52.78
C LEU C 133 -23.85 -33.10 52.46
N LYS C 134 -22.94 -32.51 53.22
CA LYS C 134 -22.57 -31.13 52.95
C LYS C 134 -21.81 -31.02 51.64
N HIS C 135 -20.71 -31.76 51.50
CA HIS C 135 -20.00 -31.72 50.24
C HIS C 135 -20.77 -32.46 49.16
N SER C 136 -21.35 -33.61 49.50
CA SER C 136 -22.07 -34.36 48.49
C SER C 136 -23.18 -33.52 47.90
N LEU C 137 -24.18 -33.20 48.72
CA LEU C 137 -25.34 -32.51 48.19
C LEU C 137 -25.04 -31.06 47.85
N SER C 138 -23.95 -30.51 48.37
CA SER C 138 -23.53 -29.20 47.92
C SER C 138 -23.01 -29.25 46.49
N ILE C 139 -22.21 -30.28 46.18
CA ILE C 139 -21.63 -30.34 44.84
C ILE C 139 -22.68 -30.81 43.84
N LYS C 140 -23.44 -31.84 44.19
CA LYS C 140 -24.43 -32.34 43.26
C LYS C 140 -25.60 -31.39 43.15
N LEU C 141 -26.20 -31.04 44.27
CA LEU C 141 -27.26 -30.06 44.23
C LEU C 141 -26.79 -28.81 43.53
N ALA C 142 -25.55 -28.41 43.81
CA ALA C 142 -24.92 -27.31 43.10
C ALA C 142 -25.05 -27.50 41.59
N THR C 143 -24.59 -28.64 41.09
CA THR C 143 -24.75 -28.97 39.68
C THR C 143 -26.21 -28.75 39.25
N LEU C 144 -27.15 -29.23 40.05
CA LEU C 144 -28.54 -28.97 39.76
C LEU C 144 -28.82 -27.48 39.72
N HIS C 145 -27.97 -26.68 40.34
CA HIS C 145 -28.04 -25.24 40.18
C HIS C 145 -27.09 -24.76 39.09
N TYR C 146 -26.46 -25.67 38.37
CA TYR C 146 -26.08 -25.37 37.00
C TYR C 146 -27.26 -25.55 36.08
N GLN C 147 -28.18 -26.46 36.43
CA GLN C 147 -29.51 -26.37 35.82
C GLN C 147 -30.14 -25.01 36.14
N LYS C 148 -30.18 -24.63 37.41
CA LYS C 148 -30.68 -23.32 37.77
C LYS C 148 -29.86 -22.20 37.15
N LYS C 149 -28.66 -22.50 36.66
CA LYS C 149 -27.74 -21.54 36.07
C LYS C 149 -27.74 -20.26 36.91
N GLN C 150 -27.91 -19.09 36.29
CA GLN C 150 -27.60 -17.83 36.95
C GLN C 150 -26.33 -18.23 37.64
N TYR C 151 -25.25 -18.25 36.88
CA TYR C 151 -24.21 -19.20 37.26
C TYR C 151 -23.87 -19.06 38.72
N LYS C 152 -23.65 -17.83 39.17
CA LYS C 152 -23.23 -17.56 40.54
C LYS C 152 -24.10 -18.24 41.60
N ASP C 153 -25.29 -18.72 41.23
CA ASP C 153 -25.97 -19.64 42.14
C ASP C 153 -25.06 -20.82 42.48
N SER C 154 -24.81 -21.71 41.52
CA SER C 154 -23.87 -22.81 41.73
C SER C 154 -22.42 -22.37 41.57
N LEU C 155 -22.13 -21.56 40.56
CA LEU C 155 -20.83 -20.93 40.39
C LEU C 155 -20.35 -20.23 41.64
N ALA C 156 -21.16 -19.31 42.17
CA ALA C 156 -20.78 -18.67 43.42
C ALA C 156 -21.02 -19.57 44.62
N LEU C 157 -21.86 -20.59 44.46
CA LEU C 157 -22.14 -21.50 45.56
C LEU C 157 -20.90 -22.32 45.89
N ILE C 158 -20.41 -23.10 44.92
CA ILE C 158 -19.18 -23.84 45.13
C ILE C 158 -17.96 -22.96 44.92
N ASN C 159 -18.11 -21.82 44.27
CA ASN C 159 -17.03 -20.86 44.22
C ASN C 159 -16.83 -20.23 45.59
N ASP C 160 -17.85 -20.33 46.44
CA ASP C 160 -17.66 -20.18 47.87
C ASP C 160 -17.11 -21.45 48.51
N LEU C 161 -17.58 -22.60 48.02
CA LEU C 161 -17.41 -23.86 48.71
C LEU C 161 -16.15 -24.61 48.32
N LEU C 162 -15.26 -24.03 47.51
CA LEU C 162 -14.19 -24.81 46.93
C LEU C 162 -13.24 -25.34 47.98
N ARG C 163 -12.92 -24.55 49.00
CA ARG C 163 -12.15 -25.08 50.13
C ARG C 163 -13.00 -25.96 51.03
N GLU C 164 -14.28 -25.65 51.17
CA GLU C 164 -15.18 -26.54 51.87
C GLU C 164 -15.09 -27.95 51.29
N PHE C 165 -14.91 -28.05 49.99
CA PHE C 165 -14.79 -29.34 49.33
C PHE C 165 -13.37 -29.90 49.41
N LYS C 166 -12.34 -29.06 49.30
CA LYS C 166 -10.99 -29.58 49.43
C LYS C 166 -10.76 -30.16 50.82
N LYS C 167 -11.43 -29.63 51.83
CA LYS C 167 -11.33 -30.24 53.15
C LYS C 167 -12.23 -31.46 53.25
N LEU C 168 -13.51 -31.34 52.87
CA LEU C 168 -14.53 -32.23 53.39
C LEU C 168 -14.57 -33.58 52.68
N ASP C 169 -14.60 -33.57 51.36
CA ASP C 169 -14.67 -34.80 50.60
C ASP C 169 -13.25 -35.31 50.39
N ASP C 170 -13.10 -36.28 49.51
CA ASP C 170 -11.82 -36.69 48.96
C ASP C 170 -11.59 -35.89 47.67
N LYS C 171 -10.62 -36.34 46.86
CA LYS C 171 -10.38 -35.89 45.50
C LYS C 171 -11.67 -35.75 44.68
N PRO C 172 -12.68 -36.61 44.87
CA PRO C 172 -13.95 -36.38 44.16
C PRO C 172 -14.47 -34.97 44.22
N SER C 173 -14.48 -34.34 45.38
CA SER C 173 -14.92 -32.94 45.44
C SER C 173 -14.11 -32.08 44.48
N LEU C 174 -12.79 -32.26 44.49
CA LEU C 174 -11.92 -31.52 43.58
C LEU C 174 -12.31 -31.73 42.12
N VAL C 175 -12.05 -32.92 41.59
CA VAL C 175 -12.16 -33.04 40.15
C VAL C 175 -13.59 -32.88 39.71
N ASP C 176 -14.54 -33.24 40.58
CA ASP C 176 -15.95 -33.05 40.25
C ASP C 176 -16.26 -31.57 40.11
N VAL C 177 -15.85 -30.77 41.10
CA VAL C 177 -15.96 -29.32 40.98
C VAL C 177 -15.32 -28.87 39.69
N HIS C 178 -14.00 -28.97 39.59
CA HIS C 178 -13.29 -28.33 38.49
C HIS C 178 -13.91 -28.59 37.13
N LEU C 179 -14.55 -29.74 36.95
CA LEU C 179 -15.37 -29.92 35.77
C LEU C 179 -16.64 -29.10 35.86
N LEU C 180 -17.34 -29.16 37.00
CA LEU C 180 -18.55 -28.35 37.12
C LEU C 180 -18.20 -26.89 36.90
N GLU C 181 -17.53 -26.33 37.91
CA GLU C 181 -17.03 -24.97 37.91
C GLU C 181 -16.36 -24.56 36.60
N SER C 182 -15.40 -25.36 36.13
CA SER C 182 -14.75 -25.04 34.86
C SER C 182 -15.78 -24.93 33.75
N LYS C 183 -16.65 -25.92 33.66
CA LYS C 183 -17.65 -25.95 32.62
C LYS C 183 -18.69 -24.86 32.81
N VAL C 184 -18.77 -24.26 33.99
CA VAL C 184 -19.47 -23.00 34.10
C VAL C 184 -18.65 -21.90 33.47
N TYR C 185 -17.35 -21.85 33.80
CA TYR C 185 -16.46 -20.83 33.23
C TYR C 185 -16.55 -20.75 31.75
N HIS C 186 -16.79 -21.88 31.09
CA HIS C 186 -16.84 -21.87 29.65
C HIS C 186 -17.62 -20.68 29.14
N LYS C 187 -18.90 -20.64 29.46
CA LYS C 187 -19.76 -19.55 29.05
C LYS C 187 -19.87 -18.48 30.11
N LEU C 188 -19.15 -18.62 31.22
CA LEU C 188 -18.81 -17.45 32.00
C LEU C 188 -17.85 -16.52 31.26
N ARG C 189 -17.42 -16.92 30.07
CA ARG C 189 -16.57 -16.12 29.24
C ARG C 189 -15.22 -15.87 29.89
N ASN C 190 -14.59 -16.95 30.32
CA ASN C 190 -13.15 -16.99 30.45
C ASN C 190 -12.65 -18.22 29.71
N LEU C 191 -11.60 -18.05 28.92
CA LEU C 191 -10.79 -19.19 28.53
C LEU C 191 -9.55 -19.34 29.41
N ALA C 192 -9.24 -18.33 30.22
CA ALA C 192 -8.09 -18.47 31.11
C ALA C 192 -8.44 -19.25 32.37
N LYS C 193 -9.52 -18.85 33.04
CA LYS C 193 -9.86 -19.52 34.29
C LYS C 193 -10.63 -20.80 34.03
N SER C 194 -11.31 -20.92 32.90
CA SER C 194 -11.80 -22.22 32.48
C SER C 194 -10.64 -23.19 32.26
N LYS C 195 -9.73 -22.82 31.35
CA LYS C 195 -8.63 -23.72 30.99
C LYS C 195 -7.79 -24.08 32.20
N ALA C 196 -7.44 -23.09 33.01
CA ALA C 196 -6.72 -23.38 34.23
C ALA C 196 -7.53 -24.29 35.13
N SER C 197 -8.81 -23.99 35.31
CA SER C 197 -9.63 -24.73 36.24
C SER C 197 -9.71 -26.21 35.85
N LEU C 198 -10.18 -26.48 34.64
CA LEU C 198 -10.07 -27.86 34.15
C LEU C 198 -8.67 -28.41 34.33
N THR C 199 -7.65 -27.61 34.08
CA THR C 199 -6.32 -28.19 34.17
C THR C 199 -6.02 -28.64 35.59
N ALA C 200 -6.59 -27.93 36.59
CA ALA C 200 -6.52 -28.40 37.96
C ALA C 200 -7.31 -29.68 38.14
N ALA C 201 -8.36 -29.87 37.35
CA ALA C 201 -9.00 -31.18 37.38
C ALA C 201 -8.09 -32.27 36.83
N ARG C 202 -7.58 -32.09 35.61
CA ARG C 202 -6.70 -33.08 34.99
C ARG C 202 -5.55 -33.42 35.91
N THR C 203 -5.09 -32.45 36.69
CA THR C 203 -3.88 -32.61 37.49
C THR C 203 -3.86 -33.94 38.23
N ALA C 204 -5.03 -34.44 38.63
CA ALA C 204 -5.08 -35.74 39.29
C ALA C 204 -5.49 -36.79 38.27
N ALA C 205 -4.49 -37.52 37.80
CA ALA C 205 -4.68 -38.73 37.01
C ALA C 205 -4.42 -40.00 37.81
N ASN C 206 -3.98 -39.87 39.07
CA ASN C 206 -3.35 -40.98 39.77
C ASN C 206 -4.25 -42.20 39.83
N SER C 207 -5.34 -42.12 40.57
CA SER C 207 -6.38 -43.11 40.51
C SER C 207 -7.53 -42.51 39.74
N ILE C 208 -8.30 -43.35 39.07
CA ILE C 208 -9.59 -42.82 38.69
C ILE C 208 -10.50 -43.14 39.86
N TYR C 209 -10.73 -42.11 40.68
CA TYR C 209 -11.61 -42.24 41.83
C TYR C 209 -13.07 -42.01 41.48
N CYS C 210 -13.32 -41.08 40.55
CA CYS C 210 -14.69 -40.76 40.15
C CYS C 210 -15.12 -41.55 38.91
N PRO C 211 -16.43 -41.80 38.76
CA PRO C 211 -16.90 -42.75 37.73
C PRO C 211 -16.46 -42.38 36.33
N THR C 212 -16.00 -43.41 35.60
CA THR C 212 -15.29 -43.21 34.33
C THR C 212 -16.09 -42.35 33.37
N GLN C 213 -17.40 -42.28 33.57
CA GLN C 213 -18.20 -41.26 32.91
C GLN C 213 -17.66 -39.86 33.25
N THR C 214 -16.78 -39.78 34.23
CA THR C 214 -16.13 -38.51 34.54
C THR C 214 -15.14 -38.12 33.46
N VAL C 215 -14.15 -38.99 33.20
CA VAL C 215 -13.06 -38.63 32.29
C VAL C 215 -13.62 -38.18 30.96
N ALA C 216 -14.82 -38.65 30.63
CA ALA C 216 -15.48 -38.19 29.43
C ALA C 216 -15.53 -36.67 29.40
N GLU C 217 -16.16 -36.04 30.39
CA GLU C 217 -16.24 -34.59 30.36
C GLU C 217 -14.87 -33.94 30.39
N LEU C 218 -13.87 -34.61 30.95
CA LEU C 218 -12.51 -34.13 30.77
C LEU C 218 -12.16 -34.07 29.30
N ASP C 219 -12.52 -35.10 28.56
CA ASP C 219 -12.15 -35.16 27.16
C ASP C 219 -12.99 -34.19 26.34
N LEU C 220 -14.31 -34.31 26.42
CA LEU C 220 -15.18 -33.44 25.64
C LEU C 220 -14.95 -31.99 25.99
N MET C 221 -14.72 -31.70 27.26
CA MET C 221 -14.41 -30.34 27.63
C MET C 221 -13.04 -29.94 27.15
N SER C 222 -12.13 -30.90 27.04
CA SER C 222 -10.83 -30.59 26.46
C SER C 222 -10.99 -30.15 25.01
N GLY C 223 -11.72 -30.95 24.24
CA GLY C 223 -12.05 -30.55 22.90
C GLY C 223 -12.77 -29.23 22.87
N ILE C 224 -13.66 -28.98 23.83
CA ILE C 224 -14.41 -27.74 23.84
C ILE C 224 -13.47 -26.56 23.98
N LEU C 225 -12.68 -26.57 25.04
CA LEU C 225 -11.77 -25.46 25.22
C LEU C 225 -10.92 -25.30 23.99
N HIS C 226 -10.62 -26.38 23.30
CA HIS C 226 -9.85 -26.24 22.07
C HIS C 226 -10.71 -26.03 20.84
N CYS C 227 -12.00 -25.85 21.01
CA CYS C 227 -12.80 -25.19 20.00
C CYS C 227 -13.06 -23.75 20.39
N GLU C 228 -12.59 -23.35 21.55
CA GLU C 228 -12.47 -21.92 21.83
C GLU C 228 -11.17 -21.38 21.28
N ASP C 229 -10.12 -22.18 21.32
CA ASP C 229 -8.86 -21.72 20.77
C ASP C 229 -8.82 -21.85 19.26
N LYS C 230 -9.72 -22.68 18.71
CA LYS C 230 -9.97 -22.93 17.30
C LYS C 230 -9.08 -24.00 16.72
N ASP C 231 -8.15 -24.58 17.47
CA ASP C 231 -7.47 -25.74 16.92
C ASP C 231 -8.42 -26.91 16.93
N TYR C 232 -8.74 -27.39 15.74
CA TYR C 232 -9.76 -28.41 15.59
C TYR C 232 -9.20 -29.82 15.52
N LYS C 233 -7.89 -29.98 15.32
CA LYS C 233 -7.33 -31.33 15.34
C LYS C 233 -7.13 -31.80 16.76
N THR C 234 -6.51 -30.97 17.60
CA THR C 234 -6.52 -31.26 19.01
C THR C 234 -7.94 -31.46 19.48
N ALA C 235 -8.83 -30.61 19.00
CA ALA C 235 -10.22 -30.73 19.39
C ALA C 235 -10.72 -32.15 19.15
N PHE C 236 -10.76 -32.58 17.89
CA PHE C 236 -11.29 -33.90 17.64
C PHE C 236 -10.50 -34.97 18.39
N SER C 237 -9.19 -34.75 18.53
CA SER C 237 -8.34 -35.59 19.34
C SER C 237 -9.01 -35.85 20.66
N TYR C 238 -9.65 -34.85 21.20
CA TYR C 238 -10.44 -35.10 22.38
C TYR C 238 -11.79 -35.72 22.06
N PHE C 239 -12.47 -35.24 21.01
CA PHE C 239 -13.89 -35.54 20.87
C PHE C 239 -14.13 -37.00 20.54
N PHE C 240 -13.18 -37.64 19.88
CA PHE C 240 -13.30 -39.05 19.54
C PHE C 240 -13.53 -39.90 20.78
N GLU C 241 -12.48 -39.98 21.60
CA GLU C 241 -12.60 -40.61 22.91
C GLU C 241 -13.80 -40.09 23.65
N SER C 242 -13.98 -38.78 23.64
CA SER C 242 -15.09 -38.16 24.35
C SER C 242 -16.37 -38.91 24.07
N PHE C 243 -16.64 -39.14 22.79
CA PHE C 243 -17.78 -39.94 22.38
C PHE C 243 -17.63 -41.38 22.83
N GLU C 244 -16.40 -41.91 22.79
CA GLU C 244 -16.24 -43.34 23.00
C GLU C 244 -16.60 -43.73 24.41
N SER C 245 -16.27 -42.89 25.38
CA SER C 245 -16.70 -43.18 26.74
C SER C 245 -18.20 -43.41 26.78
N TYR C 246 -18.98 -42.38 26.47
CA TYR C 246 -20.42 -42.55 26.49
C TYR C 246 -20.88 -43.63 25.53
N HIS C 247 -20.00 -44.06 24.65
CA HIS C 247 -20.29 -45.17 23.77
C HIS C 247 -20.26 -46.51 24.52
N ASN C 248 -19.15 -46.79 25.21
CA ASN C 248 -18.98 -48.06 25.90
C ASN C 248 -19.71 -48.07 27.23
N LEU C 249 -19.74 -46.90 27.87
CA LEU C 249 -20.43 -46.68 29.13
C LEU C 249 -21.91 -46.46 28.92
N THR C 250 -22.38 -46.62 27.69
CA THR C 250 -23.68 -46.10 27.29
C THR C 250 -24.77 -46.58 28.24
N THR C 251 -25.46 -45.62 28.84
CA THR C 251 -26.58 -45.88 29.73
C THR C 251 -27.40 -44.61 29.84
N HIS C 252 -28.65 -44.76 30.23
CA HIS C 252 -29.55 -43.63 30.37
C HIS C 252 -29.41 -42.67 29.20
N ASN C 253 -29.10 -41.41 29.54
CA ASN C 253 -28.93 -40.33 28.59
C ASN C 253 -27.64 -40.43 27.80
N SER C 254 -26.79 -41.42 28.06
CA SER C 254 -25.50 -41.46 27.38
C SER C 254 -25.63 -41.28 25.88
N TYR C 255 -26.73 -41.74 25.28
CA TYR C 255 -26.99 -41.39 23.90
C TYR C 255 -26.95 -39.88 23.70
N GLU C 256 -27.59 -39.12 24.60
CA GLU C 256 -27.57 -37.67 24.51
C GLU C 256 -26.16 -37.14 24.54
N LYS C 257 -25.31 -37.79 25.34
CA LYS C 257 -23.92 -37.41 25.35
C LYS C 257 -23.14 -38.06 24.23
N ALA C 258 -23.57 -39.25 23.79
CA ALA C 258 -23.02 -39.82 22.57
C ALA C 258 -23.26 -38.85 21.42
N CYS C 259 -24.52 -38.69 21.02
CA CYS C 259 -24.81 -37.76 19.93
C CYS C 259 -24.24 -36.38 20.21
N GLN C 260 -24.45 -35.89 21.42
CA GLN C 260 -23.98 -34.59 21.79
C GLN C 260 -22.52 -34.42 21.38
N VAL C 261 -21.68 -35.40 21.70
CA VAL C 261 -20.28 -35.26 21.34
C VAL C 261 -20.09 -35.43 19.84
N LEU C 262 -20.78 -36.38 19.23
CA LEU C 262 -20.53 -36.60 17.81
C LEU C 262 -20.73 -35.32 17.03
N LYS C 263 -21.72 -34.52 17.45
CA LYS C 263 -21.92 -33.22 16.83
C LYS C 263 -20.61 -32.50 16.74
N TYR C 264 -19.88 -32.50 17.83
CA TYR C 264 -18.66 -31.74 17.87
C TYR C 264 -17.54 -32.46 17.16
N MET C 265 -17.61 -33.76 17.10
CA MET C 265 -16.63 -34.49 16.33
C MET C 265 -16.70 -34.03 14.89
N LEU C 266 -17.79 -34.45 14.24
CA LEU C 266 -17.97 -34.11 12.84
C LEU C 266 -17.90 -32.62 12.64
N LEU C 267 -18.26 -31.85 13.66
CA LEU C 267 -18.15 -30.41 13.58
C LEU C 267 -16.71 -29.96 13.47
N SER C 268 -15.87 -30.47 14.34
CA SER C 268 -14.44 -30.24 14.24
C SER C 268 -14.01 -30.47 12.81
N LYS C 269 -14.40 -31.61 12.27
CA LYS C 269 -14.09 -31.89 10.88
C LYS C 269 -14.64 -30.81 9.97
N ILE C 270 -15.86 -30.35 10.24
CA ILE C 270 -16.51 -29.40 9.35
C ILE C 270 -15.67 -28.14 9.26
N MET C 271 -15.37 -27.54 10.41
CA MET C 271 -14.45 -26.42 10.43
C MET C 271 -13.18 -26.76 9.66
N LEU C 272 -12.66 -27.96 9.88
CA LEU C 272 -11.43 -28.37 9.23
C LEU C 272 -11.54 -28.43 7.73
N ASN C 273 -12.75 -28.59 7.20
CA ASN C 273 -12.95 -28.87 5.78
C ASN C 273 -12.18 -30.12 5.37
N LEU C 274 -12.31 -31.18 6.16
CA LEU C 274 -12.01 -32.53 5.71
C LEU C 274 -13.30 -33.30 5.70
N ILE C 275 -13.83 -33.54 4.50
CA ILE C 275 -15.11 -34.20 4.39
C ILE C 275 -14.94 -35.71 4.25
N ASP C 276 -13.72 -36.17 4.04
CA ASP C 276 -13.42 -37.59 3.98
C ASP C 276 -14.02 -38.21 5.22
N ASP C 277 -13.39 -37.86 6.33
CA ASP C 277 -13.69 -38.45 7.61
C ASP C 277 -15.16 -38.26 7.99
N VAL C 278 -15.83 -37.29 7.39
CA VAL C 278 -17.22 -37.00 7.74
C VAL C 278 -18.16 -37.99 7.06
N LYS C 279 -17.91 -38.22 5.77
CA LYS C 279 -18.47 -39.34 5.05
C LYS C 279 -18.28 -40.55 5.95
N ASN C 280 -17.07 -40.67 6.48
CA ASN C 280 -16.80 -41.77 7.38
C ASN C 280 -17.69 -41.71 8.61
N ILE C 281 -18.08 -40.50 9.03
CA ILE C 281 -18.86 -40.42 10.25
C ILE C 281 -20.24 -40.97 10.03
N LEU C 282 -20.85 -40.68 8.88
CA LEU C 282 -22.13 -41.33 8.67
C LEU C 282 -21.85 -42.76 8.25
N ASN C 283 -22.21 -43.69 9.13
CA ASN C 283 -21.97 -45.12 8.99
C ASN C 283 -22.94 -45.82 9.93
N ALA C 284 -23.12 -47.12 9.72
CA ALA C 284 -24.08 -47.85 10.53
C ALA C 284 -23.72 -47.77 12.01
N LYS C 285 -22.43 -47.78 12.32
CA LYS C 285 -21.93 -47.94 13.68
C LYS C 285 -22.02 -46.66 14.48
N TYR C 286 -22.07 -45.52 13.79
CA TYR C 286 -22.25 -44.22 14.42
C TYR C 286 -23.70 -43.76 14.31
N THR C 287 -24.20 -43.71 13.08
CA THR C 287 -25.56 -43.31 12.77
C THR C 287 -26.58 -44.36 13.17
N LYS C 288 -26.54 -45.51 12.50
CA LYS C 288 -27.71 -46.34 12.32
C LYS C 288 -27.99 -47.24 13.50
N GLU C 289 -27.30 -47.05 14.60
CA GLU C 289 -27.82 -47.53 15.87
C GLU C 289 -28.86 -46.58 16.44
N THR C 290 -29.43 -45.75 15.55
CA THR C 290 -30.57 -44.84 15.69
C THR C 290 -30.21 -43.45 16.17
N TYR C 291 -28.94 -43.04 16.14
CA TYR C 291 -28.65 -41.66 16.50
C TYR C 291 -29.10 -40.65 15.46
N GLN C 292 -29.66 -41.08 14.34
CA GLN C 292 -30.10 -40.15 13.31
C GLN C 292 -31.54 -39.76 13.61
N SER C 293 -31.73 -38.53 14.08
CA SER C 293 -33.06 -38.01 14.36
C SER C 293 -33.24 -36.59 13.85
N ARG C 294 -32.46 -35.68 14.42
CA ARG C 294 -32.58 -34.23 14.20
C ARG C 294 -32.56 -33.83 12.74
N GLY C 295 -31.92 -34.60 11.88
CA GLY C 295 -31.32 -34.03 10.70
C GLY C 295 -29.87 -33.68 10.96
N ILE C 296 -29.25 -34.32 11.94
CA ILE C 296 -27.83 -34.07 12.17
C ILE C 296 -27.02 -34.51 10.97
N ASP C 297 -27.40 -35.64 10.34
CA ASP C 297 -26.77 -36.00 9.09
C ASP C 297 -26.79 -34.83 8.11
N ALA C 298 -27.84 -34.02 8.18
CA ALA C 298 -27.92 -32.89 7.29
C ALA C 298 -27.25 -31.66 7.87
N MET C 299 -26.97 -31.66 9.16
CA MET C 299 -25.85 -30.84 9.59
C MET C 299 -24.63 -31.14 8.73
N LYS C 300 -24.28 -32.41 8.57
CA LYS C 300 -23.28 -32.70 7.57
C LYS C 300 -23.66 -32.11 6.22
N ALA C 301 -24.93 -32.18 5.85
CA ALA C 301 -25.31 -31.62 4.56
C ALA C 301 -24.94 -30.15 4.46
N VAL C 302 -25.03 -29.41 5.57
CA VAL C 302 -24.56 -28.03 5.46
C VAL C 302 -23.06 -28.04 5.27
N ALA C 303 -22.34 -28.92 5.95
CA ALA C 303 -20.91 -29.03 5.67
C ALA C 303 -20.67 -29.24 4.18
N GLU C 304 -21.52 -30.02 3.54
CA GLU C 304 -21.44 -30.14 2.09
C GLU C 304 -21.63 -28.81 1.44
N ALA C 305 -22.57 -28.00 1.94
CA ALA C 305 -22.72 -26.65 1.40
C ALA C 305 -21.39 -25.93 1.46
N TYR C 306 -20.62 -26.17 2.53
CA TYR C 306 -19.32 -25.53 2.64
C TYR C 306 -18.39 -26.03 1.54
N ASN C 307 -18.21 -27.35 1.45
CA ASN C 307 -17.35 -27.89 0.40
C ASN C 307 -17.73 -27.34 -0.96
N ASN C 308 -19.02 -27.36 -1.24
CA ASN C 308 -19.58 -26.89 -2.49
C ASN C 308 -19.39 -25.40 -2.68
N ARG C 309 -19.17 -24.66 -1.61
CA ARG C 309 -19.06 -23.21 -1.65
C ARG C 309 -20.35 -22.56 -2.14
N SER C 310 -21.46 -23.25 -2.09
CA SER C 310 -22.72 -22.57 -2.32
C SER C 310 -23.19 -22.15 -0.94
N LEU C 311 -23.44 -20.88 -0.77
CA LEU C 311 -24.03 -20.52 0.50
C LEU C 311 -25.52 -20.31 0.42
N LEU C 312 -26.12 -20.44 -0.75
CA LEU C 312 -27.56 -20.39 -0.84
C LEU C 312 -28.12 -21.53 0.00
N ASP C 313 -27.84 -22.74 -0.48
CA ASP C 313 -28.14 -23.95 0.27
C ASP C 313 -27.61 -23.88 1.68
N PHE C 314 -26.47 -23.25 1.89
CA PHE C 314 -25.99 -23.12 3.24
C PHE C 314 -27.04 -22.43 4.09
N ASN C 315 -27.59 -21.35 3.57
CA ASN C 315 -28.63 -20.60 4.26
C ASN C 315 -29.85 -21.46 4.48
N THR C 316 -30.33 -22.10 3.44
CA THR C 316 -31.55 -22.89 3.58
C THR C 316 -31.33 -24.02 4.57
N ALA C 317 -30.38 -24.89 4.26
CA ALA C 317 -30.06 -26.05 5.07
C ALA C 317 -29.62 -25.68 6.47
N LEU C 318 -29.31 -24.41 6.76
CA LEU C 318 -29.33 -24.04 8.17
C LEU C 318 -30.72 -23.66 8.61
N LYS C 319 -31.51 -23.04 7.72
CA LYS C 319 -32.88 -22.65 8.08
C LYS C 319 -33.73 -23.86 8.46
N GLN C 320 -33.39 -25.04 7.96
CA GLN C 320 -34.17 -26.21 8.29
C GLN C 320 -33.76 -26.81 9.62
N TYR C 321 -32.49 -26.73 9.98
CA TYR C 321 -32.04 -27.31 11.23
C TYR C 321 -31.95 -26.27 12.33
N GLU C 322 -32.53 -25.09 12.11
CA GLU C 322 -32.63 -24.07 13.14
C GLU C 322 -33.03 -24.70 14.46
N LYS C 323 -33.79 -25.79 14.40
CA LYS C 323 -34.11 -26.57 15.59
C LYS C 323 -32.86 -27.09 16.30
N GLU C 324 -31.82 -27.47 15.54
CA GLU C 324 -30.56 -27.80 16.20
C GLU C 324 -29.73 -26.56 16.49
N LEU C 325 -29.70 -25.62 15.54
CA LEU C 325 -29.04 -24.34 15.75
C LEU C 325 -29.38 -23.77 17.12
N MET C 326 -30.67 -23.73 17.42
CA MET C 326 -31.14 -23.45 18.76
C MET C 326 -30.66 -24.47 19.75
N GLY C 327 -30.27 -25.65 19.28
CA GLY C 327 -29.74 -26.67 20.17
C GLY C 327 -28.38 -26.34 20.75
N ASP C 328 -27.40 -26.12 19.91
CA ASP C 328 -26.05 -25.84 20.38
C ASP C 328 -25.77 -24.37 20.14
N GLU C 329 -25.59 -23.62 21.23
CA GLU C 329 -24.95 -22.33 21.07
C GLU C 329 -23.66 -22.46 20.29
N LEU C 330 -22.77 -23.33 20.75
CA LEU C 330 -21.46 -23.43 20.14
C LEU C 330 -21.55 -23.66 18.65
N THR C 331 -22.23 -24.73 18.25
CA THR C 331 -22.29 -25.00 16.84
C THR C 331 -22.91 -23.84 16.11
N ARG C 332 -23.93 -23.22 16.70
CA ARG C 332 -24.48 -22.05 16.04
C ARG C 332 -23.40 -21.00 15.81
N SER C 333 -22.54 -20.78 16.80
CA SER C 333 -21.43 -19.88 16.59
C SER C 333 -20.65 -20.37 15.39
N HIS C 334 -19.95 -21.48 15.55
CA HIS C 334 -19.00 -21.89 14.54
C HIS C 334 -19.63 -21.97 13.17
N PHE C 335 -20.93 -22.07 13.09
CA PHE C 335 -21.55 -21.92 11.81
C PHE C 335 -21.72 -20.49 11.43
N ASN C 336 -21.83 -19.60 12.39
CA ASN C 336 -21.90 -18.22 11.98
C ASN C 336 -20.53 -17.71 11.59
N ALA C 337 -19.52 -18.09 12.35
CA ALA C 337 -18.17 -17.83 11.89
C ALA C 337 -18.01 -18.42 10.52
N LEU C 338 -17.97 -19.74 10.47
CA LEU C 338 -17.68 -20.42 9.22
C LEU C 338 -18.52 -19.85 8.10
N TYR C 339 -19.77 -19.55 8.37
CA TYR C 339 -20.61 -18.97 7.34
C TYR C 339 -20.01 -17.69 6.84
N ASP C 340 -19.68 -16.80 7.75
CA ASP C 340 -18.96 -15.62 7.33
C ASP C 340 -17.75 -15.96 6.47
N THR C 341 -16.77 -16.64 7.07
CA THR C 341 -15.53 -16.84 6.35
C THR C 341 -15.71 -17.65 5.10
N LEU C 342 -16.89 -18.16 4.88
CA LEU C 342 -17.20 -18.58 3.54
C LEU C 342 -17.56 -17.38 2.70
N LEU C 343 -18.35 -16.49 3.27
CA LEU C 343 -18.87 -15.38 2.50
C LEU C 343 -17.74 -14.52 1.99
N GLU C 344 -16.68 -14.36 2.76
CA GLU C 344 -15.54 -13.65 2.20
C GLU C 344 -15.08 -14.34 0.95
N SER C 345 -14.51 -15.52 1.13
CA SER C 345 -13.85 -16.21 0.05
C SER C 345 -14.70 -16.11 -1.17
N ASN C 346 -16.00 -16.32 -1.04
CA ASN C 346 -16.84 -16.17 -2.22
C ASN C 346 -16.77 -14.76 -2.76
N LEU C 347 -16.79 -13.76 -1.90
CA LEU C 347 -16.70 -12.42 -2.43
C LEU C 347 -15.36 -12.19 -3.11
N CYS C 348 -14.28 -12.33 -2.35
CA CYS C 348 -12.99 -12.05 -2.94
C CYS C 348 -12.75 -12.85 -4.19
N LYS C 349 -13.48 -13.92 -4.41
CA LYS C 349 -13.37 -14.51 -5.73
C LYS C 349 -14.25 -13.84 -6.74
N ILE C 350 -15.42 -13.35 -6.34
CA ILE C 350 -16.26 -12.85 -7.41
C ILE C 350 -15.83 -11.46 -7.83
N ILE C 351 -15.13 -10.74 -6.98
CA ILE C 351 -14.76 -9.39 -7.34
C ILE C 351 -13.36 -9.27 -7.91
N GLU C 352 -12.52 -10.27 -7.81
CA GLU C 352 -11.22 -9.77 -8.22
C GLU C 352 -11.12 -9.53 -9.73
N PRO C 353 -11.59 -10.35 -10.58
CA PRO C 353 -11.49 -10.04 -12.00
C PRO C 353 -12.53 -9.02 -12.42
N PHE C 354 -12.61 -7.92 -11.67
CA PHE C 354 -13.45 -6.78 -11.97
C PHE C 354 -12.86 -5.51 -11.40
N GLU C 355 -13.27 -4.39 -11.98
CA GLU C 355 -13.48 -3.18 -11.20
C GLU C 355 -14.63 -2.44 -11.84
N CYS C 356 -15.20 -1.49 -11.14
CA CYS C 356 -16.46 -0.91 -11.54
C CYS C 356 -17.46 -2.01 -11.84
N VAL C 357 -17.75 -2.82 -10.85
CA VAL C 357 -18.70 -3.89 -11.02
C VAL C 357 -19.88 -3.62 -10.14
N GLU C 358 -20.99 -3.21 -10.72
CA GLU C 358 -22.06 -2.71 -9.90
C GLU C 358 -22.61 -3.81 -9.02
N ILE C 359 -23.22 -3.40 -7.93
CA ILE C 359 -23.35 -4.37 -6.86
C ILE C 359 -24.47 -5.31 -7.12
N SER C 360 -25.48 -4.87 -7.84
CA SER C 360 -26.54 -5.79 -8.20
C SER C 360 -25.92 -7.07 -8.69
N HIS C 361 -24.93 -6.92 -9.55
CA HIS C 361 -24.34 -8.07 -10.19
C HIS C 361 -23.74 -9.00 -9.17
N ILE C 362 -22.83 -8.47 -8.37
CA ILE C 362 -22.24 -9.29 -7.32
C ILE C 362 -23.33 -10.02 -6.57
N SER C 363 -24.42 -9.34 -6.25
CA SER C 363 -25.49 -10.07 -5.61
C SER C 363 -25.92 -11.27 -6.43
N LYS C 364 -26.59 -11.00 -7.53
CA LYS C 364 -27.26 -12.08 -8.24
C LYS C 364 -26.31 -13.15 -8.68
N ILE C 365 -25.01 -12.88 -8.70
CA ILE C 365 -24.08 -13.99 -8.76
C ILE C 365 -24.04 -14.73 -7.45
N ILE C 366 -23.71 -14.02 -6.38
CA ILE C 366 -23.59 -14.70 -5.11
C ILE C 366 -24.96 -15.02 -4.56
N GLY C 367 -26.00 -14.40 -5.09
CA GLY C 367 -27.34 -14.74 -4.66
C GLY C 367 -27.66 -14.34 -3.25
N LEU C 368 -27.55 -13.05 -2.96
CA LEU C 368 -27.97 -12.50 -1.67
C LEU C 368 -28.63 -11.17 -1.90
N ASP C 369 -29.20 -10.63 -0.85
CA ASP C 369 -29.61 -9.24 -0.93
C ASP C 369 -28.37 -8.38 -1.13
N THR C 370 -28.55 -7.31 -1.89
CA THR C 370 -27.52 -6.29 -1.96
C THR C 370 -27.14 -5.95 -0.53
N GLN C 371 -28.07 -5.37 0.20
CA GLN C 371 -27.81 -4.85 1.53
C GLN C 371 -26.98 -5.79 2.37
N GLN C 372 -27.30 -7.07 2.33
CA GLN C 372 -26.39 -8.05 2.89
C GLN C 372 -24.99 -7.83 2.36
N VAL C 373 -24.86 -7.82 1.05
CA VAL C 373 -23.55 -7.66 0.45
C VAL C 373 -22.95 -6.35 0.89
N GLU C 374 -23.43 -5.23 0.37
CA GLU C 374 -22.69 -4.00 0.56
C GLU C 374 -22.50 -3.67 2.02
N GLY C 375 -23.29 -4.26 2.89
CA GLY C 375 -22.85 -4.29 4.25
C GLY C 375 -21.53 -5.04 4.28
N LYS C 376 -21.53 -6.28 3.79
CA LYS C 376 -20.34 -7.10 3.88
C LYS C 376 -19.14 -6.43 3.23
N LEU C 377 -19.27 -6.08 1.95
CA LEU C 377 -18.20 -5.33 1.34
C LEU C 377 -17.78 -4.19 2.21
N SER C 378 -18.71 -3.48 2.82
CA SER C 378 -18.27 -2.39 3.65
C SER C 378 -17.31 -2.88 4.71
N GLN C 379 -17.64 -3.97 5.39
CA GLN C 379 -16.69 -4.43 6.39
C GLN C 379 -15.38 -4.85 5.78
N MET C 380 -15.40 -5.43 4.61
CA MET C 380 -14.14 -5.84 4.02
C MET C 380 -13.27 -4.64 3.70
N ILE C 381 -13.80 -3.70 2.92
CA ILE C 381 -13.12 -2.45 2.62
C ILE C 381 -12.56 -1.86 3.88
N LEU C 382 -13.32 -1.92 4.93
CA LEU C 382 -12.95 -1.28 6.17
C LEU C 382 -11.93 -2.06 6.94
N ASP C 383 -11.74 -3.33 6.64
CA ASP C 383 -10.72 -4.11 7.31
C ASP C 383 -9.43 -4.15 6.53
N LYS C 384 -9.31 -3.33 5.50
CA LYS C 384 -8.17 -3.38 4.61
C LYS C 384 -7.95 -4.75 4.06
N ILE C 385 -9.02 -5.46 3.75
CA ILE C 385 -8.83 -6.67 2.99
C ILE C 385 -8.52 -6.36 1.54
N PHE C 386 -9.46 -5.87 0.75
CA PHE C 386 -9.10 -5.73 -0.64
C PHE C 386 -8.87 -4.34 -1.24
N TYR C 387 -8.90 -3.25 -0.52
CA TYR C 387 -8.51 -1.97 -1.14
C TYR C 387 -9.38 -1.57 -2.32
N GLY C 388 -10.60 -1.13 -2.06
CA GLY C 388 -11.40 -0.53 -3.10
C GLY C 388 -12.44 0.36 -2.43
N VAL C 389 -13.37 0.86 -3.20
CA VAL C 389 -14.33 1.73 -2.55
C VAL C 389 -15.66 1.71 -3.28
N LEU C 390 -16.73 1.83 -2.51
CA LEU C 390 -18.08 1.71 -3.00
C LEU C 390 -18.65 3.07 -3.28
N ASP C 391 -19.21 3.21 -4.45
CA ASP C 391 -19.97 4.37 -4.86
C ASP C 391 -21.43 3.97 -4.78
N GLN C 392 -22.13 4.44 -3.78
CA GLN C 392 -23.53 4.08 -3.76
C GLN C 392 -24.34 4.97 -4.66
N GLY C 393 -23.77 6.09 -5.07
CA GLY C 393 -24.49 6.91 -6.03
C GLY C 393 -24.88 6.11 -7.24
N ASN C 394 -23.93 5.44 -7.85
CA ASN C 394 -24.23 4.71 -9.06
C ASN C 394 -24.39 3.23 -8.86
N GLY C 395 -24.32 2.75 -7.64
CA GLY C 395 -24.45 1.34 -7.40
C GLY C 395 -23.18 0.56 -7.65
N TRP C 396 -22.04 1.22 -7.67
CA TRP C 396 -20.83 0.63 -8.19
C TRP C 396 -19.87 0.27 -7.10
N LEU C 397 -19.05 -0.71 -7.40
CA LEU C 397 -17.92 -1.06 -6.59
C LEU C 397 -16.65 -0.89 -7.39
N TYR C 398 -15.76 -0.04 -6.91
CA TYR C 398 -14.45 0.05 -7.52
C TYR C 398 -13.49 -0.83 -6.78
N VAL C 399 -12.61 -1.48 -7.50
CA VAL C 399 -11.49 -2.16 -6.86
C VAL C 399 -10.22 -1.42 -7.25
N TYR C 400 -9.22 -1.49 -6.39
CA TYR C 400 -7.91 -0.97 -6.66
C TYR C 400 -6.90 -2.08 -6.51
N GLU C 401 -5.80 -1.95 -7.26
CA GLU C 401 -4.73 -2.95 -7.28
C GLU C 401 -3.88 -2.95 -6.03
N THR C 402 -3.53 -1.74 -5.63
CA THR C 402 -2.73 -1.48 -4.45
C THR C 402 -3.36 -0.19 -3.99
N PRO C 403 -3.23 0.12 -2.73
CA PRO C 403 -3.88 1.34 -2.26
C PRO C 403 -3.18 2.56 -2.82
N ASN C 404 -3.93 3.62 -2.99
CA ASN C 404 -3.36 4.88 -3.43
C ASN C 404 -3.11 5.71 -2.19
N GLN C 405 -1.85 5.89 -1.85
CA GLN C 405 -1.35 6.98 -1.04
C GLN C 405 0.12 7.06 -1.33
N ASP C 406 0.70 8.17 -1.07
CA ASP C 406 2.14 8.21 -1.23
C ASP C 406 2.76 8.43 0.14
N ALA C 407 3.43 7.39 0.63
CA ALA C 407 4.12 7.52 1.90
C ALA C 407 4.89 8.82 1.94
N THR C 408 5.65 9.09 0.89
CA THR C 408 6.33 10.38 0.82
C THR C 408 5.33 11.45 1.09
N TYR C 409 4.39 11.66 0.18
CA TYR C 409 3.47 12.76 0.35
C TYR C 409 2.93 12.88 1.73
N ASP C 410 2.59 11.77 2.35
CA ASP C 410 2.22 11.90 3.74
C ASP C 410 3.31 12.60 4.52
N SER C 411 4.47 11.97 4.60
CA SER C 411 5.47 12.52 5.47
C SER C 411 5.83 13.93 5.09
N ALA C 412 5.59 14.34 3.85
CA ALA C 412 5.57 15.77 3.59
C ALA C 412 4.57 16.44 4.49
N LEU C 413 3.37 15.88 4.59
CA LEU C 413 2.34 16.55 5.36
C LEU C 413 2.71 16.65 6.82
N GLU C 414 3.23 15.59 7.40
CA GLU C 414 3.72 15.72 8.77
C GLU C 414 4.79 16.80 8.86
N LEU C 415 5.71 16.79 7.92
CA LEU C 415 6.81 17.74 8.00
C LEU C 415 6.29 19.14 8.08
N VAL C 416 5.48 19.53 7.10
CA VAL C 416 4.87 20.84 7.16
C VAL C 416 4.19 21.07 8.51
N GLY C 417 3.61 20.03 9.08
CA GLY C 417 3.08 20.24 10.40
C GLY C 417 4.11 20.72 11.39
N GLN C 418 5.15 19.94 11.60
CA GLN C 418 6.15 20.29 12.60
C GLN C 418 6.72 21.65 12.33
N LEU C 419 7.16 21.89 11.10
CA LEU C 419 7.69 23.20 10.79
C LEU C 419 6.73 24.28 11.23
N ASN C 420 5.51 24.21 10.73
CA ASN C 420 4.50 25.19 11.05
C ASN C 420 4.45 25.44 12.53
N LYS C 421 4.69 24.41 13.33
CA LYS C 421 4.85 24.67 14.74
C LYS C 421 6.09 25.51 15.01
N VAL C 422 7.24 25.07 14.52
CA VAL C 422 8.51 25.71 14.86
C VAL C 422 8.45 27.20 14.64
N VAL C 423 8.07 27.60 13.44
CA VAL C 423 8.14 29.00 13.09
C VAL C 423 7.50 29.87 14.14
N ASP C 424 6.54 29.32 14.87
CA ASP C 424 6.00 30.05 16.00
C ASP C 424 7.07 30.25 17.07
N GLN C 425 7.85 29.22 17.35
CA GLN C 425 8.91 29.40 18.33
C GLN C 425 10.00 30.31 17.81
N LEU C 426 10.42 30.13 16.57
CA LEU C 426 11.40 31.07 16.06
C LEU C 426 10.89 32.47 16.28
N PHE C 427 9.80 32.80 15.62
CA PHE C 427 9.33 34.17 15.65
C PHE C 427 9.00 34.62 17.05
N GLU C 428 8.82 33.69 17.96
CA GLU C 428 8.71 34.06 19.35
C GLU C 428 9.95 34.78 19.86
N LYS C 429 11.06 34.69 19.17
CA LYS C 429 12.27 35.28 19.71
C LYS C 429 12.39 36.74 19.39
N ALA C 430 11.31 37.37 18.96
CA ALA C 430 11.30 38.76 18.52
C ALA C 430 11.74 39.75 19.57
N SER C 431 12.00 39.31 20.80
CA SER C 431 12.83 40.06 21.75
C SER C 431 13.75 41.09 21.10
N VAL D 21 -8.43 4.42 55.05
CA VAL D 21 -8.76 4.50 53.64
C VAL D 21 -9.91 5.48 53.48
N PRO D 22 -9.61 6.68 52.99
CA PRO D 22 -10.66 7.69 52.85
C PRO D 22 -11.76 7.09 51.99
N ASN D 23 -12.98 7.11 52.50
CA ASN D 23 -13.96 6.15 52.02
C ASN D 23 -14.74 6.74 50.86
N TYR D 24 -14.49 6.23 49.68
CA TYR D 24 -14.91 6.95 48.50
C TYR D 24 -16.38 6.74 48.19
N GLU D 25 -16.85 5.50 48.26
CA GLU D 25 -18.24 5.21 47.91
C GLU D 25 -19.16 6.19 48.59
N VAL D 26 -18.78 6.61 49.79
CA VAL D 26 -19.38 7.80 50.38
C VAL D 26 -19.41 8.90 49.35
N SER D 27 -18.26 9.18 48.75
CA SER D 27 -18.18 10.33 47.86
C SER D 27 -19.04 10.13 46.63
N GLU D 28 -18.87 9.02 45.92
CA GLU D 28 -19.71 8.83 44.75
C GLU D 28 -21.18 8.95 45.09
N LYS D 29 -21.64 8.18 46.07
CA LYS D 29 -23.04 8.28 46.44
C LYS D 29 -23.39 9.72 46.78
N ALA D 30 -22.42 10.50 47.24
CA ALA D 30 -22.69 11.91 47.43
C ALA D 30 -22.95 12.58 46.10
N PHE D 31 -21.99 12.45 45.19
CA PHE D 31 -22.12 13.09 43.89
C PHE D 31 -23.48 12.81 43.30
N LEU D 32 -23.95 11.58 43.47
CA LEU D 32 -25.19 11.19 42.84
C LEU D 32 -26.30 12.18 43.11
N LEU D 33 -26.21 12.90 44.22
CA LEU D 33 -27.35 13.69 44.67
C LEU D 33 -27.51 14.95 43.85
N THR D 34 -26.40 15.65 43.64
CA THR D 34 -26.43 16.92 42.93
C THR D 34 -27.15 16.79 41.60
N GLN D 35 -26.78 15.77 40.84
CA GLN D 35 -27.18 15.66 39.44
C GLN D 35 -28.69 15.64 39.31
N SER D 36 -29.21 16.57 38.53
CA SER D 36 -30.63 16.51 38.22
C SER D 36 -30.94 15.33 37.32
N LYS D 37 -30.04 15.01 36.40
CA LYS D 37 -30.33 14.01 35.39
C LYS D 37 -30.58 12.66 36.02
N VAL D 38 -29.66 12.24 36.89
CA VAL D 38 -29.73 10.90 37.44
C VAL D 38 -31.07 10.69 38.11
N SER D 39 -31.56 9.46 38.08
CA SER D 39 -32.89 9.20 38.60
C SER D 39 -32.99 9.58 40.06
N ILE D 40 -33.95 10.46 40.37
CA ILE D 40 -34.17 10.89 41.74
C ILE D 40 -34.32 9.69 42.65
N GLU D 41 -34.99 8.65 42.15
CA GLU D 41 -35.20 7.50 42.99
C GLU D 41 -33.87 6.97 43.48
N GLN D 42 -32.98 6.61 42.56
CA GLN D 42 -31.63 6.23 42.93
C GLN D 42 -31.00 7.24 43.86
N ARG D 43 -31.24 8.52 43.63
CA ARG D 43 -30.64 9.56 44.45
C ARG D 43 -31.03 9.37 45.92
N LYS D 44 -32.32 9.38 46.19
CA LYS D 44 -32.80 9.13 47.52
C LYS D 44 -32.52 7.70 47.97
N GLU D 45 -32.06 6.83 47.08
CA GLU D 45 -31.62 5.51 47.48
C GLU D 45 -30.24 5.54 48.11
N ALA D 46 -29.30 6.22 47.46
CA ALA D 46 -27.98 6.32 48.06
C ALA D 46 -27.99 7.28 49.24
N ALA D 47 -29.03 8.10 49.35
CA ALA D 47 -29.13 9.00 50.50
C ALA D 47 -28.84 8.25 51.79
N GLU D 48 -29.73 7.35 52.20
CA GLU D 48 -29.51 6.68 53.47
C GLU D 48 -28.18 5.96 53.53
N PHE D 49 -27.63 5.58 52.38
CA PHE D 49 -26.27 5.07 52.37
C PHE D 49 -25.33 6.08 53.00
N VAL D 50 -25.33 7.31 52.47
CA VAL D 50 -24.40 8.28 53.02
C VAL D 50 -24.79 8.62 54.45
N LEU D 51 -26.08 8.73 54.74
CA LEU D 51 -26.48 8.98 56.12
C LEU D 51 -25.77 8.01 57.05
N ALA D 52 -25.78 6.74 56.67
CA ALA D 52 -25.04 5.73 57.40
C ALA D 52 -23.58 6.10 57.51
N LYS D 53 -22.86 6.06 56.39
CA LYS D 53 -21.41 6.24 56.43
C LYS D 53 -21.03 7.48 57.21
N ILE D 54 -21.91 8.46 57.24
CA ILE D 54 -21.82 9.56 58.19
C ILE D 54 -21.78 8.94 59.56
N LYS D 55 -22.94 8.41 59.96
CA LYS D 55 -23.19 8.14 61.37
C LYS D 55 -22.10 7.28 61.94
N GLU D 56 -21.72 6.22 61.23
CA GLU D 56 -20.63 5.47 61.81
C GLU D 56 -19.28 6.12 61.54
N GLU D 57 -19.12 6.87 60.47
CA GLU D 57 -17.78 7.23 60.08
C GLU D 57 -17.32 8.61 60.50
N GLU D 58 -18.14 9.37 61.23
CA GLU D 58 -17.73 10.69 61.69
C GLU D 58 -17.35 11.58 60.51
N MET D 59 -18.37 11.89 59.72
CA MET D 59 -18.18 12.70 58.54
C MET D 59 -18.26 14.18 58.84
N ALA D 60 -18.37 14.54 60.11
CA ALA D 60 -18.79 15.89 60.47
C ALA D 60 -18.18 17.00 59.62
N PRO D 61 -16.86 17.09 59.45
CA PRO D 61 -16.35 18.17 58.60
C PRO D 61 -16.92 18.00 57.23
N TYR D 62 -16.79 16.80 56.72
CA TYR D 62 -17.37 16.44 55.46
C TYR D 62 -18.88 16.53 55.53
N TYR D 63 -19.46 16.42 56.72
CA TYR D 63 -20.91 16.58 56.83
C TYR D 63 -21.32 17.98 56.44
N LYS D 64 -20.80 18.98 57.15
CA LYS D 64 -21.08 20.33 56.75
C LYS D 64 -20.74 20.53 55.29
N TYR D 65 -19.68 19.88 54.85
CA TYR D 65 -19.30 20.01 53.45
C TYR D 65 -20.39 19.49 52.52
N LEU D 66 -21.17 18.53 52.98
CA LEU D 66 -22.26 18.05 52.13
C LEU D 66 -23.48 18.93 52.23
N CYS D 67 -23.79 19.41 53.44
CA CYS D 67 -24.92 20.33 53.54
C CYS D 67 -24.50 21.61 52.86
N GLU D 68 -23.24 21.64 52.41
CA GLU D 68 -22.75 22.58 51.43
C GLU D 68 -23.06 22.13 50.00
N GLU D 69 -22.85 20.86 49.70
CA GLU D 69 -23.04 20.47 48.31
C GLU D 69 -24.47 20.05 48.01
N TYR D 70 -25.31 19.85 49.02
CA TYR D 70 -26.75 19.76 48.78
C TYR D 70 -27.25 21.01 48.05
N LEU D 71 -26.55 22.13 48.23
CA LEU D 71 -27.17 23.44 48.15
C LEU D 71 -27.62 23.80 46.74
N VAL D 72 -26.69 23.81 45.80
CA VAL D 72 -26.99 24.48 44.55
C VAL D 72 -25.95 24.16 43.48
N LYS D 93 -31.11 15.25 56.76
CA LYS D 93 -31.12 16.63 56.34
C LYS D 93 -30.00 17.37 57.07
N PHE D 94 -30.32 18.08 58.16
CA PHE D 94 -29.30 18.81 58.89
C PHE D 94 -29.23 18.33 60.33
N ASP D 95 -30.19 18.68 61.19
CA ASP D 95 -30.24 18.21 62.57
C ASP D 95 -28.91 18.47 63.29
N GLN D 96 -28.73 19.74 63.63
CA GLN D 96 -27.46 20.19 64.18
C GLN D 96 -26.94 19.25 65.26
N GLU D 97 -27.83 18.80 66.15
CA GLU D 97 -27.46 17.90 67.23
C GLU D 97 -26.63 16.74 66.73
N LEU D 98 -27.04 16.16 65.61
CA LEU D 98 -26.32 15.07 65.01
C LEU D 98 -24.88 15.48 64.78
N TYR D 99 -24.69 16.54 64.00
CA TYR D 99 -23.35 17.08 63.76
C TYR D 99 -22.61 17.26 65.06
N ASN D 100 -23.24 17.93 66.02
CA ASN D 100 -22.64 18.24 67.29
C ASN D 100 -22.03 16.98 67.88
N GLU D 101 -22.84 15.94 67.98
CA GLU D 101 -22.38 14.68 68.52
C GLU D 101 -21.20 14.15 67.73
N LEU D 102 -21.36 14.07 66.41
CA LEU D 102 -20.30 13.52 65.58
C LEU D 102 -18.99 14.21 65.89
N CYS D 103 -19.02 15.53 66.06
CA CYS D 103 -17.86 16.25 66.57
C CYS D 103 -17.42 15.67 67.90
N LYS D 104 -18.35 15.64 68.85
CA LYS D 104 -18.03 15.23 70.22
C LYS D 104 -17.24 13.95 70.20
N LYS D 105 -17.64 13.03 69.36
CA LYS D 105 -16.83 11.84 69.21
C LYS D 105 -15.61 12.09 68.35
N ASN D 106 -15.55 13.21 67.64
CA ASN D 106 -14.35 13.49 66.87
C ASN D 106 -13.21 13.87 67.78
N GLU D 107 -13.41 14.86 68.65
CA GLU D 107 -12.33 15.09 69.60
C GLU D 107 -12.26 13.95 70.58
N SER D 108 -13.38 13.24 70.77
CA SER D 108 -13.40 12.15 71.74
C SER D 108 -12.49 11.03 71.31
N LYS D 109 -12.68 10.50 70.10
CA LYS D 109 -11.79 9.45 69.65
C LYS D 109 -10.44 9.98 69.20
N ILE D 110 -10.36 11.22 68.73
CA ILE D 110 -9.03 11.69 68.37
C ILE D 110 -8.20 11.83 69.62
N LYS D 111 -8.86 12.09 70.74
CA LYS D 111 -8.21 12.30 72.02
C LYS D 111 -7.16 11.24 72.28
N GLU D 112 -7.63 10.01 72.44
CA GLU D 112 -6.75 8.91 72.78
C GLU D 112 -5.53 8.92 71.90
N LEU D 113 -5.74 9.13 70.61
CA LEU D 113 -4.59 9.34 69.73
C LEU D 113 -3.79 10.55 70.14
N ASN D 114 -4.39 11.51 70.83
CA ASN D 114 -3.63 12.68 71.24
C ASN D 114 -2.68 12.32 72.37
N GLU D 115 -3.16 11.57 73.35
CA GLU D 115 -2.26 11.20 74.43
C GLU D 115 -1.28 10.13 73.98
N LYS D 116 -1.75 9.22 73.12
CA LYS D 116 -0.84 8.35 72.40
C LYS D 116 0.24 9.16 71.72
N ILE D 117 -0.11 10.35 71.24
CA ILE D 117 0.91 11.27 70.76
C ILE D 117 1.86 11.61 71.89
N GLN D 118 1.33 11.90 73.08
CA GLN D 118 2.21 12.18 74.21
C GLN D 118 3.27 11.09 74.31
N LYS D 119 2.81 9.85 74.22
CA LYS D 119 3.72 8.74 74.00
C LYS D 119 4.60 8.93 72.78
N LEU D 120 4.08 9.57 71.72
CA LEU D 120 4.95 9.81 70.56
C LEU D 120 6.19 10.56 70.97
N GLU D 121 6.03 11.84 71.31
CA GLU D 121 7.23 12.64 71.52
C GLU D 121 8.07 12.09 72.65
N GLU D 122 7.44 11.55 73.69
CA GLU D 122 8.25 11.05 74.80
C GLU D 122 9.02 9.81 74.40
N ASP D 123 8.35 8.83 73.82
CA ASP D 123 8.93 7.53 73.59
C ASP D 123 9.74 7.50 72.31
N ASP D 124 10.86 6.78 72.37
CA ASP D 124 12.00 6.96 71.50
C ASP D 124 11.87 6.22 70.17
N GLU D 125 10.75 5.55 69.92
CA GLU D 125 10.45 5.04 68.60
C GLU D 125 9.67 6.04 67.78
N GLY D 126 9.54 7.27 68.29
CA GLY D 126 8.92 8.34 67.52
C GLY D 126 9.45 8.43 66.12
N GLU D 127 10.73 8.11 65.93
CA GLU D 127 11.30 8.13 64.59
C GLU D 127 10.83 6.93 63.77
N LEU D 128 10.25 5.94 64.44
CA LEU D 128 9.70 4.84 63.65
C LEU D 128 8.29 4.55 64.08
N GLU D 129 8.13 4.01 65.29
CA GLU D 129 6.82 3.51 65.67
C GLU D 129 5.84 4.64 65.93
N GLN D 130 6.21 5.56 66.81
CA GLN D 130 5.29 6.64 67.11
C GLN D 130 5.01 7.45 65.85
N ALA D 131 5.97 7.48 64.91
CA ALA D 131 5.68 8.00 63.58
C ALA D 131 4.49 7.26 62.98
N GLN D 132 4.49 5.93 63.08
CA GLN D 132 3.34 5.17 62.63
C GLN D 132 2.07 5.62 63.33
N ALA D 133 2.15 5.84 64.63
CA ALA D 133 0.95 6.29 65.34
C ALA D 133 0.48 7.62 64.79
N TRP D 134 1.42 8.51 64.44
CA TRP D 134 1.05 9.70 63.68
C TRP D 134 0.24 9.30 62.48
N ILE D 135 0.82 8.42 61.66
CA ILE D 135 0.20 8.03 60.41
C ILE D 135 -1.24 7.62 60.66
N ASN D 136 -1.48 7.01 61.81
CA ASN D 136 -2.83 6.70 62.20
C ASN D 136 -3.58 7.94 62.68
N LEU D 137 -2.85 8.96 63.10
CA LEU D 137 -3.50 10.22 63.44
C LEU D 137 -4.07 10.87 62.19
N GLY D 138 -3.21 11.17 61.22
CA GLY D 138 -3.68 11.83 60.02
C GLY D 138 -4.66 10.98 59.27
N GLU D 139 -4.36 9.68 59.17
CA GLU D 139 -5.39 8.77 58.71
C GLU D 139 -6.67 9.04 59.46
N TYR D 140 -6.58 9.16 60.77
CA TYR D 140 -7.81 9.34 61.52
C TYR D 140 -8.53 10.58 61.06
N TYR D 141 -7.80 11.61 60.66
CA TYR D 141 -8.43 12.70 59.95
C TYR D 141 -9.14 12.22 58.71
N ALA D 142 -8.52 11.31 57.96
CA ALA D 142 -9.20 10.77 56.79
C ALA D 142 -10.53 10.19 57.19
N GLN D 143 -10.55 9.28 58.16
CA GLN D 143 -11.83 8.80 58.64
C GLN D 143 -12.76 9.94 58.98
N ILE D 144 -12.23 10.98 59.62
CA ILE D 144 -13.04 12.16 59.82
C ILE D 144 -13.44 12.73 58.48
N GLY D 145 -12.58 12.57 57.49
CA GLY D 145 -12.83 13.23 56.22
C GLY D 145 -12.64 14.73 56.30
N ASP D 146 -11.60 15.16 57.01
CA ASP D 146 -11.22 16.57 57.07
C ASP D 146 -9.88 16.74 56.38
N LYS D 147 -9.87 17.54 55.32
CA LYS D 147 -8.72 17.58 54.43
C LYS D 147 -7.51 18.20 55.11
N ASP D 148 -7.69 19.37 55.69
CA ASP D 148 -6.57 20.21 56.06
C ASP D 148 -5.64 19.55 57.06
N ASN D 149 -6.13 18.59 57.81
CA ASN D 149 -5.41 18.18 58.98
C ASN D 149 -4.39 17.09 58.71
N ALA D 150 -4.80 16.09 57.92
CA ALA D 150 -3.96 14.94 57.70
C ALA D 150 -2.75 15.31 56.88
N GLU D 151 -2.87 16.28 56.00
CA GLU D 151 -1.69 16.77 55.33
C GLU D 151 -0.65 17.18 56.35
N LYS D 152 -1.07 17.92 57.37
CA LYS D 152 -0.18 18.34 58.42
C LYS D 152 0.47 17.15 59.08
N THR D 153 -0.32 16.40 59.84
CA THR D 153 0.26 15.37 60.70
C THR D 153 1.01 14.34 59.88
N LEU D 154 0.52 14.05 58.68
CA LEU D 154 1.16 13.07 57.83
C LEU D 154 2.44 13.61 57.23
N GLY D 155 2.54 14.92 57.01
CA GLY D 155 3.82 15.49 56.61
C GLY D 155 4.83 15.41 57.74
N LYS D 156 4.39 15.74 58.95
CA LYS D 156 5.19 15.46 60.13
C LYS D 156 5.71 14.04 60.09
N SER D 157 4.83 13.11 59.74
CA SER D 157 5.25 11.73 59.58
C SER D 157 6.23 11.60 58.43
N LEU D 158 6.11 12.45 57.42
CA LEU D 158 6.97 12.34 56.25
C LEU D 158 8.42 12.57 56.63
N SER D 159 8.69 13.70 57.28
CA SER D 159 10.07 14.10 57.46
C SER D 159 10.86 13.09 58.29
N LYS D 160 10.20 12.33 59.15
CA LYS D 160 10.90 11.31 59.91
C LYS D 160 11.39 10.20 58.99
N ALA D 161 12.36 9.44 59.48
CA ALA D 161 12.96 8.36 58.71
C ALA D 161 12.18 7.07 58.92
N ILE D 162 11.79 6.46 57.81
CA ILE D 162 10.83 5.35 57.79
C ILE D 162 10.99 4.50 56.54
N SER D 163 9.98 3.68 56.27
CA SER D 163 9.96 2.82 55.10
C SER D 163 10.01 3.61 53.81
N THR D 164 10.69 3.04 52.83
CA THR D 164 10.63 3.56 51.47
C THR D 164 9.24 3.30 50.93
N GLY D 165 8.57 4.34 50.52
CA GLY D 165 7.20 4.21 50.10
C GLY D 165 6.19 4.40 51.19
N ALA D 166 6.57 4.20 52.45
CA ALA D 166 5.75 4.76 53.51
C ALA D 166 5.49 6.23 53.22
N LYS D 167 6.54 6.91 52.78
CA LYS D 167 6.38 8.20 52.11
C LYS D 167 5.33 8.09 51.02
N ILE D 168 5.57 7.18 50.06
CA ILE D 168 4.64 7.00 48.97
C ILE D 168 3.25 6.71 49.50
N ASP D 169 3.14 5.73 50.37
CA ASP D 169 1.84 5.33 50.89
C ASP D 169 1.08 6.56 51.35
N VAL D 170 1.73 7.36 52.18
CA VAL D 170 1.08 8.55 52.69
C VAL D 170 0.68 9.47 51.54
N MET D 171 1.67 9.90 50.76
CA MET D 171 1.39 10.88 49.72
C MET D 171 0.23 10.44 48.88
N LEU D 172 0.25 9.19 48.43
CA LEU D 172 -0.90 8.61 47.80
C LEU D 172 -2.15 8.90 48.60
N THR D 173 -2.08 8.75 49.92
CA THR D 173 -3.29 8.98 50.69
C THR D 173 -3.72 10.42 50.55
N ILE D 174 -2.78 11.33 50.79
CA ILE D 174 -3.05 12.76 50.65
C ILE D 174 -3.76 13.04 49.34
N ALA D 175 -3.22 12.48 48.26
CA ALA D 175 -3.91 12.55 46.99
C ALA D 175 -5.33 12.05 47.14
N ARG D 176 -5.49 10.86 47.73
CA ARG D 176 -6.81 10.27 47.83
C ARG D 176 -7.77 11.24 48.48
N LEU D 177 -7.27 12.08 49.35
CA LEU D 177 -8.05 13.22 49.77
C LEU D 177 -8.33 14.12 48.59
N GLY D 178 -7.31 14.30 47.76
CA GLY D 178 -7.54 15.13 46.60
C GLY D 178 -8.70 14.64 45.77
N PHE D 179 -8.63 13.40 45.31
CA PHE D 179 -9.73 12.85 44.57
C PHE D 179 -11.00 13.02 45.34
N PHE D 180 -10.95 12.71 46.63
CA PHE D 180 -12.16 12.67 47.41
C PHE D 180 -12.89 13.99 47.38
N TYR D 181 -12.16 15.09 47.40
CA TYR D 181 -12.83 16.37 47.35
C TYR D 181 -12.91 16.96 45.96
N ASN D 182 -12.31 16.33 44.97
CA ASN D 182 -12.26 16.87 43.62
C ASN D 182 -11.49 18.20 43.57
N ASP D 183 -10.30 18.19 44.13
CA ASP D 183 -9.35 19.25 43.84
C ASP D 183 -8.24 18.62 43.02
N GLN D 184 -8.20 18.97 41.75
CA GLN D 184 -7.36 18.21 40.84
C GLN D 184 -5.91 18.65 40.93
N LEU D 185 -5.68 19.95 40.99
CA LEU D 185 -4.32 20.43 41.18
C LEU D 185 -3.71 19.81 42.41
N TYR D 186 -4.44 19.94 43.52
CA TYR D 186 -3.99 19.47 44.81
C TYR D 186 -3.49 18.05 44.72
N VAL D 187 -4.07 17.27 43.83
CA VAL D 187 -3.49 15.99 43.47
C VAL D 187 -2.21 16.21 42.69
N LYS D 188 -2.33 16.98 41.62
CA LYS D 188 -1.30 17.00 40.61
C LYS D 188 0.06 17.18 41.25
N GLU D 189 0.16 18.19 42.10
CA GLU D 189 1.40 18.43 42.81
C GLU D 189 1.87 17.19 43.56
N LYS D 190 0.95 16.55 44.28
CA LYS D 190 1.36 15.40 45.07
C LYS D 190 2.02 14.38 44.18
N LEU D 191 1.31 13.96 43.14
CA LEU D 191 1.87 12.92 42.29
C LEU D 191 3.22 13.33 41.75
N GLU D 192 3.35 14.62 41.45
CA GLU D 192 4.66 15.13 41.08
C GLU D 192 5.70 14.75 42.13
N ALA D 193 5.41 15.01 43.40
CA ALA D 193 6.32 14.55 44.44
C ALA D 193 6.63 13.08 44.26
N VAL D 194 5.57 12.29 44.04
CA VAL D 194 5.76 10.86 44.02
C VAL D 194 6.59 10.45 42.82
N ASN D 195 6.74 11.32 41.83
CA ASN D 195 7.65 11.01 40.74
C ASN D 195 9.01 10.68 41.31
N SER D 196 9.67 11.70 41.85
CA SER D 196 10.93 11.50 42.53
C SER D 196 10.83 10.38 43.54
N MET D 197 9.80 10.40 44.38
CA MET D 197 9.72 9.44 45.47
C MET D 197 9.85 8.00 44.98
N ILE D 198 9.18 7.67 43.88
CA ILE D 198 9.27 6.32 43.38
C ILE D 198 10.56 6.12 42.61
N GLU D 199 11.01 7.15 41.88
CA GLU D 199 12.32 7.07 41.27
C GLU D 199 13.35 6.68 42.29
N LYS D 200 13.08 6.98 43.56
CA LYS D 200 13.87 6.51 44.68
C LYS D 200 13.43 5.10 45.10
N GLY D 201 12.13 4.86 45.13
CA GLY D 201 11.59 3.57 45.53
C GLY D 201 11.67 2.49 44.47
N GLY D 202 11.28 2.80 43.25
CA GLY D 202 11.43 1.88 42.15
C GLY D 202 10.63 0.60 42.25
N ASP D 203 9.80 0.46 43.27
CA ASP D 203 9.04 -0.78 43.43
C ASP D 203 7.88 -0.77 42.46
N TRP D 204 7.85 -1.74 41.56
CA TRP D 204 6.83 -1.67 40.54
C TRP D 204 5.45 -1.94 41.10
N GLU D 205 5.34 -2.50 42.29
CA GLU D 205 4.02 -2.70 42.86
C GLU D 205 3.41 -1.37 43.25
N ARG D 206 4.11 -0.62 44.07
CA ARG D 206 3.64 0.69 44.44
C ARG D 206 3.52 1.58 43.21
N ARG D 207 4.57 1.61 42.39
CA ARG D 207 4.52 2.42 41.18
C ARG D 207 3.30 2.10 40.35
N ASN D 208 3.06 0.82 40.10
CA ASN D 208 1.84 0.45 39.42
C ASN D 208 0.61 0.93 40.15
N ARG D 209 0.71 1.22 41.44
CA ARG D 209 -0.44 1.91 42.01
C ARG D 209 -0.43 3.37 41.59
N TYR D 210 0.74 3.99 41.61
CA TYR D 210 0.87 5.36 41.15
C TYR D 210 0.17 5.53 39.82
N LYS D 211 0.54 4.71 38.84
CA LYS D 211 -0.03 4.88 37.52
C LYS D 211 -1.54 4.78 37.55
N THR D 212 -2.10 3.94 38.39
CA THR D 212 -3.55 3.94 38.50
C THR D 212 -4.04 5.30 38.93
N TYR D 213 -3.43 5.86 39.97
CA TYR D 213 -3.82 7.19 40.36
C TYR D 213 -3.71 8.13 39.19
N TYR D 214 -2.47 8.42 38.83
CA TYR D 214 -2.19 9.46 37.86
C TYR D 214 -2.99 9.30 36.62
N GLY D 215 -3.34 8.09 36.26
CA GLY D 215 -4.26 7.93 35.18
C GLY D 215 -5.61 8.46 35.53
N ILE D 216 -6.28 7.92 36.56
CA ILE D 216 -7.66 8.34 36.73
C ILE D 216 -7.70 9.83 36.95
N HIS D 217 -6.60 10.39 37.43
CA HIS D 217 -6.42 11.81 37.31
C HIS D 217 -6.50 12.24 35.86
N CYS D 218 -5.63 11.69 35.01
CA CYS D 218 -5.59 12.16 33.64
C CYS D 218 -6.96 12.19 33.05
N LEU D 219 -7.81 11.31 33.52
CA LEU D 219 -9.17 11.38 33.06
C LEU D 219 -9.91 12.49 33.76
N ALA D 220 -9.61 12.72 35.03
CA ALA D 220 -10.33 13.77 35.75
C ALA D 220 -10.22 15.07 35.00
N VAL D 221 -9.00 15.53 34.75
CA VAL D 221 -8.81 16.55 33.74
C VAL D 221 -9.23 15.92 32.43
N ARG D 222 -9.74 16.70 31.51
CA ARG D 222 -10.33 15.98 30.39
C ARG D 222 -9.19 15.79 29.43
N ASN D 223 -8.47 14.70 29.67
CA ASN D 223 -7.38 14.26 28.83
C ASN D 223 -7.51 12.76 28.77
N PHE D 224 -8.00 12.23 27.67
CA PHE D 224 -8.04 10.80 27.61
C PHE D 224 -6.75 10.22 27.08
N LYS D 225 -6.18 10.91 26.10
CA LYS D 225 -5.14 10.30 25.29
C LYS D 225 -4.09 9.66 26.15
N GLU D 226 -3.81 10.25 27.29
CA GLU D 226 -2.92 9.58 28.20
C GLU D 226 -3.66 8.50 28.96
N ALA D 227 -4.84 8.87 29.45
CA ALA D 227 -5.54 8.02 30.40
C ALA D 227 -5.61 6.61 29.87
N ALA D 228 -6.14 6.46 28.66
CA ALA D 228 -6.26 5.13 28.10
C ALA D 228 -4.94 4.40 28.16
N LYS D 229 -3.89 5.01 27.63
CA LYS D 229 -2.67 4.25 27.43
C LYS D 229 -2.15 3.72 28.73
N LEU D 230 -2.24 4.50 29.80
CA LEU D 230 -1.68 3.92 31.00
C LEU D 230 -2.66 3.02 31.71
N LEU D 231 -3.93 3.37 31.75
CA LEU D 231 -4.72 2.59 32.66
C LEU D 231 -5.30 1.33 32.06
N VAL D 232 -5.17 1.10 30.77
CA VAL D 232 -5.44 -0.25 30.30
C VAL D 232 -4.50 -1.21 30.99
N ASP D 233 -3.22 -0.89 30.97
CA ASP D 233 -2.26 -1.68 31.71
C ASP D 233 -2.62 -1.69 33.19
N SER D 234 -3.07 -0.55 33.72
CA SER D 234 -3.56 -0.63 35.09
C SER D 234 -4.72 -1.58 35.19
N LEU D 235 -5.33 -1.92 34.08
CA LEU D 235 -6.37 -2.91 34.16
C LEU D 235 -5.78 -4.29 34.14
N ALA D 236 -4.52 -4.42 33.73
CA ALA D 236 -3.81 -5.68 33.97
C ALA D 236 -3.77 -6.02 35.45
N THR D 237 -3.45 -5.04 36.30
CA THR D 237 -3.31 -5.28 37.72
C THR D 237 -3.75 -4.04 38.49
N PHE D 238 -4.37 -4.24 39.64
CA PHE D 238 -5.17 -3.16 40.21
C PHE D 238 -5.18 -3.21 41.72
N THR D 239 -5.17 -2.03 42.34
CA THR D 239 -5.24 -1.86 43.79
C THR D 239 -6.53 -1.17 44.19
N SER D 240 -7.42 -1.93 44.80
CA SER D 240 -8.81 -1.53 44.87
C SER D 240 -9.05 -0.50 45.95
N ILE D 241 -8.88 -0.90 47.19
CA ILE D 241 -9.28 -0.12 48.35
C ILE D 241 -8.65 1.25 48.30
N GLU D 242 -7.64 1.42 47.47
CA GLU D 242 -7.06 2.74 47.44
C GLU D 242 -8.05 3.69 46.77
N LEU D 243 -8.23 3.59 45.46
CA LEU D 243 -9.04 4.59 44.79
C LEU D 243 -10.49 4.12 44.68
N THR D 244 -10.69 3.02 43.98
CA THR D 244 -12.03 2.62 43.59
C THR D 244 -12.06 1.13 43.36
N SER D 245 -13.25 0.65 43.03
CA SER D 245 -13.55 -0.76 42.80
C SER D 245 -13.03 -1.22 41.45
N TYR D 246 -12.91 -2.53 41.30
CA TYR D 246 -12.36 -3.04 40.05
C TYR D 246 -13.33 -2.82 38.92
N GLU D 247 -14.62 -2.86 39.18
CA GLU D 247 -15.54 -2.72 38.07
C GLU D 247 -15.68 -1.29 37.64
N SER D 248 -15.54 -0.36 38.56
CA SER D 248 -15.51 1.02 38.14
C SER D 248 -14.37 1.15 37.14
N ILE D 249 -13.16 1.00 37.65
CA ILE D 249 -12.01 1.17 36.77
C ILE D 249 -12.14 0.35 35.52
N ALA D 250 -12.82 -0.77 35.59
CA ALA D 250 -13.18 -1.41 34.34
C ALA D 250 -13.89 -0.42 33.44
N THR D 251 -14.96 0.19 33.95
CA THR D 251 -15.70 1.11 33.08
C THR D 251 -14.81 2.22 32.57
N TYR D 252 -13.83 2.64 33.35
CA TYR D 252 -12.93 3.66 32.83
C TYR D 252 -12.14 3.13 31.65
N ALA D 253 -11.37 2.07 31.85
CA ALA D 253 -10.58 1.58 30.74
C ALA D 253 -11.47 1.31 29.55
N SER D 254 -12.67 0.85 29.82
CA SER D 254 -13.67 0.72 28.79
C SER D 254 -13.86 2.02 28.04
N VAL D 255 -14.08 3.10 28.79
CA VAL D 255 -14.50 4.34 28.15
C VAL D 255 -13.37 5.01 27.44
N THR D 256 -12.24 5.17 28.09
CA THR D 256 -11.18 5.81 27.34
C THR D 256 -10.73 4.93 26.20
N GLY D 257 -10.73 3.63 26.41
CA GLY D 257 -10.33 2.74 25.36
C GLY D 257 -11.18 2.97 24.14
N LEU D 258 -12.49 2.86 24.31
CA LEU D 258 -13.38 3.15 23.20
C LEU D 258 -13.06 4.49 22.60
N PHE D 259 -12.99 5.51 23.43
CA PHE D 259 -12.85 6.86 22.94
C PHE D 259 -11.65 6.97 22.04
N THR D 260 -10.49 6.61 22.55
CA THR D 260 -9.24 7.01 21.92
C THR D 260 -8.83 6.12 20.77
N LEU D 261 -8.56 4.86 21.05
CA LEU D 261 -7.75 4.09 20.14
C LEU D 261 -8.57 3.52 19.00
N GLU D 262 -7.90 3.37 17.87
CA GLU D 262 -8.45 3.07 16.56
C GLU D 262 -8.81 1.60 16.40
N ARG D 263 -9.60 1.34 15.38
CA ARG D 263 -10.37 0.10 15.27
C ARG D 263 -9.50 -1.12 15.46
N THR D 264 -8.48 -1.27 14.63
CA THR D 264 -7.70 -2.50 14.67
C THR D 264 -7.15 -2.78 16.05
N ASP D 265 -6.81 -1.74 16.80
CA ASP D 265 -6.33 -1.95 18.14
C ASP D 265 -7.40 -1.74 19.18
N LEU D 266 -8.63 -1.49 18.78
CA LEU D 266 -9.73 -1.71 19.70
C LEU D 266 -9.89 -3.19 19.95
N LYS D 267 -10.05 -3.95 18.88
CA LYS D 267 -10.10 -5.40 18.97
C LYS D 267 -8.92 -5.90 19.77
N SER D 268 -7.73 -5.56 19.31
CA SER D 268 -6.51 -6.07 19.90
C SER D 268 -6.46 -5.95 21.41
N LYS D 269 -7.06 -4.90 21.96
CA LYS D 269 -6.90 -4.63 23.38
C LYS D 269 -8.23 -4.67 24.09
N VAL D 270 -9.08 -3.66 23.91
CA VAL D 270 -10.22 -3.52 24.80
C VAL D 270 -11.11 -4.73 24.72
N ILE D 271 -11.64 -5.02 23.53
CA ILE D 271 -12.67 -6.03 23.52
C ILE D 271 -12.12 -7.45 23.50
N ASP D 272 -10.81 -7.60 23.39
CA ASP D 272 -10.20 -8.89 23.60
C ASP D 272 -9.56 -9.04 24.97
N SER D 273 -9.56 -8.00 25.77
CA SER D 273 -8.84 -8.10 27.02
C SER D 273 -9.56 -9.08 27.93
N PRO D 274 -8.87 -10.11 28.39
CA PRO D 274 -9.52 -11.12 29.23
C PRO D 274 -10.33 -10.52 30.33
N GLU D 275 -9.79 -9.47 30.92
CA GLU D 275 -10.41 -8.92 32.11
C GLU D 275 -11.82 -8.49 31.81
N LEU D 276 -11.99 -7.64 30.81
CA LEU D 276 -13.33 -7.17 30.51
C LEU D 276 -14.28 -8.33 30.34
N LEU D 277 -13.79 -9.43 29.79
CA LEU D 277 -14.61 -10.62 29.72
C LEU D 277 -15.01 -11.05 31.11
N SER D 278 -14.03 -11.18 32.00
CA SER D 278 -14.33 -11.63 33.35
C SER D 278 -15.45 -10.84 34.00
N LEU D 279 -15.54 -9.56 33.69
CA LEU D 279 -16.41 -8.67 34.43
C LEU D 279 -17.75 -8.45 33.76
N ILE D 280 -18.01 -9.16 32.65
CA ILE D 280 -19.04 -8.75 31.69
C ILE D 280 -20.34 -8.33 32.35
N SER D 281 -20.83 -9.15 33.27
CA SER D 281 -22.16 -8.96 33.82
C SER D 281 -22.16 -8.04 35.02
N THR D 282 -21.02 -7.44 35.35
CA THR D 282 -20.84 -6.89 36.68
C THR D 282 -21.89 -5.84 36.99
N THR D 283 -22.02 -4.83 36.14
CA THR D 283 -23.02 -3.81 36.41
C THR D 283 -23.39 -3.07 35.14
N ALA D 284 -24.49 -2.32 35.23
CA ALA D 284 -25.12 -1.72 34.05
C ALA D 284 -24.13 -0.95 33.20
N ALA D 285 -23.08 -0.42 33.80
CA ALA D 285 -22.06 0.22 33.00
C ALA D 285 -21.54 -0.77 31.97
N LEU D 286 -20.69 -1.70 32.40
CA LEU D 286 -20.11 -2.64 31.46
C LEU D 286 -21.19 -3.33 30.66
N GLN D 287 -22.29 -3.63 31.31
CA GLN D 287 -23.38 -4.30 30.65
C GLN D 287 -23.98 -3.46 29.55
N SER D 288 -23.68 -2.16 29.55
CA SER D 288 -24.20 -1.25 28.55
C SER D 288 -23.10 -0.89 27.59
N ILE D 289 -22.09 -0.19 28.06
CA ILE D 289 -21.06 0.29 27.16
C ILE D 289 -20.45 -0.88 26.42
N SER D 290 -20.17 -1.97 27.12
CA SER D 290 -19.53 -3.06 26.42
C SER D 290 -20.35 -3.42 25.21
N SER D 291 -21.64 -3.52 25.40
CA SER D 291 -22.52 -3.69 24.26
C SER D 291 -22.34 -2.57 23.27
N LEU D 292 -22.02 -1.38 23.74
CA LEU D 292 -21.85 -0.25 22.82
C LEU D 292 -20.65 -0.46 21.92
N THR D 293 -19.49 -0.64 22.52
CA THR D 293 -18.32 -0.91 21.73
C THR D 293 -18.60 -1.99 20.74
N ILE D 294 -19.08 -3.13 21.22
CA ILE D 294 -19.31 -4.20 20.28
C ILE D 294 -20.43 -3.87 19.32
N SER D 295 -21.14 -2.78 19.54
CA SER D 295 -21.96 -2.29 18.46
C SER D 295 -21.19 -1.42 17.51
N LEU D 296 -20.05 -0.91 17.93
CA LEU D 296 -19.20 -0.12 17.04
C LEU D 296 -18.41 -1.06 16.15
N TYR D 297 -17.48 -1.75 16.77
CA TYR D 297 -16.54 -2.59 16.06
C TYR D 297 -17.23 -3.44 15.04
N ALA D 298 -18.49 -3.71 15.28
CA ALA D 298 -19.21 -4.68 14.49
C ALA D 298 -20.06 -4.06 13.40
N SER D 299 -20.03 -2.75 13.22
CA SER D 299 -20.83 -2.16 12.18
C SER D 299 -22.29 -2.55 12.36
N ASP D 300 -22.82 -2.26 13.51
CA ASP D 300 -24.25 -2.33 13.71
C ASP D 300 -24.73 -0.91 13.79
N TYR D 301 -25.34 -0.42 12.74
CA TYR D 301 -25.66 0.98 12.87
C TYR D 301 -26.97 1.20 13.56
N ALA D 302 -27.98 0.42 13.22
CA ALA D 302 -29.28 0.69 13.78
C ALA D 302 -29.21 0.78 15.29
N SER D 303 -28.32 0.03 15.90
CA SER D 303 -28.32 -0.06 17.34
C SER D 303 -27.40 0.93 18.00
N TYR D 304 -26.63 1.70 17.24
CA TYR D 304 -25.55 2.43 17.87
C TYR D 304 -26.09 3.47 18.82
N PHE D 305 -26.87 4.37 18.31
CA PHE D 305 -27.37 5.44 19.12
C PHE D 305 -28.07 4.94 20.36
N PRO D 306 -29.09 4.10 20.24
CA PRO D 306 -29.78 3.67 21.45
C PRO D 306 -28.86 3.10 22.47
N TYR D 307 -27.73 2.59 22.07
CA TYR D 307 -26.75 2.27 23.07
C TYR D 307 -26.01 3.50 23.55
N LEU D 308 -25.83 4.51 22.71
CA LEU D 308 -25.26 5.73 23.25
C LEU D 308 -26.09 6.15 24.41
N LEU D 309 -27.31 6.59 24.10
CA LEU D 309 -28.08 7.32 25.08
C LEU D 309 -28.05 6.62 26.42
N GLU D 310 -28.32 5.32 26.39
CA GLU D 310 -28.34 4.59 27.64
C GLU D 310 -26.97 4.57 28.26
N THR D 311 -25.91 4.66 27.48
CA THR D 311 -24.62 4.79 28.16
C THR D 311 -24.39 6.19 28.68
N TYR D 312 -24.79 7.19 27.91
CA TYR D 312 -24.72 8.55 28.42
C TYR D 312 -25.31 8.60 29.79
N ALA D 313 -26.50 8.04 29.94
CA ALA D 313 -27.18 8.11 31.21
C ALA D 313 -26.57 7.16 32.22
N ASN D 314 -26.22 5.97 31.82
CA ASN D 314 -25.99 4.98 32.84
C ASN D 314 -24.54 4.79 33.19
N VAL D 315 -23.64 5.47 32.53
CA VAL D 315 -22.28 5.47 33.02
C VAL D 315 -21.76 6.89 33.12
N LEU D 316 -21.83 7.63 32.02
CA LEU D 316 -21.31 8.98 32.04
C LEU D 316 -21.88 9.77 33.20
N ILE D 317 -23.15 10.18 33.11
CA ILE D 317 -23.65 11.18 34.04
C ILE D 317 -23.50 10.75 35.50
N PRO D 318 -23.74 9.51 35.89
CA PRO D 318 -23.55 9.21 37.31
C PRO D 318 -22.12 9.34 37.74
N CYS D 319 -21.18 8.91 36.93
CA CYS D 319 -19.82 8.82 37.41
C CYS D 319 -19.26 10.19 37.69
N LYS D 320 -18.60 10.34 38.82
CA LYS D 320 -17.95 11.60 39.13
C LYS D 320 -17.08 12.03 37.99
N TYR D 321 -15.96 11.34 37.85
CA TYR D 321 -14.91 11.88 37.02
C TYR D 321 -15.40 12.17 35.62
N LEU D 322 -16.32 11.36 35.11
CA LEU D 322 -16.77 11.60 33.75
C LEU D 322 -17.76 12.74 33.72
N ASN D 323 -18.76 12.72 34.61
CA ASN D 323 -19.95 13.53 34.38
C ASN D 323 -19.53 14.93 34.01
N ARG D 324 -18.44 15.41 34.58
CA ARG D 324 -17.99 16.76 34.20
C ARG D 324 -17.65 16.82 32.71
N HIS D 325 -17.05 15.77 32.18
CA HIS D 325 -16.64 15.70 30.78
C HIS D 325 -17.57 14.89 29.88
N ALA D 326 -18.80 14.66 30.32
CA ALA D 326 -19.73 13.86 29.53
C ALA D 326 -20.03 14.39 28.14
N ASP D 327 -20.22 15.69 28.00
CA ASP D 327 -20.53 16.24 26.67
C ASP D 327 -19.41 16.07 25.65
N PHE D 328 -18.18 16.27 26.06
CA PHE D 328 -17.06 16.13 25.16
C PHE D 328 -16.98 14.74 24.68
N PHE D 329 -17.64 13.85 25.35
CA PHE D 329 -17.54 12.48 24.95
C PHE D 329 -18.49 12.16 23.83
N VAL D 330 -19.71 12.63 23.90
CA VAL D 330 -20.63 12.19 22.90
C VAL D 330 -20.44 12.90 21.57
N ARG D 331 -19.85 14.09 21.56
CA ARG D 331 -19.45 14.67 20.29
C ARG D 331 -18.58 13.69 19.55
N GLU D 332 -17.42 13.37 20.10
CA GLU D 332 -16.76 12.18 19.64
C GLU D 332 -17.74 11.03 19.71
N MET D 333 -17.61 10.11 18.78
CA MET D 333 -18.42 8.91 18.67
C MET D 333 -19.84 9.24 18.38
N ARG D 334 -20.19 10.50 18.25
CA ARG D 334 -20.98 10.72 17.09
C ARG D 334 -20.03 10.68 15.95
N ARG D 335 -19.07 11.59 15.99
CA ARG D 335 -18.19 11.69 14.85
C ARG D 335 -17.65 10.34 14.48
N LYS D 336 -16.97 9.71 15.41
CA LYS D 336 -16.25 8.50 15.11
C LYS D 336 -17.11 7.48 14.41
N VAL D 337 -18.39 7.46 14.67
CA VAL D 337 -19.22 6.62 13.82
C VAL D 337 -19.35 7.21 12.45
N TYR D 338 -19.83 8.44 12.33
CA TYR D 338 -20.04 8.93 10.96
C TYR D 338 -18.82 8.66 10.11
N ALA D 339 -17.64 8.87 10.69
CA ALA D 339 -16.40 8.54 10.02
C ALA D 339 -16.34 7.07 9.67
N GLN D 340 -16.52 6.22 10.67
CA GLN D 340 -16.52 4.78 10.43
C GLN D 340 -17.35 4.42 9.23
N LEU D 341 -18.47 5.04 9.10
CA LEU D 341 -19.39 4.60 8.08
C LEU D 341 -19.04 5.13 6.73
N LEU D 342 -18.67 6.39 6.64
CA LEU D 342 -18.27 6.87 5.33
C LEU D 342 -17.09 6.10 4.82
N GLU D 343 -16.11 5.91 5.67
CA GLU D 343 -14.75 5.64 5.24
C GLU D 343 -14.66 4.70 4.08
N SER D 344 -15.46 3.68 4.08
CA SER D 344 -15.38 2.71 3.03
C SER D 344 -16.20 3.11 1.84
N TYR D 345 -16.68 4.33 1.81
CA TYR D 345 -17.52 4.80 0.73
C TYR D 345 -16.93 5.98 0.00
N LYS D 346 -17.45 6.19 -1.18
CA LYS D 346 -16.99 7.22 -2.07
C LYS D 346 -18.06 8.29 -2.22
N THR D 347 -19.25 7.92 -2.66
CA THR D 347 -20.40 8.76 -2.45
C THR D 347 -21.50 7.94 -1.83
N LEU D 348 -21.86 8.26 -0.62
CA LEU D 348 -22.89 7.55 0.09
C LEU D 348 -24.15 8.39 0.10
N SER D 349 -25.30 7.77 -0.03
CA SER D 349 -26.48 8.60 -0.11
C SER D 349 -27.20 8.70 1.21
N LEU D 350 -27.77 9.85 1.48
CA LEU D 350 -28.27 10.15 2.82
C LEU D 350 -29.24 9.11 3.33
N LYS D 351 -30.39 9.00 2.69
CA LYS D 351 -31.43 8.12 3.19
C LYS D 351 -30.88 6.75 3.54
N SER D 352 -29.79 6.37 2.91
CA SER D 352 -29.05 5.21 3.39
C SER D 352 -28.47 5.47 4.75
N MET D 353 -27.78 6.60 4.92
CA MET D 353 -27.27 7.00 6.21
C MET D 353 -28.37 6.94 7.24
N ALA D 354 -29.33 7.83 7.10
CA ALA D 354 -30.40 7.93 8.07
C ALA D 354 -31.03 6.58 8.30
N SER D 355 -31.45 5.94 7.23
CA SER D 355 -32.09 4.64 7.34
C SER D 355 -31.30 3.76 8.27
N ALA D 356 -30.00 3.66 8.04
CA ALA D 356 -29.13 2.93 8.94
C ALA D 356 -29.36 3.42 10.35
N PHE D 357 -28.99 4.66 10.62
CA PHE D 357 -29.10 5.17 11.97
C PHE D 357 -30.55 5.34 12.42
N GLY D 358 -31.50 5.35 11.49
CA GLY D 358 -32.86 5.59 11.90
C GLY D 358 -33.16 6.97 12.42
N VAL D 359 -32.97 8.00 11.60
CA VAL D 359 -33.45 9.34 11.91
C VAL D 359 -33.92 9.96 10.61
N SER D 360 -34.68 11.03 10.71
CA SER D 360 -35.00 11.76 9.50
C SER D 360 -33.74 12.41 8.99
N VAL D 361 -33.62 12.49 7.67
CA VAL D 361 -32.41 13.06 7.10
C VAL D 361 -32.08 14.38 7.77
N ALA D 362 -33.05 15.29 7.81
CA ALA D 362 -32.79 16.63 8.30
C ALA D 362 -32.02 16.59 9.60
N PHE D 363 -32.24 15.57 10.39
CA PHE D 363 -31.42 15.44 11.56
C PHE D 363 -30.00 15.07 11.21
N LEU D 364 -29.78 14.22 10.20
CA LEU D 364 -28.40 13.94 9.85
C LEU D 364 -27.74 15.15 9.24
N ASP D 365 -28.42 15.80 8.32
CA ASP D 365 -27.91 17.04 7.79
C ASP D 365 -27.45 17.94 8.91
N ASN D 366 -28.32 18.17 9.89
CA ASN D 366 -27.93 19.04 10.99
C ASN D 366 -26.74 18.50 11.72
N ASP D 367 -26.73 17.22 12.02
CA ASP D 367 -25.65 16.75 12.85
C ASP D 367 -24.32 16.88 12.12
N LEU D 368 -24.21 16.26 10.96
CA LEU D 368 -22.97 16.35 10.20
C LEU D 368 -22.52 17.78 10.05
N GLY D 369 -23.45 18.68 9.81
CA GLY D 369 -23.06 20.05 9.64
C GLY D 369 -22.23 20.56 10.79
N LYS D 370 -22.30 19.91 11.95
CA LYS D 370 -21.45 20.33 13.04
C LYS D 370 -20.00 20.07 12.72
N PHE D 371 -19.69 18.87 12.27
CA PHE D 371 -18.28 18.53 12.19
C PHE D 371 -17.67 19.04 10.93
N ILE D 372 -18.38 18.90 9.83
CA ILE D 372 -17.74 19.06 8.53
C ILE D 372 -16.94 20.34 8.43
N PRO D 373 -17.49 21.51 8.70
CA PRO D 373 -16.73 22.71 8.44
C PRO D 373 -15.56 22.84 9.34
N ASN D 374 -15.56 22.17 10.46
CA ASN D 374 -14.44 22.23 11.36
C ASN D 374 -13.25 21.45 10.85
N LYS D 375 -13.40 20.77 9.73
CA LYS D 375 -12.49 19.75 9.25
C LYS D 375 -12.50 18.52 10.12
N GLN D 376 -13.32 18.45 11.15
CA GLN D 376 -13.36 17.24 11.95
C GLN D 376 -13.42 16.02 11.08
N LEU D 377 -14.38 15.96 10.16
CA LEU D 377 -14.52 14.77 9.35
C LEU D 377 -14.42 15.13 7.88
N ASN D 378 -14.11 14.14 7.07
CA ASN D 378 -13.82 14.36 5.67
C ASN D 378 -15.03 13.97 4.87
N CYS D 379 -15.77 14.96 4.39
CA CYS D 379 -16.79 14.76 3.38
C CYS D 379 -17.39 16.10 3.10
N VAL D 380 -18.33 16.15 2.17
CA VAL D 380 -19.14 17.33 1.97
C VAL D 380 -20.50 16.80 1.57
N ILE D 381 -21.46 17.67 1.38
CA ILE D 381 -22.81 17.22 1.13
C ILE D 381 -23.35 17.86 -0.14
N ASP D 382 -24.03 17.07 -0.92
CA ASP D 382 -24.86 17.57 -2.00
C ASP D 382 -26.28 17.52 -1.50
N ARG D 383 -26.83 18.66 -1.17
CA ARG D 383 -28.17 18.66 -0.63
C ARG D 383 -29.17 18.39 -1.72
N VAL D 384 -28.98 19.01 -2.88
CA VAL D 384 -29.91 18.87 -3.98
C VAL D 384 -30.26 17.41 -4.22
N ASN D 385 -29.26 16.57 -4.34
CA ASN D 385 -29.48 15.16 -4.60
C ASN D 385 -29.44 14.31 -3.35
N GLY D 386 -29.24 14.91 -2.19
CA GLY D 386 -29.22 14.14 -0.97
C GLY D 386 -28.09 13.17 -0.86
N ILE D 387 -26.90 13.52 -1.33
CA ILE D 387 -25.82 12.57 -1.29
C ILE D 387 -24.65 13.16 -0.57
N VAL D 388 -23.69 12.31 -0.29
CA VAL D 388 -22.59 12.63 0.59
C VAL D 388 -21.35 12.27 -0.14
N GLU D 389 -20.60 13.27 -0.53
CA GLU D 389 -19.35 13.01 -1.20
C GLU D 389 -18.33 12.82 -0.12
N THR D 390 -17.47 11.85 -0.28
CA THR D 390 -16.37 11.72 0.64
C THR D 390 -15.13 12.18 -0.06
N ASN D 391 -14.46 13.16 0.50
CA ASN D 391 -13.18 13.61 0.02
C ASN D 391 -12.18 13.44 1.15
N ARG D 392 -11.30 12.50 1.00
CA ARG D 392 -10.38 12.25 2.09
C ARG D 392 -9.00 12.18 1.49
N PRO D 393 -7.95 12.27 2.30
CA PRO D 393 -6.61 12.42 1.75
C PRO D 393 -6.05 11.25 0.98
N ASP D 394 -6.61 10.04 1.03
CA ASP D 394 -5.88 8.88 0.53
C ASP D 394 -5.38 9.05 -0.89
N ASN D 395 -6.21 9.55 -1.77
CA ASN D 395 -5.83 9.67 -3.16
C ASN D 395 -4.53 10.45 -3.27
N LYS D 396 -3.78 10.24 -4.34
CA LYS D 396 -2.58 11.06 -4.39
C LYS D 396 -2.91 12.46 -4.83
N ASN D 397 -3.87 12.63 -5.73
CA ASN D 397 -4.38 13.97 -5.99
C ASN D 397 -4.66 14.68 -4.70
N ALA D 398 -5.71 14.26 -4.03
CA ALA D 398 -6.11 14.96 -2.85
C ALA D 398 -4.94 15.20 -1.95
N GLN D 399 -4.03 14.27 -1.93
CA GLN D 399 -2.92 14.35 -1.01
C GLN D 399 -1.86 15.27 -1.53
N TYR D 400 -2.02 15.73 -2.75
CA TYR D 400 -1.26 16.83 -3.32
C TYR D 400 -1.86 18.14 -2.90
N HIS D 401 -3.11 18.35 -3.28
CA HIS D 401 -3.81 19.59 -2.94
C HIS D 401 -3.62 19.97 -1.49
N LEU D 402 -3.97 19.08 -0.59
CA LEU D 402 -3.85 19.42 0.81
C LEU D 402 -2.45 19.95 1.11
N LEU D 403 -1.46 19.39 0.45
CA LEU D 403 -0.10 19.85 0.69
C LEU D 403 0.11 21.24 0.16
N VAL D 404 -0.34 21.50 -1.05
CA VAL D 404 -0.22 22.86 -1.56
C VAL D 404 -0.74 23.86 -0.55
N LYS D 405 -1.99 23.68 -0.12
CA LYS D 405 -2.57 24.60 0.83
C LYS D 405 -1.72 24.72 2.08
N GLN D 406 -1.48 23.59 2.73
CA GLN D 406 -0.74 23.65 3.98
C GLN D 406 0.64 24.22 3.79
N GLY D 407 1.14 24.24 2.57
CA GLY D 407 2.44 24.81 2.34
C GLY D 407 2.33 26.31 2.30
N ASP D 408 1.34 26.79 1.56
CA ASP D 408 1.19 28.23 1.47
C ASP D 408 0.83 28.85 2.82
N GLY D 409 0.24 28.06 3.72
CA GLY D 409 0.15 28.53 5.08
C GLY D 409 1.48 29.01 5.61
N LEU D 410 2.52 28.18 5.48
CA LEU D 410 3.83 28.61 5.93
C LEU D 410 4.38 29.73 5.08
N LEU D 411 4.26 29.64 3.77
CA LEU D 411 4.87 30.68 2.98
C LEU D 411 4.37 32.03 3.45
N THR D 412 3.08 32.14 3.68
CA THR D 412 2.58 33.43 4.12
C THR D 412 3.10 33.77 5.49
N LYS D 413 2.86 32.89 6.45
CA LYS D 413 3.29 33.19 7.81
C LYS D 413 4.74 33.62 7.85
N LEU D 414 5.60 32.78 7.31
CA LEU D 414 7.03 33.03 7.32
C LEU D 414 7.35 34.36 6.67
N GLN D 415 6.88 34.56 5.45
CA GLN D 415 7.15 35.82 4.76
C GLN D 415 6.85 37.00 5.64
N LYS D 416 5.64 37.04 6.16
CA LYS D 416 5.30 38.11 7.09
C LYS D 416 6.36 38.25 8.16
N TYR D 417 6.42 37.27 9.06
CA TYR D 417 7.29 37.41 10.21
C TYR D 417 8.66 37.91 9.82
N GLY D 418 9.25 37.28 8.83
CA GLY D 418 10.57 37.66 8.40
C GLY D 418 10.61 39.12 8.05
N ALA D 419 9.74 39.54 7.13
CA ALA D 419 9.74 40.93 6.71
C ALA D 419 9.69 41.85 7.90
N ALA D 420 8.86 41.52 8.89
CA ALA D 420 8.83 42.30 10.11
C ALA D 420 10.21 42.40 10.73
N VAL D 421 10.90 41.28 10.89
CA VAL D 421 12.18 41.31 11.56
C VAL D 421 13.18 42.11 10.75
N ARG D 422 13.27 41.83 9.44
CA ARG D 422 14.17 42.61 8.61
C ARG D 422 13.98 44.09 8.82
N LEU D 423 12.73 44.56 8.82
CA LEU D 423 12.52 45.97 9.06
C LEU D 423 13.02 46.40 10.42
N THR D 424 12.91 45.54 11.42
CA THR D 424 13.51 45.84 12.70
C THR D 424 14.99 46.02 12.45
N LEU E 3 37.01 -19.62 -42.33
CA LEU E 3 38.32 -20.06 -41.86
C LEU E 3 38.93 -19.02 -40.97
N GLN E 4 39.47 -17.97 -41.57
CA GLN E 4 40.26 -17.03 -40.80
C GLN E 4 39.34 -16.25 -39.88
N HIS E 5 39.61 -16.30 -38.58
CA HIS E 5 38.81 -15.56 -37.65
C HIS E 5 39.63 -14.48 -36.96
N GLU E 6 38.93 -13.44 -36.55
CA GLU E 6 39.53 -12.13 -36.39
C GLU E 6 39.21 -11.55 -35.04
N LYS E 7 37.94 -11.35 -34.78
CA LYS E 7 37.47 -10.81 -33.52
C LYS E 7 37.03 -11.94 -32.63
N VAL E 8 37.42 -11.88 -31.37
CA VAL E 8 37.09 -12.90 -30.41
C VAL E 8 36.21 -12.32 -29.34
N THR E 9 35.21 -13.09 -28.95
CA THR E 9 34.10 -12.57 -28.16
C THR E 9 33.76 -13.57 -27.09
N ILE E 10 33.80 -13.16 -25.85
CA ILE E 10 33.63 -14.14 -24.79
C ILE E 10 32.49 -13.71 -23.91
N ALA E 11 31.87 -14.65 -23.32
CA ALA E 11 30.87 -14.29 -22.32
C ALA E 11 31.50 -14.30 -20.96
N PRO E 12 30.95 -13.53 -20.03
CA PRO E 12 31.55 -13.41 -18.72
C PRO E 12 31.53 -14.67 -17.92
N LEU E 13 30.61 -15.58 -18.23
CA LEU E 13 30.62 -16.81 -17.48
C LEU E 13 31.88 -17.62 -17.75
N VAL E 14 32.58 -17.39 -18.84
CA VAL E 14 33.93 -17.95 -18.91
C VAL E 14 34.76 -17.39 -17.78
N LEU E 15 34.86 -16.07 -17.72
CA LEU E 15 35.72 -15.43 -16.73
C LEU E 15 35.41 -15.97 -15.34
N LEU E 16 34.20 -15.71 -14.88
CA LEU E 16 33.80 -16.23 -13.57
C LEU E 16 34.14 -17.70 -13.43
N SER E 17 33.78 -18.49 -14.43
CA SER E 17 34.02 -19.92 -14.34
C SER E 17 35.48 -20.20 -14.00
N ALA E 18 36.38 -19.70 -14.83
CA ALA E 18 37.79 -19.99 -14.61
C ALA E 18 38.25 -19.45 -13.28
N LEU E 19 37.77 -18.28 -12.92
CA LEU E 19 38.14 -17.76 -11.61
C LEU E 19 37.86 -18.79 -10.54
N ASP E 20 36.61 -19.23 -10.46
CA ASP E 20 36.30 -20.22 -9.46
C ASP E 20 37.20 -21.42 -9.59
N HIS E 21 37.53 -21.80 -10.82
CA HIS E 21 38.48 -22.87 -11.02
C HIS E 21 39.76 -22.59 -10.26
N TYR E 22 40.17 -21.34 -10.24
CA TYR E 22 41.39 -21.01 -9.52
C TYR E 22 41.17 -21.09 -8.03
N GLU E 23 40.16 -20.41 -7.51
CA GLU E 23 40.01 -20.32 -6.07
C GLU E 23 39.69 -21.65 -5.43
N ARG E 24 39.09 -22.58 -6.14
CA ARG E 24 38.93 -23.92 -5.57
C ARG E 24 40.29 -24.58 -5.45
N THR E 25 40.99 -24.62 -6.56
CA THR E 25 42.21 -25.40 -6.68
C THR E 25 43.41 -24.72 -6.04
N GLN E 26 43.23 -23.52 -5.51
CA GLN E 26 44.26 -22.83 -4.76
C GLN E 26 45.51 -22.61 -5.59
N THR E 27 45.38 -22.67 -6.91
CA THR E 27 46.51 -23.04 -7.73
C THR E 27 47.68 -22.11 -7.49
N LYS E 28 48.82 -22.72 -7.17
CA LYS E 28 49.94 -22.00 -6.60
C LYS E 28 50.48 -20.95 -7.55
N GLU E 29 50.90 -19.85 -6.95
CA GLU E 29 51.11 -18.57 -7.61
C GLU E 29 52.23 -18.62 -8.63
N ASN E 30 53.02 -19.67 -8.65
CA ASN E 30 53.97 -19.87 -9.71
C ASN E 30 53.50 -20.85 -10.77
N LYS E 31 52.30 -21.39 -10.63
CA LYS E 31 51.83 -22.38 -11.58
C LYS E 31 50.40 -22.05 -11.98
N ARG E 32 49.94 -22.68 -13.06
CA ARG E 32 48.77 -22.25 -13.79
C ARG E 32 47.55 -23.06 -13.43
N CYS E 33 46.39 -22.43 -13.51
CA CYS E 33 45.15 -23.14 -13.75
C CYS E 33 45.03 -23.42 -15.24
N VAL E 34 44.29 -24.47 -15.59
CA VAL E 34 44.08 -24.74 -16.99
C VAL E 34 42.76 -25.48 -17.16
N GLY E 35 42.03 -25.13 -18.21
CA GLY E 35 40.74 -25.73 -18.46
C GLY E 35 40.37 -25.57 -19.91
N VAL E 36 39.15 -25.97 -20.23
CA VAL E 36 38.73 -26.11 -21.62
C VAL E 36 37.45 -25.36 -21.86
N ILE E 37 37.41 -24.58 -22.94
CA ILE E 37 36.33 -23.66 -23.23
C ILE E 37 35.67 -24.02 -24.55
N LEU E 38 34.36 -23.79 -24.59
CA LEU E 38 33.44 -24.29 -25.60
C LEU E 38 32.78 -23.09 -26.27
N GLY E 39 32.19 -23.28 -27.44
CA GLY E 39 31.69 -22.10 -28.14
C GLY E 39 31.32 -22.40 -29.57
N ASP E 40 31.43 -21.36 -30.40
CA ASP E 40 31.23 -21.46 -31.84
C ASP E 40 32.47 -20.93 -32.56
N ALA E 41 33.15 -21.80 -33.29
CA ALA E 41 34.30 -21.38 -34.10
C ALA E 41 33.97 -21.17 -35.56
N ASN E 42 32.78 -21.50 -36.02
CA ASN E 42 32.58 -21.70 -37.45
C ASN E 42 32.97 -20.46 -38.25
N SER E 43 32.56 -19.29 -37.81
CA SER E 43 32.80 -18.10 -38.60
C SER E 43 33.84 -17.21 -37.94
N SER E 44 34.14 -16.12 -38.62
CA SER E 44 35.35 -15.33 -38.42
C SER E 44 35.43 -14.65 -37.09
N THR E 45 34.43 -14.74 -36.24
CA THR E 45 34.58 -14.33 -34.85
C THR E 45 34.41 -15.55 -33.99
N ILE E 46 35.06 -15.54 -32.83
CA ILE E 46 34.98 -16.70 -31.96
C ILE E 46 33.98 -16.36 -30.87
N ARG E 47 32.80 -16.94 -30.93
CA ARG E 47 31.88 -16.73 -29.85
C ARG E 47 32.11 -17.83 -28.84
N VAL E 48 32.50 -17.47 -27.64
CA VAL E 48 32.95 -18.42 -26.67
C VAL E 48 32.06 -18.32 -25.46
N THR E 49 31.29 -19.36 -25.20
CA THR E 49 30.24 -19.17 -24.21
C THR E 49 30.65 -19.66 -22.84
N ASN E 50 30.83 -20.96 -22.63
CA ASN E 50 31.23 -21.40 -21.30
C ASN E 50 32.47 -22.26 -21.37
N SER E 51 32.87 -22.75 -20.20
CA SER E 51 34.07 -23.54 -20.04
C SER E 51 33.83 -24.63 -19.03
N PHE E 52 34.84 -25.50 -18.88
CA PHE E 52 34.89 -26.40 -17.73
C PHE E 52 36.34 -26.78 -17.48
N ALA E 53 36.68 -26.94 -16.21
CA ALA E 53 38.08 -27.04 -15.80
C ALA E 53 38.65 -28.42 -16.10
N LEU E 54 39.96 -28.45 -16.31
CA LEU E 54 40.67 -29.63 -16.79
C LEU E 54 41.71 -30.10 -15.79
N PRO E 55 41.63 -31.30 -15.22
CA PRO E 55 42.66 -31.72 -14.28
C PRO E 55 43.98 -31.89 -14.99
N PHE E 56 45.02 -31.25 -14.45
CA PHE E 56 46.24 -31.11 -15.21
C PHE E 56 47.40 -30.97 -14.26
N GLU E 57 48.56 -31.45 -14.69
CA GLU E 57 49.69 -31.43 -13.79
C GLU E 57 50.98 -31.32 -14.56
N GLU E 58 51.96 -30.68 -13.95
CA GLU E 58 53.19 -30.39 -14.65
C GLU E 58 54.32 -30.34 -13.64
N ASP E 59 55.49 -30.83 -14.03
CA ASP E 59 56.70 -30.60 -13.25
C ASP E 59 57.51 -29.54 -13.98
N GLU E 60 57.68 -28.39 -13.32
CA GLU E 60 58.43 -27.30 -13.88
C GLU E 60 59.91 -27.63 -14.06
N LYS E 61 60.37 -28.79 -13.58
CA LYS E 61 61.72 -29.21 -13.89
C LYS E 61 61.95 -29.22 -15.39
N ASN E 62 60.88 -29.42 -16.16
CA ASN E 62 60.96 -29.56 -17.60
C ASN E 62 59.80 -28.83 -18.21
N SER E 63 60.05 -28.28 -19.39
CA SER E 63 58.99 -27.71 -20.20
C SER E 63 58.38 -28.72 -21.15
N ASP E 64 59.01 -29.89 -21.35
CA ASP E 64 58.28 -30.99 -21.99
C ASP E 64 57.39 -31.70 -20.99
N VAL E 65 57.80 -31.74 -19.73
CA VAL E 65 56.94 -32.34 -18.73
C VAL E 65 55.64 -31.58 -18.65
N TRP E 66 54.55 -32.31 -18.74
CA TRP E 66 53.17 -31.91 -18.48
C TRP E 66 52.36 -33.16 -18.71
N PHE E 67 51.14 -33.16 -18.16
CA PHE E 67 50.20 -34.16 -18.58
C PHE E 67 48.79 -33.68 -18.32
N LEU E 68 47.90 -34.09 -19.22
CA LEU E 68 46.47 -33.83 -19.16
C LEU E 68 45.76 -35.04 -19.68
N ASP E 69 44.51 -35.23 -19.27
CA ASP E 69 43.81 -36.47 -19.56
C ASP E 69 42.85 -36.30 -20.70
N HIS E 70 43.18 -36.93 -21.81
CA HIS E 70 42.22 -37.06 -22.89
C HIS E 70 41.00 -37.82 -22.42
N ASN E 71 41.19 -39.07 -22.01
CA ASN E 71 40.04 -39.92 -21.77
C ASN E 71 39.05 -39.21 -20.87
N TYR E 72 39.56 -38.34 -20.03
CA TYR E 72 38.69 -37.46 -19.29
C TYR E 72 37.90 -36.55 -20.21
N ILE E 73 38.57 -35.75 -21.02
CA ILE E 73 37.77 -34.78 -21.74
C ILE E 73 36.87 -35.45 -22.76
N GLU E 74 37.17 -36.68 -23.15
CA GLU E 74 36.13 -37.41 -23.83
C GLU E 74 35.05 -37.84 -22.88
N ASN E 75 35.34 -37.84 -21.59
CA ASN E 75 34.37 -38.21 -20.57
C ASN E 75 33.67 -37.02 -19.99
N MET E 76 33.92 -35.80 -20.47
CA MET E 76 33.15 -34.65 -20.05
C MET E 76 32.28 -34.12 -21.17
N ASN E 77 32.87 -33.48 -22.17
CA ASN E 77 32.06 -32.83 -23.15
C ASN E 77 30.98 -33.75 -23.67
N GLU E 78 31.27 -35.05 -23.78
CA GLU E 78 30.20 -35.91 -24.23
C GLU E 78 29.02 -35.88 -23.29
N MET E 79 29.21 -35.48 -22.04
CA MET E 79 28.06 -35.15 -21.22
C MET E 79 27.83 -33.67 -21.12
N CYS E 80 28.57 -32.85 -21.84
CA CYS E 80 28.03 -31.54 -22.12
C CYS E 80 27.02 -31.61 -23.24
N LYS E 81 27.41 -32.24 -24.35
CA LYS E 81 26.54 -32.31 -25.50
C LYS E 81 25.16 -32.79 -25.13
N LYS E 82 25.06 -33.68 -24.15
CA LYS E 82 23.75 -34.03 -23.64
C LYS E 82 23.04 -32.87 -22.98
N ILE E 83 23.69 -31.73 -22.81
CA ILE E 83 23.03 -30.65 -22.09
C ILE E 83 22.62 -29.55 -23.04
N ASN E 84 23.58 -28.79 -23.53
CA ASN E 84 23.37 -27.99 -24.71
C ASN E 84 24.26 -28.55 -25.80
N ALA E 85 23.66 -29.09 -26.82
CA ALA E 85 24.49 -29.67 -27.84
C ALA E 85 25.17 -28.63 -28.69
N LYS E 86 24.77 -27.37 -28.62
CA LYS E 86 25.22 -26.44 -29.63
C LYS E 86 26.50 -25.75 -29.26
N GLU E 87 27.11 -26.12 -28.15
CA GLU E 87 28.37 -25.57 -27.74
C GLU E 87 29.48 -26.54 -28.11
N LYS E 88 30.26 -26.20 -29.12
CA LYS E 88 31.25 -27.14 -29.57
C LYS E 88 32.48 -26.98 -28.71
N LEU E 89 33.48 -27.80 -28.95
CA LEU E 89 34.74 -27.62 -28.26
C LEU E 89 35.56 -26.58 -29.00
N ILE E 90 36.29 -25.77 -28.26
CA ILE E 90 36.97 -24.64 -28.87
C ILE E 90 38.45 -24.60 -28.53
N GLY E 91 38.78 -24.46 -27.27
CA GLY E 91 40.18 -24.34 -26.93
C GLY E 91 40.38 -24.44 -25.46
N TRP E 92 41.53 -24.00 -24.99
CA TRP E 92 41.71 -24.08 -23.56
C TRP E 92 42.13 -22.74 -23.00
N TYR E 93 42.45 -22.73 -21.73
CA TYR E 93 42.99 -21.52 -21.18
C TYR E 93 43.86 -21.90 -20.01
N HIS E 94 44.96 -21.20 -19.84
CA HIS E 94 45.67 -21.29 -18.59
C HIS E 94 45.66 -19.91 -17.95
N SER E 95 45.22 -19.86 -16.71
CA SER E 95 45.20 -18.59 -16.02
C SER E 95 46.55 -17.94 -15.96
N GLY E 96 47.61 -18.66 -16.28
CA GLY E 96 48.95 -18.16 -16.12
C GLY E 96 49.11 -16.84 -16.81
N PRO E 97 49.55 -15.83 -16.06
CA PRO E 97 49.53 -14.47 -16.61
C PRO E 97 50.37 -14.32 -17.84
N LYS E 98 51.27 -15.27 -18.10
CA LYS E 98 52.13 -15.19 -19.27
C LYS E 98 52.35 -16.59 -19.80
N LEU E 99 52.76 -16.66 -21.05
CA LEU E 99 52.80 -17.94 -21.74
C LEU E 99 53.82 -18.88 -21.11
N ARG E 100 53.68 -20.16 -21.44
CA ARG E 100 54.61 -21.19 -21.04
C ARG E 100 55.18 -21.84 -22.28
N ALA E 101 56.30 -22.53 -22.10
CA ALA E 101 56.99 -23.11 -23.25
C ALA E 101 56.13 -24.16 -23.92
N SER E 102 55.49 -25.02 -23.14
CA SER E 102 54.70 -26.10 -23.70
C SER E 102 53.39 -25.63 -24.32
N ASP E 103 53.01 -24.39 -24.06
CA ASP E 103 51.75 -23.88 -24.55
C ASP E 103 51.59 -24.18 -26.02
N LEU E 104 52.63 -23.96 -26.78
CA LEU E 104 52.57 -24.27 -28.18
C LEU E 104 52.36 -25.74 -28.42
N LYS E 105 52.89 -26.58 -27.53
CA LYS E 105 52.79 -28.02 -27.72
C LYS E 105 51.38 -28.53 -27.43
N ILE E 106 50.87 -28.21 -26.24
CA ILE E 106 49.49 -28.57 -25.93
C ILE E 106 48.55 -27.97 -26.96
N ASN E 107 48.87 -26.77 -27.41
CA ASN E 107 48.11 -26.21 -28.49
C ASN E 107 48.05 -27.19 -29.62
N GLU E 108 49.22 -27.60 -30.10
CA GLU E 108 49.26 -28.60 -31.13
C GLU E 108 48.44 -29.81 -30.73
N LEU E 109 48.32 -30.05 -29.43
CA LEU E 109 47.61 -31.23 -28.97
C LEU E 109 46.14 -31.16 -29.32
N PHE E 110 45.47 -30.08 -28.91
CA PHE E 110 44.02 -30.09 -29.01
C PHE E 110 43.51 -30.26 -30.42
N LYS E 111 44.34 -30.05 -31.42
CA LYS E 111 43.84 -30.16 -32.78
C LYS E 111 43.13 -31.48 -33.02
N LYS E 112 43.33 -32.45 -32.15
CA LYS E 112 42.56 -33.67 -32.23
C LYS E 112 41.08 -33.43 -32.13
N TYR E 113 40.66 -32.30 -31.57
CA TYR E 113 39.27 -32.13 -31.20
C TYR E 113 38.67 -30.92 -31.90
N THR E 114 39.12 -29.73 -31.59
CA THR E 114 38.38 -28.56 -32.03
C THR E 114 38.33 -28.50 -33.54
N GLN E 115 37.32 -27.82 -34.04
CA GLN E 115 37.01 -27.86 -35.45
C GLN E 115 38.21 -27.52 -36.30
N ASN E 116 38.71 -26.31 -36.18
CA ASN E 116 39.80 -25.94 -37.06
C ASN E 116 41.02 -25.49 -36.28
N ASN E 117 41.00 -24.28 -35.76
CA ASN E 117 42.15 -23.82 -35.03
C ASN E 117 41.80 -23.71 -33.56
N PRO E 118 42.49 -24.44 -32.72
CA PRO E 118 42.28 -24.29 -31.29
C PRO E 118 42.57 -22.87 -30.86
N LEU E 119 41.63 -22.29 -30.16
CA LEU E 119 41.75 -20.92 -29.68
C LEU E 119 42.18 -20.96 -28.24
N LEU E 120 43.34 -20.40 -27.95
CA LEU E 120 43.78 -20.32 -26.57
C LEU E 120 43.58 -18.92 -26.06
N LEU E 121 43.26 -18.79 -24.79
CA LEU E 121 43.20 -17.48 -24.20
C LEU E 121 43.60 -17.60 -22.76
N ILE E 122 43.92 -16.48 -22.14
CA ILE E 122 44.47 -16.46 -20.81
C ILE E 122 43.65 -15.53 -19.96
N VAL E 123 43.12 -16.05 -18.96
CA VAL E 123 42.41 -15.26 -17.99
C VAL E 123 43.38 -14.88 -16.89
N ASP E 124 43.22 -13.67 -16.36
CA ASP E 124 43.99 -13.24 -15.19
C ASP E 124 43.16 -13.44 -13.94
N VAL E 125 43.57 -14.39 -13.11
CA VAL E 125 42.90 -14.53 -11.84
C VAL E 125 43.38 -13.49 -10.85
N LYS E 126 44.63 -13.07 -10.97
CA LYS E 126 45.13 -12.06 -10.05
C LYS E 126 44.32 -10.78 -10.17
N GLN E 127 44.04 -10.35 -11.38
CA GLN E 127 43.08 -9.27 -11.62
C GLN E 127 43.49 -8.02 -10.83
N GLN E 128 44.71 -7.56 -11.09
CA GLN E 128 45.27 -6.45 -10.34
C GLN E 128 45.65 -5.34 -11.30
N GLY E 129 44.90 -4.24 -11.27
CA GLY E 129 45.17 -3.07 -12.06
C GLY E 129 44.94 -3.22 -13.53
N VAL E 130 44.71 -4.43 -14.02
CA VAL E 130 44.77 -4.73 -15.44
C VAL E 130 43.36 -4.69 -16.03
N GLY E 131 43.18 -3.90 -17.08
CA GLY E 131 41.96 -3.97 -17.85
C GLY E 131 41.99 -5.13 -18.81
N LEU E 132 40.81 -5.67 -19.10
CA LEU E 132 40.68 -6.77 -20.02
C LEU E 132 41.60 -7.91 -19.60
N PRO E 133 41.26 -8.60 -18.51
CA PRO E 133 42.15 -9.63 -17.98
C PRO E 133 42.48 -10.71 -19.00
N THR E 134 41.80 -10.71 -20.13
CA THR E 134 41.91 -11.73 -21.14
C THR E 134 43.03 -11.52 -22.15
N ASP E 135 43.55 -12.63 -22.64
CA ASP E 135 44.52 -12.65 -23.72
C ASP E 135 44.08 -13.69 -24.76
N ALA E 136 43.72 -13.25 -25.96
CA ALA E 136 43.17 -14.13 -26.98
C ALA E 136 44.20 -14.41 -28.05
N TYR E 137 44.54 -15.68 -28.23
CA TYR E 137 45.57 -16.10 -29.16
C TYR E 137 45.15 -17.27 -30.02
N VAL E 138 45.77 -17.35 -31.18
CA VAL E 138 45.70 -18.52 -32.04
C VAL E 138 47.11 -18.89 -32.41
N ALA E 139 47.25 -20.04 -33.05
CA ALA E 139 48.54 -20.50 -33.53
C ALA E 139 48.61 -20.25 -35.02
N ILE E 140 49.58 -19.46 -35.44
CA ILE E 140 49.80 -19.15 -36.84
C ILE E 140 51.27 -19.36 -37.15
N GLU E 141 51.55 -19.71 -38.40
CA GLU E 141 52.92 -19.91 -38.79
C GLU E 141 53.52 -18.66 -39.37
N GLU E 151 57.43 -23.09 -37.08
CA GLU E 151 57.15 -21.70 -36.81
C GLU E 151 56.19 -21.60 -35.60
N LYS E 152 54.88 -21.53 -35.83
CA LYS E 152 53.89 -21.72 -34.77
C LYS E 152 53.99 -20.66 -33.69
N THR E 153 54.02 -19.39 -34.10
CA THR E 153 53.80 -18.37 -33.10
C THR E 153 52.33 -18.27 -32.74
N PHE E 154 52.05 -17.59 -31.64
CA PHE E 154 50.68 -17.27 -31.27
C PHE E 154 50.34 -15.86 -31.73
N LEU E 155 49.48 -15.75 -32.73
CA LEU E 155 48.91 -14.45 -33.00
C LEU E 155 48.06 -14.01 -31.83
N HIS E 156 48.26 -12.77 -31.40
CA HIS E 156 47.34 -12.13 -30.49
C HIS E 156 46.17 -11.57 -31.26
N LEU E 157 45.00 -11.60 -30.64
CA LEU E 157 43.78 -11.17 -31.27
C LEU E 157 43.05 -10.11 -30.47
N PRO E 158 42.18 -9.36 -31.11
CA PRO E 158 41.25 -8.52 -30.35
C PRO E 158 40.40 -9.36 -29.44
N CYS E 159 39.73 -8.70 -28.52
CA CYS E 159 38.86 -9.40 -27.59
C CYS E 159 37.81 -8.42 -27.09
N THR E 160 36.78 -8.96 -26.47
CA THR E 160 35.71 -8.15 -25.91
C THR E 160 35.17 -8.86 -24.69
N ILE E 161 34.10 -8.33 -24.14
CA ILE E 161 33.27 -9.09 -23.23
C ILE E 161 31.86 -8.92 -23.70
N GLU E 162 31.23 -10.00 -24.10
CA GLU E 162 29.95 -9.88 -24.72
C GLU E 162 28.88 -9.92 -23.65
N ALA E 163 27.87 -9.11 -23.84
CA ALA E 163 26.68 -9.18 -23.01
C ALA E 163 25.70 -10.11 -23.68
N GLU E 164 25.24 -11.11 -22.95
CA GLU E 164 24.18 -11.95 -23.46
C GLU E 164 22.97 -11.87 -22.54
N GLU E 165 21.90 -12.49 -23.00
CA GLU E 165 20.59 -12.23 -22.45
C GLU E 165 20.59 -12.53 -20.97
N ALA E 166 20.54 -13.82 -20.62
CA ALA E 166 20.56 -14.19 -19.22
C ALA E 166 21.83 -13.73 -18.57
N GLU E 167 22.89 -13.68 -19.33
CA GLU E 167 24.14 -13.08 -18.92
C GLU E 167 23.95 -11.65 -18.42
N GLU E 168 23.56 -10.71 -19.27
CA GLU E 168 23.48 -9.32 -18.84
C GLU E 168 22.46 -9.16 -17.74
N ILE E 169 21.36 -9.90 -17.84
CA ILE E 169 20.43 -9.95 -16.71
C ILE E 169 21.14 -10.33 -15.43
N GLY E 170 22.14 -11.20 -15.51
CA GLY E 170 22.87 -11.60 -14.33
C GLY E 170 23.91 -10.62 -13.82
N VAL E 171 24.75 -10.11 -14.71
CA VAL E 171 25.76 -9.13 -14.28
C VAL E 171 25.07 -7.95 -13.66
N GLU E 172 24.12 -7.37 -14.39
CA GLU E 172 23.43 -6.19 -13.92
C GLU E 172 22.76 -6.42 -12.57
N HIS E 173 22.12 -7.56 -12.37
CA HIS E 173 21.48 -7.80 -11.08
C HIS E 173 22.54 -7.84 -9.99
N LEU E 174 23.66 -8.51 -10.27
CA LEU E 174 24.76 -8.64 -9.32
C LEU E 174 25.47 -7.33 -8.96
N LEU E 175 25.71 -6.48 -9.95
CA LEU E 175 26.38 -5.22 -9.72
C LEU E 175 25.43 -4.17 -9.21
N ARG E 176 24.24 -4.60 -8.84
CA ARG E 176 23.24 -3.74 -8.23
C ARG E 176 23.84 -2.80 -7.20
N ASP E 177 24.35 -3.36 -6.11
CA ASP E 177 24.64 -2.55 -4.93
C ASP E 177 25.91 -1.74 -5.08
N VAL E 178 26.92 -2.31 -5.72
CA VAL E 178 28.24 -1.70 -5.78
C VAL E 178 28.25 -0.65 -6.87
N ARG E 179 27.07 -0.39 -7.44
CA ARG E 179 26.96 0.72 -8.38
C ARG E 179 27.33 2.02 -7.68
N ASP E 180 28.08 2.87 -8.39
CA ASP E 180 28.74 4.00 -7.76
C ASP E 180 27.74 5.06 -7.29
N GLN E 181 28.23 5.93 -6.40
CA GLN E 181 27.41 7.02 -5.91
C GLN E 181 27.26 8.11 -6.95
N ALA E 182 28.24 8.27 -7.84
CA ALA E 182 28.40 9.47 -8.65
C ALA E 182 28.49 10.72 -7.76
N ALA E 183 29.45 10.68 -6.84
CA ALA E 183 29.63 11.74 -5.87
C ALA E 183 30.11 13.02 -6.54
N GLY E 184 29.99 14.12 -5.81
CA GLY E 184 30.54 15.38 -6.27
C GLY E 184 29.68 16.52 -5.77
N GLY E 185 29.87 17.68 -6.39
CA GLY E 185 29.05 18.84 -6.14
C GLY E 185 28.06 19.03 -7.27
N LEU E 186 27.09 19.90 -7.04
CA LEU E 186 26.03 20.06 -8.00
C LEU E 186 26.55 20.55 -9.35
N SER E 187 27.28 21.65 -9.35
CA SER E 187 27.72 22.21 -10.61
C SER E 187 28.64 21.26 -11.32
N ILE E 188 29.36 20.44 -10.57
CA ILE E 188 30.22 19.44 -11.18
C ILE E 188 29.37 18.49 -12.01
N ARG E 189 28.38 17.88 -11.38
CA ARG E 189 27.51 16.97 -12.08
C ARG E 189 26.89 17.63 -13.29
N LEU E 190 26.18 18.72 -13.06
CA LEU E 190 25.52 19.38 -14.17
C LEU E 190 26.49 19.71 -15.27
N THR E 191 27.76 19.81 -14.93
CA THR E 191 28.76 19.97 -15.96
C THR E 191 28.96 18.67 -16.73
N ASN E 192 29.26 17.59 -15.99
CA ASN E 192 29.52 16.30 -16.59
C ASN E 192 28.47 15.99 -17.60
N GLN E 193 27.25 16.31 -17.27
CA GLN E 193 26.20 16.06 -18.22
C GLN E 193 26.50 16.78 -19.52
N LEU E 194 26.47 18.10 -19.49
CA LEU E 194 26.50 18.84 -20.75
C LEU E 194 27.67 18.38 -21.59
N LYS E 195 28.77 18.04 -20.92
CA LYS E 195 29.84 17.35 -21.63
C LYS E 195 29.30 16.15 -22.35
N SER E 196 28.56 15.30 -21.64
CA SER E 196 28.11 14.07 -22.25
C SER E 196 27.19 14.34 -23.43
N LEU E 197 26.25 15.26 -23.27
CA LEU E 197 25.40 15.65 -24.38
C LEU E 197 26.21 15.98 -25.60
N LYS E 198 27.17 16.89 -25.46
CA LYS E 198 28.00 17.24 -26.60
C LYS E 198 28.63 16.00 -27.21
N GLY E 199 29.22 15.16 -26.36
CA GLY E 199 29.84 13.95 -26.87
C GLY E 199 28.89 13.22 -27.78
N LEU E 200 27.68 12.98 -27.28
CA LEU E 200 26.70 12.30 -28.11
C LEU E 200 26.54 13.00 -29.45
N GLN E 201 26.23 14.30 -29.42
CA GLN E 201 26.06 15.02 -30.67
C GLN E 201 27.20 14.72 -31.63
N SER E 202 28.42 14.80 -31.14
CA SER E 202 29.56 14.50 -31.98
C SER E 202 29.40 13.14 -32.62
N LYS E 203 29.17 12.13 -31.81
CA LYS E 203 29.10 10.79 -32.37
C LYS E 203 28.03 10.72 -33.45
N LEU E 204 26.94 11.42 -33.23
CA LEU E 204 25.90 11.42 -34.24
C LEU E 204 26.38 12.02 -35.53
N LYS E 205 27.15 13.11 -35.46
CA LYS E 205 27.86 13.54 -36.65
C LYS E 205 28.45 12.32 -37.31
N ASP E 206 29.37 11.71 -36.57
CA ASP E 206 30.24 10.67 -37.12
C ASP E 206 29.42 9.74 -37.95
N VAL E 207 28.32 9.31 -37.36
CA VAL E 207 27.43 8.42 -38.08
C VAL E 207 27.02 9.06 -39.39
N VAL E 208 26.42 10.24 -39.31
CA VAL E 208 25.70 10.69 -40.49
C VAL E 208 26.66 10.83 -41.65
N GLU E 209 27.87 11.32 -41.40
CA GLU E 209 28.77 11.41 -42.53
C GLU E 209 29.14 10.04 -43.02
N TYR E 210 29.43 9.12 -42.10
CA TYR E 210 29.75 7.78 -42.59
C TYR E 210 28.71 7.28 -43.55
N LEU E 211 27.54 7.00 -43.01
CA LEU E 211 26.57 6.32 -43.83
C LEU E 211 26.25 7.16 -45.04
N ASP E 212 26.41 8.46 -44.91
CA ASP E 212 26.42 9.29 -46.10
C ASP E 212 27.39 8.76 -47.13
N LYS E 213 28.65 8.56 -46.74
CA LYS E 213 29.61 7.97 -47.65
C LYS E 213 29.03 6.74 -48.27
N VAL E 214 28.55 5.83 -47.43
CA VAL E 214 27.99 4.57 -47.92
C VAL E 214 27.01 4.83 -49.05
N ILE E 215 26.19 5.87 -48.90
CA ILE E 215 25.17 6.12 -49.91
C ILE E 215 25.82 6.37 -51.25
N ASN E 216 26.99 6.96 -51.24
CA ASN E 216 27.65 7.39 -52.43
C ASN E 216 28.51 6.30 -53.03
N LYS E 217 28.39 5.09 -52.51
CA LYS E 217 29.19 3.97 -52.94
C LYS E 217 30.66 4.27 -52.82
N GLU E 218 30.98 5.08 -51.83
CA GLU E 218 32.34 5.44 -51.53
C GLU E 218 32.95 4.49 -50.54
N LEU E 219 32.23 3.44 -50.21
CA LEU E 219 32.61 2.60 -49.08
C LEU E 219 31.55 1.49 -49.02
N PRO E 220 31.96 0.24 -48.86
CA PRO E 220 31.02 -0.86 -49.05
C PRO E 220 29.97 -0.89 -47.96
N ILE E 221 28.92 -1.64 -48.22
CA ILE E 221 27.89 -1.82 -47.21
C ILE E 221 28.43 -2.73 -46.14
N ASN E 222 28.47 -2.25 -44.93
CA ASN E 222 28.83 -3.12 -43.83
C ASN E 222 27.55 -3.39 -43.10
N HIS E 223 27.01 -4.59 -43.29
CA HIS E 223 25.74 -4.90 -42.71
C HIS E 223 25.76 -4.67 -41.22
N THR E 224 26.77 -5.20 -40.56
CA THR E 224 26.75 -5.24 -39.11
C THR E 224 26.36 -3.90 -38.53
N ILE E 225 27.03 -2.85 -38.96
CA ILE E 225 26.67 -1.55 -38.44
C ILE E 225 25.20 -1.29 -38.69
N LEU E 226 24.70 -1.60 -39.87
CA LEU E 226 23.29 -1.37 -40.09
C LEU E 226 22.48 -2.10 -39.04
N GLY E 227 22.85 -3.35 -38.76
CA GLY E 227 22.21 -4.06 -37.68
C GLY E 227 22.18 -3.23 -36.44
N LYS E 228 23.32 -2.74 -36.02
CA LYS E 228 23.34 -2.05 -34.75
C LYS E 228 22.57 -0.75 -34.80
N LEU E 229 22.50 -0.11 -35.96
CA LEU E 229 21.67 1.07 -36.04
C LEU E 229 20.25 0.70 -35.75
N GLN E 230 19.73 -0.26 -36.50
CA GLN E 230 18.38 -0.73 -36.23
C GLN E 230 18.19 -0.95 -34.76
N ASP E 231 19.08 -1.73 -34.15
CA ASP E 231 18.95 -1.94 -32.74
C ASP E 231 19.00 -0.65 -31.98
N VAL E 232 19.53 0.40 -32.58
CA VAL E 232 19.43 1.65 -31.88
C VAL E 232 18.05 2.22 -32.04
N PHE E 233 17.40 1.99 -33.15
CA PHE E 233 16.05 2.51 -33.23
C PHE E 233 15.13 1.73 -32.34
N ASN E 234 15.27 0.42 -32.33
CA ASN E 234 14.36 -0.39 -31.52
C ASN E 234 14.32 0.08 -30.10
N LEU E 235 15.34 0.78 -29.67
CA LEU E 235 15.42 1.23 -28.31
C LEU E 235 14.94 2.64 -28.09
N LEU E 236 14.54 3.34 -29.10
CA LEU E 236 14.08 4.67 -28.84
C LEU E 236 12.84 4.60 -27.98
N PRO E 237 12.81 5.26 -26.83
CA PRO E 237 11.58 5.31 -26.05
C PRO E 237 10.50 6.01 -26.84
N ASN E 238 9.29 5.56 -26.64
CA ASN E 238 8.13 6.02 -27.37
C ASN E 238 7.37 6.98 -26.48
N LEU E 239 7.42 8.25 -26.80
CA LEU E 239 6.96 9.26 -25.86
C LEU E 239 5.70 9.95 -26.34
N ASN E 259 -1.49 3.01 -19.04
CA ASN E 259 -0.13 2.66 -18.64
C ASN E 259 0.89 3.11 -19.67
N ASN E 260 0.73 4.34 -20.14
CA ASN E 260 1.71 4.93 -21.03
C ASN E 260 2.96 5.23 -20.26
N LEU E 261 4.07 5.37 -20.96
CA LEU E 261 5.24 5.86 -20.28
C LEU E 261 5.05 7.30 -19.86
N GLN E 262 4.82 8.17 -20.82
CA GLN E 262 5.07 9.58 -20.58
C GLN E 262 4.39 10.05 -19.31
N LYS E 263 3.27 9.46 -18.97
CA LYS E 263 2.69 9.80 -17.70
C LYS E 263 3.22 8.94 -16.58
N ALA E 264 4.22 8.11 -16.82
CA ALA E 264 5.10 7.78 -15.72
C ALA E 264 6.00 8.94 -15.42
N LEU E 265 6.64 9.48 -16.44
CA LEU E 265 7.42 10.68 -16.25
C LEU E 265 6.66 11.71 -15.48
N THR E 266 5.70 12.34 -16.12
CA THR E 266 5.21 13.58 -15.58
C THR E 266 4.74 13.38 -14.16
N VAL E 267 4.24 12.20 -13.84
CA VAL E 267 3.93 11.90 -12.47
C VAL E 267 5.18 11.89 -11.62
N LYS E 268 6.19 11.17 -12.07
CA LYS E 268 7.39 11.09 -11.25
C LYS E 268 7.91 12.48 -11.00
N THR E 269 8.19 13.20 -12.07
CA THR E 269 8.68 14.55 -11.96
C THR E 269 7.90 15.34 -10.95
N ASN E 270 6.58 15.25 -10.99
CA ASN E 270 5.86 15.91 -9.92
C ASN E 270 6.32 15.38 -8.58
N ASP E 271 6.56 14.08 -8.51
CA ASP E 271 6.89 13.55 -7.21
C ASP E 271 8.23 14.02 -6.74
N GLU E 272 9.13 14.40 -7.64
CA GLU E 272 10.32 15.05 -7.15
C GLU E 272 10.04 16.47 -6.74
N LEU E 273 9.50 17.26 -7.66
CA LEU E 273 9.36 18.66 -7.36
C LEU E 273 8.69 18.86 -6.03
N MET E 274 7.88 17.91 -5.60
CA MET E 274 7.56 17.97 -4.20
C MET E 274 8.83 18.10 -3.41
N VAL E 275 9.68 17.08 -3.44
CA VAL E 275 10.72 17.04 -2.43
C VAL E 275 11.64 18.21 -2.60
N ILE E 276 11.92 18.58 -3.83
CA ILE E 276 12.63 19.81 -4.05
C ILE E 276 11.97 20.92 -3.27
N TYR E 277 10.66 21.01 -3.37
CA TYR E 277 9.96 22.18 -2.85
C TYR E 277 9.94 22.19 -1.34
N ILE E 278 9.44 21.15 -0.72
CA ILE E 278 9.38 21.24 0.73
C ILE E 278 10.77 21.32 1.31
N SER E 279 11.73 20.66 0.68
CA SER E 279 13.11 20.85 1.08
C SER E 279 13.45 22.33 1.10
N ASN E 280 13.17 23.01 -0.02
CA ASN E 280 13.40 24.44 -0.07
C ASN E 280 12.80 25.12 1.13
N LEU E 281 11.55 24.79 1.45
CA LEU E 281 11.00 25.34 2.68
C LEU E 281 11.97 25.15 3.81
N VAL E 282 12.56 23.98 3.93
CA VAL E 282 13.42 23.75 5.08
C VAL E 282 14.61 24.68 5.05
N ARG E 283 15.22 24.88 3.89
CA ARG E 283 16.28 25.86 3.83
C ARG E 283 15.76 27.21 4.26
N SER E 284 14.74 27.70 3.57
CA SER E 284 14.29 29.05 3.84
C SER E 284 14.08 29.26 5.32
N ILE E 285 13.30 28.40 5.95
CA ILE E 285 13.06 28.60 7.37
C ILE E 285 14.37 28.59 8.14
N ILE E 286 15.31 27.72 7.78
CA ILE E 286 16.59 27.79 8.47
C ILE E 286 17.18 29.18 8.36
N ALA E 287 17.35 29.65 7.13
CA ALA E 287 17.96 30.94 6.90
C ALA E 287 17.34 31.99 7.79
N PHE E 288 16.02 32.08 7.75
CA PHE E 288 15.31 32.95 8.67
C PHE E 288 15.81 32.77 10.08
N ASP E 289 15.97 31.53 10.52
CA ASP E 289 16.56 31.35 11.84
C ASP E 289 17.86 32.09 11.97
N ASP E 290 18.73 31.93 10.99
CA ASP E 290 19.96 32.67 11.06
C ASP E 290 19.68 34.15 11.29
N LEU E 291 18.86 34.75 10.42
CA LEU E 291 18.57 36.17 10.57
C LEU E 291 18.27 36.52 11.99
N ILE E 292 17.42 35.73 12.65
CA ILE E 292 17.21 36.20 14.00
C ILE E 292 18.47 36.00 14.79
N GLU E 293 19.33 35.05 14.42
CA GLU E 293 20.54 34.91 15.22
C GLU E 293 21.45 36.12 15.09
N ASN E 294 21.84 36.48 13.87
CA ASN E 294 22.79 37.57 13.79
C ASN E 294 22.14 38.90 14.02
N LYS E 295 20.87 39.04 13.70
CA LYS E 295 20.13 40.21 14.11
C LYS E 295 20.19 40.38 15.62
N ILE E 296 19.75 39.36 16.35
CA ILE E 296 19.85 39.40 17.80
C ILE E 296 21.26 39.69 18.23
N GLN E 297 22.23 39.10 17.55
CA GLN E 297 23.60 39.30 17.94
C GLN E 297 24.01 40.75 17.81
N ASN E 298 23.52 41.44 16.79
CA ASN E 298 23.87 42.84 16.67
C ASN E 298 23.21 43.68 17.74
N LYS E 299 21.94 43.43 18.01
CA LYS E 299 21.36 44.09 19.18
C LYS E 299 22.17 43.82 20.43
N LYS E 300 22.91 42.73 20.46
CA LYS E 300 23.82 42.53 21.58
C LYS E 300 25.02 43.46 21.49
N ILE E 301 25.75 43.41 20.38
CA ILE E 301 27.04 44.09 20.34
C ILE E 301 26.85 45.60 20.41
N GLN E 302 25.93 46.12 19.59
CA GLN E 302 25.77 47.56 19.41
C GLN E 302 25.71 48.29 20.74
N GLU E 303 25.12 47.65 21.74
CA GLU E 303 25.12 48.16 23.10
C GLU E 303 26.51 48.60 23.52
N GLN E 304 27.43 47.65 23.57
CA GLN E 304 28.78 47.93 24.04
C GLN E 304 29.64 48.59 23.00
N ARG E 305 29.20 48.63 21.74
CA ARG E 305 29.72 49.63 20.84
C ARG E 305 29.51 51.01 21.45
N VAL E 306 28.26 51.31 21.82
CA VAL E 306 27.96 52.51 22.60
C VAL E 306 28.69 52.43 23.93
N LYS E 307 28.31 51.47 24.76
CA LYS E 307 29.05 51.18 25.98
C LYS E 307 28.55 49.87 26.59
N GLU F 6 47.43 -61.38 -62.74
CA GLU F 6 47.83 -60.34 -61.80
C GLU F 6 47.06 -59.06 -62.07
N ILE F 7 46.95 -58.22 -61.03
CA ILE F 7 46.40 -56.88 -61.22
C ILE F 7 47.33 -55.99 -62.05
N ASP F 8 48.53 -56.45 -62.37
CA ASP F 8 49.28 -55.81 -63.45
C ASP F 8 48.71 -56.19 -64.80
N THR F 9 48.17 -57.40 -64.92
CA THR F 9 47.53 -57.80 -66.16
C THR F 9 46.17 -57.13 -66.30
N ILE F 10 45.33 -57.31 -65.28
CA ILE F 10 44.07 -56.60 -65.22
C ILE F 10 44.31 -55.11 -65.38
N LEU F 11 45.25 -54.59 -64.59
CA LEU F 11 45.71 -53.21 -64.74
C LEU F 11 46.00 -52.87 -66.19
N SER F 12 46.80 -53.69 -66.86
CA SER F 12 47.13 -53.43 -68.25
C SER F 12 45.87 -53.26 -69.08
N THR F 13 44.97 -54.23 -68.96
CA THR F 13 43.68 -54.13 -69.63
C THR F 13 43.07 -52.77 -69.37
N LEU F 14 43.16 -52.31 -68.12
CA LEU F 14 42.59 -51.02 -67.74
C LEU F 14 43.26 -49.88 -68.50
N ARG F 15 44.59 -49.93 -68.64
CA ARG F 15 45.30 -48.97 -69.48
C ARG F 15 44.67 -48.87 -70.86
N MET F 16 44.55 -50.00 -71.52
CA MET F 16 44.28 -49.93 -72.95
C MET F 16 42.81 -49.70 -73.28
N GLU F 17 41.90 -50.19 -72.45
CA GLU F 17 40.58 -50.53 -72.93
C GLU F 17 39.58 -49.40 -72.86
N ALA F 18 39.98 -48.19 -72.49
CA ALA F 18 39.06 -47.08 -72.67
C ALA F 18 39.62 -45.95 -73.51
N ASP F 19 40.46 -45.11 -72.91
CA ASP F 19 40.98 -43.97 -73.61
C ASP F 19 42.45 -43.77 -73.26
N PRO F 20 43.31 -43.52 -74.25
CA PRO F 20 44.68 -43.09 -73.97
C PRO F 20 44.79 -41.64 -73.54
N SER F 21 43.77 -40.81 -73.78
CA SER F 21 43.89 -39.37 -73.52
C SER F 21 44.46 -39.12 -72.13
N LEU F 22 43.88 -39.76 -71.14
CA LEU F 22 44.21 -39.51 -69.76
C LEU F 22 45.20 -40.52 -69.19
N HIS F 23 45.65 -41.47 -70.01
CA HIS F 23 46.31 -42.64 -69.46
C HIS F 23 47.60 -42.37 -68.68
N PRO F 24 48.42 -41.36 -68.98
CA PRO F 24 49.59 -41.14 -68.12
C PRO F 24 49.23 -41.05 -66.64
N LEU F 25 48.03 -40.55 -66.34
CA LEU F 25 47.50 -40.68 -64.99
C LEU F 25 47.46 -42.15 -64.58
N PHE F 26 47.10 -43.03 -65.52
CA PHE F 26 47.16 -44.45 -65.26
C PHE F 26 48.58 -44.83 -64.91
N GLU F 27 49.55 -44.19 -65.56
CA GLU F 27 50.95 -44.48 -65.29
C GLU F 27 51.32 -44.16 -63.86
N GLN F 28 50.87 -43.01 -63.37
CA GLN F 28 51.23 -42.64 -62.01
C GLN F 28 50.90 -43.76 -61.06
N PHE F 29 49.61 -44.02 -60.82
CA PHE F 29 49.31 -45.05 -59.85
C PHE F 29 49.77 -46.43 -60.29
N GLU F 30 50.01 -46.66 -61.57
CA GLU F 30 50.51 -47.98 -61.92
C GLU F 30 51.89 -48.17 -61.33
N LYS F 31 52.70 -47.11 -61.32
CA LYS F 31 54.01 -47.26 -60.72
C LYS F 31 53.92 -47.18 -59.20
N PHE F 32 53.11 -46.26 -58.68
CA PHE F 32 52.99 -46.16 -57.23
C PHE F 32 52.43 -47.42 -56.63
N TYR F 33 51.74 -48.22 -57.42
CA TYR F 33 51.28 -49.53 -57.00
C TYR F 33 52.40 -50.24 -56.28
N GLU F 34 53.41 -50.64 -57.04
CA GLU F 34 54.55 -51.30 -56.43
C GLU F 34 55.36 -50.33 -55.59
N GLU F 35 55.42 -49.06 -56.00
CA GLU F 35 56.04 -48.05 -55.18
C GLU F 35 55.33 -47.91 -53.84
N LYS F 36 54.10 -48.37 -53.75
CA LYS F 36 53.42 -48.59 -52.48
C LYS F 36 53.14 -47.30 -51.72
N LEU F 37 53.52 -46.14 -52.23
CA LEU F 37 53.20 -44.91 -51.53
C LEU F 37 51.73 -44.63 -51.76
N TRP F 38 50.93 -44.73 -50.70
CA TRP F 38 49.51 -44.69 -50.93
C TRP F 38 48.97 -43.28 -50.86
N PHE F 39 49.74 -42.35 -50.31
CA PHE F 39 49.30 -40.97 -50.34
C PHE F 39 49.26 -40.47 -51.77
N GLN F 40 50.35 -40.66 -52.51
CA GLN F 40 50.38 -40.15 -53.85
C GLN F 40 49.57 -41.02 -54.80
N LEU F 41 49.49 -42.32 -54.53
CA LEU F 41 48.47 -43.14 -55.15
C LEU F 41 47.16 -42.41 -55.10
N SER F 42 46.68 -42.28 -53.87
CA SER F 42 45.36 -41.74 -53.58
C SER F 42 45.14 -40.45 -54.32
N GLU F 43 46.04 -39.48 -54.15
CA GLU F 43 45.79 -38.20 -54.79
C GLU F 43 45.83 -38.33 -56.31
N SER F 44 46.74 -39.15 -56.83
CA SER F 44 46.83 -39.34 -58.26
C SER F 44 45.52 -39.85 -58.83
N LEU F 45 45.23 -41.11 -58.54
CA LEU F 45 44.02 -41.72 -59.06
C LEU F 45 42.78 -40.96 -58.62
N THR F 46 42.89 -40.28 -57.49
CA THR F 46 41.85 -39.38 -57.03
C THR F 46 41.50 -38.39 -58.13
N LYS F 47 42.52 -37.67 -58.60
CA LYS F 47 42.29 -36.80 -59.73
C LYS F 47 41.81 -37.61 -60.93
N PHE F 48 42.40 -38.77 -61.13
CA PHE F 48 42.00 -39.60 -62.26
C PHE F 48 40.49 -39.76 -62.36
N PHE F 49 39.86 -40.23 -61.28
CA PHE F 49 38.41 -40.49 -61.30
C PHE F 49 37.62 -39.28 -61.71
N ASP F 50 38.12 -38.11 -61.39
CA ASP F 50 37.35 -36.90 -61.60
C ASP F 50 37.13 -36.65 -63.08
N ASP F 51 38.17 -36.85 -63.87
CA ASP F 51 38.11 -36.72 -65.32
C ASP F 51 37.61 -37.99 -65.97
N ALA F 52 37.89 -39.13 -65.35
CA ALA F 52 37.54 -40.45 -65.79
C ALA F 52 36.10 -40.79 -65.46
N LYS F 53 35.38 -39.84 -64.86
CA LYS F 53 33.92 -39.93 -64.80
C LYS F 53 33.37 -40.26 -66.17
N SER F 54 34.09 -39.88 -67.21
CA SER F 54 33.91 -40.48 -68.52
C SER F 54 33.94 -41.99 -68.41
N THR F 55 35.02 -42.52 -67.87
CA THR F 55 35.28 -43.94 -67.95
C THR F 55 34.36 -44.68 -67.03
N PRO F 56 33.49 -45.54 -67.54
CA PRO F 56 32.82 -46.51 -66.66
C PRO F 56 33.82 -47.37 -65.93
N LEU F 57 35.04 -47.49 -66.46
CA LEU F 57 36.05 -48.35 -65.90
C LEU F 57 36.14 -48.17 -64.41
N ARG F 58 35.88 -46.96 -63.94
CA ARG F 58 36.07 -46.66 -62.53
C ARG F 58 35.42 -47.71 -61.66
N LEU F 59 34.21 -48.13 -62.02
CA LEU F 59 33.59 -49.27 -61.34
C LEU F 59 34.60 -50.38 -61.22
N ARG F 60 34.85 -51.01 -62.37
CA ARG F 60 35.91 -51.98 -62.53
C ARG F 60 37.18 -51.50 -61.87
N LEU F 61 37.57 -50.27 -62.19
CA LEU F 61 38.76 -49.73 -61.57
C LEU F 61 38.63 -49.76 -60.06
N TYR F 62 37.55 -49.18 -59.55
CA TYR F 62 37.25 -49.36 -58.14
C TYR F 62 37.13 -50.82 -57.81
N ASP F 63 36.46 -51.59 -58.67
CA ASP F 63 36.22 -52.99 -58.40
C ASP F 63 37.48 -53.81 -58.44
N ASN F 64 38.62 -53.23 -58.77
CA ASN F 64 39.78 -54.08 -58.93
C ASN F 64 40.92 -53.68 -58.00
N PHE F 65 41.65 -52.63 -58.34
CA PHE F 65 42.84 -52.31 -57.56
C PHE F 65 42.48 -51.65 -56.24
N VAL F 66 41.58 -50.68 -56.26
CA VAL F 66 41.19 -50.02 -55.03
C VAL F 66 40.04 -50.75 -54.37
N SER F 67 39.36 -51.64 -55.08
CA SER F 67 38.66 -52.69 -54.34
C SER F 67 39.66 -53.38 -53.43
N LYS F 68 40.86 -53.62 -53.93
CA LYS F 68 41.91 -54.20 -53.10
C LYS F 68 42.42 -53.19 -52.09
N PHE F 69 42.34 -51.91 -52.42
CA PHE F 69 43.04 -50.88 -51.66
C PHE F 69 42.18 -50.11 -50.67
N TYR F 70 40.92 -50.49 -50.49
CA TYR F 70 40.09 -49.89 -49.46
C TYR F 70 40.81 -49.79 -48.14
N ASP F 71 41.73 -50.70 -47.88
CA ASP F 71 42.25 -50.93 -46.55
C ASP F 71 43.11 -49.78 -46.06
N LYS F 72 44.23 -49.57 -46.74
CA LYS F 72 45.37 -48.81 -46.24
C LYS F 72 45.36 -47.36 -46.69
N ILE F 73 44.31 -46.92 -47.35
CA ILE F 73 44.24 -45.53 -47.75
C ILE F 73 42.96 -44.92 -47.20
N ASN F 74 42.93 -43.59 -47.18
CA ASN F 74 41.96 -42.81 -46.41
C ASN F 74 40.54 -43.30 -46.61
N GLN F 75 39.85 -43.45 -45.47
CA GLN F 75 38.44 -43.74 -45.42
C GLN F 75 37.68 -42.84 -46.37
N LEU F 76 37.60 -41.58 -45.99
CA LEU F 76 36.72 -40.66 -46.71
C LEU F 76 37.19 -40.45 -48.13
N SER F 77 38.49 -40.55 -48.37
CA SER F 77 38.96 -40.48 -49.74
C SER F 77 38.33 -41.58 -50.57
N VAL F 78 38.55 -42.82 -50.16
CA VAL F 78 38.12 -43.92 -50.98
C VAL F 78 36.63 -43.87 -51.14
N VAL F 79 35.94 -43.45 -50.10
CA VAL F 79 34.52 -43.23 -50.23
C VAL F 79 34.26 -42.28 -51.39
N LYS F 80 34.98 -41.17 -51.42
CA LYS F 80 34.77 -40.22 -52.49
C LYS F 80 34.94 -40.88 -53.83
N TYR F 81 35.86 -41.84 -53.91
CA TYR F 81 36.01 -42.58 -55.15
C TYR F 81 34.71 -43.30 -55.47
N LEU F 82 34.33 -44.17 -54.55
CA LEU F 82 33.13 -44.96 -54.76
C LEU F 82 31.99 -44.08 -55.21
N LEU F 83 31.85 -42.93 -54.56
CA LEU F 83 30.81 -42.00 -54.90
C LEU F 83 30.92 -41.59 -56.35
N ALA F 84 32.03 -40.95 -56.72
CA ALA F 84 32.18 -40.49 -58.10
C ALA F 84 31.85 -41.63 -59.05
N SER F 85 32.21 -42.86 -58.68
CA SER F 85 31.86 -44.01 -59.49
C SER F 85 30.35 -44.11 -59.67
N LEU F 86 29.64 -44.31 -58.57
CA LEU F 86 28.22 -44.62 -58.69
C LEU F 86 27.43 -43.45 -59.25
N LYS F 87 27.93 -42.24 -59.06
CA LYS F 87 27.06 -41.07 -58.95
C LYS F 87 25.99 -41.07 -60.03
N ASP F 88 26.33 -41.52 -61.23
CA ASP F 88 25.39 -41.54 -62.32
C ASP F 88 24.77 -42.90 -62.54
N SER F 89 25.06 -43.87 -61.70
CA SER F 89 24.45 -45.19 -61.89
C SER F 89 22.95 -45.10 -61.74
N LYS F 90 22.24 -45.58 -62.74
CA LYS F 90 20.79 -45.66 -62.69
C LYS F 90 20.31 -46.97 -62.10
N ASP F 91 21.21 -47.83 -61.68
CA ASP F 91 20.84 -49.03 -60.95
C ASP F 91 20.93 -48.67 -59.48
N PHE F 92 19.77 -48.52 -58.87
CA PHE F 92 19.75 -48.04 -57.51
C PHE F 92 20.04 -49.16 -56.53
N ASP F 93 19.59 -50.36 -56.85
CA ASP F 93 19.78 -51.45 -55.91
C ASP F 93 21.24 -51.85 -55.87
N GLU F 94 21.88 -51.89 -57.03
CA GLU F 94 23.31 -52.13 -57.01
C GLU F 94 24.03 -50.99 -56.36
N SER F 95 23.46 -49.79 -56.45
CA SER F 95 24.06 -48.66 -55.77
C SER F 95 24.08 -48.89 -54.27
N LEU F 96 22.89 -49.06 -53.70
CA LEU F 96 22.78 -49.42 -52.29
C LEU F 96 23.71 -50.57 -51.99
N LYS F 97 23.79 -51.52 -52.90
CA LYS F 97 24.64 -52.66 -52.74
C LYS F 97 26.06 -52.18 -52.48
N TYR F 98 26.74 -51.64 -53.49
CA TYR F 98 28.12 -51.22 -53.28
C TYR F 98 28.25 -50.44 -51.99
N LEU F 99 27.25 -49.60 -51.73
CA LEU F 99 27.28 -48.75 -50.54
C LEU F 99 27.46 -49.59 -49.30
N ASP F 100 26.42 -50.31 -48.88
CA ASP F 100 26.58 -51.06 -47.65
C ASP F 100 27.63 -52.14 -47.79
N ASP F 101 28.07 -52.45 -49.00
CA ASP F 101 29.18 -53.35 -49.17
C ASP F 101 30.36 -52.74 -48.45
N LEU F 102 30.87 -51.64 -49.02
CA LEU F 102 31.94 -50.93 -48.36
C LEU F 102 31.61 -50.69 -46.89
N LYS F 103 30.40 -50.24 -46.63
CA LYS F 103 30.00 -50.00 -45.26
C LYS F 103 30.36 -51.18 -44.39
N ALA F 104 29.96 -52.37 -44.83
CA ALA F 104 30.30 -53.58 -44.12
C ALA F 104 31.80 -53.67 -43.93
N GLN F 105 32.54 -53.42 -45.01
CA GLN F 105 33.98 -53.45 -44.89
C GLN F 105 34.44 -52.62 -43.70
N PHE F 106 33.90 -51.42 -43.59
CA PHE F 106 34.38 -50.59 -42.52
C PHE F 106 33.83 -51.01 -41.19
N GLN F 107 32.66 -51.64 -41.18
CA GLN F 107 32.20 -52.24 -39.95
C GLN F 107 33.25 -53.20 -39.44
N GLU F 108 33.86 -53.96 -40.35
CA GLU F 108 34.96 -54.81 -39.95
C GLU F 108 36.13 -53.97 -39.43
N LEU F 109 36.64 -53.05 -40.26
CA LEU F 109 37.83 -52.32 -39.86
C LEU F 109 37.65 -51.68 -38.50
N ASP F 110 36.47 -51.11 -38.27
CA ASP F 110 36.14 -50.59 -36.97
C ASP F 110 36.16 -51.69 -35.93
N SER F 111 35.74 -52.90 -36.32
CA SER F 111 35.67 -53.97 -35.35
C SER F 111 37.07 -54.29 -34.81
N LYS F 112 38.05 -54.42 -35.69
CA LYS F 112 39.41 -54.66 -35.18
C LYS F 112 39.97 -53.42 -34.50
N LYS F 113 39.99 -52.31 -35.22
CA LYS F 113 40.86 -51.18 -34.93
C LYS F 113 40.18 -50.06 -34.17
N GLN F 114 38.93 -50.25 -33.75
CA GLN F 114 38.30 -49.28 -32.87
C GLN F 114 39.15 -48.94 -31.66
N ARG F 115 40.02 -49.87 -31.25
CA ARG F 115 40.75 -49.81 -29.99
C ARG F 115 41.39 -48.46 -29.67
N ASN F 116 42.42 -48.05 -30.41
CA ASN F 116 43.34 -47.08 -29.84
C ASN F 116 42.85 -45.65 -29.94
N ASN F 117 43.00 -45.08 -31.12
CA ASN F 117 42.68 -43.69 -31.39
C ASN F 117 41.31 -43.50 -32.03
N GLY F 118 40.56 -44.56 -32.24
CA GLY F 118 39.14 -44.45 -32.48
C GLY F 118 38.76 -44.49 -33.95
N SER F 119 37.46 -44.57 -34.16
CA SER F 119 36.83 -44.65 -35.47
C SER F 119 36.54 -43.28 -36.06
N LYS F 120 37.08 -42.23 -35.47
CA LYS F 120 36.74 -40.87 -35.86
C LYS F 120 36.71 -40.69 -37.38
N ASP F 121 37.79 -41.06 -38.07
CA ASP F 121 37.75 -40.98 -39.52
C ASP F 121 36.92 -42.11 -40.10
N HIS F 122 37.06 -43.32 -39.55
CA HIS F 122 36.14 -44.41 -39.88
C HIS F 122 34.72 -43.92 -39.78
N GLY F 123 34.36 -43.41 -38.61
CA GLY F 123 33.03 -42.84 -38.44
C GLY F 123 32.69 -41.89 -39.56
N ASP F 124 33.65 -41.05 -39.94
CA ASP F 124 33.39 -40.10 -41.00
C ASP F 124 32.97 -40.82 -42.27
N GLY F 125 33.84 -41.68 -42.79
CA GLY F 125 33.48 -42.42 -43.98
C GLY F 125 32.11 -43.05 -43.85
N ILE F 126 31.88 -43.70 -42.72
CA ILE F 126 30.61 -44.33 -42.42
C ILE F 126 29.49 -43.37 -42.71
N LEU F 127 29.44 -42.29 -41.97
CA LEU F 127 28.44 -41.26 -42.14
C LEU F 127 28.29 -40.97 -43.61
N LEU F 128 29.33 -40.38 -44.21
CA LEU F 128 29.23 -39.89 -45.58
C LEU F 128 28.55 -40.91 -46.47
N ILE F 129 28.97 -42.16 -46.37
CA ILE F 129 28.27 -43.25 -47.00
C ILE F 129 26.80 -43.08 -46.74
N ASP F 130 26.42 -43.14 -45.47
CA ASP F 130 25.01 -43.17 -45.12
C ASP F 130 24.28 -42.02 -45.75
N SER F 131 24.91 -40.85 -45.75
CA SER F 131 24.34 -39.70 -46.42
C SER F 131 23.97 -40.04 -47.84
N GLU F 132 24.93 -40.54 -48.61
CA GLU F 132 24.62 -40.78 -50.00
C GLU F 132 23.58 -41.88 -50.13
N ILE F 133 23.63 -42.88 -49.27
CA ILE F 133 22.58 -43.89 -49.23
C ILE F 133 21.23 -43.22 -49.23
N ALA F 134 21.04 -42.32 -48.26
CA ALA F 134 19.83 -41.54 -48.22
C ALA F 134 19.55 -40.93 -49.58
N ARG F 135 20.56 -40.33 -50.18
CA ARG F 135 20.33 -39.81 -51.52
C ARG F 135 19.71 -40.85 -52.41
N THR F 136 20.31 -42.03 -52.45
CA THR F 136 19.85 -43.08 -53.33
C THR F 136 18.38 -43.35 -53.14
N TYR F 137 17.97 -43.60 -51.90
CA TYR F 137 16.54 -43.78 -51.70
C TYR F 137 15.79 -42.59 -52.22
N LEU F 138 16.32 -41.42 -51.98
CA LEU F 138 15.58 -40.26 -52.41
C LEU F 138 15.39 -40.28 -53.90
N LEU F 139 16.24 -41.01 -54.60
CA LEU F 139 16.03 -41.24 -56.02
C LEU F 139 15.07 -42.37 -56.27
N LYS F 140 14.91 -43.26 -55.32
CA LYS F 140 13.99 -44.37 -55.41
C LYS F 140 12.59 -44.00 -54.95
N ASN F 141 12.36 -42.71 -54.70
CA ASN F 141 11.20 -42.25 -53.94
C ASN F 141 11.31 -42.94 -52.58
N ASP F 142 10.24 -43.50 -52.04
CA ASP F 142 10.22 -43.89 -50.64
C ASP F 142 10.78 -42.75 -49.80
N LEU F 143 10.08 -41.63 -49.87
CA LEU F 143 10.55 -40.45 -49.16
C LEU F 143 10.77 -40.78 -47.70
N VAL F 144 10.07 -41.77 -47.18
CA VAL F 144 10.15 -42.06 -45.76
C VAL F 144 11.48 -42.71 -45.41
N LYS F 145 11.79 -43.81 -46.08
CA LYS F 145 13.02 -44.50 -45.75
C LYS F 145 14.22 -43.60 -45.94
N ALA F 146 14.10 -42.58 -46.77
CA ALA F 146 15.05 -41.49 -46.67
C ALA F 146 14.92 -40.84 -45.31
N ARG F 147 13.72 -40.34 -45.03
CA ARG F 147 13.52 -39.41 -43.95
C ARG F 147 14.15 -39.92 -42.68
N ASP F 148 13.76 -41.11 -42.25
CA ASP F 148 14.35 -41.67 -41.06
C ASP F 148 15.87 -41.62 -41.13
N LEU F 149 16.43 -42.13 -42.22
CA LEU F 149 17.89 -42.18 -42.35
C LEU F 149 18.51 -40.82 -42.11
N LEU F 150 18.03 -39.82 -42.82
CA LEU F 150 18.55 -38.49 -42.61
C LEU F 150 18.48 -38.10 -41.16
N ASP F 151 17.36 -38.37 -40.52
CA ASP F 151 17.21 -37.90 -39.16
C ASP F 151 18.22 -38.58 -38.24
N ASP F 152 18.29 -39.89 -38.32
CA ASP F 152 19.26 -40.61 -37.51
C ASP F 152 20.62 -39.98 -37.68
N LEU F 153 21.04 -39.85 -38.94
CA LEU F 153 22.29 -39.19 -39.22
C LEU F 153 22.39 -37.87 -38.49
N GLU F 154 21.32 -37.09 -38.50
CA GLU F 154 21.41 -35.75 -37.95
C GLU F 154 21.73 -35.80 -36.48
N LYS F 155 21.03 -36.65 -35.74
CA LYS F 155 21.35 -36.77 -34.33
C LYS F 155 22.76 -37.26 -34.12
N THR F 156 23.30 -38.09 -35.00
CA THR F 156 24.69 -38.47 -34.79
C THR F 156 25.58 -37.25 -34.93
N LEU F 157 25.41 -36.50 -36.02
CA LEU F 157 26.26 -35.34 -36.23
C LEU F 157 26.23 -34.42 -35.05
N ASP F 158 25.05 -33.91 -34.73
CA ASP F 158 24.99 -32.70 -33.92
C ASP F 158 25.78 -32.82 -32.65
N LYS F 159 26.03 -34.04 -32.18
CA LYS F 159 26.95 -34.17 -31.08
C LYS F 159 28.39 -34.07 -31.54
N LYS F 160 28.72 -34.66 -32.66
CA LYS F 160 30.10 -34.63 -33.09
C LYS F 160 30.44 -33.20 -33.45
N ASP F 161 31.42 -32.63 -32.77
CA ASP F 161 31.72 -31.22 -33.00
C ASP F 161 32.56 -31.02 -34.25
N SER F 162 33.55 -31.84 -34.47
CA SER F 162 34.51 -31.64 -35.54
C SER F 162 34.23 -32.65 -36.64
N ILE F 163 33.91 -32.15 -37.82
CA ILE F 163 33.65 -33.02 -38.95
C ILE F 163 34.29 -32.44 -40.19
N PRO F 164 34.72 -33.29 -41.09
CA PRO F 164 35.20 -32.80 -42.37
C PRO F 164 34.04 -32.20 -43.13
N LEU F 165 34.23 -30.98 -43.62
CA LEU F 165 33.10 -30.28 -44.19
C LEU F 165 32.35 -31.13 -45.18
N ARG F 166 33.04 -31.98 -45.89
CA ARG F 166 32.39 -32.64 -47.01
C ARG F 166 31.13 -33.35 -46.55
N ILE F 167 31.20 -33.99 -45.40
CA ILE F 167 30.03 -34.70 -44.91
C ILE F 167 28.86 -33.74 -44.83
N THR F 168 29.04 -32.67 -44.09
CA THR F 168 27.99 -31.68 -43.97
C THR F 168 27.46 -31.27 -45.31
N ASN F 169 28.34 -31.06 -46.27
CA ASN F 169 27.87 -30.67 -47.58
C ASN F 169 26.95 -31.72 -48.18
N SER F 170 27.32 -32.98 -48.07
CA SER F 170 26.42 -34.02 -48.52
C SER F 170 25.09 -33.93 -47.81
N PHE F 171 25.15 -33.69 -46.52
CA PHE F 171 23.97 -33.76 -45.68
C PHE F 171 22.96 -32.71 -46.10
N TYR F 172 23.38 -31.47 -46.13
CA TYR F 172 22.50 -30.45 -46.63
C TYR F 172 22.13 -30.69 -48.07
N SER F 173 22.99 -31.34 -48.83
CA SER F 173 22.64 -31.59 -50.23
C SER F 173 21.37 -32.42 -50.30
N THR F 174 21.42 -33.60 -49.71
CA THR F 174 20.25 -34.46 -49.68
C THR F 174 19.07 -33.72 -49.09
N ASN F 175 19.21 -33.25 -47.84
CA ASN F 175 18.08 -32.63 -47.16
C ASN F 175 17.39 -31.63 -48.05
N SER F 176 18.17 -30.75 -48.67
CA SER F 176 17.61 -29.88 -49.68
C SER F 176 16.71 -30.66 -50.63
N GLN F 177 17.30 -31.60 -51.36
CA GLN F 177 16.52 -32.32 -52.35
C GLN F 177 15.23 -32.81 -51.74
N TYR F 178 15.34 -33.48 -50.61
CA TYR F 178 14.19 -34.00 -49.91
C TYR F 178 13.11 -32.95 -49.82
N PHE F 179 13.47 -31.77 -49.35
CA PHE F 179 12.44 -30.77 -49.11
C PHE F 179 11.83 -30.30 -50.40
N LYS F 180 12.63 -30.06 -51.44
CA LYS F 180 11.90 -29.64 -52.61
C LYS F 180 11.07 -30.78 -53.19
N PHE F 181 11.26 -32.01 -52.75
CA PHE F 181 10.25 -33.00 -53.07
C PHE F 181 8.99 -32.75 -52.29
N LYS F 182 9.10 -32.71 -50.97
CA LYS F 182 7.90 -32.50 -50.18
C LYS F 182 7.36 -31.10 -50.31
N ASN F 183 8.16 -30.17 -50.82
CA ASN F 183 7.74 -28.79 -50.95
C ASN F 183 7.31 -28.23 -49.61
N ASP F 184 8.17 -28.40 -48.61
CA ASP F 184 8.19 -27.50 -47.48
C ASP F 184 9.18 -26.42 -47.83
N PHE F 185 8.68 -25.24 -48.11
CA PHE F 185 9.58 -24.23 -48.60
C PHE F 185 10.54 -23.78 -47.50
N ASN F 186 10.01 -23.39 -46.37
CA ASN F 186 10.82 -22.88 -45.27
C ASN F 186 12.06 -23.73 -45.07
N SER F 187 11.83 -24.95 -44.62
CA SER F 187 12.91 -25.89 -44.40
C SER F 187 13.83 -25.95 -45.60
N PHE F 188 13.27 -26.01 -46.79
CA PHE F 188 14.15 -26.04 -47.94
C PHE F 188 15.09 -24.86 -47.91
N TYR F 189 14.54 -23.66 -47.87
CA TYR F 189 15.34 -22.47 -47.90
C TYR F 189 16.47 -22.54 -46.91
N TYR F 190 16.15 -22.81 -45.66
CA TYR F 190 17.21 -22.79 -44.66
C TYR F 190 18.30 -23.76 -45.02
N THR F 191 17.92 -25.01 -45.25
CA THR F 191 18.91 -26.00 -45.60
C THR F 191 19.80 -25.49 -46.69
N SER F 192 19.20 -24.96 -47.74
CA SER F 192 19.98 -24.43 -48.84
C SER F 192 21.03 -23.50 -48.31
N LEU F 193 20.61 -22.36 -47.77
CA LEU F 193 21.60 -21.37 -47.41
C LEU F 193 22.75 -21.99 -46.65
N LEU F 194 22.46 -22.89 -45.72
CA LEU F 194 23.57 -23.56 -45.07
C LEU F 194 24.46 -24.23 -46.10
N TYR F 195 23.86 -25.11 -46.88
CA TYR F 195 24.55 -25.83 -47.94
C TYR F 195 25.45 -24.93 -48.74
N LEU F 196 24.87 -23.93 -49.39
CA LEU F 196 25.68 -23.02 -50.17
C LEU F 196 26.87 -22.55 -49.38
N SER F 197 26.62 -22.01 -48.20
CA SER F 197 27.75 -21.53 -47.42
C SER F 197 28.78 -22.62 -47.20
N THR F 198 28.41 -23.89 -47.28
CA THR F 198 29.39 -24.91 -46.96
C THR F 198 30.11 -25.47 -48.16
N LEU F 199 29.83 -24.96 -49.34
CA LEU F 199 30.49 -25.47 -50.53
C LEU F 199 32.01 -25.42 -50.39
N GLU F 200 32.66 -26.43 -50.91
CA GLU F 200 34.09 -26.56 -50.87
C GLU F 200 34.74 -25.75 -51.97
N PRO F 201 36.05 -25.55 -51.90
CA PRO F 201 36.78 -25.18 -53.12
C PRO F 201 36.75 -26.28 -54.14
N SER F 202 36.83 -27.54 -53.69
CA SER F 202 36.38 -28.59 -54.59
C SER F 202 34.96 -28.20 -54.87
N THR F 203 34.67 -27.88 -56.11
CA THR F 203 33.45 -27.15 -56.42
C THR F 203 32.59 -28.06 -57.27
N SER F 204 31.53 -28.55 -56.67
CA SER F 204 30.74 -29.59 -57.27
C SER F 204 29.66 -29.06 -58.17
N ILE F 205 29.62 -27.76 -58.38
CA ILE F 205 28.43 -27.15 -58.92
C ILE F 205 28.74 -26.61 -60.30
N THR F 206 27.72 -26.62 -61.15
CA THR F 206 27.84 -26.04 -62.49
C THR F 206 26.97 -24.82 -62.56
N LEU F 207 27.32 -23.94 -63.48
CA LEU F 207 26.53 -22.75 -63.68
C LEU F 207 25.07 -23.09 -63.84
N ALA F 208 24.77 -24.09 -64.66
CA ALA F 208 23.39 -24.51 -64.84
C ALA F 208 22.73 -24.74 -63.50
N GLU F 209 23.33 -25.60 -62.69
CA GLU F 209 22.86 -25.86 -61.35
C GLU F 209 22.67 -24.56 -60.60
N ARG F 210 23.77 -23.88 -60.26
CA ARG F 210 23.67 -22.71 -59.40
C ARG F 210 22.55 -21.80 -59.81
N GLN F 211 22.45 -21.56 -61.12
CA GLN F 211 21.28 -20.86 -61.61
C GLN F 211 20.02 -21.52 -61.08
N GLN F 212 19.89 -22.81 -61.30
CA GLN F 212 18.65 -23.46 -60.93
C GLN F 212 18.39 -23.28 -59.46
N LEU F 213 19.43 -23.42 -58.66
CA LEU F 213 19.30 -23.29 -57.24
C LEU F 213 18.73 -21.94 -56.92
N ALA F 214 19.50 -20.90 -57.18
CA ALA F 214 19.05 -19.56 -56.82
C ALA F 214 17.64 -19.34 -57.25
N TYR F 215 17.25 -19.90 -58.37
CA TYR F 215 15.85 -19.83 -58.72
C TYR F 215 14.98 -20.45 -57.63
N ASP F 216 15.25 -21.70 -57.31
CA ASP F 216 14.43 -22.37 -56.32
C ASP F 216 14.39 -21.63 -54.99
N LEU F 217 15.48 -20.97 -54.62
CA LEU F 217 15.39 -20.14 -53.44
C LEU F 217 14.37 -19.05 -53.67
N SER F 218 14.44 -18.40 -54.83
CA SER F 218 13.53 -17.31 -55.06
C SER F 218 12.10 -17.76 -54.83
N ILE F 219 11.70 -18.86 -55.44
CA ILE F 219 10.31 -19.23 -55.22
C ILE F 219 10.10 -19.59 -53.77
N SER F 220 11.07 -20.23 -53.14
CA SER F 220 10.90 -20.60 -51.74
C SER F 220 10.55 -19.37 -50.92
N ALA F 221 11.47 -18.45 -50.86
CA ALA F 221 11.22 -17.22 -50.12
C ALA F 221 9.98 -16.53 -50.58
N LEU F 222 9.47 -16.83 -51.75
CA LEU F 222 8.14 -16.31 -52.00
C LEU F 222 7.10 -17.08 -51.25
N LEU F 223 7.28 -18.37 -51.11
CA LEU F 223 6.27 -19.19 -50.49
C LEU F 223 6.59 -19.49 -49.04
N GLY F 224 7.72 -19.00 -48.56
CA GLY F 224 8.11 -19.28 -47.21
C GLY F 224 7.13 -18.63 -46.28
N ASP F 225 6.49 -19.40 -45.43
CA ASP F 225 5.60 -18.80 -44.47
C ASP F 225 6.37 -17.89 -43.55
N LYS F 226 7.46 -18.39 -43.00
CA LYS F 226 8.20 -17.67 -42.01
C LYS F 226 9.39 -16.96 -42.57
N ILE F 227 9.61 -17.03 -43.87
CA ILE F 227 10.74 -16.36 -44.46
C ILE F 227 10.45 -14.89 -44.63
N TYR F 228 11.30 -14.06 -44.06
CA TYR F 228 11.34 -12.65 -44.31
C TYR F 228 12.81 -12.32 -44.38
N ASN F 229 13.15 -11.05 -44.36
CA ASN F 229 14.55 -10.68 -44.45
C ASN F 229 15.14 -11.21 -45.74
N PHE F 230 14.46 -10.90 -46.84
CA PHE F 230 14.97 -11.29 -48.15
C PHE F 230 16.33 -10.74 -48.42
N GLY F 231 16.72 -9.68 -47.76
CA GLY F 231 18.05 -9.18 -47.95
C GLY F 231 19.06 -10.30 -47.86
N GLU F 232 18.91 -11.15 -46.86
CA GLU F 232 19.80 -12.29 -46.69
C GLU F 232 19.97 -13.04 -47.98
N LEU F 233 18.90 -13.18 -48.73
CA LEU F 233 18.96 -13.79 -50.04
C LEU F 233 19.60 -12.87 -51.08
N LEU F 234 19.08 -11.66 -51.24
CA LEU F 234 19.45 -10.86 -52.40
C LEU F 234 20.93 -10.56 -52.44
N HIS F 235 21.55 -10.39 -51.29
CA HIS F 235 22.96 -10.13 -51.23
C HIS F 235 23.77 -11.39 -51.20
N HIS F 236 23.15 -12.50 -51.39
CA HIS F 236 23.90 -13.72 -51.31
C HIS F 236 24.56 -14.01 -52.64
N PRO F 237 25.83 -14.37 -52.66
CA PRO F 237 26.60 -14.37 -53.90
C PRO F 237 25.98 -15.18 -54.99
N ILE F 238 25.23 -16.22 -54.66
CA ILE F 238 24.71 -17.04 -55.73
C ILE F 238 23.74 -16.27 -56.59
N MET F 239 23.05 -15.27 -56.03
CA MET F 239 22.15 -14.49 -56.87
C MET F 239 22.87 -13.95 -58.08
N GLU F 240 24.13 -13.59 -57.94
CA GLU F 240 24.86 -12.99 -59.04
C GLU F 240 24.83 -13.85 -60.28
N THR F 241 24.51 -15.12 -60.15
CA THR F 241 24.52 -15.93 -61.35
C THR F 241 23.28 -15.71 -62.18
N ILE F 242 22.10 -15.73 -61.56
CA ILE F 242 20.90 -15.65 -62.37
C ILE F 242 20.50 -14.21 -62.62
N VAL F 243 21.16 -13.26 -61.96
CA VAL F 243 20.66 -11.88 -61.92
C VAL F 243 20.47 -11.32 -63.32
N ASN F 244 21.36 -11.66 -64.24
CA ASN F 244 21.40 -10.97 -65.52
C ASN F 244 20.37 -11.51 -66.50
N ASP F 245 20.15 -12.84 -66.50
CA ASP F 245 19.23 -13.43 -67.46
C ASP F 245 17.88 -12.73 -67.42
N SER F 246 17.39 -12.41 -68.61
CA SER F 246 16.24 -11.52 -68.73
C SER F 246 14.94 -12.18 -68.31
N ASN F 247 14.78 -13.46 -68.63
CA ASN F 247 13.55 -14.16 -68.31
C ASN F 247 13.29 -14.19 -66.82
N TYR F 248 14.31 -13.94 -66.02
CA TYR F 248 14.21 -13.90 -64.59
C TYR F 248 14.18 -12.50 -64.01
N ASP F 249 14.21 -11.46 -64.84
CA ASP F 249 14.44 -10.14 -64.29
C ASP F 249 13.24 -9.61 -63.55
N TRP F 250 12.05 -9.88 -64.06
CA TRP F 250 10.80 -9.66 -63.34
C TRP F 250 10.96 -10.18 -61.92
N LEU F 251 11.63 -11.31 -61.82
CA LEU F 251 11.80 -11.97 -60.55
C LEU F 251 12.35 -11.01 -59.52
N PHE F 252 13.43 -10.32 -59.86
CA PHE F 252 13.98 -9.46 -58.83
C PHE F 252 13.07 -8.31 -58.56
N GLN F 253 12.35 -7.88 -59.59
CA GLN F 253 11.28 -6.92 -59.38
C GLN F 253 10.46 -7.33 -58.19
N LEU F 254 10.04 -8.60 -58.18
CA LEU F 254 9.33 -9.13 -57.03
C LEU F 254 10.08 -8.89 -55.74
N LEU F 255 11.25 -9.48 -55.61
CA LEU F 255 11.87 -9.45 -54.30
C LEU F 255 12.21 -8.03 -53.89
N ASN F 256 12.81 -7.29 -54.81
CA ASN F 256 13.06 -5.88 -54.58
C ASN F 256 11.79 -5.16 -54.18
N ALA F 257 10.66 -5.57 -54.76
CA ALA F 257 9.40 -4.96 -54.42
C ALA F 257 9.02 -5.23 -52.99
N LEU F 258 9.22 -6.46 -52.56
CA LEU F 258 8.96 -6.79 -51.17
C LEU F 258 9.73 -5.93 -50.22
N THR F 259 11.01 -6.21 -50.07
CA THR F 259 11.75 -5.71 -48.93
C THR F 259 11.57 -4.23 -48.73
N VAL F 260 11.19 -3.50 -49.77
CA VAL F 260 10.85 -2.12 -49.53
C VAL F 260 9.42 -1.99 -49.05
N GLY F 261 8.62 -3.02 -49.20
CA GLY F 261 7.25 -2.90 -48.78
C GLY F 261 6.41 -2.00 -49.65
N ASP F 262 6.56 -2.09 -50.96
CA ASP F 262 5.75 -1.29 -51.86
C ASP F 262 4.56 -2.11 -52.29
N PHE F 263 3.38 -1.75 -51.79
CA PHE F 263 2.21 -2.57 -52.02
C PHE F 263 1.87 -2.63 -53.50
N ASP F 264 1.58 -1.49 -54.08
CA ASP F 264 0.98 -1.46 -55.41
C ASP F 264 1.89 -2.11 -56.43
N LYS F 265 3.08 -1.55 -56.61
CA LYS F 265 3.99 -2.04 -57.63
C LYS F 265 4.07 -3.55 -57.60
N PHE F 266 4.23 -4.10 -56.41
CA PHE F 266 4.12 -5.53 -56.28
C PHE F 266 2.83 -6.00 -56.91
N ASP F 267 1.72 -5.42 -56.48
CA ASP F 267 0.43 -5.84 -56.98
C ASP F 267 0.38 -5.85 -58.48
N SER F 268 0.99 -4.84 -59.11
CA SER F 268 1.13 -4.87 -60.55
C SER F 268 1.79 -6.16 -60.98
N LEU F 269 2.89 -6.50 -60.34
CA LEU F 269 3.69 -7.63 -60.81
C LEU F 269 2.93 -8.93 -60.74
N ILE F 270 2.38 -9.23 -59.57
CA ILE F 270 1.86 -10.56 -59.32
C ILE F 270 0.84 -10.96 -60.36
N LYS F 271 -0.31 -10.30 -60.35
CA LYS F 271 -1.42 -10.74 -61.17
C LYS F 271 -0.99 -11.00 -62.61
N VAL F 272 0.06 -10.32 -63.05
CA VAL F 272 0.62 -10.56 -64.36
C VAL F 272 1.36 -11.88 -64.36
N GLN F 273 2.46 -11.94 -63.63
CA GLN F 273 3.35 -13.09 -63.75
C GLN F 273 2.68 -14.38 -63.35
N ILE F 274 1.71 -14.31 -62.43
CA ILE F 274 1.16 -15.52 -61.83
C ILE F 274 0.53 -16.40 -62.88
N SER F 275 -0.06 -15.81 -63.91
CA SER F 275 -0.51 -16.60 -65.05
C SER F 275 0.63 -17.48 -65.55
N LYS F 276 1.81 -16.88 -65.73
CA LYS F 276 2.91 -17.59 -66.36
C LYS F 276 3.34 -18.79 -65.55
N ILE F 277 3.36 -18.67 -64.23
CA ILE F 277 3.94 -19.73 -63.44
C ILE F 277 2.91 -20.37 -62.54
N PRO F 278 2.58 -21.64 -62.75
CA PRO F 278 1.44 -22.21 -62.04
C PRO F 278 1.58 -22.11 -60.53
N ILE F 279 2.75 -22.45 -60.01
CA ILE F 279 2.92 -22.59 -58.57
C ILE F 279 2.46 -21.34 -57.87
N LEU F 280 2.81 -20.19 -58.43
CA LEU F 280 2.32 -18.94 -57.90
C LEU F 280 0.82 -18.98 -57.76
N ALA F 281 0.13 -19.26 -58.86
CA ALA F 281 -1.31 -19.27 -58.84
C ALA F 281 -1.85 -20.31 -57.88
N GLN F 282 -1.03 -21.27 -57.50
CA GLN F 282 -1.45 -22.23 -56.51
C GLN F 282 -1.46 -21.62 -55.12
N HIS F 283 -0.43 -20.85 -54.79
CA HIS F 283 -0.32 -20.37 -53.43
C HIS F 283 -0.78 -18.94 -53.22
N GLU F 284 -1.30 -18.27 -54.24
CA GLU F 284 -1.32 -16.82 -54.29
C GLU F 284 -1.72 -16.15 -52.98
N SER F 285 -2.66 -16.77 -52.27
CA SER F 285 -3.10 -16.23 -51.00
C SER F 285 -1.92 -15.79 -50.17
N PHE F 286 -0.95 -16.68 -50.02
CA PHE F 286 0.20 -16.35 -49.22
C PHE F 286 0.72 -15.01 -49.67
N LEU F 287 1.08 -14.96 -50.93
CA LEU F 287 1.68 -13.77 -51.52
C LEU F 287 0.92 -12.56 -51.08
N ARG F 288 -0.40 -12.67 -51.03
CA ARG F 288 -1.15 -11.54 -50.53
C ARG F 288 -0.78 -11.24 -49.10
N GLN F 289 -0.76 -12.26 -48.25
CA GLN F 289 -0.34 -12.02 -46.88
C GLN F 289 1.03 -11.38 -46.86
N LYS F 290 2.00 -12.06 -47.47
CA LYS F 290 3.36 -11.60 -47.39
C LYS F 290 3.45 -10.14 -47.72
N ILE F 291 2.72 -9.70 -48.72
CA ILE F 291 2.73 -8.28 -48.96
C ILE F 291 2.18 -7.54 -47.76
N CYS F 292 0.92 -7.81 -47.41
CA CYS F 292 0.28 -6.98 -46.41
C CYS F 292 1.23 -6.77 -45.25
N LEU F 293 1.78 -7.86 -44.77
CA LEU F 293 2.81 -7.78 -43.76
C LEU F 293 3.91 -6.83 -44.14
N MET F 294 4.73 -7.21 -45.12
CA MET F 294 5.95 -6.45 -45.38
C MET F 294 5.65 -4.97 -45.45
N THR F 295 4.55 -4.59 -46.08
CA THR F 295 4.15 -3.21 -46.04
C THR F 295 4.05 -2.74 -44.61
N LEU F 296 3.21 -3.42 -43.84
CA LEU F 296 2.99 -3.05 -42.46
C LEU F 296 4.29 -2.81 -41.73
N ILE F 297 5.19 -3.78 -41.84
CA ILE F 297 6.49 -3.63 -41.21
C ILE F 297 7.13 -2.33 -41.65
N GLU F 298 7.32 -2.19 -42.97
CA GLU F 298 7.98 -1.01 -43.48
C GLU F 298 7.40 0.27 -42.90
N THR F 299 6.09 0.37 -42.95
CA THR F 299 5.40 1.50 -42.35
C THR F 299 5.92 1.76 -40.97
N VAL F 300 5.86 0.76 -40.10
CA VAL F 300 6.24 1.01 -38.72
C VAL F 300 7.70 1.34 -38.63
N PHE F 301 8.49 0.79 -39.52
CA PHE F 301 9.92 0.93 -39.40
C PHE F 301 10.35 2.34 -39.67
N VAL F 302 9.68 2.99 -40.61
CA VAL F 302 10.04 4.37 -40.89
C VAL F 302 9.45 5.32 -39.86
N LYS F 303 8.21 5.08 -39.47
CA LYS F 303 7.47 6.06 -38.69
C LYS F 303 8.21 6.37 -37.40
N ASN F 304 8.41 7.65 -37.14
CA ASN F 304 9.21 8.02 -35.98
C ASN F 304 8.64 7.51 -34.69
N ILE F 305 7.54 8.09 -34.26
CA ILE F 305 6.84 7.56 -33.10
C ILE F 305 6.02 6.40 -33.58
N ARG F 306 6.26 5.22 -33.03
CA ARG F 306 5.67 4.01 -33.55
C ARG F 306 4.36 3.82 -32.85
N MET F 307 3.28 4.06 -33.57
CA MET F 307 1.94 3.79 -33.10
C MET F 307 1.12 3.89 -34.36
N LEU F 308 -0.04 3.25 -34.38
CA LEU F 308 -0.84 3.32 -35.58
C LEU F 308 -2.30 3.34 -35.26
N SER F 309 -3.08 4.00 -36.09
CA SER F 309 -4.48 3.70 -35.96
C SER F 309 -4.75 2.43 -36.73
N PHE F 310 -5.95 1.89 -36.65
CA PHE F 310 -6.14 0.76 -37.55
C PHE F 310 -6.39 1.27 -38.94
N GLU F 311 -6.80 2.52 -39.05
CA GLU F 311 -6.99 3.12 -40.35
C GLU F 311 -5.71 2.97 -41.14
N ASP F 312 -4.70 3.64 -40.63
CA ASP F 312 -3.47 3.80 -41.36
C ASP F 312 -3.02 2.49 -41.93
N ILE F 313 -3.11 1.43 -41.14
CA ILE F 313 -2.81 0.14 -41.69
C ILE F 313 -3.78 -0.19 -42.80
N SER F 314 -5.06 0.07 -42.57
CA SER F 314 -5.99 -0.37 -43.59
C SER F 314 -5.65 0.25 -44.92
N LYS F 315 -5.33 1.53 -44.92
CA LYS F 315 -5.01 2.22 -46.16
C LYS F 315 -3.72 1.73 -46.72
N ALA F 316 -2.71 1.60 -45.86
CA ALA F 316 -1.40 1.21 -46.34
C ALA F 316 -1.42 -0.18 -46.95
N THR F 317 -2.14 -1.09 -46.34
CA THR F 317 -2.26 -2.45 -46.82
C THR F 317 -3.49 -2.68 -47.66
N HIS F 318 -4.38 -1.71 -47.73
CA HIS F 318 -5.58 -1.88 -48.53
C HIS F 318 -6.35 -3.10 -48.06
N LEU F 319 -6.34 -3.32 -46.74
CA LEU F 319 -7.04 -4.44 -46.15
C LEU F 319 -8.17 -3.86 -45.33
N PRO F 320 -9.37 -4.38 -45.50
CA PRO F 320 -10.50 -3.83 -44.75
C PRO F 320 -10.09 -3.67 -43.30
N LYS F 321 -10.57 -2.59 -42.68
CA LYS F 321 -10.24 -2.38 -41.28
C LYS F 321 -10.51 -3.61 -40.47
N ASP F 322 -11.50 -4.39 -40.86
CA ASP F 322 -11.96 -5.47 -40.01
C ASP F 322 -10.92 -6.55 -39.82
N ASN F 323 -9.96 -6.67 -40.74
CA ASN F 323 -8.95 -7.69 -40.60
C ASN F 323 -7.65 -7.15 -40.06
N VAL F 324 -7.55 -5.84 -39.87
CA VAL F 324 -6.28 -5.28 -39.45
C VAL F 324 -5.73 -6.06 -38.29
N GLU F 325 -6.59 -6.38 -37.35
CA GLU F 325 -6.14 -7.13 -36.20
C GLU F 325 -5.40 -8.37 -36.62
N HIS F 326 -6.08 -9.31 -37.25
CA HIS F 326 -5.41 -10.53 -37.63
C HIS F 326 -4.12 -10.27 -38.32
N LEU F 327 -4.05 -9.19 -39.06
CA LEU F 327 -2.79 -8.90 -39.69
C LEU F 327 -1.75 -8.67 -38.63
N VAL F 328 -1.88 -7.56 -37.94
CA VAL F 328 -0.98 -7.25 -36.84
C VAL F 328 -0.89 -8.43 -35.91
N MET F 329 -2.04 -8.96 -35.53
CA MET F 329 -2.06 -10.07 -34.59
C MET F 329 -1.09 -11.12 -35.00
N ARG F 330 -1.02 -11.39 -36.28
CA ARG F 330 -0.15 -12.43 -36.76
C ARG F 330 1.26 -11.97 -36.89
N ALA F 331 1.46 -10.73 -37.31
CA ALA F 331 2.81 -10.31 -37.57
C ALA F 331 3.69 -10.51 -36.37
N ILE F 332 3.12 -10.65 -35.18
CA ILE F 332 3.93 -10.94 -34.02
C ILE F 332 4.27 -12.41 -33.94
N SER F 333 3.28 -13.28 -34.08
CA SER F 333 3.56 -14.68 -33.89
C SER F 333 4.59 -15.23 -34.85
N LEU F 334 4.92 -14.53 -35.92
CA LEU F 334 6.08 -14.94 -36.68
C LEU F 334 7.34 -14.34 -36.12
N GLY F 335 7.21 -13.52 -35.12
CA GLY F 335 8.37 -12.90 -34.56
C GLY F 335 8.60 -11.48 -34.98
N LEU F 336 7.97 -11.02 -36.05
CA LEU F 336 8.39 -9.75 -36.62
C LEU F 336 8.27 -8.62 -35.63
N LEU F 337 7.09 -8.13 -35.41
CA LEU F 337 6.90 -7.07 -34.47
C LEU F 337 6.97 -7.62 -33.08
N LYS F 338 7.21 -6.77 -32.12
CA LYS F 338 6.68 -7.01 -30.79
C LYS F 338 5.91 -5.79 -30.39
N GLY F 339 4.92 -5.99 -29.57
CA GLY F 339 4.12 -4.89 -29.10
C GLY F 339 2.70 -5.35 -28.87
N SER F 340 1.82 -4.37 -28.76
CA SER F 340 0.49 -4.63 -28.26
C SER F 340 -0.53 -3.87 -29.06
N ILE F 341 -1.79 -4.17 -28.81
CA ILE F 341 -2.89 -3.61 -29.54
C ILE F 341 -3.82 -2.96 -28.56
N ASP F 342 -4.24 -1.76 -28.83
CA ASP F 342 -5.25 -1.14 -28.01
C ASP F 342 -6.51 -0.99 -28.83
N GLN F 343 -7.48 -1.84 -28.54
CA GLN F 343 -8.69 -1.92 -29.33
C GLN F 343 -9.55 -0.70 -29.17
N VAL F 344 -9.78 -0.30 -27.94
CA VAL F 344 -10.73 0.76 -27.67
C VAL F 344 -10.46 1.96 -28.54
N ASN F 345 -9.22 2.41 -28.56
CA ASN F 345 -8.84 3.54 -29.36
C ASN F 345 -8.30 3.14 -30.71
N GLU F 346 -8.18 1.85 -30.96
CA GLU F 346 -7.76 1.35 -32.26
C GLU F 346 -6.36 1.83 -32.58
N LEU F 347 -5.49 1.83 -31.58
CA LEU F 347 -4.07 2.04 -31.76
C LEU F 347 -3.36 0.72 -31.82
N VAL F 348 -2.31 0.67 -32.60
CA VAL F 348 -1.35 -0.41 -32.51
C VAL F 348 -0.08 0.21 -32.02
N THR F 349 0.33 -0.11 -30.82
CA THR F 349 1.57 0.40 -30.27
C THR F 349 2.67 -0.61 -30.42
N ILE F 350 3.65 -0.30 -31.24
CA ILE F 350 4.72 -1.23 -31.56
C ILE F 350 5.94 -0.86 -30.76
N SER F 351 6.44 -1.77 -29.98
CA SER F 351 7.68 -1.47 -29.32
C SER F 351 8.91 -2.05 -29.98
N TRP F 352 8.79 -2.95 -30.94
CA TRP F 352 9.98 -3.63 -31.37
C TRP F 352 9.78 -4.09 -32.78
N VAL F 353 10.80 -4.02 -33.62
CA VAL F 353 10.68 -4.55 -34.96
C VAL F 353 11.96 -5.24 -35.35
N GLN F 354 11.81 -6.18 -36.26
CA GLN F 354 12.88 -7.09 -36.54
C GLN F 354 14.03 -6.33 -37.15
N PRO F 355 15.26 -6.59 -36.75
CA PRO F 355 16.38 -6.14 -37.55
C PRO F 355 16.45 -6.97 -38.80
N ARG F 356 16.72 -6.31 -39.92
CA ARG F 356 16.73 -7.01 -41.18
C ARG F 356 18.00 -6.72 -41.95
N ILE F 357 18.07 -7.18 -43.13
CA ILE F 357 19.06 -6.68 -44.06
C ILE F 357 18.39 -5.59 -44.84
N ILE F 358 19.13 -4.55 -45.15
CA ILE F 358 18.56 -3.30 -45.63
C ILE F 358 19.27 -2.87 -46.91
N SER F 359 18.50 -2.39 -47.88
CA SER F 359 19.09 -1.89 -49.11
C SER F 359 19.23 -0.39 -49.05
N GLY F 360 19.83 0.17 -50.09
CA GLY F 360 20.20 1.56 -50.05
C GLY F 360 19.06 2.50 -49.81
N ASP F 361 18.06 2.45 -50.68
CA ASP F 361 16.93 3.34 -50.53
C ASP F 361 16.41 3.32 -49.12
N GLN F 362 16.33 2.14 -48.53
CA GLN F 362 15.94 2.07 -47.14
C GLN F 362 16.94 2.79 -46.27
N ILE F 363 18.23 2.66 -46.57
CA ILE F 363 19.21 3.30 -45.72
C ILE F 363 18.96 4.79 -45.66
N THR F 364 18.71 5.40 -46.81
CA THR F 364 18.64 6.84 -46.87
C THR F 364 17.76 7.41 -45.78
N LYS F 365 16.54 6.89 -45.66
CA LYS F 365 15.66 7.40 -44.63
C LYS F 365 16.30 7.31 -43.27
N MET F 366 17.03 6.23 -43.01
CA MET F 366 17.74 6.17 -41.75
C MET F 366 18.73 7.30 -41.65
N LYS F 367 19.42 7.60 -42.74
CA LYS F 367 20.26 8.77 -42.75
C LYS F 367 19.46 9.95 -42.23
N ASP F 368 18.28 10.15 -42.78
CA ASP F 368 17.45 11.23 -42.28
C ASP F 368 17.25 11.16 -40.78
N ARG F 369 16.51 10.15 -40.32
CA ARG F 369 16.11 10.14 -38.93
C ARG F 369 17.32 10.33 -38.04
N LEU F 370 18.47 9.91 -38.49
CA LEU F 370 19.67 10.27 -37.77
C LEU F 370 20.03 11.72 -37.97
N VAL F 371 19.56 12.36 -39.03
CA VAL F 371 19.85 13.76 -39.16
C VAL F 371 19.02 14.56 -38.18
N GLU F 372 17.75 14.22 -38.06
CA GLU F 372 16.90 14.98 -37.16
C GLU F 372 17.27 14.69 -35.72
N TRP F 373 17.32 13.43 -35.36
CA TRP F 373 17.79 13.20 -34.02
C TRP F 373 19.22 13.63 -33.87
N ASN F 374 19.89 13.91 -34.96
CA ASN F 374 21.07 14.72 -34.74
C ASN F 374 20.64 16.08 -34.22
N ASP F 375 20.05 16.88 -35.10
CA ASP F 375 19.89 18.31 -34.87
C ASP F 375 19.35 18.61 -33.50
N GLN F 376 18.30 17.89 -33.11
CA GLN F 376 17.60 18.16 -31.86
C GLN F 376 18.62 18.40 -30.77
N VAL F 377 19.63 17.55 -30.76
CA VAL F 377 20.66 17.68 -29.76
C VAL F 377 21.29 19.05 -29.88
N GLU F 378 21.96 19.29 -31.01
CA GLU F 378 22.77 20.49 -31.18
C GLU F 378 22.04 21.66 -30.61
N LYS F 379 20.78 21.75 -30.97
CA LYS F 379 19.98 22.81 -30.40
C LYS F 379 20.01 22.73 -28.89
N LEU F 380 19.84 21.53 -28.36
CA LEU F 380 19.75 21.39 -26.91
C LEU F 380 21.08 21.65 -26.23
N GLY F 381 22.16 21.07 -26.75
CA GLY F 381 23.45 21.34 -26.17
C GLY F 381 23.73 22.82 -26.06
N LYS F 382 23.55 23.55 -27.16
CA LYS F 382 23.79 24.98 -27.12
C LYS F 382 22.91 25.65 -26.09
N LYS F 383 21.60 25.52 -26.27
CA LYS F 383 20.67 26.25 -25.44
C LYS F 383 20.96 26.04 -23.97
N MET F 384 21.37 24.83 -23.62
CA MET F 384 21.71 24.60 -22.24
C MET F 384 23.05 25.20 -21.87
N GLU F 385 24.00 25.25 -22.81
CA GLU F 385 25.22 25.99 -22.52
C GLU F 385 24.85 27.37 -22.02
N ALA F 386 24.12 28.08 -22.87
CA ALA F 386 23.81 29.47 -22.60
C ALA F 386 23.08 29.61 -21.29
N ARG F 387 21.94 28.94 -21.17
CA ARG F 387 21.10 29.21 -20.02
C ARG F 387 21.83 28.93 -18.72
N GLY F 388 22.73 27.97 -18.72
CA GLY F 388 23.38 27.59 -17.50
C GLY F 388 24.73 28.23 -17.38
N GLN F 389 24.96 29.29 -18.15
CA GLN F 389 26.31 29.84 -18.26
C GLN F 389 26.90 30.21 -16.90
N SER F 390 26.11 30.82 -16.05
CA SER F 390 26.60 31.24 -14.75
C SER F 390 26.98 30.09 -13.86
N ILE F 391 26.74 28.86 -14.28
CA ILE F 391 27.26 27.69 -13.59
C ILE F 391 27.99 26.87 -14.62
N TRP F 392 29.30 26.82 -14.53
CA TRP F 392 30.04 25.76 -15.17
C TRP F 392 31.30 25.53 -14.38
N VAL F 393 31.93 24.40 -14.65
CA VAL F 393 33.21 24.07 -14.06
C VAL F 393 34.08 23.39 -15.08
N LYS G 24 14.48 -15.04 8.62
CA LYS G 24 15.71 -15.25 9.38
C LYS G 24 16.47 -16.45 8.81
N GLU G 25 15.90 -17.09 7.81
CA GLU G 25 16.59 -18.15 7.10
C GLU G 25 16.91 -17.66 5.70
N THR G 26 18.02 -18.15 5.15
CA THR G 26 18.48 -17.55 3.91
C THR G 26 19.40 -18.49 3.16
N VAL G 27 19.55 -18.22 1.88
CA VAL G 27 20.56 -18.89 1.08
C VAL G 27 21.39 -17.83 0.41
N TYR G 28 22.62 -18.20 0.09
CA TYR G 28 23.53 -17.31 -0.57
C TYR G 28 23.96 -17.97 -1.85
N ILE G 29 23.67 -17.34 -2.96
CA ILE G 29 23.83 -17.99 -4.24
C ILE G 29 24.98 -17.32 -4.96
N SER G 30 26.11 -18.01 -5.02
CA SER G 30 27.30 -17.47 -5.63
C SER G 30 27.02 -17.01 -7.04
N SER G 31 27.64 -15.91 -7.42
CA SER G 31 27.33 -15.28 -8.69
C SER G 31 27.33 -16.29 -9.82
N ILE G 32 28.35 -17.13 -9.89
CA ILE G 32 28.36 -18.15 -10.91
C ILE G 32 27.11 -19.00 -10.83
N ALA G 33 26.86 -19.58 -9.67
CA ALA G 33 25.72 -20.46 -9.54
C ALA G 33 24.45 -19.80 -9.98
N LEU G 34 24.42 -18.48 -10.02
CA LEU G 34 23.28 -17.80 -10.60
C LEU G 34 23.34 -17.79 -12.10
N LEU G 35 24.46 -17.34 -12.66
CA LEU G 35 24.49 -17.22 -14.10
C LEU G 35 24.28 -18.55 -14.78
N LYS G 36 24.69 -19.63 -14.15
CA LYS G 36 24.54 -20.88 -14.85
C LYS G 36 23.09 -21.29 -14.88
N MET G 37 22.34 -21.01 -13.83
CA MET G 37 20.91 -21.24 -13.93
C MET G 37 20.32 -20.41 -15.04
N LEU G 38 20.47 -19.10 -14.95
CA LEU G 38 19.80 -18.26 -15.95
C LEU G 38 20.18 -18.68 -17.35
N LYS G 39 21.42 -19.09 -17.56
CA LYS G 39 21.74 -19.53 -18.90
C LYS G 39 20.96 -20.77 -19.23
N HIS G 40 21.05 -21.81 -18.41
CA HIS G 40 20.45 -23.06 -18.79
C HIS G 40 18.95 -22.91 -19.00
N GLY G 41 18.29 -22.18 -18.14
CA GLY G 41 16.89 -21.95 -18.33
C GLY G 41 16.64 -21.23 -19.62
N ARG G 42 17.22 -20.05 -19.79
CA ARG G 42 16.99 -19.32 -21.03
C ARG G 42 17.26 -20.17 -22.25
N ALA G 43 18.13 -21.15 -22.13
CA ALA G 43 18.45 -21.94 -23.30
C ALA G 43 17.42 -23.00 -23.53
N GLY G 44 16.77 -23.45 -22.48
CA GLY G 44 15.83 -24.53 -22.67
C GLY G 44 14.44 -24.13 -23.04
N VAL G 45 14.16 -22.83 -23.01
CA VAL G 45 12.85 -22.30 -23.29
C VAL G 45 12.37 -22.85 -24.58
N PRO G 46 11.09 -23.17 -24.69
CA PRO G 46 10.05 -23.16 -23.68
C PRO G 46 9.78 -24.51 -23.10
N MET G 47 10.74 -25.12 -22.43
CA MET G 47 10.50 -26.37 -21.76
C MET G 47 11.18 -26.34 -20.42
N GLU G 48 10.61 -27.03 -19.44
CA GLU G 48 11.15 -26.95 -18.11
C GLU G 48 12.44 -27.70 -18.04
N VAL G 49 13.31 -27.22 -17.19
CA VAL G 49 14.71 -27.59 -17.26
C VAL G 49 15.24 -27.70 -15.85
N MET G 50 16.03 -28.75 -15.58
CA MET G 50 16.35 -29.06 -14.19
C MET G 50 17.82 -29.36 -14.03
N GLY G 51 18.35 -29.04 -12.85
CA GLY G 51 19.69 -29.45 -12.48
C GLY G 51 19.86 -29.33 -10.99
N LEU G 52 21.07 -29.59 -10.52
CA LEU G 52 21.31 -29.85 -9.11
C LEU G 52 22.22 -28.80 -8.50
N MET G 53 22.04 -28.58 -7.21
CA MET G 53 22.61 -27.43 -6.54
C MET G 53 23.56 -27.90 -5.45
N LEU G 54 24.86 -27.64 -5.63
CA LEU G 54 25.85 -28.10 -4.69
C LEU G 54 26.45 -26.94 -3.90
N GLY G 55 26.78 -27.26 -2.66
CA GLY G 55 27.00 -26.25 -1.65
C GLY G 55 27.14 -26.89 -0.30
N GLU G 56 26.82 -26.13 0.73
CA GLU G 56 26.97 -26.63 2.09
C GLU G 56 26.03 -25.88 3.00
N PHE G 57 25.56 -26.56 4.04
CA PHE G 57 24.67 -25.94 5.01
C PHE G 57 25.55 -25.37 6.11
N VAL G 58 25.70 -24.06 6.14
CA VAL G 58 26.58 -23.45 7.14
C VAL G 58 26.04 -23.69 8.53
N ASP G 59 24.78 -23.37 8.74
CA ASP G 59 24.18 -23.48 10.06
C ASP G 59 22.71 -23.82 9.86
N ASP G 60 21.93 -23.65 10.92
CA ASP G 60 20.51 -23.90 10.85
C ASP G 60 19.73 -22.75 10.26
N TYR G 61 20.39 -21.62 10.01
CA TYR G 61 19.78 -20.48 9.36
C TYR G 61 20.20 -20.28 7.91
N THR G 62 20.98 -21.19 7.33
CA THR G 62 21.62 -20.84 6.07
C THR G 62 21.77 -22.05 5.17
N VAL G 63 21.81 -21.78 3.86
CA VAL G 63 22.35 -22.71 2.87
C VAL G 63 23.21 -21.91 1.90
N ASN G 64 24.42 -22.36 1.66
CA ASN G 64 25.26 -21.67 0.71
C ASN G 64 25.37 -22.52 -0.54
N VAL G 65 25.18 -21.90 -1.70
CA VAL G 65 25.18 -22.61 -2.96
C VAL G 65 26.28 -22.06 -3.82
N VAL G 66 27.32 -22.86 -4.04
CA VAL G 66 28.44 -22.35 -4.81
C VAL G 66 28.46 -22.78 -6.25
N ASP G 67 27.66 -23.77 -6.63
CA ASP G 67 27.72 -24.22 -8.01
C ASP G 67 26.47 -25.02 -8.32
N VAL G 68 26.26 -25.28 -9.61
CA VAL G 68 25.19 -26.12 -10.09
C VAL G 68 25.75 -27.03 -11.16
N PHE G 69 24.90 -27.92 -11.66
CA PHE G 69 25.17 -28.54 -12.94
C PHE G 69 23.86 -29.06 -13.48
N ALA G 70 23.84 -29.34 -14.76
CA ALA G 70 22.59 -29.44 -15.50
C ALA G 70 22.15 -30.88 -15.70
N MET G 71 20.91 -31.17 -15.47
CA MET G 71 20.54 -32.52 -15.83
C MET G 71 20.11 -32.62 -17.27
N PRO G 72 20.17 -33.81 -17.84
CA PRO G 72 19.68 -34.03 -19.19
C PRO G 72 18.18 -33.86 -19.26
N GLN G 73 17.69 -33.81 -20.48
CA GLN G 73 16.37 -33.20 -20.67
C GLN G 73 15.24 -34.14 -20.28
N SER G 74 15.36 -35.42 -20.59
CA SER G 74 14.40 -36.36 -20.02
C SER G 74 12.95 -36.13 -20.33
N GLY G 75 12.52 -36.46 -21.53
CA GLY G 75 11.23 -35.98 -22.02
C GLY G 75 10.00 -36.45 -21.28
N THR G 76 10.17 -37.07 -20.12
CA THR G 76 9.02 -37.28 -19.25
C THR G 76 8.49 -35.99 -18.63
N GLY G 77 9.23 -34.92 -18.71
CA GLY G 77 8.96 -33.81 -17.84
C GLY G 77 10.00 -33.76 -16.74
N VAL G 78 9.72 -32.93 -15.75
CA VAL G 78 10.65 -32.68 -14.65
C VAL G 78 10.19 -33.45 -13.44
N SER G 79 10.94 -34.49 -13.08
CA SER G 79 10.50 -35.35 -12.00
C SER G 79 11.65 -36.25 -11.60
N VAL G 80 11.37 -37.08 -10.60
CA VAL G 80 12.39 -37.87 -9.96
C VAL G 80 13.05 -38.83 -10.91
N GLU G 81 12.50 -39.01 -12.09
CA GLU G 81 13.20 -39.79 -13.09
C GLU G 81 14.24 -38.95 -13.79
N ALA G 82 13.94 -37.67 -14.02
CA ALA G 82 14.90 -36.80 -14.66
C ALA G 82 16.20 -36.82 -13.89
N VAL G 83 16.14 -36.46 -12.61
CA VAL G 83 17.27 -36.72 -11.76
C VAL G 83 17.57 -38.20 -11.83
N ASP G 84 18.84 -38.53 -11.93
CA ASP G 84 19.19 -39.91 -12.12
C ASP G 84 20.61 -40.12 -11.66
N ASP G 85 20.90 -41.36 -11.32
CA ASP G 85 22.20 -41.77 -10.84
C ASP G 85 23.29 -41.49 -11.85
N VAL G 86 23.21 -42.16 -12.99
CA VAL G 86 24.37 -42.33 -13.86
C VAL G 86 25.05 -41.00 -14.06
N PHE G 87 24.28 -40.07 -14.57
CA PHE G 87 24.80 -38.76 -14.83
C PHE G 87 25.32 -38.15 -13.54
N GLN G 88 24.49 -38.12 -12.52
CA GLN G 88 24.88 -37.41 -11.31
C GLN G 88 26.20 -37.92 -10.80
N ALA G 89 26.20 -39.12 -10.23
CA ALA G 89 27.41 -39.64 -9.64
C ALA G 89 28.55 -39.55 -10.62
N LYS G 90 28.25 -39.58 -11.91
CA LYS G 90 29.29 -39.44 -12.91
C LYS G 90 29.97 -38.08 -12.77
N MET G 91 29.18 -37.01 -12.81
CA MET G 91 29.86 -35.74 -12.80
C MET G 91 30.20 -35.28 -11.40
N MET G 92 29.55 -35.82 -10.39
CA MET G 92 30.10 -35.69 -9.05
C MET G 92 31.51 -36.25 -9.04
N ASP G 93 31.67 -37.44 -9.59
CA ASP G 93 32.97 -38.05 -9.75
C ASP G 93 33.95 -37.07 -10.39
N MET G 94 33.54 -36.38 -11.43
CA MET G 94 34.52 -35.48 -12.01
C MET G 94 34.79 -34.29 -11.10
N LEU G 95 33.75 -33.65 -10.63
CA LEU G 95 33.97 -32.50 -9.79
C LEU G 95 34.85 -32.85 -8.60
N LYS G 96 34.97 -34.13 -8.25
CA LYS G 96 36.03 -34.57 -7.38
C LYS G 96 37.38 -34.06 -7.85
N GLN G 97 37.85 -34.53 -9.01
CA GLN G 97 39.11 -34.02 -9.52
C GLN G 97 39.12 -32.52 -9.57
N THR G 98 37.96 -31.88 -9.60
CA THR G 98 38.01 -30.43 -9.66
C THR G 98 38.30 -29.79 -8.32
N GLY G 99 37.83 -30.39 -7.26
CA GLY G 99 37.83 -29.77 -5.96
C GLY G 99 36.45 -29.36 -5.50
N ARG G 100 35.49 -29.30 -6.40
CA ARG G 100 34.14 -28.99 -5.95
C ARG G 100 33.54 -30.34 -5.66
N ASP G 101 33.45 -30.66 -4.39
CA ASP G 101 32.80 -31.89 -4.00
C ASP G 101 32.04 -31.59 -2.73
N GLN G 102 30.72 -31.56 -2.83
CA GLN G 102 29.87 -31.06 -1.78
C GLN G 102 28.53 -31.72 -1.94
N MET G 103 27.86 -31.94 -0.84
CA MET G 103 26.57 -32.61 -0.91
C MET G 103 25.62 -31.76 -1.73
N VAL G 104 24.69 -32.41 -2.40
CA VAL G 104 23.79 -31.68 -3.26
C VAL G 104 22.78 -31.00 -2.36
N VAL G 105 22.79 -29.68 -2.34
CA VAL G 105 21.98 -28.99 -1.35
C VAL G 105 20.63 -28.58 -1.88
N GLY G 106 20.41 -28.66 -3.17
CA GLY G 106 19.11 -28.30 -3.69
C GLY G 106 18.98 -28.71 -5.13
N TRP G 107 17.92 -28.25 -5.76
CA TRP G 107 17.71 -28.58 -7.15
C TRP G 107 16.87 -27.48 -7.74
N TYR G 108 17.10 -27.18 -8.99
CA TYR G 108 16.44 -26.02 -9.57
C TYR G 108 15.82 -26.46 -10.87
N HIS G 109 14.52 -26.26 -11.01
CA HIS G 109 13.88 -26.48 -12.27
C HIS G 109 13.10 -25.23 -12.58
N SER G 110 13.02 -24.85 -13.83
CA SER G 110 12.41 -23.58 -14.17
C SER G 110 11.03 -23.76 -14.73
N HIS G 111 10.13 -22.87 -14.35
CA HIS G 111 8.72 -22.92 -14.71
C HIS G 111 8.51 -21.75 -15.66
N PRO G 112 8.96 -21.85 -16.91
CA PRO G 112 9.03 -20.66 -17.75
C PRO G 112 7.65 -20.13 -18.03
N GLY G 113 7.49 -18.83 -17.92
CA GLY G 113 6.24 -18.22 -18.27
C GLY G 113 5.21 -18.26 -17.19
N PHE G 114 5.46 -18.93 -16.11
CA PHE G 114 4.51 -18.92 -15.03
C PHE G 114 5.16 -18.20 -13.88
N GLY G 115 4.52 -18.19 -12.75
CA GLY G 115 5.14 -17.59 -11.61
C GLY G 115 6.33 -18.43 -11.20
N CYS G 116 7.02 -17.96 -10.18
CA CYS G 116 7.84 -18.85 -9.40
C CYS G 116 6.95 -19.32 -8.27
N TRP G 117 6.45 -20.53 -8.40
CA TRP G 117 5.62 -21.16 -7.43
C TRP G 117 5.97 -22.62 -7.49
N LEU G 118 5.22 -23.46 -6.83
CA LEU G 118 5.71 -24.81 -6.78
C LEU G 118 4.56 -25.77 -6.99
N SER G 119 4.59 -26.51 -8.07
CA SER G 119 3.51 -27.44 -8.34
C SER G 119 3.71 -28.71 -7.55
N SER G 120 2.60 -29.40 -7.31
CA SER G 120 2.64 -30.60 -6.52
C SER G 120 3.62 -31.61 -7.09
N VAL G 121 3.51 -31.90 -8.37
CA VAL G 121 4.47 -32.81 -8.94
C VAL G 121 5.87 -32.33 -8.67
N ASP G 122 6.10 -31.02 -8.65
CA ASP G 122 7.37 -30.55 -8.17
C ASP G 122 7.54 -30.96 -6.71
N VAL G 123 6.45 -30.97 -5.94
CA VAL G 123 6.55 -31.27 -4.50
C VAL G 123 7.09 -32.66 -4.25
N ASN G 124 6.44 -33.68 -4.80
CA ASN G 124 6.85 -35.04 -4.47
C ASN G 124 8.34 -35.17 -4.64
N THR G 125 8.84 -34.65 -5.75
CA THR G 125 10.27 -34.63 -5.95
C THR G 125 10.95 -33.93 -4.81
N GLN G 126 10.47 -32.74 -4.46
CA GLN G 126 11.08 -32.03 -3.34
C GLN G 126 11.25 -32.93 -2.14
N LYS G 127 10.18 -33.63 -1.76
CA LYS G 127 10.27 -34.59 -0.67
C LYS G 127 11.40 -35.58 -0.92
N SER G 128 11.37 -36.23 -2.07
CA SER G 128 12.43 -37.15 -2.41
C SER G 128 13.80 -36.54 -2.24
N PHE G 129 13.90 -35.23 -2.22
CA PHE G 129 15.15 -34.71 -1.72
C PHE G 129 15.19 -34.56 -0.20
N GLU G 130 14.12 -34.09 0.42
CA GLU G 130 14.19 -33.85 1.86
C GLU G 130 14.50 -35.13 2.62
N GLN G 131 14.08 -36.26 2.09
CA GLN G 131 14.44 -37.52 2.71
C GLN G 131 15.85 -37.93 2.40
N LEU G 132 16.51 -37.30 1.45
CA LEU G 132 17.93 -37.53 1.38
C LEU G 132 18.64 -36.69 2.41
N ASN G 133 18.29 -35.41 2.44
CA ASN G 133 18.82 -34.49 3.43
C ASN G 133 17.68 -33.60 3.83
N SER G 134 17.43 -33.50 5.13
CA SER G 134 16.46 -32.51 5.54
C SER G 134 16.99 -31.13 5.19
N ARG G 135 16.09 -30.16 5.21
CA ARG G 135 16.38 -28.75 5.01
C ARG G 135 16.91 -28.46 3.61
N ALA G 136 17.09 -29.47 2.77
CA ALA G 136 17.44 -29.22 1.38
C ALA G 136 16.29 -28.51 0.69
N VAL G 137 16.61 -27.64 -0.26
CA VAL G 137 15.66 -26.65 -0.71
C VAL G 137 15.37 -26.81 -2.19
N ALA G 138 14.28 -26.21 -2.61
CA ALA G 138 13.93 -26.15 -4.02
C ALA G 138 14.22 -24.76 -4.53
N VAL G 139 14.78 -24.67 -5.73
CA VAL G 139 15.00 -23.38 -6.36
C VAL G 139 14.26 -23.34 -7.67
N VAL G 140 13.45 -22.32 -7.85
CA VAL G 140 12.74 -22.13 -9.10
C VAL G 140 13.22 -20.85 -9.73
N VAL G 141 13.67 -20.95 -10.95
CA VAL G 141 14.03 -19.82 -11.77
C VAL G 141 13.00 -19.75 -12.85
N ASP G 142 12.85 -18.58 -13.43
CA ASP G 142 11.83 -18.37 -14.45
C ASP G 142 12.38 -17.62 -15.63
N PRO G 143 12.89 -18.32 -16.63
CA PRO G 143 13.65 -17.66 -17.66
C PRO G 143 12.84 -16.76 -18.56
N ILE G 144 11.52 -16.78 -18.52
CA ILE G 144 10.82 -15.82 -19.36
C ILE G 144 10.77 -14.47 -18.69
N GLN G 145 9.93 -14.37 -17.67
CA GLN G 145 9.60 -13.05 -17.16
C GLN G 145 10.83 -12.35 -16.63
N SER G 146 11.77 -13.10 -16.08
CA SER G 146 13.00 -12.48 -15.63
C SER G 146 13.64 -11.78 -16.79
N VAL G 147 13.82 -10.48 -16.65
CA VAL G 147 14.34 -9.67 -17.73
C VAL G 147 15.32 -8.65 -17.19
N LYS G 148 15.74 -7.72 -18.04
CA LYS G 148 16.86 -6.82 -17.71
C LYS G 148 16.66 -6.39 -16.31
N GLY G 149 15.45 -5.98 -15.99
CA GLY G 149 15.14 -5.68 -14.61
C GLY G 149 14.61 -6.90 -13.86
N LYS G 150 14.83 -6.88 -12.56
CA LYS G 150 14.08 -7.69 -11.61
C LYS G 150 13.96 -9.15 -12.02
N VAL G 151 15.12 -9.81 -11.93
CA VAL G 151 15.21 -11.25 -12.05
C VAL G 151 14.19 -11.88 -11.14
N VAL G 152 13.47 -12.84 -11.65
CA VAL G 152 12.53 -13.60 -10.84
C VAL G 152 13.21 -14.91 -10.50
N ILE G 153 13.02 -15.37 -9.28
CA ILE G 153 13.62 -16.61 -8.81
C ILE G 153 13.24 -16.73 -7.35
N ASP G 154 13.33 -17.93 -6.79
CA ASP G 154 13.19 -18.02 -5.35
C ASP G 154 13.37 -19.44 -4.90
N ALA G 155 13.41 -19.61 -3.59
CA ALA G 155 13.79 -20.86 -2.98
C ALA G 155 12.69 -21.25 -2.01
N PHE G 156 12.23 -22.47 -2.10
CA PHE G 156 11.14 -22.94 -1.29
C PHE G 156 11.62 -24.07 -0.40
N ARG G 157 10.86 -24.33 0.65
CA ARG G 157 10.96 -25.60 1.32
C ARG G 157 9.58 -26.02 1.81
N LEU G 158 9.41 -27.31 1.99
CA LEU G 158 8.17 -27.82 2.49
C LEU G 158 7.88 -27.34 3.90
N ILE G 159 6.63 -27.50 4.29
CA ILE G 159 6.23 -27.57 5.70
C ILE G 159 7.34 -28.07 6.60
N GLN G 186 -0.46 -15.37 -7.25
CA GLN G 186 -0.55 -16.72 -7.81
C GLN G 186 -0.22 -17.85 -6.91
N ALA G 187 1.02 -17.88 -6.44
CA ALA G 187 1.44 -19.01 -5.64
C ALA G 187 0.54 -19.17 -4.44
N LEU G 188 -0.19 -18.12 -4.11
CA LEU G 188 -1.36 -18.21 -3.28
C LEU G 188 -2.18 -19.42 -3.69
N ILE G 189 -2.35 -19.63 -5.00
CA ILE G 189 -3.18 -20.73 -5.45
C ILE G 189 -2.56 -22.07 -5.08
N HIS G 190 -1.26 -22.18 -5.21
CA HIS G 190 -0.61 -23.44 -4.93
C HIS G 190 0.02 -23.33 -3.57
N GLY G 191 -0.65 -23.84 -2.55
CA GLY G 191 0.01 -24.22 -1.31
C GLY G 191 1.11 -23.29 -0.85
N LEU G 192 0.98 -21.99 -1.07
CA LEU G 192 2.14 -21.13 -0.90
C LEU G 192 2.64 -21.23 0.51
N ASN G 193 1.76 -20.98 1.46
CA ASN G 193 2.06 -21.35 2.81
C ASN G 193 1.49 -22.70 3.16
N ARG G 194 0.61 -23.23 2.34
CA ARG G 194 -0.10 -24.39 2.81
C ARG G 194 0.85 -25.57 2.79
N HIS G 195 1.26 -26.02 1.64
CA HIS G 195 2.12 -27.18 1.65
C HIS G 195 3.60 -26.83 1.75
N TYR G 196 3.98 -25.59 1.49
CA TYR G 196 5.39 -25.22 1.56
C TYR G 196 5.48 -23.75 1.92
N TYR G 197 6.69 -23.21 1.88
CA TYR G 197 6.89 -21.82 2.28
C TYR G 197 8.18 -21.29 1.66
N SER G 198 8.19 -19.98 1.46
CA SER G 198 9.28 -19.30 0.79
C SER G 198 10.50 -19.16 1.69
N LEU G 199 11.64 -18.90 1.06
CA LEU G 199 12.87 -18.55 1.75
C LEU G 199 13.43 -17.25 1.22
N ASN G 200 14.67 -16.92 1.57
CA ASN G 200 15.31 -15.71 1.11
C ASN G 200 16.65 -16.01 0.47
N ILE G 201 17.21 -15.02 -0.22
CA ILE G 201 18.34 -15.22 -1.11
C ILE G 201 19.31 -14.04 -1.02
N ASP G 202 20.59 -14.31 -1.26
CA ASP G 202 21.56 -13.24 -1.47
C ASP G 202 22.75 -13.80 -2.24
N TYR G 203 23.71 -12.93 -2.55
CA TYR G 203 24.72 -13.24 -3.55
C TYR G 203 26.13 -12.94 -3.04
N HIS G 204 27.00 -13.94 -3.13
CA HIS G 204 28.40 -13.79 -2.78
C HIS G 204 29.21 -13.19 -3.91
N LYS G 205 30.31 -12.55 -3.53
CA LYS G 205 31.26 -11.90 -4.42
C LYS G 205 32.53 -11.70 -3.62
N THR G 206 33.62 -11.40 -4.31
CA THR G 206 34.72 -10.79 -3.59
C THR G 206 35.20 -9.61 -4.38
N ALA G 207 36.32 -9.05 -3.97
CA ALA G 207 37.01 -8.08 -4.80
C ALA G 207 37.22 -8.64 -6.18
N LYS G 208 37.74 -9.85 -6.24
CA LYS G 208 38.13 -10.46 -7.50
C LYS G 208 36.96 -10.48 -8.46
N GLU G 209 35.88 -11.15 -8.07
CA GLU G 209 34.71 -11.27 -8.92
C GLU G 209 34.15 -9.91 -9.25
N THR G 210 33.76 -9.16 -8.23
CA THR G 210 33.03 -7.95 -8.50
C THR G 210 33.83 -7.01 -9.38
N LYS G 211 35.16 -7.07 -9.30
CA LYS G 211 35.91 -6.24 -10.22
C LYS G 211 35.94 -6.86 -11.60
N MET G 212 36.05 -8.18 -11.65
CA MET G 212 35.88 -8.86 -12.93
C MET G 212 34.67 -8.31 -13.64
N LEU G 213 33.59 -8.07 -12.88
CA LEU G 213 32.32 -7.64 -13.45
C LEU G 213 32.33 -6.15 -13.80
N MET G 214 32.75 -5.32 -12.85
CA MET G 214 32.92 -3.90 -13.09
C MET G 214 33.73 -3.63 -14.35
N ASN G 215 34.58 -4.58 -14.75
CA ASN G 215 35.34 -4.42 -15.98
C ASN G 215 34.46 -4.52 -17.21
N LEU G 216 33.44 -5.38 -17.16
CA LEU G 216 32.52 -5.54 -18.29
C LEU G 216 32.06 -4.21 -18.85
N HIS G 217 31.75 -3.27 -17.97
CA HIS G 217 30.96 -2.12 -18.33
C HIS G 217 31.74 -0.86 -18.00
N LYS G 218 31.83 0.04 -18.96
CA LYS G 218 32.48 1.31 -18.78
C LYS G 218 31.42 2.40 -18.91
N GLU G 219 31.05 2.98 -17.78
CA GLU G 219 30.08 4.07 -17.75
C GLU G 219 30.73 5.40 -18.03
N GLN G 220 32.04 5.40 -18.28
CA GLN G 220 32.83 6.62 -18.20
C GLN G 220 32.54 7.58 -19.34
N TRP G 221 32.40 7.09 -20.57
CA TRP G 221 32.09 8.02 -21.65
C TRP G 221 30.75 8.70 -21.44
N GLN G 222 29.72 7.92 -21.11
CA GLN G 222 28.35 8.38 -20.98
C GLN G 222 27.89 8.64 -19.56
N SER G 223 28.73 8.41 -18.56
CA SER G 223 28.35 8.87 -17.24
C SER G 223 27.88 10.29 -17.38
N GLY G 224 26.72 10.57 -16.83
CA GLY G 224 26.06 11.83 -17.01
C GLY G 224 24.85 11.75 -17.91
N LEU G 225 24.75 10.75 -18.74
CA LEU G 225 23.45 10.41 -19.26
C LEU G 225 22.80 9.25 -18.55
N LYS G 226 23.36 8.78 -17.46
CA LYS G 226 22.77 7.61 -16.86
C LYS G 226 21.96 7.97 -15.64
N MET G 227 20.86 7.26 -15.44
CA MET G 227 19.93 7.45 -14.35
C MET G 227 19.98 6.24 -13.47
N TYR G 228 20.33 6.42 -12.23
CA TYR G 228 20.33 5.28 -11.35
C TYR G 228 18.92 4.82 -11.13
N ASP G 229 18.78 3.57 -10.69
CA ASP G 229 17.47 2.96 -10.62
C ASP G 229 16.55 3.75 -9.72
N TYR G 230 15.30 3.83 -10.11
CA TYR G 230 14.45 4.72 -9.36
C TYR G 230 13.97 4.10 -8.08
N GLU G 231 13.57 2.85 -8.09
CA GLU G 231 12.95 2.28 -6.91
C GLU G 231 13.77 2.67 -5.72
N GLU G 232 15.07 2.65 -5.91
CA GLU G 232 16.00 3.05 -4.90
C GLU G 232 15.89 4.52 -4.57
N LYS G 233 15.79 5.39 -5.53
CA LYS G 233 15.77 6.77 -5.10
C LYS G 233 14.42 7.21 -4.62
N GLU G 234 13.36 6.47 -4.91
CA GLU G 234 12.07 6.72 -4.27
C GLU G 234 12.05 6.20 -2.87
N GLU G 235 12.61 5.01 -2.70
CA GLU G 235 12.99 4.58 -1.38
C GLU G 235 13.65 5.71 -0.63
N SER G 236 14.64 6.33 -1.26
CA SER G 236 15.35 7.40 -0.62
C SER G 236 14.46 8.57 -0.29
N ASN G 237 13.97 9.24 -1.33
CA ASN G 237 13.20 10.45 -1.12
C ASN G 237 12.10 10.22 -0.13
N LEU G 238 11.76 8.98 0.13
CA LEU G 238 10.95 8.73 1.31
C LEU G 238 11.80 8.80 2.55
N ALA G 239 12.76 7.88 2.68
CA ALA G 239 13.48 7.74 3.93
C ALA G 239 14.00 9.09 4.41
N ALA G 240 14.52 9.88 3.48
CA ALA G 240 15.00 11.20 3.86
C ALA G 240 13.90 12.00 4.49
N THR G 241 12.74 12.07 3.86
CA THR G 241 11.69 12.90 4.40
C THR G 241 11.28 12.41 5.77
N LYS G 242 11.00 11.12 5.91
CA LYS G 242 10.68 10.65 7.25
C LYS G 242 11.71 11.10 8.25
N SER G 243 12.98 11.04 7.88
CA SER G 243 14.00 11.51 8.80
C SER G 243 13.79 12.98 9.12
N MET G 244 13.79 13.82 8.10
CA MET G 244 13.63 15.25 8.32
C MET G 244 12.50 15.49 9.29
N VAL G 245 11.43 14.73 9.15
CA VAL G 245 10.44 14.76 10.20
C VAL G 245 11.11 14.48 11.52
N LYS G 246 11.79 13.34 11.61
CA LYS G 246 12.35 12.92 12.89
C LYS G 246 13.16 14.02 13.55
N ILE G 247 13.87 14.81 12.76
CA ILE G 247 14.71 15.81 13.41
C ILE G 247 14.11 17.19 13.43
N ALA G 248 12.97 17.40 12.79
CA ALA G 248 12.35 18.71 12.91
C ALA G 248 11.90 18.94 14.33
N GLU G 249 10.99 18.10 14.81
CA GLU G 249 10.52 18.31 16.17
C GLU G 249 11.68 18.22 17.13
N GLN G 250 12.72 17.50 16.74
CA GLN G 250 13.96 17.51 17.49
C GLN G 250 14.42 18.93 17.66
N TYR G 251 14.62 19.61 16.55
CA TYR G 251 15.06 20.99 16.55
C TYR G 251 14.12 21.89 17.29
N SER G 252 12.84 21.57 17.32
CA SER G 252 11.94 22.33 18.17
C SER G 252 12.30 22.12 19.62
N LYS G 253 12.54 20.89 20.01
CA LYS G 253 12.85 20.65 21.41
C LYS G 253 14.12 21.36 21.80
N ARG G 254 15.12 21.31 20.95
CA ARG G 254 16.29 22.13 21.25
C ARG G 254 15.85 23.56 21.47
N ILE G 255 15.03 24.10 20.56
CA ILE G 255 14.50 25.46 20.76
C ILE G 255 13.97 25.67 22.17
N GLU G 256 12.89 24.99 22.50
CA GLU G 256 12.21 25.24 23.76
C GLU G 256 13.16 25.12 24.95
N GLU G 257 14.02 24.12 24.95
CA GLU G 257 14.86 23.97 26.13
C GLU G 257 15.93 25.03 26.18
N GLU G 258 16.46 25.42 25.03
CA GLU G 258 17.54 26.37 25.01
C GLU G 258 17.05 27.79 25.14
N LYS G 259 15.76 27.99 25.27
CA LYS G 259 15.36 29.26 25.83
C LYS G 259 15.79 29.44 27.28
N GLU G 260 16.39 28.42 27.92
CA GLU G 260 16.63 28.47 29.35
C GLU G 260 18.06 28.21 29.74
N LEU G 261 18.50 26.96 29.57
CA LEU G 261 19.84 26.57 29.95
C LEU G 261 20.85 27.44 29.22
N THR G 262 21.99 27.67 29.85
CA THR G 262 22.96 28.61 29.31
C THR G 262 24.16 27.84 28.77
N GLU G 263 24.75 28.38 27.70
CA GLU G 263 25.43 27.56 26.70
C GLU G 263 26.46 26.64 27.31
N GLU G 264 27.04 27.02 28.44
CA GLU G 264 27.88 26.07 29.16
C GLU G 264 27.07 24.84 29.56
N GLU G 265 25.85 25.05 30.03
CA GLU G 265 24.96 23.98 30.46
C GLU G 265 24.34 23.26 29.27
N LEU G 266 23.84 24.05 28.32
CA LEU G 266 23.37 23.56 27.04
C LEU G 266 24.36 22.59 26.46
N LYS G 267 25.51 23.13 26.06
CA LYS G 267 26.61 22.31 25.57
C LYS G 267 26.88 21.15 26.50
N THR G 268 26.88 21.41 27.80
CA THR G 268 27.17 20.33 28.74
C THR G 268 26.28 19.13 28.48
N ARG G 269 25.02 19.36 28.14
CA ARG G 269 24.14 18.24 27.80
C ARG G 269 24.35 17.76 26.37
N TYR G 270 24.57 18.68 25.45
CA TYR G 270 24.45 18.38 24.02
C TYR G 270 25.70 17.78 23.40
N VAL G 271 26.87 18.27 23.81
CA VAL G 271 28.05 18.30 22.93
C VAL G 271 28.31 16.96 22.26
N GLY G 272 28.00 15.88 22.95
CA GLY G 272 28.12 14.61 22.26
C GLY G 272 27.13 14.43 21.15
N ARG G 273 26.31 15.43 20.86
CA ARG G 273 25.19 15.26 19.95
C ARG G 273 25.14 16.40 18.94
N GLN G 274 24.93 16.03 17.68
CA GLN G 274 24.88 16.99 16.59
C GLN G 274 23.81 18.05 16.85
N ASP G 275 24.09 19.27 16.43
CA ASP G 275 23.01 20.24 16.41
C ASP G 275 21.95 19.81 15.43
N PRO G 276 20.77 19.45 15.91
CA PRO G 276 19.67 19.15 14.99
C PRO G 276 19.54 20.20 13.92
N LYS G 277 19.75 21.48 14.26
CA LYS G 277 19.74 22.46 13.19
C LYS G 277 20.74 22.11 12.11
N LYS G 278 21.79 21.38 12.46
CA LYS G 278 22.70 21.00 11.41
C LYS G 278 22.20 19.79 10.63
N HIS G 279 21.38 18.95 11.23
CA HIS G 279 20.79 17.90 10.42
C HIS G 279 19.76 18.44 9.46
N LEU G 280 18.90 19.35 9.89
CA LEU G 280 18.04 19.97 8.90
C LEU G 280 18.89 20.56 7.81
N SER G 281 19.77 21.49 8.19
CA SER G 281 20.60 22.18 7.21
C SER G 281 21.22 21.20 6.24
N GLU G 282 21.77 20.13 6.81
CA GLU G 282 22.33 19.01 6.09
C GLU G 282 21.38 18.35 5.12
N THR G 283 20.45 17.57 5.63
CA THR G 283 19.77 16.63 4.76
C THR G 283 18.84 17.35 3.82
N ALA G 284 18.51 18.60 4.11
CA ALA G 284 17.80 19.36 3.11
C ALA G 284 18.54 19.30 1.79
N ASP G 285 19.84 19.35 1.85
CA ASP G 285 20.64 19.30 0.65
C ASP G 285 20.41 18.02 -0.13
N GLU G 286 20.92 16.91 0.38
CA GLU G 286 21.02 15.70 -0.41
C GLU G 286 19.74 15.50 -1.20
N THR G 287 18.62 15.70 -0.52
CA THR G 287 17.36 15.76 -1.21
C THR G 287 17.39 16.80 -2.30
N LEU G 288 17.73 18.02 -1.96
CA LEU G 288 17.57 19.10 -2.92
C LEU G 288 18.43 18.88 -4.15
N GLU G 289 19.71 18.64 -3.97
CA GLU G 289 20.53 18.55 -5.18
C GLU G 289 20.34 17.22 -5.87
N ASN G 290 20.37 16.11 -5.14
CA ASN G 290 20.16 14.85 -5.81
C ASN G 290 18.88 14.89 -6.59
N ASN G 291 17.90 15.61 -6.09
CA ASN G 291 16.67 15.69 -6.84
C ASN G 291 16.75 16.69 -7.95
N ILE G 292 17.64 17.67 -7.91
CA ILE G 292 17.67 18.53 -9.08
C ILE G 292 18.40 17.84 -10.21
N VAL G 293 19.53 17.22 -9.90
CA VAL G 293 20.18 16.37 -10.89
C VAL G 293 19.17 15.39 -11.44
N SER G 294 18.59 14.61 -10.54
CA SER G 294 17.65 13.59 -10.92
C SER G 294 16.59 14.12 -11.85
N VAL G 295 16.04 15.28 -11.55
CA VAL G 295 15.07 15.84 -12.47
C VAL G 295 15.71 16.12 -13.80
N LEU G 296 16.88 16.73 -13.77
CA LEU G 296 17.41 17.29 -15.00
C LEU G 296 17.73 16.20 -15.97
N THR G 297 18.45 15.19 -15.51
CA THR G 297 18.86 14.10 -16.38
C THR G 297 17.67 13.58 -17.15
N ALA G 298 16.56 13.37 -16.46
CA ALA G 298 15.39 12.89 -17.15
C ALA G 298 14.88 13.92 -18.11
N GLY G 299 14.92 15.19 -17.72
CA GLY G 299 14.45 16.22 -18.61
C GLY G 299 15.19 16.20 -19.92
N VAL G 300 16.48 15.89 -19.86
CA VAL G 300 17.24 15.72 -21.08
C VAL G 300 16.82 14.46 -21.80
N ASN G 301 16.96 13.33 -21.12
CA ASN G 301 16.78 12.05 -21.78
C ASN G 301 15.45 11.99 -22.49
N SER G 302 14.43 12.58 -21.90
CA SER G 302 13.14 12.61 -22.56
C SER G 302 13.20 13.37 -23.86
N VAL G 303 14.18 14.22 -24.05
CA VAL G 303 14.25 15.10 -25.21
C VAL G 303 15.37 14.70 -26.14
N ALA G 304 16.61 14.80 -25.69
CA ALA G 304 17.74 14.45 -26.51
C ALA G 304 17.54 13.09 -27.13
N ILE G 305 17.14 12.12 -26.33
CA ILE G 305 17.10 10.76 -26.83
C ILE G 305 15.88 10.53 -27.68
N LYS G 306 14.75 11.08 -27.28
CA LYS G 306 13.50 10.92 -28.00
C LYS G 306 13.68 10.97 -29.50
N LEU H 7 -24.91 94.76 -1.42
CA LEU H 7 -24.18 93.52 -1.27
C LEU H 7 -24.92 92.57 -0.33
N THR H 8 -25.06 93.00 0.94
CA THR H 8 -25.76 92.22 1.94
C THR H 8 -27.15 91.81 1.48
N LYS H 9 -27.94 92.79 1.08
CA LYS H 9 -29.31 92.59 0.67
C LYS H 9 -29.41 91.97 -0.72
N SER H 10 -28.31 91.89 -1.45
CA SER H 10 -28.32 91.25 -2.76
C SER H 10 -28.55 89.75 -2.63
N LEU H 11 -27.93 89.14 -1.62
CA LEU H 11 -28.06 87.70 -1.46
C LEU H 11 -29.48 87.29 -1.10
N SER H 12 -30.21 88.19 -0.43
CA SER H 12 -31.64 88.03 -0.31
C SER H 12 -32.24 87.67 -1.65
N ILE H 13 -31.81 88.36 -2.69
CA ILE H 13 -32.27 88.03 -4.04
C ILE H 13 -31.51 86.84 -4.59
N ALA H 14 -30.35 86.52 -4.04
CA ALA H 14 -29.63 85.34 -4.50
C ALA H 14 -30.42 84.07 -4.20
N PHE H 15 -30.71 83.80 -2.94
CA PHE H 15 -31.46 82.59 -2.66
C PHE H 15 -32.95 82.81 -2.85
N GLU H 16 -33.46 83.94 -2.37
CA GLU H 16 -34.87 84.27 -2.58
C GLU H 16 -35.21 84.35 -4.05
N ASN H 17 -34.22 84.45 -4.94
CA ASN H 17 -34.53 84.57 -6.37
C ASN H 17 -35.22 83.32 -6.88
N GLY H 18 -34.72 82.15 -6.48
CA GLY H 18 -35.23 80.91 -7.01
C GLY H 18 -34.53 80.41 -8.26
N ASP H 19 -33.45 81.07 -8.68
CA ASP H 19 -32.62 80.55 -9.76
C ASP H 19 -31.16 80.71 -9.36
N TYR H 20 -30.44 79.59 -9.36
CA TYR H 20 -29.20 79.45 -8.61
C TYR H 20 -27.95 79.65 -9.45
N ALA H 21 -28.09 79.84 -10.77
CA ALA H 21 -27.02 80.52 -11.48
C ALA H 21 -27.05 82.01 -11.17
N ALA H 22 -28.26 82.57 -11.04
CA ALA H 22 -28.39 83.95 -10.58
C ALA H 22 -27.91 84.09 -9.16
N CYS H 23 -28.43 83.24 -8.27
CA CYS H 23 -27.86 83.13 -6.94
C CYS H 23 -26.35 83.00 -7.02
N GLU H 24 -25.87 82.22 -7.99
CA GLU H 24 -24.44 82.05 -8.17
C GLU H 24 -23.77 83.38 -8.51
N LYS H 25 -24.52 84.30 -9.14
CA LYS H 25 -23.97 85.60 -9.46
C LYS H 25 -23.97 86.51 -8.24
N LEU H 26 -24.98 86.38 -7.37
CA LEU H 26 -25.11 87.28 -6.23
C LEU H 26 -24.33 86.81 -5.01
N LEU H 27 -23.81 85.60 -5.03
CA LEU H 27 -22.94 85.18 -3.92
C LEU H 27 -21.56 85.85 -3.88
N PRO H 28 -20.84 86.05 -4.99
CA PRO H 28 -19.50 86.61 -4.90
C PRO H 28 -19.45 87.94 -4.16
N PRO H 29 -20.50 88.77 -4.20
CA PRO H 29 -20.46 90.01 -3.39
C PRO H 29 -20.04 89.78 -1.95
N ILE H 30 -20.57 88.75 -1.29
CA ILE H 30 -20.10 88.43 0.05
C ILE H 30 -18.98 87.40 0.02
N LYS H 31 -18.69 86.78 -1.13
CA LYS H 31 -17.36 86.20 -1.26
C LYS H 31 -16.33 87.22 -0.84
N ILE H 32 -16.25 88.32 -1.57
CA ILE H 32 -15.17 89.26 -1.35
C ILE H 32 -15.45 90.20 -0.19
N GLU H 33 -16.69 90.72 -0.07
CA GLU H 33 -16.95 91.53 1.11
C GLU H 33 -16.68 90.73 2.36
N LEU H 34 -17.01 89.43 2.33
CA LEU H 34 -16.69 88.61 3.48
C LEU H 34 -15.20 88.31 3.54
N ILE H 35 -14.52 88.35 2.39
CA ILE H 35 -13.06 88.36 2.40
C ILE H 35 -12.57 89.44 3.35
N LYS H 36 -13.14 90.65 3.22
CA LYS H 36 -12.89 91.60 4.30
C LYS H 36 -13.70 91.25 5.54
N ASN H 37 -15.00 90.98 5.37
CA ASN H 37 -15.82 90.69 6.55
C ASN H 37 -15.32 89.48 7.31
N ASN H 38 -14.34 88.75 6.76
CA ASN H 38 -13.58 87.83 7.59
C ASN H 38 -13.12 88.49 8.86
N LEU H 39 -12.97 89.81 8.83
CA LEU H 39 -12.48 90.54 9.99
C LEU H 39 -13.21 90.10 11.27
N LEU H 40 -14.52 89.91 11.18
CA LEU H 40 -15.22 89.65 12.43
C LEU H 40 -16.11 88.41 12.34
N ILE H 41 -17.11 88.47 11.46
CA ILE H 41 -18.19 87.48 11.43
C ILE H 41 -17.76 86.01 11.30
N PRO H 42 -16.66 85.64 10.64
CA PRO H 42 -16.29 84.22 10.62
C PRO H 42 -15.57 83.74 11.87
N ASP H 43 -15.71 82.45 12.13
CA ASP H 43 -15.00 81.67 13.14
C ASP H 43 -15.37 81.99 14.57
N LEU H 44 -16.34 82.87 14.77
CA LEU H 44 -17.17 82.81 15.96
C LEU H 44 -16.37 82.77 17.26
N SER H 45 -15.20 83.40 17.29
CA SER H 45 -14.34 83.28 18.46
C SER H 45 -14.90 84.04 19.64
N ILE H 46 -15.23 85.31 19.45
CA ILE H 46 -15.74 86.11 20.55
C ILE H 46 -17.11 85.57 20.96
N GLN H 47 -17.50 85.90 22.19
CA GLN H 47 -18.81 85.50 22.74
C GLN H 47 -19.85 86.60 22.66
N ASN H 48 -19.54 87.73 22.03
CA ASN H 48 -20.42 88.90 22.05
C ASN H 48 -21.83 88.55 21.57
N ASP H 49 -22.83 89.19 22.17
CA ASP H 49 -24.21 88.76 21.95
C ASP H 49 -24.80 89.34 20.67
N ILE H 50 -24.52 90.61 20.36
CA ILE H 50 -24.85 91.10 19.02
C ILE H 50 -24.17 90.25 17.98
N TYR H 51 -23.01 89.69 18.33
CA TYR H 51 -22.22 88.96 17.37
C TYR H 51 -22.99 87.77 16.82
N LEU H 52 -24.15 87.48 17.40
CA LEU H 52 -25.13 86.59 16.78
C LEU H 52 -25.89 87.29 15.67
N ASN H 53 -26.10 88.60 15.79
CA ASN H 53 -26.55 89.36 14.64
C ASN H 53 -25.48 89.39 13.57
N ASP H 54 -24.24 89.68 13.98
CA ASP H 54 -23.13 89.68 13.03
C ASP H 54 -23.06 88.34 12.31
N LEU H 55 -22.91 87.28 13.07
CA LEU H 55 -22.77 85.90 12.64
C LEU H 55 -23.96 85.33 11.89
N MET H 56 -25.04 85.12 12.62
CA MET H 56 -26.09 84.20 12.21
C MET H 56 -26.53 84.43 10.78
N ILE H 57 -26.74 85.70 10.43
CA ILE H 57 -27.10 86.04 9.04
C ILE H 57 -26.05 85.49 8.09
N THR H 58 -24.79 85.69 8.43
CA THR H 58 -23.73 85.26 7.54
C THR H 58 -23.65 83.74 7.49
N LYS H 59 -23.96 83.09 8.60
CA LYS H 59 -24.23 81.67 8.55
C LYS H 59 -25.23 81.36 7.44
N ARG H 60 -26.34 82.09 7.42
CA ARG H 60 -27.32 81.92 6.34
C ARG H 60 -26.63 82.03 5.00
N ILE H 61 -25.75 83.03 4.88
CA ILE H 61 -25.04 83.28 3.64
C ILE H 61 -24.32 82.02 3.18
N LEU H 62 -23.45 81.49 4.03
CA LEU H 62 -22.76 80.27 3.65
C LEU H 62 -23.74 79.16 3.33
N GLU H 63 -24.80 79.05 4.13
CA GLU H 63 -25.77 77.98 3.89
C GLU H 63 -26.18 77.98 2.42
N VAL H 64 -26.66 79.11 1.93
CA VAL H 64 -27.02 79.10 0.53
C VAL H 64 -25.79 78.93 -0.33
N GLY H 65 -24.63 79.37 0.16
CA GLY H 65 -23.40 79.12 -0.57
C GLY H 65 -23.25 77.66 -0.94
N ALA H 66 -23.34 76.80 0.05
CA ALA H 66 -23.26 75.37 -0.20
C ALA H 66 -24.45 74.91 -1.02
N LEU H 67 -25.66 75.17 -0.53
CA LEU H 67 -26.88 74.71 -1.17
C LEU H 67 -26.80 74.91 -2.67
N ALA H 68 -26.72 76.17 -3.07
CA ALA H 68 -26.45 76.50 -4.46
C ALA H 68 -25.26 75.72 -4.99
N SER H 69 -24.20 75.64 -4.20
CA SER H 69 -22.95 75.09 -4.72
C SER H 69 -23.13 73.68 -5.24
N ILE H 70 -24.02 72.91 -4.62
CA ILE H 70 -24.44 71.66 -5.24
C ILE H 70 -24.89 71.93 -6.66
N GLN H 71 -25.83 72.85 -6.79
CA GLN H 71 -26.41 73.17 -8.06
C GLN H 71 -25.41 73.79 -9.01
N THR H 72 -24.22 74.13 -8.50
CA THR H 72 -23.10 74.46 -9.35
C THR H 72 -22.40 73.21 -9.81
N PHE H 73 -22.32 72.21 -8.92
CA PHE H 73 -21.89 70.86 -9.17
C PHE H 73 -20.38 70.70 -9.08
N ASN H 74 -19.64 71.76 -8.80
CA ASN H 74 -18.25 71.63 -8.37
C ASN H 74 -18.26 71.57 -6.85
N PHE H 75 -17.97 70.40 -6.30
CA PHE H 75 -18.31 70.16 -4.91
C PHE H 75 -17.17 70.41 -3.94
N ASP H 76 -15.98 70.73 -4.43
CA ASP H 76 -14.99 71.32 -3.53
C ASP H 76 -15.54 72.60 -2.94
N SER H 77 -16.09 73.46 -3.79
CA SER H 77 -16.79 74.64 -3.30
C SER H 77 -17.73 74.28 -2.19
N PHE H 78 -18.52 73.23 -2.40
CA PHE H 78 -19.40 72.77 -1.36
C PHE H 78 -18.57 72.54 -0.11
N GLU H 79 -17.76 71.48 -0.14
CA GLU H 79 -17.12 70.99 1.06
C GLU H 79 -16.41 72.11 1.79
N ASN H 80 -15.79 73.00 1.03
CA ASN H 80 -15.23 74.19 1.64
C ASN H 80 -16.28 74.94 2.41
N TYR H 81 -17.40 75.27 1.75
CA TYR H 81 -18.49 75.94 2.46
C TYR H 81 -18.83 75.17 3.73
N PHE H 82 -18.93 73.86 3.63
CA PHE H 82 -19.36 73.06 4.76
C PHE H 82 -18.36 73.15 5.89
N ASN H 83 -17.12 72.80 5.61
CA ASN H 83 -16.06 72.86 6.62
C ASN H 83 -16.14 74.19 7.33
N GLN H 84 -16.21 75.25 6.55
CA GLN H 84 -16.42 76.57 7.08
C GLN H 84 -17.67 76.63 7.97
N LEU H 85 -18.66 75.80 7.68
CA LEU H 85 -19.84 75.80 8.53
C LEU H 85 -19.64 75.04 9.81
N LYS H 86 -18.66 74.16 9.85
CA LYS H 86 -18.56 73.25 10.99
C LYS H 86 -18.52 73.97 12.33
N PRO H 87 -17.75 75.03 12.53
CA PRO H 87 -17.78 75.71 13.82
C PRO H 87 -19.16 76.09 14.23
N TYR H 88 -20.05 76.30 13.28
CA TYR H 88 -21.38 76.79 13.60
C TYR H 88 -22.23 75.69 14.20
N TYR H 89 -22.59 74.74 13.36
CA TYR H 89 -23.53 73.73 13.79
C TYR H 89 -22.98 72.92 14.95
N PHE H 90 -21.66 72.85 15.05
CA PHE H 90 -21.02 72.13 16.14
C PHE H 90 -20.51 73.05 17.24
N SER H 91 -20.74 74.35 17.13
CA SER H 91 -20.83 75.14 18.32
C SER H 91 -22.03 74.66 19.13
N ASN H 92 -22.00 74.92 20.42
CA ASN H 92 -23.13 74.50 21.22
C ASN H 92 -24.20 75.57 21.36
N ASN H 93 -24.03 76.72 20.71
CA ASN H 93 -25.12 77.68 20.67
C ASN H 93 -26.11 77.27 19.60
N HIS H 94 -27.34 77.00 20.02
CA HIS H 94 -28.41 76.75 19.05
C HIS H 94 -28.55 77.94 18.11
N LYS H 95 -28.46 79.16 18.64
CA LYS H 95 -28.55 80.38 17.84
C LYS H 95 -27.43 80.47 16.83
N LEU H 96 -26.40 79.65 17.01
CA LEU H 96 -25.42 79.36 15.98
C LEU H 96 -25.73 78.01 15.35
N SER H 97 -25.73 76.97 16.16
CA SER H 97 -25.71 75.60 15.71
C SER H 97 -27.02 75.11 15.12
N GLU H 98 -28.11 75.86 15.13
CA GLU H 98 -29.37 75.28 14.69
C GLU H 98 -29.97 76.02 13.51
N SER H 99 -30.59 75.21 12.65
CA SER H 99 -31.38 75.63 11.49
C SER H 99 -32.29 74.47 11.15
N ASP H 100 -33.28 74.73 10.31
CA ASP H 100 -33.91 73.59 9.66
C ASP H 100 -33.03 73.08 8.54
N LYS H 101 -32.31 73.98 7.86
CA LYS H 101 -31.36 73.56 6.86
C LYS H 101 -30.27 72.66 7.43
N LYS H 102 -30.12 72.64 8.74
CA LYS H 102 -29.10 71.88 9.44
C LYS H 102 -28.90 70.51 8.83
N SER H 103 -29.88 69.66 9.13
CA SER H 103 -29.81 68.27 8.76
C SER H 103 -29.60 68.13 7.28
N LYS H 104 -30.51 68.71 6.52
CA LYS H 104 -30.49 68.64 5.07
C LYS H 104 -29.09 68.87 4.55
N LEU H 105 -28.47 69.96 4.97
CA LEU H 105 -27.08 70.23 4.66
C LEU H 105 -26.22 69.02 4.92
N ILE H 106 -26.12 68.67 6.20
CA ILE H 106 -25.18 67.64 6.60
C ILE H 106 -25.34 66.44 5.70
N SER H 107 -26.56 65.94 5.61
CA SER H 107 -26.85 64.80 4.79
C SER H 107 -26.30 64.96 3.39
N LEU H 108 -26.51 66.13 2.80
CA LEU H 108 -25.92 66.40 1.50
C LEU H 108 -24.44 66.12 1.54
N TYR H 109 -23.79 66.51 2.63
CA TYR H 109 -22.36 66.31 2.73
C TYR H 109 -22.02 64.83 2.74
N LEU H 110 -22.62 64.08 3.67
CA LEU H 110 -22.31 62.68 3.77
C LEU H 110 -22.53 62.00 2.44
N LEU H 111 -23.75 62.11 1.94
CA LEU H 111 -24.09 61.45 0.72
C LEU H 111 -23.07 61.78 -0.34
N ASN H 112 -22.65 63.04 -0.39
CA ASN H 112 -21.51 63.36 -1.23
C ASN H 112 -20.40 62.39 -0.99
N LEU H 113 -19.97 62.26 0.26
CA LEU H 113 -18.79 61.48 0.52
C LEU H 113 -18.92 60.08 -0.04
N LEU H 114 -20.12 59.52 0.05
CA LEU H 114 -20.30 58.23 -0.59
C LEU H 114 -20.09 58.37 -2.07
N SER H 115 -20.71 59.38 -2.67
CA SER H 115 -20.63 59.55 -4.10
C SER H 115 -19.19 59.50 -4.56
N GLN H 116 -18.28 59.97 -3.74
CA GLN H 116 -16.89 59.97 -4.14
C GLN H 116 -16.25 58.61 -3.96
N ASN H 117 -17.00 57.63 -3.47
CA ASN H 117 -16.46 56.32 -3.12
C ASN H 117 -15.40 56.40 -2.07
N ASN H 118 -15.37 57.44 -1.30
CA ASN H 118 -14.46 57.47 -0.19
C ASN H 118 -15.31 57.07 1.00
N THR H 119 -15.13 55.83 1.40
CA THR H 119 -15.64 55.41 2.69
C THR H 119 -14.71 55.90 3.76
N THR H 120 -13.45 55.89 3.43
CA THR H 120 -12.39 56.10 4.39
C THR H 120 -12.72 57.26 5.28
N LYS H 121 -12.67 58.46 4.74
CA LYS H 121 -13.00 59.58 5.60
C LYS H 121 -14.44 59.49 6.02
N PHE H 122 -15.31 59.03 5.13
CA PHE H 122 -16.75 59.08 5.40
C PHE H 122 -17.07 58.59 6.79
N HIS H 123 -16.60 57.38 7.11
CA HIS H 123 -16.77 56.88 8.45
C HIS H 123 -16.24 57.84 9.48
N SER H 124 -15.10 58.47 9.19
CA SER H 124 -14.58 59.43 10.13
C SER H 124 -15.61 60.50 10.40
N GLU H 125 -16.17 61.06 9.33
CA GLU H 125 -17.16 62.09 9.55
C GLU H 125 -18.31 61.56 10.38
N LEU H 126 -18.68 60.30 10.19
CA LEU H 126 -19.60 59.75 11.16
C LEU H 126 -19.06 60.03 12.54
N GLN H 127 -17.93 59.42 12.88
CA GLN H 127 -17.44 59.52 14.25
C GLN H 127 -17.52 60.94 14.74
N TYR H 128 -17.23 61.88 13.85
CA TYR H 128 -17.34 63.27 14.20
C TYR H 128 -18.76 63.52 14.67
N LEU H 129 -19.67 63.55 13.71
CA LEU H 129 -21.04 63.96 13.98
C LEU H 129 -21.58 63.24 15.19
N ASP H 130 -21.18 61.98 15.34
CA ASP H 130 -21.93 61.05 16.15
C ASP H 130 -22.10 61.58 17.54
N LYS H 131 -21.01 61.97 18.17
CA LYS H 131 -21.12 62.45 19.52
C LYS H 131 -21.34 63.95 19.60
N HIS H 132 -21.16 64.67 18.50
CA HIS H 132 -21.64 66.03 18.48
C HIS H 132 -23.15 66.05 18.59
N ILE H 133 -23.83 65.05 18.04
CA ILE H 133 -25.26 64.90 18.25
C ILE H 133 -25.39 63.82 19.31
N LYS H 134 -25.56 64.22 20.56
CA LYS H 134 -25.49 63.24 21.63
C LYS H 134 -26.76 62.43 21.72
N ASN H 135 -27.86 63.07 21.40
CA ASN H 135 -29.15 62.40 21.41
C ASN H 135 -29.39 61.63 20.14
N LEU H 136 -28.40 61.57 19.24
CA LEU H 136 -28.72 61.13 17.89
C LEU H 136 -29.39 59.78 17.92
N GLU H 137 -30.62 59.77 17.44
CA GLU H 137 -31.30 58.59 16.99
C GLU H 137 -31.20 58.65 15.49
N ASP H 138 -31.13 57.49 14.89
CA ASP H 138 -31.13 57.50 13.45
C ASP H 138 -32.37 58.23 12.98
N ASP H 139 -32.13 59.28 12.21
CA ASP H 139 -33.18 60.13 11.65
C ASP H 139 -33.13 59.98 10.15
N SER H 140 -34.20 59.40 9.59
CA SER H 140 -34.24 59.08 8.16
C SER H 140 -33.77 60.26 7.35
N LEU H 141 -34.08 61.45 7.83
CA LEU H 141 -33.49 62.67 7.33
C LEU H 141 -31.99 62.53 7.15
N LEU H 142 -31.27 62.29 8.23
CA LEU H 142 -29.84 62.02 8.14
C LEU H 142 -29.48 60.54 8.10
N SER H 143 -30.41 59.64 8.36
CA SER H 143 -30.05 58.25 8.28
C SER H 143 -30.05 57.75 6.86
N TYR H 144 -30.68 58.49 5.99
CA TYR H 144 -30.73 58.18 4.58
C TYR H 144 -29.34 57.82 4.08
N PRO H 145 -28.36 58.71 4.21
CA PRO H 145 -27.02 58.30 3.81
C PRO H 145 -26.49 57.15 4.63
N ILE H 146 -26.70 57.15 5.94
CA ILE H 146 -26.22 56.07 6.78
C ILE H 146 -26.70 54.76 6.21
N LYS H 147 -28.00 54.53 6.32
CA LYS H 147 -28.54 53.27 5.87
C LYS H 147 -27.97 52.95 4.52
N LEU H 148 -28.02 53.91 3.62
CA LEU H 148 -27.48 53.67 2.29
C LEU H 148 -26.13 53.00 2.39
N ASP H 149 -25.28 53.54 3.24
CA ASP H 149 -23.98 52.96 3.43
C ASP H 149 -24.08 51.54 3.93
N ARG H 150 -24.74 51.34 5.07
CA ARG H 150 -24.70 50.02 5.68
C ARG H 150 -25.15 48.97 4.68
N TRP H 151 -26.26 49.24 4.00
CA TRP H 151 -26.76 48.25 3.07
C TRP H 151 -25.74 47.94 2.01
N LEU H 152 -25.09 48.96 1.46
CA LEU H 152 -24.17 48.55 0.42
C LEU H 152 -22.89 47.95 0.97
N MET H 153 -22.53 48.25 2.19
CA MET H 153 -21.47 47.51 2.84
C MET H 153 -21.80 46.04 2.85
N GLU H 154 -22.82 45.68 3.61
CA GLU H 154 -23.19 44.28 3.75
C GLU H 154 -23.26 43.62 2.40
N GLY H 155 -23.76 44.35 1.42
CA GLY H 155 -23.92 43.82 0.09
C GLY H 155 -25.33 43.50 -0.30
N SER H 156 -26.31 43.89 0.50
CA SER H 156 -27.69 43.75 0.09
C SER H 156 -28.07 45.03 -0.62
N TYR H 157 -28.24 44.95 -1.93
CA TYR H 157 -28.47 46.17 -2.67
C TYR H 157 -29.92 46.56 -2.64
N GLN H 158 -30.80 45.59 -2.80
CA GLN H 158 -32.19 45.91 -3.06
C GLN H 158 -32.70 46.93 -2.05
N LYS H 159 -32.44 46.70 -0.78
CA LYS H 159 -32.79 47.73 0.19
C LYS H 159 -32.20 49.05 -0.20
N ALA H 160 -30.96 49.06 -0.65
CA ALA H 160 -30.37 50.32 -1.08
C ALA H 160 -31.23 50.92 -2.16
N TRP H 161 -31.22 50.31 -3.33
CA TRP H 161 -31.88 50.91 -4.48
C TRP H 161 -33.24 51.44 -4.08
N ASP H 162 -33.95 50.66 -3.28
CA ASP H 162 -35.18 51.15 -2.68
C ASP H 162 -34.95 52.48 -2.02
N LEU H 163 -34.01 52.51 -1.09
CA LEU H 163 -33.73 53.73 -0.38
C LEU H 163 -33.48 54.87 -1.34
N LEU H 164 -32.88 54.58 -2.50
CA LEU H 164 -32.77 55.62 -3.49
C LEU H 164 -34.12 56.06 -4.00
N GLN H 165 -35.10 55.18 -3.98
CA GLN H 165 -36.45 55.70 -4.19
C GLN H 165 -36.93 56.46 -2.98
N SER H 166 -36.35 56.21 -1.82
CA SER H 166 -36.85 56.78 -0.57
C SER H 166 -36.29 58.15 -0.25
N GLY H 167 -35.25 58.60 -0.94
CA GLY H 167 -34.86 59.98 -0.74
C GLY H 167 -35.56 60.92 -1.67
N SER H 168 -36.46 60.38 -2.49
CA SER H 168 -37.11 61.15 -3.54
C SER H 168 -38.05 62.20 -2.96
N GLN H 169 -38.93 61.78 -2.04
CA GLN H 169 -39.97 62.67 -1.53
C GLN H 169 -39.36 63.91 -0.89
N ASN H 170 -38.22 63.76 -0.25
CA ASN H 170 -37.60 64.86 0.44
C ASN H 170 -36.53 65.55 -0.40
N ILE H 171 -36.36 65.10 -1.64
CA ILE H 171 -35.15 65.48 -2.38
C ILE H 171 -35.14 66.96 -2.64
N SER H 172 -33.96 67.53 -2.61
CA SER H 172 -33.88 68.89 -3.08
C SER H 172 -32.87 68.96 -4.21
N GLU H 173 -31.58 69.01 -3.87
CA GLU H 173 -30.55 69.06 -4.89
C GLU H 173 -29.85 67.73 -5.11
N PHE H 174 -30.13 66.70 -4.33
CA PHE H 174 -29.24 65.55 -4.39
C PHE H 174 -29.60 64.62 -5.50
N ASP H 175 -30.43 65.11 -6.39
CA ASP H 175 -30.76 64.50 -7.65
C ASP H 175 -29.52 63.90 -8.28
N SER H 176 -28.61 64.80 -8.66
CA SER H 176 -27.42 64.40 -9.39
C SER H 176 -26.70 63.30 -8.65
N PHE H 177 -26.49 63.47 -7.35
CA PHE H 177 -25.92 62.41 -6.55
C PHE H 177 -26.63 61.11 -6.83
N THR H 178 -27.95 61.12 -6.67
CA THR H 178 -28.72 59.92 -6.87
C THR H 178 -28.29 59.23 -8.14
N ASP H 179 -28.17 59.99 -9.21
CA ASP H 179 -27.81 59.34 -10.45
C ASP H 179 -26.39 58.80 -10.42
N ILE H 180 -25.50 59.53 -9.76
CA ILE H 180 -24.14 59.05 -9.58
C ILE H 180 -24.15 57.68 -8.93
N LEU H 181 -24.75 57.61 -7.75
CA LEU H 181 -24.79 56.36 -7.02
C LEU H 181 -25.29 55.26 -7.93
N LYS H 182 -26.47 55.47 -8.50
CA LYS H 182 -27.06 54.45 -9.35
C LYS H 182 -26.05 53.91 -10.32
N SER H 183 -25.34 54.80 -10.99
CA SER H 183 -24.23 54.33 -11.83
C SER H 183 -23.30 53.45 -11.02
N ALA H 184 -22.98 53.86 -9.80
CA ALA H 184 -21.97 53.14 -9.03
C ALA H 184 -22.45 51.74 -8.70
N ILE H 185 -23.58 51.65 -8.02
CA ILE H 185 -24.13 50.37 -7.64
C ILE H 185 -24.22 49.47 -8.86
N ARG H 186 -24.79 49.98 -9.95
CA ARG H 186 -24.89 49.12 -11.10
C ARG H 186 -23.53 48.60 -11.49
N ASP H 187 -22.52 49.45 -11.38
CA ASP H 187 -21.19 48.93 -11.68
C ASP H 187 -20.82 47.81 -10.72
N GLU H 188 -21.22 47.92 -9.47
CA GLU H 188 -20.95 46.79 -8.60
C GLU H 188 -21.61 45.58 -9.17
N ILE H 189 -22.94 45.58 -9.10
CA ILE H 189 -23.69 44.37 -9.35
C ILE H 189 -23.16 43.69 -10.59
N ALA H 190 -22.83 44.47 -11.62
CA ALA H 190 -22.13 43.86 -12.73
C ALA H 190 -20.82 43.26 -12.26
N LYS H 191 -19.99 44.10 -11.66
CA LYS H 191 -18.65 43.72 -11.25
C LYS H 191 -18.66 42.40 -10.50
N ASN H 192 -19.65 42.20 -9.64
CA ASN H 192 -19.84 40.89 -9.06
C ASN H 192 -20.15 39.89 -10.15
N THR H 193 -21.23 40.14 -10.87
CA THR H 193 -21.79 39.04 -11.64
C THR H 193 -20.82 38.52 -12.66
N GLU H 194 -19.94 39.38 -13.14
CA GLU H 194 -18.86 38.92 -14.00
C GLU H 194 -18.27 37.65 -13.44
N LEU H 195 -17.97 37.66 -12.16
CA LEU H 195 -17.47 36.44 -11.58
C LEU H 195 -18.58 35.52 -11.12
N SER H 196 -19.81 36.01 -11.00
CA SER H 196 -20.84 35.15 -10.45
C SER H 196 -21.20 33.99 -11.37
N TYR H 197 -21.57 34.29 -12.61
CA TYR H 197 -22.33 33.37 -13.43
C TYR H 197 -21.63 32.97 -14.72
N ASP H 198 -21.32 33.95 -15.58
CA ASP H 198 -20.86 33.80 -16.96
C ASP H 198 -21.88 33.08 -17.83
N PHE H 199 -23.13 33.03 -17.39
CA PHE H 199 -24.23 32.64 -18.26
C PHE H 199 -25.46 33.43 -17.85
N LEU H 200 -25.97 34.33 -18.68
CA LEU H 200 -27.28 34.82 -18.25
C LEU H 200 -28.26 35.16 -19.34
N PRO H 201 -29.54 34.85 -19.12
CA PRO H 201 -30.58 35.40 -19.99
C PRO H 201 -30.73 36.88 -19.78
N LEU H 202 -30.86 37.58 -20.89
CA LEU H 202 -31.02 39.03 -20.86
C LEU H 202 -32.07 39.48 -19.88
N SER H 203 -33.25 38.87 -19.96
CA SER H 203 -34.36 39.27 -19.10
C SER H 203 -33.92 39.37 -17.64
N ASN H 204 -33.29 38.31 -17.15
CA ASN H 204 -32.84 38.28 -15.76
C ASN H 204 -31.87 39.41 -15.49
N ILE H 205 -31.08 39.77 -16.47
CA ILE H 205 -30.10 40.80 -16.25
C ILE H 205 -30.78 42.13 -16.07
N LYS H 206 -31.80 42.39 -16.87
CA LYS H 206 -32.68 43.49 -16.54
C LYS H 206 -33.14 43.38 -15.11
N ALA H 207 -33.53 42.18 -14.70
CA ALA H 207 -34.02 42.02 -13.35
C ALA H 207 -33.00 42.47 -12.32
N LEU H 208 -31.72 42.15 -12.54
CA LEU H 208 -30.71 42.54 -11.55
C LEU H 208 -30.47 44.03 -11.59
N LEU H 209 -30.12 44.54 -12.75
CA LEU H 209 -29.50 45.86 -12.76
C LEU H 209 -30.51 46.96 -12.56
N PHE H 210 -31.77 46.61 -12.44
CA PHE H 210 -32.86 47.55 -12.22
C PHE H 210 -33.14 48.40 -13.44
N PHE H 211 -32.99 47.81 -14.62
CA PHE H 211 -33.35 48.52 -15.83
C PHE H 211 -34.84 48.42 -16.07
N ASN H 212 -35.37 49.44 -16.72
CA ASN H 212 -36.75 49.44 -17.16
C ASN H 212 -36.91 49.12 -18.64
N ASN H 213 -35.80 48.94 -19.36
CA ASN H 213 -35.87 48.61 -20.77
C ASN H 213 -34.80 47.58 -21.09
N GLU H 214 -35.17 46.62 -21.91
CA GLU H 214 -34.20 45.70 -22.47
C GLU H 214 -33.16 46.44 -23.30
N LYS H 215 -33.62 47.40 -24.10
CA LYS H 215 -32.70 48.20 -24.92
C LYS H 215 -31.62 48.82 -24.04
N GLU H 216 -32.04 49.45 -22.95
CA GLU H 216 -31.10 49.92 -21.96
C GLU H 216 -30.09 48.85 -21.67
N THR H 217 -30.58 47.66 -21.34
CA THR H 217 -29.70 46.61 -20.87
C THR H 217 -28.67 46.29 -21.91
N GLU H 218 -29.13 46.00 -23.12
CA GLU H 218 -28.24 45.70 -24.22
C GLU H 218 -27.14 46.74 -24.27
N LYS H 219 -27.54 48.01 -24.36
CA LYS H 219 -26.55 49.08 -24.38
C LYS H 219 -25.53 48.89 -23.27
N PHE H 220 -26.02 48.62 -22.07
CA PHE H 220 -25.14 48.46 -20.93
C PHE H 220 -24.12 47.37 -21.19
N ALA H 221 -24.59 46.22 -21.67
CA ALA H 221 -23.71 45.09 -21.92
C ALA H 221 -22.68 45.40 -23.00
N LEU H 222 -23.12 46.05 -24.07
CA LEU H 222 -22.19 46.49 -25.09
C LEU H 222 -21.05 47.22 -24.42
N GLU H 223 -21.41 48.26 -23.69
CA GLU H 223 -20.41 49.05 -22.98
C GLU H 223 -19.72 48.22 -21.93
N ARG H 224 -20.38 47.19 -21.43
CA ARG H 224 -19.72 46.28 -20.53
C ARG H 224 -18.89 45.24 -21.25
N ASN H 225 -18.84 45.29 -22.58
CA ASN H 225 -18.01 44.42 -23.39
C ASN H 225 -18.52 43.00 -23.39
N TRP H 226 -19.80 42.82 -23.09
CA TRP H 226 -20.36 41.50 -22.87
C TRP H 226 -20.97 40.99 -24.16
N PRO H 227 -20.37 40.01 -24.82
CA PRO H 227 -21.02 39.43 -26.00
C PRO H 227 -22.33 38.77 -25.65
N ILE H 228 -23.37 39.18 -26.32
CA ILE H 228 -24.69 38.62 -26.15
C ILE H 228 -24.88 37.49 -27.12
N VAL H 229 -25.58 36.45 -26.71
CA VAL H 229 -26.10 35.46 -27.63
C VAL H 229 -27.57 35.34 -27.35
N ASN H 230 -28.40 35.81 -28.27
CA ASN H 230 -29.82 35.52 -28.21
C ASN H 230 -30.39 35.78 -26.82
N SER H 231 -30.23 37.02 -26.36
CA SER H 231 -30.68 37.43 -25.04
C SER H 231 -29.92 36.74 -23.93
N LYS H 232 -28.71 36.31 -24.21
CA LYS H 232 -27.92 35.54 -23.25
C LYS H 232 -26.50 36.04 -23.36
N VAL H 233 -25.78 35.97 -22.25
CA VAL H 233 -24.48 36.61 -22.19
C VAL H 233 -23.52 35.69 -21.45
N TYR H 234 -22.25 35.74 -21.86
CA TYR H 234 -21.17 35.04 -21.20
C TYR H 234 -20.14 36.07 -20.77
N PHE H 235 -19.57 35.88 -19.60
CA PHE H 235 -18.73 36.92 -19.01
C PHE H 235 -17.25 36.66 -19.22
N ASN H 236 -16.86 35.61 -19.92
CA ASN H 236 -15.45 35.39 -20.19
C ASN H 236 -15.01 36.30 -21.33
N THR H 257 7.06 27.37 -20.48
CA THR H 257 8.31 27.32 -19.73
C THR H 257 8.71 25.91 -19.40
N ASN H 258 9.69 25.42 -20.14
CA ASN H 258 10.08 24.01 -20.11
C ASN H 258 10.66 23.65 -18.75
N ILE H 259 10.67 22.33 -18.48
CA ILE H 259 11.17 21.86 -17.20
C ILE H 259 12.68 21.99 -17.12
N ILE H 260 13.40 21.52 -18.13
CA ILE H 260 14.85 21.59 -18.11
C ILE H 260 15.28 22.96 -17.65
N GLU H 261 14.70 23.96 -18.28
CA GLU H 261 14.89 25.33 -17.86
C GLU H 261 14.74 25.41 -16.35
N LYS H 262 13.58 24.99 -15.85
CA LYS H 262 13.28 25.13 -14.44
C LYS H 262 14.39 24.57 -13.60
N ALA H 263 14.78 23.34 -13.88
CA ALA H 263 15.82 22.71 -13.08
C ALA H 263 17.05 23.56 -13.07
N MET H 264 17.57 23.88 -14.25
CA MET H 264 18.77 24.70 -14.29
C MET H 264 18.60 25.90 -13.41
N ASP H 265 17.43 26.53 -13.47
CA ASP H 265 17.20 27.72 -12.68
C ASP H 265 17.39 27.44 -11.21
N TYR H 266 16.77 26.38 -10.71
CA TYR H 266 16.96 26.08 -9.31
C TYR H 266 18.44 25.92 -9.00
N ALA H 267 19.13 25.17 -9.84
CA ALA H 267 20.55 24.98 -9.64
C ALA H 267 21.26 26.31 -9.49
N ILE H 268 21.09 27.16 -10.48
CA ILE H 268 21.63 28.51 -10.51
C ILE H 268 21.43 29.12 -9.14
N SER H 269 20.17 29.33 -8.79
CA SER H 269 19.87 29.96 -7.53
C SER H 269 20.61 29.28 -6.40
N ILE H 270 20.95 28.00 -6.54
CA ILE H 270 21.65 27.38 -5.44
C ILE H 270 23.13 27.75 -5.46
N GLU H 271 23.74 27.77 -6.62
CA GLU H 271 25.19 27.84 -6.68
C GLU H 271 25.73 29.25 -6.58
N ASN H 272 24.88 30.24 -6.43
CA ASN H 272 25.36 31.61 -6.28
C ASN H 272 26.09 31.80 -4.95
N GLU I 31 11.69 54.23 35.40
CA GLU I 31 10.75 53.83 34.36
C GLU I 31 9.47 53.37 34.98
N ASP I 32 8.75 54.28 35.61
CA ASP I 32 7.50 53.93 36.27
C ASP I 32 6.48 55.00 36.00
N ASP I 33 5.33 54.60 35.45
CA ASP I 33 4.17 55.45 35.33
C ASP I 33 2.96 54.66 35.77
N GLU I 34 2.04 55.33 36.43
CA GLU I 34 0.81 54.72 36.88
C GLU I 34 -0.34 54.97 35.92
N PHE I 35 -0.10 55.66 34.80
CA PHE I 35 -1.10 55.79 33.76
C PHE I 35 -2.39 56.38 34.30
N GLU I 36 -2.29 57.57 34.90
CA GLU I 36 -3.50 58.24 35.36
C GLU I 36 -4.55 58.24 34.27
N ASP I 37 -4.11 58.34 33.03
CA ASP I 37 -4.98 58.52 31.89
C ASP I 37 -5.82 57.29 31.60
N PHE I 38 -5.39 56.13 32.03
CA PHE I 38 -6.09 54.89 31.74
C PHE I 38 -6.60 54.31 33.04
N PRO I 39 -7.73 54.80 33.52
CA PRO I 39 -8.33 54.25 34.72
C PRO I 39 -8.68 52.80 34.52
N ILE I 40 -8.23 51.96 35.45
CA ILE I 40 -8.47 50.54 35.34
C ILE I 40 -9.97 50.26 35.41
N ASP I 41 -10.41 49.22 34.73
CA ASP I 41 -11.82 49.01 34.46
C ASP I 41 -12.64 49.09 35.73
N THR I 42 -13.83 49.62 35.58
CA THR I 42 -14.77 49.77 36.66
C THR I 42 -15.99 48.90 36.40
N TRP I 43 -16.70 48.57 37.47
CA TRP I 43 -17.81 47.65 37.29
C TRP I 43 -19.00 48.08 38.12
N ALA I 44 -20.19 47.93 37.54
CA ALA I 44 -21.45 48.06 38.23
C ALA I 44 -21.93 46.75 38.82
N ASN I 45 -21.12 45.69 38.70
CA ASN I 45 -21.39 44.36 39.27
C ASN I 45 -22.63 43.69 38.70
N ASN I 58 -11.63 23.96 34.67
CA ASN I 58 -11.58 24.41 33.29
C ASN I 58 -10.14 24.57 32.88
N ILE I 59 -9.38 23.48 33.01
CA ILE I 59 -7.96 23.54 32.71
C ILE I 59 -7.67 23.73 31.23
N TRP I 60 -8.38 23.01 30.37
CA TRP I 60 -7.92 22.69 29.03
C TRP I 60 -7.94 23.87 28.13
N GLU I 61 -7.28 23.74 26.99
CA GLU I 61 -7.29 24.80 26.01
C GLU I 61 -8.71 25.19 25.66
N GLU I 62 -9.68 24.37 26.05
CA GLU I 62 -11.08 24.70 25.85
C GLU I 62 -11.35 24.91 24.37
N ASN I 63 -11.37 23.82 23.62
CA ASN I 63 -11.40 24.00 22.18
C ASN I 63 -12.55 24.91 21.82
N TRP I 64 -12.27 25.89 20.95
CA TRP I 64 -13.36 26.71 20.45
C TRP I 64 -14.52 25.82 20.08
N ASP I 65 -14.22 24.68 19.49
CA ASP I 65 -15.21 23.65 19.22
C ASP I 65 -16.06 23.40 20.45
N ASP I 66 -15.43 23.34 21.62
CA ASP I 66 -16.16 22.92 22.79
C ASP I 66 -17.10 23.99 23.29
N VAL I 67 -16.58 25.20 23.47
CA VAL I 67 -17.33 26.23 24.19
C VAL I 67 -18.74 26.39 23.63
N GLU I 68 -18.90 26.22 22.34
CA GLU I 68 -20.24 25.99 21.83
C GLU I 68 -20.42 24.49 21.80
N VAL I 69 -21.22 24.00 22.71
CA VAL I 69 -21.81 22.69 22.58
C VAL I 69 -23.17 22.80 23.24
N ASP I 70 -24.16 22.20 22.62
CA ASP I 70 -25.53 22.48 22.98
C ASP I 70 -26.16 21.16 23.42
N ASP I 71 -26.42 21.06 24.72
CA ASP I 71 -26.84 19.81 25.33
C ASP I 71 -27.97 19.15 24.59
N ASP I 72 -28.99 19.94 24.23
CA ASP I 72 -30.31 19.41 24.01
C ASP I 72 -30.25 18.33 22.97
N PHE I 73 -29.17 18.30 22.22
CA PHE I 73 -28.96 17.28 21.20
C PHE I 73 -29.33 15.91 21.68
N THR I 74 -28.75 15.50 22.81
CA THR I 74 -29.08 14.21 23.36
C THR I 74 -30.58 14.12 23.45
N ASN I 75 -31.12 14.95 24.30
CA ASN I 75 -32.56 15.01 24.47
C ASN I 75 -33.26 15.28 23.14
N GLU I 76 -32.59 16.01 22.25
CA GLU I 76 -33.13 16.16 20.91
C GLU I 76 -33.13 14.82 20.20
N LEU I 77 -31.95 14.22 20.13
CA LEU I 77 -31.76 12.99 19.40
C LEU I 77 -32.89 12.04 19.68
N LYS I 78 -33.04 11.66 20.94
CA LYS I 78 -34.06 10.71 21.31
C LYS I 78 -35.40 11.10 20.73
N ALA I 79 -35.88 12.29 21.07
CA ALA I 79 -37.18 12.68 20.58
C ALA I 79 -37.24 12.52 19.08
N GLU I 80 -36.17 12.89 18.40
CA GLU I 80 -36.13 12.66 16.96
C GLU I 80 -36.05 11.19 16.63
N LEU I 81 -35.04 10.51 17.16
CA LEU I 81 -34.92 9.09 16.92
C LEU I 81 -36.23 8.39 17.18
N ASP I 82 -36.77 8.58 18.36
CA ASP I 82 -38.05 8.00 18.67
C ASP I 82 -39.08 8.36 17.62
N ARG I 83 -39.23 9.65 17.33
CA ARG I 83 -40.25 10.06 16.39
C ARG I 83 -40.19 9.23 15.14
N TYR I 84 -39.00 8.80 14.77
CA TYR I 84 -38.86 8.04 13.54
C TYR I 84 -39.68 6.78 13.60
N LYS I 85 -39.43 5.95 14.59
CA LYS I 85 -39.88 4.57 14.46
C LYS I 85 -41.34 4.39 14.74
N ARG I 86 -42.03 5.42 15.22
CA ARG I 86 -43.48 5.37 15.26
C ARG I 86 -44.06 5.31 13.87
N GLU I 87 -43.33 5.87 12.92
CA GLU I 87 -43.79 6.10 11.57
C GLU I 87 -43.38 4.98 10.64
N ASN I 88 -42.73 3.96 11.16
CA ASN I 88 -42.06 3.01 10.31
C ASN I 88 -41.98 1.65 10.99
#